data_9E1F
#
_entry.id   9E1F
#
_cell.length_a   1.00
_cell.length_b   1.00
_cell.length_c   1.00
_cell.angle_alpha   90.00
_cell.angle_beta   90.00
_cell.angle_gamma   90.00
#
_symmetry.space_group_name_H-M   'P 1'
#
loop_
_entity.id
_entity.type
_entity.pdbx_description
1 polymer 'Ryanodine receptor 1'
2 polymer 'Peptidyl-prolyl cis-trans isomerase FKBP1A'
3 non-polymer "ADENOSINE-5'-TRIPHOSPHATE"
4 non-polymer 'CALCIUM ION'
5 non-polymer 'ZINC ION'
6 non-polymer allopurinol
7 water water
#
loop_
_entity_poly.entity_id
_entity_poly.type
_entity_poly.pdbx_seq_one_letter_code
_entity_poly.pdbx_strand_id
1 'polypeptide(L)'
;MGDGGEGEDEVQFLRTDDEVVLQCSATVLKEQLKLCLAAEGFGNRLCFLEPTSNAQNVPPDLAICCFTLEQSLSVRALQE
MLANTVEAGVESSQGGGHRTLLYGHAILLRHAHSRMYLSCLTTSRSMTDKLAFDVGLQEDATGEACWWTMHPASKQRSEG
EKVRVGDDLILVSVSSERYLHLSTASGELQVDASFMQTLWNMNPICSCCEEGYVTGGHVLRLFHGHMDECLTISAADSDD
QRRLVYYEGGAVCTHARSLWRLEPLRISWSGSHLRWGQPLRIRHVTTGRYLALTEDQGLVVVDACKAHTKATSFCFRVSK
EKLDTAPKRDVEGMGPPEIKYGESLCFVQHVASGLWLTYAAPDPKALRLGVLKKKAILHQEGHMDDALFLTRCQQEESQA
ARMIHSTAGLYNQFIKGLDSFSGKPRGSGPPAGPALPIEAVILSLQDLIGYFEPPSEELQHEEKQSKLRSLRNRQSLFQE
EGMLSLVLNCIDRLNVYTTAAHFAEYAGEEAAESWKEIVNLLYELLASLIRGNRANCALFSTNLDWVVSKLDRLEASSGI
LEVLYCVLIESPEVLNIIQENHIKSIISLLDKHGRNHKVLDVLCSLCVCNGVAVRSNQDLITENLLPGRELLLQTNLINY
VTSIRPNIFVGRAEGSTQYGKWYFEVMVDEVVPFLTAQATHLRVGWALTEGYSPYPGGGEGWGGNGVGDDLYSYGFDGLH
LWTGHVARPVTSPGQHLLAPEDVVSCCLDLSVPSISFRINGCPVQGVFEAFNLDGLFFPVVSFSAGVKVRFLLGGRHGEF
KFLPPPGYAPCHEAVLPRERLRLEPIKEYRREGPRGPHLVGPSRCLSHTDFVPCPVDTVQIVLPPHLERIREKLAENIHE
LWALTRIEQGWTYGPVRDDNKRLHPCLVNFHSLPEPERNYNLQMSGETLKTLLALGCHVGMADEKAEDNLKKTKLPKTYM
MSNGYKPAPLDLSHVRLTPAQTTLVDRLAENGHNVWARDRVAQGWSYSAVQDIPARRNPRLVPYRLLDEATKRSNRDSLC
QAVRTLLGYGYNIEPPDQEPSQVENQSRWDRVRIFRAEKSYTVQSGRWYFEFEAVTTGEMRVGWARPELRPDVELGADEL
AYVFNGHRGQRWHLGSEPFGRPWQSGDVVGCMIDLTENTIIFTLNGEVLMSDSGSETAFREIEIGDGFLPVCSLGPGQVG
HLNLGQDVSSLRFFAICGLQEGFEPFAINMQRPVTTWFSKSLPQFEPVPPEHPHYEVARMDGTVDTPPCLRLAHRTWGSQ
NSLVEMLFLRLSLPVQFHQHFRCTAGATPLAPPGLQPPAEDEARAAEPDPDYENLRRSAGGWGEAEGGKEGTAKEGTPGG
TPQPGVEAQPVRAENEKDATTEKNKKRGFLFKAKKAAMMTQPPATPALPRLPHDVVPADNRDDPEIILNTTTYYYSVRVF
AGQEPSCVWVGWVTPDYHQHDMNFDLSKVRAVTVTMGDEQGNVHSSLKCSNCYMVWGGDFVSPGQQGRISHTDLVIGCLV
DLATGLMTFTANGKESNTFFQVEPNTKLFPAVFVLPTHQNVIQFELGKQKNIMPLSAAMFLSERKNPAPQCPPRLEVQML
MPVSWSRMPNHFLQVETRRAGERLGWAVQCQDPLTMMALHIPEENRCMDILELSERLDLQRFHSHTLRLYRAVCALGNNR
VAHALCSHVDQAQLLHALEDAHLPGPLRAGYYDLLISIHLESACRSRRSMLSEYIVPLTPETRAITLFPPGRKGGNARRH
GLPGVGVTTSLRPPHHFSPPCFVAALPAAGVAEAPARLSPAIPLEALRDKALRMLGEAVRDGGQHARDPVGGSVEFQFVP
VLKLVSTLLVMGIFGDEDVKQILKMIEPEVFTEEEEEEEEEEEEEEEEEEDEEEKEEDEEEEEKEDAEKEEEEAPEGEKE
DLEEGLLQMKLPESVKLQMCNLLEYFCDQELQHRVESLAAFAERYVDKLQANQRSRYALLMRAFTMSAAETARRTREFRS
PPQEQINMLLHFKDEADEEDCPLPEDIRQDLQDFHQDLLAHCGIQLEGEEEEPEEETSLSSRLRSLLETVRLVKKKEEKP
EEELPAEEKKPQSLQELVSHMVVRWAQEDYVQSPELVRAMFSLLHRQYDGLGELLRALPRAYTISPSSVEDTMSLLECLG
QIRSLLIVQMGPQEENLMIQSIGNIMNNKVFYQHPNLMRALGMHETVMEVMVNVLGGGETKEIRFPKMVTSCCRFLCYFC
RISRQNQRSMFDHLSYLLENSGIGLGMQGSTPLDVAAASVIDNNELALALQEQDLEKVVSYLAGCGLQSCPMLLAKGYPD
IGWNPCGGERYLDFLRFAVFVNGESVEENANVVVRLLIRKPECFGPALRGEGGSGLLAAIEEAIRISEDPARDGPGVRRD
RRREHFGEEPPEENRVHLGHAIMSFYAALIDLLGRCAPEMHLIQAGKGEALRIRAILRSLVPLDDLVGIISLPLQIPTLG
KDGALVQPKMSASFVPDHKASMVLFLDRVYGIENQDFLLHVLDVGFLPDMRAAASLDTATFSTTEMALALNRYLCLAVLP
LITKCAPLFAGTEHRAIMVDSMLHTVYRLSRGRSLTKAQRDVIEDCLMALCRYIRPSMLQHLLRRLVFDVPILNEFAKMP
LKLLTNHYERCWKYYCLPTGWANFGVTSEEELHLTRKLFWGIFDSLAHKKYDQELYRMAMPCLCAIAGALPPDYVDASYS
SKAEKKATVDAEGNFDPRPVETLNVIIPEKLDSFINKFAEYTHEKWAFDKIQNNWSYGENVDEELKTHPMLRPYKTFSEK
DKEIYRWPIKESLKAMIAWEWTIEKAREGEEERTEKKKTRKISQTAQTYDPREGYNPQPPDLSGVTLSRELQAMAEQLAE
NYHNTWGRKKKQELEAKGGGTHPLLVPYDTLTAKEKARDREKAQELLKFLQMNGYAVTRGLKDMELDTSSIEKRFAFGFL
QQLLRWMDISQEFIAHLEAVVSSGRVEKSPHEQEIKFFAKILLPLINQYFTNHCLYFLSTPAKVLGSGGHASNKEKEMIT
SLFCKLAALVRHRVSLFGTDAPAVVNCLHILARSLDARTVMKSGPEIVKAGLRSFFESASEDIEKMVENLRLGKVSQART
QVKGVGQNLTYTTVALLPVLTTLFQHIAQHQFGDDVILDDVQVSCYRTLCSIYSLGTTKNTYVEKLRPALGECLARLAAA
MPVAFLEPQLNEYNACSVYTTKSPRERAILGLPNSVEEMCPDIPVLDRLMADIGGLAESGARYTEMPHVIEITLPMLCSY
LPRWWERGPEAPPPALPAGAPPPCTAVTSDHLNSLLGNILRIIVNNLGIDEATWMKRLAVFAQPIVSRARPELLHSHFIP
TIGRLRKRAGKVVAEEEQLRLEAKAEAEEGELLVRDEFSVLCRDLYALYPLLIRYVDNNRAHWLTEPNANAEELFRMVGE
IFIYWSKSHNFKREEQNFVVQNEINNMSFLTADSKSKMAKAGDAQSGGSDQERTKKKRRGDRYSVQTSLIVATLKKMLPI
GLNMCAPTDQDLIMLAKTRYALKDTDEEVREFLQNNLHLQGKVEGSPSLRWQMALYRGLPGREEDADDPEKIVRRVQEVS
AVLYHLEQTEHPYKSKKAVWHKLLSKQRRRAVVACFRMTPLYNLPTHRACNMFLESYKAAWILTEDHSFEDRMIDDLSKA
GEQEEEEEEVEEKKPDPLHQLVLHFSRTALTEKSKLDEDYLYMAYADIMAKSCHLEEGGENGEAEEEEVEVSFEEKEMEK
QRLLYQQSRLHTRGAAEMVLQMISACKGETGAMVSSTLKLGISILNGGNAEVQQKMLDYLKDKKEVGFFQSIQALMQTCS
VLDLNAFERQNKAEGLGMVNEDGTVINRQNGEKVMADDEFTQDLFRFLQLLCEGHNNDFQNYLRTQTGNTTTINIIICTV
DYLLRLQESISDFYWYYSGKDVIEEQGKRNFSKAMSVAKQVFNSLTEYIQGPCTGNQQSLAHSRLWDAVVGFLHVFAHMM
MKLAQDSSQIELLKELLDLQKDMVVMLLSLLEGNVVNGMIARQMVDMLVESSSNVEMILKFFDMFLKLKDIVGSEAFQDY
VTDPRGLISKKDFQKAMDSQKQFTGPEIQFLLSCSEADENEMINFEEFANRFQEPARDIGFNVAVLLTNLSEHVPHDPRL
RNFLELAESILEYFRPYLGRIEIMGASRRIERIYFEISETNRAQWEMPQVKESKRQFIFDVVNEGGEAEKMELFVSFCED
TIFEMQIAAQISEPEGEPEADEDEGMGEAAAEGAEEGAAGAEGAAGTVAAGATARLAAAAARALRGLSYRSLRRRVRRLR
RLTAREAATALAALLWAVVARAGAAGAGAAAGALRLLWGSLFGGGLVEGAKKVTVTELLAGMPDPTSDEVHGEQPAGPGG
DADGAGEGEGEGDAAEGDGDEEVAGHEAGPGGAEGVVAVADGGPFRPEGAGGLGDMGDTTPAEPPTPEGSPILKRKLGVD
GEEEELVPEPEPEPEPEPEKADEENGEKEEVPEAPPEPPKKAPPSPPAKKEEAGGAGMEFWGELEVQRVKFLNYLSRNFY
TLRFLALFLAFAINFILLFYKVSDSPPGEDDMEGSAAGDLAGAGSGGGSGWGSGAGEEAEGDEDENMVYYFLEESTGYME
PALWCLSLLHTLVAFLCIIGYNCLKVPLVIFKREKELARKLEFDGLYITEQPGDDDVKGQWDRLVLNTPSFPSNYWDKFV
KRKVLDKHGDIFGRERIAELLGMDLASLEITAHNERKPDPPPGLLTWLMSIDVKYQIWKFGVIFTDNSFLYLGWYMVMSL
LGHYNNFFFAAHLLDIAMGVKTLRTILSSVTHNGKQLVMTVGLLAVVVYLYTVVAFNFFRKFYNKSEDEDEPDMKCDDMM
TCYLFHMYVGVRAGGGIGDEIEDPAGDEYELYRVVFDITFFFFVIVILLAIIQGLIIDAFGELRDQQEQVKEDMETKCFI
CGIGSDYFDTTPHGFETHTLEEHNLANYMFFLMYLINKDETEHTGQESYVWKMYQERCWDFFPAGDCFRKQYEDQLS
;
A,B,D,C
2 'polypeptide(L)'
;MGVQVETISPGDGRTFPKRGQTCVVHYTGMLEDGKKFDSSRDRNKPFKFMLGKQEVIRGWEEGVAQMSVGQRAKLTISPD
YAYGATGHPGIIPPHATLVFDVELLKLE
;
E,H,G,F
#
loop_
_chem_comp.id
_chem_comp.type
_chem_comp.name
_chem_comp.formula
A1BD4 non-polymer allopurinol 'C5 H4 N4 O'
ATP non-polymer ADENOSINE-5'-TRIPHOSPHATE 'C10 H16 N5 O13 P3'
CA non-polymer 'CALCIUM ION' 'Ca 2'
ZN non-polymer 'ZINC ION' 'Zn 2'
#
# COMPACT_ATOMS: atom_id res chain seq x y z
N GLU A 10 -0.74 20.19 -23.11
CA GLU A 10 -2.16 20.14 -23.40
C GLU A 10 -2.41 20.04 -24.91
N VAL A 11 -3.08 21.04 -25.50
CA VAL A 11 -3.33 21.07 -26.93
C VAL A 11 -1.99 21.15 -27.67
N GLN A 12 -1.80 20.26 -28.64
CA GLN A 12 -0.54 20.20 -29.37
C GLN A 12 -0.37 21.44 -30.24
N PHE A 13 0.88 21.86 -30.40
CA PHE A 13 1.24 22.96 -31.29
C PHE A 13 2.13 22.45 -32.40
N LEU A 14 1.92 22.97 -33.60
CA LEU A 14 2.79 22.63 -34.72
C LEU A 14 4.13 23.32 -34.58
N ARG A 15 5.20 22.56 -34.76
CA ARG A 15 6.55 23.06 -34.62
C ARG A 15 7.34 22.67 -35.87
N THR A 16 8.52 23.27 -36.01
CA THR A 16 9.36 22.99 -37.15
C THR A 16 9.88 21.56 -37.10
N ASP A 17 10.31 21.07 -38.27
CA ASP A 17 10.80 19.72 -38.48
C ASP A 17 9.73 18.65 -38.25
N ASP A 18 8.45 19.03 -38.30
CA ASP A 18 7.36 18.09 -38.13
C ASP A 18 6.66 17.88 -39.47
N GLU A 19 6.33 16.63 -39.77
CA GLU A 19 5.69 16.27 -41.04
C GLU A 19 4.19 16.50 -40.93
N VAL A 20 3.63 17.21 -41.90
CA VAL A 20 2.22 17.55 -41.92
C VAL A 20 1.65 17.27 -43.31
N VAL A 21 0.33 17.14 -43.36
CA VAL A 21 -0.41 16.98 -44.61
C VAL A 21 -1.43 18.11 -44.70
N LEU A 22 -1.43 18.81 -45.82
CA LEU A 22 -2.38 19.91 -46.04
C LEU A 22 -3.70 19.32 -46.51
N GLN A 23 -4.75 19.48 -45.70
CA GLN A 23 -6.03 18.83 -45.95
C GLN A 23 -7.14 19.87 -46.02
N CYS A 24 -7.96 19.77 -47.05
CA CYS A 24 -9.14 20.60 -47.22
C CYS A 24 -10.36 19.71 -47.36
N SER A 25 -11.52 20.34 -47.54
CA SER A 25 -12.78 19.64 -47.68
C SER A 25 -13.57 20.20 -48.84
N ALA A 26 -14.24 19.30 -49.56
CA ALA A 26 -15.10 19.70 -50.68
C ALA A 26 -16.39 18.91 -50.60
N THR A 27 -17.46 19.51 -51.12
CA THR A 27 -18.78 18.89 -51.13
C THR A 27 -19.01 18.26 -52.50
N VAL A 28 -19.15 16.94 -52.52
CA VAL A 28 -19.38 16.18 -53.74
C VAL A 28 -20.63 15.35 -53.54
N LEU A 29 -21.74 15.78 -54.16
CA LEU A 29 -23.03 15.10 -54.06
C LEU A 29 -23.44 14.93 -52.59
N LYS A 30 -23.57 16.06 -51.90
CA LYS A 30 -23.97 16.13 -50.50
C LYS A 30 -23.06 15.34 -49.57
N GLU A 31 -21.86 14.99 -50.02
CA GLU A 31 -20.92 14.21 -49.22
C GLU A 31 -19.66 15.04 -49.00
N GLN A 32 -19.21 15.08 -47.75
CA GLN A 32 -17.99 15.80 -47.41
C GLN A 32 -16.79 14.94 -47.76
N LEU A 33 -16.06 15.32 -48.80
CA LEU A 33 -14.90 14.60 -49.27
C LEU A 33 -13.64 15.34 -48.82
N LYS A 34 -12.79 14.66 -48.07
CA LYS A 34 -11.56 15.25 -47.56
C LYS A 34 -10.41 14.93 -48.51
N LEU A 35 -9.65 15.96 -48.87
CA LEU A 35 -8.57 15.85 -49.84
C LEU A 35 -7.28 16.33 -49.22
N CYS A 36 -6.18 15.71 -49.62
CA CYS A 36 -4.84 16.12 -49.19
C CYS A 36 -4.05 16.61 -50.39
N LEU A 37 -3.34 17.71 -50.22
CA LEU A 37 -2.47 18.22 -51.27
C LEU A 37 -1.33 17.24 -51.51
N ALA A 38 -1.09 16.90 -52.77
CA ALA A 38 -0.10 15.89 -53.12
C ALA A 38 0.66 16.33 -54.35
N ALA A 39 1.88 15.81 -54.48
CA ALA A 39 2.71 16.08 -55.65
C ALA A 39 3.73 14.95 -55.78
N GLU A 40 4.05 14.60 -57.02
CA GLU A 40 4.99 13.51 -57.25
C GLU A 40 6.44 14.01 -57.23
N GLY A 41 6.68 15.21 -57.76
CA GLY A 41 8.01 15.78 -57.76
C GLY A 41 8.80 15.46 -59.00
N PHE A 42 9.23 14.21 -59.13
CA PHE A 42 10.01 13.79 -60.30
C PHE A 42 9.07 13.47 -61.44
N GLY A 43 9.25 14.16 -62.56
CA GLY A 43 8.44 13.94 -63.74
C GLY A 43 7.15 14.73 -63.78
N ASN A 44 6.73 15.32 -62.67
CA ASN A 44 5.53 16.15 -62.66
C ASN A 44 5.62 17.09 -61.46
N ARG A 45 5.90 18.36 -61.72
CA ARG A 45 6.04 19.33 -60.64
C ARG A 45 4.70 19.75 -60.07
N LEU A 46 3.64 19.68 -60.86
CA LEU A 46 2.34 20.19 -60.44
C LEU A 46 1.79 19.38 -59.28
N CYS A 47 0.97 20.04 -58.47
CA CYS A 47 0.34 19.44 -57.31
C CYS A 47 -1.09 19.05 -57.63
N PHE A 48 -1.56 17.97 -57.02
CA PHE A 48 -2.95 17.55 -57.17
C PHE A 48 -3.54 17.20 -55.81
N LEU A 49 -4.74 16.63 -55.81
CA LEU A 49 -5.46 16.34 -54.58
C LEU A 49 -5.69 14.84 -54.46
N GLU A 50 -5.30 14.27 -53.33
CA GLU A 50 -5.49 12.86 -53.07
C GLU A 50 -6.64 12.66 -52.11
N PRO A 51 -7.77 12.11 -52.55
CA PRO A 51 -8.89 11.91 -51.64
C PRO A 51 -8.54 10.93 -50.54
N THR A 52 -9.09 11.20 -49.35
CA THR A 52 -8.85 10.36 -48.19
C THR A 52 -10.12 9.91 -47.48
N SER A 53 -11.30 10.33 -47.95
CA SER A 53 -12.54 9.97 -47.28
C SER A 53 -12.88 8.50 -47.46
N ASN A 54 -12.34 7.84 -48.49
CA ASN A 54 -12.59 6.44 -48.75
C ASN A 54 -11.42 5.55 -48.35
N ALA A 55 -10.70 5.93 -47.29
CA ALA A 55 -9.56 5.13 -46.86
C ALA A 55 -9.97 3.75 -46.39
N GLN A 56 -11.23 3.58 -45.99
CA GLN A 56 -11.69 2.27 -45.54
C GLN A 56 -11.65 1.26 -46.68
N ASN A 57 -12.03 1.67 -47.89
CA ASN A 57 -12.09 0.79 -49.04
C ASN A 57 -10.90 0.90 -49.97
N VAL A 58 -10.38 2.11 -50.19
CA VAL A 58 -9.23 2.31 -51.05
C VAL A 58 -8.20 3.15 -50.31
N PRO A 59 -7.03 2.58 -49.97
CA PRO A 59 -6.02 3.34 -49.27
C PRO A 59 -5.51 4.49 -50.10
N PRO A 60 -5.23 5.64 -49.49
CA PRO A 60 -4.66 6.76 -50.23
C PRO A 60 -3.16 6.61 -50.39
N ASP A 61 -2.63 7.37 -51.34
CA ASP A 61 -1.18 7.40 -51.59
C ASP A 61 -0.59 8.52 -50.74
N LEU A 62 -0.40 8.21 -49.46
CA LEU A 62 0.02 9.20 -48.48
C LEU A 62 1.51 9.48 -48.52
N ALA A 63 2.31 8.64 -49.17
CA ALA A 63 3.75 8.84 -49.16
C ALA A 63 4.16 10.13 -49.85
N ILE A 64 3.32 10.66 -50.73
CA ILE A 64 3.63 11.87 -51.48
C ILE A 64 2.77 13.05 -51.03
N CYS A 65 2.01 12.89 -49.95
CA CYS A 65 1.24 13.98 -49.37
C CYS A 65 1.93 14.62 -48.18
N CYS A 66 3.11 14.12 -47.80
CA CYS A 66 3.78 14.59 -46.59
C CYS A 66 4.71 15.75 -46.90
N PHE A 67 4.68 16.76 -46.04
CA PHE A 67 5.57 17.91 -46.12
C PHE A 67 6.22 18.12 -44.77
N THR A 68 7.47 18.57 -44.77
CA THR A 68 8.20 18.88 -43.54
C THR A 68 8.29 20.39 -43.38
N LEU A 69 7.94 20.87 -42.20
CA LEU A 69 8.03 22.30 -41.88
C LEU A 69 9.50 22.61 -41.59
N GLU A 70 10.21 23.13 -42.58
CA GLU A 70 11.63 23.38 -42.41
C GLU A 70 11.89 24.64 -41.59
N GLN A 71 11.28 25.75 -41.97
CA GLN A 71 11.52 27.02 -41.29
C GLN A 71 10.21 27.74 -41.07
N SER A 72 10.20 28.60 -40.05
CA SER A 72 9.08 29.50 -39.80
C SER A 72 9.66 30.84 -39.36
N LEU A 73 9.44 31.88 -40.14
CA LEU A 73 10.02 33.18 -39.88
C LEU A 73 8.95 34.26 -39.98
N SER A 74 9.18 35.36 -39.28
CA SER A 74 8.35 36.54 -39.47
C SER A 74 8.61 37.12 -40.85
N VAL A 75 7.72 38.02 -41.28
CA VAL A 75 7.85 38.59 -42.62
C VAL A 75 9.13 39.42 -42.73
N ARG A 76 9.45 40.19 -41.68
CA ARG A 76 10.67 40.99 -41.72
C ARG A 76 11.92 40.13 -41.78
N ALA A 77 11.96 39.05 -40.99
CA ALA A 77 13.08 38.13 -41.06
C ALA A 77 13.16 37.48 -42.44
N LEU A 78 12.00 37.19 -43.03
CA LEU A 78 11.99 36.63 -44.38
C LEU A 78 12.63 37.59 -45.38
N GLN A 79 12.25 38.87 -45.32
CA GLN A 79 12.83 39.85 -46.23
C GLN A 79 14.33 39.98 -45.99
N GLU A 80 14.75 40.00 -44.73
CA GLU A 80 16.17 40.16 -44.44
C GLU A 80 16.98 38.98 -44.96
N MET A 81 16.48 37.75 -44.76
CA MET A 81 17.23 36.59 -45.23
C MET A 81 17.21 36.49 -46.74
N LEU A 82 16.11 36.91 -47.37
CA LEU A 82 16.09 36.95 -48.84
C LEU A 82 17.09 37.96 -49.38
N ALA A 83 17.20 39.12 -48.74
CA ALA A 83 18.20 40.10 -49.15
C ALA A 83 19.61 39.56 -48.93
N ASN A 84 19.84 38.87 -47.82
CA ASN A 84 21.14 38.27 -47.56
C ASN A 84 21.31 36.97 -48.35
N HIS A 98 13.10 23.29 -31.80
CA HIS A 98 12.23 23.39 -32.97
C HIS A 98 11.24 24.52 -32.79
N ARG A 99 11.33 25.55 -33.62
CA ARG A 99 10.49 26.73 -33.46
C ARG A 99 9.02 26.38 -33.58
N THR A 100 8.21 27.03 -32.75
CA THR A 100 6.77 26.85 -32.80
C THR A 100 6.15 27.81 -33.80
N LEU A 101 5.15 27.32 -34.55
CA LEU A 101 4.50 28.13 -35.56
C LEU A 101 3.59 29.17 -34.92
N LEU A 102 3.69 30.40 -35.41
CA LEU A 102 2.84 31.50 -34.97
C LEU A 102 2.10 32.09 -36.16
N TYR A 103 0.84 32.44 -35.95
CA TYR A 103 0.04 33.01 -37.03
C TYR A 103 0.70 34.28 -37.56
N GLY A 104 0.76 34.38 -38.88
CA GLY A 104 1.41 35.51 -39.52
C GLY A 104 2.83 35.26 -39.96
N HIS A 105 3.45 34.18 -39.49
CA HIS A 105 4.79 33.84 -39.92
C HIS A 105 4.76 33.18 -41.30
N ALA A 106 5.93 33.10 -41.92
CA ALA A 106 6.07 32.46 -43.22
C ALA A 106 6.77 31.12 -43.05
N ILE A 107 6.18 30.07 -43.62
CA ILE A 107 6.71 28.72 -43.51
C ILE A 107 7.27 28.27 -44.84
N LEU A 108 8.23 27.36 -44.76
CA LEU A 108 8.85 26.73 -45.92
C LEU A 108 8.55 25.24 -45.86
N LEU A 109 7.74 24.77 -46.80
CA LEU A 109 7.28 23.38 -46.80
C LEU A 109 8.12 22.58 -47.79
N ARG A 110 8.82 21.57 -47.29
CA ARG A 110 9.65 20.71 -48.12
C ARG A 110 8.95 19.38 -48.32
N HIS A 111 8.87 18.94 -49.58
CA HIS A 111 8.23 17.68 -49.90
C HIS A 111 9.06 16.53 -49.36
N ALA A 112 8.39 15.59 -48.67
CA ALA A 112 9.13 14.53 -48.00
C ALA A 112 9.83 13.61 -48.99
N HIS A 113 9.16 13.24 -50.08
CA HIS A 113 9.73 12.30 -51.02
C HIS A 113 10.72 12.95 -51.96
N SER A 114 10.28 13.96 -52.71
CA SER A 114 11.10 14.56 -53.74
C SER A 114 12.12 15.55 -53.20
N ARG A 115 12.06 15.90 -51.91
CA ARG A 115 12.94 16.88 -51.30
C ARG A 115 12.81 18.25 -51.96
N MET A 116 11.74 18.48 -52.70
CA MET A 116 11.48 19.79 -53.29
C MET A 116 10.57 20.59 -52.37
N TYR A 117 10.40 21.87 -52.68
CA TYR A 117 9.69 22.79 -51.81
C TYR A 117 8.41 23.24 -52.49
N LEU A 118 7.33 23.33 -51.72
CA LEU A 118 6.06 23.80 -52.24
C LEU A 118 6.20 25.25 -52.68
N SER A 119 5.69 25.57 -53.87
CA SER A 119 5.90 26.87 -54.45
C SER A 119 4.69 27.29 -55.26
N CYS A 120 4.57 28.59 -55.47
CA CYS A 120 3.54 29.16 -56.34
C CYS A 120 4.18 29.41 -57.70
N LEU A 121 3.88 28.54 -58.65
CA LEU A 121 4.51 28.63 -59.97
C LEU A 121 3.99 29.84 -60.74
N THR A 122 4.83 30.33 -61.64
CA THR A 122 4.47 31.51 -62.43
C THR A 122 3.56 31.18 -63.61
N THR A 123 3.30 29.91 -63.86
CA THR A 123 2.46 29.51 -64.98
C THR A 123 1.01 29.36 -64.54
N SER A 124 0.16 28.99 -65.50
CA SER A 124 -1.26 28.79 -65.22
C SER A 124 -1.82 27.86 -66.27
N ARG A 125 -2.20 26.64 -65.86
CA ARG A 125 -2.83 25.69 -66.76
C ARG A 125 -4.34 25.68 -66.62
N SER A 126 -4.90 26.52 -65.77
CA SER A 126 -6.34 26.60 -65.58
C SER A 126 -6.95 27.54 -66.61
N MET A 127 -8.08 27.12 -67.18
CA MET A 127 -8.81 27.94 -68.13
C MET A 127 -9.97 28.69 -67.49
N THR A 128 -10.50 28.19 -66.38
CA THR A 128 -11.65 28.83 -65.76
C THR A 128 -11.27 30.14 -65.09
N ASP A 129 -10.16 30.14 -64.35
CA ASP A 129 -9.70 31.32 -63.61
C ASP A 129 -8.56 31.96 -64.39
N LYS A 130 -8.77 33.21 -64.81
CA LYS A 130 -7.74 33.92 -65.56
C LYS A 130 -6.65 34.48 -64.65
N LEU A 131 -6.90 34.57 -63.35
CA LEU A 131 -5.96 35.16 -62.40
C LEU A 131 -5.29 34.12 -61.52
N ALA A 132 -5.51 32.84 -61.78
CA ALA A 132 -4.97 31.78 -60.94
C ALA A 132 -3.57 31.39 -61.40
N PHE A 133 -2.79 30.89 -60.45
CA PHE A 133 -1.45 30.40 -60.73
C PHE A 133 -1.33 28.96 -60.24
N ASP A 134 -0.50 28.20 -60.93
CA ASP A 134 -0.33 26.79 -60.61
C ASP A 134 0.51 26.62 -59.35
N VAL A 135 0.16 25.63 -58.53
CA VAL A 135 0.89 25.32 -57.31
C VAL A 135 1.69 24.05 -57.57
N GLY A 136 3.01 24.15 -57.42
CA GLY A 136 3.87 23.03 -57.70
C GLY A 136 5.09 22.94 -56.81
N LEU A 137 6.06 22.12 -57.19
CA LEU A 137 7.27 21.91 -56.43
C LEU A 137 8.44 22.61 -57.11
N GLN A 138 9.30 23.23 -56.31
CA GLN A 138 10.47 23.94 -56.79
C GLN A 138 11.72 23.26 -56.30
N GLU A 139 12.72 23.15 -57.18
CA GLU A 139 13.93 22.41 -56.86
C GLU A 139 14.68 23.03 -55.69
N ASP A 140 14.75 24.35 -55.65
CA ASP A 140 15.52 25.07 -54.65
C ASP A 140 14.61 25.87 -53.73
N ALA A 141 15.16 26.28 -52.60
CA ALA A 141 14.46 27.12 -51.65
C ALA A 141 14.73 28.61 -51.86
N THR A 142 15.45 28.96 -52.93
CA THR A 142 15.75 30.36 -53.20
C THR A 142 14.50 31.09 -53.66
N GLY A 143 14.50 32.40 -53.46
CA GLY A 143 13.39 33.24 -53.85
C GLY A 143 12.25 33.21 -52.86
N GLU A 144 11.26 34.05 -53.12
CA GLU A 144 10.09 34.16 -52.27
C GLU A 144 8.92 33.35 -52.80
N ALA A 145 9.09 32.61 -53.88
CA ALA A 145 8.00 31.83 -54.45
C ALA A 145 7.69 30.57 -53.65
N CYS A 146 8.54 30.21 -52.70
CA CYS A 146 8.37 28.99 -51.92
C CYS A 146 7.94 29.25 -50.48
N TRP A 147 7.50 30.45 -50.17
CA TRP A 147 7.14 30.82 -48.80
C TRP A 147 5.66 31.17 -48.72
N TRP A 148 5.02 30.71 -47.65
CA TRP A 148 3.59 30.93 -47.42
C TRP A 148 3.38 31.42 -46.00
N THR A 149 2.46 32.36 -45.83
CA THR A 149 2.14 32.93 -44.53
C THR A 149 0.83 32.36 -44.03
N MET A 150 0.80 31.97 -42.76
CA MET A 150 -0.41 31.40 -42.17
C MET A 150 -1.26 32.53 -41.63
N HIS A 151 -2.57 32.44 -41.86
CA HIS A 151 -3.50 33.43 -41.33
C HIS A 151 -4.65 32.73 -40.62
N PRO A 152 -5.19 33.33 -39.57
CA PRO A 152 -6.24 32.66 -38.80
C PRO A 152 -7.50 32.48 -39.63
N ALA A 153 -8.19 31.36 -39.38
CA ALA A 153 -9.41 31.06 -40.11
C ALA A 153 -10.57 31.95 -39.71
N SER A 154 -10.77 32.14 -38.40
CA SER A 154 -11.89 32.90 -37.88
C SER A 154 -11.42 33.78 -36.73
N LYS A 155 -12.37 34.35 -36.00
CA LYS A 155 -12.04 35.17 -34.86
C LYS A 155 -11.43 34.39 -33.70
N GLN A 156 -11.55 33.06 -33.71
CA GLN A 156 -11.08 32.27 -32.59
C GLN A 156 -9.56 32.35 -32.45
N ARG A 157 -8.87 32.67 -33.53
CA ARG A 157 -7.43 32.84 -33.53
C ARG A 157 -7.07 34.23 -34.04
N SER A 158 -5.94 34.74 -33.54
CA SER A 158 -5.45 36.06 -33.92
C SER A 158 -3.97 35.98 -34.23
N GLU A 159 -3.47 37.04 -34.87
CA GLU A 159 -2.06 37.06 -35.25
C GLU A 159 -1.17 37.05 -34.03
N GLY A 160 -0.08 36.31 -34.11
CA GLY A 160 0.83 36.12 -33.01
C GLY A 160 0.53 34.92 -32.15
N GLU A 161 -0.68 34.37 -32.22
CA GLU A 161 -1.01 33.18 -31.47
C GLU A 161 -0.34 31.96 -32.08
N LYS A 162 -0.16 30.94 -31.25
CA LYS A 162 0.39 29.68 -31.73
C LYS A 162 -0.62 28.96 -32.61
N VAL A 163 -0.14 28.40 -33.71
CA VAL A 163 -0.97 27.55 -34.56
C VAL A 163 -0.98 26.16 -33.94
N ARG A 164 -2.17 25.65 -33.64
CA ARG A 164 -2.30 24.38 -32.94
C ARG A 164 -2.85 23.31 -33.89
N VAL A 165 -2.63 22.05 -33.50
CA VAL A 165 -3.10 20.93 -34.31
C VAL A 165 -4.61 20.97 -34.38
N GLY A 166 -5.14 20.90 -35.61
CA GLY A 166 -6.56 20.92 -35.82
C GLY A 166 -7.13 22.27 -36.23
N ASP A 167 -6.35 23.34 -36.13
CA ASP A 167 -6.83 24.65 -36.55
C ASP A 167 -6.98 24.69 -38.06
N ASP A 168 -8.01 25.39 -38.52
CA ASP A 168 -8.17 25.69 -39.93
C ASP A 168 -7.27 26.87 -40.28
N LEU A 169 -6.63 26.79 -41.44
CA LEU A 169 -5.58 27.73 -41.81
C LEU A 169 -5.87 28.37 -43.16
N ILE A 170 -5.28 29.54 -43.37
CA ILE A 170 -5.29 30.23 -44.65
C ILE A 170 -3.86 30.45 -45.07
N LEU A 171 -3.49 29.93 -46.23
CA LEU A 171 -2.14 30.05 -46.75
C LEU A 171 -2.13 31.05 -47.89
N VAL A 172 -1.18 31.97 -47.86
CA VAL A 172 -1.05 33.04 -48.85
C VAL A 172 0.36 33.03 -49.40
N SER A 173 0.48 33.05 -50.73
CA SER A 173 1.79 33.06 -51.36
C SER A 173 2.45 34.43 -51.18
N VAL A 174 3.71 34.41 -50.73
CA VAL A 174 4.44 35.65 -50.56
C VAL A 174 4.68 36.30 -51.91
N SER A 175 5.04 35.51 -52.92
CA SER A 175 5.47 36.08 -54.19
C SER A 175 4.28 36.59 -55.00
N SER A 176 3.12 35.94 -54.88
CA SER A 176 2.00 36.25 -55.74
C SER A 176 0.80 36.85 -55.01
N GLU A 177 0.82 36.88 -53.67
CA GLU A 177 -0.29 37.40 -52.89
C GLU A 177 -1.61 36.73 -53.28
N ARG A 178 -1.61 35.40 -53.30
CA ARG A 178 -2.80 34.62 -53.61
C ARG A 178 -2.96 33.50 -52.60
N TYR A 179 -4.20 33.09 -52.40
CA TYR A 179 -4.50 32.02 -51.46
C TYR A 179 -4.18 30.66 -52.06
N LEU A 180 -4.00 29.68 -51.19
CA LEU A 180 -3.96 28.28 -51.62
C LEU A 180 -5.39 27.84 -51.85
N HIS A 181 -5.88 28.04 -53.07
CA HIS A 181 -7.29 27.91 -53.39
C HIS A 181 -7.59 26.52 -53.95
N LEU A 182 -8.68 25.92 -53.47
CA LEU A 182 -9.19 24.68 -54.02
C LEU A 182 -10.26 25.03 -55.05
N SER A 183 -10.02 24.64 -56.30
CA SER A 183 -10.89 25.02 -57.41
C SER A 183 -11.76 23.85 -57.80
N THR A 184 -13.08 24.07 -57.77
CA THR A 184 -14.06 23.08 -58.21
C THR A 184 -14.79 23.53 -59.46
N ALA A 185 -14.25 24.53 -60.16
CA ALA A 185 -14.94 25.12 -61.29
C ALA A 185 -15.20 24.10 -62.39
N SER A 186 -14.19 23.30 -62.72
CA SER A 186 -14.35 22.25 -63.71
C SER A 186 -14.96 21.02 -63.07
N GLY A 187 -14.99 19.92 -63.84
CA GLY A 187 -15.61 18.70 -63.35
C GLY A 187 -14.82 18.02 -62.26
N GLU A 188 -13.53 18.29 -62.14
CA GLU A 188 -12.69 17.68 -61.13
C GLU A 188 -12.24 18.72 -60.11
N LEU A 189 -11.53 18.23 -59.10
CA LEU A 189 -11.04 19.05 -58.01
C LEU A 189 -9.58 19.39 -58.26
N GLN A 190 -9.25 20.67 -58.24
CA GLN A 190 -7.89 21.12 -58.52
C GLN A 190 -7.47 22.19 -57.52
N VAL A 191 -6.17 22.29 -57.31
CA VAL A 191 -5.58 23.25 -56.38
C VAL A 191 -4.78 24.27 -57.18
N ASP A 192 -5.00 25.54 -56.90
CA ASP A 192 -4.30 26.63 -57.58
C ASP A 192 -4.18 27.81 -56.63
N ALA A 193 -3.34 28.76 -57.00
CA ALA A 193 -3.18 30.00 -56.25
C ALA A 193 -4.09 31.04 -56.90
N SER A 194 -5.16 31.39 -56.20
CA SER A 194 -6.11 32.37 -56.70
C SER A 194 -6.46 33.35 -55.59
N PHE A 195 -7.44 34.21 -55.87
CA PHE A 195 -7.87 35.23 -54.92
C PHE A 195 -9.02 34.77 -54.04
N MET A 196 -9.59 33.59 -54.29
CA MET A 196 -10.57 33.00 -53.40
C MET A 196 -9.85 32.19 -52.34
N GLN A 197 -10.20 32.42 -51.08
CA GLN A 197 -9.54 31.69 -50.01
C GLN A 197 -10.14 30.29 -49.87
N THR A 198 -9.37 29.41 -49.26
CA THR A 198 -9.79 28.04 -49.01
C THR A 198 -9.21 27.60 -47.68
N LEU A 199 -10.01 26.87 -46.91
CA LEU A 199 -9.62 26.49 -45.57
C LEU A 199 -8.78 25.23 -45.62
N TRP A 200 -7.70 25.20 -44.83
CA TRP A 200 -6.78 24.07 -44.81
C TRP A 200 -6.51 23.63 -43.38
N ASN A 201 -6.16 22.36 -43.24
CA ASN A 201 -5.73 21.79 -41.97
C ASN A 201 -4.38 21.14 -42.15
N MET A 202 -3.45 21.45 -41.24
CA MET A 202 -2.14 20.83 -41.25
C MET A 202 -2.14 19.71 -40.22
N ASN A 203 -2.69 18.58 -40.61
CA ASN A 203 -2.73 17.41 -39.73
C ASN A 203 -1.33 16.86 -39.57
N PRO A 204 -0.84 16.70 -38.35
CA PRO A 204 0.53 16.22 -38.17
C PRO A 204 0.66 14.75 -38.51
N ILE A 205 1.86 14.36 -38.90
CA ILE A 205 2.20 12.97 -39.17
C ILE A 205 3.18 12.42 -38.13
N CYS A 206 4.30 13.12 -37.92
CA CYS A 206 5.29 12.69 -36.95
C CYS A 206 6.07 13.91 -36.47
N SER A 207 6.33 13.96 -35.17
CA SER A 207 7.09 15.07 -34.59
C SER A 207 8.53 14.68 -34.27
N CYS A 208 8.72 13.74 -33.35
CA CYS A 208 10.05 13.38 -32.88
C CYS A 208 10.08 11.89 -32.58
N CYS A 209 11.03 11.18 -33.19
CA CYS A 209 11.14 9.73 -33.06
C CYS A 209 12.46 9.37 -32.41
N GLU A 210 12.43 8.40 -31.51
CA GLU A 210 13.63 7.96 -30.82
C GLU A 210 14.57 7.22 -31.77
N GLU A 211 15.80 7.03 -31.32
CA GLU A 211 16.78 6.27 -32.10
C GLU A 211 16.25 4.86 -32.35
N GLY A 212 16.39 4.41 -33.59
CA GLY A 212 15.73 3.17 -33.97
C GLY A 212 14.23 3.33 -33.79
N TYR A 213 13.62 2.33 -33.16
CA TYR A 213 12.24 2.43 -32.66
C TYR A 213 11.26 2.75 -33.79
N VAL A 214 11.06 1.74 -34.63
CA VAL A 214 10.25 1.79 -35.84
C VAL A 214 8.96 2.58 -35.63
N THR A 215 8.65 3.48 -36.56
CA THR A 215 7.42 4.24 -36.55
C THR A 215 6.71 4.07 -37.89
N GLY A 216 5.42 4.38 -37.90
CA GLY A 216 4.64 4.19 -39.12
C GLY A 216 5.10 5.09 -40.24
N GLY A 217 4.81 4.65 -41.46
CA GLY A 217 5.16 5.41 -42.65
C GLY A 217 6.55 5.18 -43.19
N HIS A 218 7.36 4.35 -42.55
CA HIS A 218 8.70 4.07 -43.03
C HIS A 218 8.72 2.99 -44.08
N VAL A 219 9.81 2.95 -44.83
CA VAL A 219 10.12 1.89 -45.78
C VAL A 219 11.19 1.00 -45.16
N LEU A 220 10.93 -0.31 -45.12
CA LEU A 220 11.82 -1.21 -44.41
C LEU A 220 11.79 -2.59 -45.04
N ARG A 221 12.76 -3.41 -44.67
CA ARG A 221 12.83 -4.80 -45.08
C ARG A 221 12.51 -5.69 -43.90
N LEU A 222 11.82 -6.80 -44.17
CA LEU A 222 11.38 -7.73 -43.15
C LEU A 222 12.20 -9.01 -43.29
N PHE A 223 13.29 -9.10 -42.52
CA PHE A 223 14.19 -10.23 -42.60
C PHE A 223 13.69 -11.39 -41.74
N HIS A 224 14.10 -12.61 -42.13
CA HIS A 224 13.61 -13.81 -41.48
C HIS A 224 14.54 -14.26 -40.35
N GLY A 225 15.79 -14.57 -40.69
CA GLY A 225 16.72 -15.11 -39.72
C GLY A 225 17.89 -14.20 -39.42
N HIS A 226 19.10 -14.70 -39.63
CA HIS A 226 20.31 -13.98 -39.27
C HIS A 226 20.86 -13.22 -40.48
N MET A 227 20.11 -12.19 -40.88
CA MET A 227 20.48 -11.33 -42.01
C MET A 227 20.68 -12.15 -43.28
N ASP A 228 19.86 -13.18 -43.47
CA ASP A 228 19.98 -14.07 -44.61
C ASP A 228 18.80 -13.99 -45.55
N GLU A 229 17.58 -14.19 -45.06
CA GLU A 229 16.39 -14.23 -45.89
C GLU A 229 15.47 -13.06 -45.53
N CYS A 230 14.82 -12.50 -46.55
CA CYS A 230 13.93 -11.36 -46.38
C CYS A 230 12.66 -11.57 -47.19
N LEU A 231 11.58 -10.94 -46.73
CA LEU A 231 10.31 -11.01 -47.45
C LEU A 231 10.38 -10.17 -48.71
N THR A 232 9.92 -10.74 -49.83
CA THR A 232 9.98 -10.06 -51.11
C THR A 232 8.95 -10.67 -52.03
N ILE A 233 8.90 -10.14 -53.25
CA ILE A 233 8.08 -10.74 -54.30
C ILE A 233 9.01 -11.14 -55.44
N SER A 234 8.45 -11.72 -56.49
CA SER A 234 9.26 -12.18 -57.61
C SER A 234 9.86 -11.01 -58.36
N ALA A 235 10.94 -11.29 -59.09
CA ALA A 235 11.62 -10.25 -59.85
C ALA A 235 10.75 -9.79 -61.02
N ALA A 236 11.29 -8.88 -61.82
CA ALA A 236 10.53 -8.32 -62.93
C ALA A 236 10.32 -9.37 -64.02
N ASP A 237 9.30 -9.12 -64.85
CA ASP A 237 8.87 -10.00 -65.94
C ASP A 237 8.92 -11.47 -65.55
N SER A 238 8.30 -11.75 -64.41
CA SER A 238 8.19 -13.11 -63.90
C SER A 238 6.83 -13.70 -64.23
N ASP A 239 6.77 -15.04 -64.24
CA ASP A 239 5.57 -15.72 -64.70
C ASP A 239 4.40 -15.55 -63.73
N ASP A 240 4.68 -15.27 -62.46
CA ASP A 240 3.63 -15.16 -61.46
C ASP A 240 2.96 -13.80 -61.42
N GLN A 241 3.24 -12.94 -62.41
CA GLN A 241 2.70 -11.58 -62.47
C GLN A 241 3.06 -10.75 -61.25
N ARG A 242 4.12 -11.14 -60.54
CA ARG A 242 4.58 -10.44 -59.35
C ARG A 242 3.45 -10.27 -58.34
N ARG A 243 2.75 -11.36 -58.05
CA ARG A 243 1.66 -11.34 -57.08
C ARG A 243 1.79 -12.44 -56.03
N LEU A 244 2.99 -12.96 -55.83
CA LEU A 244 3.24 -13.97 -54.81
C LEU A 244 4.43 -13.54 -53.97
N VAL A 245 4.40 -13.90 -52.70
CA VAL A 245 5.38 -13.45 -51.71
C VAL A 245 6.27 -14.63 -51.33
N TYR A 246 7.57 -14.38 -51.21
CA TYR A 246 8.55 -15.42 -50.95
C TYR A 246 9.57 -14.96 -49.92
N TYR A 247 10.19 -15.94 -49.27
CA TYR A 247 11.35 -15.70 -48.42
C TYR A 247 12.59 -16.05 -49.22
N GLU A 248 13.30 -15.04 -49.68
CA GLU A 248 14.46 -15.22 -50.54
C GLU A 248 15.67 -14.59 -49.90
N GLY A 249 16.85 -15.16 -50.16
CA GLY A 249 18.10 -14.64 -49.65
C GLY A 249 19.04 -14.27 -50.80
N GLY A 250 20.20 -13.75 -50.43
CA GLY A 250 21.21 -13.40 -51.40
C GLY A 250 21.18 -11.95 -51.80
N ALA A 251 21.31 -11.68 -53.11
CA ALA A 251 21.30 -10.31 -53.61
C ALA A 251 19.96 -9.63 -53.44
N VAL A 252 18.88 -10.39 -53.19
CA VAL A 252 17.57 -9.80 -53.00
C VAL A 252 17.52 -8.95 -51.74
N CYS A 253 18.42 -9.19 -50.78
CA CYS A 253 18.43 -8.43 -49.55
C CYS A 253 18.83 -6.99 -49.76
N THR A 254 19.38 -6.64 -50.93
CA THR A 254 19.77 -5.27 -51.23
C THR A 254 19.01 -4.69 -52.42
N HIS A 255 18.03 -5.41 -52.94
CA HIS A 255 17.29 -4.95 -54.11
C HIS A 255 16.01 -4.23 -53.66
N ALA A 256 15.38 -3.55 -54.63
CA ALA A 256 14.24 -2.70 -54.33
C ALA A 256 12.95 -3.47 -54.18
N ARG A 257 12.88 -4.73 -54.61
CA ARG A 257 11.64 -5.48 -54.52
C ARG A 257 11.41 -6.07 -53.14
N SER A 258 12.38 -5.98 -52.25
CA SER A 258 12.23 -6.41 -50.87
C SER A 258 11.89 -5.26 -49.94
N LEU A 259 11.48 -4.12 -50.48
CA LEU A 259 11.19 -2.93 -49.70
C LEU A 259 9.68 -2.82 -49.50
N TRP A 260 9.27 -2.60 -48.25
CA TRP A 260 7.87 -2.48 -47.90
C TRP A 260 7.64 -1.20 -47.11
N ARG A 261 6.45 -0.64 -47.26
CA ARG A 261 6.05 0.55 -46.53
C ARG A 261 4.87 0.22 -45.63
N LEU A 262 5.01 0.50 -44.34
CA LEU A 262 3.98 0.20 -43.35
C LEU A 262 3.06 1.40 -43.21
N GLU A 263 1.79 1.22 -43.54
CA GLU A 263 0.82 2.31 -43.55
C GLU A 263 -0.26 2.06 -42.51
N PRO A 264 -0.22 2.73 -41.37
CA PRO A 264 -1.29 2.58 -40.38
C PRO A 264 -2.62 3.05 -40.93
N LEU A 265 -3.69 2.46 -40.39
CA LEU A 265 -5.03 2.72 -40.89
C LEU A 265 -5.58 4.03 -40.36
N ARG A 266 -4.82 5.10 -40.50
CA ARG A 266 -5.22 6.43 -40.08
C ARG A 266 -4.33 7.44 -40.79
N ILE A 267 -4.80 8.68 -40.84
CA ILE A 267 -4.06 9.75 -41.51
C ILE A 267 -3.30 10.61 -40.52
N SER A 268 -4.01 11.15 -39.52
CA SER A 268 -3.34 11.93 -38.49
C SER A 268 -2.47 11.02 -37.63
N TRP A 269 -1.25 11.47 -37.35
CA TRP A 269 -0.30 10.74 -36.52
C TRP A 269 -0.02 9.35 -37.08
N SER A 270 -0.11 9.20 -38.40
CA SER A 270 0.23 7.93 -39.03
C SER A 270 1.71 7.64 -38.96
N GLY A 271 2.53 8.65 -38.69
CA GLY A 271 3.95 8.48 -38.51
C GLY A 271 4.36 8.21 -37.09
N SER A 272 3.41 7.97 -36.19
CA SER A 272 3.71 7.75 -34.79
C SER A 272 4.41 6.42 -34.59
N HIS A 273 4.83 6.18 -33.35
CA HIS A 273 5.55 4.97 -33.03
C HIS A 273 4.69 3.74 -33.26
N LEU A 274 5.29 2.73 -33.88
CA LEU A 274 4.59 1.47 -34.09
C LEU A 274 4.38 0.76 -32.76
N ARG A 275 3.20 0.18 -32.59
CA ARG A 275 2.81 -0.47 -31.35
C ARG A 275 2.35 -1.89 -31.65
N TRP A 276 2.63 -2.80 -30.71
CA TRP A 276 2.18 -4.18 -30.85
C TRP A 276 0.66 -4.22 -30.96
N GLY A 277 0.16 -4.99 -31.92
CA GLY A 277 -1.27 -5.12 -32.11
C GLY A 277 -1.93 -3.98 -32.84
N GLN A 278 -1.16 -3.00 -33.31
CA GLN A 278 -1.73 -1.89 -34.06
C GLN A 278 -1.98 -2.32 -35.50
N PRO A 279 -3.20 -2.21 -36.00
CA PRO A 279 -3.46 -2.61 -37.39
C PRO A 279 -2.76 -1.68 -38.37
N LEU A 280 -2.29 -2.26 -39.47
CA LEU A 280 -1.59 -1.49 -40.48
C LEU A 280 -1.62 -2.25 -41.79
N ARG A 281 -1.48 -1.52 -42.89
CA ARG A 281 -1.28 -2.10 -44.20
C ARG A 281 0.20 -2.20 -44.50
N ILE A 282 0.55 -3.17 -45.34
CA ILE A 282 1.92 -3.36 -45.81
C ILE A 282 1.90 -3.21 -47.32
N ARG A 283 2.62 -2.21 -47.82
CA ARG A 283 2.58 -1.85 -49.23
C ARG A 283 3.94 -2.12 -49.86
N HIS A 284 3.93 -2.75 -51.03
CA HIS A 284 5.15 -2.94 -51.79
C HIS A 284 5.46 -1.65 -52.54
N VAL A 285 6.63 -1.07 -52.29
CA VAL A 285 6.91 0.27 -52.77
C VAL A 285 7.01 0.30 -54.29
N THR A 286 7.78 -0.62 -54.87
CA THR A 286 8.03 -0.55 -56.31
C THR A 286 6.78 -0.88 -57.11
N THR A 287 6.02 -1.88 -56.69
CA THR A 287 4.83 -2.27 -57.43
C THR A 287 3.59 -1.49 -57.02
N GLY A 288 3.58 -0.91 -55.84
CA GLY A 288 2.41 -0.19 -55.37
C GLY A 288 1.27 -1.07 -54.93
N ARG A 289 1.51 -2.36 -54.75
CA ARG A 289 0.45 -3.28 -54.36
C ARG A 289 0.52 -3.56 -52.86
N TYR A 290 -0.62 -3.94 -52.30
CA TYR A 290 -0.77 -4.13 -50.87
C TYR A 290 -0.88 -5.60 -50.53
N LEU A 291 -0.18 -6.01 -49.47
CA LEU A 291 -0.27 -7.37 -48.99
C LEU A 291 -1.70 -7.66 -48.54
N ALA A 292 -2.24 -8.78 -48.99
CA ALA A 292 -3.64 -9.08 -48.76
C ALA A 292 -3.84 -10.58 -48.58
N LEU A 293 -4.97 -10.93 -47.96
CA LEU A 293 -5.39 -12.32 -47.82
C LEU A 293 -6.64 -12.51 -48.65
N THR A 294 -6.51 -13.20 -49.78
CA THR A 294 -7.61 -13.47 -50.67
C THR A 294 -8.13 -14.88 -50.45
N GLU A 295 -9.44 -15.06 -50.63
CA GLU A 295 -10.04 -16.37 -50.44
C GLU A 295 -9.58 -17.37 -51.48
N ASP A 296 -9.09 -16.92 -52.63
CA ASP A 296 -8.72 -17.84 -53.71
C ASP A 296 -7.26 -18.25 -53.65
N GLN A 297 -6.35 -17.28 -53.76
CA GLN A 297 -4.92 -17.56 -53.79
C GLN A 297 -4.26 -17.42 -52.43
N GLY A 298 -5.01 -17.04 -51.40
CA GLY A 298 -4.45 -16.90 -50.08
C GLY A 298 -3.70 -15.60 -49.88
N LEU A 299 -2.40 -15.69 -49.60
CA LEU A 299 -1.57 -14.52 -49.35
C LEU A 299 -0.98 -14.04 -50.67
N VAL A 300 -1.47 -12.91 -51.16
CA VAL A 300 -0.97 -12.28 -52.38
C VAL A 300 -0.91 -10.77 -52.14
N VAL A 301 -0.39 -10.05 -53.13
CA VAL A 301 -0.35 -8.60 -53.12
C VAL A 301 -1.33 -8.09 -54.17
N VAL A 302 -2.34 -7.34 -53.72
CA VAL A 302 -3.41 -6.89 -54.59
C VAL A 302 -3.26 -5.40 -54.85
N ASP A 303 -4.01 -4.93 -55.85
CA ASP A 303 -3.96 -3.53 -56.24
C ASP A 303 -4.64 -2.66 -55.19
N ALA A 304 -4.45 -1.35 -55.33
CA ALA A 304 -4.99 -0.41 -54.36
C ALA A 304 -6.51 -0.38 -54.37
N CYS A 305 -7.15 -0.90 -55.42
CA CYS A 305 -8.60 -0.90 -55.49
C CYS A 305 -9.22 -2.11 -54.80
N LYS A 306 -8.41 -3.01 -54.26
CA LYS A 306 -8.92 -4.19 -53.55
C LYS A 306 -8.40 -4.27 -52.12
N ALA A 307 -7.81 -3.19 -51.60
CA ALA A 307 -7.31 -3.16 -50.23
C ALA A 307 -8.40 -2.54 -49.36
N HIS A 308 -9.31 -3.37 -48.88
CA HIS A 308 -10.54 -2.92 -48.23
C HIS A 308 -10.53 -3.18 -46.73
N THR A 309 -9.38 -2.97 -46.08
CA THR A 309 -9.18 -3.00 -44.64
C THR A 309 -9.39 -4.39 -44.04
N LYS A 310 -9.87 -5.35 -44.82
CA LYS A 310 -10.10 -6.71 -44.36
C LYS A 310 -8.98 -7.64 -44.76
N ALA A 311 -8.69 -7.73 -46.06
CA ALA A 311 -7.59 -8.57 -46.52
C ALA A 311 -6.23 -7.96 -46.21
N THR A 312 -6.15 -6.64 -46.06
CA THR A 312 -4.88 -5.93 -46.05
C THR A 312 -4.51 -5.38 -44.68
N SER A 313 -5.16 -5.84 -43.63
CA SER A 313 -4.91 -5.35 -42.28
C SER A 313 -4.04 -6.35 -41.53
N PHE A 314 -2.92 -5.87 -41.00
CA PHE A 314 -1.94 -6.72 -40.33
C PHE A 314 -1.46 -6.04 -39.06
N CYS A 315 -0.93 -6.85 -38.14
CA CYS A 315 -0.42 -6.35 -36.88
C CYS A 315 0.83 -7.13 -36.51
N PHE A 316 1.70 -6.51 -35.72
CA PHE A 316 2.88 -7.15 -35.20
C PHE A 316 2.64 -7.53 -33.75
N ARG A 317 2.97 -8.77 -33.40
CA ARG A 317 2.79 -9.28 -32.06
C ARG A 317 4.10 -9.85 -31.54
N VAL A 318 4.40 -9.58 -30.27
CA VAL A 318 5.66 -10.03 -29.69
C VAL A 318 5.70 -11.54 -29.53
N SER A 319 4.56 -12.19 -29.32
CA SER A 319 4.51 -13.63 -29.18
C SER A 319 3.20 -14.13 -29.77
N LYS A 320 3.21 -15.40 -30.19
CA LYS A 320 2.07 -16.02 -30.83
C LYS A 320 0.94 -16.32 -29.86
N GLU A 321 1.15 -16.12 -28.56
CA GLU A 321 0.13 -16.43 -27.58
C GLU A 321 -1.15 -15.65 -27.85
N LYS A 322 -2.29 -16.32 -27.64
CA LYS A 322 -3.59 -15.73 -27.92
C LYS A 322 -3.94 -14.76 -26.78
N LEU A 323 -3.26 -13.61 -26.80
CA LEU A 323 -3.51 -12.62 -25.76
C LEU A 323 -4.95 -12.13 -25.80
N ASP A 324 -5.34 -11.47 -26.90
CA ASP A 324 -6.71 -11.05 -27.13
C ASP A 324 -7.25 -10.25 -25.96
N THR A 325 -6.42 -9.37 -25.41
CA THR A 325 -6.77 -8.67 -24.17
C THR A 325 -7.85 -7.62 -24.41
N ALA A 326 -7.55 -6.62 -25.23
CA ALA A 326 -8.49 -5.54 -25.50
C ALA A 326 -8.01 -4.74 -26.71
N PRO A 327 -8.93 -4.19 -27.51
CA PRO A 327 -8.51 -3.36 -28.65
C PRO A 327 -7.87 -2.06 -28.18
N LYS A 328 -6.59 -1.89 -28.46
CA LYS A 328 -5.86 -0.71 -28.03
C LYS A 328 -6.43 0.55 -28.70
N ARG A 329 -6.50 1.64 -27.94
CA ARG A 329 -6.97 2.91 -28.45
C ARG A 329 -5.77 3.77 -28.84
N ASP A 330 -5.84 4.38 -30.02
CA ASP A 330 -4.75 5.22 -30.51
C ASP A 330 -4.71 6.54 -29.76
N VAL A 331 -3.49 7.05 -29.56
CA VAL A 331 -3.29 8.31 -28.87
C VAL A 331 -2.99 9.39 -29.91
N GLU A 332 -3.22 10.64 -29.51
CA GLU A 332 -2.94 11.79 -30.38
C GLU A 332 -1.52 12.26 -30.09
N GLY A 333 -0.56 11.52 -30.62
CA GLY A 333 0.84 11.83 -30.43
C GLY A 333 1.70 10.72 -30.99
N MET A 334 3.01 10.84 -30.75
CA MET A 334 3.91 9.81 -31.23
C MET A 334 3.76 8.52 -30.42
N GLY A 335 3.34 8.62 -29.17
CA GLY A 335 3.07 7.45 -28.37
C GLY A 335 4.32 6.81 -27.81
N PRO A 336 4.14 5.70 -27.09
CA PRO A 336 5.27 5.04 -26.45
C PRO A 336 6.11 4.27 -27.45
N PRO A 337 7.42 4.47 -27.44
CA PRO A 337 8.30 3.73 -28.36
C PRO A 337 8.44 2.28 -27.93
N GLU A 338 8.02 1.36 -28.81
CA GLU A 338 7.99 -0.06 -28.48
C GLU A 338 8.86 -0.92 -29.36
N ILE A 339 8.66 -0.88 -30.68
CA ILE A 339 9.30 -1.82 -31.60
C ILE A 339 10.57 -1.20 -32.15
N LYS A 340 11.69 -1.88 -31.95
CA LYS A 340 12.99 -1.37 -32.34
C LYS A 340 13.46 -1.99 -33.65
N TYR A 341 14.44 -1.35 -34.27
CA TYR A 341 14.97 -1.80 -35.55
C TYR A 341 16.11 -2.78 -35.32
N GLY A 342 15.87 -4.05 -35.62
CA GLY A 342 16.93 -5.04 -35.61
C GLY A 342 17.09 -5.80 -34.31
N GLU A 343 16.27 -5.54 -33.30
CA GLU A 343 16.31 -6.31 -32.06
C GLU A 343 14.96 -6.89 -31.69
N SER A 344 13.87 -6.21 -32.03
CA SER A 344 12.55 -6.72 -31.72
C SER A 344 12.21 -7.88 -32.64
N LEU A 345 11.69 -8.97 -32.07
CA LEU A 345 11.24 -10.12 -32.84
C LEU A 345 9.73 -10.03 -32.97
N CYS A 346 9.24 -9.86 -34.20
CA CYS A 346 7.84 -9.55 -34.44
C CYS A 346 7.18 -10.69 -35.21
N PHE A 347 5.99 -11.08 -34.76
CA PHE A 347 5.19 -12.07 -35.46
C PHE A 347 4.06 -11.35 -36.18
N VAL A 348 4.03 -11.46 -37.50
CA VAL A 348 3.04 -10.79 -38.32
C VAL A 348 1.75 -11.60 -38.28
N GLN A 349 0.64 -10.94 -37.98
CA GLN A 349 -0.65 -11.60 -37.87
C GLN A 349 -1.68 -10.83 -38.68
N HIS A 350 -2.47 -11.56 -39.47
CA HIS A 350 -3.60 -10.95 -40.16
C HIS A 350 -4.68 -10.67 -39.13
N VAL A 351 -5.20 -9.44 -39.14
CA VAL A 351 -6.03 -8.97 -38.03
C VAL A 351 -7.34 -9.75 -37.97
N ALA A 352 -8.02 -9.87 -39.11
CA ALA A 352 -9.35 -10.48 -39.09
C ALA A 352 -9.28 -11.99 -38.94
N SER A 353 -8.37 -12.64 -39.65
CA SER A 353 -8.29 -14.10 -39.65
C SER A 353 -7.46 -14.65 -38.51
N GLY A 354 -6.47 -13.91 -38.02
CA GLY A 354 -5.60 -14.41 -36.98
C GLY A 354 -4.53 -15.36 -37.48
N LEU A 355 -4.37 -15.51 -38.79
CA LEU A 355 -3.38 -16.41 -39.33
C LEU A 355 -1.97 -15.88 -39.13
N TRP A 356 -0.99 -16.74 -39.33
CA TRP A 356 0.41 -16.43 -39.09
C TRP A 356 1.19 -16.40 -40.39
N LEU A 357 2.07 -15.41 -40.53
CA LEU A 357 2.98 -15.35 -41.66
C LEU A 357 4.08 -16.38 -41.46
N THR A 358 4.15 -17.37 -42.34
CA THR A 358 5.16 -18.41 -42.25
C THR A 358 5.44 -18.95 -43.64
N TYR A 359 6.48 -19.77 -43.75
CA TYR A 359 6.85 -20.35 -45.02
C TYR A 359 6.02 -21.62 -45.28
N ALA A 360 6.10 -22.10 -46.52
CA ALA A 360 5.25 -23.18 -46.99
C ALA A 360 5.95 -24.53 -47.01
N ALA A 361 7.17 -24.63 -46.45
CA ALA A 361 7.90 -25.90 -46.39
C ALA A 361 8.11 -26.46 -47.79
N PRO A 362 9.05 -25.91 -48.56
CA PRO A 362 9.18 -26.30 -49.97
C PRO A 362 9.36 -27.80 -50.14
N ASP A 363 8.66 -28.34 -51.12
CA ASP A 363 8.72 -29.77 -51.40
C ASP A 363 10.10 -30.15 -51.91
N PRO A 364 10.60 -31.35 -51.57
CA PRO A 364 11.90 -31.79 -52.11
C PRO A 364 11.87 -31.98 -53.62
N LYS A 365 13.02 -32.36 -54.18
CA LYS A 365 13.23 -32.54 -55.62
C LYS A 365 13.25 -31.18 -56.32
N ALA A 366 12.97 -30.11 -55.57
CA ALA A 366 13.05 -28.75 -56.08
C ALA A 366 14.36 -28.06 -55.70
N LEU A 367 15.11 -28.61 -54.75
CA LEU A 367 16.40 -28.02 -54.39
C LEU A 367 17.41 -28.18 -55.52
N ARG A 368 17.30 -29.25 -56.30
CA ARG A 368 18.19 -29.42 -57.45
C ARG A 368 18.03 -28.29 -58.45
N LEU A 369 16.83 -27.71 -58.54
CA LEU A 369 16.58 -26.57 -59.40
C LEU A 369 17.26 -25.30 -58.91
N GLY A 370 17.82 -25.31 -57.71
CA GLY A 370 18.46 -24.14 -57.14
C GLY A 370 17.50 -23.14 -56.53
N VAL A 371 16.24 -23.54 -56.30
CA VAL A 371 15.24 -22.62 -55.76
C VAL A 371 15.41 -22.52 -54.26
N LEU A 372 16.11 -21.47 -53.80
CA LEU A 372 16.21 -21.19 -52.38
C LEU A 372 15.02 -20.41 -51.85
N LYS A 373 14.15 -19.91 -52.73
CA LYS A 373 12.98 -19.18 -52.29
C LYS A 373 11.99 -20.11 -51.61
N LYS A 374 11.38 -19.62 -50.53
CA LYS A 374 10.32 -20.33 -49.82
C LYS A 374 9.06 -19.49 -49.90
N LYS A 375 7.97 -20.09 -50.35
CA LYS A 375 6.74 -19.34 -50.53
C LYS A 375 6.16 -18.92 -49.17
N ALA A 376 5.72 -17.68 -49.09
CA ALA A 376 5.11 -17.16 -47.88
C ALA A 376 3.62 -17.43 -47.88
N ILE A 377 3.12 -18.02 -46.80
CA ILE A 377 1.71 -18.39 -46.68
C ILE A 377 1.19 -17.94 -45.32
N LEU A 378 -0.13 -17.81 -45.25
CA LEU A 378 -0.82 -17.55 -43.99
C LEU A 378 -1.34 -18.87 -43.44
N HIS A 379 -0.91 -19.21 -42.23
CA HIS A 379 -1.25 -20.48 -41.62
C HIS A 379 -1.75 -20.26 -40.20
N GLN A 380 -2.62 -21.17 -39.75
CA GLN A 380 -3.21 -21.04 -38.43
C GLN A 380 -2.19 -21.23 -37.32
N GLU A 381 -1.22 -22.12 -37.51
CA GLU A 381 -0.24 -22.41 -36.48
C GLU A 381 1.11 -21.72 -36.72
N GLY A 382 1.68 -21.89 -37.90
CA GLY A 382 3.00 -21.35 -38.14
C GLY A 382 4.07 -22.16 -37.44
N HIS A 383 5.28 -21.61 -37.43
CA HIS A 383 6.44 -22.30 -36.88
C HIS A 383 7.07 -21.45 -35.78
N MET A 384 8.15 -21.97 -35.21
CA MET A 384 8.83 -21.27 -34.12
C MET A 384 9.67 -20.11 -34.62
N ASP A 385 10.21 -20.21 -35.83
CA ASP A 385 11.09 -19.20 -36.39
C ASP A 385 10.35 -18.20 -37.28
N ASP A 386 9.08 -17.92 -36.97
CA ASP A 386 8.29 -17.01 -37.78
C ASP A 386 8.50 -15.54 -37.42
N ALA A 387 9.27 -15.25 -36.36
CA ALA A 387 9.51 -13.86 -35.99
C ALA A 387 10.36 -13.18 -37.03
N LEU A 388 10.05 -11.90 -37.30
CA LEU A 388 10.70 -11.15 -38.35
C LEU A 388 11.45 -9.95 -37.79
N PHE A 389 12.69 -9.78 -38.27
CA PHE A 389 13.49 -8.60 -37.99
C PHE A 389 13.04 -7.48 -38.92
N LEU A 390 12.92 -6.28 -38.37
CA LEU A 390 12.64 -5.09 -39.16
C LEU A 390 13.91 -4.24 -39.23
N THR A 391 14.40 -4.02 -40.45
CA THR A 391 15.66 -3.32 -40.67
C THR A 391 15.40 -2.01 -41.40
N ARG A 392 16.14 -0.98 -41.03
CA ARG A 392 16.01 0.32 -41.66
C ARG A 392 16.50 0.29 -43.11
N CYS A 393 15.80 1.03 -43.95
CA CYS A 393 16.15 1.20 -45.35
C CYS A 393 16.63 2.63 -45.58
N GLN A 394 17.73 2.76 -46.31
CA GLN A 394 18.31 4.08 -46.53
C GLN A 394 17.35 4.98 -47.29
N GLN A 395 17.41 6.27 -46.99
CA GLN A 395 16.56 7.24 -47.68
C GLN A 395 16.81 7.20 -49.18
N GLU A 396 18.06 7.01 -49.59
CA GLU A 396 18.37 6.90 -51.01
C GLU A 396 17.65 5.73 -51.65
N GLU A 397 17.67 4.56 -50.99
CA GLU A 397 17.01 3.39 -51.55
C GLU A 397 15.49 3.56 -51.57
N SER A 398 14.92 4.16 -50.53
CA SER A 398 13.48 4.37 -50.50
C SER A 398 13.05 5.31 -51.63
N GLN A 399 13.78 6.40 -51.80
CA GLN A 399 13.48 7.34 -52.86
C GLN A 399 13.63 6.69 -54.23
N ALA A 400 14.68 5.88 -54.39
CA ALA A 400 14.87 5.18 -55.66
C ALA A 400 13.72 4.24 -55.96
N ALA A 401 13.23 3.53 -54.93
CA ALA A 401 12.11 2.61 -55.16
C ALA A 401 10.86 3.36 -55.58
N ARG A 402 10.57 4.48 -54.91
CA ARG A 402 9.39 5.25 -55.29
C ARG A 402 9.52 5.82 -56.70
N MET A 403 10.71 6.32 -57.04
CA MET A 403 10.95 6.82 -58.39
C MET A 403 10.80 5.71 -59.41
N ILE A 404 11.26 4.50 -59.08
CA ILE A 404 11.07 3.36 -59.97
C ILE A 404 9.59 3.10 -60.20
N HIS A 405 8.80 3.12 -59.13
CA HIS A 405 7.36 2.90 -59.28
C HIS A 405 6.74 3.92 -60.22
N SER A 406 6.98 5.20 -59.96
CA SER A 406 6.36 6.25 -60.77
C SER A 406 6.84 6.21 -62.22
N THR A 407 8.14 6.03 -62.42
CA THR A 407 8.71 5.99 -63.75
C THR A 407 8.19 4.80 -64.54
N ALA A 408 8.10 3.63 -63.91
CA ALA A 408 7.58 2.46 -64.60
C ALA A 408 6.14 2.68 -65.01
N GLY A 409 5.32 3.25 -64.12
CA GLY A 409 3.95 3.55 -64.50
C GLY A 409 3.87 4.49 -65.69
N LEU A 410 4.64 5.59 -65.64
CA LEU A 410 4.57 6.57 -66.72
C LEU A 410 5.03 5.98 -68.04
N TYR A 411 6.13 5.22 -68.04
CA TYR A 411 6.65 4.70 -69.29
C TYR A 411 5.79 3.57 -69.83
N ASN A 412 5.14 2.79 -68.96
CA ASN A 412 4.20 1.79 -69.44
C ASN A 412 3.00 2.45 -70.09
N GLN A 413 2.51 3.55 -69.50
CA GLN A 413 1.44 4.29 -70.13
C GLN A 413 1.87 4.82 -71.49
N PHE A 414 3.09 5.35 -71.57
CA PHE A 414 3.59 5.85 -72.85
C PHE A 414 3.71 4.75 -73.89
N ILE A 415 4.18 3.58 -73.47
CA ILE A 415 4.35 2.46 -74.39
C ILE A 415 3.00 2.00 -74.93
N LYS A 416 2.00 1.87 -74.05
CA LYS A 416 0.69 1.44 -74.55
C LYS A 416 0.05 2.52 -75.40
N GLY A 417 0.32 3.79 -75.12
CA GLY A 417 -0.13 4.84 -76.02
C GLY A 417 0.49 4.73 -77.39
N LEU A 418 1.79 4.41 -77.45
CA LEU A 418 2.43 4.19 -78.74
C LEU A 418 1.80 3.00 -79.46
N ASP A 419 1.56 1.91 -78.73
CA ASP A 419 0.95 0.72 -79.32
C ASP A 419 -0.48 0.96 -79.76
N SER A 420 -1.16 1.98 -79.24
CA SER A 420 -2.54 2.24 -79.62
C SER A 420 -2.66 2.48 -81.12
N PHE A 421 -1.73 3.23 -81.71
CA PHE A 421 -1.73 3.50 -83.14
C PHE A 421 -0.59 2.78 -83.86
N SER A 422 -0.32 1.53 -83.46
CA SER A 422 0.82 0.81 -84.01
C SER A 422 0.70 0.65 -85.52
N GLY A 423 -0.49 0.31 -86.00
CA GLY A 423 -0.70 0.15 -87.43
C GLY A 423 -1.97 0.80 -87.90
N LYS A 424 -2.33 1.93 -87.28
CA LYS A 424 -3.58 2.64 -87.55
C LYS A 424 -3.25 4.06 -87.97
N PRO A 425 -2.94 4.28 -89.25
CA PRO A 425 -2.67 5.66 -89.70
C PRO A 425 -3.88 6.55 -89.48
N ARG A 426 -3.62 7.78 -89.03
CA ARG A 426 -4.70 8.69 -88.71
C ARG A 426 -5.36 9.30 -89.94
N GLY A 427 -4.67 9.30 -91.08
CA GLY A 427 -5.21 9.98 -92.24
C GLY A 427 -5.33 11.47 -91.97
N SER A 428 -6.42 12.05 -92.45
CA SER A 428 -6.70 13.47 -92.23
C SER A 428 -7.61 13.68 -91.02
N GLY A 429 -7.21 13.13 -89.87
CA GLY A 429 -7.99 13.24 -88.67
C GLY A 429 -7.17 12.99 -87.42
N PRO A 430 -7.83 13.02 -86.26
CA PRO A 430 -7.13 12.79 -84.99
C PRO A 430 -6.63 11.36 -84.90
N PRO A 431 -5.60 11.11 -84.09
CA PRO A 431 -5.08 9.75 -83.94
C PRO A 431 -6.06 8.77 -83.30
N ALA A 432 -7.22 9.24 -82.83
CA ALA A 432 -8.27 8.38 -82.28
C ALA A 432 -7.75 7.58 -81.08
N GLY A 433 -7.39 8.31 -80.04
CA GLY A 433 -6.94 7.70 -78.80
C GLY A 433 -6.57 8.74 -77.77
N PRO A 434 -6.24 8.29 -76.56
CA PRO A 434 -5.77 9.22 -75.53
C PRO A 434 -4.45 9.86 -75.92
N ALA A 435 -4.26 11.10 -75.50
CA ALA A 435 -3.04 11.83 -75.83
C ALA A 435 -1.85 11.22 -75.12
N LEU A 436 -0.70 11.23 -75.79
CA LEU A 436 0.51 10.72 -75.17
C LEU A 436 0.99 11.67 -74.08
N PRO A 437 1.54 11.15 -73.00
CA PRO A 437 2.10 12.02 -71.95
C PRO A 437 3.46 12.58 -72.33
N ILE A 438 3.50 13.40 -73.38
CA ILE A 438 4.78 13.84 -73.94
C ILE A 438 5.53 14.71 -72.95
N GLU A 439 4.85 15.69 -72.36
CA GLU A 439 5.52 16.59 -71.43
C GLU A 439 6.01 15.86 -70.19
N ALA A 440 5.19 14.96 -69.66
CA ALA A 440 5.60 14.19 -68.49
C ALA A 440 6.78 13.30 -68.80
N VAL A 441 6.77 12.66 -69.97
CA VAL A 441 7.89 11.80 -70.36
C VAL A 441 9.16 12.61 -70.50
N ILE A 442 9.08 13.77 -71.14
CA ILE A 442 10.27 14.60 -71.32
C ILE A 442 10.83 15.05 -69.98
N LEU A 443 9.95 15.52 -69.09
CA LEU A 443 10.40 15.96 -67.78
C LEU A 443 11.01 14.82 -66.99
N SER A 444 10.38 13.64 -67.03
CA SER A 444 10.90 12.50 -66.30
C SER A 444 12.26 12.08 -66.83
N LEU A 445 12.43 12.08 -68.14
CA LEU A 445 13.72 11.73 -68.72
C LEU A 445 14.80 12.72 -68.29
N GLN A 446 14.48 14.02 -68.31
CA GLN A 446 15.47 15.01 -67.89
C GLN A 446 15.82 14.83 -66.42
N ASP A 447 14.81 14.61 -65.58
CA ASP A 447 15.07 14.43 -64.15
C ASP A 447 15.93 13.21 -63.90
N LEU A 448 15.65 12.10 -64.59
CA LEU A 448 16.45 10.90 -64.38
C LEU A 448 17.87 11.08 -64.89
N ILE A 449 18.04 11.77 -66.02
CA ILE A 449 19.38 12.03 -66.54
C ILE A 449 20.18 12.83 -65.53
N GLY A 450 19.56 13.87 -64.95
CA GLY A 450 20.24 14.61 -63.90
C GLY A 450 20.42 13.82 -62.62
N TYR A 451 19.58 12.81 -62.40
CA TYR A 451 19.69 11.95 -61.25
C TYR A 451 20.90 11.02 -61.34
N PHE A 452 21.23 10.57 -62.56
CA PHE A 452 22.31 9.63 -62.77
C PHE A 452 23.60 10.31 -63.24
N GLU A 453 23.67 11.63 -63.18
CA GLU A 453 24.83 12.33 -63.70
C GLU A 453 26.06 11.96 -62.88
N PRO A 454 27.19 11.63 -63.52
CA PRO A 454 28.38 11.28 -62.77
C PRO A 454 28.90 12.48 -62.01
N PRO A 455 29.56 12.28 -60.87
CA PRO A 455 30.16 13.41 -60.16
C PRO A 455 31.25 14.05 -60.99
N SER A 456 31.38 15.36 -60.85
CA SER A 456 32.34 16.10 -61.65
C SER A 456 33.76 15.72 -61.27
N GLU A 457 34.71 15.98 -62.17
CA GLU A 457 36.09 15.62 -61.89
C GLU A 457 36.73 16.52 -60.85
N GLU A 458 36.06 17.60 -60.46
CA GLU A 458 36.69 18.62 -59.60
C GLU A 458 36.49 18.37 -58.12
N LEU A 459 35.62 17.47 -57.70
CA LEU A 459 35.49 17.24 -56.27
C LEU A 459 36.66 16.40 -55.75
N GLN A 460 36.78 16.39 -54.43
CA GLN A 460 37.89 15.73 -53.76
C GLN A 460 37.64 14.22 -53.72
N HIS A 461 38.74 13.47 -53.60
CA HIS A 461 38.74 12.03 -53.87
C HIS A 461 37.70 11.28 -53.05
N GLU A 462 37.62 11.57 -51.75
CA GLU A 462 36.73 10.80 -50.88
C GLU A 462 35.27 10.99 -51.26
N GLU A 463 34.82 12.23 -51.39
CA GLU A 463 33.44 12.45 -51.75
C GLU A 463 33.14 11.97 -53.16
N LYS A 464 34.12 12.06 -54.06
CA LYS A 464 33.92 11.54 -55.40
C LYS A 464 33.70 10.03 -55.37
N GLN A 465 34.47 9.31 -54.56
CA GLN A 465 34.28 7.87 -54.44
C GLN A 465 32.94 7.54 -53.82
N SER A 466 32.52 8.29 -52.79
CA SER A 466 31.22 8.03 -52.18
C SER A 466 30.09 8.25 -53.18
N LYS A 467 30.17 9.32 -53.95
CA LYS A 467 29.16 9.60 -54.96
C LYS A 467 29.16 8.51 -56.05
N LEU A 468 30.34 8.04 -56.43
CA LEU A 468 30.41 6.96 -57.41
C LEU A 468 29.76 5.70 -56.88
N ARG A 469 29.98 5.38 -55.60
CA ARG A 469 29.36 4.21 -55.01
C ARG A 469 27.84 4.34 -55.00
N SER A 470 27.33 5.50 -54.61
CA SER A 470 25.88 5.72 -54.62
C SER A 470 25.33 5.59 -56.03
N LEU A 471 26.04 6.14 -57.02
CA LEU A 471 25.58 6.06 -58.39
C LEU A 471 25.53 4.62 -58.89
N ARG A 472 26.56 3.83 -58.56
CA ARG A 472 26.54 2.43 -58.94
C ARG A 472 25.37 1.70 -58.31
N ASN A 473 25.10 1.98 -57.03
CA ASN A 473 24.00 1.32 -56.36
C ASN A 473 22.66 1.68 -57.00
N ARG A 474 22.46 2.96 -57.33
CA ARG A 474 21.20 3.38 -57.94
C ARG A 474 21.04 2.79 -59.33
N GLN A 475 22.12 2.75 -60.12
CA GLN A 475 22.06 2.12 -61.42
C GLN A 475 21.69 0.65 -61.30
N SER A 476 22.30 -0.05 -60.34
CA SER A 476 21.99 -1.46 -60.15
C SER A 476 20.53 -1.66 -59.76
N LEU A 477 20.00 -0.79 -58.89
CA LEU A 477 18.60 -0.91 -58.48
C LEU A 477 17.68 -0.73 -59.68
N PHE A 478 17.89 0.34 -60.45
CA PHE A 478 17.05 0.59 -61.61
C PHE A 478 17.15 -0.56 -62.62
N GLN A 479 18.34 -1.09 -62.83
CA GLN A 479 18.50 -2.22 -63.73
C GLN A 479 17.74 -3.43 -63.22
N GLU A 480 17.84 -3.72 -61.93
CA GLU A 480 17.20 -4.90 -61.38
C GLU A 480 15.68 -4.81 -61.40
N GLU A 481 15.12 -3.60 -61.44
CA GLU A 481 13.68 -3.47 -61.54
C GLU A 481 13.19 -3.40 -62.98
N GLY A 482 14.06 -3.60 -63.96
CA GLY A 482 13.63 -3.64 -65.34
C GLY A 482 13.53 -2.30 -66.03
N MET A 483 14.04 -1.23 -65.42
CA MET A 483 13.98 0.09 -66.04
C MET A 483 14.79 0.13 -67.33
N LEU A 484 15.90 -0.62 -67.38
CA LEU A 484 16.69 -0.67 -68.60
C LEU A 484 15.90 -1.30 -69.74
N SER A 485 15.21 -2.41 -69.47
CA SER A 485 14.39 -3.04 -70.49
C SER A 485 13.23 -2.13 -70.90
N LEU A 486 12.67 -1.39 -69.94
CA LEU A 486 11.59 -0.47 -70.26
C LEU A 486 12.06 0.64 -71.19
N VAL A 487 13.25 1.19 -70.92
CA VAL A 487 13.82 2.21 -71.80
C VAL A 487 14.09 1.64 -73.18
N LEU A 488 14.58 0.40 -73.25
CA LEU A 488 14.80 -0.23 -74.55
C LEU A 488 13.51 -0.39 -75.32
N ASN A 489 12.43 -0.78 -74.64
CA ASN A 489 11.14 -0.93 -75.30
C ASN A 489 10.64 0.41 -75.84
N CYS A 490 10.77 1.47 -75.04
CA CYS A 490 10.38 2.78 -75.53
C CYS A 490 11.19 3.17 -76.76
N ILE A 491 12.50 2.91 -76.73
CA ILE A 491 13.36 3.24 -77.86
C ILE A 491 12.94 2.46 -79.10
N ASP A 492 12.64 1.18 -78.95
CA ASP A 492 12.22 0.38 -80.09
C ASP A 492 10.94 0.91 -80.71
N ARG A 493 9.93 1.17 -79.87
CA ARG A 493 8.64 1.59 -80.39
C ARG A 493 8.71 2.97 -81.01
N LEU A 494 9.56 3.86 -80.50
CA LEU A 494 9.78 5.12 -81.20
C LEU A 494 10.67 4.95 -82.42
N ASN A 495 11.45 3.88 -82.48
CA ASN A 495 12.41 3.65 -83.55
C ASN A 495 11.79 2.99 -84.77
N VAL A 496 10.59 2.40 -84.63
CA VAL A 496 9.93 1.86 -85.82
C VAL A 496 9.57 2.94 -86.82
N TYR A 497 9.61 4.21 -86.43
CA TYR A 497 9.33 5.33 -87.31
C TYR A 497 10.65 5.94 -87.76
N THR A 498 10.73 6.33 -89.03
CA THR A 498 11.99 6.78 -89.59
C THR A 498 12.25 8.26 -89.37
N THR A 499 11.19 9.07 -89.29
CA THR A 499 11.37 10.51 -89.17
C THR A 499 10.18 11.09 -88.43
N ALA A 500 10.28 12.37 -88.09
CA ALA A 500 9.21 13.04 -87.35
C ALA A 500 7.93 13.10 -88.17
N ALA A 501 8.03 13.32 -89.48
CA ALA A 501 6.84 13.31 -90.32
C ALA A 501 6.20 11.92 -90.35
N HIS A 502 7.03 10.89 -90.43
CA HIS A 502 6.51 9.52 -90.40
C HIS A 502 5.78 9.26 -89.09
N PHE A 503 6.33 9.74 -87.98
CA PHE A 503 5.65 9.64 -86.70
C PHE A 503 4.35 10.42 -86.69
N ALA A 504 4.35 11.61 -87.29
CA ALA A 504 3.16 12.44 -87.33
C ALA A 504 2.04 11.79 -88.12
N GLU A 505 2.38 10.98 -89.11
CA GLU A 505 1.34 10.28 -89.86
C GLU A 505 0.51 9.35 -88.98
N TYR A 506 1.00 9.00 -87.79
CA TYR A 506 0.30 8.11 -86.89
C TYR A 506 -0.07 8.75 -85.55
N ALA A 507 0.64 9.80 -85.14
CA ALA A 507 0.42 10.40 -83.84
C ALA A 507 0.04 11.87 -83.88
N GLY A 508 0.14 12.52 -85.04
CA GLY A 508 -0.16 13.93 -85.14
C GLY A 508 1.06 14.81 -84.96
N GLU A 509 0.95 16.02 -85.52
CA GLU A 509 2.08 16.94 -85.52
C GLU A 509 2.43 17.40 -84.10
N GLU A 510 1.42 17.62 -83.27
CA GLU A 510 1.65 18.10 -81.91
C GLU A 510 2.46 17.11 -81.10
N ALA A 511 2.34 15.82 -81.38
CA ALA A 511 3.17 14.83 -80.72
C ALA A 511 4.46 14.58 -81.46
N ALA A 512 4.49 14.80 -82.77
CA ALA A 512 5.69 14.52 -83.54
C ALA A 512 6.72 15.63 -83.38
N GLU A 513 6.31 16.80 -82.91
CA GLU A 513 7.28 17.87 -82.72
C GLU A 513 8.18 17.64 -81.52
N SER A 514 7.98 16.55 -80.77
CA SER A 514 8.85 16.19 -79.66
C SER A 514 9.51 14.83 -79.85
N TRP A 515 9.32 14.20 -81.00
CA TRP A 515 9.81 12.85 -81.21
C TRP A 515 11.33 12.79 -81.15
N LYS A 516 12.01 13.71 -81.83
CA LYS A 516 13.46 13.74 -81.83
C LYS A 516 14.00 14.00 -80.42
N GLU A 517 13.40 14.94 -79.71
CA GLU A 517 13.86 15.25 -78.36
C GLU A 517 13.70 14.05 -77.44
N ILE A 518 12.56 13.35 -77.55
CA ILE A 518 12.32 12.21 -76.68
C ILE A 518 13.30 11.08 -76.98
N VAL A 519 13.56 10.80 -78.27
CA VAL A 519 14.48 9.71 -78.57
C VAL A 519 15.89 10.05 -78.11
N ASN A 520 16.31 11.31 -78.28
CA ASN A 520 17.62 11.70 -77.79
C ASN A 520 17.72 11.56 -76.28
N LEU A 521 16.68 11.99 -75.56
CA LEU A 521 16.69 11.84 -74.12
C LEU A 521 16.71 10.38 -73.70
N LEU A 522 16.01 9.51 -74.44
CA LEU A 522 16.03 8.10 -74.11
C LEU A 522 17.42 7.51 -74.26
N TYR A 523 18.10 7.85 -75.36
CA TYR A 523 19.47 7.36 -75.52
C TYR A 523 20.39 7.90 -74.43
N GLU A 524 20.23 9.18 -74.09
CA GLU A 524 21.06 9.77 -73.04
C GLU A 524 20.82 9.09 -71.70
N LEU A 525 19.56 8.76 -71.40
CA LEU A 525 19.23 8.06 -70.16
C LEU A 525 19.83 6.66 -70.14
N LEU A 526 19.77 5.96 -71.27
CA LEU A 526 20.37 4.63 -71.32
C LEU A 526 21.87 4.69 -71.08
N ALA A 527 22.54 5.69 -71.69
CA ALA A 527 23.96 5.86 -71.44
C ALA A 527 24.23 6.19 -69.98
N SER A 528 23.38 7.00 -69.36
CA SER A 528 23.55 7.32 -67.95
C SER A 528 23.37 6.08 -67.07
N LEU A 529 22.41 5.23 -67.42
CA LEU A 529 22.20 4.00 -66.66
C LEU A 529 23.37 3.05 -66.75
N ILE A 530 23.97 2.89 -67.93
CA ILE A 530 25.03 1.89 -68.10
C ILE A 530 26.42 2.45 -67.94
N ARG A 531 26.61 3.76 -67.86
CA ARG A 531 27.95 4.33 -67.86
C ARG A 531 28.72 3.93 -66.61
N GLY A 532 29.86 3.27 -66.81
CA GLY A 532 30.74 2.90 -65.72
C GLY A 532 30.27 1.74 -64.89
N ASN A 533 29.21 1.05 -65.29
CA ASN A 533 28.64 -0.05 -64.55
C ASN A 533 28.82 -1.32 -65.37
N ARG A 534 29.75 -2.18 -64.96
CA ARG A 534 30.06 -3.35 -65.75
C ARG A 534 28.91 -4.34 -65.79
N ALA A 535 28.19 -4.47 -64.67
CA ALA A 535 27.05 -5.39 -64.63
C ALA A 535 25.99 -4.97 -65.64
N ASN A 536 25.70 -3.67 -65.73
CA ASN A 536 24.71 -3.21 -66.69
C ASN A 536 25.25 -3.29 -68.12
N CYS A 537 26.54 -2.99 -68.31
CA CYS A 537 27.10 -3.06 -69.65
C CYS A 537 27.14 -4.47 -70.19
N ALA A 538 27.27 -5.47 -69.31
CA ALA A 538 27.33 -6.85 -69.77
C ALA A 538 26.01 -7.34 -70.34
N LEU A 539 24.91 -6.64 -70.07
CA LEU A 539 23.61 -7.06 -70.57
C LEU A 539 23.52 -6.96 -72.09
N PHE A 540 24.39 -6.19 -72.72
CA PHE A 540 24.36 -6.04 -74.17
C PHE A 540 25.16 -7.11 -74.90
N SER A 541 25.78 -8.04 -74.18
CA SER A 541 26.51 -9.12 -74.82
C SER A 541 25.61 -10.07 -75.59
N THR A 542 24.29 -10.01 -75.38
CA THR A 542 23.36 -10.80 -76.15
C THR A 542 22.67 -10.02 -77.26
N ASN A 543 22.46 -8.72 -77.06
CA ASN A 543 21.87 -7.85 -78.08
C ASN A 543 22.86 -6.73 -78.35
N LEU A 544 23.81 -7.00 -79.24
CA LEU A 544 24.74 -5.97 -79.70
C LEU A 544 24.36 -5.41 -81.06
N ASP A 545 23.74 -6.22 -81.91
CA ASP A 545 23.15 -5.69 -83.13
C ASP A 545 22.07 -4.68 -82.84
N TRP A 546 21.45 -4.74 -81.66
CA TRP A 546 20.50 -3.72 -81.27
C TRP A 546 21.15 -2.35 -81.23
N VAL A 547 22.39 -2.28 -80.77
CA VAL A 547 23.10 -1.02 -80.70
C VAL A 547 23.72 -0.67 -82.04
N VAL A 548 24.38 -1.64 -82.68
CA VAL A 548 25.13 -1.36 -83.89
C VAL A 548 24.19 -1.00 -85.05
N SER A 549 23.07 -1.71 -85.17
CA SER A 549 22.15 -1.48 -86.27
C SER A 549 21.53 -0.10 -86.23
N LYS A 550 21.60 0.58 -85.09
CA LYS A 550 21.04 1.91 -84.95
C LYS A 550 22.08 3.01 -85.10
N LEU A 551 23.31 2.67 -85.47
CA LEU A 551 24.35 3.69 -85.58
C LEU A 551 24.07 4.66 -86.72
N ASP A 552 23.51 4.17 -87.82
CA ASP A 552 23.29 5.00 -89.00
C ASP A 552 22.05 5.88 -88.89
N ARG A 553 21.26 5.75 -87.83
CA ARG A 553 20.12 6.63 -87.64
C ARG A 553 20.58 8.07 -87.50
N LEU A 554 19.89 8.97 -88.19
CA LEU A 554 20.31 10.37 -88.24
C LEU A 554 19.85 11.19 -87.04
N GLU A 555 18.79 10.77 -86.36
CA GLU A 555 18.21 11.63 -85.33
C GLU A 555 19.02 11.64 -84.04
N ALA A 556 19.64 10.52 -83.67
CA ALA A 556 20.33 10.42 -82.39
C ALA A 556 21.68 9.72 -82.56
N SER A 557 22.43 10.13 -83.58
CA SER A 557 23.70 9.50 -83.88
C SER A 557 24.68 9.63 -82.72
N SER A 558 24.80 10.85 -82.17
CA SER A 558 25.72 11.06 -81.07
C SER A 558 25.34 10.22 -79.86
N GLY A 559 24.06 10.16 -79.54
CA GLY A 559 23.62 9.39 -78.38
C GLY A 559 23.87 7.90 -78.54
N ILE A 560 23.55 7.35 -79.71
CA ILE A 560 23.75 5.92 -79.89
C ILE A 560 25.23 5.58 -79.91
N LEU A 561 26.05 6.46 -80.50
CA LEU A 561 27.49 6.23 -80.47
C LEU A 561 28.04 6.28 -79.05
N GLU A 562 27.53 7.20 -78.23
CA GLU A 562 27.96 7.27 -76.84
C GLU A 562 27.55 6.02 -76.07
N VAL A 563 26.35 5.50 -76.35
CA VAL A 563 25.93 4.26 -75.72
C VAL A 563 26.88 3.13 -76.08
N LEU A 564 27.23 3.03 -77.37
CA LEU A 564 28.16 2.00 -77.80
C LEU A 564 29.52 2.15 -77.13
N TYR A 565 30.00 3.39 -77.03
CA TYR A 565 31.29 3.65 -76.38
C TYR A 565 31.27 3.20 -74.93
N CYS A 566 30.19 3.54 -74.21
CA CYS A 566 30.08 3.13 -72.81
C CYS A 566 30.05 1.62 -72.69
N VAL A 567 29.33 0.95 -73.59
CA VAL A 567 29.28 -0.51 -73.54
C VAL A 567 30.65 -1.12 -73.77
N LEU A 568 31.36 -0.64 -74.79
CA LEU A 568 32.63 -1.26 -75.15
C LEU A 568 33.71 -0.98 -74.11
N ILE A 569 33.70 0.22 -73.52
CA ILE A 569 34.71 0.57 -72.53
C ILE A 569 34.69 -0.31 -71.30
N GLU A 570 33.52 -0.81 -70.90
CA GLU A 570 33.37 -1.47 -69.61
C GLU A 570 33.32 -2.98 -69.68
N SER A 571 32.66 -3.57 -70.67
CA SER A 571 32.39 -5.00 -70.65
C SER A 571 33.25 -5.74 -71.65
N PRO A 572 34.26 -6.49 -71.21
CA PRO A 572 35.03 -7.33 -72.14
C PRO A 572 34.21 -8.43 -72.78
N GLU A 573 33.08 -8.81 -72.16
CA GLU A 573 32.19 -9.78 -72.78
C GLU A 573 31.72 -9.30 -74.15
N VAL A 574 31.49 -7.99 -74.28
CA VAL A 574 31.07 -7.43 -75.57
C VAL A 574 32.21 -7.47 -76.57
N LEU A 575 33.43 -7.18 -76.14
CA LEU A 575 34.57 -7.29 -77.05
C LEU A 575 34.79 -8.72 -77.49
N ASN A 576 34.39 -9.69 -76.68
CA ASN A 576 34.58 -11.08 -77.05
C ASN A 576 33.57 -11.56 -78.08
N ILE A 577 32.54 -10.77 -78.39
CA ILE A 577 31.53 -11.15 -79.37
C ILE A 577 31.54 -10.27 -80.60
N ILE A 578 32.47 -9.31 -80.68
CA ILE A 578 32.53 -8.40 -81.81
C ILE A 578 32.87 -9.19 -83.07
N GLN A 579 32.22 -8.85 -84.18
CA GLN A 579 32.42 -9.53 -85.44
C GLN A 579 32.79 -8.54 -86.55
N GLU A 580 33.15 -9.11 -87.70
CA GLU A 580 33.57 -8.31 -88.83
C GLU A 580 32.45 -7.39 -89.31
N ASN A 581 31.21 -7.86 -89.28
CA ASN A 581 30.11 -7.01 -89.70
C ASN A 581 29.97 -5.81 -88.77
N HIS A 582 30.13 -6.00 -87.46
CA HIS A 582 30.09 -4.88 -86.54
C HIS A 582 31.21 -3.90 -86.83
N ILE A 583 32.42 -4.40 -87.06
CA ILE A 583 33.55 -3.49 -87.31
C ILE A 583 33.34 -2.73 -88.61
N LYS A 584 32.82 -3.40 -89.64
CA LYS A 584 32.54 -2.72 -90.90
C LYS A 584 31.44 -1.68 -90.74
N SER A 585 30.47 -1.94 -89.87
CA SER A 585 29.45 -0.93 -89.58
C SER A 585 30.07 0.29 -88.91
N ILE A 586 30.97 0.06 -87.96
CA ILE A 586 31.61 1.19 -87.28
C ILE A 586 32.47 1.99 -88.25
N ILE A 587 33.13 1.32 -89.19
CA ILE A 587 33.92 2.04 -90.19
C ILE A 587 33.03 2.78 -91.17
N SER A 588 31.92 2.17 -91.57
CA SER A 588 30.94 2.87 -92.38
C SER A 588 30.40 4.10 -91.68
N LEU A 589 30.41 4.08 -90.35
CA LEU A 589 30.06 5.30 -89.62
C LEU A 589 31.00 6.44 -89.95
N LEU A 590 32.31 6.18 -89.96
CA LEU A 590 33.25 7.20 -90.43
C LEU A 590 32.96 7.60 -91.86
N ASP A 591 32.74 6.61 -92.73
CA ASP A 591 32.54 6.89 -94.14
C ASP A 591 31.34 7.80 -94.37
N LYS A 592 30.27 7.62 -93.61
CA LYS A 592 29.03 8.33 -93.86
C LYS A 592 28.81 9.55 -92.98
N HIS A 593 29.54 9.69 -91.87
CA HIS A 593 29.35 10.82 -90.98
C HIS A 593 30.58 11.72 -90.88
N GLY A 594 31.65 11.40 -91.57
CA GLY A 594 32.82 12.26 -91.56
C GLY A 594 33.83 11.87 -90.50
N ARG A 595 34.88 12.67 -90.43
CA ARG A 595 36.02 12.37 -89.57
C ARG A 595 35.70 12.83 -88.16
N ASN A 596 35.22 11.89 -87.36
CA ASN A 596 34.90 12.11 -85.95
C ASN A 596 35.86 11.26 -85.11
N HIS A 597 36.54 11.90 -84.16
CA HIS A 597 37.54 11.19 -83.37
C HIS A 597 36.91 10.20 -82.39
N LYS A 598 35.62 10.32 -82.10
CA LYS A 598 35.00 9.38 -81.18
C LYS A 598 34.86 8.00 -81.81
N VAL A 599 34.63 7.94 -83.13
CA VAL A 599 34.65 6.65 -83.81
C VAL A 599 36.02 6.01 -83.71
N LEU A 600 37.06 6.82 -83.84
CA LEU A 600 38.42 6.33 -83.67
C LEU A 600 38.63 5.79 -82.26
N ASP A 601 38.10 6.50 -81.25
CA ASP A 601 38.22 6.03 -79.88
C ASP A 601 37.50 4.70 -79.67
N VAL A 602 36.32 4.54 -80.27
CA VAL A 602 35.61 3.27 -80.20
C VAL A 602 36.44 2.16 -80.82
N LEU A 603 37.03 2.42 -81.98
CA LEU A 603 37.87 1.43 -82.63
C LEU A 603 39.10 1.10 -81.77
N CYS A 604 39.67 2.11 -81.11
CA CYS A 604 40.78 1.86 -80.20
C CYS A 604 40.37 0.95 -79.07
N SER A 605 39.21 1.21 -78.48
CA SER A 605 38.71 0.39 -77.39
C SER A 605 38.44 -1.04 -77.84
N LEU A 606 38.08 -1.25 -79.10
CA LEU A 606 37.87 -2.61 -79.58
C LEU A 606 39.14 -3.46 -79.54
N CYS A 607 40.31 -2.84 -79.53
CA CYS A 607 41.56 -3.58 -79.69
C CYS A 607 42.09 -4.13 -78.37
N VAL A 608 42.11 -3.30 -77.32
CA VAL A 608 42.63 -3.69 -76.02
C VAL A 608 41.60 -3.33 -74.96
N CYS A 609 41.31 -4.27 -74.07
CA CYS A 609 40.48 -4.00 -72.91
C CYS A 609 41.21 -4.51 -71.67
N ASN A 610 41.17 -3.71 -70.60
CA ASN A 610 41.71 -4.03 -69.28
C ASN A 610 43.05 -4.78 -69.36
N GLY A 611 43.90 -4.36 -70.29
CA GLY A 611 45.26 -4.85 -70.35
C GLY A 611 45.47 -6.11 -71.15
N VAL A 612 44.47 -6.58 -71.89
CA VAL A 612 44.60 -7.75 -72.74
C VAL A 612 44.21 -7.35 -74.15
N ALA A 613 44.84 -7.97 -75.14
CA ALA A 613 44.66 -7.60 -76.54
C ALA A 613 43.83 -8.65 -77.28
N VAL A 614 43.01 -8.18 -78.19
CA VAL A 614 42.14 -9.04 -78.99
C VAL A 614 42.67 -9.02 -80.42
N ARG A 615 43.37 -10.09 -80.79
CA ARG A 615 44.02 -10.17 -82.09
C ARG A 615 43.00 -10.09 -83.22
N SER A 616 41.85 -10.76 -83.04
CA SER A 616 40.84 -10.75 -84.09
C SER A 616 40.37 -9.34 -84.38
N ASN A 617 40.05 -8.58 -83.34
CA ASN A 617 39.61 -7.20 -83.54
C ASN A 617 40.71 -6.36 -84.16
N GLN A 618 41.94 -6.51 -83.69
CA GLN A 618 43.03 -5.72 -84.26
C GLN A 618 43.20 -6.00 -85.75
N ASP A 619 43.21 -7.27 -86.13
CA ASP A 619 43.40 -7.64 -87.53
C ASP A 619 42.22 -7.18 -88.38
N LEU A 620 40.99 -7.33 -87.88
CA LEU A 620 39.84 -6.88 -88.64
C LEU A 620 39.86 -5.38 -88.87
N ILE A 621 40.18 -4.61 -87.83
CA ILE A 621 40.26 -3.17 -87.98
C ILE A 621 41.33 -2.80 -89.00
N THR A 622 42.51 -3.41 -88.89
CA THR A 622 43.58 -3.12 -89.84
C THR A 622 43.15 -3.43 -91.27
N GLU A 623 42.63 -4.64 -91.50
CA GLU A 623 42.29 -5.07 -92.85
C GLU A 623 41.17 -4.24 -93.46
N ASN A 624 40.18 -3.87 -92.66
CA ASN A 624 39.04 -3.15 -93.20
C ASN A 624 39.20 -1.64 -93.17
N LEU A 625 40.26 -1.12 -92.58
CA LEU A 625 40.38 0.33 -92.54
C LEU A 625 41.63 0.86 -93.22
N LEU A 626 42.75 0.17 -93.10
CA LEU A 626 44.00 0.75 -93.58
C LEU A 626 44.20 0.70 -95.09
N PRO A 627 44.07 -0.45 -95.75
CA PRO A 627 44.49 -0.52 -97.16
C PRO A 627 43.73 0.40 -98.09
N GLY A 628 42.54 0.86 -97.71
CA GLY A 628 41.82 1.78 -98.57
C GLY A 628 42.52 3.11 -98.74
N ARG A 629 43.08 3.64 -97.65
CA ARG A 629 43.76 4.93 -97.65
C ARG A 629 42.85 6.05 -98.14
N GLU A 630 41.58 5.99 -97.75
CA GLU A 630 40.61 7.00 -98.12
C GLU A 630 40.00 7.73 -96.93
N LEU A 631 39.84 7.07 -95.78
CA LEU A 631 39.25 7.71 -94.62
C LEU A 631 40.30 8.43 -93.77
N LEU A 632 41.31 7.70 -93.32
CA LEU A 632 42.37 8.29 -92.53
C LEU A 632 43.24 9.20 -93.39
N LEU A 633 43.72 10.28 -92.79
CA LEU A 633 44.61 11.19 -93.48
C LEU A 633 45.95 10.52 -93.72
N GLN A 634 46.56 10.82 -94.87
CA GLN A 634 47.80 10.19 -95.28
C GLN A 634 48.96 11.16 -95.15
N THR A 635 50.11 10.64 -94.74
CA THR A 635 51.30 11.44 -94.55
C THR A 635 52.45 10.83 -95.35
N ASN A 636 53.36 11.70 -95.78
CA ASN A 636 54.51 11.28 -96.57
C ASN A 636 55.46 12.46 -96.68
N LEU A 637 56.72 12.16 -96.94
CA LEU A 637 57.73 13.20 -97.11
C LEU A 637 57.89 13.51 -98.59
N ILE A 638 57.82 14.78 -98.94
CA ILE A 638 57.91 15.22 -100.32
C ILE A 638 58.95 16.32 -100.44
N ASN A 639 59.46 16.51 -101.66
CA ASN A 639 60.43 17.53 -101.93
C ASN A 639 59.76 18.85 -102.31
N TYR A 640 60.40 19.94 -101.93
CA TYR A 640 59.98 21.25 -102.40
C TYR A 640 60.35 21.41 -103.86
N VAL A 641 59.47 22.06 -104.62
CA VAL A 641 59.67 22.29 -106.05
C VAL A 641 59.49 23.78 -106.31
N THR A 642 60.34 24.34 -107.16
CA THR A 642 60.30 25.76 -107.50
C THR A 642 60.35 25.92 -109.01
N SER A 643 59.73 26.99 -109.50
CA SER A 643 59.71 27.32 -110.91
C SER A 643 60.52 28.59 -111.15
N ILE A 644 61.18 28.65 -112.30
CA ILE A 644 61.97 29.80 -112.72
C ILE A 644 61.61 30.12 -114.16
N ARG A 645 61.43 31.40 -114.46
CA ARG A 645 61.04 31.85 -115.79
C ARG A 645 61.89 33.03 -116.22
N PRO A 646 62.06 33.23 -117.52
CA PRO A 646 62.49 34.54 -118.01
C PRO A 646 61.35 35.53 -117.97
N ASN A 647 61.69 36.80 -118.08
CA ASN A 647 60.65 37.81 -118.18
C ASN A 647 60.26 37.99 -119.63
N ILE A 648 59.90 36.89 -120.29
CA ILE A 648 59.46 36.89 -121.68
C ILE A 648 58.00 36.48 -121.72
N PHE A 649 57.14 37.37 -122.16
CA PHE A 649 55.70 37.15 -122.15
C PHE A 649 55.16 37.37 -123.55
N VAL A 650 54.45 36.39 -124.08
CA VAL A 650 53.83 36.48 -125.39
C VAL A 650 52.39 36.01 -125.30
N GLY A 651 51.56 36.49 -126.22
CA GLY A 651 50.15 36.16 -126.19
C GLY A 651 49.50 36.52 -127.51
N ARG A 652 48.22 36.20 -127.61
CA ARG A 652 47.44 36.45 -128.81
C ARG A 652 46.17 37.21 -128.46
N ALA A 653 45.90 38.25 -129.23
CA ALA A 653 44.66 39.01 -129.10
C ALA A 653 44.36 39.64 -130.45
N GLU A 654 43.10 40.00 -130.64
CA GLU A 654 42.67 40.60 -131.89
C GLU A 654 43.28 41.98 -132.02
N GLY A 655 44.16 42.15 -133.00
CA GLY A 655 44.85 43.41 -133.18
C GLY A 655 46.09 43.57 -132.33
N SER A 656 46.53 42.53 -131.64
CA SER A 656 47.74 42.60 -130.83
C SER A 656 48.96 42.79 -131.71
N THR A 657 49.97 43.45 -131.16
CA THR A 657 51.21 43.70 -131.87
C THR A 657 52.21 42.56 -131.76
N GLN A 658 51.89 41.52 -131.00
CA GLN A 658 52.83 40.46 -130.72
C GLN A 658 52.84 39.39 -131.81
N TYR A 659 54.02 38.83 -132.04
CA TYR A 659 54.18 37.74 -132.98
C TYR A 659 53.55 36.47 -132.43
N GLY A 660 53.32 35.51 -133.32
CA GLY A 660 52.54 34.33 -132.95
C GLY A 660 53.31 33.07 -132.61
N LYS A 661 54.50 32.91 -133.16
CA LYS A 661 55.26 31.67 -133.02
C LYS A 661 56.59 31.95 -132.33
N TRP A 662 56.91 31.14 -131.31
CA TRP A 662 58.09 31.38 -130.48
C TRP A 662 58.82 30.07 -130.23
N TYR A 663 60.10 30.20 -129.92
CA TYR A 663 60.98 29.04 -129.78
C TYR A 663 62.04 29.34 -128.73
N PHE A 664 62.36 28.33 -127.91
CA PHE A 664 63.46 28.41 -126.98
C PHE A 664 63.91 27.01 -126.62
N GLU A 665 65.08 26.92 -125.99
CA GLU A 665 65.66 25.64 -125.62
C GLU A 665 66.15 25.67 -124.18
N VAL A 666 66.22 24.50 -123.57
CA VAL A 666 66.81 24.33 -122.25
C VAL A 666 67.80 23.18 -122.32
N MET A 667 69.05 23.46 -121.95
CA MET A 667 70.09 22.44 -121.89
C MET A 667 70.26 21.99 -120.45
N VAL A 668 70.29 20.68 -120.26
CA VAL A 668 70.44 20.10 -118.93
C VAL A 668 71.90 19.77 -118.70
N ASP A 669 72.46 20.30 -117.62
CA ASP A 669 73.88 20.14 -117.31
C ASP A 669 74.14 19.08 -116.25
N GLU A 670 73.40 19.11 -115.15
CA GLU A 670 73.68 18.20 -114.04
C GLU A 670 72.37 17.89 -113.34
N VAL A 671 72.00 16.61 -113.29
CA VAL A 671 70.80 16.18 -112.61
C VAL A 671 71.16 14.99 -111.71
N VAL A 672 70.95 15.15 -110.42
CA VAL A 672 71.12 14.06 -109.45
C VAL A 672 69.79 13.29 -109.41
N PRO A 673 69.74 12.05 -109.87
CA PRO A 673 68.44 11.36 -109.96
C PRO A 673 67.72 11.24 -108.63
N PHE A 674 68.45 10.94 -107.55
CA PHE A 674 67.84 10.80 -106.23
C PHE A 674 68.72 11.52 -105.22
N LEU A 675 68.47 12.81 -105.05
CA LEU A 675 69.11 13.53 -103.95
C LEU A 675 68.44 13.21 -102.63
N THR A 676 67.14 12.90 -102.66
CA THR A 676 66.41 12.45 -101.49
C THR A 676 65.74 11.11 -101.79
N ALA A 677 64.87 10.65 -100.90
CA ALA A 677 64.16 9.41 -101.15
C ALA A 677 63.17 9.55 -102.30
N GLN A 678 62.81 10.76 -102.68
CA GLN A 678 61.88 10.99 -103.79
C GLN A 678 62.66 11.45 -105.02
N ALA A 679 62.19 11.02 -106.19
CA ALA A 679 62.91 11.29 -107.42
C ALA A 679 62.98 12.78 -107.70
N THR A 680 64.09 13.20 -108.30
CA THR A 680 64.29 14.61 -108.59
C THR A 680 63.31 15.09 -109.64
N HIS A 681 62.74 16.26 -109.39
CA HIS A 681 61.75 16.87 -110.26
C HIS A 681 62.45 17.76 -111.28
N LEU A 682 62.07 17.63 -112.54
CA LEU A 682 62.59 18.52 -113.58
C LEU A 682 61.67 18.47 -114.78
N ARG A 683 61.06 19.61 -115.10
CA ARG A 683 60.15 19.71 -116.24
C ARG A 683 60.41 21.03 -116.96
N VAL A 684 60.08 21.04 -118.25
CA VAL A 684 60.26 22.21 -119.10
C VAL A 684 58.98 22.39 -119.90
N GLY A 685 58.56 23.64 -120.07
CA GLY A 685 57.37 23.91 -120.87
C GLY A 685 56.96 25.36 -120.77
N TRP A 686 55.69 25.60 -121.05
CA TRP A 686 55.10 26.92 -121.04
C TRP A 686 54.06 27.03 -119.94
N ALA A 687 53.75 28.27 -119.56
CA ALA A 687 52.77 28.53 -118.52
C ALA A 687 52.05 29.83 -118.84
N LEU A 688 50.87 29.99 -118.25
CA LEU A 688 50.03 31.16 -118.47
C LEU A 688 50.09 32.06 -117.25
N THR A 689 50.20 33.38 -117.49
CA THR A 689 50.40 34.32 -116.39
C THR A 689 49.21 34.33 -115.44
N GLU A 690 48.00 34.31 -115.98
CA GLU A 690 46.80 34.42 -115.16
C GLU A 690 46.38 33.02 -114.73
N GLY A 691 47.01 32.52 -113.68
CA GLY A 691 46.59 31.25 -113.13
C GLY A 691 47.69 30.33 -112.63
N TYR A 692 48.86 30.36 -113.28
CA TYR A 692 49.97 29.52 -112.88
C TYR A 692 50.65 30.17 -111.68
N SER A 693 50.22 29.77 -110.48
CA SER A 693 50.75 30.31 -109.23
C SER A 693 51.07 29.15 -108.31
N PRO A 694 52.20 28.49 -108.50
CA PRO A 694 52.58 27.37 -107.64
C PRO A 694 53.22 27.88 -106.35
N TYR A 695 52.53 27.71 -105.26
CA TYR A 695 53.18 28.13 -104.03
C TYR A 695 54.02 27.01 -103.46
N PRO A 696 55.09 27.33 -102.74
CA PRO A 696 55.92 26.29 -102.15
C PRO A 696 55.13 25.46 -101.14
N GLY A 697 55.40 24.17 -101.12
CA GLY A 697 54.80 23.29 -100.15
C GLY A 697 53.58 22.58 -100.71
N GLY A 698 52.44 22.72 -100.03
CA GLY A 698 51.25 21.97 -100.36
C GLY A 698 50.63 22.41 -101.66
N GLY A 699 49.69 21.61 -102.12
CA GLY A 699 49.02 21.90 -103.38
C GLY A 699 48.19 20.72 -103.82
N GLU A 700 48.11 20.56 -105.14
CA GLU A 700 47.31 19.49 -105.71
C GLU A 700 48.02 18.15 -105.56
N GLY A 701 47.24 17.10 -105.37
CA GLY A 701 47.82 15.78 -105.26
C GLY A 701 48.68 15.67 -104.02
N TRP A 702 49.95 15.33 -104.22
CA TRP A 702 50.91 15.18 -103.13
C TRP A 702 51.93 16.30 -103.09
N GLY A 703 51.52 17.52 -103.44
CA GLY A 703 52.42 18.64 -103.35
C GLY A 703 53.51 18.59 -104.39
N GLY A 704 54.47 19.50 -104.22
CA GLY A 704 55.57 19.60 -105.17
C GLY A 704 55.09 19.94 -106.57
N ASN A 705 54.17 20.89 -106.69
CA ASN A 705 53.59 21.20 -107.98
C ASN A 705 54.55 21.99 -108.84
N GLY A 706 54.63 21.64 -110.11
CA GLY A 706 55.48 22.31 -111.06
C GLY A 706 54.73 22.60 -112.34
N VAL A 707 55.45 22.46 -113.47
CA VAL A 707 54.83 22.65 -114.76
C VAL A 707 53.97 21.44 -115.09
N GLY A 708 52.74 21.69 -115.51
CA GLY A 708 51.82 20.63 -115.83
C GLY A 708 51.01 20.09 -114.68
N ASP A 709 51.13 20.70 -113.50
CA ASP A 709 50.36 20.28 -112.34
C ASP A 709 49.05 21.04 -112.23
N ASP A 710 48.72 21.87 -113.22
CA ASP A 710 47.40 22.48 -113.32
C ASP A 710 47.11 22.68 -114.81
N LEU A 711 45.97 23.30 -115.09
CA LEU A 711 45.56 23.52 -116.47
C LEU A 711 46.05 24.84 -117.02
N TYR A 712 46.98 25.49 -116.33
CA TYR A 712 47.62 26.70 -116.82
C TYR A 712 49.05 26.47 -117.29
N SER A 713 49.55 25.24 -117.19
CA SER A 713 50.92 24.94 -117.56
C SER A 713 50.96 23.66 -118.37
N TYR A 714 52.00 23.52 -119.18
CA TYR A 714 52.15 22.40 -120.11
C TYR A 714 53.62 22.02 -120.14
N GLY A 715 53.97 20.89 -119.53
CA GLY A 715 55.34 20.52 -119.32
C GLY A 715 55.76 19.23 -120.01
N PHE A 716 57.03 18.91 -119.84
CA PHE A 716 57.63 17.74 -120.48
C PHE A 716 58.86 17.35 -119.68
N ASP A 717 58.89 16.10 -119.20
CA ASP A 717 59.96 15.63 -118.34
C ASP A 717 60.87 14.62 -119.02
N GLY A 718 60.71 14.40 -120.32
CA GLY A 718 61.50 13.44 -121.07
C GLY A 718 60.77 12.15 -121.36
N LEU A 719 59.75 11.83 -120.57
CA LEU A 719 58.95 10.63 -120.77
C LEU A 719 57.47 10.91 -120.89
N HIS A 720 56.97 11.98 -120.29
CA HIS A 720 55.54 12.25 -120.25
C HIS A 720 55.26 13.70 -120.62
N LEU A 721 54.03 13.95 -121.03
CA LEU A 721 53.51 15.29 -121.21
C LEU A 721 52.61 15.60 -120.03
N TRP A 722 52.94 16.63 -119.27
CA TRP A 722 52.25 16.95 -118.05
C TRP A 722 51.29 18.11 -118.27
N THR A 723 50.02 17.91 -117.93
CA THR A 723 49.05 18.99 -117.87
C THR A 723 47.91 18.53 -116.99
N GLY A 724 47.39 19.46 -116.18
CA GLY A 724 46.31 19.11 -115.28
C GLY A 724 46.68 18.06 -114.26
N HIS A 725 47.93 18.03 -113.83
CA HIS A 725 48.42 17.09 -112.82
C HIS A 725 48.27 15.64 -113.26
N VAL A 726 48.31 15.40 -114.57
CA VAL A 726 48.21 14.06 -115.13
C VAL A 726 49.39 13.85 -116.06
N ALA A 727 50.05 12.70 -115.92
CA ALA A 727 51.20 12.36 -116.75
C ALA A 727 50.77 11.40 -117.83
N ARG A 728 50.96 11.81 -119.09
CA ARG A 728 50.59 10.99 -120.23
C ARG A 728 51.85 10.60 -120.98
N PRO A 729 52.19 9.32 -121.06
CA PRO A 729 53.44 8.92 -121.71
C PRO A 729 53.47 9.36 -123.16
N VAL A 730 54.65 9.79 -123.60
CA VAL A 730 54.86 10.26 -124.96
C VAL A 730 56.07 9.54 -125.52
N THR A 731 56.10 9.35 -126.83
CA THR A 731 57.11 8.56 -127.49
C THR A 731 58.13 9.45 -128.18
N SER A 732 59.41 9.17 -127.94
CA SER A 732 60.52 9.81 -128.62
C SER A 732 61.58 8.77 -128.89
N PRO A 733 62.42 8.98 -129.91
CA PRO A 733 63.53 8.05 -130.15
C PRO A 733 64.47 8.02 -128.95
N GLY A 734 64.54 6.86 -128.30
CA GLY A 734 65.38 6.70 -127.13
C GLY A 734 64.83 7.42 -125.91
N GLN A 735 63.62 7.03 -125.49
CA GLN A 735 62.99 7.66 -124.36
C GLN A 735 63.83 7.51 -123.11
N HIS A 736 63.99 8.60 -122.36
CA HIS A 736 64.63 8.54 -121.05
C HIS A 736 64.30 9.82 -120.31
N LEU A 737 64.29 9.72 -118.99
CA LEU A 737 64.10 10.88 -118.15
C LEU A 737 65.23 11.88 -118.40
N LEU A 738 64.90 13.16 -118.26
CA LEU A 738 65.87 14.22 -118.58
C LEU A 738 67.17 14.00 -117.84
N ALA A 739 68.25 13.93 -118.60
CA ALA A 739 69.58 13.57 -118.13
C ALA A 739 70.56 14.64 -118.56
N PRO A 740 71.75 14.66 -117.98
CA PRO A 740 72.76 15.65 -118.40
C PRO A 740 73.06 15.54 -119.88
N GLU A 741 73.37 16.69 -120.48
CA GLU A 741 73.66 16.87 -121.90
C GLU A 741 72.43 16.73 -122.78
N ASP A 742 71.23 16.84 -122.24
CA ASP A 742 70.01 16.82 -123.02
C ASP A 742 69.58 18.24 -123.37
N VAL A 743 69.02 18.40 -124.56
CA VAL A 743 68.52 19.67 -125.05
C VAL A 743 67.04 19.51 -125.35
N VAL A 744 66.21 20.36 -124.76
CA VAL A 744 64.77 20.32 -124.92
C VAL A 744 64.35 21.55 -125.72
N SER A 745 63.71 21.33 -126.86
CA SER A 745 63.23 22.40 -127.71
C SER A 745 61.73 22.51 -127.56
N CYS A 746 61.25 23.67 -127.12
CA CYS A 746 59.83 23.91 -126.93
C CYS A 746 59.37 24.96 -127.92
N CYS A 747 58.35 24.63 -128.69
CA CYS A 747 57.78 25.52 -129.71
C CYS A 747 56.37 25.88 -129.32
N LEU A 748 56.03 27.16 -129.40
CA LEU A 748 54.68 27.64 -129.12
C LEU A 748 54.14 28.31 -130.38
N ASP A 749 53.05 27.77 -130.90
CA ASP A 749 52.38 28.30 -132.09
C ASP A 749 51.01 28.78 -131.65
N LEU A 750 50.91 30.07 -131.34
CA LEU A 750 49.66 30.63 -130.84
C LEU A 750 48.55 30.63 -131.88
N SER A 751 48.87 30.41 -133.16
CA SER A 751 47.86 30.45 -134.20
C SER A 751 46.93 29.24 -134.15
N VAL A 752 47.43 28.09 -133.70
CA VAL A 752 46.64 26.86 -133.74
C VAL A 752 45.61 26.84 -132.62
N PRO A 753 45.97 27.02 -131.33
CA PRO A 753 47.28 27.11 -130.69
C PRO A 753 47.86 25.73 -130.40
N SER A 754 49.19 25.58 -130.39
CA SER A 754 49.78 24.27 -130.15
C SER A 754 51.15 24.45 -129.51
N ILE A 755 51.52 23.47 -128.69
CA ILE A 755 52.82 23.40 -128.06
C ILE A 755 53.46 22.08 -128.42
N SER A 756 54.66 22.13 -128.97
CA SER A 756 55.37 20.93 -129.41
C SER A 756 56.76 20.93 -128.82
N PHE A 757 57.36 19.74 -128.75
CA PHE A 757 58.67 19.57 -128.13
C PHE A 757 59.58 18.76 -129.05
N ARG A 758 60.88 19.02 -128.92
CA ARG A 758 61.92 18.20 -129.51
C ARG A 758 63.01 18.00 -128.48
N ILE A 759 63.51 16.78 -128.36
CA ILE A 759 64.58 16.46 -127.42
C ILE A 759 65.79 16.00 -128.23
N ASN A 760 66.93 16.66 -128.02
CA ASN A 760 68.18 16.32 -128.70
C ASN A 760 68.02 16.33 -130.21
N GLY A 761 67.09 17.14 -130.71
CA GLY A 761 66.81 17.21 -132.12
C GLY A 761 65.77 16.23 -132.62
N CYS A 762 65.44 15.20 -131.84
CA CYS A 762 64.42 14.35 -132.41
C CYS A 762 63.04 14.78 -131.92
N PRO A 763 62.05 14.79 -132.80
CA PRO A 763 60.72 15.27 -132.41
C PRO A 763 60.09 14.38 -131.35
N VAL A 764 59.31 15.00 -130.48
CA VAL A 764 58.52 14.31 -129.48
C VAL A 764 57.11 14.15 -130.02
N GLN A 765 56.61 12.91 -130.05
CA GLN A 765 55.37 12.59 -130.73
C GLN A 765 54.18 12.86 -129.81
N GLY A 766 53.99 14.15 -129.52
CA GLY A 766 52.89 14.59 -128.70
C GLY A 766 52.81 16.10 -128.63
N VAL A 767 51.61 16.66 -128.72
CA VAL A 767 51.43 18.11 -128.73
C VAL A 767 50.23 18.47 -127.87
N PHE A 768 50.35 19.57 -127.13
CA PHE A 768 49.20 20.22 -126.55
C PHE A 768 48.56 21.12 -127.58
N GLU A 769 47.23 21.21 -127.58
CA GLU A 769 46.55 22.06 -128.53
C GLU A 769 45.17 22.39 -128.01
N ALA A 770 44.56 23.39 -128.63
CA ALA A 770 43.20 23.84 -128.30
C ALA A 770 43.07 24.18 -126.82
N PHE A 771 44.03 24.93 -126.31
CA PHE A 771 43.98 25.38 -124.93
C PHE A 771 43.54 26.84 -124.87
N ASN A 772 43.45 27.35 -123.64
CA ASN A 772 42.98 28.71 -123.44
C ASN A 772 44.04 29.72 -123.86
N LEU A 773 43.59 30.93 -124.19
CA LEU A 773 44.47 32.00 -124.66
C LEU A 773 44.25 33.29 -123.91
N ASP A 774 43.62 33.25 -122.72
CA ASP A 774 43.30 34.44 -121.97
C ASP A 774 44.43 34.80 -121.01
N GLY A 775 45.57 35.17 -121.60
CA GLY A 775 46.72 35.54 -120.80
C GLY A 775 47.97 35.55 -121.66
N LEU A 776 49.10 35.65 -120.98
CA LEU A 776 50.40 35.67 -121.62
C LEU A 776 51.15 34.39 -121.29
N PHE A 777 51.93 33.89 -122.25
CA PHE A 777 52.68 32.65 -122.09
C PHE A 777 54.15 32.97 -121.88
N PHE A 778 54.76 32.30 -120.91
CA PHE A 778 56.18 32.46 -120.67
C PHE A 778 56.87 31.11 -120.55
N PRO A 779 58.12 31.01 -120.96
CA PRO A 779 58.90 29.80 -120.70
C PRO A 779 59.08 29.59 -119.21
N VAL A 780 59.16 28.32 -118.80
CA VAL A 780 59.27 28.01 -117.39
C VAL A 780 59.91 26.64 -117.25
N VAL A 781 60.71 26.48 -116.20
CA VAL A 781 61.25 25.19 -115.79
C VAL A 781 60.92 25.00 -114.31
N SER A 782 60.35 23.85 -113.99
CA SER A 782 60.09 23.47 -112.61
C SER A 782 61.12 22.41 -112.21
N PHE A 783 61.63 22.53 -111.00
CA PHE A 783 62.70 21.64 -110.58
C PHE A 783 62.64 21.44 -109.08
N SER A 784 63.18 20.32 -108.65
CA SER A 784 63.51 20.08 -107.25
C SER A 784 64.99 20.38 -107.05
N ALA A 785 65.45 20.24 -105.83
CA ALA A 785 66.87 20.42 -105.56
C ALA A 785 67.68 19.34 -106.24
N GLY A 786 68.86 19.71 -106.72
CA GLY A 786 69.75 18.78 -107.38
C GLY A 786 69.77 18.85 -108.88
N VAL A 787 69.52 20.02 -109.47
CA VAL A 787 69.52 20.18 -110.92
C VAL A 787 70.42 21.33 -111.30
N LYS A 788 70.73 21.41 -112.59
CA LYS A 788 71.53 22.50 -113.14
C LYS A 788 71.20 22.57 -114.63
N VAL A 789 70.45 23.61 -115.02
CA VAL A 789 70.00 23.75 -116.39
C VAL A 789 70.34 25.15 -116.87
N ARG A 790 70.33 25.33 -118.18
CA ARG A 790 70.61 26.62 -118.79
C ARG A 790 69.53 26.94 -119.82
N PHE A 791 68.94 28.13 -119.69
CA PHE A 791 68.01 28.62 -120.69
C PHE A 791 68.79 29.08 -121.92
N LEU A 792 68.37 28.65 -123.09
CA LEU A 792 68.94 29.11 -124.35
C LEU A 792 67.84 29.85 -125.10
N LEU A 793 67.94 31.18 -125.14
CA LEU A 793 66.89 32.02 -125.70
C LEU A 793 67.29 32.65 -127.02
N GLY A 794 68.44 32.31 -127.57
CA GLY A 794 68.86 32.84 -128.85
C GLY A 794 69.57 34.17 -128.72
N GLY A 795 70.12 34.62 -129.84
CA GLY A 795 70.82 35.89 -129.86
C GLY A 795 72.03 35.85 -128.95
N ARG A 796 72.12 36.85 -128.09
CA ARG A 796 73.19 36.93 -127.10
C ARG A 796 72.82 36.25 -125.80
N HIS A 797 71.68 35.59 -125.74
CA HIS A 797 71.18 34.96 -124.52
C HIS A 797 71.08 33.44 -124.67
N GLY A 798 72.08 32.84 -125.30
CA GLY A 798 72.11 31.40 -125.45
C GLY A 798 71.97 30.93 -126.88
N GLU A 799 73.09 30.59 -127.50
CA GLU A 799 73.06 30.09 -128.87
C GLU A 799 72.32 28.78 -128.94
N PHE A 800 71.41 28.66 -129.91
CA PHE A 800 70.61 27.46 -130.06
C PHE A 800 71.48 26.31 -130.54
N LYS A 801 71.36 25.16 -129.87
CA LYS A 801 72.04 23.97 -130.38
C LYS A 801 71.40 23.49 -131.67
N PHE A 802 70.08 23.58 -131.77
CA PHE A 802 69.35 23.14 -132.95
C PHE A 802 68.60 24.31 -133.56
N LEU A 803 68.54 24.31 -134.88
CA LEU A 803 67.92 25.41 -135.60
C LEU A 803 66.42 25.41 -135.34
N PRO A 804 65.82 26.56 -135.00
CA PRO A 804 64.38 26.59 -134.77
C PRO A 804 63.63 26.28 -136.05
N PRO A 805 62.44 25.69 -135.95
CA PRO A 805 61.67 25.40 -137.15
C PRO A 805 61.29 26.68 -137.86
N PRO A 806 61.08 26.61 -139.17
CA PRO A 806 60.81 27.83 -139.94
C PRO A 806 59.59 28.57 -139.41
N GLY A 807 59.69 29.90 -139.39
CA GLY A 807 58.62 30.74 -138.95
C GLY A 807 58.60 31.05 -137.47
N TYR A 808 59.33 30.27 -136.66
CA TYR A 808 59.34 30.47 -135.23
C TYR A 808 60.41 31.48 -134.85
N ALA A 809 60.06 32.38 -133.94
CA ALA A 809 60.96 33.44 -133.53
C ALA A 809 61.65 33.10 -132.22
N PRO A 810 62.93 33.38 -132.10
CA PRO A 810 63.62 33.17 -130.82
C PRO A 810 63.01 34.02 -129.72
N CYS A 811 62.96 33.45 -128.51
CA CYS A 811 62.28 34.12 -127.41
C CYS A 811 62.97 35.40 -126.97
N HIS A 812 64.26 35.56 -127.24
CA HIS A 812 64.94 36.78 -126.82
C HIS A 812 64.43 38.00 -127.55
N GLU A 813 63.70 37.83 -128.64
CA GLU A 813 63.12 38.97 -129.35
C GLU A 813 61.85 39.49 -128.69
N ALA A 814 61.34 38.81 -127.67
CA ALA A 814 60.10 39.20 -127.03
C ALA A 814 60.31 40.03 -125.77
N VAL A 815 61.55 40.44 -125.48
CA VAL A 815 61.79 41.28 -124.32
C VAL A 815 61.27 42.69 -124.59
N LEU A 816 60.52 43.23 -123.65
CA LEU A 816 59.92 44.54 -123.84
C LEU A 816 60.98 45.63 -123.82
N PRO A 817 60.73 46.76 -124.48
CA PRO A 817 61.73 47.83 -124.54
C PRO A 817 62.12 48.38 -123.18
N ARG A 818 61.21 48.42 -122.22
CA ARG A 818 61.48 49.02 -120.92
C ARG A 818 62.16 48.06 -119.95
N GLU A 819 62.41 46.82 -120.35
CA GLU A 819 62.96 45.81 -119.46
C GLU A 819 64.21 45.19 -120.06
N ARG A 820 65.00 44.57 -119.19
CA ARG A 820 66.16 43.78 -119.58
C ARG A 820 65.88 42.32 -119.25
N LEU A 821 66.47 41.42 -120.04
CA LEU A 821 66.20 40.01 -119.85
C LEU A 821 66.80 39.51 -118.54
N ARG A 822 66.05 38.70 -117.82
CA ARG A 822 66.52 38.17 -116.54
C ARG A 822 65.73 36.92 -116.20
N LEU A 823 66.13 36.27 -115.12
CA LEU A 823 65.47 35.08 -114.60
C LEU A 823 64.89 35.41 -113.23
N GLU A 824 63.63 35.06 -113.02
CA GLU A 824 62.92 35.46 -111.82
C GLU A 824 61.97 34.36 -111.38
N PRO A 825 61.61 34.32 -110.10
CA PRO A 825 60.56 33.40 -109.65
C PRO A 825 59.20 33.82 -110.15
N ILE A 826 58.15 33.11 -109.75
CA ILE A 826 56.79 33.38 -110.20
C ILE A 826 55.91 33.60 -108.98
N LYS A 827 55.41 34.81 -108.83
CA LYS A 827 54.49 35.19 -107.74
C LYS A 827 55.06 34.81 -106.38
N GLU A 828 56.28 35.26 -106.11
CA GLU A 828 56.89 35.07 -104.81
C GLU A 828 56.24 35.99 -103.79
N TYR A 829 56.14 35.51 -102.55
CA TYR A 829 55.68 36.32 -101.43
C TYR A 829 56.78 36.56 -100.41
N ARG A 830 58.03 36.32 -100.79
CA ARG A 830 59.14 36.36 -99.86
C ARG A 830 60.43 36.32 -100.66
N ARG A 831 61.43 37.11 -100.24
CA ARG A 831 62.73 37.06 -100.88
C ARG A 831 63.79 37.44 -99.88
N GLU A 832 65.02 37.01 -100.16
CA GLU A 832 66.14 37.31 -99.28
C GLU A 832 66.55 38.76 -99.44
N GLY A 833 66.87 39.40 -98.31
CA GLY A 833 67.31 40.77 -98.31
C GLY A 833 68.61 40.95 -97.56
N PRO A 834 69.08 42.20 -97.47
CA PRO A 834 70.37 42.42 -96.79
C PRO A 834 70.32 42.08 -95.31
N ARG A 835 69.36 42.63 -94.58
CA ARG A 835 69.25 42.39 -93.14
C ARG A 835 68.33 41.24 -92.80
N GLY A 836 67.68 40.62 -93.78
CA GLY A 836 66.77 39.54 -93.54
C GLY A 836 65.76 39.37 -94.66
N PRO A 837 64.83 38.43 -94.49
CA PRO A 837 63.85 38.20 -95.56
C PRO A 837 62.94 39.40 -95.76
N HIS A 838 62.51 39.59 -97.00
CA HIS A 838 61.60 40.66 -97.39
C HIS A 838 60.25 40.06 -97.71
N LEU A 839 59.18 40.63 -97.16
CA LEU A 839 57.84 40.26 -97.55
C LEU A 839 57.45 41.04 -98.79
N VAL A 840 56.85 40.34 -99.75
CA VAL A 840 56.52 40.90 -101.06
C VAL A 840 55.03 40.77 -101.29
N GLY A 841 54.39 41.86 -101.70
CA GLY A 841 53.00 41.82 -102.06
C GLY A 841 52.82 41.31 -103.47
N PRO A 842 51.57 41.27 -103.94
CA PRO A 842 51.32 40.78 -105.29
C PRO A 842 52.04 41.61 -106.34
N SER A 843 52.41 40.96 -107.43
CA SER A 843 53.15 41.60 -108.50
C SER A 843 52.20 42.03 -109.60
N ARG A 844 52.35 43.26 -110.07
CA ARG A 844 51.56 43.74 -111.19
C ARG A 844 51.96 42.98 -112.45
N CYS A 845 50.97 42.45 -113.16
CA CYS A 845 51.21 41.64 -114.34
C CYS A 845 50.46 42.22 -115.53
N LEU A 846 51.07 42.14 -116.70
CA LEU A 846 50.43 42.58 -117.91
C LEU A 846 49.35 41.61 -118.34
N SER A 847 48.55 42.03 -119.31
CA SER A 847 47.54 41.17 -119.92
C SER A 847 47.76 41.16 -121.43
N HIS A 848 47.28 40.11 -122.08
CA HIS A 848 47.45 40.00 -123.53
C HIS A 848 46.77 41.15 -124.26
N THR A 849 45.78 41.79 -123.64
CA THR A 849 45.13 42.95 -124.25
C THR A 849 45.97 44.21 -124.14
N ASP A 850 46.97 44.24 -123.26
CA ASP A 850 47.82 45.42 -123.13
C ASP A 850 48.67 45.65 -124.36
N PHE A 851 48.77 44.68 -125.25
CA PHE A 851 49.54 44.81 -126.48
C PHE A 851 48.67 45.17 -127.68
N VAL A 852 47.41 45.49 -127.45
CA VAL A 852 46.49 45.90 -128.50
C VAL A 852 46.39 47.43 -128.44
N PRO A 853 46.89 48.16 -129.43
CA PRO A 853 46.73 49.61 -129.41
C PRO A 853 45.27 49.99 -129.59
N CYS A 854 44.80 50.93 -128.77
CA CYS A 854 43.41 51.36 -128.76
C CYS A 854 43.37 52.87 -128.90
N PRO A 855 43.60 53.40 -130.09
CA PRO A 855 43.54 54.84 -130.28
C PRO A 855 42.12 55.37 -130.16
N VAL A 856 42.01 56.67 -129.90
CA VAL A 856 40.70 57.29 -129.76
C VAL A 856 39.95 57.20 -131.09
N ASP A 857 38.62 57.19 -131.00
CA ASP A 857 37.79 57.02 -132.18
C ASP A 857 37.85 58.27 -133.05
N THR A 858 38.11 58.08 -134.33
CA THR A 858 38.14 59.18 -135.31
C THR A 858 37.13 58.96 -136.41
N VAL A 859 36.08 58.18 -136.13
CA VAL A 859 35.03 57.95 -137.11
C VAL A 859 34.28 59.25 -137.40
N GLN A 860 34.09 60.08 -136.38
CA GLN A 860 33.44 61.38 -136.58
C GLN A 860 34.42 62.25 -137.36
N ILE A 861 34.39 62.09 -138.68
CA ILE A 861 35.28 62.85 -139.56
C ILE A 861 34.52 64.11 -139.95
N VAL A 862 34.54 65.08 -139.05
CA VAL A 862 34.04 66.43 -139.32
C VAL A 862 35.09 67.39 -138.75
N LEU A 863 35.48 68.30 -139.52
CA LEU A 863 36.37 69.34 -139.05
C LEU A 863 35.90 70.70 -139.56
N PRO A 864 35.95 71.72 -138.73
CA PRO A 864 35.59 73.05 -139.19
C PRO A 864 36.50 73.48 -140.33
N PRO A 865 36.00 74.26 -141.29
CA PRO A 865 36.78 74.52 -142.51
C PRO A 865 38.13 75.19 -142.27
N HIS A 866 38.22 76.09 -141.29
CA HIS A 866 39.52 76.65 -140.93
C HIS A 866 40.49 75.58 -140.39
N LEU A 867 40.04 74.66 -139.55
CA LEU A 867 40.91 73.54 -139.20
C LEU A 867 41.30 72.73 -140.43
N GLU A 868 40.35 72.53 -141.36
CA GLU A 868 40.64 71.75 -142.55
C GLU A 868 41.75 72.40 -143.37
N ARG A 869 41.69 73.72 -143.53
CA ARG A 869 42.70 74.39 -144.35
C ARG A 869 44.03 74.51 -143.62
N ILE A 870 44.00 74.65 -142.30
CA ILE A 870 45.27 74.70 -141.55
C ILE A 870 45.90 73.32 -141.36
N ARG A 871 45.15 72.25 -141.61
CA ARG A 871 45.70 70.91 -141.46
C ARG A 871 46.86 70.67 -142.42
N GLU A 872 46.71 71.07 -143.68
CA GLU A 872 47.78 70.88 -144.65
C GLU A 872 49.01 71.70 -144.30
N LYS A 873 48.80 72.94 -143.83
CA LYS A 873 49.93 73.78 -143.45
C LYS A 873 50.63 73.22 -142.21
N LEU A 874 49.88 72.65 -141.27
CA LEU A 874 50.48 71.97 -140.14
C LEU A 874 51.32 70.78 -140.61
N ALA A 875 50.80 70.02 -141.58
CA ALA A 875 51.58 68.93 -142.15
C ALA A 875 52.90 69.44 -142.74
N GLU A 876 52.84 70.53 -143.50
CA GLU A 876 54.07 71.11 -144.07
C GLU A 876 55.05 71.51 -142.97
N ASN A 877 54.55 72.19 -141.94
CA ASN A 877 55.45 72.68 -140.91
C ASN A 877 56.11 71.55 -140.13
N ILE A 878 55.34 70.51 -139.76
CA ILE A 878 55.98 69.45 -139.01
C ILE A 878 56.85 68.59 -139.91
N HIS A 879 56.56 68.56 -141.23
CA HIS A 879 57.52 67.99 -142.16
C HIS A 879 58.84 68.74 -142.10
N GLU A 880 58.78 70.07 -142.11
CA GLU A 880 60.01 70.86 -141.99
C GLU A 880 60.68 70.63 -140.64
N LEU A 881 59.90 70.42 -139.58
CA LEU A 881 60.48 70.21 -138.26
C LEU A 881 61.25 68.90 -138.20
N TRP A 882 60.66 67.80 -138.67
CA TRP A 882 61.41 66.54 -138.62
C TRP A 882 62.51 66.52 -139.67
N ALA A 883 62.37 67.37 -140.71
CA ALA A 883 63.49 67.60 -141.61
C ALA A 883 64.65 68.28 -140.90
N LEU A 884 64.34 69.26 -140.04
CA LEU A 884 65.37 69.90 -139.24
C LEU A 884 66.04 68.91 -138.30
N THR A 885 65.24 68.03 -137.70
CA THR A 885 65.82 66.99 -136.84
C THR A 885 66.74 66.06 -137.65
N ARG A 886 66.35 65.72 -138.88
CA ARG A 886 67.23 64.91 -139.72
C ARG A 886 68.50 65.66 -140.07
N ILE A 887 68.42 66.98 -140.28
CA ILE A 887 69.62 67.79 -140.48
C ILE A 887 70.53 67.70 -139.27
N GLU A 888 69.95 67.83 -138.06
CA GLU A 888 70.75 67.71 -136.85
C GLU A 888 71.37 66.32 -136.73
N GLN A 889 70.67 65.30 -137.21
CA GLN A 889 71.22 63.95 -137.25
C GLN A 889 72.27 63.78 -138.34
N GLY A 890 72.31 64.66 -139.32
CA GLY A 890 73.32 64.60 -140.37
C GLY A 890 72.80 64.33 -141.76
N TRP A 891 71.49 64.36 -141.98
CA TRP A 891 70.95 64.07 -143.30
C TRP A 891 71.24 65.21 -144.27
N THR A 892 71.25 64.88 -145.56
CA THR A 892 71.42 65.84 -146.65
C THR A 892 70.39 65.55 -147.73
N TYR A 893 70.37 66.37 -148.77
CA TYR A 893 69.41 66.18 -149.85
C TYR A 893 69.89 65.12 -150.83
N GLY A 894 68.95 64.33 -151.35
CA GLY A 894 69.24 63.30 -152.30
C GLY A 894 67.98 62.70 -152.91
N PRO A 895 68.09 62.19 -154.14
CA PRO A 895 66.90 61.59 -154.79
C PRO A 895 66.32 60.40 -154.05
N VAL A 896 67.15 59.63 -153.36
CA VAL A 896 66.70 58.45 -152.63
C VAL A 896 66.39 58.83 -151.19
N ARG A 897 65.39 58.18 -150.61
CA ARG A 897 64.97 58.42 -149.24
C ARG A 897 65.41 57.22 -148.39
N ASP A 898 66.41 57.45 -147.55
CA ASP A 898 66.94 56.41 -146.67
C ASP A 898 67.62 57.05 -145.46
N ASP A 899 67.94 56.22 -144.48
CA ASP A 899 68.52 56.73 -143.24
C ASP A 899 70.04 56.60 -143.24
N ASN A 900 70.56 55.50 -143.79
CA ASN A 900 71.99 55.24 -143.70
C ASN A 900 72.81 56.25 -144.50
N LYS A 901 72.45 56.46 -145.77
CA LYS A 901 73.23 57.38 -146.60
C LYS A 901 72.92 58.84 -146.28
N ARG A 902 71.90 59.09 -145.46
CA ARG A 902 71.53 60.44 -145.04
C ARG A 902 71.20 61.33 -146.24
N LEU A 903 70.38 60.80 -147.15
CA LEU A 903 69.89 61.54 -148.31
C LEU A 903 68.38 61.62 -148.21
N HIS A 904 67.83 62.80 -148.55
CA HIS A 904 66.39 62.99 -148.39
C HIS A 904 65.87 64.04 -149.35
N PRO A 905 64.98 63.67 -150.28
CA PRO A 905 64.42 64.68 -151.19
C PRO A 905 63.60 65.74 -150.49
N CYS A 906 63.03 65.41 -149.32
CA CYS A 906 62.23 66.32 -148.52
C CYS A 906 63.06 67.35 -147.79
N LEU A 907 64.39 67.22 -147.82
CA LEU A 907 65.26 68.08 -147.05
C LEU A 907 65.62 69.36 -147.81
N VAL A 908 64.61 70.06 -148.34
CA VAL A 908 64.88 71.30 -149.07
C VAL A 908 64.06 72.46 -148.52
N ASN A 909 62.74 72.37 -148.65
CA ASN A 909 61.82 73.41 -148.21
C ASN A 909 60.40 72.87 -148.34
N PHE A 910 59.53 73.37 -147.46
CA PHE A 910 58.15 72.87 -147.39
C PHE A 910 57.44 73.02 -148.73
N HIS A 911 57.75 74.06 -149.49
CA HIS A 911 57.20 74.19 -150.84
C HIS A 911 58.01 73.38 -151.83
N SER A 912 59.31 73.25 -151.60
CA SER A 912 60.15 72.39 -152.44
C SER A 912 59.81 70.91 -152.24
N LEU A 913 59.05 70.58 -151.20
CA LEU A 913 58.58 69.22 -151.01
C LEU A 913 57.77 68.78 -152.22
N PRO A 914 57.98 67.56 -152.72
CA PRO A 914 57.00 66.97 -153.63
C PRO A 914 55.66 66.87 -152.93
N GLU A 915 54.61 67.29 -153.63
CA GLU A 915 53.27 67.23 -153.05
C GLU A 915 52.83 65.80 -152.73
N PRO A 916 53.05 64.81 -153.60
CA PRO A 916 52.72 63.43 -153.19
C PRO A 916 53.46 62.96 -151.95
N GLU A 917 54.74 63.32 -151.82
CA GLU A 917 55.48 62.95 -150.62
C GLU A 917 54.93 63.67 -149.39
N ARG A 918 54.51 64.91 -149.55
CA ARG A 918 53.88 65.64 -148.45
C ARG A 918 52.57 64.96 -148.04
N ASN A 919 51.79 64.51 -149.03
CA ASN A 919 50.49 63.90 -148.77
C ASN A 919 50.59 62.52 -148.13
N TYR A 920 51.79 61.94 -148.06
CA TYR A 920 51.96 60.68 -147.33
C TYR A 920 51.55 60.84 -145.87
N ASN A 921 51.72 62.03 -145.32
CA ASN A 921 51.40 62.29 -143.92
C ASN A 921 50.22 63.23 -143.74
N LEU A 922 49.56 63.66 -144.81
CA LEU A 922 48.39 64.51 -144.68
C LEU A 922 47.28 63.80 -143.90
N GLN A 923 47.21 62.47 -144.01
CA GLN A 923 46.23 61.71 -143.25
C GLN A 923 46.45 61.88 -141.75
N MET A 924 47.68 61.67 -141.28
CA MET A 924 47.93 61.80 -139.85
C MET A 924 47.87 63.25 -139.42
N SER A 925 48.19 64.18 -140.32
CA SER A 925 48.03 65.60 -139.99
C SER A 925 46.57 65.94 -139.74
N GLY A 926 45.67 65.42 -140.57
CA GLY A 926 44.25 65.59 -140.28
C GLY A 926 43.83 64.90 -139.00
N GLU A 927 44.38 63.70 -138.75
CA GLU A 927 44.10 63.00 -137.51
C GLU A 927 44.55 63.80 -136.30
N THR A 928 45.58 64.64 -136.43
CA THR A 928 46.05 65.42 -135.29
C THR A 928 44.95 66.36 -134.78
N LEU A 929 44.29 67.07 -135.70
CA LEU A 929 43.20 67.95 -135.30
C LEU A 929 41.95 67.16 -134.96
N LYS A 930 41.71 66.06 -135.69
CA LYS A 930 40.54 65.23 -135.38
C LYS A 930 40.62 64.68 -133.97
N THR A 931 41.83 64.36 -133.50
CA THR A 931 41.99 63.85 -132.15
C THR A 931 41.85 64.96 -131.12
N LEU A 932 42.28 66.18 -131.46
CA LEU A 932 41.99 67.31 -130.58
C LEU A 932 40.49 67.46 -130.40
N LEU A 933 39.74 67.29 -131.50
CA LEU A 933 38.29 67.36 -131.41
C LEU A 933 37.71 66.22 -130.58
N ALA A 934 38.19 64.99 -130.83
CA ALA A 934 37.60 63.82 -130.18
C ALA A 934 37.96 63.75 -128.71
N LEU A 935 39.09 64.33 -128.32
CA LEU A 935 39.53 64.31 -126.93
C LEU A 935 38.69 65.19 -126.02
N GLY A 936 37.82 66.04 -126.58
CA GLY A 936 37.11 67.02 -125.80
C GLY A 936 37.73 68.40 -125.81
N CYS A 937 38.89 68.56 -126.45
CA CYS A 937 39.50 69.87 -126.56
C CYS A 937 38.69 70.78 -127.47
N HIS A 938 38.51 72.03 -127.05
CA HIS A 938 37.78 73.01 -127.84
C HIS A 938 38.80 73.91 -128.55
N VAL A 939 38.76 73.89 -129.88
CA VAL A 939 39.73 74.61 -130.70
C VAL A 939 38.98 75.49 -131.69
N GLY A 940 39.41 76.76 -131.79
CA GLY A 940 38.82 77.69 -132.73
C GLY A 940 39.76 78.84 -133.01
N MET A 941 39.32 79.70 -133.93
CA MET A 941 40.04 80.92 -134.33
C MET A 941 39.77 82.02 -133.31
N ALA A 942 40.65 82.09 -132.31
CA ALA A 942 40.76 83.32 -131.55
C ALA A 942 41.52 84.39 -132.34
N ASP A 943 42.47 83.96 -133.17
CA ASP A 943 43.33 84.86 -133.92
C ASP A 943 43.54 84.35 -135.33
N GLU A 944 43.37 85.25 -136.32
CA GLU A 944 43.77 85.03 -137.70
C GLU A 944 44.99 85.85 -138.09
N LYS A 945 45.11 87.06 -137.56
CA LYS A 945 46.29 87.89 -137.84
C LYS A 945 47.57 87.24 -137.34
N ALA A 946 47.49 86.42 -136.29
CA ALA A 946 48.65 85.66 -135.85
C ALA A 946 49.13 84.70 -136.93
N GLU A 947 48.18 84.05 -137.63
CA GLU A 947 48.55 83.21 -138.76
C GLU A 947 49.07 84.06 -139.92
N ASP A 948 48.48 85.24 -140.12
CA ASP A 948 48.89 86.09 -141.23
C ASP A 948 50.33 86.57 -141.07
N ASN A 949 50.70 87.02 -139.88
CA ASN A 949 52.03 87.57 -139.61
C ASN A 949 52.69 86.75 -138.51
N LEU A 950 53.82 86.12 -138.83
CA LEU A 950 54.53 85.29 -137.87
C LEU A 950 55.90 84.95 -138.44
N LYS A 951 56.93 85.04 -137.59
CA LYS A 951 58.31 84.88 -138.05
C LYS A 951 58.60 83.45 -138.48
N LYS A 952 59.63 83.30 -139.30
CA LYS A 952 60.04 82.00 -139.85
C LYS A 952 61.45 81.67 -139.38
N THR A 953 61.58 80.56 -138.65
CA THR A 953 62.90 80.06 -138.31
C THR A 953 63.51 79.33 -139.51
N LYS A 954 64.74 79.67 -139.86
CA LYS A 954 65.43 79.05 -140.97
C LYS A 954 66.69 78.35 -140.48
N LEU A 955 67.04 77.27 -141.18
CA LEU A 955 68.22 76.50 -140.83
C LEU A 955 69.47 77.36 -141.02
N PRO A 956 70.47 77.24 -140.15
CA PRO A 956 71.70 78.02 -140.33
C PRO A 956 72.41 77.64 -141.62
N LYS A 957 73.10 78.62 -142.20
CA LYS A 957 73.86 78.37 -143.43
C LYS A 957 75.03 77.43 -143.17
N THR A 958 75.57 77.43 -141.95
CA THR A 958 76.68 76.52 -141.65
C THR A 958 76.21 75.07 -141.59
N TYR A 959 75.12 74.80 -140.87
CA TYR A 959 74.53 73.47 -140.81
C TYR A 959 73.70 73.25 -142.08
N MET A 960 74.39 72.80 -143.11
CA MET A 960 73.88 72.95 -144.47
C MET A 960 73.66 71.62 -145.16
N MET A 961 72.60 71.58 -145.96
CA MET A 961 72.21 70.45 -146.77
C MET A 961 72.97 70.54 -148.11
N SER A 962 72.62 69.71 -149.10
CA SER A 962 73.42 69.64 -150.32
C SER A 962 72.84 70.51 -151.44
N ASN A 963 71.51 70.58 -151.53
CA ASN A 963 70.85 71.25 -152.67
C ASN A 963 71.19 72.73 -152.73
N GLY A 964 71.09 73.44 -151.60
CA GLY A 964 71.44 74.84 -151.58
C GLY A 964 70.40 75.78 -150.98
N TYR A 965 69.34 75.27 -150.38
CA TYR A 965 68.30 76.14 -149.87
C TYR A 965 68.27 76.10 -148.33
N LYS A 966 67.42 76.97 -147.76
CA LYS A 966 67.20 77.01 -146.32
C LYS A 966 65.74 76.72 -146.00
N PRO A 967 65.42 75.58 -145.38
CA PRO A 967 64.03 75.33 -144.97
C PRO A 967 63.57 76.38 -143.96
N ALA A 968 62.28 76.71 -144.01
CA ALA A 968 61.71 77.79 -143.20
C ALA A 968 60.46 77.31 -142.46
N PRO A 969 60.63 76.52 -141.40
CA PRO A 969 59.51 76.29 -140.48
C PRO A 969 59.25 77.52 -139.63
N LEU A 970 58.03 77.59 -139.09
CA LEU A 970 57.63 78.76 -138.31
C LEU A 970 58.48 78.92 -137.06
N ASP A 971 58.88 80.16 -136.78
CA ASP A 971 59.55 80.50 -135.54
C ASP A 971 58.51 80.48 -134.42
N LEU A 972 58.83 79.83 -133.31
CA LEU A 972 57.85 79.54 -132.28
C LEU A 972 58.43 79.71 -130.88
N SER A 973 59.40 80.61 -130.72
CA SER A 973 60.00 80.81 -129.40
C SER A 973 59.04 81.53 -128.45
N HIS A 974 58.20 82.42 -128.98
CA HIS A 974 57.32 83.22 -128.14
C HIS A 974 56.17 82.40 -127.55
N VAL A 975 55.96 81.17 -128.02
CA VAL A 975 54.82 80.39 -127.60
C VAL A 975 55.14 79.63 -126.32
N ARG A 976 54.26 79.73 -125.33
CA ARG A 976 54.37 78.99 -124.08
C ARG A 976 53.17 78.06 -123.93
N LEU A 977 53.36 76.98 -123.17
CA LEU A 977 52.33 75.98 -122.96
C LEU A 977 52.10 75.78 -121.46
N THR A 978 50.83 75.62 -121.10
CA THR A 978 50.45 75.32 -119.72
C THR A 978 50.76 73.86 -119.40
N PRO A 979 50.84 73.51 -118.11
CA PRO A 979 50.95 72.09 -117.76
C PRO A 979 49.80 71.23 -118.28
N ALA A 980 48.58 71.77 -118.31
CA ALA A 980 47.47 71.04 -118.91
C ALA A 980 47.71 70.81 -120.39
N GLN A 981 48.26 71.81 -121.08
CA GLN A 981 48.60 71.64 -122.49
C GLN A 981 49.73 70.62 -122.66
N THR A 982 50.66 70.54 -121.71
CA THR A 982 51.69 69.52 -121.78
C THR A 982 51.08 68.12 -121.62
N THR A 983 50.12 67.98 -120.71
CA THR A 983 49.42 66.71 -120.59
C THR A 983 48.68 66.37 -121.88
N LEU A 984 48.08 67.38 -122.51
CA LEU A 984 47.47 67.18 -123.81
C LEU A 984 48.49 66.71 -124.83
N VAL A 985 49.69 67.29 -124.80
CA VAL A 985 50.76 66.87 -125.71
C VAL A 985 51.11 65.40 -125.49
N ASP A 986 51.24 65.00 -124.22
CA ASP A 986 51.56 63.61 -123.93
C ASP A 986 50.48 62.69 -124.45
N ARG A 987 49.21 63.05 -124.22
CA ARG A 987 48.11 62.20 -124.62
C ARG A 987 48.02 62.12 -126.15
N LEU A 988 48.29 63.25 -126.82
CA LEU A 988 48.29 63.27 -128.28
C LEU A 988 49.40 62.41 -128.86
N ALA A 989 50.60 62.46 -128.27
CA ALA A 989 51.68 61.60 -128.73
C ALA A 989 51.31 60.14 -128.54
N GLU A 990 50.68 59.84 -127.40
CA GLU A 990 50.12 58.51 -127.18
C GLU A 990 49.20 58.09 -128.32
N ASN A 991 48.26 58.94 -128.69
CA ASN A 991 47.31 58.57 -129.75
C ASN A 991 48.02 58.42 -131.10
N GLY A 992 48.96 59.31 -131.40
CA GLY A 992 49.66 59.20 -132.66
C GLY A 992 50.41 57.87 -132.77
N HIS A 993 51.12 57.50 -131.71
CA HIS A 993 51.81 56.23 -131.70
C HIS A 993 50.83 55.07 -131.81
N ASN A 994 49.70 55.15 -131.10
CA ASN A 994 48.74 54.04 -131.17
C ASN A 994 48.14 53.90 -132.56
N VAL A 995 47.83 55.01 -133.21
CA VAL A 995 47.29 54.95 -134.56
C VAL A 995 48.31 54.33 -135.51
N TRP A 996 49.56 54.79 -135.42
CA TRP A 996 50.60 54.22 -136.28
C TRP A 996 50.78 52.73 -136.01
N ALA A 997 50.76 52.34 -134.74
CA ALA A 997 50.94 50.94 -134.38
C ALA A 997 49.81 50.09 -134.93
N ARG A 998 48.56 50.55 -134.81
CA ARG A 998 47.46 49.72 -135.27
C ARG A 998 47.41 49.65 -136.79
N ASP A 999 47.79 50.74 -137.48
CA ASP A 999 47.91 50.65 -138.93
C ASP A 999 48.98 49.64 -139.33
N ARG A 1000 50.13 49.67 -138.66
CA ARG A 1000 51.17 48.71 -138.99
C ARG A 1000 50.74 47.28 -138.69
N VAL A 1001 50.01 47.08 -137.60
CA VAL A 1001 49.48 45.74 -137.30
C VAL A 1001 48.53 45.30 -138.39
N ALA A 1002 47.65 46.19 -138.84
CA ALA A 1002 46.78 45.87 -139.96
C ALA A 1002 47.58 45.51 -141.20
N GLN A 1003 48.77 46.09 -141.35
CA GLN A 1003 49.65 45.74 -142.45
C GLN A 1003 50.46 44.47 -142.19
N GLY A 1004 50.39 43.91 -140.98
CA GLY A 1004 51.06 42.66 -140.69
C GLY A 1004 52.36 42.75 -139.92
N TRP A 1005 52.71 43.92 -139.40
CA TRP A 1005 53.93 44.08 -138.63
C TRP A 1005 53.77 43.49 -137.23
N SER A 1006 54.90 43.20 -136.60
CA SER A 1006 54.91 42.65 -135.25
C SER A 1006 56.12 43.20 -134.50
N TYR A 1007 56.01 43.21 -133.18
CA TYR A 1007 57.10 43.72 -132.35
C TYR A 1007 58.25 42.72 -132.28
N SER A 1008 59.47 43.24 -132.21
CA SER A 1008 60.65 42.42 -132.04
C SER A 1008 61.79 43.29 -131.54
N ALA A 1009 62.53 42.79 -130.56
CA ALA A 1009 63.65 43.55 -130.01
C ALA A 1009 64.72 43.79 -131.06
N VAL A 1010 64.85 42.87 -132.02
CA VAL A 1010 65.79 43.02 -133.13
C VAL A 1010 64.97 43.37 -134.37
N GLN A 1011 65.29 44.51 -134.98
CA GLN A 1011 64.55 44.98 -136.14
C GLN A 1011 64.83 44.10 -137.34
N ASP A 1012 63.78 43.79 -138.11
CA ASP A 1012 63.88 42.95 -139.31
C ASP A 1012 62.87 43.48 -140.32
N ILE A 1013 63.33 44.34 -141.23
CA ILE A 1013 62.44 44.95 -142.21
C ILE A 1013 61.80 43.91 -143.14
N PRO A 1014 62.53 42.99 -143.75
CA PRO A 1014 61.87 41.98 -144.59
C PRO A 1014 60.87 41.14 -143.83
N ALA A 1015 61.12 40.87 -142.56
CA ALA A 1015 60.21 40.09 -141.73
C ALA A 1015 59.12 40.95 -141.10
N ARG A 1016 59.12 42.26 -141.36
CA ARG A 1016 58.10 43.17 -140.84
C ARG A 1016 58.08 43.16 -139.31
N ARG A 1017 59.27 43.24 -138.73
CA ARG A 1017 59.43 43.27 -137.28
C ARG A 1017 60.04 44.61 -136.88
N ASN A 1018 59.36 45.33 -135.98
CA ASN A 1018 59.80 46.67 -135.63
C ASN A 1018 59.92 46.81 -134.12
N PRO A 1019 61.05 47.29 -133.60
CA PRO A 1019 61.20 47.42 -132.15
C PRO A 1019 60.25 48.43 -131.53
N ARG A 1020 59.70 49.36 -132.31
CA ARG A 1020 58.76 50.33 -131.79
C ARG A 1020 57.31 49.92 -132.01
N LEU A 1021 57.08 48.73 -132.56
CA LEU A 1021 55.72 48.25 -132.83
C LEU A 1021 55.06 47.80 -131.53
N VAL A 1022 54.93 48.75 -130.61
CA VAL A 1022 54.41 48.46 -129.28
C VAL A 1022 53.51 49.60 -128.84
N PRO A 1023 52.52 49.31 -128.00
CA PRO A 1023 51.69 50.40 -127.46
C PRO A 1023 52.51 51.42 -126.69
N TYR A 1024 51.96 52.64 -126.62
CA TYR A 1024 52.71 53.78 -126.11
C TYR A 1024 53.07 53.60 -124.63
N ARG A 1025 52.16 53.04 -123.84
CA ARG A 1025 52.51 52.82 -122.44
C ARG A 1025 53.73 51.91 -122.31
N LEU A 1026 53.86 50.93 -123.19
CA LEU A 1026 54.98 50.01 -123.16
C LEU A 1026 56.21 50.54 -123.88
N LEU A 1027 56.08 51.61 -124.65
CA LEU A 1027 57.22 52.17 -125.36
C LEU A 1027 58.24 52.74 -124.38
N ASP A 1028 59.51 52.75 -124.80
CA ASP A 1028 60.57 53.21 -123.92
C ASP A 1028 60.58 54.73 -123.82
N GLU A 1029 61.32 55.22 -122.83
CA GLU A 1029 61.28 56.65 -122.50
C GLU A 1029 61.93 57.52 -123.57
N ALA A 1030 62.98 57.03 -124.24
CA ALA A 1030 63.61 57.85 -125.26
C ALA A 1030 62.66 58.14 -126.42
N THR A 1031 62.07 57.09 -126.98
CA THR A 1031 61.12 57.29 -128.08
C THR A 1031 59.86 57.99 -127.60
N LYS A 1032 59.44 57.72 -126.36
CA LYS A 1032 58.31 58.44 -125.78
C LYS A 1032 58.57 59.93 -125.75
N ARG A 1033 59.76 60.33 -125.31
CA ARG A 1033 60.10 61.76 -125.26
C ARG A 1033 60.22 62.33 -126.66
N SER A 1034 60.74 61.56 -127.61
CA SER A 1034 60.84 62.07 -128.98
C SER A 1034 59.46 62.35 -129.57
N ASN A 1035 58.52 61.41 -129.42
CA ASN A 1035 57.17 61.64 -129.90
C ASN A 1035 56.52 62.80 -129.15
N ARG A 1036 56.78 62.91 -127.85
CA ARG A 1036 56.25 64.03 -127.07
C ARG A 1036 56.77 65.35 -127.60
N ASP A 1037 58.06 65.41 -127.94
CA ASP A 1037 58.64 66.62 -128.49
C ASP A 1037 57.97 66.97 -129.82
N SER A 1038 57.77 65.98 -130.68
CA SER A 1038 57.13 66.24 -131.97
C SER A 1038 55.71 66.80 -131.78
N LEU A 1039 54.93 66.18 -130.90
CA LEU A 1039 53.57 66.66 -130.67
C LEU A 1039 53.57 68.02 -129.98
N CYS A 1040 54.55 68.29 -129.12
CA CYS A 1040 54.64 69.60 -128.50
C CYS A 1040 54.96 70.67 -129.53
N GLN A 1041 55.80 70.34 -130.52
CA GLN A 1041 56.05 71.28 -131.60
C GLN A 1041 54.80 71.50 -132.45
N ALA A 1042 54.01 70.44 -132.66
CA ALA A 1042 52.75 70.61 -133.38
C ALA A 1042 51.81 71.54 -132.62
N VAL A 1043 51.71 71.35 -131.31
CA VAL A 1043 50.88 72.24 -130.48
C VAL A 1043 51.44 73.65 -130.50
N ARG A 1044 52.77 73.78 -130.54
CA ARG A 1044 53.38 75.09 -130.65
C ARG A 1044 52.99 75.77 -131.96
N THR A 1045 52.96 75.01 -133.05
CA THR A 1045 52.48 75.54 -134.32
C THR A 1045 51.04 76.03 -134.20
N LEU A 1046 50.18 75.21 -133.61
CA LEU A 1046 48.77 75.57 -133.49
C LEU A 1046 48.60 76.83 -132.64
N LEU A 1047 49.35 76.94 -131.55
CA LEU A 1047 49.29 78.13 -130.71
C LEU A 1047 49.88 79.35 -131.42
N GLY A 1048 50.94 79.16 -132.20
CA GLY A 1048 51.52 80.26 -132.94
C GLY A 1048 50.57 80.82 -133.97
N TYR A 1049 49.75 79.97 -134.57
CA TYR A 1049 48.67 80.50 -135.41
C TYR A 1049 47.57 81.18 -134.60
N GLY A 1050 47.72 81.26 -133.28
CA GLY A 1050 46.81 81.99 -132.43
C GLY A 1050 45.55 81.25 -132.04
N TYR A 1051 45.38 80.01 -132.48
CA TYR A 1051 44.15 79.28 -132.21
C TYR A 1051 44.05 78.96 -130.73
N ASN A 1052 42.86 79.14 -130.17
CA ASN A 1052 42.64 78.78 -128.77
C ASN A 1052 42.55 77.27 -128.64
N ILE A 1053 43.27 76.71 -127.66
CA ILE A 1053 43.27 75.28 -127.40
C ILE A 1053 42.79 75.07 -125.97
N GLU A 1054 41.63 74.44 -125.81
CA GLU A 1054 41.02 74.26 -124.51
C GLU A 1054 41.38 72.90 -123.95
N PRO A 1055 42.10 72.83 -122.83
CA PRO A 1055 42.38 71.53 -122.21
C PRO A 1055 41.11 70.92 -121.64
N PRO A 1056 40.75 69.72 -122.06
CA PRO A 1056 39.53 69.09 -121.54
C PRO A 1056 39.65 68.75 -120.07
N ASP A 1057 38.50 68.71 -119.39
CA ASP A 1057 38.42 68.27 -118.01
C ASP A 1057 38.74 66.78 -117.97
N GLN A 1058 39.88 66.43 -117.37
CA GLN A 1058 40.32 65.05 -117.35
C GLN A 1058 39.37 64.18 -116.54
N GLU A 1059 39.09 62.98 -117.04
CA GLU A 1059 38.18 62.05 -116.39
C GLU A 1059 38.97 60.88 -115.82
N PRO A 1060 39.10 60.75 -114.49
CA PRO A 1060 39.84 59.63 -113.92
C PRO A 1060 39.14 58.30 -114.15
N SER A 1061 39.94 57.24 -114.21
CA SER A 1061 39.40 55.90 -114.40
C SER A 1061 40.29 54.91 -113.65
N GLN A 1062 39.70 53.77 -113.29
CA GLN A 1062 40.41 52.72 -112.57
C GLN A 1062 40.42 51.45 -113.44
N VAL A 1063 41.61 51.03 -113.85
CA VAL A 1063 41.73 49.93 -114.80
C VAL A 1063 41.32 48.60 -114.17
N GLU A 1064 41.79 48.34 -112.93
CA GLU A 1064 41.62 47.04 -112.28
C GLU A 1064 42.19 45.92 -113.15
N ASN A 1065 43.50 45.96 -113.35
CA ASN A 1065 44.16 45.02 -114.25
C ASN A 1065 44.00 43.58 -113.78
N GLN A 1066 44.15 43.34 -112.48
CA GLN A 1066 44.00 42.01 -111.91
C GLN A 1066 42.64 41.87 -111.25
N SER A 1067 42.46 40.76 -110.53
CA SER A 1067 41.20 40.50 -109.86
C SER A 1067 41.04 41.41 -108.64
N ARG A 1068 39.95 41.22 -107.91
CA ARG A 1068 39.70 42.01 -106.70
C ARG A 1068 40.55 41.53 -105.53
N TRP A 1069 40.81 40.23 -105.43
CA TRP A 1069 41.47 39.67 -104.27
C TRP A 1069 42.98 39.70 -104.35
N ASP A 1070 43.56 39.69 -105.55
CA ASP A 1070 45.01 39.78 -105.66
C ASP A 1070 45.46 41.23 -105.64
N ARG A 1071 45.01 41.97 -104.63
CA ARG A 1071 45.58 43.26 -104.26
C ARG A 1071 46.47 43.17 -103.04
N VAL A 1072 45.93 42.65 -101.94
CA VAL A 1072 46.55 42.75 -100.62
C VAL A 1072 46.89 41.35 -100.15
N ARG A 1073 48.14 41.16 -99.74
CA ARG A 1073 48.61 39.92 -99.14
C ARG A 1073 48.89 40.19 -97.67
N ILE A 1074 48.21 39.48 -96.78
CA ILE A 1074 48.28 39.72 -95.35
C ILE A 1074 49.21 38.70 -94.72
N PHE A 1075 50.16 39.18 -93.93
CA PHE A 1075 51.08 38.32 -93.18
C PHE A 1075 50.83 38.52 -91.70
N ARG A 1076 50.71 37.42 -90.96
CA ARG A 1076 50.52 37.49 -89.53
C ARG A 1076 51.28 36.36 -88.87
N ALA A 1077 51.59 36.55 -87.59
CA ALA A 1077 52.22 35.49 -86.81
C ALA A 1077 51.23 34.37 -86.55
N GLU A 1078 51.76 33.21 -86.16
CA GLU A 1078 50.91 32.08 -85.85
C GLU A 1078 50.10 32.37 -84.59
N LYS A 1079 48.90 31.79 -84.52
CA LYS A 1079 48.01 32.06 -83.39
C LYS A 1079 48.61 31.64 -82.07
N SER A 1080 49.52 30.68 -82.06
CA SER A 1080 50.15 30.24 -80.82
C SER A 1080 51.00 31.32 -80.17
N TYR A 1081 51.34 32.37 -80.90
CA TYR A 1081 52.13 33.48 -80.37
C TYR A 1081 51.26 34.60 -79.83
N THR A 1082 49.98 34.34 -79.60
CA THR A 1082 49.07 35.37 -79.11
C THR A 1082 49.54 35.88 -77.75
N VAL A 1083 49.55 37.19 -77.59
CA VAL A 1083 49.96 37.83 -76.35
C VAL A 1083 48.73 38.45 -75.70
N GLN A 1084 48.55 38.19 -74.41
CA GLN A 1084 47.43 38.73 -73.65
C GLN A 1084 47.87 39.55 -72.45
N SER A 1085 49.16 39.85 -72.32
CA SER A 1085 49.65 40.71 -71.25
C SER A 1085 51.03 41.22 -71.63
N GLY A 1086 51.55 42.10 -70.80
CA GLY A 1086 52.87 42.65 -71.02
C GLY A 1086 52.88 43.74 -72.07
N ARG A 1087 54.08 44.23 -72.35
CA ARG A 1087 54.30 45.28 -73.32
C ARG A 1087 55.26 44.79 -74.39
N TRP A 1088 54.87 44.94 -75.65
CA TRP A 1088 55.60 44.33 -76.75
C TRP A 1088 55.93 45.38 -77.81
N TYR A 1089 56.93 45.05 -78.62
CA TYR A 1089 57.47 45.97 -79.61
C TYR A 1089 57.95 45.17 -80.82
N PHE A 1090 57.72 45.71 -82.01
CA PHE A 1090 58.36 45.19 -83.21
C PHE A 1090 58.43 46.30 -84.24
N GLU A 1091 59.28 46.10 -85.24
CA GLU A 1091 59.56 47.11 -86.25
C GLU A 1091 59.09 46.63 -87.62
N PHE A 1092 58.83 47.58 -88.50
CA PHE A 1092 58.43 47.30 -89.88
C PHE A 1092 59.08 48.34 -90.78
N GLU A 1093 60.00 47.89 -91.62
CA GLU A 1093 60.71 48.77 -92.53
C GLU A 1093 60.00 48.82 -93.87
N ALA A 1094 59.72 50.04 -94.34
CA ALA A 1094 59.01 50.25 -95.61
C ALA A 1094 60.04 50.36 -96.71
N VAL A 1095 60.35 49.23 -97.35
CA VAL A 1095 61.28 49.25 -98.48
C VAL A 1095 60.70 50.06 -99.63
N THR A 1096 59.43 49.89 -99.91
CA THR A 1096 58.71 50.74 -100.84
C THR A 1096 57.83 51.71 -100.05
N THR A 1097 57.17 52.62 -100.76
CA THR A 1097 56.38 53.67 -100.13
C THR A 1097 54.89 53.57 -100.45
N GLY A 1098 54.42 52.43 -100.93
CA GLY A 1098 53.05 52.29 -101.38
C GLY A 1098 52.08 51.97 -100.28
N GLU A 1099 51.06 51.19 -100.63
CA GLU A 1099 49.95 50.89 -99.73
C GLU A 1099 50.31 49.66 -98.90
N MET A 1100 50.83 49.90 -97.70
CA MET A 1100 51.12 48.83 -96.75
C MET A 1100 50.62 49.25 -95.39
N ARG A 1101 50.05 48.30 -94.66
CA ARG A 1101 49.51 48.54 -93.32
C ARG A 1101 50.19 47.59 -92.35
N VAL A 1102 50.39 48.06 -91.12
CA VAL A 1102 51.11 47.28 -90.12
C VAL A 1102 50.53 47.62 -88.76
N GLY A 1103 50.44 46.62 -87.90
CA GLY A 1103 49.90 46.83 -86.57
C GLY A 1103 49.66 45.55 -85.79
N TRP A 1104 48.53 45.48 -85.08
CA TRP A 1104 48.20 44.33 -84.25
C TRP A 1104 46.83 43.82 -84.63
N ALA A 1105 46.69 42.50 -84.66
CA ALA A 1105 45.47 41.86 -85.11
C ALA A 1105 45.06 40.78 -84.12
N ARG A 1106 43.79 40.47 -84.11
CA ARG A 1106 43.28 39.40 -83.27
C ARG A 1106 43.45 38.06 -83.98
N PRO A 1107 43.51 36.96 -83.20
CA PRO A 1107 43.78 35.66 -83.82
C PRO A 1107 42.79 35.25 -84.89
N GLU A 1108 41.52 35.60 -84.73
CA GLU A 1108 40.49 35.23 -85.68
C GLU A 1108 40.40 36.20 -86.84
N LEU A 1109 41.50 36.88 -87.16
CA LEU A 1109 41.52 37.81 -88.28
C LEU A 1109 41.11 37.10 -89.56
N ARG A 1110 40.30 37.76 -90.35
CA ARG A 1110 39.77 37.19 -91.58
C ARG A 1110 40.71 37.48 -92.73
N PRO A 1111 40.97 36.50 -93.62
CA PRO A 1111 42.00 36.71 -94.65
C PRO A 1111 41.56 37.56 -95.81
N ASP A 1112 40.25 37.70 -96.05
CA ASP A 1112 39.77 38.36 -97.25
C ASP A 1112 39.25 39.77 -96.98
N VAL A 1113 39.58 40.35 -95.83
CA VAL A 1113 39.14 41.68 -95.46
C VAL A 1113 40.36 42.56 -95.27
N GLU A 1114 40.28 43.80 -95.77
CA GLU A 1114 41.37 44.74 -95.60
C GLU A 1114 41.63 44.99 -94.12
N LEU A 1115 42.90 45.11 -93.77
CA LEU A 1115 43.27 45.33 -92.38
C LEU A 1115 42.66 46.63 -91.86
N GLY A 1116 41.99 46.55 -90.72
CA GLY A 1116 41.42 47.72 -90.09
C GLY A 1116 40.05 48.11 -90.59
N ALA A 1117 39.55 47.49 -91.65
CA ALA A 1117 38.20 47.76 -92.09
C ALA A 1117 37.16 47.15 -91.17
N ASP A 1118 37.57 46.24 -90.30
CA ASP A 1118 36.69 45.64 -89.31
C ASP A 1118 37.26 45.80 -87.93
N GLU A 1119 36.73 45.08 -86.95
CA GLU A 1119 37.13 45.22 -85.56
C GLU A 1119 38.24 44.26 -85.15
N LEU A 1120 38.84 43.55 -86.11
CA LEU A 1120 39.83 42.53 -85.78
C LEU A 1120 41.26 43.00 -85.96
N ALA A 1121 41.50 44.29 -86.22
CA ALA A 1121 42.87 44.75 -86.42
C ALA A 1121 42.98 46.22 -86.07
N TYR A 1122 44.13 46.59 -85.51
CA TYR A 1122 44.49 47.98 -85.23
C TYR A 1122 45.79 48.25 -85.96
N VAL A 1123 45.72 48.85 -87.14
CA VAL A 1123 46.87 48.97 -88.01
C VAL A 1123 47.08 50.43 -88.39
N PHE A 1124 48.26 50.72 -88.92
CA PHE A 1124 48.64 52.06 -89.35
C PHE A 1124 49.03 52.01 -90.81
N ASN A 1125 48.33 52.79 -91.63
CA ASN A 1125 48.59 52.88 -93.06
C ASN A 1125 49.51 54.07 -93.30
N GLY A 1126 50.78 53.79 -93.52
CA GLY A 1126 51.76 54.84 -93.69
C GLY A 1126 51.82 55.46 -95.06
N HIS A 1127 51.01 54.99 -96.01
CA HIS A 1127 51.03 55.57 -97.35
C HIS A 1127 50.57 57.02 -97.32
N ARG A 1128 49.51 57.31 -96.56
CA ARG A 1128 48.96 58.65 -96.50
C ARG A 1128 48.69 59.09 -95.06
N GLY A 1129 49.17 58.32 -94.09
CA GLY A 1129 49.01 58.70 -92.70
C GLY A 1129 47.62 58.47 -92.15
N GLN A 1130 47.22 57.21 -92.06
CA GLN A 1130 45.92 56.85 -91.51
C GLN A 1130 46.09 55.74 -90.50
N ARG A 1131 45.19 55.70 -89.52
CA ARG A 1131 45.07 54.58 -88.61
C ARG A 1131 43.74 53.90 -88.85
N TRP A 1132 43.74 52.57 -88.91
CA TRP A 1132 42.58 51.81 -89.35
C TRP A 1132 42.08 50.94 -88.21
N HIS A 1133 40.83 51.15 -87.83
CA HIS A 1133 40.09 50.22 -86.97
C HIS A 1133 38.63 50.54 -87.12
N LEU A 1134 37.88 49.63 -87.75
CA LEU A 1134 36.47 49.87 -88.09
C LEU A 1134 36.33 51.14 -88.92
N GLY A 1135 37.32 51.40 -89.77
CA GLY A 1135 37.36 52.59 -90.59
C GLY A 1135 38.69 53.27 -90.51
N SER A 1136 38.79 54.41 -91.21
CA SER A 1136 40.02 55.16 -91.34
C SER A 1136 39.86 56.56 -90.77
N GLU A 1137 40.92 57.06 -90.16
CA GLU A 1137 41.00 58.43 -89.69
C GLU A 1137 42.44 58.89 -89.76
N PRO A 1138 42.68 60.17 -90.03
CA PRO A 1138 44.06 60.64 -90.22
C PRO A 1138 44.90 60.44 -88.96
N PHE A 1139 46.18 60.12 -89.17
CA PHE A 1139 47.07 59.85 -88.06
C PHE A 1139 48.51 59.85 -88.58
N GLY A 1140 49.39 60.59 -87.90
CA GLY A 1140 50.77 60.56 -88.29
C GLY A 1140 51.02 61.20 -89.64
N ARG A 1141 52.17 60.86 -90.22
CA ARG A 1141 52.60 61.40 -91.49
C ARG A 1141 53.04 60.27 -92.40
N PRO A 1142 53.02 60.48 -93.72
CA PRO A 1142 53.44 59.41 -94.63
C PRO A 1142 54.92 59.08 -94.48
N TRP A 1143 55.25 57.83 -94.80
CA TRP A 1143 56.62 57.36 -94.70
C TRP A 1143 57.34 57.51 -96.03
N GLN A 1144 58.63 57.24 -96.01
CA GLN A 1144 59.47 57.26 -97.19
C GLN A 1144 60.21 55.92 -97.28
N SER A 1145 60.98 55.77 -98.34
CA SER A 1145 61.71 54.53 -98.55
C SER A 1145 62.76 54.35 -97.45
N GLY A 1146 62.76 53.19 -96.82
CA GLY A 1146 63.68 52.91 -95.75
C GLY A 1146 63.23 53.29 -94.37
N ASP A 1147 62.08 53.95 -94.24
CA ASP A 1147 61.57 54.30 -92.92
C ASP A 1147 61.18 53.06 -92.15
N VAL A 1148 61.41 53.09 -90.85
CA VAL A 1148 61.13 51.97 -89.95
C VAL A 1148 60.00 52.38 -89.03
N VAL A 1149 58.95 51.56 -88.99
CA VAL A 1149 57.79 51.81 -88.15
C VAL A 1149 57.87 50.90 -86.93
N GLY A 1150 57.88 51.49 -85.75
CA GLY A 1150 57.90 50.72 -84.52
C GLY A 1150 56.53 50.59 -83.92
N CYS A 1151 55.99 49.38 -83.87
CA CYS A 1151 54.65 49.14 -83.35
C CYS A 1151 54.74 48.61 -81.93
N MET A 1152 54.12 49.31 -80.99
CA MET A 1152 54.11 48.91 -79.60
C MET A 1152 52.69 48.69 -79.13
N ILE A 1153 52.47 47.66 -78.32
CA ILE A 1153 51.21 47.41 -77.66
C ILE A 1153 51.47 47.32 -76.17
N ASP A 1154 50.64 48.00 -75.39
CA ASP A 1154 50.75 48.04 -73.93
C ASP A 1154 49.46 47.45 -73.38
N LEU A 1155 49.51 46.18 -73.01
CA LEU A 1155 48.32 45.52 -72.49
C LEU A 1155 48.10 45.78 -71.01
N THR A 1156 48.99 46.52 -70.36
CA THR A 1156 48.72 47.03 -69.03
C THR A 1156 47.89 48.30 -69.06
N GLU A 1157 48.10 49.16 -70.06
CA GLU A 1157 47.34 50.38 -70.21
C GLU A 1157 46.32 50.31 -71.33
N ASN A 1158 46.27 49.21 -72.08
CA ASN A 1158 45.33 49.03 -73.18
C ASN A 1158 45.47 50.13 -74.23
N THR A 1159 46.70 50.31 -74.71
CA THR A 1159 47.01 51.35 -75.68
C THR A 1159 47.91 50.77 -76.77
N ILE A 1160 47.91 51.44 -77.91
CA ILE A 1160 48.76 51.09 -79.04
C ILE A 1160 49.48 52.35 -79.52
N ILE A 1161 50.80 52.26 -79.66
CA ILE A 1161 51.64 53.40 -80.02
C ILE A 1161 52.41 53.04 -81.28
N PHE A 1162 52.47 53.98 -82.22
CA PHE A 1162 53.25 53.82 -83.44
C PHE A 1162 54.32 54.91 -83.49
N THR A 1163 55.52 54.54 -83.90
CA THR A 1163 56.61 55.49 -84.08
C THR A 1163 57.23 55.32 -85.46
N LEU A 1164 57.61 56.45 -86.05
CA LEU A 1164 58.27 56.48 -87.35
C LEU A 1164 59.68 56.99 -87.14
N ASN A 1165 60.66 56.12 -87.39
CA ASN A 1165 62.08 56.45 -87.21
C ASN A 1165 62.36 56.93 -85.79
N GLY A 1166 61.74 56.28 -84.81
CA GLY A 1166 61.97 56.59 -83.42
C GLY A 1166 61.17 57.76 -82.88
N GLU A 1167 60.39 58.43 -83.72
CA GLU A 1167 59.57 59.55 -83.30
C GLU A 1167 58.12 59.10 -83.19
N VAL A 1168 57.51 59.35 -82.03
CA VAL A 1168 56.14 58.89 -81.80
C VAL A 1168 55.20 59.64 -82.72
N LEU A 1169 54.38 58.89 -83.44
CA LEU A 1169 53.35 59.49 -84.28
C LEU A 1169 52.19 59.96 -83.43
N MET A 1170 51.63 61.11 -83.81
CA MET A 1170 50.54 61.73 -83.07
C MET A 1170 49.36 61.98 -83.99
N SER A 1171 48.18 62.04 -83.41
CA SER A 1171 46.96 62.30 -84.17
C SER A 1171 46.86 63.81 -84.44
N ASP A 1172 45.70 64.24 -84.95
CA ASP A 1172 45.48 65.66 -85.16
C ASP A 1172 45.07 66.31 -83.84
N SER A 1173 45.83 65.99 -82.79
CA SER A 1173 45.62 66.49 -81.44
C SER A 1173 46.87 66.10 -80.64
N GLY A 1174 46.84 66.33 -79.35
CA GLY A 1174 47.98 65.97 -78.53
C GLY A 1174 48.08 64.50 -78.19
N SER A 1175 47.18 63.67 -78.73
CA SER A 1175 47.13 62.26 -78.37
C SER A 1175 48.40 61.57 -78.85
N GLU A 1176 49.11 60.95 -77.92
CA GLU A 1176 50.36 60.25 -78.23
C GLU A 1176 50.16 58.77 -78.48
N THR A 1177 48.92 58.27 -78.37
CA THR A 1177 48.62 56.87 -78.59
C THR A 1177 47.62 56.73 -79.74
N ALA A 1178 47.93 55.82 -80.66
CA ALA A 1178 47.05 55.63 -81.82
C ALA A 1178 45.69 55.11 -81.40
N PHE A 1179 45.66 54.15 -80.48
CA PHE A 1179 44.41 53.56 -80.01
C PHE A 1179 44.47 53.44 -78.50
N ARG A 1180 43.30 53.47 -77.88
CA ARG A 1180 43.21 53.44 -76.43
C ARG A 1180 42.03 52.57 -76.02
N GLU A 1181 41.96 52.29 -74.72
CA GLU A 1181 40.92 51.47 -74.10
C GLU A 1181 40.56 50.26 -74.96
N ILE A 1182 41.58 49.55 -75.42
CA ILE A 1182 41.36 48.36 -76.23
C ILE A 1182 41.15 47.17 -75.31
N GLU A 1183 40.10 46.40 -75.55
CA GLU A 1183 39.85 45.20 -74.78
C GLU A 1183 40.80 44.10 -75.20
N ILE A 1184 41.40 43.43 -74.22
CA ILE A 1184 42.34 42.36 -74.52
C ILE A 1184 41.62 41.18 -75.15
N GLY A 1185 40.68 40.60 -74.43
CA GLY A 1185 39.91 39.49 -74.99
C GLY A 1185 40.80 38.32 -75.35
N ASP A 1186 40.72 37.91 -76.62
CA ASP A 1186 41.44 36.73 -77.07
C ASP A 1186 42.94 36.99 -77.20
N GLY A 1187 43.35 38.22 -77.45
CA GLY A 1187 44.75 38.57 -77.53
C GLY A 1187 45.06 39.23 -78.84
N PHE A 1188 46.35 39.45 -79.08
CA PHE A 1188 46.79 40.19 -80.25
C PHE A 1188 48.00 39.52 -80.88
N LEU A 1189 48.16 39.75 -82.18
CA LEU A 1189 49.25 39.24 -82.98
C LEU A 1189 49.80 40.34 -83.87
N PRO A 1190 51.09 40.35 -84.15
CA PRO A 1190 51.61 41.26 -85.16
C PRO A 1190 51.09 40.89 -86.53
N VAL A 1191 50.90 41.90 -87.37
CA VAL A 1191 50.29 41.71 -88.68
C VAL A 1191 50.79 42.80 -89.61
N CYS A 1192 50.86 42.48 -90.90
CA CYS A 1192 51.19 43.45 -91.93
C CYS A 1192 50.57 43.01 -93.23
N SER A 1193 50.14 43.97 -94.04
CA SER A 1193 49.59 43.70 -95.36
C SER A 1193 50.36 44.51 -96.38
N LEU A 1194 50.59 43.91 -97.53
CA LEU A 1194 51.30 44.58 -98.61
C LEU A 1194 50.40 44.64 -99.84
N GLY A 1195 50.33 45.80 -100.46
CA GLY A 1195 49.58 45.97 -101.67
C GLY A 1195 50.39 45.51 -102.87
N PRO A 1196 49.85 45.69 -104.07
CA PRO A 1196 50.54 45.20 -105.27
C PRO A 1196 51.85 45.93 -105.48
N GLY A 1197 52.91 45.17 -105.73
CA GLY A 1197 54.20 45.74 -106.00
C GLY A 1197 54.92 46.33 -104.82
N GLN A 1198 54.53 45.95 -103.60
CA GLN A 1198 55.10 46.50 -102.39
C GLN A 1198 56.03 45.50 -101.73
N VAL A 1199 57.08 46.02 -101.09
CA VAL A 1199 58.08 45.22 -100.40
C VAL A 1199 58.24 45.79 -99.00
N GLY A 1200 58.25 44.91 -98.00
CA GLY A 1200 58.44 45.34 -96.63
C GLY A 1200 59.22 44.31 -95.85
N HIS A 1201 59.95 44.78 -94.86
CA HIS A 1201 60.76 43.94 -93.99
C HIS A 1201 60.18 43.97 -92.59
N LEU A 1202 59.84 42.80 -92.05
CA LEU A 1202 59.24 42.68 -90.73
C LEU A 1202 60.29 42.14 -89.77
N ASN A 1203 60.53 42.86 -88.69
CA ASN A 1203 61.51 42.48 -87.68
C ASN A 1203 60.79 42.31 -86.36
N LEU A 1204 60.60 41.07 -85.95
CA LEU A 1204 59.92 40.77 -84.69
C LEU A 1204 60.88 40.74 -83.51
N GLY A 1205 62.12 41.15 -83.70
CA GLY A 1205 63.02 41.35 -82.59
C GLY A 1205 63.59 40.09 -81.97
N GLN A 1206 63.78 39.03 -82.76
CA GLN A 1206 64.49 37.87 -82.22
C GLN A 1206 65.92 38.21 -81.88
N ASP A 1207 66.56 39.04 -82.71
CA ASP A 1207 67.90 39.55 -82.44
C ASP A 1207 67.74 41.02 -82.03
N VAL A 1208 67.87 41.28 -80.74
CA VAL A 1208 67.60 42.62 -80.22
C VAL A 1208 68.57 43.63 -80.80
N SER A 1209 69.77 43.20 -81.18
CA SER A 1209 70.73 44.12 -81.78
C SER A 1209 70.36 44.50 -83.20
N SER A 1210 69.50 43.72 -83.85
CA SER A 1210 69.09 44.04 -85.21
C SER A 1210 68.10 45.20 -85.26
N LEU A 1211 67.36 45.42 -84.19
CA LEU A 1211 66.40 46.52 -84.16
C LEU A 1211 67.12 47.85 -84.28
N ARG A 1212 66.51 48.78 -85.02
CA ARG A 1212 67.18 50.02 -85.37
C ARG A 1212 66.75 51.22 -84.53
N PHE A 1213 65.53 51.21 -84.00
CA PHE A 1213 65.05 52.33 -83.18
C PHE A 1213 64.47 51.86 -81.86
N PHE A 1214 64.77 50.64 -81.44
CA PHE A 1214 64.26 50.15 -80.17
C PHE A 1214 64.89 50.88 -79.00
N ALA A 1215 66.20 51.13 -79.07
CA ALA A 1215 66.87 51.84 -77.99
C ALA A 1215 66.45 53.31 -77.95
N ILE A 1216 66.21 53.91 -79.11
CA ILE A 1216 65.85 55.32 -79.16
C ILE A 1216 64.48 55.55 -78.54
N CYS A 1217 63.51 54.70 -78.86
CA CYS A 1217 62.16 54.83 -78.31
C CYS A 1217 61.57 53.43 -78.17
N GLY A 1218 61.25 53.05 -76.94
CA GLY A 1218 60.64 51.77 -76.69
C GLY A 1218 61.35 50.98 -75.60
N LEU A 1219 62.67 51.04 -75.58
CA LEU A 1219 63.42 50.26 -74.60
C LEU A 1219 63.21 50.79 -73.20
N GLN A 1220 63.39 52.09 -73.00
CA GLN A 1220 63.30 52.68 -71.67
C GLN A 1220 61.89 52.71 -71.13
N GLU A 1221 60.88 52.58 -71.99
CA GLU A 1221 59.50 52.59 -71.54
C GLU A 1221 59.05 51.23 -71.03
N GLY A 1222 59.89 50.22 -71.09
CA GLY A 1222 59.53 48.90 -70.60
C GLY A 1222 58.98 47.95 -71.63
N PHE A 1223 59.10 48.27 -72.91
CA PHE A 1223 58.62 47.38 -73.96
C PHE A 1223 59.68 46.36 -74.34
N GLU A 1224 59.24 45.14 -74.60
CA GLU A 1224 60.13 44.07 -75.00
C GLU A 1224 59.91 43.72 -76.46
N PRO A 1225 60.96 43.32 -77.17
CA PRO A 1225 60.76 42.83 -78.54
C PRO A 1225 59.85 41.60 -78.52
N PHE A 1226 59.02 41.50 -79.56
CA PHE A 1226 57.97 40.48 -79.57
C PHE A 1226 58.54 39.07 -79.46
N ALA A 1227 59.74 38.84 -79.99
CA ALA A 1227 60.34 37.51 -80.01
C ALA A 1227 61.69 37.53 -79.32
N ILE A 1228 61.76 38.17 -78.15
CA ILE A 1228 63.06 38.44 -77.53
C ILE A 1228 63.74 37.14 -77.12
N ASN A 1229 63.02 36.26 -76.44
CA ASN A 1229 63.58 34.98 -76.00
C ASN A 1229 62.89 33.88 -76.78
N MET A 1230 63.39 33.61 -77.97
CA MET A 1230 62.83 32.58 -78.83
C MET A 1230 63.96 32.03 -79.68
N GLN A 1231 64.04 30.70 -79.76
CA GLN A 1231 65.09 30.07 -80.54
CA GLN A 1231 65.10 30.07 -80.54
C GLN A 1231 64.79 30.15 -82.04
N ARG A 1232 63.71 29.55 -82.45
CA ARG A 1232 63.38 29.57 -83.86
C ARG A 1232 62.64 30.86 -84.22
N PRO A 1233 62.80 31.35 -85.45
CA PRO A 1233 62.05 32.53 -85.87
C PRO A 1233 60.56 32.26 -85.81
N VAL A 1234 59.80 33.33 -85.56
CA VAL A 1234 58.35 33.19 -85.39
C VAL A 1234 57.74 32.71 -86.69
N THR A 1235 56.92 31.66 -86.59
CA THR A 1235 56.19 31.17 -87.74
C THR A 1235 55.15 32.18 -88.17
N THR A 1236 55.10 32.46 -89.47
CA THR A 1236 54.15 33.41 -90.03
C THR A 1236 53.22 32.71 -91.00
N TRP A 1237 51.96 33.11 -90.98
CA TRP A 1237 50.96 32.65 -91.94
C TRP A 1237 50.60 33.80 -92.85
N PHE A 1238 50.30 33.50 -94.11
CA PHE A 1238 49.94 34.51 -95.08
C PHE A 1238 48.63 34.14 -95.75
N SER A 1239 47.97 35.14 -96.31
CA SER A 1239 46.69 34.94 -96.99
C SER A 1239 46.96 34.51 -98.42
N LYS A 1240 46.63 33.25 -98.73
CA LYS A 1240 46.85 32.70 -100.05
C LYS A 1240 45.62 32.93 -100.91
N SER A 1241 45.78 33.68 -102.00
CA SER A 1241 44.65 33.99 -102.87
C SER A 1241 44.44 32.88 -103.89
N LEU A 1242 44.31 31.66 -103.41
CA LEU A 1242 43.93 30.51 -104.22
C LEU A 1242 42.55 30.06 -103.82
N PRO A 1243 41.54 30.20 -104.67
CA PRO A 1243 40.18 29.82 -104.27
C PRO A 1243 40.10 28.35 -103.88
N GLN A 1244 39.36 28.08 -102.81
CA GLN A 1244 39.17 26.74 -102.29
C GLN A 1244 37.71 26.57 -101.91
N PHE A 1245 37.26 25.33 -101.89
CA PHE A 1245 35.89 25.02 -101.51
C PHE A 1245 35.81 24.74 -100.02
N GLU A 1246 34.93 25.45 -99.33
CA GLU A 1246 34.72 25.27 -97.91
C GLU A 1246 33.23 25.16 -97.63
N PRO A 1247 32.85 24.48 -96.55
CA PRO A 1247 31.42 24.37 -96.22
C PRO A 1247 30.81 25.74 -96.00
N VAL A 1248 29.55 25.88 -96.40
CA VAL A 1248 28.83 27.13 -96.19
C VAL A 1248 28.68 27.32 -94.69
N PRO A 1249 29.13 28.44 -94.14
CA PRO A 1249 29.03 28.65 -92.70
C PRO A 1249 27.57 28.64 -92.27
N PRO A 1250 27.27 28.06 -91.11
CA PRO A 1250 25.87 28.04 -90.65
C PRO A 1250 25.33 29.42 -90.34
N GLU A 1251 26.18 30.42 -90.12
CA GLU A 1251 25.73 31.77 -89.82
C GLU A 1251 26.07 32.74 -90.94
N HIS A 1252 26.14 32.26 -92.17
CA HIS A 1252 26.44 33.14 -93.29
C HIS A 1252 25.35 34.18 -93.45
N PRO A 1253 25.69 35.47 -93.55
CA PRO A 1253 24.66 36.50 -93.58
C PRO A 1253 23.75 36.42 -94.79
N HIS A 1254 24.18 35.84 -95.90
CA HIS A 1254 23.43 35.91 -97.14
C HIS A 1254 22.97 34.56 -97.67
N TYR A 1255 23.70 33.48 -97.39
CA TYR A 1255 23.42 32.18 -97.98
C TYR A 1255 23.00 31.21 -96.89
N GLU A 1256 21.91 30.50 -97.13
CA GLU A 1256 21.37 29.52 -96.20
C GLU A 1256 21.10 28.23 -96.93
N VAL A 1257 21.52 27.11 -96.35
CA VAL A 1257 21.36 25.79 -96.95
C VAL A 1257 20.47 24.97 -96.03
N ALA A 1258 19.39 24.44 -96.57
CA ALA A 1258 18.43 23.64 -95.81
C ALA A 1258 18.48 22.20 -96.30
N ARG A 1259 18.69 21.27 -95.38
CA ARG A 1259 18.72 19.85 -95.70
C ARG A 1259 17.29 19.32 -95.63
N MET A 1260 16.68 19.10 -96.80
CA MET A 1260 15.32 18.62 -96.88
C MET A 1260 15.30 17.11 -96.91
N ASP A 1261 14.52 16.51 -96.03
CA ASP A 1261 14.43 15.06 -95.97
C ASP A 1261 13.66 14.52 -97.17
N GLY A 1262 13.83 13.23 -97.42
CA GLY A 1262 13.15 12.61 -98.53
C GLY A 1262 11.74 12.19 -98.19
N THR A 1263 10.76 12.74 -98.89
CA THR A 1263 9.36 12.41 -98.66
C THR A 1263 8.98 11.21 -99.54
N VAL A 1264 7.69 10.92 -99.62
CA VAL A 1264 7.24 9.80 -100.43
C VAL A 1264 7.43 10.08 -101.91
N ASP A 1265 7.18 11.32 -102.33
CA ASP A 1265 7.26 11.69 -103.74
C ASP A 1265 8.52 12.45 -104.09
N THR A 1266 9.37 12.78 -103.12
CA THR A 1266 10.58 13.53 -103.38
C THR A 1266 11.78 12.82 -102.76
N PRO A 1267 12.95 12.99 -103.36
CA PRO A 1267 14.17 12.44 -102.76
C PRO A 1267 14.76 13.42 -101.76
N PRO A 1268 15.79 13.02 -101.01
CA PRO A 1268 16.47 13.98 -100.15
C PRO A 1268 17.08 15.10 -100.98
N CYS A 1269 17.08 16.30 -100.42
CA CYS A 1269 17.50 17.49 -101.15
C CYS A 1269 18.34 18.39 -100.27
N LEU A 1270 19.09 19.26 -100.92
CA LEU A 1270 19.89 20.30 -100.27
C LEU A 1270 19.55 21.62 -100.94
N ARG A 1271 18.72 22.42 -100.28
CA ARG A 1271 18.16 23.62 -100.89
C ARG A 1271 18.93 24.86 -100.47
N LEU A 1272 19.24 25.71 -101.44
CA LEU A 1272 19.93 26.97 -101.20
C LEU A 1272 18.94 28.11 -101.24
N ALA A 1273 19.02 29.01 -100.26
CA ALA A 1273 18.14 30.16 -100.20
C ALA A 1273 18.97 31.41 -99.93
N HIS A 1274 18.55 32.53 -100.51
CA HIS A 1274 19.21 33.81 -100.30
C HIS A 1274 18.55 34.49 -99.12
N ARG A 1275 19.31 34.69 -98.04
CA ARG A 1275 18.73 35.22 -96.82
C ARG A 1275 18.22 36.64 -97.00
N THR A 1276 18.98 37.50 -97.66
CA THR A 1276 18.70 38.92 -97.68
C THR A 1276 18.21 39.41 -99.04
N TRP A 1277 17.63 38.52 -99.84
CA TRP A 1277 17.25 38.91 -101.19
C TRP A 1277 16.23 40.02 -101.19
N GLY A 1278 16.45 41.02 -102.04
CA GLY A 1278 15.55 42.15 -102.19
C GLY A 1278 15.84 43.32 -101.27
N SER A 1279 16.28 43.06 -100.05
CA SER A 1279 16.51 44.14 -99.09
C SER A 1279 17.77 44.91 -99.45
N GLN A 1280 17.95 46.04 -98.77
CA GLN A 1280 19.17 46.82 -98.90
C GLN A 1280 20.35 46.01 -98.37
N ASN A 1281 21.53 46.27 -98.93
CA ASN A 1281 22.81 45.66 -98.56
C ASN A 1281 22.90 44.19 -98.95
N SER A 1282 21.91 43.66 -99.67
CA SER A 1282 21.99 42.29 -100.14
C SER A 1282 23.19 42.11 -101.07
N LEU A 1283 23.82 40.95 -100.97
CA LEU A 1283 24.98 40.61 -101.78
C LEU A 1283 24.54 39.69 -102.91
N VAL A 1284 24.70 40.16 -104.15
CA VAL A 1284 24.31 39.39 -105.32
C VAL A 1284 25.54 39.29 -106.22
N GLU A 1285 26.12 38.09 -106.29
CA GLU A 1285 27.30 37.85 -107.09
C GLU A 1285 27.35 36.36 -107.41
N MET A 1286 28.18 36.02 -108.40
CA MET A 1286 28.26 34.64 -108.85
C MET A 1286 28.67 33.74 -107.69
N LEU A 1287 27.95 32.63 -107.53
CA LEU A 1287 28.15 31.70 -106.44
C LEU A 1287 28.58 30.36 -106.99
N PHE A 1288 29.64 29.79 -106.44
CA PHE A 1288 30.20 28.52 -106.90
C PHE A 1288 29.98 27.49 -105.81
N LEU A 1289 29.17 26.48 -106.10
CA LEU A 1289 28.81 25.45 -105.13
C LEU A 1289 29.24 24.09 -105.64
N ARG A 1290 29.57 23.20 -104.71
CA ARG A 1290 29.83 21.81 -105.02
C ARG A 1290 29.50 20.96 -103.81
N LEU A 1291 29.30 19.68 -104.04
CA LEU A 1291 29.04 18.76 -102.95
C LEU A 1291 30.35 18.24 -102.37
N SER A 1292 30.31 17.88 -101.10
CA SER A 1292 31.55 17.63 -100.36
C SER A 1292 32.23 16.33 -100.76
N LEU A 1293 31.56 15.46 -101.49
CA LEU A 1293 32.18 14.18 -101.80
C LEU A 1293 32.15 13.90 -103.29
N PRO A 1294 33.17 13.25 -103.82
CA PRO A 1294 33.24 12.98 -105.26
C PRO A 1294 32.68 11.62 -105.64
N VAL A 1295 32.51 11.43 -106.95
CA VAL A 1295 32.26 10.12 -107.54
C VAL A 1295 33.50 9.76 -108.36
N GLN A 1296 34.02 8.56 -108.14
CA GLN A 1296 35.27 8.15 -108.73
C GLN A 1296 35.01 7.15 -109.84
N PHE A 1297 35.51 7.44 -111.03
CA PHE A 1297 35.36 6.53 -112.15
C PHE A 1297 36.26 5.32 -111.94
N HIS A 1298 35.83 4.20 -112.54
CA HIS A 1298 36.47 2.93 -112.28
C HIS A 1298 37.89 2.91 -112.82
N GLN A 1299 38.68 1.98 -112.30
CA GLN A 1299 40.08 1.88 -112.69
C GLN A 1299 40.22 1.48 -114.14
N HIS A 1300 39.39 0.54 -114.60
CA HIS A 1300 39.41 0.07 -115.98
C HIS A 1300 38.02 0.19 -116.57
N PHE A 1301 37.96 0.57 -117.84
CA PHE A 1301 36.69 0.77 -118.52
C PHE A 1301 36.26 -0.50 -119.23
N ARG A 1302 34.94 -0.69 -119.31
CA ARG A 1302 34.39 -1.83 -120.05
C ARG A 1302 34.76 -1.73 -121.53
N CYS A 1303 35.13 -2.87 -122.10
CA CYS A 1303 35.53 -2.91 -123.49
C CYS A 1303 34.36 -2.57 -124.40
N THR A 1304 34.64 -1.77 -125.43
CA THR A 1304 33.63 -1.35 -126.40
C THR A 1304 32.44 -0.66 -125.72
N ASP A 1419 4.09 0.18 -112.23
CA ASP A 1419 4.99 0.55 -113.31
C ASP A 1419 6.09 1.45 -112.78
N ASN A 1420 7.08 1.74 -113.64
CA ASN A 1420 8.24 2.56 -113.26
C ASN A 1420 8.95 1.97 -112.04
N ARG A 1421 9.07 0.64 -112.03
CA ARG A 1421 9.75 -0.07 -110.96
C ARG A 1421 11.04 -0.67 -111.51
N ASP A 1422 12.12 -0.52 -110.74
CA ASP A 1422 13.42 -0.97 -111.20
C ASP A 1422 13.47 -2.49 -111.31
N ASP A 1423 14.11 -2.97 -112.36
CA ASP A 1423 14.34 -4.40 -112.52
C ASP A 1423 15.51 -4.75 -111.60
N PRO A 1424 15.37 -5.73 -110.71
CA PRO A 1424 16.44 -6.00 -109.74
C PRO A 1424 17.77 -6.37 -110.36
N GLU A 1425 17.80 -7.30 -111.30
CA GLU A 1425 19.09 -7.74 -111.83
C GLU A 1425 19.79 -6.61 -112.56
N ILE A 1426 19.03 -5.71 -113.20
CA ILE A 1426 19.65 -4.55 -113.84
C ILE A 1426 20.16 -3.57 -112.79
N ILE A 1427 19.36 -3.29 -111.76
CA ILE A 1427 19.72 -2.24 -110.82
C ILE A 1427 20.91 -2.67 -109.97
N LEU A 1428 21.07 -3.96 -109.69
CA LEU A 1428 22.24 -4.42 -108.95
C LEU A 1428 23.47 -4.63 -109.82
N ASN A 1429 23.35 -4.43 -111.13
CA ASN A 1429 24.49 -4.59 -112.03
C ASN A 1429 24.82 -3.32 -112.81
N THR A 1430 24.05 -2.26 -112.66
CA THR A 1430 24.30 -1.05 -113.41
C THR A 1430 25.49 -0.27 -112.83
N THR A 1431 26.11 0.54 -113.67
CA THR A 1431 27.17 1.45 -113.26
C THR A 1431 26.83 2.90 -113.55
N THR A 1432 25.56 3.20 -113.80
CA THR A 1432 25.11 4.55 -114.08
C THR A 1432 24.52 5.17 -112.82
N TYR A 1433 24.92 6.39 -112.53
CA TYR A 1433 24.48 7.09 -111.34
C TYR A 1433 23.89 8.44 -111.72
N TYR A 1434 22.95 8.91 -110.93
CA TYR A 1434 22.13 10.04 -111.31
C TYR A 1434 22.04 11.03 -110.15
N TYR A 1435 21.99 12.32 -110.51
CA TYR A 1435 21.59 13.36 -109.58
C TYR A 1435 21.07 14.52 -110.41
N SER A 1436 20.13 15.25 -109.83
CA SER A 1436 19.45 16.31 -110.55
C SER A 1436 19.46 17.59 -109.74
N VAL A 1437 19.37 18.71 -110.44
CA VAL A 1437 19.32 20.04 -109.83
C VAL A 1437 18.05 20.72 -110.28
N ARG A 1438 17.28 21.21 -109.30
CA ARG A 1438 16.02 21.89 -109.57
C ARG A 1438 16.24 23.39 -109.47
N VAL A 1439 16.03 24.10 -110.57
CA VAL A 1439 16.12 25.55 -110.60
C VAL A 1439 14.71 26.09 -110.37
N PHE A 1440 14.49 26.70 -109.22
CA PHE A 1440 13.15 27.14 -108.85
C PHE A 1440 12.66 28.24 -109.77
N ALA A 1441 11.33 28.32 -109.90
CA ALA A 1441 10.73 29.40 -110.67
C ALA A 1441 11.05 30.74 -110.04
N GLY A 1442 11.46 31.70 -110.87
CA GLY A 1442 11.96 32.98 -110.43
C GLY A 1442 13.46 33.11 -110.55
N GLN A 1443 14.19 32.00 -110.40
CA GLN A 1443 15.62 31.99 -110.66
C GLN A 1443 15.83 31.82 -112.16
N GLU A 1444 16.57 32.74 -112.76
CA GLU A 1444 16.74 32.73 -114.20
C GLU A 1444 17.62 31.55 -114.61
N PRO A 1445 17.16 30.67 -115.50
CA PRO A 1445 18.03 29.59 -115.97
C PRO A 1445 19.27 30.10 -116.69
N SER A 1446 19.23 31.32 -117.23
CA SER A 1446 20.39 31.89 -117.89
C SER A 1446 21.54 32.15 -116.92
N CYS A 1447 21.29 32.10 -115.61
CA CYS A 1447 22.30 32.33 -114.60
C CYS A 1447 22.62 31.08 -113.79
N VAL A 1448 22.40 29.90 -114.37
CA VAL A 1448 22.65 28.63 -113.67
C VAL A 1448 23.48 27.73 -114.58
N TRP A 1449 24.53 27.15 -114.02
CA TRP A 1449 25.32 26.11 -114.67
C TRP A 1449 25.33 24.89 -113.78
N VAL A 1450 25.07 23.73 -114.36
CA VAL A 1450 24.92 22.47 -113.63
C VAL A 1450 25.88 21.46 -114.23
N GLY A 1451 26.53 20.68 -113.37
CA GLY A 1451 27.42 19.64 -113.85
C GLY A 1451 28.38 19.11 -112.81
N TRP A 1452 29.64 18.96 -113.17
CA TRP A 1452 30.66 18.39 -112.30
C TRP A 1452 31.94 19.21 -112.40
N VAL A 1453 32.75 19.14 -111.34
CA VAL A 1453 34.08 19.74 -111.33
C VAL A 1453 35.06 18.74 -110.77
N THR A 1454 36.25 18.69 -111.36
CA THR A 1454 37.34 17.90 -110.83
C THR A 1454 37.97 18.61 -109.64
N PRO A 1455 38.68 17.88 -108.77
CA PRO A 1455 39.16 18.49 -107.53
C PRO A 1455 40.18 19.60 -107.70
N ASP A 1456 40.56 19.92 -108.94
CA ASP A 1456 41.53 20.97 -109.21
C ASP A 1456 40.89 22.20 -109.84
N TYR A 1457 39.67 22.54 -109.40
CA TYR A 1457 38.98 23.74 -109.87
C TYR A 1457 39.17 24.84 -108.84
N HIS A 1458 39.84 25.92 -109.24
CA HIS A 1458 40.09 27.06 -108.38
C HIS A 1458 39.82 28.36 -109.11
N GLN A 1459 38.74 28.42 -109.87
CA GLN A 1459 38.46 29.55 -110.76
C GLN A 1459 37.27 30.32 -110.20
N HIS A 1460 37.57 31.39 -109.49
CA HIS A 1460 36.55 32.24 -108.85
C HIS A 1460 36.24 33.42 -109.76
N ASP A 1461 35.66 33.11 -110.92
CA ASP A 1461 35.44 34.09 -111.97
C ASP A 1461 34.07 34.74 -111.77
N MET A 1462 34.06 36.06 -111.64
CA MET A 1462 32.82 36.78 -111.39
C MET A 1462 32.04 37.08 -112.67
N ASN A 1463 32.60 36.75 -113.82
CA ASN A 1463 31.88 36.84 -115.08
C ASN A 1463 31.91 35.49 -115.77
N PHE A 1464 31.58 34.44 -115.03
CA PHE A 1464 31.77 33.08 -115.52
C PHE A 1464 30.81 32.74 -116.63
N ASP A 1465 31.34 32.08 -117.66
CA ASP A 1465 30.53 31.39 -118.65
C ASP A 1465 31.36 30.20 -119.15
N LEU A 1466 30.74 29.37 -119.99
CA LEU A 1466 31.40 28.13 -120.38
C LEU A 1466 32.63 28.36 -121.23
N SER A 1467 32.83 29.58 -121.73
CA SER A 1467 34.04 29.88 -122.48
C SER A 1467 35.25 30.10 -121.59
N LYS A 1468 35.05 30.39 -120.30
CA LYS A 1468 36.16 30.58 -119.38
C LYS A 1468 36.71 29.27 -118.84
N VAL A 1469 36.05 28.15 -119.11
CA VAL A 1469 36.45 26.88 -118.53
C VAL A 1469 37.80 26.47 -119.12
N ARG A 1470 38.71 26.05 -118.25
CA ARG A 1470 40.00 25.55 -118.70
C ARG A 1470 39.80 24.29 -119.53
N ALA A 1471 40.54 24.19 -120.63
CA ALA A 1471 40.47 23.03 -121.49
C ALA A 1471 41.76 22.91 -122.26
N VAL A 1472 42.11 21.67 -122.62
CA VAL A 1472 43.31 21.41 -123.40
C VAL A 1472 43.19 20.02 -124.00
N THR A 1473 43.72 19.85 -125.20
CA THR A 1473 43.70 18.58 -125.90
C THR A 1473 45.12 18.06 -126.06
N VAL A 1474 45.37 16.86 -125.54
CA VAL A 1474 46.67 16.22 -125.65
C VAL A 1474 46.57 15.16 -126.73
N THR A 1475 47.36 15.32 -127.79
CA THR A 1475 47.33 14.44 -128.94
C THR A 1475 48.66 13.71 -129.07
N MET A 1476 48.59 12.39 -129.24
CA MET A 1476 49.76 11.56 -129.45
C MET A 1476 49.73 10.96 -130.85
N GLY A 1477 50.92 10.79 -131.44
CA GLY A 1477 51.02 10.29 -132.79
C GLY A 1477 52.19 9.34 -132.92
N ASP A 1478 52.35 8.78 -134.11
CA ASP A 1478 53.47 7.90 -134.41
C ASP A 1478 54.61 8.73 -135.00
N GLU A 1479 55.59 8.05 -135.60
CA GLU A 1479 56.75 8.75 -136.15
C GLU A 1479 56.39 9.78 -137.20
N GLN A 1480 55.28 9.57 -137.93
CA GLN A 1480 54.85 10.49 -138.98
C GLN A 1480 53.37 10.80 -138.80
N GLY A 1481 53.08 11.84 -138.02
CA GLY A 1481 51.70 12.25 -137.83
C GLY A 1481 50.86 11.12 -137.27
N ASN A 1482 49.78 10.80 -137.97
CA ASN A 1482 48.95 9.62 -137.69
C ASN A 1482 48.51 9.60 -136.22
N VAL A 1483 47.69 10.60 -135.89
CA VAL A 1483 47.12 10.73 -134.56
C VAL A 1483 46.46 9.42 -134.16
N HIS A 1484 46.94 8.80 -133.07
CA HIS A 1484 46.34 7.57 -132.56
C HIS A 1484 45.73 7.76 -131.19
N SER A 1485 45.76 8.97 -130.64
CA SER A 1485 45.14 9.26 -129.35
C SER A 1485 45.01 10.77 -129.21
N SER A 1486 43.80 11.25 -128.93
CA SER A 1486 43.54 12.68 -128.77
C SER A 1486 42.60 12.86 -127.59
N LEU A 1487 43.18 13.02 -126.41
CA LEU A 1487 42.39 13.14 -125.19
C LEU A 1487 42.11 14.61 -124.89
N LYS A 1488 40.97 14.85 -124.25
CA LYS A 1488 40.52 16.18 -123.90
C LYS A 1488 40.45 16.30 -122.38
N CYS A 1489 41.04 17.36 -121.83
CA CYS A 1489 41.15 17.55 -120.40
C CYS A 1489 40.49 18.84 -119.99
N SER A 1490 39.85 18.83 -118.83
CA SER A 1490 39.22 20.02 -118.27
C SER A 1490 39.00 19.80 -116.79
N ASN A 1491 38.61 20.85 -116.09
CA ASN A 1491 38.26 20.75 -114.68
C ASN A 1491 36.81 21.07 -114.41
N CYS A 1492 36.03 21.38 -115.43
CA CYS A 1492 34.63 21.77 -115.24
C CYS A 1492 33.82 21.20 -116.39
N TYR A 1493 32.98 20.22 -116.10
CA TYR A 1493 32.09 19.61 -117.08
C TYR A 1493 30.67 20.01 -116.72
N MET A 1494 30.15 21.02 -117.40
CA MET A 1494 28.84 21.57 -117.07
C MET A 1494 28.06 21.87 -118.34
N VAL A 1495 26.77 22.14 -118.13
CA VAL A 1495 25.87 22.62 -119.17
C VAL A 1495 25.23 23.90 -118.67
N TRP A 1496 24.82 24.73 -119.62
CA TRP A 1496 24.23 26.02 -119.31
C TRP A 1496 22.73 25.89 -119.19
N GLY A 1497 22.17 26.48 -118.14
CA GLY A 1497 20.73 26.46 -117.97
C GLY A 1497 19.97 27.22 -119.04
N GLY A 1498 20.65 28.10 -119.77
CA GLY A 1498 20.03 28.83 -120.85
C GLY A 1498 19.88 28.05 -122.14
N ASP A 1499 20.46 26.86 -122.22
CA ASP A 1499 20.29 26.00 -123.38
C ASP A 1499 19.00 25.21 -123.32
N PHE A 1500 18.27 25.29 -122.22
CA PHE A 1500 17.09 24.45 -122.00
C PHE A 1500 15.83 25.30 -121.86
N VAL A 1501 15.87 26.53 -122.34
CA VAL A 1501 14.71 27.41 -122.34
C VAL A 1501 14.32 27.70 -123.78
N SER A 1502 13.05 27.49 -124.11
CA SER A 1502 12.59 27.80 -125.45
C SER A 1502 12.59 29.31 -125.66
N PRO A 1503 12.92 29.78 -126.85
CA PRO A 1503 12.93 31.23 -127.11
C PRO A 1503 11.51 31.80 -127.19
N GLY A 1504 10.79 31.78 -126.08
CA GLY A 1504 9.45 32.33 -126.07
C GLY A 1504 9.47 33.85 -126.10
N GLN A 1505 8.28 34.42 -126.38
CA GLN A 1505 8.15 35.87 -126.43
C GLN A 1505 8.48 36.50 -125.09
N GLN A 1506 7.88 35.99 -124.02
CA GLN A 1506 8.14 36.44 -122.66
C GLN A 1506 7.66 35.32 -121.74
N GLY A 1507 7.76 35.53 -120.44
CA GLY A 1507 7.49 34.46 -119.50
C GLY A 1507 8.71 33.62 -119.22
N ARG A 1508 9.91 34.20 -119.39
CA ARG A 1508 11.14 33.47 -119.10
C ARG A 1508 11.18 33.01 -117.65
N ILE A 1509 10.47 33.71 -116.76
CA ILE A 1509 10.22 33.22 -115.42
C ILE A 1509 9.05 32.25 -115.52
N SER A 1510 9.35 30.99 -115.76
CA SER A 1510 8.31 30.02 -116.04
C SER A 1510 7.52 29.67 -114.79
N HIS A 1511 6.32 29.15 -115.00
CA HIS A 1511 5.57 28.56 -113.90
C HIS A 1511 6.26 27.29 -113.41
N THR A 1512 7.00 26.61 -114.29
CA THR A 1512 7.59 25.32 -113.99
C THR A 1512 9.07 25.49 -113.68
N ASP A 1513 9.52 24.83 -112.62
CA ASP A 1513 10.94 24.80 -112.30
C ASP A 1513 11.69 23.98 -113.34
N LEU A 1514 12.92 24.39 -113.62
CA LEU A 1514 13.79 23.63 -114.51
C LEU A 1514 14.56 22.60 -113.69
N VAL A 1515 14.50 21.34 -114.10
CA VAL A 1515 15.11 20.24 -113.36
C VAL A 1515 16.13 19.58 -114.29
N ILE A 1516 17.38 20.02 -114.21
CA ILE A 1516 18.45 19.47 -115.01
C ILE A 1516 18.94 18.20 -114.34
N GLY A 1517 19.00 17.10 -115.09
CA GLY A 1517 19.49 15.84 -114.59
C GLY A 1517 20.87 15.54 -115.13
N CYS A 1518 21.70 14.92 -114.29
CA CYS A 1518 23.07 14.58 -114.65
C CYS A 1518 23.29 13.08 -114.44
N LEU A 1519 23.86 12.44 -115.45
CA LEU A 1519 24.13 11.01 -115.44
C LEU A 1519 25.62 10.78 -115.67
N VAL A 1520 26.19 9.83 -114.94
CA VAL A 1520 27.57 9.41 -115.13
C VAL A 1520 27.62 7.90 -115.14
N ASP A 1521 28.33 7.34 -116.11
CA ASP A 1521 28.59 5.91 -116.18
C ASP A 1521 30.03 5.67 -115.73
N LEU A 1522 30.19 5.22 -114.49
CA LEU A 1522 31.54 5.08 -113.93
C LEU A 1522 32.34 3.99 -114.62
N ALA A 1523 31.69 3.14 -115.40
CA ALA A 1523 32.38 2.04 -116.07
C ALA A 1523 32.85 2.39 -117.47
N THR A 1524 32.34 3.46 -118.06
CA THR A 1524 32.75 3.86 -119.40
C THR A 1524 33.23 5.29 -119.50
N GLY A 1525 33.04 6.11 -118.48
CA GLY A 1525 33.50 7.48 -118.54
C GLY A 1525 32.62 8.42 -119.34
N LEU A 1526 31.41 8.00 -119.67
CA LEU A 1526 30.50 8.80 -120.47
C LEU A 1526 29.61 9.64 -119.56
N MET A 1527 29.36 10.87 -119.96
CA MET A 1527 28.61 11.85 -119.17
C MET A 1527 27.50 12.43 -120.03
N THR A 1528 26.28 12.43 -119.51
CA THR A 1528 25.13 12.95 -120.25
C THR A 1528 24.23 13.75 -119.32
N PHE A 1529 23.36 14.56 -119.92
CA PHE A 1529 22.50 15.47 -119.19
C PHE A 1529 21.09 15.41 -119.75
N THR A 1530 20.11 15.70 -118.90
CA THR A 1530 18.71 15.76 -119.30
C THR A 1530 18.12 17.09 -118.85
N ALA A 1531 17.38 17.75 -119.75
CA ALA A 1531 16.86 19.08 -119.45
C ALA A 1531 15.59 19.01 -118.61
N ASN A 1532 14.55 18.37 -119.11
CA ASN A 1532 13.32 18.15 -118.37
C ASN A 1532 12.78 16.77 -118.66
N GLY A 1533 13.65 15.77 -118.62
CA GLY A 1533 13.32 14.43 -119.05
C GLY A 1533 13.73 14.12 -120.47
N LYS A 1534 14.10 15.12 -121.26
CA LYS A 1534 14.56 14.92 -122.62
C LYS A 1534 16.09 15.00 -122.63
N GLU A 1535 16.72 14.04 -123.29
CA GLU A 1535 18.17 13.97 -123.34
C GLU A 1535 18.74 15.20 -124.04
N SER A 1536 19.83 15.73 -123.51
CA SER A 1536 20.52 16.87 -124.10
C SER A 1536 21.59 16.39 -125.07
N ASN A 1537 22.01 17.30 -125.95
CA ASN A 1537 23.02 16.96 -126.95
C ASN A 1537 24.43 16.90 -126.36
N THR A 1538 24.74 17.77 -125.41
CA THR A 1538 26.10 17.83 -124.88
C THR A 1538 26.43 16.58 -124.09
N PHE A 1539 27.67 16.11 -124.24
CA PHE A 1539 28.15 14.95 -123.51
C PHE A 1539 29.65 15.09 -123.31
N PHE A 1540 30.18 14.36 -122.35
CA PHE A 1540 31.59 14.43 -122.00
C PHE A 1540 32.14 13.04 -121.82
N GLN A 1541 33.45 12.90 -122.04
CA GLN A 1541 34.16 11.65 -121.87
C GLN A 1541 35.38 11.91 -121.01
N VAL A 1542 35.58 11.09 -119.98
CA VAL A 1542 36.68 11.28 -119.03
C VAL A 1542 37.47 9.99 -118.91
N GLU A 1543 38.71 10.13 -118.43
CA GLU A 1543 39.60 9.00 -118.25
C GLU A 1543 39.28 8.25 -116.96
N PRO A 1544 39.75 7.01 -116.84
CA PRO A 1544 39.54 6.27 -115.59
C PRO A 1544 40.25 6.93 -114.41
N ASN A 1545 39.73 6.63 -113.22
CA ASN A 1545 40.17 7.16 -111.92
C ASN A 1545 39.86 8.64 -111.76
N THR A 1546 39.03 9.22 -112.62
CA THR A 1546 38.69 10.62 -112.49
C THR A 1546 37.72 10.83 -111.33
N LYS A 1547 37.98 11.87 -110.54
CA LYS A 1547 37.09 12.27 -109.46
C LYS A 1547 36.27 13.46 -109.92
N LEU A 1548 34.96 13.39 -109.71
CA LEU A 1548 34.05 14.45 -110.10
C LEU A 1548 33.16 14.81 -108.92
N PHE A 1549 33.06 16.09 -108.64
CA PHE A 1549 32.18 16.59 -107.60
C PHE A 1549 30.93 17.17 -108.23
N PRO A 1550 29.74 16.85 -107.73
CA PRO A 1550 28.53 17.53 -108.22
C PRO A 1550 28.58 19.01 -107.87
N ALA A 1551 28.55 19.86 -108.90
CA ALA A 1551 28.73 21.28 -108.69
C ALA A 1551 27.68 22.06 -109.46
N VAL A 1552 27.25 23.18 -108.87
CA VAL A 1552 26.31 24.10 -109.50
C VAL A 1552 26.84 25.51 -109.32
N PHE A 1553 26.95 26.25 -110.42
CA PHE A 1553 27.35 27.64 -110.41
C PHE A 1553 26.13 28.48 -110.74
N VAL A 1554 25.83 29.47 -109.90
CA VAL A 1554 24.59 30.22 -110.03
C VAL A 1554 24.83 31.67 -109.66
N LEU A 1555 24.15 32.57 -110.36
CA LEU A 1555 24.04 33.96 -109.95
C LEU A 1555 22.64 34.18 -109.42
N PRO A 1556 22.44 34.34 -108.12
CA PRO A 1556 21.08 34.34 -107.57
C PRO A 1556 20.23 35.48 -108.13
N THR A 1557 18.97 35.16 -108.41
CA THR A 1557 17.98 36.15 -108.82
C THR A 1557 16.66 35.96 -108.09
N HIS A 1558 16.65 35.27 -106.94
CA HIS A 1558 15.41 34.94 -106.25
C HIS A 1558 15.76 34.45 -104.86
N GLN A 1559 14.78 34.48 -103.97
CA GLN A 1559 15.01 33.98 -102.61
C GLN A 1559 15.34 32.50 -102.64
N ASN A 1560 14.61 31.73 -103.44
CA ASN A 1560 14.92 30.33 -103.66
C ASN A 1560 15.75 30.22 -104.93
N VAL A 1561 16.92 29.59 -104.83
CA VAL A 1561 17.88 29.63 -105.93
C VAL A 1561 17.95 28.29 -106.64
N ILE A 1562 18.45 27.26 -105.95
CA ILE A 1562 18.64 25.94 -106.56
C ILE A 1562 18.33 24.89 -105.53
N GLN A 1563 18.48 23.62 -105.91
CA GLN A 1563 18.21 22.51 -105.00
C GLN A 1563 18.92 21.29 -105.56
N PHE A 1564 19.88 20.76 -104.81
CA PHE A 1564 20.48 19.48 -105.16
C PHE A 1564 19.48 18.37 -104.84
N GLU A 1565 19.11 17.58 -105.83
CA GLU A 1565 18.17 16.48 -105.65
C GLU A 1565 18.93 15.18 -105.80
N LEU A 1566 19.17 14.50 -104.69
CA LEU A 1566 19.98 13.28 -104.69
C LEU A 1566 19.08 12.05 -104.87
N GLY A 1567 18.35 12.05 -105.97
CA GLY A 1567 17.39 11.01 -106.28
C GLY A 1567 17.96 9.96 -107.22
N LYS A 1568 17.06 9.33 -107.97
CA LYS A 1568 17.43 8.28 -108.91
C LYS A 1568 16.41 8.25 -110.03
N GLN A 1569 16.71 7.44 -111.04
CA GLN A 1569 15.81 7.20 -112.15
C GLN A 1569 15.50 5.71 -112.23
N LYS A 1570 14.79 5.33 -113.28
CA LYS A 1570 14.52 3.92 -113.50
C LYS A 1570 15.79 3.20 -113.92
N ASN A 1571 16.18 2.18 -113.15
CA ASN A 1571 17.37 1.38 -113.42
C ASN A 1571 18.65 2.20 -113.36
N ILE A 1572 18.66 3.25 -112.55
CA ILE A 1572 19.85 4.08 -112.32
C ILE A 1572 19.98 4.30 -110.83
N MET A 1573 21.19 4.15 -110.31
CA MET A 1573 21.37 4.28 -108.87
C MET A 1573 21.59 5.74 -108.47
N PRO A 1574 21.32 6.09 -107.22
CA PRO A 1574 21.55 7.44 -106.75
C PRO A 1574 23.04 7.67 -106.48
N LEU A 1575 23.37 8.90 -106.11
CA LEU A 1575 24.75 9.26 -105.85
C LEU A 1575 25.30 8.56 -104.62
N SER A 1576 24.45 8.32 -103.61
CA SER A 1576 24.91 7.68 -102.39
C SER A 1576 25.43 6.27 -102.65
N ALA A 1577 24.97 5.62 -103.72
CA ALA A 1577 25.48 4.30 -104.05
C ALA A 1577 26.89 4.36 -104.58
N ALA A 1578 27.29 5.52 -105.13
CA ALA A 1578 28.63 5.68 -105.66
C ALA A 1578 29.59 6.32 -104.70
N MET A 1579 29.11 7.19 -103.81
CA MET A 1579 29.99 7.87 -102.87
C MET A 1579 30.43 7.00 -101.71
N PHE A 1580 29.58 6.07 -101.27
CA PHE A 1580 29.83 5.34 -100.03
C PHE A 1580 29.93 3.85 -100.32
N LEU A 1581 30.97 3.21 -99.77
CA LEU A 1581 31.22 1.79 -100.05
C LEU A 1581 30.10 0.91 -99.51
N SER A 1582 29.61 1.22 -98.32
CA SER A 1582 28.58 0.39 -97.70
C SER A 1582 27.25 0.45 -98.43
N GLU A 1583 27.07 1.37 -99.37
CA GLU A 1583 25.82 1.53 -100.10
C GLU A 1583 25.97 1.18 -101.57
N ARG A 1584 26.98 0.41 -101.95
CA ARG A 1584 27.22 0.13 -103.36
C ARG A 1584 26.06 -0.63 -103.98
N LYS A 1585 25.28 -1.33 -103.16
CA LYS A 1585 24.15 -2.12 -103.65
C LYS A 1585 22.83 -1.64 -103.06
N ASN A 1586 22.78 -0.39 -102.60
CA ASN A 1586 21.58 0.14 -101.98
C ASN A 1586 20.93 1.14 -102.94
N PRO A 1587 19.83 0.79 -103.61
CA PRO A 1587 19.19 1.74 -104.52
C PRO A 1587 18.39 2.82 -103.84
N ALA A 1588 18.22 2.76 -102.53
CA ALA A 1588 17.46 3.78 -101.83
C ALA A 1588 18.29 5.04 -101.68
N PRO A 1589 17.84 6.19 -102.18
CA PRO A 1589 18.61 7.42 -102.06
C PRO A 1589 18.85 7.80 -100.60
N GLN A 1590 20.04 8.33 -100.34
CA GLN A 1590 20.43 8.78 -99.01
C GLN A 1590 21.21 10.08 -99.11
N CYS A 1591 21.19 10.86 -98.04
CA CYS A 1591 22.01 12.06 -97.91
C CYS A 1591 22.67 12.03 -96.54
N PRO A 1592 23.74 11.26 -96.39
CA PRO A 1592 24.39 11.13 -95.09
C PRO A 1592 24.99 12.45 -94.65
N PRO A 1593 25.21 12.63 -93.34
CA PRO A 1593 25.66 13.93 -92.84
C PRO A 1593 26.98 14.39 -93.41
N ARG A 1594 27.82 13.46 -93.88
CA ARG A 1594 29.09 13.87 -94.45
C ARG A 1594 28.90 14.64 -95.75
N LEU A 1595 27.84 14.37 -96.48
CA LEU A 1595 27.56 15.05 -97.73
C LEU A 1595 26.91 16.39 -97.44
N GLU A 1596 27.51 17.47 -97.95
CA GLU A 1596 27.01 18.80 -97.67
C GLU A 1596 27.46 19.75 -98.77
N VAL A 1597 26.89 20.95 -98.75
CA VAL A 1597 27.15 21.94 -99.79
C VAL A 1597 28.36 22.76 -99.41
N GLN A 1598 29.26 22.98 -100.36
CA GLN A 1598 30.47 23.75 -100.15
C GLN A 1598 30.53 24.90 -101.15
N MET A 1599 31.11 26.01 -100.73
CA MET A 1599 31.22 27.21 -101.54
C MET A 1599 32.69 27.60 -101.72
N LEU A 1600 32.97 28.29 -102.81
CA LEU A 1600 34.34 28.64 -103.18
C LEU A 1600 34.74 29.94 -102.48
N MET A 1601 35.82 29.89 -101.70
CA MET A 1601 36.29 31.04 -100.95
C MET A 1601 37.54 31.61 -101.60
N PRO A 1602 37.56 32.88 -101.98
CA PRO A 1602 38.70 33.41 -102.75
C PRO A 1602 40.04 33.39 -102.02
N VAL A 1603 40.05 33.55 -100.69
CA VAL A 1603 41.30 33.68 -99.95
C VAL A 1603 41.25 32.75 -98.74
N SER A 1604 42.41 32.21 -98.37
CA SER A 1604 42.55 31.36 -97.20
C SER A 1604 43.90 31.60 -96.57
N TRP A 1605 44.03 31.21 -95.30
CA TRP A 1605 45.30 31.32 -94.60
C TRP A 1605 46.19 30.13 -94.94
N SER A 1606 47.47 30.40 -95.17
CA SER A 1606 48.45 29.35 -95.44
C SER A 1606 49.71 29.63 -94.64
N ARG A 1607 50.44 28.56 -94.35
CA ARG A 1607 51.61 28.65 -93.49
C ARG A 1607 52.88 28.78 -94.32
N MET A 1608 53.64 29.83 -94.06
CA MET A 1608 54.88 30.03 -94.80
C MET A 1608 55.93 29.03 -94.35
N PRO A 1609 56.59 28.35 -95.29
CA PRO A 1609 57.65 27.40 -94.89
C PRO A 1609 58.77 28.11 -94.15
N ASN A 1610 59.39 27.37 -93.23
CA ASN A 1610 60.47 27.94 -92.45
C ASN A 1610 61.72 28.16 -93.29
N HIS A 1611 61.91 27.35 -94.33
CA HIS A 1611 63.07 27.47 -95.21
C HIS A 1611 62.62 27.33 -96.66
N PHE A 1612 63.37 27.96 -97.54
CA PHE A 1612 63.03 28.01 -98.96
C PHE A 1612 64.22 27.55 -99.78
N LEU A 1613 63.92 27.00 -100.96
CA LEU A 1613 64.98 26.51 -101.83
C LEU A 1613 65.91 27.64 -102.24
N GLN A 1614 67.20 27.38 -102.20
CA GLN A 1614 68.21 28.36 -102.60
C GLN A 1614 68.51 28.16 -104.07
N VAL A 1615 68.06 29.09 -104.90
CA VAL A 1615 68.19 29.00 -106.35
C VAL A 1615 69.14 30.10 -106.81
N GLU A 1616 70.19 29.71 -107.53
CA GLU A 1616 71.18 30.64 -108.05
C GLU A 1616 70.96 30.80 -109.55
N THR A 1617 70.68 32.03 -109.97
CA THR A 1617 70.45 32.35 -111.38
C THR A 1617 71.48 33.38 -111.82
N ARG A 1618 72.09 33.13 -112.97
CA ARG A 1618 73.10 34.05 -113.48
C ARG A 1618 73.23 33.86 -114.98
N ARG A 1619 73.80 34.87 -115.64
CA ARG A 1619 74.06 34.81 -117.07
C ARG A 1619 75.42 34.14 -117.28
N ALA A 1620 75.40 32.92 -117.80
CA ALA A 1620 76.65 32.18 -117.98
C ALA A 1620 77.50 32.73 -119.12
N GLY A 1621 76.91 33.48 -120.03
CA GLY A 1621 77.67 34.06 -121.11
C GLY A 1621 76.80 34.31 -122.32
N GLU A 1622 77.45 34.79 -123.39
CA GLU A 1622 76.74 35.06 -124.62
C GLU A 1622 76.25 33.78 -125.28
N ARG A 1623 77.02 32.70 -125.17
CA ARG A 1623 76.66 31.44 -125.81
C ARG A 1623 76.00 30.46 -124.85
N LEU A 1624 76.37 30.49 -123.57
CA LEU A 1624 75.86 29.50 -122.64
C LEU A 1624 74.48 29.85 -122.09
N GLY A 1625 73.99 31.06 -122.34
CA GLY A 1625 72.66 31.41 -121.92
C GLY A 1625 72.58 31.75 -120.44
N TRP A 1626 71.42 31.48 -119.85
CA TRP A 1626 71.13 31.81 -118.47
C TRP A 1626 71.00 30.51 -117.67
N ALA A 1627 71.75 30.42 -116.59
CA ALA A 1627 71.85 29.19 -115.81
C ALA A 1627 70.98 29.24 -114.57
N VAL A 1628 70.35 28.10 -114.26
CA VAL A 1628 69.59 27.92 -113.04
C VAL A 1628 70.20 26.75 -112.29
N GLN A 1629 70.26 26.87 -110.96
CA GLN A 1629 70.95 25.88 -110.15
C GLN A 1629 70.31 25.79 -108.78
N CYS A 1630 70.15 24.56 -108.28
CA CYS A 1630 69.63 24.33 -106.94
C CYS A 1630 70.24 23.04 -106.42
N GLN A 1631 70.91 23.11 -105.27
CA GLN A 1631 71.68 21.98 -104.77
C GLN A 1631 71.24 21.47 -103.42
N ASP A 1632 70.78 22.34 -102.53
CA ASP A 1632 70.45 21.92 -101.17
C ASP A 1632 69.05 21.34 -101.11
N PRO A 1633 68.88 20.08 -100.71
CA PRO A 1633 67.54 19.50 -100.66
C PRO A 1633 66.70 20.11 -99.55
N LEU A 1634 65.39 20.11 -99.78
CA LEU A 1634 64.42 20.52 -98.79
C LEU A 1634 63.23 19.58 -98.85
N THR A 1635 62.74 19.19 -97.68
CA THR A 1635 61.67 18.21 -97.57
C THR A 1635 60.63 18.73 -96.61
N MET A 1636 59.36 18.40 -96.85
CA MET A 1636 58.31 18.68 -95.90
C MET A 1636 57.48 17.42 -95.70
N MET A 1637 56.82 17.33 -94.56
CA MET A 1637 55.90 16.23 -94.27
C MET A 1637 54.50 16.69 -94.67
N ALA A 1638 53.94 16.04 -95.68
CA ALA A 1638 52.67 16.47 -96.26
C ALA A 1638 51.52 15.64 -95.72
N LEU A 1639 50.45 16.32 -95.36
CA LEU A 1639 49.20 15.68 -94.95
C LEU A 1639 48.25 15.73 -96.13
N HIS A 1640 47.84 14.56 -96.59
CA HIS A 1640 47.04 14.41 -97.80
C HIS A 1640 45.61 14.10 -97.43
N ILE A 1641 44.67 14.91 -97.92
CA ILE A 1641 43.25 14.65 -97.76
C ILE A 1641 42.80 13.82 -98.97
N PRO A 1642 42.43 12.56 -98.77
CA PRO A 1642 42.25 11.67 -99.93
C PRO A 1642 41.11 12.06 -100.85
N GLU A 1643 39.94 12.41 -100.30
CA GLU A 1643 38.79 12.66 -101.17
C GLU A 1643 38.95 13.95 -101.95
N GLU A 1644 39.66 14.93 -101.41
CA GLU A 1644 39.87 16.19 -102.11
C GLU A 1644 41.11 16.18 -102.99
N ASN A 1645 41.96 15.16 -102.87
CA ASN A 1645 43.16 15.04 -103.69
C ASN A 1645 44.04 16.28 -103.59
N ARG A 1646 44.18 16.79 -102.37
CA ARG A 1646 45.08 17.91 -102.10
C ARG A 1646 45.83 17.62 -100.82
N CYS A 1647 47.02 18.21 -100.70
CA CYS A 1647 47.84 18.02 -99.52
C CYS A 1647 48.20 19.36 -98.93
N MET A 1648 48.45 19.36 -97.63
CA MET A 1648 48.94 20.53 -96.93
C MET A 1648 50.10 20.12 -96.06
N ASP A 1649 50.89 21.10 -95.62
CA ASP A 1649 51.95 20.83 -94.68
C ASP A 1649 51.35 20.38 -93.36
N ILE A 1650 51.92 19.31 -92.79
CA ILE A 1650 51.40 18.79 -91.54
C ILE A 1650 51.59 19.80 -90.42
N LEU A 1651 52.49 20.75 -90.60
CA LEU A 1651 52.68 21.80 -89.59
C LEU A 1651 51.55 22.80 -89.58
N GLU A 1652 50.69 22.79 -90.60
CA GLU A 1652 49.50 23.63 -90.55
C GLU A 1652 48.50 23.13 -89.53
N LEU A 1653 48.69 21.93 -88.99
CA LEU A 1653 47.78 21.40 -87.99
C LEU A 1653 47.91 22.12 -86.66
N SER A 1654 48.88 23.01 -86.51
CA SER A 1654 48.96 23.83 -85.31
C SER A 1654 47.80 24.80 -85.22
N GLU A 1655 47.16 25.11 -86.35
CA GLU A 1655 45.98 25.97 -86.36
C GLU A 1655 44.71 25.28 -86.83
N ARG A 1656 44.82 24.09 -87.43
CA ARG A 1656 43.64 23.32 -87.81
C ARG A 1656 43.42 22.26 -86.73
N LEU A 1657 42.75 22.68 -85.65
CA LEU A 1657 42.69 21.86 -84.46
C LEU A 1657 41.81 20.62 -84.65
N ASP A 1658 40.77 20.71 -85.46
CA ASP A 1658 39.95 19.53 -85.71
C ASP A 1658 40.74 18.45 -86.43
N LEU A 1659 41.48 18.82 -87.47
CA LEU A 1659 42.35 17.87 -88.14
C LEU A 1659 43.44 17.36 -87.20
N GLN A 1660 43.97 18.23 -86.34
CA GLN A 1660 44.99 17.79 -85.39
C GLN A 1660 44.45 16.73 -84.44
N ARG A 1661 43.25 16.96 -83.90
CA ARG A 1661 42.66 15.96 -83.01
C ARG A 1661 42.39 14.65 -83.75
N PHE A 1662 41.84 14.73 -84.96
CA PHE A 1662 41.56 13.51 -85.69
C PHE A 1662 42.83 12.74 -86.01
N HIS A 1663 43.91 13.45 -86.36
CA HIS A 1663 45.14 12.76 -86.71
C HIS A 1663 45.84 12.19 -85.46
N SER A 1664 45.76 12.90 -84.34
CA SER A 1664 46.34 12.35 -83.11
C SER A 1664 45.60 11.09 -82.69
N HIS A 1665 44.27 11.09 -82.81
CA HIS A 1665 43.54 9.86 -82.50
C HIS A 1665 43.79 8.79 -83.55
N THR A 1666 44.10 9.18 -84.78
CA THR A 1666 44.53 8.21 -85.79
C THR A 1666 45.82 7.52 -85.36
N LEU A 1667 46.77 8.30 -84.85
CA LEU A 1667 48.01 7.71 -84.35
C LEU A 1667 47.73 6.81 -83.15
N ARG A 1668 46.79 7.21 -82.30
CA ARG A 1668 46.42 6.38 -81.17
C ARG A 1668 45.86 5.04 -81.64
N LEU A 1669 45.05 5.06 -82.69
CA LEU A 1669 44.51 3.82 -83.25
C LEU A 1669 45.63 2.98 -83.88
N TYR A 1670 46.59 3.64 -84.53
CA TYR A 1670 47.74 2.92 -85.05
C TYR A 1670 48.46 2.18 -83.94
N ARG A 1671 48.65 2.84 -82.80
CA ARG A 1671 49.28 2.16 -81.67
C ARG A 1671 48.43 1.04 -81.14
N ALA A 1672 47.11 1.24 -81.10
CA ALA A 1672 46.21 0.23 -80.54
C ALA A 1672 46.19 -1.03 -81.37
N VAL A 1673 46.18 -0.91 -82.70
CA VAL A 1673 46.03 -2.10 -83.53
C VAL A 1673 47.26 -2.99 -83.42
N CYS A 1674 48.44 -2.41 -83.21
CA CYS A 1674 49.67 -3.18 -83.09
C CYS A 1674 50.11 -3.38 -81.65
N ALA A 1675 49.25 -3.06 -80.69
CA ALA A 1675 49.66 -3.13 -79.29
C ALA A 1675 49.77 -4.57 -78.82
N LEU A 1676 50.64 -4.78 -77.84
CA LEU A 1676 50.82 -6.07 -77.17
C LEU A 1676 51.22 -7.16 -78.17
N GLY A 1677 52.31 -6.89 -78.88
CA GLY A 1677 52.95 -7.89 -79.71
C GLY A 1677 52.22 -8.30 -80.96
N ASN A 1678 51.55 -7.37 -81.64
CA ASN A 1678 50.93 -7.68 -82.92
C ASN A 1678 51.91 -7.27 -84.02
N ASN A 1679 52.95 -8.09 -84.17
CA ASN A 1679 54.05 -7.76 -85.06
C ASN A 1679 53.61 -7.76 -86.52
N ARG A 1680 52.65 -8.60 -86.88
CA ARG A 1680 52.15 -8.59 -88.26
C ARG A 1680 51.52 -7.24 -88.59
N VAL A 1681 50.69 -6.72 -87.69
CA VAL A 1681 50.09 -5.42 -87.88
C VAL A 1681 51.15 -4.33 -87.84
N ALA A 1682 52.20 -4.50 -87.03
CA ALA A 1682 53.27 -3.51 -87.04
C ALA A 1682 53.97 -3.45 -88.38
N HIS A 1683 54.24 -4.62 -88.97
CA HIS A 1683 54.80 -4.65 -90.31
C HIS A 1683 53.87 -3.99 -91.31
N ALA A 1684 52.57 -4.23 -91.17
CA ALA A 1684 51.60 -3.56 -92.05
C ALA A 1684 51.67 -2.04 -91.88
N LEU A 1685 51.80 -1.57 -90.64
CA LEU A 1685 51.86 -0.15 -90.37
C LEU A 1685 53.11 0.48 -90.95
N CYS A 1686 54.19 -0.28 -91.06
CA CYS A 1686 55.41 0.28 -91.65
C CYS A 1686 55.19 0.78 -93.07
N SER A 1687 54.14 0.30 -93.76
CA SER A 1687 53.83 0.82 -95.08
C SER A 1687 53.09 2.14 -95.03
N HIS A 1688 52.50 2.49 -93.90
CA HIS A 1688 51.72 3.71 -93.77
C HIS A 1688 52.50 4.86 -93.15
N VAL A 1689 53.18 4.62 -92.04
CA VAL A 1689 54.11 5.58 -91.45
C VAL A 1689 55.49 4.93 -91.54
N ASP A 1690 56.30 5.39 -92.48
CA ASP A 1690 57.55 4.73 -92.75
C ASP A 1690 58.67 5.25 -91.84
N GLN A 1691 59.83 4.62 -91.97
CA GLN A 1691 60.97 4.94 -91.14
C GLN A 1691 61.43 6.38 -91.35
N ALA A 1692 61.47 6.83 -92.60
CA ALA A 1692 61.88 8.20 -92.88
C ALA A 1692 60.92 9.19 -92.23
N GLN A 1693 59.62 8.95 -92.31
CA GLN A 1693 58.66 9.83 -91.68
C GLN A 1693 58.85 9.85 -90.17
N LEU A 1694 59.04 8.69 -89.56
CA LEU A 1694 59.19 8.64 -88.10
C LEU A 1694 60.44 9.40 -87.66
N LEU A 1695 61.56 9.18 -88.36
CA LEU A 1695 62.80 9.84 -87.98
C LEU A 1695 62.71 11.35 -88.22
N HIS A 1696 62.02 11.76 -89.27
CA HIS A 1696 61.80 13.18 -89.50
C HIS A 1696 60.97 13.79 -88.38
N ALA A 1697 59.91 13.09 -87.96
CA ALA A 1697 59.04 13.62 -86.93
C ALA A 1697 59.72 13.68 -85.57
N LEU A 1698 60.68 12.79 -85.32
CA LEU A 1698 61.42 12.90 -84.06
C LEU A 1698 62.19 14.21 -83.97
N GLU A 1699 62.80 14.64 -85.06
CA GLU A 1699 63.62 15.85 -85.05
C GLU A 1699 62.86 17.12 -85.42
N ASP A 1700 61.62 17.01 -85.90
CA ASP A 1700 60.88 18.20 -86.29
C ASP A 1700 60.54 19.03 -85.07
N ALA A 1701 61.00 20.28 -85.03
CA ALA A 1701 60.82 21.14 -83.88
C ALA A 1701 59.51 21.93 -83.92
N HIS A 1702 58.80 21.93 -85.03
CA HIS A 1702 57.58 22.72 -85.16
C HIS A 1702 56.32 21.88 -85.10
N LEU A 1703 56.43 20.59 -84.86
CA LEU A 1703 55.24 19.77 -84.75
C LEU A 1703 54.43 20.17 -83.53
N PRO A 1704 53.10 20.17 -83.63
CA PRO A 1704 52.29 20.35 -82.43
C PRO A 1704 52.56 19.23 -81.44
N GLY A 1705 52.40 19.55 -80.16
CA GLY A 1705 52.76 18.65 -79.10
C GLY A 1705 52.08 17.29 -79.15
N PRO A 1706 50.75 17.28 -79.35
CA PRO A 1706 50.08 15.98 -79.49
C PRO A 1706 50.64 15.14 -80.62
N LEU A 1707 50.94 15.75 -81.77
CA LEU A 1707 51.49 14.99 -82.88
C LEU A 1707 52.89 14.49 -82.57
N ARG A 1708 53.71 15.31 -81.93
CA ARG A 1708 55.05 14.90 -81.57
C ARG A 1708 55.03 13.71 -80.62
N ALA A 1709 54.21 13.78 -79.58
CA ALA A 1709 54.09 12.68 -78.65
C ALA A 1709 53.54 11.43 -79.34
N GLY A 1710 52.55 11.61 -80.21
CA GLY A 1710 51.99 10.46 -80.91
C GLY A 1710 52.98 9.78 -81.81
N TYR A 1711 53.81 10.55 -82.50
CA TYR A 1711 54.79 9.94 -83.38
C TYR A 1711 55.90 9.25 -82.61
N TYR A 1712 56.34 9.83 -81.49
CA TYR A 1712 57.31 9.13 -80.66
C TYR A 1712 56.75 7.81 -80.15
N ASP A 1713 55.51 7.84 -79.64
CA ASP A 1713 54.91 6.62 -79.13
C ASP A 1713 54.63 5.62 -80.24
N LEU A 1714 54.34 6.11 -81.45
CA LEU A 1714 54.12 5.21 -82.58
C LEU A 1714 55.40 4.50 -82.97
N LEU A 1715 56.52 5.23 -82.98
CA LEU A 1715 57.80 4.58 -83.26
C LEU A 1715 58.09 3.53 -82.21
N ILE A 1716 57.88 3.85 -80.93
CA ILE A 1716 58.12 2.88 -79.87
C ILE A 1716 57.23 1.66 -80.05
N SER A 1717 55.95 1.87 -80.34
CA SER A 1717 55.02 0.75 -80.46
C SER A 1717 55.37 -0.14 -81.63
N ILE A 1718 55.70 0.45 -82.77
CA ILE A 1718 55.97 -0.34 -83.97
C ILE A 1718 57.27 -1.11 -83.82
N HIS A 1719 58.32 -0.46 -83.32
CA HIS A 1719 59.66 -1.03 -83.43
C HIS A 1719 60.27 -1.50 -82.12
N LEU A 1720 59.84 -0.97 -80.97
CA LEU A 1720 60.55 -1.24 -79.73
C LEU A 1720 59.71 -1.85 -78.62
N GLU A 1721 58.39 -1.75 -78.68
CA GLU A 1721 57.56 -2.13 -77.54
C GLU A 1721 57.72 -3.61 -77.21
N SER A 1722 57.63 -4.48 -78.22
CA SER A 1722 57.67 -5.91 -77.98
C SER A 1722 59.02 -6.35 -77.41
N ALA A 1723 60.11 -5.90 -78.02
CA ALA A 1723 61.43 -6.26 -77.55
C ALA A 1723 61.69 -5.72 -76.15
N CYS A 1724 61.27 -4.49 -75.88
CA CYS A 1724 61.46 -3.91 -74.56
C CYS A 1724 60.69 -4.69 -73.51
N ARG A 1725 59.45 -5.08 -73.81
CA ARG A 1725 58.67 -5.86 -72.85
C ARG A 1725 59.31 -7.22 -72.60
N SER A 1726 59.75 -7.88 -73.68
CA SER A 1726 60.39 -9.19 -73.51
C SER A 1726 61.65 -9.08 -72.65
N ARG A 1727 62.46 -8.05 -72.88
CA ARG A 1727 63.66 -7.86 -72.09
C ARG A 1727 63.34 -7.55 -70.64
N ARG A 1728 62.37 -6.65 -70.42
CA ARG A 1728 62.02 -6.28 -69.05
C ARG A 1728 61.47 -7.47 -68.29
N SER A 1729 60.83 -8.42 -68.98
CA SER A 1729 60.40 -9.63 -68.31
C SER A 1729 61.59 -10.43 -67.80
N MET A 1730 62.71 -10.40 -68.52
CA MET A 1730 63.89 -11.15 -68.14
C MET A 1730 64.79 -10.40 -67.17
N LEU A 1731 64.63 -9.09 -67.01
CA LEU A 1731 65.56 -8.33 -66.19
C LEU A 1731 65.45 -8.66 -64.70
N SER A 1732 64.43 -9.41 -64.28
CA SER A 1732 64.25 -9.69 -62.87
C SER A 1732 64.96 -10.95 -62.41
N GLU A 1733 65.58 -11.70 -63.32
CA GLU A 1733 66.31 -12.92 -62.97
C GLU A 1733 67.78 -12.76 -63.32
N TYR A 1734 68.64 -13.43 -62.55
CA TYR A 1734 70.08 -13.29 -62.68
C TYR A 1734 70.70 -14.67 -62.81
N ILE A 1735 70.81 -15.16 -64.04
CA ILE A 1735 71.48 -16.42 -64.33
C ILE A 1735 72.90 -16.10 -64.76
N VAL A 1736 73.86 -16.35 -63.87
CA VAL A 1736 75.23 -15.88 -64.04
C VAL A 1736 76.10 -17.07 -64.43
N PRO A 1737 76.63 -17.11 -65.64
CA PRO A 1737 77.57 -18.18 -66.00
C PRO A 1737 78.89 -18.01 -65.27
N LEU A 1738 79.58 -19.13 -65.07
CA LEU A 1738 80.86 -19.13 -64.35
C LEU A 1738 82.01 -19.02 -65.35
N THR A 1739 82.01 -17.93 -66.07
CA THR A 1739 82.99 -17.61 -67.09
C THR A 1739 84.09 -16.71 -66.53
N PRO A 1740 85.25 -16.64 -67.20
CA PRO A 1740 86.29 -15.72 -66.74
C PRO A 1740 85.84 -14.28 -66.67
N GLU A 1741 84.97 -13.84 -67.58
CA GLU A 1741 84.42 -12.49 -67.49
C GLU A 1741 83.65 -12.31 -66.19
N THR A 1742 82.88 -13.31 -65.80
CA THR A 1742 82.23 -13.26 -64.49
C THR A 1742 83.25 -13.20 -63.37
N ARG A 1743 84.33 -13.98 -63.49
CA ARG A 1743 85.34 -14.01 -62.44
CA ARG A 1743 85.34 -14.01 -62.44
C ARG A 1743 85.96 -12.63 -62.24
N ALA A 1744 86.18 -11.90 -63.33
CA ALA A 1744 86.83 -10.59 -63.22
C ALA A 1744 85.99 -9.55 -62.50
N ILE A 1745 84.71 -9.80 -62.26
CA ILE A 1745 83.82 -8.79 -61.71
C ILE A 1745 84.15 -8.57 -60.24
N THR A 1746 84.25 -7.30 -59.84
CA THR A 1746 84.42 -6.90 -58.46
C THR A 1746 83.44 -5.78 -58.15
N LEU A 1747 83.12 -5.65 -56.86
CA LEU A 1747 82.13 -4.66 -56.44
C LEU A 1747 82.59 -3.25 -56.79
N PHE A 1748 83.83 -2.91 -56.45
CA PHE A 1748 84.33 -1.57 -56.71
C PHE A 1748 85.38 -1.61 -57.80
N PRO A 1749 85.51 -0.55 -58.60
CA PRO A 1749 86.56 -0.51 -59.60
C PRO A 1749 87.92 -0.53 -58.92
N PRO A 1750 88.93 -1.08 -59.59
CA PRO A 1750 90.27 -1.12 -58.98
C PRO A 1750 90.80 0.27 -58.72
N GLY A 1751 90.95 0.63 -57.45
CA GLY A 1751 91.37 1.95 -57.05
C GLY A 1751 92.13 1.88 -55.75
N ARG A 1752 92.34 3.05 -55.15
CA ARG A 1752 93.12 3.17 -53.92
C ARG A 1752 92.48 4.13 -52.92
N LYS A 1753 91.16 4.32 -52.99
CA LYS A 1753 90.49 5.17 -52.01
C LYS A 1753 90.54 4.57 -50.62
N GLY A 1754 90.18 3.30 -50.49
CA GLY A 1754 90.21 2.64 -49.20
C GLY A 1754 89.97 1.16 -49.35
N GLY A 1755 90.55 0.39 -48.43
CA GLY A 1755 90.38 -1.07 -48.49
C GLY A 1755 88.95 -1.49 -48.22
N ASN A 1756 88.28 -0.83 -47.27
CA ASN A 1756 86.90 -1.17 -46.98
C ASN A 1756 85.99 -0.81 -48.14
N ALA A 1757 86.29 0.28 -48.85
CA ALA A 1757 85.48 0.70 -49.99
C ALA A 1757 86.25 1.74 -50.79
N ARG A 1758 86.37 1.50 -52.09
CA ARG A 1758 86.87 2.51 -53.00
C ARG A 1758 85.72 3.44 -53.37
N ARG A 1759 85.85 4.20 -54.46
CA ARG A 1759 84.74 5.00 -54.92
C ARG A 1759 83.77 4.11 -55.69
N HIS A 1760 82.49 4.48 -55.67
CA HIS A 1760 81.52 3.79 -56.50
C HIS A 1760 81.84 3.99 -57.97
N GLY A 1761 81.64 2.95 -58.76
CA GLY A 1761 81.65 3.10 -60.19
C GLY A 1761 80.35 3.71 -60.68
N LEU A 1762 80.37 4.15 -61.93
CA LEU A 1762 79.17 4.72 -62.52
C LEU A 1762 78.14 3.61 -62.73
N PRO A 1763 76.91 3.79 -62.27
CA PRO A 1763 75.88 2.76 -62.49
C PRO A 1763 75.63 2.54 -63.97
N GLY A 1764 75.42 1.28 -64.33
CA GLY A 1764 75.17 0.92 -65.70
C GLY A 1764 76.40 0.85 -66.58
N VAL A 1765 77.58 1.07 -66.02
CA VAL A 1765 78.84 1.03 -66.77
C VAL A 1765 79.69 -0.10 -66.21
N GLY A 1766 80.11 -1.00 -67.07
CA GLY A 1766 80.94 -2.09 -66.67
C GLY A 1766 80.56 -3.35 -67.39
N VAL A 1767 80.89 -4.49 -66.78
CA VAL A 1767 80.68 -5.80 -67.38
C VAL A 1767 79.55 -6.49 -66.64
N THR A 1768 78.52 -6.91 -67.38
CA THR A 1768 77.43 -7.70 -66.85
C THR A 1768 77.38 -9.01 -67.60
N THR A 1769 77.28 -10.12 -66.88
CA THR A 1769 77.30 -11.45 -67.48
C THR A 1769 75.99 -12.19 -67.34
N SER A 1770 74.99 -11.62 -66.67
CA SER A 1770 73.71 -12.30 -66.54
C SER A 1770 73.09 -12.53 -67.91
N LEU A 1771 72.52 -13.71 -68.11
CA LEU A 1771 72.05 -14.10 -69.41
C LEU A 1771 70.76 -13.37 -69.77
N ARG A 1772 70.74 -12.75 -70.93
CA ARG A 1772 69.54 -12.14 -71.49
C ARG A 1772 69.46 -12.49 -72.97
N PRO A 1773 68.38 -13.13 -73.41
CA PRO A 1773 68.27 -13.51 -74.83
C PRO A 1773 68.28 -12.29 -75.72
N PRO A 1774 68.86 -12.38 -76.91
CA PRO A 1774 68.98 -11.21 -77.77
C PRO A 1774 67.66 -10.82 -78.39
N HIS A 1775 67.62 -9.60 -78.91
CA HIS A 1775 66.46 -9.13 -79.65
C HIS A 1775 66.45 -9.71 -81.05
N HIS A 1776 65.24 -9.91 -81.58
CA HIS A 1776 65.05 -10.42 -82.93
C HIS A 1776 64.14 -9.49 -83.70
N PHE A 1777 64.60 -9.05 -84.88
CA PHE A 1777 63.83 -8.16 -85.73
C PHE A 1777 63.88 -8.68 -87.16
N SER A 1778 62.88 -8.28 -87.95
CA SER A 1778 62.85 -8.63 -89.35
C SER A 1778 62.74 -7.36 -90.19
N PRO A 1779 63.36 -7.32 -91.36
CA PRO A 1779 63.29 -6.13 -92.19
C PRO A 1779 61.90 -5.98 -92.79
N PRO A 1780 61.32 -4.79 -92.73
CA PRO A 1780 60.01 -4.59 -93.35
C PRO A 1780 60.10 -4.53 -94.87
N CYS A 1781 59.55 -5.55 -95.53
CA CYS A 1781 59.57 -5.63 -96.98
C CYS A 1781 58.20 -6.06 -97.48
N PHE A 1782 57.74 -5.42 -98.55
CA PHE A 1782 56.40 -5.67 -99.07
C PHE A 1782 56.43 -6.14 -100.53
N VAL A 1783 57.58 -6.61 -101.00
CA VAL A 1783 57.68 -7.30 -102.28
C VAL A 1783 58.03 -8.77 -102.12
N ALA A 1784 58.22 -9.24 -100.90
CA ALA A 1784 58.54 -10.64 -100.67
C ALA A 1784 57.36 -11.52 -101.02
N ALA A 1785 57.66 -12.70 -101.54
CA ALA A 1785 56.62 -13.65 -101.92
C ALA A 1785 55.83 -14.05 -100.68
N LEU A 1786 54.51 -14.06 -100.81
CA LEU A 1786 53.65 -14.40 -99.69
C LEU A 1786 53.88 -15.86 -99.30
N PRO A 1787 54.00 -16.17 -98.01
CA PRO A 1787 54.32 -17.55 -97.62
C PRO A 1787 53.24 -18.53 -98.09
N ALA A 1788 53.69 -19.68 -98.56
CA ALA A 1788 52.77 -20.75 -98.88
C ALA A 1788 52.17 -21.41 -97.65
N ALA A 1789 52.79 -21.19 -96.48
CA ALA A 1789 52.25 -21.73 -95.24
C ALA A 1789 50.93 -21.04 -94.90
N GLY A 1790 50.00 -21.82 -94.37
CA GLY A 1790 48.69 -21.30 -94.02
C GLY A 1790 48.72 -20.48 -92.74
N VAL A 1791 47.59 -19.83 -92.48
CA VAL A 1791 47.47 -19.03 -91.26
C VAL A 1791 47.48 -19.97 -90.05
N ALA A 1792 47.94 -19.44 -88.92
CA ALA A 1792 48.09 -20.14 -87.64
C ALA A 1792 49.13 -21.25 -87.69
N GLU A 1793 49.84 -21.42 -88.81
CA GLU A 1793 50.89 -22.41 -88.93
C GLU A 1793 52.26 -21.80 -89.24
N ALA A 1794 52.29 -20.65 -89.90
CA ALA A 1794 53.55 -19.97 -90.15
C ALA A 1794 54.15 -19.47 -88.84
N PRO A 1795 55.47 -19.40 -88.75
CA PRO A 1795 56.10 -18.91 -87.52
C PRO A 1795 55.72 -17.47 -87.24
N ALA A 1796 55.67 -17.12 -85.96
CA ALA A 1796 55.23 -15.79 -85.55
C ALA A 1796 56.17 -14.72 -86.12
N ARG A 1797 55.58 -13.60 -86.52
CA ARG A 1797 56.34 -12.51 -87.09
C ARG A 1797 57.15 -11.81 -86.01
N LEU A 1798 58.30 -11.26 -86.41
CA LEU A 1798 59.14 -10.47 -85.52
C LEU A 1798 58.86 -8.99 -85.71
N SER A 1799 59.31 -8.19 -84.75
CA SER A 1799 59.10 -6.76 -84.83
C SER A 1799 59.90 -6.18 -86.00
N PRO A 1800 59.36 -5.18 -86.68
CA PRO A 1800 60.08 -4.56 -87.79
C PRO A 1800 61.38 -3.93 -87.32
N ALA A 1801 62.41 -4.04 -88.16
CA ALA A 1801 63.74 -3.57 -87.81
C ALA A 1801 63.86 -2.07 -88.10
N ILE A 1802 64.61 -1.38 -87.26
CA ILE A 1802 64.96 0.02 -87.48
C ILE A 1802 66.39 0.18 -86.97
N PRO A 1803 67.26 0.93 -87.66
CA PRO A 1803 68.66 1.00 -87.24
C PRO A 1803 68.84 1.54 -85.82
N LEU A 1804 69.29 0.67 -84.93
CA LEU A 1804 69.33 1.02 -83.50
C LEU A 1804 70.48 1.95 -83.18
N GLU A 1805 71.62 1.81 -83.87
CA GLU A 1805 72.74 2.70 -83.60
C GLU A 1805 72.41 4.13 -84.01
N ALA A 1806 71.86 4.32 -85.20
CA ALA A 1806 71.44 5.65 -85.62
C ALA A 1806 70.34 6.17 -84.72
N LEU A 1807 69.40 5.31 -84.34
CA LEU A 1807 68.32 5.73 -83.47
C LEU A 1807 68.85 6.21 -82.12
N ARG A 1808 69.80 5.48 -81.52
CA ARG A 1808 70.33 5.87 -80.23
C ARG A 1808 71.16 7.14 -80.32
N ASP A 1809 71.93 7.31 -81.40
CA ASP A 1809 72.68 8.55 -81.57
C ASP A 1809 71.73 9.74 -81.70
N LYS A 1810 70.66 9.58 -82.47
CA LYS A 1810 69.69 10.65 -82.61
C LYS A 1810 69.02 10.95 -81.27
N ALA A 1811 68.68 9.91 -80.51
CA ALA A 1811 68.05 10.12 -79.21
C ALA A 1811 68.97 10.87 -78.25
N LEU A 1812 70.25 10.48 -78.21
CA LEU A 1812 71.21 11.18 -77.35
C LEU A 1812 71.35 12.64 -77.76
N ARG A 1813 71.51 12.89 -79.06
CA ARG A 1813 71.67 14.26 -79.52
C ARG A 1813 70.45 15.10 -79.20
N MET A 1814 69.26 14.54 -79.43
CA MET A 1814 68.03 15.28 -79.14
C MET A 1814 67.88 15.55 -77.66
N LEU A 1815 68.24 14.59 -76.81
CA LEU A 1815 68.17 14.82 -75.37
C LEU A 1815 69.12 15.93 -74.95
N GLY A 1816 70.34 15.93 -75.49
CA GLY A 1816 71.27 17.00 -75.16
C GLY A 1816 70.76 18.36 -75.61
N GLU A 1817 70.21 18.42 -76.82
CA GLU A 1817 69.66 19.69 -77.31
C GLU A 1817 68.49 20.14 -76.46
N ALA A 1818 67.64 19.19 -76.03
CA ALA A 1818 66.50 19.55 -75.19
C ALA A 1818 66.97 20.08 -73.85
N VAL A 1819 68.00 19.47 -73.26
CA VAL A 1819 68.52 19.95 -72.00
C VAL A 1819 69.10 21.35 -72.15
N ARG A 1820 69.85 21.58 -73.23
CA ARG A 1820 70.40 22.91 -73.45
C ARG A 1820 69.30 23.95 -73.64
N ASP A 1821 68.26 23.59 -74.41
CA ASP A 1821 67.14 24.51 -74.63
C ASP A 1821 66.42 24.82 -73.32
N GLY A 1822 66.20 23.81 -72.49
CA GLY A 1822 65.58 24.04 -71.20
C GLY A 1822 66.42 24.92 -70.31
N GLY A 1823 67.74 24.77 -70.37
CA GLY A 1823 68.61 25.69 -69.66
C GLY A 1823 68.49 27.11 -70.16
N GLN A 1824 68.33 27.28 -71.48
CA GLN A 1824 68.19 28.63 -72.02
C GLN A 1824 66.90 29.34 -71.61
N HIS A 1825 65.88 28.59 -71.18
CA HIS A 1825 64.58 29.16 -70.80
C HIS A 1825 63.94 29.89 -71.96
N ALA A 1826 63.80 29.22 -73.08
CA ALA A 1826 63.16 29.81 -74.25
C ALA A 1826 61.66 29.92 -74.05
N ARG A 1827 61.04 30.88 -74.74
CA ARG A 1827 59.60 31.06 -74.63
C ARG A 1827 58.83 30.22 -75.62
N ASP A 1828 59.50 29.46 -76.48
CA ASP A 1828 58.85 28.59 -77.47
C ASP A 1828 59.47 27.20 -77.37
N PRO A 1829 59.15 26.45 -76.33
CA PRO A 1829 59.67 25.10 -76.22
C PRO A 1829 59.11 24.19 -77.30
N VAL A 1830 59.91 23.20 -77.68
CA VAL A 1830 59.50 22.27 -78.72
C VAL A 1830 58.24 21.53 -78.27
N GLY A 1831 57.24 21.50 -79.13
CA GLY A 1831 55.96 20.92 -78.78
C GLY A 1831 55.03 21.86 -78.05
N GLY A 1832 55.46 23.08 -77.76
CA GLY A 1832 54.62 24.05 -77.10
C GLY A 1832 54.70 24.05 -75.59
N SER A 1833 55.42 23.11 -75.00
CA SER A 1833 55.53 23.05 -73.55
C SER A 1833 56.77 22.24 -73.18
N VAL A 1834 57.22 22.44 -71.94
CA VAL A 1834 58.36 21.67 -71.43
C VAL A 1834 58.02 20.19 -71.38
N GLU A 1835 56.78 19.88 -71.01
CA GLU A 1835 56.34 18.50 -70.99
C GLU A 1835 56.45 17.87 -72.38
N PHE A 1836 55.90 18.53 -73.39
CA PHE A 1836 55.97 18.00 -74.74
C PHE A 1836 57.37 18.01 -75.31
N GLN A 1837 58.26 18.85 -74.80
CA GLN A 1837 59.64 18.82 -75.23
C GLN A 1837 60.42 17.66 -74.63
N PHE A 1838 60.19 17.34 -73.37
CA PHE A 1838 61.03 16.37 -72.67
C PHE A 1838 60.46 14.97 -72.59
N VAL A 1839 59.15 14.82 -72.36
CA VAL A 1839 58.60 13.49 -72.09
C VAL A 1839 58.84 12.52 -73.24
N PRO A 1840 58.59 12.86 -74.51
CA PRO A 1840 58.85 11.88 -75.58
C PRO A 1840 60.30 11.44 -75.66
N VAL A 1841 61.24 12.38 -75.55
CA VAL A 1841 62.65 12.03 -75.64
C VAL A 1841 63.05 11.13 -74.48
N LEU A 1842 62.57 11.44 -73.28
CA LEU A 1842 62.87 10.60 -72.12
C LEU A 1842 62.28 9.22 -72.25
N LYS A 1843 61.05 9.11 -72.79
CA LYS A 1843 60.49 7.79 -73.04
C LYS A 1843 61.35 6.98 -74.00
N LEU A 1844 61.81 7.62 -75.08
CA LEU A 1844 62.65 6.91 -76.04
C LEU A 1844 63.96 6.46 -75.40
N VAL A 1845 64.57 7.34 -74.61
CA VAL A 1845 65.84 7.00 -73.98
C VAL A 1845 65.65 5.87 -72.97
N SER A 1846 64.57 5.91 -72.20
CA SER A 1846 64.30 4.83 -71.25
C SER A 1846 64.10 3.51 -71.96
N THR A 1847 63.35 3.52 -73.06
CA THR A 1847 63.14 2.28 -73.80
C THR A 1847 64.45 1.71 -74.31
N LEU A 1848 65.28 2.56 -74.91
CA LEU A 1848 66.55 2.07 -75.42
C LEU A 1848 67.47 1.59 -74.31
N LEU A 1849 67.50 2.29 -73.18
CA LEU A 1849 68.30 1.85 -72.04
C LEU A 1849 67.86 0.48 -71.55
N VAL A 1850 66.55 0.27 -71.41
CA VAL A 1850 66.07 -1.03 -70.95
C VAL A 1850 66.41 -2.11 -71.96
N MET A 1851 66.22 -1.84 -73.25
CA MET A 1851 66.61 -2.79 -74.28
C MET A 1851 68.12 -3.03 -74.31
N GLY A 1852 68.91 -2.16 -73.69
CA GLY A 1852 70.34 -2.36 -73.66
C GLY A 1852 71.07 -1.91 -74.90
N ILE A 1853 70.51 -0.96 -75.64
CA ILE A 1853 71.15 -0.47 -76.85
C ILE A 1853 72.38 0.36 -76.52
N PHE A 1854 72.30 1.20 -75.49
CA PHE A 1854 73.36 2.15 -75.20
C PHE A 1854 74.61 1.44 -74.70
N GLY A 1855 75.76 1.92 -75.14
CA GLY A 1855 77.04 1.46 -74.64
C GLY A 1855 77.49 2.25 -73.43
N ASP A 1856 78.73 1.98 -73.01
CA ASP A 1856 79.25 2.61 -71.81
C ASP A 1856 79.39 4.12 -71.99
N GLU A 1857 79.90 4.57 -73.14
CA GLU A 1857 80.04 6.00 -73.37
C GLU A 1857 78.69 6.69 -73.41
N ASP A 1858 77.71 6.05 -74.04
CA ASP A 1858 76.37 6.62 -74.08
C ASP A 1858 75.77 6.72 -72.69
N VAL A 1859 76.00 5.69 -71.86
CA VAL A 1859 75.50 5.73 -70.49
C VAL A 1859 76.18 6.87 -69.73
N LYS A 1860 77.48 7.05 -69.93
CA LYS A 1860 78.18 8.15 -69.28
C LYS A 1860 77.61 9.49 -69.69
N GLN A 1861 77.31 9.65 -70.98
CA GLN A 1861 76.71 10.90 -71.44
C GLN A 1861 75.34 11.12 -70.81
N ILE A 1862 74.51 10.08 -70.74
CA ILE A 1862 73.20 10.22 -70.13
C ILE A 1862 73.33 10.62 -68.67
N LEU A 1863 74.30 10.03 -67.97
CA LEU A 1863 74.53 10.39 -66.58
C LEU A 1863 74.97 11.83 -66.45
N LYS A 1864 75.81 12.31 -67.37
CA LYS A 1864 76.20 13.72 -67.36
C LYS A 1864 74.98 14.62 -67.56
N MET A 1865 74.09 14.26 -68.48
CA MET A 1865 72.87 15.05 -68.67
C MET A 1865 72.02 15.05 -67.41
N ILE A 1866 71.89 13.91 -66.73
CA ILE A 1866 71.07 13.84 -65.53
C ILE A 1866 71.68 14.71 -64.43
N GLU A 1867 72.96 14.54 -64.17
CA GLU A 1867 73.63 15.32 -63.13
C GLU A 1867 75.11 15.46 -63.45
N PRO A 1868 75.53 16.58 -64.03
CA PRO A 1868 76.91 16.70 -64.50
C PRO A 1868 77.94 16.76 -63.39
N GLU A 1869 77.55 16.98 -62.14
CA GLU A 1869 78.52 17.08 -61.07
C GLU A 1869 78.72 15.76 -60.33
N VAL A 1870 77.65 15.01 -60.09
CA VAL A 1870 77.77 13.75 -59.37
C VAL A 1870 78.49 12.71 -60.21
N PHE A 1871 78.20 12.67 -61.51
CA PHE A 1871 78.56 11.55 -62.36
C PHE A 1871 79.76 11.83 -63.24
N THR A 1872 80.78 12.50 -62.71
CA THR A 1872 82.05 12.66 -63.41
C THR A 1872 83.02 11.59 -62.93
N GLU A 1873 83.63 10.87 -63.87
CA GLU A 1873 84.57 9.82 -63.53
C GLU A 1873 85.99 10.36 -63.49
N GLU A 1874 86.84 9.70 -62.72
CA GLU A 1874 88.23 10.12 -62.58
C GLU A 1874 89.11 8.95 -62.15
N LEU A 1922 75.80 27.21 -69.68
CA LEU A 1922 74.92 26.64 -68.65
C LEU A 1922 74.72 25.15 -68.88
N GLU A 1923 75.56 24.34 -68.25
CA GLU A 1923 75.53 22.89 -68.39
C GLU A 1923 74.67 22.24 -67.30
N GLU A 1924 73.72 23.01 -66.80
CA GLU A 1924 72.82 22.57 -65.74
C GLU A 1924 72.12 21.26 -66.11
N GLY A 1925 72.11 20.32 -65.17
CA GLY A 1925 71.55 19.01 -65.43
C GLY A 1925 70.04 18.98 -65.27
N LEU A 1926 69.49 17.81 -65.61
CA LEU A 1926 68.03 17.64 -65.59
C LEU A 1926 67.46 17.73 -64.18
N LEU A 1927 68.13 17.15 -63.18
CA LEU A 1927 67.53 17.04 -61.85
C LEU A 1927 67.31 18.38 -61.18
N GLN A 1928 67.93 19.44 -61.68
CA GLN A 1928 67.78 20.77 -61.10
C GLN A 1928 67.18 21.77 -62.08
N MET A 1929 66.28 21.31 -62.95
CA MET A 1929 65.73 22.15 -64.01
C MET A 1929 64.30 22.60 -63.74
N LYS A 1930 63.71 22.23 -62.60
CA LYS A 1930 62.34 22.62 -62.26
C LYS A 1930 61.38 22.12 -63.36
N LEU A 1931 61.22 20.82 -63.38
CA LEU A 1931 60.43 20.19 -64.43
C LEU A 1931 59.04 19.85 -63.91
N PRO A 1932 58.07 19.72 -64.81
CA PRO A 1932 56.73 19.28 -64.38
C PRO A 1932 56.69 17.81 -63.99
N GLU A 1933 55.50 17.36 -63.53
CA GLU A 1933 55.40 16.07 -62.89
C GLU A 1933 55.55 14.91 -63.87
N SER A 1934 55.09 15.06 -65.10
CA SER A 1934 55.29 13.99 -66.07
C SER A 1934 56.77 13.78 -66.37
N VAL A 1935 57.52 14.88 -66.50
CA VAL A 1935 58.95 14.76 -66.69
C VAL A 1935 59.61 14.16 -65.45
N LYS A 1936 59.10 14.51 -64.27
CA LYS A 1936 59.61 13.89 -63.05
C LYS A 1936 59.40 12.39 -63.05
N LEU A 1937 58.23 11.95 -63.52
CA LEU A 1937 57.95 10.51 -63.60
C LEU A 1937 58.91 9.82 -64.56
N GLN A 1938 59.20 10.45 -65.70
CA GLN A 1938 60.17 9.86 -66.62
C GLN A 1938 61.56 9.79 -66.00
N MET A 1939 61.97 10.83 -65.26
CA MET A 1939 63.26 10.78 -64.59
C MET A 1939 63.28 9.69 -63.54
N CYS A 1940 62.16 9.45 -62.88
CA CYS A 1940 62.07 8.33 -61.95
C CYS A 1940 62.26 7.01 -62.67
N ASN A 1941 61.73 6.88 -63.88
CA ASN A 1941 61.96 5.67 -64.66
C ASN A 1941 63.45 5.48 -64.95
N LEU A 1942 64.13 6.54 -65.35
CA LEU A 1942 65.57 6.44 -65.62
C LEU A 1942 66.33 6.02 -64.37
N LEU A 1943 66.04 6.67 -63.25
CA LEU A 1943 66.75 6.37 -62.01
C LEU A 1943 66.44 4.97 -61.53
N GLU A 1944 65.22 4.49 -61.77
CA GLU A 1944 64.89 3.10 -61.47
C GLU A 1944 65.75 2.15 -62.29
N TYR A 1945 65.95 2.47 -63.57
CA TYR A 1945 66.82 1.64 -64.39
C TYR A 1945 68.22 1.58 -63.80
N PHE A 1946 68.76 2.73 -63.42
CA PHE A 1946 70.13 2.73 -62.91
C PHE A 1946 70.24 2.03 -61.56
N CYS A 1947 69.22 2.14 -60.72
CA CYS A 1947 69.21 1.39 -59.46
C CYS A 1947 69.16 -0.11 -59.71
N ASP A 1948 68.37 -0.53 -60.70
CA ASP A 1948 68.34 -1.94 -61.09
C ASP A 1948 69.71 -2.40 -61.55
N GLN A 1949 70.41 -1.56 -62.29
CA GLN A 1949 71.75 -1.91 -62.74
C GLN A 1949 72.69 -2.07 -61.55
N GLU A 1950 72.58 -1.18 -60.55
CA GLU A 1950 73.39 -1.33 -59.34
C GLU A 1950 73.10 -2.65 -58.64
N LEU A 1951 71.81 -3.00 -58.51
CA LEU A 1951 71.45 -4.27 -57.87
C LEU A 1951 72.00 -5.46 -58.63
N GLN A 1952 71.90 -5.43 -59.96
CA GLN A 1952 72.44 -6.51 -60.77
C GLN A 1952 73.94 -6.62 -60.61
N HIS A 1953 74.62 -5.47 -60.54
CA HIS A 1953 76.06 -5.50 -60.32
C HIS A 1953 76.40 -6.14 -58.98
N ARG A 1954 75.63 -5.84 -57.94
CA ARG A 1954 75.87 -6.48 -56.66
C ARG A 1954 75.67 -7.99 -56.74
N VAL A 1955 74.61 -8.43 -57.41
CA VAL A 1955 74.37 -9.87 -57.52
C VAL A 1955 75.50 -10.55 -58.27
N GLU A 1956 75.93 -9.96 -59.38
CA GLU A 1956 77.01 -10.56 -60.17
C GLU A 1956 78.33 -10.56 -59.40
N SER A 1957 78.61 -9.51 -58.63
CA SER A 1957 79.82 -9.47 -57.83
C SER A 1957 79.79 -10.55 -56.77
N LEU A 1958 78.64 -10.76 -56.14
CA LEU A 1958 78.51 -11.82 -55.16
C LEU A 1958 78.72 -13.18 -55.80
N ALA A 1959 78.19 -13.38 -57.01
CA ALA A 1959 78.39 -14.64 -57.71
C ALA A 1959 79.87 -14.87 -58.03
N ALA A 1960 80.56 -13.83 -58.49
CA ALA A 1960 81.98 -13.97 -58.79
C ALA A 1960 82.79 -14.31 -57.56
N PHE A 1961 82.52 -13.61 -56.45
CA PHE A 1961 83.21 -13.95 -55.22
C PHE A 1961 82.90 -15.37 -54.79
N ALA A 1962 81.66 -15.81 -55.00
CA ALA A 1962 81.31 -17.19 -54.69
C ALA A 1962 82.16 -18.15 -55.52
N GLU A 1963 82.36 -17.83 -56.80
CA GLU A 1963 83.15 -18.69 -57.66
C GLU A 1963 84.58 -18.80 -57.15
N ARG A 1964 85.18 -17.68 -56.74
CA ARG A 1964 86.57 -17.74 -56.26
C ARG A 1964 86.67 -18.42 -54.90
N TYR A 1965 85.78 -18.06 -53.97
CA TYR A 1965 85.82 -18.60 -52.63
C TYR A 1965 85.50 -20.09 -52.60
N VAL A 1966 84.66 -20.56 -53.51
CA VAL A 1966 84.36 -22.00 -53.56
C VAL A 1966 85.60 -22.78 -53.95
N ASP A 1967 86.36 -22.27 -54.92
CA ASP A 1967 87.61 -22.93 -55.28
C ASP A 1967 88.56 -22.98 -54.10
N LYS A 1968 88.71 -21.86 -53.40
CA LYS A 1968 89.60 -21.88 -52.24
C LYS A 1968 89.11 -22.86 -51.18
N LEU A 1969 87.81 -22.87 -50.90
CA LEU A 1969 87.27 -23.77 -49.88
C LEU A 1969 87.44 -25.23 -50.27
N GLN A 1970 87.20 -25.56 -51.54
CA GLN A 1970 87.34 -26.95 -51.98
C GLN A 1970 88.79 -27.41 -51.87
N ALA A 1971 89.73 -26.56 -52.29
CA ALA A 1971 91.14 -26.93 -52.15
C ALA A 1971 91.51 -27.14 -50.69
N ASN A 1972 91.06 -26.23 -49.82
CA ASN A 1972 91.39 -26.37 -48.40
C ASN A 1972 90.77 -27.63 -47.80
N GLN A 1973 89.52 -27.93 -48.17
CA GLN A 1973 88.86 -29.10 -47.63
C GLN A 1973 89.54 -30.38 -48.10
N ARG A 1974 89.96 -30.42 -49.37
CA ARG A 1974 90.69 -31.58 -49.86
C ARG A 1974 91.99 -31.76 -49.12
N SER A 1975 92.74 -30.68 -48.90
CA SER A 1975 93.99 -30.79 -48.15
C SER A 1975 93.74 -31.25 -46.72
N ARG A 1976 92.70 -30.71 -46.08
CA ARG A 1976 92.40 -31.09 -44.71
C ARG A 1976 92.00 -32.56 -44.61
N TYR A 1977 91.22 -33.05 -45.57
CA TYR A 1977 90.89 -34.47 -45.61
C TYR A 1977 92.13 -35.33 -45.80
N ALA A 1978 93.02 -34.91 -46.70
CA ALA A 1978 94.25 -35.66 -46.94
C ALA A 1978 95.08 -35.74 -45.67
N LEU A 1979 95.17 -34.65 -44.92
CA LEU A 1979 95.88 -34.69 -43.65
C LEU A 1979 95.15 -35.51 -42.61
N LEU A 1980 93.81 -35.47 -42.61
CA LEU A 1980 93.03 -36.18 -41.60
C LEU A 1980 93.11 -37.68 -41.79
N MET A 1981 93.34 -38.16 -43.01
CA MET A 1981 93.51 -39.60 -43.19
C MET A 1981 94.72 -40.17 -42.46
N ARG A 1982 95.57 -39.34 -41.88
CA ARG A 1982 96.66 -39.79 -41.04
C ARG A 1982 96.45 -39.47 -39.56
N ALA A 1983 95.20 -39.17 -39.16
CA ALA A 1983 94.95 -38.69 -37.81
C ALA A 1983 95.03 -39.79 -36.76
N PHE A 1984 94.80 -41.05 -37.14
CA PHE A 1984 94.74 -42.12 -36.15
C PHE A 1984 96.06 -42.28 -35.40
N THR A 1985 97.16 -41.81 -35.98
CA THR A 1985 98.47 -41.94 -35.34
C THR A 1985 98.77 -40.82 -34.35
N MET A 1986 97.96 -39.74 -34.31
CA MET A 1986 98.02 -38.81 -33.18
C MET A 1986 96.64 -38.41 -32.67
N SER A 1987 95.66 -39.30 -32.69
CA SER A 1987 94.31 -38.98 -32.20
C SER A 1987 93.61 -40.26 -31.81
N ALA A 1988 92.31 -40.16 -31.58
CA ALA A 1988 91.53 -41.21 -30.94
C ALA A 1988 90.12 -41.19 -31.53
N ALA A 1989 89.16 -41.80 -30.81
CA ALA A 1989 87.80 -41.93 -31.33
C ALA A 1989 87.14 -40.58 -31.56
N GLU A 1990 87.70 -39.51 -30.99
CA GLU A 1990 87.22 -38.15 -31.23
C GLU A 1990 87.32 -37.75 -32.71
N THR A 1991 88.12 -38.48 -33.48
CA THR A 1991 88.22 -38.23 -34.92
C THR A 1991 86.86 -38.15 -35.59
N ALA A 1992 85.84 -38.78 -35.00
CA ALA A 1992 84.49 -38.66 -35.55
C ALA A 1992 84.05 -37.21 -35.58
N ARG A 1993 84.43 -36.41 -34.59
CA ARG A 1993 84.10 -35.00 -34.59
C ARG A 1993 84.77 -34.26 -35.74
N ARG A 1994 86.04 -34.54 -35.99
CA ARG A 1994 86.75 -33.88 -37.09
C ARG A 1994 86.17 -34.31 -38.44
N THR A 1995 85.87 -35.59 -38.60
CA THR A 1995 85.30 -36.09 -39.83
C THR A 1995 83.77 -36.02 -39.84
N ARG A 1996 83.17 -35.45 -38.80
CA ARG A 1996 81.74 -35.14 -38.84
C ARG A 1996 81.40 -34.26 -40.03
N GLU A 1997 82.30 -33.36 -40.42
CA GLU A 1997 82.08 -32.54 -41.60
C GLU A 1997 81.84 -33.39 -42.84
N PHE A 1998 82.73 -34.36 -43.08
CA PHE A 1998 82.58 -35.25 -44.22
C PHE A 1998 81.43 -36.24 -44.06
N ARG A 1999 80.88 -36.36 -42.85
CA ARG A 1999 79.73 -37.21 -42.61
C ARG A 1999 78.44 -36.39 -42.59
N SER A 2000 78.41 -35.33 -43.39
CA SER A 2000 77.26 -34.44 -43.46
C SER A 2000 77.00 -34.04 -44.91
N PRO A 2001 75.76 -33.71 -45.24
CA PRO A 2001 75.46 -33.31 -46.62
C PRO A 2001 76.21 -32.05 -46.98
N PRO A 2002 76.53 -31.86 -48.27
CA PRO A 2002 77.37 -30.72 -48.66
C PRO A 2002 76.81 -29.37 -48.25
N GLN A 2003 75.49 -29.21 -48.25
CA GLN A 2003 74.90 -27.97 -47.77
C GLN A 2003 75.27 -27.73 -46.31
N GLU A 2004 75.16 -28.76 -45.47
CA GLU A 2004 75.56 -28.61 -44.08
C GLU A 2004 77.04 -28.37 -43.94
N GLN A 2005 77.86 -29.01 -44.79
CA GLN A 2005 79.29 -28.76 -44.75
C GLN A 2005 79.60 -27.30 -45.00
N ILE A 2006 79.02 -26.72 -46.04
CA ILE A 2006 79.28 -25.32 -46.35
C ILE A 2006 78.67 -24.39 -45.30
N ASN A 2007 77.52 -24.76 -44.74
CA ASN A 2007 76.94 -23.97 -43.65
C ASN A 2007 77.87 -23.91 -42.46
N MET A 2008 78.45 -25.05 -42.08
CA MET A 2008 79.34 -25.07 -40.92
C MET A 2008 80.69 -24.44 -41.25
N LEU A 2009 81.08 -24.45 -42.52
CA LEU A 2009 82.29 -23.76 -42.92
C LEU A 2009 82.13 -22.24 -42.86
N LEU A 2010 80.96 -21.73 -43.21
CA LEU A 2010 80.75 -20.29 -43.17
C LEU A 2010 80.28 -19.80 -41.80
N HIS A 2011 80.36 -20.62 -40.77
CA HIS A 2011 79.82 -20.27 -39.44
C HIS A 2011 80.95 -19.72 -38.57
N PHE A 2012 81.46 -18.56 -38.97
CA PHE A 2012 82.51 -17.90 -38.20
C PHE A 2012 82.32 -16.39 -38.17
N LYS A 2013 81.08 -15.92 -38.20
CA LYS A 2013 80.83 -14.48 -38.28
C LYS A 2013 80.85 -13.80 -36.91
N ASP A 2014 80.25 -14.42 -35.91
CA ASP A 2014 79.99 -13.76 -34.63
C ASP A 2014 81.16 -13.81 -33.67
N GLU A 2015 82.28 -14.44 -34.03
CA GLU A 2015 83.50 -14.57 -33.24
C GLU A 2015 83.31 -15.49 -32.03
N ALA A 2016 82.10 -15.95 -31.76
CA ALA A 2016 81.86 -16.97 -30.75
C ALA A 2016 81.81 -18.37 -31.35
N ASP A 2017 81.97 -18.49 -32.67
CA ASP A 2017 81.88 -19.77 -33.37
C ASP A 2017 83.13 -20.02 -34.18
N GLU A 2018 84.28 -19.62 -33.66
CA GLU A 2018 85.56 -19.83 -34.33
C GLU A 2018 86.18 -21.18 -34.02
N GLU A 2019 85.53 -22.00 -33.20
CA GLU A 2019 86.06 -23.30 -32.80
C GLU A 2019 85.57 -24.44 -33.67
N ASP A 2020 84.30 -24.41 -34.07
CA ASP A 2020 83.77 -25.47 -34.93
C ASP A 2020 84.25 -25.33 -36.37
N CYS A 2021 84.47 -24.12 -36.83
CA CYS A 2021 84.90 -23.91 -38.20
C CYS A 2021 86.39 -24.19 -38.33
N PRO A 2022 86.79 -25.15 -39.17
CA PRO A 2022 88.22 -25.45 -39.34
C PRO A 2022 88.94 -24.64 -40.40
N LEU A 2023 88.29 -23.63 -40.97
CA LEU A 2023 88.92 -22.85 -42.01
C LEU A 2023 90.08 -22.04 -41.45
N PRO A 2024 91.17 -21.90 -42.21
CA PRO A 2024 92.26 -21.04 -41.76
C PRO A 2024 91.87 -19.57 -41.77
N GLU A 2025 92.57 -18.81 -40.93
CA GLU A 2025 92.25 -17.40 -40.78
C GLU A 2025 92.45 -16.63 -42.07
N ASP A 2026 93.40 -17.07 -42.91
CA ASP A 2026 93.59 -16.41 -44.19
C ASP A 2026 92.35 -16.54 -45.07
N ILE A 2027 91.73 -17.72 -45.08
CA ILE A 2027 90.51 -17.90 -45.86
C ILE A 2027 89.35 -17.13 -45.22
N ARG A 2028 89.29 -17.12 -43.89
CA ARG A 2028 88.23 -16.37 -43.21
C ARG A 2028 88.30 -14.89 -43.53
N GLN A 2029 89.52 -14.36 -43.64
CA GLN A 2029 89.70 -12.93 -43.85
C GLN A 2029 89.15 -12.49 -45.19
N ASP A 2030 89.25 -13.34 -46.22
CA ASP A 2030 88.72 -12.97 -47.53
C ASP A 2030 87.20 -12.78 -47.47
N LEU A 2031 86.50 -13.71 -46.82
CA LEU A 2031 85.06 -13.56 -46.70
C LEU A 2031 84.70 -12.35 -45.86
N GLN A 2032 85.46 -12.10 -44.79
CA GLN A 2032 85.17 -10.92 -43.97
C GLN A 2032 85.38 -9.63 -44.78
N ASP A 2033 86.44 -9.58 -45.57
CA ASP A 2033 86.68 -8.41 -46.41
C ASP A 2033 85.57 -8.21 -47.43
N PHE A 2034 85.10 -9.30 -48.05
CA PHE A 2034 84.02 -9.15 -49.00
C PHE A 2034 82.74 -8.72 -48.32
N HIS A 2035 82.47 -9.23 -47.13
CA HIS A 2035 81.28 -8.77 -46.43
C HIS A 2035 81.38 -7.29 -46.12
N GLN A 2036 82.56 -6.82 -45.72
CA GLN A 2036 82.73 -5.42 -45.40
C GLN A 2036 82.50 -4.55 -46.63
N ASP A 2037 83.13 -4.87 -47.76
CA ASP A 2037 82.95 -3.98 -48.89
C ASP A 2037 81.60 -4.16 -49.57
N LEU A 2038 80.93 -5.30 -49.38
CA LEU A 2038 79.55 -5.41 -49.81
C LEU A 2038 78.64 -4.49 -48.99
N LEU A 2039 78.82 -4.47 -47.67
CA LEU A 2039 78.04 -3.55 -46.85
C LEU A 2039 78.33 -2.11 -47.24
N ALA A 2040 79.61 -1.79 -47.49
CA ALA A 2040 79.96 -0.43 -47.89
C ALA A 2040 79.31 -0.08 -49.22
N HIS A 2041 79.31 -1.00 -50.18
CA HIS A 2041 78.67 -0.75 -51.46
C HIS A 2041 77.16 -0.55 -51.31
N CYS A 2042 76.52 -1.30 -50.42
CA CYS A 2042 75.12 -1.06 -50.10
C CYS A 2042 74.91 0.21 -49.29
N GLY A 2043 75.98 0.95 -49.01
CA GLY A 2043 75.86 2.19 -48.26
C GLY A 2043 75.44 1.99 -46.82
N ILE A 2044 75.99 1.00 -46.14
CA ILE A 2044 75.66 0.77 -44.74
C ILE A 2044 76.48 1.68 -43.84
N GLN A 2045 77.79 1.51 -43.84
CA GLN A 2045 78.68 2.28 -42.98
C GLN A 2045 80.09 2.18 -43.51
N LEU A 2046 80.94 3.09 -43.04
CA LEU A 2046 82.35 3.12 -43.43
C LEU A 2046 83.23 3.49 -42.25
N GLU A 2088 79.01 18.65 -47.35
CA GLU A 2088 78.65 17.38 -47.97
C GLU A 2088 77.37 17.52 -48.78
N LYS A 2089 77.08 18.75 -49.22
CA LYS A 2089 75.87 18.99 -50.00
C LYS A 2089 75.87 18.23 -51.32
N LYS A 2090 77.03 17.95 -51.88
CA LYS A 2090 77.09 17.10 -53.07
C LYS A 2090 76.73 15.68 -52.69
N PRO A 2091 75.72 15.08 -53.30
CA PRO A 2091 75.34 13.71 -52.93
C PRO A 2091 76.46 12.70 -53.09
N GLN A 2092 77.30 12.86 -54.13
CA GLN A 2092 78.49 12.05 -54.37
C GLN A 2092 78.18 10.60 -54.69
N SER A 2093 76.91 10.19 -54.71
CA SER A 2093 76.57 8.81 -55.01
C SER A 2093 75.13 8.77 -55.49
N LEU A 2094 74.80 7.68 -56.19
CA LEU A 2094 73.46 7.53 -56.73
C LEU A 2094 72.42 7.48 -55.63
N GLN A 2095 72.72 6.78 -54.53
CA GLN A 2095 71.76 6.66 -53.44
C GLN A 2095 71.43 8.01 -52.83
N GLU A 2096 72.46 8.77 -52.46
CA GLU A 2096 72.24 10.08 -51.87
C GLU A 2096 71.56 11.02 -52.86
N LEU A 2097 71.95 10.96 -54.13
CA LEU A 2097 71.31 11.79 -55.14
C LEU A 2097 69.83 11.50 -55.23
N VAL A 2098 69.46 10.23 -55.33
CA VAL A 2098 68.04 9.88 -55.49
C VAL A 2098 67.25 10.24 -54.24
N SER A 2099 67.80 9.94 -53.06
CA SER A 2099 67.07 10.23 -51.83
C SER A 2099 66.84 11.73 -51.66
N HIS A 2100 67.90 12.52 -51.87
CA HIS A 2100 67.76 13.98 -51.75
CA HIS A 2100 67.76 13.97 -51.75
C HIS A 2100 66.79 14.52 -52.79
N MET A 2101 66.87 14.02 -54.02
CA MET A 2101 65.96 14.46 -55.07
C MET A 2101 64.52 14.21 -54.70
N VAL A 2102 64.22 13.00 -54.21
CA VAL A 2102 62.85 12.66 -53.86
C VAL A 2102 62.35 13.52 -52.70
N VAL A 2103 63.18 13.68 -51.67
CA VAL A 2103 62.76 14.48 -50.53
C VAL A 2103 62.51 15.93 -50.94
N ARG A 2104 63.40 16.48 -51.77
CA ARG A 2104 63.24 17.86 -52.21
C ARG A 2104 61.99 18.02 -53.07
N TRP A 2105 61.74 17.07 -53.96
CA TRP A 2105 60.52 17.12 -54.76
C TRP A 2105 59.29 17.09 -53.87
N ALA A 2106 59.29 16.22 -52.86
CA ALA A 2106 58.12 16.08 -52.00
C ALA A 2106 57.89 17.31 -51.14
N GLN A 2107 58.97 17.95 -50.69
CA GLN A 2107 58.81 19.11 -49.82
C GLN A 2107 58.78 20.44 -50.57
N GLU A 2108 58.89 20.41 -51.90
CA GLU A 2108 58.70 21.62 -52.68
C GLU A 2108 57.26 21.83 -53.11
N ASP A 2109 56.47 20.77 -53.23
CA ASP A 2109 55.09 20.92 -53.65
C ASP A 2109 54.30 19.69 -53.22
N TYR A 2110 52.98 19.86 -53.23
CA TYR A 2110 52.05 18.75 -53.00
C TYR A 2110 51.85 18.01 -54.32
N VAL A 2111 52.54 16.88 -54.48
CA VAL A 2111 52.49 16.14 -55.74
C VAL A 2111 51.08 15.63 -55.97
N GLN A 2112 50.54 15.91 -57.15
CA GLN A 2112 49.17 15.54 -57.48
C GLN A 2112 49.05 14.25 -58.25
N SER A 2113 50.17 13.64 -58.65
CA SER A 2113 50.13 12.41 -59.44
C SER A 2113 50.37 11.22 -58.53
N PRO A 2114 49.37 10.37 -58.29
CA PRO A 2114 49.61 9.17 -57.47
C PRO A 2114 50.68 8.26 -58.06
N GLU A 2115 50.74 8.14 -59.38
CA GLU A 2115 51.78 7.32 -60.00
C GLU A 2115 53.16 7.89 -59.70
N LEU A 2116 53.31 9.21 -59.81
CA LEU A 2116 54.59 9.83 -59.48
C LEU A 2116 54.94 9.63 -58.00
N VAL A 2117 53.96 9.77 -57.11
CA VAL A 2117 54.22 9.61 -55.68
C VAL A 2117 54.70 8.20 -55.39
N ARG A 2118 53.99 7.21 -55.95
CA ARG A 2118 54.37 5.82 -55.75
C ARG A 2118 55.77 5.56 -56.28
N ALA A 2119 56.08 6.11 -57.46
CA ALA A 2119 57.42 5.91 -58.03
C ALA A 2119 58.50 6.51 -57.15
N MET A 2120 58.31 7.75 -56.70
CA MET A 2120 59.37 8.38 -55.93
C MET A 2120 59.59 7.66 -54.61
N PHE A 2121 58.50 7.22 -53.97
CA PHE A 2121 58.69 6.57 -52.69
C PHE A 2121 59.24 5.16 -52.82
N SER A 2122 58.88 4.43 -53.88
CA SER A 2122 59.55 3.17 -54.15
C SER A 2122 61.04 3.37 -54.37
N LEU A 2123 61.39 4.40 -55.15
CA LEU A 2123 62.80 4.70 -55.40
C LEU A 2123 63.52 5.03 -54.11
N LEU A 2124 62.91 5.85 -53.26
CA LEU A 2124 63.52 6.22 -51.99
C LEU A 2124 63.74 5.02 -51.09
N HIS A 2125 62.73 4.14 -51.00
CA HIS A 2125 62.86 2.96 -50.18
C HIS A 2125 64.00 2.08 -50.67
N ARG A 2126 64.15 1.95 -51.99
CA ARG A 2126 65.26 1.14 -52.50
C ARG A 2126 66.60 1.72 -52.08
N GLN A 2127 66.74 3.04 -52.10
CA GLN A 2127 68.00 3.65 -51.67
C GLN A 2127 68.26 3.41 -50.20
N TYR A 2128 67.20 3.43 -49.38
CA TYR A 2128 67.44 3.26 -47.95
C TYR A 2128 67.74 1.82 -47.56
N ASP A 2129 67.14 0.85 -48.25
CA ASP A 2129 67.36 -0.57 -47.91
C ASP A 2129 67.97 -1.30 -49.11
N GLY A 2130 69.27 -1.11 -49.29
CA GLY A 2130 69.96 -1.74 -50.40
C GLY A 2130 70.26 -3.18 -50.07
N LEU A 2131 70.66 -3.43 -48.83
CA LEU A 2131 70.90 -4.80 -48.39
C LEU A 2131 69.61 -5.61 -48.43
N GLY A 2132 68.49 -4.99 -48.02
CA GLY A 2132 67.21 -5.68 -48.11
C GLY A 2132 66.80 -5.96 -49.54
N GLU A 2133 67.02 -5.00 -50.44
CA GLU A 2133 66.74 -5.24 -51.85
C GLU A 2133 67.58 -6.41 -52.39
N LEU A 2134 68.87 -6.43 -52.05
CA LEU A 2134 69.73 -7.53 -52.48
C LEU A 2134 69.26 -8.86 -51.91
N LEU A 2135 68.88 -8.88 -50.64
CA LEU A 2135 68.43 -10.11 -50.00
C LEU A 2135 67.17 -10.64 -50.67
N ARG A 2136 66.25 -9.76 -51.01
CA ARG A 2136 65.05 -10.20 -51.73
C ARG A 2136 65.33 -10.58 -53.17
N ALA A 2137 66.42 -10.07 -53.76
CA ALA A 2137 66.76 -10.42 -55.14
C ALA A 2137 67.58 -11.69 -55.26
N LEU A 2138 68.26 -12.12 -54.20
CA LEU A 2138 69.07 -13.33 -54.27
C LEU A 2138 68.30 -14.59 -54.66
N PRO A 2139 67.08 -14.84 -54.19
CA PRO A 2139 66.39 -16.08 -54.59
C PRO A 2139 66.28 -16.29 -56.08
N ARG A 2140 66.32 -15.22 -56.88
CA ARG A 2140 66.25 -15.33 -58.32
C ARG A 2140 67.63 -15.33 -58.98
N ALA A 2141 68.69 -15.55 -58.22
CA ALA A 2141 70.03 -15.66 -58.76
C ALA A 2141 70.42 -17.12 -58.86
N TYR A 2142 71.18 -17.46 -59.90
CA TYR A 2142 71.56 -18.84 -60.14
C TYR A 2142 72.82 -18.89 -60.97
N THR A 2143 73.79 -19.68 -60.54
CA THR A 2143 75.04 -19.86 -61.25
C THR A 2143 75.01 -21.16 -62.04
N ILE A 2144 75.42 -21.08 -63.30
CA ILE A 2144 75.44 -22.24 -64.18
C ILE A 2144 76.83 -22.38 -64.79
N SER A 2145 77.13 -23.59 -65.22
CA SER A 2145 78.38 -23.84 -65.91
C SER A 2145 78.35 -23.16 -67.29
N PRO A 2146 79.50 -22.68 -67.77
CA PRO A 2146 79.51 -22.06 -69.10
C PRO A 2146 79.13 -23.00 -70.22
N SER A 2147 79.15 -24.31 -69.98
CA SER A 2147 78.80 -25.27 -71.01
C SER A 2147 77.30 -25.39 -71.24
N SER A 2148 76.48 -24.78 -70.38
CA SER A 2148 75.02 -24.84 -70.52
C SER A 2148 74.43 -23.50 -70.95
N VAL A 2149 75.27 -22.58 -71.42
CA VAL A 2149 74.78 -21.24 -71.74
C VAL A 2149 73.81 -21.27 -72.92
N GLU A 2150 74.14 -22.02 -73.97
CA GLU A 2150 73.29 -22.02 -75.15
C GLU A 2150 71.94 -22.68 -74.87
N ASP A 2151 71.93 -23.79 -74.13
CA ASP A 2151 70.67 -24.42 -73.77
C ASP A 2151 69.85 -23.51 -72.86
N THR A 2152 70.51 -22.83 -71.93
CA THR A 2152 69.80 -21.90 -71.07
C THR A 2152 69.20 -20.75 -71.87
N MET A 2153 69.93 -20.26 -72.87
CA MET A 2153 69.40 -19.19 -73.71
C MET A 2153 68.19 -19.66 -74.50
N SER A 2154 68.25 -20.88 -75.04
CA SER A 2154 67.08 -21.42 -75.74
C SER A 2154 65.89 -21.54 -74.81
N LEU A 2155 66.12 -22.03 -73.59
CA LEU A 2155 65.05 -22.15 -72.62
C LEU A 2155 64.46 -20.80 -72.27
N LEU A 2156 65.32 -19.79 -72.13
CA LEU A 2156 64.84 -18.44 -71.84
C LEU A 2156 64.04 -17.88 -73.00
N GLU A 2157 64.45 -18.18 -74.24
CA GLU A 2157 63.68 -17.75 -75.40
C GLU A 2157 62.28 -18.37 -75.37
N CYS A 2158 62.20 -19.66 -75.11
CA CYS A 2158 60.89 -20.31 -75.05
C CYS A 2158 60.05 -19.75 -73.90
N LEU A 2159 60.68 -19.51 -72.75
CA LEU A 2159 59.94 -18.95 -71.62
C LEU A 2159 59.42 -17.56 -71.93
N GLY A 2160 60.21 -16.76 -72.64
CA GLY A 2160 59.75 -15.44 -73.04
C GLY A 2160 58.60 -15.51 -74.03
N GLN A 2161 58.67 -16.47 -74.96
CA GLN A 2161 57.53 -16.69 -75.85
C GLN A 2161 56.27 -17.03 -75.05
N ILE A 2162 56.41 -17.87 -74.03
CA ILE A 2162 55.25 -18.21 -73.20
C ILE A 2162 54.73 -16.98 -72.46
N ARG A 2163 55.64 -16.20 -71.88
CA ARG A 2163 55.22 -15.04 -71.08
C ARG A 2163 54.57 -13.98 -71.95
N SER A 2164 54.99 -13.85 -73.21
CA SER A 2164 54.42 -12.84 -74.09
C SER A 2164 52.94 -13.09 -74.37
N LEU A 2165 52.47 -14.32 -74.20
CA LEU A 2165 51.09 -14.66 -74.48
C LEU A 2165 50.19 -14.56 -73.26
N LEU A 2166 50.72 -14.11 -72.13
CA LEU A 2166 49.90 -13.81 -70.97
C LEU A 2166 49.04 -12.58 -71.16
N ILE A 2167 49.29 -11.79 -72.20
CA ILE A 2167 48.64 -10.50 -72.42
C ILE A 2167 47.83 -10.48 -73.71
N VAL A 2168 47.48 -11.63 -74.24
CA VAL A 2168 46.70 -11.72 -75.47
C VAL A 2168 45.70 -12.86 -75.33
N GLN A 2169 44.47 -12.62 -75.78
CA GLN A 2169 43.48 -13.69 -75.80
C GLN A 2169 43.93 -14.79 -76.74
N MET A 2170 43.55 -16.03 -76.42
CA MET A 2170 44.19 -17.18 -77.02
C MET A 2170 43.40 -17.69 -78.23
N GLY A 2171 44.12 -18.03 -79.29
CA GLY A 2171 43.54 -18.60 -80.48
C GLY A 2171 44.35 -19.80 -80.93
N PRO A 2172 44.00 -20.37 -82.09
CA PRO A 2172 44.75 -21.55 -82.57
C PRO A 2172 46.23 -21.29 -82.75
N GLN A 2173 46.61 -20.11 -83.23
CA GLN A 2173 48.03 -19.82 -83.40
C GLN A 2173 48.74 -19.76 -82.05
N GLU A 2174 48.15 -19.07 -81.06
CA GLU A 2174 48.74 -19.02 -79.74
C GLU A 2174 48.83 -20.40 -79.13
N GLU A 2175 47.83 -21.25 -79.37
CA GLU A 2175 47.90 -22.63 -78.92
C GLU A 2175 49.09 -23.35 -79.52
N ASN A 2176 49.33 -23.14 -80.82
CA ASN A 2176 50.47 -23.78 -81.47
C ASN A 2176 51.79 -23.30 -80.88
N LEU A 2177 51.93 -21.98 -80.68
CA LEU A 2177 53.17 -21.48 -80.08
C LEU A 2177 53.38 -22.03 -78.68
N MET A 2178 52.32 -22.06 -77.86
CA MET A 2178 52.47 -22.61 -76.51
C MET A 2178 52.84 -24.09 -76.54
N ILE A 2179 52.21 -24.86 -77.42
CA ILE A 2179 52.51 -26.29 -77.48
C ILE A 2179 53.96 -26.51 -77.88
N GLN A 2180 54.43 -25.80 -78.92
CA GLN A 2180 55.80 -26.03 -79.34
C GLN A 2180 56.80 -25.48 -78.33
N SER A 2181 56.44 -24.40 -77.62
CA SER A 2181 57.32 -23.87 -76.58
C SER A 2181 57.47 -24.85 -75.44
N ILE A 2182 56.36 -25.45 -74.99
CA ILE A 2182 56.42 -26.42 -73.91
C ILE A 2182 57.19 -27.66 -74.36
N GLY A 2183 57.01 -28.06 -75.62
CA GLY A 2183 57.80 -29.16 -76.13
C GLY A 2183 59.29 -28.88 -76.13
N ASN A 2184 59.67 -27.69 -76.59
CA ASN A 2184 61.08 -27.32 -76.59
C ASN A 2184 61.64 -27.26 -75.18
N ILE A 2185 60.85 -26.76 -74.23
CA ILE A 2185 61.30 -26.72 -72.84
C ILE A 2185 61.51 -28.13 -72.31
N MET A 2186 60.56 -29.02 -72.59
CA MET A 2186 60.66 -30.40 -72.11
C MET A 2186 61.71 -31.21 -72.85
N ASN A 2187 62.22 -30.72 -73.98
CA ASN A 2187 63.32 -31.37 -74.67
C ASN A 2187 64.68 -30.79 -74.30
N ASN A 2188 64.73 -29.85 -73.36
CA ASN A 2188 65.96 -29.19 -72.97
C ASN A 2188 66.56 -29.91 -71.77
N LYS A 2189 67.84 -30.28 -71.88
CA LYS A 2189 68.49 -30.98 -70.78
C LYS A 2189 68.58 -30.11 -69.53
N VAL A 2190 68.61 -28.79 -69.69
CA VAL A 2190 68.63 -27.89 -68.55
C VAL A 2190 67.36 -28.10 -67.71
N PHE A 2191 66.22 -28.29 -68.37
CA PHE A 2191 64.96 -28.43 -67.66
C PHE A 2191 64.98 -29.59 -66.69
N TYR A 2192 65.86 -30.57 -66.91
CA TYR A 2192 66.03 -31.67 -65.98
C TYR A 2192 67.20 -31.45 -65.04
N GLN A 2193 68.26 -30.81 -65.51
CA GLN A 2193 69.48 -30.69 -64.73
C GLN A 2193 69.41 -29.60 -63.67
N HIS A 2194 68.54 -28.61 -63.84
CA HIS A 2194 68.48 -27.47 -62.91
C HIS A 2194 67.04 -27.20 -62.47
N PRO A 2195 66.40 -28.18 -61.84
CA PRO A 2195 65.01 -27.96 -61.39
C PRO A 2195 64.88 -26.81 -60.43
N ASN A 2196 65.90 -26.54 -59.63
CA ASN A 2196 65.88 -25.36 -58.76
C ASN A 2196 65.80 -24.10 -59.60
N LEU A 2197 66.58 -24.02 -60.68
CA LEU A 2197 66.53 -22.86 -61.55
C LEU A 2197 65.15 -22.69 -62.16
N MET A 2198 64.58 -23.77 -62.68
CA MET A 2198 63.29 -23.64 -63.35
C MET A 2198 62.16 -23.44 -62.36
N ARG A 2199 62.38 -23.76 -61.09
CA ARG A 2199 61.44 -23.34 -60.05
C ARG A 2199 61.57 -21.85 -59.77
N ALA A 2200 62.81 -21.35 -59.73
CA ALA A 2200 63.04 -19.94 -59.48
C ALA A 2200 62.42 -19.08 -60.58
N LEU A 2201 62.53 -19.52 -61.84
CA LEU A 2201 61.94 -18.79 -62.94
C LEU A 2201 60.42 -18.73 -62.89
N GLY A 2202 59.79 -19.67 -62.19
CA GLY A 2202 58.35 -19.67 -62.08
C GLY A 2202 57.59 -20.17 -63.28
N MET A 2203 58.17 -21.09 -64.06
CA MET A 2203 57.44 -21.56 -65.23
C MET A 2203 56.19 -22.31 -64.83
N HIS A 2204 56.23 -23.00 -63.69
CA HIS A 2204 55.02 -23.71 -63.26
C HIS A 2204 53.89 -22.71 -63.01
N GLU A 2205 54.20 -21.58 -62.39
CA GLU A 2205 53.19 -20.54 -62.21
C GLU A 2205 52.72 -20.00 -63.54
N THR A 2206 53.63 -19.77 -64.48
CA THR A 2206 53.23 -19.19 -65.77
C THR A 2206 52.32 -20.15 -66.53
N VAL A 2207 52.71 -21.41 -66.62
CA VAL A 2207 51.92 -22.43 -67.31
C VAL A 2207 50.58 -22.61 -66.63
N MET A 2208 50.57 -22.63 -65.29
CA MET A 2208 49.31 -22.77 -64.58
C MET A 2208 48.40 -21.58 -64.84
N GLU A 2209 48.97 -20.38 -64.91
CA GLU A 2209 48.16 -19.20 -65.19
C GLU A 2209 47.55 -19.30 -66.58
N VAL A 2210 48.34 -19.77 -67.55
CA VAL A 2210 47.80 -19.98 -68.90
C VAL A 2210 46.64 -20.97 -68.85
N MET A 2211 46.84 -22.11 -68.20
CA MET A 2211 45.85 -23.17 -68.25
C MET A 2211 44.58 -22.78 -67.49
N VAL A 2212 44.73 -22.01 -66.40
CA VAL A 2212 43.54 -21.58 -65.69
C VAL A 2212 42.81 -20.52 -66.49
N ASN A 2213 43.51 -19.68 -67.26
CA ASN A 2213 42.79 -18.80 -68.16
C ASN A 2213 41.97 -19.59 -69.18
N VAL A 2214 42.57 -20.63 -69.76
CA VAL A 2214 41.83 -21.42 -70.73
C VAL A 2214 40.64 -22.10 -70.09
N LEU A 2215 40.82 -22.66 -68.88
CA LEU A 2215 39.71 -23.35 -68.23
C LEU A 2215 38.61 -22.38 -67.82
N GLY A 2216 38.97 -21.19 -67.35
CA GLY A 2216 37.95 -20.18 -67.07
C GLY A 2216 37.19 -19.81 -68.33
N GLY A 2217 37.88 -19.79 -69.47
CA GLY A 2217 37.19 -19.62 -70.73
C GLY A 2217 36.30 -20.81 -71.02
N GLY A 2218 34.99 -20.61 -70.93
CA GLY A 2218 34.04 -21.70 -71.16
C GLY A 2218 34.13 -22.83 -70.16
N GLU A 2219 34.12 -22.51 -68.86
CA GLU A 2219 34.28 -23.52 -67.83
C GLU A 2219 33.19 -24.58 -67.82
N THR A 2220 32.01 -24.28 -68.32
CA THR A 2220 30.92 -25.24 -68.14
C THR A 2220 30.38 -25.82 -69.43
N LYS A 2221 30.28 -25.02 -70.50
CA LYS A 2221 29.64 -25.50 -71.72
C LYS A 2221 30.58 -26.27 -72.62
N GLU A 2222 31.83 -25.83 -72.76
CA GLU A 2222 32.77 -26.48 -73.66
C GLU A 2222 34.16 -25.94 -73.38
N ILE A 2223 35.14 -26.84 -73.32
CA ILE A 2223 36.53 -26.48 -73.12
C ILE A 2223 37.21 -26.51 -74.49
N ARG A 2224 37.88 -25.42 -74.84
CA ARG A 2224 38.53 -25.28 -76.13
C ARG A 2224 40.04 -25.26 -75.95
N PHE A 2225 40.74 -25.46 -77.07
CA PHE A 2225 42.16 -25.77 -77.08
C PHE A 2225 42.51 -26.90 -76.11
N PRO A 2226 41.82 -28.05 -76.23
CA PRO A 2226 42.19 -29.19 -75.37
C PRO A 2226 43.61 -29.65 -75.58
N LYS A 2227 44.15 -29.49 -76.79
CA LYS A 2227 45.54 -29.88 -77.00
C LYS A 2227 46.48 -29.06 -76.12
N MET A 2228 46.28 -27.75 -76.04
CA MET A 2228 47.18 -26.97 -75.21
C MET A 2228 46.90 -27.18 -73.73
N VAL A 2229 45.64 -27.42 -73.37
CA VAL A 2229 45.35 -27.69 -71.96
C VAL A 2229 46.02 -28.98 -71.51
N THR A 2230 45.94 -30.03 -72.34
CA THR A 2230 46.61 -31.27 -71.99
C THR A 2230 48.13 -31.15 -72.11
N SER A 2231 48.63 -30.28 -72.98
CA SER A 2231 50.06 -30.00 -73.01
C SER A 2231 50.52 -29.39 -71.69
N CYS A 2232 49.76 -28.41 -71.18
CA CYS A 2232 50.09 -27.80 -69.90
C CYS A 2232 50.01 -28.83 -68.78
N CYS A 2233 48.98 -29.68 -68.79
CA CYS A 2233 48.84 -30.69 -67.75
C CYS A 2233 50.00 -31.68 -67.79
N ARG A 2234 50.40 -32.13 -68.98
CA ARG A 2234 51.53 -33.03 -69.10
C ARG A 2234 52.81 -32.37 -68.62
N PHE A 2235 53.00 -31.09 -68.97
CA PHE A 2235 54.19 -30.37 -68.54
C PHE A 2235 54.24 -30.28 -67.02
N LEU A 2236 53.12 -29.94 -66.39
CA LEU A 2236 53.10 -29.83 -64.94
C LEU A 2236 53.30 -31.19 -64.27
N CYS A 2237 52.75 -32.26 -64.84
CA CYS A 2237 52.98 -33.58 -64.28
C CYS A 2237 54.45 -33.96 -64.31
N TYR A 2238 55.12 -33.71 -65.43
CA TYR A 2238 56.53 -34.08 -65.51
C TYR A 2238 57.34 -33.17 -64.60
N PHE A 2239 56.95 -31.89 -64.52
CA PHE A 2239 57.58 -30.96 -63.59
C PHE A 2239 57.52 -31.49 -62.16
N CYS A 2240 56.36 -32.00 -61.75
CA CYS A 2240 56.26 -32.61 -60.43
C CYS A 2240 57.15 -33.84 -60.33
N ARG A 2241 57.21 -34.66 -61.38
CA ARG A 2241 58.04 -35.85 -61.35
C ARG A 2241 59.53 -35.55 -61.26
N ILE A 2242 59.96 -34.35 -61.66
CA ILE A 2242 61.39 -34.07 -61.71
C ILE A 2242 61.99 -34.12 -60.30
N SER A 2243 61.38 -33.40 -59.36
CA SER A 2243 61.98 -33.29 -58.03
C SER A 2243 60.88 -33.09 -57.00
N ARG A 2244 61.21 -33.48 -55.76
CA ARG A 2244 60.21 -33.43 -54.70
C ARG A 2244 59.93 -31.98 -54.29
N GLN A 2245 60.91 -31.10 -54.42
CA GLN A 2245 60.66 -29.68 -54.18
C GLN A 2245 59.68 -29.12 -55.20
N ASN A 2246 59.81 -29.52 -56.46
CA ASN A 2246 58.83 -29.13 -57.47
C ASN A 2246 57.46 -29.71 -57.15
N GLN A 2247 57.42 -30.96 -56.69
CA GLN A 2247 56.15 -31.57 -56.31
C GLN A 2247 55.48 -30.79 -55.20
N ARG A 2248 56.24 -30.38 -54.18
CA ARG A 2248 55.69 -29.57 -53.10
C ARG A 2248 55.21 -28.22 -53.61
N SER A 2249 56.00 -27.59 -54.49
CA SER A 2249 55.61 -26.29 -55.02
C SER A 2249 54.28 -26.37 -55.75
N MET A 2250 54.08 -27.44 -56.51
CA MET A 2250 52.78 -27.62 -57.15
C MET A 2250 51.70 -28.00 -56.14
N PHE A 2251 52.08 -28.69 -55.06
CA PHE A 2251 51.14 -28.98 -53.98
C PHE A 2251 50.59 -27.71 -53.36
N ASP A 2252 51.38 -26.64 -53.37
CA ASP A 2252 50.87 -25.35 -52.88
C ASP A 2252 49.64 -24.90 -53.65
N HIS A 2253 49.46 -25.37 -54.88
CA HIS A 2253 48.31 -25.02 -55.71
C HIS A 2253 47.31 -26.17 -55.82
N LEU A 2254 47.27 -27.06 -54.83
CA LEU A 2254 46.42 -28.26 -54.95
C LEU A 2254 44.95 -27.87 -55.02
N SER A 2255 44.51 -27.01 -54.11
CA SER A 2255 43.11 -26.57 -54.12
C SER A 2255 42.80 -25.76 -55.36
N TYR A 2256 43.77 -24.99 -55.85
CA TYR A 2256 43.56 -24.19 -57.05
C TYR A 2256 43.33 -25.11 -58.24
N LEU A 2257 44.10 -26.19 -58.33
CA LEU A 2257 43.88 -27.19 -59.36
C LEU A 2257 42.52 -27.86 -59.17
N LEU A 2258 42.17 -28.19 -57.93
CA LEU A 2258 40.94 -28.92 -57.66
C LEU A 2258 39.71 -28.12 -58.05
N GLU A 2259 39.70 -26.82 -57.75
CA GLU A 2259 38.51 -26.01 -58.04
C GLU A 2259 38.28 -25.86 -59.54
N ASN A 2260 39.33 -25.90 -60.36
CA ASN A 2260 39.20 -25.91 -61.81
C ASN A 2260 39.06 -27.32 -62.38
N SER A 2261 39.03 -28.33 -61.53
CA SER A 2261 39.08 -29.73 -61.96
C SER A 2261 37.70 -30.36 -62.14
N GLY A 2262 36.62 -29.62 -61.86
CA GLY A 2262 35.30 -30.19 -62.00
C GLY A 2262 34.97 -30.59 -63.42
N ILE A 2263 35.39 -29.76 -64.39
CA ILE A 2263 35.08 -29.99 -65.80
C ILE A 2263 36.16 -30.75 -66.53
N GLY A 2264 37.26 -31.10 -65.84
CA GLY A 2264 38.33 -31.85 -66.49
C GLY A 2264 37.93 -33.25 -66.93
N LEU A 2265 36.77 -33.74 -66.46
CA LEU A 2265 36.33 -35.07 -66.86
C LEU A 2265 36.06 -35.16 -68.35
N GLY A 2266 35.50 -34.10 -68.95
CA GLY A 2266 35.20 -34.15 -70.37
C GLY A 2266 36.43 -34.37 -71.22
N MET A 2267 37.54 -33.77 -70.83
CA MET A 2267 38.80 -33.97 -71.54
C MET A 2267 39.41 -35.33 -71.19
N GLN A 2268 40.08 -35.93 -72.17
CA GLN A 2268 40.81 -37.17 -71.99
CA GLN A 2268 40.81 -37.17 -71.99
C GLN A 2268 42.29 -36.93 -72.21
N GLY A 2269 43.13 -37.68 -71.50
CA GLY A 2269 44.56 -37.52 -71.60
C GLY A 2269 45.19 -37.09 -70.30
N SER A 2270 45.80 -35.91 -70.28
CA SER A 2270 46.35 -35.32 -69.06
C SER A 2270 45.42 -34.20 -68.61
N THR A 2271 45.00 -34.26 -67.36
CA THR A 2271 43.98 -33.39 -66.81
C THR A 2271 44.43 -32.79 -65.49
N PRO A 2272 43.79 -31.71 -65.03
CA PRO A 2272 44.12 -31.18 -63.70
C PRO A 2272 43.99 -32.21 -62.59
N LEU A 2273 43.06 -33.16 -62.72
CA LEU A 2273 43.06 -34.30 -61.81
C LEU A 2273 44.41 -35.00 -61.84
N ASP A 2274 44.95 -35.24 -63.03
CA ASP A 2274 46.23 -35.94 -63.14
C ASP A 2274 47.36 -35.10 -62.55
N VAL A 2275 47.31 -33.78 -62.75
CA VAL A 2275 48.34 -32.91 -62.19
C VAL A 2275 48.29 -32.97 -60.66
N ALA A 2276 47.08 -32.88 -60.09
CA ALA A 2276 46.94 -32.95 -58.64
C ALA A 2276 47.41 -34.29 -58.11
N ALA A 2277 47.08 -35.38 -58.81
CA ALA A 2277 47.52 -36.69 -58.39
C ALA A 2277 49.05 -36.81 -58.43
N ALA A 2278 49.67 -36.28 -59.48
CA ALA A 2278 51.13 -36.27 -59.55
C ALA A 2278 51.74 -35.38 -58.48
N SER A 2279 50.97 -34.43 -57.94
CA SER A 2279 51.45 -33.56 -56.90
C SER A 2279 51.43 -34.20 -55.52
N VAL A 2280 50.88 -35.41 -55.38
CA VAL A 2280 50.75 -36.06 -54.09
C VAL A 2280 51.29 -37.48 -54.09
N ILE A 2281 51.49 -38.08 -55.26
CA ILE A 2281 51.87 -39.49 -55.37
C ILE A 2281 53.15 -39.74 -54.60
N ASP A 2282 53.27 -40.93 -54.00
CA ASP A 2282 54.46 -41.46 -53.32
C ASP A 2282 55.26 -40.37 -52.58
N ASN A 2283 54.55 -39.54 -51.83
CA ASN A 2283 55.18 -38.49 -51.03
C ASN A 2283 54.47 -38.46 -49.68
N ASN A 2284 55.11 -39.03 -48.66
CA ASN A 2284 54.46 -39.20 -47.37
C ASN A 2284 54.18 -37.87 -46.70
N GLU A 2285 55.12 -36.93 -46.76
CA GLU A 2285 54.92 -35.64 -46.11
C GLU A 2285 53.75 -34.89 -46.74
N LEU A 2286 53.67 -34.87 -48.07
CA LEU A 2286 52.53 -34.22 -48.71
C LEU A 2286 51.24 -34.98 -48.46
N ALA A 2287 51.29 -36.31 -48.39
CA ALA A 2287 50.08 -37.07 -48.09
C ALA A 2287 49.54 -36.74 -46.72
N LEU A 2288 50.42 -36.64 -45.73
CA LEU A 2288 50.00 -36.24 -44.39
C LEU A 2288 49.54 -34.79 -44.35
N ALA A 2289 50.17 -33.91 -45.11
CA ALA A 2289 49.83 -32.50 -45.11
C ALA A 2289 48.60 -32.18 -45.95
N LEU A 2290 48.05 -33.17 -46.64
CA LEU A 2290 46.83 -32.96 -47.43
C LEU A 2290 45.71 -32.51 -46.50
N GLN A 2291 45.00 -31.46 -46.90
CA GLN A 2291 44.04 -30.85 -46.00
C GLN A 2291 42.65 -31.45 -46.20
N GLU A 2292 41.80 -31.31 -45.17
CA GLU A 2292 40.50 -31.95 -45.17
C GLU A 2292 39.56 -31.39 -46.25
N GLN A 2293 39.54 -30.06 -46.42
CA GLN A 2293 38.57 -29.47 -47.34
C GLN A 2293 38.79 -29.96 -48.76
N ASP A 2294 40.03 -30.26 -49.12
CA ASP A 2294 40.31 -30.77 -50.45
C ASP A 2294 39.63 -32.12 -50.67
N LEU A 2295 39.79 -33.03 -49.72
CA LEU A 2295 39.14 -34.33 -49.83
C LEU A 2295 37.63 -34.20 -49.80
N GLU A 2296 37.13 -33.25 -49.01
CA GLU A 2296 35.69 -33.00 -48.99
C GLU A 2296 35.20 -32.55 -50.36
N LYS A 2297 35.96 -31.66 -51.00
CA LYS A 2297 35.61 -31.21 -52.35
C LYS A 2297 35.61 -32.37 -53.34
N VAL A 2298 36.63 -33.23 -53.26
CA VAL A 2298 36.72 -34.34 -54.19
C VAL A 2298 35.54 -35.28 -54.02
N VAL A 2299 35.19 -35.59 -52.76
CA VAL A 2299 34.05 -36.46 -52.51
C VAL A 2299 32.76 -35.77 -52.95
N SER A 2300 32.71 -34.44 -52.88
CA SER A 2300 31.52 -33.73 -53.35
C SER A 2300 31.34 -33.90 -54.85
N TYR A 2301 32.41 -33.72 -55.62
CA TYR A 2301 32.30 -33.98 -57.06
C TYR A 2301 31.98 -35.44 -57.33
N LEU A 2302 32.54 -36.36 -56.55
CA LEU A 2302 32.23 -37.77 -56.79
C LEU A 2302 30.76 -38.05 -56.54
N ALA A 2303 30.19 -37.48 -55.48
CA ALA A 2303 28.78 -37.63 -55.21
C ALA A 2303 27.96 -37.02 -56.34
N GLY A 2304 28.38 -35.88 -56.86
CA GLY A 2304 27.69 -35.30 -57.99
C GLY A 2304 27.71 -36.20 -59.21
N CYS A 2305 28.85 -36.86 -59.45
CA CYS A 2305 28.95 -37.78 -60.58
C CYS A 2305 28.11 -39.02 -60.36
N GLY A 2306 27.84 -39.37 -59.11
CA GLY A 2306 27.00 -40.53 -58.85
C GLY A 2306 25.52 -40.32 -59.02
N LEU A 2307 25.08 -39.10 -59.31
CA LEU A 2307 23.65 -38.80 -59.45
C LEU A 2307 23.23 -38.33 -60.83
N GLN A 2308 24.09 -37.65 -61.57
CA GLN A 2308 23.71 -37.02 -62.83
C GLN A 2308 24.63 -37.54 -63.93
N SER A 2309 24.02 -37.93 -65.04
CA SER A 2309 24.76 -38.46 -66.17
C SER A 2309 25.68 -37.40 -66.77
N CYS A 2310 26.64 -37.85 -67.56
CA CYS A 2310 27.56 -36.93 -68.21
C CYS A 2310 26.81 -36.14 -69.28
N PRO A 2311 26.76 -34.81 -69.20
CA PRO A 2311 26.06 -34.05 -70.24
C PRO A 2311 26.67 -34.23 -71.62
N MET A 2312 28.00 -34.36 -71.71
CA MET A 2312 28.62 -34.54 -73.01
C MET A 2312 28.27 -35.91 -73.59
N LEU A 2313 28.21 -36.94 -72.74
CA LEU A 2313 27.73 -38.24 -73.19
C LEU A 2313 26.29 -38.16 -73.66
N LEU A 2314 25.45 -37.44 -72.92
CA LEU A 2314 24.04 -37.31 -73.30
C LEU A 2314 23.90 -36.63 -74.65
N ALA A 2315 24.69 -35.59 -74.90
CA ALA A 2315 24.65 -34.90 -76.17
C ALA A 2315 25.10 -35.77 -77.33
N LYS A 2316 25.73 -36.91 -77.06
CA LYS A 2316 26.19 -37.83 -78.08
C LYS A 2316 25.29 -39.05 -78.23
N GLY A 2317 24.04 -38.95 -77.78
CA GLY A 2317 23.08 -40.01 -77.98
C GLY A 2317 23.21 -41.19 -77.05
N TYR A 2318 24.06 -41.09 -76.02
CA TYR A 2318 24.25 -42.20 -75.11
C TYR A 2318 22.99 -42.42 -74.27
N PRO A 2319 22.68 -43.67 -73.93
CA PRO A 2319 21.53 -43.93 -73.07
C PRO A 2319 21.71 -43.30 -71.70
N ASP A 2320 20.61 -42.81 -71.14
CA ASP A 2320 20.65 -41.96 -69.94
C ASP A 2320 20.46 -42.83 -68.70
N ILE A 2321 21.57 -43.32 -68.16
CA ILE A 2321 21.58 -43.93 -66.84
C ILE A 2321 21.86 -42.83 -65.83
N GLY A 2322 21.39 -43.02 -64.60
CA GLY A 2322 21.39 -41.94 -63.65
C GLY A 2322 22.69 -41.66 -62.93
N TRP A 2323 23.83 -41.86 -63.60
CA TRP A 2323 25.12 -41.62 -62.96
C TRP A 2323 26.21 -41.62 -64.02
N ASN A 2324 27.41 -41.24 -63.60
CA ASN A 2324 28.54 -41.00 -64.49
C ASN A 2324 29.74 -41.80 -64.00
N PRO A 2325 29.78 -43.09 -64.34
CA PRO A 2325 30.92 -43.93 -63.91
C PRO A 2325 32.25 -43.42 -64.41
N CYS A 2326 32.27 -42.81 -65.60
CA CYS A 2326 33.52 -42.37 -66.18
C CYS A 2326 34.22 -41.34 -65.30
N GLY A 2327 33.47 -40.34 -64.82
CA GLY A 2327 34.07 -39.36 -63.92
C GLY A 2327 34.20 -39.88 -62.50
N GLY A 2328 33.30 -40.77 -62.11
CA GLY A 2328 33.44 -41.39 -60.80
C GLY A 2328 34.77 -42.08 -60.65
N GLU A 2329 35.18 -42.82 -61.68
CA GLU A 2329 36.48 -43.49 -61.64
C GLU A 2329 37.62 -42.48 -61.56
N ARG A 2330 37.48 -41.36 -62.27
CA ARG A 2330 38.55 -40.36 -62.26
C ARG A 2330 38.75 -39.79 -60.87
N TYR A 2331 37.67 -39.54 -60.14
CA TYR A 2331 37.85 -39.05 -58.78
C TYR A 2331 38.30 -40.15 -57.83
N LEU A 2332 37.84 -41.38 -58.06
CA LEU A 2332 38.23 -42.49 -57.19
C LEU A 2332 39.73 -42.75 -57.26
N ASP A 2333 40.32 -42.65 -58.45
CA ASP A 2333 41.75 -42.91 -58.55
C ASP A 2333 42.57 -41.84 -57.84
N PHE A 2334 42.12 -40.58 -57.90
CA PHE A 2334 42.83 -39.54 -57.15
C PHE A 2334 42.77 -39.80 -55.65
N LEU A 2335 41.58 -40.16 -55.16
CA LEU A 2335 41.51 -40.51 -53.73
C LEU A 2335 42.41 -41.70 -53.41
N ARG A 2336 42.48 -42.67 -54.32
CA ARG A 2336 43.36 -43.82 -54.11
C ARG A 2336 44.80 -43.37 -53.96
N PHE A 2337 45.24 -42.44 -54.81
CA PHE A 2337 46.59 -41.90 -54.66
C PHE A 2337 46.75 -41.14 -53.36
N ALA A 2338 45.69 -40.48 -52.89
CA ALA A 2338 45.78 -39.66 -51.69
C ALA A 2338 45.83 -40.49 -50.41
N VAL A 2339 45.26 -41.69 -50.40
CA VAL A 2339 45.19 -42.48 -49.18
C VAL A 2339 46.20 -43.61 -49.12
N PHE A 2340 46.94 -43.87 -50.20
CA PHE A 2340 47.88 -44.98 -50.26
C PHE A 2340 49.21 -44.46 -50.77
N VAL A 2341 50.26 -44.59 -49.97
CA VAL A 2341 51.57 -44.07 -50.32
C VAL A 2341 52.62 -45.14 -50.04
N ASN A 2342 53.46 -45.42 -51.04
CA ASN A 2342 54.63 -46.29 -50.90
C ASN A 2342 54.26 -47.68 -50.40
N GLY A 2343 53.08 -48.15 -50.79
CA GLY A 2343 52.65 -49.48 -50.42
C GLY A 2343 52.02 -49.60 -49.06
N GLU A 2344 51.90 -48.52 -48.32
CA GLU A 2344 51.28 -48.53 -47.00
C GLU A 2344 50.18 -47.48 -46.94
N SER A 2345 49.17 -47.76 -46.13
CA SER A 2345 48.01 -46.88 -46.03
C SER A 2345 48.33 -45.70 -45.13
N VAL A 2346 47.91 -44.51 -45.56
CA VAL A 2346 47.98 -43.32 -44.73
C VAL A 2346 46.67 -43.24 -43.94
N GLU A 2347 46.71 -43.65 -42.67
CA GLU A 2347 45.49 -43.84 -41.90
C GLU A 2347 44.74 -42.52 -41.68
N GLU A 2348 45.46 -41.42 -41.50
CA GLU A 2348 44.80 -40.15 -41.25
C GLU A 2348 43.91 -39.76 -42.42
N ASN A 2349 44.41 -39.93 -43.64
CA ASN A 2349 43.60 -39.64 -44.82
C ASN A 2349 42.55 -40.72 -45.05
N ALA A 2350 42.89 -41.98 -44.77
CA ALA A 2350 41.98 -43.08 -45.05
C ALA A 2350 40.71 -42.98 -44.20
N ASN A 2351 40.87 -42.70 -42.91
CA ASN A 2351 39.70 -42.59 -42.04
C ASN A 2351 38.81 -41.45 -42.49
N VAL A 2352 39.40 -40.32 -42.85
CA VAL A 2352 38.62 -39.17 -43.29
C VAL A 2352 37.87 -39.49 -44.57
N VAL A 2353 38.54 -40.16 -45.51
CA VAL A 2353 37.89 -40.51 -46.77
C VAL A 2353 36.73 -41.47 -46.52
N VAL A 2354 36.93 -42.47 -45.67
CA VAL A 2354 35.85 -43.42 -45.39
C VAL A 2354 34.67 -42.71 -44.75
N ARG A 2355 34.96 -41.83 -43.79
CA ARG A 2355 33.87 -41.10 -43.12
C ARG A 2355 33.11 -40.23 -44.09
N LEU A 2356 33.81 -39.50 -44.97
CA LEU A 2356 33.13 -38.68 -45.95
C LEU A 2356 32.27 -39.52 -46.88
N LEU A 2357 32.82 -40.64 -47.34
CA LEU A 2357 32.09 -41.49 -48.28
C LEU A 2357 30.83 -42.05 -47.64
N ILE A 2358 30.91 -42.44 -46.38
CA ILE A 2358 29.70 -42.96 -45.75
C ILE A 2358 28.72 -41.83 -45.43
N ARG A 2359 29.22 -40.61 -45.22
CA ARG A 2359 28.33 -39.48 -45.02
C ARG A 2359 27.53 -39.16 -46.26
N LYS A 2360 28.14 -39.25 -47.44
CA LYS A 2360 27.42 -39.11 -48.72
C LYS A 2360 27.37 -40.49 -49.37
N PRO A 2361 26.40 -41.32 -48.99
CA PRO A 2361 26.41 -42.71 -49.45
C PRO A 2361 26.26 -42.85 -50.95
N GLU A 2362 25.77 -41.83 -51.64
CA GLU A 2362 25.50 -41.91 -53.06
C GLU A 2362 26.75 -42.10 -53.91
N CYS A 2363 27.94 -41.84 -53.36
CA CYS A 2363 29.15 -42.01 -54.14
C CYS A 2363 29.48 -43.47 -54.42
N PHE A 2364 28.77 -44.40 -53.78
CA PHE A 2364 29.00 -45.82 -54.00
C PHE A 2364 28.38 -46.33 -55.29
N GLY A 2365 27.57 -45.52 -55.97
CA GLY A 2365 26.91 -45.95 -57.17
C GLY A 2365 25.51 -46.45 -56.89
N PRO A 2366 24.75 -46.76 -57.95
CA PRO A 2366 23.38 -47.26 -57.74
C PRO A 2366 23.33 -48.55 -56.93
N ALA A 2367 24.28 -49.45 -57.13
CA ALA A 2367 24.40 -50.57 -56.22
C ALA A 2367 25.04 -50.11 -54.92
N LEU A 2368 24.92 -50.95 -53.88
CA LEU A 2368 25.41 -50.63 -52.55
C LEU A 2368 24.71 -49.40 -51.98
N ARG A 2369 23.55 -49.06 -52.51
CA ARG A 2369 22.82 -47.88 -52.04
CA ARG A 2369 22.80 -47.89 -52.05
C ARG A 2369 22.04 -48.14 -50.76
N GLY A 2370 21.86 -49.40 -50.37
CA GLY A 2370 21.08 -49.69 -49.19
C GLY A 2370 19.64 -49.97 -49.56
N GLU A 2371 18.77 -48.97 -49.42
CA GLU A 2371 17.39 -49.13 -49.84
C GLU A 2371 17.30 -49.23 -51.35
N GLY A 2372 16.67 -50.30 -51.83
CA GLY A 2372 16.45 -50.46 -53.24
C GLY A 2372 17.71 -50.57 -54.07
N GLY A 2373 18.76 -51.19 -53.53
CA GLY A 2373 20.01 -51.35 -54.24
C GLY A 2373 20.39 -52.83 -54.34
N SER A 2374 20.64 -53.27 -55.56
CA SER A 2374 21.07 -54.64 -55.78
C SER A 2374 22.50 -54.83 -55.30
N GLY A 2375 22.94 -56.08 -55.31
CA GLY A 2375 24.27 -56.41 -54.83
C GLY A 2375 25.34 -55.99 -55.82
N LEU A 2376 26.58 -56.02 -55.33
CA LEU A 2376 27.73 -55.69 -56.18
C LEU A 2376 27.88 -56.71 -57.30
N LEU A 2377 27.74 -58.00 -56.99
CA LEU A 2377 27.86 -59.02 -58.01
C LEU A 2377 26.73 -58.91 -59.03
N ALA A 2378 25.52 -58.60 -58.57
CA ALA A 2378 24.42 -58.36 -59.50
C ALA A 2378 24.72 -57.16 -60.39
N ALA A 2379 25.34 -56.12 -59.82
CA ALA A 2379 25.70 -54.95 -60.62
C ALA A 2379 26.72 -55.31 -61.68
N ILE A 2380 27.72 -56.11 -61.34
CA ILE A 2380 28.72 -56.50 -62.32
C ILE A 2380 28.10 -57.36 -63.42
N GLU A 2381 27.20 -58.26 -63.05
CA GLU A 2381 26.53 -59.07 -64.06
C GLU A 2381 25.66 -58.22 -64.98
N GLU A 2382 24.96 -57.22 -64.41
CA GLU A 2382 24.19 -56.30 -65.24
C GLU A 2382 25.10 -55.51 -66.18
N ALA A 2383 26.30 -55.15 -65.70
CA ALA A 2383 27.26 -54.47 -66.55
C ALA A 2383 27.68 -55.36 -67.70
N ILE A 2384 27.92 -56.64 -67.43
CA ILE A 2384 28.27 -57.58 -68.50
C ILE A 2384 27.14 -57.66 -69.51
N ARG A 2385 25.89 -57.74 -69.02
CA ARG A 2385 24.76 -57.79 -69.93
C ARG A 2385 24.70 -56.56 -70.83
N ILE A 2386 24.81 -55.36 -70.24
CA ILE A 2386 24.68 -54.16 -71.06
C ILE A 2386 25.84 -54.05 -72.03
N SER A 2387 27.01 -54.58 -71.64
CA SER A 2387 28.13 -54.63 -72.56
C SER A 2387 27.81 -55.52 -73.75
N GLU A 2388 27.18 -56.66 -73.49
CA GLU A 2388 26.84 -57.57 -74.58
C GLU A 2388 25.71 -57.03 -75.46
N ASP A 2389 24.85 -56.18 -74.92
CA ASP A 2389 23.72 -55.67 -75.70
C ASP A 2389 23.97 -54.25 -76.16
N PRO A 2390 24.17 -54.01 -77.46
CA PRO A 2390 24.24 -52.63 -77.96
C PRO A 2390 22.89 -51.95 -77.84
N ALA A 2391 22.83 -50.66 -78.21
CA ALA A 2391 21.71 -49.75 -77.97
C ALA A 2391 21.51 -49.52 -76.49
N ARG A 2392 22.24 -50.21 -75.63
CA ARG A 2392 22.29 -49.95 -74.20
C ARG A 2392 23.71 -49.79 -73.70
N ASP A 2393 24.71 -50.13 -74.52
CA ASP A 2393 26.11 -49.86 -74.22
C ASP A 2393 26.67 -48.66 -74.98
N GLY A 2394 26.18 -48.41 -76.19
CA GLY A 2394 26.71 -47.32 -76.99
C GLY A 2394 25.62 -46.43 -77.53
N PRO A 2395 26.02 -45.38 -78.25
CA PRO A 2395 25.01 -44.46 -78.81
C PRO A 2395 24.05 -45.14 -79.77
N GLY A 2396 24.49 -46.18 -80.47
CA GLY A 2396 23.65 -46.88 -81.40
C GLY A 2396 23.18 -46.02 -82.56
N VAL A 2397 24.11 -45.26 -83.15
CA VAL A 2397 23.78 -44.39 -84.27
C VAL A 2397 23.33 -45.21 -85.47
N PRO A 2410 38.90 -47.94 -81.84
CA PRO A 2410 37.52 -47.58 -81.56
C PRO A 2410 36.93 -46.68 -82.65
N PRO A 2411 35.61 -46.74 -82.84
CA PRO A 2411 34.98 -45.90 -83.87
C PRO A 2411 35.22 -44.41 -83.65
N GLU A 2412 35.29 -43.97 -82.40
CA GLU A 2412 35.64 -42.59 -82.06
C GLU A 2412 37.09 -42.47 -81.62
N GLU A 2413 37.85 -43.58 -81.68
CA GLU A 2413 39.25 -43.69 -81.27
C GLU A 2413 39.39 -43.62 -79.76
N ASN A 2414 38.32 -43.23 -79.07
CA ASN A 2414 38.24 -43.33 -77.61
C ASN A 2414 36.82 -43.69 -77.21
N ARG A 2415 36.19 -44.58 -77.97
CA ARG A 2415 34.78 -44.90 -77.75
C ARG A 2415 34.58 -45.45 -76.34
N VAL A 2416 33.57 -44.93 -75.65
CA VAL A 2416 33.29 -45.29 -74.27
C VAL A 2416 32.22 -46.37 -74.25
N HIS A 2417 32.49 -47.45 -73.52
CA HIS A 2417 31.54 -48.56 -73.38
C HIS A 2417 31.00 -48.57 -71.96
N LEU A 2418 29.68 -48.58 -71.84
CA LEU A 2418 29.05 -48.41 -70.54
C LEU A 2418 29.34 -49.57 -69.61
N GLY A 2419 29.34 -50.79 -70.13
CA GLY A 2419 29.63 -51.93 -69.28
C GLY A 2419 31.01 -51.86 -68.68
N HIS A 2420 32.02 -51.60 -69.52
CA HIS A 2420 33.37 -51.50 -69.02
C HIS A 2420 33.51 -50.32 -68.07
N ALA A 2421 32.81 -49.22 -68.34
CA ALA A 2421 32.86 -48.08 -67.44
C ALA A 2421 32.30 -48.44 -66.07
N ILE A 2422 31.20 -49.18 -66.04
CA ILE A 2422 30.59 -49.56 -64.77
C ILE A 2422 31.49 -50.50 -63.99
N MET A 2423 32.02 -51.53 -64.66
CA MET A 2423 32.91 -52.44 -63.96
C MET A 2423 34.16 -51.72 -63.47
N SER A 2424 34.71 -50.81 -64.29
CA SER A 2424 35.88 -50.07 -63.87
C SER A 2424 35.58 -49.18 -62.68
N PHE A 2425 34.41 -48.56 -62.65
CA PHE A 2425 34.04 -47.73 -61.52
C PHE A 2425 33.96 -48.54 -60.24
N TYR A 2426 33.29 -49.69 -60.30
CA TYR A 2426 33.15 -50.50 -59.09
C TYR A 2426 34.49 -51.08 -58.66
N ALA A 2427 35.34 -51.46 -59.61
CA ALA A 2427 36.67 -51.92 -59.26
C ALA A 2427 37.47 -50.83 -58.59
N ALA A 2428 37.39 -49.59 -59.09
CA ALA A 2428 38.10 -48.49 -58.45
C ALA A 2428 37.58 -48.21 -57.06
N LEU A 2429 36.26 -48.28 -56.87
CA LEU A 2429 35.69 -48.05 -55.55
C LEU A 2429 36.15 -49.12 -54.56
N ILE A 2430 36.13 -50.38 -54.98
CA ILE A 2430 36.57 -51.47 -54.11
C ILE A 2430 38.06 -51.33 -53.81
N ASP A 2431 38.85 -50.94 -54.80
CA ASP A 2431 40.28 -50.76 -54.58
C ASP A 2431 40.53 -49.64 -53.58
N LEU A 2432 39.81 -48.53 -53.70
CA LEU A 2432 39.98 -47.43 -52.76
C LEU A 2432 39.62 -47.87 -51.35
N LEU A 2433 38.50 -48.58 -51.20
CA LEU A 2433 38.09 -49.01 -49.88
C LEU A 2433 39.09 -50.01 -49.30
N GLY A 2434 39.65 -50.88 -50.14
CA GLY A 2434 40.66 -51.81 -49.66
C GLY A 2434 41.92 -51.10 -49.21
N ARG A 2435 42.36 -50.09 -49.97
CA ARG A 2435 43.53 -49.33 -49.55
C ARG A 2435 43.25 -48.53 -48.29
N CYS A 2436 42.01 -48.13 -48.05
CA CYS A 2436 41.68 -47.44 -46.81
C CYS A 2436 41.68 -48.36 -45.60
N ALA A 2437 41.77 -49.67 -45.79
CA ALA A 2437 41.69 -50.59 -44.66
C ALA A 2437 42.90 -50.41 -43.75
N PRO A 2438 42.74 -50.61 -42.45
CA PRO A 2438 43.85 -50.40 -41.52
C PRO A 2438 44.94 -51.44 -41.72
N GLU A 2439 46.12 -51.12 -41.20
CA GLU A 2439 47.23 -52.06 -41.28
C GLU A 2439 47.09 -53.16 -40.24
N MET A 2440 47.75 -54.29 -40.54
CA MET A 2440 47.63 -55.46 -39.68
C MET A 2440 48.21 -55.20 -38.30
N HIS A 2441 49.29 -54.41 -38.23
CA HIS A 2441 49.85 -54.10 -36.91
C HIS A 2441 48.88 -53.27 -36.09
N LEU A 2442 48.18 -52.32 -36.73
CA LEU A 2442 47.15 -51.57 -36.01
C LEU A 2442 46.03 -52.48 -35.53
N ILE A 2443 45.61 -53.42 -36.39
CA ILE A 2443 44.54 -54.32 -35.97
C ILE A 2443 44.99 -55.19 -34.80
N GLN A 2444 46.21 -55.69 -34.83
CA GLN A 2444 46.72 -56.50 -33.73
C GLN A 2444 46.90 -55.67 -32.47
N ALA A 2445 47.18 -54.38 -32.61
CA ALA A 2445 47.28 -53.51 -31.44
C ALA A 2445 45.93 -53.27 -30.78
N GLY A 2446 44.83 -53.68 -31.41
CA GLY A 2446 43.52 -53.47 -30.82
C GLY A 2446 43.03 -52.06 -30.87
N LYS A 2447 43.46 -51.28 -31.86
CA LYS A 2447 43.07 -49.88 -31.94
C LYS A 2447 41.61 -49.75 -32.32
N GLY A 2448 40.87 -48.94 -31.55
CA GLY A 2448 39.44 -48.88 -31.71
C GLY A 2448 39.01 -48.31 -33.04
N GLU A 2449 39.65 -47.23 -33.48
CA GLU A 2449 39.29 -46.63 -34.76
C GLU A 2449 39.61 -47.56 -35.92
N ALA A 2450 40.75 -48.26 -35.84
CA ALA A 2450 41.08 -49.22 -36.89
C ALA A 2450 40.06 -50.34 -36.95
N LEU A 2451 39.69 -50.89 -35.79
CA LEU A 2451 38.69 -51.94 -35.77
C LEU A 2451 37.35 -51.44 -36.31
N ARG A 2452 36.96 -50.22 -35.95
CA ARG A 2452 35.70 -49.67 -36.41
C ARG A 2452 35.71 -49.49 -37.93
N ILE A 2453 36.81 -48.97 -38.48
CA ILE A 2453 36.89 -48.77 -39.92
C ILE A 2453 36.83 -50.12 -40.64
N ARG A 2454 37.55 -51.12 -40.12
CA ARG A 2454 37.50 -52.43 -40.75
C ARG A 2454 36.10 -53.01 -40.71
N ALA A 2455 35.39 -52.84 -39.58
CA ALA A 2455 34.03 -53.34 -39.47
C ALA A 2455 33.11 -52.64 -40.46
N ILE A 2456 33.28 -51.33 -40.64
CA ILE A 2456 32.48 -50.60 -41.60
C ILE A 2456 32.72 -51.11 -43.01
N LEU A 2457 33.99 -51.34 -43.35
CA LEU A 2457 34.30 -51.85 -44.69
C LEU A 2457 33.70 -53.23 -44.89
N ARG A 2458 33.80 -54.11 -43.89
CA ARG A 2458 33.23 -55.44 -44.02
C ARG A 2458 31.72 -55.37 -44.18
N SER A 2459 31.07 -54.45 -43.48
CA SER A 2459 29.63 -54.27 -43.65
C SER A 2459 29.30 -53.82 -45.06
N LEU A 2460 30.10 -52.91 -45.62
CA LEU A 2460 29.82 -52.43 -46.96
C LEU A 2460 29.98 -53.52 -48.01
N VAL A 2461 31.11 -54.22 -48.01
CA VAL A 2461 31.39 -55.17 -49.08
C VAL A 2461 31.34 -56.59 -48.56
N PRO A 2462 30.40 -57.41 -49.03
CA PRO A 2462 30.31 -58.79 -48.51
C PRO A 2462 31.27 -59.74 -49.20
N LEU A 2463 31.76 -60.69 -48.38
CA LEU A 2463 32.78 -61.63 -48.82
C LEU A 2463 32.25 -62.54 -49.92
N ASP A 2464 30.99 -62.94 -49.82
CA ASP A 2464 30.42 -63.78 -50.86
C ASP A 2464 30.39 -63.05 -52.20
N ASP A 2465 30.08 -61.76 -52.18
CA ASP A 2465 30.11 -60.98 -53.41
C ASP A 2465 31.52 -60.88 -53.96
N LEU A 2466 32.51 -60.67 -53.09
CA LEU A 2466 33.89 -60.63 -53.57
C LEU A 2466 34.28 -61.94 -54.24
N VAL A 2467 33.95 -63.07 -53.60
CA VAL A 2467 34.32 -64.36 -54.16
C VAL A 2467 33.57 -64.62 -55.45
N GLY A 2468 32.30 -64.19 -55.53
CA GLY A 2468 31.55 -64.37 -56.75
C GLY A 2468 32.13 -63.59 -57.90
N ILE A 2469 32.59 -62.36 -57.64
CA ILE A 2469 33.22 -61.57 -58.70
C ILE A 2469 34.54 -62.21 -59.11
N ILE A 2470 35.31 -62.71 -58.15
CA ILE A 2470 36.56 -63.37 -58.48
C ILE A 2470 36.31 -64.62 -59.32
N SER A 2471 35.19 -65.30 -59.07
CA SER A 2471 34.90 -66.55 -59.76
C SER A 2471 34.28 -66.34 -61.15
N LEU A 2472 33.98 -65.10 -61.54
CA LEU A 2472 33.34 -64.88 -62.82
C LEU A 2472 34.26 -65.30 -63.95
N PRO A 2473 33.72 -65.89 -65.01
CA PRO A 2473 34.58 -66.30 -66.14
C PRO A 2473 35.13 -65.12 -66.89
N LEU A 2474 36.33 -65.31 -67.44
CA LEU A 2474 36.98 -64.33 -68.30
C LEU A 2474 37.05 -64.88 -69.71
N GLN A 2475 36.78 -64.03 -70.69
CA GLN A 2475 36.88 -64.45 -72.08
C GLN A 2475 38.33 -64.69 -72.44
N ILE A 2476 38.60 -65.79 -73.13
CA ILE A 2476 39.95 -66.24 -73.47
C ILE A 2476 40.10 -66.19 -74.98
N PRO A 2477 41.21 -65.67 -75.50
CA PRO A 2477 41.38 -65.64 -76.96
C PRO A 2477 41.45 -67.05 -77.53
N THR A 2478 40.43 -67.40 -78.29
CA THR A 2478 40.35 -68.72 -78.90
C THR A 2478 40.88 -68.65 -80.32
N LEU A 2479 40.77 -69.76 -81.03
CA LEU A 2479 41.22 -69.88 -82.39
C LEU A 2479 40.13 -70.53 -83.22
N GLY A 2480 39.97 -70.08 -84.45
CA GLY A 2480 38.98 -70.66 -85.33
C GLY A 2480 38.76 -69.80 -86.55
N LYS A 2481 37.93 -70.31 -87.45
CA LYS A 2481 37.52 -69.62 -88.67
C LYS A 2481 38.75 -69.25 -89.52
N ASP A 2482 39.43 -70.29 -90.00
CA ASP A 2482 40.64 -70.31 -90.82
C ASP A 2482 41.90 -70.03 -89.99
N GLY A 2483 41.79 -69.81 -88.70
CA GLY A 2483 42.94 -69.51 -87.87
C GLY A 2483 43.06 -68.06 -87.43
N ALA A 2484 42.03 -67.26 -87.62
CA ALA A 2484 42.07 -65.88 -87.14
C ALA A 2484 41.97 -65.84 -85.63
N LEU A 2485 42.62 -64.85 -85.03
CA LEU A 2485 42.59 -64.68 -83.58
C LEU A 2485 41.26 -64.06 -83.17
N VAL A 2486 40.51 -64.77 -82.34
CA VAL A 2486 39.23 -64.28 -81.82
C VAL A 2486 39.53 -63.72 -80.43
N GLN A 2487 39.85 -62.42 -80.38
CA GLN A 2487 40.25 -61.84 -79.12
C GLN A 2487 39.17 -60.92 -78.57
N PRO A 2488 39.03 -60.82 -77.26
CA PRO A 2488 38.09 -59.84 -76.69
C PRO A 2488 38.65 -58.43 -76.84
N LYS A 2489 37.74 -57.46 -76.80
CA LYS A 2489 38.12 -56.06 -76.80
C LYS A 2489 38.30 -55.63 -75.35
N MET A 2490 39.56 -55.42 -74.95
CA MET A 2490 39.86 -55.19 -73.54
C MET A 2490 39.22 -53.91 -73.03
N SER A 2491 38.88 -52.99 -73.91
CA SER A 2491 38.25 -51.73 -73.54
C SER A 2491 36.74 -51.84 -73.45
N ALA A 2492 36.17 -53.01 -73.73
CA ALA A 2492 34.72 -53.19 -73.69
C ALA A 2492 34.34 -54.53 -73.10
N SER A 2493 35.10 -55.03 -72.14
CA SER A 2493 34.83 -56.35 -71.59
C SER A 2493 35.36 -56.44 -70.17
N PHE A 2494 34.93 -57.49 -69.48
CA PHE A 2494 35.44 -57.79 -68.15
C PHE A 2494 36.93 -58.13 -68.25
N VAL A 2495 37.74 -57.51 -67.40
CA VAL A 2495 39.19 -57.64 -67.50
C VAL A 2495 39.72 -58.02 -66.12
N PRO A 2496 40.91 -58.65 -66.08
CA PRO A 2496 41.45 -59.11 -64.79
C PRO A 2496 41.77 -58.02 -63.80
N ASP A 2497 41.92 -56.76 -64.23
CA ASP A 2497 42.13 -55.69 -63.26
C ASP A 2497 40.95 -55.56 -62.31
N HIS A 2498 39.75 -55.78 -62.83
CA HIS A 2498 38.55 -55.77 -61.99
C HIS A 2498 38.65 -56.82 -60.90
N LYS A 2499 39.13 -58.01 -61.25
CA LYS A 2499 39.33 -59.05 -60.25
C LYS A 2499 40.45 -58.69 -59.28
N ALA A 2500 41.50 -58.04 -59.78
CA ALA A 2500 42.64 -57.69 -58.93
C ALA A 2500 42.20 -56.73 -57.82
N SER A 2501 41.30 -55.80 -58.15
CA SER A 2501 40.78 -54.91 -57.11
C SER A 2501 40.08 -55.69 -56.01
N MET A 2502 39.24 -56.65 -56.38
CA MET A 2502 38.56 -57.47 -55.38
C MET A 2502 39.54 -58.28 -54.57
N VAL A 2503 40.58 -58.79 -55.21
CA VAL A 2503 41.59 -59.56 -54.48
C VAL A 2503 42.29 -58.67 -53.44
N LEU A 2504 42.63 -57.45 -53.82
CA LEU A 2504 43.24 -56.53 -52.87
C LEU A 2504 42.32 -56.26 -51.69
N PHE A 2505 41.05 -56.01 -51.97
CA PHE A 2505 40.11 -55.77 -50.89
C PHE A 2505 39.98 -56.99 -49.99
N LEU A 2506 39.90 -58.17 -50.58
CA LEU A 2506 39.76 -59.39 -49.80
C LEU A 2506 40.97 -59.62 -48.90
N ASP A 2507 42.17 -59.35 -49.43
CA ASP A 2507 43.38 -59.52 -48.64
C ASP A 2507 43.44 -58.53 -47.50
N ARG A 2508 43.24 -57.25 -47.79
CA ARG A 2508 43.47 -56.23 -46.77
C ARG A 2508 42.35 -56.20 -45.74
N VAL A 2509 41.11 -56.32 -46.16
CA VAL A 2509 39.98 -56.20 -45.25
C VAL A 2509 39.65 -57.53 -44.58
N TYR A 2510 39.31 -58.54 -45.37
CA TYR A 2510 38.90 -59.83 -44.82
C TYR A 2510 40.10 -60.71 -44.48
N GLY A 2511 41.00 -60.91 -45.43
CA GLY A 2511 42.15 -61.75 -45.22
C GLY A 2511 41.78 -63.22 -45.20
N ILE A 2512 42.77 -64.05 -45.52
CA ILE A 2512 42.61 -65.50 -45.56
C ILE A 2512 43.18 -66.04 -44.26
N GLU A 2513 42.33 -66.72 -43.48
CA GLU A 2513 42.76 -67.21 -42.17
C GLU A 2513 42.47 -68.68 -41.93
N ASN A 2514 41.66 -69.32 -42.77
CA ASN A 2514 41.34 -70.73 -42.58
C ASN A 2514 41.58 -71.50 -43.87
N GLN A 2515 42.07 -72.73 -43.69
CA GLN A 2515 42.50 -73.55 -44.82
C GLN A 2515 41.33 -73.90 -45.72
N ASP A 2516 40.17 -74.22 -45.14
CA ASP A 2516 39.02 -74.60 -45.94
C ASP A 2516 38.59 -73.45 -46.84
N PHE A 2517 38.56 -72.23 -46.31
CA PHE A 2517 38.20 -71.08 -47.14
C PHE A 2517 39.27 -70.80 -48.18
N LEU A 2518 40.54 -71.00 -47.83
CA LEU A 2518 41.59 -70.80 -48.83
C LEU A 2518 41.41 -71.75 -50.01
N LEU A 2519 41.10 -73.01 -49.73
CA LEU A 2519 40.86 -73.96 -50.80
C LEU A 2519 39.59 -73.63 -51.57
N HIS A 2520 38.57 -73.12 -50.88
CA HIS A 2520 37.34 -72.74 -51.57
C HIS A 2520 37.59 -71.59 -52.53
N VAL A 2521 38.41 -70.62 -52.13
CA VAL A 2521 38.74 -69.54 -53.05
C VAL A 2521 39.58 -70.07 -54.20
N LEU A 2522 40.54 -70.96 -53.91
CA LEU A 2522 41.42 -71.46 -54.96
C LEU A 2522 40.65 -72.19 -56.04
N ASP A 2523 39.78 -73.12 -55.64
CA ASP A 2523 39.23 -74.02 -56.64
C ASP A 2523 38.09 -73.41 -57.45
N VAL A 2524 37.60 -72.22 -57.09
CA VAL A 2524 36.53 -71.58 -57.83
C VAL A 2524 36.99 -70.29 -58.51
N GLY A 2525 37.90 -69.55 -57.88
CA GLY A 2525 38.28 -68.26 -58.41
C GLY A 2525 39.68 -68.17 -58.99
N PHE A 2526 40.66 -68.77 -58.33
CA PHE A 2526 42.05 -68.59 -58.71
C PHE A 2526 42.55 -69.68 -59.66
N LEU A 2527 42.24 -70.94 -59.37
CA LEU A 2527 42.75 -72.03 -60.19
C LEU A 2527 42.29 -71.96 -61.64
N PRO A 2528 41.03 -71.67 -61.96
CA PRO A 2528 40.67 -71.51 -63.37
C PRO A 2528 41.45 -70.42 -64.07
N ASP A 2529 41.71 -69.30 -63.39
CA ASP A 2529 42.49 -68.23 -64.02
C ASP A 2529 43.94 -68.65 -64.22
N MET A 2530 44.50 -69.36 -63.24
CA MET A 2530 45.87 -69.87 -63.39
C MET A 2530 45.95 -70.83 -64.58
N ARG A 2531 44.97 -71.72 -64.70
CA ARG A 2531 44.97 -72.66 -65.83
C ARG A 2531 44.81 -71.93 -67.15
N ALA A 2532 43.96 -70.91 -67.19
CA ALA A 2532 43.78 -70.15 -68.43
C ALA A 2532 45.07 -69.46 -68.82
N ALA A 2533 45.75 -68.83 -67.86
CA ALA A 2533 47.00 -68.16 -68.17
C ALA A 2533 48.05 -69.16 -68.64
N ALA A 2534 48.09 -70.34 -68.02
CA ALA A 2534 49.02 -71.38 -68.48
C ALA A 2534 48.70 -71.81 -69.90
N SER A 2535 47.42 -71.96 -70.21
CA SER A 2535 47.03 -72.38 -71.55
C SER A 2535 47.37 -71.34 -72.60
N LEU A 2536 47.26 -70.06 -72.25
CA LEU A 2536 47.57 -69.01 -73.22
C LEU A 2536 49.06 -68.90 -73.52
N ASP A 2537 49.93 -69.58 -72.77
CA ASP A 2537 51.37 -69.50 -73.00
C ASP A 2537 51.77 -70.48 -74.10
N THR A 2538 51.35 -70.16 -75.32
CA THR A 2538 51.64 -70.96 -76.50
C THR A 2538 52.35 -70.08 -77.53
N ALA A 2539 52.56 -70.64 -78.72
CA ALA A 2539 53.22 -69.87 -79.78
C ALA A 2539 52.40 -68.66 -80.18
N THR A 2540 51.08 -68.81 -80.25
CA THR A 2540 50.22 -67.75 -80.77
C THR A 2540 49.71 -66.83 -79.68
N PHE A 2541 49.18 -67.38 -78.59
CA PHE A 2541 48.44 -66.61 -77.60
C PHE A 2541 49.33 -65.93 -76.57
N SER A 2542 50.63 -66.20 -76.56
CA SER A 2542 51.46 -65.77 -75.45
C SER A 2542 51.53 -64.26 -75.33
N THR A 2543 51.57 -63.56 -76.46
CA THR A 2543 51.71 -62.11 -76.46
C THR A 2543 50.38 -61.37 -76.56
N THR A 2544 49.26 -62.09 -76.48
CA THR A 2544 47.96 -61.43 -76.60
C THR A 2544 47.68 -60.57 -75.38
N GLU A 2545 46.82 -59.57 -75.58
CA GLU A 2545 46.49 -58.62 -74.52
C GLU A 2545 45.84 -59.34 -73.34
N MET A 2546 44.95 -60.28 -73.63
CA MET A 2546 44.29 -61.03 -72.55
C MET A 2546 45.30 -61.84 -71.75
N ALA A 2547 46.27 -62.47 -72.44
CA ALA A 2547 47.27 -63.25 -71.73
C ALA A 2547 48.15 -62.36 -70.86
N LEU A 2548 48.54 -61.20 -71.38
CA LEU A 2548 49.34 -60.28 -70.58
C LEU A 2548 48.57 -59.77 -69.37
N ALA A 2549 47.28 -59.50 -69.55
CA ALA A 2549 46.45 -59.08 -68.43
C ALA A 2549 46.35 -60.18 -67.38
N LEU A 2550 46.20 -61.42 -67.82
CA LEU A 2550 46.17 -62.55 -66.88
C LEU A 2550 47.50 -62.65 -66.13
N ASN A 2551 48.61 -62.46 -66.84
CA ASN A 2551 49.91 -62.54 -66.19
C ASN A 2551 50.05 -61.45 -65.12
N ARG A 2552 49.65 -60.22 -65.45
CA ARG A 2552 49.73 -59.16 -64.45
C ARG A 2552 48.82 -59.44 -63.27
N TYR A 2553 47.61 -59.93 -63.53
CA TYR A 2553 46.67 -60.24 -62.46
C TYR A 2553 47.21 -61.33 -61.56
N LEU A 2554 47.83 -62.35 -62.13
CA LEU A 2554 48.37 -63.43 -61.30
C LEU A 2554 49.60 -62.97 -60.52
N CYS A 2555 50.50 -62.24 -61.16
CA CYS A 2555 51.76 -61.89 -60.54
C CYS A 2555 51.66 -60.68 -59.62
N LEU A 2556 50.53 -59.97 -59.63
CA LEU A 2556 50.35 -58.85 -58.73
C LEU A 2556 49.24 -59.05 -57.71
N ALA A 2557 48.30 -59.97 -57.95
CA ALA A 2557 47.19 -60.18 -57.04
C ALA A 2557 47.15 -61.58 -56.45
N VAL A 2558 47.17 -62.61 -57.29
CA VAL A 2558 46.85 -63.96 -56.82
C VAL A 2558 48.05 -64.63 -56.19
N LEU A 2559 49.17 -64.66 -56.92
CA LEU A 2559 50.33 -65.40 -56.44
C LEU A 2559 50.94 -64.85 -55.17
N PRO A 2560 51.12 -63.53 -54.98
CA PRO A 2560 51.60 -63.05 -53.68
C PRO A 2560 50.69 -63.44 -52.54
N LEU A 2561 49.37 -63.41 -52.76
CA LEU A 2561 48.44 -63.82 -51.72
C LEU A 2561 48.61 -65.30 -51.39
N ILE A 2562 48.76 -66.14 -52.42
CA ILE A 2562 48.98 -67.56 -52.17
C ILE A 2562 50.28 -67.78 -51.41
N THR A 2563 51.32 -67.04 -51.77
CA THR A 2563 52.59 -67.14 -51.05
C THR A 2563 52.42 -66.77 -49.59
N LYS A 2564 51.66 -65.71 -49.32
CA LYS A 2564 51.37 -65.34 -47.94
C LYS A 2564 50.62 -66.46 -47.22
N CYS A 2565 49.65 -67.07 -47.90
CA CYS A 2565 48.83 -68.12 -47.31
C CYS A 2565 49.43 -69.50 -47.50
N ALA A 2566 50.73 -69.59 -47.79
CA ALA A 2566 51.36 -70.90 -47.96
C ALA A 2566 51.27 -71.80 -46.74
N PRO A 2567 51.48 -71.33 -45.50
CA PRO A 2567 51.46 -72.26 -44.36
C PRO A 2567 50.14 -72.97 -44.18
N LEU A 2568 49.05 -72.47 -44.75
CA LEU A 2568 47.75 -73.09 -44.58
C LEU A 2568 47.61 -74.40 -45.35
N PHE A 2569 48.60 -74.76 -46.17
CA PHE A 2569 48.56 -75.99 -46.95
C PHE A 2569 49.12 -77.18 -46.19
N ALA A 2570 49.42 -77.03 -44.91
CA ALA A 2570 50.11 -78.08 -44.17
C ALA A 2570 49.26 -79.35 -44.07
N GLY A 2571 47.96 -79.20 -43.85
CA GLY A 2571 47.11 -80.36 -43.62
C GLY A 2571 46.11 -80.62 -44.73
N THR A 2572 46.54 -80.51 -45.98
CA THR A 2572 45.64 -80.63 -47.13
C THR A 2572 45.65 -82.02 -47.73
N GLU A 2573 45.77 -83.05 -46.90
CA GLU A 2573 45.72 -84.42 -47.41
C GLU A 2573 44.40 -84.71 -48.13
N HIS A 2574 43.30 -84.13 -47.65
CA HIS A 2574 41.99 -84.46 -48.20
C HIS A 2574 41.76 -83.85 -49.58
N ARG A 2575 42.49 -82.80 -49.95
CA ARG A 2575 42.33 -82.16 -51.25
C ARG A 2575 43.62 -82.28 -52.06
N ALA A 2576 44.21 -83.49 -52.02
CA ALA A 2576 45.49 -83.71 -52.67
C ALA A 2576 45.42 -83.51 -54.17
N ILE A 2577 44.31 -83.90 -54.80
CA ILE A 2577 44.17 -83.73 -56.24
C ILE A 2577 44.23 -82.25 -56.61
N MET A 2578 43.46 -81.42 -55.89
CA MET A 2578 43.46 -80.00 -56.17
C MET A 2578 44.84 -79.38 -55.90
N VAL A 2579 45.48 -79.78 -54.81
CA VAL A 2579 46.80 -79.23 -54.50
C VAL A 2579 47.80 -79.59 -55.58
N ASP A 2580 47.75 -80.84 -56.07
CA ASP A 2580 48.67 -81.25 -57.12
C ASP A 2580 48.40 -80.50 -58.41
N SER A 2581 47.13 -80.31 -58.76
CA SER A 2581 46.81 -79.54 -59.97
C SER A 2581 47.31 -78.12 -59.85
N MET A 2582 47.15 -77.52 -58.67
CA MET A 2582 47.66 -76.17 -58.44
C MET A 2582 49.18 -76.12 -58.56
N LEU A 2583 49.88 -77.10 -57.99
CA LEU A 2583 51.33 -77.15 -58.13
C LEU A 2583 51.75 -77.25 -59.58
N HIS A 2584 51.06 -78.11 -60.34
CA HIS A 2584 51.39 -78.27 -61.76
CA HIS A 2584 51.39 -78.27 -61.76
C HIS A 2584 51.15 -76.97 -62.52
N THR A 2585 50.04 -76.28 -62.24
CA THR A 2585 49.75 -75.05 -62.95
C THR A 2585 50.79 -73.97 -62.64
N VAL A 2586 51.17 -73.84 -61.36
CA VAL A 2586 52.14 -72.80 -61.04
C VAL A 2586 53.50 -73.14 -61.62
N TYR A 2587 53.88 -74.43 -61.65
CA TYR A 2587 55.14 -74.80 -62.27
C TYR A 2587 55.13 -74.53 -63.77
N ARG A 2588 54.03 -74.88 -64.43
CA ARG A 2588 53.88 -74.57 -65.85
C ARG A 2588 54.02 -73.08 -66.08
N LEU A 2589 53.36 -72.26 -65.26
CA LEU A 2589 53.49 -70.82 -65.40
C LEU A 2589 54.93 -70.38 -65.25
N SER A 2590 55.65 -70.96 -64.29
CA SER A 2590 57.06 -70.63 -64.14
C SER A 2590 57.83 -70.92 -65.41
N ARG A 2591 57.56 -72.06 -66.04
CA ARG A 2591 58.18 -72.35 -67.33
C ARG A 2591 57.42 -71.67 -68.46
N GLY A 2592 57.27 -70.35 -68.40
CA GLY A 2592 56.50 -69.66 -69.40
C GLY A 2592 57.28 -68.62 -70.18
N ARG A 2593 57.02 -68.54 -71.48
CA ARG A 2593 57.61 -67.48 -72.29
C ARG A 2593 56.82 -66.19 -72.13
N SER A 2594 57.37 -65.11 -72.68
CA SER A 2594 56.72 -63.80 -72.65
C SER A 2594 56.38 -63.35 -71.23
N LEU A 2595 57.25 -63.65 -70.29
CA LEU A 2595 57.11 -63.20 -68.91
C LEU A 2595 58.32 -62.38 -68.52
N THR A 2596 58.08 -61.26 -67.85
CA THR A 2596 59.18 -60.45 -67.37
C THR A 2596 59.90 -61.17 -66.22
N LYS A 2597 61.12 -60.73 -65.95
CA LYS A 2597 61.88 -61.32 -64.86
C LYS A 2597 61.18 -61.10 -63.53
N ALA A 2598 60.57 -59.94 -63.34
CA ALA A 2598 59.85 -59.66 -62.11
C ALA A 2598 58.71 -60.65 -61.92
N GLN A 2599 57.94 -60.90 -62.98
CA GLN A 2599 56.85 -61.86 -62.89
C GLN A 2599 57.38 -63.26 -62.62
N ARG A 2600 58.47 -63.64 -63.30
CA ARG A 2600 59.00 -64.99 -63.17
C ARG A 2600 59.49 -65.24 -61.76
N ASP A 2601 60.17 -64.28 -61.14
CA ASP A 2601 60.67 -64.51 -59.79
C ASP A 2601 59.52 -64.59 -58.80
N VAL A 2602 58.43 -63.85 -59.04
CA VAL A 2602 57.25 -63.98 -58.20
C VAL A 2602 56.68 -65.39 -58.28
N ILE A 2603 56.57 -65.92 -59.50
CA ILE A 2603 56.05 -67.28 -59.65
C ILE A 2603 56.97 -68.28 -58.96
N GLU A 2604 58.28 -68.12 -59.13
CA GLU A 2604 59.22 -69.05 -58.50
C GLU A 2604 59.13 -68.99 -56.99
N ASP A 2605 59.02 -67.79 -56.42
CA ASP A 2605 58.90 -67.65 -54.98
C ASP A 2605 57.61 -68.30 -54.48
N CYS A 2606 56.52 -68.13 -55.22
CA CYS A 2606 55.28 -68.80 -54.86
C CYS A 2606 55.46 -70.31 -54.83
N LEU A 2607 56.10 -70.87 -55.86
CA LEU A 2607 56.28 -72.31 -55.92
C LEU A 2607 57.14 -72.81 -54.76
N MET A 2608 58.23 -72.10 -54.46
CA MET A 2608 59.09 -72.51 -53.35
C MET A 2608 58.34 -72.45 -52.02
N ALA A 2609 57.58 -71.38 -51.80
CA ALA A 2609 56.83 -71.25 -50.55
C ALA A 2609 55.80 -72.35 -50.42
N LEU A 2610 55.14 -72.71 -51.52
CA LEU A 2610 54.18 -73.80 -51.50
C LEU A 2610 54.86 -75.11 -51.11
N CYS A 2611 55.94 -75.45 -51.81
CA CYS A 2611 56.61 -76.72 -51.55
C CYS A 2611 57.23 -76.77 -50.16
N ARG A 2612 57.50 -75.62 -49.55
CA ARG A 2612 58.06 -75.63 -48.20
CA ARG A 2612 58.06 -75.63 -48.20
C ARG A 2612 57.07 -76.17 -47.18
N TYR A 2613 55.78 -75.88 -47.34
CA TYR A 2613 54.79 -76.30 -46.36
C TYR A 2613 53.96 -77.49 -46.79
N ILE A 2614 53.91 -77.81 -48.08
CA ILE A 2614 53.17 -79.00 -48.51
C ILE A 2614 53.89 -80.25 -48.02
N ARG A 2615 53.12 -81.25 -47.62
CA ARG A 2615 53.68 -82.50 -47.14
C ARG A 2615 54.45 -83.20 -48.25
N PRO A 2616 55.50 -83.96 -47.91
CA PRO A 2616 56.28 -84.63 -48.95
C PRO A 2616 55.48 -85.62 -49.77
N SER A 2617 54.41 -86.18 -49.21
CA SER A 2617 53.65 -87.18 -49.95
C SER A 2617 52.94 -86.57 -51.15
N MET A 2618 52.57 -85.30 -51.08
CA MET A 2618 51.85 -84.65 -52.17
C MET A 2618 52.73 -84.19 -53.31
N LEU A 2619 54.05 -84.13 -53.10
CA LEU A 2619 54.96 -83.60 -54.11
C LEU A 2619 55.45 -84.66 -55.08
N GLN A 2620 54.86 -85.85 -55.08
CA GLN A 2620 55.36 -86.93 -55.90
C GLN A 2620 55.20 -86.64 -57.39
N HIS A 2621 54.05 -86.13 -57.80
CA HIS A 2621 53.85 -85.83 -59.21
C HIS A 2621 54.74 -84.68 -59.68
N LEU A 2622 54.91 -83.66 -58.84
CA LEU A 2622 55.83 -82.58 -59.19
C LEU A 2622 57.24 -83.10 -59.33
N LEU A 2623 57.65 -84.00 -58.43
CA LEU A 2623 58.96 -84.62 -58.57
C LEU A 2623 59.06 -85.42 -59.86
N ARG A 2624 57.97 -86.08 -60.25
CA ARG A 2624 57.98 -86.85 -61.49
C ARG A 2624 58.18 -85.95 -62.69
N ARG A 2625 57.55 -84.77 -62.68
CA ARG A 2625 57.76 -83.82 -63.77
C ARG A 2625 59.18 -83.28 -63.75
N LEU A 2626 59.71 -83.00 -62.56
CA LEU A 2626 61.07 -82.45 -62.46
C LEU A 2626 62.11 -83.48 -62.89
N VAL A 2627 61.83 -84.77 -62.71
CA VAL A 2627 62.75 -85.79 -63.18
C VAL A 2627 62.88 -85.72 -64.70
N PHE A 2628 61.80 -85.39 -65.39
CA PHE A 2628 61.87 -85.22 -66.84
C PHE A 2628 62.51 -83.90 -67.23
N ASP A 2629 62.24 -82.83 -66.48
CA ASP A 2629 62.58 -81.48 -66.92
C ASP A 2629 63.95 -80.98 -66.43
N VAL A 2630 64.52 -81.58 -65.38
CA VAL A 2630 65.76 -81.04 -64.82
C VAL A 2630 67.00 -81.50 -65.58
N PRO A 2631 67.18 -82.79 -65.91
CA PRO A 2631 68.50 -83.24 -66.39
C PRO A 2631 68.99 -82.56 -67.66
N ILE A 2632 68.12 -81.97 -68.47
CA ILE A 2632 68.62 -81.30 -69.68
C ILE A 2632 69.44 -80.06 -69.31
N LEU A 2633 69.24 -79.54 -68.10
CA LEU A 2633 70.09 -78.50 -67.52
C LEU A 2633 70.21 -77.27 -68.42
N ASN A 2634 69.09 -76.83 -68.97
CA ASN A 2634 69.07 -75.61 -69.76
C ASN A 2634 68.95 -74.41 -68.81
N GLU A 2635 68.66 -73.24 -69.38
CA GLU A 2635 68.55 -72.04 -68.56
C GLU A 2635 67.35 -72.06 -67.63
N PHE A 2636 66.42 -73.00 -67.83
CA PHE A 2636 65.22 -73.07 -67.01
C PHE A 2636 65.36 -73.94 -65.78
N ALA A 2637 66.50 -74.60 -65.60
CA ALA A 2637 66.63 -75.61 -64.56
C ALA A 2637 67.09 -75.05 -63.22
N LYS A 2638 67.41 -73.76 -63.15
CA LYS A 2638 67.98 -73.22 -61.91
C LYS A 2638 66.98 -73.25 -60.78
N MET A 2639 65.78 -72.73 -61.00
CA MET A 2639 64.75 -72.77 -59.97
C MET A 2639 64.36 -74.19 -59.61
N PRO A 2640 64.13 -75.10 -60.56
CA PRO A 2640 63.86 -76.50 -60.16
C PRO A 2640 64.97 -77.12 -59.34
N LEU A 2641 66.23 -76.84 -59.66
CA LEU A 2641 67.31 -77.42 -58.87
C LEU A 2641 67.33 -76.85 -57.47
N LYS A 2642 67.09 -75.54 -57.34
CA LYS A 2642 67.02 -74.95 -56.01
C LYS A 2642 65.86 -75.53 -55.21
N LEU A 2643 64.72 -75.73 -55.88
CA LEU A 2643 63.56 -76.33 -55.22
C LEU A 2643 63.87 -77.73 -54.73
N LEU A 2644 64.52 -78.53 -55.58
CA LEU A 2644 64.88 -79.89 -55.17
C LEU A 2644 65.85 -79.88 -54.01
N THR A 2645 66.81 -78.95 -54.04
CA THR A 2645 67.76 -78.83 -52.93
C THR A 2645 67.03 -78.58 -51.63
N ASN A 2646 66.15 -77.57 -51.60
CA ASN A 2646 65.43 -77.26 -50.37
C ASN A 2646 64.54 -78.43 -49.95
N HIS A 2647 63.85 -79.04 -50.91
CA HIS A 2647 62.91 -80.11 -50.59
C HIS A 2647 63.62 -81.30 -49.96
N TYR A 2648 64.75 -81.70 -50.53
CA TYR A 2648 65.45 -82.86 -49.99
C TYR A 2648 66.21 -82.53 -48.73
N GLU A 2649 66.68 -81.29 -48.57
CA GLU A 2649 67.32 -80.93 -47.30
C GLU A 2649 66.31 -80.92 -46.17
N ARG A 2650 65.11 -80.41 -46.43
CA ARG A 2650 64.10 -80.35 -45.38
C ARG A 2650 63.51 -81.71 -45.07
N CYS A 2651 63.21 -82.50 -46.10
CA CYS A 2651 62.48 -83.75 -45.96
C CYS A 2651 63.38 -84.97 -46.13
N TRP A 2652 64.61 -84.91 -45.63
CA TRP A 2652 65.53 -86.00 -45.86
C TRP A 2652 65.20 -87.23 -45.03
N LYS A 2653 64.65 -87.05 -43.82
CA LYS A 2653 64.29 -88.20 -43.01
C LYS A 2653 63.23 -89.05 -43.67
N TYR A 2654 62.22 -88.42 -44.28
CA TYR A 2654 61.13 -89.13 -44.91
C TYR A 2654 61.62 -90.11 -45.97
N TYR A 2655 62.74 -89.80 -46.61
CA TYR A 2655 63.32 -90.69 -47.62
C TYR A 2655 64.38 -91.61 -47.06
N CYS A 2656 65.11 -91.20 -46.02
CA CYS A 2656 66.23 -91.99 -45.55
C CYS A 2656 65.84 -92.96 -44.45
N LEU A 2657 65.27 -92.47 -43.36
CA LEU A 2657 65.08 -93.32 -42.19
C LEU A 2657 64.07 -94.42 -42.48
N PRO A 2658 64.34 -95.65 -42.04
CA PRO A 2658 63.38 -96.74 -42.27
C PRO A 2658 62.03 -96.48 -41.62
N THR A 2659 62.01 -95.85 -40.46
CA THR A 2659 60.76 -95.51 -39.79
C THR A 2659 60.08 -94.29 -40.39
N GLY A 2660 60.78 -93.52 -41.22
CA GLY A 2660 60.21 -92.36 -41.84
C GLY A 2660 60.18 -91.16 -40.92
N TRP A 2661 59.76 -90.03 -41.49
CA TRP A 2661 59.67 -88.81 -40.72
C TRP A 2661 58.52 -88.90 -39.72
N ALA A 2662 58.64 -88.14 -38.64
CA ALA A 2662 57.59 -88.13 -37.63
C ALA A 2662 56.29 -87.61 -38.23
N ASN A 2663 55.21 -88.36 -38.01
CA ASN A 2663 53.85 -88.00 -38.43
C ASN A 2663 53.76 -87.57 -39.90
N PHE A 2664 54.71 -88.01 -40.72
CA PHE A 2664 54.67 -87.75 -42.15
C PHE A 2664 54.65 -89.00 -43.00
N GLY A 2665 54.90 -90.17 -42.42
CA GLY A 2665 54.96 -91.40 -43.18
C GLY A 2665 56.36 -91.69 -43.68
N VAL A 2666 56.42 -92.69 -44.56
CA VAL A 2666 57.68 -93.13 -45.16
C VAL A 2666 57.48 -93.15 -46.67
N THR A 2667 58.60 -93.11 -47.39
CA THR A 2667 58.58 -93.12 -48.84
C THR A 2667 57.89 -94.37 -49.37
N SER A 2668 57.46 -94.32 -50.63
CA SER A 2668 56.58 -95.33 -51.20
C SER A 2668 57.27 -96.20 -52.24
N GLU A 2669 58.61 -96.29 -52.22
CA GLU A 2669 59.38 -97.18 -53.07
C GLU A 2669 59.28 -96.76 -54.54
N GLU A 2670 58.44 -95.78 -54.83
CA GLU A 2670 58.41 -95.13 -56.13
C GLU A 2670 59.06 -93.74 -56.08
N GLU A 2671 58.86 -93.02 -54.98
CA GLU A 2671 59.57 -91.77 -54.79
C GLU A 2671 61.07 -91.99 -54.72
N LEU A 2672 61.49 -93.11 -54.11
CA LEU A 2672 62.92 -93.43 -54.08
C LEU A 2672 63.45 -93.68 -55.49
N HIS A 2673 62.67 -94.37 -56.32
CA HIS A 2673 63.09 -94.59 -57.69
C HIS A 2673 63.20 -93.28 -58.45
N LEU A 2674 62.22 -92.39 -58.27
CA LEU A 2674 62.28 -91.08 -58.92
C LEU A 2674 63.50 -90.30 -58.44
N THR A 2675 63.80 -90.36 -57.15
CA THR A 2675 64.96 -89.66 -56.60
C THR A 2675 66.26 -90.21 -57.19
N ARG A 2676 66.36 -91.53 -57.29
CA ARG A 2676 67.55 -92.13 -57.88
C ARG A 2676 67.73 -91.72 -59.33
N LYS A 2677 66.64 -91.75 -60.11
CA LYS A 2677 66.72 -91.34 -61.50
C LYS A 2677 67.11 -89.88 -61.61
N LEU A 2678 66.56 -89.02 -60.74
CA LEU A 2678 66.91 -87.62 -60.75
C LEU A 2678 68.40 -87.43 -60.46
N PHE A 2679 68.91 -88.11 -59.44
CA PHE A 2679 70.31 -87.99 -59.08
C PHE A 2679 71.20 -88.40 -60.25
N TRP A 2680 70.93 -89.57 -60.83
CA TRP A 2680 71.82 -90.05 -61.88
C TRP A 2680 71.68 -89.23 -63.15
N GLY A 2681 70.48 -88.74 -63.46
CA GLY A 2681 70.35 -87.86 -64.62
C GLY A 2681 71.12 -86.58 -64.46
N ILE A 2682 71.00 -85.94 -63.30
CA ILE A 2682 71.77 -84.71 -63.06
C ILE A 2682 73.26 -85.00 -63.12
N PHE A 2683 73.69 -86.11 -62.50
CA PHE A 2683 75.10 -86.45 -62.48
C PHE A 2683 75.66 -86.65 -63.87
N ASP A 2684 74.96 -87.47 -64.69
CA ASP A 2684 75.44 -87.75 -66.03
C ASP A 2684 75.43 -86.50 -66.90
N SER A 2685 74.38 -85.68 -66.80
CA SER A 2685 74.33 -84.47 -67.59
C SER A 2685 75.46 -83.50 -67.20
N LEU A 2686 75.71 -83.37 -65.91
CA LEU A 2686 76.75 -82.45 -65.46
C LEU A 2686 78.13 -82.96 -65.81
N ALA A 2687 78.30 -84.29 -65.88
CA ALA A 2687 79.60 -84.83 -66.28
C ALA A 2687 79.97 -84.47 -67.70
N HIS A 2688 78.98 -84.22 -68.58
CA HIS A 2688 79.25 -83.88 -69.96
C HIS A 2688 79.09 -82.40 -70.27
N LYS A 2689 78.36 -81.64 -69.45
CA LYS A 2689 78.19 -80.22 -69.71
C LYS A 2689 79.52 -79.50 -69.61
N LYS A 2690 79.76 -78.59 -70.56
CA LYS A 2690 80.93 -77.72 -70.49
C LYS A 2690 80.87 -76.90 -69.21
N TYR A 2691 82.02 -76.73 -68.58
CA TYR A 2691 82.07 -76.10 -67.26
C TYR A 2691 81.45 -74.71 -67.28
N ASP A 2692 80.38 -74.56 -66.51
CA ASP A 2692 79.78 -73.26 -66.23
C ASP A 2692 79.71 -73.09 -64.71
N GLN A 2693 80.37 -72.05 -64.20
CA GLN A 2693 80.41 -71.86 -62.75
C GLN A 2693 79.02 -71.63 -62.19
N GLU A 2694 78.19 -70.88 -62.91
CA GLU A 2694 76.83 -70.63 -62.45
C GLU A 2694 76.06 -71.94 -62.30
N LEU A 2695 76.20 -72.83 -63.28
CA LEU A 2695 75.50 -74.11 -63.21
C LEU A 2695 76.05 -74.96 -62.07
N TYR A 2696 77.37 -75.00 -61.93
CA TYR A 2696 77.99 -75.87 -60.92
C TYR A 2696 77.63 -75.43 -59.51
N ARG A 2697 77.68 -74.13 -59.22
CA ARG A 2697 77.55 -73.68 -57.84
C ARG A 2697 76.22 -74.10 -57.25
N MET A 2698 75.16 -74.08 -58.05
CA MET A 2698 73.84 -74.47 -57.61
C MET A 2698 73.36 -75.81 -58.16
N ALA A 2699 74.23 -76.58 -58.81
CA ALA A 2699 73.90 -77.98 -59.09
C ALA A 2699 74.55 -78.92 -58.08
N MET A 2700 75.71 -78.54 -57.55
CA MET A 2700 76.35 -79.37 -56.53
C MET A 2700 75.50 -79.58 -55.29
N PRO A 2701 74.91 -78.56 -54.67
CA PRO A 2701 74.09 -78.80 -53.48
C PRO A 2701 72.90 -79.71 -53.74
N CYS A 2702 72.31 -79.64 -54.93
CA CYS A 2702 71.19 -80.54 -55.22
C CYS A 2702 71.64 -81.99 -55.20
N LEU A 2703 72.79 -82.29 -55.81
CA LEU A 2703 73.31 -83.65 -55.77
C LEU A 2703 73.62 -84.08 -54.35
N CYS A 2704 74.23 -83.19 -53.56
CA CYS A 2704 74.52 -83.55 -52.17
C CYS A 2704 73.24 -83.85 -51.40
N ALA A 2705 72.22 -83.02 -51.55
CA ALA A 2705 70.97 -83.23 -50.83
C ALA A 2705 70.31 -84.53 -51.27
N ILE A 2706 70.29 -84.81 -52.57
CA ILE A 2706 69.66 -86.03 -53.05
C ILE A 2706 70.40 -87.25 -52.53
N ALA A 2707 71.74 -87.23 -52.58
CA ALA A 2707 72.52 -88.36 -52.08
C ALA A 2707 72.31 -88.56 -50.59
N GLY A 2708 72.22 -87.47 -49.82
CA GLY A 2708 71.90 -87.60 -48.42
C GLY A 2708 70.51 -88.13 -48.14
N ALA A 2709 69.56 -87.84 -49.02
CA ALA A 2709 68.19 -88.34 -48.87
C ALA A 2709 68.06 -89.82 -49.21
N LEU A 2710 68.70 -90.28 -50.28
CA LEU A 2710 68.56 -91.67 -50.67
C LEU A 2710 69.23 -92.59 -49.66
N PRO A 2711 68.58 -93.66 -49.23
CA PRO A 2711 69.24 -94.63 -48.35
C PRO A 2711 70.40 -95.28 -49.07
N PRO A 2712 71.51 -95.53 -48.37
CA PRO A 2712 72.67 -96.11 -49.04
C PRO A 2712 72.42 -97.49 -49.63
N ASP A 2713 71.57 -98.29 -49.00
CA ASP A 2713 71.33 -99.66 -49.43
C ASP A 2713 70.06 -99.80 -50.26
N TYR A 2714 69.51 -98.70 -50.75
CA TYR A 2714 68.29 -98.77 -51.52
C TYR A 2714 68.50 -99.57 -52.80
N VAL A 2715 67.58 -100.48 -53.08
CA VAL A 2715 67.61 -101.30 -54.28
C VAL A 2715 66.32 -101.05 -55.04
N ASP A 2716 66.44 -100.54 -56.26
CA ASP A 2716 65.28 -100.27 -57.09
C ASP A 2716 64.72 -101.57 -57.66
N ALA A 2717 63.41 -101.74 -57.56
CA ALA A 2717 62.79 -102.96 -58.06
C ALA A 2717 62.98 -103.10 -59.57
N SER A 2718 62.80 -102.01 -60.31
CA SER A 2718 62.95 -102.02 -61.76
C SER A 2718 64.34 -101.52 -62.10
N TYR A 2719 65.31 -102.43 -62.06
CA TYR A 2719 66.70 -102.09 -62.35
C TYR A 2719 66.94 -102.19 -63.87
N SER A 2720 66.27 -101.30 -64.58
CA SER A 2720 66.40 -101.22 -66.03
C SER A 2720 65.97 -99.84 -66.49
N SER A 2721 66.47 -99.43 -67.66
CA SER A 2721 66.14 -98.13 -68.21
C SER A 2721 66.20 -98.20 -69.73
N LYS A 2722 65.49 -97.27 -70.37
CA LYS A 2722 65.51 -97.18 -71.82
C LYS A 2722 66.81 -96.57 -72.32
N ALA A 2723 67.45 -95.73 -71.50
CA ALA A 2723 68.68 -95.03 -71.87
C ALA A 2723 68.49 -94.19 -73.13
N GLU A 2724 67.33 -93.56 -73.25
CA GLU A 2724 67.01 -92.69 -74.37
C GLU A 2724 67.31 -91.24 -74.01
N LYS A 2725 67.41 -90.41 -75.06
CA LYS A 2725 67.69 -88.98 -74.92
C LYS A 2725 68.98 -88.72 -74.17
N ASN A 2734 54.31 -79.57 -75.02
CA ASN A 2734 53.57 -80.41 -74.07
C ASN A 2734 53.96 -81.87 -74.24
N PHE A 2735 52.96 -82.75 -74.12
CA PHE A 2735 53.15 -84.20 -74.24
C PHE A 2735 52.42 -84.70 -75.47
N ASP A 2736 53.13 -85.41 -76.34
CA ASP A 2736 52.57 -85.95 -77.58
C ASP A 2736 52.78 -87.45 -77.62
N PRO A 2737 51.81 -88.25 -77.15
CA PRO A 2737 51.98 -89.71 -77.18
C PRO A 2737 51.88 -90.28 -78.58
N ARG A 2738 52.98 -90.82 -79.09
CA ARG A 2738 53.02 -91.35 -80.45
C ARG A 2738 52.30 -92.69 -80.51
N PRO A 2739 51.35 -92.88 -81.42
CA PRO A 2739 50.75 -94.20 -81.61
C PRO A 2739 51.69 -95.13 -82.36
N VAL A 2740 51.25 -96.36 -82.63
CA VAL A 2740 52.00 -97.32 -83.42
C VAL A 2740 51.30 -97.52 -84.74
N GLU A 2741 52.02 -97.31 -85.84
CA GLU A 2741 51.44 -97.38 -87.18
C GLU A 2741 51.23 -98.84 -87.55
N THR A 2742 49.98 -99.22 -87.76
CA THR A 2742 49.62 -100.60 -88.09
C THR A 2742 48.85 -100.74 -89.39
N LEU A 2743 48.17 -99.70 -89.88
CA LEU A 2743 47.41 -99.81 -91.11
C LEU A 2743 48.33 -99.97 -92.32
N ASN A 2744 49.53 -99.38 -92.26
CA ASN A 2744 50.46 -99.48 -93.38
C ASN A 2744 50.90 -100.93 -93.62
N VAL A 2745 51.19 -101.66 -92.55
CA VAL A 2745 51.64 -103.04 -92.68
C VAL A 2745 50.44 -103.96 -92.80
N ILE A 2746 50.61 -105.03 -93.59
CA ILE A 2746 49.53 -105.97 -93.82
C ILE A 2746 49.36 -106.88 -92.60
N ILE A 2747 48.12 -107.07 -92.17
CA ILE A 2747 47.80 -107.95 -91.06
C ILE A 2747 47.98 -109.40 -91.52
N PRO A 2748 48.49 -110.30 -90.68
CA PRO A 2748 48.43 -111.72 -91.00
C PRO A 2748 47.07 -112.30 -90.61
N GLU A 2749 46.44 -113.01 -91.55
CA GLU A 2749 45.12 -113.59 -91.32
C GLU A 2749 45.17 -115.10 -91.16
N LYS A 2750 46.33 -115.66 -90.81
CA LYS A 2750 46.42 -117.10 -90.56
C LYS A 2750 45.76 -117.49 -89.25
N LEU A 2751 45.39 -116.52 -88.41
CA LEU A 2751 44.74 -116.77 -87.13
C LEU A 2751 43.35 -116.15 -87.06
N ASP A 2752 42.68 -116.06 -88.21
CA ASP A 2752 41.33 -115.48 -88.25
C ASP A 2752 40.35 -116.24 -87.37
N SER A 2753 40.57 -117.56 -87.19
CA SER A 2753 39.72 -118.33 -86.28
C SER A 2753 39.77 -117.78 -84.87
N PHE A 2754 40.90 -117.21 -84.46
CA PHE A 2754 40.95 -116.48 -83.21
C PHE A 2754 40.46 -115.05 -83.35
N ILE A 2755 40.82 -114.37 -84.44
CA ILE A 2755 40.49 -112.96 -84.60
C ILE A 2755 38.97 -112.74 -84.49
N ASN A 2756 38.22 -113.36 -85.41
CA ASN A 2756 36.78 -113.14 -85.44
C ASN A 2756 36.10 -113.66 -84.18
N LYS A 2757 36.52 -114.84 -83.72
CA LYS A 2757 35.90 -115.45 -82.55
C LYS A 2757 36.04 -114.55 -81.33
N PHE A 2758 37.26 -114.06 -81.06
CA PHE A 2758 37.47 -113.17 -79.93
C PHE A 2758 36.81 -111.81 -80.14
N ALA A 2759 36.77 -111.32 -81.38
CA ALA A 2759 36.14 -110.04 -81.66
C ALA A 2759 34.66 -110.06 -81.30
N GLU A 2760 33.96 -111.14 -81.67
CA GLU A 2760 32.58 -111.30 -81.22
C GLU A 2760 32.49 -111.74 -79.77
N TYR A 2761 33.55 -112.35 -79.23
CA TYR A 2761 33.52 -112.85 -77.87
C TYR A 2761 33.59 -111.72 -76.85
N THR A 2762 34.20 -110.59 -77.23
CA THR A 2762 34.17 -109.43 -76.34
C THR A 2762 32.74 -108.95 -76.12
N HIS A 2763 31.95 -108.84 -77.18
CA HIS A 2763 30.55 -108.44 -77.02
C HIS A 2763 29.74 -109.55 -76.37
N GLU A 2764 30.10 -110.81 -76.61
CA GLU A 2764 29.45 -111.90 -75.89
C GLU A 2764 29.70 -111.81 -74.40
N LYS A 2765 30.90 -111.40 -74.00
CA LYS A 2765 31.22 -111.17 -72.59
C LYS A 2765 30.47 -109.96 -72.05
N TRP A 2766 30.27 -108.92 -72.87
CA TRP A 2766 29.39 -107.84 -72.47
C TRP A 2766 27.98 -108.35 -72.21
N ALA A 2767 27.53 -109.35 -72.97
CA ALA A 2767 26.22 -109.93 -72.73
C ALA A 2767 26.14 -110.55 -71.33
N PHE A 2768 27.21 -111.23 -70.89
CA PHE A 2768 27.25 -111.76 -69.53
C PHE A 2768 27.35 -110.65 -68.50
N ASP A 2769 28.07 -109.58 -68.82
CA ASP A 2769 28.09 -108.40 -67.95
C ASP A 2769 26.68 -107.85 -67.76
N LYS A 2770 25.83 -107.96 -68.79
CA LYS A 2770 24.44 -107.53 -68.67
C LYS A 2770 23.70 -108.34 -67.61
N ILE A 2771 23.87 -109.67 -67.60
CA ILE A 2771 23.21 -110.47 -66.57
C ILE A 2771 23.83 -110.21 -65.21
N GLN A 2772 25.11 -109.82 -65.17
CA GLN A 2772 25.72 -109.39 -63.92
C GLN A 2772 25.19 -108.04 -63.46
N ASN A 2773 24.61 -107.26 -64.39
CA ASN A 2773 24.02 -105.98 -64.03
C ASN A 2773 22.63 -106.11 -63.42
N ASN A 2774 22.09 -107.33 -63.37
CA ASN A 2774 20.75 -107.68 -62.87
C ASN A 2774 19.64 -107.20 -63.78
N TRP A 2775 19.95 -106.52 -64.88
CA TRP A 2775 18.98 -106.13 -65.88
C TRP A 2775 19.29 -106.88 -67.17
N SER A 2776 18.30 -107.60 -67.70
CA SER A 2776 18.51 -108.46 -68.84
C SER A 2776 18.65 -107.64 -70.12
N TYR A 2777 18.93 -108.33 -71.22
CA TYR A 2777 19.06 -107.70 -72.53
C TYR A 2777 17.69 -107.48 -73.15
N GLY A 2778 17.59 -106.45 -73.98
CA GLY A 2778 16.35 -106.13 -74.65
C GLY A 2778 16.60 -105.89 -76.14
N GLU A 2779 15.52 -106.04 -76.90
CA GLU A 2779 15.57 -105.88 -78.35
C GLU A 2779 15.31 -104.44 -78.78
N ASN A 2780 14.24 -103.84 -78.26
CA ASN A 2780 13.89 -102.48 -78.63
C ASN A 2780 14.90 -101.48 -78.08
N VAL A 2781 15.11 -100.40 -78.83
CA VAL A 2781 16.02 -99.34 -78.42
C VAL A 2781 15.32 -98.49 -77.37
N ASP A 2782 15.94 -98.37 -76.20
CA ASP A 2782 15.34 -97.61 -75.12
C ASP A 2782 16.45 -97.09 -74.19
N GLU A 2783 16.22 -95.91 -73.62
CA GLU A 2783 17.17 -95.30 -72.70
C GLU A 2783 16.78 -95.51 -71.25
N GLU A 2784 15.67 -96.21 -70.97
CA GLU A 2784 15.25 -96.49 -69.61
C GLU A 2784 15.93 -97.72 -69.01
N LEU A 2785 16.43 -98.63 -69.85
CA LEU A 2785 17.04 -99.86 -69.36
C LEU A 2785 18.48 -99.69 -68.93
N LYS A 2786 19.06 -98.49 -69.14
CA LYS A 2786 20.43 -98.14 -68.79
C LYS A 2786 21.43 -99.24 -69.14
N THR A 2787 21.15 -99.99 -70.21
CA THR A 2787 22.03 -101.05 -70.68
C THR A 2787 22.14 -100.97 -72.20
N HIS A 2788 22.69 -102.01 -72.82
CA HIS A 2788 22.74 -102.04 -74.27
C HIS A 2788 21.34 -102.27 -74.82
N PRO A 2789 20.80 -101.36 -75.64
CA PRO A 2789 19.42 -101.51 -76.09
C PRO A 2789 19.25 -102.45 -77.28
N MET A 2790 20.32 -102.77 -78.00
CA MET A 2790 20.25 -103.61 -79.18
C MET A 2790 20.81 -105.00 -78.94
N LEU A 2791 20.97 -105.42 -77.69
CA LEU A 2791 21.51 -106.74 -77.39
C LEU A 2791 20.41 -107.79 -77.57
N ARG A 2792 20.60 -108.68 -78.55
CA ARG A 2792 19.60 -109.64 -78.94
C ARG A 2792 20.19 -111.05 -78.97
N PRO A 2793 19.35 -112.07 -78.78
CA PRO A 2793 19.85 -113.45 -78.84
C PRO A 2793 20.35 -113.78 -80.24
N TYR A 2794 21.33 -114.69 -80.29
CA TYR A 2794 21.99 -115.02 -81.54
C TYR A 2794 21.02 -115.53 -82.60
N LYS A 2795 19.88 -116.08 -82.20
CA LYS A 2795 18.85 -116.45 -83.17
C LYS A 2795 18.31 -115.22 -83.89
N THR A 2796 18.10 -114.12 -83.16
CA THR A 2796 17.56 -112.89 -83.73
C THR A 2796 18.54 -111.72 -83.60
N PHE A 2797 19.83 -112.00 -83.46
CA PHE A 2797 20.84 -110.96 -83.36
C PHE A 2797 21.33 -110.59 -84.76
N SER A 2798 21.10 -109.35 -85.15
CA SER A 2798 21.56 -108.89 -86.46
C SER A 2798 23.08 -108.81 -86.49
N GLU A 2799 23.66 -109.16 -87.64
CA GLU A 2799 25.10 -109.14 -87.81
C GLU A 2799 25.64 -107.75 -88.14
N LYS A 2800 24.78 -106.76 -88.32
CA LYS A 2800 25.26 -105.41 -88.58
C LYS A 2800 26.06 -104.87 -87.41
N ASP A 2801 25.61 -105.13 -86.18
CA ASP A 2801 26.38 -104.75 -85.00
C ASP A 2801 27.57 -105.66 -84.78
N LYS A 2802 27.46 -106.94 -85.14
CA LYS A 2802 28.57 -107.86 -84.97
C LYS A 2802 29.72 -107.53 -85.90
N GLU A 2803 29.44 -106.96 -87.07
CA GLU A 2803 30.48 -106.62 -88.04
C GLU A 2803 31.02 -105.21 -87.84
N ILE A 2804 30.61 -104.50 -86.79
CA ILE A 2804 31.22 -103.23 -86.44
C ILE A 2804 31.86 -103.23 -85.07
N TYR A 2805 31.62 -104.25 -84.24
CA TYR A 2805 32.29 -104.36 -82.94
C TYR A 2805 33.65 -105.02 -83.04
N ARG A 2806 33.98 -105.61 -84.20
CA ARG A 2806 35.24 -106.33 -84.35
C ARG A 2806 36.43 -105.42 -84.62
N TRP A 2807 36.18 -104.16 -85.00
CA TRP A 2807 37.27 -103.26 -85.34
C TRP A 2807 38.23 -102.98 -84.19
N PRO A 2808 37.77 -102.74 -82.95
CA PRO A 2808 38.74 -102.58 -81.85
C PRO A 2808 39.62 -103.81 -81.65
N ILE A 2809 39.06 -105.01 -81.81
CA ILE A 2809 39.86 -106.21 -81.66
C ILE A 2809 40.85 -106.37 -82.81
N LYS A 2810 40.42 -106.01 -84.03
CA LYS A 2810 41.33 -105.99 -85.17
C LYS A 2810 42.53 -105.09 -84.89
N GLU A 2811 42.27 -103.87 -84.44
CA GLU A 2811 43.36 -102.94 -84.15
C GLU A 2811 44.18 -103.38 -82.95
N SER A 2812 43.57 -104.06 -81.98
CA SER A 2812 44.31 -104.60 -80.85
C SER A 2812 45.31 -105.66 -81.30
N LEU A 2813 44.87 -106.57 -82.17
CA LEU A 2813 45.79 -107.58 -82.68
C LEU A 2813 46.87 -106.95 -83.56
N LYS A 2814 46.50 -105.94 -84.35
CA LYS A 2814 47.52 -105.22 -85.13
C LYS A 2814 48.57 -104.60 -84.22
N ALA A 2815 48.13 -103.97 -83.13
CA ALA A 2815 49.05 -103.35 -82.19
C ALA A 2815 49.94 -104.38 -81.52
N MET A 2816 49.36 -105.52 -81.12
CA MET A 2816 50.14 -106.55 -80.45
C MET A 2816 51.12 -107.25 -81.38
N ILE A 2817 50.84 -107.28 -82.69
CA ILE A 2817 51.75 -107.94 -83.63
C ILE A 2817 52.73 -106.97 -84.27
N ALA A 2818 52.49 -105.65 -84.18
CA ALA A 2818 53.44 -104.70 -84.72
C ALA A 2818 54.72 -104.65 -83.89
N TRP A 2819 54.63 -104.83 -82.58
CA TRP A 2819 55.78 -104.72 -81.70
C TRP A 2819 56.65 -105.97 -81.74
N GLU A 2820 57.10 -106.35 -82.94
CA GLU A 2820 57.99 -107.50 -83.19
C GLU A 2820 57.64 -108.71 -82.34
N TRP A 2821 56.36 -109.02 -82.22
CA TRP A 2821 55.89 -110.17 -81.45
C TRP A 2821 55.13 -111.10 -82.39
N THR A 2822 55.85 -112.04 -82.98
CA THR A 2822 55.22 -113.05 -83.83
C THR A 2822 54.37 -113.99 -82.98
N ILE A 2823 53.24 -114.41 -83.53
CA ILE A 2823 52.29 -115.27 -82.82
C ILE A 2823 52.27 -116.63 -83.49
N GLU A 2824 52.42 -117.68 -82.69
CA GLU A 2824 52.41 -119.05 -83.17
C GLU A 2824 51.33 -119.84 -82.45
N LYS A 2825 50.59 -120.64 -83.22
CA LYS A 2825 49.53 -121.48 -82.67
C LYS A 2825 50.14 -122.79 -82.19
N ALA A 2826 50.45 -122.86 -80.90
CA ALA A 2826 51.00 -124.09 -80.34
C ALA A 2826 49.99 -125.23 -80.43
N ARG A 2827 48.72 -124.94 -80.16
CA ARG A 2827 47.68 -125.95 -80.24
C ARG A 2827 47.09 -126.02 -81.66
N GLU A 2828 46.27 -127.04 -81.88
CA GLU A 2828 45.54 -127.19 -83.15
C GLU A 2828 44.22 -127.89 -82.83
N GLY A 2829 43.16 -127.11 -82.70
CA GLY A 2829 41.85 -127.65 -82.38
C GLY A 2829 40.74 -126.77 -82.88
N GLU A 2830 39.55 -127.04 -82.36
CA GLU A 2830 38.34 -126.29 -82.73
C GLU A 2830 38.09 -126.32 -84.24
N TYR A 2855 22.31 -118.10 -76.83
CA TYR A 2855 23.11 -116.89 -76.81
C TYR A 2855 23.70 -116.64 -75.42
N ASN A 2856 24.85 -117.25 -75.15
CA ASN A 2856 25.48 -117.15 -73.85
C ASN A 2856 26.95 -117.55 -73.94
N PRO A 2857 27.87 -116.73 -73.42
CA PRO A 2857 29.28 -117.12 -73.38
C PRO A 2857 29.54 -118.17 -72.31
N GLN A 2858 29.32 -119.45 -72.65
CA GLN A 2858 29.50 -120.51 -71.66
C GLN A 2858 30.94 -120.60 -71.16
N PRO A 2859 31.98 -120.59 -71.99
CA PRO A 2859 33.35 -120.47 -71.47
C PRO A 2859 33.60 -119.06 -70.97
N PRO A 2860 33.99 -118.92 -69.69
CA PRO A 2860 34.17 -117.57 -69.14
C PRO A 2860 35.57 -117.01 -69.34
N ASP A 2861 35.65 -115.79 -69.88
CA ASP A 2861 36.91 -115.08 -70.00
C ASP A 2861 37.09 -114.20 -68.78
N LEU A 2862 38.11 -114.48 -67.98
CA LEU A 2862 38.40 -113.75 -66.76
C LEU A 2862 39.78 -113.11 -66.85
N SER A 2863 40.13 -112.35 -65.81
CA SER A 2863 41.44 -111.72 -65.76
C SER A 2863 42.06 -111.80 -64.36
N GLY A 2864 41.45 -112.53 -63.43
CA GLY A 2864 41.98 -112.63 -62.09
C GLY A 2864 43.08 -113.64 -61.89
N VAL A 2865 43.40 -114.43 -62.91
CA VAL A 2865 44.43 -115.45 -62.79
C VAL A 2865 45.77 -114.84 -63.15
N THR A 2866 46.83 -115.42 -62.59
CA THR A 2866 48.19 -114.92 -62.79
C THR A 2866 48.73 -115.37 -64.14
N LEU A 2867 49.93 -114.89 -64.46
CA LEU A 2867 50.55 -115.20 -65.75
C LEU A 2867 52.06 -114.99 -65.62
N SER A 2868 52.79 -115.55 -66.57
CA SER A 2868 54.25 -115.47 -66.57
C SER A 2868 54.71 -114.03 -66.76
N ARG A 2869 55.88 -113.73 -66.18
CA ARG A 2869 56.40 -112.37 -66.19
C ARG A 2869 56.81 -111.94 -67.60
N GLU A 2870 57.46 -112.82 -68.36
CA GLU A 2870 57.92 -112.46 -69.70
CA GLU A 2870 57.92 -112.46 -69.70
C GLU A 2870 56.74 -112.10 -70.59
N LEU A 2871 55.66 -112.88 -70.53
CA LEU A 2871 54.49 -112.61 -71.36
C LEU A 2871 53.68 -111.44 -70.83
N GLN A 2872 53.61 -111.28 -69.50
CA GLN A 2872 52.92 -110.13 -68.94
C GLN A 2872 53.63 -108.82 -69.25
N ALA A 2873 54.94 -108.87 -69.49
CA ALA A 2873 55.66 -107.69 -69.95
C ALA A 2873 55.17 -107.27 -71.34
N MET A 2874 54.99 -108.25 -72.23
CA MET A 2874 54.43 -107.94 -73.55
C MET A 2874 53.00 -107.42 -73.42
N ALA A 2875 52.22 -107.99 -72.50
CA ALA A 2875 50.86 -107.51 -72.27
C ALA A 2875 50.87 -106.05 -71.78
N GLU A 2876 51.76 -105.72 -70.85
CA GLU A 2876 51.81 -104.36 -70.33
C GLU A 2876 52.31 -103.39 -71.39
N GLN A 2877 53.20 -103.84 -72.28
CA GLN A 2877 53.62 -102.96 -73.37
C GLN A 2877 52.49 -102.77 -74.38
N LEU A 2878 51.68 -103.81 -74.59
CA LEU A 2878 50.48 -103.65 -75.42
C LEU A 2878 49.51 -102.64 -74.80
N ALA A 2879 49.36 -102.69 -73.47
CA ALA A 2879 48.54 -101.68 -72.80
C ALA A 2879 49.17 -100.29 -72.91
N GLU A 2880 50.50 -100.21 -72.89
CA GLU A 2880 51.18 -98.94 -73.16
C GLU A 2880 50.83 -98.41 -74.54
N ASN A 2881 50.81 -99.29 -75.55
CA ASN A 2881 50.42 -98.87 -76.88
C ASN A 2881 48.96 -98.45 -76.93
N TYR A 2882 48.08 -99.17 -76.22
CA TYR A 2882 46.70 -98.75 -76.08
C TYR A 2882 46.63 -97.32 -75.57
N HIS A 2883 47.34 -97.04 -74.48
CA HIS A 2883 47.28 -95.72 -73.85
C HIS A 2883 47.85 -94.65 -74.75
N ASN A 2884 48.95 -94.93 -75.47
CA ASN A 2884 49.53 -93.89 -76.30
C ASN A 2884 48.67 -93.62 -77.52
N THR A 2885 48.02 -94.64 -78.08
CA THR A 2885 47.07 -94.40 -79.17
C THR A 2885 45.89 -93.58 -78.69
N TRP A 2886 45.36 -93.90 -77.50
CA TRP A 2886 44.25 -93.13 -76.94
C TRP A 2886 44.67 -91.68 -76.69
N GLY A 2887 45.87 -91.48 -76.16
CA GLY A 2887 46.38 -90.14 -75.97
C GLY A 2887 46.59 -89.39 -77.26
N ARG A 2888 47.03 -90.09 -78.31
CA ARG A 2888 47.18 -89.45 -79.62
C ARG A 2888 45.83 -88.96 -80.14
N LYS A 2889 44.81 -89.84 -80.09
CA LYS A 2889 43.52 -89.42 -80.63
C LYS A 2889 42.85 -88.36 -79.78
N LYS A 2890 43.17 -88.32 -78.47
CA LYS A 2890 42.66 -87.23 -77.65
C LYS A 2890 43.41 -85.92 -77.90
N LYS A 2891 44.73 -85.99 -78.03
CA LYS A 2891 45.54 -84.80 -78.22
C LYS A 2891 45.37 -84.19 -79.61
N GLN A 2892 44.92 -84.98 -80.59
CA GLN A 2892 44.61 -84.39 -81.89
C GLN A 2892 43.47 -83.39 -81.77
N GLU A 2893 42.47 -83.71 -80.96
CA GLU A 2893 41.39 -82.75 -80.70
C GLU A 2893 41.84 -81.66 -79.75
N LEU A 2894 42.63 -82.01 -78.73
CA LEU A 2894 43.04 -81.05 -77.71
C LEU A 2894 43.98 -79.98 -78.24
N GLU A 2895 44.81 -80.32 -79.23
CA GLU A 2895 45.87 -79.43 -79.70
C GLU A 2895 45.35 -78.28 -80.55
N ALA A 2896 44.06 -78.28 -80.90
CA ALA A 2896 43.50 -77.18 -81.68
C ALA A 2896 43.57 -75.85 -80.94
N LYS A 2897 43.57 -75.88 -79.61
CA LYS A 2897 43.72 -74.67 -78.82
C LYS A 2897 45.18 -74.31 -78.56
N GLY A 2898 46.04 -75.31 -78.41
CA GLY A 2898 47.43 -75.06 -78.09
C GLY A 2898 47.71 -74.75 -76.64
N GLY A 2899 46.71 -74.87 -75.76
CA GLY A 2899 46.89 -74.61 -74.35
C GLY A 2899 46.28 -75.66 -73.46
N GLY A 2900 46.93 -75.96 -72.34
CA GLY A 2900 46.46 -76.98 -71.43
C GLY A 2900 46.78 -78.38 -71.92
N THR A 2901 46.47 -79.35 -71.08
CA THR A 2901 46.70 -80.75 -71.42
C THR A 2901 45.76 -81.62 -70.61
N HIS A 2902 45.41 -82.77 -71.17
CA HIS A 2902 44.58 -83.73 -70.46
C HIS A 2902 45.36 -84.30 -69.26
N PRO A 2903 44.71 -84.47 -68.11
CA PRO A 2903 45.44 -85.00 -66.94
C PRO A 2903 46.03 -86.38 -67.17
N LEU A 2904 45.42 -87.20 -68.01
CA LEU A 2904 45.91 -88.54 -68.29
C LEU A 2904 46.94 -88.57 -69.41
N LEU A 2905 47.28 -87.42 -69.98
CA LEU A 2905 48.33 -87.34 -71.00
C LEU A 2905 49.70 -87.49 -70.33
N VAL A 2906 49.99 -88.72 -69.92
CA VAL A 2906 51.22 -89.04 -69.19
C VAL A 2906 51.78 -90.33 -69.76
N PRO A 2907 53.10 -90.53 -69.64
CA PRO A 2907 53.69 -91.79 -70.09
C PRO A 2907 53.12 -92.96 -69.31
N TYR A 2908 53.07 -94.12 -69.98
CA TYR A 2908 52.38 -95.29 -69.42
C TYR A 2908 53.05 -95.77 -68.14
N ASP A 2909 54.35 -95.54 -67.98
CA ASP A 2909 55.00 -95.90 -66.72
C ASP A 2909 54.67 -94.90 -65.62
N THR A 2910 54.32 -93.67 -65.98
CA THR A 2910 54.18 -92.61 -64.98
C THR A 2910 52.90 -92.77 -64.16
N LEU A 2911 51.77 -93.01 -64.81
CA LEU A 2911 50.50 -93.01 -64.09
C LEU A 2911 50.37 -94.26 -63.22
N THR A 2912 49.57 -94.14 -62.15
CA THR A 2912 49.42 -95.18 -61.17
C THR A 2912 48.55 -96.32 -61.71
N ALA A 2913 48.34 -97.34 -60.87
CA ALA A 2913 47.64 -98.54 -61.32
C ALA A 2913 46.14 -98.32 -61.45
N LYS A 2914 45.56 -97.39 -60.68
CA LYS A 2914 44.11 -97.18 -60.74
C LYS A 2914 43.67 -96.67 -62.11
N GLU A 2915 44.45 -95.76 -62.69
CA GLU A 2915 44.15 -95.25 -64.03
C GLU A 2915 44.80 -96.09 -65.13
N LYS A 2916 45.63 -97.06 -64.77
CA LYS A 2916 46.16 -98.03 -65.72
C LYS A 2916 45.22 -99.23 -65.89
N ALA A 2917 44.15 -99.28 -65.09
CA ALA A 2917 43.31 -100.47 -64.99
C ALA A 2917 42.63 -100.82 -66.31
N ARG A 2918 42.12 -99.84 -67.05
CA ARG A 2918 41.36 -100.15 -68.26
C ARG A 2918 42.23 -100.86 -69.30
N ASP A 2919 43.34 -100.22 -69.70
CA ASP A 2919 44.25 -100.83 -70.67
C ASP A 2919 44.88 -102.11 -70.13
N ARG A 2920 45.23 -102.12 -68.85
CA ARG A 2920 45.80 -103.32 -68.25
C ARG A 2920 44.83 -104.50 -68.36
N GLU A 2921 43.58 -104.28 -68.01
CA GLU A 2921 42.60 -105.36 -68.05
C GLU A 2921 42.28 -105.78 -69.48
N LYS A 2922 42.24 -104.82 -70.41
CA LYS A 2922 42.01 -105.19 -71.80
C LYS A 2922 43.12 -106.09 -72.33
N ALA A 2923 44.38 -105.67 -72.14
CA ALA A 2923 45.51 -106.47 -72.59
C ALA A 2923 45.54 -107.83 -71.88
N GLN A 2924 45.29 -107.84 -70.58
CA GLN A 2924 45.32 -109.09 -69.83
C GLN A 2924 44.21 -110.04 -70.28
N GLU A 2925 43.02 -109.52 -70.58
CA GLU A 2925 41.93 -110.38 -71.02
C GLU A 2925 42.21 -110.95 -72.40
N LEU A 2926 42.76 -110.14 -73.31
CA LEU A 2926 43.18 -110.67 -74.60
C LEU A 2926 44.23 -111.75 -74.42
N LEU A 2927 45.20 -111.53 -73.53
CA LEU A 2927 46.25 -112.51 -73.31
C LEU A 2927 45.70 -113.78 -72.65
N LYS A 2928 44.67 -113.65 -71.81
CA LYS A 2928 44.04 -114.82 -71.21
C LYS A 2928 43.30 -115.63 -72.25
N PHE A 2929 42.62 -114.95 -73.19
CA PHE A 2929 41.97 -115.67 -74.28
C PHE A 2929 43.00 -116.40 -75.13
N LEU A 2930 44.16 -115.76 -75.35
CA LEU A 2930 45.26 -116.45 -76.01
C LEU A 2930 45.78 -117.64 -75.20
N GLN A 2931 45.91 -117.48 -73.88
CA GLN A 2931 46.51 -118.48 -73.01
C GLN A 2931 45.64 -119.75 -72.92
N MET A 2932 44.34 -119.56 -72.70
CA MET A 2932 43.45 -120.72 -72.53
C MET A 2932 43.40 -121.59 -73.77
N ASN A 2933 43.75 -121.05 -74.94
CA ASN A 2933 43.86 -121.85 -76.15
C ASN A 2933 45.28 -122.35 -76.39
N GLY A 2934 46.29 -121.57 -76.01
CA GLY A 2934 47.67 -121.95 -76.24
C GLY A 2934 48.32 -121.25 -77.41
N TYR A 2935 48.16 -119.92 -77.47
CA TYR A 2935 48.82 -119.10 -78.48
C TYR A 2935 50.16 -118.62 -77.93
N ALA A 2936 51.24 -119.04 -78.58
CA ALA A 2936 52.59 -118.71 -78.13
C ALA A 2936 53.08 -117.46 -78.87
N VAL A 2937 53.33 -116.40 -78.11
CA VAL A 2937 53.90 -115.17 -78.64
C VAL A 2937 55.22 -114.92 -77.91
N THR A 2938 56.29 -114.69 -78.67
CA THR A 2938 57.62 -114.50 -78.12
C THR A 2938 58.39 -113.52 -78.97
N ARG A 2939 59.32 -112.81 -78.34
CA ARG A 2939 60.16 -111.83 -79.04
C ARG A 2939 61.18 -112.53 -79.93
N LEU A 2946 72.39 -107.22 -65.83
CA LEU A 2946 71.91 -108.58 -66.05
C LEU A 2946 72.54 -109.54 -65.05
N ASP A 2947 71.70 -110.34 -64.40
CA ASP A 2947 72.14 -111.27 -63.36
C ASP A 2947 72.91 -110.55 -62.26
N THR A 2948 72.42 -109.36 -61.89
CA THR A 2948 73.07 -108.53 -60.88
C THR A 2948 72.50 -108.86 -59.51
N SER A 2949 73.38 -109.09 -58.55
CA SER A 2949 72.94 -109.42 -57.20
C SER A 2949 72.32 -108.19 -56.53
N SER A 2950 71.72 -108.42 -55.36
CA SER A 2950 71.12 -107.33 -54.61
C SER A 2950 72.17 -106.32 -54.15
N ILE A 2951 73.34 -106.81 -53.73
CA ILE A 2951 74.37 -105.91 -53.22
C ILE A 2951 74.86 -104.98 -54.30
N GLU A 2952 75.08 -105.49 -55.51
CA GLU A 2952 75.62 -104.67 -56.58
C GLU A 2952 74.63 -103.64 -57.09
N LYS A 2953 73.35 -103.77 -56.75
CA LYS A 2953 72.34 -102.81 -57.16
C LYS A 2953 72.19 -101.67 -56.17
N ARG A 2954 72.91 -101.70 -55.06
CA ARG A 2954 72.76 -100.66 -54.05
C ARG A 2954 73.27 -99.32 -54.57
N PHE A 2955 72.57 -98.26 -54.15
CA PHE A 2955 72.94 -96.92 -54.57
C PHE A 2955 74.35 -96.56 -54.13
N ALA A 2956 74.71 -96.92 -52.91
CA ALA A 2956 76.07 -96.67 -52.43
C ALA A 2956 77.08 -97.43 -53.28
N PHE A 2957 76.75 -98.67 -53.65
CA PHE A 2957 77.64 -99.45 -54.51
C PHE A 2957 77.88 -98.74 -55.83
N GLY A 2958 76.80 -98.32 -56.50
CA GLY A 2958 76.97 -97.64 -57.78
C GLY A 2958 77.70 -96.32 -57.64
N PHE A 2959 77.41 -95.57 -56.58
CA PHE A 2959 78.07 -94.29 -56.36
C PHE A 2959 79.57 -94.48 -56.15
N LEU A 2960 79.96 -95.47 -55.36
CA LEU A 2960 81.37 -95.76 -55.14
C LEU A 2960 82.03 -96.21 -56.44
N GLN A 2961 81.34 -97.02 -57.24
CA GLN A 2961 81.92 -97.46 -58.50
C GLN A 2961 82.17 -96.30 -59.44
N GLN A 2962 81.21 -95.36 -59.51
CA GLN A 2962 81.43 -94.17 -60.32
C GLN A 2962 82.57 -93.33 -59.78
N LEU A 2963 82.69 -93.23 -58.46
CA LEU A 2963 83.80 -92.47 -57.89
C LEU A 2963 85.14 -93.07 -58.25
N LEU A 2964 85.24 -94.40 -58.23
CA LEU A 2964 86.49 -95.05 -58.64
C LEU A 2964 86.76 -94.86 -60.13
N ARG A 2965 85.71 -94.94 -60.95
CA ARG A 2965 85.87 -94.72 -62.38
C ARG A 2965 86.38 -93.31 -62.65
N TRP A 2966 85.96 -92.34 -61.84
CA TRP A 2966 86.51 -91.00 -61.96
C TRP A 2966 87.89 -90.87 -61.34
N MET A 2967 88.21 -91.70 -60.35
CA MET A 2967 89.54 -91.68 -59.75
C MET A 2967 90.59 -92.05 -60.77
N ASP A 2968 90.32 -93.07 -61.60
CA ASP A 2968 91.31 -93.42 -62.62
C ASP A 2968 91.47 -92.31 -63.64
N ILE A 2969 90.38 -91.64 -64.03
CA ILE A 2969 90.49 -90.49 -64.90
C ILE A 2969 91.33 -89.40 -64.26
N SER A 2970 91.21 -89.24 -62.94
CA SER A 2970 92.02 -88.27 -62.23
C SER A 2970 93.50 -88.63 -62.32
N GLN A 2971 93.83 -89.92 -62.12
CA GLN A 2971 95.20 -90.35 -62.33
C GLN A 2971 95.68 -90.03 -63.74
N GLU A 2972 94.78 -90.11 -64.72
CA GLU A 2972 95.15 -89.76 -66.08
C GLU A 2972 95.51 -88.28 -66.21
N PHE A 2973 94.56 -87.39 -65.93
CA PHE A 2973 94.85 -86.00 -66.23
C PHE A 2973 95.80 -85.34 -65.25
N ILE A 2974 95.94 -85.86 -64.04
CA ILE A 2974 96.98 -85.33 -63.15
C ILE A 2974 98.36 -85.71 -63.67
N ALA A 2975 98.50 -86.91 -64.22
CA ALA A 2975 99.74 -87.27 -64.89
C ALA A 2975 100.01 -86.36 -66.09
N HIS A 2976 98.95 -86.05 -66.85
CA HIS A 2976 99.12 -85.10 -67.95
C HIS A 2976 99.58 -83.74 -67.45
N LEU A 2977 99.02 -83.27 -66.34
CA LEU A 2977 99.43 -82.00 -65.77
C LEU A 2977 100.88 -82.03 -65.34
N GLU A 2978 101.32 -83.13 -64.72
CA GLU A 2978 102.73 -83.25 -64.37
C GLU A 2978 103.60 -83.20 -65.61
N ALA A 2979 103.20 -83.89 -66.67
CA ALA A 2979 103.99 -83.91 -67.90
C ALA A 2979 104.12 -82.51 -68.48
N VAL A 2980 103.02 -81.75 -68.54
CA VAL A 2980 103.07 -80.43 -69.14
C VAL A 2980 103.84 -79.45 -68.25
N VAL A 2981 103.73 -79.60 -66.92
CA VAL A 2981 104.46 -78.73 -66.01
C VAL A 2981 105.95 -79.07 -65.96
N SER A 2982 106.32 -80.29 -66.34
CA SER A 2982 107.73 -80.68 -66.41
C SER A 2982 108.37 -80.28 -67.73
N SER A 2983 107.69 -80.52 -68.85
CA SER A 2983 108.23 -80.17 -70.16
C SER A 2983 107.08 -79.92 -71.12
N GLY A 2984 107.38 -79.18 -72.19
CA GLY A 2984 106.40 -78.88 -73.21
C GLY A 2984 105.21 -78.12 -72.67
N ARG A 2985 105.44 -76.88 -72.25
CA ARG A 2985 104.36 -76.07 -71.69
C ARG A 2985 103.27 -75.82 -72.72
N VAL A 2986 102.02 -76.03 -72.30
CA VAL A 2986 100.87 -75.79 -73.15
C VAL A 2986 99.66 -75.52 -72.26
N GLU A 2987 98.90 -74.47 -72.58
CA GLU A 2987 97.75 -74.07 -71.79
C GLU A 2987 96.43 -74.53 -72.40
N LYS A 2988 96.48 -75.49 -73.34
CA LYS A 2988 95.25 -75.99 -73.93
C LYS A 2988 94.37 -76.66 -72.89
N SER A 2989 94.97 -77.46 -72.00
CA SER A 2989 94.27 -78.19 -70.95
C SER A 2989 93.13 -79.00 -71.54
N PRO A 2990 93.44 -80.09 -72.25
CA PRO A 2990 92.36 -80.88 -72.88
C PRO A 2990 91.39 -81.49 -71.89
N HIS A 2991 91.78 -81.64 -70.63
CA HIS A 2991 90.91 -82.20 -69.60
C HIS A 2991 90.40 -81.13 -68.64
N GLU A 2992 90.14 -79.92 -69.14
CA GLU A 2992 89.66 -78.85 -68.27
C GLU A 2992 88.32 -79.20 -67.67
N GLN A 2993 87.41 -79.77 -68.46
CA GLN A 2993 86.11 -80.17 -67.93
C GLN A 2993 86.27 -81.21 -66.85
N GLU A 2994 87.15 -82.19 -67.08
CA GLU A 2994 87.37 -83.22 -66.07
C GLU A 2994 87.93 -82.63 -64.79
N ILE A 2995 88.90 -81.72 -64.92
CA ILE A 2995 89.48 -81.08 -63.74
C ILE A 2995 88.40 -80.35 -62.96
N LYS A 2996 87.59 -79.56 -63.65
CA LYS A 2996 86.59 -78.75 -62.96
C LYS A 2996 85.52 -79.61 -62.32
N PHE A 2997 85.09 -80.67 -63.01
CA PHE A 2997 84.08 -81.55 -62.42
C PHE A 2997 84.64 -82.28 -61.20
N PHE A 2998 85.89 -82.73 -61.27
CA PHE A 2998 86.47 -83.45 -60.15
C PHE A 2998 86.65 -82.54 -58.95
N ALA A 2999 87.17 -81.33 -59.17
CA ALA A 2999 87.49 -80.46 -58.05
C ALA A 2999 86.24 -79.79 -57.47
N LYS A 3000 85.28 -79.43 -58.31
CA LYS A 3000 84.18 -78.59 -57.87
C LYS A 3000 82.90 -79.36 -57.58
N ILE A 3001 82.82 -80.64 -57.94
CA ILE A 3001 81.65 -81.47 -57.69
C ILE A 3001 81.99 -82.69 -56.86
N LEU A 3002 82.93 -83.50 -57.33
CA LEU A 3002 83.20 -84.78 -56.68
C LEU A 3002 83.75 -84.60 -55.28
N LEU A 3003 84.64 -83.64 -55.08
CA LEU A 3003 85.21 -83.44 -53.75
C LEU A 3003 84.16 -83.01 -52.74
N PRO A 3004 83.35 -81.98 -52.97
CA PRO A 3004 82.27 -81.69 -52.01
C PRO A 3004 81.27 -82.82 -51.87
N LEU A 3005 80.98 -83.53 -52.96
CA LEU A 3005 80.02 -84.62 -52.89
C LEU A 3005 80.50 -85.72 -51.95
N ILE A 3006 81.77 -86.11 -52.08
CA ILE A 3006 82.36 -87.08 -51.16
C ILE A 3006 82.37 -86.53 -49.75
N ASN A 3007 82.83 -85.28 -49.59
CA ASN A 3007 82.98 -84.68 -48.28
C ASN A 3007 81.67 -84.70 -47.51
N GLN A 3008 80.55 -84.47 -48.19
CA GLN A 3008 79.27 -84.49 -47.50
C GLN A 3008 78.70 -85.89 -47.37
N TYR A 3009 78.77 -86.69 -48.42
CA TYR A 3009 78.13 -88.01 -48.40
C TYR A 3009 78.74 -88.90 -47.33
N PHE A 3010 80.08 -88.97 -47.28
CA PHE A 3010 80.70 -89.88 -46.32
C PHE A 3010 80.74 -89.29 -44.92
N THR A 3011 80.45 -88.00 -44.76
CA THR A 3011 80.20 -87.48 -43.44
C THR A 3011 78.82 -87.91 -42.95
N ASN A 3012 77.82 -87.88 -43.83
CA ASN A 3012 76.47 -88.26 -43.43
C ASN A 3012 76.39 -89.75 -43.10
N HIS A 3013 76.96 -90.60 -43.95
CA HIS A 3013 76.79 -92.04 -43.86
C HIS A 3013 78.02 -92.76 -43.31
N CYS A 3014 78.68 -92.16 -42.32
CA CYS A 3014 79.84 -92.80 -41.72
C CYS A 3014 79.47 -94.09 -41.01
N LEU A 3015 78.35 -94.09 -40.29
CA LEU A 3015 77.96 -95.26 -39.52
C LEU A 3015 77.56 -96.43 -40.40
N TYR A 3016 76.95 -96.16 -41.55
CA TYR A 3016 76.56 -97.24 -42.45
C TYR A 3016 77.78 -98.00 -42.95
N PHE A 3017 78.89 -97.31 -43.15
CA PHE A 3017 80.10 -97.99 -43.61
C PHE A 3017 80.91 -98.56 -42.46
N LEU A 3018 80.81 -97.99 -41.27
CA LEU A 3018 81.50 -98.58 -40.13
C LEU A 3018 80.74 -99.75 -39.51
N SER A 3019 79.48 -99.93 -39.84
CA SER A 3019 78.69 -100.97 -39.21
C SER A 3019 79.04 -102.34 -39.75
N THR A 3020 78.68 -103.37 -38.99
CA THR A 3020 78.89 -104.76 -39.33
C THR A 3020 77.71 -105.54 -38.77
N PRO A 3021 77.39 -106.71 -39.36
CA PRO A 3021 76.29 -107.51 -38.80
C PRO A 3021 76.50 -107.86 -37.33
N ALA A 3022 77.75 -108.01 -36.88
CA ALA A 3022 77.99 -108.29 -35.47
C ALA A 3022 77.53 -107.15 -34.59
N LYS A 3023 77.88 -105.91 -34.94
CA LYS A 3023 77.48 -104.74 -34.17
C LYS A 3023 77.06 -103.64 -35.14
N VAL A 3024 75.83 -103.17 -35.01
CA VAL A 3024 75.28 -102.16 -35.90
C VAL A 3024 75.32 -100.81 -35.20
N LEU A 3025 75.91 -99.82 -35.86
CA LEU A 3025 76.07 -98.49 -35.29
C LEU A 3025 74.99 -97.52 -35.74
N GLY A 3026 74.64 -97.52 -37.02
CA GLY A 3026 73.70 -96.58 -37.57
C GLY A 3026 72.26 -96.94 -37.24
N SER A 3027 71.35 -96.19 -37.86
CA SER A 3027 69.93 -96.45 -37.66
C SER A 3027 69.53 -97.83 -38.16
N GLY A 3028 70.04 -98.21 -39.32
CA GLY A 3028 69.76 -99.53 -39.87
C GLY A 3028 70.62 -99.80 -41.08
N GLY A 3029 70.79 -101.08 -41.37
CA GLY A 3029 71.61 -101.49 -42.48
C GLY A 3029 73.09 -101.33 -42.23
N HIS A 3030 73.89 -102.15 -42.89
CA HIS A 3030 75.33 -102.08 -42.76
C HIS A 3030 75.96 -102.30 -44.12
N ALA A 3031 77.07 -101.61 -44.38
CA ALA A 3031 77.71 -101.69 -45.67
C ALA A 3031 78.21 -103.11 -45.93
N SER A 3032 78.14 -103.52 -47.19
CA SER A 3032 78.64 -104.84 -47.55
C SER A 3032 80.17 -104.81 -47.62
N ASN A 3033 80.74 -106.01 -47.66
CA ASN A 3033 82.19 -106.12 -47.73
C ASN A 3033 82.73 -105.50 -49.01
N LYS A 3034 82.01 -105.64 -50.12
CA LYS A 3034 82.44 -105.01 -51.36
C LYS A 3034 82.41 -103.51 -51.24
N GLU A 3035 81.41 -102.95 -50.57
CA GLU A 3035 81.37 -101.50 -50.37
C GLU A 3035 82.53 -101.03 -49.50
N LYS A 3036 82.84 -101.78 -48.45
CA LYS A 3036 83.99 -101.42 -47.62
C LYS A 3036 85.29 -101.47 -48.40
N GLU A 3037 85.45 -102.50 -49.23
CA GLU A 3037 86.63 -102.60 -50.07
C GLU A 3037 86.70 -101.44 -51.04
N MET A 3038 85.57 -101.05 -51.62
CA MET A 3038 85.55 -99.94 -52.55
C MET A 3038 85.93 -98.63 -51.87
N ILE A 3039 85.43 -98.41 -50.66
CA ILE A 3039 85.75 -97.15 -49.98
C ILE A 3039 87.22 -97.13 -49.58
N THR A 3040 87.78 -98.27 -49.16
CA THR A 3040 89.21 -98.33 -48.88
C THR A 3040 90.04 -98.06 -50.13
N SER A 3041 89.65 -98.65 -51.26
CA SER A 3041 90.37 -98.40 -52.50
C SER A 3041 90.26 -96.94 -52.91
N LEU A 3042 89.11 -96.33 -52.69
CA LEU A 3042 88.95 -94.90 -52.98
C LEU A 3042 89.90 -94.07 -52.14
N PHE A 3043 89.99 -94.37 -50.85
CA PHE A 3043 90.91 -93.65 -49.98
C PHE A 3043 92.35 -93.80 -50.45
N CYS A 3044 92.76 -95.04 -50.75
CA CYS A 3044 94.13 -95.26 -51.18
C CYS A 3044 94.44 -94.56 -52.49
N LYS A 3045 93.52 -94.62 -53.45
CA LYS A 3045 93.74 -93.98 -54.74
C LYS A 3045 93.81 -92.47 -54.60
N LEU A 3046 92.95 -91.88 -53.76
CA LEU A 3046 93.01 -90.44 -53.56
C LEU A 3046 94.30 -90.03 -52.88
N ALA A 3047 94.77 -90.81 -51.91
CA ALA A 3047 96.05 -90.52 -51.28
C ALA A 3047 97.19 -90.59 -52.29
N ALA A 3048 97.18 -91.61 -53.15
CA ALA A 3048 98.19 -91.71 -54.19
C ALA A 3048 98.14 -90.54 -55.16
N LEU A 3049 96.93 -90.09 -55.50
CA LEU A 3049 96.78 -88.93 -56.36
C LEU A 3049 97.38 -87.68 -55.73
N VAL A 3050 97.09 -87.45 -54.45
CA VAL A 3050 97.55 -86.24 -53.79
C VAL A 3050 99.00 -86.33 -53.33
N ARG A 3051 99.61 -87.51 -53.41
CA ARG A 3051 100.99 -87.66 -52.99
C ARG A 3051 101.92 -86.84 -53.89
N HIS A 3052 102.69 -85.95 -53.28
CA HIS A 3052 103.70 -85.15 -53.97
C HIS A 3052 103.11 -84.27 -55.05
N ARG A 3053 101.82 -83.95 -54.99
CA ARG A 3053 101.18 -83.09 -55.96
C ARG A 3053 100.29 -82.06 -55.27
N VAL A 3054 100.64 -81.67 -54.05
CA VAL A 3054 99.80 -80.74 -53.30
C VAL A 3054 99.77 -79.38 -53.97
N SER A 3055 100.90 -78.95 -54.54
CA SER A 3055 100.93 -77.67 -55.23
C SER A 3055 100.12 -77.71 -56.53
N LEU A 3056 100.12 -78.86 -57.22
CA LEU A 3056 99.37 -78.97 -58.47
C LEU A 3056 97.88 -78.79 -58.27
N PHE A 3057 97.37 -79.05 -57.07
CA PHE A 3057 95.94 -78.87 -56.82
C PHE A 3057 95.57 -77.44 -56.49
N GLY A 3058 96.55 -76.57 -56.27
CA GLY A 3058 96.24 -75.17 -56.03
C GLY A 3058 95.39 -75.00 -54.79
N THR A 3059 94.23 -74.36 -54.97
CA THR A 3059 93.33 -74.11 -53.86
C THR A 3059 92.44 -75.28 -53.51
N ASP A 3060 92.49 -76.36 -54.27
CA ASP A 3060 91.67 -77.53 -53.99
C ASP A 3060 92.32 -78.50 -53.01
N ALA A 3061 93.58 -78.28 -52.66
CA ALA A 3061 94.25 -79.15 -51.71
C ALA A 3061 93.52 -79.25 -50.36
N PRO A 3062 93.01 -78.16 -49.78
CA PRO A 3062 92.19 -78.32 -48.57
C PRO A 3062 90.99 -79.22 -48.77
N ALA A 3063 90.31 -79.11 -49.92
CA ALA A 3063 89.19 -80.00 -50.18
C ALA A 3063 89.64 -81.45 -50.25
N VAL A 3064 90.77 -81.70 -50.91
CA VAL A 3064 91.28 -83.06 -51.03
C VAL A 3064 91.62 -83.63 -49.66
N VAL A 3065 92.28 -82.84 -48.83
CA VAL A 3065 92.68 -83.36 -47.52
C VAL A 3065 91.47 -83.53 -46.62
N ASN A 3066 90.44 -82.69 -46.76
CA ASN A 3066 89.21 -82.91 -46.01
C ASN A 3066 88.54 -84.21 -46.42
N CYS A 3067 88.50 -84.48 -47.72
CA CYS A 3067 87.96 -85.75 -48.19
C CYS A 3067 88.76 -86.91 -47.64
N LEU A 3068 90.09 -86.77 -47.59
CA LEU A 3068 90.92 -87.82 -47.02
C LEU A 3068 90.62 -88.03 -45.54
N HIS A 3069 90.45 -86.95 -44.79
CA HIS A 3069 90.10 -87.07 -43.38
C HIS A 3069 88.80 -87.85 -43.20
N ILE A 3070 87.78 -87.47 -43.98
CA ILE A 3070 86.48 -88.11 -43.82
C ILE A 3070 86.54 -89.58 -44.22
N LEU A 3071 87.19 -89.88 -45.33
CA LEU A 3071 87.32 -91.27 -45.76
C LEU A 3071 88.06 -92.09 -44.72
N ALA A 3072 89.11 -91.52 -44.12
CA ALA A 3072 89.82 -92.22 -43.06
C ALA A 3072 88.91 -92.47 -41.88
N ARG A 3073 88.07 -91.50 -41.52
CA ARG A 3073 87.12 -91.72 -40.45
C ARG A 3073 86.03 -92.72 -40.81
N SER A 3074 85.85 -93.04 -42.08
CA SER A 3074 84.81 -93.97 -42.49
C SER A 3074 85.37 -95.24 -43.13
N LEU A 3075 86.41 -95.83 -42.54
CA LEU A 3075 87.03 -97.04 -43.05
C LEU A 3075 86.80 -98.19 -42.08
N ASP A 3076 86.33 -99.33 -42.60
CA ASP A 3076 86.24 -100.55 -41.82
C ASP A 3076 87.47 -101.42 -42.11
N ALA A 3077 88.62 -100.89 -41.71
CA ALA A 3077 89.90 -101.52 -42.01
C ALA A 3077 90.00 -102.92 -41.43
N ARG A 3078 89.34 -103.20 -40.30
CA ARG A 3078 89.39 -104.54 -39.74
C ARG A 3078 88.85 -105.57 -40.72
N THR A 3079 87.62 -105.37 -41.19
CA THR A 3079 87.02 -106.30 -42.13
C THR A 3079 87.78 -106.31 -43.46
N VAL A 3080 88.20 -105.12 -43.92
CA VAL A 3080 88.88 -105.06 -45.20
C VAL A 3080 90.17 -105.87 -45.17
N MET A 3081 90.94 -105.75 -44.10
CA MET A 3081 92.20 -106.48 -44.01
C MET A 3081 91.98 -107.96 -43.70
N LYS A 3082 90.97 -108.30 -42.91
CA LYS A 3082 90.75 -109.70 -42.56
C LYS A 3082 90.22 -110.47 -43.77
N SER A 3083 89.08 -110.06 -44.31
CA SER A 3083 88.46 -110.73 -45.44
C SER A 3083 88.32 -109.71 -46.57
N GLY A 3084 89.33 -109.66 -47.44
CA GLY A 3084 89.33 -108.70 -48.52
C GLY A 3084 90.30 -109.07 -49.63
N PRO A 3085 90.11 -108.45 -50.79
CA PRO A 3085 90.97 -108.76 -51.93
C PRO A 3085 92.41 -108.34 -51.71
N GLU A 3086 93.30 -109.12 -52.31
CA GLU A 3086 94.73 -108.83 -52.22
C GLU A 3086 95.05 -107.45 -52.78
N ILE A 3087 94.31 -107.02 -53.80
CA ILE A 3087 94.58 -105.71 -54.40
C ILE A 3087 94.29 -104.60 -53.40
N VAL A 3088 93.15 -104.67 -52.72
CA VAL A 3088 92.81 -103.64 -51.74
C VAL A 3088 93.77 -103.67 -50.56
N LYS A 3089 94.08 -104.87 -50.06
CA LYS A 3089 95.00 -104.97 -48.94
C LYS A 3089 96.38 -104.43 -49.30
N ALA A 3090 96.85 -104.74 -50.52
CA ALA A 3090 98.13 -104.22 -50.96
C ALA A 3090 98.09 -102.72 -51.14
N GLY A 3091 96.96 -102.17 -51.57
CA GLY A 3091 96.84 -100.73 -51.65
C GLY A 3091 96.99 -100.06 -50.29
N LEU A 3092 96.33 -100.62 -49.27
CA LEU A 3092 96.45 -100.05 -47.94
C LEU A 3092 97.88 -100.18 -47.40
N ARG A 3093 98.50 -101.34 -47.60
CA ARG A 3093 99.88 -101.52 -47.16
C ARG A 3093 100.82 -100.56 -47.88
N SER A 3094 100.60 -100.36 -49.18
CA SER A 3094 101.42 -99.42 -49.94
C SER A 3094 101.23 -97.99 -49.45
N PHE A 3095 100.01 -97.63 -49.05
CA PHE A 3095 99.81 -96.30 -48.49
C PHE A 3095 100.62 -96.12 -47.21
N PHE A 3096 100.58 -97.12 -46.32
CA PHE A 3096 101.37 -97.01 -45.10
C PHE A 3096 102.85 -96.95 -45.39
N GLU A 3097 103.33 -97.77 -46.33
CA GLU A 3097 104.75 -97.77 -46.66
C GLU A 3097 105.20 -96.44 -47.25
N SER A 3098 104.39 -95.86 -48.14
CA SER A 3098 104.72 -94.57 -48.72
C SER A 3098 104.71 -93.49 -47.67
N ALA A 3099 103.77 -93.55 -46.72
CA ALA A 3099 103.78 -92.61 -45.61
C ALA A 3099 105.06 -92.71 -44.81
N SER A 3100 105.49 -93.94 -44.53
CA SER A 3100 106.73 -94.13 -43.78
C SER A 3100 107.92 -93.56 -44.53
N GLU A 3101 108.00 -93.81 -45.85
CA GLU A 3101 109.13 -93.32 -46.62
C GLU A 3101 109.13 -91.79 -46.67
N ASP A 3102 107.96 -91.19 -46.87
CA ASP A 3102 107.90 -89.73 -46.90
C ASP A 3102 108.29 -89.12 -45.56
N ILE A 3103 107.86 -89.73 -44.45
CA ILE A 3103 108.24 -89.21 -43.14
C ILE A 3103 109.74 -89.38 -42.92
N GLU A 3104 110.31 -90.49 -43.38
CA GLU A 3104 111.76 -90.67 -43.25
C GLU A 3104 112.52 -89.60 -44.02
N LYS A 3105 112.09 -89.31 -45.25
CA LYS A 3105 112.74 -88.26 -46.01
C LYS A 3105 112.59 -86.90 -45.32
N MET A 3106 111.40 -86.62 -44.78
CA MET A 3106 111.18 -85.35 -44.09
C MET A 3106 112.10 -85.21 -42.89
N VAL A 3107 112.23 -86.27 -42.09
CA VAL A 3107 113.06 -86.16 -40.89
C VAL A 3107 114.54 -86.07 -41.25
N GLU A 3108 114.97 -86.81 -42.28
CA GLU A 3108 116.37 -86.72 -42.67
C GLU A 3108 116.69 -85.35 -43.27
N ASN A 3109 115.71 -84.70 -43.91
CA ASN A 3109 115.93 -83.33 -44.37
C ASN A 3109 115.96 -82.36 -43.20
N LEU A 3110 115.06 -82.52 -42.23
CA LEU A 3110 115.10 -81.66 -41.05
C LEU A 3110 116.36 -81.88 -40.22
N ARG A 3111 117.05 -83.00 -40.43
CA ARG A 3111 118.38 -83.19 -39.86
C ARG A 3111 119.42 -82.27 -40.51
N LEU A 3112 118.94 -81.33 -41.33
CA LEU A 3112 119.78 -80.37 -42.03
C LEU A 3112 120.74 -81.05 -43.00
N GLY A 3113 120.34 -82.21 -43.52
CA GLY A 3113 121.02 -82.75 -44.68
C GLY A 3113 120.89 -81.85 -45.89
N LYS A 3114 119.76 -81.17 -46.01
CA LYS A 3114 119.53 -80.16 -47.03
C LYS A 3114 119.06 -78.88 -46.35
N VAL A 3115 119.36 -77.74 -46.97
CA VAL A 3115 119.06 -76.46 -46.35
C VAL A 3115 117.55 -76.29 -46.17
N SER A 3116 116.77 -76.66 -47.19
CA SER A 3116 115.32 -76.60 -47.15
C SER A 3116 114.82 -75.17 -46.88
N LYS A 3123 113.77 -77.99 -55.39
CA LYS A 3123 113.77 -79.38 -55.79
C LYS A 3123 112.65 -80.16 -55.09
N GLY A 3124 112.82 -81.48 -54.97
CA GLY A 3124 111.82 -82.30 -54.33
C GLY A 3124 111.80 -82.20 -52.82
N VAL A 3125 112.81 -81.57 -52.22
CA VAL A 3125 112.85 -81.45 -50.76
C VAL A 3125 111.71 -80.57 -50.26
N GLY A 3126 111.52 -79.41 -50.88
CA GLY A 3126 110.42 -78.55 -50.48
C GLY A 3126 109.07 -79.17 -50.75
N GLN A 3127 108.94 -79.86 -51.89
CA GLN A 3127 107.69 -80.55 -52.20
C GLN A 3127 107.37 -81.60 -51.15
N ASN A 3128 108.36 -82.42 -50.79
CA ASN A 3128 108.14 -83.45 -49.78
C ASN A 3128 107.80 -82.82 -48.43
N LEU A 3129 108.50 -81.75 -48.06
CA LEU A 3129 108.25 -81.11 -46.76
C LEU A 3129 106.83 -80.56 -46.70
N THR A 3130 106.39 -79.86 -47.73
CA THR A 3130 105.05 -79.29 -47.68
C THR A 3130 103.97 -80.36 -47.80
N TYR A 3131 104.22 -81.42 -48.56
CA TYR A 3131 103.24 -82.51 -48.63
C TYR A 3131 103.10 -83.19 -47.28
N THR A 3132 104.21 -83.44 -46.59
CA THR A 3132 104.13 -84.07 -45.28
C THR A 3132 103.47 -83.15 -44.27
N THR A 3133 103.80 -81.87 -44.28
CA THR A 3133 103.29 -80.99 -43.24
C THR A 3133 101.87 -80.51 -43.49
N VAL A 3134 101.35 -80.66 -44.71
CA VAL A 3134 100.02 -80.18 -45.04
C VAL A 3134 99.00 -81.32 -45.15
N ALA A 3135 99.39 -82.43 -45.76
CA ALA A 3135 98.46 -83.53 -46.00
C ALA A 3135 98.78 -84.79 -45.23
N LEU A 3136 100.00 -85.31 -45.38
CA LEU A 3136 100.30 -86.65 -44.88
C LEU A 3136 100.18 -86.72 -43.37
N LEU A 3137 100.75 -85.76 -42.65
CA LEU A 3137 100.70 -85.82 -41.20
C LEU A 3137 99.27 -85.74 -40.66
N PRO A 3138 98.43 -84.78 -41.07
CA PRO A 3138 97.05 -84.79 -40.57
C PRO A 3138 96.26 -86.01 -40.98
N VAL A 3139 96.45 -86.50 -42.22
CA VAL A 3139 95.70 -87.67 -42.65
C VAL A 3139 96.11 -88.90 -41.85
N LEU A 3140 97.41 -89.08 -41.64
CA LEU A 3140 97.90 -90.22 -40.87
C LEU A 3140 97.44 -90.13 -39.42
N THR A 3141 97.44 -88.92 -38.85
CA THR A 3141 96.95 -88.75 -37.49
C THR A 3141 95.47 -89.11 -37.38
N THR A 3142 94.67 -88.66 -38.34
CA THR A 3142 93.25 -89.00 -38.33
C THR A 3142 93.04 -90.50 -38.47
N LEU A 3143 93.79 -91.14 -39.37
CA LEU A 3143 93.63 -92.58 -39.56
C LEU A 3143 94.02 -93.34 -38.31
N PHE A 3144 95.12 -92.96 -37.67
CA PHE A 3144 95.54 -93.64 -36.45
C PHE A 3144 94.53 -93.43 -35.33
N GLN A 3145 94.00 -92.21 -35.19
CA GLN A 3145 93.00 -91.97 -34.17
C GLN A 3145 91.75 -92.79 -34.42
N HIS A 3146 91.34 -92.90 -35.69
CA HIS A 3146 90.19 -93.73 -36.04
C HIS A 3146 90.43 -95.18 -35.66
N ILE A 3147 91.60 -95.71 -36.00
CA ILE A 3147 91.92 -97.10 -35.68
C ILE A 3147 91.91 -97.31 -34.17
N ALA A 3148 92.51 -96.38 -33.43
CA ALA A 3148 92.55 -96.53 -31.98
C ALA A 3148 91.16 -96.45 -31.37
N GLN A 3149 90.33 -95.52 -31.83
CA GLN A 3149 89.00 -95.38 -31.28
C GLN A 3149 88.15 -96.62 -31.53
N HIS A 3150 88.26 -97.20 -32.73
CA HIS A 3150 87.48 -98.38 -33.04
C HIS A 3150 88.21 -99.67 -32.73
N GLN A 3151 89.34 -99.60 -32.03
CA GLN A 3151 90.08 -100.78 -31.59
C GLN A 3151 90.44 -101.71 -32.75
N PHE A 3152 90.80 -101.11 -33.89
CA PHE A 3152 91.15 -101.88 -35.07
C PHE A 3152 92.63 -102.24 -35.13
N GLY A 3153 93.44 -101.76 -34.20
CA GLY A 3153 94.88 -101.92 -34.32
C GLY A 3153 95.32 -103.37 -34.35
N ASP A 3154 94.77 -104.18 -33.45
CA ASP A 3154 95.14 -105.58 -33.34
C ASP A 3154 94.78 -106.38 -34.58
N ASP A 3155 93.92 -105.86 -35.45
CA ASP A 3155 93.53 -106.53 -36.67
C ASP A 3155 94.13 -105.92 -37.92
N VAL A 3156 94.52 -104.65 -37.87
CA VAL A 3156 95.04 -103.95 -39.03
C VAL A 3156 96.56 -103.94 -39.05
N ILE A 3157 97.17 -103.49 -37.96
CA ILE A 3157 98.63 -103.30 -37.93
C ILE A 3157 99.21 -104.65 -37.48
N LEU A 3158 99.38 -105.54 -38.45
CA LEU A 3158 99.76 -106.91 -38.13
C LEU A 3158 101.11 -107.33 -38.69
N ASP A 3159 101.31 -107.28 -40.01
CA ASP A 3159 102.45 -107.95 -40.62
C ASP A 3159 103.45 -106.99 -41.24
N ASP A 3160 103.03 -106.16 -42.20
CA ASP A 3160 103.90 -105.16 -42.77
C ASP A 3160 103.49 -103.74 -42.42
N VAL A 3161 102.22 -103.52 -42.11
CA VAL A 3161 101.81 -102.26 -41.52
C VAL A 3161 102.54 -102.04 -40.20
N GLN A 3162 102.84 -103.14 -39.48
CA GLN A 3162 103.66 -103.02 -38.28
C GLN A 3162 105.05 -102.50 -38.61
N VAL A 3163 105.66 -102.99 -39.68
CA VAL A 3163 106.98 -102.51 -40.05
C VAL A 3163 106.92 -101.03 -40.45
N SER A 3164 105.90 -100.66 -41.21
CA SER A 3164 105.77 -99.26 -41.61
C SER A 3164 105.58 -98.36 -40.39
N CYS A 3165 104.72 -98.78 -39.45
CA CYS A 3165 104.49 -97.99 -38.25
C CYS A 3165 105.72 -97.94 -37.36
N TYR A 3166 106.49 -99.03 -37.30
CA TYR A 3166 107.74 -99.02 -36.56
C TYR A 3166 108.73 -98.02 -37.15
N ARG A 3167 108.84 -98.00 -38.47
CA ARG A 3167 109.74 -97.03 -39.10
C ARG A 3167 109.27 -95.61 -38.82
N THR A 3168 107.96 -95.37 -38.88
CA THR A 3168 107.44 -94.04 -38.58
C THR A 3168 107.75 -93.66 -37.13
N LEU A 3169 107.56 -94.61 -36.21
CA LEU A 3169 107.84 -94.34 -34.80
C LEU A 3169 109.29 -94.02 -34.56
N CYS A 3170 110.19 -94.80 -35.14
CA CYS A 3170 111.62 -94.54 -35.00
C CYS A 3170 111.98 -93.17 -35.59
N SER A 3171 111.47 -92.87 -36.78
CA SER A 3171 111.84 -91.64 -37.47
C SER A 3171 111.34 -90.41 -36.73
N ILE A 3172 110.08 -90.40 -36.29
CA ILE A 3172 109.56 -89.23 -35.60
C ILE A 3172 110.29 -89.00 -34.28
N TYR A 3173 110.52 -90.07 -33.52
CA TYR A 3173 111.20 -89.92 -32.25
C TYR A 3173 112.68 -89.58 -32.44
N SER A 3174 113.25 -89.86 -33.60
CA SER A 3174 114.64 -89.52 -33.85
C SER A 3174 114.88 -88.02 -33.97
N LEU A 3175 113.87 -87.19 -33.74
CA LEU A 3175 114.04 -85.74 -33.77
C LEU A 3175 114.57 -85.17 -32.46
N GLY A 3176 114.74 -85.99 -31.44
CA GLY A 3176 115.19 -85.47 -30.16
C GLY A 3176 116.57 -84.83 -30.24
N THR A 3177 117.44 -85.37 -31.09
CA THR A 3177 118.81 -84.89 -31.22
C THR A 3177 118.95 -83.81 -32.29
N THR A 3178 117.88 -83.07 -32.60
CA THR A 3178 117.90 -82.06 -33.64
C THR A 3178 117.42 -80.74 -33.06
N LYS A 3179 118.10 -79.65 -33.40
CA LYS A 3179 117.78 -78.31 -32.90
C LYS A 3179 117.76 -77.36 -34.09
N ASN A 3180 116.56 -77.00 -34.55
CA ASN A 3180 116.41 -76.11 -35.69
C ASN A 3180 115.15 -75.27 -35.48
N THR A 3181 114.73 -74.58 -36.55
CA THR A 3181 113.50 -73.82 -36.49
C THR A 3181 112.34 -74.60 -37.09
N TYR A 3182 112.61 -75.33 -38.19
CA TYR A 3182 111.57 -76.17 -38.77
C TYR A 3182 111.12 -77.25 -37.78
N VAL A 3183 112.08 -77.87 -37.09
CA VAL A 3183 111.73 -78.86 -36.09
C VAL A 3183 110.92 -78.21 -34.96
N GLU A 3184 111.33 -77.02 -34.55
CA GLU A 3184 110.64 -76.33 -33.46
C GLU A 3184 109.20 -76.03 -33.84
N LYS A 3185 108.96 -75.65 -35.09
CA LYS A 3185 107.60 -75.34 -35.50
C LYS A 3185 106.80 -76.58 -35.91
N LEU A 3186 107.45 -77.73 -36.12
CA LEU A 3186 106.74 -78.95 -36.47
C LEU A 3186 106.57 -79.93 -35.32
N ARG A 3187 107.17 -79.66 -34.17
CA ARG A 3187 107.05 -80.57 -33.03
C ARG A 3187 105.60 -80.87 -32.63
N PRO A 3188 104.67 -79.91 -32.60
CA PRO A 3188 103.30 -80.27 -32.19
C PRO A 3188 102.64 -81.32 -33.07
N ALA A 3189 102.71 -81.15 -34.40
CA ALA A 3189 102.08 -82.11 -35.28
C ALA A 3189 102.72 -83.48 -35.16
N LEU A 3190 104.05 -83.52 -35.09
CA LEU A 3190 104.75 -84.79 -34.93
C LEU A 3190 104.36 -85.47 -33.62
N GLY A 3191 104.25 -84.69 -32.55
CA GLY A 3191 103.87 -85.27 -31.27
C GLY A 3191 102.47 -85.82 -31.28
N GLU A 3192 101.52 -85.10 -31.89
CA GLU A 3192 100.16 -85.61 -31.95
C GLU A 3192 100.09 -86.88 -32.80
N CYS A 3193 100.80 -86.89 -33.92
CA CYS A 3193 100.82 -88.10 -34.76
C CYS A 3193 101.41 -89.28 -34.01
N LEU A 3194 102.50 -89.05 -33.27
CA LEU A 3194 103.11 -90.12 -32.51
C LEU A 3194 102.20 -90.61 -31.40
N ALA A 3195 101.46 -89.69 -30.76
CA ALA A 3195 100.52 -90.10 -29.73
C ALA A 3195 99.43 -91.00 -30.31
N ARG A 3196 98.87 -90.61 -31.46
CA ARG A 3196 97.84 -91.44 -32.07
C ARG A 3196 98.42 -92.78 -32.51
N LEU A 3197 99.65 -92.79 -33.01
CA LEU A 3197 100.29 -94.04 -33.40
C LEU A 3197 100.47 -94.95 -32.20
N ALA A 3198 100.87 -94.39 -31.06
CA ALA A 3198 101.03 -95.19 -29.86
C ALA A 3198 99.68 -95.72 -29.39
N ALA A 3199 98.63 -94.93 -29.52
CA ALA A 3199 97.29 -95.40 -29.15
C ALA A 3199 96.86 -96.56 -30.01
N ALA A 3200 97.09 -96.50 -31.31
CA ALA A 3200 96.61 -97.52 -32.24
C ALA A 3200 97.61 -98.64 -32.47
N MET A 3201 98.78 -98.59 -31.86
CA MET A 3201 99.85 -99.52 -32.19
C MET A 3201 99.74 -100.76 -31.33
N PRO A 3202 99.78 -101.96 -31.90
CA PRO A 3202 99.40 -103.17 -31.16
C PRO A 3202 100.53 -103.84 -30.38
N VAL A 3203 101.77 -103.39 -30.52
CA VAL A 3203 102.87 -104.02 -29.79
C VAL A 3203 103.43 -103.01 -28.79
N ALA A 3204 103.90 -103.53 -27.66
CA ALA A 3204 104.47 -102.70 -26.59
C ALA A 3204 105.93 -102.41 -26.95
N PHE A 3205 106.12 -101.41 -27.81
CA PHE A 3205 107.46 -101.09 -28.30
C PHE A 3205 108.36 -100.55 -27.21
N LEU A 3206 107.81 -100.07 -26.10
CA LEU A 3206 108.63 -99.60 -25.01
C LEU A 3206 109.05 -100.71 -24.06
N GLU A 3207 108.49 -101.91 -24.21
CA GLU A 3207 108.78 -103.05 -23.33
C GLU A 3207 109.13 -104.26 -24.18
N PRO A 3208 110.32 -104.26 -24.79
CA PRO A 3208 110.68 -105.38 -25.67
C PRO A 3208 110.91 -106.69 -24.94
N GLN A 3209 111.30 -106.66 -23.66
CA GLN A 3209 111.60 -107.92 -22.98
C GLN A 3209 110.38 -108.80 -22.79
N LEU A 3210 109.18 -108.24 -22.93
CA LEU A 3210 107.94 -109.01 -22.83
C LEU A 3210 107.24 -109.16 -24.17
N ASN A 3211 107.96 -108.98 -25.28
CA ASN A 3211 107.34 -109.09 -26.58
C ASN A 3211 106.93 -110.52 -26.91
N GLU A 3212 107.58 -111.52 -26.30
CA GLU A 3212 107.27 -112.90 -26.62
C GLU A 3212 105.87 -113.31 -26.17
N TYR A 3213 105.22 -112.51 -25.34
CA TYR A 3213 103.87 -112.81 -24.86
C TYR A 3213 102.79 -112.05 -25.62
N ASN A 3214 103.14 -111.39 -26.72
CA ASN A 3214 102.19 -110.61 -27.49
C ASN A 3214 101.87 -111.34 -28.79
N ALA A 3215 100.60 -111.68 -28.98
CA ALA A 3215 100.20 -112.45 -30.15
C ALA A 3215 100.19 -111.59 -31.42
N CYS A 3216 99.89 -110.31 -31.29
CA CYS A 3216 99.81 -109.42 -32.45
C CYS A 3216 101.16 -108.77 -32.76
N SER A 3217 102.20 -109.59 -32.84
CA SER A 3217 103.55 -109.12 -33.13
C SER A 3217 104.13 -109.91 -34.29
N VAL A 3218 105.01 -109.26 -35.06
CA VAL A 3218 105.59 -109.92 -36.21
C VAL A 3218 106.46 -111.10 -35.78
N TYR A 3219 107.20 -110.95 -34.68
CA TYR A 3219 108.08 -112.02 -34.23
C TYR A 3219 107.34 -113.25 -33.74
N THR A 3220 106.03 -113.17 -33.51
CA THR A 3220 105.23 -114.33 -33.18
C THR A 3220 104.37 -114.80 -34.33
N THR A 3221 103.91 -113.88 -35.19
CA THR A 3221 103.07 -114.28 -36.31
C THR A 3221 103.89 -114.89 -37.44
N LYS A 3222 105.11 -114.40 -37.65
CA LYS A 3222 105.93 -114.86 -38.76
C LYS A 3222 107.00 -115.84 -38.30
N SER A 3223 107.23 -116.86 -39.11
CA SER A 3223 108.19 -117.90 -38.78
C SER A 3223 109.61 -117.34 -38.82
N PRO A 3224 110.55 -117.95 -38.08
CA PRO A 3224 111.95 -117.54 -38.19
C PRO A 3224 112.50 -117.67 -39.60
N ARG A 3225 111.97 -118.58 -40.41
CA ARG A 3225 112.39 -118.66 -41.81
C ARG A 3225 112.10 -117.35 -42.53
N GLU A 3226 110.91 -116.80 -42.33
CA GLU A 3226 110.59 -115.48 -42.87
C GLU A 3226 111.12 -114.42 -41.91
N ARG A 3227 110.73 -113.17 -42.14
CA ARG A 3227 111.30 -111.97 -41.53
C ARG A 3227 112.78 -111.85 -41.89
N ALA A 3228 113.29 -112.79 -42.68
CA ALA A 3228 114.59 -112.69 -43.30
C ALA A 3228 114.52 -112.32 -44.77
N ILE A 3229 113.49 -112.80 -45.48
CA ILE A 3229 113.27 -112.37 -46.85
C ILE A 3229 112.99 -110.87 -46.89
N LEU A 3230 112.26 -110.37 -45.89
CA LEU A 3230 112.07 -108.94 -45.70
C LEU A 3230 112.99 -108.49 -44.57
N GLY A 3231 113.68 -107.38 -44.79
CA GLY A 3231 114.69 -106.92 -43.85
C GLY A 3231 114.17 -106.63 -42.46
N LEU A 3232 114.50 -107.51 -41.51
CA LEU A 3232 114.18 -107.34 -40.10
C LEU A 3232 115.44 -107.57 -39.29
N PRO A 3233 115.58 -106.86 -38.17
CA PRO A 3233 116.81 -106.96 -37.36
C PRO A 3233 116.93 -108.22 -36.52
N ASN A 3234 116.07 -109.22 -36.74
CA ASN A 3234 116.06 -110.54 -36.11
C ASN A 3234 115.81 -110.48 -34.60
N SER A 3235 115.56 -109.31 -34.03
CA SER A 3235 115.26 -109.20 -32.61
C SER A 3235 114.34 -108.00 -32.42
N VAL A 3236 113.34 -108.15 -31.55
CA VAL A 3236 112.40 -107.07 -31.31
C VAL A 3236 113.11 -105.88 -30.68
N GLU A 3237 114.16 -106.12 -29.89
CA GLU A 3237 114.88 -105.03 -29.24
C GLU A 3237 115.59 -104.13 -30.23
N GLU A 3238 115.92 -104.63 -31.41
CA GLU A 3238 116.72 -103.89 -32.38
C GLU A 3238 115.88 -103.13 -33.39
N MET A 3239 114.57 -103.33 -33.44
CA MET A 3239 113.78 -102.77 -34.52
C MET A 3239 113.61 -101.26 -34.34
N CYS A 3240 113.46 -100.81 -33.10
CA CYS A 3240 113.56 -99.40 -32.73
C CYS A 3240 114.51 -99.29 -31.54
N PRO A 3241 115.82 -99.31 -31.80
CA PRO A 3241 116.79 -99.32 -30.70
C PRO A 3241 116.97 -97.97 -30.02
N ASP A 3242 116.67 -96.88 -30.70
CA ASP A 3242 116.91 -95.55 -30.15
C ASP A 3242 115.78 -95.06 -29.26
N ILE A 3243 114.72 -95.85 -29.10
CA ILE A 3243 113.62 -95.51 -28.19
C ILE A 3243 113.95 -96.13 -26.83
N PRO A 3244 114.12 -95.34 -25.78
CA PRO A 3244 114.42 -95.92 -24.47
C PRO A 3244 113.22 -96.73 -23.96
N VAL A 3245 113.53 -97.72 -23.13
CA VAL A 3245 112.50 -98.57 -22.56
C VAL A 3245 111.65 -97.75 -21.59
N LEU A 3246 110.52 -98.32 -21.17
CA LEU A 3246 109.57 -97.56 -20.37
C LEU A 3246 110.18 -97.12 -19.04
N ASP A 3247 110.93 -98.02 -18.39
CA ASP A 3247 111.53 -97.67 -17.10
C ASP A 3247 112.52 -96.52 -17.25
N ARG A 3248 113.39 -96.58 -18.25
CA ARG A 3248 114.35 -95.50 -18.47
C ARG A 3248 113.63 -94.21 -18.79
N LEU A 3249 112.57 -94.27 -19.58
CA LEU A 3249 111.84 -93.06 -19.95
C LEU A 3249 111.20 -92.42 -18.74
N MET A 3250 110.55 -93.21 -17.89
CA MET A 3250 109.97 -92.67 -16.67
C MET A 3250 111.04 -92.10 -15.75
N ALA A 3251 112.18 -92.78 -15.64
CA ALA A 3251 113.26 -92.27 -14.80
C ALA A 3251 113.74 -90.91 -15.31
N ASP A 3252 113.93 -90.77 -16.62
CA ASP A 3252 114.39 -89.51 -17.16
C ASP A 3252 113.37 -88.39 -16.96
N ILE A 3253 112.08 -88.69 -17.19
CA ILE A 3253 111.05 -87.67 -17.02
C ILE A 3253 110.97 -87.24 -15.56
N GLY A 3254 111.02 -88.20 -14.63
CA GLY A 3254 111.01 -87.84 -13.23
C GLY A 3254 112.22 -87.04 -12.83
N GLY A 3255 113.38 -87.38 -13.39
CA GLY A 3255 114.58 -86.60 -13.11
C GLY A 3255 114.44 -85.15 -13.57
N LEU A 3256 113.91 -84.96 -14.77
CA LEU A 3256 113.68 -83.60 -15.25
C LEU A 3256 112.71 -82.86 -14.34
N ALA A 3257 111.61 -83.51 -13.97
CA ALA A 3257 110.60 -82.85 -13.14
C ALA A 3257 111.18 -82.47 -11.78
N GLU A 3258 111.94 -83.36 -11.16
CA GLU A 3258 112.51 -83.04 -9.85
C GLU A 3258 113.61 -82.01 -9.95
N SER A 3259 114.38 -82.00 -11.05
CA SER A 3259 115.39 -80.96 -11.24
C SER A 3259 114.76 -79.61 -11.52
N GLY A 3260 113.50 -79.58 -11.98
CA GLY A 3260 112.85 -78.30 -12.19
C GLY A 3260 113.31 -77.58 -13.43
N ALA A 3261 113.68 -78.32 -14.48
CA ALA A 3261 114.11 -77.70 -15.73
C ALA A 3261 112.95 -76.95 -16.37
N ARG A 3262 113.28 -75.91 -17.12
CA ARG A 3262 112.27 -75.15 -17.84
C ARG A 3262 111.93 -75.85 -19.15
N TYR A 3263 111.00 -75.26 -19.89
CA TYR A 3263 110.59 -75.84 -21.17
C TYR A 3263 111.72 -75.78 -22.19
N THR A 3264 112.56 -74.75 -22.11
CA THR A 3264 113.58 -74.55 -23.14
C THR A 3264 114.60 -75.67 -23.18
N GLU A 3265 114.86 -76.31 -22.05
CA GLU A 3265 115.86 -77.37 -21.99
C GLU A 3265 115.27 -78.76 -22.13
N MET A 3266 113.98 -78.87 -22.40
CA MET A 3266 113.40 -80.19 -22.66
C MET A 3266 112.19 -80.10 -23.59
N PRO A 3267 112.35 -79.51 -24.78
CA PRO A 3267 111.18 -79.38 -25.66
C PRO A 3267 110.74 -80.69 -26.27
N HIS A 3268 111.70 -81.57 -26.57
CA HIS A 3268 111.35 -82.85 -27.18
C HIS A 3268 110.51 -83.71 -26.26
N VAL A 3269 110.85 -83.74 -24.97
CA VAL A 3269 110.08 -84.52 -24.01
C VAL A 3269 108.67 -83.97 -23.86
N ILE A 3270 108.56 -82.65 -23.74
CA ILE A 3270 107.25 -82.05 -23.49
C ILE A 3270 106.35 -82.20 -24.71
N GLU A 3271 106.91 -82.02 -25.91
CA GLU A 3271 106.06 -81.99 -27.10
C GLU A 3271 105.80 -83.38 -27.67
N ILE A 3272 106.70 -84.33 -27.47
CA ILE A 3272 106.59 -85.61 -28.15
C ILE A 3272 106.51 -86.77 -27.16
N THR A 3273 107.52 -86.88 -26.30
CA THR A 3273 107.61 -88.03 -25.40
C THR A 3273 106.46 -88.07 -24.42
N LEU A 3274 106.11 -86.93 -23.85
CA LEU A 3274 104.98 -86.89 -22.91
C LEU A 3274 103.67 -87.27 -23.57
N PRO A 3275 103.28 -86.72 -24.73
CA PRO A 3275 102.07 -87.22 -25.39
C PRO A 3275 102.15 -88.68 -25.76
N MET A 3276 103.32 -89.17 -26.19
CA MET A 3276 103.42 -90.57 -26.57
C MET A 3276 103.19 -91.47 -25.37
N LEU A 3277 103.72 -91.09 -24.20
CA LEU A 3277 103.46 -91.86 -22.99
C LEU A 3277 102.02 -91.72 -22.54
N CYS A 3278 101.45 -90.52 -22.60
CA CYS A 3278 100.06 -90.32 -22.20
C CYS A 3278 99.12 -91.09 -23.09
N SER A 3279 99.55 -91.47 -24.29
CA SER A 3279 98.78 -92.32 -25.17
C SER A 3279 99.13 -93.80 -25.04
N TYR A 3280 100.34 -94.12 -24.60
CA TYR A 3280 100.78 -95.50 -24.52
C TYR A 3280 100.32 -96.16 -23.23
N LEU A 3281 100.47 -95.47 -22.10
CA LEU A 3281 100.13 -96.08 -20.81
C LEU A 3281 98.66 -96.47 -20.70
N PRO A 3282 97.69 -95.62 -21.04
CA PRO A 3282 96.29 -96.05 -20.92
C PRO A 3282 95.95 -97.25 -21.79
N ARG A 3283 96.54 -97.37 -22.97
CA ARG A 3283 96.25 -98.51 -23.83
C ARG A 3283 96.70 -99.81 -23.19
N TRP A 3284 97.92 -99.82 -22.64
CA TRP A 3284 98.49 -101.06 -22.12
C TRP A 3284 98.13 -101.33 -20.67
N TRP A 3285 97.54 -100.36 -19.97
CA TRP A 3285 97.05 -100.67 -18.64
C TRP A 3285 95.91 -101.67 -18.69
N GLU A 3286 95.03 -101.55 -19.69
CA GLU A 3286 93.90 -102.45 -19.81
C GLU A 3286 94.29 -103.85 -20.24
N ARG A 3287 95.52 -104.05 -20.72
CA ARG A 3287 95.95 -105.34 -21.22
C ARG A 3287 97.07 -105.96 -20.39
N GLY A 3288 97.40 -105.38 -19.24
CA GLY A 3288 98.43 -105.92 -18.40
C GLY A 3288 97.89 -106.32 -17.04
N PRO A 3289 98.75 -106.45 -16.05
CA PRO A 3289 98.29 -106.69 -14.69
C PRO A 3289 97.54 -105.48 -14.18
N GLU A 3290 96.81 -105.68 -13.08
CA GLU A 3290 95.90 -104.72 -12.47
C GLU A 3290 94.67 -104.46 -13.34
N ALA A 3291 94.58 -105.09 -14.51
CA ALA A 3291 93.39 -104.96 -15.33
C ALA A 3291 92.22 -105.67 -14.67
N PRO A 3292 91.00 -105.30 -15.02
CA PRO A 3292 89.82 -106.07 -14.60
C PRO A 3292 89.61 -107.24 -15.54
N PRO A 3293 90.26 -108.37 -15.30
CA PRO A 3293 90.42 -109.38 -16.35
C PRO A 3293 89.23 -110.31 -16.41
N PRO A 3294 88.51 -110.33 -17.53
CA PRO A 3294 87.60 -111.45 -17.79
C PRO A 3294 88.35 -112.58 -18.45
N ALA A 3295 89.52 -112.92 -17.88
CA ALA A 3295 90.47 -113.83 -18.49
C ALA A 3295 90.49 -115.19 -17.80
N LEU A 3296 89.33 -115.65 -17.34
CA LEU A 3296 89.27 -116.99 -16.77
C LEU A 3296 89.67 -118.07 -17.77
N PRO A 3297 89.16 -118.08 -19.02
CA PRO A 3297 89.65 -119.07 -19.98
C PRO A 3297 90.96 -118.65 -20.65
N ALA A 3298 91.17 -117.34 -20.80
CA ALA A 3298 92.28 -116.81 -21.59
C ALA A 3298 93.37 -116.19 -20.73
N GLY A 3299 93.45 -116.54 -19.46
CA GLY A 3299 94.49 -116.02 -18.59
C GLY A 3299 95.82 -116.74 -18.67
N ALA A 3300 95.89 -117.83 -19.42
CA ALA A 3300 97.14 -118.57 -19.53
C ALA A 3300 98.29 -117.75 -20.10
N PRO A 3301 98.12 -117.00 -21.20
CA PRO A 3301 99.23 -116.17 -21.69
C PRO A 3301 99.51 -115.03 -20.74
N PRO A 3302 100.76 -114.89 -20.29
CA PRO A 3302 101.10 -113.78 -19.41
C PRO A 3302 100.92 -112.46 -20.15
N PRO A 3303 100.59 -111.39 -19.44
CA PRO A 3303 100.46 -110.08 -20.09
C PRO A 3303 101.78 -109.67 -20.73
N CYS A 3304 101.67 -109.01 -21.88
CA CYS A 3304 102.84 -108.57 -22.63
C CYS A 3304 103.36 -107.22 -22.17
N THR A 3305 102.76 -106.63 -21.13
CA THR A 3305 103.19 -105.34 -20.61
C THR A 3305 103.18 -105.39 -19.09
N ALA A 3306 103.90 -104.44 -18.48
CA ALA A 3306 103.99 -104.33 -17.03
C ALA A 3306 103.45 -103.00 -16.54
N VAL A 3307 102.52 -102.41 -17.27
CA VAL A 3307 101.97 -101.11 -16.90
C VAL A 3307 100.92 -101.30 -15.82
N THR A 3308 101.11 -100.62 -14.69
CA THR A 3308 100.15 -100.59 -13.60
C THR A 3308 99.69 -99.16 -13.39
N SER A 3309 98.84 -98.95 -12.38
CA SER A 3309 98.41 -97.60 -12.05
C SER A 3309 99.54 -96.78 -11.44
N ASP A 3310 100.60 -97.42 -10.96
CA ASP A 3310 101.74 -96.68 -10.45
C ASP A 3310 102.37 -95.83 -11.54
N HIS A 3311 102.51 -96.38 -12.75
CA HIS A 3311 103.08 -95.63 -13.85
C HIS A 3311 102.24 -94.41 -14.17
N LEU A 3312 100.92 -94.59 -14.22
CA LEU A 3312 100.04 -93.47 -14.52
C LEU A 3312 100.12 -92.40 -13.45
N ASN A 3313 100.12 -92.79 -12.18
CA ASN A 3313 100.21 -91.82 -11.10
C ASN A 3313 101.52 -91.06 -11.13
N SER A 3314 102.64 -91.78 -11.35
CA SER A 3314 103.93 -91.12 -11.43
C SER A 3314 103.98 -90.16 -12.61
N LEU A 3315 103.44 -90.55 -13.75
CA LEU A 3315 103.46 -89.68 -14.92
C LEU A 3315 102.64 -88.43 -14.68
N LEU A 3316 101.47 -88.57 -14.04
CA LEU A 3316 100.65 -87.40 -13.77
C LEU A 3316 101.33 -86.47 -12.78
N GLY A 3317 101.97 -87.02 -11.76
CA GLY A 3317 102.71 -86.19 -10.83
C GLY A 3317 103.84 -85.45 -11.51
N ASN A 3318 104.57 -86.13 -12.40
CA ASN A 3318 105.65 -85.48 -13.12
C ASN A 3318 105.14 -84.40 -14.04
N ILE A 3319 103.98 -84.62 -14.67
CA ILE A 3319 103.41 -83.60 -15.54
C ILE A 3319 103.03 -82.37 -14.74
N LEU A 3320 102.40 -82.56 -13.58
CA LEU A 3320 102.07 -81.42 -12.74
C LEU A 3320 103.32 -80.69 -12.28
N ARG A 3321 104.36 -81.42 -11.92
CA ARG A 3321 105.61 -80.78 -11.51
C ARG A 3321 106.22 -79.98 -12.66
N ILE A 3322 106.17 -80.51 -13.88
CA ILE A 3322 106.69 -79.78 -15.03
C ILE A 3322 105.93 -78.49 -15.23
N ILE A 3323 104.60 -78.56 -15.17
CA ILE A 3323 103.79 -77.37 -15.41
C ILE A 3323 104.06 -76.31 -14.36
N VAL A 3324 104.25 -76.73 -13.09
CA VAL A 3324 104.54 -75.73 -12.07
C VAL A 3324 105.98 -75.26 -12.12
N ASN A 3325 106.89 -76.06 -12.69
CA ASN A 3325 108.22 -75.54 -12.97
C ASN A 3325 108.17 -74.41 -13.99
N ASN A 3326 107.36 -74.55 -15.03
CA ASN A 3326 107.19 -73.51 -16.02
C ASN A 3326 106.02 -72.59 -15.69
N LEU A 3327 105.75 -72.40 -14.40
CA LEU A 3327 104.49 -71.80 -13.99
C LEU A 3327 104.40 -70.33 -14.39
N GLY A 3328 105.45 -69.56 -14.14
CA GLY A 3328 105.40 -68.12 -14.32
C GLY A 3328 106.06 -67.56 -15.56
N ILE A 3329 106.47 -68.40 -16.51
CA ILE A 3329 107.18 -67.89 -17.67
C ILE A 3329 106.25 -67.07 -18.55
N ASP A 3330 106.85 -66.23 -19.40
CA ASP A 3330 106.09 -65.26 -20.16
C ASP A 3330 105.25 -65.92 -21.25
N GLU A 3331 105.85 -66.83 -22.02
CA GLU A 3331 105.17 -67.44 -23.16
C GLU A 3331 105.33 -68.95 -23.11
N ALA A 3332 104.21 -69.67 -23.13
CA ALA A 3332 104.22 -71.13 -23.18
C ALA A 3332 102.89 -71.57 -23.78
N THR A 3333 102.89 -71.88 -25.07
CA THR A 3333 101.68 -72.36 -25.73
C THR A 3333 101.55 -73.88 -25.68
N TRP A 3334 102.52 -74.57 -25.11
CA TRP A 3334 102.45 -76.02 -25.01
C TRP A 3334 101.60 -76.50 -23.86
N MET A 3335 101.21 -75.62 -22.94
CA MET A 3335 100.48 -76.04 -21.76
C MET A 3335 99.12 -76.62 -22.12
N LYS A 3336 98.39 -75.97 -23.02
CA LYS A 3336 97.07 -76.47 -23.39
C LYS A 3336 97.17 -77.83 -24.07
N ARG A 3337 98.13 -77.99 -24.97
CA ARG A 3337 98.32 -79.28 -25.62
C ARG A 3337 98.68 -80.36 -24.61
N LEU A 3338 99.57 -80.05 -23.68
CA LEU A 3338 99.96 -81.02 -22.67
C LEU A 3338 98.78 -81.40 -21.77
N ALA A 3339 97.94 -80.42 -21.41
CA ALA A 3339 96.76 -80.73 -20.61
C ALA A 3339 95.80 -81.64 -21.36
N VAL A 3340 95.55 -81.33 -22.64
CA VAL A 3340 94.66 -82.16 -23.44
C VAL A 3340 95.21 -83.58 -23.57
N PHE A 3341 96.53 -83.71 -23.72
CA PHE A 3341 97.12 -85.04 -23.82
C PHE A 3341 97.13 -85.78 -22.49
N ALA A 3342 97.21 -85.05 -21.37
CA ALA A 3342 97.31 -85.69 -20.07
C ALA A 3342 95.96 -85.94 -19.42
N GLN A 3343 94.87 -85.45 -20.00
CA GLN A 3343 93.56 -85.74 -19.43
C GLN A 3343 93.24 -87.23 -19.35
N PRO A 3344 93.48 -88.05 -20.38
CA PRO A 3344 93.09 -89.47 -20.26
C PRO A 3344 93.74 -90.21 -19.11
N ILE A 3345 94.99 -89.91 -18.77
CA ILE A 3345 95.68 -90.70 -17.74
C ILE A 3345 95.25 -90.34 -16.33
N VAL A 3346 94.44 -89.29 -16.15
CA VAL A 3346 94.06 -88.88 -14.81
C VAL A 3346 93.04 -89.84 -14.20
N SER A 3347 92.44 -90.70 -15.01
CA SER A 3347 91.36 -91.56 -14.52
C SER A 3347 91.82 -92.56 -13.48
N ARG A 3348 93.13 -92.79 -13.37
CA ARG A 3348 93.66 -93.68 -12.34
C ARG A 3348 94.54 -92.95 -11.33
N ALA A 3349 94.31 -91.66 -11.13
CA ALA A 3349 95.06 -90.94 -10.11
C ALA A 3349 94.70 -91.44 -8.73
N ARG A 3350 95.71 -91.66 -7.90
CA ARG A 3350 95.51 -92.08 -6.54
C ARG A 3350 95.12 -90.89 -5.67
N PRO A 3351 94.48 -91.14 -4.52
CA PRO A 3351 94.06 -90.03 -3.65
C PRO A 3351 95.22 -89.21 -3.11
N GLU A 3352 96.43 -89.77 -3.05
CA GLU A 3352 97.56 -89.03 -2.50
C GLU A 3352 97.91 -87.79 -3.32
N LEU A 3353 97.57 -87.77 -4.60
CA LEU A 3353 97.87 -86.61 -5.44
C LEU A 3353 97.10 -85.38 -5.00
N LEU A 3354 96.01 -85.55 -4.25
CA LEU A 3354 95.30 -84.39 -3.74
C LEU A 3354 96.17 -83.58 -2.79
N HIS A 3355 96.93 -84.26 -1.93
CA HIS A 3355 97.79 -83.56 -0.99
C HIS A 3355 99.19 -83.31 -1.53
N SER A 3356 99.70 -84.24 -2.33
CA SER A 3356 101.09 -84.10 -2.78
C SER A 3356 101.25 -82.99 -3.80
N HIS A 3357 100.35 -82.91 -4.78
CA HIS A 3357 100.52 -81.99 -5.90
C HIS A 3357 99.43 -80.94 -5.99
N PHE A 3358 98.16 -81.35 -6.02
CA PHE A 3358 97.08 -80.44 -6.39
C PHE A 3358 96.95 -79.29 -5.39
N ILE A 3359 97.04 -79.59 -4.10
CA ILE A 3359 96.94 -78.53 -3.09
C ILE A 3359 98.07 -77.51 -3.23
N PRO A 3360 99.34 -77.90 -3.30
CA PRO A 3360 100.38 -76.88 -3.52
C PRO A 3360 100.22 -76.10 -4.82
N THR A 3361 99.84 -76.77 -5.92
CA THR A 3361 99.70 -76.06 -7.18
C THR A 3361 98.60 -75.01 -7.11
N ILE A 3362 97.42 -75.40 -6.62
CA ILE A 3362 96.33 -74.45 -6.55
C ILE A 3362 96.64 -73.37 -5.52
N GLY A 3363 97.45 -73.68 -4.50
CA GLY A 3363 97.86 -72.64 -3.57
C GLY A 3363 98.74 -71.59 -4.22
N ARG A 3364 99.69 -72.04 -5.03
CA ARG A 3364 100.52 -71.08 -5.77
C ARG A 3364 99.66 -70.22 -6.70
N LEU A 3365 98.72 -70.85 -7.40
CA LEU A 3365 97.83 -70.09 -8.26
C LEU A 3365 97.03 -69.07 -7.46
N ARG A 3366 96.54 -69.48 -6.29
CA ARG A 3366 95.73 -68.60 -5.46
C ARG A 3366 96.52 -67.39 -5.00
N LYS A 3367 97.76 -67.61 -4.55
CA LYS A 3367 98.52 -66.47 -4.06
C LYS A 3367 98.95 -65.54 -5.19
N ARG A 3368 99.25 -66.09 -6.38
CA ARG A 3368 99.51 -65.21 -7.51
C ARG A 3368 98.29 -64.38 -7.87
N ALA A 3369 97.11 -65.01 -7.87
CA ALA A 3369 95.89 -64.27 -8.18
C ALA A 3369 95.64 -63.18 -7.14
N GLY A 3370 95.88 -63.49 -5.88
CA GLY A 3370 95.71 -62.47 -4.84
C GLY A 3370 96.65 -61.30 -5.03
N LYS A 3371 97.91 -61.58 -5.38
CA LYS A 3371 98.85 -60.50 -5.64
C LYS A 3371 98.41 -59.65 -6.82
N VAL A 3372 97.93 -60.29 -7.88
CA VAL A 3372 97.53 -59.53 -9.07
C VAL A 3372 96.31 -58.67 -8.77
N VAL A 3373 95.32 -59.21 -8.05
CA VAL A 3373 94.15 -58.39 -7.74
C VAL A 3373 94.52 -57.27 -6.78
N ALA A 3374 95.48 -57.51 -5.88
CA ALA A 3374 95.97 -56.43 -5.03
C ALA A 3374 96.59 -55.32 -5.87
N GLU A 3375 97.40 -55.68 -6.85
CA GLU A 3375 97.98 -54.66 -7.73
C GLU A 3375 96.90 -53.92 -8.50
N GLU A 3376 95.88 -54.64 -8.96
CA GLU A 3376 94.82 -53.99 -9.72
C GLU A 3376 94.07 -52.98 -8.88
N GLU A 3377 93.72 -53.35 -7.64
CA GLU A 3377 93.03 -52.38 -6.78
C GLU A 3377 93.95 -51.24 -6.38
N GLN A 3378 95.25 -51.53 -6.21
CA GLN A 3378 96.21 -50.46 -5.94
C GLN A 3378 96.26 -49.46 -7.08
N LEU A 3379 96.18 -49.95 -8.32
CA LEU A 3379 96.11 -49.06 -9.47
C LEU A 3379 94.80 -48.29 -9.50
N ARG A 3380 93.68 -48.95 -9.18
CA ARG A 3380 92.39 -48.29 -9.34
C ARG A 3380 92.09 -47.31 -8.23
N LEU A 3381 92.77 -47.41 -7.08
CA LEU A 3381 92.40 -46.54 -5.96
C LEU A 3381 92.73 -45.07 -6.24
N GLU A 3382 93.78 -44.81 -7.01
CA GLU A 3382 94.14 -43.44 -7.39
C GLU A 3382 93.93 -43.32 -8.91
N ALA A 3383 93.07 -42.38 -9.31
CA ALA A 3383 92.82 -42.13 -10.71
C ALA A 3383 93.91 -41.23 -11.28
N LYS A 3384 94.48 -41.64 -12.41
CA LYS A 3384 95.59 -40.90 -12.99
C LYS A 3384 95.69 -41.24 -14.47
N ALA A 3385 96.28 -40.31 -15.22
CA ALA A 3385 96.60 -40.58 -16.62
C ALA A 3385 97.68 -41.64 -16.75
N GLU A 3386 98.45 -41.88 -15.69
CA GLU A 3386 99.45 -42.94 -15.67
C GLU A 3386 98.86 -44.30 -15.33
N ALA A 3387 97.64 -44.35 -14.77
CA ALA A 3387 97.03 -45.62 -14.43
C ALA A 3387 96.90 -46.52 -15.66
N GLU A 3388 96.70 -45.93 -16.84
CA GLU A 3388 96.74 -46.70 -18.07
C GLU A 3388 98.08 -47.40 -18.22
N GLU A 3389 99.17 -46.67 -18.01
CA GLU A 3389 100.51 -47.27 -18.02
C GLU A 3389 100.64 -48.08 -16.74
N GLY A 3390 100.25 -49.34 -16.82
CA GLY A 3390 100.13 -50.20 -15.66
C GLY A 3390 98.88 -51.04 -15.79
N GLU A 3391 97.84 -50.45 -16.37
CA GLU A 3391 96.71 -51.27 -16.77
C GLU A 3391 97.16 -52.39 -17.70
N LEU A 3392 98.06 -52.09 -18.63
CA LEU A 3392 98.54 -53.13 -19.54
C LEU A 3392 99.29 -54.23 -18.80
N LEU A 3393 100.13 -53.90 -17.82
CA LEU A 3393 100.91 -54.96 -17.20
C LEU A 3393 100.04 -55.81 -16.27
N VAL A 3394 99.04 -55.20 -15.66
CA VAL A 3394 98.12 -56.03 -14.88
C VAL A 3394 97.28 -56.91 -15.80
N ARG A 3395 96.92 -56.43 -16.99
CA ARG A 3395 96.24 -57.31 -17.95
C ARG A 3395 97.15 -58.45 -18.39
N ASP A 3396 98.44 -58.16 -18.59
CA ASP A 3396 99.37 -59.23 -18.97
C ASP A 3396 99.51 -60.26 -17.86
N GLU A 3397 99.59 -59.81 -16.62
CA GLU A 3397 99.65 -60.75 -15.50
C GLU A 3397 98.37 -61.58 -15.42
N PHE A 3398 97.22 -60.96 -15.63
CA PHE A 3398 95.98 -61.74 -15.65
C PHE A 3398 95.97 -62.74 -16.79
N SER A 3399 96.54 -62.38 -17.94
CA SER A 3399 96.57 -63.30 -19.08
C SER A 3399 97.44 -64.51 -18.81
N VAL A 3400 98.63 -64.29 -18.25
CA VAL A 3400 99.50 -65.42 -17.94
C VAL A 3400 98.87 -66.27 -16.83
N LEU A 3401 98.20 -65.62 -15.87
CA LEU A 3401 97.51 -66.37 -14.82
C LEU A 3401 96.40 -67.23 -15.40
N CYS A 3402 95.62 -66.68 -16.33
CA CYS A 3402 94.57 -67.47 -16.97
C CYS A 3402 95.15 -68.62 -17.76
N ARG A 3403 96.32 -68.41 -18.39
CA ARG A 3403 96.99 -69.51 -19.07
C ARG A 3403 97.34 -70.63 -18.10
N ASP A 3404 97.90 -70.28 -16.94
CA ASP A 3404 98.21 -71.30 -15.95
C ASP A 3404 96.95 -72.00 -15.44
N LEU A 3405 95.89 -71.23 -15.21
CA LEU A 3405 94.64 -71.80 -14.72
C LEU A 3405 94.05 -72.78 -15.72
N TYR A 3406 94.08 -72.44 -17.01
CA TYR A 3406 93.56 -73.37 -18.00
C TYR A 3406 94.52 -74.51 -18.30
N ALA A 3407 95.79 -74.38 -17.93
CA ALA A 3407 96.71 -75.50 -17.99
C ALA A 3407 96.48 -76.50 -16.87
N LEU A 3408 96.08 -76.04 -15.69
CA LEU A 3408 95.94 -76.94 -14.54
C LEU A 3408 94.51 -77.39 -14.27
N TYR A 3409 93.53 -76.54 -14.52
CA TYR A 3409 92.17 -76.81 -14.06
C TYR A 3409 91.51 -78.04 -14.65
N PRO A 3410 91.57 -78.31 -15.96
CA PRO A 3410 90.86 -79.50 -16.47
C PRO A 3410 91.29 -80.79 -15.81
N LEU A 3411 92.58 -80.93 -15.51
CA LEU A 3411 93.05 -82.09 -14.76
C LEU A 3411 92.38 -82.14 -13.39
N LEU A 3412 92.30 -81.00 -12.72
CA LEU A 3412 91.65 -80.94 -11.41
C LEU A 3412 90.17 -81.27 -11.51
N ILE A 3413 89.52 -80.84 -12.59
CA ILE A 3413 88.10 -81.14 -12.77
C ILE A 3413 87.88 -82.63 -12.92
N ARG A 3414 88.73 -83.27 -13.73
CA ARG A 3414 88.61 -84.73 -13.88
C ARG A 3414 88.87 -85.44 -12.55
N TYR A 3415 89.88 -85.01 -11.82
CA TYR A 3415 90.20 -85.63 -10.54
C TYR A 3415 89.06 -85.45 -9.55
N VAL A 3416 88.44 -84.27 -9.54
CA VAL A 3416 87.29 -84.02 -8.68
C VAL A 3416 86.13 -84.92 -9.08
N ASP A 3417 85.87 -85.05 -10.38
CA ASP A 3417 84.80 -85.93 -10.81
C ASP A 3417 85.04 -87.36 -10.37
N ASN A 3418 86.29 -87.79 -10.33
CA ASN A 3418 86.59 -89.15 -9.93
C ASN A 3418 86.67 -89.36 -8.42
N ASN A 3419 86.83 -88.31 -7.62
CA ASN A 3419 86.98 -88.49 -6.18
C ASN A 3419 85.94 -87.77 -5.32
N ARG A 3420 84.98 -87.06 -5.92
CA ARG A 3420 84.02 -86.31 -5.13
C ARG A 3420 83.07 -87.22 -4.36
N ALA A 3421 82.72 -88.37 -4.93
CA ALA A 3421 81.90 -89.32 -4.21
C ALA A 3421 82.57 -89.75 -2.92
N HIS A 3422 83.85 -90.09 -2.98
CA HIS A 3422 84.56 -90.47 -1.77
CA HIS A 3422 84.58 -90.47 -1.77
C HIS A 3422 84.68 -89.31 -0.80
N TRP A 3423 84.97 -88.11 -1.32
CA TRP A 3423 85.12 -86.96 -0.44
C TRP A 3423 83.83 -86.65 0.31
N LEU A 3424 82.68 -86.80 -0.36
CA LEU A 3424 81.41 -86.55 0.32
C LEU A 3424 81.05 -87.69 1.26
N THR A 3425 81.34 -88.93 0.88
CA THR A 3425 81.03 -90.06 1.75
C THR A 3425 81.83 -89.99 3.04
N GLU A 3426 83.11 -89.65 2.94
CA GLU A 3426 83.97 -89.52 4.12
C GLU A 3426 84.62 -88.14 4.05
N PRO A 3427 84.31 -87.24 4.98
CA PRO A 3427 84.81 -85.87 4.88
C PRO A 3427 86.33 -85.82 4.86
N ASN A 3428 86.88 -84.89 4.08
CA ASN A 3428 88.31 -84.80 3.86
C ASN A 3428 88.77 -83.37 4.09
N ALA A 3429 89.72 -83.20 5.02
CA ALA A 3429 90.24 -81.87 5.30
C ALA A 3429 90.94 -81.29 4.08
N ASN A 3430 91.66 -82.12 3.33
CA ASN A 3430 92.30 -81.64 2.11
C ASN A 3430 91.27 -81.21 1.08
N ALA A 3431 90.16 -81.95 0.97
CA ALA A 3431 89.11 -81.55 0.05
C ALA A 3431 88.52 -80.21 0.43
N GLU A 3432 88.29 -80.00 1.73
CA GLU A 3432 87.78 -78.70 2.18
C GLU A 3432 88.78 -77.59 1.90
N GLU A 3433 90.07 -77.85 2.13
CA GLU A 3433 91.10 -76.86 1.86
C GLU A 3433 91.12 -76.49 0.37
N LEU A 3434 91.06 -77.50 -0.49
CA LEU A 3434 91.08 -77.23 -1.91
C LEU A 3434 89.82 -76.49 -2.34
N PHE A 3435 88.70 -76.75 -1.67
CA PHE A 3435 87.51 -75.95 -1.91
C PHE A 3435 87.74 -74.50 -1.55
N ARG A 3436 88.39 -74.24 -0.41
CA ARG A 3436 88.68 -72.86 -0.06
C ARG A 3436 89.55 -72.21 -1.12
N MET A 3437 90.55 -72.93 -1.62
CA MET A 3437 91.44 -72.39 -2.64
C MET A 3437 90.67 -72.02 -3.90
N VAL A 3438 89.88 -72.95 -4.42
CA VAL A 3438 89.15 -72.69 -5.65
C VAL A 3438 88.11 -71.61 -5.43
N GLY A 3439 87.49 -71.55 -4.25
CA GLY A 3439 86.53 -70.51 -3.98
C GLY A 3439 87.16 -69.13 -3.93
N GLU A 3440 88.33 -69.01 -3.32
CA GLU A 3440 89.01 -67.72 -3.30
C GLU A 3440 89.41 -67.29 -4.71
N ILE A 3441 89.89 -68.23 -5.51
CA ILE A 3441 90.24 -67.90 -6.90
C ILE A 3441 89.01 -67.41 -7.65
N PHE A 3442 87.88 -68.08 -7.46
CA PHE A 3442 86.68 -67.68 -8.18
C PHE A 3442 86.15 -66.35 -7.66
N ILE A 3443 86.32 -66.08 -6.37
CA ILE A 3443 85.96 -64.77 -5.83
C ILE A 3443 86.78 -63.68 -6.50
N TYR A 3444 88.10 -63.89 -6.60
CA TYR A 3444 88.95 -62.94 -7.29
C TYR A 3444 88.47 -62.72 -8.71
N TRP A 3445 88.11 -63.80 -9.40
CA TRP A 3445 87.60 -63.69 -10.76
C TRP A 3445 86.33 -62.85 -10.81
N SER A 3446 85.42 -63.08 -9.86
CA SER A 3446 84.14 -62.37 -9.87
C SER A 3446 84.32 -60.89 -9.60
N LYS A 3447 85.19 -60.54 -8.66
CA LYS A 3447 85.37 -59.13 -8.31
C LYS A 3447 86.06 -58.34 -9.43
N SER A 3448 87.14 -58.89 -9.97
CA SER A 3448 87.93 -58.16 -10.97
C SER A 3448 87.36 -58.34 -12.36
N HIS A 3449 87.19 -57.23 -13.08
CA HIS A 3449 86.74 -57.28 -14.46
C HIS A 3449 87.87 -57.67 -15.39
N ASN A 3450 89.10 -57.24 -15.08
CA ASN A 3450 90.25 -57.62 -15.89
C ASN A 3450 90.43 -59.12 -15.93
N PHE A 3451 90.19 -59.80 -14.81
CA PHE A 3451 90.30 -61.26 -14.78
C PHE A 3451 89.34 -61.88 -15.79
N LYS A 3452 88.08 -61.43 -15.79
CA LYS A 3452 87.10 -61.97 -16.74
C LYS A 3452 87.50 -61.68 -18.18
N ARG A 3453 87.91 -60.44 -18.46
CA ARG A 3453 88.27 -60.08 -19.82
C ARG A 3453 89.46 -60.89 -20.30
N GLU A 3454 90.48 -61.04 -19.45
CA GLU A 3454 91.67 -61.79 -19.85
C GLU A 3454 91.35 -63.26 -20.03
N GLU A 3455 90.49 -63.83 -19.19
CA GLU A 3455 90.08 -65.21 -19.40
C GLU A 3455 89.40 -65.39 -20.74
N GLN A 3456 88.45 -64.51 -21.05
CA GLN A 3456 87.74 -64.64 -22.32
C GLN A 3456 88.69 -64.46 -23.50
N ASN A 3457 89.61 -63.51 -23.39
CA ASN A 3457 90.59 -63.30 -24.46
C ASN A 3457 91.46 -64.52 -24.65
N PHE A 3458 91.94 -65.12 -23.55
CA PHE A 3458 92.72 -66.33 -23.65
C PHE A 3458 91.94 -67.42 -24.36
N VAL A 3459 90.68 -67.61 -23.98
CA VAL A 3459 89.87 -68.64 -24.60
C VAL A 3459 89.73 -68.40 -26.10
N VAL A 3460 89.44 -67.15 -26.49
CA VAL A 3460 89.15 -66.90 -27.90
C VAL A 3460 90.41 -67.04 -28.77
N GLN A 3461 91.54 -66.49 -28.32
CA GLN A 3461 92.72 -66.60 -29.18
C GLN A 3461 93.42 -67.95 -29.06
N ASN A 3462 93.11 -68.75 -28.04
CA ASN A 3462 93.68 -70.09 -27.98
C ASN A 3462 92.73 -71.16 -28.48
N GLU A 3463 91.50 -70.79 -28.85
CA GLU A 3463 90.52 -71.74 -29.38
C GLU A 3463 90.28 -72.89 -28.42
N ILE A 3464 90.34 -72.59 -27.12
CA ILE A 3464 90.08 -73.62 -26.11
C ILE A 3464 88.66 -74.11 -26.27
N ASN A 3465 88.52 -75.43 -26.44
CA ASN A 3465 87.21 -76.00 -26.74
C ASN A 3465 86.22 -75.72 -25.63
N ASN A 3466 86.68 -75.79 -24.37
CA ASN A 3466 85.88 -75.47 -23.19
C ASN A 3466 84.73 -76.46 -23.03
N MET A 3467 84.63 -77.39 -23.96
CA MET A 3467 83.58 -78.40 -24.03
C MET A 3467 84.09 -79.81 -23.82
N SER A 3468 85.18 -80.18 -24.51
CA SER A 3468 85.80 -81.46 -24.27
C SER A 3468 86.30 -81.58 -22.84
N PHE A 3469 86.76 -80.48 -22.25
CA PHE A 3469 87.26 -80.51 -20.88
C PHE A 3469 86.18 -80.90 -19.89
N LEU A 3470 84.90 -80.81 -20.29
CA LEU A 3470 83.79 -81.24 -19.44
C LEU A 3470 83.13 -82.52 -19.92
N THR A 3471 83.22 -82.86 -21.20
CA THR A 3471 82.60 -84.06 -21.73
C THR A 3471 83.57 -85.22 -21.95
N ALA A 3472 84.84 -85.08 -21.54
CA ALA A 3472 85.79 -86.17 -21.72
C ALA A 3472 85.40 -87.40 -20.91
N ASP A 3473 84.92 -87.19 -19.67
CA ASP A 3473 84.48 -88.32 -18.86
C ASP A 3473 83.31 -89.04 -19.52
N SER A 3474 82.34 -88.29 -20.05
CA SER A 3474 81.20 -88.90 -20.73
C SER A 3474 81.64 -89.67 -21.95
N LYS A 3475 82.56 -89.11 -22.74
CA LYS A 3475 83.07 -89.83 -23.91
C LYS A 3475 83.85 -91.08 -23.51
N SER A 3476 84.55 -91.05 -22.38
CA SER A 3476 85.27 -92.23 -21.91
C SER A 3476 84.31 -93.29 -21.40
N LYS A 3477 83.16 -92.87 -20.88
CA LYS A 3477 82.12 -93.79 -20.44
C LYS A 3477 81.27 -94.30 -21.59
N MET A 3478 81.82 -94.27 -22.81
CA MET A 3478 81.18 -94.73 -24.05
C MET A 3478 79.70 -94.36 -24.09
N ALA A 3479 79.45 -93.06 -23.94
CA ALA A 3479 78.09 -92.54 -23.91
C ALA A 3479 77.42 -92.75 -25.26
N ARG A 3498 76.01 -75.56 -29.76
CA ARG A 3498 75.11 -74.83 -30.63
C ARG A 3498 74.93 -73.39 -30.14
N ARG A 3499 74.38 -73.25 -28.93
CA ARG A 3499 74.18 -71.92 -28.35
C ARG A 3499 75.50 -71.28 -27.99
N GLY A 3500 76.26 -71.92 -27.11
CA GLY A 3500 77.54 -71.41 -26.68
C GLY A 3500 78.69 -72.32 -27.04
N ASP A 3501 78.67 -72.86 -28.26
CA ASP A 3501 79.69 -73.82 -28.67
C ASP A 3501 81.09 -73.21 -28.64
N ARG A 3502 81.22 -71.97 -29.13
CA ARG A 3502 82.53 -71.31 -29.12
C ARG A 3502 82.96 -70.96 -27.71
N TYR A 3503 82.08 -70.34 -26.94
CA TYR A 3503 82.37 -69.99 -25.56
C TYR A 3503 81.08 -69.60 -24.85
N SER A 3504 80.97 -69.98 -23.58
CA SER A 3504 79.85 -69.61 -22.74
C SER A 3504 80.29 -69.59 -21.29
N VAL A 3505 79.73 -68.66 -20.52
CA VAL A 3505 80.11 -68.54 -19.11
C VAL A 3505 79.69 -69.79 -18.33
N GLN A 3506 78.54 -70.38 -18.69
CA GLN A 3506 78.09 -71.59 -18.01
C GLN A 3506 79.08 -72.73 -18.19
N THR A 3507 79.80 -72.74 -19.31
CA THR A 3507 80.79 -73.77 -19.59
C THR A 3507 82.22 -73.31 -19.30
N SER A 3508 82.39 -72.15 -18.68
CA SER A 3508 83.72 -71.70 -18.27
C SER A 3508 84.28 -72.62 -17.20
N LEU A 3509 85.59 -72.89 -17.26
CA LEU A 3509 86.18 -73.81 -16.31
C LEU A 3509 86.34 -73.19 -14.93
N ILE A 3510 86.61 -71.89 -14.83
CA ILE A 3510 86.83 -71.31 -13.51
C ILE A 3510 85.56 -71.38 -12.68
N VAL A 3511 84.41 -71.17 -13.31
CA VAL A 3511 83.14 -71.33 -12.61
C VAL A 3511 82.72 -72.79 -12.50
N ALA A 3512 82.99 -73.60 -13.53
CA ALA A 3512 82.60 -75.01 -13.49
C ALA A 3512 83.31 -75.76 -12.39
N THR A 3513 84.59 -75.45 -12.17
CA THR A 3513 85.34 -76.10 -11.10
C THR A 3513 84.72 -75.81 -9.75
N LEU A 3514 84.36 -74.55 -9.51
CA LEU A 3514 83.73 -74.21 -8.24
C LEU A 3514 82.37 -74.87 -8.11
N LYS A 3515 81.60 -74.94 -9.20
CA LYS A 3515 80.32 -75.62 -9.11
C LYS A 3515 80.49 -77.09 -8.79
N LYS A 3516 81.47 -77.75 -9.40
CA LYS A 3516 81.72 -79.15 -9.11
C LYS A 3516 82.25 -79.36 -7.70
N MET A 3517 82.95 -78.39 -7.15
CA MET A 3517 83.51 -78.53 -5.82
C MET A 3517 82.58 -78.01 -4.73
N LEU A 3518 81.49 -77.35 -5.11
CA LEU A 3518 80.57 -76.77 -4.14
C LEU A 3518 80.01 -77.77 -3.13
N PRO A 3519 79.61 -78.98 -3.52
CA PRO A 3519 79.08 -79.91 -2.50
C PRO A 3519 80.05 -80.18 -1.37
N ILE A 3520 81.35 -80.23 -1.66
CA ILE A 3520 82.33 -80.44 -0.60
C ILE A 3520 82.28 -79.30 0.40
N GLY A 3521 82.18 -78.06 -0.11
CA GLY A 3521 82.10 -76.92 0.78
C GLY A 3521 80.81 -76.88 1.58
N LEU A 3522 79.69 -77.19 0.94
CA LEU A 3522 78.42 -77.21 1.67
C LEU A 3522 78.39 -78.32 2.70
N ASN A 3523 79.15 -79.40 2.47
CA ASN A 3523 79.15 -80.51 3.42
C ASN A 3523 79.78 -80.13 4.74
N MET A 3524 80.66 -79.13 4.75
CA MET A 3524 81.23 -78.69 6.02
C MET A 3524 80.19 -78.05 6.91
N CYS A 3525 79.33 -77.19 6.35
CA CYS A 3525 78.36 -76.47 7.15
C CYS A 3525 77.25 -77.38 7.62
N ALA A 3526 76.94 -77.30 8.91
CA ALA A 3526 75.84 -78.04 9.49
C ALA A 3526 74.51 -77.51 8.97
N PRO A 3527 73.46 -78.34 9.01
CA PRO A 3527 72.14 -77.86 8.57
C PRO A 3527 71.64 -76.66 9.36
N THR A 3528 72.02 -76.55 10.63
CA THR A 3528 71.57 -75.44 11.47
C THR A 3528 72.05 -74.09 10.97
N ASP A 3529 73.04 -74.05 10.08
CA ASP A 3529 73.69 -72.81 9.70
C ASP A 3529 73.06 -72.14 8.49
N GLN A 3530 71.94 -72.65 7.99
CA GLN A 3530 71.38 -72.10 6.76
C GLN A 3530 70.95 -70.64 6.94
N ASP A 3531 70.39 -70.32 8.10
CA ASP A 3531 70.04 -68.92 8.36
C ASP A 3531 71.28 -68.04 8.40
N LEU A 3532 72.36 -68.52 9.00
CA LEU A 3532 73.59 -67.74 9.01
C LEU A 3532 74.12 -67.54 7.60
N ILE A 3533 74.01 -68.58 6.76
CA ILE A 3533 74.37 -68.43 5.36
C ILE A 3533 73.54 -67.33 4.71
N MET A 3534 72.24 -67.30 4.98
CA MET A 3534 71.38 -66.27 4.42
C MET A 3534 71.79 -64.87 4.87
N LEU A 3535 72.08 -64.72 6.16
CA LEU A 3535 72.48 -63.40 6.67
C LEU A 3535 73.78 -62.94 6.02
N ALA A 3536 74.77 -63.83 5.93
CA ALA A 3536 76.03 -63.45 5.31
C ALA A 3536 75.84 -63.15 3.83
N LYS A 3537 74.92 -63.86 3.18
CA LYS A 3537 74.60 -63.54 1.78
C LYS A 3537 74.04 -62.13 1.67
N THR A 3538 73.17 -61.74 2.60
CA THR A 3538 72.65 -60.38 2.58
C THR A 3538 73.77 -59.36 2.79
N ARG A 3539 74.66 -59.61 3.74
CA ARG A 3539 75.78 -58.70 3.96
C ARG A 3539 76.63 -58.56 2.70
N TYR A 3540 76.91 -59.68 2.04
CA TYR A 3540 77.65 -59.63 0.78
C TYR A 3540 76.88 -58.90 -0.31
N ALA A 3541 75.55 -58.99 -0.28
CA ALA A 3541 74.73 -58.18 -1.17
C ALA A 3541 74.87 -56.69 -0.88
N LEU A 3542 75.20 -56.33 0.37
CA LEU A 3542 75.47 -54.94 0.72
C LEU A 3542 76.94 -54.58 0.61
N LYS A 3543 77.70 -55.29 -0.23
CA LYS A 3543 79.09 -54.93 -0.56
C LYS A 3543 79.93 -54.72 0.70
N ASP A 3544 80.12 -55.80 1.44
CA ASP A 3544 80.87 -55.79 2.69
C ASP A 3544 82.03 -56.78 2.61
N THR A 3545 83.05 -56.55 3.44
CA THR A 3545 84.26 -57.35 3.32
C THR A 3545 84.25 -58.50 4.33
N ASP A 3546 85.27 -59.36 4.20
CA ASP A 3546 85.33 -60.58 4.99
C ASP A 3546 85.43 -60.29 6.48
N GLU A 3547 86.21 -59.28 6.87
CA GLU A 3547 86.29 -58.92 8.27
C GLU A 3547 84.96 -58.43 8.80
N GLU A 3548 84.27 -57.59 8.02
CA GLU A 3548 82.96 -57.09 8.43
C GLU A 3548 81.99 -58.23 8.65
N VAL A 3549 81.95 -59.19 7.73
CA VAL A 3549 80.95 -60.25 7.87
C VAL A 3549 81.36 -61.23 8.94
N ARG A 3550 82.66 -61.41 9.15
CA ARG A 3550 83.10 -62.28 10.24
C ARG A 3550 82.69 -61.71 11.59
N GLU A 3551 82.88 -60.40 11.78
CA GLU A 3551 82.44 -59.81 13.05
C GLU A 3551 80.92 -59.81 13.16
N PHE A 3552 80.21 -59.61 12.06
CA PHE A 3552 78.75 -59.68 12.10
C PHE A 3552 78.28 -61.07 12.52
N LEU A 3553 78.88 -62.10 11.94
CA LEU A 3553 78.52 -63.48 12.30
C LEU A 3553 78.90 -63.78 13.74
N GLN A 3554 80.00 -63.19 14.23
CA GLN A 3554 80.34 -63.33 15.64
C GLN A 3554 79.26 -62.73 16.52
N ASN A 3555 78.76 -61.55 16.15
CA ASN A 3555 77.76 -60.86 16.95
C ASN A 3555 76.35 -61.42 16.79
N ASN A 3556 76.08 -62.19 15.74
CA ASN A 3556 74.75 -62.69 15.45
C ASN A 3556 74.70 -64.21 15.52
N LEU A 3557 75.48 -64.82 16.41
CA LEU A 3557 75.60 -66.27 16.44
C LEU A 3557 74.32 -66.95 16.91
N HIS A 3558 73.43 -66.21 17.58
CA HIS A 3558 72.23 -66.79 18.15
C HIS A 3558 71.11 -66.98 17.13
N LEU A 3559 71.29 -66.51 15.90
CA LEU A 3559 70.26 -66.58 14.89
C LEU A 3559 70.25 -67.90 14.14
N GLN A 3560 71.12 -68.84 14.49
CA GLN A 3560 71.15 -70.13 13.81
C GLN A 3560 69.87 -70.90 14.09
N GLY A 3561 69.55 -71.81 13.18
CA GLY A 3561 68.31 -72.56 13.30
C GLY A 3561 68.27 -73.47 14.52
N LYS A 3562 67.06 -73.68 15.00
CA LYS A 3562 66.79 -74.60 16.10
C LYS A 3562 66.10 -75.84 15.58
N VAL A 3563 66.59 -77.01 16.01
CA VAL A 3563 66.11 -78.27 15.47
C VAL A 3563 64.64 -78.47 15.81
N GLU A 3564 64.22 -78.04 17.00
CA GLU A 3564 62.83 -78.21 17.41
C GLU A 3564 61.86 -77.41 16.54
N GLY A 3565 62.26 -76.20 16.13
CA GLY A 3565 61.36 -75.33 15.40
C GLY A 3565 61.19 -75.64 13.93
N SER A 3566 62.01 -76.52 13.37
CA SER A 3566 61.96 -76.84 11.95
C SER A 3566 61.86 -78.35 11.78
N PRO A 3567 60.93 -78.86 10.97
CA PRO A 3567 60.79 -80.31 10.81
C PRO A 3567 61.86 -80.91 9.92
N SER A 3568 62.17 -80.25 8.80
CA SER A 3568 63.15 -80.77 7.86
C SER A 3568 64.54 -80.81 8.49
N LEU A 3569 64.87 -79.77 9.26
CA LEU A 3569 66.17 -79.70 9.90
C LEU A 3569 66.39 -80.88 10.82
N ARG A 3570 65.33 -81.52 11.32
CA ARG A 3570 65.51 -82.68 12.18
C ARG A 3570 66.22 -83.81 11.45
N TRP A 3571 65.64 -84.28 10.34
CA TRP A 3571 66.29 -85.36 9.60
C TRP A 3571 67.59 -84.91 8.95
N GLN A 3572 67.66 -83.65 8.47
CA GLN A 3572 68.93 -83.19 7.93
C GLN A 3572 70.02 -83.24 8.99
N MET A 3573 69.70 -82.80 10.21
CA MET A 3573 70.67 -82.71 11.29
C MET A 3573 71.12 -84.10 11.71
N ALA A 3574 70.16 -85.03 11.80
CA ALA A 3574 70.49 -86.41 12.13
C ALA A 3574 71.40 -87.03 11.07
N LEU A 3575 71.09 -86.80 9.79
CA LEU A 3575 71.95 -87.30 8.73
C LEU A 3575 73.34 -86.71 8.82
N TYR A 3576 73.44 -85.44 9.20
CA TYR A 3576 74.73 -84.77 9.29
C TYR A 3576 75.58 -85.36 10.41
N ARG A 3577 74.97 -85.65 11.57
CA ARG A 3577 75.64 -86.51 12.56
C ARG A 3577 75.82 -87.94 12.11
N GLY A 3578 75.20 -88.35 11.01
CA GLY A 3578 75.51 -89.68 10.52
C GLY A 3578 76.90 -89.85 9.96
N LEU A 3579 77.61 -88.76 9.71
CA LEU A 3579 78.93 -88.84 9.09
C LEU A 3579 79.97 -89.32 10.09
N PRO A 3580 81.05 -89.97 9.61
CA PRO A 3580 82.04 -90.51 10.55
C PRO A 3580 82.89 -89.46 11.23
N GLY A 3581 83.41 -88.49 10.48
CA GLY A 3581 84.41 -87.58 11.01
C GLY A 3581 83.85 -86.31 11.60
N ARG A 3582 82.60 -86.34 12.03
CA ARG A 3582 81.94 -85.17 12.60
C ARG A 3582 82.15 -85.17 14.11
N GLU A 3583 82.83 -84.15 14.62
CA GLU A 3583 83.09 -83.99 16.04
C GLU A 3583 82.40 -82.72 16.53
N GLU A 3584 81.85 -82.79 17.76
CA GLU A 3584 81.18 -81.64 18.34
C GLU A 3584 82.15 -80.52 18.69
N ASP A 3585 83.43 -80.85 18.90
CA ASP A 3585 84.42 -79.81 19.18
C ASP A 3585 84.65 -78.90 17.98
N ALA A 3586 84.33 -79.36 16.78
CA ALA A 3586 84.46 -78.52 15.59
C ALA A 3586 83.45 -77.39 15.54
N ASP A 3587 82.43 -77.41 16.40
CA ASP A 3587 81.45 -76.33 16.45
C ASP A 3587 81.88 -75.22 17.40
N ASP A 3588 83.11 -74.75 17.24
CA ASP A 3588 83.54 -73.54 17.93
C ASP A 3588 83.00 -72.32 17.20
N PRO A 3589 82.79 -71.22 17.91
CA PRO A 3589 82.28 -70.01 17.24
C PRO A 3589 83.16 -69.56 16.09
N GLU A 3590 84.48 -69.62 16.26
CA GLU A 3590 85.38 -69.21 15.19
C GLU A 3590 85.26 -70.13 13.97
N LYS A 3591 85.20 -71.45 14.20
CA LYS A 3591 85.06 -72.37 13.08
C LYS A 3591 83.73 -72.17 12.37
N ILE A 3592 82.65 -71.98 13.14
CA ILE A 3592 81.35 -71.76 12.54
C ILE A 3592 81.36 -70.49 11.69
N VAL A 3593 81.93 -69.41 12.22
CA VAL A 3593 81.87 -68.16 11.46
C VAL A 3593 82.74 -68.24 10.22
N ARG A 3594 83.92 -68.89 10.29
CA ARG A 3594 84.74 -68.95 9.09
C ARG A 3594 84.08 -69.77 8.01
N ARG A 3595 83.55 -70.94 8.39
CA ARG A 3595 82.93 -71.76 7.35
C ARG A 3595 81.69 -71.07 6.78
N VAL A 3596 80.94 -70.37 7.63
CA VAL A 3596 79.77 -69.66 7.14
C VAL A 3596 80.16 -68.57 6.16
N GLN A 3597 81.17 -67.76 6.49
CA GLN A 3597 81.53 -66.68 5.58
C GLN A 3597 82.07 -67.23 4.27
N GLU A 3598 82.92 -68.26 4.34
CA GLU A 3598 83.47 -68.84 3.13
C GLU A 3598 82.38 -69.36 2.22
N VAL A 3599 81.50 -70.20 2.76
CA VAL A 3599 80.45 -70.78 1.95
C VAL A 3599 79.53 -69.69 1.42
N SER A 3600 79.19 -68.72 2.25
CA SER A 3600 78.30 -67.64 1.83
C SER A 3600 78.90 -66.83 0.69
N ALA A 3601 80.20 -66.54 0.77
CA ALA A 3601 80.87 -65.89 -0.35
C ALA A 3601 80.72 -66.70 -1.61
N VAL A 3602 80.93 -68.01 -1.51
CA VAL A 3602 80.83 -68.86 -2.68
C VAL A 3602 79.43 -68.75 -3.29
N LEU A 3603 78.38 -68.90 -2.48
CA LEU A 3603 77.04 -68.89 -3.08
C LEU A 3603 76.66 -67.51 -3.60
N TYR A 3604 77.04 -66.45 -2.88
CA TYR A 3604 76.70 -65.11 -3.37
C TYR A 3604 77.29 -64.89 -4.76
N HIS A 3605 78.59 -65.13 -4.90
CA HIS A 3605 79.16 -64.86 -6.22
C HIS A 3605 78.69 -65.88 -7.26
N LEU A 3606 78.36 -67.11 -6.84
CA LEU A 3606 77.82 -68.07 -7.77
C LEU A 3606 76.47 -67.62 -8.33
N GLU A 3607 75.60 -67.08 -7.49
CA GLU A 3607 74.33 -66.59 -8.00
C GLU A 3607 74.50 -65.33 -8.82
N GLN A 3608 75.44 -64.46 -8.45
CA GLN A 3608 75.76 -63.33 -9.33
C GLN A 3608 76.18 -63.81 -10.71
N THR A 3609 77.01 -64.85 -10.80
CA THR A 3609 77.42 -65.38 -12.10
C THR A 3609 76.28 -66.04 -12.85
N GLU A 3610 75.58 -66.99 -12.21
CA GLU A 3610 74.57 -67.77 -12.91
C GLU A 3610 73.40 -66.91 -13.36
N HIS A 3611 72.93 -66.01 -12.49
CA HIS A 3611 71.87 -65.07 -12.85
C HIS A 3611 72.50 -63.70 -12.99
N PRO A 3612 72.91 -63.30 -14.20
CA PRO A 3612 73.62 -62.02 -14.34
C PRO A 3612 72.80 -60.81 -13.95
N TYR A 3613 71.47 -60.93 -13.93
CA TYR A 3613 70.54 -59.85 -13.58
C TYR A 3613 70.86 -58.55 -14.32
N LYS A 3614 71.52 -58.65 -15.47
CA LYS A 3614 71.81 -57.49 -16.30
C LYS A 3614 70.65 -57.12 -17.21
N SER A 3615 69.58 -57.90 -17.20
CA SER A 3615 68.39 -57.54 -17.97
C SER A 3615 67.68 -56.35 -17.32
N LYS A 3616 66.74 -55.77 -18.07
CA LYS A 3616 65.97 -54.61 -17.65
C LYS A 3616 66.86 -53.37 -17.49
N LYS A 3617 68.15 -53.51 -17.83
CA LYS A 3617 69.07 -52.38 -17.86
C LYS A 3617 69.23 -51.86 -19.29
N ALA A 3618 69.63 -52.73 -20.20
CA ALA A 3618 69.66 -52.43 -21.64
C ALA A 3618 68.94 -53.58 -22.34
N VAL A 3619 67.62 -53.46 -22.43
CA VAL A 3619 66.78 -54.41 -23.15
C VAL A 3619 66.77 -54.01 -24.62
N TRP A 3620 66.19 -54.85 -25.48
CA TRP A 3620 65.99 -54.49 -26.87
C TRP A 3620 65.17 -53.21 -26.91
N HIS A 3621 65.79 -52.10 -27.34
CA HIS A 3621 65.20 -50.78 -27.16
C HIS A 3621 64.81 -50.09 -28.46
N LYS A 3622 65.46 -50.42 -29.58
CA LYS A 3622 65.25 -49.77 -30.88
C LYS A 3622 65.05 -48.26 -30.72
N LEU A 3623 66.08 -47.62 -30.16
CA LEU A 3623 66.02 -46.19 -29.85
C LEU A 3623 65.54 -45.37 -31.06
N LEU A 3624 66.32 -45.39 -32.14
CA LEU A 3624 65.85 -44.84 -33.41
C LEU A 3624 66.23 -45.75 -34.58
N SER A 3625 66.78 -46.94 -34.33
CA SER A 3625 67.43 -47.72 -35.37
C SER A 3625 66.45 -48.10 -36.48
N LYS A 3626 65.27 -48.62 -36.10
CA LYS A 3626 64.38 -49.22 -37.09
C LYS A 3626 63.95 -48.24 -38.18
N GLN A 3627 64.03 -46.94 -37.92
CA GLN A 3627 63.66 -45.94 -38.92
C GLN A 3627 64.79 -45.00 -39.29
N ARG A 3628 65.94 -45.06 -38.60
CA ARG A 3628 67.07 -44.18 -38.88
C ARG A 3628 68.32 -44.94 -39.30
N ARG A 3629 68.20 -46.25 -39.53
CA ARG A 3629 69.35 -47.01 -40.00
C ARG A 3629 69.80 -46.55 -41.38
N ARG A 3630 68.85 -46.24 -42.26
CA ARG A 3630 69.21 -45.69 -43.57
C ARG A 3630 69.96 -44.37 -43.43
N ALA A 3631 69.50 -43.49 -42.54
CA ALA A 3631 70.19 -42.22 -42.35
C ALA A 3631 71.61 -42.42 -41.81
N VAL A 3632 71.76 -43.27 -40.80
CA VAL A 3632 73.08 -43.44 -40.19
C VAL A 3632 74.03 -44.15 -41.16
N VAL A 3633 73.51 -45.04 -42.01
CA VAL A 3633 74.36 -45.68 -43.01
C VAL A 3633 74.75 -44.68 -44.10
N ALA A 3634 73.80 -43.88 -44.57
CA ALA A 3634 74.11 -42.91 -45.62
C ALA A 3634 75.03 -41.81 -45.13
N CYS A 3635 75.09 -41.58 -43.80
CA CYS A 3635 76.02 -40.61 -43.25
C CYS A 3635 77.47 -40.97 -43.59
N PHE A 3636 77.85 -42.22 -43.38
CA PHE A 3636 79.25 -42.62 -43.53
C PHE A 3636 79.71 -42.64 -44.99
N ARG A 3637 78.79 -42.56 -45.95
CA ARG A 3637 79.14 -42.61 -47.36
C ARG A 3637 78.85 -41.30 -48.08
N MET A 3638 78.59 -40.23 -47.33
CA MET A 3638 78.14 -38.99 -47.93
C MET A 3638 79.30 -38.30 -48.65
N THR A 3639 79.01 -37.66 -49.78
CA THR A 3639 80.07 -37.09 -50.61
C THR A 3639 80.64 -35.83 -49.95
N PRO A 3640 81.92 -35.56 -50.12
CA PRO A 3640 82.49 -34.31 -49.59
C PRO A 3640 82.14 -33.12 -50.47
N LEU A 3641 82.27 -31.93 -49.87
CA LEU A 3641 81.97 -30.71 -50.61
C LEU A 3641 82.98 -30.45 -51.72
N TYR A 3642 84.23 -30.84 -51.51
CA TYR A 3642 85.26 -30.59 -52.51
C TYR A 3642 85.06 -31.40 -53.78
N ASN A 3643 84.17 -32.39 -53.76
CA ASN A 3643 83.95 -33.25 -54.91
C ASN A 3643 82.78 -32.80 -55.77
N LEU A 3644 82.07 -31.74 -55.39
CA LEU A 3644 80.89 -31.30 -56.10
C LEU A 3644 81.26 -30.42 -57.30
N PRO A 3645 80.33 -30.26 -58.24
CA PRO A 3645 80.56 -29.30 -59.32
C PRO A 3645 80.56 -27.86 -58.83
N THR A 3646 81.26 -27.02 -59.58
CA THR A 3646 81.50 -25.65 -59.13
C THR A 3646 80.20 -24.87 -58.99
N HIS A 3647 79.27 -25.02 -59.94
CA HIS A 3647 78.06 -24.23 -59.87
C HIS A 3647 77.14 -24.67 -58.73
N ARG A 3648 77.08 -25.98 -58.47
CA ARG A 3648 76.36 -26.46 -57.30
C ARG A 3648 76.96 -25.90 -56.03
N ALA A 3649 78.29 -25.94 -55.92
CA ALA A 3649 78.93 -25.39 -54.74
C ALA A 3649 78.66 -23.90 -54.60
N CYS A 3650 78.65 -23.17 -55.71
CA CYS A 3650 78.40 -21.74 -55.66
C CYS A 3650 76.98 -21.44 -55.22
N ASN A 3651 76.01 -22.20 -55.71
CA ASN A 3651 74.63 -21.99 -55.28
C ASN A 3651 74.46 -22.28 -53.79
N MET A 3652 75.07 -23.36 -53.31
CA MET A 3652 75.03 -23.65 -51.88
C MET A 3652 75.73 -22.55 -51.08
N PHE A 3653 76.82 -22.01 -51.61
CA PHE A 3653 77.48 -20.90 -50.94
C PHE A 3653 76.56 -19.69 -50.86
N LEU A 3654 75.83 -19.40 -51.93
CA LEU A 3654 74.93 -18.26 -51.91
C LEU A 3654 73.84 -18.44 -50.86
N GLU A 3655 73.26 -19.64 -50.80
CA GLU A 3655 72.25 -19.90 -49.77
C GLU A 3655 72.83 -19.74 -48.37
N SER A 3656 73.98 -20.35 -48.11
CA SER A 3656 74.58 -20.26 -46.78
C SER A 3656 74.94 -18.83 -46.43
N TYR A 3657 75.46 -18.08 -47.40
CA TYR A 3657 75.89 -16.72 -47.14
C TYR A 3657 74.71 -15.80 -46.85
N LYS A 3658 73.64 -15.91 -47.63
CA LYS A 3658 72.48 -15.08 -47.33
C LYS A 3658 71.83 -15.49 -46.01
N ALA A 3659 71.93 -16.77 -45.63
CA ALA A 3659 71.31 -17.19 -44.38
C ALA A 3659 72.15 -16.78 -43.16
N ALA A 3660 73.47 -16.78 -43.28
CA ALA A 3660 74.32 -16.63 -42.11
C ALA A 3660 75.04 -15.29 -42.03
N TRP A 3661 75.08 -14.51 -43.10
CA TRP A 3661 75.83 -13.28 -43.11
C TRP A 3661 75.02 -12.06 -43.50
N ILE A 3662 74.10 -12.20 -44.45
CA ILE A 3662 73.28 -11.08 -44.87
C ILE A 3662 72.05 -10.92 -43.98
N LEU A 3663 71.36 -12.02 -43.70
CA LEU A 3663 70.19 -11.95 -42.82
C LEU A 3663 70.58 -11.52 -41.42
N THR A 3664 71.70 -12.02 -40.90
CA THR A 3664 72.09 -11.70 -39.54
C THR A 3664 72.50 -10.24 -39.38
N GLU A 3665 72.73 -9.55 -40.49
CA GLU A 3665 73.18 -8.16 -40.40
C GLU A 3665 72.05 -7.28 -39.88
N ASP A 3666 72.42 -6.31 -39.04
CA ASP A 3666 71.48 -5.36 -38.45
C ASP A 3666 71.68 -4.01 -39.13
N HIS A 3667 70.60 -3.45 -39.66
CA HIS A 3667 70.63 -2.12 -40.25
C HIS A 3667 69.38 -1.37 -39.79
N SER A 3668 69.56 -0.40 -38.90
CA SER A 3668 68.46 0.40 -38.40
C SER A 3668 68.43 1.70 -39.20
N PHE A 3669 67.48 1.80 -40.14
CA PHE A 3669 67.30 2.99 -40.94
C PHE A 3669 65.93 3.61 -40.78
N GLU A 3670 65.03 2.98 -40.02
CA GLU A 3670 63.66 3.47 -39.92
C GLU A 3670 63.61 4.85 -39.27
N ASP A 3671 64.34 5.02 -38.16
CA ASP A 3671 64.32 6.30 -37.47
C ASP A 3671 64.91 7.40 -38.34
N ARG A 3672 66.02 7.12 -39.01
CA ARG A 3672 66.63 8.10 -39.90
C ARG A 3672 65.68 8.48 -41.03
N MET A 3673 65.01 7.49 -41.61
CA MET A 3673 64.15 7.75 -42.76
C MET A 3673 62.92 8.55 -42.35
N ILE A 3674 62.34 8.22 -41.20
CA ILE A 3674 61.19 8.97 -40.71
C ILE A 3674 61.59 10.40 -40.37
N ASP A 3675 62.75 10.57 -39.74
CA ASP A 3675 63.22 11.93 -39.44
C ASP A 3675 63.43 12.72 -40.72
N ASP A 3676 64.04 12.10 -41.74
CA ASP A 3676 64.27 12.80 -42.99
C ASP A 3676 62.96 13.16 -43.68
N LEU A 3677 61.97 12.29 -43.61
CA LEU A 3677 60.69 12.57 -44.25
C LEU A 3677 59.83 13.54 -43.45
N SER A 3678 60.14 13.76 -42.17
CA SER A 3678 59.32 14.62 -41.34
C SER A 3678 59.76 16.08 -41.35
N LYS A 3679 60.43 16.53 -42.41
CA LYS A 3679 60.94 17.89 -42.47
C LYS A 3679 60.31 18.63 -43.65
N ALA A 3680 60.09 19.93 -43.48
CA ALA A 3680 59.69 20.80 -44.57
C ALA A 3680 60.90 21.53 -45.11
N GLY A 3681 61.01 21.62 -46.43
CA GLY A 3681 62.24 22.09 -47.03
C GLY A 3681 62.28 23.54 -47.48
N GLU A 3682 62.89 24.39 -46.64
CA GLU A 3682 63.25 25.78 -46.96
C GLU A 3682 62.22 26.47 -47.85
N GLN A 3683 60.94 26.32 -47.49
CA GLN A 3683 59.87 27.00 -48.18
C GLN A 3683 59.26 28.13 -47.34
N GLU A 3684 59.92 28.52 -46.26
CA GLU A 3684 59.41 29.52 -45.34
C GLU A 3684 59.97 30.92 -45.62
N GLU A 3685 60.28 31.21 -46.87
CA GLU A 3685 60.81 32.51 -47.26
C GLU A 3685 59.73 33.47 -47.74
N GLU A 3686 58.47 33.03 -47.77
CA GLU A 3686 57.36 33.86 -48.23
C GLU A 3686 56.34 34.15 -47.15
N GLU A 3687 56.07 33.17 -46.27
CA GLU A 3687 55.11 33.28 -45.17
C GLU A 3687 53.85 34.04 -45.57
N GLU A 3688 53.30 33.67 -46.72
CA GLU A 3688 52.09 34.27 -47.25
C GLU A 3688 50.88 33.48 -46.75
N GLU A 3689 49.72 33.69 -47.37
CA GLU A 3689 48.48 33.00 -46.98
C GLU A 3689 48.49 31.55 -47.45
N VAL A 3690 49.67 31.03 -47.78
CA VAL A 3690 49.87 29.63 -48.17
C VAL A 3690 49.77 28.75 -46.93
N GLU A 3691 49.39 29.34 -45.79
CA GLU A 3691 49.35 28.68 -44.50
C GLU A 3691 48.52 27.41 -44.50
N GLU A 3692 47.83 27.13 -45.60
CA GLU A 3692 47.31 25.78 -45.85
C GLU A 3692 48.39 24.74 -45.59
N LYS A 3693 49.66 25.08 -45.79
CA LYS A 3693 50.80 24.28 -45.38
C LYS A 3693 50.77 22.88 -46.00
N LYS A 3694 51.01 22.88 -47.31
CA LYS A 3694 51.13 21.66 -48.10
C LYS A 3694 51.86 20.58 -47.32
N PRO A 3695 51.37 19.35 -47.36
CA PRO A 3695 51.92 18.32 -46.47
C PRO A 3695 53.40 18.05 -46.71
N ASP A 3696 54.10 17.76 -45.63
CA ASP A 3696 55.48 17.32 -45.69
C ASP A 3696 55.54 15.92 -46.31
N PRO A 3697 56.73 15.47 -46.74
CA PRO A 3697 56.79 14.20 -47.47
C PRO A 3697 56.15 13.02 -46.76
N LEU A 3698 56.34 12.90 -45.45
CA LEU A 3698 55.72 11.80 -44.71
C LEU A 3698 54.20 11.93 -44.74
N HIS A 3699 53.70 13.15 -44.58
CA HIS A 3699 52.26 13.38 -44.65
C HIS A 3699 51.71 13.02 -46.01
N GLN A 3700 52.43 13.35 -47.08
CA GLN A 3700 51.98 13.00 -48.42
C GLN A 3700 52.00 11.49 -48.63
N LEU A 3701 52.99 10.81 -48.07
CA LEU A 3701 53.02 9.35 -48.15
C LEU A 3701 51.81 8.73 -47.46
N VAL A 3702 51.49 9.21 -46.26
CA VAL A 3702 50.33 8.70 -45.55
C VAL A 3702 49.05 8.99 -46.31
N LEU A 3703 48.95 10.19 -46.89
CA LEU A 3703 47.78 10.53 -47.69
C LEU A 3703 47.67 9.63 -48.91
N HIS A 3704 48.80 9.29 -49.54
CA HIS A 3704 48.75 8.40 -50.69
C HIS A 3704 48.25 7.02 -50.31
N PHE A 3705 48.73 6.49 -49.19
CA PHE A 3705 48.25 5.18 -48.75
C PHE A 3705 46.78 5.24 -48.34
N SER A 3706 46.35 6.33 -47.72
CA SER A 3706 44.93 6.49 -47.40
C SER A 3706 44.09 6.55 -48.67
N ARG A 3707 44.56 7.24 -49.70
CA ARG A 3707 43.84 7.30 -50.97
C ARG A 3707 43.72 5.93 -51.60
N THR A 3708 44.81 5.17 -51.63
CA THR A 3708 44.72 3.83 -52.22
C THR A 3708 43.92 2.89 -51.34
N ALA A 3709 43.75 3.20 -50.06
CA ALA A 3709 42.86 2.41 -49.22
C ALA A 3709 41.39 2.74 -49.48
N LEU A 3710 41.09 4.01 -49.77
CA LEU A 3710 39.70 4.43 -49.90
C LEU A 3710 39.11 4.12 -51.28
N THR A 3711 39.90 3.60 -52.20
CA THR A 3711 39.38 3.26 -53.51
C THR A 3711 38.43 2.07 -53.40
N GLU A 3712 37.34 2.11 -54.17
CA GLU A 3712 36.33 1.04 -54.13
C GLU A 3712 36.82 -0.15 -54.94
N LYS A 3713 37.09 -1.25 -54.25
CA LYS A 3713 37.58 -2.47 -54.88
C LYS A 3713 36.93 -3.67 -54.21
N SER A 3714 36.89 -4.79 -54.93
CA SER A 3714 36.34 -6.01 -54.36
C SER A 3714 37.24 -6.55 -53.24
N LYS A 3715 38.55 -6.54 -53.46
CA LYS A 3715 39.50 -7.05 -52.48
C LYS A 3715 40.69 -6.11 -52.37
N LEU A 3716 41.18 -5.91 -51.15
CA LEU A 3716 42.37 -5.10 -50.91
C LEU A 3716 43.57 -5.88 -51.42
N ASP A 3717 44.07 -5.52 -52.58
CA ASP A 3717 45.17 -6.24 -53.21
C ASP A 3717 46.47 -6.04 -52.44
N GLU A 3718 47.32 -7.06 -52.51
CA GLU A 3718 48.59 -7.06 -51.78
C GLU A 3718 49.51 -5.99 -52.33
N ASP A 3719 50.27 -5.32 -51.45
CA ASP A 3719 51.09 -4.18 -51.82
C ASP A 3719 52.38 -4.18 -51.00
N TYR A 3720 53.49 -4.57 -51.64
CA TYR A 3720 54.77 -4.60 -50.94
C TYR A 3720 55.20 -3.21 -50.48
N LEU A 3721 54.92 -2.18 -51.27
CA LEU A 3721 55.30 -0.83 -50.86
C LEU A 3721 54.62 -0.45 -49.56
N TYR A 3722 53.31 -0.71 -49.46
CA TYR A 3722 52.60 -0.39 -48.24
C TYR A 3722 53.11 -1.22 -47.07
N MET A 3723 53.40 -2.51 -47.29
CA MET A 3723 53.96 -3.28 -46.19
C MET A 3723 55.29 -2.71 -45.72
N ALA A 3724 56.17 -2.35 -46.66
CA ALA A 3724 57.48 -1.84 -46.28
C ALA A 3724 57.36 -0.56 -45.49
N TYR A 3725 56.50 0.35 -45.93
CA TYR A 3725 56.41 1.63 -45.24
C TYR A 3725 55.67 1.50 -43.91
N ALA A 3726 54.68 0.62 -43.82
CA ALA A 3726 54.04 0.36 -42.54
C ALA A 3726 55.02 -0.22 -41.55
N ASP A 3727 55.89 -1.13 -42.00
CA ASP A 3727 56.89 -1.69 -41.09
C ASP A 3727 57.89 -0.62 -40.65
N ILE A 3728 58.30 0.24 -41.57
CA ILE A 3728 59.22 1.33 -41.20
C ILE A 3728 58.56 2.23 -40.15
N MET A 3729 57.31 2.59 -40.37
CA MET A 3729 56.60 3.46 -39.44
C MET A 3729 56.46 2.78 -38.08
N ALA A 3730 56.13 1.49 -38.07
CA ALA A 3730 55.95 0.78 -36.81
C ALA A 3730 57.26 0.68 -36.04
N LYS A 3731 58.36 0.37 -36.72
CA LYS A 3731 59.64 0.30 -36.03
C LYS A 3731 60.15 1.66 -35.61
N SER A 3732 59.66 2.74 -36.22
CA SER A 3732 60.05 4.07 -35.82
C SER A 3732 59.42 4.52 -34.51
N CYS A 3733 58.44 3.78 -33.98
CA CYS A 3733 57.66 4.28 -32.87
C CYS A 3733 58.03 3.72 -31.51
N HIS A 3734 58.56 2.50 -31.44
CA HIS A 3734 58.84 1.95 -30.11
C HIS A 3734 60.26 2.28 -29.64
N LEU A 3735 61.27 1.79 -30.37
CA LEU A 3735 62.67 2.07 -30.06
C LEU A 3735 63.00 1.74 -28.60
N GLU A 3736 62.43 0.65 -28.10
CA GLU A 3736 62.69 0.19 -26.74
C GLU A 3736 62.44 -1.31 -26.60
N VAL A 3749 68.45 -2.63 -13.49
CA VAL A 3749 67.11 -3.09 -13.84
C VAL A 3749 66.07 -2.29 -13.05
N GLU A 3750 66.52 -1.26 -12.35
CA GLU A 3750 65.65 -0.39 -11.57
C GLU A 3750 65.55 0.95 -12.29
N VAL A 3751 64.58 1.05 -13.20
CA VAL A 3751 64.34 2.29 -13.92
C VAL A 3751 63.70 3.30 -12.97
N SER A 3752 64.35 4.45 -12.83
CA SER A 3752 63.83 5.48 -11.93
C SER A 3752 62.70 6.25 -12.60
N PHE A 3753 62.03 7.08 -11.79
CA PHE A 3753 60.86 7.81 -12.26
C PHE A 3753 61.20 8.73 -13.42
N GLU A 3754 62.34 9.41 -13.35
CA GLU A 3754 62.68 10.40 -14.37
C GLU A 3754 62.84 9.74 -15.73
N GLU A 3755 63.64 8.69 -15.82
CA GLU A 3755 63.82 8.05 -17.12
C GLU A 3755 62.62 7.22 -17.54
N LYS A 3756 61.81 6.73 -16.58
CA LYS A 3756 60.55 6.10 -16.96
C LYS A 3756 59.64 7.10 -17.68
N GLU A 3757 59.42 8.27 -17.08
CA GLU A 3757 58.63 9.28 -17.75
C GLU A 3757 59.31 9.78 -19.01
N MET A 3758 60.64 9.78 -19.05
CA MET A 3758 61.33 10.16 -20.28
C MET A 3758 61.02 9.17 -21.40
N GLU A 3759 61.00 7.89 -21.08
CA GLU A 3759 60.60 6.89 -22.06
C GLU A 3759 59.16 7.12 -22.52
N LYS A 3760 58.27 7.43 -21.58
CA LYS A 3760 56.88 7.69 -21.95
C LYS A 3760 56.77 8.88 -22.90
N GLN A 3761 57.44 9.98 -22.59
CA GLN A 3761 57.34 11.16 -23.45
C GLN A 3761 58.00 10.93 -24.79
N ARG A 3762 59.10 10.18 -24.83
CA ARG A 3762 59.75 9.89 -26.10
C ARG A 3762 58.87 9.01 -26.98
N LEU A 3763 58.23 8.00 -26.39
CA LEU A 3763 57.28 7.19 -27.13
C LEU A 3763 56.12 8.04 -27.62
N LEU A 3764 55.64 8.97 -26.79
CA LEU A 3764 54.55 9.83 -27.19
C LEU A 3764 54.93 10.71 -28.37
N TYR A 3765 56.15 11.24 -28.37
CA TYR A 3765 56.59 12.07 -29.49
C TYR A 3765 56.71 11.24 -30.76
N GLN A 3766 57.29 10.05 -30.65
CA GLN A 3766 57.46 9.22 -31.84
C GLN A 3766 56.11 8.80 -32.39
N GLN A 3767 55.12 8.60 -31.53
CA GLN A 3767 53.77 8.32 -32.01
C GLN A 3767 53.11 9.57 -32.57
N SER A 3768 53.46 10.74 -32.06
CA SER A 3768 52.91 11.98 -32.58
C SER A 3768 53.39 12.24 -34.00
N ARG A 3769 54.65 11.91 -34.29
CA ARG A 3769 55.15 12.09 -35.65
C ARG A 3769 54.29 11.38 -36.68
N LEU A 3770 53.61 10.31 -36.29
CA LEU A 3770 52.74 9.57 -37.20
C LEU A 3770 51.29 10.01 -37.08
N HIS A 3771 50.77 10.13 -35.86
CA HIS A 3771 49.34 10.39 -35.72
C HIS A 3771 49.00 11.85 -35.94
N THR A 3772 49.98 12.72 -36.09
CA THR A 3772 49.72 14.08 -36.53
C THR A 3772 49.68 14.20 -38.04
N ARG A 3773 49.80 13.08 -38.75
CA ARG A 3773 49.84 13.08 -40.21
C ARG A 3773 48.87 12.07 -40.81
N GLY A 3774 47.92 11.59 -40.00
CA GLY A 3774 46.86 10.75 -40.53
C GLY A 3774 47.06 9.27 -40.43
N ALA A 3775 48.08 8.81 -39.70
CA ALA A 3775 48.33 7.38 -39.60
C ALA A 3775 47.18 6.65 -38.91
N ALA A 3776 46.55 7.30 -37.92
CA ALA A 3776 45.43 6.68 -37.23
C ALA A 3776 44.28 6.42 -38.19
N GLU A 3777 43.98 7.37 -39.06
CA GLU A 3777 42.92 7.15 -40.04
C GLU A 3777 43.33 6.14 -41.09
N MET A 3778 44.61 6.15 -41.48
CA MET A 3778 45.09 5.16 -42.44
C MET A 3778 44.90 3.74 -41.93
N VAL A 3779 45.18 3.52 -40.65
CA VAL A 3779 45.06 2.18 -40.09
C VAL A 3779 43.61 1.69 -40.17
N LEU A 3780 42.67 2.55 -39.77
CA LEU A 3780 41.26 2.15 -39.81
C LEU A 3780 40.80 1.92 -41.23
N GLN A 3781 41.23 2.78 -42.16
CA GLN A 3781 40.83 2.61 -43.56
C GLN A 3781 41.35 1.29 -44.12
N MET A 3782 42.60 0.96 -43.82
CA MET A 3782 43.16 -0.32 -44.30
C MET A 3782 42.44 -1.51 -43.68
N ILE A 3783 42.12 -1.44 -42.38
CA ILE A 3783 41.40 -2.54 -41.75
C ILE A 3783 40.04 -2.72 -42.40
N SER A 3784 39.33 -1.61 -42.64
CA SER A 3784 38.03 -1.71 -43.29
C SER A 3784 38.16 -2.23 -44.71
N ALA A 3785 39.22 -1.85 -45.42
CA ALA A 3785 39.37 -2.26 -46.81
C ALA A 3785 39.72 -3.73 -46.94
N CYS A 3786 40.46 -4.29 -45.97
CA CYS A 3786 40.80 -5.71 -46.06
C CYS A 3786 39.56 -6.60 -46.05
N LYS A 3787 38.43 -6.11 -45.53
CA LYS A 3787 37.16 -6.81 -45.56
C LYS A 3787 37.23 -8.18 -44.91
N GLY A 3788 38.00 -8.31 -43.83
CA GLY A 3788 38.07 -9.55 -43.12
C GLY A 3788 38.86 -10.65 -43.78
N GLU A 3789 39.79 -10.31 -44.66
CA GLU A 3789 40.68 -11.28 -45.28
C GLU A 3789 42.04 -11.21 -44.61
N THR A 3790 42.46 -12.32 -44.02
CA THR A 3790 43.76 -12.39 -43.39
C THR A 3790 44.87 -12.31 -44.43
N GLY A 3791 45.97 -11.68 -44.06
CA GLY A 3791 47.09 -11.54 -44.97
C GLY A 3791 48.11 -10.55 -44.43
N ALA A 3792 49.15 -10.36 -45.24
CA ALA A 3792 50.22 -9.45 -44.84
C ALA A 3792 49.73 -8.02 -44.76
N MET A 3793 48.80 -7.63 -45.63
CA MET A 3793 48.15 -6.32 -45.54
C MET A 3793 47.62 -6.06 -44.13
N VAL A 3794 46.70 -6.89 -43.67
CA VAL A 3794 46.04 -6.65 -42.39
C VAL A 3794 47.02 -6.86 -41.24
N SER A 3795 47.97 -7.78 -41.38
CA SER A 3795 48.95 -7.97 -40.30
C SER A 3795 49.83 -6.73 -40.14
N SER A 3796 50.30 -6.17 -41.25
CA SER A 3796 51.11 -4.95 -41.17
C SER A 3796 50.29 -3.78 -40.63
N THR A 3797 49.03 -3.67 -41.05
CA THR A 3797 48.18 -2.60 -40.55
C THR A 3797 47.97 -2.72 -39.04
N LEU A 3798 47.71 -3.94 -38.56
CA LEU A 3798 47.51 -4.13 -37.13
C LEU A 3798 48.78 -3.84 -36.35
N LYS A 3799 49.93 -4.24 -36.91
CA LYS A 3799 51.19 -3.94 -36.23
C LYS A 3799 51.41 -2.43 -36.14
N LEU A 3800 51.11 -1.70 -37.22
CA LEU A 3800 51.24 -0.24 -37.17
C LEU A 3800 50.30 0.38 -36.16
N GLY A 3801 49.06 -0.09 -36.11
CA GLY A 3801 48.12 0.44 -35.14
C GLY A 3801 48.56 0.19 -33.71
N ILE A 3802 49.06 -1.02 -33.44
CA ILE A 3802 49.61 -1.33 -32.14
C ILE A 3802 50.77 -0.40 -31.82
N SER A 3803 51.63 -0.17 -32.81
CA SER A 3803 52.81 0.66 -32.60
C SER A 3803 52.42 2.07 -32.21
N ILE A 3804 51.40 2.64 -32.85
CA ILE A 3804 51.01 4.00 -32.50
C ILE A 3804 50.05 4.07 -31.31
N LEU A 3805 49.48 2.94 -30.89
CA LEU A 3805 48.60 2.92 -29.74
C LEU A 3805 49.25 2.42 -28.46
N ASN A 3806 50.51 1.99 -28.51
CA ASN A 3806 51.16 1.46 -27.32
C ASN A 3806 51.14 2.45 -26.16
N GLY A 3807 50.91 1.94 -24.96
CA GLY A 3807 50.83 2.76 -23.77
C GLY A 3807 49.48 3.38 -23.53
N GLY A 3808 48.51 3.15 -24.39
CA GLY A 3808 47.22 3.79 -24.25
C GLY A 3808 47.25 5.23 -24.67
N ASN A 3809 47.56 5.47 -25.95
CA ASN A 3809 47.71 6.83 -26.45
C ASN A 3809 46.33 7.46 -26.62
N ALA A 3810 46.02 8.41 -25.74
CA ALA A 3810 44.67 8.97 -25.70
C ALA A 3810 44.36 9.80 -26.94
N GLU A 3811 45.35 10.54 -27.45
CA GLU A 3811 45.12 11.31 -28.67
C GLU A 3811 44.80 10.42 -29.84
N VAL A 3812 45.54 9.31 -29.99
CA VAL A 3812 45.27 8.38 -31.08
C VAL A 3812 43.91 7.73 -30.91
N GLN A 3813 43.57 7.35 -29.68
CA GLN A 3813 42.25 6.79 -29.44
C GLN A 3813 41.14 7.77 -29.81
N GLN A 3814 41.31 9.04 -29.42
CA GLN A 3814 40.31 10.05 -29.74
C GLN A 3814 40.19 10.25 -31.25
N LYS A 3815 41.32 10.30 -31.95
CA LYS A 3815 41.27 10.47 -33.40
C LYS A 3815 40.57 9.31 -34.07
N MET A 3816 40.89 8.07 -33.65
CA MET A 3816 40.25 6.91 -34.23
C MET A 3816 38.75 6.91 -33.97
N LEU A 3817 38.34 7.21 -32.74
CA LEU A 3817 36.92 7.20 -32.41
C LEU A 3817 36.18 8.29 -33.17
N ASP A 3818 36.78 9.47 -33.29
CA ASP A 3818 36.14 10.55 -34.04
C ASP A 3818 36.00 10.17 -35.51
N TYR A 3819 37.03 9.58 -36.10
CA TYR A 3819 36.93 9.17 -37.50
C TYR A 3819 35.83 8.15 -37.69
N LEU A 3820 35.78 7.13 -36.82
CA LEU A 3820 34.76 6.10 -36.94
C LEU A 3820 33.37 6.70 -36.80
N LYS A 3821 33.19 7.61 -35.85
CA LYS A 3821 31.86 8.14 -35.60
C LYS A 3821 31.42 9.11 -36.69
N ASP A 3822 32.35 9.84 -37.30
CA ASP A 3822 31.92 10.72 -38.39
C ASP A 3822 31.67 9.94 -39.67
N LYS A 3823 32.41 8.85 -39.91
CA LYS A 3823 32.17 8.08 -41.13
C LYS A 3823 30.93 7.21 -41.01
N LYS A 3824 30.66 6.67 -39.82
CA LYS A 3824 29.50 5.79 -39.61
C LYS A 3824 29.51 4.60 -40.56
N GLU A 3825 30.69 4.08 -40.84
CA GLU A 3825 30.82 2.92 -41.71
C GLU A 3825 30.81 1.64 -40.88
N VAL A 3826 30.16 0.61 -41.41
CA VAL A 3826 30.10 -0.67 -40.72
C VAL A 3826 31.20 -1.62 -41.15
N GLY A 3827 31.94 -1.27 -42.21
CA GLY A 3827 32.96 -2.17 -42.72
C GLY A 3827 34.06 -2.45 -41.73
N PHE A 3828 34.40 -1.47 -40.89
CA PHE A 3828 35.48 -1.68 -39.94
C PHE A 3828 35.16 -2.81 -38.97
N PHE A 3829 34.01 -2.75 -38.32
CA PHE A 3829 33.66 -3.80 -37.38
C PHE A 3829 33.27 -5.09 -38.08
N GLN A 3830 32.72 -5.02 -39.29
CA GLN A 3830 32.50 -6.25 -40.04
C GLN A 3830 33.81 -6.97 -40.31
N SER A 3831 34.83 -6.22 -40.73
CA SER A 3831 36.15 -6.81 -40.98
C SER A 3831 36.75 -7.36 -39.70
N ILE A 3832 36.61 -6.63 -38.59
CA ILE A 3832 37.15 -7.12 -37.32
C ILE A 3832 36.48 -8.43 -36.93
N GLN A 3833 35.15 -8.50 -37.07
CA GLN A 3833 34.44 -9.72 -36.70
C GLN A 3833 34.85 -10.89 -37.60
N ALA A 3834 34.99 -10.65 -38.90
CA ALA A 3834 35.43 -11.71 -39.80
C ALA A 3834 36.83 -12.20 -39.44
N LEU A 3835 37.73 -11.26 -39.12
CA LEU A 3835 39.08 -11.65 -38.73
C LEU A 3835 39.07 -12.47 -37.45
N MET A 3836 38.24 -12.08 -36.47
CA MET A 3836 38.12 -12.90 -35.28
C MET A 3836 37.60 -14.29 -35.60
N GLN A 3837 36.61 -14.39 -36.48
CA GLN A 3837 36.06 -15.69 -36.81
C GLN A 3837 37.03 -16.55 -37.61
N THR A 3838 38.02 -15.96 -38.23
CA THR A 3838 39.02 -16.73 -38.95
C THR A 3838 40.23 -17.12 -38.09
N CYS A 3839 40.29 -16.65 -36.84
CA CYS A 3839 41.41 -17.02 -35.98
C CYS A 3839 41.30 -18.49 -35.60
N SER A 3840 42.45 -19.17 -35.57
CA SER A 3840 42.49 -20.60 -35.37
C SER A 3840 42.76 -20.94 -33.90
N VAL A 3841 42.51 -22.20 -33.56
CA VAL A 3841 42.75 -22.72 -32.22
C VAL A 3841 43.59 -23.98 -32.34
N LEU A 3842 43.81 -24.66 -31.21
CA LEU A 3842 44.52 -25.93 -31.24
C LEU A 3842 43.74 -26.96 -32.04
N ASP A 3843 44.42 -27.70 -32.88
CA ASP A 3843 43.81 -28.73 -33.71
C ASP A 3843 44.53 -30.05 -33.49
N LEU A 3844 43.85 -30.98 -32.82
CA LEU A 3844 44.46 -32.27 -32.51
C LEU A 3844 44.77 -33.07 -33.77
N ASN A 3845 43.91 -33.00 -34.78
CA ASN A 3845 44.19 -33.73 -36.02
C ASN A 3845 45.46 -33.22 -36.67
N ALA A 3846 45.61 -31.90 -36.78
CA ALA A 3846 46.83 -31.33 -37.34
C ALA A 3846 48.03 -31.68 -36.48
N PHE A 3847 47.85 -31.72 -35.16
CA PHE A 3847 48.95 -32.08 -34.28
C PHE A 3847 49.40 -33.52 -34.53
N GLU A 3848 48.47 -34.45 -34.68
CA GLU A 3848 48.82 -35.83 -34.97
C GLU A 3848 49.50 -35.95 -36.33
N ARG A 3849 48.99 -35.24 -37.32
CA ARG A 3849 49.60 -35.28 -38.64
C ARG A 3849 51.04 -34.74 -38.59
N GLN A 3850 51.26 -33.67 -37.84
CA GLN A 3850 52.61 -33.13 -37.73
C GLN A 3850 53.52 -34.08 -36.96
N ASN A 3851 52.97 -34.77 -35.95
CA ASN A 3851 53.74 -35.81 -35.27
C ASN A 3851 54.20 -36.88 -36.24
N LYS A 3852 53.29 -37.39 -37.07
CA LYS A 3852 53.67 -38.43 -38.03
C LYS A 3852 54.67 -37.89 -39.05
N ALA A 3853 54.47 -36.65 -39.50
CA ALA A 3853 55.39 -36.05 -40.47
C ALA A 3853 56.79 -35.92 -39.90
N GLU A 3854 56.92 -35.45 -38.67
CA GLU A 3854 58.25 -35.34 -38.06
C GLU A 3854 58.84 -36.71 -37.75
N GLY A 3855 58.00 -37.70 -37.46
CA GLY A 3855 58.52 -39.05 -37.31
C GLY A 3855 58.99 -39.69 -38.60
N LEU A 3856 58.46 -39.24 -39.74
CA LEU A 3856 58.94 -39.75 -41.02
C LEU A 3856 60.40 -39.39 -41.27
N GLY A 3857 60.78 -38.14 -41.05
CA GLY A 3857 62.17 -37.74 -41.21
C GLY A 3857 62.67 -37.83 -42.63
N MET A 3858 62.19 -36.93 -43.48
CA MET A 3858 62.36 -37.01 -44.93
C MET A 3858 63.34 -35.94 -45.43
N VAL A 3859 64.01 -36.27 -46.54
CA VAL A 3859 65.11 -35.46 -47.09
C VAL A 3859 64.76 -35.05 -48.51
N ASN A 3860 65.65 -34.25 -49.10
CA ASN A 3860 65.46 -33.74 -50.46
C ASN A 3860 66.48 -34.38 -51.42
N GLU A 3861 66.40 -33.97 -52.69
CA GLU A 3861 67.29 -34.53 -53.71
C GLU A 3861 68.67 -33.89 -53.68
N ASP A 3862 68.74 -32.58 -53.98
CA ASP A 3862 70.02 -31.90 -54.07
C ASP A 3862 70.67 -31.76 -52.70
N GLY A 3863 71.43 -32.77 -52.29
CA GLY A 3863 71.98 -32.81 -50.96
C GLY A 3863 71.10 -33.61 -50.03
N THR A 3864 70.91 -33.11 -48.81
CA THR A 3864 70.06 -33.76 -47.83
C THR A 3864 69.67 -32.74 -46.77
N VAL A 3865 68.37 -32.51 -46.61
CA VAL A 3865 67.86 -31.61 -45.58
C VAL A 3865 67.58 -32.41 -44.32
N ILE A 3866 68.02 -31.89 -43.18
CA ILE A 3866 67.92 -32.59 -41.91
C ILE A 3866 66.61 -32.15 -41.25
N ASN A 3867 65.54 -32.90 -41.52
CA ASN A 3867 64.24 -32.70 -40.88
C ASN A 3867 63.74 -31.27 -41.10
N ARG A 3868 63.43 -31.00 -42.37
CA ARG A 3868 63.00 -29.66 -42.80
C ARG A 3868 61.93 -29.11 -41.87
N GLN A 3869 62.05 -27.81 -41.57
CA GLN A 3869 61.23 -27.13 -40.57
C GLN A 3869 60.13 -26.29 -41.21
N ASN A 3870 59.48 -26.80 -42.25
CA ASN A 3870 58.39 -26.11 -42.93
C ASN A 3870 57.31 -25.66 -41.95
N GLY A 3871 56.52 -24.68 -42.36
CA GLY A 3871 55.57 -23.99 -41.50
C GLY A 3871 54.73 -24.86 -40.60
N GLU A 3872 54.63 -24.47 -39.33
CA GLU A 3872 53.79 -25.19 -38.38
C GLU A 3872 52.33 -25.04 -38.77
N LYS A 3873 51.59 -26.15 -38.67
CA LYS A 3873 50.18 -26.17 -39.06
C LYS A 3873 49.24 -26.22 -37.86
N VAL A 3874 49.76 -26.12 -36.64
CA VAL A 3874 48.95 -26.06 -35.43
C VAL A 3874 49.09 -24.66 -34.87
N MET A 3875 48.00 -23.89 -34.93
CA MET A 3875 48.00 -22.49 -34.54
C MET A 3875 49.10 -21.73 -35.28
N ALA A 3876 48.96 -21.66 -36.60
CA ALA A 3876 49.96 -20.97 -37.41
C ALA A 3876 49.83 -19.46 -37.29
N ASP A 3877 48.61 -18.96 -37.09
CA ASP A 3877 48.34 -17.53 -37.02
C ASP A 3877 48.23 -17.03 -35.60
N ASP A 3878 48.98 -17.62 -34.67
CA ASP A 3878 48.94 -17.20 -33.29
C ASP A 3878 49.42 -15.76 -33.12
N GLU A 3879 50.46 -15.38 -33.86
CA GLU A 3879 50.94 -14.01 -33.79
C GLU A 3879 49.90 -13.04 -34.30
N PHE A 3880 49.17 -13.42 -35.35
CA PHE A 3880 48.11 -12.55 -35.85
C PHE A 3880 46.96 -12.44 -34.86
N THR A 3881 46.59 -13.55 -34.22
CA THR A 3881 45.54 -13.49 -33.22
C THR A 3881 45.95 -12.59 -32.06
N GLN A 3882 47.20 -12.73 -31.61
CA GLN A 3882 47.69 -11.90 -30.53
C GLN A 3882 47.69 -10.43 -30.90
N ASP A 3883 48.10 -10.10 -32.13
CA ASP A 3883 48.16 -8.68 -32.47
C ASP A 3883 46.76 -8.10 -32.70
N LEU A 3884 45.83 -8.91 -33.22
CA LEU A 3884 44.46 -8.44 -33.34
C LEU A 3884 43.86 -8.12 -31.99
N PHE A 3885 43.99 -9.03 -31.03
CA PHE A 3885 43.42 -8.77 -29.71
C PHE A 3885 44.20 -7.72 -28.96
N ARG A 3886 45.51 -7.59 -29.23
CA ARG A 3886 46.27 -6.49 -28.64
C ARG A 3886 45.78 -5.15 -29.15
N PHE A 3887 45.49 -5.07 -30.45
CA PHE A 3887 44.94 -3.84 -31.02
C PHE A 3887 43.61 -3.50 -30.37
N LEU A 3888 42.74 -4.49 -30.23
CA LEU A 3888 41.45 -4.24 -29.60
C LEU A 3888 41.61 -3.81 -28.15
N GLN A 3889 42.56 -4.40 -27.43
CA GLN A 3889 42.83 -3.97 -26.06
C GLN A 3889 43.34 -2.54 -26.02
N LEU A 3890 44.27 -2.19 -26.89
CA LEU A 3890 44.83 -0.85 -26.89
C LEU A 3890 43.82 0.20 -27.29
N LEU A 3891 42.77 -0.18 -28.01
CA LEU A 3891 41.69 0.78 -28.23
C LEU A 3891 41.06 1.22 -26.91
N CYS A 3892 40.96 0.32 -25.94
CA CYS A 3892 40.32 0.62 -24.67
C CYS A 3892 41.31 0.91 -23.55
N GLU A 3893 42.61 0.82 -23.80
CA GLU A 3893 43.60 1.01 -22.75
C GLU A 3893 43.44 2.38 -22.10
N GLY A 3894 43.63 2.43 -20.79
CA GLY A 3894 43.44 3.65 -20.04
C GLY A 3894 42.02 3.89 -19.59
N HIS A 3895 41.15 2.89 -19.68
CA HIS A 3895 39.74 2.99 -19.31
C HIS A 3895 39.04 4.07 -20.13
N ASN A 3896 39.25 4.01 -21.45
CA ASN A 3896 38.53 4.89 -22.37
C ASN A 3896 37.08 4.44 -22.44
N ASN A 3897 36.22 5.10 -21.66
CA ASN A 3897 34.83 4.66 -21.56
C ASN A 3897 34.11 4.77 -22.90
N ASP A 3898 34.39 5.83 -23.66
CA ASP A 3898 33.73 6.02 -24.94
C ASP A 3898 34.03 4.87 -25.89
N PHE A 3899 35.29 4.48 -26.01
CA PHE A 3899 35.64 3.38 -26.90
C PHE A 3899 35.19 2.05 -26.34
N GLN A 3900 35.17 1.90 -25.01
CA GLN A 3900 34.64 0.69 -24.40
C GLN A 3900 33.18 0.49 -24.76
N ASN A 3901 32.40 1.56 -24.72
CA ASN A 3901 30.99 1.47 -25.13
C ASN A 3901 30.86 1.28 -26.63
N TYR A 3902 31.72 1.93 -27.41
CA TYR A 3902 31.60 1.85 -28.85
C TYR A 3902 31.90 0.45 -29.35
N LEU A 3903 32.79 -0.28 -28.69
CA LEU A 3903 33.03 -1.66 -29.08
C LEU A 3903 31.80 -2.52 -28.85
N ARG A 3904 31.06 -2.26 -27.78
CA ARG A 3904 29.86 -3.03 -27.51
C ARG A 3904 28.75 -2.67 -28.48
N THR A 3905 28.55 -1.38 -28.75
CA THR A 3905 27.44 -0.96 -29.60
C THR A 3905 27.82 0.32 -30.34
N GLN A 3906 27.44 0.39 -31.61
CA GLN A 3906 27.69 1.56 -32.44
C GLN A 3906 26.33 2.20 -32.73
N THR A 3907 26.09 3.37 -32.10
CA THR A 3907 24.77 3.97 -32.15
C THR A 3907 24.45 4.53 -33.53
N GLY A 3908 25.38 5.28 -34.12
CA GLY A 3908 25.10 5.93 -35.38
C GLY A 3908 25.05 5.00 -36.58
N ASN A 3909 25.70 3.84 -36.48
CA ASN A 3909 25.71 2.91 -37.60
C ASN A 3909 24.36 2.25 -37.77
N THR A 3910 24.07 1.85 -39.01
CA THR A 3910 22.81 1.15 -39.27
C THR A 3910 22.80 -0.24 -38.65
N THR A 3911 23.95 -0.87 -38.50
CA THR A 3911 24.06 -2.17 -37.87
C THR A 3911 25.15 -2.13 -36.80
N THR A 3912 25.03 -3.03 -35.82
CA THR A 3912 25.90 -3.06 -34.66
C THR A 3912 26.51 -4.44 -34.52
N ILE A 3913 27.79 -4.49 -34.20
CA ILE A 3913 28.50 -5.74 -33.92
C ILE A 3913 29.10 -5.65 -32.53
N ASN A 3914 28.87 -6.67 -31.72
CA ASN A 3914 29.31 -6.69 -30.32
C ASN A 3914 30.68 -7.36 -30.25
N ILE A 3915 31.74 -6.54 -30.24
CA ILE A 3915 33.09 -7.07 -30.20
C ILE A 3915 33.37 -7.79 -28.90
N ILE A 3916 32.72 -7.36 -27.81
CA ILE A 3916 32.87 -8.06 -26.54
C ILE A 3916 32.41 -9.50 -26.66
N ILE A 3917 31.25 -9.71 -27.26
CA ILE A 3917 30.70 -11.06 -27.40
C ILE A 3917 31.50 -11.85 -28.42
N CYS A 3918 32.03 -11.18 -29.45
CA CYS A 3918 32.90 -11.88 -30.38
C CYS A 3918 34.15 -12.41 -29.67
N THR A 3919 34.72 -11.60 -28.78
CA THR A 3919 35.86 -12.04 -27.99
C THR A 3919 35.49 -13.21 -27.10
N VAL A 3920 34.31 -13.16 -26.49
CA VAL A 3920 33.87 -14.28 -25.66
C VAL A 3920 33.72 -15.54 -26.48
N ASP A 3921 33.18 -15.44 -27.69
CA ASP A 3921 33.03 -16.61 -28.54
C ASP A 3921 34.38 -17.21 -28.91
N TYR A 3922 35.34 -16.36 -29.26
CA TYR A 3922 36.66 -16.90 -29.55
C TYR A 3922 37.27 -17.55 -28.33
N LEU A 3923 37.05 -16.97 -27.15
CA LEU A 3923 37.57 -17.55 -25.92
C LEU A 3923 36.96 -18.91 -25.67
N LEU A 3924 35.67 -19.06 -25.97
CA LEU A 3924 35.04 -20.38 -25.83
C LEU A 3924 35.67 -21.40 -26.76
N ARG A 3925 35.89 -21.04 -28.02
CA ARG A 3925 36.52 -21.97 -28.94
C ARG A 3925 37.92 -22.36 -28.46
N LEU A 3926 38.67 -21.37 -28.00
CA LEU A 3926 40.02 -21.65 -27.49
C LEU A 3926 39.98 -22.55 -26.28
N GLN A 3927 39.04 -22.32 -25.36
CA GLN A 3927 38.94 -23.16 -24.17
C GLN A 3927 38.59 -24.59 -24.53
N GLU A 3928 37.67 -24.77 -25.47
CA GLU A 3928 37.32 -26.12 -25.89
C GLU A 3928 38.52 -26.83 -26.51
N SER A 3929 39.30 -26.10 -27.33
CA SER A 3929 40.49 -26.70 -27.91
C SER A 3929 41.50 -27.10 -26.83
N ILE A 3930 41.69 -26.23 -25.84
CA ILE A 3930 42.63 -26.53 -24.76
C ILE A 3930 42.18 -27.74 -23.97
N SER A 3931 40.87 -27.85 -23.71
CA SER A 3931 40.35 -29.02 -23.01
C SER A 3931 40.57 -30.28 -23.83
N ASP A 3932 40.36 -30.21 -25.15
CA ASP A 3932 40.61 -31.38 -25.99
C ASP A 3932 42.08 -31.80 -25.92
N PHE A 3933 42.98 -30.82 -25.97
CA PHE A 3933 44.41 -31.13 -25.89
C PHE A 3933 44.75 -31.77 -24.56
N TYR A 3934 44.17 -31.25 -23.47
CA TYR A 3934 44.41 -31.84 -22.16
C TYR A 3934 43.90 -33.27 -22.10
N TRP A 3935 42.73 -33.52 -22.65
CA TRP A 3935 42.23 -34.90 -22.67
C TRP A 3935 43.15 -35.79 -23.48
N TYR A 3936 43.64 -35.31 -24.61
CA TYR A 3936 44.57 -36.08 -25.41
C TYR A 3936 45.81 -36.47 -24.61
N TYR A 3937 46.31 -35.56 -23.79
CA TYR A 3937 47.52 -35.84 -23.02
C TYR A 3937 47.27 -36.39 -21.62
N SER A 3938 46.01 -36.55 -21.21
CA SER A 3938 45.73 -36.99 -19.85
C SER A 3938 46.26 -38.39 -19.60
N GLY A 3939 46.08 -39.29 -20.58
CA GLY A 3939 46.57 -40.65 -20.41
C GLY A 3939 48.08 -40.72 -20.31
N LYS A 3940 48.77 -39.94 -21.12
CA LYS A 3940 50.23 -39.98 -21.14
C LYS A 3940 50.79 -39.41 -19.84
N ASP A 3941 51.88 -40.01 -19.36
CA ASP A 3941 52.46 -39.63 -18.08
C ASP A 3941 53.18 -38.29 -18.17
N VAL A 3942 53.94 -38.06 -19.25
CA VAL A 3942 54.72 -36.84 -19.41
C VAL A 3942 54.40 -36.24 -20.78
N ILE A 3943 54.23 -34.93 -20.81
CA ILE A 3943 53.94 -34.21 -22.05
C ILE A 3943 55.24 -33.93 -22.79
N GLU A 3944 55.27 -34.30 -24.06
CA GLU A 3944 56.49 -34.16 -24.85
C GLU A 3944 56.69 -32.71 -25.29
N GLU A 3945 57.79 -32.47 -26.00
CA GLU A 3945 58.21 -31.10 -26.29
C GLU A 3945 57.22 -30.40 -27.23
N GLN A 3946 56.75 -31.08 -28.27
CA GLN A 3946 55.83 -30.46 -29.20
C GLN A 3946 54.52 -30.10 -28.50
N GLY A 3947 54.02 -31.01 -27.66
CA GLY A 3947 52.82 -30.71 -26.89
C GLY A 3947 53.02 -29.53 -25.96
N LYS A 3948 54.18 -29.46 -25.32
CA LYS A 3948 54.45 -28.33 -24.44
C LYS A 3948 54.49 -27.02 -25.22
N ARG A 3949 55.10 -27.04 -26.41
CA ARG A 3949 55.17 -25.82 -27.21
C ARG A 3949 53.79 -25.36 -27.65
N ASN A 3950 52.94 -26.31 -28.09
CA ASN A 3950 51.59 -25.94 -28.49
C ASN A 3950 50.76 -25.44 -27.31
N PHE A 3951 50.91 -26.08 -26.15
CA PHE A 3951 50.27 -25.57 -24.94
C PHE A 3951 50.70 -24.14 -24.68
N SER A 3952 52.00 -23.86 -24.79
CA SER A 3952 52.50 -22.53 -24.49
C SER A 3952 51.92 -21.49 -25.43
N LYS A 3953 51.84 -21.80 -26.72
CA LYS A 3953 51.30 -20.79 -27.64
C LYS A 3953 49.81 -20.58 -27.44
N ALA A 3954 49.05 -21.65 -27.21
CA ALA A 3954 47.63 -21.47 -26.91
C ALA A 3954 47.45 -20.66 -25.63
N MET A 3955 48.31 -20.88 -24.65
CA MET A 3955 48.20 -20.19 -23.38
C MET A 3955 48.57 -18.72 -23.51
N SER A 3956 49.52 -18.40 -24.39
CA SER A 3956 49.83 -17.01 -24.68
C SER A 3956 48.65 -16.30 -25.34
N VAL A 3957 48.01 -16.96 -26.30
CA VAL A 3957 46.83 -16.38 -26.92
C VAL A 3957 45.73 -16.16 -25.88
N ALA A 3958 45.55 -17.13 -24.98
CA ALA A 3958 44.53 -17.00 -23.94
C ALA A 3958 44.84 -15.84 -23.00
N LYS A 3959 46.12 -15.66 -22.67
CA LYS A 3959 46.51 -14.49 -21.88
C LYS A 3959 46.11 -13.21 -22.58
N GLN A 3960 46.36 -13.12 -23.87
CA GLN A 3960 45.99 -11.91 -24.59
C GLN A 3960 44.49 -11.69 -24.58
N VAL A 3961 43.71 -12.76 -24.76
CA VAL A 3961 42.26 -12.63 -24.77
C VAL A 3961 41.76 -12.16 -23.40
N PHE A 3962 42.31 -12.72 -22.33
CA PHE A 3962 41.92 -12.31 -20.99
C PHE A 3962 42.26 -10.84 -20.75
N ASN A 3963 43.44 -10.41 -21.21
CA ASN A 3963 43.81 -9.01 -21.05
C ASN A 3963 42.86 -8.10 -21.81
N SER A 3964 42.46 -8.51 -23.02
CA SER A 3964 41.52 -7.72 -23.79
C SER A 3964 40.17 -7.60 -23.08
N LEU A 3965 39.68 -8.71 -22.52
CA LEU A 3965 38.41 -8.67 -21.79
C LEU A 3965 38.51 -7.77 -20.56
N THR A 3966 39.61 -7.88 -19.83
CA THR A 3966 39.83 -7.01 -18.68
C THR A 3966 39.85 -5.55 -19.08
N GLU A 3967 40.48 -5.24 -20.20
CA GLU A 3967 40.51 -3.87 -20.67
C GLU A 3967 39.13 -3.41 -21.12
N TYR A 3968 38.32 -4.32 -21.63
CA TYR A 3968 36.94 -3.97 -21.97
C TYR A 3968 36.17 -3.55 -20.73
N ILE A 3969 36.30 -4.31 -19.64
CA ILE A 3969 35.40 -4.10 -18.51
C ILE A 3969 35.95 -3.17 -17.43
N GLN A 3970 37.24 -2.91 -17.40
CA GLN A 3970 37.78 -2.10 -16.32
C GLN A 3970 37.36 -0.64 -16.46
N GLY A 3971 37.32 0.05 -15.33
CA GLY A 3971 36.99 1.46 -15.30
C GLY A 3971 36.00 1.90 -14.22
N PRO A 3972 34.91 1.15 -14.01
CA PRO A 3972 34.33 0.07 -14.79
C PRO A 3972 33.45 0.56 -15.93
N CYS A 3973 33.24 -0.26 -16.95
CA CYS A 3973 32.24 0.01 -17.97
C CYS A 3973 31.07 -0.90 -17.67
N THR A 3974 30.03 -0.34 -17.05
CA THR A 3974 28.94 -1.15 -16.54
C THR A 3974 28.22 -1.88 -17.67
N GLY A 3975 28.08 -1.25 -18.83
CA GLY A 3975 27.46 -1.93 -19.95
C GLY A 3975 28.22 -3.17 -20.38
N ASN A 3976 29.54 -3.06 -20.49
CA ASN A 3976 30.35 -4.22 -20.86
C ASN A 3976 30.33 -5.27 -19.77
N GLN A 3977 30.29 -4.85 -18.50
CA GLN A 3977 30.18 -5.81 -17.41
C GLN A 3977 28.88 -6.60 -17.51
N GLN A 3978 27.77 -5.92 -17.77
CA GLN A 3978 26.50 -6.63 -17.90
C GLN A 3978 26.52 -7.55 -19.11
N SER A 3979 27.07 -7.08 -20.22
CA SER A 3979 27.15 -7.88 -21.43
C SER A 3979 27.95 -9.16 -21.18
N LEU A 3980 29.06 -9.04 -20.47
CA LEU A 3980 29.83 -10.24 -20.13
C LEU A 3980 29.07 -11.14 -19.17
N ALA A 3981 28.40 -10.55 -18.19
CA ALA A 3981 27.70 -11.35 -17.20
C ALA A 3981 26.59 -12.17 -17.83
N HIS A 3982 26.02 -11.69 -18.93
CA HIS A 3982 24.97 -12.44 -19.61
C HIS A 3982 25.48 -13.28 -20.78
N SER A 3983 26.79 -13.48 -20.89
CA SER A 3983 27.36 -14.23 -21.99
C SER A 3983 27.78 -15.62 -21.52
N ARG A 3984 28.51 -16.33 -22.36
CA ARG A 3984 29.04 -17.66 -22.04
C ARG A 3984 30.43 -17.59 -21.42
N LEU A 3985 30.82 -16.41 -20.95
CA LEU A 3985 32.09 -16.27 -20.25
C LEU A 3985 32.14 -17.18 -19.03
N TRP A 3986 31.01 -17.40 -18.38
CA TRP A 3986 30.98 -18.29 -17.22
C TRP A 3986 31.30 -19.72 -17.63
N ASP A 3987 30.74 -20.19 -18.74
CA ASP A 3987 31.08 -21.52 -19.22
C ASP A 3987 32.55 -21.64 -19.57
N ALA A 3988 33.09 -20.62 -20.23
CA ALA A 3988 34.52 -20.62 -20.53
C ALA A 3988 35.36 -20.69 -19.26
N VAL A 3989 34.96 -19.93 -18.23
CA VAL A 3989 35.71 -19.93 -16.98
C VAL A 3989 35.63 -21.28 -16.29
N VAL A 3990 34.47 -21.93 -16.34
CA VAL A 3990 34.33 -23.25 -15.73
C VAL A 3990 35.25 -24.25 -16.40
N GLY A 3991 35.25 -24.27 -17.74
CA GLY A 3991 36.15 -25.16 -18.45
C GLY A 3991 37.60 -24.88 -18.15
N PHE A 3992 37.96 -23.59 -18.10
CA PHE A 3992 39.34 -23.22 -17.79
C PHE A 3992 39.73 -23.67 -16.39
N LEU A 3993 38.81 -23.57 -15.43
CA LEU A 3993 39.12 -24.01 -14.08
C LEU A 3993 39.36 -25.52 -14.04
N HIS A 3994 38.53 -26.29 -14.76
CA HIS A 3994 38.77 -27.73 -14.83
C HIS A 3994 40.15 -28.03 -15.40
N VAL A 3995 40.48 -27.41 -16.54
CA VAL A 3995 41.77 -27.63 -17.16
C VAL A 3995 42.90 -27.22 -16.21
N PHE A 3996 42.75 -26.06 -15.56
CA PHE A 3996 43.80 -25.57 -14.67
C PHE A 3996 44.07 -26.55 -13.54
N ALA A 3997 43.02 -26.98 -12.84
CA ALA A 3997 43.22 -27.89 -11.73
C ALA A 3997 43.92 -29.16 -12.17
N HIS A 3998 43.39 -29.82 -13.20
CA HIS A 3998 43.98 -31.10 -13.59
C HIS A 3998 45.39 -30.91 -14.15
N MET A 3999 45.63 -29.82 -14.88
CA MET A 3999 46.93 -29.63 -15.50
C MET A 3999 47.98 -29.29 -14.45
N MET A 4000 47.62 -28.55 -13.41
CA MET A 4000 48.57 -28.33 -12.32
C MET A 4000 48.90 -29.64 -11.61
N MET A 4001 47.87 -30.42 -11.27
CA MET A 4001 48.17 -31.70 -10.61
C MET A 4001 49.02 -32.60 -11.49
N LYS A 4002 48.89 -32.48 -12.81
CA LYS A 4002 49.68 -33.34 -13.70
C LYS A 4002 51.10 -32.82 -13.88
N LEU A 4003 51.26 -31.51 -14.09
CA LEU A 4003 52.58 -30.95 -14.36
C LEU A 4003 53.45 -30.94 -13.11
N ALA A 4004 52.83 -30.90 -11.92
CA ALA A 4004 53.61 -30.82 -10.70
C ALA A 4004 54.44 -32.07 -10.45
N GLN A 4005 54.17 -33.17 -11.14
CA GLN A 4005 54.76 -34.46 -10.84
C GLN A 4005 56.08 -34.70 -11.56
N ASP A 4006 56.53 -33.78 -12.41
CA ASP A 4006 57.82 -33.92 -13.07
C ASP A 4006 58.43 -32.54 -13.26
N SER A 4007 59.71 -32.42 -12.92
CA SER A 4007 60.39 -31.13 -12.94
C SER A 4007 60.68 -30.62 -14.34
N SER A 4008 60.58 -31.46 -15.36
CA SER A 4008 60.86 -31.02 -16.72
C SER A 4008 59.76 -30.12 -17.27
N GLN A 4009 58.64 -29.99 -16.56
CA GLN A 4009 57.51 -29.18 -16.99
C GLN A 4009 57.28 -27.98 -16.08
N ILE A 4010 58.32 -27.55 -15.36
CA ILE A 4010 58.17 -26.49 -14.38
C ILE A 4010 57.87 -25.16 -15.08
N GLU A 4011 58.49 -24.93 -16.23
CA GLU A 4011 58.23 -23.69 -16.97
C GLU A 4011 56.80 -23.63 -17.48
N LEU A 4012 56.31 -24.76 -18.01
CA LEU A 4012 54.92 -24.82 -18.46
C LEU A 4012 53.98 -24.61 -17.28
N LEU A 4013 54.31 -25.16 -16.12
CA LEU A 4013 53.49 -24.94 -14.93
C LEU A 4013 53.48 -23.47 -14.54
N LYS A 4014 54.63 -22.79 -14.60
CA LYS A 4014 54.67 -21.37 -14.28
C LYS A 4014 53.78 -20.58 -15.24
N GLU A 4015 53.86 -20.89 -16.52
CA GLU A 4015 53.05 -20.19 -17.50
C GLU A 4015 51.56 -20.42 -17.25
N LEU A 4016 51.20 -21.66 -16.91
CA LEU A 4016 49.82 -21.96 -16.57
C LEU A 4016 49.35 -21.17 -15.36
N LEU A 4017 50.21 -21.06 -14.34
CA LEU A 4017 49.85 -20.33 -13.14
C LEU A 4017 49.62 -18.85 -13.42
N ASP A 4018 50.47 -18.25 -14.25
CA ASP A 4018 50.24 -16.83 -14.54
C ASP A 4018 49.02 -16.65 -15.44
N LEU A 4019 48.71 -17.63 -16.29
CA LEU A 4019 47.46 -17.57 -17.04
C LEU A 4019 46.26 -17.60 -16.09
N GLN A 4020 46.33 -18.44 -15.05
CA GLN A 4020 45.28 -18.44 -14.05
C GLN A 4020 45.18 -17.08 -13.37
N LYS A 4021 46.33 -16.47 -13.08
CA LYS A 4021 46.31 -15.14 -12.48
C LYS A 4021 45.58 -14.15 -13.38
N ASP A 4022 45.82 -14.23 -14.68
CA ASP A 4022 45.13 -13.34 -15.62
C ASP A 4022 43.63 -13.57 -15.62
N MET A 4023 43.20 -14.83 -15.58
CA MET A 4023 41.76 -15.11 -15.50
C MET A 4023 41.16 -14.54 -14.22
N VAL A 4024 41.86 -14.69 -13.10
CA VAL A 4024 41.34 -14.18 -11.84
C VAL A 4024 41.31 -12.65 -11.85
N VAL A 4025 42.26 -12.03 -12.53
CA VAL A 4025 42.23 -10.58 -12.67
C VAL A 4025 41.02 -10.14 -13.47
N MET A 4026 40.67 -10.90 -14.51
CA MET A 4026 39.45 -10.58 -15.25
C MET A 4026 38.21 -10.72 -14.36
N LEU A 4027 38.17 -11.76 -13.53
CA LEU A 4027 37.05 -11.90 -12.60
C LEU A 4027 36.96 -10.72 -11.64
N LEU A 4028 38.09 -10.35 -11.03
CA LEU A 4028 38.12 -9.20 -10.14
C LEU A 4028 37.66 -7.94 -10.84
N SER A 4029 38.03 -7.77 -12.12
CA SER A 4029 37.52 -6.64 -12.87
C SER A 4029 36.01 -6.71 -13.03
N LEU A 4030 35.47 -7.91 -13.22
CA LEU A 4030 34.02 -8.05 -13.22
C LEU A 4030 33.40 -7.62 -11.90
N LEU A 4031 34.13 -7.74 -10.80
CA LEU A 4031 33.59 -7.32 -9.51
C LEU A 4031 33.80 -5.84 -9.20
N GLU A 4032 34.22 -5.03 -10.17
CA GLU A 4032 34.44 -3.62 -9.90
C GLU A 4032 33.11 -2.89 -9.73
N GLY A 4033 33.04 -2.03 -8.73
CA GLY A 4033 31.83 -1.25 -8.48
C GLY A 4033 30.64 -2.11 -8.15
N ASN A 4034 30.85 -3.21 -7.45
CA ASN A 4034 29.81 -4.18 -7.17
C ASN A 4034 29.31 -4.00 -5.75
N VAL A 4035 27.99 -3.81 -5.61
CA VAL A 4035 27.37 -3.58 -4.32
C VAL A 4035 27.20 -4.90 -3.59
N VAL A 4036 26.86 -4.83 -2.29
CA VAL A 4036 26.60 -6.04 -1.53
C VAL A 4036 25.40 -6.77 -2.13
N ASN A 4037 25.52 -8.09 -2.24
CA ASN A 4037 24.48 -8.94 -2.83
C ASN A 4037 24.19 -8.53 -4.28
N GLY A 4038 25.25 -8.20 -5.01
CA GLY A 4038 25.09 -7.81 -6.39
C GLY A 4038 24.91 -9.00 -7.31
N MET A 4039 24.29 -8.71 -8.46
CA MET A 4039 24.01 -9.76 -9.43
C MET A 4039 25.27 -10.44 -9.90
N ILE A 4040 26.30 -9.66 -10.24
CA ILE A 4040 27.53 -10.25 -10.76
C ILE A 4040 28.24 -11.06 -9.70
N ALA A 4041 28.25 -10.56 -8.46
CA ALA A 4041 28.89 -11.30 -7.38
C ALA A 4041 28.19 -12.63 -7.14
N ARG A 4042 26.86 -12.62 -7.15
CA ARG A 4042 26.14 -13.88 -6.91
C ARG A 4042 26.30 -14.83 -8.09
N GLN A 4043 26.39 -14.28 -9.31
CA GLN A 4043 26.66 -15.13 -10.47
C GLN A 4043 28.03 -15.77 -10.39
N MET A 4044 29.03 -15.01 -9.93
CA MET A 4044 30.36 -15.58 -9.73
C MET A 4044 30.34 -16.66 -8.67
N VAL A 4045 29.59 -16.45 -7.58
CA VAL A 4045 29.48 -17.49 -6.56
C VAL A 4045 28.86 -18.75 -7.15
N ASP A 4046 27.80 -18.59 -7.95
CA ASP A 4046 27.17 -19.75 -8.58
C ASP A 4046 28.14 -20.45 -9.52
N MET A 4047 28.93 -19.68 -10.27
CA MET A 4047 29.90 -20.28 -11.17
C MET A 4047 30.95 -21.08 -10.41
N LEU A 4048 31.42 -20.55 -9.29
CA LEU A 4048 32.38 -21.28 -8.46
C LEU A 4048 31.77 -22.56 -7.91
N VAL A 4049 30.49 -22.50 -7.51
CA VAL A 4049 29.82 -23.70 -7.03
C VAL A 4049 29.71 -24.73 -8.15
N GLU A 4050 29.45 -24.27 -9.38
CA GLU A 4050 29.33 -25.18 -10.51
C GLU A 4050 30.64 -25.92 -10.78
N SER A 4051 31.77 -25.33 -10.40
CA SER A 4051 33.08 -25.95 -10.55
C SER A 4051 33.71 -26.20 -9.20
N SER A 4052 32.89 -26.68 -8.26
CA SER A 4052 33.35 -26.84 -6.88
C SER A 4052 34.50 -27.82 -6.79
N SER A 4053 34.42 -28.93 -7.52
CA SER A 4053 35.48 -29.93 -7.46
C SER A 4053 36.81 -29.36 -7.93
N ASN A 4054 36.80 -28.62 -9.04
CA ASN A 4054 38.04 -28.05 -9.56
C ASN A 4054 38.57 -26.96 -8.65
N VAL A 4055 37.68 -26.14 -8.10
CA VAL A 4055 38.14 -25.10 -7.16
C VAL A 4055 38.76 -25.74 -5.93
N GLU A 4056 38.15 -26.82 -5.44
CA GLU A 4056 38.73 -27.55 -4.30
C GLU A 4056 40.08 -28.14 -4.67
N MET A 4057 40.21 -28.67 -5.88
CA MET A 4057 41.51 -29.20 -6.32
C MET A 4057 42.57 -28.10 -6.33
N ILE A 4058 42.21 -26.91 -6.81
CA ILE A 4058 43.16 -25.81 -6.87
C ILE A 4058 43.55 -25.38 -5.46
N LEU A 4059 42.57 -25.20 -4.58
CA LEU A 4059 42.85 -24.77 -3.22
C LEU A 4059 43.70 -25.80 -2.50
N LYS A 4060 43.43 -27.08 -2.73
CA LYS A 4060 44.27 -28.13 -2.19
C LYS A 4060 45.68 -28.07 -2.75
N PHE A 4061 45.84 -27.86 -4.05
CA PHE A 4061 47.20 -27.72 -4.58
C PHE A 4061 47.95 -26.63 -3.84
N PHE A 4062 47.29 -25.52 -3.55
CA PHE A 4062 47.98 -24.44 -2.85
C PHE A 4062 48.29 -24.82 -1.41
N ASP A 4063 47.34 -25.42 -0.70
CA ASP A 4063 47.53 -25.56 0.74
C ASP A 4063 48.53 -26.66 1.08
N MET A 4064 48.61 -27.74 0.29
CA MET A 4064 49.60 -28.76 0.58
C MET A 4064 51.01 -28.21 0.47
N PHE A 4065 51.29 -27.39 -0.55
CA PHE A 4065 52.63 -26.85 -0.67
C PHE A 4065 52.89 -25.75 0.35
N LEU A 4066 51.88 -24.95 0.68
CA LEU A 4066 52.05 -24.00 1.77
C LEU A 4066 52.38 -24.70 3.08
N LYS A 4067 51.71 -25.82 3.35
CA LYS A 4067 51.95 -26.55 4.59
C LYS A 4067 53.28 -27.28 4.56
N LEU A 4068 53.67 -27.79 3.39
CA LEU A 4068 54.96 -28.43 3.25
C LEU A 4068 56.10 -27.47 3.51
N LYS A 4069 55.97 -26.23 3.04
CA LYS A 4069 57.02 -25.25 3.24
C LYS A 4069 57.33 -25.05 4.71
N ASP A 4070 56.30 -25.05 5.56
CA ASP A 4070 56.53 -24.90 6.99
C ASP A 4070 56.84 -26.22 7.68
N ILE A 4071 56.35 -27.35 7.16
CA ILE A 4071 56.64 -28.63 7.77
C ILE A 4071 58.12 -28.96 7.65
N VAL A 4072 58.72 -28.70 6.47
CA VAL A 4072 60.12 -29.04 6.29
C VAL A 4072 61.00 -28.22 7.23
N GLY A 4073 60.51 -27.09 7.71
CA GLY A 4073 61.23 -26.30 8.68
C GLY A 4073 60.97 -26.66 10.13
N SER A 4074 60.24 -27.75 10.38
CA SER A 4074 59.88 -28.10 11.74
C SER A 4074 60.91 -29.06 12.35
N GLU A 4075 61.05 -28.96 13.66
CA GLU A 4075 61.99 -29.81 14.38
C GLU A 4075 61.56 -31.27 14.31
N ALA A 4076 60.25 -31.52 14.25
CA ALA A 4076 59.77 -32.89 14.09
C ALA A 4076 60.26 -33.49 12.77
N PHE A 4077 60.25 -32.70 11.71
CA PHE A 4077 60.80 -33.14 10.43
C PHE A 4077 62.31 -33.33 10.51
N GLN A 4078 62.99 -32.37 11.15
CA GLN A 4078 64.45 -32.46 11.25
C GLN A 4078 64.89 -33.66 12.07
N ASP A 4079 64.05 -34.14 12.99
CA ASP A 4079 64.36 -35.37 13.70
C ASP A 4079 64.48 -36.54 12.74
N TYR A 4080 63.56 -36.64 11.77
CA TYR A 4080 63.64 -37.69 10.78
C TYR A 4080 64.77 -37.47 9.79
N VAL A 4081 65.10 -36.20 9.50
CA VAL A 4081 66.22 -35.92 8.61
C VAL A 4081 67.49 -36.46 9.26
N THR A 4082 68.13 -37.44 8.61
CA THR A 4082 69.29 -38.12 9.16
C THR A 4082 70.50 -38.12 8.24
N ASP A 4083 70.31 -38.10 6.94
CA ASP A 4083 71.43 -38.14 6.00
C ASP A 4083 72.30 -36.90 6.18
N PRO A 4084 73.62 -37.07 6.33
CA PRO A 4084 74.49 -35.88 6.47
C PRO A 4084 74.44 -34.94 5.30
N ARG A 4085 74.20 -35.44 4.08
CA ARG A 4085 74.11 -34.58 2.91
C ARG A 4085 72.91 -33.65 2.94
N GLY A 4086 71.95 -33.89 3.84
CA GLY A 4086 70.76 -33.06 3.89
C GLY A 4086 69.59 -33.59 3.08
N LEU A 4087 69.50 -34.89 2.89
CA LEU A 4087 68.44 -35.51 2.11
C LEU A 4087 67.57 -36.38 3.02
N ILE A 4088 66.57 -37.01 2.42
CA ILE A 4088 65.66 -37.88 3.15
C ILE A 4088 65.06 -38.88 2.17
N SER A 4089 64.92 -40.13 2.62
CA SER A 4089 64.39 -41.16 1.75
C SER A 4089 62.88 -41.02 1.62
N LYS A 4090 62.34 -41.65 0.57
CA LYS A 4090 60.90 -41.61 0.34
C LYS A 4090 60.15 -42.29 1.46
N LYS A 4091 60.68 -43.40 1.98
CA LYS A 4091 60.04 -44.07 3.09
C LYS A 4091 60.17 -43.27 4.38
N ASP A 4092 61.34 -42.67 4.61
CA ASP A 4092 61.50 -41.79 5.75
C ASP A 4092 60.58 -40.58 5.63
N PHE A 4093 60.47 -40.02 4.43
CA PHE A 4093 59.53 -38.93 4.19
C PHE A 4093 58.10 -39.36 4.51
N GLN A 4094 57.74 -40.57 4.08
CA GLN A 4094 56.40 -41.09 4.31
C GLN A 4094 56.10 -41.19 5.80
N LYS A 4095 57.02 -41.77 6.57
CA LYS A 4095 56.77 -41.93 7.99
C LYS A 4095 56.90 -40.63 8.77
N ALA A 4096 57.64 -39.66 8.24
CA ALA A 4096 57.75 -38.36 8.90
C ALA A 4096 56.52 -37.51 8.65
N MET A 4097 55.96 -37.57 7.45
CA MET A 4097 54.94 -36.62 7.08
C MET A 4097 53.58 -37.01 7.64
N ASP A 4098 53.33 -38.32 7.78
CA ASP A 4098 52.08 -38.75 8.40
C ASP A 4098 52.14 -38.65 9.92
N SER A 4099 53.33 -38.42 10.48
CA SER A 4099 53.43 -38.14 11.90
C SER A 4099 52.87 -36.76 12.26
N GLN A 4100 52.85 -35.84 11.30
CA GLN A 4100 52.29 -34.51 11.55
C GLN A 4100 50.77 -34.52 11.59
N LYS A 4101 50.14 -35.59 11.12
CA LYS A 4101 48.67 -35.71 11.10
C LYS A 4101 48.04 -34.53 10.37
N GLN A 4102 48.65 -34.11 9.26
CA GLN A 4102 48.15 -32.97 8.50
C GLN A 4102 47.75 -33.32 7.07
N PHE A 4103 48.34 -34.35 6.48
CA PHE A 4103 47.95 -34.83 5.16
C PHE A 4103 47.40 -36.25 5.24
N THR A 4104 46.66 -36.62 4.21
CA THR A 4104 46.11 -37.96 4.09
C THR A 4104 47.02 -38.82 3.24
N GLY A 4105 46.65 -40.09 3.07
CA GLY A 4105 47.43 -41.02 2.28
C GLY A 4105 47.62 -40.59 0.84
N PRO A 4106 46.53 -40.28 0.14
CA PRO A 4106 46.67 -39.78 -1.23
C PRO A 4106 47.51 -38.52 -1.34
N GLU A 4107 47.38 -37.60 -0.37
CA GLU A 4107 48.16 -36.37 -0.42
C GLU A 4107 49.64 -36.66 -0.22
N ILE A 4108 49.98 -37.56 0.70
CA ILE A 4108 51.38 -37.92 0.91
C ILE A 4108 51.94 -38.60 -0.33
N GLN A 4109 51.14 -39.48 -0.95
CA GLN A 4109 51.59 -40.12 -2.19
C GLN A 4109 51.82 -39.10 -3.29
N PHE A 4110 50.92 -38.12 -3.40
CA PHE A 4110 51.10 -37.08 -4.41
C PHE A 4110 52.36 -36.27 -4.15
N LEU A 4111 52.62 -35.94 -2.89
CA LEU A 4111 53.85 -35.22 -2.56
C LEU A 4111 55.08 -36.05 -2.90
N LEU A 4112 55.02 -37.36 -2.63
CA LEU A 4112 56.14 -38.23 -2.98
C LEU A 4112 56.36 -38.24 -4.49
N SER A 4113 55.28 -38.32 -5.26
CA SER A 4113 55.41 -38.30 -6.71
C SER A 4113 56.01 -36.98 -7.20
N CYS A 4114 55.56 -35.86 -6.62
CA CYS A 4114 56.07 -34.56 -7.04
C CYS A 4114 57.52 -34.36 -6.62
N SER A 4115 57.94 -35.01 -5.54
CA SER A 4115 59.33 -34.91 -5.11
C SER A 4115 60.23 -35.59 -6.13
N GLU A 4116 61.29 -34.89 -6.54
CA GLU A 4116 62.19 -35.42 -7.56
C GLU A 4116 63.23 -36.32 -6.89
N ALA A 4117 62.75 -37.46 -6.41
CA ALA A 4117 63.62 -38.45 -5.80
C ALA A 4117 64.52 -39.08 -6.85
N ASP A 4118 65.77 -39.31 -6.47
CA ASP A 4118 66.77 -39.86 -7.39
C ASP A 4118 66.61 -41.37 -7.49
N GLU A 4119 67.56 -42.02 -8.15
CA GLU A 4119 67.55 -43.48 -8.25
C GLU A 4119 67.76 -44.15 -6.90
N ASN A 4120 68.36 -43.45 -5.93
CA ASN A 4120 68.52 -43.95 -4.58
C ASN A 4120 67.36 -43.56 -3.67
N GLU A 4121 66.30 -42.99 -4.24
CA GLU A 4121 65.13 -42.53 -3.49
C GLU A 4121 65.51 -41.46 -2.46
N MET A 4122 66.47 -40.60 -2.81
CA MET A 4122 66.87 -39.48 -1.98
C MET A 4122 66.11 -38.23 -2.41
N ILE A 4123 65.59 -37.48 -1.43
CA ILE A 4123 64.80 -36.30 -1.70
C ILE A 4123 65.52 -35.08 -1.14
N ASN A 4124 65.66 -34.05 -1.97
CA ASN A 4124 66.21 -32.77 -1.53
C ASN A 4124 65.04 -31.89 -1.12
N PHE A 4125 64.61 -32.06 0.13
CA PHE A 4125 63.42 -31.36 0.60
C PHE A 4125 63.61 -29.85 0.64
N GLU A 4126 64.84 -29.37 0.79
CA GLU A 4126 65.07 -27.93 0.79
C GLU A 4126 64.60 -27.28 -0.50
N GLU A 4127 65.01 -27.84 -1.64
CA GLU A 4127 64.53 -27.32 -2.92
C GLU A 4127 63.10 -27.77 -3.21
N PHE A 4128 62.71 -28.93 -2.70
CA PHE A 4128 61.34 -29.40 -2.92
C PHE A 4128 60.32 -28.42 -2.34
N ALA A 4129 60.57 -27.93 -1.14
CA ALA A 4129 59.63 -26.99 -0.52
C ALA A 4129 59.58 -25.68 -1.27
N ASN A 4130 60.72 -25.19 -1.73
CA ASN A 4130 60.81 -23.88 -2.36
C ASN A 4130 60.57 -23.92 -3.87
N ARG A 4131 60.28 -25.10 -4.44
CA ARG A 4131 60.08 -25.17 -5.87
C ARG A 4131 58.86 -24.39 -6.33
N PHE A 4132 57.74 -24.53 -5.61
CA PHE A 4132 56.49 -23.92 -6.03
C PHE A 4132 56.08 -22.72 -5.20
N GLN A 4133 56.91 -22.26 -4.27
CA GLN A 4133 56.52 -21.11 -3.46
C GLN A 4133 56.44 -19.84 -4.30
N GLU A 4134 57.46 -19.56 -5.09
CA GLU A 4134 57.48 -18.35 -5.89
C GLU A 4134 56.54 -18.43 -7.10
N PRO A 4135 56.53 -19.52 -7.87
CA PRO A 4135 55.62 -19.57 -9.02
C PRO A 4135 54.16 -19.43 -8.66
N ALA A 4136 53.73 -19.96 -7.51
CA ALA A 4136 52.33 -19.99 -7.14
C ALA A 4136 51.92 -18.79 -6.28
N ARG A 4137 52.85 -17.90 -5.96
CA ARG A 4137 52.55 -16.83 -5.02
C ARG A 4137 51.53 -15.86 -5.58
N ASP A 4138 51.68 -15.47 -6.84
CA ASP A 4138 50.79 -14.47 -7.41
C ASP A 4138 49.37 -15.00 -7.57
N ILE A 4139 49.22 -16.22 -8.08
CA ILE A 4139 47.89 -16.79 -8.23
C ILE A 4139 47.27 -17.07 -6.87
N GLY A 4140 48.09 -17.50 -5.91
CA GLY A 4140 47.56 -17.68 -4.56
C GLY A 4140 47.04 -16.39 -3.97
N PHE A 4141 47.79 -15.29 -4.13
CA PHE A 4141 47.34 -14.02 -3.60
C PHE A 4141 46.06 -13.56 -4.29
N ASN A 4142 45.98 -13.75 -5.60
CA ASN A 4142 44.77 -13.30 -6.30
C ASN A 4142 43.57 -14.15 -5.94
N VAL A 4143 43.77 -15.45 -5.70
CA VAL A 4143 42.68 -16.28 -5.23
C VAL A 4143 42.22 -15.82 -3.85
N ALA A 4144 43.17 -15.48 -2.98
CA ALA A 4144 42.80 -14.96 -1.66
C ALA A 4144 42.01 -13.66 -1.78
N VAL A 4145 42.44 -12.77 -2.67
CA VAL A 4145 41.73 -11.51 -2.86
C VAL A 4145 40.32 -11.76 -3.38
N LEU A 4146 40.18 -12.67 -4.35
CA LEU A 4146 38.88 -12.96 -4.93
C LEU A 4146 37.94 -13.53 -3.88
N LEU A 4147 38.40 -14.49 -3.09
CA LEU A 4147 37.56 -15.08 -2.07
C LEU A 4147 37.20 -14.07 -0.99
N THR A 4148 38.15 -13.23 -0.60
CA THR A 4148 37.84 -12.19 0.38
C THR A 4148 36.79 -11.23 -0.14
N ASN A 4149 36.92 -10.81 -1.40
CA ASN A 4149 35.95 -9.90 -2.00
C ASN A 4149 34.57 -10.52 -2.04
N LEU A 4150 34.48 -11.77 -2.48
CA LEU A 4150 33.18 -12.42 -2.55
C LEU A 4150 32.59 -12.63 -1.17
N SER A 4151 33.41 -12.97 -0.19
CA SER A 4151 32.91 -13.19 1.16
C SER A 4151 32.39 -11.89 1.77
N GLU A 4152 33.04 -10.77 1.47
CA GLU A 4152 32.62 -9.50 2.03
C GLU A 4152 31.49 -8.84 1.25
N HIS A 4153 31.21 -9.28 0.02
CA HIS A 4153 30.09 -8.71 -0.72
C HIS A 4153 28.90 -9.63 -0.87
N VAL A 4154 29.02 -10.90 -0.54
CA VAL A 4154 27.89 -11.82 -0.49
C VAL A 4154 27.96 -12.52 0.86
N PRO A 4155 27.66 -11.83 1.96
CA PRO A 4155 27.95 -12.39 3.28
C PRO A 4155 26.97 -13.46 3.74
N HIS A 4156 25.88 -13.68 3.02
CA HIS A 4156 24.84 -14.61 3.44
C HIS A 4156 24.62 -15.73 2.44
N ASP A 4157 25.70 -16.26 1.87
CA ASP A 4157 25.62 -17.40 0.98
C ASP A 4157 26.30 -18.59 1.64
N PRO A 4158 25.55 -19.58 2.11
CA PRO A 4158 26.19 -20.70 2.83
C PRO A 4158 27.14 -21.52 1.99
N ARG A 4159 27.01 -21.48 0.66
CA ARG A 4159 27.88 -22.27 -0.20
C ARG A 4159 29.30 -21.73 -0.25
N LEU A 4160 29.50 -20.46 0.11
CA LEU A 4160 30.80 -19.82 0.01
C LEU A 4160 31.71 -20.10 1.20
N ARG A 4161 31.15 -20.28 2.40
CA ARG A 4161 31.98 -20.57 3.55
C ARG A 4161 32.74 -21.87 3.41
N ASN A 4162 32.21 -22.81 2.62
CA ASN A 4162 32.97 -24.03 2.37
C ASN A 4162 34.28 -23.71 1.65
N PHE A 4163 34.22 -22.87 0.63
CA PHE A 4163 35.43 -22.45 -0.06
C PHE A 4163 36.34 -21.65 0.87
N LEU A 4164 35.76 -20.78 1.69
CA LEU A 4164 36.57 -20.00 2.62
C LEU A 4164 37.31 -20.90 3.61
N GLU A 4165 36.64 -21.94 4.10
CA GLU A 4165 37.29 -22.86 5.03
C GLU A 4165 38.34 -23.70 4.33
N LEU A 4166 38.08 -24.13 3.11
CA LEU A 4166 39.09 -24.85 2.35
C LEU A 4166 40.28 -23.99 2.01
N ALA A 4167 40.11 -22.67 1.98
CA ALA A 4167 41.17 -21.73 1.66
C ALA A 4167 41.74 -21.06 2.90
N GLU A 4168 41.51 -21.68 4.06
CA GLU A 4168 41.92 -21.06 5.33
C GLU A 4168 43.42 -20.85 5.38
N SER A 4169 44.19 -21.84 4.97
CA SER A 4169 45.65 -21.72 5.01
C SER A 4169 46.14 -20.63 4.06
N ILE A 4170 45.56 -20.57 2.86
CA ILE A 4170 45.97 -19.54 1.89
C ILE A 4170 45.66 -18.15 2.44
N LEU A 4171 44.47 -17.98 3.00
CA LEU A 4171 44.08 -16.70 3.56
C LEU A 4171 44.97 -16.32 4.73
N GLU A 4172 45.29 -17.28 5.59
CA GLU A 4172 46.15 -17.00 6.72
C GLU A 4172 47.55 -16.62 6.27
N TYR A 4173 48.06 -17.29 5.23
CA TYR A 4173 49.39 -16.96 4.74
C TYR A 4173 49.42 -15.56 4.12
N PHE A 4174 48.37 -15.19 3.40
CA PHE A 4174 48.37 -13.91 2.71
C PHE A 4174 47.74 -12.79 3.51
N ARG A 4175 47.35 -13.03 4.76
CA ARG A 4175 46.75 -11.98 5.57
C ARG A 4175 47.66 -10.78 5.77
N PRO A 4176 48.95 -10.94 6.10
CA PRO A 4176 49.80 -9.75 6.27
C PRO A 4176 50.00 -8.95 5.00
N TYR A 4177 49.77 -9.52 3.83
CA TYR A 4177 50.01 -8.82 2.58
C TYR A 4177 48.74 -8.35 1.89
N LEU A 4178 47.57 -8.68 2.43
CA LEU A 4178 46.31 -8.33 1.80
C LEU A 4178 45.81 -7.04 2.41
N GLY A 4179 46.24 -5.92 1.84
CA GLY A 4179 45.81 -4.62 2.31
C GLY A 4179 44.45 -4.25 1.73
N ARG A 4180 43.63 -3.62 2.56
CA ARG A 4180 42.31 -3.17 2.13
C ARG A 4180 42.07 -1.76 2.66
N ILE A 4181 41.54 -0.91 1.79
CA ILE A 4181 41.12 0.44 2.14
C ILE A 4181 39.75 0.69 1.55
N GLU A 4182 39.12 1.76 2.00
CA GLU A 4182 37.82 2.20 1.48
C GLU A 4182 37.96 3.59 0.90
N ILE A 4183 37.30 3.83 -0.23
CA ILE A 4183 37.30 5.13 -0.89
C ILE A 4183 35.88 5.50 -1.28
N MET A 4184 35.68 6.80 -1.50
CA MET A 4184 34.46 7.29 -2.13
C MET A 4184 34.63 7.09 -3.62
N GLY A 4185 33.90 6.14 -4.17
CA GLY A 4185 34.21 5.60 -5.48
C GLY A 4185 33.74 6.47 -6.63
N ALA A 4186 33.96 5.94 -7.83
CA ALA A 4186 33.52 6.58 -9.06
C ALA A 4186 32.01 6.73 -9.13
N SER A 4187 31.25 5.99 -8.33
CA SER A 4187 29.79 6.03 -8.39
C SER A 4187 29.13 6.71 -7.19
N ARG A 4188 29.78 7.69 -6.55
CA ARG A 4188 29.23 8.33 -5.37
C ARG A 4188 28.91 7.34 -4.26
N ARG A 4189 29.69 6.27 -4.15
CA ARG A 4189 29.49 5.26 -3.13
C ARG A 4189 30.83 4.83 -2.54
N ILE A 4190 30.77 4.34 -1.32
CA ILE A 4190 31.96 3.79 -0.67
C ILE A 4190 32.27 2.43 -1.29
N GLU A 4191 33.49 2.28 -1.79
CA GLU A 4191 33.96 1.05 -2.37
C GLU A 4191 35.16 0.55 -1.58
N ARG A 4192 35.27 -0.76 -1.45
CA ARG A 4192 36.39 -1.39 -0.75
C ARG A 4192 37.40 -1.87 -1.77
N ILE A 4193 38.68 -1.52 -1.54
CA ILE A 4193 39.76 -1.79 -2.47
C ILE A 4193 40.69 -2.81 -1.83
N TYR A 4194 41.07 -3.82 -2.59
CA TYR A 4194 42.02 -4.83 -2.16
C TYR A 4194 43.28 -4.73 -3.01
N PHE A 4195 44.43 -4.72 -2.35
CA PHE A 4195 45.71 -4.61 -3.04
C PHE A 4195 46.75 -5.40 -2.27
N GLU A 4196 47.98 -5.38 -2.77
CA GLU A 4196 49.06 -6.18 -2.21
C GLU A 4196 50.07 -5.29 -1.50
N ILE A 4197 50.39 -5.66 -0.27
CA ILE A 4197 51.42 -4.99 0.52
C ILE A 4197 52.66 -5.87 0.47
N SER A 4198 53.80 -5.28 0.13
CA SER A 4198 55.02 -6.06 0.03
C SER A 4198 55.70 -6.16 1.39
N GLU A 4199 56.49 -7.23 1.53
CA GLU A 4199 57.21 -7.47 2.77
C GLU A 4199 58.15 -6.32 3.09
N THR A 4200 58.86 -5.83 2.08
CA THR A 4200 59.80 -4.74 2.29
C THR A 4200 59.07 -3.47 2.75
N ASN A 4201 57.94 -3.17 2.13
CA ASN A 4201 57.18 -1.99 2.53
C ASN A 4201 56.72 -2.10 3.98
N ARG A 4202 56.17 -3.27 4.34
CA ARG A 4202 55.71 -3.43 5.72
C ARG A 4202 56.87 -3.33 6.71
N ALA A 4203 57.99 -3.98 6.40
CA ALA A 4203 59.14 -3.94 7.30
C ALA A 4203 59.68 -2.53 7.46
N GLN A 4204 59.79 -1.78 6.36
CA GLN A 4204 60.24 -0.41 6.45
C GLN A 4204 59.28 0.44 7.25
N TRP A 4205 57.97 0.20 7.10
CA TRP A 4205 57.01 0.94 7.91
C TRP A 4205 57.14 0.61 9.38
N GLU A 4206 57.50 -0.61 9.73
CA GLU A 4206 57.58 -1.01 11.14
C GLU A 4206 58.88 -0.59 11.81
N MET A 4207 59.73 0.17 11.12
CA MET A 4207 60.98 0.61 11.72
C MET A 4207 60.70 1.63 12.83
N PRO A 4208 61.48 1.61 13.91
CA PRO A 4208 61.19 2.51 15.04
C PRO A 4208 61.26 3.99 14.70
N GLN A 4209 62.17 4.42 13.84
CA GLN A 4209 62.25 5.83 13.48
C GLN A 4209 61.02 6.27 12.70
N VAL A 4210 60.53 5.42 11.79
CA VAL A 4210 59.31 5.75 11.06
C VAL A 4210 58.12 5.75 11.99
N LYS A 4211 58.08 4.82 12.95
CA LYS A 4211 56.98 4.83 13.92
C LYS A 4211 57.00 6.11 14.75
N GLU A 4212 58.19 6.59 15.11
CA GLU A 4212 58.28 7.83 15.86
C GLU A 4212 57.82 9.01 15.01
N SER A 4213 58.20 9.03 13.73
CA SER A 4213 57.71 10.08 12.84
C SER A 4213 56.20 10.05 12.73
N LYS A 4214 55.62 8.85 12.66
CA LYS A 4214 54.17 8.73 12.61
C LYS A 4214 53.53 9.28 13.88
N ARG A 4215 54.09 8.94 15.04
CA ARG A 4215 53.54 9.46 16.29
C ARG A 4215 53.61 10.97 16.33
N GLN A 4216 54.73 11.54 15.90
CA GLN A 4216 54.89 12.99 15.91
C GLN A 4216 53.90 13.66 14.97
N PHE A 4217 53.72 13.10 13.77
CA PHE A 4217 52.78 13.67 12.83
C PHE A 4217 51.35 13.59 13.35
N ILE A 4218 50.97 12.45 13.92
CA ILE A 4218 49.64 12.30 14.50
C ILE A 4218 49.43 13.34 15.58
N PHE A 4219 50.41 13.50 16.47
CA PHE A 4219 50.26 14.48 17.53
C PHE A 4219 50.09 15.88 16.94
N ASP A 4220 50.91 16.24 15.96
CA ASP A 4220 50.82 17.58 15.39
C ASP A 4220 49.44 17.83 14.79
N VAL A 4221 48.96 16.92 13.95
CA VAL A 4221 47.68 17.18 13.29
C VAL A 4221 46.54 17.19 14.30
N VAL A 4222 46.46 16.18 15.16
CA VAL A 4222 45.33 16.10 16.08
C VAL A 4222 45.34 17.27 17.05
N ASN A 4223 46.53 17.74 17.44
CA ASN A 4223 46.59 18.83 18.40
C ASN A 4223 46.32 20.17 17.73
N GLU A 4224 47.16 20.58 16.78
CA GLU A 4224 47.09 21.91 16.21
C GLU A 4224 46.76 21.86 14.72
N GLY A 4225 45.77 21.05 14.34
CA GLY A 4225 45.31 21.01 12.97
C GLY A 4225 43.80 21.05 12.89
N GLY A 4226 43.31 21.41 11.71
CA GLY A 4226 41.90 21.45 11.43
C GLY A 4226 41.48 20.28 10.54
N GLU A 4227 40.16 20.16 10.38
CA GLU A 4227 39.62 19.10 9.54
C GLU A 4227 39.90 19.35 8.06
N ALA A 4228 40.08 20.61 7.65
CA ALA A 4228 40.15 20.93 6.24
C ALA A 4228 41.45 20.47 5.61
N GLU A 4229 42.57 20.72 6.27
CA GLU A 4229 43.89 20.39 5.73
C GLU A 4229 44.39 19.03 6.18
N LYS A 4230 43.59 18.28 6.93
CA LYS A 4230 44.06 17.04 7.53
C LYS A 4230 44.53 16.05 6.47
N MET A 4231 43.75 15.89 5.41
CA MET A 4231 44.09 14.86 4.43
C MET A 4231 45.29 15.30 3.58
N GLU A 4232 45.38 16.59 3.27
CA GLU A 4232 46.56 17.14 2.63
C GLU A 4232 47.81 16.86 3.46
N LEU A 4233 47.74 17.15 4.76
CA LEU A 4233 48.88 16.91 5.62
C LEU A 4233 49.24 15.43 5.68
N PHE A 4234 48.22 14.57 5.70
CA PHE A 4234 48.48 13.14 5.74
C PHE A 4234 49.18 12.66 4.48
N VAL A 4235 48.74 13.14 3.32
CA VAL A 4235 49.40 12.75 2.07
C VAL A 4235 50.83 13.26 2.02
N SER A 4236 51.04 14.51 2.47
CA SER A 4236 52.40 15.04 2.50
C SER A 4236 53.29 14.21 3.42
N PHE A 4237 52.76 13.79 4.57
CA PHE A 4237 53.50 12.92 5.46
C PHE A 4237 53.82 11.59 4.79
N CYS A 4238 52.87 11.05 4.04
CA CYS A 4238 53.11 9.79 3.33
C CYS A 4238 54.25 9.93 2.35
N GLU A 4239 54.27 11.03 1.59
CA GLU A 4239 55.34 11.25 0.63
C GLU A 4239 56.70 11.40 1.33
N ASP A 4240 56.72 12.18 2.41
CA ASP A 4240 57.96 12.35 3.16
C ASP A 4240 58.46 11.02 3.70
N THR A 4241 57.55 10.19 4.18
CA THR A 4241 57.93 8.89 4.72
C THR A 4241 58.43 7.96 3.63
N ILE A 4242 57.85 8.05 2.43
CA ILE A 4242 58.36 7.26 1.31
C ILE A 4242 59.80 7.65 1.01
N PHE A 4243 60.08 8.95 1.00
CA PHE A 4243 61.46 9.39 0.78
C PHE A 4243 62.38 8.91 1.90
N GLU A 4244 61.89 8.95 3.14
CA GLU A 4244 62.69 8.44 4.27
C GLU A 4244 62.99 6.95 4.12
N MET A 4245 62.00 6.16 3.69
CA MET A 4245 62.26 4.74 3.46
C MET A 4245 63.29 4.55 2.38
N GLN A 4246 63.25 5.37 1.32
CA GLN A 4246 64.30 5.26 0.31
C GLN A 4246 65.68 5.57 0.89
N ILE A 4247 65.76 6.60 1.73
CA ILE A 4247 67.04 6.93 2.36
C ILE A 4247 67.53 5.77 3.20
N ALA A 4248 66.63 5.17 3.98
CA ALA A 4248 67.01 4.02 4.79
C ALA A 4248 67.48 2.88 3.91
N ALA A 4249 66.83 2.68 2.77
CA ALA A 4249 67.22 1.61 1.86
C ALA A 4249 68.63 1.83 1.33
N GLN A 4250 68.95 3.05 0.88
CA GLN A 4250 70.30 3.27 0.38
C GLN A 4250 71.34 3.14 1.49
N ILE A 4251 71.09 3.72 2.66
CA ILE A 4251 72.11 3.65 3.71
C ILE A 4251 72.21 2.28 4.34
N SER A 4252 71.24 1.40 4.10
CA SER A 4252 71.32 0.05 4.63
C SER A 4252 72.47 -0.71 3.99
N GLU A 4253 73.09 -1.58 4.79
CA GLU A 4253 74.17 -2.42 4.32
C GLU A 4253 73.74 -3.89 4.33
N PRO A 4254 74.19 -4.69 3.36
CA PRO A 4254 73.81 -6.10 3.26
C PRO A 4254 74.51 -6.96 4.30
N PHE A 4540 92.27 3.64 -8.81
CA PHE A 4540 92.07 3.60 -7.37
C PHE A 4540 90.83 4.39 -6.97
N TRP A 4541 90.30 5.16 -7.92
CA TRP A 4541 89.13 5.99 -7.62
C TRP A 4541 87.92 5.13 -7.25
N GLY A 4542 87.78 3.97 -7.89
CA GLY A 4542 86.68 3.10 -7.54
C GLY A 4542 86.76 2.60 -6.11
N GLU A 4543 87.96 2.20 -5.67
CA GLU A 4543 88.12 1.71 -4.30
C GLU A 4543 87.85 2.82 -3.30
N LEU A 4544 88.38 4.02 -3.54
CA LEU A 4544 88.13 5.12 -2.62
C LEU A 4544 86.65 5.49 -2.60
N GLU A 4545 85.98 5.43 -3.74
CA GLU A 4545 84.56 5.76 -3.78
C GLU A 4545 83.73 4.74 -3.03
N VAL A 4546 84.00 3.44 -3.22
CA VAL A 4546 83.20 2.45 -2.53
C VAL A 4546 83.46 2.51 -1.04
N GLN A 4547 84.71 2.71 -0.63
CA GLN A 4547 84.98 2.87 0.80
C GLN A 4547 84.34 4.13 1.36
N ARG A 4548 84.31 5.20 0.58
CA ARG A 4548 83.71 6.45 1.03
C ARG A 4548 82.22 6.28 1.26
N VAL A 4549 81.52 5.65 0.32
CA VAL A 4549 80.08 5.47 0.50
C VAL A 4549 79.81 4.49 1.62
N LYS A 4550 80.64 3.46 1.78
CA LYS A 4550 80.46 2.55 2.91
C LYS A 4550 80.63 3.30 4.23
N PHE A 4551 81.64 4.16 4.32
CA PHE A 4551 81.88 4.92 5.54
C PHE A 4551 80.75 5.89 5.83
N LEU A 4552 80.26 6.57 4.80
CA LEU A 4552 79.14 7.51 4.99
C LEU A 4552 77.88 6.77 5.41
N ASN A 4553 77.60 5.61 4.82
CA ASN A 4553 76.44 4.83 5.23
C ASN A 4553 76.60 4.32 6.65
N TYR A 4554 77.83 3.97 7.04
CA TYR A 4554 78.08 3.57 8.42
C TYR A 4554 77.78 4.70 9.39
N LEU A 4555 78.22 5.92 9.03
CA LEU A 4555 77.93 7.07 9.87
C LEU A 4555 76.43 7.34 9.95
N SER A 4556 75.74 7.20 8.81
CA SER A 4556 74.30 7.46 8.80
C SER A 4556 73.53 6.44 9.63
N ARG A 4557 73.88 5.16 9.52
CA ARG A 4557 73.18 4.13 10.26
C ARG A 4557 73.34 4.32 11.76
N ASN A 4558 74.53 4.76 12.19
CA ASN A 4558 74.87 4.85 13.61
C ASN A 4558 74.89 6.28 14.12
N PHE A 4559 74.06 7.15 13.56
CA PHE A 4559 74.08 8.56 13.96
C PHE A 4559 73.68 8.72 15.42
N TYR A 4560 72.65 8.02 15.87
CA TYR A 4560 72.21 8.18 17.25
C TYR A 4560 73.19 7.55 18.22
N THR A 4561 73.82 6.44 17.84
CA THR A 4561 74.87 5.89 18.69
C THR A 4561 76.05 6.84 18.80
N LEU A 4562 76.40 7.52 17.71
CA LEU A 4562 77.46 8.52 17.79
C LEU A 4562 77.06 9.67 18.71
N ARG A 4563 75.80 10.09 18.63
CA ARG A 4563 75.33 11.15 19.53
C ARG A 4563 75.44 10.71 20.99
N PHE A 4564 75.01 9.49 21.29
CA PHE A 4564 75.11 8.98 22.65
C PHE A 4564 76.56 8.86 23.09
N LEU A 4565 77.44 8.46 22.18
CA LEU A 4565 78.86 8.37 22.50
C LEU A 4565 79.44 9.74 22.82
N ALA A 4566 79.04 10.76 22.06
CA ALA A 4566 79.49 12.12 22.36
C ALA A 4566 79.01 12.56 23.73
N LEU A 4567 77.77 12.24 24.07
CA LEU A 4567 77.27 12.56 25.41
C LEU A 4567 78.09 11.89 26.49
N PHE A 4568 78.38 10.60 26.32
CA PHE A 4568 79.15 9.87 27.33
C PHE A 4568 80.55 10.44 27.46
N LEU A 4569 81.16 10.80 26.32
CA LEU A 4569 82.49 11.40 26.35
C LEU A 4569 82.49 12.74 27.07
N ALA A 4570 81.45 13.55 26.85
CA ALA A 4570 81.37 14.82 27.58
C ALA A 4570 81.23 14.58 29.07
N PHE A 4571 80.43 13.60 29.46
CA PHE A 4571 80.31 13.27 30.87
C PHE A 4571 81.65 12.85 31.47
N ALA A 4572 82.40 12.01 30.76
CA ALA A 4572 83.71 11.58 31.26
C ALA A 4572 84.67 12.77 31.38
N ILE A 4573 84.68 13.64 30.37
CA ILE A 4573 85.57 14.79 30.39
C ILE A 4573 85.26 15.68 31.59
N ASN A 4574 83.96 15.93 31.84
CA ASN A 4574 83.60 16.79 32.96
C ASN A 4574 83.91 16.12 34.30
N PHE A 4575 83.71 14.80 34.39
CA PHE A 4575 84.09 14.10 35.61
C PHE A 4575 85.57 14.25 35.90
N ILE A 4576 86.41 14.16 34.86
CA ILE A 4576 87.82 14.42 35.06
C ILE A 4576 88.05 15.87 35.47
N LEU A 4577 87.31 16.79 34.86
CA LEU A 4577 87.48 18.22 35.15
C LEU A 4577 87.10 18.56 36.59
N LEU A 4578 86.30 17.71 37.24
CA LEU A 4578 85.97 17.96 38.65
C LEU A 4578 87.20 17.96 39.54
N PHE A 4579 88.32 17.40 39.08
CA PHE A 4579 89.52 17.27 39.89
C PHE A 4579 90.48 18.43 39.71
N TYR A 4580 90.12 19.45 38.95
CA TYR A 4580 91.01 20.58 38.74
C TYR A 4580 91.23 21.34 40.04
N LYS A 4581 92.41 21.92 40.16
CA LYS A 4581 92.80 22.66 41.35
C LYS A 4581 93.73 23.78 40.93
N VAL A 4582 93.64 24.91 41.61
CA VAL A 4582 94.44 26.10 41.29
C VAL A 4582 95.39 26.37 42.45
N SER A 4583 96.67 26.57 42.14
CA SER A 4583 97.67 26.82 43.16
C SER A 4583 98.66 27.85 42.64
N ASP A 4584 99.18 28.65 43.57
CA ASP A 4584 100.14 29.70 43.20
C ASP A 4584 101.51 29.10 42.88
N SER A 4585 101.77 27.89 43.35
CA SER A 4585 103.03 27.22 43.04
C SER A 4585 102.89 26.45 41.73
N PRO A 4586 103.95 26.39 40.92
CA PRO A 4586 103.87 25.61 39.69
C PRO A 4586 103.70 24.13 40.01
N PRO A 4587 102.99 23.39 39.15
CA PRO A 4587 102.72 21.96 39.37
C PRO A 4587 103.95 21.10 39.17
N ASN A 4626 102.90 37.36 39.07
CA ASN A 4626 102.02 36.97 40.18
C ASN A 4626 100.77 36.27 39.66
N MET A 4627 100.91 35.57 38.53
CA MET A 4627 99.81 34.84 37.93
C MET A 4627 99.83 33.38 38.41
N VAL A 4628 98.71 32.70 38.21
CA VAL A 4628 98.46 31.43 38.86
C VAL A 4628 98.33 30.33 37.83
N TYR A 4629 98.51 29.09 38.26
CA TYR A 4629 98.47 27.91 37.38
C TYR A 4629 97.30 27.02 37.74
N TYR A 4630 96.66 26.48 36.70
CA TYR A 4630 95.56 25.54 36.82
C TYR A 4630 96.09 24.16 36.47
N PHE A 4631 95.79 23.17 37.30
CA PHE A 4631 96.28 21.83 37.04
C PHE A 4631 95.38 20.81 37.71
N LEU A 4632 95.35 19.60 37.14
CA LEU A 4632 94.65 18.49 37.76
C LEU A 4632 95.41 18.04 39.00
N GLU A 4633 94.66 17.63 40.03
CA GLU A 4633 95.23 17.17 41.29
C GLU A 4633 94.74 15.76 41.54
N GLU A 4634 95.50 14.78 41.06
CA GLU A 4634 95.16 13.38 41.25
C GLU A 4634 96.46 12.60 41.43
N SER A 4635 96.34 11.45 42.11
CA SER A 4635 97.50 10.62 42.40
C SER A 4635 97.75 9.54 41.36
N THR A 4636 96.74 9.17 40.57
CA THR A 4636 96.91 8.11 39.59
C THR A 4636 97.92 8.52 38.51
N GLY A 4637 97.84 9.75 38.03
CA GLY A 4637 98.74 10.24 37.01
C GLY A 4637 98.30 9.98 35.59
N TYR A 4638 97.23 9.21 35.40
CA TYR A 4638 96.72 8.91 34.05
C TYR A 4638 95.61 9.86 33.63
N MET A 4639 95.07 10.65 34.55
CA MET A 4639 93.97 11.54 34.21
C MET A 4639 94.40 12.60 33.21
N GLU A 4640 95.62 13.11 33.34
CA GLU A 4640 96.09 14.12 32.40
C GLU A 4640 96.16 13.60 30.96
N PRO A 4641 96.74 12.44 30.67
CA PRO A 4641 96.65 11.92 29.30
C PRO A 4641 95.25 11.48 28.90
N ALA A 4642 94.47 10.95 29.86
CA ALA A 4642 93.12 10.52 29.55
C ALA A 4642 92.26 11.69 29.10
N LEU A 4643 92.42 12.84 29.74
CA LEU A 4643 91.65 14.02 29.34
C LEU A 4643 91.98 14.45 27.92
N TRP A 4644 93.27 14.41 27.57
CA TRP A 4644 93.67 14.79 26.21
C TRP A 4644 93.09 13.81 25.19
N CYS A 4645 93.19 12.51 25.47
CA CYS A 4645 92.62 11.52 24.57
C CYS A 4645 91.11 11.69 24.43
N LEU A 4646 90.42 11.92 25.54
CA LEU A 4646 88.97 12.08 25.49
C LEU A 4646 88.58 13.35 24.75
N SER A 4647 89.35 14.42 24.91
CA SER A 4647 89.05 15.64 24.16
C SER A 4647 89.19 15.43 22.66
N LEU A 4648 90.28 14.78 22.24
CA LEU A 4648 90.45 14.51 20.81
C LEU A 4648 89.34 13.61 20.30
N LEU A 4649 88.98 12.58 21.06
CA LEU A 4649 87.94 11.67 20.63
C LEU A 4649 86.58 12.35 20.56
N HIS A 4650 86.31 13.25 21.51
CA HIS A 4650 85.04 13.98 21.50
C HIS A 4650 84.94 14.89 20.28
N THR A 4651 86.04 15.58 19.94
CA THR A 4651 86.03 16.40 18.73
C THR A 4651 85.78 15.54 17.50
N LEU A 4652 86.44 14.38 17.41
CA LEU A 4652 86.23 13.49 16.27
C LEU A 4652 84.78 13.03 16.20
N VAL A 4653 84.19 12.66 17.33
CA VAL A 4653 82.82 12.16 17.33
C VAL A 4653 81.85 13.27 16.93
N ALA A 4654 82.09 14.49 17.37
CA ALA A 4654 81.23 15.60 16.96
C ALA A 4654 81.30 15.82 15.47
N PHE A 4655 82.51 15.76 14.90
CA PHE A 4655 82.63 15.91 13.45
C PHE A 4655 81.89 14.79 12.72
N LEU A 4656 82.03 13.56 13.20
CA LEU A 4656 81.33 12.45 12.58
C LEU A 4656 79.83 12.60 12.71
N CYS A 4657 79.35 13.17 13.81
CA CYS A 4657 77.92 13.43 13.97
C CYS A 4657 77.42 14.44 12.94
N ILE A 4658 78.21 15.49 12.71
CA ILE A 4658 77.83 16.46 11.67
C ILE A 4658 77.72 15.76 10.32
N ILE A 4659 78.69 14.91 10.00
CA ILE A 4659 78.67 14.23 8.72
C ILE A 4659 77.47 13.30 8.61
N GLY A 4660 77.21 12.52 9.66
CA GLY A 4660 76.08 11.61 9.63
C GLY A 4660 74.76 12.34 9.51
N TYR A 4661 74.64 13.50 10.16
CA TYR A 4661 73.42 14.28 10.03
C TYR A 4661 73.25 14.78 8.60
N ASN A 4662 74.31 15.32 8.00
CA ASN A 4662 74.11 15.82 6.66
C ASN A 4662 73.96 14.71 5.64
N CYS A 4663 74.28 13.48 5.99
CA CYS A 4663 73.99 12.34 5.14
C CYS A 4663 72.65 11.68 5.44
N LEU A 4664 72.00 12.01 6.55
CA LEU A 4664 70.79 11.31 6.95
C LEU A 4664 69.54 12.17 6.94
N LYS A 4665 69.60 13.40 7.46
CA LYS A 4665 68.42 14.24 7.59
C LYS A 4665 68.37 15.38 6.57
N VAL A 4666 69.53 15.90 6.18
CA VAL A 4666 69.56 16.98 5.20
C VAL A 4666 68.85 16.60 3.91
N PRO A 4667 68.98 15.39 3.37
CA PRO A 4667 68.20 15.06 2.18
C PRO A 4667 66.71 15.22 2.39
N LEU A 4668 66.19 14.85 3.57
CA LEU A 4668 64.76 15.00 3.81
C LEU A 4668 64.37 16.47 3.89
N VAL A 4669 65.20 17.29 4.53
CA VAL A 4669 64.91 18.72 4.59
C VAL A 4669 64.84 19.31 3.19
N ILE A 4670 65.83 19.00 2.36
CA ILE A 4670 65.87 19.53 1.00
C ILE A 4670 64.67 19.01 0.20
N PHE A 4671 64.33 17.74 0.36
CA PHE A 4671 63.18 17.17 -0.34
C PHE A 4671 61.90 17.92 0.01
N LYS A 4672 61.68 18.15 1.30
CA LYS A 4672 60.45 18.83 1.71
C LYS A 4672 60.40 20.25 1.16
N ARG A 4673 61.51 20.98 1.24
CA ARG A 4673 61.50 22.35 0.75
C ARG A 4673 61.30 22.39 -0.77
N GLU A 4674 61.97 21.51 -1.51
CA GLU A 4674 61.78 21.48 -2.95
C GLU A 4674 60.34 21.12 -3.31
N LYS A 4675 59.74 20.18 -2.59
CA LYS A 4675 58.38 19.77 -2.91
C LYS A 4675 57.41 20.91 -2.68
N GLU A 4676 57.51 21.59 -1.54
CA GLU A 4676 56.60 22.71 -1.31
C GLU A 4676 56.82 23.83 -2.33
N LEU A 4677 58.07 24.11 -2.69
CA LEU A 4677 58.34 25.12 -3.70
C LEU A 4677 57.73 24.74 -5.04
N ALA A 4678 57.86 23.48 -5.44
CA ALA A 4678 57.31 23.05 -6.72
C ALA A 4678 55.81 23.17 -6.75
N ARG A 4679 55.15 22.78 -5.65
CA ARG A 4679 53.69 22.87 -5.62
C ARG A 4679 53.23 24.32 -5.60
N LYS A 4680 53.98 25.19 -4.92
CA LYS A 4680 53.64 26.62 -4.97
C LYS A 4680 53.83 27.19 -6.37
N LEU A 4681 54.88 26.76 -7.08
CA LEU A 4681 55.06 27.21 -8.46
C LEU A 4681 53.90 26.77 -9.33
N GLU A 4682 53.51 25.50 -9.24
CA GLU A 4682 52.54 24.95 -10.17
C GLU A 4682 51.12 25.37 -9.84
N PHE A 4683 50.65 25.04 -8.63
CA PHE A 4683 49.26 25.29 -8.29
C PHE A 4683 49.00 26.69 -7.77
N ASP A 4684 50.01 27.54 -7.63
CA ASP A 4684 49.82 28.90 -7.15
C ASP A 4684 50.52 29.97 -7.96
N GLY A 4685 51.54 29.64 -8.75
CA GLY A 4685 52.25 30.65 -9.49
C GLY A 4685 52.91 31.67 -8.59
N LEU A 4686 53.63 31.19 -7.58
CA LEU A 4686 54.14 32.07 -6.54
C LEU A 4686 55.04 33.16 -7.11
N TYR A 4687 55.92 32.80 -8.02
CA TYR A 4687 56.81 33.76 -8.67
C TYR A 4687 56.32 34.14 -10.06
N ILE A 4688 55.13 33.70 -10.44
CA ILE A 4688 54.52 34.08 -11.69
C ILE A 4688 53.42 35.11 -11.48
N THR A 4689 52.64 34.97 -10.42
CA THR A 4689 51.48 35.81 -10.17
C THR A 4689 51.64 36.70 -8.94
N GLU A 4690 51.99 36.12 -7.78
CA GLU A 4690 51.93 36.92 -6.55
C GLU A 4690 53.24 37.61 -6.24
N GLN A 4691 54.38 36.91 -6.37
CA GLN A 4691 55.68 37.54 -6.12
C GLN A 4691 55.79 38.08 -4.69
N PRO A 4692 56.01 37.21 -3.68
CA PRO A 4692 56.03 37.66 -2.27
C PRO A 4692 56.72 38.99 -2.01
N GLY A 4693 56.18 39.75 -1.06
CA GLY A 4693 56.58 41.14 -0.85
C GLY A 4693 57.76 41.38 0.07
N ASP A 4694 58.85 40.64 -0.13
CA ASP A 4694 60.16 40.88 0.49
C ASP A 4694 60.17 40.68 2.00
N ASP A 4695 59.04 40.38 2.62
CA ASP A 4695 59.00 40.10 4.05
C ASP A 4695 59.07 38.61 4.35
N ASP A 4696 58.99 37.76 3.34
CA ASP A 4696 59.06 36.31 3.49
C ASP A 4696 60.46 35.88 3.10
N VAL A 4697 61.33 35.69 4.09
CA VAL A 4697 62.73 35.37 3.80
C VAL A 4697 62.84 34.02 3.11
N LYS A 4698 61.99 33.07 3.47
CA LYS A 4698 62.01 31.76 2.81
C LYS A 4698 61.71 31.89 1.33
N GLY A 4699 60.61 32.57 1.00
CA GLY A 4699 60.26 32.75 -0.41
C GLY A 4699 61.29 33.57 -1.16
N GLN A 4700 61.86 34.58 -0.52
CA GLN A 4700 62.89 35.38 -1.18
C GLN A 4700 64.16 34.57 -1.41
N TRP A 4701 64.47 33.64 -0.51
CA TRP A 4701 65.65 32.82 -0.71
C TRP A 4701 65.44 31.77 -1.77
N ASP A 4702 64.20 31.27 -1.92
CA ASP A 4702 63.96 30.25 -2.93
C ASP A 4702 64.10 30.75 -4.35
N ARG A 4703 64.21 32.06 -4.57
CA ARG A 4703 64.38 32.57 -5.92
C ARG A 4703 65.70 32.13 -6.54
N LEU A 4704 66.72 31.84 -5.73
CA LEU A 4704 68.01 31.48 -6.28
C LEU A 4704 68.01 30.13 -6.98
N VAL A 4705 67.02 29.28 -6.68
CA VAL A 4705 67.04 27.91 -7.18
C VAL A 4705 66.16 27.71 -8.40
N LEU A 4706 65.38 28.72 -8.78
CA LEU A 4706 64.38 28.53 -9.83
C LEU A 4706 65.03 28.21 -11.17
N ASN A 4707 66.05 28.96 -11.57
CA ASN A 4707 66.65 28.82 -12.88
C ASN A 4707 67.83 27.86 -12.89
N THR A 4708 68.15 27.23 -11.77
CA THR A 4708 69.29 26.34 -11.73
C THR A 4708 68.98 25.04 -12.47
N PRO A 4709 69.96 24.46 -13.15
CA PRO A 4709 69.70 23.22 -13.91
C PRO A 4709 69.26 22.06 -13.05
N SER A 4710 69.58 22.05 -11.77
CA SER A 4710 69.30 20.89 -10.94
C SER A 4710 68.36 21.24 -9.80
N PHE A 4711 67.30 22.00 -10.10
CA PHE A 4711 66.42 22.43 -9.02
C PHE A 4711 65.71 21.27 -8.34
N PRO A 4712 65.01 20.37 -9.04
CA PRO A 4712 64.41 19.25 -8.30
C PRO A 4712 65.39 18.08 -8.18
N SER A 4713 66.42 18.27 -7.35
CA SER A 4713 67.42 17.22 -7.16
C SER A 4713 66.89 16.10 -6.29
N ASN A 4714 66.18 16.42 -5.22
CA ASN A 4714 65.62 15.41 -4.32
C ASN A 4714 64.15 15.14 -4.57
N TYR A 4715 63.36 16.17 -4.83
CA TYR A 4715 61.96 15.98 -5.18
C TYR A 4715 61.84 15.14 -6.45
N TRP A 4716 60.93 14.17 -6.46
CA TRP A 4716 60.88 13.20 -7.58
C TRP A 4716 60.44 13.79 -8.91
N ASP A 4717 59.77 14.94 -8.89
CA ASP A 4717 59.18 15.45 -10.13
C ASP A 4717 60.21 16.28 -10.86
N LYS A 4718 60.74 15.73 -11.95
CA LYS A 4718 61.72 16.43 -12.77
C LYS A 4718 61.08 17.24 -13.88
N PHE A 4719 59.76 17.15 -14.02
CA PHE A 4719 59.03 17.82 -15.10
C PHE A 4719 58.23 19.01 -14.58
N VAL A 4720 58.59 19.50 -13.40
CA VAL A 4720 57.84 20.59 -12.79
C VAL A 4720 57.97 21.85 -13.63
N LYS A 4721 59.17 22.12 -14.15
CA LYS A 4721 59.35 23.29 -15.00
C LYS A 4721 58.53 23.17 -16.27
N ARG A 4722 58.49 21.97 -16.86
CA ARG A 4722 57.63 21.75 -18.02
C ARG A 4722 56.18 22.04 -17.70
N LYS A 4723 55.70 21.53 -16.56
CA LYS A 4723 54.29 21.72 -16.21
C LYS A 4723 53.98 23.20 -15.96
N VAL A 4724 54.87 23.89 -15.26
CA VAL A 4724 54.68 25.32 -15.00
C VAL A 4724 54.65 26.09 -16.31
N LEU A 4725 55.55 25.76 -17.22
CA LEU A 4725 55.55 26.41 -18.53
C LEU A 4725 54.23 26.17 -19.25
N ASP A 4726 53.83 24.91 -19.36
CA ASP A 4726 52.58 24.59 -20.06
C ASP A 4726 51.39 25.27 -19.41
N LYS A 4727 51.47 25.56 -18.11
CA LYS A 4727 50.32 26.14 -17.41
C LYS A 4727 50.28 27.66 -17.51
N HIS A 4728 51.42 28.35 -17.47
CA HIS A 4728 51.43 29.80 -17.38
C HIS A 4728 52.06 30.51 -18.55
N GLY A 4729 52.66 29.80 -19.51
CA GLY A 4729 53.38 30.48 -20.58
C GLY A 4729 52.47 31.24 -21.52
N ASP A 4730 51.29 30.70 -21.79
CA ASP A 4730 50.37 31.37 -22.70
C ASP A 4730 49.97 32.74 -22.19
N ILE A 4731 49.70 32.86 -20.89
CA ILE A 4731 49.22 34.12 -20.35
C ILE A 4731 50.36 35.05 -19.94
N PHE A 4732 51.47 34.51 -19.42
CA PHE A 4732 52.56 35.34 -18.97
C PHE A 4732 53.78 35.36 -19.87
N GLY A 4733 53.79 34.59 -20.96
CA GLY A 4733 54.92 34.62 -21.87
C GLY A 4733 55.82 33.42 -21.77
N ARG A 4734 55.86 32.61 -22.82
CA ARG A 4734 56.69 31.40 -22.78
C ARG A 4734 58.16 31.76 -22.59
N GLU A 4735 58.64 32.77 -23.29
CA GLU A 4735 60.05 33.15 -23.16
C GLU A 4735 60.34 33.70 -21.76
N ARG A 4736 59.42 34.49 -21.20
CA ARG A 4736 59.65 35.00 -19.85
C ARG A 4736 59.66 33.88 -18.82
N ILE A 4737 58.74 32.93 -18.94
CA ILE A 4737 58.73 31.79 -18.01
C ILE A 4737 59.98 30.95 -18.19
N ALA A 4738 60.42 30.77 -19.43
CA ALA A 4738 61.62 30.00 -19.69
C ALA A 4738 62.84 30.68 -19.09
N GLU A 4739 62.92 32.00 -19.19
CA GLU A 4739 64.02 32.73 -18.56
C GLU A 4739 63.96 32.61 -17.04
N LEU A 4740 62.76 32.70 -16.48
CA LEU A 4740 62.63 32.60 -15.03
C LEU A 4740 63.07 31.25 -14.52
N LEU A 4741 62.67 30.18 -15.20
CA LEU A 4741 62.99 28.82 -14.77
C LEU A 4741 64.27 28.28 -15.39
N GLY A 4742 64.98 29.09 -16.18
CA GLY A 4742 66.23 28.63 -16.76
C GLY A 4742 66.09 27.46 -17.70
N MET A 4743 65.13 27.51 -18.62
CA MET A 4743 64.88 26.42 -19.55
C MET A 4743 65.32 26.81 -20.96
N ASP A 4744 65.70 25.81 -21.74
CA ASP A 4744 65.99 25.97 -23.16
C ASP A 4744 64.77 25.50 -23.95
N LEU A 4745 64.09 26.43 -24.61
CA LEU A 4745 62.88 26.06 -25.33
C LEU A 4745 63.20 25.18 -26.54
N ALA A 4746 64.38 25.36 -27.13
CA ALA A 4746 64.79 24.54 -28.26
C ALA A 4746 65.05 23.10 -27.89
N SER A 4747 65.57 22.85 -26.69
CA SER A 4747 65.95 21.50 -26.29
C SER A 4747 64.76 20.60 -25.97
N LEU A 4748 63.59 21.18 -25.70
CA LEU A 4748 62.43 20.37 -25.36
C LEU A 4748 62.06 19.43 -26.51
N GLU A 4749 62.05 19.96 -27.73
CA GLU A 4749 61.71 19.15 -28.89
C GLU A 4749 62.68 17.98 -29.06
N ILE A 4750 63.99 18.24 -29.00
CA ILE A 4750 64.95 17.17 -29.25
C ILE A 4750 64.92 16.14 -28.12
N THR A 4751 64.68 16.58 -26.88
CA THR A 4751 64.53 15.62 -25.78
C THR A 4751 63.33 14.72 -26.02
N ALA A 4752 62.22 15.28 -26.49
CA ALA A 4752 61.11 14.43 -26.93
C ALA A 4752 61.49 13.59 -28.14
N HIS A 4753 62.42 14.08 -28.97
CA HIS A 4753 62.77 13.38 -30.20
C HIS A 4753 63.48 12.07 -29.90
N ASN A 4754 64.64 12.13 -29.27
CA ASN A 4754 65.43 10.93 -29.05
C ASN A 4754 66.34 11.15 -27.84
N GLU A 4755 67.13 10.13 -27.52
CA GLU A 4755 68.02 10.16 -26.37
C GLU A 4755 69.46 10.12 -26.83
N ARG A 4756 70.27 10.99 -26.24
CA ARG A 4756 71.71 11.04 -26.54
C ARG A 4756 72.48 10.31 -25.44
N LYS A 4757 73.48 9.53 -25.86
CA LYS A 4757 74.32 8.76 -24.94
C LYS A 4757 75.74 9.30 -25.02
N PRO A 4758 76.06 10.35 -24.29
CA PRO A 4758 77.41 10.93 -24.33
C PRO A 4758 78.38 10.09 -23.52
N ASP A 4759 79.62 10.57 -23.45
CA ASP A 4759 80.65 9.90 -22.66
C ASP A 4759 80.74 10.55 -21.29
N PRO A 4760 80.41 9.84 -20.22
CA PRO A 4760 80.60 10.37 -18.86
C PRO A 4760 81.97 10.02 -18.30
N PRO A 4761 83.01 10.77 -18.61
CA PRO A 4761 84.36 10.39 -18.17
C PRO A 4761 84.48 10.48 -16.66
N PRO A 4762 85.00 9.43 -16.02
CA PRO A 4762 85.16 9.42 -14.56
C PRO A 4762 86.40 10.16 -14.06
N GLY A 4763 86.48 11.45 -14.42
CA GLY A 4763 87.62 12.29 -14.05
C GLY A 4763 87.19 13.38 -13.08
N LEU A 4764 88.04 13.65 -12.09
CA LEU A 4764 87.75 14.71 -11.13
C LEU A 4764 87.78 16.08 -11.78
N LEU A 4765 88.65 16.27 -12.77
CA LEU A 4765 88.66 17.53 -13.50
C LEU A 4765 87.33 17.79 -14.19
N THR A 4766 86.79 16.76 -14.86
CA THR A 4766 85.47 16.90 -15.47
C THR A 4766 84.40 17.08 -14.42
N TRP A 4767 84.53 16.40 -13.28
CA TRP A 4767 83.60 16.56 -12.17
C TRP A 4767 83.59 17.96 -11.61
N LEU A 4768 84.68 18.71 -11.77
CA LEU A 4768 84.78 20.04 -11.17
C LEU A 4768 83.64 20.95 -11.65
N MET A 4769 83.62 21.29 -12.94
CA MET A 4769 82.61 22.21 -13.43
C MET A 4769 81.22 21.59 -13.54
N SER A 4770 81.09 20.30 -13.26
CA SER A 4770 79.77 19.68 -13.21
C SER A 4770 78.99 20.04 -11.95
N ILE A 4771 79.45 21.03 -11.19
CA ILE A 4771 78.80 21.42 -9.95
C ILE A 4771 77.99 22.68 -10.19
N ASP A 4772 76.74 22.67 -9.73
CA ASP A 4772 75.83 23.80 -9.90
C ASP A 4772 76.02 24.74 -8.71
N VAL A 4773 76.82 25.79 -8.90
CA VAL A 4773 77.26 26.62 -7.79
C VAL A 4773 76.08 27.34 -7.15
N LYS A 4774 75.18 27.87 -7.96
CA LYS A 4774 74.04 28.60 -7.42
C LYS A 4774 73.12 27.69 -6.61
N TYR A 4775 72.86 26.49 -7.13
CA TYR A 4775 72.06 25.53 -6.38
C TYR A 4775 72.74 25.16 -5.08
N GLN A 4776 74.06 24.99 -5.10
CA GLN A 4776 74.78 24.64 -3.88
C GLN A 4776 74.70 25.76 -2.86
N ILE A 4777 74.79 27.01 -3.32
CA ILE A 4777 74.64 28.14 -2.40
C ILE A 4777 73.27 28.12 -1.76
N TRP A 4778 72.23 27.89 -2.57
CA TRP A 4778 70.87 27.83 -2.03
C TRP A 4778 70.73 26.70 -1.01
N LYS A 4779 71.28 25.52 -1.34
CA LYS A 4779 71.17 24.39 -0.44
C LYS A 4779 71.91 24.65 0.87
N PHE A 4780 73.09 25.28 0.79
CA PHE A 4780 73.82 25.58 2.02
C PHE A 4780 73.09 26.60 2.86
N GLY A 4781 72.42 27.56 2.24
CA GLY A 4781 71.57 28.46 3.01
C GLY A 4781 70.45 27.73 3.72
N VAL A 4782 69.78 26.82 3.00
CA VAL A 4782 68.71 26.03 3.60
C VAL A 4782 69.23 25.23 4.79
N ILE A 4783 70.40 24.61 4.63
CA ILE A 4783 70.97 23.82 5.71
C ILE A 4783 71.35 24.69 6.90
N PHE A 4784 72.03 25.80 6.63
CA PHE A 4784 72.52 26.66 7.71
C PHE A 4784 71.38 27.39 8.42
N THR A 4785 70.19 27.40 7.84
CA THR A 4785 69.02 27.91 8.54
C THR A 4785 68.26 26.84 9.31
N ASP A 4786 68.78 25.61 9.34
CA ASP A 4786 68.11 24.50 10.01
C ASP A 4786 68.56 24.41 11.46
N ASN A 4787 67.59 24.21 12.36
CA ASN A 4787 67.88 24.26 13.79
C ASN A 4787 68.79 23.12 14.23
N SER A 4788 68.50 21.90 13.77
CA SER A 4788 69.30 20.76 14.20
C SER A 4788 70.73 20.86 13.70
N PHE A 4789 70.91 21.25 12.44
CA PHE A 4789 72.26 21.45 11.92
C PHE A 4789 72.98 22.55 12.68
N LEU A 4790 72.27 23.64 13.00
CA LEU A 4790 72.90 24.72 13.75
C LEU A 4790 73.33 24.24 15.12
N TYR A 4791 72.50 23.44 15.78
CA TYR A 4791 72.88 22.91 17.08
C TYR A 4791 74.10 22.02 16.97
N LEU A 4792 74.14 21.14 15.97
CA LEU A 4792 75.30 20.27 15.81
C LEU A 4792 76.56 21.08 15.51
N GLY A 4793 76.43 22.12 14.70
CA GLY A 4793 77.58 22.98 14.42
C GLY A 4793 78.08 23.70 15.66
N TRP A 4794 77.16 24.18 16.50
CA TRP A 4794 77.57 24.81 17.75
C TRP A 4794 78.25 23.80 18.67
N TYR A 4795 77.74 22.58 18.70
CA TYR A 4795 78.38 21.51 19.45
C TYR A 4795 79.82 21.30 18.97
N MET A 4796 80.01 21.22 17.66
CA MET A 4796 81.34 21.01 17.09
C MET A 4796 82.25 22.18 17.44
N VAL A 4797 81.74 23.40 17.33
CA VAL A 4797 82.53 24.59 17.63
C VAL A 4797 82.96 24.61 19.08
N MET A 4798 82.04 24.28 19.99
CA MET A 4798 82.39 24.23 21.40
C MET A 4798 83.41 23.13 21.66
N SER A 4799 83.30 22.00 20.97
CA SER A 4799 84.31 20.97 21.12
C SER A 4799 85.68 21.47 20.69
N LEU A 4800 85.73 22.21 19.58
CA LEU A 4800 87.01 22.78 19.14
C LEU A 4800 87.55 23.75 20.17
N LEU A 4801 86.69 24.61 20.73
CA LEU A 4801 87.14 25.55 21.75
C LEU A 4801 87.60 24.84 23.01
N GLY A 4802 87.09 23.62 23.24
CA GLY A 4802 87.53 22.86 24.40
C GLY A 4802 89.02 22.56 24.39
N HIS A 4803 89.64 22.59 23.22
CA HIS A 4803 91.08 22.39 23.16
C HIS A 4803 91.82 23.67 23.52
N TYR A 4804 91.26 24.82 23.17
CA TYR A 4804 91.80 26.08 23.68
C TYR A 4804 91.71 26.14 25.18
N ASN A 4805 90.58 25.70 25.73
CA ASN A 4805 90.38 25.65 27.18
C ASN A 4805 89.45 24.50 27.51
N ASN A 4806 89.93 23.56 28.32
CA ASN A 4806 89.17 22.34 28.58
C ASN A 4806 87.84 22.62 29.26
N PHE A 4807 87.70 23.74 29.96
CA PHE A 4807 86.45 24.00 30.65
C PHE A 4807 85.31 24.33 29.69
N PHE A 4808 85.62 24.56 28.40
CA PHE A 4808 84.56 24.72 27.42
C PHE A 4808 83.83 23.44 27.14
N PHE A 4809 84.37 22.30 27.59
CA PHE A 4809 83.65 21.04 27.45
C PHE A 4809 82.46 20.95 28.40
N ALA A 4810 82.35 21.88 29.35
CA ALA A 4810 81.19 21.90 30.22
C ALA A 4810 79.92 22.23 29.46
N ALA A 4811 80.05 23.02 28.40
CA ALA A 4811 78.88 23.41 27.61
C ALA A 4811 78.20 22.21 26.98
N HIS A 4812 78.96 21.17 26.66
CA HIS A 4812 78.37 19.99 26.04
C HIS A 4812 77.52 19.19 27.00
N LEU A 4813 77.61 19.48 28.29
CA LEU A 4813 76.70 18.86 29.25
C LEU A 4813 75.26 19.30 29.04
N LEU A 4814 75.06 20.47 28.43
CA LEU A 4814 73.70 20.94 28.14
C LEU A 4814 73.01 20.07 27.12
N ASP A 4815 73.77 19.22 26.43
CA ASP A 4815 73.21 18.31 25.42
C ASP A 4815 72.25 17.33 26.04
N ILE A 4816 72.30 17.20 27.37
CA ILE A 4816 71.36 16.35 28.09
C ILE A 4816 69.93 16.82 27.92
N ALA A 4817 69.73 18.08 27.53
CA ALA A 4817 68.37 18.60 27.35
C ALA A 4817 67.68 17.95 26.18
N MET A 4818 68.36 17.83 25.04
CA MET A 4818 67.80 17.19 23.86
C MET A 4818 68.11 15.71 23.75
N GLY A 4819 69.16 15.23 24.41
CA GLY A 4819 69.44 13.81 24.41
C GLY A 4819 68.39 13.02 25.16
N VAL A 4820 67.83 13.60 26.21
CA VAL A 4820 66.84 12.94 27.05
C VAL A 4820 65.48 13.56 26.76
N LYS A 4821 64.54 12.72 26.33
CA LYS A 4821 63.19 13.18 26.02
C LYS A 4821 62.49 13.75 27.24
N THR A 4822 62.70 13.14 28.42
CA THR A 4822 62.05 13.65 29.62
C THR A 4822 62.51 15.05 29.95
N LEU A 4823 63.83 15.30 29.87
CA LEU A 4823 64.34 16.63 30.13
C LEU A 4823 63.88 17.62 29.06
N ARG A 4824 63.78 17.15 27.81
CA ARG A 4824 63.27 18.03 26.76
C ARG A 4824 61.84 18.46 27.05
N THR A 4825 61.01 17.53 27.52
CA THR A 4825 59.65 17.88 27.90
C THR A 4825 59.62 18.83 29.08
N ILE A 4826 60.48 18.60 30.08
CA ILE A 4826 60.50 19.47 31.25
C ILE A 4826 60.90 20.89 30.84
N LEU A 4827 61.84 21.01 29.90
CA LEU A 4827 62.24 22.33 29.44
C LEU A 4827 61.18 22.96 28.55
N SER A 4828 60.43 22.15 27.80
CA SER A 4828 59.30 22.68 27.07
C SER A 4828 58.26 23.24 28.03
N SER A 4829 58.15 22.64 29.21
CA SER A 4829 57.29 23.16 30.26
C SER A 4829 57.71 24.54 30.75
N VAL A 4830 58.92 24.97 30.43
CA VAL A 4830 59.35 26.34 30.72
C VAL A 4830 59.23 27.22 29.49
N THR A 4831 59.64 26.71 28.33
CA THR A 4831 59.63 27.48 27.10
C THR A 4831 58.24 27.69 26.51
N HIS A 4832 57.23 27.00 27.04
CA HIS A 4832 55.87 27.18 26.52
C HIS A 4832 55.40 28.62 26.70
N ASN A 4833 55.65 29.20 27.87
CA ASN A 4833 55.22 30.56 28.20
C ASN A 4833 56.41 31.51 28.28
N GLY A 4834 57.36 31.34 27.36
CA GLY A 4834 58.57 32.14 27.41
C GLY A 4834 58.30 33.63 27.23
N LYS A 4835 57.41 33.98 26.30
CA LYS A 4835 57.10 35.38 26.10
C LYS A 4835 56.42 35.97 27.33
N GLN A 4836 55.54 35.21 27.98
CA GLN A 4836 54.93 35.68 29.21
C GLN A 4836 55.97 35.88 30.30
N LEU A 4837 56.93 34.96 30.41
CA LEU A 4837 57.98 35.12 31.41
C LEU A 4837 58.82 36.35 31.15
N VAL A 4838 59.18 36.59 29.89
CA VAL A 4838 59.96 37.77 29.56
C VAL A 4838 59.17 39.03 29.88
N MET A 4839 57.89 39.05 29.53
CA MET A 4839 57.07 40.23 29.80
C MET A 4839 56.92 40.48 31.29
N THR A 4840 56.73 39.43 32.08
CA THR A 4840 56.59 39.64 33.52
C THR A 4840 57.91 40.06 34.15
N VAL A 4841 59.04 39.61 33.61
CA VAL A 4841 60.33 40.10 34.09
C VAL A 4841 60.49 41.57 33.78
N GLY A 4842 60.10 41.99 32.57
CA GLY A 4842 60.16 43.40 32.25
C GLY A 4842 59.25 44.24 33.13
N LEU A 4843 58.07 43.71 33.44
CA LEU A 4843 57.17 44.40 34.36
C LEU A 4843 57.79 44.52 35.74
N LEU A 4844 58.47 43.46 36.21
CA LEU A 4844 59.17 43.53 37.47
C LEU A 4844 60.24 44.61 37.45
N ALA A 4845 60.97 44.71 36.34
CA ALA A 4845 61.96 45.76 36.21
C ALA A 4845 61.33 47.14 36.31
N VAL A 4846 60.17 47.32 35.67
CA VAL A 4846 59.51 48.62 35.68
C VAL A 4846 59.04 48.98 37.10
N VAL A 4847 58.45 48.03 37.81
CA VAL A 4847 57.94 48.34 39.15
C VAL A 4847 59.09 48.60 40.11
N VAL A 4848 60.18 47.85 39.97
CA VAL A 4848 61.35 48.11 40.79
C VAL A 4848 61.92 49.48 40.48
N TYR A 4849 61.85 49.90 39.21
CA TYR A 4849 62.31 51.23 38.85
C TYR A 4849 61.45 52.31 39.51
N LEU A 4850 60.14 52.10 39.57
CA LEU A 4850 59.28 53.05 40.25
C LEU A 4850 59.63 53.15 41.73
N TYR A 4851 59.85 52.01 42.37
CA TYR A 4851 60.26 52.02 43.77
C TYR A 4851 61.61 52.71 43.95
N THR A 4852 62.52 52.52 42.98
CA THR A 4852 63.80 53.21 43.01
C THR A 4852 63.61 54.72 42.94
N VAL A 4853 62.69 55.17 42.08
CA VAL A 4853 62.43 56.60 41.97
C VAL A 4853 61.94 57.16 43.30
N VAL A 4854 60.98 56.47 43.92
CA VAL A 4854 60.45 56.93 45.19
C VAL A 4854 61.54 56.96 46.25
N ALA A 4855 62.37 55.91 46.31
CA ALA A 4855 63.43 55.85 47.31
C ALA A 4855 64.45 56.96 47.08
N PHE A 4856 64.82 57.20 45.83
CA PHE A 4856 65.77 58.27 45.52
C PHE A 4856 65.23 59.61 45.96
N ASN A 4857 63.94 59.86 45.74
CA ASN A 4857 63.40 61.17 46.06
C ASN A 4857 63.19 61.36 47.56
N PHE A 4858 62.86 60.30 48.30
CA PHE A 4858 62.47 60.51 49.68
C PHE A 4858 63.25 59.72 50.72
N PHE A 4859 63.61 58.47 50.46
CA PHE A 4859 64.13 57.58 51.50
C PHE A 4859 65.64 57.39 51.37
N ARG A 4860 66.37 58.44 50.99
CA ARG A 4860 67.79 58.28 50.70
C ARG A 4860 68.61 58.00 51.95
N LYS A 4861 68.21 58.54 53.09
CA LYS A 4861 69.03 58.42 54.30
C LYS A 4861 69.05 56.99 54.82
N PHE A 4862 68.18 56.12 54.30
CA PHE A 4862 68.07 54.75 54.78
C PHE A 4862 68.91 53.78 54.00
N TYR A 4863 69.68 54.24 53.01
CA TYR A 4863 70.45 53.37 52.14
C TYR A 4863 71.95 53.45 52.41
N ASN A 4864 72.33 53.61 53.66
CA ASN A 4864 73.73 53.57 54.07
C ASN A 4864 74.08 52.13 54.41
N LYS A 4865 74.85 51.49 53.54
CA LYS A 4865 75.26 50.10 53.73
C LYS A 4865 76.70 49.99 54.21
N SER A 4866 77.15 50.94 55.03
CA SER A 4866 78.50 50.94 55.57
C SER A 4866 78.42 50.97 57.08
N GLU A 4867 79.03 49.98 57.73
CA GLU A 4867 79.11 49.97 59.19
C GLU A 4867 80.05 51.05 59.71
N ASP A 4868 80.96 51.52 58.87
CA ASP A 4868 81.88 52.58 59.26
C ASP A 4868 81.12 53.87 59.56
N GLU A 4869 81.71 54.70 60.41
CA GLU A 4869 81.09 55.96 60.81
C GLU A 4869 81.50 57.16 59.97
N ASP A 4870 82.75 57.21 59.49
CA ASP A 4870 83.24 58.41 58.84
C ASP A 4870 83.22 58.34 57.32
N GLU A 4871 83.27 57.15 56.73
CA GLU A 4871 83.10 56.99 55.28
C GLU A 4871 81.85 56.16 55.01
N PRO A 4872 80.73 56.81 54.69
CA PRO A 4872 79.50 56.05 54.44
C PRO A 4872 79.44 55.55 53.01
N ASP A 4873 78.79 54.40 52.84
CA ASP A 4873 78.54 53.84 51.52
C ASP A 4873 77.05 53.98 51.22
N MET A 4874 76.69 55.13 50.68
CA MET A 4874 75.30 55.41 50.36
C MET A 4874 74.96 54.77 49.02
N LYS A 4875 73.95 53.91 49.01
CA LYS A 4875 73.58 53.16 47.83
C LYS A 4875 72.56 53.85 46.95
N CYS A 4876 71.98 54.97 47.40
CA CYS A 4876 70.93 55.62 46.62
C CYS A 4876 71.24 57.09 46.38
N ASP A 4877 72.52 57.45 46.34
CA ASP A 4877 72.89 58.81 45.95
C ASP A 4877 72.97 58.98 44.44
N ASP A 4878 72.81 57.92 43.67
CA ASP A 4878 72.73 57.99 42.23
C ASP A 4878 71.58 57.11 41.78
N MET A 4879 70.90 57.52 40.72
CA MET A 4879 69.75 56.75 40.23
C MET A 4879 70.19 55.37 39.75
N MET A 4880 71.30 55.31 39.01
CA MET A 4880 71.78 54.02 38.51
C MET A 4880 72.18 53.10 39.65
N THR A 4881 72.92 53.63 40.62
CA THR A 4881 73.33 52.81 41.76
C THR A 4881 72.13 52.33 42.56
N CYS A 4882 71.14 53.20 42.79
CA CYS A 4882 69.96 52.79 43.53
C CYS A 4882 69.17 51.74 42.78
N TYR A 4883 69.03 51.89 41.46
CA TYR A 4883 68.28 50.91 40.69
C TYR A 4883 68.98 49.57 40.68
N LEU A 4884 70.31 49.57 40.54
CA LEU A 4884 71.06 48.33 40.64
C LEU A 4884 70.91 47.70 42.02
N PHE A 4885 70.99 48.51 43.07
CA PHE A 4885 70.85 47.99 44.42
C PHE A 4885 69.49 47.34 44.61
N HIS A 4886 68.42 47.99 44.17
CA HIS A 4886 67.10 47.39 44.28
C HIS A 4886 67.04 46.09 43.50
N MET A 4887 67.29 46.14 42.19
CA MET A 4887 67.16 44.94 41.36
C MET A 4887 68.07 43.81 41.81
N TYR A 4888 69.13 44.11 42.56
CA TYR A 4888 70.08 43.08 42.95
C TYR A 4888 69.78 42.49 44.33
N VAL A 4889 69.45 43.33 45.31
CA VAL A 4889 69.31 42.83 46.67
C VAL A 4889 67.84 42.75 47.08
N GLY A 4890 67.02 43.71 46.65
CA GLY A 4890 65.63 43.71 47.10
C GLY A 4890 64.84 42.55 46.54
N VAL A 4891 65.06 42.23 45.26
CA VAL A 4891 64.34 41.13 44.64
C VAL A 4891 64.76 39.79 45.25
N ARG A 4892 66.06 39.63 45.51
CA ARG A 4892 66.54 38.38 46.08
C ARG A 4892 66.29 38.27 47.57
N ALA A 4893 65.98 39.37 48.25
CA ALA A 4893 65.70 39.31 49.67
C ALA A 4893 64.34 38.68 49.91
N GLY A 4894 64.24 37.91 50.99
CA GLY A 4894 62.99 37.24 51.28
C GLY A 4894 61.87 38.20 51.65
N GLY A 4895 62.20 39.27 52.37
CA GLY A 4895 61.20 40.22 52.78
C GLY A 4895 61.19 41.51 52.00
N GLY A 4896 61.88 41.52 50.87
CA GLY A 4896 61.93 42.73 50.07
C GLY A 4896 63.08 43.64 50.49
N ILE A 4897 62.98 44.90 50.04
CA ILE A 4897 64.06 45.85 50.26
C ILE A 4897 64.16 46.23 51.73
N GLY A 4898 63.06 46.14 52.48
CA GLY A 4898 63.08 46.53 53.87
C GLY A 4898 63.98 45.66 54.71
N ASP A 4899 64.29 44.45 54.23
CA ASP A 4899 65.25 43.60 54.91
C ASP A 4899 66.65 44.20 54.86
N GLU A 4900 66.98 44.84 53.74
CA GLU A 4900 68.34 45.36 53.56
C GLU A 4900 68.50 46.77 54.11
N ILE A 4901 67.56 47.66 53.79
CA ILE A 4901 67.75 49.06 54.17
C ILE A 4901 67.53 49.23 55.67
N GLU A 4902 67.85 50.43 56.16
CA GLU A 4902 67.93 50.69 57.59
C GLU A 4902 66.55 50.66 58.24
N ASP A 4903 66.56 50.57 59.57
CA ASP A 4903 65.31 50.48 60.33
C ASP A 4903 64.64 51.85 60.39
N PRO A 4904 63.35 51.96 60.05
CA PRO A 4904 62.69 53.26 60.05
C PRO A 4904 62.02 53.62 61.37
N ALA A 4905 62.28 52.85 62.43
CA ALA A 4905 61.62 53.11 63.70
C ALA A 4905 62.04 54.46 64.26
N GLY A 4906 61.06 55.19 64.78
CA GLY A 4906 61.35 56.51 65.34
C GLY A 4906 61.81 57.53 64.32
N ASP A 4907 61.12 57.58 63.19
CA ASP A 4907 61.44 58.54 62.13
C ASP A 4907 60.17 59.27 61.71
N GLU A 4908 60.35 60.46 61.15
CA GLU A 4908 59.20 61.24 60.71
C GLU A 4908 58.54 60.61 59.50
N TYR A 4909 59.24 59.72 58.80
CA TYR A 4909 58.73 59.03 57.63
C TYR A 4909 58.49 57.55 57.90
N GLU A 4910 58.24 57.18 59.15
CA GLU A 4910 58.13 55.77 59.50
C GLU A 4910 56.98 55.10 58.75
N LEU A 4911 55.79 55.69 58.79
CA LEU A 4911 54.64 55.05 58.17
C LEU A 4911 54.79 55.00 56.66
N TYR A 4912 55.29 56.07 56.05
CA TYR A 4912 55.53 56.07 54.62
C TYR A 4912 56.49 54.95 54.24
N ARG A 4913 57.54 54.76 55.04
CA ARG A 4913 58.53 53.75 54.70
C ARG A 4913 58.00 52.34 54.95
N VAL A 4914 57.17 52.14 55.97
CA VAL A 4914 56.61 50.81 56.17
C VAL A 4914 55.64 50.46 55.05
N VAL A 4915 54.88 51.44 54.57
CA VAL A 4915 54.03 51.20 53.40
C VAL A 4915 54.90 50.87 52.19
N PHE A 4916 55.99 51.61 52.01
CA PHE A 4916 56.94 51.34 50.95
C PHE A 4916 57.41 49.89 50.98
N ASP A 4917 57.89 49.44 52.14
CA ASP A 4917 58.43 48.10 52.27
C ASP A 4917 57.36 47.04 52.07
N ILE A 4918 56.20 47.21 52.70
CA ILE A 4918 55.15 46.20 52.62
C ILE A 4918 54.63 46.06 51.20
N THR A 4919 54.40 47.18 50.51
CA THR A 4919 53.93 47.10 49.14
C THR A 4919 55.00 46.51 48.22
N PHE A 4920 56.27 46.84 48.45
CA PHE A 4920 57.34 46.20 47.68
C PHE A 4920 57.31 44.69 47.87
N PHE A 4921 57.18 44.24 49.11
CA PHE A 4921 57.14 42.80 49.40
C PHE A 4921 55.94 42.14 48.72
N PHE A 4922 54.78 42.77 48.77
CA PHE A 4922 53.58 42.14 48.23
C PHE A 4922 53.61 42.11 46.70
N PHE A 4923 53.95 43.23 46.07
CA PHE A 4923 53.89 43.29 44.62
C PHE A 4923 55.06 42.54 43.98
N VAL A 4924 56.26 42.70 44.51
CA VAL A 4924 57.45 42.15 43.86
C VAL A 4924 57.69 40.71 44.31
N ILE A 4925 57.89 40.54 45.62
CA ILE A 4925 58.29 39.23 46.12
C ILE A 4925 57.18 38.21 46.01
N VAL A 4926 55.95 38.62 46.34
CA VAL A 4926 54.84 37.68 46.38
C VAL A 4926 54.21 37.54 45.00
N ILE A 4927 53.65 38.63 44.49
CA ILE A 4927 52.76 38.55 43.33
C ILE A 4927 53.54 38.19 42.07
N LEU A 4928 54.62 38.91 41.77
CA LEU A 4928 55.27 38.72 40.47
C LEU A 4928 56.01 37.40 40.40
N LEU A 4929 56.73 37.03 41.46
CA LEU A 4929 57.36 35.72 41.48
C LEU A 4929 56.33 34.61 41.42
N ALA A 4930 55.20 34.78 42.12
CA ALA A 4930 54.12 33.80 42.02
C ALA A 4930 53.59 33.70 40.60
N ILE A 4931 53.52 34.82 39.89
CA ILE A 4931 53.10 34.80 38.49
C ILE A 4931 54.08 33.96 37.66
N ILE A 4932 55.38 34.12 37.92
CA ILE A 4932 56.37 33.33 37.18
C ILE A 4932 56.16 31.83 37.43
N GLN A 4933 56.05 31.45 38.70
CA GLN A 4933 55.80 30.05 39.01
C GLN A 4933 54.51 29.55 38.35
N GLY A 4934 53.47 30.37 38.37
CA GLY A 4934 52.21 29.96 37.78
C GLY A 4934 52.29 29.79 36.27
N LEU A 4935 53.06 30.65 35.61
CA LEU A 4935 53.27 30.45 34.17
C LEU A 4935 53.92 29.11 33.91
N ILE A 4936 54.94 28.77 34.69
CA ILE A 4936 55.56 27.45 34.53
C ILE A 4936 54.55 26.34 34.77
N ILE A 4937 53.75 26.45 35.83
CA ILE A 4937 52.90 25.35 36.23
C ILE A 4937 51.75 25.17 35.24
N ASP A 4938 51.21 26.28 34.75
CA ASP A 4938 50.19 26.21 33.72
C ASP A 4938 50.75 25.64 32.42
N ALA A 4939 52.02 25.90 32.12
CA ALA A 4939 52.62 25.23 30.97
C ALA A 4939 52.67 23.72 31.16
N PHE A 4940 53.05 23.27 32.36
CA PHE A 4940 52.97 21.84 32.66
C PHE A 4940 51.58 21.29 32.40
N GLY A 4941 50.57 21.92 32.98
CA GLY A 4941 49.21 21.43 32.83
C GLY A 4941 48.75 21.44 31.39
N GLU A 4942 49.12 22.48 30.64
CA GLU A 4942 48.72 22.57 29.25
C GLU A 4942 49.33 21.45 28.42
N LEU A 4943 50.61 21.17 28.62
CA LEU A 4943 51.22 20.07 27.88
C LEU A 4943 50.57 18.74 28.22
N ARG A 4944 50.30 18.51 29.50
CA ARG A 4944 49.67 17.25 29.89
C ARG A 4944 48.29 17.09 29.26
N ASP A 4945 47.49 18.16 29.28
CA ASP A 4945 46.15 18.04 28.71
C ASP A 4945 46.20 17.94 27.19
N GLN A 4946 47.24 18.51 26.56
CA GLN A 4946 47.40 18.29 25.12
C GLN A 4946 47.63 16.81 24.82
N GLN A 4947 48.54 16.18 25.56
CA GLN A 4947 48.78 14.75 25.36
C GLN A 4947 47.50 13.95 25.59
N GLU A 4948 46.78 14.25 26.67
CA GLU A 4948 45.54 13.53 26.94
C GLU A 4948 44.51 13.73 25.84
N GLN A 4949 44.39 14.95 25.33
CA GLN A 4949 43.40 15.22 24.29
C GLN A 4949 43.74 14.47 23.02
N VAL A 4950 45.02 14.42 22.65
CA VAL A 4950 45.42 13.68 21.46
C VAL A 4950 45.11 12.20 21.62
N LYS A 4951 45.45 11.63 22.78
CA LYS A 4951 45.15 10.21 23.00
C LYS A 4951 43.65 9.95 22.96
N GLU A 4952 42.86 10.83 23.58
CA GLU A 4952 41.42 10.65 23.60
C GLU A 4952 40.83 10.71 22.20
N ASP A 4953 41.28 11.67 21.39
CA ASP A 4953 40.77 11.76 20.03
C ASP A 4953 41.14 10.52 19.21
N MET A 4954 42.39 10.06 19.34
CA MET A 4954 42.78 8.88 18.57
C MET A 4954 42.02 7.64 19.01
N GLU A 4955 41.70 7.51 20.29
CA GLU A 4955 40.97 6.34 20.76
C GLU A 4955 39.46 6.47 20.64
N THR A 4956 38.94 7.65 20.31
CA THR A 4956 37.50 7.83 20.21
C THR A 4956 36.99 8.11 18.81
N LYS A 4957 37.85 8.51 17.87
CA LYS A 4957 37.41 8.78 16.51
C LYS A 4957 38.33 8.07 15.53
N CYS A 4958 37.77 7.74 14.37
CA CYS A 4958 38.61 7.25 13.28
C CYS A 4958 39.35 8.40 12.65
N PHE A 4959 40.66 8.23 12.49
CA PHE A 4959 41.51 9.26 11.91
C PHE A 4959 41.12 9.60 10.48
N ILE A 4960 40.46 8.70 9.78
CA ILE A 4960 40.18 8.89 8.36
C ILE A 4960 38.77 9.44 8.16
N CYS A 4961 37.76 8.71 8.60
CA CYS A 4961 36.38 9.12 8.35
C CYS A 4961 35.81 10.02 9.43
N GLY A 4962 36.40 10.04 10.62
CA GLY A 4962 35.94 10.90 11.68
C GLY A 4962 34.76 10.38 12.47
N ILE A 4963 34.20 9.23 12.10
CA ILE A 4963 33.08 8.66 12.84
C ILE A 4963 33.56 8.16 14.17
N GLY A 4964 32.79 8.44 15.23
CA GLY A 4964 33.21 8.10 16.56
C GLY A 4964 33.17 6.61 16.84
N SER A 4965 33.88 6.20 17.89
CA SER A 4965 33.93 4.81 18.28
C SER A 4965 32.57 4.29 18.72
N ASP A 4966 31.68 5.16 19.18
CA ASP A 4966 30.39 4.70 19.66
C ASP A 4966 29.59 4.02 18.56
N TYR A 4967 29.62 4.57 17.35
CA TYR A 4967 28.91 3.95 16.23
C TYR A 4967 29.47 2.56 15.93
N PHE A 4968 30.80 2.43 15.95
CA PHE A 4968 31.40 1.14 15.61
C PHE A 4968 31.26 0.14 16.74
N ASP A 4969 31.00 0.60 17.95
CA ASP A 4969 30.90 -0.31 19.09
C ASP A 4969 29.60 -1.07 19.13
N THR A 4970 28.62 -0.73 18.28
CA THR A 4970 27.41 -1.54 18.22
C THR A 4970 27.74 -2.99 17.91
N THR A 4971 28.59 -3.21 16.95
CA THR A 4971 29.20 -4.52 16.75
C THR A 4971 30.42 -4.64 17.67
N PRO A 4972 30.57 -5.75 18.39
CA PRO A 4972 31.70 -5.88 19.32
C PRO A 4972 33.04 -5.75 18.59
N HIS A 4973 33.99 -5.08 19.25
CA HIS A 4973 35.31 -4.79 18.69
C HIS A 4973 35.22 -4.02 17.39
N GLY A 4974 34.10 -3.33 17.18
CA GLY A 4974 33.86 -2.69 15.90
C GLY A 4974 34.88 -1.62 15.59
N PHE A 4975 35.20 -0.77 16.56
CA PHE A 4975 36.17 0.29 16.31
C PHE A 4975 37.56 -0.27 16.06
N GLU A 4976 37.95 -1.29 16.83
CA GLU A 4976 39.26 -1.90 16.63
C GLU A 4976 39.38 -2.50 15.23
N THR A 4977 38.35 -3.24 14.81
CA THR A 4977 38.39 -3.82 13.47
C THR A 4977 38.33 -2.74 12.40
N HIS A 4978 37.58 -1.66 12.64
CA HIS A 4978 37.49 -0.58 11.68
C HIS A 4978 38.85 0.09 11.49
N THR A 4979 39.57 0.30 12.58
CA THR A 4979 40.86 0.97 12.50
C THR A 4979 42.00 0.05 12.12
N LEU A 4980 41.81 -1.27 12.19
CA LEU A 4980 42.86 -2.19 11.76
C LEU A 4980 42.65 -2.75 10.36
N GLU A 4981 41.42 -2.84 9.88
CA GLU A 4981 41.12 -3.45 8.59
C GLU A 4981 40.45 -2.49 7.63
N GLU A 4982 39.46 -1.71 8.10
CA GLU A 4982 38.64 -0.93 7.19
C GLU A 4982 39.30 0.39 6.82
N HIS A 4983 39.73 1.17 7.82
CA HIS A 4983 40.28 2.49 7.60
C HIS A 4983 41.66 2.65 8.23
N ASN A 4984 42.52 1.66 8.07
CA ASN A 4984 43.86 1.77 8.60
C ASN A 4984 44.69 2.75 7.78
N LEU A 4985 45.27 3.75 8.45
CA LEU A 4985 46.00 4.78 7.72
C LEU A 4985 47.31 4.23 7.14
N ALA A 4986 47.90 3.26 7.81
CA ALA A 4986 49.05 2.58 7.23
C ALA A 4986 48.70 1.94 5.90
N ASN A 4987 47.45 1.47 5.77
CA ASN A 4987 47.03 0.88 4.51
C ASN A 4987 46.88 1.92 3.42
N TYR A 4988 46.45 3.13 3.76
CA TYR A 4988 46.43 4.20 2.76
C TYR A 4988 47.83 4.56 2.32
N MET A 4989 48.78 4.60 3.26
CA MET A 4989 50.18 4.83 2.88
C MET A 4989 50.70 3.73 1.97
N PHE A 4990 50.42 2.47 2.31
CA PHE A 4990 50.84 1.36 1.49
C PHE A 4990 50.17 1.41 0.12
N PHE A 4991 48.91 1.81 0.05
CA PHE A 4991 48.23 1.92 -1.23
C PHE A 4991 48.88 2.98 -2.09
N LEU A 4992 49.29 4.10 -1.48
CA LEU A 4992 49.99 5.11 -2.25
C LEU A 4992 51.30 4.57 -2.82
N MET A 4993 52.07 3.85 -1.99
CA MET A 4993 53.30 3.25 -2.49
C MET A 4993 53.02 2.23 -3.59
N TYR A 4994 51.95 1.46 -3.43
CA TYR A 4994 51.55 0.46 -4.41
C TYR A 4994 51.22 1.11 -5.74
N LEU A 4995 50.47 2.21 -5.72
CA LEU A 4995 50.17 2.93 -6.94
C LEU A 4995 51.44 3.45 -7.59
N ILE A 4996 52.37 3.98 -6.81
CA ILE A 4996 53.59 4.52 -7.37
C ILE A 4996 54.40 3.42 -8.05
N ASN A 4997 54.50 2.26 -7.42
CA ASN A 4997 55.28 1.17 -8.00
C ASN A 4997 54.58 0.55 -9.21
N LYS A 4998 53.27 0.46 -9.18
CA LYS A 4998 52.54 -0.26 -10.22
C LYS A 4998 52.56 0.52 -11.54
N ASP A 4999 52.44 -0.20 -12.64
CA ASP A 4999 52.41 0.43 -13.96
C ASP A 4999 51.03 1.00 -14.24
N GLU A 5000 51.01 2.17 -14.88
CA GLU A 5000 49.75 2.85 -15.15
C GLU A 5000 48.87 2.04 -16.09
N THR A 5001 49.49 1.36 -17.06
CA THR A 5001 48.71 0.51 -17.95
C THR A 5001 48.15 -0.71 -17.23
N GLU A 5002 48.67 -1.02 -16.04
CA GLU A 5002 48.16 -2.12 -15.24
C GLU A 5002 47.23 -1.65 -14.14
N HIS A 5003 47.12 -0.35 -13.91
CA HIS A 5003 46.18 0.16 -12.93
C HIS A 5003 44.77 -0.29 -13.27
N THR A 5004 44.03 -0.69 -12.24
CA THR A 5004 42.62 -1.01 -12.42
C THR A 5004 41.81 0.27 -12.48
N GLY A 5005 40.49 0.14 -12.58
CA GLY A 5005 39.65 1.33 -12.65
C GLY A 5005 39.70 2.15 -11.39
N GLN A 5006 39.57 1.50 -10.24
CA GLN A 5006 39.61 2.20 -8.96
C GLN A 5006 41.00 2.80 -8.71
N GLU A 5007 42.04 2.03 -9.04
CA GLU A 5007 43.40 2.53 -8.88
C GLU A 5007 43.66 3.75 -9.77
N SER A 5008 43.16 3.72 -11.01
CA SER A 5008 43.31 4.87 -11.89
C SER A 5008 42.54 6.06 -11.35
N TYR A 5009 41.35 5.83 -10.83
CA TYR A 5009 40.57 6.91 -10.23
C TYR A 5009 41.35 7.60 -9.11
N VAL A 5010 41.87 6.81 -8.17
CA VAL A 5010 42.60 7.36 -7.04
C VAL A 5010 43.89 8.02 -7.52
N TRP A 5011 44.57 7.43 -8.50
CA TRP A 5011 45.82 7.99 -8.99
C TRP A 5011 45.61 9.34 -9.65
N LYS A 5012 44.58 9.45 -10.48
CA LYS A 5012 44.27 10.73 -11.11
C LYS A 5012 43.90 11.77 -10.06
N MET A 5013 43.09 11.38 -9.08
CA MET A 5013 42.73 12.34 -8.03
C MET A 5013 43.94 12.77 -7.22
N TYR A 5014 44.87 11.84 -6.96
CA TYR A 5014 46.10 12.17 -6.26
C TYR A 5014 46.95 13.14 -7.06
N GLN A 5015 47.11 12.90 -8.35
CA GLN A 5015 47.93 13.80 -9.15
C GLN A 5015 47.28 15.17 -9.30
N GLU A 5016 45.96 15.23 -9.23
CA GLU A 5016 45.27 16.51 -9.22
C GLU A 5016 45.17 17.10 -7.83
N ARG A 5017 45.71 16.42 -6.82
CA ARG A 5017 45.71 16.89 -5.44
C ARG A 5017 44.29 17.13 -4.94
N CYS A 5018 43.38 16.24 -5.33
CA CYS A 5018 42.00 16.26 -4.86
C CYS A 5018 41.80 15.09 -3.93
N TRP A 5019 41.44 15.37 -2.67
CA TRP A 5019 41.34 14.34 -1.65
C TRP A 5019 39.90 13.96 -1.36
N ASP A 5020 39.04 13.96 -2.37
CA ASP A 5020 37.65 13.57 -2.18
C ASP A 5020 37.47 12.06 -2.13
N PHE A 5021 38.48 11.29 -2.52
CA PHE A 5021 38.34 9.84 -2.46
C PHE A 5021 38.45 9.32 -1.03
N PHE A 5022 39.05 10.08 -0.14
CA PHE A 5022 39.08 9.68 1.26
C PHE A 5022 37.66 9.67 1.83
N PRO A 5023 37.24 8.60 2.48
CA PRO A 5023 35.90 8.59 3.07
C PRO A 5023 35.81 9.57 4.22
N ALA A 5024 34.86 10.50 4.12
CA ALA A 5024 34.65 11.52 5.13
C ALA A 5024 33.22 11.37 5.65
N GLY A 5025 33.10 10.96 6.90
CA GLY A 5025 31.79 10.85 7.51
C GLY A 5025 30.98 9.67 7.06
N ASP A 5026 31.55 8.76 6.27
CA ASP A 5026 30.84 7.59 5.78
C ASP A 5026 31.80 6.42 5.72
N CYS A 5027 31.24 5.21 5.82
CA CYS A 5027 32.05 4.01 5.76
C CYS A 5027 31.25 2.92 5.07
N PHE A 5028 31.94 1.81 4.78
CA PHE A 5028 31.30 0.68 4.13
C PHE A 5028 30.19 0.10 4.99
N ARG A 5029 30.44 -0.04 6.29
CA ARG A 5029 29.42 -0.59 7.18
C ARG A 5029 28.21 0.32 7.24
N LYS A 5030 28.42 1.64 7.29
CA LYS A 5030 27.30 2.57 7.29
C LYS A 5030 26.52 2.51 5.98
N GLN A 5031 27.22 2.43 4.85
CA GLN A 5031 26.53 2.47 3.56
C GLN A 5031 25.63 1.26 3.35
N TYR A 5032 26.06 0.10 3.84
CA TYR A 5032 25.31 -1.13 3.67
C TYR A 5032 24.78 -1.64 5.01
N GLU A 5033 24.26 -0.73 5.83
CA GLU A 5033 23.73 -1.12 7.13
C GLU A 5033 22.60 -2.11 6.99
N ASP A 5034 21.62 -1.80 6.14
CA ASP A 5034 20.47 -2.69 5.97
C ASP A 5034 20.88 -4.04 5.39
N GLN A 5035 21.74 -4.03 4.38
CA GLN A 5035 22.12 -5.29 3.73
C GLN A 5035 22.97 -6.16 4.66
N LEU A 5036 23.96 -5.58 5.32
CA LEU A 5036 24.81 -6.36 6.22
C LEU A 5036 24.03 -6.84 7.44
N SER A 5037 23.17 -6.00 7.98
CA SER A 5037 22.39 -6.35 9.17
C SER A 5037 20.99 -6.84 8.79
N GLY B 2 52.75 -11.22 -117.31
CA GLY B 2 51.94 -10.35 -116.49
C GLY B 2 52.71 -9.15 -115.95
N VAL B 3 53.95 -9.01 -116.39
CA VAL B 3 54.82 -7.92 -115.97
C VAL B 3 55.25 -7.14 -117.21
N GLN B 4 55.04 -5.83 -117.19
CA GLN B 4 55.43 -4.95 -118.28
C GLN B 4 56.54 -4.03 -117.82
N VAL B 5 57.63 -3.99 -118.57
CA VAL B 5 58.82 -3.21 -118.22
C VAL B 5 58.93 -2.05 -119.18
N GLU B 6 58.87 -0.83 -118.65
CA GLU B 6 59.07 0.38 -119.41
C GLU B 6 60.27 1.11 -118.83
N THR B 7 61.24 1.44 -119.68
CA THR B 7 62.48 2.03 -119.20
C THR B 7 62.27 3.48 -118.75
N ILE B 8 63.07 3.90 -117.79
CA ILE B 8 63.13 5.28 -117.35
C ILE B 8 64.50 5.89 -117.62
N SER B 9 65.56 5.16 -117.28
CA SER B 9 66.92 5.56 -117.57
C SER B 9 67.65 4.31 -118.05
N PRO B 10 68.29 4.36 -119.21
CA PRO B 10 68.96 3.16 -119.72
C PRO B 10 70.15 2.78 -118.86
N GLY B 11 70.46 1.48 -118.89
CA GLY B 11 71.62 0.95 -118.20
C GLY B 11 72.76 0.68 -119.14
N ASP B 12 73.59 -0.30 -118.78
CA ASP B 12 74.69 -0.68 -119.65
C ASP B 12 74.21 -1.49 -120.86
N GLY B 13 73.13 -2.25 -120.70
CA GLY B 13 72.55 -2.97 -121.82
C GLY B 13 73.29 -4.23 -122.22
N ARG B 14 74.30 -4.64 -121.48
CA ARG B 14 75.04 -5.86 -121.80
C ARG B 14 74.88 -6.93 -120.73
N THR B 15 75.05 -6.58 -119.46
CA THR B 15 74.99 -7.56 -118.38
C THR B 15 73.58 -7.60 -117.80
N PHE B 16 73.02 -8.79 -117.71
CA PHE B 16 71.69 -9.03 -117.18
C PHE B 16 71.77 -10.08 -116.08
N PRO B 17 70.86 -10.02 -115.11
CA PRO B 17 70.89 -11.01 -114.02
C PRO B 17 70.61 -12.41 -114.55
N LYS B 18 71.32 -13.38 -114.00
CA LYS B 18 71.16 -14.79 -114.31
C LYS B 18 70.65 -15.54 -113.08
N ARG B 19 70.23 -16.77 -113.30
CA ARG B 19 69.69 -17.58 -112.22
C ARG B 19 70.75 -17.78 -111.14
N GLY B 20 70.36 -17.55 -109.89
CA GLY B 20 71.28 -17.71 -108.78
C GLY B 20 72.20 -16.54 -108.54
N GLN B 21 71.93 -15.39 -109.14
CA GLN B 21 72.74 -14.19 -108.95
C GLN B 21 71.97 -13.20 -108.10
N THR B 22 72.63 -12.69 -107.07
CA THR B 22 71.98 -11.76 -106.15
C THR B 22 71.87 -10.38 -106.80
N CYS B 23 70.66 -9.82 -106.80
CA CYS B 23 70.39 -8.51 -107.38
C CYS B 23 70.23 -7.49 -106.27
N VAL B 24 70.93 -6.37 -106.38
CA VAL B 24 70.82 -5.26 -105.45
C VAL B 24 70.05 -4.15 -106.13
N VAL B 25 68.87 -3.83 -105.61
CA VAL B 25 67.96 -2.90 -106.26
C VAL B 25 67.49 -1.85 -105.26
N HIS B 26 67.14 -0.68 -105.80
CA HIS B 26 66.40 0.35 -105.09
C HIS B 26 65.04 0.49 -105.76
N TYR B 27 63.98 0.35 -104.98
CA TYR B 27 62.63 0.32 -105.55
C TYR B 27 61.69 1.23 -104.77
N THR B 28 60.61 1.60 -105.43
CA THR B 28 59.52 2.35 -104.82
C THR B 28 58.23 1.82 -105.41
N GLY B 29 57.37 1.25 -104.57
CA GLY B 29 56.17 0.57 -105.05
C GLY B 29 54.91 1.31 -104.66
N MET B 30 54.01 1.46 -105.62
CA MET B 30 52.74 2.12 -105.40
C MET B 30 51.62 1.31 -106.05
N LEU B 31 50.41 1.45 -105.50
CA LEU B 31 49.24 0.90 -106.15
C LEU B 31 49.00 1.63 -107.46
N GLU B 32 48.34 0.94 -108.39
CA GLU B 32 48.20 1.44 -109.75
C GLU B 32 47.45 2.77 -109.82
N ASP B 33 46.64 3.09 -108.82
CA ASP B 33 45.98 4.39 -108.81
C ASP B 33 46.88 5.51 -108.29
N GLY B 34 47.99 5.19 -107.64
CA GLY B 34 48.95 6.20 -107.26
C GLY B 34 49.29 6.29 -105.79
N LYS B 35 48.80 5.35 -104.98
CA LYS B 35 49.09 5.34 -103.55
C LYS B 35 50.35 4.52 -103.29
N LYS B 36 51.40 5.19 -102.83
CA LYS B 36 52.65 4.50 -102.52
C LYS B 36 52.48 3.64 -101.28
N PHE B 37 52.95 2.39 -101.36
CA PHE B 37 52.87 1.49 -100.23
C PHE B 37 54.21 0.99 -99.72
N ASP B 38 55.30 1.16 -100.46
CA ASP B 38 56.58 0.66 -99.99
C ASP B 38 57.67 1.29 -100.83
N SER B 39 58.83 1.51 -100.20
CA SER B 39 60.00 2.03 -100.91
C SER B 39 61.23 1.79 -100.07
N SER B 40 62.27 1.23 -100.68
CA SER B 40 63.53 1.03 -99.97
C SER B 40 64.30 2.33 -99.79
N ARG B 41 63.93 3.37 -100.53
CA ARG B 41 64.61 4.66 -100.37
C ARG B 41 64.37 5.25 -98.99
N ASP B 42 63.15 5.12 -98.47
CA ASP B 42 62.86 5.64 -97.14
C ASP B 42 63.70 4.94 -96.07
N ARG B 43 63.90 3.63 -96.22
CA ARG B 43 64.76 2.91 -95.30
C ARG B 43 66.24 3.13 -95.59
N ASN B 44 66.57 3.79 -96.71
CA ASN B 44 67.94 4.15 -97.03
C ASN B 44 68.84 2.93 -97.13
N LYS B 45 68.27 1.79 -97.49
CA LYS B 45 69.00 0.54 -97.58
C LYS B 45 68.58 -0.22 -98.82
N PRO B 46 69.51 -0.56 -99.71
CA PRO B 46 69.13 -1.31 -100.91
C PRO B 46 68.57 -2.68 -100.57
N PHE B 47 67.68 -3.16 -101.41
CA PHE B 47 67.03 -4.46 -101.23
C PHE B 47 67.75 -5.51 -102.06
N LYS B 48 68.09 -6.62 -101.41
CA LYS B 48 68.86 -7.68 -102.04
C LYS B 48 68.02 -8.95 -102.13
N PHE B 49 68.08 -9.61 -103.29
CA PHE B 49 67.43 -10.90 -103.48
C PHE B 49 68.15 -11.63 -104.60
N MET B 50 67.98 -12.95 -104.62
CA MET B 50 68.63 -13.81 -105.60
C MET B 50 67.56 -14.41 -106.50
N LEU B 51 67.80 -14.37 -107.81
CA LEU B 51 66.81 -14.79 -108.77
C LEU B 51 66.53 -16.29 -108.68
N GLY B 52 65.26 -16.66 -108.83
CA GLY B 52 64.87 -18.04 -108.97
C GLY B 52 64.54 -18.77 -107.69
N LYS B 53 64.78 -18.17 -106.53
CA LYS B 53 64.45 -18.81 -105.26
C LYS B 53 63.04 -18.47 -104.79
N GLN B 54 62.28 -17.72 -105.57
CA GLN B 54 60.92 -17.30 -105.20
C GLN B 54 60.91 -16.50 -103.90
N GLU B 55 61.97 -15.75 -103.65
CA GLU B 55 61.99 -14.86 -102.49
C GLU B 55 61.00 -13.72 -102.65
N VAL B 56 60.86 -13.21 -103.87
CA VAL B 56 60.00 -12.07 -104.15
C VAL B 56 58.83 -12.53 -105.00
N ILE B 57 57.87 -11.63 -105.25
CA ILE B 57 56.71 -12.00 -106.04
C ILE B 57 57.15 -12.33 -107.46
N ARG B 58 56.32 -13.12 -108.15
CA ARG B 58 56.71 -13.62 -109.45
C ARG B 58 56.91 -12.51 -110.47
N GLY B 59 56.17 -11.41 -110.35
CA GLY B 59 56.34 -10.30 -111.28
C GLY B 59 57.73 -9.71 -111.23
N TRP B 60 58.33 -9.68 -110.04
CA TRP B 60 59.70 -9.18 -109.92
C TRP B 60 60.71 -10.13 -110.55
N GLU B 61 60.41 -11.42 -110.59
CA GLU B 61 61.37 -12.38 -111.15
C GLU B 61 61.63 -12.10 -112.63
N GLU B 62 60.56 -11.92 -113.41
CA GLU B 62 60.75 -11.60 -114.82
C GLU B 62 61.16 -10.15 -115.03
N GLY B 63 60.61 -9.23 -114.23
CA GLY B 63 60.86 -7.83 -114.46
C GLY B 63 62.33 -7.45 -114.27
N VAL B 64 62.93 -7.89 -113.17
CA VAL B 64 64.33 -7.58 -112.93
C VAL B 64 65.22 -8.33 -113.90
N ALA B 65 64.81 -9.54 -114.30
CA ALA B 65 65.61 -10.32 -115.23
C ALA B 65 65.76 -9.62 -116.58
N GLN B 66 64.78 -8.81 -116.97
CA GLN B 66 64.85 -8.09 -118.23
C GLN B 66 65.64 -6.79 -118.14
N MET B 67 66.02 -6.37 -116.94
CA MET B 67 66.77 -5.14 -116.75
C MET B 67 68.27 -5.41 -116.79
N SER B 68 69.03 -4.37 -117.10
CA SER B 68 70.47 -4.41 -117.06
C SER B 68 70.98 -3.59 -115.88
N VAL B 69 72.27 -3.74 -115.58
CA VAL B 69 72.84 -3.09 -114.42
C VAL B 69 72.88 -1.58 -114.66
N GLY B 70 72.40 -0.82 -113.68
CA GLY B 70 72.31 0.62 -113.80
C GLY B 70 71.04 1.11 -114.44
N GLN B 71 70.22 0.23 -114.98
CA GLN B 71 68.99 0.62 -115.63
C GLN B 71 67.89 0.87 -114.60
N ARG B 72 67.15 1.94 -114.79
CA ARG B 72 65.99 2.27 -113.96
C ARG B 72 64.75 2.13 -114.82
N ALA B 73 63.81 1.29 -114.39
CA ALA B 73 62.64 0.98 -115.19
C ALA B 73 61.40 0.95 -114.30
N LYS B 74 60.25 0.96 -114.94
CA LYS B 74 58.96 0.91 -114.28
C LYS B 74 58.29 -0.42 -114.63
N LEU B 75 57.98 -1.21 -113.61
CA LEU B 75 57.38 -2.52 -113.80
C LEU B 75 55.93 -2.47 -113.35
N THR B 76 55.02 -2.79 -114.27
CA THR B 76 53.60 -2.91 -113.96
C THR B 76 53.26 -4.39 -113.87
N ILE B 77 52.86 -4.84 -112.69
CA ILE B 77 52.64 -6.25 -112.41
C ILE B 77 51.15 -6.51 -112.27
N SER B 78 50.63 -7.43 -113.06
CA SER B 78 49.24 -7.83 -112.94
C SER B 78 49.03 -8.58 -111.63
N PRO B 79 47.80 -8.52 -111.08
CA PRO B 79 47.58 -9.10 -109.74
C PRO B 79 47.91 -10.58 -109.65
N ASP B 80 47.68 -11.35 -110.72
CA ASP B 80 47.95 -12.78 -110.66
C ASP B 80 49.45 -13.07 -110.68
N TYR B 81 50.26 -12.10 -111.11
CA TYR B 81 51.70 -12.15 -110.93
C TYR B 81 52.14 -11.50 -109.62
N ALA B 82 51.19 -11.07 -108.80
CA ALA B 82 51.46 -10.50 -107.49
C ALA B 82 50.62 -11.25 -106.46
N TYR B 83 50.45 -10.67 -105.28
CA TYR B 83 49.69 -11.30 -104.21
C TYR B 83 48.29 -11.74 -104.65
N GLY B 84 47.66 -11.01 -105.56
CA GLY B 84 46.45 -11.50 -106.18
C GLY B 84 45.21 -11.45 -105.33
N ALA B 85 44.42 -12.52 -105.37
CA ALA B 85 43.12 -12.53 -104.70
C ALA B 85 43.25 -12.37 -103.20
N THR B 86 44.21 -13.06 -102.58
CA THR B 86 44.39 -12.92 -101.15
C THR B 86 44.90 -11.53 -100.78
N GLY B 87 45.83 -11.00 -101.57
CA GLY B 87 46.40 -9.70 -101.29
C GLY B 87 47.30 -9.75 -100.08
N HIS B 88 47.78 -8.57 -99.69
CA HIS B 88 48.57 -8.42 -98.49
C HIS B 88 47.72 -7.73 -97.43
N PRO B 89 47.32 -8.42 -96.38
CA PRO B 89 46.35 -7.84 -95.43
C PRO B 89 46.89 -6.59 -94.75
N GLY B 90 46.17 -5.48 -94.90
CA GLY B 90 46.53 -4.23 -94.30
C GLY B 90 47.46 -3.37 -95.12
N ILE B 91 47.97 -3.86 -96.24
CA ILE B 91 48.89 -3.11 -97.07
C ILE B 91 48.34 -3.00 -98.48
N ILE B 92 48.05 -4.13 -99.10
CA ILE B 92 47.68 -4.21 -100.51
C ILE B 92 46.29 -4.83 -100.60
N PRO B 93 45.35 -4.17 -101.25
CA PRO B 93 43.99 -4.73 -101.37
C PRO B 93 43.97 -5.91 -102.31
N PRO B 94 42.95 -6.76 -102.22
CA PRO B 94 42.84 -7.87 -103.18
C PRO B 94 42.66 -7.36 -104.60
N HIS B 95 43.18 -8.13 -105.56
CA HIS B 95 43.08 -7.80 -106.97
C HIS B 95 43.64 -6.42 -107.26
N ALA B 96 44.87 -6.19 -106.81
CA ALA B 96 45.53 -4.90 -106.96
C ALA B 96 46.66 -5.01 -107.97
N THR B 97 46.67 -4.12 -108.95
CA THR B 97 47.79 -4.02 -109.88
C THR B 97 48.90 -3.19 -109.24
N LEU B 98 50.11 -3.73 -109.26
CA LEU B 98 51.24 -3.12 -108.58
C LEU B 98 52.14 -2.43 -109.60
N VAL B 99 52.55 -1.21 -109.29
CA VAL B 99 53.47 -0.45 -110.13
C VAL B 99 54.73 -0.19 -109.32
N PHE B 100 55.88 -0.52 -109.89
CA PHE B 100 57.16 -0.41 -109.21
C PHE B 100 58.11 0.43 -110.03
N ASP B 101 58.87 1.28 -109.35
CA ASP B 101 59.96 2.04 -109.95
C ASP B 101 61.24 1.42 -109.40
N VAL B 102 61.87 0.56 -110.19
CA VAL B 102 62.99 -0.27 -109.73
C VAL B 102 64.25 0.18 -110.45
N GLU B 103 65.33 0.33 -109.69
CA GLU B 103 66.65 0.64 -110.24
C GLU B 103 67.59 -0.50 -109.85
N LEU B 104 68.20 -1.11 -110.85
CA LEU B 104 69.12 -2.23 -110.63
C LEU B 104 70.50 -1.65 -110.34
N LEU B 105 70.86 -1.58 -109.06
CA LEU B 105 72.12 -0.96 -108.67
C LEU B 105 73.32 -1.75 -109.16
N LYS B 106 73.34 -3.05 -108.89
CA LYS B 106 74.48 -3.88 -109.24
C LYS B 106 74.09 -5.34 -109.07
N LEU B 107 75.00 -6.23 -109.47
CA LEU B 107 74.83 -7.66 -109.31
C LEU B 107 75.97 -8.20 -108.45
N GLU B 108 75.64 -9.11 -107.54
CA GLU B 108 76.65 -9.73 -106.70
C GLU B 108 76.21 -11.13 -106.28
N GLY C 2 -62.11 101.65 -49.07
CA GLY C 2 -62.50 100.80 -47.95
C GLY C 2 -62.07 101.37 -46.61
N VAL C 3 -61.86 102.68 -46.56
CA VAL C 3 -61.45 103.37 -45.35
C VAL C 3 -62.47 104.46 -45.04
N GLN C 4 -62.98 104.46 -43.82
CA GLN C 4 -63.95 105.45 -43.37
C GLN C 4 -63.31 106.30 -42.27
N VAL C 5 -63.38 107.62 -42.44
CA VAL C 5 -62.75 108.56 -41.52
C VAL C 5 -63.85 109.32 -40.79
N GLU C 6 -63.89 109.17 -39.47
CA GLU C 6 -64.80 109.92 -38.61
C GLU C 6 -63.98 110.72 -37.63
N THR C 7 -64.23 112.03 -37.56
CA THR C 7 -63.38 112.91 -36.77
C THR C 7 -63.62 112.69 -35.28
N ILE C 8 -62.58 112.97 -34.49
CA ILE C 8 -62.67 112.98 -33.04
C ILE C 8 -62.39 114.37 -32.49
N SER C 9 -61.33 115.01 -32.99
CA SER C 9 -61.00 116.38 -32.63
C SER C 9 -60.60 117.07 -33.93
N PRO C 10 -61.22 118.20 -34.26
CA PRO C 10 -60.89 118.88 -35.52
C PRO C 10 -59.47 119.42 -35.51
N GLY C 11 -58.89 119.52 -36.70
CA GLY C 11 -57.59 120.10 -36.90
C GLY C 11 -57.66 121.52 -37.42
N ASP C 12 -56.63 121.91 -38.16
CA ASP C 12 -56.63 123.24 -38.77
C ASP C 12 -57.56 123.32 -39.97
N GLY C 13 -57.75 122.20 -40.68
CA GLY C 13 -58.67 122.17 -41.78
C GLY C 13 -58.21 122.82 -43.06
N ARG C 14 -56.96 123.27 -43.13
CA ARG C 14 -56.43 123.89 -44.33
C ARG C 14 -55.32 123.08 -44.97
N THR C 15 -54.33 122.65 -44.19
CA THR C 15 -53.19 121.93 -44.73
C THR C 15 -53.43 120.43 -44.64
N PHE C 16 -53.25 119.74 -45.75
CA PHE C 16 -53.43 118.30 -45.86
C PHE C 16 -52.17 117.69 -46.44
N PRO C 17 -51.87 116.44 -46.10
CA PRO C 17 -50.67 115.80 -46.64
C PRO C 17 -50.76 115.61 -48.14
N LYS C 18 -49.65 115.84 -48.82
CA LYS C 18 -49.52 115.64 -50.24
C LYS C 18 -48.55 114.50 -50.53
N ARG C 19 -48.54 114.06 -51.78
CA ARG C 19 -47.68 112.95 -52.18
C ARG C 19 -46.22 113.30 -51.93
N GLY C 20 -45.50 112.38 -51.30
CA GLY C 20 -44.10 112.60 -51.01
C GLY C 20 -43.83 113.44 -49.79
N GLN C 21 -44.82 113.65 -48.94
CA GLN C 21 -44.66 114.43 -47.71
C GLN C 21 -44.69 113.48 -46.52
N THR C 22 -43.71 113.61 -45.63
CA THR C 22 -43.64 112.72 -44.48
C THR C 22 -44.65 113.13 -43.42
N CYS C 23 -45.47 112.18 -42.99
CA CYS C 23 -46.49 112.40 -41.99
C CYS C 23 -46.02 111.86 -40.65
N VAL C 24 -46.13 112.67 -39.60
CA VAL C 24 -45.81 112.26 -38.24
C VAL C 24 -47.12 112.09 -37.49
N VAL C 25 -47.41 110.86 -37.07
CA VAL C 25 -48.69 110.54 -36.48
C VAL C 25 -48.50 109.79 -35.17
N HIS C 26 -49.50 109.90 -34.30
CA HIS C 26 -49.63 109.06 -33.12
C HIS C 26 -50.90 108.24 -33.29
N TYR C 27 -50.79 106.92 -33.22
CA TYR C 27 -51.91 106.06 -33.51
C TYR C 27 -52.07 104.98 -32.46
N THR C 28 -53.28 104.42 -32.40
CA THR C 28 -53.60 103.29 -31.54
C THR C 28 -54.55 102.40 -32.31
N GLY C 29 -54.14 101.17 -32.60
CA GLY C 29 -54.90 100.29 -33.47
C GLY C 29 -55.48 99.10 -32.71
N MET C 30 -56.76 98.84 -32.97
CA MET C 30 -57.44 97.72 -32.34
C MET C 30 -58.26 96.97 -33.39
N LEU C 31 -58.49 95.69 -33.13
CA LEU C 31 -59.42 94.93 -33.94
C LEU C 31 -60.83 95.46 -33.76
N GLU C 32 -61.67 95.25 -34.77
CA GLU C 32 -62.98 95.89 -34.78
C GLU C 32 -63.87 95.46 -33.63
N ASP C 33 -63.59 94.34 -32.98
CA ASP C 33 -64.36 93.95 -31.81
C ASP C 33 -63.86 94.60 -30.52
N GLY C 34 -62.66 95.18 -30.52
CA GLY C 34 -62.21 95.95 -29.37
C GLY C 34 -60.89 95.53 -28.75
N LYS C 35 -60.18 94.58 -29.36
CA LYS C 35 -58.90 94.13 -28.85
C LYS C 35 -57.79 94.97 -29.47
N LYS C 36 -57.10 95.74 -28.64
CA LYS C 36 -55.99 96.56 -29.10
C LYS C 36 -54.81 95.69 -29.47
N PHE C 37 -54.22 95.97 -30.63
CA PHE C 37 -53.06 95.20 -31.07
C PHE C 37 -51.79 96.03 -31.29
N ASP C 38 -51.88 97.36 -31.34
CA ASP C 38 -50.68 98.16 -31.57
C ASP C 38 -51.01 99.60 -31.24
N SER C 39 -50.00 100.31 -30.74
CA SER C 39 -50.13 101.73 -30.43
C SER C 39 -48.75 102.34 -30.27
N SER C 40 -48.51 103.46 -30.95
CA SER C 40 -47.24 104.16 -30.80
C SER C 40 -47.14 104.90 -29.48
N ARG C 41 -48.27 105.11 -28.80
CA ARG C 41 -48.24 105.77 -27.51
C ARG C 41 -47.46 104.96 -26.48
N ASP C 42 -47.63 103.64 -26.50
CA ASP C 42 -46.88 102.80 -25.57
C ASP C 42 -45.38 102.88 -25.81
N ARG C 43 -44.97 102.94 -27.06
CA ARG C 43 -43.56 103.13 -27.36
C ARG C 43 -43.10 104.57 -27.18
N ASN C 44 -44.05 105.50 -26.97
CA ASN C 44 -43.74 106.89 -26.66
C ASN C 44 -42.93 107.55 -27.78
N LYS C 45 -43.13 107.09 -29.00
CA LYS C 45 -42.41 107.60 -30.15
C LYS C 45 -43.35 107.75 -31.33
N PRO C 46 -43.48 108.95 -31.90
CA PRO C 46 -44.37 109.11 -33.05
C PRO C 46 -43.93 108.28 -34.24
N PHE C 47 -44.90 107.86 -35.04
CA PHE C 47 -44.66 107.03 -36.21
C PHE C 47 -44.60 107.92 -37.45
N LYS C 48 -43.55 107.74 -38.24
CA LYS C 48 -43.30 108.56 -39.41
C LYS C 48 -43.38 107.71 -40.68
N PHE C 49 -44.04 108.26 -41.70
CA PHE C 49 -44.10 107.61 -43.00
C PHE C 49 -44.38 108.68 -44.05
N MET C 50 -44.04 108.37 -45.30
CA MET C 50 -44.22 109.30 -46.41
C MET C 50 -45.28 108.75 -47.34
N LEU C 51 -46.21 109.61 -47.73
CA LEU C 51 -47.36 109.19 -48.53
C LEU C 51 -46.93 108.71 -49.91
N GLY C 52 -47.59 107.65 -50.38
CA GLY C 52 -47.44 107.19 -51.74
C GLY C 52 -46.35 106.19 -51.99
N LYS C 53 -45.52 105.88 -51.00
CA LYS C 53 -44.46 104.89 -51.15
C LYS C 53 -44.90 103.49 -50.74
N GLN C 54 -46.17 103.32 -50.37
CA GLN C 54 -46.71 102.03 -49.94
C GLN C 54 -45.94 101.48 -48.73
N GLU C 55 -45.45 102.37 -47.87
CA GLU C 55 -44.80 101.92 -46.64
C GLU C 55 -45.81 101.31 -45.68
N VAL C 56 -47.02 101.84 -45.64
CA VAL C 56 -48.05 101.40 -44.72
C VAL C 56 -49.17 100.73 -45.50
N ILE C 57 -50.14 100.15 -44.80
CA ILE C 57 -51.24 99.48 -45.47
C ILE C 57 -52.02 100.49 -46.30
N ARG C 58 -52.75 99.99 -47.29
CA ARG C 58 -53.39 100.87 -48.25
C ARG C 58 -54.43 101.78 -47.61
N GLY C 59 -55.18 101.28 -46.64
CA GLY C 59 -56.19 102.10 -46.00
C GLY C 59 -55.61 103.34 -45.35
N TRP C 60 -54.45 103.21 -44.71
CA TRP C 60 -53.80 104.35 -44.07
C TRP C 60 -53.46 105.47 -45.05
N GLU C 61 -53.14 105.13 -46.30
CA GLU C 61 -52.84 106.16 -47.28
C GLU C 61 -53.98 107.17 -47.40
N GLU C 62 -55.15 106.70 -47.82
CA GLU C 62 -56.31 107.59 -47.88
C GLU C 62 -56.70 108.14 -46.52
N GLY C 63 -56.57 107.34 -45.45
CA GLY C 63 -56.99 107.80 -44.15
C GLY C 63 -56.24 109.04 -43.70
N VAL C 64 -54.91 109.01 -43.82
CA VAL C 64 -54.12 110.18 -43.44
C VAL C 64 -54.19 111.25 -44.52
N ALA C 65 -54.47 110.87 -45.77
CA ALA C 65 -54.63 111.87 -46.81
C ALA C 65 -55.84 112.76 -46.57
N GLN C 66 -56.91 112.19 -45.99
CA GLN C 66 -58.11 112.97 -45.75
C GLN C 66 -58.06 113.78 -44.46
N MET C 67 -57.01 113.64 -43.65
CA MET C 67 -56.90 114.36 -42.41
C MET C 67 -56.07 115.63 -42.58
N SER C 68 -56.25 116.56 -41.66
CA SER C 68 -55.48 117.78 -41.60
C SER C 68 -54.57 117.76 -40.38
N VAL C 69 -53.62 118.70 -40.35
CA VAL C 69 -52.63 118.72 -39.29
C VAL C 69 -53.30 119.08 -37.98
N GLY C 70 -53.01 118.30 -36.94
CA GLY C 70 -53.62 118.48 -35.64
C GLY C 70 -54.94 117.77 -35.47
N GLN C 71 -55.50 117.21 -36.54
CA GLN C 71 -56.78 116.52 -36.45
C GLN C 71 -56.59 115.11 -35.92
N ARG C 72 -57.48 114.71 -35.02
CA ARG C 72 -57.52 113.36 -34.47
C ARG C 72 -58.80 112.69 -34.98
N ALA C 73 -58.64 111.56 -35.66
CA ALA C 73 -59.77 110.91 -36.30
C ALA C 73 -59.70 109.41 -36.08
N LYS C 74 -60.81 108.74 -36.37
CA LYS C 74 -60.91 107.29 -36.26
C LYS C 74 -61.09 106.72 -37.66
N LEU C 75 -60.17 105.84 -38.05
CA LEU C 75 -60.20 105.24 -39.38
C LEU C 75 -60.61 103.78 -39.26
N THR C 76 -61.69 103.40 -39.93
CA THR C 76 -62.13 102.02 -40.02
C THR C 76 -61.74 101.48 -41.39
N ILE C 77 -60.85 100.50 -41.41
CA ILE C 77 -60.27 99.98 -42.64
C ILE C 77 -60.83 98.59 -42.90
N SER C 78 -61.41 98.39 -44.07
CA SER C 78 -61.91 97.09 -44.47
C SER C 78 -60.72 96.14 -44.71
N PRO C 79 -60.93 94.84 -44.54
CA PRO C 79 -59.80 93.91 -44.64
C PRO C 79 -59.11 93.94 -45.99
N ASP C 80 -59.85 94.16 -47.08
CA ASP C 80 -59.21 94.21 -48.40
C ASP C 80 -58.32 95.45 -48.55
N TYR C 81 -58.57 96.48 -47.75
CA TYR C 81 -57.69 97.63 -47.67
C TYR C 81 -56.60 97.44 -46.63
N ALA C 82 -56.57 96.29 -45.96
CA ALA C 82 -55.57 95.95 -44.97
C ALA C 82 -54.93 94.62 -45.34
N TYR C 83 -54.28 93.97 -44.39
CA TYR C 83 -53.62 92.69 -44.64
C TYR C 83 -54.54 91.66 -45.27
N GLY C 84 -55.82 91.68 -44.93
CA GLY C 84 -56.78 90.87 -45.66
C GLY C 84 -56.76 89.39 -45.37
N ALA C 85 -56.86 88.58 -46.43
CA ALA C 85 -57.00 87.14 -46.26
C ALA C 85 -55.78 86.52 -45.58
N THR C 86 -54.58 86.95 -45.98
CA THR C 86 -53.38 86.41 -45.35
C THR C 86 -53.27 86.86 -43.90
N GLY C 87 -53.59 88.11 -43.62
CA GLY C 87 -53.51 88.63 -42.28
C GLY C 87 -52.06 88.80 -41.85
N HIS C 88 -51.91 89.18 -40.59
CA HIS C 88 -50.60 89.28 -39.97
C HIS C 88 -50.43 88.13 -38.99
N PRO C 89 -49.55 87.17 -39.28
CA PRO C 89 -49.49 85.95 -38.45
C PRO C 89 -49.09 86.26 -37.01
N GLY C 90 -49.95 85.86 -36.08
CA GLY C 90 -49.71 86.04 -34.67
C GLY C 90 -50.17 87.36 -34.12
N ILE C 91 -50.62 88.29 -34.96
CA ILE C 91 -51.07 89.59 -34.49
C ILE C 91 -52.51 89.83 -34.91
N ILE C 92 -52.77 89.73 -36.22
CA ILE C 92 -54.06 90.10 -36.80
C ILE C 92 -54.63 88.87 -37.48
N PRO C 93 -55.85 88.47 -37.14
CA PRO C 93 -56.45 87.29 -37.77
C PRO C 93 -56.81 87.57 -39.22
N PRO C 94 -56.99 86.53 -40.03
CA PRO C 94 -57.42 86.75 -41.41
C PRO C 94 -58.80 87.37 -41.48
N HIS C 95 -59.01 88.21 -42.50
CA HIS C 95 -60.29 88.89 -42.74
C HIS C 95 -60.72 89.69 -41.51
N ALA C 96 -59.81 90.54 -41.04
CA ALA C 96 -60.04 91.35 -39.85
C ALA C 96 -60.23 92.80 -40.26
N THR C 97 -61.29 93.43 -39.75
CA THR C 97 -61.48 94.85 -39.92
C THR C 97 -60.69 95.60 -38.86
N LEU C 98 -59.91 96.58 -39.30
CA LEU C 98 -59.00 97.31 -38.43
C LEU C 98 -59.57 98.67 -38.11
N VAL C 99 -59.53 99.04 -36.84
CA VAL C 99 -59.96 100.35 -36.36
C VAL C 99 -58.77 101.06 -35.77
N PHE C 100 -58.52 102.29 -36.22
CA PHE C 100 -57.37 103.07 -35.80
C PHE C 100 -57.81 104.41 -35.25
N ASP C 101 -57.16 104.84 -34.17
CA ASP C 101 -57.35 106.17 -33.62
C ASP C 101 -56.04 106.91 -33.93
N VAL C 102 -56.06 107.72 -34.98
CA VAL C 102 -54.86 108.34 -35.52
C VAL C 102 -54.93 109.84 -35.29
N GLU C 103 -53.83 110.42 -34.81
CA GLU C 103 -53.70 111.86 -34.65
C GLU C 103 -52.53 112.32 -35.52
N LEU C 104 -52.81 113.26 -36.43
CA LEU C 104 -51.78 113.79 -37.33
C LEU C 104 -51.05 114.91 -36.60
N LEU C 105 -49.86 114.59 -36.07
CA LEU C 105 -49.13 115.55 -35.28
C LEU C 105 -48.65 116.72 -36.12
N LYS C 106 -47.99 116.44 -37.24
CA LYS C 106 -47.40 117.48 -38.08
C LYS C 106 -46.99 116.85 -39.40
N LEU C 107 -46.55 117.71 -40.32
CA LEU C 107 -46.03 117.29 -41.61
C LEU C 107 -44.59 117.77 -41.75
N GLU C 108 -43.74 116.91 -42.30
CA GLU C 108 -42.36 117.27 -42.54
C GLU C 108 -41.79 116.49 -43.71
N GLY D 2 -104.49 -15.49 74.26
CA GLY D 2 -103.34 -16.19 73.71
C GLY D 2 -102.24 -16.42 74.72
N VAL D 3 -102.51 -16.06 75.97
CA VAL D 3 -101.56 -16.21 77.07
C VAL D 3 -102.20 -17.10 78.13
N GLN D 4 -101.49 -18.15 78.53
CA GLN D 4 -101.95 -19.07 79.56
C GLN D 4 -101.05 -18.95 80.78
N VAL D 5 -101.65 -18.73 81.94
CA VAL D 5 -100.92 -18.52 83.18
C VAL D 5 -101.11 -19.74 84.07
N GLU D 6 -100.01 -20.41 84.41
CA GLU D 6 -100.02 -21.52 85.35
C GLU D 6 -99.12 -21.16 86.51
N THR D 7 -99.65 -21.26 87.73
CA THR D 7 -98.90 -20.83 88.90
C THR D 7 -97.77 -21.80 89.22
N ILE D 8 -96.70 -21.26 89.80
CA ILE D 8 -95.60 -22.04 90.33
C ILE D 8 -95.48 -21.88 91.83
N SER D 9 -95.54 -20.64 92.32
CA SER D 9 -95.56 -20.35 93.74
C SER D 9 -96.61 -19.26 93.95
N PRO D 10 -97.56 -19.48 94.84
CA PRO D 10 -98.62 -18.48 95.04
C PRO D 10 -98.07 -17.19 95.63
N GLY D 11 -98.76 -16.09 95.34
CA GLY D 11 -98.44 -14.79 95.88
C GLY D 11 -99.36 -14.41 97.02
N ASP D 12 -99.55 -13.10 97.18
CA ASP D 12 -100.47 -12.62 98.20
C ASP D 12 -101.93 -12.81 97.80
N GLY D 13 -102.22 -12.78 96.50
CA GLY D 13 -103.56 -13.03 96.03
C GLY D 13 -104.55 -11.92 96.22
N ARG D 14 -104.11 -10.74 96.67
CA ARG D 14 -105.00 -9.61 96.85
C ARG D 14 -104.67 -8.45 95.93
N THR D 15 -103.40 -8.05 95.86
CA THR D 15 -103.00 -6.91 95.06
C THR D 15 -102.56 -7.36 93.68
N PHE D 16 -103.12 -6.74 92.65
CA PHE D 16 -102.83 -7.04 91.27
C PHE D 16 -102.44 -5.76 90.55
N PRO D 17 -101.62 -5.84 89.51
CA PRO D 17 -101.24 -4.63 88.77
C PRO D 17 -102.44 -4.00 88.08
N LYS D 18 -102.45 -2.67 88.10
CA LYS D 18 -103.44 -1.86 87.41
C LYS D 18 -102.78 -1.06 86.30
N ARG D 19 -103.60 -0.48 85.43
CA ARG D 19 -103.10 0.29 84.31
C ARG D 19 -102.28 1.48 84.82
N GLY D 20 -101.10 1.66 84.23
CA GLY D 20 -100.23 2.75 84.63
C GLY D 20 -99.42 2.49 85.88
N GLN D 21 -99.32 1.25 86.32
CA GLN D 21 -98.53 0.87 87.48
C GLN D 21 -97.29 0.12 87.02
N THR D 22 -96.13 0.55 87.50
CA THR D 22 -94.88 -0.07 87.08
C THR D 22 -94.70 -1.42 87.78
N CYS D 23 -94.46 -2.46 86.99
CA CYS D 23 -94.26 -3.80 87.51
C CYS D 23 -92.77 -4.14 87.50
N VAL D 24 -92.27 -4.65 88.62
CA VAL D 24 -90.89 -5.09 88.75
C VAL D 24 -90.91 -6.61 88.77
N VAL D 25 -90.31 -7.24 87.76
CA VAL D 25 -90.40 -8.68 87.59
C VAL D 25 -89.01 -9.26 87.36
N HIS D 26 -88.86 -10.53 87.73
CA HIS D 26 -87.72 -11.36 87.35
C HIS D 26 -88.24 -12.46 86.46
N TYR D 27 -87.68 -12.58 85.26
CA TYR D 27 -88.20 -13.52 84.28
C TYR D 27 -87.08 -14.33 83.65
N THR D 28 -87.47 -15.46 83.07
CA THR D 28 -86.58 -16.32 82.30
C THR D 28 -87.39 -16.88 81.14
N GLY D 29 -87.00 -16.54 79.91
CA GLY D 29 -87.78 -16.89 78.75
C GLY D 29 -87.09 -17.92 77.88
N MET D 30 -87.86 -18.93 77.46
CA MET D 30 -87.34 -19.98 76.59
C MET D 30 -88.34 -20.26 75.49
N LEU D 31 -87.83 -20.77 74.37
CA LEU D 31 -88.70 -21.27 73.31
C LEU D 31 -89.44 -22.49 73.81
N GLU D 32 -90.60 -22.74 73.20
CA GLU D 32 -91.49 -23.78 73.72
C GLU D 32 -90.88 -25.18 73.67
N ASP D 33 -89.84 -25.39 72.87
CA ASP D 33 -89.18 -26.68 72.88
C ASP D 33 -88.13 -26.81 73.98
N GLY D 34 -87.72 -25.70 74.60
CA GLY D 34 -86.82 -25.78 75.74
C GLY D 34 -85.53 -24.99 75.63
N LYS D 35 -85.35 -24.22 74.57
CA LYS D 35 -84.14 -23.43 74.38
C LYS D 35 -84.33 -22.07 75.03
N LYS D 36 -83.57 -21.79 76.07
CA LYS D 36 -83.64 -20.50 76.73
C LYS D 36 -83.04 -19.42 75.85
N PHE D 37 -83.75 -18.30 75.74
CA PHE D 37 -83.27 -17.18 74.94
C PHE D 37 -83.06 -15.89 75.70
N ASP D 38 -83.59 -15.75 76.92
CA ASP D 38 -83.43 -14.50 77.65
C ASP D 38 -83.79 -14.76 79.10
N SER D 39 -83.12 -14.04 79.99
CA SER D 39 -83.42 -14.11 81.42
C SER D 39 -82.80 -12.92 82.12
N SER D 40 -83.60 -12.23 82.94
CA SER D 40 -83.07 -11.11 83.71
C SER D 40 -82.21 -11.58 84.87
N ARG D 41 -82.30 -12.85 85.24
CA ARG D 41 -81.48 -13.37 86.33
C ARG D 41 -80.01 -13.31 85.99
N ASP D 42 -79.66 -13.62 84.74
CA ASP D 42 -78.26 -13.58 84.34
C ASP D 42 -77.70 -12.16 84.42
N ARG D 43 -78.51 -11.17 84.06
CA ARG D 43 -78.09 -9.79 84.21
C ARG D 43 -78.20 -9.30 85.65
N ASN D 44 -78.77 -10.09 86.54
CA ASN D 44 -78.85 -9.77 87.96
C ASN D 44 -79.55 -8.45 88.22
N LYS D 45 -80.47 -8.08 87.34
CA LYS D 45 -81.19 -6.82 87.46
C LYS D 45 -82.65 -7.03 87.12
N PRO D 46 -83.57 -6.69 88.02
CA PRO D 46 -84.99 -6.87 87.72
C PRO D 46 -85.43 -6.01 86.54
N PHE D 47 -86.43 -6.52 85.82
CA PHE D 47 -86.95 -5.83 84.65
C PHE D 47 -88.20 -5.05 85.04
N LYS D 48 -88.23 -3.77 84.66
CA LYS D 48 -89.32 -2.86 85.02
C LYS D 48 -90.07 -2.42 83.78
N PHE D 49 -91.40 -2.45 83.86
CA PHE D 49 -92.25 -1.93 82.81
C PHE D 49 -93.57 -1.51 83.43
N MET D 50 -94.29 -0.63 82.73
CA MET D 50 -95.56 -0.10 83.19
C MET D 50 -96.67 -0.61 82.28
N LEU D 51 -97.75 -1.09 82.89
CA LEU D 51 -98.82 -1.72 82.14
C LEU D 51 -99.53 -0.72 81.23
N GLY D 52 -99.89 -1.18 80.03
CA GLY D 52 -100.76 -0.43 79.14
C GLY D 52 -100.06 0.47 78.15
N LYS D 53 -98.75 0.67 78.26
CA LYS D 53 -98.03 1.50 77.31
C LYS D 53 -97.46 0.71 76.14
N GLN D 54 -97.75 -0.59 76.05
CA GLN D 54 -97.25 -1.46 74.99
C GLN D 54 -95.72 -1.48 74.96
N GLU D 55 -95.09 -1.35 76.11
CA GLU D 55 -93.63 -1.46 76.17
C GLU D 55 -93.18 -2.88 75.89
N VAL D 56 -93.95 -3.87 76.32
CA VAL D 56 -93.61 -5.27 76.17
C VAL D 56 -94.59 -5.93 75.22
N ILE D 57 -94.35 -7.20 74.89
CA ILE D 57 -95.24 -7.90 73.97
C ILE D 57 -96.61 -8.04 74.61
N ARG D 58 -97.63 -8.21 73.77
CA ARG D 58 -99.00 -8.22 74.27
C ARG D 58 -99.27 -9.36 75.23
N GLY D 59 -98.60 -10.50 75.04
CA GLY D 59 -98.80 -11.62 75.94
C GLY D 59 -98.42 -11.29 77.37
N TRP D 60 -97.37 -10.48 77.55
CA TRP D 60 -96.99 -10.06 78.89
C TRP D 60 -98.00 -9.12 79.53
N GLU D 61 -98.73 -8.35 78.71
CA GLU D 61 -99.69 -7.40 79.27
C GLU D 61 -100.79 -8.12 80.04
N GLU D 62 -101.38 -9.15 79.45
CA GLU D 62 -102.41 -9.90 80.16
C GLU D 62 -101.81 -10.83 81.20
N GLY D 63 -100.66 -11.44 80.91
CA GLY D 63 -100.10 -12.43 81.80
C GLY D 63 -99.72 -11.86 83.15
N VAL D 64 -99.01 -10.73 83.15
CA VAL D 64 -98.61 -10.11 84.41
C VAL D 64 -99.81 -9.53 85.12
N ALA D 65 -100.80 -9.04 84.35
CA ALA D 65 -101.99 -8.46 84.97
C ALA D 65 -102.76 -9.47 85.80
N GLN D 66 -102.69 -10.76 85.43
CA GLN D 66 -103.37 -11.80 86.18
C GLN D 66 -102.58 -12.29 87.38
N MET D 67 -101.34 -11.85 87.55
CA MET D 67 -100.52 -12.28 88.67
C MET D 67 -100.65 -11.30 89.83
N SER D 68 -100.35 -11.80 91.03
CA SER D 68 -100.32 -10.99 92.24
C SER D 68 -98.88 -10.81 92.67
N VAL D 69 -98.67 -9.88 93.61
CA VAL D 69 -97.32 -9.56 94.05
C VAL D 69 -96.73 -10.73 94.81
N GLY D 70 -95.51 -11.11 94.45
CA GLY D 70 -94.85 -12.25 95.04
C GLY D 70 -95.16 -13.57 94.37
N GLN D 71 -96.11 -13.58 93.43
CA GLN D 71 -96.48 -14.81 92.75
C GLN D 71 -95.49 -15.11 91.63
N ARG D 72 -95.11 -16.37 91.51
CA ARG D 72 -94.26 -16.86 90.44
C ARG D 72 -95.08 -17.80 89.59
N ALA D 73 -95.16 -17.50 88.30
CA ALA D 73 -96.03 -18.24 87.40
C ALA D 73 -95.33 -18.48 86.08
N LYS D 74 -95.91 -19.37 85.28
CA LYS D 74 -95.40 -19.71 83.96
C LYS D 74 -96.40 -19.24 82.92
N LEU D 75 -95.96 -18.38 82.00
CA LEU D 75 -96.83 -17.84 80.97
C LEU D 75 -96.45 -18.44 79.63
N THR D 76 -97.41 -19.09 78.98
CA THR D 76 -97.25 -19.61 77.63
C THR D 76 -97.95 -18.68 76.67
N ILE D 77 -97.19 -18.04 75.79
CA ILE D 77 -97.71 -17.01 74.91
C ILE D 77 -97.74 -17.55 73.48
N SER D 78 -98.92 -17.50 72.87
CA SER D 78 -99.07 -17.89 71.48
C SER D 78 -98.35 -16.88 70.58
N PRO D 79 -97.87 -17.33 69.41
CA PRO D 79 -97.05 -16.43 68.58
C PRO D 79 -97.75 -15.15 68.18
N ASP D 80 -99.07 -15.18 67.97
CA ASP D 80 -99.77 -13.97 67.55
C ASP D 80 -99.89 -12.98 68.70
N TYR D 81 -99.74 -13.44 69.93
CA TYR D 81 -99.58 -12.57 71.09
C TYR D 81 -98.12 -12.24 71.36
N ALA D 82 -97.21 -12.70 70.51
CA ALA D 82 -95.79 -12.39 70.59
C ALA D 82 -95.33 -11.83 69.26
N TYR D 83 -94.02 -11.82 69.02
CA TYR D 83 -93.47 -11.29 67.78
C TYR D 83 -94.10 -11.90 66.54
N GLY D 84 -94.49 -13.17 66.59
CA GLY D 84 -95.30 -13.72 65.52
C GLY D 84 -94.59 -14.04 64.23
N ALA D 85 -95.20 -13.69 63.10
CA ALA D 85 -94.66 -14.08 61.81
C ALA D 85 -93.29 -13.48 61.55
N THR D 86 -93.11 -12.20 61.88
CA THR D 86 -91.82 -11.57 61.68
C THR D 86 -90.77 -12.15 62.61
N GLY D 87 -91.14 -12.39 63.86
CA GLY D 87 -90.20 -12.91 64.82
C GLY D 87 -89.17 -11.87 65.22
N HIS D 88 -88.23 -12.31 66.03
CA HIS D 88 -87.09 -11.47 66.42
C HIS D 88 -85.85 -11.97 65.69
N PRO D 89 -85.32 -11.21 64.74
CA PRO D 89 -84.23 -11.73 63.90
C PRO D 89 -82.99 -12.06 64.72
N GLY D 90 -82.56 -13.31 64.62
CA GLY D 90 -81.38 -13.77 65.30
C GLY D 90 -81.60 -14.26 66.71
N ILE D 91 -82.81 -14.12 67.25
CA ILE D 91 -83.09 -14.54 68.61
C ILE D 91 -84.25 -15.54 68.60
N ILE D 92 -85.38 -15.13 68.04
CA ILE D 92 -86.62 -15.88 68.10
C ILE D 92 -87.06 -16.21 66.68
N PRO D 93 -87.28 -17.48 66.35
CA PRO D 93 -87.70 -17.83 64.99
C PRO D 93 -89.13 -17.39 64.74
N PRO D 94 -89.52 -17.28 63.47
CA PRO D 94 -90.92 -16.95 63.17
C PRO D 94 -91.86 -18.05 63.65
N HIS D 95 -93.07 -17.63 64.04
CA HIS D 95 -94.11 -18.54 64.52
C HIS D 95 -93.62 -19.38 65.69
N ALA D 96 -93.08 -18.69 66.69
CA ALA D 96 -92.51 -19.35 67.87
C ALA D 96 -93.41 -19.11 69.07
N THR D 97 -93.77 -20.19 69.76
CA THR D 97 -94.48 -20.08 71.02
C THR D 97 -93.48 -19.82 72.14
N LEU D 98 -93.75 -18.80 72.94
CA LEU D 98 -92.83 -18.35 73.98
C LEU D 98 -93.31 -18.82 75.34
N VAL D 99 -92.40 -19.36 76.13
CA VAL D 99 -92.68 -19.79 77.49
C VAL D 99 -91.84 -18.97 78.44
N PHE D 100 -92.48 -18.36 79.44
CA PHE D 100 -91.81 -17.47 80.37
C PHE D 100 -92.05 -17.95 81.81
N ASP D 101 -91.01 -17.87 82.62
CA ASP D 101 -91.09 -18.11 84.05
C ASP D 101 -90.93 -16.74 84.69
N VAL D 102 -92.04 -16.13 85.09
CA VAL D 102 -92.06 -14.75 85.54
C VAL D 102 -92.40 -14.71 87.02
N GLU D 103 -91.65 -13.93 87.79
CA GLU D 103 -91.94 -13.69 89.19
C GLU D 103 -92.19 -12.21 89.38
N LEU D 104 -93.35 -11.86 89.92
CA LEU D 104 -93.73 -10.47 90.15
C LEU D 104 -93.15 -10.04 91.49
N LEU D 105 -92.02 -9.34 91.45
CA LEU D 105 -91.32 -8.96 92.68
C LEU D 105 -92.13 -7.97 93.49
N LYS D 106 -92.59 -6.89 92.86
CA LYS D 106 -93.29 -5.84 93.58
C LYS D 106 -93.94 -4.91 92.57
N LEU D 107 -94.70 -3.95 93.07
CA LEU D 107 -95.34 -2.92 92.27
C LEU D 107 -94.87 -1.55 92.73
N GLU D 108 -94.60 -0.67 91.78
CA GLU D 108 -94.20 0.69 92.10
C GLU D 108 -94.58 1.65 90.98
N GLY E 2 10.61 -128.26 6.22
CA GLY E 2 11.10 -127.35 5.20
C GLY E 2 12.54 -126.94 5.42
N VAL E 3 13.29 -127.76 6.14
CA VAL E 3 14.69 -127.52 6.44
C VAL E 3 15.51 -128.71 5.96
N GLN E 4 16.52 -128.43 5.16
CA GLN E 4 17.42 -129.45 4.64
C GLN E 4 18.81 -129.26 5.23
N VAL E 5 19.37 -130.32 5.79
CA VAL E 5 20.65 -130.27 6.47
C VAL E 5 21.66 -131.06 5.65
N GLU E 6 22.72 -130.38 5.21
CA GLU E 6 23.83 -131.00 4.50
C GLU E 6 25.10 -130.76 5.30
N THR E 7 25.82 -131.83 5.60
CA THR E 7 26.98 -131.70 6.46
C THR E 7 28.13 -131.02 5.74
N ILE E 8 28.97 -130.33 6.51
CA ILE E 8 30.21 -129.75 6.02
C ILE E 8 31.41 -130.38 6.72
N SER E 9 31.35 -130.50 8.04
CA SER E 9 32.38 -131.16 8.81
C SER E 9 31.65 -132.02 9.84
N PRO E 10 31.94 -133.31 9.91
CA PRO E 10 31.24 -134.18 10.85
C PRO E 10 31.56 -133.83 12.29
N GLY E 11 30.61 -134.12 13.18
CA GLY E 11 30.78 -133.94 14.59
C GLY E 11 31.09 -135.24 15.30
N ASP E 12 30.68 -135.31 16.57
CA ASP E 12 30.87 -136.54 17.33
C ASP E 12 29.86 -137.61 16.92
N GLY E 13 28.67 -137.22 16.50
CA GLY E 13 27.69 -138.17 16.00
C GLY E 13 26.96 -138.96 17.07
N ARG E 14 27.17 -138.65 18.34
CA ARG E 14 26.48 -139.35 19.42
C ARG E 14 25.54 -138.46 20.19
N THR E 15 26.00 -137.28 20.61
CA THR E 15 25.18 -136.38 21.43
C THR E 15 24.47 -135.39 20.54
N PHE E 16 23.16 -135.27 20.71
CA PHE E 16 22.31 -134.37 19.96
C PHE E 16 21.51 -133.52 20.93
N PRO E 17 21.15 -132.30 20.53
CA PRO E 17 20.38 -131.43 21.42
C PRO E 17 19.00 -132.01 21.70
N LYS E 18 18.57 -131.89 22.96
CA LYS E 18 17.26 -132.31 23.40
C LYS E 18 16.44 -131.09 23.80
N ARG E 19 15.13 -131.30 23.99
CA ARG E 19 14.24 -130.22 24.34
C ARG E 19 14.66 -129.59 25.66
N GLY E 20 14.72 -128.27 25.69
CA GLY E 20 15.11 -127.56 26.89
C GLY E 20 16.60 -127.51 27.13
N GLN E 21 17.41 -127.79 26.13
CA GLN E 21 18.87 -127.74 26.25
C GLN E 21 19.38 -126.55 25.46
N THR E 22 20.22 -125.73 26.09
CA THR E 22 20.73 -124.54 25.43
C THR E 22 21.83 -124.91 24.44
N CYS E 23 21.66 -124.46 23.20
CA CYS E 23 22.63 -124.72 22.13
C CYS E 23 23.48 -123.49 21.91
N VAL E 24 24.79 -123.68 21.86
CA VAL E 24 25.75 -122.62 21.56
C VAL E 24 26.27 -122.86 20.15
N VAL E 25 25.97 -121.93 19.24
CA VAL E 25 26.28 -122.11 17.83
C VAL E 25 26.99 -120.88 17.28
N HIS E 26 27.77 -121.11 16.24
CA HIS E 26 28.33 -120.06 15.40
C HIS E 26 27.72 -120.21 14.02
N TYR E 27 27.11 -119.15 13.51
CA TYR E 27 26.36 -119.25 12.26
C TYR E 27 26.70 -118.09 11.34
N THR E 28 26.41 -118.29 10.06
CA THR E 28 26.53 -117.25 9.04
C THR E 28 25.39 -117.45 8.06
N GLY E 29 24.50 -116.47 7.95
CA GLY E 29 23.29 -116.61 7.17
C GLY E 29 23.33 -115.72 5.93
N MET E 30 22.93 -116.30 4.80
CA MET E 30 22.85 -115.57 3.55
C MET E 30 21.55 -115.92 2.84
N LEU E 31 21.09 -115.00 2.01
CA LEU E 31 19.98 -115.29 1.12
C LEU E 31 20.39 -116.34 0.11
N GLU E 32 19.41 -117.08 -0.41
CA GLU E 32 19.70 -118.24 -1.23
C GLU E 32 20.44 -117.89 -2.52
N ASP E 33 20.40 -116.64 -2.96
CA ASP E 33 21.17 -116.25 -4.13
C ASP E 33 22.62 -115.90 -3.80
N GLY E 34 22.94 -115.69 -2.52
CA GLY E 34 24.33 -115.50 -2.13
C GLY E 34 24.67 -114.24 -1.38
N LYS E 35 23.67 -113.43 -1.03
CA LYS E 35 23.89 -112.21 -0.27
C LYS E 35 23.84 -112.51 1.22
N LYS E 36 24.97 -112.34 1.90
CA LYS E 36 25.03 -112.54 3.33
C LYS E 36 24.27 -111.45 4.06
N PHE E 37 23.45 -111.85 5.04
CA PHE E 37 22.69 -110.88 5.81
C PHE E 37 22.97 -110.91 7.30
N ASP E 38 23.63 -111.93 7.83
CA ASP E 38 23.87 -112.00 9.26
C ASP E 38 24.92 -113.07 9.52
N SER E 39 25.73 -112.84 10.56
CA SER E 39 26.74 -113.80 10.97
C SER E 39 27.21 -113.45 12.37
N SER E 40 27.23 -114.44 13.26
CA SER E 40 27.75 -114.22 14.60
C SER E 40 29.27 -114.12 14.62
N ARG E 41 29.94 -114.55 13.55
CA ARG E 41 31.39 -114.46 13.50
C ARG E 41 31.85 -113.01 13.51
N ASP E 42 31.14 -112.14 12.79
CA ASP E 42 31.50 -110.73 12.78
C ASP E 42 31.39 -110.11 14.16
N ARG E 43 30.34 -110.47 14.90
CA ARG E 43 30.21 -110.00 16.27
C ARG E 43 31.14 -110.74 17.23
N ASN E 44 31.79 -111.81 16.77
CA ASN E 44 32.78 -112.53 17.56
C ASN E 44 32.19 -113.08 18.85
N LYS E 45 30.90 -113.39 18.85
CA LYS E 45 30.22 -113.89 20.03
C LYS E 45 29.28 -115.00 19.63
N PRO E 46 29.43 -116.19 20.20
CA PRO E 46 28.53 -117.29 19.87
C PRO E 46 27.09 -116.97 20.22
N PHE E 47 26.17 -117.54 19.44
CA PHE E 47 24.74 -117.31 19.64
C PHE E 47 24.15 -118.47 20.44
N LYS E 48 23.41 -118.13 21.49
CA LYS E 48 22.85 -119.11 22.40
C LYS E 48 21.33 -119.09 22.33
N PHE E 49 20.74 -120.28 22.30
CA PHE E 49 19.29 -120.43 22.35
C PHE E 49 18.97 -121.81 22.89
N MET E 50 17.75 -121.95 23.41
CA MET E 50 17.29 -123.20 24.00
C MET E 50 16.19 -123.78 23.13
N LEU E 51 16.29 -125.08 22.83
CA LEU E 51 15.36 -125.71 21.91
C LEU E 51 13.95 -125.73 22.46
N GLY E 52 12.98 -125.51 21.58
CA GLY E 52 11.58 -125.70 21.90
C GLY E 52 10.85 -124.50 22.46
N LYS E 53 11.55 -123.40 22.75
CA LYS E 53 10.90 -122.20 23.24
C LYS E 53 10.50 -121.24 22.13
N GLN E 54 10.71 -121.62 20.87
CA GLN E 54 10.40 -120.77 19.72
C GLN E 54 11.14 -119.45 19.77
N GLU E 55 12.36 -119.46 20.34
CA GLU E 55 13.18 -118.25 20.33
C GLU E 55 13.65 -117.92 18.92
N VAL E 56 13.94 -118.93 18.11
CA VAL E 56 14.48 -118.74 16.77
C VAL E 56 13.43 -119.18 15.77
N ILE E 57 13.71 -118.97 14.48
CA ILE E 57 12.75 -119.35 13.44
C ILE E 57 12.57 -120.86 13.47
N ARG E 58 11.44 -121.31 12.92
CA ARG E 58 11.08 -122.72 13.05
C ARG E 58 12.07 -123.64 12.38
N GLY E 59 12.63 -123.25 11.23
CA GLY E 59 13.59 -124.11 10.55
C GLY E 59 14.81 -124.42 11.40
N TRP E 60 15.30 -123.43 12.14
CA TRP E 60 16.45 -123.63 13.00
C TRP E 60 16.22 -124.69 14.06
N GLU E 61 14.99 -124.83 14.55
CA GLU E 61 14.71 -125.85 15.55
C GLU E 61 15.11 -127.23 15.06
N GLU E 62 14.49 -127.71 13.97
CA GLU E 62 14.88 -128.98 13.40
C GLU E 62 16.32 -128.99 12.93
N GLY E 63 16.80 -127.88 12.36
CA GLY E 63 18.15 -127.86 11.82
C GLY E 63 19.20 -128.16 12.88
N VAL E 64 19.10 -127.50 14.03
CA VAL E 64 20.06 -127.76 15.10
C VAL E 64 19.71 -129.05 15.83
N ALA E 65 18.44 -129.47 15.78
CA ALA E 65 18.08 -130.73 16.40
C ALA E 65 18.73 -131.91 15.69
N GLN E 66 18.90 -131.82 14.38
CA GLN E 66 19.49 -132.91 13.62
C GLN E 66 21.01 -132.90 13.63
N MET E 67 21.64 -131.90 14.23
CA MET E 67 23.09 -131.82 14.28
C MET E 67 23.62 -132.40 15.58
N SER E 68 24.90 -132.74 15.57
CA SER E 68 25.60 -133.21 16.75
C SER E 68 26.65 -132.17 17.15
N VAL E 69 27.17 -132.34 18.37
CA VAL E 69 28.12 -131.37 18.91
C VAL E 69 29.40 -131.41 18.11
N GLY E 70 29.88 -130.23 17.71
CA GLY E 70 31.07 -130.12 16.89
C GLY E 70 30.81 -130.22 15.41
N GLN E 71 29.61 -130.58 14.99
CA GLN E 71 29.30 -130.71 13.58
C GLN E 71 29.01 -129.35 12.97
N ARG E 72 29.54 -129.14 11.77
CA ARG E 72 29.27 -127.94 10.98
C ARG E 72 28.47 -128.35 9.76
N ALA E 73 27.31 -127.75 9.58
CA ALA E 73 26.40 -128.15 8.51
C ALA E 73 25.79 -126.92 7.86
N LYS E 74 25.18 -127.14 6.71
CA LYS E 74 24.50 -126.10 5.96
C LYS E 74 23.01 -126.38 5.97
N LEU E 75 22.23 -125.43 6.47
CA LEU E 75 20.78 -125.59 6.58
C LEU E 75 20.11 -124.69 5.54
N THR E 76 19.30 -125.29 4.68
CA THR E 76 18.49 -124.55 3.72
C THR E 76 17.05 -124.55 4.21
N ILE E 77 16.54 -123.37 4.54
CA ILE E 77 15.23 -123.22 5.16
C ILE E 77 14.27 -122.62 4.15
N SER E 78 13.15 -123.31 3.91
CA SER E 78 12.12 -122.79 3.05
C SER E 78 11.43 -121.59 3.71
N PRO E 79 10.90 -120.67 2.91
CA PRO E 79 10.33 -119.44 3.49
C PRO E 79 9.22 -119.69 4.49
N ASP E 80 8.41 -120.73 4.28
CA ASP E 80 7.34 -121.01 5.22
C ASP E 80 7.87 -121.50 6.56
N TYR E 81 9.09 -122.04 6.57
CA TYR E 81 9.77 -122.37 7.81
C TYR E 81 10.59 -121.20 8.34
N ALA E 82 10.53 -120.06 7.67
CA ALA E 82 11.23 -118.84 8.07
C ALA E 82 10.22 -117.70 8.14
N TYR E 83 10.71 -116.46 8.13
CA TYR E 83 9.84 -115.30 8.20
C TYR E 83 8.73 -115.31 7.16
N GLY E 84 9.00 -115.85 5.98
CA GLY E 84 7.92 -116.10 5.03
C GLY E 84 7.38 -114.88 4.32
N ALA E 85 6.05 -114.80 4.23
CA ALA E 85 5.42 -113.76 3.43
C ALA E 85 5.71 -112.37 3.98
N THR E 86 5.65 -112.21 5.30
CA THR E 86 5.93 -110.90 5.88
C THR E 86 7.41 -110.55 5.73
N GLY E 87 8.29 -111.51 5.93
CA GLY E 87 9.70 -111.25 5.84
C GLY E 87 10.20 -110.43 7.02
N HIS E 88 11.48 -110.07 6.93
CA HIS E 88 12.07 -109.18 7.91
C HIS E 88 12.29 -107.83 7.26
N PRO E 89 11.55 -106.79 7.66
CA PRO E 89 11.61 -105.51 6.95
C PRO E 89 13.00 -104.89 6.99
N GLY E 90 13.56 -104.64 5.81
CA GLY E 90 14.86 -104.03 5.69
C GLY E 90 16.03 -104.98 5.72
N ILE E 91 15.79 -106.27 5.98
CA ILE E 91 16.87 -107.24 6.04
C ILE E 91 16.60 -108.37 5.05
N ILE E 92 15.45 -109.00 5.16
CA ILE E 92 15.11 -110.20 4.40
C ILE E 92 13.87 -109.91 3.57
N PRO E 93 13.91 -110.11 2.26
CA PRO E 93 12.74 -109.85 1.42
C PRO E 93 11.66 -110.89 1.66
N PRO E 94 10.42 -110.59 1.31
CA PRO E 94 9.36 -111.59 1.44
C PRO E 94 9.62 -112.79 0.54
N HIS E 95 9.17 -113.96 1.00
CA HIS E 95 9.32 -115.21 0.25
C HIS E 95 10.79 -115.48 -0.09
N ALA E 96 11.64 -115.42 0.93
CA ALA E 96 13.06 -115.61 0.76
C ALA E 96 13.48 -116.95 1.35
N THR E 97 14.21 -117.73 0.58
CA THR E 97 14.81 -118.96 1.09
C THR E 97 16.12 -118.62 1.78
N LEU E 98 16.28 -119.11 3.00
CA LEU E 98 17.42 -118.77 3.84
C LEU E 98 18.41 -119.92 3.84
N VAL E 99 19.69 -119.61 3.70
CA VAL E 99 20.76 -120.58 3.76
C VAL E 99 21.68 -120.22 4.91
N PHE E 100 21.95 -121.17 5.79
CA PHE E 100 22.74 -120.94 6.98
C PHE E 100 23.91 -121.92 7.03
N ASP E 101 25.06 -121.43 7.44
CA ASP E 101 26.23 -122.25 7.72
C ASP E 101 26.36 -122.22 9.24
N VAL E 102 25.92 -123.29 9.89
CA VAL E 102 25.81 -123.35 11.34
C VAL E 102 26.80 -124.37 11.88
N GLU E 103 27.53 -124.00 12.92
CA GLU E 103 28.42 -124.90 13.63
C GLU E 103 27.95 -125.00 15.07
N LEU E 104 27.67 -126.23 15.51
CA LEU E 104 27.20 -126.47 16.88
C LEU E 104 28.42 -126.58 17.79
N LEU E 105 28.73 -125.49 18.49
CA LEU E 105 29.93 -125.45 19.31
C LEU E 105 29.83 -126.43 20.49
N LYS E 106 28.75 -126.36 21.24
CA LYS E 106 28.60 -127.18 22.44
C LYS E 106 27.16 -127.08 22.90
N LEU E 107 26.84 -127.88 23.92
CA LEU E 107 25.53 -127.87 24.57
C LEU E 107 25.70 -127.51 26.03
N GLU E 108 24.79 -126.69 26.54
CA GLU E 108 24.82 -126.32 27.94
C GLU E 108 23.41 -125.97 28.42
N GLU F 10 15.71 -18.58 -18.75
CA GLU F 10 14.95 -18.38 -19.97
C GLU F 10 14.65 -19.72 -20.65
N VAL F 11 15.13 -19.90 -21.88
CA VAL F 11 14.95 -21.16 -22.60
C VAL F 11 15.65 -22.27 -21.83
N GLN F 12 14.93 -23.37 -21.58
CA GLN F 12 15.48 -24.48 -20.81
C GLN F 12 16.59 -25.18 -21.60
N PHE F 13 17.58 -25.68 -20.87
CA PHE F 13 18.65 -26.47 -21.45
C PHE F 13 18.61 -27.89 -20.88
N LEU F 14 18.89 -28.86 -21.73
CA LEU F 14 18.96 -30.24 -21.27
C LEU F 14 20.25 -30.47 -20.49
N ARG F 15 20.13 -31.09 -19.33
CA ARG F 15 21.25 -31.35 -18.46
C ARG F 15 21.26 -32.82 -18.07
N THR F 16 22.37 -33.25 -17.49
CA THR F 16 22.50 -34.64 -17.08
C THR F 16 21.52 -34.96 -15.95
N ASP F 17 21.27 -36.25 -15.78
CA ASP F 17 20.34 -36.80 -14.79
C ASP F 17 18.90 -36.39 -15.04
N ASP F 18 18.57 -35.96 -16.25
CA ASP F 18 17.20 -35.57 -16.60
C ASP F 18 16.59 -36.61 -17.53
N GLU F 19 15.33 -36.94 -17.27
CA GLU F 19 14.64 -37.97 -18.06
C GLU F 19 14.07 -37.34 -19.32
N VAL F 20 14.34 -37.96 -20.46
CA VAL F 20 13.91 -37.47 -21.76
C VAL F 20 13.31 -38.61 -22.56
N VAL F 21 12.52 -38.24 -23.57
CA VAL F 21 11.94 -39.18 -24.52
C VAL F 21 12.38 -38.78 -25.92
N LEU F 22 12.92 -39.73 -26.67
CA LEU F 22 13.37 -39.47 -28.04
C LEU F 22 12.16 -39.55 -28.97
N GLN F 23 11.82 -38.44 -29.58
CA GLN F 23 10.59 -38.32 -30.37
C GLN F 23 10.93 -37.87 -31.78
N CYS F 24 10.35 -38.58 -32.76
CA CYS F 24 10.45 -38.24 -34.17
C CYS F 24 9.06 -38.08 -34.74
N SER F 25 9.00 -37.78 -36.04
CA SER F 25 7.75 -37.59 -36.74
C SER F 25 7.76 -38.34 -38.06
N ALA F 26 6.62 -38.92 -38.41
CA ALA F 26 6.46 -39.61 -39.67
C ALA F 26 5.13 -39.21 -40.28
N THR F 27 5.06 -39.27 -41.61
CA THR F 27 3.86 -38.93 -42.35
C THR F 27 3.13 -40.21 -42.72
N VAL F 28 1.92 -40.36 -42.19
CA VAL F 28 1.09 -41.53 -42.43
C VAL F 28 -0.26 -41.04 -42.94
N LEU F 29 -0.47 -41.19 -44.25
CA LEU F 29 -1.72 -40.76 -44.90
C LEU F 29 -1.99 -39.28 -44.64
N LYS F 30 -1.04 -38.44 -45.04
CA LYS F 30 -1.11 -36.98 -44.90
C LYS F 30 -1.28 -36.53 -43.47
N GLU F 31 -1.00 -37.39 -42.50
CA GLU F 31 -1.13 -37.07 -41.07
C GLU F 31 0.23 -37.16 -40.41
N GLN F 32 0.57 -36.14 -39.62
CA GLN F 32 1.83 -36.13 -38.89
C GLN F 32 1.67 -36.98 -37.63
N LEU F 33 2.31 -38.14 -37.61
CA LEU F 33 2.26 -39.05 -36.50
C LEU F 33 3.56 -38.95 -35.71
N LYS F 34 3.45 -38.63 -34.43
CA LYS F 34 4.61 -38.48 -33.56
C LYS F 34 4.87 -39.78 -32.83
N LEU F 35 6.12 -40.23 -32.86
CA LEU F 35 6.51 -41.51 -32.30
C LEU F 35 7.63 -41.30 -31.28
N CYS F 36 7.63 -42.12 -30.24
CA CYS F 36 8.69 -42.11 -29.24
C CYS F 36 9.45 -43.43 -29.28
N LEU F 37 10.77 -43.35 -29.19
CA LEU F 37 11.59 -44.55 -29.12
C LEU F 37 11.31 -45.28 -27.81
N ALA F 38 11.07 -46.58 -27.91
CA ALA F 38 10.69 -47.38 -26.74
C ALA F 38 11.38 -48.72 -26.79
N ALA F 39 11.55 -49.32 -25.62
CA ALA F 39 12.14 -50.65 -25.50
C ALA F 39 11.68 -51.26 -24.20
N GLU F 40 11.47 -52.58 -24.20
CA GLU F 40 11.01 -53.25 -22.98
C GLU F 40 12.17 -53.64 -22.08
N GLY F 41 13.30 -54.05 -22.67
CA GLY F 41 14.46 -54.41 -21.90
C GLY F 41 14.52 -55.88 -21.54
N PHE F 42 13.66 -56.32 -20.63
CA PHE F 42 13.64 -57.72 -20.22
C PHE F 42 12.81 -58.52 -21.22
N GLY F 43 13.44 -59.53 -21.81
CA GLY F 43 12.77 -60.38 -22.77
C GLY F 43 12.80 -59.90 -24.20
N ASN F 44 13.14 -58.64 -24.42
CA ASN F 44 13.25 -58.11 -25.78
C ASN F 44 14.16 -56.90 -25.75
N ARG F 45 15.39 -57.06 -26.24
CA ARG F 45 16.35 -55.97 -26.23
C ARG F 45 16.06 -54.93 -27.30
N LEU F 46 15.41 -55.33 -28.39
CA LEU F 46 15.21 -54.44 -29.53
C LEU F 46 14.30 -53.28 -29.16
N CYS F 47 14.50 -52.16 -29.84
CA CYS F 47 13.72 -50.95 -29.63
C CYS F 47 12.64 -50.84 -30.69
N PHE F 48 11.51 -50.25 -30.32
CA PHE F 48 10.44 -49.99 -31.27
C PHE F 48 9.90 -48.58 -31.08
N LEU F 49 8.81 -48.25 -31.75
CA LEU F 49 8.26 -46.91 -31.74
C LEU F 49 6.87 -46.92 -31.15
N GLU F 50 6.64 -46.06 -30.16
CA GLU F 50 5.34 -45.96 -29.51
C GLU F 50 4.65 -44.71 -29.99
N PRO F 51 3.58 -44.82 -30.77
CA PRO F 51 2.88 -43.62 -31.24
C PRO F 51 2.27 -42.84 -30.09
N THR F 52 2.29 -41.51 -30.24
CA THR F 52 1.76 -40.62 -29.22
C THR F 52 0.76 -39.61 -29.76
N SER F 53 0.51 -39.59 -31.06
CA SER F 53 -0.41 -38.61 -31.63
C SER F 53 -1.85 -38.87 -31.24
N ASN F 54 -2.19 -40.10 -30.86
CA ASN F 54 -3.55 -40.45 -30.45
C ASN F 54 -3.69 -40.58 -28.94
N ALA F 55 -2.94 -39.78 -28.19
CA ALA F 55 -3.01 -39.87 -26.73
C ALA F 55 -4.39 -39.47 -26.20
N GLN F 56 -5.17 -38.71 -26.98
CA GLN F 56 -6.50 -38.32 -26.55
C GLN F 56 -7.41 -39.53 -26.42
N ASN F 57 -7.30 -40.48 -27.35
CA ASN F 57 -8.17 -41.65 -27.38
C ASN F 57 -7.51 -42.90 -26.81
N VAL F 58 -6.23 -43.11 -27.07
CA VAL F 58 -5.50 -44.27 -26.57
C VAL F 58 -4.23 -43.81 -25.89
N PRO F 59 -4.10 -43.95 -24.57
CA PRO F 59 -2.89 -43.53 -23.88
C PRO F 59 -1.69 -44.33 -24.35
N PRO F 60 -0.53 -43.68 -24.48
CA PRO F 60 0.68 -44.41 -24.84
C PRO F 60 1.31 -45.08 -23.64
N ASP F 61 2.18 -46.05 -23.92
CA ASP F 61 2.93 -46.75 -22.88
C ASP F 61 4.23 -45.99 -22.65
N LEU F 62 4.14 -44.91 -21.90
CA LEU F 62 5.26 -44.00 -21.71
C LEU F 62 6.26 -44.49 -20.68
N ALA F 63 5.91 -45.48 -19.86
CA ALA F 63 6.81 -45.91 -18.81
C ALA F 63 8.09 -46.52 -19.36
N ILE F 64 8.07 -46.99 -20.61
CA ILE F 64 9.22 -47.62 -21.22
C ILE F 64 9.82 -46.76 -22.33
N CYS F 65 9.36 -45.52 -22.48
CA CYS F 65 9.93 -44.59 -23.41
C CYS F 65 10.90 -43.61 -22.76
N CYS F 66 11.10 -43.71 -21.44
CA CYS F 66 11.91 -42.75 -20.71
C CYS F 66 13.36 -43.19 -20.66
N PHE F 67 14.26 -42.24 -20.87
CA PHE F 67 15.70 -42.46 -20.76
C PHE F 67 16.29 -41.37 -19.88
N THR F 68 17.29 -41.73 -19.10
CA THR F 68 18.01 -40.79 -18.25
C THR F 68 19.36 -40.46 -18.85
N LEU F 69 19.67 -39.17 -18.96
CA LEU F 69 20.96 -38.72 -19.46
C LEU F 69 21.99 -38.88 -18.36
N GLU F 70 22.74 -39.97 -18.40
CA GLU F 70 23.69 -40.26 -17.34
C GLU F 70 24.95 -39.41 -17.46
N GLN F 71 25.57 -39.39 -18.64
CA GLN F 71 26.82 -38.67 -18.83
C GLN F 71 26.79 -37.93 -20.15
N SER F 72 27.58 -36.86 -20.21
CA SER F 72 27.80 -36.14 -21.46
C SER F 72 29.26 -35.73 -21.49
N LEU F 73 30.00 -36.25 -22.47
CA LEU F 73 31.44 -36.02 -22.56
C LEU F 73 31.80 -35.62 -23.97
N SER F 74 32.91 -34.89 -24.09
CA SER F 74 33.49 -34.63 -25.40
C SER F 74 34.04 -35.93 -25.97
N VAL F 75 34.33 -35.91 -27.26
CA VAL F 75 34.82 -37.12 -27.92
C VAL F 75 36.17 -37.54 -27.35
N ARG F 76 37.06 -36.57 -27.11
CA ARG F 76 38.36 -36.90 -26.55
C ARG F 76 38.25 -37.48 -25.15
N ALA F 77 37.40 -36.91 -24.31
CA ALA F 77 37.17 -37.47 -22.99
C ALA F 77 36.58 -38.87 -23.09
N LEU F 78 35.70 -39.08 -24.07
CA LEU F 78 35.14 -40.40 -24.30
C LEU F 78 36.24 -41.42 -24.61
N GLN F 79 37.15 -41.07 -25.53
CA GLN F 79 38.23 -41.98 -25.87
C GLN F 79 39.12 -42.23 -24.66
N GLU F 80 39.42 -41.19 -23.88
CA GLU F 80 40.30 -41.38 -22.73
C GLU F 80 39.66 -42.28 -21.70
N MET F 81 38.38 -42.10 -21.41
CA MET F 81 37.73 -42.94 -20.41
C MET F 81 37.55 -44.36 -20.91
N LEU F 82 37.31 -44.54 -22.21
CA LEU F 82 37.25 -45.89 -22.77
C LEU F 82 38.60 -46.58 -22.65
N ALA F 83 39.69 -45.86 -22.92
CA ALA F 83 41.02 -46.45 -22.76
C ALA F 83 41.28 -46.79 -21.30
N ASN F 84 40.88 -45.93 -20.39
CA ASN F 84 41.03 -46.19 -18.96
C ASN F 84 39.96 -47.16 -18.46
N HIS F 98 24.94 -30.85 -12.36
CA HIS F 98 24.53 -31.63 -13.52
C HIS F 98 25.01 -30.97 -14.81
N ARG F 99 25.89 -31.66 -15.53
CA ARG F 99 26.48 -31.07 -16.72
C ARG F 99 25.43 -30.73 -17.76
N THR F 100 25.62 -29.61 -18.44
CA THR F 100 24.72 -29.19 -19.51
C THR F 100 25.18 -29.79 -20.84
N LEU F 101 24.21 -30.23 -21.64
CA LEU F 101 24.53 -30.85 -22.92
C LEU F 101 24.99 -29.80 -23.92
N LEU F 102 26.07 -30.12 -24.64
CA LEU F 102 26.61 -29.28 -25.70
C LEU F 102 26.66 -30.08 -26.99
N TYR F 103 26.34 -29.42 -28.10
CA TYR F 103 26.36 -30.08 -29.40
C TYR F 103 27.75 -30.62 -29.68
N GLY F 104 27.80 -31.86 -30.16
CA GLY F 104 29.06 -32.52 -30.43
C GLY F 104 29.55 -33.43 -29.32
N HIS F 105 28.95 -33.35 -28.13
CA HIS F 105 29.33 -34.24 -27.05
C HIS F 105 28.67 -35.60 -27.24
N ALA F 106 29.15 -36.58 -26.49
CA ALA F 106 28.61 -37.93 -26.52
C ALA F 106 27.82 -38.19 -25.24
N ILE F 107 26.59 -38.67 -25.40
CA ILE F 107 25.70 -38.91 -24.27
C ILE F 107 25.52 -40.41 -24.08
N LEU F 108 25.24 -40.78 -22.83
CA LEU F 108 24.96 -42.15 -22.44
C LEU F 108 23.53 -42.20 -21.92
N LEU F 109 22.64 -42.87 -22.66
CA LEU F 109 21.22 -42.91 -22.35
C LEU F 109 20.91 -44.22 -21.64
N ARG F 110 20.43 -44.13 -20.40
CA ARG F 110 20.07 -45.30 -19.61
C ARG F 110 18.56 -45.43 -19.60
N HIS F 111 18.07 -46.63 -19.87
CA HIS F 111 16.64 -46.89 -19.87
C HIS F 111 16.10 -46.82 -18.45
N ALA F 112 15.01 -46.08 -18.27
CA ALA F 112 14.49 -45.84 -16.93
C ALA F 112 14.01 -47.13 -16.27
N HIS F 113 13.30 -47.97 -17.01
CA HIS F 113 12.71 -49.17 -16.42
C HIS F 113 13.74 -50.28 -16.30
N SER F 114 14.33 -50.69 -17.41
CA SER F 114 15.22 -51.86 -17.41
C SER F 114 16.61 -51.56 -16.90
N ARG F 115 16.95 -50.29 -16.67
CA ARG F 115 18.28 -49.87 -16.24
C ARG F 115 19.36 -50.26 -17.24
N MET F 116 18.96 -50.56 -18.48
CA MET F 116 19.92 -50.85 -19.53
C MET F 116 20.20 -49.58 -20.32
N TYR F 117 21.19 -49.64 -21.21
CA TYR F 117 21.67 -48.47 -21.92
C TYR F 117 21.37 -48.61 -23.40
N LEU F 118 20.93 -47.52 -24.02
CA LEU F 118 20.67 -47.53 -25.45
C LEU F 118 21.96 -47.78 -26.20
N SER F 119 21.90 -48.68 -27.19
CA SER F 119 23.11 -49.12 -27.87
C SER F 119 22.79 -49.41 -29.33
N CYS F 120 23.84 -49.40 -30.14
CA CYS F 120 23.75 -49.79 -31.54
C CYS F 120 24.22 -51.24 -31.64
N LEU F 121 23.27 -52.15 -31.78
CA LEU F 121 23.59 -53.57 -31.79
C LEU F 121 24.32 -53.95 -33.08
N THR F 122 25.13 -55.01 -32.99
CA THR F 122 25.91 -55.46 -34.12
C THR F 122 25.10 -56.32 -35.10
N THR F 123 23.86 -56.63 -34.78
CA THR F 123 23.03 -57.45 -35.63
C THR F 123 22.18 -56.57 -36.56
N SER F 124 21.38 -57.24 -37.39
CA SER F 124 20.51 -56.53 -38.32
C SER F 124 19.35 -57.46 -38.68
N ARG F 125 18.14 -57.13 -38.23
CA ARG F 125 16.95 -57.88 -38.59
C ARG F 125 16.18 -57.25 -39.73
N SER F 126 16.68 -56.15 -40.28
CA SER F 126 16.02 -55.49 -41.40
C SER F 126 16.46 -56.11 -42.71
N MET F 127 15.49 -56.34 -43.60
CA MET F 127 15.77 -56.86 -44.92
C MET F 127 15.86 -55.79 -45.99
N THR F 128 15.22 -54.64 -45.77
CA THR F 128 15.22 -53.58 -46.78
C THR F 128 16.57 -52.91 -46.88
N ASP F 129 17.18 -52.58 -45.75
CA ASP F 129 18.46 -51.89 -45.71
C ASP F 129 19.56 -52.90 -45.39
N LYS F 130 20.50 -53.07 -46.32
CA LYS F 130 21.60 -54.01 -46.11
C LYS F 130 22.68 -53.45 -45.21
N LEU F 131 22.70 -52.14 -44.99
CA LEU F 131 23.73 -51.49 -44.21
C LEU F 131 23.23 -51.02 -42.84
N ALA F 132 22.01 -51.37 -42.49
CA ALA F 132 21.43 -50.91 -41.24
C ALA F 132 21.77 -51.85 -40.09
N PHE F 133 21.80 -51.30 -38.88
CA PHE F 133 22.04 -52.06 -37.67
C PHE F 133 20.89 -51.85 -36.70
N ASP F 134 20.61 -52.86 -35.90
CA ASP F 134 19.51 -52.81 -34.96
C ASP F 134 19.87 -51.93 -33.77
N VAL F 135 18.89 -51.20 -33.27
CA VAL F 135 19.06 -50.34 -32.10
C VAL F 135 18.37 -51.02 -30.93
N GLY F 136 19.12 -51.29 -29.87
CA GLY F 136 18.58 -52.00 -28.73
C GLY F 136 19.18 -51.59 -27.41
N LEU F 137 18.94 -52.38 -26.38
CA LEU F 137 19.43 -52.09 -25.04
C LEU F 137 20.58 -53.03 -24.70
N GLN F 138 21.60 -52.48 -24.03
CA GLN F 138 22.78 -53.22 -23.63
C GLN F 138 22.86 -53.27 -22.12
N GLU F 139 23.23 -54.43 -21.59
CA GLU F 139 23.21 -54.64 -20.14
C GLU F 139 24.20 -53.71 -19.44
N ASP F 140 25.37 -53.51 -20.02
CA ASP F 140 26.43 -52.74 -19.41
C ASP F 140 26.71 -51.48 -20.21
N ALA F 141 27.41 -50.54 -19.57
CA ALA F 141 27.83 -49.30 -20.20
C ALA F 141 29.22 -49.39 -20.80
N THR F 142 29.83 -50.57 -20.78
CA THR F 142 31.17 -50.74 -21.33
C THR F 142 31.15 -50.66 -22.85
N GLY F 143 32.28 -50.28 -23.42
CA GLY F 143 32.41 -50.18 -24.86
C GLY F 143 31.87 -48.88 -25.39
N GLU F 144 32.07 -48.68 -26.69
CA GLU F 144 31.61 -47.48 -27.38
C GLU F 144 30.29 -47.68 -28.09
N ALA F 145 29.68 -48.86 -27.97
CA ALA F 145 28.42 -49.15 -28.65
C ALA F 145 27.23 -48.46 -28.00
N CYS F 146 27.40 -47.89 -26.81
CA CYS F 146 26.31 -47.29 -26.07
C CYS F 146 26.39 -45.76 -26.01
N TRP F 147 27.22 -45.16 -26.86
CA TRP F 147 27.43 -43.72 -26.85
C TRP F 147 26.99 -43.11 -28.15
N TRP F 148 26.32 -41.96 -28.07
CA TRP F 148 25.80 -41.24 -29.22
C TRP F 148 26.20 -39.78 -29.13
N THR F 149 26.53 -39.19 -30.27
CA THR F 149 26.94 -37.79 -30.34
C THR F 149 25.81 -36.96 -30.92
N MET F 150 25.53 -35.82 -30.30
CA MET F 150 24.46 -34.94 -30.77
C MET F 150 25.03 -34.00 -31.83
N HIS F 151 24.29 -33.79 -32.89
CA HIS F 151 24.67 -32.86 -33.94
C HIS F 151 23.53 -31.92 -34.24
N PRO F 152 23.83 -30.67 -34.60
CA PRO F 152 22.77 -29.70 -34.84
C PRO F 152 21.91 -30.08 -36.05
N ALA F 153 20.62 -29.77 -35.95
CA ALA F 153 19.70 -30.08 -37.02
C ALA F 153 19.90 -29.20 -38.24
N SER F 154 20.03 -27.89 -38.04
CA SER F 154 20.14 -26.92 -39.12
C SER F 154 21.21 -25.89 -38.77
N LYS F 155 21.24 -24.82 -39.55
CA LYS F 155 22.19 -23.74 -39.29
C LYS F 155 21.89 -22.98 -38.01
N GLN F 156 20.68 -23.13 -37.45
CA GLN F 156 20.30 -22.35 -36.28
C GLN F 156 21.16 -22.71 -35.08
N ARG F 157 21.73 -23.91 -35.07
CA ARG F 157 22.60 -24.36 -34.00
C ARG F 157 23.95 -24.76 -34.58
N SER F 158 24.99 -24.60 -33.76
CA SER F 158 26.35 -24.94 -34.16
C SER F 158 27.03 -25.73 -33.05
N GLU F 159 28.14 -26.35 -33.40
CA GLU F 159 28.87 -27.18 -32.43
C GLU F 159 29.38 -26.32 -31.29
N GLY F 160 29.30 -26.87 -30.08
CA GLY F 160 29.66 -26.16 -28.88
C GLY F 160 28.53 -25.43 -28.21
N GLU F 161 27.44 -25.17 -28.93
CA GLU F 161 26.27 -24.52 -28.34
C GLU F 161 25.53 -25.48 -27.42
N LYS F 162 24.80 -24.90 -26.48
CA LYS F 162 23.97 -25.70 -25.59
C LYS F 162 22.79 -26.28 -26.35
N VAL F 163 22.49 -27.55 -26.10
CA VAL F 163 21.29 -28.18 -26.62
C VAL F 163 20.12 -27.79 -25.73
N ARG F 164 19.10 -27.18 -26.31
CA ARG F 164 17.98 -26.66 -25.56
C ARG F 164 16.73 -27.50 -25.78
N VAL F 165 15.78 -27.39 -24.85
CA VAL F 165 14.54 -28.14 -24.96
C VAL F 165 13.79 -27.70 -26.21
N GLY F 166 13.41 -28.67 -27.02
CA GLY F 166 12.68 -28.40 -28.25
C GLY F 166 13.52 -28.42 -29.50
N ASP F 167 14.85 -28.43 -29.38
CA ASP F 167 15.71 -28.49 -30.55
C ASP F 167 15.59 -29.85 -31.23
N ASP F 168 15.64 -29.84 -32.55
CA ASP F 168 15.74 -31.06 -33.33
C ASP F 168 17.18 -31.53 -33.32
N LEU F 169 17.38 -32.83 -33.19
CA LEU F 169 18.70 -33.39 -32.94
C LEU F 169 19.02 -34.48 -33.96
N ILE F 170 20.32 -34.71 -34.15
CA ILE F 170 20.82 -35.80 -34.96
C ILE F 170 21.73 -36.64 -34.08
N LEU F 171 21.40 -37.91 -33.93
CA LEU F 171 22.17 -38.83 -33.10
C LEU F 171 22.97 -39.77 -34.00
N VAL F 172 24.25 -39.92 -33.69
CA VAL F 172 25.16 -40.74 -34.46
C VAL F 172 25.85 -41.73 -33.53
N SER F 173 25.85 -43.00 -33.92
CA SER F 173 26.50 -44.03 -33.10
C SER F 173 28.01 -43.90 -33.18
N VAL F 174 28.66 -43.89 -32.02
CA VAL F 174 30.11 -43.81 -31.99
C VAL F 174 30.72 -45.06 -32.60
N SER F 175 30.17 -46.23 -32.28
CA SER F 175 30.81 -47.48 -32.67
C SER F 175 30.59 -47.78 -34.16
N SER F 176 29.45 -47.37 -34.71
CA SER F 176 29.09 -47.75 -36.06
C SER F 176 29.04 -46.60 -37.04
N GLU F 177 29.15 -45.35 -36.58
CA GLU F 177 29.07 -44.18 -37.44
C GLU F 177 27.80 -44.20 -38.30
N ARG F 178 26.67 -44.40 -37.65
CA ARG F 178 25.38 -44.40 -38.32
C ARG F 178 24.40 -43.55 -37.53
N TYR F 179 23.41 -43.00 -38.24
CA TYR F 179 22.39 -42.17 -37.61
C TYR F 179 21.36 -43.03 -36.91
N LEU F 180 20.64 -42.40 -35.97
CA LEU F 180 19.45 -43.02 -35.40
C LEU F 180 18.31 -42.82 -36.40
N HIS F 181 18.19 -43.76 -37.32
CA HIS F 181 17.33 -43.62 -38.49
C HIS F 181 15.96 -44.23 -38.24
N LEU F 182 14.92 -43.51 -38.64
CA LEU F 182 13.55 -44.01 -38.63
C LEU F 182 13.25 -44.57 -40.01
N SER F 183 12.98 -45.87 -40.08
CA SER F 183 12.80 -46.56 -41.34
C SER F 183 11.32 -46.80 -41.60
N THR F 184 10.84 -46.31 -42.75
CA THR F 184 9.47 -46.52 -43.18
C THR F 184 9.42 -47.39 -44.43
N ALA F 185 10.51 -48.08 -44.75
CA ALA F 185 10.60 -48.83 -45.99
C ALA F 185 9.54 -49.91 -46.07
N SER F 186 9.34 -50.67 -45.00
CA SER F 186 8.30 -51.68 -44.96
C SER F 186 6.97 -51.05 -44.60
N GLY F 187 5.97 -51.90 -44.37
CA GLY F 187 4.63 -51.41 -44.08
C GLY F 187 4.50 -50.73 -42.73
N GLU F 188 5.41 -51.02 -41.80
CA GLU F 188 5.37 -50.45 -40.46
C GLU F 188 6.55 -49.50 -40.26
N LEU F 189 6.55 -48.86 -39.10
CA LEU F 189 7.56 -47.88 -38.73
C LEU F 189 8.57 -48.56 -37.82
N GLN F 190 9.85 -48.48 -38.18
CA GLN F 190 10.91 -49.12 -37.43
C GLN F 190 12.10 -48.18 -37.27
N VAL F 191 12.86 -48.41 -36.21
CA VAL F 191 14.03 -47.60 -35.89
C VAL F 191 15.27 -48.48 -36.05
N ASP F 192 16.28 -47.96 -36.74
CA ASP F 192 17.52 -48.69 -36.96
C ASP F 192 18.64 -47.68 -37.12
N ALA F 193 19.88 -48.18 -37.05
CA ALA F 193 21.07 -47.37 -37.27
C ALA F 193 21.46 -47.53 -38.73
N SER F 194 21.25 -46.47 -39.51
CA SER F 194 21.58 -46.49 -40.93
C SER F 194 22.30 -45.20 -41.29
N PHE F 195 22.53 -45.02 -42.59
CA PHE F 195 23.24 -43.86 -43.10
C PHE F 195 22.31 -42.71 -43.48
N MET F 196 21.00 -42.92 -43.44
CA MET F 196 20.04 -41.85 -43.61
C MET F 196 19.77 -41.20 -42.26
N GLN F 197 19.85 -39.88 -42.21
CA GLN F 197 19.62 -39.19 -40.96
C GLN F 197 18.12 -39.05 -40.69
N THR F 198 17.79 -38.86 -39.41
CA THR F 198 16.41 -38.68 -38.99
C THR F 198 16.40 -37.68 -37.84
N LEU F 199 15.41 -36.79 -37.85
CA LEU F 199 15.37 -35.73 -36.87
C LEU F 199 14.70 -36.23 -35.59
N TRP F 200 15.26 -35.85 -34.45
CA TRP F 200 14.77 -36.30 -33.16
C TRP F 200 14.61 -35.12 -32.21
N ASN F 201 13.70 -35.27 -31.26
CA ASN F 201 13.51 -34.30 -30.19
C ASN F 201 13.63 -35.01 -28.85
N MET F 202 14.42 -34.42 -27.94
CA MET F 202 14.55 -34.95 -26.60
C MET F 202 13.65 -34.15 -25.68
N ASN F 203 12.37 -34.48 -25.71
CA ASN F 203 11.40 -33.80 -24.86
C ASN F 203 11.64 -34.19 -23.41
N PRO F 204 11.84 -33.24 -22.51
CA PRO F 204 12.12 -33.58 -21.12
C PRO F 204 10.90 -34.15 -20.41
N ILE F 205 11.16 -34.97 -19.39
CA ILE F 205 10.13 -35.51 -18.54
C ILE F 205 10.22 -34.94 -17.13
N CYS F 206 11.39 -35.03 -16.50
CA CYS F 206 11.59 -34.50 -15.16
C CYS F 206 13.05 -34.15 -14.98
N SER F 207 13.31 -33.01 -14.33
CA SER F 207 14.67 -32.58 -14.07
C SER F 207 15.09 -32.81 -12.62
N CYS F 208 14.43 -32.13 -11.68
CA CYS F 208 14.82 -32.19 -10.27
C CYS F 208 13.58 -32.12 -9.41
N CYS F 209 13.42 -33.10 -8.52
CA CYS F 209 12.23 -33.22 -7.68
C CYS F 209 12.64 -33.09 -6.22
N GLU F 210 11.83 -32.38 -5.45
CA GLU F 210 12.11 -32.19 -4.03
C GLU F 210 11.90 -33.49 -3.26
N GLU F 211 12.38 -33.50 -2.02
CA GLU F 211 12.18 -34.66 -1.16
C GLU F 211 10.70 -34.91 -0.96
N GLY F 212 10.30 -36.17 -1.06
CA GLY F 212 8.88 -36.48 -1.12
C GLY F 212 8.27 -35.79 -2.32
N TYR F 213 7.14 -35.14 -2.09
CA TYR F 213 6.55 -34.20 -3.05
C TYR F 213 6.27 -34.89 -4.39
N VAL F 214 5.25 -35.75 -4.35
CA VAL F 214 4.81 -36.59 -5.46
C VAL F 214 4.84 -35.86 -6.79
N THR F 215 5.40 -36.51 -7.81
CA THR F 215 5.42 -35.98 -9.16
C THR F 215 4.85 -37.03 -10.10
N GLY F 216 4.46 -36.58 -11.29
CA GLY F 216 3.83 -37.46 -12.24
C GLY F 216 4.78 -38.55 -12.73
N GLY F 217 4.19 -39.66 -13.17
CA GLY F 217 4.95 -40.78 -13.69
C GLY F 217 5.43 -41.77 -12.66
N HIS F 218 5.16 -41.54 -11.38
CA HIS F 218 5.58 -42.48 -10.35
C HIS F 218 4.60 -43.63 -10.17
N VAL F 219 5.08 -44.70 -9.55
CA VAL F 219 4.27 -45.82 -9.12
C VAL F 219 4.08 -45.71 -7.61
N LEU F 220 2.84 -45.77 -7.16
CA LEU F 220 2.55 -45.52 -5.74
C LEU F 220 1.31 -46.29 -5.32
N ARG F 221 1.12 -46.38 -4.01
CA ARG F 221 -0.05 -46.98 -3.40
C ARG F 221 -0.92 -45.88 -2.81
N LEU F 222 -2.24 -46.06 -2.92
CA LEU F 222 -3.21 -45.08 -2.44
C LEU F 222 -3.88 -45.66 -1.20
N PHE F 223 -3.37 -45.33 -0.02
CA PHE F 223 -3.89 -45.85 1.23
C PHE F 223 -5.09 -45.04 1.70
N HIS F 224 -5.96 -45.70 2.49
CA HIS F 224 -7.20 -45.09 2.93
C HIS F 224 -7.04 -44.42 4.29
N GLY F 225 -6.70 -45.18 5.31
CA GLY F 225 -6.63 -44.66 6.66
C GLY F 225 -5.24 -44.64 7.25
N HIS F 226 -5.07 -45.32 8.38
CA HIS F 226 -3.80 -45.28 9.12
C HIS F 226 -2.95 -46.49 8.75
N MET F 227 -2.46 -46.48 7.50
CA MET F 227 -1.60 -47.52 6.97
C MET F 227 -2.27 -48.90 7.07
N ASP F 228 -3.58 -48.94 6.88
CA ASP F 228 -4.35 -50.16 7.01
C ASP F 228 -4.94 -50.65 5.70
N GLU F 229 -5.71 -49.80 5.00
CA GLU F 229 -6.38 -50.20 3.77
C GLU F 229 -5.83 -49.40 2.60
N CYS F 230 -5.74 -50.06 1.44
CA CYS F 230 -5.20 -49.46 0.23
C CYS F 230 -6.07 -49.81 -0.96
N LEU F 231 -6.06 -48.94 -1.95
CA LEU F 231 -6.81 -49.19 -3.19
C LEU F 231 -6.11 -50.29 -3.99
N THR F 232 -6.90 -51.24 -4.47
CA THR F 232 -6.35 -52.37 -5.22
C THR F 232 -7.46 -52.97 -6.06
N ILE F 233 -7.10 -54.02 -6.80
CA ILE F 233 -8.09 -54.83 -7.52
C ILE F 233 -8.02 -56.24 -6.98
N SER F 234 -8.87 -57.12 -7.51
CA SER F 234 -8.91 -58.49 -7.04
C SER F 234 -7.63 -59.24 -7.41
N ALA F 235 -7.37 -60.31 -6.67
CA ALA F 235 -6.17 -61.11 -6.91
C ALA F 235 -6.29 -61.84 -8.25
N ALA F 236 -5.28 -62.64 -8.55
CA ALA F 236 -5.25 -63.35 -9.82
C ALA F 236 -6.31 -64.45 -9.86
N ASP F 237 -6.66 -64.84 -11.08
CA ASP F 237 -7.69 -65.85 -11.38
C ASP F 237 -8.92 -65.69 -10.48
N SER F 238 -9.42 -64.47 -10.43
CA SER F 238 -10.60 -64.14 -9.65
C SER F 238 -11.82 -64.07 -10.57
N ASP F 239 -13.00 -64.24 -9.95
CA ASP F 239 -14.23 -64.37 -10.74
C ASP F 239 -14.62 -63.06 -11.40
N ASP F 240 -14.17 -61.93 -10.88
CA ASP F 240 -14.55 -60.62 -11.41
C ASP F 240 -13.72 -60.18 -12.60
N GLN F 241 -12.90 -61.07 -13.15
CA GLN F 241 -12.01 -60.77 -14.27
C GLN F 241 -11.04 -59.64 -13.97
N ARG F 242 -10.79 -59.39 -12.68
CA ARG F 242 -9.89 -58.32 -12.23
C ARG F 242 -10.26 -56.98 -12.85
N ARG F 243 -11.54 -56.63 -12.78
CA ARG F 243 -12.03 -55.36 -13.31
C ARG F 243 -12.84 -54.57 -12.29
N LEU F 244 -12.67 -54.86 -11.01
CA LEU F 244 -13.35 -54.13 -9.95
C LEU F 244 -12.33 -53.68 -8.92
N VAL F 245 -12.59 -52.53 -8.31
CA VAL F 245 -11.65 -51.88 -7.41
C VAL F 245 -12.18 -51.96 -5.99
N TYR F 246 -11.30 -52.26 -5.04
CA TYR F 246 -11.69 -52.48 -3.65
C TYR F 246 -10.71 -51.80 -2.71
N TYR F 247 -11.20 -51.53 -1.50
CA TYR F 247 -10.36 -51.08 -0.40
C TYR F 247 -10.08 -52.29 0.48
N GLU F 248 -8.87 -52.82 0.38
CA GLU F 248 -8.49 -54.03 1.10
C GLU F 248 -7.29 -53.74 1.97
N GLY F 249 -7.19 -54.45 3.10
CA GLY F 249 -6.08 -54.33 4.00
C GLY F 249 -5.35 -55.66 4.16
N GLY F 250 -4.29 -55.62 4.96
CA GLY F 250 -3.53 -56.82 5.25
C GLY F 250 -2.32 -56.99 4.36
N ALA F 251 -2.10 -58.22 3.88
CA ALA F 251 -0.95 -58.49 3.02
C ALA F 251 -1.04 -57.79 1.67
N VAL F 252 -2.22 -57.31 1.29
CA VAL F 252 -2.38 -56.61 0.02
C VAL F 252 -1.60 -55.31 0.01
N CYS F 253 -1.30 -54.76 1.17
CA CYS F 253 -0.57 -53.50 1.24
C CYS F 253 0.87 -53.63 0.77
N THR F 254 1.37 -54.85 0.62
CA THR F 254 2.74 -55.08 0.15
C THR F 254 2.77 -55.86 -1.15
N HIS F 255 1.63 -56.12 -1.77
CA HIS F 255 1.58 -56.89 -3.00
C HIS F 255 1.58 -55.97 -4.21
N ALA F 256 1.80 -56.56 -5.38
CA ALA F 256 1.95 -55.80 -6.61
C ALA F 256 0.63 -55.33 -7.21
N ARG F 257 -0.50 -55.88 -6.78
CA ARG F 257 -1.77 -55.49 -7.37
C ARG F 257 -2.32 -54.20 -6.78
N SER F 258 -1.70 -53.68 -5.72
CA SER F 258 -2.06 -52.40 -5.14
C SER F 258 -1.19 -51.26 -5.65
N LEU F 259 -0.46 -51.48 -6.73
CA LEU F 259 0.46 -50.49 -7.27
C LEU F 259 -0.20 -49.78 -8.46
N TRP F 260 -0.16 -48.46 -8.45
CA TRP F 260 -0.75 -47.65 -9.50
C TRP F 260 0.27 -46.66 -10.03
N ARG F 261 0.15 -46.32 -11.31
CA ARG F 261 1.02 -45.35 -11.96
C ARG F 261 0.17 -44.17 -12.41
N LEU F 262 0.56 -42.97 -11.98
CA LEU F 262 -0.17 -41.75 -12.29
C LEU F 262 0.40 -41.15 -13.57
N GLU F 263 -0.41 -41.07 -14.61
CA GLU F 263 0.02 -40.61 -15.92
C GLU F 263 -0.68 -39.30 -16.29
N PRO F 264 -0.02 -38.16 -16.19
CA PRO F 264 -0.64 -36.90 -16.61
C PRO F 264 -0.95 -36.91 -18.10
N LEU F 265 -1.96 -36.13 -18.46
CA LEU F 265 -2.45 -36.12 -19.84
C LEU F 265 -1.58 -35.26 -20.73
N ARG F 266 -0.28 -35.51 -20.70
CA ARG F 266 0.69 -34.79 -21.53
C ARG F 266 1.96 -35.61 -21.57
N ILE F 267 2.79 -35.35 -22.58
CA ILE F 267 4.04 -36.07 -22.76
C ILE F 267 5.22 -35.26 -22.23
N SER F 268 5.38 -34.04 -22.69
CA SER F 268 6.45 -33.19 -22.19
C SER F 268 6.16 -32.79 -20.74
N TRP F 269 7.19 -32.88 -19.90
CA TRP F 269 7.09 -32.52 -18.48
C TRP F 269 6.01 -33.32 -17.77
N SER F 270 5.75 -34.54 -18.25
CA SER F 270 4.80 -35.41 -17.58
C SER F 270 5.32 -35.89 -16.22
N GLY F 271 6.61 -35.77 -15.98
CA GLY F 271 7.19 -36.10 -14.69
C GLY F 271 7.26 -34.94 -13.74
N SER F 272 6.60 -33.82 -14.05
CA SER F 272 6.66 -32.64 -13.22
C SER F 272 5.87 -32.87 -11.93
N HIS F 273 5.96 -31.88 -11.03
CA HIS F 273 5.30 -31.98 -9.74
C HIS F 273 3.79 -32.09 -9.90
N LEU F 274 3.19 -32.99 -9.15
CA LEU F 274 1.74 -33.12 -9.17
C LEU F 274 1.10 -31.91 -8.51
N ARG F 275 0.02 -31.45 -9.11
CA ARG F 275 -0.68 -30.25 -8.65
C ARG F 275 -2.14 -30.57 -8.42
N TRP F 276 -2.73 -29.90 -7.43
CA TRP F 276 -4.15 -30.07 -7.15
C TRP F 276 -4.97 -29.68 -8.37
N GLY F 277 -5.94 -30.51 -8.72
CA GLY F 277 -6.78 -30.24 -9.86
C GLY F 277 -6.18 -30.54 -11.21
N GLN F 278 -4.97 -31.10 -11.25
CA GLN F 278 -4.35 -31.46 -12.51
C GLN F 278 -4.93 -32.78 -13.01
N PRO F 279 -5.49 -32.83 -14.21
CA PRO F 279 -6.04 -34.09 -14.72
C PRO F 279 -4.94 -35.11 -14.96
N LEU F 280 -5.26 -36.38 -14.69
CA LEU F 280 -4.30 -37.45 -14.88
C LEU F 280 -5.04 -38.77 -14.99
N ARG F 281 -4.39 -39.74 -15.63
CA ARG F 281 -4.88 -41.11 -15.65
C ARG F 281 -4.22 -41.89 -14.52
N ILE F 282 -4.92 -42.93 -14.07
CA ILE F 282 -4.41 -43.84 -13.05
C ILE F 282 -4.38 -45.23 -13.68
N ARG F 283 -3.19 -45.80 -13.78
CA ARG F 283 -2.96 -47.05 -14.48
C ARG F 283 -2.55 -48.13 -13.49
N HIS F 284 -3.16 -49.31 -13.61
CA HIS F 284 -2.73 -50.44 -12.80
C HIS F 284 -1.52 -51.07 -13.47
N VAL F 285 -0.42 -51.15 -12.73
CA VAL F 285 0.87 -51.50 -13.34
C VAL F 285 0.85 -52.95 -13.82
N THR F 286 0.42 -53.87 -12.96
CA THR F 286 0.52 -55.29 -13.30
C THR F 286 -0.44 -55.67 -14.42
N THR F 287 -1.66 -55.15 -14.38
CA THR F 287 -2.65 -55.51 -15.39
C THR F 287 -2.58 -54.61 -16.62
N GLY F 288 -2.02 -53.42 -16.49
CA GLY F 288 -1.97 -52.49 -17.61
C GLY F 288 -3.28 -51.83 -17.93
N ARG F 289 -4.26 -51.92 -17.04
CA ARG F 289 -5.56 -51.32 -17.28
C ARG F 289 -5.69 -49.99 -16.56
N TYR F 290 -6.56 -49.14 -17.08
CA TYR F 290 -6.72 -47.78 -16.60
C TYR F 290 -8.03 -47.63 -15.84
N LEU F 291 -7.96 -46.93 -14.71
CA LEU F 291 -9.15 -46.62 -13.94
C LEU F 291 -10.10 -45.78 -14.77
N ALA F 292 -11.37 -46.17 -14.80
CA ALA F 292 -12.33 -45.53 -15.69
C ALA F 292 -13.70 -45.50 -15.04
N LEU F 293 -14.54 -44.61 -15.54
CA LEU F 293 -15.93 -44.51 -15.14
C LEU F 293 -16.79 -44.90 -16.34
N THR F 294 -17.38 -46.09 -16.29
CA THR F 294 -18.22 -46.60 -17.35
C THR F 294 -19.69 -46.41 -16.99
N GLU F 295 -20.51 -46.17 -18.01
CA GLU F 295 -21.93 -45.97 -17.77
C GLU F 295 -22.62 -47.23 -17.27
N ASP F 296 -22.04 -48.40 -17.51
CA ASP F 296 -22.70 -49.65 -17.15
C ASP F 296 -22.30 -50.14 -15.77
N GLN F 297 -21.02 -50.43 -15.56
CA GLN F 297 -20.54 -50.96 -14.30
C GLN F 297 -20.00 -49.88 -13.35
N GLY F 298 -20.01 -48.62 -13.78
CA GLY F 298 -19.52 -47.56 -12.93
C GLY F 298 -18.02 -47.45 -12.92
N LEU F 299 -17.42 -47.63 -11.74
CA LEU F 299 -15.97 -47.52 -11.56
C LEU F 299 -15.33 -48.87 -11.79
N VAL F 300 -14.63 -49.02 -12.92
CA VAL F 300 -13.91 -50.22 -13.27
C VAL F 300 -12.57 -49.82 -13.88
N VAL F 301 -11.74 -50.83 -14.17
CA VAL F 301 -10.48 -50.63 -14.86
C VAL F 301 -10.60 -51.21 -16.26
N VAL F 302 -10.44 -50.36 -17.27
CA VAL F 302 -10.65 -50.75 -18.65
C VAL F 302 -9.31 -50.85 -19.36
N ASP F 303 -9.34 -51.46 -20.54
CA ASP F 303 -8.14 -51.65 -21.32
C ASP F 303 -7.67 -50.33 -21.92
N ALA F 304 -6.46 -50.35 -22.47
CA ALA F 304 -5.86 -49.14 -23.03
C ALA F 304 -6.62 -48.63 -24.24
N CYS F 305 -7.44 -49.47 -24.87
CA CYS F 305 -8.19 -49.05 -26.05
C CYS F 305 -9.52 -48.37 -25.70
N LYS F 306 -9.85 -48.26 -24.41
CA LYS F 306 -11.07 -47.59 -23.99
C LYS F 306 -10.80 -46.44 -23.03
N ALA F 307 -9.55 -46.00 -22.91
CA ALA F 307 -9.18 -44.88 -22.05
C ALA F 307 -9.16 -43.62 -22.92
N HIS F 308 -10.31 -42.99 -23.06
CA HIS F 308 -10.51 -41.91 -24.02
C HIS F 308 -10.65 -40.54 -23.35
N THR F 309 -9.85 -40.30 -22.32
CA THR F 309 -9.70 -39.02 -21.63
C THR F 309 -10.96 -38.58 -20.91
N LYS F 310 -12.07 -39.29 -21.09
CA LYS F 310 -13.33 -38.95 -20.42
C LYS F 310 -13.59 -39.83 -19.22
N ALA F 311 -13.58 -41.16 -19.40
CA ALA F 311 -13.77 -42.05 -18.29
C ALA F 311 -12.53 -42.14 -17.40
N THR F 312 -11.35 -41.86 -17.93
CA THR F 312 -10.10 -42.17 -17.27
C THR F 312 -9.35 -40.93 -16.76
N SER F 313 -10.03 -39.79 -16.67
CA SER F 313 -9.40 -38.55 -16.24
C SER F 313 -9.77 -38.28 -14.79
N PHE F 314 -8.77 -38.09 -13.94
CA PHE F 314 -8.96 -37.90 -12.52
C PHE F 314 -8.06 -36.79 -12.02
N CYS F 315 -8.44 -36.22 -10.88
CA CYS F 315 -7.68 -35.14 -10.27
C CYS F 315 -7.70 -35.30 -8.76
N PHE F 316 -6.67 -34.78 -8.11
CA PHE F 316 -6.58 -34.77 -6.65
C PHE F 316 -6.95 -33.39 -6.14
N ARG F 317 -7.84 -33.35 -5.15
CA ARG F 317 -8.28 -32.09 -4.56
C ARG F 317 -8.08 -32.13 -3.06
N VAL F 318 -7.63 -31.00 -2.51
CA VAL F 318 -7.34 -30.94 -1.07
C VAL F 318 -8.61 -31.02 -0.24
N SER F 319 -9.73 -30.52 -0.76
CA SER F 319 -10.99 -30.57 -0.04
C SER F 319 -12.13 -30.76 -1.03
N LYS F 320 -13.22 -31.32 -0.55
CA LYS F 320 -14.37 -31.62 -1.38
C LYS F 320 -15.15 -30.38 -1.79
N GLU F 321 -14.79 -29.22 -1.26
CA GLU F 321 -15.54 -28.00 -1.56
C GLU F 321 -15.53 -27.73 -3.06
N LYS F 322 -16.67 -27.24 -3.56
CA LYS F 322 -16.84 -26.99 -4.99
C LYS F 322 -16.13 -25.69 -5.34
N LEU F 323 -14.79 -25.77 -5.37
CA LEU F 323 -14.00 -24.58 -5.69
C LEU F 323 -14.32 -24.08 -7.10
N ASP F 324 -14.02 -24.89 -8.11
CA ASP F 324 -14.37 -24.59 -9.50
C ASP F 324 -13.89 -23.20 -9.91
N THR F 325 -12.68 -22.84 -9.49
CA THR F 325 -12.20 -21.48 -9.67
C THR F 325 -11.86 -21.21 -11.13
N ALA F 326 -10.89 -21.93 -11.68
CA ALA F 326 -10.45 -21.73 -13.04
C ALA F 326 -9.59 -22.90 -13.50
N PRO F 327 -9.63 -23.28 -14.78
CA PRO F 327 -8.77 -24.36 -15.26
C PRO F 327 -7.31 -23.96 -15.23
N LYS F 328 -6.52 -24.64 -14.40
CA LYS F 328 -5.10 -24.31 -14.25
C LYS F 328 -4.36 -24.57 -15.56
N ARG F 329 -3.41 -23.68 -15.88
CA ARG F 329 -2.58 -23.83 -17.06
C ARG F 329 -1.25 -24.48 -16.67
N ASP F 330 -0.83 -25.47 -17.45
CA ASP F 330 0.41 -26.18 -17.17
C ASP F 330 1.62 -25.32 -17.53
N VAL F 331 2.67 -25.46 -16.74
CA VAL F 331 3.91 -24.72 -16.95
C VAL F 331 4.92 -25.64 -17.61
N GLU F 332 5.90 -25.02 -18.27
CA GLU F 332 6.98 -25.76 -18.92
C GLU F 332 8.13 -25.91 -17.92
N GLY F 333 7.94 -26.82 -16.98
CA GLY F 333 8.94 -27.06 -15.96
C GLY F 333 8.40 -28.02 -14.94
N MET F 334 9.19 -28.21 -13.87
CA MET F 334 8.72 -29.10 -12.80
C MET F 334 7.59 -28.48 -12.01
N GLY F 335 7.52 -27.15 -11.94
CA GLY F 335 6.42 -26.48 -11.30
C GLY F 335 6.54 -26.44 -9.79
N PRO F 336 5.54 -25.87 -9.13
CA PRO F 336 5.59 -25.73 -7.68
C PRO F 336 5.29 -27.05 -6.99
N PRO F 337 6.14 -27.46 -6.04
CA PRO F 337 5.90 -28.70 -5.31
C PRO F 337 4.74 -28.55 -4.32
N GLU F 338 3.70 -29.35 -4.51
CA GLU F 338 2.47 -29.22 -3.72
C GLU F 338 2.12 -30.46 -2.92
N ILE F 339 1.99 -31.62 -3.56
CA ILE F 339 1.46 -32.82 -2.93
C ILE F 339 2.62 -33.66 -2.42
N LYS F 340 2.61 -33.94 -1.12
CA LYS F 340 3.69 -34.67 -0.47
C LYS F 340 3.31 -36.14 -0.25
N TYR F 341 4.33 -36.96 -0.01
CA TYR F 341 4.15 -38.39 0.17
C TYR F 341 3.89 -38.68 1.66
N GLY F 342 2.66 -39.05 1.98
CA GLY F 342 2.35 -39.52 3.31
C GLY F 342 1.85 -38.47 4.29
N GLU F 343 1.72 -37.21 3.86
CA GLU F 343 1.14 -36.18 4.70
C GLU F 343 -0.02 -35.47 4.04
N SER F 344 -0.01 -35.34 2.72
CA SER F 344 -1.11 -34.67 2.03
C SER F 344 -2.33 -35.58 2.01
N LEU F 345 -3.49 -35.02 2.34
CA LEU F 345 -4.75 -35.74 2.28
C LEU F 345 -5.45 -35.34 0.99
N CYS F 346 -5.62 -36.30 0.09
CA CYS F 346 -6.08 -36.03 -1.27
C CYS F 346 -7.43 -36.69 -1.50
N PHE F 347 -8.35 -35.93 -2.09
CA PHE F 347 -9.65 -36.46 -2.49
C PHE F 347 -9.65 -36.65 -4.00
N VAL F 348 -9.83 -37.89 -4.43
CA VAL F 348 -9.81 -38.24 -5.85
C VAL F 348 -11.16 -37.87 -6.44
N GLN F 349 -11.14 -37.14 -7.55
CA GLN F 349 -12.35 -36.70 -8.22
C GLN F 349 -12.27 -37.01 -9.70
N HIS F 350 -13.34 -37.59 -10.25
CA HIS F 350 -13.43 -37.77 -11.68
C HIS F 350 -13.67 -36.41 -12.32
N VAL F 351 -12.88 -36.08 -13.34
CA VAL F 351 -12.85 -34.71 -13.84
C VAL F 351 -14.18 -34.33 -14.47
N ALA F 352 -14.69 -35.17 -15.36
CA ALA F 352 -15.89 -34.79 -16.11
C ALA F 352 -17.15 -34.89 -15.25
N SER F 353 -17.28 -35.95 -14.46
CA SER F 353 -18.49 -36.17 -13.68
C SER F 353 -18.48 -35.46 -12.34
N GLY F 354 -17.31 -35.21 -11.75
CA GLY F 354 -17.25 -34.61 -10.44
C GLY F 354 -17.55 -35.56 -9.30
N LEU F 355 -17.65 -36.85 -9.57
CA LEU F 355 -17.96 -37.81 -8.52
C LEU F 355 -16.76 -38.01 -7.60
N TRP F 356 -17.02 -38.66 -6.46
CA TRP F 356 -16.03 -38.85 -5.42
C TRP F 356 -15.68 -40.32 -5.28
N LEU F 357 -14.39 -40.60 -5.12
CA LEU F 357 -13.95 -41.96 -4.81
C LEU F 357 -14.26 -42.26 -3.36
N THR F 358 -15.12 -43.25 -3.13
CA THR F 358 -15.49 -43.64 -1.78
C THR F 358 -15.89 -45.10 -1.78
N TYR F 359 -16.07 -45.66 -0.60
CA TYR F 359 -16.46 -47.05 -0.46
C TYR F 359 -17.98 -47.19 -0.58
N ALA F 360 -18.42 -48.45 -0.73
CA ALA F 360 -19.80 -48.74 -1.03
C ALA F 360 -20.62 -49.18 0.18
N ALA F 361 -20.06 -49.08 1.40
CA ALA F 361 -20.77 -49.43 2.62
C ALA F 361 -21.21 -50.88 2.57
N PRO F 362 -20.31 -51.84 2.77
CA PRO F 362 -20.65 -53.25 2.57
C PRO F 362 -21.85 -53.68 3.39
N ASP F 363 -22.73 -54.44 2.76
CA ASP F 363 -23.95 -54.91 3.41
C ASP F 363 -23.60 -55.90 4.52
N PRO F 364 -24.35 -55.90 5.63
CA PRO F 364 -24.10 -56.90 6.68
C PRO F 364 -24.36 -58.33 6.22
N LYS F 365 -24.14 -59.29 7.12
CA LYS F 365 -24.27 -60.72 6.86
C LYS F 365 -23.13 -61.19 5.96
N ALA F 366 -22.31 -60.25 5.48
CA ALA F 366 -21.12 -60.57 4.70
C ALA F 366 -19.85 -60.56 5.52
N LEU F 367 -19.88 -59.99 6.73
CA LEU F 367 -18.70 -60.01 7.59
C LEU F 367 -18.38 -61.41 8.08
N ARG F 368 -19.40 -62.26 8.23
CA ARG F 368 -19.16 -63.65 8.62
C ARG F 368 -18.33 -64.38 7.57
N LEU F 369 -18.45 -63.98 6.31
CA LEU F 369 -17.64 -64.56 5.24
C LEU F 369 -16.18 -64.14 5.33
N GLY F 370 -15.83 -63.21 6.21
CA GLY F 370 -14.48 -62.73 6.33
C GLY F 370 -14.07 -61.71 5.30
N VAL F 371 -15.03 -61.13 4.57
CA VAL F 371 -14.73 -60.17 3.52
C VAL F 371 -14.48 -58.80 4.13
N LEU F 372 -13.20 -58.47 4.33
CA LEU F 372 -12.82 -57.14 4.77
C LEU F 372 -12.72 -56.15 3.63
N LYS F 373 -12.79 -56.61 2.39
CA LYS F 373 -12.73 -55.71 1.25
C LYS F 373 -14.00 -54.87 1.16
N LYS F 374 -13.83 -53.60 0.82
CA LYS F 374 -14.94 -52.68 0.59
C LYS F 374 -14.86 -52.22 -0.86
N LYS F 375 -15.96 -52.37 -1.59
CA LYS F 375 -15.96 -52.02 -3.00
C LYS F 375 -15.81 -50.51 -3.18
N ALA F 376 -14.96 -50.12 -4.13
CA ALA F 376 -14.75 -48.71 -4.43
C ALA F 376 -15.75 -48.26 -5.49
N ILE F 377 -16.45 -47.15 -5.21
CA ILE F 377 -17.48 -46.63 -6.10
C ILE F 377 -17.27 -45.14 -6.27
N LEU F 378 -17.84 -44.61 -7.34
CA LEU F 378 -17.88 -43.17 -7.57
C LEU F 378 -19.26 -42.65 -7.14
N HIS F 379 -19.27 -41.72 -6.20
CA HIS F 379 -20.50 -41.21 -5.63
C HIS F 379 -20.49 -39.69 -5.63
N GLN F 380 -21.68 -39.10 -5.72
CA GLN F 380 -21.80 -37.65 -5.79
C GLN F 380 -21.38 -36.99 -4.49
N GLU F 381 -21.66 -37.60 -3.34
CA GLU F 381 -21.35 -37.02 -2.05
C GLU F 381 -20.10 -37.59 -1.42
N GLY F 382 -20.00 -38.90 -1.29
CA GLY F 382 -18.88 -39.48 -0.59
C GLY F 382 -18.99 -39.30 0.91
N HIS F 383 -17.91 -39.63 1.60
CA HIS F 383 -17.87 -39.59 3.06
C HIS F 383 -16.77 -38.65 3.52
N MET F 384 -16.64 -38.54 4.84
CA MET F 384 -15.63 -37.66 5.42
C MET F 384 -14.23 -38.25 5.33
N ASP F 385 -14.11 -39.58 5.39
CA ASP F 385 -12.82 -40.25 5.38
C ASP F 385 -12.40 -40.70 3.99
N ASP F 386 -12.79 -39.95 2.95
CA ASP F 386 -12.44 -40.31 1.59
C ASP F 386 -11.06 -39.85 1.17
N ALA F 387 -10.36 -39.08 1.99
CA ALA F 387 -9.03 -38.61 1.65
C ALA F 387 -8.06 -39.79 1.60
N LEU F 388 -7.14 -39.76 0.64
CA LEU F 388 -6.21 -40.85 0.41
C LEU F 388 -4.78 -40.41 0.61
N PHE F 389 -4.03 -41.24 1.34
CA PHE F 389 -2.59 -41.10 1.49
C PHE F 389 -1.91 -41.66 0.25
N LEU F 390 -0.90 -40.94 -0.24
CA LEU F 390 -0.06 -41.42 -1.33
C LEU F 390 1.29 -41.80 -0.77
N THR F 391 1.67 -43.07 -0.91
CA THR F 391 2.90 -43.59 -0.34
C THR F 391 3.85 -44.02 -1.45
N ARG F 392 5.14 -43.78 -1.23
CA ARG F 392 6.15 -44.14 -2.21
C ARG F 392 6.29 -45.65 -2.32
N CYS F 393 6.53 -46.11 -3.55
CA CYS F 393 6.78 -47.51 -3.83
C CYS F 393 8.23 -47.69 -4.25
N GLN F 394 8.87 -48.72 -3.69
CA GLN F 394 10.28 -48.94 -3.96
C GLN F 394 10.52 -49.21 -5.44
N GLN F 395 11.68 -48.77 -5.93
CA GLN F 395 12.03 -49.01 -7.31
C GLN F 395 12.04 -50.50 -7.63
N GLU F 396 12.50 -51.31 -6.69
CA GLU F 396 12.49 -52.76 -6.88
C GLU F 396 11.07 -53.27 -7.12
N GLU F 397 10.13 -52.83 -6.29
CA GLU F 397 8.75 -53.28 -6.44
C GLU F 397 8.13 -52.78 -7.73
N SER F 398 8.39 -51.53 -8.10
CA SER F 398 7.85 -51.01 -9.36
C SER F 398 8.37 -51.79 -10.55
N GLN F 399 9.68 -52.04 -10.58
CA GLN F 399 10.26 -52.80 -11.66
C GLN F 399 9.71 -54.22 -11.68
N ALA F 400 9.54 -54.84 -10.51
CA ALA F 400 8.97 -56.18 -10.46
C ALA F 400 7.56 -56.20 -11.02
N ALA F 401 6.75 -55.19 -10.69
CA ALA F 401 5.39 -55.13 -11.21
C ALA F 401 5.37 -55.01 -12.73
N ARG F 402 6.22 -54.14 -13.28
CA ARG F 402 6.26 -53.99 -14.72
C ARG F 402 6.74 -55.28 -15.40
N MET F 403 7.76 -55.93 -14.82
CA MET F 403 8.22 -57.20 -15.36
C MET F 403 7.13 -58.25 -15.30
N ILE F 404 6.34 -58.26 -14.21
CA ILE F 404 5.22 -59.18 -14.11
C ILE F 404 4.23 -58.95 -15.24
N HIS F 405 3.91 -57.68 -15.50
CA HIS F 405 2.98 -57.37 -16.59
C HIS F 405 3.49 -57.90 -17.92
N SER F 406 4.73 -57.57 -18.27
CA SER F 406 5.26 -57.97 -19.57
C SER F 406 5.40 -59.49 -19.68
N THR F 407 5.89 -60.13 -18.62
CA THR F 407 6.08 -61.58 -18.62
C THR F 407 4.74 -62.30 -18.73
N ALA F 408 3.74 -61.84 -18.00
CA ALA F 408 2.42 -62.47 -18.08
C ALA F 408 1.86 -62.35 -19.48
N GLY F 409 1.98 -61.17 -20.10
CA GLY F 409 1.52 -61.03 -21.46
C GLY F 409 2.22 -61.98 -22.42
N LEU F 410 3.55 -62.04 -22.33
CA LEU F 410 4.31 -62.89 -23.24
C LEU F 410 3.95 -64.36 -23.06
N TYR F 411 3.86 -64.82 -21.81
CA TYR F 411 3.61 -66.23 -21.59
C TYR F 411 2.17 -66.60 -21.91
N ASN F 412 1.22 -65.69 -21.71
CA ASN F 412 -0.15 -65.96 -22.14
C ASN F 412 -0.22 -66.08 -23.66
N GLN F 413 0.50 -65.21 -24.37
CA GLN F 413 0.56 -65.35 -25.82
C GLN F 413 1.15 -66.69 -26.22
N PHE F 414 2.23 -67.10 -25.55
CA PHE F 414 2.85 -68.38 -25.84
C PHE F 414 1.90 -69.54 -25.57
N ILE F 415 1.15 -69.47 -24.46
CA ILE F 415 0.23 -70.54 -24.12
C ILE F 415 -0.88 -70.65 -25.15
N LYS F 416 -1.45 -69.53 -25.57
CA LYS F 416 -2.51 -69.62 -26.57
C LYS F 416 -1.96 -70.05 -27.91
N GLY F 417 -0.72 -69.71 -28.22
CA GLY F 417 -0.10 -70.24 -29.43
C GLY F 417 0.05 -71.76 -29.36
N LEU F 418 0.43 -72.28 -28.20
CA LEU F 418 0.49 -73.73 -28.03
C LEU F 418 -0.89 -74.35 -28.20
N ASP F 419 -1.90 -73.74 -27.60
CA ASP F 419 -3.27 -74.25 -27.71
C ASP F 419 -3.83 -74.15 -29.12
N SER F 420 -3.25 -73.30 -29.97
CA SER F 420 -3.75 -73.17 -31.33
C SER F 420 -3.69 -74.50 -32.08
N PHE F 421 -2.61 -75.24 -31.91
CA PHE F 421 -2.46 -76.55 -32.55
C PHE F 421 -2.54 -77.69 -31.55
N SER F 422 -3.45 -77.59 -30.58
CA SER F 422 -3.52 -78.58 -29.51
C SER F 422 -3.80 -79.97 -30.06
N GLY F 423 -4.72 -80.08 -31.01
CA GLY F 423 -5.05 -81.36 -31.60
C GLY F 423 -5.16 -81.28 -33.10
N LYS F 424 -4.34 -80.44 -33.71
CA LYS F 424 -4.39 -80.17 -35.15
C LYS F 424 -3.02 -80.48 -35.74
N PRO F 425 -2.73 -81.74 -36.07
CA PRO F 425 -1.45 -82.07 -36.68
C PRO F 425 -1.29 -81.35 -38.01
N ARG F 426 -0.08 -80.85 -38.26
CA ARG F 426 0.17 -80.05 -39.44
C ARG F 426 0.31 -80.90 -40.71
N GLY F 427 0.58 -82.20 -40.56
CA GLY F 427 0.83 -83.01 -41.73
C GLY F 427 2.06 -82.52 -42.47
N SER F 428 1.98 -82.53 -43.79
CA SER F 428 3.07 -82.03 -44.64
C SER F 428 2.85 -80.57 -45.03
N GLY F 429 2.66 -79.71 -44.04
CA GLY F 429 2.42 -78.31 -44.28
C GLY F 429 2.68 -77.45 -43.07
N PRO F 430 2.45 -76.14 -43.21
CA PRO F 430 2.67 -75.23 -42.09
C PRO F 430 1.70 -75.50 -40.95
N PRO F 431 2.07 -75.12 -39.72
CA PRO F 431 1.16 -75.34 -38.58
C PRO F 431 -0.14 -74.55 -38.65
N ALA F 432 -0.31 -73.67 -39.64
CA ALA F 432 -1.54 -72.92 -39.86
C ALA F 432 -1.90 -72.08 -38.62
N GLY F 433 -1.03 -71.12 -38.32
CA GLY F 433 -1.25 -70.21 -37.23
C GLY F 433 -0.12 -69.22 -37.08
N PRO F 434 -0.27 -68.26 -36.17
CA PRO F 434 0.82 -67.33 -35.90
C PRO F 434 2.02 -68.05 -35.29
N ALA F 435 3.21 -67.55 -35.61
CA ALA F 435 4.43 -68.16 -35.12
C ALA F 435 4.56 -67.98 -33.62
N LEU F 436 5.12 -68.98 -32.95
CA LEU F 436 5.33 -68.88 -31.52
C LEU F 436 6.44 -67.88 -31.22
N PRO F 437 6.34 -67.13 -30.13
CA PRO F 437 7.43 -66.22 -29.75
C PRO F 437 8.58 -66.95 -29.09
N ILE F 438 9.25 -67.83 -29.83
CA ILE F 438 10.24 -68.71 -29.23
C ILE F 438 11.42 -67.92 -28.71
N GLU F 439 11.96 -67.01 -29.53
CA GLU F 439 13.13 -66.25 -29.12
C GLU F 439 12.82 -65.35 -27.92
N ALA F 440 11.66 -64.70 -27.94
CA ALA F 440 11.27 -63.84 -26.83
C ALA F 440 11.09 -64.65 -25.56
N VAL F 441 10.48 -65.83 -25.66
CA VAL F 441 10.28 -66.67 -24.49
C VAL F 441 11.62 -67.12 -23.92
N ILE F 442 12.54 -67.53 -24.79
CA ILE F 442 13.85 -67.99 -24.33
C ILE F 442 14.58 -66.86 -23.62
N LEU F 443 14.60 -65.68 -24.23
CA LEU F 443 15.28 -64.54 -23.63
C LEU F 443 14.65 -64.15 -22.30
N SER F 444 13.32 -64.15 -22.24
CA SER F 444 12.64 -63.79 -21.00
C SER F 444 12.94 -64.79 -19.91
N LEU F 445 12.96 -66.08 -20.24
CA LEU F 445 13.28 -67.09 -19.24
C LEU F 445 14.70 -66.90 -18.72
N GLN F 446 15.66 -66.66 -19.62
CA GLN F 446 17.03 -66.45 -19.18
C GLN F 446 17.14 -65.22 -18.30
N ASP F 447 16.48 -64.14 -18.68
CA ASP F 447 16.54 -62.91 -17.89
C ASP F 447 15.94 -63.12 -16.51
N LEU F 448 14.81 -63.82 -16.42
CA LEU F 448 14.19 -64.07 -15.12
C LEU F 448 15.05 -64.99 -14.26
N ILE F 449 15.67 -66.00 -14.87
CA ILE F 449 16.54 -66.89 -14.12
C ILE F 449 17.70 -66.11 -13.52
N GLY F 450 18.30 -65.23 -14.32
CA GLY F 450 19.34 -64.37 -13.78
C GLY F 450 18.83 -63.33 -12.80
N TYR F 451 17.55 -62.99 -12.88
CA TYR F 451 16.93 -62.07 -11.95
C TYR F 451 16.74 -62.69 -10.58
N PHE F 452 16.45 -63.98 -10.53
CA PHE F 452 16.18 -64.67 -9.28
C PHE F 452 17.39 -65.44 -8.75
N GLU F 453 18.56 -65.23 -9.33
CA GLU F 453 19.73 -66.01 -8.94
C GLU F 453 20.09 -65.71 -7.49
N PRO F 454 20.33 -66.71 -6.65
CA PRO F 454 20.68 -66.45 -5.27
C PRO F 454 22.03 -65.77 -5.17
N PRO F 455 22.25 -64.95 -4.15
CA PRO F 455 23.56 -64.32 -3.98
C PRO F 455 24.63 -65.38 -3.73
N SER F 456 25.83 -65.11 -4.22
CA SER F 456 26.90 -66.08 -4.11
C SER F 456 27.32 -66.23 -2.65
N GLU F 457 27.98 -67.36 -2.35
CA GLU F 457 28.39 -67.61 -0.97
C GLU F 457 29.55 -66.73 -0.55
N GLU F 458 30.17 -65.98 -1.46
CA GLU F 458 31.39 -65.26 -1.16
C GLU F 458 31.17 -63.84 -0.67
N LEU F 459 29.97 -63.28 -0.78
CA LEU F 459 29.79 -61.94 -0.26
C LEU F 459 29.70 -61.95 1.26
N GLN F 460 29.82 -60.77 1.84
CA GLN F 460 29.85 -60.60 3.28
C GLN F 460 28.42 -60.68 3.83
N HIS F 461 28.35 -61.04 5.12
CA HIS F 461 27.10 -61.49 5.74
C HIS F 461 25.97 -60.48 5.58
N GLU F 462 26.25 -59.20 5.83
CA GLU F 462 25.19 -58.19 5.82
C GLU F 462 24.58 -58.05 4.42
N GLU F 463 25.42 -57.84 3.41
CA GLU F 463 24.88 -57.68 2.07
C GLU F 463 24.24 -58.97 1.58
N LYS F 464 24.77 -60.13 2.00
CA LYS F 464 24.15 -61.38 1.62
C LYS F 464 22.73 -61.49 2.19
N GLN F 465 22.56 -61.08 3.45
CA GLN F 465 21.23 -61.10 4.06
C GLN F 465 20.29 -60.12 3.37
N SER F 466 20.79 -58.93 3.04
CA SER F 466 19.94 -57.95 2.35
C SER F 466 19.50 -58.48 0.98
N LYS F 467 20.41 -59.09 0.24
CA LYS F 467 20.07 -59.66 -1.05
C LYS F 467 19.09 -60.81 -0.90
N LEU F 468 19.26 -61.64 0.13
CA LEU F 468 18.32 -62.71 0.38
C LEU F 468 16.92 -62.17 0.66
N ARG F 469 16.84 -61.11 1.45
CA ARG F 469 15.54 -60.50 1.74
C ARG F 469 14.88 -59.97 0.48
N SER F 470 15.65 -59.28 -0.36
CA SER F 470 15.10 -58.78 -1.62
C SER F 470 14.62 -59.93 -2.51
N LEU F 471 15.40 -61.02 -2.55
CA LEU F 471 15.02 -62.16 -3.37
C LEU F 471 13.74 -62.79 -2.87
N ARG F 472 13.60 -62.93 -1.55
CA ARG F 472 12.36 -63.48 -1.00
C ARG F 472 11.18 -62.60 -1.36
N ASN F 473 11.34 -61.28 -1.24
CA ASN F 473 10.26 -60.37 -1.56
C ASN F 473 9.86 -60.49 -3.03
N ARG F 474 10.83 -60.55 -3.93
CA ARG F 474 10.52 -60.65 -5.35
C ARG F 474 9.85 -61.97 -5.69
N GLN F 475 10.33 -63.06 -5.09
CA GLN F 475 9.68 -64.36 -5.29
C GLN F 475 8.23 -64.32 -4.82
N SER F 476 7.99 -63.72 -3.64
CA SER F 476 6.64 -63.63 -3.13
C SER F 476 5.75 -62.80 -4.05
N LEU F 477 6.27 -61.70 -4.59
CA LEU F 477 5.47 -60.88 -5.49
C LEU F 477 5.09 -61.65 -6.75
N PHE F 478 6.07 -62.31 -7.37
CA PHE F 478 5.79 -63.08 -8.58
C PHE F 478 4.81 -64.21 -8.29
N GLN F 479 4.95 -64.87 -7.15
CA GLN F 479 4.01 -65.92 -6.79
C GLN F 479 2.61 -65.36 -6.62
N GLU F 480 2.48 -64.21 -5.93
CA GLU F 480 1.17 -63.65 -5.66
C GLU F 480 0.48 -63.16 -6.92
N GLU F 481 1.24 -62.85 -7.97
CA GLU F 481 0.60 -62.45 -9.23
C GLU F 481 0.34 -63.61 -10.17
N GLY F 482 0.54 -64.85 -9.72
CA GLY F 482 0.22 -66.00 -10.53
C GLY F 482 1.29 -66.42 -11.52
N MET F 483 2.50 -65.88 -11.41
CA MET F 483 3.56 -66.26 -12.33
C MET F 483 3.94 -67.73 -12.16
N LEU F 484 3.87 -68.24 -10.94
CA LEU F 484 4.15 -69.65 -10.71
C LEU F 484 3.14 -70.54 -11.45
N SER F 485 1.85 -70.21 -11.34
CA SER F 485 0.84 -70.98 -12.05
C SER F 485 1.01 -70.84 -13.55
N LEU F 486 1.40 -69.67 -14.03
CA LEU F 486 1.63 -69.48 -15.45
C LEU F 486 2.77 -70.36 -15.95
N VAL F 487 3.87 -70.42 -15.19
CA VAL F 487 4.98 -71.30 -15.55
C VAL F 487 4.54 -72.76 -15.55
N LEU F 488 3.73 -73.15 -14.57
CA LEU F 488 3.24 -74.52 -14.53
C LEU F 488 2.39 -74.82 -15.76
N ASN F 489 1.55 -73.88 -16.18
CA ASN F 489 0.73 -74.10 -17.36
C ASN F 489 1.58 -74.25 -18.62
N CYS F 490 2.61 -73.41 -18.76
CA CYS F 490 3.51 -73.56 -19.89
C CYS F 490 4.19 -74.92 -19.87
N ILE F 491 4.64 -75.36 -18.69
CA ILE F 491 5.30 -76.66 -18.58
C ILE F 491 4.34 -77.77 -18.96
N ASP F 492 3.10 -77.72 -18.51
CA ASP F 492 2.13 -78.76 -18.85
C ASP F 492 1.91 -78.83 -20.35
N ARG F 493 1.66 -77.67 -20.98
CA ARG F 493 1.33 -77.68 -22.40
C ARG F 493 2.52 -78.10 -23.24
N LEU F 494 3.75 -77.78 -22.83
CA LEU F 494 4.90 -78.34 -23.52
C LEU F 494 5.15 -79.80 -23.16
N ASN F 495 4.63 -80.25 -22.03
CA ASN F 495 4.84 -81.60 -21.54
C ASN F 495 3.90 -82.61 -22.15
N VAL F 496 2.79 -82.18 -22.74
CA VAL F 496 1.92 -83.13 -23.44
C VAL F 496 2.61 -83.81 -24.61
N TYR F 497 3.75 -83.28 -25.06
CA TYR F 497 4.52 -83.86 -26.15
C TYR F 497 5.69 -84.64 -25.56
N THR F 498 5.99 -85.80 -26.14
CA THR F 498 6.98 -86.68 -25.55
C THR F 498 8.39 -86.35 -26.00
N THR F 499 8.56 -85.82 -27.21
CA THR F 499 9.89 -85.57 -27.74
C THR F 499 9.82 -84.41 -28.72
N ALA F 500 11.00 -83.95 -29.15
CA ALA F 500 11.07 -82.81 -30.06
C ALA F 500 10.43 -83.14 -31.40
N ALA F 501 10.60 -84.36 -31.89
CA ALA F 501 9.93 -84.76 -33.13
C ALA F 501 8.41 -84.77 -32.96
N HIS F 502 7.94 -85.26 -31.82
CA HIS F 502 6.51 -85.24 -31.55
C HIS F 502 5.98 -83.82 -31.54
N PHE F 503 6.74 -82.89 -30.95
CA PHE F 503 6.37 -81.48 -30.98
C PHE F 503 6.39 -80.94 -32.40
N ALA F 504 7.37 -81.33 -33.20
CA ALA F 504 7.49 -80.86 -34.58
C ALA F 504 6.31 -81.32 -35.42
N GLU F 505 5.72 -82.47 -35.09
CA GLU F 505 4.56 -82.92 -35.84
C GLU F 505 3.39 -81.95 -35.72
N TYR F 506 3.40 -81.05 -34.74
CA TYR F 506 2.33 -80.10 -34.55
C TYR F 506 2.77 -78.64 -34.69
N ALA F 507 4.04 -78.35 -34.49
CA ALA F 507 4.53 -76.98 -34.49
C ALA F 507 5.59 -76.69 -35.54
N GLY F 508 6.14 -77.71 -36.19
CA GLY F 508 7.19 -77.52 -37.16
C GLY F 508 8.57 -77.65 -36.57
N GLU F 509 9.52 -77.96 -37.44
CA GLU F 509 10.89 -78.20 -37.01
C GLU F 509 11.55 -76.94 -36.45
N GLU F 510 11.26 -75.79 -37.07
CA GLU F 510 11.88 -74.54 -36.64
C GLU F 510 11.49 -74.18 -35.22
N ALA F 511 10.30 -74.59 -34.78
CA ALA F 511 9.90 -74.37 -33.40
C ALA F 511 10.30 -75.53 -32.50
N ALA F 512 10.43 -76.73 -33.07
CA ALA F 512 10.77 -77.89 -32.24
C ALA F 512 12.24 -77.94 -31.91
N GLU F 513 13.07 -77.20 -32.65
CA GLU F 513 14.49 -77.19 -32.34
C GLU F 513 14.82 -76.40 -31.09
N SER F 514 13.83 -75.79 -30.44
CA SER F 514 14.03 -75.08 -29.19
C SER F 514 13.19 -75.66 -28.05
N TRP F 515 12.48 -76.76 -28.31
CA TRP F 515 11.56 -77.31 -27.32
C TRP F 515 12.28 -77.76 -26.06
N LYS F 516 13.38 -78.50 -26.22
CA LYS F 516 14.14 -78.97 -25.08
C LYS F 516 14.72 -77.80 -24.28
N GLU F 517 15.27 -76.81 -24.97
CA GLU F 517 15.84 -75.66 -24.28
C GLU F 517 14.77 -74.91 -23.49
N ILE F 518 13.59 -74.73 -24.09
CA ILE F 518 12.53 -73.99 -23.40
C ILE F 518 12.04 -74.77 -22.18
N VAL F 519 11.87 -76.08 -22.29
CA VAL F 519 11.38 -76.82 -21.13
C VAL F 519 12.42 -76.80 -20.01
N ASN F 520 13.70 -76.93 -20.37
CA ASN F 520 14.74 -76.86 -19.34
C ASN F 520 14.76 -75.50 -18.66
N LEU F 521 14.62 -74.42 -19.44
CA LEU F 521 14.59 -73.09 -18.85
C LEU F 521 13.37 -72.92 -17.96
N LEU F 522 12.23 -73.50 -18.34
CA LEU F 522 11.03 -73.38 -17.52
C LEU F 522 11.23 -74.07 -16.18
N TYR F 523 11.80 -75.27 -16.18
CA TYR F 523 12.07 -75.95 -14.91
C TYR F 523 13.07 -75.16 -14.08
N GLU F 524 14.11 -74.61 -14.71
CA GLU F 524 15.09 -73.83 -13.97
C GLU F 524 14.45 -72.59 -13.35
N LEU F 525 13.55 -71.93 -14.09
CA LEU F 525 12.86 -70.76 -13.55
C LEU F 525 11.96 -71.13 -12.38
N LEU F 526 11.26 -72.26 -12.48
CA LEU F 526 10.42 -72.69 -11.37
C LEU F 526 11.26 -72.95 -10.13
N ALA F 527 12.41 -73.61 -10.30
CA ALA F 527 13.30 -73.83 -9.18
C ALA F 527 13.80 -72.51 -8.61
N SER F 528 14.10 -71.54 -9.47
CA SER F 528 14.53 -70.23 -8.99
C SER F 528 13.44 -69.53 -8.21
N LEU F 529 12.19 -69.64 -8.66
CA LEU F 529 11.07 -69.03 -7.96
C LEU F 529 10.84 -69.63 -6.59
N ILE F 530 10.95 -70.96 -6.45
CA ILE F 530 10.62 -71.60 -5.18
C ILE F 530 11.82 -71.85 -4.29
N ARG F 531 13.04 -71.64 -4.76
CA ARG F 531 14.22 -72.01 -3.97
C ARG F 531 14.33 -71.16 -2.72
N GLY F 532 14.34 -71.81 -1.57
CA GLY F 532 14.53 -71.14 -0.30
C GLY F 532 13.34 -70.36 0.20
N ASN F 533 12.18 -70.48 -0.46
CA ASN F 533 10.98 -69.74 -0.09
C ASN F 533 9.94 -70.75 0.38
N ARG F 534 9.70 -70.78 1.69
CA ARG F 534 8.81 -71.80 2.24
C ARG F 534 7.37 -71.57 1.79
N ALA F 535 6.95 -70.30 1.69
CA ALA F 535 5.59 -70.02 1.25
C ALA F 535 5.35 -70.56 -0.16
N ASN F 536 6.31 -70.36 -1.06
CA ASN F 536 6.16 -70.87 -2.42
C ASN F 536 6.29 -72.39 -2.46
N CYS F 537 7.18 -72.95 -1.64
CA CYS F 537 7.35 -74.41 -1.63
C CYS F 537 6.11 -75.11 -1.10
N ALA F 538 5.38 -74.48 -0.19
CA ALA F 538 4.19 -75.11 0.38
C ALA F 538 3.07 -75.28 -0.64
N LEU F 539 3.13 -74.56 -1.76
CA LEU F 539 2.08 -74.66 -2.76
C LEU F 539 2.03 -76.02 -3.42
N PHE F 540 3.10 -76.81 -3.33
CA PHE F 540 3.13 -78.12 -3.95
C PHE F 540 2.58 -79.22 -3.04
N SER F 541 2.13 -78.87 -1.84
CA SER F 541 1.55 -79.87 -0.95
C SER F 541 0.22 -80.41 -1.47
N THR F 542 -0.37 -79.77 -2.47
CA THR F 542 -1.59 -80.29 -3.09
C THR F 542 -1.31 -80.99 -4.42
N ASN F 543 -0.30 -80.56 -5.16
CA ASN F 543 0.09 -81.19 -6.41
C ASN F 543 1.55 -81.63 -6.27
N LEU F 544 1.75 -82.82 -5.70
CA LEU F 544 3.07 -83.41 -5.63
C LEU F 544 3.29 -84.47 -6.69
N ASP F 545 2.23 -85.16 -7.09
CA ASP F 545 2.31 -86.04 -8.24
C ASP F 545 2.64 -85.27 -9.51
N TRP F 546 2.34 -83.97 -9.54
CA TRP F 546 2.75 -83.16 -10.68
C TRP F 546 4.26 -83.15 -10.82
N VAL F 547 4.98 -83.12 -9.70
CA VAL F 547 6.44 -83.12 -9.74
C VAL F 547 6.98 -84.54 -9.89
N VAL F 548 6.44 -85.48 -9.11
CA VAL F 548 7.00 -86.82 -9.09
C VAL F 548 6.77 -87.54 -10.41
N SER F 549 5.58 -87.38 -10.99
CA SER F 549 5.25 -88.07 -12.23
C SER F 549 6.12 -87.64 -13.40
N LYS F 550 6.81 -86.50 -13.27
CA LYS F 550 7.67 -86.00 -14.32
C LYS F 550 9.14 -86.34 -14.10
N LEU F 551 9.45 -87.13 -13.08
CA LEU F 551 10.85 -87.46 -12.79
C LEU F 551 11.47 -88.30 -13.90
N ASP F 552 10.71 -89.20 -14.49
CA ASP F 552 11.24 -90.11 -15.50
C ASP F 552 11.37 -89.48 -16.88
N ARG F 553 10.92 -88.24 -17.05
CA ARG F 553 11.10 -87.57 -18.34
C ARG F 553 12.59 -87.39 -18.64
N LEU F 554 12.97 -87.69 -19.87
CA LEU F 554 14.37 -87.69 -20.25
C LEU F 554 14.91 -86.30 -20.59
N GLU F 555 14.06 -85.36 -20.97
CA GLU F 555 14.55 -84.10 -21.51
C GLU F 555 15.04 -83.16 -20.41
N ALA F 556 14.42 -83.18 -19.24
CA ALA F 556 14.75 -82.22 -18.18
C ALA F 556 14.83 -82.92 -16.83
N SER F 557 15.51 -84.07 -16.80
CA SER F 557 15.60 -84.86 -15.57
C SER F 557 16.29 -84.08 -14.46
N SER F 558 17.41 -83.44 -14.76
CA SER F 558 18.12 -82.69 -13.75
C SER F 558 17.28 -81.54 -13.20
N GLY F 559 16.60 -80.83 -14.09
CA GLY F 559 15.77 -79.71 -13.64
C GLY F 559 14.61 -80.14 -12.77
N ILE F 560 13.91 -81.21 -13.15
CA ILE F 560 12.77 -81.63 -12.36
C ILE F 560 13.24 -82.19 -11.03
N LEU F 561 14.38 -82.89 -11.00
CA LEU F 561 14.91 -83.38 -9.75
C LEU F 561 15.31 -82.23 -8.84
N GLU F 562 15.89 -81.17 -9.40
CA GLU F 562 16.25 -80.00 -8.61
C GLU F 562 15.01 -79.32 -8.04
N VAL F 563 13.94 -79.24 -8.82
CA VAL F 563 12.69 -78.69 -8.33
C VAL F 563 12.18 -79.50 -7.15
N LEU F 564 12.21 -80.83 -7.27
CA LEU F 564 11.77 -81.68 -6.18
C LEU F 564 12.62 -81.49 -4.94
N TYR F 565 13.95 -81.39 -5.13
CA TYR F 565 14.85 -81.17 -4.01
C TYR F 565 14.55 -79.87 -3.29
N CYS F 566 14.33 -78.79 -4.06
CA CYS F 566 14.00 -77.51 -3.44
C CYS F 566 12.69 -77.58 -2.68
N VAL F 567 11.69 -78.28 -3.24
CA VAL F 567 10.42 -78.41 -2.55
C VAL F 567 10.59 -79.17 -1.23
N LEU F 568 11.30 -80.29 -1.27
CA LEU F 568 11.39 -81.14 -0.07
C LEU F 568 12.24 -80.49 1.01
N ILE F 569 13.29 -79.76 0.62
CA ILE F 569 14.17 -79.13 1.60
C ILE F 569 13.47 -78.09 2.45
N GLU F 570 12.47 -77.40 1.91
CA GLU F 570 11.90 -76.23 2.57
C GLU F 570 10.57 -76.49 3.26
N SER F 571 9.68 -77.28 2.66
CA SER F 571 8.31 -77.37 3.16
C SER F 571 8.06 -78.69 3.87
N PRO F 572 7.95 -78.70 5.19
CA PRO F 572 7.56 -79.94 5.89
C PRO F 572 6.17 -80.41 5.55
N GLU F 573 5.30 -79.52 5.06
CA GLU F 573 3.98 -79.94 4.61
C GLU F 573 4.08 -81.00 3.52
N VAL F 574 5.08 -80.87 2.64
CA VAL F 574 5.27 -81.84 1.58
C VAL F 574 5.76 -83.16 2.15
N LEU F 575 6.65 -83.12 3.13
CA LEU F 575 7.09 -84.36 3.76
C LEU F 575 5.95 -85.05 4.48
N ASN F 576 4.96 -84.29 4.93
CA ASN F 576 3.84 -84.89 5.64
C ASN F 576 2.86 -85.59 4.71
N ILE F 577 3.00 -85.42 3.40
CA ILE F 577 2.09 -86.05 2.44
C ILE F 577 2.80 -87.09 1.57
N ILE F 578 4.09 -87.33 1.80
CA ILE F 578 4.83 -88.29 1.00
C ILE F 578 4.26 -89.69 1.21
N GLN F 579 4.17 -90.46 0.14
CA GLN F 579 3.61 -91.80 0.18
C GLN F 579 4.59 -92.82 -0.39
N GLU F 580 4.21 -94.09 -0.24
CA GLU F 580 5.05 -95.18 -0.70
C GLU F 580 5.24 -95.13 -2.21
N ASN F 581 4.21 -94.76 -2.95
CA ASN F 581 4.36 -94.66 -4.40
C ASN F 581 5.37 -93.58 -4.78
N HIS F 582 5.36 -92.45 -4.09
CA HIS F 582 6.36 -91.41 -4.34
C HIS F 582 7.76 -91.92 -4.04
N ILE F 583 7.93 -92.61 -2.91
CA ILE F 583 9.26 -93.09 -2.56
C ILE F 583 9.73 -94.13 -3.56
N LYS F 584 8.84 -95.00 -4.01
CA LYS F 584 9.21 -96.00 -5.00
C LYS F 584 9.56 -95.34 -6.33
N SER F 585 8.89 -94.25 -6.67
CA SER F 585 9.25 -93.51 -7.88
C SER F 585 10.65 -92.92 -7.76
N ILE F 586 10.98 -92.36 -6.59
CA ILE F 586 12.30 -91.79 -6.39
C ILE F 586 13.37 -92.87 -6.46
N ILE F 587 13.08 -94.06 -5.94
CA ILE F 587 14.04 -95.15 -6.00
C ILE F 587 14.17 -95.68 -7.43
N SER F 588 13.06 -95.76 -8.15
CA SER F 588 13.12 -96.10 -9.57
C SER F 588 13.94 -95.10 -10.35
N LEU F 589 14.01 -93.86 -9.87
CA LEU F 589 14.91 -92.89 -10.48
C LEU F 589 16.35 -93.36 -10.42
N LEU F 590 16.79 -93.85 -9.26
CA LEU F 590 18.12 -94.46 -9.16
C LEU F 590 18.24 -95.64 -10.12
N ASP F 591 17.23 -96.50 -10.10
CA ASP F 591 17.29 -97.73 -10.91
C ASP F 591 17.45 -97.42 -12.39
N LYS F 592 16.80 -96.37 -12.88
CA LYS F 592 16.76 -96.10 -14.31
C LYS F 592 17.74 -95.04 -14.76
N HIS F 593 18.29 -94.23 -13.86
CA HIS F 593 19.22 -93.18 -14.25
C HIS F 593 20.61 -93.37 -13.69
N GLY F 594 20.84 -94.42 -12.91
CA GLY F 594 22.18 -94.67 -12.41
C GLY F 594 22.42 -94.07 -11.05
N ARG F 595 23.65 -94.25 -10.58
CA ARG F 595 24.02 -93.87 -9.22
C ARG F 595 24.33 -92.38 -9.21
N ASN F 596 23.32 -91.60 -8.84
CA ASN F 596 23.44 -90.15 -8.70
C ASN F 596 23.23 -89.80 -7.23
N HIS F 597 24.18 -89.05 -6.66
CA HIS F 597 24.11 -88.74 -5.24
C HIS F 597 23.00 -87.76 -4.89
N LYS F 598 22.48 -87.04 -5.89
CA LYS F 598 21.40 -86.10 -5.59
C LYS F 598 20.10 -86.83 -5.24
N VAL F 599 19.87 -87.99 -5.85
CA VAL F 599 18.72 -88.81 -5.45
C VAL F 599 18.88 -89.26 -4.01
N LEU F 600 20.10 -89.62 -3.63
CA LEU F 600 20.39 -89.97 -2.24
C LEU F 600 20.11 -88.79 -1.31
N ASP F 601 20.50 -87.59 -1.73
CA ASP F 601 20.23 -86.41 -0.92
C ASP F 601 18.74 -86.16 -0.76
N VAL F 602 17.98 -86.35 -1.83
CA VAL F 602 16.52 -86.22 -1.74
C VAL F 602 15.95 -87.23 -0.75
N LEU F 603 16.42 -88.47 -0.82
CA LEU F 603 15.95 -89.48 0.11
C LEU F 603 16.34 -89.13 1.54
N CYS F 604 17.53 -88.58 1.74
CA CYS F 604 17.94 -88.13 3.07
C CYS F 604 17.00 -87.06 3.59
N SER F 605 16.67 -86.08 2.74
CA SER F 605 15.77 -85.02 3.15
C SER F 605 14.38 -85.53 3.47
N LEU F 606 13.95 -86.63 2.84
CA LEU F 606 12.65 -87.19 3.18
C LEU F 606 12.57 -87.69 4.62
N CYS F 607 13.70 -87.99 5.25
CA CYS F 607 13.70 -88.64 6.55
C CYS F 607 13.57 -87.67 7.71
N VAL F 608 14.34 -86.58 7.69
CA VAL F 608 14.35 -85.58 8.75
C VAL F 608 14.19 -84.21 8.14
N CYS F 609 13.29 -83.41 8.68
CA CYS F 609 13.16 -82.01 8.29
C CYS F 609 13.16 -81.17 9.56
N ASN F 610 13.89 -80.05 9.52
CA ASN F 610 13.96 -79.04 10.58
C ASN F 610 14.00 -79.65 11.98
N GLY F 611 14.74 -80.75 12.11
CA GLY F 611 15.00 -81.33 13.42
C GLY F 611 13.98 -82.31 13.93
N VAL F 612 13.03 -82.73 13.11
CA VAL F 612 12.04 -83.74 13.49
C VAL F 612 12.11 -84.88 12.48
N ALA F 613 11.84 -86.09 12.93
CA ALA F 613 11.99 -87.28 12.11
C ALA F 613 10.63 -87.84 11.72
N VAL F 614 10.56 -88.36 10.50
CA VAL F 614 9.34 -88.93 9.95
C VAL F 614 9.54 -90.44 9.85
N ARG F 615 8.96 -91.16 10.81
CA ARG F 615 9.16 -92.60 10.90
C ARG F 615 8.63 -93.30 9.66
N SER F 616 7.49 -92.85 9.14
CA SER F 616 6.92 -93.49 7.97
C SER F 616 7.88 -93.42 6.79
N ASN F 617 8.43 -92.23 6.53
CA ASN F 617 9.37 -92.09 5.43
C ASN F 617 10.63 -92.91 5.66
N GLN F 618 11.15 -92.91 6.88
CA GLN F 618 12.34 -93.69 7.16
C GLN F 618 12.11 -95.17 6.90
N ASP F 619 11.01 -95.71 7.41
CA ASP F 619 10.70 -97.12 7.24
C ASP F 619 10.46 -97.46 5.77
N LEU F 620 9.73 -96.61 5.04
CA LEU F 620 9.48 -96.89 3.64
C LEU F 620 10.76 -96.90 2.84
N ILE F 621 11.66 -95.93 3.08
CA ILE F 621 12.93 -95.90 2.38
C ILE F 621 13.73 -97.16 2.69
N THR F 622 13.81 -97.54 3.96
CA THR F 622 14.54 -98.73 4.33
C THR F 622 13.99 -99.97 3.63
N GLU F 623 12.67 -100.18 3.74
CA GLU F 623 12.05 -101.38 3.22
C GLU F 623 12.16 -101.46 1.70
N ASN F 624 12.02 -100.34 1.00
CA ASN F 624 12.02 -100.36 -0.45
C ASN F 624 13.41 -100.18 -1.06
N LEU F 625 14.42 -99.91 -0.26
CA LEU F 625 15.73 -99.72 -0.87
C LEU F 625 16.79 -100.70 -0.38
N LEU F 626 16.77 -101.06 0.90
CA LEU F 626 17.88 -101.84 1.45
C LEU F 626 17.85 -103.32 1.08
N PRO F 627 16.76 -104.05 1.30
CA PRO F 627 16.83 -105.51 1.18
C PRO F 627 17.18 -106.01 -0.21
N GLY F 628 17.00 -105.19 -1.24
CA GLY F 628 17.38 -105.62 -2.58
C GLY F 628 18.87 -105.85 -2.73
N ARG F 629 19.66 -104.94 -2.17
CA ARG F 629 21.12 -104.99 -2.26
C ARG F 629 21.59 -104.99 -3.71
N GLU F 630 20.92 -104.21 -4.55
CA GLU F 630 21.27 -104.09 -5.96
C GLU F 630 21.65 -102.68 -6.38
N LEU F 631 21.07 -101.65 -5.77
CA LEU F 631 21.38 -100.28 -6.15
C LEU F 631 22.58 -99.74 -5.37
N LEU F 632 22.49 -99.76 -4.04
CA LEU F 632 23.59 -99.29 -3.22
C LEU F 632 24.76 -100.26 -3.29
N LEU F 633 25.97 -99.70 -3.22
CA LEU F 633 27.16 -100.53 -3.20
C LEU F 633 27.26 -101.29 -1.89
N GLN F 634 27.75 -102.52 -1.97
CA GLN F 634 27.83 -103.39 -0.81
C GLN F 634 29.26 -103.53 -0.33
N THR F 635 29.43 -103.60 0.99
CA THR F 635 30.73 -103.71 1.61
C THR F 635 30.74 -104.91 2.54
N ASN F 636 31.92 -105.50 2.69
CA ASN F 636 32.10 -106.67 3.52
C ASN F 636 33.60 -106.93 3.65
N LEU F 637 33.97 -107.64 4.71
CA LEU F 637 35.37 -107.98 4.93
C LEU F 637 35.63 -109.38 4.39
N ILE F 638 36.68 -109.51 3.58
CA ILE F 638 37.01 -110.79 2.95
C ILE F 638 38.48 -111.08 3.20
N ASN F 639 38.83 -112.36 3.07
CA ASN F 639 40.20 -112.81 3.25
C ASN F 639 40.96 -112.75 1.93
N TYR F 640 42.25 -112.46 2.03
CA TYR F 640 43.13 -112.57 0.88
C TYR F 640 43.38 -114.04 0.58
N VAL F 641 43.45 -114.38 -0.71
CA VAL F 641 43.67 -115.74 -1.17
C VAL F 641 44.84 -115.72 -2.15
N THR F 642 45.71 -116.72 -2.04
CA THR F 642 46.88 -116.83 -2.89
C THR F 642 46.97 -118.23 -3.47
N SER F 643 47.53 -118.34 -4.67
CA SER F 643 47.73 -119.61 -5.35
C SER F 643 49.22 -119.94 -5.42
N ILE F 644 49.54 -121.22 -5.33
CA ILE F 644 50.91 -121.71 -5.42
C ILE F 644 50.92 -122.89 -6.37
N ARG F 645 51.91 -122.93 -7.25
CA ARG F 645 52.03 -123.98 -8.25
C ARG F 645 53.45 -124.51 -8.30
N PRO F 646 53.64 -125.74 -8.74
CA PRO F 646 54.95 -126.18 -9.20
C PRO F 646 55.22 -125.63 -10.59
N ASN F 647 56.49 -125.67 -10.99
CA ASN F 647 56.81 -125.28 -12.35
C ASN F 647 56.69 -126.48 -13.27
N ILE F 648 55.53 -127.13 -13.24
CA ILE F 648 55.22 -128.28 -14.08
C ILE F 648 54.13 -127.88 -15.04
N PHE F 649 54.44 -127.89 -16.34
CA PHE F 649 53.50 -127.44 -17.36
C PHE F 649 53.35 -128.53 -18.40
N VAL F 650 52.10 -128.92 -18.66
CA VAL F 650 51.80 -129.94 -19.67
C VAL F 650 50.67 -129.43 -20.54
N GLY F 651 50.61 -129.95 -21.76
CA GLY F 651 49.60 -129.51 -22.71
C GLY F 651 49.51 -130.47 -23.87
N ARG F 652 48.58 -130.18 -24.77
CA ARG F 652 48.33 -131.01 -25.93
C ARG F 652 48.36 -130.17 -27.20
N ALA F 653 49.07 -130.65 -28.20
CA ALA F 653 49.11 -130.01 -29.50
C ALA F 653 49.41 -131.08 -30.54
N GLU F 654 49.07 -130.78 -31.79
CA GLU F 654 49.29 -131.74 -32.86
C GLU F 654 50.79 -131.87 -33.11
N GLY F 655 51.32 -133.06 -32.84
CA GLY F 655 52.76 -133.28 -32.97
C GLY F 655 53.56 -132.88 -31.77
N SER F 656 52.93 -132.52 -30.65
CA SER F 656 53.65 -132.16 -29.46
C SER F 656 54.39 -133.36 -28.88
N THR F 657 55.50 -133.08 -28.22
CA THR F 657 56.32 -134.12 -27.61
C THR F 657 55.84 -134.52 -26.22
N GLN F 658 54.83 -133.84 -25.69
CA GLN F 658 54.42 -134.04 -24.31
C GLN F 658 53.45 -135.20 -24.17
N TYR F 659 53.55 -135.89 -23.03
CA TYR F 659 52.64 -136.96 -22.69
C TYR F 659 51.25 -136.41 -22.38
N GLY F 660 50.26 -137.29 -22.39
CA GLY F 660 48.88 -136.86 -22.31
C GLY F 660 48.21 -136.96 -20.95
N LYS F 661 48.64 -137.90 -20.11
CA LYS F 661 47.97 -138.18 -18.85
C LYS F 661 48.92 -137.94 -17.69
N TRP F 662 48.46 -137.22 -16.67
CA TRP F 662 49.30 -136.79 -15.57
C TRP F 662 48.57 -136.98 -14.26
N TYR F 663 49.34 -137.10 -13.18
CA TYR F 663 48.80 -137.41 -11.87
C TYR F 663 49.65 -136.74 -10.80
N PHE F 664 49.00 -136.23 -9.77
CA PHE F 664 49.69 -135.70 -8.60
C PHE F 664 48.72 -135.71 -7.41
N GLU F 665 49.27 -135.52 -6.22
CA GLU F 665 48.50 -135.54 -4.99
C GLU F 665 48.86 -134.37 -4.12
N VAL F 666 47.92 -133.97 -3.27
CA VAL F 666 48.15 -132.95 -2.24
C VAL F 666 47.66 -133.51 -0.91
N MET F 667 48.55 -133.54 0.08
CA MET F 667 48.23 -133.97 1.42
C MET F 667 47.99 -132.74 2.29
N VAL F 668 46.90 -132.74 3.03
CA VAL F 668 46.55 -131.63 3.91
C VAL F 668 47.03 -131.95 5.31
N ASP F 669 47.83 -131.06 5.88
CA ASP F 669 48.42 -131.26 7.19
C ASP F 669 47.71 -130.50 8.30
N GLU F 670 47.41 -129.23 8.09
CA GLU F 670 46.84 -128.40 9.15
C GLU F 670 45.95 -127.35 8.51
N VAL F 671 44.66 -127.36 8.85
CA VAL F 671 43.71 -126.39 8.37
C VAL F 671 42.94 -125.83 9.55
N VAL F 672 43.03 -124.53 9.77
CA VAL F 672 42.22 -123.84 10.78
C VAL F 672 40.90 -123.46 10.12
N PRO F 673 39.78 -124.04 10.53
CA PRO F 673 38.52 -123.79 9.81
C PRO F 673 38.12 -122.33 9.77
N PHE F 674 38.30 -121.60 10.87
CA PHE F 674 37.94 -120.18 10.93
C PHE F 674 39.06 -119.43 11.63
N LEU F 675 40.07 -119.01 10.86
CA LEU F 675 41.06 -118.11 11.39
C LEU F 675 40.51 -116.69 11.49
N THR F 676 39.59 -116.33 10.61
CA THR F 676 38.89 -115.06 10.66
C THR F 676 37.40 -115.29 10.68
N ALA F 677 36.60 -114.24 10.52
CA ALA F 677 35.16 -114.41 10.48
C ALA F 677 34.71 -115.14 9.23
N GLN F 678 35.54 -115.21 8.20
CA GLN F 678 35.22 -115.90 6.96
C GLN F 678 35.94 -117.24 6.91
N ALA F 679 35.26 -118.24 6.35
CA ALA F 679 35.79 -119.60 6.35
C ALA F 679 37.09 -119.67 5.57
N THR F 680 37.97 -120.55 6.03
CA THR F 680 39.28 -120.69 5.40
C THR F 680 39.13 -121.28 4.00
N HIS F 681 39.87 -120.69 3.06
CA HIS F 681 39.84 -121.09 1.66
C HIS F 681 40.90 -122.16 1.41
N LEU F 682 40.53 -123.23 0.73
CA LEU F 682 41.49 -124.25 0.35
C LEU F 682 40.91 -125.07 -0.79
N ARG F 683 41.56 -125.02 -1.96
CA ARG F 683 41.13 -125.76 -3.11
C ARG F 683 42.34 -126.34 -3.83
N VAL F 684 42.12 -127.43 -4.55
CA VAL F 684 43.15 -128.14 -5.28
C VAL F 684 42.63 -128.43 -6.67
N GLY F 685 43.47 -128.28 -7.68
CA GLY F 685 43.06 -128.59 -9.04
C GLY F 685 44.10 -128.17 -10.05
N TRP F 686 43.64 -127.98 -11.28
CA TRP F 686 44.48 -127.60 -12.40
C TRP F 686 44.11 -126.21 -12.89
N ALA F 687 45.03 -125.57 -13.61
CA ALA F 687 44.82 -124.25 -14.15
C ALA F 687 45.55 -124.12 -15.48
N LEU F 688 45.11 -123.18 -16.28
CA LEU F 688 45.68 -122.93 -17.61
C LEU F 688 46.56 -121.68 -17.57
N THR F 689 47.73 -121.78 -18.21
CA THR F 689 48.70 -120.69 -18.13
C THR F 689 48.16 -119.41 -18.75
N GLU F 690 47.50 -119.51 -19.90
CA GLU F 690 47.02 -118.34 -20.61
C GLU F 690 45.63 -117.98 -20.10
N GLY F 691 45.58 -117.28 -18.98
CA GLY F 691 44.31 -116.79 -18.49
C GLY F 691 44.11 -116.82 -16.99
N TYR F 692 44.69 -117.81 -16.32
CA TYR F 692 44.55 -117.91 -14.86
C TYR F 692 45.52 -116.93 -14.22
N SER F 693 45.04 -115.73 -13.94
CA SER F 693 45.84 -114.66 -13.34
C SER F 693 45.05 -114.05 -12.19
N PRO F 694 45.05 -114.72 -11.03
CA PRO F 694 44.32 -114.18 -9.87
C PRO F 694 45.16 -113.12 -9.16
N TYR F 695 44.72 -111.90 -9.24
CA TYR F 695 45.49 -110.91 -8.50
C TYR F 695 44.98 -110.82 -7.07
N PRO F 696 45.85 -110.45 -6.13
CA PRO F 696 45.40 -110.31 -4.74
C PRO F 696 44.35 -109.22 -4.61
N GLY F 697 43.38 -109.47 -3.74
CA GLY F 697 42.36 -108.48 -3.45
C GLY F 697 41.10 -108.70 -4.27
N GLY F 698 40.68 -107.67 -5.00
CA GLY F 698 39.42 -107.69 -5.69
C GLY F 698 39.41 -108.63 -6.86
N GLY F 699 38.21 -108.86 -7.38
CA GLY F 699 38.06 -109.77 -8.50
C GLY F 699 36.59 -110.07 -8.73
N GLU F 700 36.34 -111.29 -9.17
CA GLU F 700 34.99 -111.70 -9.49
C GLU F 700 34.20 -111.99 -8.21
N GLY F 701 32.91 -111.69 -8.24
CA GLY F 701 32.09 -111.96 -7.09
C GLY F 701 32.50 -111.10 -5.91
N TRP F 702 32.84 -111.76 -4.81
CA TRP F 702 33.26 -111.08 -3.58
C TRP F 702 34.74 -111.23 -3.32
N GLY F 703 35.56 -111.25 -4.36
CA GLY F 703 36.99 -111.32 -4.18
C GLY F 703 37.45 -112.66 -3.65
N GLY F 704 38.73 -112.70 -3.28
CA GLY F 704 39.31 -113.93 -2.79
C GLY F 704 39.28 -115.03 -3.83
N ASN F 705 39.62 -114.71 -5.07
CA ASN F 705 39.52 -115.67 -6.15
C ASN F 705 40.65 -116.69 -6.07
N GLY F 706 40.31 -117.95 -6.29
CA GLY F 706 41.27 -119.03 -6.28
C GLY F 706 41.06 -119.95 -7.47
N VAL F 707 41.25 -121.24 -7.23
CA VAL F 707 41.02 -122.23 -8.27
C VAL F 707 39.54 -122.42 -8.48
N GLY F 708 39.09 -122.36 -9.72
CA GLY F 708 37.69 -122.50 -10.04
C GLY F 708 36.89 -121.22 -10.02
N ASP F 709 37.54 -120.09 -9.80
CA ASP F 709 36.85 -118.80 -9.81
C ASP F 709 36.83 -118.16 -11.18
N ASP F 710 37.32 -118.86 -12.21
CA ASP F 710 37.18 -118.44 -13.58
C ASP F 710 37.12 -119.69 -14.44
N LEU F 711 37.05 -119.51 -15.75
CA LEU F 711 36.95 -120.63 -16.67
C LEU F 711 38.31 -121.13 -17.13
N TYR F 712 39.38 -120.70 -16.47
CA TYR F 712 40.71 -121.20 -16.73
C TYR F 712 41.22 -122.14 -15.64
N SER F 713 40.43 -122.39 -14.61
CA SER F 713 40.85 -123.23 -13.50
C SER F 713 39.72 -124.17 -13.13
N TYR F 714 40.09 -125.29 -12.52
CA TYR F 714 39.14 -126.36 -12.18
C TYR F 714 39.57 -126.94 -10.84
N GLY F 715 38.81 -126.63 -9.79
CA GLY F 715 39.20 -126.94 -8.43
C GLY F 715 38.26 -127.89 -7.72
N PHE F 716 38.65 -128.20 -6.48
CA PHE F 716 37.93 -129.16 -5.65
C PHE F 716 38.24 -128.87 -4.20
N ASP F 717 37.21 -128.60 -3.40
CA ASP F 717 37.41 -128.22 -2.00
C ASP F 717 36.97 -129.30 -1.02
N GLY F 718 36.62 -130.48 -1.50
CA GLY F 718 36.16 -131.58 -0.67
C GLY F 718 34.66 -131.79 -0.72
N LEU F 719 33.91 -130.75 -1.07
CA LEU F 719 32.47 -130.83 -1.19
C LEU F 719 31.94 -130.42 -2.56
N HIS F 720 32.64 -129.55 -3.27
CA HIS F 720 32.15 -128.99 -4.52
C HIS F 720 33.23 -129.06 -5.59
N LEU F 721 32.79 -128.99 -6.84
CA LEU F 721 33.68 -128.80 -7.97
C LEU F 721 33.54 -127.36 -8.43
N TRP F 722 34.65 -126.62 -8.40
CA TRP F 722 34.63 -125.20 -8.68
C TRP F 722 35.13 -124.94 -10.09
N THR F 723 34.33 -124.23 -10.88
CA THR F 723 34.76 -123.71 -12.16
C THR F 723 33.85 -122.56 -12.53
N GLY F 724 34.41 -121.52 -13.11
CA GLY F 724 33.62 -120.36 -13.48
C GLY F 724 32.95 -119.67 -12.31
N HIS F 725 33.60 -119.69 -11.14
CA HIS F 725 33.10 -119.03 -9.94
C HIS F 725 31.75 -119.60 -9.49
N VAL F 726 31.49 -120.87 -9.81
CA VAL F 726 30.26 -121.54 -9.43
C VAL F 726 30.62 -122.82 -8.72
N ALA F 727 29.99 -123.07 -7.58
CA ALA F 727 30.23 -124.26 -6.78
C ALA F 727 29.13 -125.27 -7.04
N ARG F 728 29.50 -126.45 -7.53
CA ARG F 728 28.55 -127.51 -7.82
C ARG F 728 28.81 -128.68 -6.89
N PRO F 729 27.88 -129.05 -6.03
CA PRO F 729 28.14 -130.12 -5.07
C PRO F 729 28.44 -131.42 -5.77
N VAL F 730 29.39 -132.16 -5.20
CA VAL F 730 29.82 -133.44 -5.74
C VAL F 730 29.79 -134.46 -4.62
N THR F 731 29.58 -135.72 -4.99
CA THR F 731 29.37 -136.78 -4.01
C THR F 731 30.62 -137.64 -3.89
N SER F 732 31.04 -137.88 -2.65
CA SER F 732 32.12 -138.78 -2.33
C SER F 732 31.76 -139.54 -1.07
N PRO F 733 32.30 -140.73 -0.86
CA PRO F 733 32.06 -141.45 0.40
C PRO F 733 32.57 -140.66 1.59
N GLY F 734 31.65 -140.23 2.44
CA GLY F 734 32.01 -139.43 3.59
C GLY F 734 32.41 -138.03 3.23
N GLN F 735 31.49 -137.28 2.61
CA GLN F 735 31.77 -135.92 2.19
C GLN F 735 32.13 -135.05 3.40
N HIS F 736 33.19 -134.27 3.24
CA HIS F 736 33.54 -133.27 4.24
C HIS F 736 34.51 -132.28 3.61
N LEU F 737 34.50 -131.06 4.12
CA LEU F 737 35.45 -130.06 3.68
C LEU F 737 36.86 -130.52 4.01
N LEU F 738 37.81 -130.12 3.17
CA LEU F 738 39.18 -130.60 3.30
C LEU F 738 39.70 -130.37 4.71
N ALA F 739 40.16 -131.44 5.33
CA ALA F 739 40.54 -131.49 6.73
C ALA F 739 41.94 -132.07 6.82
N PRO F 740 42.60 -131.92 7.98
CA PRO F 740 43.94 -132.51 8.13
C PRO F 740 43.91 -134.01 7.90
N GLU F 741 45.02 -134.52 7.37
CA GLU F 741 45.24 -135.92 7.01
C GLU F 741 44.45 -136.35 5.79
N ASP F 742 43.98 -135.42 4.97
CA ASP F 742 43.28 -135.76 3.73
C ASP F 742 44.26 -135.75 2.57
N VAL F 743 44.05 -136.67 1.62
CA VAL F 743 44.86 -136.76 0.42
C VAL F 743 43.95 -136.59 -0.78
N VAL F 744 44.29 -135.64 -1.65
CA VAL F 744 43.52 -135.32 -2.84
C VAL F 744 44.31 -135.76 -4.05
N SER F 745 43.73 -136.64 -4.86
CA SER F 745 44.36 -137.13 -6.07
C SER F 745 43.69 -136.48 -7.27
N CYS F 746 44.48 -135.75 -8.06
CA CYS F 746 43.97 -135.06 -9.24
C CYS F 746 44.59 -135.70 -10.48
N CYS F 747 43.74 -136.13 -11.40
CA CYS F 747 44.16 -136.77 -12.64
C CYS F 747 43.76 -135.89 -13.80
N LEU F 748 44.69 -135.67 -14.74
CA LEU F 748 44.43 -134.90 -15.94
C LEU F 748 44.65 -135.80 -17.15
N ASP F 749 43.62 -136.00 -17.93
CA ASP F 749 43.66 -136.81 -19.15
C ASP F 749 43.41 -135.89 -20.32
N LEU F 750 44.48 -135.39 -20.93
CA LEU F 750 44.35 -134.44 -22.03
C LEU F 750 43.73 -135.04 -23.27
N SER F 751 43.62 -136.36 -23.35
CA SER F 751 43.09 -136.99 -24.56
C SER F 751 41.59 -136.81 -24.67
N VAL F 752 40.88 -136.70 -23.55
CA VAL F 752 39.42 -136.65 -23.58
C VAL F 752 38.93 -135.26 -23.99
N PRO F 753 39.34 -134.15 -23.34
CA PRO F 753 40.12 -133.98 -22.12
C PRO F 753 39.26 -134.10 -20.87
N SER F 754 39.79 -134.54 -19.74
CA SER F 754 38.99 -134.69 -18.54
C SER F 754 39.87 -134.53 -17.32
N ILE F 755 39.27 -134.01 -16.25
CA ILE F 755 39.92 -133.86 -14.95
C ILE F 755 39.07 -134.60 -13.92
N SER F 756 39.70 -135.50 -13.18
CA SER F 756 39.01 -136.31 -12.19
C SER F 756 39.75 -136.22 -10.86
N PHE F 757 39.02 -136.51 -9.78
CA PHE F 757 39.58 -136.40 -8.44
C PHE F 757 39.31 -137.67 -7.65
N ARG F 758 40.20 -137.94 -6.70
CA ARG F 758 39.99 -138.95 -5.67
C ARG F 758 40.43 -138.37 -4.34
N ILE F 759 39.65 -138.59 -3.30
CA ILE F 759 39.97 -138.12 -1.96
C ILE F 759 40.14 -139.33 -1.06
N ASN F 760 41.30 -139.43 -0.40
CA ASN F 760 41.60 -140.52 0.52
C ASN F 760 41.44 -141.87 -0.15
N GLY F 761 41.64 -141.93 -1.47
CA GLY F 761 41.48 -143.14 -2.23
C GLY F 761 40.08 -143.39 -2.74
N CYS F 762 39.08 -142.70 -2.22
CA CYS F 762 37.79 -143.01 -2.81
C CYS F 762 37.49 -142.03 -3.95
N PRO F 763 36.94 -142.53 -5.05
CA PRO F 763 36.69 -141.66 -6.21
C PRO F 763 35.66 -140.58 -5.89
N VAL F 764 35.85 -139.43 -6.51
CA VAL F 764 34.91 -138.31 -6.44
C VAL F 764 34.02 -138.38 -7.67
N GLN F 765 32.72 -138.42 -7.46
CA GLN F 765 31.76 -138.68 -8.54
C GLN F 765 31.45 -137.39 -9.28
N GLY F 766 32.47 -136.89 -9.97
CA GLY F 766 32.34 -135.69 -10.78
C GLY F 766 33.59 -135.38 -11.55
N VAL F 767 33.46 -135.01 -12.82
CA VAL F 767 34.61 -134.75 -13.67
C VAL F 767 34.37 -133.50 -14.51
N PHE F 768 35.41 -132.71 -14.69
CA PHE F 768 35.41 -131.68 -15.73
C PHE F 768 35.80 -132.32 -17.04
N GLU F 769 35.21 -131.86 -18.13
CA GLU F 769 35.54 -132.40 -19.44
C GLU F 769 35.14 -131.42 -20.51
N ALA F 770 35.67 -131.67 -21.72
CA ALA F 770 35.37 -130.85 -22.89
C ALA F 770 35.68 -129.38 -22.65
N PHE F 771 36.85 -129.11 -22.07
CA PHE F 771 37.29 -127.74 -21.84
C PHE F 771 38.32 -127.34 -22.89
N ASN F 772 38.78 -126.10 -22.79
CA ASN F 772 39.72 -125.57 -23.76
C ASN F 772 41.10 -126.18 -23.56
N LEU F 773 41.89 -126.16 -24.63
CA LEU F 773 43.22 -126.75 -24.62
C LEU F 773 44.27 -125.80 -25.18
N ASP F 774 43.98 -124.50 -25.23
CA ASP F 774 44.89 -123.51 -25.81
C ASP F 774 45.82 -122.95 -24.75
N GLY F 775 46.68 -123.83 -24.24
CA GLY F 775 47.63 -123.42 -23.22
C GLY F 775 48.22 -124.63 -22.54
N LEU F 776 48.93 -124.36 -21.44
CA LEU F 776 49.57 -125.39 -20.65
C LEU F 776 48.87 -125.50 -19.30
N PHE F 777 48.79 -126.72 -18.78
CA PHE F 777 48.11 -126.98 -17.53
C PHE F 777 49.14 -127.24 -16.43
N PHE F 778 48.93 -126.62 -15.27
CA PHE F 778 49.81 -126.86 -14.14
C PHE F 778 49.00 -127.15 -12.89
N PRO F 779 49.54 -127.96 -11.99
CA PRO F 779 48.90 -128.14 -10.69
C PRO F 779 48.90 -126.84 -9.90
N VAL F 780 47.87 -126.66 -9.08
CA VAL F 780 47.73 -125.41 -8.34
C VAL F 780 46.89 -125.69 -7.10
N VAL F 781 47.22 -124.99 -6.01
CA VAL F 781 46.42 -124.96 -4.80
C VAL F 781 46.16 -123.51 -4.44
N SER F 782 44.90 -123.17 -4.21
CA SER F 782 44.52 -121.85 -3.74
C SER F 782 44.17 -121.96 -2.27
N PHE F 783 44.59 -120.98 -1.48
CA PHE F 783 44.39 -121.07 -0.05
C PHE F 783 44.28 -119.67 0.54
N SER F 784 43.61 -119.59 1.67
CA SER F 784 43.66 -118.44 2.54
C SER F 784 44.67 -118.71 3.64
N ALA F 785 44.85 -117.73 4.52
CA ALA F 785 45.76 -117.93 5.64
C ALA F 785 45.19 -118.98 6.58
N GLY F 786 46.09 -119.77 7.17
CA GLY F 786 45.71 -120.80 8.10
C GLY F 786 45.69 -122.21 7.55
N VAL F 787 46.54 -122.51 6.56
CA VAL F 787 46.59 -123.84 5.97
C VAL F 787 48.02 -124.35 5.99
N LYS F 788 48.17 -125.64 5.74
CA LYS F 788 49.48 -126.26 5.64
C LYS F 788 49.29 -127.54 4.81
N VAL F 789 49.78 -127.51 3.57
CA VAL F 789 49.60 -128.63 2.65
C VAL F 789 50.96 -128.99 2.07
N ARG F 790 51.03 -130.19 1.50
CA ARG F 790 52.24 -130.67 0.86
C ARG F 790 51.92 -131.22 -0.51
N PHE F 791 52.63 -130.76 -1.52
CA PHE F 791 52.52 -131.33 -2.86
C PHE F 791 53.25 -132.65 -2.90
N LEU F 792 52.61 -133.67 -3.44
CA LEU F 792 53.22 -134.97 -3.67
C LEU F 792 53.26 -135.21 -5.16
N LEU F 793 54.44 -135.09 -5.75
CA LEU F 793 54.60 -135.16 -7.20
C LEU F 793 55.27 -136.44 -7.66
N GLY F 794 55.53 -137.38 -6.77
CA GLY F 794 56.14 -138.64 -7.15
C GLY F 794 57.64 -138.58 -7.20
N GLY F 795 58.25 -139.75 -7.38
CA GLY F 795 59.69 -139.83 -7.46
C GLY F 795 60.32 -139.37 -6.16
N ARG F 796 61.29 -138.46 -6.27
CA ARG F 796 61.94 -137.89 -5.11
C ARG F 796 61.25 -136.64 -4.61
N HIS F 797 60.10 -136.30 -5.17
CA HIS F 797 59.38 -135.08 -4.82
C HIS F 797 58.02 -135.39 -4.20
N GLY F 798 57.97 -136.40 -3.34
CA GLY F 798 56.74 -136.75 -2.66
C GLY F 798 56.19 -138.10 -3.05
N GLU F 799 56.43 -139.10 -2.21
CA GLU F 799 55.92 -140.43 -2.46
C GLU F 799 54.39 -140.43 -2.44
N PHE F 800 53.79 -141.05 -3.44
CA PHE F 800 52.34 -141.08 -3.53
C PHE F 800 51.76 -141.97 -2.45
N LYS F 801 50.76 -141.48 -1.74
CA LYS F 801 50.05 -142.33 -0.79
C LYS F 801 49.23 -143.39 -1.52
N PHE F 802 48.64 -143.03 -2.66
CA PHE F 802 47.82 -143.94 -3.44
C PHE F 802 48.41 -144.11 -4.82
N LEU F 803 48.31 -145.32 -5.34
CA LEU F 803 48.90 -145.64 -6.63
C LEU F 803 48.15 -144.91 -7.73
N PRO F 804 48.85 -144.22 -8.64
CA PRO F 804 48.16 -143.54 -9.71
C PRO F 804 47.44 -144.52 -10.61
N PRO F 805 46.33 -144.11 -11.23
CA PRO F 805 45.62 -145.01 -12.12
C PRO F 805 46.48 -145.38 -13.31
N PRO F 806 46.24 -146.55 -13.92
CA PRO F 806 47.11 -147.01 -15.00
C PRO F 806 47.16 -146.00 -16.15
N GLY F 807 48.35 -145.84 -16.72
CA GLY F 807 48.55 -144.95 -17.84
C GLY F 807 48.88 -143.52 -17.47
N TYR F 808 48.63 -143.12 -16.23
CA TYR F 808 48.90 -141.75 -15.79
C TYR F 808 50.33 -141.62 -15.31
N ALA F 809 50.97 -140.53 -15.72
CA ALA F 809 52.36 -140.31 -15.39
C ALA F 809 52.50 -139.36 -14.21
N PRO F 810 53.40 -139.64 -13.27
CA PRO F 810 53.64 -138.69 -12.18
C PRO F 810 54.12 -137.35 -12.70
N CYS F 811 53.68 -136.29 -12.03
CA CYS F 811 53.96 -134.94 -12.50
C CYS F 811 55.43 -134.58 -12.44
N HIS F 812 56.22 -135.25 -11.59
CA HIS F 812 57.63 -134.92 -11.49
C HIS F 812 58.39 -135.25 -12.76
N GLU F 813 57.80 -136.06 -13.65
CA GLU F 813 58.45 -136.37 -14.92
C GLU F 813 58.29 -135.26 -15.95
N ALA F 814 57.50 -134.23 -15.66
CA ALA F 814 57.24 -133.17 -16.61
C ALA F 814 58.13 -131.95 -16.40
N VAL F 815 59.12 -132.04 -15.53
CA VAL F 815 60.04 -130.92 -15.33
C VAL F 815 60.96 -130.82 -16.53
N LEU F 816 61.10 -129.61 -17.06
CA LEU F 816 61.90 -129.41 -18.26
C LEU F 816 63.39 -129.60 -17.95
N PRO F 817 64.19 -129.97 -18.95
CA PRO F 817 65.62 -130.21 -18.68
C PRO F 817 66.37 -129.00 -18.17
N ARG F 818 65.99 -127.79 -18.57
CA ARG F 818 66.72 -126.59 -18.19
C ARG F 818 66.29 -126.04 -16.84
N GLU F 819 65.33 -126.67 -16.17
CA GLU F 819 64.79 -126.16 -14.92
C GLU F 819 64.86 -127.21 -13.83
N ARG F 820 64.78 -126.75 -12.59
CA ARG F 820 64.67 -127.60 -11.42
C ARG F 820 63.30 -127.41 -10.80
N LEU F 821 62.78 -128.45 -10.17
CA LEU F 821 61.43 -128.38 -9.62
C LEU F 821 61.40 -127.43 -8.43
N ARG F 822 60.35 -126.62 -8.37
CA ARG F 822 60.20 -125.65 -7.29
C ARG F 822 58.74 -125.24 -7.18
N LEU F 823 58.45 -124.45 -6.16
CA LEU F 823 57.13 -123.91 -5.91
C LEU F 823 57.18 -122.39 -6.05
N GLU F 824 56.26 -121.83 -6.80
CA GLU F 824 56.30 -120.42 -7.14
C GLU F 824 54.90 -119.84 -7.20
N PRO F 825 54.76 -118.54 -7.01
CA PRO F 825 53.47 -117.88 -7.22
C PRO F 825 53.10 -117.85 -8.70
N ILE F 826 51.98 -117.21 -9.03
CA ILE F 826 51.49 -117.16 -10.40
C ILE F 826 51.30 -115.69 -10.77
N LYS F 827 52.10 -115.22 -11.73
CA LYS F 827 52.01 -113.86 -12.25
C LYS F 827 52.05 -112.82 -11.13
N GLU F 828 53.08 -112.91 -10.29
CA GLU F 828 53.29 -111.93 -9.26
C GLU F 828 53.80 -110.63 -9.86
N TYR F 829 53.41 -109.51 -9.26
CA TYR F 829 53.94 -108.20 -9.63
C TYR F 829 54.76 -107.59 -8.51
N ARG F 830 55.17 -108.39 -7.53
CA ARG F 830 55.82 -107.87 -6.34
C ARG F 830 56.40 -109.05 -5.58
N ARG F 831 57.60 -108.89 -5.03
CA ARG F 831 58.19 -109.92 -4.21
C ARG F 831 59.11 -109.29 -3.19
N GLU F 832 59.35 -110.02 -2.10
CA GLU F 832 60.23 -109.53 -1.05
C GLU F 832 61.68 -109.61 -1.49
N GLY F 833 62.45 -108.58 -1.15
CA GLY F 833 63.85 -108.53 -1.50
C GLY F 833 64.71 -108.24 -0.29
N PRO F 834 66.03 -108.15 -0.49
CA PRO F 834 66.91 -107.90 0.65
C PRO F 834 66.69 -106.55 1.31
N ARG F 835 66.70 -105.47 0.55
CA ARG F 835 66.53 -104.13 1.08
C ARG F 835 65.07 -103.66 1.04
N GLY F 836 64.17 -104.46 0.48
CA GLY F 836 62.78 -104.06 0.37
C GLY F 836 62.07 -104.81 -0.73
N PRO F 837 60.80 -104.47 -0.95
CA PRO F 837 60.04 -105.16 -1.99
C PRO F 837 60.60 -104.90 -3.38
N HIS F 838 60.48 -105.89 -4.25
CA HIS F 838 60.90 -105.79 -5.64
C HIS F 838 59.68 -105.74 -6.54
N LEU F 839 59.67 -104.79 -7.46
CA LEU F 839 58.64 -104.76 -8.49
C LEU F 839 59.03 -105.68 -9.63
N VAL F 840 58.07 -106.47 -10.10
CA VAL F 840 58.33 -107.51 -11.09
C VAL F 840 57.43 -107.25 -12.30
N GLY F 841 58.02 -107.27 -13.48
CA GLY F 841 57.27 -107.15 -14.70
C GLY F 841 56.65 -108.47 -15.09
N PRO F 842 55.96 -108.50 -16.23
CA PRO F 842 55.32 -109.75 -16.67
C PRO F 842 56.36 -110.85 -16.87
N SER F 843 55.92 -112.09 -16.65
CA SER F 843 56.80 -113.24 -16.75
C SER F 843 56.61 -113.90 -18.10
N ARG F 844 57.73 -114.21 -18.76
CA ARG F 844 57.67 -114.93 -20.02
C ARG F 844 57.16 -116.35 -19.79
N CYS F 845 56.16 -116.75 -20.56
CA CYS F 845 55.52 -118.05 -20.38
C CYS F 845 55.57 -118.83 -21.69
N LEU F 846 55.74 -120.13 -21.57
CA LEU F 846 55.74 -121.00 -22.73
C LEU F 846 54.31 -121.17 -23.27
N SER F 847 54.21 -121.75 -24.45
CA SER F 847 52.94 -122.11 -25.04
C SER F 847 52.96 -123.58 -25.41
N HIS F 848 51.77 -124.18 -25.49
CA HIS F 848 51.68 -125.59 -25.81
C HIS F 848 52.28 -125.90 -27.17
N THR F 849 52.36 -124.92 -28.06
CA THR F 849 52.99 -125.11 -29.36
C THR F 849 54.51 -125.11 -29.28
N ASP F 850 55.09 -124.61 -28.20
CA ASP F 850 56.54 -124.61 -28.05
C ASP F 850 57.11 -126.01 -27.93
N PHE F 851 56.27 -127.02 -27.68
CA PHE F 851 56.71 -128.39 -27.57
C PHE F 851 56.51 -129.17 -28.86
N VAL F 852 56.15 -128.50 -29.94
CA VAL F 852 55.99 -129.12 -31.25
C VAL F 852 57.24 -128.82 -32.07
N PRO F 853 58.07 -129.81 -32.38
CA PRO F 853 59.24 -129.55 -33.21
C PRO F 853 58.82 -129.18 -34.63
N CYS F 854 59.42 -128.13 -35.16
CA CYS F 854 59.08 -127.60 -36.48
C CYS F 854 60.37 -127.50 -37.31
N PRO F 855 60.86 -128.62 -37.81
CA PRO F 855 62.07 -128.59 -38.63
C PRO F 855 61.80 -127.93 -39.97
N VAL F 856 62.87 -127.48 -40.62
CA VAL F 856 62.75 -126.83 -41.92
C VAL F 856 62.22 -127.83 -42.94
N ASP F 857 61.53 -127.31 -43.96
CA ASP F 857 60.90 -128.16 -44.94
C ASP F 857 61.95 -128.82 -45.83
N THR F 858 61.85 -130.13 -45.99
CA THR F 858 62.76 -130.90 -46.84
C THR F 858 61.99 -131.63 -47.94
N VAL F 859 60.80 -131.13 -48.28
CA VAL F 859 60.02 -131.73 -49.36
C VAL F 859 60.74 -131.57 -50.69
N GLN F 860 61.41 -130.44 -50.89
CA GLN F 860 62.18 -130.23 -52.11
C GLN F 860 63.39 -131.17 -52.04
N ILE F 861 63.16 -132.41 -52.46
CA ILE F 861 64.22 -133.43 -52.44
C ILE F 861 64.89 -133.36 -53.80
N VAL F 862 65.78 -132.40 -53.95
CA VAL F 862 66.68 -132.30 -55.10
C VAL F 862 68.05 -131.99 -54.54
N LEU F 863 69.01 -132.71 -54.95
CA LEU F 863 70.38 -132.43 -54.59
C LEU F 863 71.27 -132.56 -55.81
N PRO F 864 72.23 -131.66 -55.99
CA PRO F 864 73.16 -131.80 -57.10
C PRO F 864 73.92 -133.10 -56.98
N PRO F 865 74.29 -133.71 -58.10
CA PRO F 865 74.84 -135.08 -58.05
C PRO F 865 76.12 -135.22 -57.22
N HIS F 866 77.00 -134.21 -57.24
CA HIS F 866 78.16 -134.23 -56.36
C HIS F 866 77.76 -134.20 -54.87
N LEU F 867 76.78 -133.39 -54.48
CA LEU F 867 76.28 -133.51 -53.11
C LEU F 867 75.73 -134.89 -52.84
N GLU F 868 75.01 -135.46 -53.82
CA GLU F 868 74.42 -136.78 -53.64
C GLU F 868 75.50 -137.84 -53.36
N ARG F 869 76.60 -137.78 -54.12
CA ARG F 869 77.63 -138.79 -53.94
C ARG F 869 78.46 -138.53 -52.69
N ILE F 870 78.64 -137.27 -52.29
CA ILE F 870 79.36 -136.98 -51.05
C ILE F 870 78.52 -137.20 -49.81
N ARG F 871 77.20 -137.33 -49.96
CA ARG F 871 76.33 -137.55 -48.80
C ARG F 871 76.66 -138.87 -48.10
N GLU F 872 76.86 -139.94 -48.87
CA GLU F 872 77.18 -141.23 -48.27
C GLU F 872 78.55 -141.20 -47.58
N LYS F 873 79.53 -140.52 -48.18
CA LYS F 873 80.84 -140.42 -47.57
C LYS F 873 80.80 -139.58 -46.30
N LEU F 874 79.97 -138.53 -46.29
CA LEU F 874 79.75 -137.77 -45.06
C LEU F 874 79.13 -138.64 -43.98
N ALA F 875 78.16 -139.48 -44.36
CA ALA F 875 77.60 -140.43 -43.41
C ALA F 875 78.67 -141.34 -42.82
N GLU F 876 79.54 -141.89 -43.68
CA GLU F 876 80.61 -142.74 -43.18
C GLU F 876 81.53 -141.99 -42.22
N ASN F 877 81.91 -140.76 -42.57
CA ASN F 877 82.86 -140.04 -41.74
C ASN F 877 82.27 -139.67 -40.39
N ILE F 878 81.01 -139.23 -40.36
CA ILE F 878 80.45 -138.87 -39.06
C ILE F 878 80.11 -140.12 -38.26
N HIS F 879 79.86 -141.26 -38.94
CA HIS F 879 79.82 -142.53 -38.23
C HIS F 879 81.13 -142.80 -37.52
N GLU F 880 82.24 -142.61 -38.23
CA GLU F 880 83.55 -142.80 -37.61
C GLU F 880 83.78 -141.80 -36.48
N LEU F 881 83.26 -140.58 -36.63
CA LEU F 881 83.43 -139.57 -35.59
C LEU F 881 82.71 -139.94 -34.31
N TRP F 882 81.44 -140.34 -34.39
CA TRP F 882 80.75 -140.70 -33.17
C TRP F 882 81.23 -142.06 -32.67
N ALA F 883 81.82 -142.87 -33.55
CA ALA F 883 82.54 -144.06 -33.09
C ALA F 883 83.75 -143.67 -32.26
N LEU F 884 84.48 -142.64 -32.69
CA LEU F 884 85.62 -142.15 -31.91
C LEU F 884 85.15 -141.61 -30.55
N THR F 885 84.02 -140.92 -30.53
CA THR F 885 83.48 -140.45 -29.26
C THR F 885 83.10 -141.63 -28.36
N ARG F 886 82.53 -142.69 -28.93
CA ARG F 886 82.25 -143.88 -28.14
C ARG F 886 83.52 -144.53 -27.61
N ILE F 887 84.59 -144.52 -28.41
CA ILE F 887 85.89 -145.00 -27.92
C ILE F 887 86.35 -144.17 -26.73
N GLU F 888 86.23 -142.85 -26.82
CA GLU F 888 86.60 -141.99 -25.70
C GLU F 888 85.74 -142.27 -24.48
N GLN F 889 84.47 -142.63 -24.70
CA GLN F 889 83.59 -143.03 -23.61
C GLN F 889 83.91 -144.42 -23.07
N GLY F 890 84.63 -145.23 -23.82
CA GLY F 890 85.04 -146.55 -23.38
C GLY F 890 84.46 -147.72 -24.14
N TRP F 891 83.82 -147.49 -25.28
CA TRP F 891 83.21 -148.57 -26.03
C TRP F 891 84.29 -149.42 -26.71
N THR F 892 83.95 -150.68 -26.99
CA THR F 892 84.79 -151.62 -27.71
C THR F 892 83.96 -152.32 -28.77
N TYR F 893 84.59 -153.17 -29.56
CA TYR F 893 83.88 -153.89 -30.61
C TYR F 893 83.16 -155.11 -30.05
N GLY F 894 81.97 -155.40 -30.60
CA GLY F 894 81.18 -156.52 -30.19
C GLY F 894 79.99 -156.75 -31.11
N PRO F 895 79.53 -157.99 -31.21
CA PRO F 895 78.38 -158.30 -32.09
C PRO F 895 77.11 -157.58 -31.70
N VAL F 896 76.90 -157.31 -30.42
CA VAL F 896 75.71 -156.64 -29.94
C VAL F 896 75.96 -155.14 -29.85
N ARG F 897 74.92 -154.36 -30.12
CA ARG F 897 74.98 -152.90 -30.09
C ARG F 897 74.24 -152.43 -28.85
N ASP F 898 74.99 -151.94 -27.87
CA ASP F 898 74.41 -151.44 -26.63
C ASP F 898 75.37 -150.45 -25.97
N ASP F 899 74.87 -149.74 -24.96
CA ASP F 899 75.68 -148.70 -24.32
C ASP F 899 76.34 -149.23 -23.05
N ASN F 900 75.63 -150.07 -22.29
CA ASN F 900 76.15 -150.50 -20.98
C ASN F 900 77.38 -151.38 -21.11
N LYS F 901 77.32 -152.41 -21.95
CA LYS F 901 78.45 -153.33 -22.08
C LYS F 901 79.56 -152.72 -22.94
N ARG F 902 79.30 -151.57 -23.58
CA ARG F 902 80.30 -150.88 -24.40
C ARG F 902 80.83 -151.77 -25.52
N LEU F 903 79.91 -152.42 -26.23
CA LEU F 903 80.22 -153.25 -27.39
C LEU F 903 79.53 -152.64 -28.60
N HIS F 904 80.23 -152.61 -29.73
CA HIS F 904 79.69 -151.96 -30.91
C HIS F 904 80.27 -152.55 -32.19
N PRO F 905 79.45 -153.16 -33.04
CA PRO F 905 79.99 -153.70 -34.32
C PRO F 905 80.51 -152.62 -35.24
N CYS F 906 80.00 -151.39 -35.11
CA CYS F 906 80.42 -150.25 -35.93
C CYS F 906 81.77 -149.71 -35.50
N LEU F 907 82.33 -150.19 -34.39
CA LEU F 907 83.56 -149.64 -33.86
C LEU F 907 84.79 -150.30 -34.47
N VAL F 908 84.86 -150.36 -35.80
CA VAL F 908 86.02 -150.98 -36.46
C VAL F 908 86.62 -150.03 -37.48
N ASN F 909 85.87 -149.71 -38.54
CA ASN F 909 86.31 -148.87 -39.63
C ASN F 909 85.12 -148.58 -40.53
N PHE F 910 85.16 -147.40 -41.17
CA PHE F 910 84.02 -146.96 -41.99
C PHE F 910 83.72 -147.96 -43.10
N HIS F 911 84.74 -148.61 -43.64
CA HIS F 911 84.49 -149.67 -44.62
C HIS F 911 84.15 -150.99 -43.93
N SER F 912 84.73 -151.23 -42.74
CA SER F 912 84.35 -152.39 -41.95
C SER F 912 82.93 -152.30 -41.43
N LEU F 913 82.31 -151.12 -41.49
CA LEU F 913 80.91 -150.97 -41.12
C LEU F 913 80.05 -151.89 -41.97
N PRO F 914 79.09 -152.59 -41.39
CA PRO F 914 78.04 -153.20 -42.21
C PRO F 914 77.29 -152.12 -42.97
N GLU F 915 77.09 -152.37 -44.26
CA GLU F 915 76.39 -151.38 -45.08
C GLU F 915 74.96 -151.13 -44.62
N PRO F 916 74.15 -152.16 -44.26
CA PRO F 916 72.83 -151.86 -43.69
C PRO F 916 72.88 -151.01 -42.43
N GLU F 917 73.85 -151.26 -41.55
CA GLU F 917 73.98 -150.43 -40.34
C GLU F 917 74.37 -149.01 -40.71
N ARG F 918 75.23 -148.84 -41.72
CA ARG F 918 75.58 -147.52 -42.19
C ARG F 918 74.36 -146.78 -42.75
N ASN F 919 73.52 -147.51 -43.49
CA ASN F 919 72.35 -146.91 -44.13
C ASN F 919 71.26 -146.55 -43.15
N TYR F 920 71.38 -146.96 -41.88
CA TYR F 920 70.42 -146.50 -40.86
C TYR F 920 70.42 -144.99 -40.76
N ASN F 921 71.56 -144.35 -41.01
CA ASN F 921 71.70 -142.91 -40.89
C ASN F 921 71.92 -142.22 -42.24
N LEU F 922 71.89 -142.95 -43.35
CA LEU F 922 72.03 -142.33 -44.66
C LEU F 922 70.90 -141.33 -44.90
N GLN F 923 69.72 -141.59 -44.34
CA GLN F 923 68.61 -140.66 -44.48
C GLN F 923 68.95 -139.30 -43.86
N MET F 924 69.42 -139.30 -42.62
CA MET F 924 69.74 -138.03 -41.97
C MET F 924 70.99 -137.41 -42.58
N SER F 925 71.90 -138.23 -43.11
CA SER F 925 73.05 -137.68 -43.82
C SER F 925 72.61 -136.91 -45.05
N GLY F 926 71.66 -137.46 -45.81
CA GLY F 926 71.09 -136.70 -46.92
C GLY F 926 70.36 -135.46 -46.45
N GLU F 927 69.63 -135.58 -45.34
CA GLU F 927 68.95 -134.42 -44.78
C GLU F 927 69.93 -133.32 -44.38
N THR F 928 71.16 -133.68 -44.03
CA THR F 928 72.14 -132.66 -43.65
C THR F 928 72.42 -131.70 -44.79
N LEU F 929 72.64 -132.23 -45.99
CA LEU F 929 72.87 -131.37 -47.15
C LEU F 929 71.57 -130.76 -47.64
N LYS F 930 70.46 -131.50 -47.55
CA LYS F 930 69.17 -130.95 -47.95
C LYS F 930 68.82 -129.73 -47.11
N THR F 931 69.18 -129.74 -45.84
CA THR F 931 68.91 -128.59 -44.98
C THR F 931 69.84 -127.44 -45.27
N LEU F 932 71.09 -127.72 -45.65
CA LEU F 932 71.97 -126.67 -46.13
C LEU F 932 71.34 -125.98 -47.33
N LEU F 933 70.75 -126.77 -48.22
CA LEU F 933 70.08 -126.19 -49.39
C LEU F 933 68.85 -125.40 -48.99
N ALA F 934 68.03 -125.94 -48.09
CA ALA F 934 66.75 -125.30 -47.76
C ALA F 934 66.95 -124.06 -46.90
N LEU F 935 68.06 -123.99 -46.16
CA LEU F 935 68.33 -122.84 -45.31
C LEU F 935 68.72 -121.60 -46.10
N GLY F 936 68.98 -121.72 -47.39
CA GLY F 936 69.50 -120.61 -48.17
C GLY F 936 71.00 -120.65 -48.36
N CYS F 937 71.68 -121.61 -47.75
CA CYS F 937 73.13 -121.74 -47.94
C CYS F 937 73.44 -122.19 -49.36
N HIS F 938 74.44 -121.57 -49.98
CA HIS F 938 74.88 -121.93 -51.31
C HIS F 938 76.12 -122.80 -51.21
N VAL F 939 76.02 -124.04 -51.69
CA VAL F 939 77.08 -125.02 -51.57
C VAL F 939 77.40 -125.58 -52.95
N GLY F 940 78.70 -125.64 -53.27
CA GLY F 940 79.14 -126.21 -54.53
C GLY F 940 80.59 -126.62 -54.45
N MET F 941 81.06 -127.22 -55.55
CA MET F 941 82.44 -127.66 -55.73
C MET F 941 83.32 -126.48 -56.12
N ALA F 942 83.88 -125.82 -55.10
CA ALA F 942 85.04 -124.98 -55.35
C ALA F 942 86.29 -125.82 -55.56
N ASP F 943 86.37 -126.97 -54.88
CA ASP F 943 87.54 -127.83 -54.90
C ASP F 943 87.13 -129.30 -54.99
N GLU F 944 87.76 -130.03 -55.92
CA GLU F 944 87.69 -131.49 -55.97
C GLU F 944 89.00 -132.15 -55.56
N LYS F 945 90.14 -131.52 -55.87
CA LYS F 945 91.42 -132.06 -55.44
C LYS F 945 91.54 -132.11 -53.93
N ALA F 946 90.85 -131.22 -53.22
CA ALA F 946 90.83 -131.29 -51.76
C ALA F 946 90.18 -132.59 -51.30
N GLU F 947 89.10 -133.01 -51.96
CA GLU F 947 88.50 -134.31 -51.67
C GLU F 947 89.44 -135.44 -52.08
N ASP F 948 90.14 -135.28 -53.20
CA ASP F 948 91.02 -136.34 -53.69
C ASP F 948 92.17 -136.60 -52.72
N ASN F 949 92.81 -135.54 -52.23
CA ASN F 949 93.98 -135.66 -51.35
C ASN F 949 93.67 -134.97 -50.04
N LEU F 950 93.69 -135.73 -48.94
CA LEU F 950 93.38 -135.18 -47.63
C LEU F 950 93.76 -136.21 -46.57
N LYS F 951 94.40 -135.75 -45.50
CA LYS F 951 94.94 -136.65 -44.48
C LYS F 951 93.83 -137.35 -43.70
N LYS F 952 94.19 -138.47 -43.09
CA LYS F 952 93.26 -139.30 -42.33
C LYS F 952 93.71 -139.37 -40.88
N THR F 953 92.87 -138.89 -39.97
CA THR F 953 93.13 -139.08 -38.54
C THR F 953 92.74 -140.50 -38.14
N LYS F 954 93.66 -141.19 -37.45
CA LYS F 954 93.40 -142.54 -36.98
C LYS F 954 93.46 -142.60 -35.46
N LEU F 955 92.68 -143.50 -34.90
CA LEU F 955 92.65 -143.68 -33.46
C LEU F 955 94.01 -144.15 -32.96
N PRO F 956 94.46 -143.69 -31.80
CA PRO F 956 95.75 -144.16 -31.27
C PRO F 956 95.71 -145.65 -30.97
N LYS F 957 96.87 -146.29 -31.12
CA LYS F 957 96.97 -147.71 -30.83
C LYS F 957 96.77 -147.99 -29.35
N THR F 958 97.12 -147.04 -28.48
CA THR F 958 96.92 -147.24 -27.05
C THR F 958 95.44 -147.23 -26.68
N TYR F 959 94.69 -146.23 -27.15
CA TYR F 959 93.25 -146.16 -26.94
C TYR F 959 92.57 -147.09 -27.94
N MET F 960 92.47 -148.36 -27.54
CA MET F 960 92.28 -149.42 -28.51
C MET F 960 90.97 -150.18 -28.26
N MET F 961 90.36 -150.58 -29.37
CA MET F 961 89.14 -151.37 -29.41
C MET F 961 89.54 -152.85 -29.32
N SER F 962 88.59 -153.78 -29.54
CA SER F 962 88.87 -155.20 -29.31
C SER F 962 89.26 -155.93 -30.59
N ASN F 963 88.64 -155.57 -31.71
CA ASN F 963 88.81 -156.32 -32.96
C ASN F 963 90.25 -156.29 -33.45
N GLY F 964 90.88 -155.10 -33.48
CA GLY F 964 92.26 -155.00 -33.89
C GLY F 964 92.57 -153.98 -34.96
N TYR F 965 91.61 -153.13 -35.35
CA TYR F 965 91.86 -152.19 -36.42
C TYR F 965 91.91 -150.75 -35.88
N LYS F 966 92.25 -149.82 -36.78
CA LYS F 966 92.25 -148.40 -36.46
C LYS F 966 91.28 -147.66 -37.37
N PRO F 967 90.17 -147.12 -36.84
CA PRO F 967 89.28 -146.31 -37.68
C PRO F 967 89.99 -145.07 -38.20
N ALA F 968 89.62 -144.65 -39.41
CA ALA F 968 90.30 -143.55 -40.10
C ALA F 968 89.29 -142.52 -40.59
N PRO F 969 88.75 -141.69 -39.70
CA PRO F 969 88.04 -140.49 -40.15
C PRO F 969 89.02 -139.44 -40.66
N LEU F 970 88.49 -138.53 -41.47
CA LEU F 970 89.33 -137.51 -42.10
C LEU F 970 89.97 -136.60 -41.06
N ASP F 971 91.25 -136.30 -41.26
CA ASP F 971 91.96 -135.31 -40.45
C ASP F 971 91.48 -133.93 -40.87
N LEU F 972 91.13 -133.09 -39.89
CA LEU F 972 90.45 -131.83 -40.17
C LEU F 972 90.97 -130.70 -39.29
N SER F 973 92.24 -130.75 -38.91
CA SER F 973 92.79 -129.69 -38.08
C SER F 973 92.97 -128.39 -38.85
N HIS F 974 93.28 -128.48 -40.14
CA HIS F 974 93.56 -127.30 -40.95
C HIS F 974 92.32 -126.48 -41.24
N VAL F 975 91.13 -127.02 -40.97
CA VAL F 975 89.89 -126.35 -41.35
C VAL F 975 89.48 -125.37 -40.26
N ARG F 976 89.17 -124.14 -40.65
CA ARG F 976 88.66 -123.11 -39.75
C ARG F 976 87.27 -122.69 -40.21
N LEU F 977 86.48 -122.19 -39.25
CA LEU F 977 85.10 -121.79 -39.50
C LEU F 977 84.88 -120.35 -39.05
N THR F 978 84.13 -119.60 -39.85
CA THR F 978 83.76 -118.24 -39.52
C THR F 978 82.68 -118.23 -38.43
N PRO F 979 82.48 -117.10 -37.75
CA PRO F 979 81.34 -117.01 -36.82
C PRO F 979 80.00 -117.23 -37.50
N ALA F 980 79.83 -116.77 -38.75
CA ALA F 980 78.61 -117.07 -39.48
C ALA F 980 78.45 -118.57 -39.71
N GLN F 981 79.56 -119.25 -40.01
CA GLN F 981 79.50 -120.70 -40.14
C GLN F 981 79.19 -121.38 -38.81
N THR F 982 79.65 -120.80 -37.69
CA THR F 982 79.29 -121.35 -36.39
C THR F 982 77.79 -121.20 -36.14
N THR F 983 77.23 -120.04 -36.50
CA THR F 983 75.79 -119.87 -36.39
C THR F 983 75.05 -120.88 -37.26
N LEU F 984 75.58 -121.13 -38.47
CA LEU F 984 75.01 -122.17 -39.31
C LEU F 984 75.08 -123.53 -38.63
N VAL F 985 76.18 -123.82 -37.95
CA VAL F 985 76.32 -125.08 -37.22
C VAL F 985 75.26 -125.19 -36.14
N ASP F 986 75.06 -124.10 -35.39
CA ASP F 986 74.03 -124.12 -34.35
C ASP F 986 72.65 -124.38 -34.94
N ARG F 987 72.35 -123.70 -36.03
CA ARG F 987 71.02 -123.82 -36.63
C ARG F 987 70.84 -125.22 -37.21
N LEU F 988 71.90 -125.80 -37.79
CA LEU F 988 71.83 -127.15 -38.32
C LEU F 988 71.62 -128.18 -37.21
N ALA F 989 72.32 -128.02 -36.08
CA ALA F 989 72.10 -128.93 -34.96
C ALA F 989 70.66 -128.82 -34.46
N GLU F 990 70.14 -127.59 -34.42
CA GLU F 990 68.73 -127.38 -34.12
C GLU F 990 67.84 -128.20 -35.04
N ASN F 991 68.07 -128.11 -36.35
CA ASN F 991 67.21 -128.84 -37.29
C ASN F 991 67.38 -130.35 -37.14
N GLY F 992 68.59 -130.83 -36.93
CA GLY F 992 68.79 -132.25 -36.76
C GLY F 992 68.02 -132.78 -35.57
N HIS F 993 68.13 -132.07 -34.43
CA HIS F 993 67.38 -132.47 -33.25
C HIS F 993 65.88 -132.40 -33.49
N ASN F 994 65.41 -131.36 -34.19
CA ASN F 994 63.97 -131.25 -34.42
C ASN F 994 63.47 -132.37 -35.32
N VAL F 995 64.23 -132.73 -36.35
CA VAL F 995 63.83 -133.82 -37.23
C VAL F 995 63.76 -135.13 -36.44
N TRP F 996 64.79 -135.40 -35.64
CA TRP F 996 64.79 -136.62 -34.85
C TRP F 996 63.61 -136.63 -33.88
N ALA F 997 63.34 -135.48 -33.25
CA ALA F 997 62.25 -135.40 -32.28
C ALA F 997 60.91 -135.65 -32.95
N ARG F 998 60.68 -135.06 -34.12
CA ARG F 998 59.38 -135.23 -34.76
C ARG F 998 59.22 -136.66 -35.30
N ASP F 999 60.30 -137.27 -35.77
CA ASP F 999 60.21 -138.68 -36.16
C ASP F 999 59.86 -139.55 -34.96
N ARG F 1000 60.50 -139.30 -33.81
CA ARG F 1000 60.19 -140.08 -32.62
C ARG F 1000 58.76 -139.85 -32.16
N VAL F 1001 58.28 -138.61 -32.26
CA VAL F 1001 56.88 -138.35 -31.91
C VAL F 1001 55.95 -139.12 -32.83
N ALA F 1002 56.24 -139.12 -34.13
CA ALA F 1002 55.46 -139.92 -35.06
C ALA F 1002 55.50 -141.39 -34.68
N GLN F 1003 56.59 -141.85 -34.08
CA GLN F 1003 56.67 -143.22 -33.60
C GLN F 1003 56.02 -143.41 -32.23
N GLY F 1004 55.55 -142.34 -31.59
CA GLY F 1004 54.84 -142.46 -30.34
C GLY F 1004 55.62 -142.15 -29.08
N TRP F 1005 56.84 -141.63 -29.20
CA TRP F 1005 57.63 -141.30 -28.02
C TRP F 1005 57.13 -140.02 -27.37
N SER F 1006 57.49 -139.84 -26.10
CA SER F 1006 57.10 -138.65 -25.34
C SER F 1006 58.23 -138.28 -24.39
N TYR F 1007 58.26 -137.01 -24.01
CA TYR F 1007 59.29 -136.53 -23.10
C TYR F 1007 59.03 -136.98 -21.68
N SER F 1008 60.11 -137.24 -20.94
CA SER F 1008 60.01 -137.59 -19.53
C SER F 1008 61.36 -137.38 -18.88
N ALA F 1009 61.36 -136.78 -17.70
CA ALA F 1009 62.62 -136.53 -17.00
C ALA F 1009 63.30 -137.84 -16.63
N VAL F 1010 62.53 -138.90 -16.42
CA VAL F 1010 63.07 -140.23 -16.14
C VAL F 1010 62.90 -141.08 -17.39
N GLN F 1011 64.01 -141.60 -17.91
CA GLN F 1011 63.96 -142.37 -19.15
C GLN F 1011 63.27 -143.71 -18.92
N ASP F 1012 62.43 -144.12 -19.87
CA ASP F 1012 61.71 -145.38 -19.80
C ASP F 1012 61.58 -145.92 -21.23
N ILE F 1013 62.51 -146.80 -21.60
CA ILE F 1013 62.52 -147.34 -22.96
C ILE F 1013 61.26 -148.13 -23.29
N PRO F 1014 60.80 -149.07 -22.46
CA PRO F 1014 59.55 -149.77 -22.80
C PRO F 1014 58.36 -148.85 -22.90
N ALA F 1015 58.32 -147.77 -22.12
CA ALA F 1015 57.24 -146.81 -22.17
C ALA F 1015 57.46 -145.74 -23.22
N ARG F 1016 58.57 -145.81 -23.97
CA ARG F 1016 58.86 -144.86 -25.05
C ARG F 1016 58.92 -143.43 -24.51
N ARG F 1017 59.64 -143.27 -23.40
CA ARG F 1017 59.83 -141.96 -22.78
C ARG F 1017 61.31 -141.61 -22.83
N ASN F 1018 61.63 -140.45 -23.39
CA ASN F 1018 63.02 -140.08 -23.58
C ASN F 1018 63.28 -138.69 -23.02
N PRO F 1019 64.30 -138.52 -22.18
CA PRO F 1019 64.58 -137.20 -21.61
C PRO F 1019 64.99 -136.17 -22.63
N ARG F 1020 65.47 -136.58 -23.81
CA ARG F 1020 65.85 -135.65 -24.85
C ARG F 1020 64.75 -135.44 -25.88
N LEU F 1021 63.58 -136.03 -25.67
CA LEU F 1021 62.46 -135.91 -26.60
C LEU F 1021 61.80 -134.53 -26.45
N VAL F 1022 62.61 -133.50 -26.69
CA VAL F 1022 62.17 -132.12 -26.50
C VAL F 1022 62.72 -131.26 -27.61
N PRO F 1023 62.01 -130.19 -27.97
CA PRO F 1023 62.54 -129.26 -28.96
C PRO F 1023 63.89 -128.68 -28.56
N TYR F 1024 64.66 -128.25 -29.57
CA TYR F 1024 66.04 -127.87 -29.35
C TYR F 1024 66.15 -126.65 -28.46
N ARG F 1025 65.26 -125.67 -28.61
CA ARG F 1025 65.32 -124.51 -27.73
C ARG F 1025 65.17 -124.92 -26.27
N LEU F 1026 64.35 -125.93 -26.00
CA LEU F 1026 64.13 -126.39 -24.64
C LEU F 1026 65.18 -127.39 -24.18
N LEU F 1027 65.98 -127.93 -25.09
CA LEU F 1027 67.00 -128.89 -24.71
C LEU F 1027 68.07 -128.24 -23.83
N ASP F 1028 68.70 -129.05 -22.98
CA ASP F 1028 69.68 -128.53 -22.05
C ASP F 1028 71.00 -128.23 -22.76
N GLU F 1029 71.86 -127.48 -22.06
CA GLU F 1029 73.07 -126.96 -22.68
C GLU F 1029 74.09 -128.05 -22.98
N ALA F 1030 74.17 -129.09 -22.15
CA ALA F 1030 75.15 -130.14 -22.40
C ALA F 1030 74.85 -130.87 -23.70
N THR F 1031 73.61 -131.35 -23.86
CA THR F 1031 73.24 -132.03 -25.10
C THR F 1031 73.22 -131.06 -26.27
N LYS F 1032 72.85 -129.81 -26.03
CA LYS F 1032 72.92 -128.80 -27.08
C LYS F 1032 74.33 -128.65 -27.61
N ARG F 1033 75.32 -128.58 -26.70
CA ARG F 1033 76.71 -128.45 -27.13
C ARG F 1033 77.20 -129.72 -27.80
N SER F 1034 76.74 -130.89 -27.35
CA SER F 1034 77.14 -132.13 -28.00
C SER F 1034 76.65 -132.19 -29.45
N ASN F 1035 75.38 -131.86 -29.67
CA ASN F 1035 74.87 -131.82 -31.04
C ASN F 1035 75.57 -130.76 -31.86
N ARG F 1036 75.87 -129.61 -31.24
CA ARG F 1036 76.60 -128.56 -31.94
C ARG F 1036 77.97 -129.04 -32.36
N ASP F 1037 78.66 -129.79 -31.50
CA ASP F 1037 79.97 -130.33 -31.83
C ASP F 1037 79.85 -131.29 -33.00
N SER F 1038 78.84 -132.17 -32.96
CA SER F 1038 78.68 -133.12 -34.06
C SER F 1038 78.44 -132.41 -35.40
N LEU F 1039 77.56 -131.40 -35.40
CA LEU F 1039 77.30 -130.67 -36.64
C LEU F 1039 78.50 -129.85 -37.07
N CYS F 1040 79.28 -129.32 -36.12
CA CYS F 1040 80.49 -128.60 -36.47
C CYS F 1040 81.52 -129.52 -37.11
N GLN F 1041 81.60 -130.76 -36.63
CA GLN F 1041 82.48 -131.74 -37.28
C GLN F 1041 81.98 -132.08 -38.69
N ALA F 1042 80.66 -132.17 -38.86
CA ALA F 1042 80.12 -132.39 -40.20
C ALA F 1042 80.48 -131.24 -41.14
N VAL F 1043 80.34 -130.01 -40.67
CA VAL F 1043 80.73 -128.85 -41.46
C VAL F 1043 82.22 -128.85 -41.73
N ARG F 1044 83.01 -129.32 -40.75
CA ARG F 1044 84.44 -129.45 -40.94
C ARG F 1044 84.75 -130.43 -42.05
N THR F 1045 84.02 -131.55 -42.09
CA THR F 1045 84.16 -132.50 -43.18
C THR F 1045 83.87 -131.85 -44.53
N LEU F 1046 82.74 -131.13 -44.60
CA LEU F 1046 82.36 -130.50 -45.86
C LEU F 1046 83.39 -129.48 -46.31
N LEU F 1047 83.93 -128.69 -45.37
CA LEU F 1047 84.97 -127.73 -45.72
C LEU F 1047 86.27 -128.42 -46.10
N GLY F 1048 86.61 -129.53 -45.44
CA GLY F 1048 87.81 -130.26 -45.78
C GLY F 1048 87.76 -130.83 -47.19
N TYR F 1049 86.57 -131.23 -47.64
CA TYR F 1049 86.43 -131.59 -49.04
C TYR F 1049 86.49 -130.38 -49.96
N GLY F 1050 86.72 -129.18 -49.41
CA GLY F 1050 86.92 -127.99 -50.20
C GLY F 1050 85.67 -127.30 -50.69
N TYR F 1051 84.49 -127.83 -50.38
CA TYR F 1051 83.25 -127.27 -50.91
C TYR F 1051 83.00 -125.89 -50.30
N ASN F 1052 82.59 -124.94 -51.13
CA ASN F 1052 82.25 -123.62 -50.63
C ASN F 1052 80.90 -123.67 -49.92
N ILE F 1053 80.85 -123.08 -48.72
CA ILE F 1053 79.64 -123.03 -47.91
C ILE F 1053 79.30 -121.56 -47.69
N GLU F 1054 78.17 -121.12 -48.24
CA GLU F 1054 77.78 -119.73 -48.18
C GLU F 1054 76.82 -119.50 -47.03
N PRO F 1055 77.19 -118.71 -46.02
CA PRO F 1055 76.25 -118.40 -44.94
C PRO F 1055 75.12 -117.52 -45.45
N PRO F 1056 73.87 -117.96 -45.29
CA PRO F 1056 72.74 -117.16 -45.77
C PRO F 1056 72.59 -115.87 -44.98
N ASP F 1057 72.02 -114.87 -45.63
CA ASP F 1057 71.67 -113.61 -44.98
C ASP F 1057 70.56 -113.87 -43.98
N GLN F 1058 70.86 -113.75 -42.69
CA GLN F 1058 69.90 -114.07 -41.65
C GLN F 1058 68.72 -113.11 -41.70
N GLU F 1059 67.52 -113.65 -41.50
CA GLU F 1059 66.30 -112.86 -41.53
C GLU F 1059 65.73 -112.75 -40.12
N PRO F 1060 65.76 -111.58 -39.49
CA PRO F 1060 65.21 -111.45 -38.15
C PRO F 1060 63.69 -111.59 -38.13
N SER F 1061 63.18 -112.07 -37.00
CA SER F 1061 61.75 -112.25 -36.82
C SER F 1061 61.39 -111.98 -35.36
N GLN F 1062 60.13 -111.60 -35.14
CA GLN F 1062 59.63 -111.31 -33.80
C GLN F 1062 58.51 -112.29 -33.48
N VAL F 1063 58.72 -113.11 -32.46
CA VAL F 1063 57.77 -114.21 -32.17
C VAL F 1063 56.47 -113.65 -31.60
N GLU F 1064 56.55 -112.70 -30.68
CA GLU F 1064 55.38 -112.20 -29.93
C GLU F 1064 54.67 -113.36 -29.24
N ASN F 1065 55.36 -113.98 -28.29
CA ASN F 1065 54.84 -115.16 -27.61
C ASN F 1065 53.54 -114.86 -26.86
N GLN F 1066 53.49 -113.74 -26.16
CA GLN F 1066 52.30 -113.34 -25.42
C GLN F 1066 51.53 -112.28 -26.21
N SER F 1067 50.51 -111.72 -25.55
CA SER F 1067 49.68 -110.70 -26.18
C SER F 1067 50.46 -109.38 -26.32
N ARG F 1068 49.77 -108.36 -26.84
CA ARG F 1068 50.39 -107.06 -27.00
C ARG F 1068 50.49 -106.30 -25.68
N TRP F 1069 49.51 -106.48 -24.80
CA TRP F 1069 49.42 -105.68 -23.57
C TRP F 1069 50.22 -106.26 -22.41
N ASP F 1070 50.44 -107.57 -22.38
CA ASP F 1070 51.24 -108.14 -21.31
C ASP F 1070 52.72 -108.08 -21.66
N ARG F 1071 53.19 -106.88 -22.02
CA ARG F 1071 54.61 -106.55 -22.08
C ARG F 1071 55.05 -105.71 -20.90
N VAL F 1072 54.39 -104.57 -20.68
CA VAL F 1072 54.86 -103.54 -19.78
C VAL F 1072 53.86 -103.41 -18.64
N ARG F 1073 54.35 -103.45 -17.41
CA ARG F 1073 53.56 -103.22 -16.21
C ARG F 1073 54.02 -101.91 -15.61
N ILE F 1074 53.11 -100.96 -15.48
CA ILE F 1074 53.43 -99.61 -15.04
C ILE F 1074 53.06 -99.47 -13.57
N PHE F 1075 54.00 -98.97 -12.77
CA PHE F 1075 53.78 -98.71 -11.35
C PHE F 1075 53.90 -97.20 -11.13
N ARG F 1076 52.94 -96.63 -10.42
CA ARG F 1076 52.98 -95.22 -10.10
C ARG F 1076 52.43 -95.00 -8.69
N ALA F 1077 52.82 -93.89 -8.09
CA ALA F 1077 52.29 -93.52 -6.80
C ALA F 1077 50.84 -93.09 -6.94
N GLU F 1078 50.13 -93.08 -5.81
CA GLU F 1078 48.74 -92.64 -5.82
C GLU F 1078 48.65 -91.16 -6.15
N LYS F 1079 47.55 -90.77 -6.79
CA LYS F 1079 47.38 -89.40 -7.24
C LYS F 1079 47.40 -88.41 -6.08
N SER F 1080 47.04 -88.85 -4.87
CA SER F 1080 47.05 -87.94 -3.73
C SER F 1080 48.44 -87.48 -3.36
N TYR F 1081 49.49 -88.13 -3.86
CA TYR F 1081 50.86 -87.74 -3.59
C TYR F 1081 51.41 -86.80 -4.65
N THR F 1082 50.55 -86.21 -5.47
CA THR F 1082 51.01 -85.30 -6.51
C THR F 1082 51.75 -84.11 -5.90
N VAL F 1083 52.90 -83.79 -6.49
CA VAL F 1083 53.73 -82.67 -6.04
C VAL F 1083 53.66 -81.58 -7.10
N GLN F 1084 53.42 -80.35 -6.65
CA GLN F 1084 53.36 -79.20 -7.54
C GLN F 1084 54.36 -78.11 -7.17
N SER F 1085 55.28 -78.38 -6.25
CA SER F 1085 56.32 -77.41 -5.91
C SER F 1085 57.43 -78.17 -5.20
N GLY F 1086 58.51 -77.45 -4.92
CA GLY F 1086 59.64 -78.02 -4.22
C GLY F 1086 60.53 -78.85 -5.13
N ARG F 1087 61.54 -79.44 -4.51
CA ARG F 1087 62.50 -80.28 -5.20
C ARG F 1087 62.51 -81.66 -4.57
N TRP F 1088 62.37 -82.69 -5.40
CA TRP F 1088 62.16 -84.04 -4.91
C TRP F 1088 63.15 -85.00 -5.54
N TYR F 1089 63.35 -86.13 -4.88
CA TYR F 1089 64.35 -87.12 -5.25
C TYR F 1089 63.84 -88.51 -4.90
N PHE F 1090 64.13 -89.47 -5.78
CA PHE F 1090 63.94 -90.87 -5.43
C PHE F 1090 64.87 -91.71 -6.29
N GLU F 1091 65.07 -92.95 -5.87
CA GLU F 1091 66.01 -93.85 -6.50
C GLU F 1091 65.30 -95.03 -7.13
N PHE F 1092 65.93 -95.64 -8.12
CA PHE F 1092 65.42 -96.83 -8.78
C PHE F 1092 66.58 -97.75 -9.10
N GLU F 1093 66.62 -98.90 -8.45
CA GLU F 1093 67.69 -99.87 -8.63
C GLU F 1093 67.30 -100.87 -9.71
N ALA F 1094 68.18 -101.05 -10.68
CA ALA F 1094 67.92 -101.97 -11.80
C ALA F 1094 68.48 -103.33 -11.43
N VAL F 1095 67.63 -104.18 -10.86
CA VAL F 1095 68.06 -105.54 -10.53
C VAL F 1095 68.41 -106.31 -11.79
N THR F 1096 67.58 -106.18 -12.83
CA THR F 1096 67.90 -106.69 -14.15
C THR F 1096 68.33 -105.53 -15.04
N THR F 1097 68.73 -105.85 -16.26
CA THR F 1097 69.26 -104.86 -17.18
C THR F 1097 68.41 -104.67 -18.43
N GLY F 1098 67.17 -105.13 -18.41
CA GLY F 1098 66.32 -105.11 -19.60
C GLY F 1098 65.61 -103.81 -19.81
N GLU F 1099 64.40 -103.90 -20.36
CA GLU F 1099 63.62 -102.73 -20.77
C GLU F 1099 62.81 -102.24 -19.59
N MET F 1100 63.34 -101.27 -18.87
CA MET F 1100 62.62 -100.62 -17.77
C MET F 1100 62.80 -99.11 -17.89
N ARG F 1101 61.73 -98.38 -17.62
CA ARG F 1101 61.74 -96.93 -17.69
C ARG F 1101 61.33 -96.37 -16.34
N VAL F 1102 61.90 -95.23 -15.98
CA VAL F 1102 61.66 -94.63 -14.68
C VAL F 1102 61.73 -93.12 -14.82
N GLY F 1103 60.87 -92.42 -14.09
CA GLY F 1103 60.85 -90.98 -14.15
C GLY F 1103 59.67 -90.35 -13.44
N TRP F 1104 59.08 -89.32 -14.05
CA TRP F 1104 57.98 -88.59 -13.45
C TRP F 1104 56.81 -88.55 -14.42
N ALA F 1105 55.61 -88.72 -13.89
CA ALA F 1105 54.41 -88.81 -14.70
C ALA F 1105 53.33 -87.91 -14.14
N ARG F 1106 52.41 -87.51 -14.99
CA ARG F 1106 51.28 -86.72 -14.58
C ARG F 1106 50.18 -87.60 -14.02
N PRO F 1107 49.31 -87.06 -13.17
CA PRO F 1107 48.29 -87.90 -12.52
C PRO F 1107 47.38 -88.62 -13.48
N GLU F 1108 47.04 -88.01 -14.61
CA GLU F 1108 46.15 -88.61 -15.58
C GLU F 1108 46.86 -89.53 -16.55
N LEU F 1109 47.99 -90.09 -16.13
CA LEU F 1109 48.73 -91.02 -16.96
C LEU F 1109 47.85 -92.17 -17.39
N ARG F 1110 47.97 -92.56 -18.63
CA ARG F 1110 47.13 -93.61 -19.21
C ARG F 1110 47.79 -94.97 -19.02
N PRO F 1111 47.05 -96.00 -18.64
CA PRO F 1111 47.68 -97.28 -18.28
C PRO F 1111 48.13 -98.10 -19.48
N ASP F 1112 47.57 -97.88 -20.66
CA ASP F 1112 47.82 -98.75 -21.80
C ASP F 1112 48.79 -98.13 -22.81
N VAL F 1113 49.52 -97.09 -22.43
CA VAL F 1113 50.46 -96.41 -23.31
C VAL F 1113 51.85 -96.52 -22.70
N GLU F 1114 52.84 -96.80 -23.56
CA GLU F 1114 54.22 -96.86 -23.09
C GLU F 1114 54.64 -95.54 -22.48
N LEU F 1115 55.42 -95.61 -21.40
CA LEU F 1115 55.87 -94.40 -20.73
C LEU F 1115 56.71 -93.55 -21.67
N GLY F 1116 56.35 -92.28 -21.77
CA GLY F 1116 57.10 -91.33 -22.58
C GLY F 1116 56.72 -91.29 -24.03
N ALA F 1117 55.86 -92.20 -24.49
CA ALA F 1117 55.39 -92.13 -25.86
C ALA F 1117 54.39 -91.01 -26.07
N ASP F 1118 53.86 -90.46 -24.97
CA ASP F 1118 52.94 -89.33 -25.04
C ASP F 1118 53.46 -88.20 -24.15
N GLU F 1119 52.61 -87.21 -23.89
CA GLU F 1119 53.03 -86.02 -23.15
C GLU F 1119 52.79 -86.14 -21.65
N LEU F 1120 52.43 -87.32 -21.15
CA LEU F 1120 52.08 -87.49 -19.76
C LEU F 1120 53.20 -88.08 -18.91
N ALA F 1121 54.41 -88.22 -19.44
CA ALA F 1121 55.50 -88.80 -18.66
C ALA F 1121 56.83 -88.30 -19.18
N TYR F 1122 57.77 -88.11 -18.25
CA TYR F 1122 59.16 -87.78 -18.55
C TYR F 1122 60.01 -88.85 -17.90
N VAL F 1123 60.42 -89.85 -18.67
CA VAL F 1123 61.07 -91.03 -18.12
C VAL F 1123 62.40 -91.26 -18.82
N PHE F 1124 63.23 -92.10 -18.20
CA PHE F 1124 64.54 -92.45 -18.72
C PHE F 1124 64.62 -93.96 -18.91
N ASN F 1125 64.89 -94.38 -20.13
CA ASN F 1125 65.02 -95.78 -20.48
C ASN F 1125 66.50 -96.15 -20.42
N GLY F 1126 66.89 -96.81 -19.35
CA GLY F 1126 68.28 -97.15 -19.16
C GLY F 1126 68.76 -98.37 -19.90
N HIS F 1127 67.90 -99.05 -20.64
CA HIS F 1127 68.34 -100.22 -21.38
C HIS F 1127 69.35 -99.85 -22.45
N ARG F 1128 69.10 -98.75 -23.16
CA ARG F 1128 69.98 -98.33 -24.26
C ARG F 1128 70.28 -96.84 -24.17
N GLY F 1129 69.94 -96.19 -23.07
CA GLY F 1129 70.25 -94.80 -22.88
C GLY F 1129 69.38 -93.86 -23.69
N GLN F 1130 68.10 -93.80 -23.34
CA GLN F 1130 67.16 -92.90 -24.00
C GLN F 1130 66.35 -92.17 -22.96
N ARG F 1131 65.91 -90.97 -23.32
CA ARG F 1131 64.93 -90.23 -22.53
C ARG F 1131 63.66 -90.10 -23.34
N TRP F 1132 62.52 -90.35 -22.70
CA TRP F 1132 61.26 -90.47 -23.41
C TRP F 1132 60.31 -89.36 -22.97
N HIS F 1133 59.87 -88.55 -23.94
CA HIS F 1133 58.75 -87.65 -23.75
C HIS F 1133 58.27 -87.25 -25.14
N LEU F 1134 57.07 -87.72 -25.50
CA LEU F 1134 56.55 -87.53 -26.85
C LEU F 1134 57.51 -88.09 -27.88
N GLY F 1135 58.20 -89.17 -27.53
CA GLY F 1135 59.18 -89.79 -28.38
C GLY F 1135 60.47 -90.07 -27.63
N SER F 1136 61.44 -90.59 -28.36
CA SER F 1136 62.71 -91.02 -27.80
C SER F 1136 63.85 -90.25 -28.41
N GLU F 1137 64.87 -89.96 -27.60
CA GLU F 1137 66.12 -89.37 -28.06
C GLU F 1137 67.24 -89.85 -27.16
N PRO F 1138 68.45 -90.00 -27.70
CA PRO F 1138 69.54 -90.57 -26.90
C PRO F 1138 69.87 -89.71 -25.69
N PHE F 1139 70.22 -90.37 -24.60
CA PHE F 1139 70.52 -89.67 -23.36
C PHE F 1139 71.22 -90.62 -22.40
N GLY F 1140 72.33 -90.18 -21.84
CA GLY F 1140 72.99 -91.00 -20.84
C GLY F 1140 73.60 -92.26 -21.44
N ARG F 1141 73.86 -93.23 -20.56
CA ARG F 1141 74.46 -94.48 -20.95
C ARG F 1141 73.67 -95.64 -20.35
N PRO F 1142 73.76 -96.83 -20.94
CA PRO F 1142 73.01 -97.97 -20.40
C PRO F 1142 73.48 -98.36 -19.01
N TRP F 1143 72.57 -98.93 -18.25
CA TRP F 1143 72.85 -99.36 -16.90
C TRP F 1143 73.29 -100.82 -16.87
N GLN F 1144 73.72 -101.27 -15.70
CA GLN F 1144 74.09 -102.65 -15.45
C GLN F 1144 73.32 -103.16 -14.25
N SER F 1145 73.52 -104.44 -13.93
CA SER F 1145 72.81 -105.03 -12.81
C SER F 1145 73.26 -104.38 -11.51
N GLY F 1146 72.29 -103.95 -10.71
CA GLY F 1146 72.58 -103.29 -9.45
C GLY F 1146 72.76 -101.81 -9.52
N ASP F 1147 72.74 -101.22 -10.71
CA ASP F 1147 72.86 -99.77 -10.83
C ASP F 1147 71.63 -99.09 -10.25
N VAL F 1148 71.85 -97.94 -9.61
CA VAL F 1148 70.79 -97.17 -8.97
C VAL F 1148 70.62 -95.87 -9.75
N VAL F 1149 69.38 -95.60 -10.15
CA VAL F 1149 69.06 -94.39 -10.90
C VAL F 1149 68.38 -93.40 -9.96
N GLY F 1150 68.97 -92.23 -9.83
CA GLY F 1150 68.38 -91.19 -8.99
C GLY F 1150 67.60 -90.19 -9.81
N CYS F 1151 66.29 -90.13 -9.61
CA CYS F 1151 65.44 -89.24 -10.38
C CYS F 1151 65.10 -88.01 -9.54
N MET F 1152 65.44 -86.84 -10.05
CA MET F 1152 65.16 -85.58 -9.36
C MET F 1152 64.28 -84.70 -10.23
N ILE F 1153 63.33 -84.02 -9.60
CA ILE F 1153 62.51 -83.02 -10.25
C ILE F 1153 62.65 -81.72 -9.46
N ASP F 1154 62.87 -80.63 -10.19
CA ASP F 1154 63.02 -79.30 -9.60
C ASP F 1154 61.90 -78.43 -10.14
N LEU F 1155 60.85 -78.28 -9.34
CA LEU F 1155 59.71 -77.49 -9.78
C LEU F 1155 59.90 -76.00 -9.56
N THR F 1156 61.02 -75.59 -8.98
CA THR F 1156 61.40 -74.18 -8.97
C THR F 1156 62.06 -73.76 -10.28
N GLU F 1157 62.85 -74.65 -10.88
CA GLU F 1157 63.51 -74.38 -12.15
C GLU F 1157 62.86 -75.09 -13.32
N ASN F 1158 61.85 -75.92 -13.08
CA ASN F 1158 61.15 -76.66 -14.12
C ASN F 1158 62.11 -77.55 -14.92
N THR F 1159 62.87 -78.37 -14.21
CA THR F 1159 63.86 -79.24 -14.82
C THR F 1159 63.77 -80.63 -14.21
N ILE F 1160 64.29 -81.62 -14.95
CA ILE F 1160 64.36 -82.99 -14.50
C ILE F 1160 65.77 -83.50 -14.72
N ILE F 1161 66.36 -84.09 -13.68
CA ILE F 1161 67.74 -84.54 -13.70
C ILE F 1161 67.76 -86.03 -13.35
N PHE F 1162 68.54 -86.80 -14.10
CA PHE F 1162 68.74 -88.21 -13.83
C PHE F 1162 70.21 -88.47 -13.54
N THR F 1163 70.48 -89.30 -12.54
CA THR F 1163 71.84 -89.70 -12.21
C THR F 1163 71.93 -91.22 -12.13
N LEU F 1164 73.07 -91.74 -12.58
CA LEU F 1164 73.35 -93.17 -12.55
C LEU F 1164 74.53 -93.38 -11.60
N ASN F 1165 74.26 -94.05 -10.48
CA ASN F 1165 75.28 -94.31 -9.46
C ASN F 1165 75.92 -93.01 -8.96
N GLY F 1166 75.09 -91.98 -8.80
CA GLY F 1166 75.56 -90.71 -8.27
C GLY F 1166 76.18 -89.79 -9.29
N GLU F 1167 76.32 -90.22 -10.54
CA GLU F 1167 76.88 -89.39 -11.59
C GLU F 1167 75.77 -88.89 -12.49
N VAL F 1168 75.73 -87.57 -12.69
CA VAL F 1168 74.66 -86.96 -13.46
C VAL F 1168 74.77 -87.41 -14.91
N LEU F 1169 73.66 -87.90 -15.45
CA LEU F 1169 73.61 -88.27 -16.85
C LEU F 1169 73.47 -87.03 -17.71
N MET F 1170 74.15 -87.03 -18.86
CA MET F 1170 74.17 -85.89 -19.75
C MET F 1170 73.73 -86.33 -21.15
N SER F 1171 73.21 -85.38 -21.91
CA SER F 1171 72.78 -85.67 -23.27
C SER F 1171 74.00 -85.67 -24.20
N ASP F 1172 73.76 -85.70 -25.50
CA ASP F 1172 74.85 -85.63 -26.47
C ASP F 1172 75.27 -84.18 -26.64
N SER F 1173 75.44 -83.50 -25.51
CA SER F 1173 75.84 -82.10 -25.44
C SER F 1173 76.18 -81.82 -23.98
N GLY F 1174 76.45 -80.57 -23.65
CA GLY F 1174 76.76 -80.23 -22.28
C GLY F 1174 75.57 -80.15 -21.35
N SER F 1175 74.38 -80.46 -21.85
CA SER F 1175 73.15 -80.31 -21.07
C SER F 1175 73.18 -81.26 -19.89
N GLU F 1176 73.05 -80.72 -18.68
CA GLU F 1176 73.08 -81.52 -17.46
C GLU F 1176 71.68 -81.88 -16.98
N THR F 1177 70.64 -81.45 -17.67
CA THR F 1177 69.26 -81.74 -17.31
C THR F 1177 68.59 -82.51 -18.43
N ALA F 1178 67.90 -83.59 -18.08
CA ALA F 1178 67.22 -84.41 -19.08
C ALA F 1178 66.10 -83.63 -19.75
N PHE F 1179 65.31 -82.89 -18.98
CA PHE F 1179 64.21 -82.13 -19.51
C PHE F 1179 64.22 -80.75 -18.88
N ARG F 1180 63.68 -79.77 -19.59
CA ARG F 1180 63.68 -78.40 -19.15
C ARG F 1180 62.37 -77.75 -19.50
N GLU F 1181 62.16 -76.55 -18.95
CA GLU F 1181 60.95 -75.73 -19.16
C GLU F 1181 59.69 -76.58 -19.15
N ILE F 1182 59.57 -77.45 -18.16
CA ILE F 1182 58.39 -78.29 -18.03
C ILE F 1182 57.31 -77.53 -17.28
N GLU F 1183 56.11 -77.51 -17.83
CA GLU F 1183 54.99 -76.86 -17.15
C GLU F 1183 54.50 -77.72 -16.00
N ILE F 1184 54.29 -77.10 -14.85
CA ILE F 1184 53.83 -77.83 -13.68
C ILE F 1184 52.42 -78.35 -13.90
N GLY F 1185 51.47 -77.43 -14.10
CA GLY F 1185 50.11 -77.85 -14.37
C GLY F 1185 49.53 -78.63 -13.21
N ASP F 1186 49.08 -79.86 -13.52
CA ASP F 1186 48.40 -80.68 -12.52
C ASP F 1186 49.37 -81.26 -11.51
N GLY F 1187 50.63 -81.45 -11.87
CA GLY F 1187 51.64 -81.94 -10.96
C GLY F 1187 52.28 -83.20 -11.50
N PHE F 1188 53.13 -83.81 -10.67
CA PHE F 1188 53.91 -84.95 -11.10
C PHE F 1188 53.92 -86.03 -10.05
N LEU F 1189 54.13 -87.27 -10.49
CA LEU F 1189 54.20 -88.45 -9.64
C LEU F 1189 55.37 -89.31 -10.07
N PRO F 1190 56.03 -89.99 -9.14
CA PRO F 1190 57.03 -90.99 -9.54
C PRO F 1190 56.36 -92.15 -10.26
N VAL F 1191 57.09 -92.73 -11.21
CA VAL F 1191 56.54 -93.78 -12.06
C VAL F 1191 57.68 -94.66 -12.53
N CYS F 1192 57.36 -95.93 -12.78
CA CYS F 1192 58.32 -96.86 -13.36
C CYS F 1192 57.54 -97.95 -14.09
N SER F 1193 58.10 -98.42 -15.20
CA SER F 1193 57.51 -99.50 -15.96
C SER F 1193 58.54 -100.60 -16.12
N LEU F 1194 58.09 -101.84 -16.04
CA LEU F 1194 58.96 -103.00 -16.20
C LEU F 1194 58.49 -103.83 -17.37
N GLY F 1195 59.42 -104.23 -18.22
CA GLY F 1195 59.11 -105.10 -19.33
C GLY F 1195 59.06 -106.53 -18.88
N PRO F 1196 58.88 -107.45 -19.82
CA PRO F 1196 58.74 -108.86 -19.46
C PRO F 1196 60.03 -109.40 -18.85
N GLY F 1197 59.89 -110.09 -17.73
CA GLY F 1197 61.03 -110.70 -17.08
C GLY F 1197 61.96 -109.74 -16.38
N GLN F 1198 61.50 -108.54 -16.07
CA GLN F 1198 62.35 -107.51 -15.46
C GLN F 1198 61.99 -107.35 -13.99
N VAL F 1199 63.01 -107.03 -13.19
CA VAL F 1199 62.86 -106.82 -11.75
C VAL F 1199 63.51 -105.49 -11.40
N GLY F 1200 62.82 -104.69 -10.62
CA GLY F 1200 63.36 -103.41 -10.20
C GLY F 1200 62.91 -103.07 -8.79
N HIS F 1201 63.75 -102.33 -8.08
CA HIS F 1201 63.48 -101.90 -6.72
C HIS F 1201 63.29 -100.40 -6.70
N LEU F 1202 62.14 -99.95 -6.21
CA LEU F 1202 61.81 -98.53 -6.16
C LEU F 1202 61.93 -98.05 -4.72
N ASN F 1203 62.74 -97.02 -4.50
CA ASN F 1203 62.97 -96.46 -3.18
C ASN F 1203 62.53 -95.01 -3.19
N LEU F 1204 61.38 -94.72 -2.59
CA LEU F 1204 60.85 -93.37 -2.53
C LEU F 1204 61.38 -92.59 -1.34
N GLY F 1205 62.35 -93.13 -0.62
CA GLY F 1205 63.03 -92.35 0.39
C GLY F 1205 62.30 -92.14 1.68
N GLN F 1206 61.43 -93.08 2.07
CA GLN F 1206 60.83 -92.98 3.39
C GLN F 1206 61.87 -93.09 4.48
N ASP F 1207 62.85 -93.95 4.30
CA ASP F 1207 63.99 -94.08 5.20
C ASP F 1207 65.19 -93.45 4.50
N VAL F 1208 65.56 -92.25 4.92
CA VAL F 1208 66.60 -91.49 4.23
C VAL F 1208 67.93 -92.22 4.29
N SER F 1209 68.15 -93.03 5.33
CA SER F 1209 69.39 -93.78 5.43
C SER F 1209 69.46 -94.93 4.43
N SER F 1210 68.31 -95.37 3.91
CA SER F 1210 68.30 -96.45 2.94
C SER F 1210 68.80 -96.02 1.58
N LEU F 1211 68.67 -94.73 1.25
CA LEU F 1211 69.12 -94.24 -0.03
C LEU F 1211 70.62 -94.41 -0.17
N ARG F 1212 71.07 -94.78 -1.37
CA ARG F 1212 72.47 -95.15 -1.57
C ARG F 1212 73.31 -94.06 -2.21
N PHE F 1213 72.71 -93.17 -3.00
CA PHE F 1213 73.48 -92.10 -3.64
C PHE F 1213 72.85 -90.74 -3.40
N PHE F 1214 71.98 -90.60 -2.41
CA PHE F 1214 71.36 -89.31 -2.12
C PHE F 1214 72.38 -88.33 -1.56
N ALA F 1215 73.25 -88.79 -0.68
CA ALA F 1215 74.28 -87.92 -0.11
C ALA F 1215 75.32 -87.54 -1.15
N ILE F 1216 75.65 -88.47 -2.05
CA ILE F 1216 76.67 -88.20 -3.05
C ILE F 1216 76.20 -87.13 -4.03
N CYS F 1217 74.97 -87.23 -4.50
CA CYS F 1217 74.43 -86.25 -5.43
C CYS F 1217 72.93 -86.11 -5.17
N GLY F 1218 72.51 -84.90 -4.81
CA GLY F 1218 71.11 -84.64 -4.56
C GLY F 1218 70.86 -83.97 -3.23
N LEU F 1219 71.57 -84.38 -2.19
CA LEU F 1219 71.34 -83.82 -0.86
C LEU F 1219 71.77 -82.37 -0.80
N GLN F 1220 73.00 -82.07 -1.24
CA GLN F 1220 73.53 -80.72 -1.12
C GLN F 1220 72.87 -79.74 -2.06
N GLU F 1221 72.19 -80.23 -3.10
CA GLU F 1221 71.52 -79.35 -4.04
C GLU F 1221 70.15 -78.90 -3.56
N GLY F 1222 69.71 -79.38 -2.41
CA GLY F 1222 68.43 -78.98 -1.87
C GLY F 1222 67.27 -79.89 -2.21
N PHE F 1223 67.54 -81.09 -2.73
CA PHE F 1223 66.47 -82.02 -3.03
C PHE F 1223 66.11 -82.86 -1.81
N GLU F 1224 64.82 -83.13 -1.66
CA GLU F 1224 64.33 -83.95 -0.57
C GLU F 1224 63.85 -85.28 -1.09
N PRO F 1225 63.99 -86.35 -0.31
CA PRO F 1225 63.39 -87.63 -0.70
C PRO F 1225 61.87 -87.48 -0.82
N PHE F 1226 61.30 -88.19 -1.78
CA PHE F 1226 59.90 -87.98 -2.12
C PHE F 1226 58.99 -88.26 -0.94
N ALA F 1227 59.36 -89.18 -0.06
CA ALA F 1227 58.53 -89.59 1.06
C ALA F 1227 59.28 -89.39 2.37
N ILE F 1228 59.91 -88.23 2.52
CA ILE F 1228 60.85 -88.04 3.64
C ILE F 1228 60.10 -88.07 4.97
N ASN F 1229 59.02 -87.31 5.08
CA ASN F 1229 58.23 -87.26 6.32
C ASN F 1229 56.88 -87.90 6.02
N MET F 1230 56.84 -89.22 6.13
CA MET F 1230 55.63 -89.98 5.89
C MET F 1230 55.67 -91.22 6.76
N GLN F 1231 54.58 -91.51 7.45
CA GLN F 1231 54.52 -92.67 8.32
CA GLN F 1231 54.54 -92.67 8.33
C GLN F 1231 54.36 -93.96 7.52
N ARG F 1232 53.28 -94.06 6.80
CA ARG F 1232 53.04 -95.27 6.03
C ARG F 1232 53.75 -95.18 4.69
N PRO F 1233 54.18 -96.32 4.14
CA PRO F 1233 54.79 -96.30 2.81
C PRO F 1233 53.81 -95.79 1.77
N VAL F 1234 54.35 -95.16 0.74
CA VAL F 1234 53.51 -94.54 -0.29
C VAL F 1234 52.71 -95.61 -1.00
N THR F 1235 51.40 -95.39 -1.09
CA THR F 1235 50.54 -96.29 -1.83
C THR F 1235 50.84 -96.21 -3.32
N THR F 1236 51.00 -97.37 -3.95
CA THR F 1236 51.30 -97.44 -5.38
C THR F 1236 50.17 -98.13 -6.11
N TRP F 1237 49.87 -97.64 -7.30
CA TRP F 1237 48.92 -98.27 -8.21
C TRP F 1237 49.67 -98.85 -9.40
N PHE F 1238 49.18 -99.96 -9.92
CA PHE F 1238 49.81 -100.61 -11.05
C PHE F 1238 48.79 -100.86 -12.15
N SER F 1239 49.29 -101.02 -13.37
CA SER F 1239 48.44 -101.26 -14.52
C SER F 1239 48.11 -102.75 -14.59
N LYS F 1240 46.85 -103.09 -14.36
CA LYS F 1240 46.42 -104.47 -14.37
C LYS F 1240 45.94 -104.84 -15.78
N SER F 1241 46.60 -105.80 -16.39
CA SER F 1241 46.24 -106.21 -17.75
C SER F 1241 45.12 -107.24 -17.74
N LEU F 1242 44.03 -106.91 -17.06
CA LEU F 1242 42.81 -107.70 -17.09
C LEU F 1242 41.75 -106.92 -17.82
N PRO F 1243 41.30 -107.36 -18.99
CA PRO F 1243 40.31 -106.58 -19.73
C PRO F 1243 39.02 -106.40 -18.94
N GLN F 1244 38.48 -105.19 -19.01
CA GLN F 1244 37.26 -104.83 -18.32
C GLN F 1244 36.39 -104.02 -19.27
N PHE F 1245 35.10 -104.00 -19.00
CA PHE F 1245 34.15 -103.25 -19.81
C PHE F 1245 33.95 -101.87 -19.19
N GLU F 1246 34.16 -100.84 -20.00
CA GLU F 1246 33.98 -99.46 -19.58
C GLU F 1246 33.14 -98.72 -20.61
N PRO F 1247 32.42 -97.68 -20.19
CA PRO F 1247 31.61 -96.92 -21.16
C PRO F 1247 32.49 -96.31 -22.24
N VAL F 1248 31.95 -96.25 -23.45
CA VAL F 1248 32.66 -95.66 -24.56
C VAL F 1248 32.84 -94.17 -24.26
N PRO F 1249 34.06 -93.67 -24.25
CA PRO F 1249 34.27 -92.25 -23.93
C PRO F 1249 33.55 -91.37 -24.93
N PRO F 1250 32.95 -90.26 -24.47
CA PRO F 1250 32.26 -89.38 -25.41
C PRO F 1250 33.18 -88.72 -26.42
N GLU F 1251 34.48 -88.66 -26.15
CA GLU F 1251 35.43 -88.04 -27.07
C GLU F 1251 36.38 -89.07 -27.67
N HIS F 1252 35.93 -90.31 -27.82
CA HIS F 1252 36.77 -91.33 -28.40
C HIS F 1252 37.10 -90.98 -29.84
N PRO F 1253 38.38 -91.01 -30.24
CA PRO F 1253 38.74 -90.56 -31.59
C PRO F 1253 38.14 -91.40 -32.71
N HIS F 1254 37.80 -92.66 -32.45
CA HIS F 1254 37.40 -93.56 -33.52
C HIS F 1254 35.98 -94.08 -33.41
N TYR F 1255 35.45 -94.21 -32.20
CA TYR F 1255 34.15 -94.84 -31.99
C TYR F 1255 33.17 -93.82 -31.45
N GLU F 1256 31.98 -93.78 -32.06
CA GLU F 1256 30.92 -92.86 -31.67
C GLU F 1256 29.63 -93.64 -31.51
N VAL F 1257 28.93 -93.38 -30.41
CA VAL F 1257 27.67 -94.06 -30.11
C VAL F 1257 26.57 -93.02 -30.08
N ALA F 1258 25.53 -93.24 -30.88
CA ALA F 1258 24.40 -92.33 -30.96
C ALA F 1258 23.16 -92.99 -30.39
N ARG F 1259 22.52 -92.33 -29.44
CA ARG F 1259 21.30 -92.84 -28.83
C ARG F 1259 20.12 -92.37 -29.67
N MET F 1260 19.55 -93.28 -30.46
CA MET F 1260 18.45 -92.97 -31.35
C MET F 1260 17.13 -93.20 -30.62
N ASP F 1261 16.27 -92.20 -30.64
CA ASP F 1261 14.98 -92.31 -29.97
C ASP F 1261 14.07 -93.25 -30.74
N GLY F 1262 13.03 -93.72 -30.05
CA GLY F 1262 12.08 -94.62 -30.68
C GLY F 1262 11.02 -93.89 -31.47
N THR F 1263 10.96 -94.14 -32.76
CA THR F 1263 9.98 -93.51 -33.64
C THR F 1263 8.71 -94.36 -33.65
N VAL F 1264 7.80 -94.05 -34.57
CA VAL F 1264 6.56 -94.80 -34.66
C VAL F 1264 6.82 -96.21 -35.18
N ASP F 1265 7.73 -96.36 -36.13
CA ASP F 1265 8.01 -97.65 -36.74
C ASP F 1265 9.28 -98.29 -36.25
N THR F 1266 10.04 -97.62 -35.39
CA THR F 1266 11.30 -98.17 -34.89
C THR F 1266 11.33 -98.08 -33.37
N PRO F 1267 12.04 -99.00 -32.72
CA PRO F 1267 12.23 -98.93 -31.28
C PRO F 1267 13.42 -98.06 -30.95
N PRO F 1268 13.63 -97.75 -29.67
CA PRO F 1268 14.86 -97.04 -29.29
C PRO F 1268 16.09 -97.87 -29.66
N CYS F 1269 17.16 -97.18 -30.05
CA CYS F 1269 18.33 -97.84 -30.56
C CYS F 1269 19.59 -97.17 -30.02
N LEU F 1270 20.70 -97.91 -30.10
CA LEU F 1270 22.02 -97.42 -29.74
C LEU F 1270 22.94 -97.76 -30.90
N ARG F 1271 23.26 -96.76 -31.71
CA ARG F 1271 23.96 -96.98 -32.97
C ARG F 1271 25.44 -96.68 -32.83
N LEU F 1272 26.28 -97.57 -33.34
CA LEU F 1272 27.72 -97.39 -33.33
C LEU F 1272 28.19 -96.95 -34.70
N ALA F 1273 29.06 -95.95 -34.73
CA ALA F 1273 29.62 -95.43 -35.97
C ALA F 1273 31.11 -95.29 -35.84
N HIS F 1274 31.82 -95.54 -36.93
CA HIS F 1274 33.27 -95.40 -36.96
C HIS F 1274 33.60 -93.98 -37.40
N ARG F 1275 34.21 -93.20 -36.52
CA ARG F 1275 34.44 -91.79 -36.81
C ARG F 1275 35.39 -91.59 -37.98
N THR F 1276 36.48 -92.34 -38.03
CA THR F 1276 37.56 -92.08 -38.95
C THR F 1276 37.65 -93.13 -40.07
N TRP F 1277 36.55 -93.80 -40.39
CA TRP F 1277 36.61 -94.89 -41.35
C TRP F 1277 37.04 -94.39 -42.72
N GLY F 1278 37.98 -95.11 -43.33
CA GLY F 1278 38.47 -94.80 -44.65
C GLY F 1278 39.68 -93.89 -44.68
N SER F 1279 39.75 -92.93 -43.76
CA SER F 1279 40.84 -91.97 -43.77
C SER F 1279 42.13 -92.61 -43.28
N GLN F 1280 43.23 -91.89 -43.46
CA GLN F 1280 44.51 -92.30 -42.93
C GLN F 1280 44.44 -92.31 -41.40
N ASN F 1281 45.24 -93.18 -40.79
CA ASN F 1281 45.39 -93.36 -39.34
C ASN F 1281 44.15 -93.95 -38.68
N SER F 1282 43.15 -94.36 -39.45
CA SER F 1282 41.98 -95.02 -38.88
C SER F 1282 42.38 -96.30 -38.17
N LEU F 1283 41.72 -96.58 -37.06
CA LEU F 1283 41.98 -97.77 -36.26
C LEU F 1283 40.91 -98.80 -36.55
N VAL F 1284 41.31 -99.94 -37.10
CA VAL F 1284 40.40 -101.02 -37.44
C VAL F 1284 40.87 -102.27 -36.73
N GLU F 1285 40.13 -102.70 -35.71
CA GLU F 1285 40.50 -103.87 -34.93
C GLU F 1285 39.22 -104.39 -34.27
N MET F 1286 39.29 -105.63 -33.79
CA MET F 1286 38.12 -106.26 -33.20
C MET F 1286 37.61 -105.44 -32.02
N LEU F 1287 36.32 -105.20 -31.99
CA LEU F 1287 35.68 -104.37 -30.99
C LEU F 1287 34.71 -105.22 -30.19
N PHE F 1288 34.80 -105.13 -28.87
CA PHE F 1288 33.96 -105.91 -27.96
C PHE F 1288 33.03 -104.97 -27.23
N LEU F 1289 31.73 -105.11 -27.48
CA LEU F 1289 30.73 -104.23 -26.92
C LEU F 1289 29.73 -105.03 -26.09
N ARG F 1290 29.20 -104.38 -25.06
CA ARG F 1290 28.11 -104.96 -24.27
C ARG F 1290 27.29 -103.82 -23.69
N LEU F 1291 26.07 -104.15 -23.29
CA LEU F 1291 25.21 -103.17 -22.66
C LEU F 1291 25.46 -103.14 -21.16
N SER F 1292 25.21 -101.98 -20.56
CA SER F 1292 25.66 -101.74 -19.20
C SER F 1292 24.88 -102.52 -18.15
N LEU F 1293 23.73 -103.10 -18.50
CA LEU F 1293 22.93 -103.76 -17.50
C LEU F 1293 22.60 -105.19 -17.91
N PRO F 1294 22.53 -106.11 -16.97
CA PRO F 1294 22.27 -107.50 -17.30
C PRO F 1294 20.79 -107.86 -17.20
N VAL F 1295 20.46 -109.05 -17.70
CA VAL F 1295 19.18 -109.70 -17.46
C VAL F 1295 19.45 -110.92 -16.59
N GLN F 1296 18.70 -111.05 -15.52
CA GLN F 1296 18.94 -112.09 -14.52
C GLN F 1296 17.89 -113.17 -14.62
N PHE F 1297 18.34 -114.41 -14.80
CA PHE F 1297 17.41 -115.52 -14.85
C PHE F 1297 16.83 -115.79 -13.47
N HIS F 1298 15.63 -116.35 -13.47
CA HIS F 1298 14.86 -116.50 -12.24
C HIS F 1298 15.55 -117.48 -11.29
N GLN F 1299 15.18 -117.38 -10.02
CA GLN F 1299 15.79 -118.22 -9.01
C GLN F 1299 15.43 -119.68 -9.22
N HIS F 1300 14.19 -119.96 -9.57
CA HIS F 1300 13.72 -121.32 -9.81
C HIS F 1300 13.08 -121.40 -11.18
N PHE F 1301 13.30 -122.50 -11.87
CA PHE F 1301 12.78 -122.69 -13.21
C PHE F 1301 11.42 -123.39 -13.18
N ARG F 1302 10.60 -123.06 -14.16
CA ARG F 1302 9.30 -123.71 -14.30
C ARG F 1302 9.49 -125.20 -14.57
N CYS F 1303 8.66 -126.01 -13.92
CA CYS F 1303 8.75 -127.45 -14.08
C CYS F 1303 8.40 -127.87 -15.50
N THR F 1304 9.17 -128.82 -16.04
CA THR F 1304 8.97 -129.32 -17.39
C THR F 1304 8.99 -128.20 -18.43
N ASP F 1419 -3.98 -106.09 -36.60
CA ASP F 1419 -3.25 -107.35 -36.44
C ASP F 1419 -1.88 -107.09 -35.82
N ASN F 1420 -1.17 -108.18 -35.49
CA ASN F 1420 0.13 -108.11 -34.83
C ASN F 1420 0.05 -107.28 -33.55
N ARG F 1421 -1.02 -107.49 -32.79
CA ARG F 1421 -1.23 -106.82 -31.52
C ARG F 1421 -1.11 -107.83 -30.39
N ASP F 1422 -0.40 -107.46 -29.33
CA ASP F 1422 -0.15 -108.38 -28.24
C ASP F 1422 -1.44 -108.71 -27.50
N ASP F 1423 -1.58 -109.96 -27.13
CA ASP F 1423 -2.69 -110.38 -26.29
C ASP F 1423 -2.35 -109.96 -24.86
N PRO F 1424 -3.21 -109.21 -24.17
CA PRO F 1424 -2.85 -108.69 -22.85
C PRO F 1424 -2.52 -109.77 -21.82
N GLU F 1425 -3.36 -110.78 -21.67
CA GLU F 1425 -3.11 -111.77 -20.63
C GLU F 1425 -1.82 -112.53 -20.88
N ILE F 1426 -1.47 -112.75 -22.15
CA ILE F 1426 -0.20 -113.39 -22.46
C ILE F 1426 0.96 -112.45 -22.17
N ILE F 1427 0.85 -111.19 -22.58
CA ILE F 1427 2.00 -110.28 -22.47
C ILE F 1427 2.28 -109.95 -21.01
N LEU F 1428 1.26 -109.92 -20.16
CA LEU F 1428 1.50 -109.67 -18.74
C LEU F 1428 1.90 -110.92 -17.98
N ASN F 1429 1.94 -112.08 -18.62
CA ASN F 1429 2.34 -113.32 -17.97
C ASN F 1429 3.55 -113.98 -18.59
N THR F 1430 4.08 -113.43 -19.69
CA THR F 1430 5.21 -114.07 -20.35
C THR F 1430 6.50 -113.80 -19.59
N THR F 1431 7.47 -114.68 -19.79
CA THR F 1431 8.82 -114.52 -19.25
C THR F 1431 9.87 -114.48 -20.34
N THR F 1432 9.46 -114.26 -21.59
CA THR F 1432 10.39 -114.20 -22.70
C THR F 1432 10.68 -112.74 -23.04
N TYR F 1433 11.96 -112.43 -23.22
CA TYR F 1433 12.40 -111.07 -23.49
C TYR F 1433 13.23 -111.07 -24.75
N TYR F 1434 13.20 -109.94 -25.46
CA TYR F 1434 13.75 -109.87 -26.80
C TYR F 1434 14.61 -108.63 -26.96
N TYR F 1435 15.66 -108.77 -27.75
CA TYR F 1435 16.41 -107.63 -28.25
C TYR F 1435 17.10 -108.06 -29.54
N SER F 1436 17.28 -107.12 -30.45
CA SER F 1436 17.80 -107.43 -31.76
C SER F 1436 18.96 -106.49 -32.10
N VAL F 1437 19.82 -106.97 -32.98
CA VAL F 1437 20.97 -106.20 -33.44
C VAL F 1437 20.89 -106.10 -34.96
N ARG F 1438 20.98 -104.87 -35.46
CA ARG F 1438 20.90 -104.61 -36.89
C ARG F 1438 22.30 -104.38 -37.43
N VAL F 1439 22.74 -105.25 -38.33
CA VAL F 1439 24.04 -105.10 -38.98
C VAL F 1439 23.80 -104.35 -40.29
N PHE F 1440 24.27 -103.12 -40.36
CA PHE F 1440 23.99 -102.28 -41.50
C PHE F 1440 24.63 -102.82 -42.77
N ALA F 1441 24.03 -102.49 -43.90
CA ALA F 1441 24.60 -102.86 -45.19
C ALA F 1441 25.95 -102.20 -45.37
N GLY F 1442 26.94 -102.98 -45.81
CA GLY F 1442 28.31 -102.55 -45.90
C GLY F 1442 29.18 -103.15 -44.81
N GLN F 1443 28.62 -103.40 -43.64
CA GLN F 1443 29.31 -104.13 -42.59
C GLN F 1443 29.19 -105.62 -42.86
N GLU F 1444 30.32 -106.29 -42.95
CA GLU F 1444 30.31 -107.70 -43.31
C GLU F 1444 29.73 -108.53 -42.17
N PRO F 1445 28.70 -109.33 -42.42
CA PRO F 1445 28.18 -110.21 -41.36
C PRO F 1445 29.21 -111.22 -40.88
N SER F 1446 30.21 -111.54 -41.71
CA SER F 1446 31.25 -112.46 -41.30
C SER F 1446 32.12 -111.90 -40.18
N CYS F 1447 32.02 -110.61 -39.89
CA CYS F 1447 32.79 -109.97 -38.83
C CYS F 1447 31.92 -109.50 -37.68
N VAL F 1448 30.76 -110.11 -37.48
CA VAL F 1448 29.84 -109.72 -36.41
C VAL F 1448 29.44 -110.96 -35.63
N TRP F 1449 29.51 -110.87 -34.29
CA TRP F 1449 28.98 -111.89 -33.39
C TRP F 1449 27.98 -111.22 -32.46
N VAL F 1450 26.81 -111.83 -32.32
CA VAL F 1450 25.71 -111.27 -31.54
C VAL F 1450 25.29 -112.28 -30.50
N GLY F 1451 25.00 -111.80 -29.30
CA GLY F 1451 24.54 -112.69 -28.24
C GLY F 1451 24.63 -112.10 -26.85
N TRP F 1452 25.13 -112.88 -25.91
CA TRP F 1452 25.19 -112.49 -24.51
C TRP F 1452 26.54 -112.89 -23.93
N VAL F 1453 26.95 -112.19 -22.88
CA VAL F 1453 28.15 -112.53 -22.12
C VAL F 1453 27.82 -112.47 -20.63
N THR F 1454 28.35 -113.42 -19.88
CA THR F 1454 28.26 -113.40 -18.43
C THR F 1454 29.25 -112.40 -17.86
N PRO F 1455 29.03 -111.92 -16.63
CA PRO F 1455 29.87 -110.84 -16.11
C PRO F 1455 31.34 -111.19 -15.91
N ASP F 1456 31.74 -112.43 -16.20
CA ASP F 1456 33.13 -112.85 -16.04
C ASP F 1456 33.81 -113.07 -17.39
N TYR F 1457 33.52 -112.21 -18.36
CA TYR F 1457 34.16 -112.25 -19.67
C TYR F 1457 35.26 -111.20 -19.71
N HIS F 1458 36.50 -111.66 -19.85
CA HIS F 1458 37.66 -110.77 -19.91
C HIS F 1458 38.60 -111.20 -21.02
N GLN F 1459 38.05 -111.54 -22.18
CA GLN F 1459 38.84 -112.12 -23.27
C GLN F 1459 38.93 -111.11 -24.40
N HIS F 1460 40.04 -110.38 -24.44
CA HIS F 1460 40.28 -109.34 -25.44
C HIS F 1460 41.09 -109.92 -26.59
N ASP F 1461 40.46 -110.86 -27.31
CA ASP F 1461 41.14 -111.63 -28.35
C ASP F 1461 41.00 -110.90 -29.68
N MET F 1462 42.14 -110.60 -30.30
CA MET F 1462 42.14 -109.85 -31.55
C MET F 1462 41.93 -110.75 -32.76
N ASN F 1463 41.87 -112.06 -32.57
CA ASN F 1463 41.51 -112.98 -33.63
C ASN F 1463 40.33 -113.82 -33.18
N PHE F 1464 39.30 -113.16 -32.67
CA PHE F 1464 38.21 -113.85 -32.01
C PHE F 1464 37.36 -114.63 -33.01
N ASP F 1465 37.00 -115.85 -32.63
CA ASP F 1465 35.94 -116.60 -33.27
C ASP F 1465 35.31 -117.50 -32.20
N LEU F 1466 34.24 -118.19 -32.58
CA LEU F 1466 33.48 -118.95 -31.59
C LEU F 1466 34.26 -120.13 -31.03
N SER F 1467 35.39 -120.49 -31.63
CA SER F 1467 36.22 -121.55 -31.10
C SER F 1467 37.08 -121.09 -29.93
N LYS F 1468 37.29 -119.79 -29.78
CA LYS F 1468 38.07 -119.26 -28.67
C LYS F 1468 37.26 -119.11 -27.38
N VAL F 1469 35.94 -119.30 -27.45
CA VAL F 1469 35.09 -119.08 -26.30
C VAL F 1469 35.39 -120.12 -25.23
N ARG F 1470 35.54 -119.67 -24.00
CA ARG F 1470 35.74 -120.58 -22.88
C ARG F 1470 34.51 -121.47 -22.71
N ALA F 1471 34.75 -122.75 -22.47
CA ALA F 1471 33.66 -123.69 -22.25
C ALA F 1471 34.18 -124.86 -21.43
N VAL F 1472 33.27 -125.47 -20.68
CA VAL F 1472 33.62 -126.63 -19.87
C VAL F 1472 32.32 -127.34 -19.49
N THR F 1473 32.38 -128.67 -19.42
CA THR F 1473 31.23 -129.49 -19.06
C THR F 1473 31.50 -130.16 -17.73
N VAL F 1474 30.63 -129.94 -16.76
CA VAL F 1474 30.74 -130.55 -15.44
C VAL F 1474 29.72 -131.68 -15.37
N THR F 1475 30.19 -132.90 -15.20
CA THR F 1475 29.35 -134.09 -15.20
C THR F 1475 29.40 -134.75 -13.84
N MET F 1476 28.23 -135.07 -13.29
CA MET F 1476 28.10 -135.77 -12.03
C MET F 1476 27.50 -137.15 -12.25
N GLY F 1477 27.92 -138.10 -11.44
CA GLY F 1477 27.45 -139.47 -11.58
C GLY F 1477 27.23 -140.11 -10.23
N ASP F 1478 26.76 -141.35 -10.25
CA ASP F 1478 26.57 -142.12 -9.04
C ASP F 1478 27.82 -142.93 -8.75
N GLU F 1479 27.72 -143.92 -7.85
CA GLU F 1479 28.87 -144.71 -7.46
C GLU F 1479 29.51 -145.44 -8.63
N GLN F 1480 28.74 -145.78 -9.66
CA GLN F 1480 29.24 -146.49 -10.83
C GLN F 1480 28.78 -145.80 -12.10
N GLY F 1481 29.55 -144.82 -12.56
CA GLY F 1481 29.22 -144.13 -13.80
C GLY F 1481 27.84 -143.48 -13.71
N ASN F 1482 26.98 -143.83 -14.66
CA ASN F 1482 25.56 -143.45 -14.63
C ASN F 1482 25.40 -141.94 -14.46
N VAL F 1483 25.86 -141.22 -15.48
CA VAL F 1483 25.75 -139.76 -15.53
C VAL F 1483 24.31 -139.35 -15.26
N HIS F 1484 24.09 -138.59 -14.19
CA HIS F 1484 22.77 -138.08 -13.88
C HIS F 1484 22.69 -136.56 -13.97
N SER F 1485 23.77 -135.90 -14.35
CA SER F 1485 23.78 -134.45 -14.54
C SER F 1485 25.02 -134.07 -15.32
N SER F 1486 24.83 -133.35 -16.42
CA SER F 1486 25.94 -132.92 -17.29
C SER F 1486 25.67 -131.47 -17.70
N LEU F 1487 26.17 -130.53 -16.90
CA LEU F 1487 25.94 -129.13 -17.16
C LEU F 1487 27.07 -128.54 -18.00
N LYS F 1488 26.73 -127.54 -18.80
CA LYS F 1488 27.68 -126.89 -19.68
C LYS F 1488 27.83 -125.43 -19.26
N CYS F 1489 29.07 -124.97 -19.12
CA CYS F 1489 29.35 -123.64 -18.62
C CYS F 1489 30.17 -122.86 -19.64
N SER F 1490 29.89 -121.57 -19.73
CA SER F 1490 30.62 -120.68 -20.62
C SER F 1490 30.40 -119.26 -20.16
N ASN F 1491 31.15 -118.33 -20.74
CA ASN F 1491 30.96 -116.91 -20.47
C ASN F 1491 30.51 -116.13 -21.69
N CYS F 1492 30.33 -116.78 -22.82
CA CYS F 1492 29.96 -116.09 -24.06
C CYS F 1492 28.99 -116.97 -24.82
N TYR F 1493 27.74 -116.55 -24.90
CA TYR F 1493 26.70 -117.26 -25.66
C TYR F 1493 26.35 -116.40 -26.85
N MET F 1494 26.91 -116.73 -28.01
CA MET F 1494 26.74 -115.92 -29.21
C MET F 1494 26.53 -116.79 -30.43
N VAL F 1495 26.11 -116.14 -31.51
CA VAL F 1495 26.02 -116.75 -32.82
C VAL F 1495 26.81 -115.89 -33.80
N TRP F 1496 27.27 -116.52 -34.87
CA TRP F 1496 28.09 -115.86 -35.86
C TRP F 1496 27.23 -115.27 -36.95
N GLY F 1497 27.50 -114.02 -37.31
CA GLY F 1497 26.76 -113.39 -38.39
C GLY F 1497 26.97 -114.03 -39.74
N GLY F 1498 28.02 -114.82 -39.89
CA GLY F 1498 28.27 -115.52 -41.13
C GLY F 1498 27.47 -116.79 -41.32
N ASP F 1499 26.73 -117.21 -40.30
CA ASP F 1499 25.84 -118.36 -40.42
C ASP F 1499 24.50 -117.98 -41.03
N PHE F 1500 24.26 -116.70 -41.26
CA PHE F 1500 22.95 -116.22 -41.71
C PHE F 1500 23.05 -115.55 -43.08
N VAL F 1501 24.10 -115.84 -43.83
CA VAL F 1501 24.26 -115.34 -45.18
C VAL F 1501 24.24 -116.52 -46.14
N SER F 1502 23.39 -116.44 -47.16
CA SER F 1502 23.34 -117.49 -48.17
C SER F 1502 24.63 -117.48 -48.98
N PRO F 1503 25.13 -118.65 -49.36
CA PRO F 1503 26.37 -118.68 -50.17
C PRO F 1503 26.14 -118.22 -51.60
N GLY F 1504 25.81 -116.94 -51.78
CA GLY F 1504 25.61 -116.41 -53.10
C GLY F 1504 26.91 -116.24 -53.86
N GLN F 1505 26.78 -116.03 -55.17
CA GLN F 1505 27.96 -115.84 -56.02
C GLN F 1505 28.76 -114.61 -55.58
N GLN F 1506 28.06 -113.48 -55.44
CA GLN F 1506 28.66 -112.24 -54.97
C GLN F 1506 27.50 -111.37 -54.48
N GLY F 1507 27.81 -110.16 -54.04
CA GLY F 1507 26.80 -109.35 -53.39
C GLY F 1507 26.72 -109.60 -51.90
N ARG F 1508 27.82 -110.07 -51.30
CA ARG F 1508 27.84 -110.31 -49.87
C ARG F 1508 27.54 -109.04 -49.09
N ILE F 1509 27.83 -107.88 -49.68
CA ILE F 1509 27.35 -106.61 -49.16
C ILE F 1509 25.93 -106.44 -49.66
N SER F 1510 24.98 -106.94 -48.87
CA SER F 1510 23.59 -106.99 -49.32
C SER F 1510 22.97 -105.61 -49.33
N HIS F 1511 21.90 -105.48 -50.10
CA HIS F 1511 21.06 -104.29 -50.01
C HIS F 1511 20.36 -104.23 -48.66
N THR F 1512 20.09 -105.38 -48.06
CA THR F 1512 19.31 -105.48 -46.84
C THR F 1512 20.22 -105.66 -45.64
N ASP F 1513 19.95 -104.91 -44.59
CA ASP F 1513 20.66 -105.08 -43.33
C ASP F 1513 20.29 -106.41 -42.69
N LEU F 1514 21.25 -107.03 -42.01
CA LEU F 1514 20.98 -108.24 -41.27
C LEU F 1514 20.53 -107.88 -39.86
N VAL F 1515 19.40 -108.41 -39.43
CA VAL F 1515 18.81 -108.07 -38.14
C VAL F 1515 18.72 -109.37 -37.34
N ILE F 1516 19.73 -109.65 -36.53
CA ILE F 1516 19.75 -110.83 -35.69
C ILE F 1516 18.94 -110.53 -34.44
N GLY F 1517 18.00 -111.40 -34.12
CA GLY F 1517 17.19 -111.27 -32.92
C GLY F 1517 17.61 -112.27 -31.86
N CYS F 1518 17.54 -111.85 -30.60
CA CYS F 1518 17.93 -112.68 -29.48
C CYS F 1518 16.77 -112.77 -28.49
N LEU F 1519 16.45 -113.99 -28.08
CA LEU F 1519 15.36 -114.25 -27.15
C LEU F 1519 15.90 -115.00 -25.94
N VAL F 1520 15.42 -114.63 -24.76
CA VAL F 1520 15.75 -115.34 -23.53
C VAL F 1520 14.47 -115.56 -22.74
N ASP F 1521 14.30 -116.77 -22.24
CA ASP F 1521 13.20 -117.12 -21.35
C ASP F 1521 13.76 -117.21 -19.95
N LEU F 1522 13.52 -116.17 -19.14
CA LEU F 1522 14.13 -116.12 -17.82
C LEU F 1522 13.55 -117.16 -16.88
N ALA F 1523 12.44 -117.80 -17.25
CA ALA F 1523 11.82 -118.80 -16.39
C ALA F 1523 12.28 -120.21 -16.69
N THR F 1524 12.90 -120.46 -17.84
CA THR F 1524 13.38 -121.79 -18.19
C THR F 1524 14.85 -121.85 -18.54
N GLY F 1525 15.52 -120.71 -18.74
CA GLY F 1525 16.92 -120.73 -19.07
C GLY F 1525 17.23 -121.07 -20.51
N LEU F 1526 16.24 -121.04 -21.39
CA LEU F 1526 16.42 -121.37 -22.78
C LEU F 1526 16.74 -120.11 -23.58
N MET F 1527 17.64 -120.24 -24.54
CA MET F 1527 18.15 -119.12 -25.33
C MET F 1527 18.04 -119.48 -26.80
N THR F 1528 17.45 -118.58 -27.60
CA THR F 1528 17.27 -118.81 -29.02
C THR F 1528 17.54 -117.53 -29.80
N PHE F 1529 17.77 -117.71 -31.11
CA PHE F 1529 18.15 -116.61 -31.98
C PHE F 1529 17.35 -116.68 -33.27
N THR F 1530 17.15 -115.52 -33.89
CA THR F 1530 16.47 -115.42 -35.18
C THR F 1530 17.34 -114.62 -36.14
N ALA F 1531 17.47 -115.13 -37.36
CA ALA F 1531 18.36 -114.49 -38.34
C ALA F 1531 17.71 -113.30 -39.01
N ASN F 1532 16.60 -113.51 -39.70
CA ASN F 1532 15.83 -112.44 -40.31
C ASN F 1532 14.35 -112.72 -40.15
N GLY F 1533 13.94 -113.11 -38.95
CA GLY F 1533 12.60 -113.58 -38.71
C GLY F 1533 12.46 -115.09 -38.73
N LYS F 1534 13.46 -115.81 -39.21
CA LYS F 1534 13.45 -117.26 -39.22
C LYS F 1534 14.29 -117.76 -38.06
N GLU F 1535 13.75 -118.72 -37.32
CA GLU F 1535 14.43 -119.25 -36.15
C GLU F 1535 15.74 -119.93 -36.56
N SER F 1536 16.77 -119.73 -35.76
CA SER F 1536 18.06 -120.36 -35.99
C SER F 1536 18.15 -121.68 -35.24
N ASN F 1537 19.10 -122.51 -35.66
CA ASN F 1537 19.26 -123.82 -35.05
C ASN F 1537 19.96 -123.76 -33.69
N THR F 1538 20.92 -122.84 -33.54
CA THR F 1538 21.70 -122.79 -32.31
C THR F 1538 20.84 -122.33 -31.14
N PHE F 1539 21.05 -122.96 -29.98
CA PHE F 1539 20.35 -122.58 -28.77
C PHE F 1539 21.24 -122.89 -27.58
N PHE F 1540 20.93 -122.25 -26.46
CA PHE F 1540 21.73 -122.39 -25.24
C PHE F 1540 20.83 -122.60 -24.04
N GLN F 1541 21.37 -123.26 -23.02
CA GLN F 1541 20.66 -123.50 -21.77
C GLN F 1541 21.55 -123.07 -20.62
N VAL F 1542 21.00 -122.28 -19.70
CA VAL F 1542 21.78 -121.74 -18.59
C VAL F 1542 21.08 -122.06 -17.28
N GLU F 1543 21.85 -122.01 -16.20
CA GLU F 1543 21.35 -122.29 -14.87
C GLU F 1543 20.61 -121.08 -14.31
N PRO F 1544 19.80 -121.28 -13.27
CA PRO F 1544 19.12 -120.15 -12.63
C PRO F 1544 20.11 -119.19 -11.98
N ASN F 1545 19.66 -117.95 -11.82
CA ASN F 1545 20.41 -116.82 -11.27
C ASN F 1545 21.54 -116.36 -12.19
N THR F 1546 21.57 -116.81 -13.44
CA THR F 1546 22.60 -116.39 -14.36
C THR F 1546 22.36 -114.96 -14.82
N LYS F 1547 23.42 -114.16 -14.84
CA LYS F 1547 23.37 -112.80 -15.36
C LYS F 1547 23.95 -112.79 -16.77
N LEU F 1548 23.23 -112.18 -17.70
CA LEU F 1548 23.66 -112.10 -19.09
C LEU F 1548 23.58 -110.65 -19.55
N PHE F 1549 24.65 -110.18 -20.16
CA PHE F 1549 24.68 -108.85 -20.74
C PHE F 1549 24.51 -108.94 -22.24
N PRO F 1550 23.66 -108.12 -22.86
CA PRO F 1550 23.60 -108.09 -24.33
C PRO F 1550 24.92 -107.59 -24.89
N ALA F 1551 25.57 -108.41 -25.70
CA ALA F 1551 26.90 -108.09 -26.19
C ALA F 1551 26.99 -108.35 -27.68
N VAL F 1552 27.76 -107.51 -28.36
CA VAL F 1552 28.04 -107.65 -29.78
C VAL F 1552 29.54 -107.48 -30.00
N PHE F 1553 30.16 -108.45 -30.66
CA PHE F 1553 31.57 -108.38 -31.03
C PHE F 1553 31.64 -108.16 -32.53
N VAL F 1554 32.38 -107.14 -32.96
CA VAL F 1554 32.39 -106.75 -34.36
C VAL F 1554 33.78 -106.28 -34.75
N LEU F 1555 34.17 -106.58 -35.99
CA LEU F 1555 35.33 -105.99 -36.61
C LEU F 1555 34.84 -105.00 -37.66
N PRO F 1556 34.94 -103.69 -37.42
CA PRO F 1556 34.29 -102.73 -38.32
C PRO F 1556 34.79 -102.81 -39.75
N THR F 1557 33.85 -102.70 -40.69
CA THR F 1557 34.19 -102.62 -42.10
C THR F 1557 33.40 -101.53 -42.81
N HIS F 1558 32.86 -100.54 -42.07
CA HIS F 1558 31.98 -99.54 -42.65
C HIS F 1558 31.82 -98.42 -41.63
N GLN F 1559 31.40 -97.25 -42.12
CA GLN F 1559 31.16 -96.14 -41.21
C GLN F 1559 30.04 -96.47 -40.22
N ASN F 1560 28.97 -97.07 -40.70
CA ASN F 1560 27.92 -97.58 -39.84
C ASN F 1560 28.18 -99.06 -39.57
N VAL F 1561 28.24 -99.44 -38.30
CA VAL F 1561 28.69 -100.77 -37.94
C VAL F 1561 27.54 -101.65 -37.48
N ILE F 1562 26.96 -101.31 -36.33
CA ILE F 1562 25.88 -102.11 -35.75
C ILE F 1562 24.88 -101.19 -35.10
N GLN F 1563 23.84 -101.77 -34.51
CA GLN F 1563 22.80 -100.99 -33.84
C GLN F 1563 22.08 -101.90 -32.87
N PHE F 1564 22.16 -101.60 -31.58
CA PHE F 1564 21.34 -102.29 -30.60
C PHE F 1564 19.91 -101.81 -30.73
N GLU F 1565 18.99 -102.73 -30.99
CA GLU F 1565 17.57 -102.40 -31.13
C GLU F 1565 16.82 -102.97 -29.94
N LEU F 1566 16.43 -102.10 -29.02
CA LEU F 1566 15.79 -102.54 -27.77
C LEU F 1566 14.27 -102.57 -27.94
N GLY F 1567 13.84 -103.36 -28.91
CA GLY F 1567 12.44 -103.48 -29.26
C GLY F 1567 11.77 -104.68 -28.63
N LYS F 1568 10.74 -105.17 -29.30
CA LYS F 1568 9.97 -106.30 -28.82
C LYS F 1568 9.35 -107.02 -30.00
N GLN F 1569 8.77 -108.17 -29.73
CA GLN F 1569 8.03 -108.95 -30.72
C GLN F 1569 6.59 -109.11 -30.26
N LYS F 1570 5.84 -109.92 -31.00
CA LYS F 1570 4.48 -110.22 -30.60
C LYS F 1570 4.48 -111.14 -29.38
N ASN F 1571 3.85 -110.69 -28.30
CA ASN F 1571 3.75 -111.44 -27.06
C ASN F 1571 5.13 -111.71 -26.42
N ILE F 1572 6.07 -110.80 -26.65
CA ILE F 1572 7.39 -110.87 -26.03
C ILE F 1572 7.74 -109.49 -25.51
N MET F 1573 8.25 -109.42 -24.30
CA MET F 1573 8.54 -108.12 -23.70
C MET F 1573 9.92 -107.62 -24.10
N PRO F 1574 10.15 -106.32 -24.05
CA PRO F 1574 11.47 -105.78 -24.36
C PRO F 1574 12.43 -105.99 -23.20
N LEU F 1575 13.68 -105.58 -23.42
CA LEU F 1575 14.71 -105.75 -22.40
C LEU F 1575 14.45 -104.87 -21.18
N SER F 1576 13.87 -103.69 -21.38
CA SER F 1576 13.62 -102.79 -20.26
C SER F 1576 12.66 -103.39 -19.25
N ALA F 1577 11.81 -104.33 -19.68
CA ALA F 1577 10.92 -104.97 -18.74
C ALA F 1577 11.67 -105.94 -17.84
N ALA F 1578 12.82 -106.42 -18.28
CA ALA F 1578 13.61 -107.35 -17.49
C ALA F 1578 14.71 -106.67 -16.69
N MET F 1579 15.26 -105.58 -17.19
CA MET F 1579 16.35 -104.90 -16.50
C MET F 1579 15.87 -104.07 -15.31
N PHE F 1580 14.68 -103.50 -15.37
CA PHE F 1580 14.24 -102.54 -14.37
C PHE F 1580 13.00 -103.05 -13.66
N LEU F 1581 13.01 -102.96 -12.33
CA LEU F 1581 11.91 -103.49 -11.53
C LEU F 1581 10.61 -102.74 -11.79
N SER F 1582 10.69 -101.42 -11.91
CA SER F 1582 9.49 -100.62 -12.09
C SER F 1582 8.82 -100.85 -13.44
N GLU F 1583 9.48 -101.54 -14.36
CA GLU F 1583 8.93 -101.79 -15.69
C GLU F 1583 8.62 -103.26 -15.94
N ARG F 1584 8.47 -104.05 -14.88
CA ARG F 1584 8.26 -105.48 -15.06
C ARG F 1584 6.97 -105.78 -15.82
N LYS F 1585 6.02 -104.85 -15.80
CA LYS F 1585 4.75 -105.04 -16.48
C LYS F 1585 4.52 -103.99 -17.56
N ASN F 1586 5.59 -103.38 -18.06
CA ASN F 1586 5.48 -102.33 -19.06
C ASN F 1586 5.94 -102.87 -20.40
N PRO F 1587 5.05 -103.17 -21.33
CA PRO F 1587 5.49 -103.69 -22.63
C PRO F 1587 6.05 -102.63 -23.56
N ALA F 1588 5.98 -101.36 -23.20
CA ALA F 1588 6.51 -100.32 -24.07
C ALA F 1588 8.03 -100.30 -23.97
N PRO F 1589 8.75 -100.44 -25.08
CA PRO F 1589 10.22 -100.43 -25.02
C PRO F 1589 10.74 -99.10 -24.51
N GLN F 1590 11.82 -99.17 -23.73
CA GLN F 1590 12.47 -97.98 -23.18
C GLN F 1590 13.98 -98.18 -23.24
N CYS F 1591 14.70 -97.06 -23.25
CA CYS F 1591 16.15 -97.05 -23.15
C CYS F 1591 16.54 -95.99 -22.13
N PRO F 1592 16.44 -96.31 -20.85
CA PRO F 1592 16.73 -95.33 -19.80
C PRO F 1592 18.19 -94.94 -19.81
N PRO F 1593 18.53 -93.76 -19.26
CA PRO F 1593 19.91 -93.26 -19.39
C PRO F 1593 20.94 -94.18 -18.76
N ARG F 1594 20.55 -95.02 -17.81
CA ARG F 1594 21.51 -95.92 -17.19
C ARG F 1594 22.01 -96.96 -18.18
N LEU F 1595 21.18 -97.33 -19.16
CA LEU F 1595 21.55 -98.31 -20.16
C LEU F 1595 22.40 -97.64 -21.23
N GLU F 1596 23.60 -98.17 -21.46
CA GLU F 1596 24.51 -97.56 -22.42
C GLU F 1596 25.48 -98.62 -22.93
N VAL F 1597 26.23 -98.25 -23.97
CA VAL F 1597 27.15 -99.17 -24.62
C VAL F 1597 28.50 -99.09 -23.92
N GLN F 1598 29.08 -100.26 -23.65
CA GLN F 1598 30.39 -100.35 -23.00
C GLN F 1598 31.34 -101.15 -23.87
N MET F 1599 32.62 -100.80 -23.80
CA MET F 1599 33.66 -101.44 -24.60
C MET F 1599 34.73 -102.03 -23.70
N LEU F 1600 35.41 -103.04 -24.20
CA LEU F 1600 36.39 -103.80 -23.41
C LEU F 1600 37.74 -103.11 -23.48
N MET F 1601 38.29 -102.74 -22.33
CA MET F 1601 39.57 -102.04 -22.27
C MET F 1601 40.65 -102.99 -21.77
N PRO F 1602 41.73 -103.17 -22.52
CA PRO F 1602 42.72 -104.20 -22.15
C PRO F 1602 43.42 -103.96 -20.81
N VAL F 1603 43.64 -102.72 -20.42
CA VAL F 1603 44.43 -102.40 -19.22
C VAL F 1603 43.67 -101.40 -18.38
N SER F 1604 43.82 -101.51 -17.06
CA SER F 1604 43.22 -100.57 -16.12
C SER F 1604 44.16 -100.40 -14.93
N TRP F 1605 43.96 -99.31 -14.19
CA TRP F 1605 44.73 -99.07 -12.98
C TRP F 1605 44.16 -99.84 -11.81
N SER F 1606 45.03 -100.44 -11.02
CA SER F 1606 44.61 -101.16 -9.82
C SER F 1606 45.53 -100.79 -8.68
N ARG F 1607 45.01 -100.90 -7.46
CA ARG F 1607 45.73 -100.48 -6.26
C ARG F 1607 46.44 -101.66 -5.63
N MET F 1608 47.73 -101.53 -5.43
CA MET F 1608 48.51 -102.59 -4.82
C MET F 1608 48.19 -102.67 -3.33
N PRO F 1609 47.90 -103.85 -2.80
CA PRO F 1609 47.65 -103.96 -1.36
C PRO F 1609 48.86 -103.54 -0.55
N ASN F 1610 48.60 -102.99 0.63
CA ASN F 1610 49.69 -102.54 1.49
C ASN F 1610 50.46 -103.73 2.07
N HIS F 1611 49.81 -104.86 2.26
CA HIS F 1611 50.44 -106.04 2.81
C HIS F 1611 50.02 -107.26 2.01
N PHE F 1612 50.90 -108.26 1.98
CA PHE F 1612 50.68 -109.45 1.18
C PHE F 1612 50.84 -110.68 2.06
N LEU F 1613 50.16 -111.76 1.68
CA LEU F 1613 50.23 -112.99 2.46
C LEU F 1613 51.65 -113.52 2.49
N GLN F 1614 52.08 -113.96 3.66
CA GLN F 1614 53.42 -114.53 3.84
C GLN F 1614 53.32 -116.03 3.65
N VAL F 1615 53.84 -116.53 2.54
CA VAL F 1615 53.75 -117.94 2.17
C VAL F 1615 55.15 -118.53 2.23
N GLU F 1616 55.31 -119.60 3.00
CA GLU F 1616 56.59 -120.29 3.14
C GLU F 1616 56.53 -121.59 2.35
N THR F 1617 57.41 -121.73 1.37
CA THR F 1617 57.49 -122.92 0.54
C THR F 1617 58.87 -123.54 0.69
N ARG F 1618 58.92 -124.84 0.89
CA ARG F 1618 60.19 -125.54 1.06
C ARG F 1618 60.01 -127.00 0.72
N ARG F 1619 61.12 -127.67 0.45
CA ARG F 1619 61.12 -129.10 0.18
C ARG F 1619 61.24 -129.84 1.51
N ALA F 1620 60.14 -130.49 1.92
CA ALA F 1620 60.14 -131.16 3.21
C ALA F 1620 60.97 -132.43 3.20
N GLY F 1621 61.28 -132.98 2.05
CA GLY F 1621 62.10 -134.17 1.98
C GLY F 1621 61.80 -134.98 0.74
N GLU F 1622 62.48 -136.12 0.65
CA GLU F 1622 62.28 -137.01 -0.50
C GLU F 1622 60.90 -137.64 -0.49
N ARG F 1623 60.38 -137.93 0.70
CA ARG F 1623 59.08 -138.57 0.81
C ARG F 1623 57.95 -137.60 1.12
N LEU F 1624 58.23 -136.52 1.85
CA LEU F 1624 57.17 -135.61 2.25
C LEU F 1624 56.81 -134.60 1.18
N GLY F 1625 57.58 -134.51 0.10
CA GLY F 1625 57.23 -133.62 -0.98
C GLY F 1625 57.56 -132.16 -0.68
N TRP F 1626 56.77 -131.28 -1.26
CA TRP F 1626 56.97 -129.84 -1.16
C TRP F 1626 55.84 -129.22 -0.35
N ALA F 1627 56.20 -128.47 0.69
CA ALA F 1627 55.25 -127.96 1.65
C ALA F 1627 54.91 -126.51 1.36
N VAL F 1628 53.64 -126.16 1.54
CA VAL F 1628 53.16 -124.79 1.45
C VAL F 1628 52.51 -124.44 2.78
N GLN F 1629 52.71 -123.22 3.24
CA GLN F 1629 52.27 -122.82 4.57
C GLN F 1629 51.93 -121.34 4.59
N CYS F 1630 50.83 -120.99 5.24
CA CYS F 1630 50.44 -119.60 5.42
C CYS F 1630 49.67 -119.49 6.72
N GLN F 1631 50.13 -118.63 7.62
CA GLN F 1631 49.59 -118.58 8.97
C GLN F 1631 49.00 -117.23 9.36
N ASP F 1632 49.55 -116.13 8.87
CA ASP F 1632 49.11 -114.82 9.32
C ASP F 1632 47.90 -114.37 8.50
N PRO F 1633 46.75 -114.12 9.12
CA PRO F 1633 45.57 -113.70 8.37
C PRO F 1633 45.72 -112.30 7.79
N LEU F 1634 45.05 -112.09 6.66
CA LEU F 1634 44.96 -110.78 6.04
C LEU F 1634 43.55 -110.57 5.54
N THR F 1635 43.03 -109.37 5.76
CA THR F 1635 41.65 -109.04 5.44
C THR F 1635 41.62 -107.72 4.69
N MET F 1636 40.68 -107.58 3.77
CA MET F 1636 40.44 -106.30 3.13
C MET F 1636 38.94 -106.03 3.16
N MET F 1637 38.59 -104.74 3.08
CA MET F 1637 37.20 -104.32 3.00
C MET F 1637 36.85 -104.16 1.52
N ALA F 1638 35.96 -105.01 1.03
CA ALA F 1638 35.65 -105.07 -0.39
C ALA F 1638 34.39 -104.29 -0.71
N LEU F 1639 34.43 -103.51 -1.77
CA LEU F 1639 33.27 -102.81 -2.29
C LEU F 1639 32.76 -103.59 -3.49
N HIS F 1640 31.52 -104.04 -3.41
CA HIS F 1640 30.93 -104.93 -4.40
C HIS F 1640 29.95 -104.15 -5.25
N ILE F 1641 30.15 -104.18 -6.56
CA ILE F 1641 29.21 -103.60 -7.51
C ILE F 1641 28.20 -104.69 -7.88
N PRO F 1642 26.94 -104.55 -7.49
CA PRO F 1642 26.01 -105.69 -7.60
C PRO F 1642 25.72 -106.12 -9.03
N GLU F 1643 25.45 -105.17 -9.92
CA GLU F 1643 25.04 -105.57 -11.27
C GLU F 1643 26.17 -106.18 -12.07
N GLU F 1644 27.42 -105.78 -11.79
CA GLU F 1644 28.56 -106.33 -12.49
C GLU F 1644 29.13 -107.57 -11.82
N ASN F 1645 28.70 -107.87 -10.60
CA ASN F 1645 29.16 -109.06 -9.86
C ASN F 1645 30.68 -109.08 -9.74
N ARG F 1646 31.26 -107.93 -9.46
CA ARG F 1646 32.69 -107.83 -9.20
C ARG F 1646 32.90 -106.91 -8.01
N CYS F 1647 34.01 -107.12 -7.31
CA CYS F 1647 34.33 -106.30 -6.15
C CYS F 1647 35.71 -105.70 -6.32
N MET F 1648 35.91 -104.56 -5.66
CA MET F 1648 37.20 -103.90 -5.60
C MET F 1648 37.49 -103.54 -4.16
N ASP F 1649 38.75 -103.26 -3.87
CA ASP F 1649 39.12 -102.77 -2.56
C ASP F 1649 38.48 -101.40 -2.34
N ILE F 1650 37.89 -101.21 -1.16
CA ILE F 1650 37.26 -99.93 -0.87
C ILE F 1650 38.27 -98.81 -0.82
N LEU F 1651 39.56 -99.14 -0.64
CA LEU F 1651 40.60 -98.13 -0.64
C LEU F 1651 40.88 -97.61 -2.04
N GLU F 1652 40.39 -98.28 -3.09
CA GLU F 1652 40.49 -97.72 -4.42
C GLU F 1652 39.61 -96.49 -4.61
N LEU F 1653 38.71 -96.22 -3.67
CA LEU F 1653 37.86 -95.06 -3.78
C LEU F 1653 38.60 -93.76 -3.56
N SER F 1654 39.87 -93.83 -3.18
CA SER F 1654 40.69 -92.62 -3.10
C SER F 1654 40.93 -92.02 -4.48
N GLU F 1655 40.81 -92.82 -5.53
CA GLU F 1655 40.95 -92.32 -6.89
C GLU F 1655 39.68 -92.44 -7.71
N ARG F 1656 38.69 -93.18 -7.27
CA ARG F 1656 37.41 -93.26 -7.95
C ARG F 1656 36.44 -92.33 -7.24
N LEU F 1657 36.52 -91.04 -7.59
CA LEU F 1657 35.86 -90.01 -6.81
C LEU F 1657 34.34 -90.07 -6.96
N ASP F 1658 33.83 -90.47 -8.12
CA ASP F 1658 32.38 -90.59 -8.28
C ASP F 1658 31.81 -91.66 -7.35
N LEU F 1659 32.46 -92.84 -7.33
CA LEU F 1659 32.04 -93.88 -6.40
C LEU F 1659 32.22 -93.44 -4.96
N GLN F 1660 33.28 -92.69 -4.66
CA GLN F 1660 33.48 -92.21 -3.29
C GLN F 1660 32.35 -91.28 -2.87
N ARG F 1661 31.96 -90.35 -3.73
CA ARG F 1661 30.84 -89.46 -3.40
C ARG F 1661 29.55 -90.24 -3.23
N PHE F 1662 29.27 -91.17 -4.13
CA PHE F 1662 28.03 -91.92 -4.01
C PHE F 1662 28.01 -92.74 -2.73
N HIS F 1663 29.14 -93.34 -2.36
CA HIS F 1663 29.16 -94.16 -1.15
C HIS F 1663 29.10 -93.32 0.11
N SER F 1664 29.73 -92.15 0.11
CA SER F 1664 29.62 -91.26 1.26
C SER F 1664 28.19 -90.80 1.45
N HIS F 1665 27.50 -90.46 0.36
CA HIS F 1665 26.09 -90.11 0.49
C HIS F 1665 25.24 -91.31 0.85
N THR F 1666 25.66 -92.51 0.46
CA THR F 1666 24.99 -93.72 0.93
C THR F 1666 25.08 -93.84 2.44
N LEU F 1667 26.26 -93.58 3.00
CA LEU F 1667 26.41 -93.60 4.45
C LEU F 1667 25.57 -92.52 5.09
N ARG F 1668 25.49 -91.36 4.45
CA ARG F 1668 24.64 -90.28 4.97
C ARG F 1668 23.18 -90.72 5.02
N LEU F 1669 22.72 -91.42 3.99
CA LEU F 1669 21.36 -91.94 3.99
C LEU F 1669 21.17 -93.01 5.05
N TYR F 1670 22.18 -93.85 5.26
CA TYR F 1670 22.12 -94.82 6.35
C TYR F 1670 21.91 -94.12 7.68
N ARG F 1671 22.64 -93.03 7.91
CA ARG F 1671 22.45 -92.28 9.15
C ARG F 1671 21.07 -91.65 9.20
N ALA F 1672 20.58 -91.15 8.08
CA ALA F 1672 19.29 -90.46 8.06
C ALA F 1672 18.14 -91.41 8.37
N VAL F 1673 18.18 -92.62 7.83
CA VAL F 1673 17.03 -93.52 8.02
C VAL F 1673 16.89 -93.94 9.47
N CYS F 1674 18.00 -94.05 10.19
CA CYS F 1674 17.98 -94.46 11.58
C CYS F 1674 18.11 -93.29 12.54
N ALA F 1675 18.01 -92.06 12.05
CA ALA F 1675 18.22 -90.89 12.90
C ALA F 1675 17.07 -90.70 13.88
N LEU F 1676 17.39 -90.09 15.01
CA LEU F 1676 16.41 -89.71 16.03
C LEU F 1676 15.63 -90.92 16.53
N GLY F 1677 16.37 -91.91 17.01
CA GLY F 1677 15.78 -93.02 17.71
C GLY F 1677 15.00 -94.01 16.90
N ASN F 1678 15.40 -94.29 15.66
CA ASN F 1678 14.76 -95.34 14.86
C ASN F 1678 15.54 -96.63 15.06
N ASN F 1679 15.37 -97.21 16.24
CA ASN F 1679 16.16 -98.37 16.63
C ASN F 1679 15.86 -99.59 15.77
N ARG F 1680 14.63 -99.72 15.29
CA ARG F 1680 14.30 -100.84 14.41
C ARG F 1680 15.12 -100.76 13.12
N VAL F 1681 15.19 -99.56 12.52
CA VAL F 1681 16.00 -99.37 11.33
C VAL F 1681 17.48 -99.53 11.65
N ALA F 1682 17.91 -99.16 12.85
CA ALA F 1682 19.31 -99.37 13.22
C ALA F 1682 19.63 -100.86 13.27
N HIS F 1683 18.74 -101.66 13.85
CA HIS F 1683 18.92 -103.10 13.84
C HIS F 1683 18.97 -103.63 12.42
N ALA F 1684 18.10 -103.10 11.55
CA ALA F 1684 18.13 -103.51 10.14
C ALA F 1684 19.48 -103.16 9.51
N LEU F 1685 20.02 -101.99 9.82
CA LEU F 1685 21.29 -101.57 9.25
C LEU F 1685 22.44 -102.44 9.73
N CYS F 1686 22.32 -103.01 10.93
CA CYS F 1686 23.39 -103.87 11.40
C CYS F 1686 23.63 -105.07 10.49
N SER F 1687 22.65 -105.43 9.64
CA SER F 1687 22.86 -106.49 8.67
C SER F 1687 23.62 -106.02 7.45
N HIS F 1688 23.68 -104.71 7.20
CA HIS F 1688 24.34 -104.17 6.04
C HIS F 1688 25.76 -103.69 6.31
N VAL F 1689 25.96 -102.92 7.36
CA VAL F 1689 27.29 -102.55 7.83
C VAL F 1689 27.43 -103.16 9.21
N ASP F 1690 28.18 -104.25 9.30
CA ASP F 1690 28.24 -105.02 10.53
C ASP F 1690 29.31 -104.47 11.47
N GLN F 1691 29.35 -105.06 12.67
CA GLN F 1691 30.26 -104.61 13.70
C GLN F 1691 31.72 -104.77 13.29
N ALA F 1692 32.05 -105.88 12.64
CA ALA F 1692 33.42 -106.09 12.19
C ALA F 1692 33.82 -105.03 11.18
N GLN F 1693 32.93 -104.72 10.24
CA GLN F 1693 33.25 -103.68 9.26
C GLN F 1693 33.45 -102.33 9.93
N LEU F 1694 32.58 -101.99 10.89
CA LEU F 1694 32.70 -100.69 11.55
C LEU F 1694 34.01 -100.59 12.32
N LEU F 1695 34.34 -101.64 13.07
CA LEU F 1695 35.57 -101.60 13.86
C LEU F 1695 36.80 -101.59 12.97
N HIS F 1696 36.75 -102.29 11.83
CA HIS F 1696 37.84 -102.24 10.87
C HIS F 1696 38.00 -100.83 10.31
N ALA F 1697 36.89 -100.18 9.97
CA ALA F 1697 36.96 -98.86 9.37
C ALA F 1697 37.44 -97.82 10.36
N LEU F 1698 37.18 -98.02 11.66
CA LEU F 1698 37.71 -97.08 12.64
C LEU F 1698 39.23 -97.07 12.64
N GLU F 1699 39.86 -98.22 12.52
CA GLU F 1699 41.31 -98.32 12.58
C GLU F 1699 41.99 -98.24 11.22
N ASP F 1700 41.24 -98.28 10.12
CA ASP F 1700 41.87 -98.25 8.79
C ASP F 1700 42.47 -96.88 8.56
N ALA F 1701 43.78 -96.84 8.32
CA ALA F 1701 44.49 -95.59 8.15
C ALA F 1701 44.51 -95.08 6.72
N HIS F 1702 44.08 -95.89 5.76
CA HIS F 1702 44.14 -95.49 4.35
C HIS F 1702 42.78 -95.12 3.79
N LEU F 1703 41.73 -95.12 4.61
CA LEU F 1703 40.42 -94.74 4.10
C LEU F 1703 40.43 -93.27 3.68
N PRO F 1704 39.75 -92.92 2.60
CA PRO F 1704 39.56 -91.51 2.28
C PRO F 1704 38.78 -90.82 3.40
N GLY F 1705 39.05 -89.54 3.57
CA GLY F 1705 38.51 -88.78 4.68
C GLY F 1705 37.01 -88.78 4.78
N PRO F 1706 36.30 -88.54 3.67
CA PRO F 1706 34.84 -88.63 3.74
C PRO F 1706 34.33 -89.99 4.19
N LEU F 1707 34.95 -91.07 3.72
CA LEU F 1707 34.52 -92.40 4.13
C LEU F 1707 34.81 -92.64 5.60
N ARG F 1708 35.98 -92.19 6.07
CA ARG F 1708 36.33 -92.37 7.48
C ARG F 1708 35.35 -91.64 8.38
N ALA F 1709 35.06 -90.38 8.05
CA ALA F 1709 34.08 -89.62 8.83
C ALA F 1709 32.71 -90.26 8.78
N GLY F 1710 32.29 -90.71 7.59
CA GLY F 1710 31.00 -91.33 7.46
C GLY F 1710 30.86 -92.60 8.27
N TYR F 1711 31.91 -93.41 8.30
CA TYR F 1711 31.83 -94.64 9.07
C TYR F 1711 31.85 -94.38 10.57
N TYR F 1712 32.63 -93.40 11.03
CA TYR F 1712 32.58 -93.04 12.44
C TYR F 1712 31.18 -92.56 12.82
N ASP F 1713 30.61 -91.67 12.01
CA ASP F 1713 29.28 -91.17 12.31
C ASP F 1713 28.22 -92.24 12.19
N LEU F 1714 28.42 -93.21 11.29
CA LEU F 1714 27.48 -94.31 11.16
C LEU F 1714 27.50 -95.20 12.39
N LEU F 1715 28.68 -95.49 12.91
CA LEU F 1715 28.78 -96.24 14.16
C LEU F 1715 28.07 -95.51 15.29
N ILE F 1716 28.32 -94.20 15.40
CA ILE F 1716 27.66 -93.43 16.45
C ILE F 1716 26.14 -93.47 16.29
N SER F 1717 25.66 -93.28 15.06
CA SER F 1717 24.22 -93.23 14.83
C SER F 1717 23.56 -94.58 15.13
N ILE F 1718 24.18 -95.67 14.70
CA ILE F 1718 23.58 -96.98 14.88
C ILE F 1718 23.58 -97.38 16.35
N HIS F 1719 24.70 -97.16 17.04
CA HIS F 1719 24.88 -97.79 18.33
C HIS F 1719 24.86 -96.84 19.52
N LEU F 1720 25.17 -95.56 19.33
CA LEU F 1720 25.37 -94.67 20.47
C LEU F 1720 24.48 -93.43 20.49
N GLU F 1721 23.89 -93.04 19.37
CA GLU F 1721 23.20 -91.75 19.31
C GLU F 1721 22.02 -91.69 20.27
N SER F 1722 21.18 -92.73 20.28
CA SER F 1722 19.99 -92.70 21.10
C SER F 1722 20.33 -92.68 22.59
N ALA F 1723 21.24 -93.56 23.01
CA ALA F 1723 21.62 -93.60 24.41
C ALA F 1723 22.30 -92.30 24.85
N CYS F 1724 23.16 -91.75 23.99
CA CYS F 1724 23.83 -90.51 24.33
C CYS F 1724 22.82 -89.36 24.48
N ARG F 1725 21.84 -89.29 23.58
CA ARG F 1725 20.84 -88.24 23.69
C ARG F 1725 19.99 -88.41 24.94
N SER F 1726 19.59 -89.65 25.25
CA SER F 1726 18.81 -89.87 26.46
C SER F 1726 19.58 -89.49 27.71
N ARG F 1727 20.88 -89.83 27.76
CA ARG F 1727 21.69 -89.47 28.91
C ARG F 1727 21.88 -87.96 29.01
N ARG F 1728 22.17 -87.31 27.88
CA ARG F 1728 22.38 -85.87 27.90
C ARG F 1728 21.12 -85.13 28.32
N SER F 1729 19.95 -85.70 28.03
CA SER F 1729 18.72 -85.10 28.53
C SER F 1729 18.66 -85.12 30.05
N MET F 1730 19.22 -86.16 30.67
CA MET F 1730 19.20 -86.29 32.11
C MET F 1730 20.36 -85.59 32.81
N LEU F 1731 21.41 -85.21 32.07
CA LEU F 1731 22.58 -84.65 32.74
C LEU F 1731 22.33 -83.27 33.33
N SER F 1732 21.19 -82.64 33.04
CA SER F 1732 20.92 -81.30 33.54
C SER F 1732 20.24 -81.28 34.90
N GLU F 1733 19.86 -82.42 35.44
CA GLU F 1733 19.21 -82.50 36.74
C GLU F 1733 20.06 -83.31 37.70
N TYR F 1734 19.97 -82.96 38.99
CA TYR F 1734 20.82 -83.54 40.02
C TYR F 1734 19.93 -84.07 41.14
N ILE F 1735 19.51 -85.32 41.05
CA ILE F 1735 18.75 -85.98 42.09
C ILE F 1735 19.73 -86.80 42.91
N VAL F 1736 20.05 -86.33 44.10
CA VAL F 1736 21.15 -86.87 44.90
C VAL F 1736 20.55 -87.68 46.05
N PRO F 1737 20.70 -89.00 46.06
CA PRO F 1737 20.24 -89.79 47.21
C PRO F 1737 21.11 -89.52 48.43
N LEU F 1738 20.50 -89.72 49.60
CA LEU F 1738 21.20 -89.47 50.86
C LEU F 1738 21.82 -90.77 51.39
N THR F 1739 22.72 -91.30 50.59
CA THR F 1739 23.44 -92.53 50.85
C THR F 1739 24.80 -92.26 51.47
N PRO F 1740 25.41 -93.25 52.12
CA PRO F 1740 26.76 -93.04 52.66
C PRO F 1740 27.78 -92.62 51.61
N GLU F 1741 27.64 -93.13 50.39
CA GLU F 1741 28.53 -92.68 49.31
C GLU F 1741 28.38 -91.18 49.07
N THR F 1742 27.14 -90.69 49.09
CA THR F 1742 26.92 -89.26 49.02
C THR F 1742 27.56 -88.55 50.20
N ARG F 1743 27.43 -89.11 51.40
CA ARG F 1743 27.98 -88.48 52.58
CA ARG F 1743 27.99 -88.48 52.58
C ARG F 1743 29.50 -88.31 52.47
N ALA F 1744 30.18 -89.29 51.89
CA ALA F 1744 31.63 -89.24 51.79
C ALA F 1744 32.14 -88.14 50.87
N ILE F 1745 31.28 -87.53 50.06
CA ILE F 1745 31.73 -86.58 49.05
C ILE F 1745 32.17 -85.28 49.72
N THR F 1746 33.34 -84.78 49.32
CA THR F 1746 33.83 -83.49 49.75
C THR F 1746 34.32 -82.72 48.53
N LEU F 1747 34.34 -81.39 48.66
CA LEU F 1747 34.72 -80.54 47.53
C LEU F 1747 36.14 -80.82 47.07
N PHE F 1748 37.08 -80.88 48.01
CA PHE F 1748 38.47 -81.10 47.67
C PHE F 1748 38.91 -82.49 48.14
N PRO F 1749 39.84 -83.12 47.43
CA PRO F 1749 40.36 -84.40 47.89
C PRO F 1749 41.06 -84.22 49.22
N PRO F 1750 41.08 -85.25 50.06
CA PRO F 1750 41.75 -85.14 51.35
C PRO F 1750 43.24 -84.88 51.18
N GLY F 1751 43.68 -83.69 51.58
CA GLY F 1751 45.06 -83.27 51.40
C GLY F 1751 45.45 -82.32 52.50
N ARG F 1752 46.61 -81.67 52.29
CA ARG F 1752 47.18 -80.77 53.29
C ARG F 1752 47.72 -79.48 52.67
N LYS F 1753 47.21 -79.09 51.50
CA LYS F 1753 47.66 -77.84 50.89
C LYS F 1753 47.26 -76.64 51.72
N GLY F 1754 45.99 -76.58 52.11
CA GLY F 1754 45.50 -75.47 52.91
C GLY F 1754 44.09 -75.74 53.40
N GLY F 1755 43.78 -75.18 54.57
CA GLY F 1755 42.45 -75.36 55.13
C GLY F 1755 41.36 -74.70 54.31
N ASN F 1756 41.65 -73.50 53.78
CA ASN F 1756 40.66 -72.82 52.95
C ASN F 1756 40.44 -73.55 51.64
N ALA F 1757 41.49 -74.16 51.09
CA ALA F 1757 41.38 -74.89 49.84
C ALA F 1757 42.61 -75.76 49.66
N ARG F 1758 42.41 -77.05 49.40
CA ARG F 1758 43.48 -77.93 48.97
C ARG F 1758 43.66 -77.76 47.47
N ARG F 1759 44.33 -78.71 46.82
CA ARG F 1759 44.42 -78.68 45.38
C ARG F 1759 43.12 -79.19 44.77
N HIS F 1760 42.79 -78.70 43.58
CA HIS F 1760 41.66 -79.25 42.86
C HIS F 1760 41.92 -80.70 42.49
N GLY F 1761 40.87 -81.51 42.56
CA GLY F 1761 40.93 -82.82 41.99
C GLY F 1761 40.76 -82.77 40.49
N LEU F 1762 41.08 -83.89 39.84
CA LEU F 1762 40.91 -83.96 38.41
C LEU F 1762 39.43 -83.97 38.06
N PRO F 1763 38.99 -83.11 37.15
CA PRO F 1763 37.58 -83.10 36.77
C PRO F 1763 37.17 -84.43 36.15
N GLY F 1764 35.96 -84.87 36.48
CA GLY F 1764 35.45 -86.12 35.97
C GLY F 1764 35.97 -87.36 36.67
N VAL F 1765 36.79 -87.20 37.70
CA VAL F 1765 37.35 -88.32 38.45
C VAL F 1765 36.85 -88.23 39.88
N GLY F 1766 36.24 -89.30 40.36
CA GLY F 1766 35.74 -89.34 41.71
C GLY F 1766 34.42 -90.06 41.77
N VAL F 1767 33.66 -89.76 42.81
CA VAL F 1767 32.38 -90.43 43.07
C VAL F 1767 31.25 -89.45 42.78
N THR F 1768 30.34 -89.86 41.91
CA THR F 1768 29.13 -89.12 41.62
C THR F 1768 27.94 -89.98 41.96
N THR F 1769 26.97 -89.41 42.68
CA THR F 1769 25.81 -90.16 43.14
C THR F 1769 24.51 -89.70 42.51
N SER F 1770 24.52 -88.67 41.68
CA SER F 1770 23.31 -88.22 41.05
C SER F 1770 22.72 -89.32 40.18
N LEU F 1771 21.40 -89.47 40.25
CA LEU F 1771 20.75 -90.60 39.59
C LEU F 1771 20.70 -90.39 38.09
N ARG F 1772 21.15 -91.40 37.35
CA ARG F 1772 21.03 -91.44 35.90
C ARG F 1772 20.61 -92.83 35.49
N PRO F 1773 19.49 -92.98 34.80
CA PRO F 1773 19.03 -94.31 34.39
C PRO F 1773 20.03 -94.98 33.47
N PRO F 1774 20.18 -96.29 33.56
CA PRO F 1774 21.20 -96.98 32.78
C PRO F 1774 20.83 -97.06 31.31
N HIS F 1775 21.83 -97.38 30.49
CA HIS F 1775 21.60 -97.62 29.08
C HIS F 1775 21.01 -99.00 28.86
N HIS F 1776 20.21 -99.12 27.81
CA HIS F 1776 19.60 -100.39 27.44
C HIS F 1776 19.89 -100.69 25.97
N PHE F 1777 20.43 -101.87 25.72
CA PHE F 1777 20.76 -102.30 24.37
C PHE F 1777 20.25 -103.72 24.15
N SER F 1778 20.05 -104.06 22.89
CA SER F 1778 19.67 -105.42 22.54
C SER F 1778 20.64 -105.98 21.52
N PRO F 1779 20.92 -107.28 21.58
CA PRO F 1779 21.87 -107.88 20.64
C PRO F 1779 21.25 -107.96 19.25
N PRO F 1780 21.98 -107.53 18.23
CA PRO F 1780 21.46 -107.65 16.86
C PRO F 1780 21.46 -109.09 16.37
N CYS F 1781 20.28 -109.67 16.20
CA CYS F 1781 20.13 -111.04 15.75
C CYS F 1781 19.04 -111.10 14.69
N PHE F 1782 19.30 -111.87 13.63
CA PHE F 1782 18.38 -111.95 12.51
C PHE F 1782 17.90 -113.38 12.25
N VAL F 1783 18.06 -114.26 13.23
CA VAL F 1783 17.44 -115.59 13.19
C VAL F 1783 16.38 -115.75 14.25
N ALA F 1784 16.14 -114.74 15.07
CA ALA F 1784 15.11 -114.82 16.10
C ALA F 1784 13.73 -114.88 15.47
N ALA F 1785 12.84 -115.63 16.11
CA ALA F 1785 11.47 -115.75 15.61
C ALA F 1785 10.79 -114.40 15.62
N LEU F 1786 10.11 -114.08 14.53
CA LEU F 1786 9.44 -112.80 14.42
C LEU F 1786 8.32 -112.71 15.45
N PRO F 1787 8.19 -111.60 16.16
CA PRO F 1787 7.19 -111.51 17.23
C PRO F 1787 5.78 -111.74 16.69
N ALA F 1788 4.99 -112.47 17.46
CA ALA F 1788 3.57 -112.62 17.14
C ALA F 1788 2.78 -111.35 17.43
N ALA F 1789 3.34 -110.44 18.22
CA ALA F 1789 2.69 -109.18 18.49
C ALA F 1789 2.61 -108.33 17.23
N GLY F 1790 1.49 -107.63 17.06
CA GLY F 1790 1.30 -106.80 15.89
C GLY F 1790 2.09 -105.51 15.96
N VAL F 1791 2.10 -104.79 14.84
CA VAL F 1791 2.77 -103.51 14.78
C VAL F 1791 2.04 -102.51 15.67
N ALA F 1792 2.80 -101.53 16.19
CA ALA F 1792 2.35 -100.48 17.09
C ALA F 1792 1.92 -101.03 18.45
N GLU F 1793 2.07 -102.33 18.70
CA GLU F 1793 1.75 -102.92 19.99
C GLU F 1793 2.94 -103.59 20.66
N ALA F 1794 3.92 -104.05 19.89
CA ALA F 1794 5.13 -104.63 20.46
C ALA F 1794 5.95 -103.53 21.15
N PRO F 1795 6.68 -103.87 22.21
CA PRO F 1795 7.49 -102.85 22.90
C PRO F 1795 8.55 -102.28 21.97
N ALA F 1796 8.89 -101.02 22.22
CA ALA F 1796 9.84 -100.31 21.37
C ALA F 1796 11.20 -101.00 21.37
N ARG F 1797 11.84 -101.04 20.21
CA ARG F 1797 13.14 -101.67 20.08
C ARG F 1797 14.22 -100.83 20.76
N LEU F 1798 15.25 -101.51 21.25
CA LEU F 1798 16.39 -100.86 21.85
C LEU F 1798 17.51 -100.74 20.83
N SER F 1799 18.48 -99.88 21.13
CA SER F 1799 19.60 -99.70 20.23
C SER F 1799 20.45 -100.97 20.17
N PRO F 1800 20.99 -101.29 18.99
CA PRO F 1800 21.83 -102.49 18.87
C PRO F 1800 23.06 -102.39 19.77
N ALA F 1801 23.43 -103.53 20.34
CA ALA F 1801 24.54 -103.58 21.28
C ALA F 1801 25.86 -103.68 20.54
N ILE F 1802 26.89 -103.06 21.09
CA ILE F 1802 28.26 -103.19 20.60
C ILE F 1802 29.16 -103.17 21.84
N PRO F 1803 30.20 -103.99 21.92
CA PRO F 1803 31.00 -104.05 23.15
C PRO F 1803 31.64 -102.72 23.51
N LEU F 1804 31.17 -102.14 24.62
CA LEU F 1804 31.56 -100.79 24.99
C LEU F 1804 32.97 -100.75 25.56
N GLU F 1805 33.39 -101.78 26.28
CA GLU F 1805 34.75 -101.78 26.82
C GLU F 1805 35.79 -101.86 25.72
N ALA F 1806 35.59 -102.77 24.77
CA ALA F 1806 36.50 -102.84 23.64
C ALA F 1806 36.44 -101.56 22.81
N LEU F 1807 35.24 -101.01 22.63
CA LEU F 1807 35.10 -99.78 21.87
C LEU F 1807 35.86 -98.63 22.53
N ARG F 1808 35.74 -98.49 23.85
CA ARG F 1808 36.43 -97.40 24.54
C ARG F 1808 37.93 -97.59 24.55
N ASP F 1809 38.40 -98.84 24.69
CA ASP F 1809 39.85 -99.06 24.61
C ASP F 1809 40.37 -98.72 23.22
N LYS F 1810 39.65 -99.11 22.18
CA LYS F 1810 40.07 -98.76 20.83
C LYS F 1810 40.06 -97.26 20.62
N ALA F 1811 39.04 -96.57 21.15
CA ALA F 1811 38.98 -95.11 21.00
C ALA F 1811 40.14 -94.43 21.70
N LEU F 1812 40.46 -94.87 22.92
CA LEU F 1812 41.59 -94.28 23.64
C LEU F 1812 42.90 -94.52 22.89
N ARG F 1813 43.12 -95.75 22.43
CA ARG F 1813 44.36 -96.04 21.72
C ARG F 1813 44.47 -95.23 20.44
N MET F 1814 43.37 -95.12 19.69
CA MET F 1814 43.40 -94.35 18.46
C MET F 1814 43.63 -92.87 18.73
N LEU F 1815 43.04 -92.33 19.79
CA LEU F 1815 43.28 -90.93 20.13
C LEU F 1815 44.74 -90.70 20.49
N GLY F 1816 45.33 -91.61 21.27
CA GLY F 1816 46.74 -91.47 21.59
C GLY F 1816 47.62 -91.54 20.36
N GLU F 1817 47.34 -92.48 19.46
CA GLU F 1817 48.11 -92.58 18.22
C GLU F 1817 47.94 -91.33 17.36
N ALA F 1818 46.73 -90.78 17.31
CA ALA F 1818 46.51 -89.57 16.53
C ALA F 1818 47.28 -88.40 17.12
N VAL F 1819 47.31 -88.28 18.44
CA VAL F 1819 48.05 -87.20 19.08
C VAL F 1819 49.55 -87.35 18.78
N ARG F 1820 50.06 -88.57 18.88
CA ARG F 1820 51.48 -88.79 18.59
C ARG F 1820 51.79 -88.46 17.13
N ASP F 1821 50.93 -88.87 16.21
CA ASP F 1821 51.13 -88.58 14.79
C ASP F 1821 51.11 -87.09 14.53
N GLY F 1822 50.16 -86.37 15.14
CA GLY F 1822 50.11 -84.93 14.99
C GLY F 1822 51.35 -84.26 15.54
N GLY F 1823 51.89 -84.78 16.65
CA GLY F 1823 53.15 -84.28 17.13
C GLY F 1823 54.30 -84.51 16.16
N GLN F 1824 54.29 -85.65 15.48
CA GLN F 1824 55.34 -85.94 14.51
C GLN F 1824 55.31 -85.03 13.29
N HIS F 1825 54.17 -84.39 13.00
CA HIS F 1825 54.02 -83.53 11.82
C HIS F 1825 54.27 -84.30 10.53
N ALA F 1826 53.55 -85.40 10.36
CA ALA F 1826 53.67 -86.20 9.14
C ALA F 1826 53.01 -85.49 7.97
N ARG F 1827 53.49 -85.80 6.77
CA ARG F 1827 52.91 -85.20 5.57
C ARG F 1827 51.74 -85.98 5.01
N ASP F 1828 51.38 -87.12 5.62
CA ASP F 1828 50.26 -87.93 5.19
C ASP F 1828 49.38 -88.23 6.40
N PRO F 1829 48.63 -87.25 6.88
CA PRO F 1829 47.73 -87.51 8.01
C PRO F 1829 46.62 -88.46 7.62
N VAL F 1830 46.15 -89.22 8.61
CA VAL F 1830 45.08 -90.18 8.37
C VAL F 1830 43.83 -89.43 7.91
N GLY F 1831 43.24 -89.92 6.81
CA GLY F 1831 42.12 -89.24 6.21
C GLY F 1831 42.49 -88.12 5.27
N GLY F 1832 43.77 -87.83 5.11
CA GLY F 1832 44.22 -86.80 4.20
C GLY F 1832 44.34 -85.42 4.80
N SER F 1833 43.93 -85.23 6.04
CA SER F 1833 44.02 -83.93 6.67
C SER F 1833 43.97 -84.11 8.18
N VAL F 1834 44.45 -83.07 8.89
CA VAL F 1834 44.40 -83.07 10.34
C VAL F 1834 42.95 -83.11 10.83
N GLU F 1835 42.07 -82.40 10.13
CA GLU F 1835 40.66 -82.43 10.47
C GLU F 1835 40.10 -83.83 10.37
N PHE F 1836 40.34 -84.51 9.25
CA PHE F 1836 39.83 -85.87 9.09
C PHE F 1836 40.52 -86.86 10.00
N GLN F 1837 41.73 -86.57 10.47
CA GLN F 1837 42.39 -87.43 11.44
C GLN F 1837 41.82 -87.29 12.83
N PHE F 1838 41.49 -86.07 13.26
CA PHE F 1838 41.14 -85.83 14.65
C PHE F 1838 39.64 -85.76 14.92
N VAL F 1839 38.86 -85.13 14.04
CA VAL F 1839 37.46 -84.88 14.34
C VAL F 1839 36.67 -86.17 14.61
N PRO F 1840 36.78 -87.23 13.79
CA PRO F 1840 36.01 -88.44 14.10
C PRO F 1840 36.36 -89.06 15.44
N VAL F 1841 37.65 -89.14 15.77
CA VAL F 1841 38.06 -89.73 17.03
C VAL F 1841 37.55 -88.90 18.20
N LEU F 1842 37.64 -87.58 18.09
CA LEU F 1842 37.15 -86.71 19.16
C LEU F 1842 35.64 -86.83 19.31
N LYS F 1843 34.90 -86.95 18.21
CA LYS F 1843 33.46 -87.17 18.33
C LYS F 1843 33.16 -88.46 19.06
N LEU F 1844 33.88 -89.53 18.73
CA LEU F 1844 33.65 -90.80 19.41
C LEU F 1844 33.96 -90.70 20.89
N VAL F 1845 35.07 -90.05 21.23
CA VAL F 1845 35.47 -89.92 22.63
C VAL F 1845 34.45 -89.08 23.40
N SER F 1846 33.97 -87.99 22.79
CA SER F 1846 32.97 -87.16 23.45
C SER F 1846 31.69 -87.94 23.69
N THR F 1847 31.25 -88.72 22.69
CA THR F 1847 30.04 -89.51 22.88
C THR F 1847 30.20 -90.49 24.02
N LEU F 1848 31.31 -91.22 24.05
CA LEU F 1848 31.51 -92.18 25.12
C LEU F 1848 31.62 -91.51 26.48
N LEU F 1849 32.29 -90.37 26.55
CA LEU F 1849 32.40 -89.64 27.81
C LEU F 1849 31.03 -89.22 28.32
N VAL F 1850 30.19 -88.68 27.43
CA VAL F 1850 28.85 -88.27 27.85
C VAL F 1850 28.03 -89.47 28.30
N MET F 1851 28.11 -90.57 27.55
CA MET F 1851 27.42 -91.79 27.97
C MET F 1851 27.99 -92.35 29.28
N GLY F 1852 29.17 -91.93 29.69
CA GLY F 1852 29.73 -92.40 30.95
C GLY F 1852 30.42 -93.73 30.86
N ILE F 1853 30.91 -94.11 29.68
CA ILE F 1853 31.59 -95.39 29.53
C ILE F 1853 32.95 -95.37 30.21
N PHE F 1854 33.68 -94.27 30.08
CA PHE F 1854 35.05 -94.22 30.57
C PHE F 1854 35.10 -94.26 32.09
N GLY F 1855 36.08 -94.99 32.61
CA GLY F 1855 36.36 -95.01 34.03
C GLY F 1855 37.33 -93.93 34.43
N ASP F 1856 37.76 -93.98 35.68
CA ASP F 1856 38.64 -92.95 36.22
C ASP F 1856 39.99 -92.95 35.53
N GLU F 1857 40.57 -94.14 35.30
CA GLU F 1857 41.86 -94.20 34.63
C GLU F 1857 41.76 -93.70 33.19
N ASP F 1858 40.68 -94.05 32.50
CA ASP F 1858 40.49 -93.57 31.14
C ASP F 1858 40.34 -92.05 31.12
N VAL F 1859 39.62 -91.49 32.09
CA VAL F 1859 39.48 -90.04 32.16
C VAL F 1859 40.85 -89.40 32.41
N LYS F 1860 41.65 -90.00 33.29
CA LYS F 1860 42.99 -89.48 33.53
C LYS F 1860 43.82 -89.49 32.27
N GLN F 1861 43.74 -90.56 31.49
CA GLN F 1861 44.49 -90.63 30.23
C GLN F 1861 44.01 -89.55 29.26
N ILE F 1862 42.70 -89.37 29.14
CA ILE F 1862 42.18 -88.34 28.25
C ILE F 1862 42.68 -86.96 28.68
N LEU F 1863 42.70 -86.72 29.98
CA LEU F 1863 43.20 -85.44 30.48
C LEU F 1863 44.68 -85.26 30.17
N LYS F 1864 45.46 -86.35 30.27
CA LYS F 1864 46.87 -86.27 29.88
C LYS F 1864 47.01 -85.93 28.40
N MET F 1865 46.19 -86.54 27.55
CA MET F 1865 46.25 -86.20 26.12
C MET F 1865 45.89 -84.75 25.89
N ILE F 1866 44.87 -84.23 26.59
CA ILE F 1866 44.47 -82.85 26.39
C ILE F 1866 45.58 -81.90 26.84
N GLU F 1867 46.11 -82.10 28.04
CA GLU F 1867 47.17 -81.25 28.55
C GLU F 1867 48.03 -82.02 29.55
N PRO F 1868 49.18 -82.55 29.11
CA PRO F 1868 49.95 -83.43 29.99
C PRO F 1868 50.59 -82.73 31.18
N GLU F 1869 50.64 -81.41 31.19
CA GLU F 1869 51.29 -80.71 32.30
C GLU F 1869 50.30 -80.27 33.37
N VAL F 1870 49.12 -79.79 32.97
CA VAL F 1870 48.15 -79.32 33.94
C VAL F 1870 47.57 -80.49 34.73
N PHE F 1871 47.32 -81.61 34.06
CA PHE F 1871 46.49 -82.68 34.60
C PHE F 1871 47.29 -83.87 35.11
N THR F 1872 48.42 -83.62 35.77
CA THR F 1872 49.16 -84.67 36.46
C THR F 1872 48.76 -84.68 37.92
N GLU F 1873 48.40 -85.86 38.43
CA GLU F 1873 48.00 -86.00 39.82
C GLU F 1873 49.19 -86.37 40.69
N GLU F 1874 49.09 -86.02 41.97
CA GLU F 1874 50.17 -86.29 42.91
C GLU F 1874 49.63 -86.34 44.34
N LEU F 1922 58.12 -86.46 22.09
CA LEU F 1922 57.25 -85.30 22.03
C LEU F 1922 55.85 -85.65 22.53
N GLU F 1923 55.62 -85.44 23.82
CA GLU F 1923 54.35 -85.76 24.47
C GLU F 1923 53.41 -84.55 24.48
N GLU F 1924 53.61 -83.66 23.52
CA GLU F 1924 52.84 -82.43 23.41
C GLU F 1924 51.35 -82.72 23.37
N GLY F 1925 50.59 -81.97 24.15
CA GLY F 1925 49.17 -82.20 24.25
C GLY F 1925 48.37 -81.56 23.14
N LEU F 1926 47.06 -81.85 23.15
CA LEU F 1926 46.18 -81.37 22.09
C LEU F 1926 46.05 -79.85 22.09
N LEU F 1927 45.94 -79.22 23.26
CA LEU F 1927 45.62 -77.80 23.32
C LEU F 1927 46.70 -76.92 22.72
N GLN F 1928 47.90 -77.44 22.50
CA GLN F 1928 48.99 -76.68 21.93
C GLN F 1928 49.49 -77.26 20.62
N MET F 1929 48.59 -77.84 19.82
CA MET F 1929 48.97 -78.53 18.60
C MET F 1929 48.65 -77.74 17.33
N LYS F 1930 48.10 -76.53 17.45
CA LYS F 1930 47.74 -75.70 16.29
C LYS F 1930 46.77 -76.47 15.39
N LEU F 1931 45.57 -76.62 15.90
CA LEU F 1931 44.57 -77.42 15.21
C LEU F 1931 43.59 -76.53 14.45
N PRO F 1932 42.94 -77.06 13.43
CA PRO F 1932 41.89 -76.28 12.74
C PRO F 1932 40.64 -76.09 13.56
N GLU F 1933 39.68 -75.33 13.01
CA GLU F 1933 38.54 -74.88 13.79
C GLU F 1933 37.58 -75.99 14.14
N SER F 1934 37.40 -76.98 13.26
CA SER F 1934 36.52 -78.10 13.61
C SER F 1934 37.09 -78.89 14.78
N VAL F 1935 38.40 -79.11 14.79
CA VAL F 1935 39.03 -79.78 15.91
C VAL F 1935 38.91 -78.92 17.17
N LYS F 1936 39.01 -77.60 17.01
CA LYS F 1936 38.82 -76.72 18.15
C LYS F 1936 37.42 -76.86 18.72
N LEU F 1937 36.42 -76.97 17.85
CA LEU F 1937 35.04 -77.15 18.31
C LEU F 1937 34.88 -78.45 19.08
N GLN F 1938 35.50 -79.53 18.59
CA GLN F 1938 35.44 -80.78 19.33
C GLN F 1938 36.13 -80.68 20.68
N MET F 1939 37.26 -79.98 20.75
CA MET F 1939 37.92 -79.80 22.03
C MET F 1939 37.04 -78.97 22.98
N CYS F 1940 36.31 -78.00 22.43
CA CYS F 1940 35.35 -77.26 23.24
C CYS F 1940 34.28 -78.18 23.79
N ASN F 1941 33.83 -79.15 23.00
CA ASN F 1941 32.86 -80.12 23.51
C ASN F 1941 33.43 -80.91 24.69
N LEU F 1942 34.68 -81.38 24.55
CA LEU F 1942 35.30 -82.11 25.65
C LEU F 1942 35.40 -81.25 26.92
N LEU F 1943 35.88 -80.02 26.76
CA LEU F 1943 36.05 -79.15 27.91
C LEU F 1943 34.71 -78.78 28.53
N GLU F 1944 33.66 -78.67 27.71
CA GLU F 1944 32.33 -78.47 28.24
C GLU F 1944 31.90 -79.64 29.09
N TYR F 1945 32.20 -80.86 28.64
CA TYR F 1945 31.89 -82.03 29.45
C TYR F 1945 32.58 -81.95 30.80
N PHE F 1946 33.87 -81.62 30.80
CA PHE F 1946 34.59 -81.60 32.07
C PHE F 1946 34.12 -80.47 32.98
N CYS F 1947 33.74 -79.33 32.41
CA CYS F 1947 33.17 -78.25 33.22
C CYS F 1947 31.84 -78.68 33.82
N ASP F 1948 31.01 -79.39 33.05
CA ASP F 1948 29.78 -79.93 33.59
C ASP F 1948 30.04 -80.88 34.74
N GLN F 1949 31.09 -81.69 34.62
CA GLN F 1949 31.44 -82.60 35.71
C GLN F 1949 31.85 -81.82 36.95
N GLU F 1950 32.61 -80.74 36.78
CA GLU F 1950 32.96 -79.89 37.92
C GLU F 1950 31.71 -79.32 38.60
N LEU F 1951 30.77 -78.83 37.79
CA LEU F 1951 29.54 -78.28 38.36
C LEU F 1951 28.74 -79.34 39.11
N GLN F 1952 28.65 -80.54 38.55
CA GLN F 1952 27.94 -81.62 39.22
C GLN F 1952 28.63 -81.99 40.52
N HIS F 1953 29.97 -81.98 40.53
CA HIS F 1953 30.69 -82.26 41.76
C HIS F 1953 30.38 -81.22 42.82
N ARG F 1954 30.30 -79.95 42.43
CA ARG F 1954 29.95 -78.92 43.38
C ARG F 1954 28.55 -79.13 43.95
N VAL F 1955 27.59 -79.46 43.08
CA VAL F 1955 26.22 -79.69 43.56
C VAL F 1955 26.17 -80.86 44.54
N GLU F 1956 26.85 -81.95 44.19
CA GLU F 1956 26.83 -83.12 45.07
C GLU F 1956 27.53 -82.84 46.39
N SER F 1957 28.63 -82.09 46.35
CA SER F 1957 29.32 -81.73 47.58
C SER F 1957 28.44 -80.88 48.47
N LEU F 1958 27.71 -79.93 47.88
CA LEU F 1958 26.79 -79.11 48.65
C LEU F 1958 25.69 -79.97 49.26
N ALA F 1959 25.18 -80.94 48.51
CA ALA F 1959 24.16 -81.84 49.04
C ALA F 1959 24.70 -82.66 50.21
N ALA F 1960 25.92 -83.17 50.10
CA ALA F 1960 26.50 -83.96 51.18
C ALA F 1960 26.70 -83.11 52.44
N PHE F 1961 27.22 -81.90 52.27
CA PHE F 1961 27.35 -81.02 53.42
C PHE F 1961 26.00 -80.70 54.02
N ALA F 1962 24.97 -80.55 53.18
CA ALA F 1962 23.63 -80.34 53.70
C ALA F 1962 23.20 -81.52 54.54
N GLU F 1963 23.49 -82.74 54.09
CA GLU F 1963 23.12 -83.92 54.84
C GLU F 1963 23.78 -83.93 56.22
N ARG F 1964 25.07 -83.61 56.28
CA ARG F 1964 25.74 -83.62 57.59
C ARG F 1964 25.28 -82.47 58.48
N TYR F 1965 25.19 -81.27 57.93
CA TYR F 1965 24.83 -80.10 58.70
C TYR F 1965 23.39 -80.17 59.19
N VAL F 1966 22.50 -80.80 58.44
CA VAL F 1966 21.12 -80.94 58.89
C VAL F 1966 21.05 -81.84 60.12
N ASP F 1967 21.83 -82.92 60.13
CA ASP F 1967 21.87 -83.76 61.31
C ASP F 1967 22.37 -82.98 62.51
N LYS F 1968 23.46 -82.23 62.33
CA LYS F 1968 23.97 -81.43 63.46
C LYS F 1968 22.93 -80.41 63.93
N LEU F 1969 22.26 -79.73 63.00
CA LEU F 1969 21.28 -78.72 63.38
C LEU F 1969 20.09 -79.34 64.09
N GLN F 1970 19.61 -80.49 63.61
CA GLN F 1970 18.48 -81.13 64.26
C GLN F 1970 18.82 -81.58 65.67
N ALA F 1971 20.01 -82.16 65.86
CA ALA F 1971 20.41 -82.55 67.20
C ALA F 1971 20.50 -81.34 68.12
N ASN F 1972 21.10 -80.26 67.64
CA ASN F 1972 21.22 -79.06 68.46
C ASN F 1972 19.87 -78.46 68.79
N GLN F 1973 18.95 -78.43 67.82
CA GLN F 1973 17.64 -77.87 68.07
C GLN F 1973 16.85 -78.72 69.07
N ARG F 1974 16.97 -80.04 68.98
CA ARG F 1974 16.31 -80.89 69.95
C ARG F 1974 16.86 -80.65 71.34
N SER F 1975 18.18 -80.56 71.48
CA SER F 1975 18.77 -80.29 72.79
C SER F 1975 18.33 -78.93 73.32
N ARG F 1976 18.30 -77.91 72.46
CA ARG F 1976 17.89 -76.58 72.89
C ARG F 1976 16.43 -76.57 73.34
N TYR F 1977 15.56 -77.28 72.62
CA TYR F 1977 14.17 -77.38 73.04
C TYR F 1977 14.06 -78.10 74.38
N ALA F 1978 14.81 -79.18 74.57
CA ALA F 1978 14.79 -79.90 75.83
C ALA F 1978 15.20 -79.00 76.99
N LEU F 1979 16.23 -78.19 76.77
CA LEU F 1979 16.64 -77.24 77.81
C LEU F 1979 15.61 -76.14 78.00
N LEU F 1980 14.97 -75.69 76.93
CA LEU F 1980 14.02 -74.59 77.02
C LEU F 1980 12.75 -75.00 77.75
N MET F 1981 12.39 -76.28 77.74
CA MET F 1981 11.23 -76.70 78.51
C MET F 1981 11.40 -76.50 80.02
N ARG F 1982 12.59 -76.12 80.49
CA ARG F 1982 12.79 -75.75 81.88
C ARG F 1982 13.04 -74.26 82.07
N ALA F 1983 12.69 -73.44 81.07
CA ALA F 1983 13.05 -72.02 81.12
C ALA F 1983 12.19 -71.22 82.09
N PHE F 1984 10.98 -71.67 82.40
CA PHE F 1984 10.08 -70.87 83.24
C PHE F 1984 10.67 -70.64 84.63
N THR F 1985 11.60 -71.48 85.07
CA THR F 1985 12.18 -71.32 86.39
C THR F 1985 13.36 -70.35 86.43
N MET F 1986 13.87 -69.89 85.27
CA MET F 1986 14.75 -68.74 85.26
C MET F 1986 14.44 -67.75 84.14
N SER F 1987 13.16 -67.56 83.79
CA SER F 1987 12.79 -66.62 82.74
C SER F 1987 11.35 -66.19 82.96
N ALA F 1988 10.78 -65.54 81.94
CA ALA F 1988 9.52 -64.82 82.08
C ALA F 1988 8.78 -64.90 80.74
N ALA F 1989 7.82 -64.00 80.53
CA ALA F 1989 6.99 -64.04 79.34
C ALA F 1989 7.79 -63.85 78.06
N GLU F 1990 9.03 -63.37 78.18
CA GLU F 1990 9.94 -63.25 77.04
C GLU F 1990 10.26 -64.61 76.40
N THR F 1991 9.99 -65.70 77.13
CA THR F 1991 10.18 -67.04 76.57
C THR F 1991 9.52 -67.20 75.22
N ALA F 1992 8.49 -66.40 74.92
CA ALA F 1992 7.87 -66.44 73.60
C ALA F 1992 8.90 -66.14 72.51
N ARG F 1993 9.83 -65.23 72.79
CA ARG F 1993 10.87 -64.92 71.82
C ARG F 1993 11.78 -66.13 71.57
N ARG F 1994 12.19 -66.81 72.64
CA ARG F 1994 13.04 -67.98 72.48
C ARG F 1994 12.32 -69.11 71.76
N THR F 1995 11.04 -69.33 72.09
CA THR F 1995 10.25 -70.37 71.45
C THR F 1995 9.54 -69.86 70.21
N ARG F 1996 9.79 -68.61 69.81
CA ARG F 1996 9.32 -68.13 68.51
C ARG F 1996 9.83 -69.00 67.38
N GLU F 1997 11.04 -69.55 67.52
CA GLU F 1997 11.57 -70.47 66.52
C GLU F 1997 10.64 -71.65 66.31
N PHE F 1998 10.24 -72.31 67.40
CA PHE F 1998 9.34 -73.45 67.33
C PHE F 1998 7.93 -73.05 66.96
N ARG F 1999 7.60 -71.76 67.01
CA ARG F 1999 6.30 -71.25 66.60
C ARG F 1999 6.35 -70.71 65.17
N SER F 2000 7.21 -71.29 64.34
CA SER F 2000 7.38 -70.86 62.97
C SER F 2000 7.50 -72.07 62.06
N PRO F 2001 7.14 -71.93 60.78
CA PRO F 2001 7.26 -73.05 59.86
C PRO F 2001 8.71 -73.47 59.71
N PRO F 2002 8.95 -74.75 59.41
CA PRO F 2002 10.34 -75.24 59.37
C PRO F 2002 11.23 -74.49 58.41
N GLN F 2003 10.70 -74.02 57.29
CA GLN F 2003 11.50 -73.22 56.39
C GLN F 2003 11.97 -71.94 57.06
N GLU F 2004 11.07 -71.26 57.78
CA GLU F 2004 11.47 -70.07 58.51
C GLU F 2004 12.46 -70.41 59.63
N GLN F 2005 12.28 -71.55 60.28
CA GLN F 2005 13.22 -71.96 61.33
C GLN F 2005 14.62 -72.10 60.76
N ILE F 2006 14.76 -72.81 59.63
CA ILE F 2006 16.08 -72.99 59.05
C ILE F 2006 16.62 -71.68 58.47
N ASN F 2007 15.75 -70.82 57.94
CA ASN F 2007 16.19 -69.51 57.47
C ASN F 2007 16.80 -68.69 58.61
N MET F 2008 16.13 -68.70 59.76
CA MET F 2008 16.62 -67.90 60.89
C MET F 2008 17.83 -68.57 61.53
N LEU F 2009 17.95 -69.90 61.41
CA LEU F 2009 19.15 -70.57 61.89
C LEU F 2009 20.37 -70.25 61.03
N LEU F 2010 20.20 -70.13 59.72
CA LEU F 2010 21.32 -69.81 58.85
C LEU F 2010 21.59 -68.32 58.72
N HIS F 2011 20.97 -67.49 59.56
CA HIS F 2011 21.08 -66.04 59.43
C HIS F 2011 22.17 -65.52 60.36
N PHE F 2012 23.41 -65.91 60.06
CA PHE F 2012 24.55 -65.44 60.83
C PHE F 2012 25.75 -65.14 59.95
N LYS F 2013 25.52 -64.70 58.72
CA LYS F 2013 26.63 -64.49 57.80
C LYS F 2013 27.30 -63.13 57.95
N ASP F 2014 26.51 -62.07 58.13
CA ASP F 2014 27.03 -60.71 58.05
C ASP F 2014 27.63 -60.20 59.35
N GLU F 2015 27.63 -61.00 60.41
CA GLU F 2015 28.19 -60.69 61.72
C GLU F 2015 27.37 -59.62 62.46
N ALA F 2016 26.37 -59.03 61.82
CA ALA F 2016 25.43 -58.15 62.50
C ALA F 2016 24.17 -58.88 62.94
N ASP F 2017 24.07 -60.17 62.67
CA ASP F 2017 22.89 -60.97 62.96
C ASP F 2017 23.27 -62.19 63.79
N GLU F 2018 24.22 -62.01 64.70
CA GLU F 2018 24.66 -63.10 65.58
C GLU F 2018 23.83 -63.19 66.85
N GLU F 2019 22.84 -62.32 67.02
CA GLU F 2019 22.03 -62.31 68.23
C GLU F 2019 20.74 -63.11 68.09
N ASP F 2020 20.10 -63.06 66.93
CA ASP F 2020 18.87 -63.83 66.73
C ASP F 2020 19.15 -65.31 66.54
N CYS F 2021 20.28 -65.65 65.94
CA CYS F 2021 20.61 -67.05 65.69
C CYS F 2021 21.11 -67.70 66.98
N PRO F 2022 20.46 -68.75 67.47
CA PRO F 2022 20.90 -69.42 68.70
C PRO F 2022 21.91 -70.54 68.48
N LEU F 2023 22.43 -70.72 67.27
CA LEU F 2023 23.35 -71.81 67.02
C LEU F 2023 24.67 -71.55 67.75
N PRO F 2024 25.30 -72.59 68.26
CA PRO F 2024 26.63 -72.43 68.87
C PRO F 2024 27.68 -72.10 67.83
N GLU F 2025 28.74 -71.45 68.31
CA GLU F 2025 29.79 -71.01 67.41
C GLU F 2025 30.48 -72.18 66.74
N ASP F 2026 30.55 -73.33 67.40
CA ASP F 2026 31.14 -74.51 66.77
C ASP F 2026 30.35 -74.93 65.54
N ILE F 2027 29.02 -74.90 65.63
CA ILE F 2027 28.19 -75.24 64.48
C ILE F 2027 28.31 -74.16 63.41
N ARG F 2028 28.35 -72.89 63.82
CA ARG F 2028 28.49 -71.81 62.84
C ARG F 2028 29.79 -71.93 62.06
N GLN F 2029 30.86 -72.37 62.73
CA GLN F 2029 32.17 -72.42 62.09
C GLN F 2029 32.19 -73.43 60.96
N ASP F 2030 31.45 -74.54 61.10
CA ASP F 2030 31.42 -75.53 60.03
C ASP F 2030 30.82 -74.96 58.76
N LEU F 2031 29.70 -74.24 58.88
CA LEU F 2031 29.10 -73.62 57.70
C LEU F 2031 30.00 -72.56 57.12
N GLN F 2032 30.67 -71.78 57.97
CA GLN F 2032 31.58 -70.76 57.46
C GLN F 2032 32.74 -71.40 56.70
N ASP F 2033 33.28 -72.50 57.23
CA ASP F 2033 34.37 -73.19 56.56
C ASP F 2033 33.91 -73.75 55.22
N PHE F 2034 32.71 -74.33 55.16
CA PHE F 2034 32.24 -74.84 53.88
C PHE F 2034 31.99 -73.72 52.90
N HIS F 2035 31.47 -72.58 53.35
CA HIS F 2035 31.30 -71.47 52.43
C HIS F 2035 32.65 -71.01 51.89
N GLN F 2036 33.66 -70.96 52.74
CA GLN F 2036 34.98 -70.54 52.29
C GLN F 2036 35.55 -71.49 51.26
N ASP F 2037 35.52 -72.80 51.51
CA ASP F 2037 36.14 -73.67 50.52
C ASP F 2037 35.26 -73.88 49.31
N LEU F 2038 33.95 -73.64 49.40
CA LEU F 2038 33.12 -73.60 48.20
C LEU F 2038 33.50 -72.41 47.31
N LEU F 2039 33.68 -71.23 47.92
CA LEU F 2039 34.12 -70.09 47.14
C LEU F 2039 35.48 -70.34 46.52
N ALA F 2040 36.39 -70.95 47.28
CA ALA F 2040 37.70 -71.27 46.75
C ALA F 2040 37.62 -72.24 45.59
N HIS F 2041 36.77 -73.26 45.71
CA HIS F 2041 36.59 -74.21 44.62
C HIS F 2041 36.00 -73.54 43.38
N CYS F 2042 35.08 -72.60 43.55
CA CYS F 2042 34.58 -71.81 42.44
C CYS F 2042 35.62 -70.82 41.93
N GLY F 2043 36.82 -70.80 42.51
CA GLY F 2043 37.86 -69.90 42.08
C GLY F 2043 37.57 -68.44 42.35
N ILE F 2044 37.03 -68.12 43.52
CA ILE F 2044 36.73 -66.73 43.85
C ILE F 2044 37.99 -66.03 44.37
N GLN F 2045 38.50 -66.51 45.51
CA GLN F 2045 39.67 -65.88 46.12
C GLN F 2045 40.28 -66.87 47.12
N LEU F 2046 41.52 -66.57 47.51
CA LEU F 2046 42.22 -67.41 48.47
C LEU F 2046 43.06 -66.54 49.42
N GLU F 2088 53.65 -67.85 36.78
CA GLU F 2088 52.34 -68.48 36.90
C GLU F 2088 51.76 -68.79 35.51
N LYS F 2089 52.65 -68.94 34.53
CA LYS F 2089 52.20 -69.23 33.16
C LYS F 2089 51.47 -70.57 33.07
N LYS F 2090 51.78 -71.52 33.94
CA LYS F 2090 51.03 -72.76 33.98
C LYS F 2090 49.65 -72.48 34.53
N PRO F 2091 48.58 -72.80 33.81
CA PRO F 2091 47.23 -72.51 34.32
C PRO F 2091 46.92 -73.18 35.65
N GLN F 2092 47.43 -74.39 35.87
CA GLN F 2092 47.33 -75.13 37.13
C GLN F 2092 45.91 -75.52 37.48
N SER F 2093 44.92 -75.17 36.67
CA SER F 2093 43.54 -75.53 36.97
C SER F 2093 42.73 -75.51 35.68
N LEU F 2094 41.60 -76.20 35.71
CA LEU F 2094 40.75 -76.29 34.53
C LEU F 2094 40.25 -74.91 34.12
N GLN F 2095 39.86 -74.09 35.09
CA GLN F 2095 39.33 -72.77 34.78
C GLN F 2095 40.36 -71.90 34.07
N GLU F 2096 41.55 -71.79 34.64
CA GLU F 2096 42.60 -70.99 34.02
C GLU F 2096 43.00 -71.56 32.67
N LEU F 2097 43.08 -72.88 32.56
CA LEU F 2097 43.41 -73.51 31.28
C LEU F 2097 42.40 -73.12 30.20
N VAL F 2098 41.11 -73.27 30.51
CA VAL F 2098 40.08 -73.00 29.51
C VAL F 2098 40.06 -71.53 29.14
N SER F 2099 40.14 -70.64 30.15
CA SER F 2099 40.10 -69.21 29.85
C SER F 2099 41.27 -68.79 29.00
N HIS F 2100 42.48 -69.21 29.37
CA HIS F 2100 43.66 -68.87 28.58
CA HIS F 2100 43.66 -68.87 28.58
C HIS F 2100 43.59 -69.44 27.18
N MET F 2101 43.12 -70.68 27.06
CA MET F 2101 42.98 -71.30 25.75
C MET F 2101 42.04 -70.51 24.85
N VAL F 2102 40.89 -70.12 25.38
CA VAL F 2102 39.92 -69.38 24.59
C VAL F 2102 40.46 -68.02 24.18
N VAL F 2103 41.09 -67.31 25.12
CA VAL F 2103 41.62 -65.99 24.79
C VAL F 2103 42.71 -66.10 23.74
N ARG F 2104 43.60 -67.09 23.88
CA ARG F 2104 44.67 -67.26 22.91
C ARG F 2104 44.13 -67.63 21.53
N TRP F 2105 43.13 -68.51 21.49
CA TRP F 2105 42.52 -68.84 20.22
C TRP F 2105 41.91 -67.61 19.57
N ALA F 2106 41.21 -66.79 20.36
CA ALA F 2106 40.55 -65.62 19.79
C ALA F 2106 41.55 -64.57 19.32
N GLN F 2107 42.66 -64.42 20.01
CA GLN F 2107 43.63 -63.39 19.62
C GLN F 2107 44.71 -63.92 18.69
N GLU F 2108 44.67 -65.18 18.31
CA GLU F 2108 45.57 -65.68 17.28
C GLU F 2108 44.99 -65.58 15.88
N ASP F 2109 43.67 -65.57 15.74
CA ASP F 2109 43.08 -65.49 14.42
C ASP F 2109 41.65 -65.00 14.54
N TYR F 2110 41.11 -64.55 13.41
CA TYR F 2110 39.70 -64.17 13.31
C TYR F 2110 38.89 -65.44 13.05
N VAL F 2111 38.26 -65.97 14.10
CA VAL F 2111 37.54 -67.23 13.97
C VAL F 2111 36.36 -67.05 13.02
N GLN F 2112 36.26 -67.93 12.03
CA GLN F 2112 35.23 -67.84 11.01
C GLN F 2112 34.01 -68.69 11.29
N SER F 2113 34.03 -69.53 12.34
CA SER F 2113 32.92 -70.40 12.63
C SER F 2113 32.06 -69.80 13.73
N PRO F 2114 30.84 -69.35 13.44
CA PRO F 2114 29.98 -68.84 14.51
C PRO F 2114 29.71 -69.86 15.61
N GLU F 2115 29.56 -71.13 15.24
CA GLU F 2115 29.36 -72.16 16.26
C GLU F 2115 30.56 -72.27 17.18
N LEU F 2116 31.77 -72.24 16.61
CA LEU F 2116 32.97 -72.27 17.43
C LEU F 2116 33.06 -71.05 18.32
N VAL F 2117 32.73 -69.87 17.80
CA VAL F 2117 32.81 -68.64 18.59
C VAL F 2117 31.84 -68.71 19.76
N ARG F 2118 30.61 -69.14 19.49
CA ARG F 2118 29.63 -69.26 20.56
C ARG F 2118 30.09 -70.27 21.61
N ALA F 2119 30.65 -71.39 21.17
CA ALA F 2119 31.13 -72.39 22.11
C ALA F 2119 32.24 -71.85 23.00
N MET F 2120 33.23 -71.19 22.41
CA MET F 2120 34.36 -70.74 23.21
C MET F 2120 33.93 -69.67 24.20
N PHE F 2121 33.02 -68.79 23.78
CA PHE F 2121 32.63 -67.74 24.70
C PHE F 2121 31.69 -68.23 25.79
N SER F 2122 30.82 -69.21 25.48
CA SER F 2122 30.07 -69.86 26.55
C SER F 2122 31.00 -70.53 27.55
N LEU F 2123 32.01 -71.23 27.05
CA LEU F 2123 32.96 -71.89 27.93
C LEU F 2123 33.70 -70.88 28.79
N LEU F 2124 34.14 -69.77 28.21
CA LEU F 2124 34.83 -68.73 28.96
C LEU F 2124 33.95 -68.14 30.04
N HIS F 2125 32.70 -67.84 29.70
CA HIS F 2125 31.79 -67.27 30.69
C HIS F 2125 31.58 -68.23 31.85
N ARG F 2126 31.48 -69.52 31.57
CA ARG F 2126 31.33 -70.49 32.66
C ARG F 2126 32.52 -70.45 33.59
N GLN F 2127 33.74 -70.34 33.04
CA GLN F 2127 34.92 -70.27 33.90
C GLN F 2127 34.93 -69.01 34.74
N TYR F 2128 34.46 -67.89 34.19
CA TYR F 2128 34.51 -66.66 34.96
C TYR F 2128 33.45 -66.60 36.05
N ASP F 2129 32.26 -67.17 35.82
CA ASP F 2129 31.18 -67.13 36.81
C ASP F 2129 30.81 -68.54 37.23
N GLY F 2130 31.62 -69.13 38.10
CA GLY F 2130 31.36 -70.47 38.56
C GLY F 2130 30.30 -70.45 39.63
N LEU F 2131 30.36 -69.46 40.51
CA LEU F 2131 29.32 -69.32 41.53
C LEU F 2131 27.97 -69.04 40.89
N GLY F 2132 27.95 -68.20 39.84
CA GLY F 2132 26.70 -67.96 39.14
C GLY F 2132 26.17 -69.20 38.45
N GLU F 2133 27.06 -69.98 37.83
CA GLU F 2133 26.63 -71.23 37.22
C GLU F 2133 26.03 -72.17 38.28
N LEU F 2134 26.68 -72.28 39.43
CA LEU F 2134 26.16 -73.13 40.50
C LEU F 2134 24.81 -72.62 41.00
N LEU F 2135 24.67 -71.30 41.14
CA LEU F 2135 23.42 -70.73 41.62
C LEU F 2135 22.29 -71.01 40.65
N ARG F 2136 22.55 -70.91 39.35
CA ARG F 2136 21.52 -71.23 38.38
C ARG F 2136 21.26 -72.73 38.28
N ALA F 2137 22.22 -73.57 38.67
CA ALA F 2137 22.02 -75.01 38.64
C ALA F 2137 21.33 -75.57 39.87
N LEU F 2138 21.36 -74.87 41.00
CA LEU F 2138 20.74 -75.37 42.21
C LEU F 2138 19.24 -75.65 42.08
N PRO F 2139 18.42 -74.84 41.40
CA PRO F 2139 16.99 -75.15 41.33
C PRO F 2139 16.68 -76.53 40.82
N ARG F 2140 17.57 -77.15 40.04
CA ARG F 2140 17.36 -78.49 39.53
C ARG F 2140 18.01 -79.56 40.39
N ALA F 2141 18.42 -79.22 41.61
CA ALA F 2141 18.98 -80.19 42.54
C ALA F 2141 17.91 -80.61 43.53
N TYR F 2142 17.96 -81.88 43.94
CA TYR F 2142 16.95 -82.41 44.83
C TYR F 2142 17.50 -83.62 45.57
N THR F 2143 17.33 -83.64 46.88
CA THR F 2143 17.79 -84.75 47.71
C THR F 2143 16.61 -85.65 48.05
N ILE F 2144 16.80 -86.95 47.89
CA ILE F 2144 15.77 -87.93 48.17
C ILE F 2144 16.33 -88.98 49.12
N SER F 2145 15.42 -89.66 49.81
CA SER F 2145 15.80 -90.75 50.67
C SER F 2145 16.29 -91.92 49.82
N PRO F 2146 17.26 -92.69 50.33
CA PRO F 2146 17.73 -93.86 49.56
C PRO F 2146 16.67 -94.91 49.33
N SER F 2147 15.57 -94.87 50.08
CA SER F 2147 14.50 -95.85 49.90
C SER F 2147 13.63 -95.57 48.69
N SER F 2148 13.77 -94.41 48.05
CA SER F 2148 12.98 -94.07 46.88
C SER F 2148 13.79 -94.09 45.59
N VAL F 2149 15.00 -94.69 45.63
CA VAL F 2149 15.88 -94.65 44.47
C VAL F 2149 15.29 -95.42 43.30
N GLU F 2150 14.75 -96.62 43.56
CA GLU F 2150 14.25 -97.44 42.46
C GLU F 2150 13.02 -96.82 41.81
N ASP F 2151 12.11 -96.28 42.62
CA ASP F 2151 10.94 -95.60 42.07
C ASP F 2151 11.36 -94.37 41.28
N THR F 2152 12.32 -93.61 41.80
CA THR F 2152 12.81 -92.45 41.08
C THR F 2152 13.45 -92.84 39.75
N MET F 2153 14.19 -93.95 39.73
CA MET F 2153 14.79 -94.42 38.49
C MET F 2153 13.73 -94.83 37.48
N SER F 2154 12.68 -95.51 37.94
CA SER F 2154 11.58 -95.85 37.03
C SER F 2154 10.92 -94.60 36.48
N LEU F 2155 10.69 -93.61 37.34
CA LEU F 2155 10.08 -92.36 36.88
C LEU F 2155 10.98 -91.66 35.86
N LEU F 2156 12.29 -91.67 36.09
CA LEU F 2156 13.22 -91.06 35.15
C LEU F 2156 13.22 -91.80 33.83
N GLU F 2157 13.11 -93.13 33.87
CA GLU F 2157 13.01 -93.90 32.63
C GLU F 2157 11.78 -93.50 31.84
N CYS F 2158 10.63 -93.40 32.51
CA CYS F 2158 9.42 -92.99 31.81
C CYS F 2158 9.53 -91.58 31.27
N LEU F 2159 10.13 -90.68 32.05
CA LEU F 2159 10.30 -89.30 31.60
C LEU F 2159 11.20 -89.23 30.38
N GLY F 2160 12.26 -90.04 30.37
CA GLY F 2160 13.13 -90.08 29.20
C GLY F 2160 12.43 -90.63 27.98
N GLN F 2161 11.60 -91.66 28.17
CA GLN F 2161 10.78 -92.14 27.06
C GLN F 2161 9.89 -91.03 26.51
N ILE F 2162 9.29 -90.23 27.40
CA ILE F 2162 8.46 -89.12 26.95
C ILE F 2162 9.29 -88.09 26.19
N ARG F 2163 10.46 -87.73 26.73
CA ARG F 2163 11.28 -86.70 26.11
C ARG F 2163 11.82 -87.15 24.75
N SER F 2164 12.07 -88.44 24.58
CA SER F 2164 12.59 -88.94 23.31
C SER F 2164 11.61 -88.74 22.17
N LEU F 2165 10.33 -88.61 22.47
CA LEU F 2165 9.32 -88.45 21.44
C LEU F 2165 9.01 -87.00 21.10
N LEU F 2166 9.73 -86.06 21.70
CA LEU F 2166 9.63 -84.66 21.31
C LEU F 2166 10.25 -84.38 19.96
N ILE F 2167 10.99 -85.34 19.39
CA ILE F 2167 11.75 -85.14 18.16
C ILE F 2167 11.29 -86.07 17.05
N VAL F 2168 10.09 -86.63 17.16
CA VAL F 2168 9.55 -87.52 16.14
C VAL F 2168 8.07 -87.21 15.96
N GLN F 2169 7.63 -87.18 14.71
CA GLN F 2169 6.20 -87.03 14.44
C GLN F 2169 5.43 -88.21 15.00
N MET F 2170 4.21 -87.94 15.43
CA MET F 2170 3.50 -88.88 16.29
C MET F 2170 2.59 -89.81 15.49
N GLY F 2171 2.62 -91.09 15.85
CA GLY F 2171 1.76 -92.08 15.26
C GLY F 2171 1.10 -92.93 16.34
N PRO F 2172 0.38 -93.97 15.92
CA PRO F 2172 -0.28 -94.82 16.93
C PRO F 2172 0.69 -95.45 17.93
N GLN F 2173 1.87 -95.88 17.47
CA GLN F 2173 2.83 -96.46 18.39
C GLN F 2173 3.31 -95.43 19.41
N GLU F 2174 3.66 -94.23 18.94
CA GLU F 2174 4.08 -93.18 19.86
C GLU F 2174 2.97 -92.82 20.84
N GLU F 2175 1.72 -92.84 20.37
CA GLU F 2175 0.60 -92.62 21.26
C GLU F 2175 0.56 -93.68 22.35
N ASN F 2176 0.78 -94.94 21.97
CA ASN F 2176 0.78 -96.01 22.96
C ASN F 2176 1.90 -95.83 23.99
N LEU F 2177 3.10 -95.51 23.52
CA LEU F 2177 4.20 -95.29 24.47
C LEU F 2177 3.92 -94.13 25.41
N MET F 2178 3.39 -93.02 24.88
CA MET F 2178 3.08 -91.89 25.74
C MET F 2178 2.00 -92.23 26.75
N ILE F 2179 0.96 -92.95 26.33
CA ILE F 2179 -0.11 -93.30 27.24
C ILE F 2179 0.41 -94.19 28.36
N GLN F 2180 1.19 -95.21 28.02
CA GLN F 2180 1.68 -96.09 29.08
C GLN F 2180 2.72 -95.41 29.95
N SER F 2181 3.49 -94.48 29.38
CA SER F 2181 4.46 -93.74 30.18
C SER F 2181 3.75 -92.84 31.20
N ILE F 2182 2.71 -92.14 30.77
CA ILE F 2182 1.96 -91.29 31.68
C ILE F 2182 1.27 -92.13 32.74
N GLY F 2183 0.76 -93.30 32.35
CA GLY F 2183 0.18 -94.19 33.34
C GLY F 2183 1.18 -94.65 34.38
N ASN F 2184 2.38 -95.03 33.94
CA ASN F 2184 3.42 -95.46 34.87
C ASN F 2184 3.82 -94.32 35.79
N ILE F 2185 3.91 -93.10 35.25
CA ILE F 2185 4.24 -91.94 36.08
C ILE F 2185 3.17 -91.71 37.13
N MET F 2186 1.90 -91.78 36.72
CA MET F 2186 0.80 -91.56 37.65
C MET F 2186 0.60 -92.71 38.62
N ASN F 2187 1.21 -93.85 38.37
CA ASN F 2187 1.18 -94.95 39.33
C ASN F 2187 2.39 -94.98 40.26
N ASN F 2188 3.27 -94.00 40.16
CA ASN F 2188 4.49 -93.95 40.96
C ASN F 2188 4.25 -93.13 42.21
N LYS F 2189 4.57 -93.69 43.37
CA LYS F 2189 4.37 -92.98 44.62
C LYS F 2189 5.23 -91.73 44.71
N VAL F 2190 6.37 -91.72 44.03
CA VAL F 2190 7.21 -90.52 43.99
C VAL F 2190 6.43 -89.36 43.39
N PHE F 2191 5.66 -89.61 42.34
CA PHE F 2191 4.93 -88.56 41.66
C PHE F 2191 4.01 -87.81 42.61
N TYR F 2192 3.60 -88.45 43.70
CA TYR F 2192 2.79 -87.79 44.71
C TYR F 2192 3.62 -87.26 45.86
N GLN F 2193 4.69 -87.97 46.22
CA GLN F 2193 5.46 -87.63 47.41
C GLN F 2193 6.41 -86.46 47.19
N HIS F 2194 6.81 -86.19 45.95
CA HIS F 2194 7.81 -85.16 45.66
C HIS F 2194 7.34 -84.23 44.54
N PRO F 2195 6.21 -83.56 44.74
CA PRO F 2195 5.70 -82.67 43.69
C PRO F 2195 6.69 -81.56 43.36
N ASN F 2196 7.48 -81.10 44.33
CA ASN F 2196 8.53 -80.14 44.02
C ASN F 2196 9.54 -80.72 43.04
N LEU F 2197 9.93 -81.97 43.25
CA LEU F 2197 10.85 -82.62 42.32
C LEU F 2197 10.27 -82.70 40.93
N MET F 2198 9.01 -83.14 40.83
CA MET F 2198 8.44 -83.32 39.50
C MET F 2198 8.08 -82.00 38.85
N ARG F 2199 7.99 -80.94 39.64
CA ARG F 2199 7.93 -79.60 39.04
C ARG F 2199 9.30 -79.18 38.53
N ALA F 2200 10.36 -79.48 39.27
CA ALA F 2200 11.71 -79.14 38.83
C ALA F 2200 12.07 -79.83 37.54
N LEU F 2201 11.67 -81.10 37.39
CA LEU F 2201 11.94 -81.84 36.17
C LEU F 2201 11.21 -81.28 34.96
N GLY F 2202 10.12 -80.55 35.17
CA GLY F 2202 9.40 -79.96 34.06
C GLY F 2202 8.52 -80.90 33.28
N MET F 2203 7.98 -81.94 33.92
CA MET F 2203 7.14 -82.86 33.15
C MET F 2203 5.88 -82.17 32.68
N HIS F 2204 5.36 -81.21 33.45
CA HIS F 2204 4.17 -80.51 32.99
C HIS F 2204 4.46 -79.76 31.70
N GLU F 2205 5.63 -79.13 31.61
CA GLU F 2205 6.02 -78.49 30.36
C GLU F 2205 6.17 -79.50 29.23
N THR F 2206 6.79 -80.65 29.52
CA THR F 2206 7.00 -81.64 28.46
C THR F 2206 5.67 -82.18 27.93
N VAL F 2207 4.77 -82.58 28.85
CA VAL F 2207 3.47 -83.09 28.47
C VAL F 2207 2.66 -82.03 27.73
N MET F 2208 2.71 -80.78 28.21
CA MET F 2208 1.99 -79.73 27.53
C MET F 2208 2.55 -79.50 26.13
N GLU F 2209 3.86 -79.59 25.97
CA GLU F 2209 4.45 -79.43 24.64
C GLU F 2209 3.97 -80.53 23.72
N VAL F 2210 3.92 -81.76 24.22
CA VAL F 2210 3.39 -82.87 23.43
C VAL F 2210 1.95 -82.57 23.00
N MET F 2211 1.11 -82.19 23.96
CA MET F 2211 -0.32 -82.06 23.68
C MET F 2211 -0.58 -80.87 22.75
N VAL F 2212 0.21 -79.81 22.87
CA VAL F 2212 0.02 -78.69 21.96
C VAL F 2212 0.51 -79.04 20.57
N ASN F 2213 1.54 -79.88 20.44
CA ASN F 2213 1.89 -80.36 19.12
C ASN F 2213 0.74 -81.15 18.50
N VAL F 2214 0.12 -82.03 19.29
CA VAL F 2214 -1.00 -82.80 18.75
C VAL F 2214 -2.15 -81.89 18.36
N LEU F 2215 -2.48 -80.91 19.21
CA LEU F 2215 -3.59 -80.02 18.90
C LEU F 2215 -3.30 -79.14 17.70
N GLY F 2216 -2.07 -78.66 17.55
CA GLY F 2216 -1.71 -77.93 16.35
C GLY F 2216 -1.84 -78.80 15.11
N GLY F 2217 -1.54 -80.09 15.25
CA GLY F 2217 -1.81 -81.02 14.17
C GLY F 2217 -3.31 -81.16 13.94
N GLY F 2218 -3.80 -80.60 12.84
CA GLY F 2218 -5.21 -80.65 12.54
C GLY F 2218 -6.08 -79.91 13.53
N GLU F 2219 -5.75 -78.64 13.81
CA GLU F 2219 -6.48 -77.87 14.82
C GLU F 2219 -7.94 -77.65 14.48
N THR F 2220 -8.32 -77.68 13.21
CA THR F 2220 -9.69 -77.28 12.88
C THR F 2220 -10.53 -78.40 12.28
N LYS F 2221 -9.95 -79.25 11.43
CA LYS F 2221 -10.75 -80.23 10.71
C LYS F 2221 -10.99 -81.50 11.54
N GLU F 2222 -9.99 -81.97 12.25
CA GLU F 2222 -10.11 -83.22 13.00
C GLU F 2222 -8.93 -83.34 13.94
N ILE F 2223 -9.20 -83.73 15.19
CA ILE F 2223 -8.16 -83.96 16.19
C ILE F 2223 -7.93 -85.46 16.27
N ARG F 2224 -6.68 -85.86 16.13
CA ARG F 2224 -6.30 -87.27 16.12
C ARG F 2224 -5.50 -87.61 17.37
N PHE F 2225 -5.37 -88.90 17.62
CA PHE F 2225 -4.91 -89.43 18.91
C PHE F 2225 -5.66 -88.79 20.08
N PRO F 2226 -7.00 -88.84 20.07
CA PRO F 2226 -7.74 -88.30 21.22
C PRO F 2226 -7.43 -89.04 22.50
N LYS F 2227 -7.08 -90.32 22.43
CA LYS F 2227 -6.71 -91.04 23.65
C LYS F 2227 -5.49 -90.41 24.30
N MET F 2228 -4.47 -90.09 23.52
CA MET F 2228 -3.28 -89.50 24.14
C MET F 2228 -3.53 -88.06 24.56
N VAL F 2229 -4.36 -87.33 23.80
CA VAL F 2229 -4.66 -85.96 24.20
C VAL F 2229 -5.41 -85.95 25.53
N THR F 2230 -6.39 -86.83 25.69
CA THR F 2230 -7.09 -86.90 26.97
C THR F 2230 -6.23 -87.49 28.07
N SER F 2231 -5.27 -88.36 27.72
CA SER F 2231 -4.30 -88.81 28.72
C SER F 2231 -3.47 -87.66 29.24
N CYS F 2232 -2.98 -86.81 28.34
CA CYS F 2232 -2.22 -85.62 28.75
C CYS F 2232 -3.09 -84.69 29.58
N CYS F 2233 -4.35 -84.49 29.19
CA CYS F 2233 -5.21 -83.61 29.95
C CYS F 2233 -5.49 -84.15 31.34
N ARG F 2234 -5.73 -85.46 31.45
CA ARG F 2234 -5.94 -86.07 32.75
C ARG F 2234 -4.68 -85.96 33.61
N PHE F 2235 -3.52 -86.18 33.01
CA PHE F 2235 -2.27 -86.06 33.75
C PHE F 2235 -2.08 -84.65 34.29
N LEU F 2236 -2.33 -83.64 33.45
CA LEU F 2236 -2.16 -82.27 33.89
C LEU F 2236 -3.19 -81.89 34.96
N CYS F 2237 -4.42 -82.39 34.85
CA CYS F 2237 -5.40 -82.12 35.88
C CYS F 2237 -4.98 -82.70 37.22
N TYR F 2238 -4.49 -83.94 37.24
CA TYR F 2238 -4.09 -84.52 38.51
C TYR F 2238 -2.84 -83.81 39.03
N PHE F 2239 -1.95 -83.43 38.12
CA PHE F 2239 -0.78 -82.65 38.50
C PHE F 2239 -1.17 -81.37 39.21
N CYS F 2240 -2.18 -80.68 38.69
CA CYS F 2240 -2.69 -79.50 39.37
C CYS F 2240 -3.29 -79.86 40.73
N ARG F 2241 -4.02 -80.97 40.80
CA ARG F 2241 -4.62 -81.38 42.06
C ARG F 2241 -3.59 -81.74 43.13
N ILE F 2242 -2.37 -82.11 42.74
CA ILE F 2242 -1.40 -82.58 43.72
C ILE F 2242 -1.05 -81.48 44.71
N SER F 2243 -0.70 -80.30 44.22
CA SER F 2243 -0.22 -79.24 45.10
C SER F 2243 -0.56 -77.88 44.50
N ARG F 2244 -0.66 -76.89 45.39
CA ARG F 2244 -1.05 -75.56 44.94
C ARG F 2244 0.06 -74.88 44.15
N GLN F 2245 1.32 -75.21 44.46
CA GLN F 2245 2.42 -74.71 43.63
C GLN F 2245 2.34 -75.26 42.22
N ASN F 2246 1.99 -76.54 42.07
CA ASN F 2246 1.77 -77.10 40.75
C ASN F 2246 0.60 -76.43 40.06
N GLN F 2247 -0.47 -76.15 40.81
CA GLN F 2247 -1.62 -75.47 40.23
C GLN F 2247 -1.23 -74.09 39.70
N ARG F 2248 -0.43 -73.35 40.47
CA ARG F 2248 0.03 -72.04 40.02
C ARG F 2248 0.92 -72.18 38.79
N SER F 2249 1.81 -73.17 38.79
CA SER F 2249 2.72 -73.36 37.66
C SER F 2249 1.93 -73.61 36.39
N MET F 2250 0.86 -74.40 36.48
CA MET F 2250 0.02 -74.59 35.31
C MET F 2250 -0.81 -73.35 35.00
N PHE F 2251 -1.15 -72.55 36.03
CA PHE F 2251 -1.82 -71.28 35.79
C PHE F 2251 -0.96 -70.34 34.96
N ASP F 2252 0.36 -70.47 35.05
CA ASP F 2252 1.22 -69.67 34.19
C ASP F 2252 0.95 -69.91 32.71
N HIS F 2253 0.38 -71.06 32.36
CA HIS F 2253 0.04 -71.40 30.98
C HIS F 2253 -1.45 -71.34 30.71
N LEU F 2254 -2.19 -70.52 31.48
CA LEU F 2254 -3.65 -70.52 31.35
C LEU F 2254 -4.07 -70.03 29.97
N SER F 2255 -3.50 -68.93 29.51
CA SER F 2255 -3.85 -68.41 28.18
C SER F 2255 -3.37 -69.37 27.09
N TYR F 2256 -2.25 -70.04 27.32
CA TYR F 2256 -1.73 -70.98 26.33
C TYR F 2256 -2.69 -72.14 26.18
N LEU F 2257 -3.24 -72.62 27.30
CA LEU F 2257 -4.28 -73.64 27.25
C LEU F 2257 -5.53 -73.11 26.57
N LEU F 2258 -5.91 -71.88 26.88
CA LEU F 2258 -7.16 -71.32 26.37
C LEU F 2258 -7.12 -71.17 24.85
N GLU F 2259 -6.00 -70.70 24.31
CA GLU F 2259 -5.92 -70.48 22.87
C GLU F 2259 -6.00 -71.78 22.07
N ASN F 2260 -5.55 -72.89 22.65
CA ASN F 2260 -5.69 -74.21 22.03
C ASN F 2260 -7.01 -74.88 22.40
N SER F 2261 -7.85 -74.21 23.18
CA SER F 2261 -9.04 -74.82 23.76
C SER F 2261 -10.29 -74.62 22.92
N GLY F 2262 -10.20 -73.90 21.79
CA GLY F 2262 -11.38 -73.67 20.98
C GLY F 2262 -11.96 -74.95 20.41
N ILE F 2263 -11.08 -75.88 20.00
CA ILE F 2263 -11.52 -77.11 19.35
C ILE F 2263 -11.66 -78.26 20.33
N GLY F 2264 -11.36 -78.04 21.62
CA GLY F 2264 -11.50 -79.10 22.60
C GLY F 2264 -12.93 -79.56 22.83
N LEU F 2265 -13.91 -78.82 22.32
CA LEU F 2265 -15.30 -79.21 22.49
C LEU F 2265 -15.60 -80.53 21.79
N GLY F 2266 -15.01 -80.76 20.61
CA GLY F 2266 -15.28 -81.99 19.89
C GLY F 2266 -14.90 -83.22 20.67
N MET F 2267 -13.79 -83.15 21.40
CA MET F 2267 -13.37 -84.26 22.25
C MET F 2267 -14.21 -84.32 23.52
N GLN F 2268 -14.43 -85.53 24.01
CA GLN F 2268 -15.12 -85.77 25.26
CA GLN F 2268 -15.12 -85.77 25.26
C GLN F 2268 -14.16 -86.44 26.24
N GLY F 2269 -14.34 -86.16 27.53
CA GLY F 2269 -13.48 -86.71 28.55
C GLY F 2269 -12.71 -85.64 29.30
N SER F 2270 -11.40 -85.67 29.22
CA SER F 2270 -10.54 -84.63 29.78
C SER F 2270 -10.03 -83.75 28.66
N THR F 2271 -10.22 -82.44 28.80
CA THR F 2271 -9.96 -81.48 27.74
C THR F 2271 -9.14 -80.31 28.28
N PRO F 2272 -8.52 -79.52 27.40
CA PRO F 2272 -7.82 -78.32 27.88
C PRO F 2272 -8.71 -77.38 28.67
N LEU F 2273 -10.00 -77.31 28.35
CA LEU F 2273 -10.94 -76.64 29.24
C LEU F 2273 -10.86 -77.20 30.65
N ASP F 2274 -10.85 -78.52 30.77
CA ASP F 2274 -10.80 -79.14 32.09
C ASP F 2274 -9.48 -78.85 32.79
N VAL F 2275 -8.38 -78.86 32.03
CA VAL F 2275 -7.08 -78.54 32.61
C VAL F 2275 -7.06 -77.11 33.14
N ALA F 2276 -7.56 -76.17 32.34
CA ALA F 2276 -7.62 -74.78 32.77
C ALA F 2276 -8.51 -74.62 34.00
N ALA F 2277 -9.64 -75.32 34.03
CA ALA F 2277 -10.53 -75.24 35.18
C ALA F 2277 -9.85 -75.80 36.43
N ALA F 2278 -9.14 -76.92 36.29
CA ALA F 2278 -8.40 -77.47 37.42
C ALA F 2278 -7.26 -76.54 37.84
N SER F 2279 -6.81 -75.67 36.96
CA SER F 2279 -5.75 -74.72 37.27
C SER F 2279 -6.24 -73.51 38.07
N VAL F 2280 -7.55 -73.36 38.27
CA VAL F 2280 -8.10 -72.20 38.95
C VAL F 2280 -9.04 -72.58 40.08
N ILE F 2281 -9.52 -73.82 40.12
CA ILE F 2281 -10.55 -74.24 41.07
C ILE F 2281 -10.06 -73.99 42.50
N ASP F 2282 -10.99 -73.62 43.38
CA ASP F 2282 -10.80 -73.47 44.83
C ASP F 2282 -9.43 -72.89 45.19
N ASN F 2283 -9.03 -71.83 44.49
CA ASN F 2283 -7.76 -71.16 44.76
C ASN F 2283 -8.02 -69.65 44.65
N ASN F 2284 -8.13 -69.00 45.80
CA ASN F 2284 -8.54 -67.59 45.82
C ASN F 2284 -7.50 -66.69 45.17
N GLU F 2285 -6.21 -66.93 45.44
CA GLU F 2285 -5.18 -66.09 44.87
C GLU F 2285 -5.16 -66.18 43.36
N LEU F 2286 -5.25 -67.40 42.81
CA LEU F 2286 -5.32 -67.54 41.36
C LEU F 2286 -6.61 -66.97 40.79
N ALA F 2287 -7.72 -67.10 41.52
CA ALA F 2287 -8.97 -66.53 41.04
C ALA F 2287 -8.89 -65.02 40.93
N LEU F 2288 -8.30 -64.37 41.94
CA LEU F 2288 -8.09 -62.94 41.88
C LEU F 2288 -7.08 -62.54 40.82
N ALA F 2289 -6.05 -63.35 40.61
CA ALA F 2289 -5.01 -63.04 39.64
C ALA F 2289 -5.41 -63.36 38.21
N LEU F 2290 -6.58 -63.97 38.01
CA LEU F 2290 -7.06 -64.28 36.67
C LEU F 2290 -7.19 -62.98 35.88
N GLN F 2291 -6.68 -62.96 34.66
CA GLN F 2291 -6.59 -61.73 33.91
C GLN F 2291 -7.83 -61.54 33.03
N GLU F 2292 -8.08 -60.28 32.65
CA GLU F 2292 -9.29 -59.93 31.93
C GLU F 2292 -9.34 -60.55 30.54
N GLN F 2293 -8.23 -60.53 29.80
CA GLN F 2293 -8.26 -60.97 28.41
C GLN F 2293 -8.65 -62.44 28.31
N ASP F 2294 -8.29 -63.23 29.33
CA ASP F 2294 -8.67 -64.64 29.32
C ASP F 2294 -10.19 -64.81 29.39
N LEU F 2295 -10.84 -64.08 30.30
CA LEU F 2295 -12.29 -64.16 30.39
C LEU F 2295 -12.94 -63.61 29.12
N GLU F 2296 -12.35 -62.56 28.54
CA GLU F 2296 -12.86 -62.03 27.28
C GLU F 2296 -12.79 -63.10 26.19
N LYS F 2297 -11.68 -63.83 26.12
CA LYS F 2297 -11.54 -64.91 25.15
C LYS F 2297 -12.60 -65.98 25.37
N VAL F 2298 -12.81 -66.36 26.63
CA VAL F 2298 -13.77 -67.42 26.92
C VAL F 2298 -15.17 -66.99 26.51
N VAL F 2299 -15.54 -65.75 26.83
CA VAL F 2299 -16.85 -65.25 26.44
C VAL F 2299 -16.95 -65.15 24.92
N SER F 2300 -15.83 -64.88 24.25
CA SER F 2300 -15.84 -64.83 22.79
C SER F 2300 -16.17 -66.19 22.19
N TYR F 2301 -15.51 -67.24 22.69
CA TYR F 2301 -15.87 -68.58 22.22
C TYR F 2301 -17.31 -68.93 22.58
N LEU F 2302 -17.77 -68.51 23.76
CA LEU F 2302 -19.15 -68.82 24.13
C LEU F 2302 -20.13 -68.14 23.18
N ALA F 2303 -19.86 -66.88 22.84
CA ALA F 2303 -20.70 -66.19 21.87
C ALA F 2303 -20.66 -66.88 20.52
N GLY F 2304 -19.49 -67.35 20.11
CA GLY F 2304 -19.40 -68.11 18.87
C GLY F 2304 -20.24 -69.37 18.92
N CYS F 2305 -20.23 -70.06 20.05
CA CYS F 2305 -21.03 -71.27 20.19
C CYS F 2305 -22.52 -70.96 20.21
N GLY F 2306 -22.89 -69.76 20.61
CA GLY F 2306 -24.29 -69.40 20.61
C GLY F 2306 -24.88 -69.03 19.27
N LEU F 2307 -24.07 -68.98 18.20
CA LEU F 2307 -24.55 -68.60 16.88
C LEU F 2307 -24.43 -69.68 15.82
N GLN F 2308 -23.46 -70.57 15.91
CA GLN F 2308 -23.18 -71.53 14.86
C GLN F 2308 -23.22 -72.93 15.44
N SER F 2309 -23.93 -73.82 14.76
CA SER F 2309 -24.07 -75.20 15.22
C SER F 2309 -22.72 -75.91 15.21
N CYS F 2310 -22.66 -77.04 15.91
CA CYS F 2310 -21.45 -77.82 15.96
C CYS F 2310 -21.21 -78.47 14.60
N PRO F 2311 -20.09 -78.20 13.92
CA PRO F 2311 -19.85 -78.83 12.63
C PRO F 2311 -19.77 -80.34 12.71
N MET F 2312 -19.20 -80.89 13.78
CA MET F 2312 -19.12 -82.33 13.93
C MET F 2312 -20.50 -82.94 14.11
N LEU F 2313 -21.37 -82.27 14.88
CA LEU F 2313 -22.76 -82.70 14.98
C LEU F 2313 -23.45 -82.65 13.62
N LEU F 2314 -23.22 -81.58 12.87
CA LEU F 2314 -23.84 -81.45 11.56
C LEU F 2314 -23.41 -82.58 10.62
N ALA F 2315 -22.12 -82.93 10.66
CA ALA F 2315 -21.62 -84.02 9.82
C ALA F 2315 -22.20 -85.37 10.20
N LYS F 2316 -22.85 -85.47 11.37
CA LYS F 2316 -23.46 -86.71 11.82
C LYS F 2316 -24.97 -86.72 11.65
N GLY F 2317 -25.50 -85.87 10.77
CA GLY F 2317 -26.91 -85.88 10.47
C GLY F 2317 -27.81 -85.21 11.49
N TYR F 2318 -27.23 -84.51 12.47
CA TYR F 2318 -28.04 -83.88 13.49
C TYR F 2318 -28.83 -82.71 12.90
N PRO F 2319 -30.04 -82.46 13.38
CA PRO F 2319 -30.80 -81.30 12.90
C PRO F 2319 -30.09 -80.00 13.22
N ASP F 2320 -30.19 -79.05 12.30
CA ASP F 2320 -29.37 -77.84 12.34
C ASP F 2320 -30.15 -76.73 13.06
N ILE F 2321 -29.97 -76.66 14.37
CA ILE F 2321 -30.42 -75.52 15.15
C ILE F 2321 -29.27 -74.51 15.19
N GLY F 2322 -29.61 -73.24 15.34
CA GLY F 2322 -28.63 -72.20 15.15
C GLY F 2322 -27.69 -71.92 16.30
N TRP F 2323 -27.32 -72.95 17.06
CA TRP F 2323 -26.42 -72.75 18.20
C TRP F 2323 -25.92 -74.10 18.70
N ASN F 2324 -24.96 -74.06 19.60
CA ASN F 2324 -24.23 -75.23 20.07
C ASN F 2324 -24.29 -75.28 21.58
N PRO F 2325 -25.39 -75.79 22.14
CA PRO F 2325 -25.50 -75.87 23.61
C PRO F 2325 -24.43 -76.72 24.24
N CYS F 2326 -23.96 -77.74 23.53
CA CYS F 2326 -22.96 -78.65 24.09
C CYS F 2326 -21.68 -77.91 24.45
N GLY F 2327 -21.17 -77.08 23.54
CA GLY F 2327 -19.98 -76.31 23.85
C GLY F 2327 -20.28 -75.10 24.70
N GLY F 2328 -21.48 -74.54 24.58
CA GLY F 2328 -21.86 -73.46 25.44
C GLY F 2328 -21.78 -73.85 26.91
N GLU F 2329 -22.26 -75.05 27.24
CA GLU F 2329 -22.17 -75.54 28.61
C GLU F 2329 -20.72 -75.71 29.04
N ARG F 2330 -19.86 -76.17 28.13
CA ARG F 2330 -18.46 -76.38 28.48
C ARG F 2330 -17.79 -75.07 28.86
N TYR F 2331 -18.09 -74.00 28.13
CA TYR F 2331 -17.50 -72.72 28.51
C TYR F 2331 -18.16 -72.14 29.76
N LEU F 2332 -19.46 -72.36 29.92
CA LEU F 2332 -20.17 -71.83 31.07
C LEU F 2332 -19.64 -72.42 32.37
N ASP F 2333 -19.32 -73.73 32.37
CA ASP F 2333 -18.81 -74.32 33.61
C ASP F 2333 -17.44 -73.79 33.97
N PHE F 2334 -16.58 -73.52 32.98
CA PHE F 2334 -15.29 -72.92 33.29
C PHE F 2334 -15.47 -71.53 33.90
N LEU F 2335 -16.35 -70.72 33.31
CA LEU F 2335 -16.61 -69.42 33.93
C LEU F 2335 -17.16 -69.58 35.34
N ARG F 2336 -18.00 -70.58 35.57
CA ARG F 2336 -18.53 -70.84 36.90
C ARG F 2336 -17.40 -71.11 37.88
N PHE F 2337 -16.43 -71.92 37.46
CA PHE F 2337 -15.27 -72.16 38.33
C PHE F 2337 -14.46 -70.89 38.55
N ALA F 2338 -14.42 -70.02 37.54
CA ALA F 2338 -13.59 -68.81 37.63
C ALA F 2338 -14.20 -67.75 38.52
N VAL F 2339 -15.52 -67.71 38.68
CA VAL F 2339 -16.18 -66.65 39.44
C VAL F 2339 -16.63 -67.09 40.83
N PHE F 2340 -16.54 -68.38 41.15
CA PHE F 2340 -17.02 -68.89 42.43
C PHE F 2340 -15.91 -69.74 43.05
N VAL F 2341 -15.45 -69.36 44.24
CA VAL F 2341 -14.36 -70.05 44.90
C VAL F 2341 -14.72 -70.29 46.35
N ASN F 2342 -14.58 -71.54 46.80
CA ASN F 2342 -14.73 -71.92 48.20
C ASN F 2342 -16.09 -71.51 48.77
N GLY F 2343 -17.12 -71.55 47.93
CA GLY F 2343 -18.46 -71.25 48.38
C GLY F 2343 -18.82 -69.79 48.43
N GLU F 2344 -17.89 -68.90 48.06
CA GLU F 2344 -18.15 -67.46 48.03
C GLU F 2344 -17.80 -66.90 46.67
N SER F 2345 -18.51 -65.85 46.28
CA SER F 2345 -18.34 -65.25 44.97
C SER F 2345 -17.11 -64.36 44.96
N VAL F 2346 -16.33 -64.45 43.88
CA VAL F 2346 -15.22 -63.53 43.65
C VAL F 2346 -15.78 -62.36 42.84
N GLU F 2347 -16.03 -61.24 43.53
CA GLU F 2347 -16.79 -60.15 42.92
C GLU F 2347 -16.02 -59.52 41.76
N GLU F 2348 -14.69 -59.44 41.85
CA GLU F 2348 -13.93 -58.81 40.79
C GLU F 2348 -14.11 -59.55 39.48
N ASN F 2349 -14.07 -60.88 39.52
CA ASN F 2349 -14.30 -61.67 38.32
C ASN F 2349 -15.78 -61.69 37.94
N ALA F 2350 -16.67 -61.71 38.93
CA ALA F 2350 -18.09 -61.82 38.64
C ALA F 2350 -18.60 -60.60 37.89
N ASN F 2351 -18.22 -59.40 38.34
CA ASN F 2351 -18.66 -58.20 37.67
C ASN F 2351 -18.17 -58.15 36.23
N VAL F 2352 -16.91 -58.53 36.02
CA VAL F 2352 -16.33 -58.53 34.68
C VAL F 2352 -17.07 -59.52 33.79
N VAL F 2353 -17.37 -60.71 34.31
CA VAL F 2353 -18.07 -61.72 33.52
C VAL F 2353 -19.46 -61.24 33.16
N VAL F 2354 -20.18 -60.64 34.12
CA VAL F 2354 -21.53 -60.15 33.83
C VAL F 2354 -21.47 -59.06 32.77
N ARG F 2355 -20.52 -58.14 32.89
CA ARG F 2355 -20.42 -57.06 31.92
C ARG F 2355 -20.11 -57.59 30.53
N LEU F 2356 -19.17 -58.54 30.43
CA LEU F 2356 -18.87 -59.12 29.12
C LEU F 2356 -20.07 -59.82 28.53
N LEU F 2357 -20.79 -60.59 29.36
CA LEU F 2357 -21.93 -61.34 28.87
C LEU F 2357 -23.02 -60.40 28.37
N ILE F 2358 -23.26 -59.30 29.06
CA ILE F 2358 -24.29 -58.38 28.58
C ILE F 2358 -23.79 -57.61 27.37
N ARG F 2359 -22.47 -57.41 27.24
CA ARG F 2359 -21.95 -56.77 26.04
C ARG F 2359 -22.15 -57.63 24.81
N LYS F 2360 -21.98 -58.94 24.92
CA LYS F 2360 -22.31 -59.88 23.83
C LYS F 2360 -23.55 -60.65 24.24
N PRO F 2361 -24.73 -60.09 24.01
CA PRO F 2361 -25.95 -60.72 24.54
C PRO F 2361 -26.23 -62.09 23.97
N GLU F 2362 -25.64 -62.42 22.83
CA GLU F 2362 -25.92 -63.68 22.15
C GLU F 2362 -25.50 -64.91 22.93
N CYS F 2363 -24.64 -64.75 23.95
CA CYS F 2363 -24.21 -65.91 24.72
C CYS F 2363 -25.32 -66.48 25.59
N PHE F 2364 -26.44 -65.78 25.72
CA PHE F 2364 -27.55 -66.25 26.52
C PHE F 2364 -28.38 -67.31 25.82
N GLY F 2365 -28.13 -67.57 24.54
CA GLY F 2365 -28.91 -68.53 23.80
C GLY F 2365 -30.03 -67.87 23.04
N PRO F 2366 -30.74 -68.65 22.22
CA PRO F 2366 -31.86 -68.07 21.46
C PRO F 2366 -32.94 -67.48 22.33
N ALA F 2367 -33.24 -68.10 23.46
CA ALA F 2367 -34.11 -67.43 24.44
C ALA F 2367 -33.31 -66.36 25.18
N LEU F 2368 -34.03 -65.48 25.86
CA LEU F 2368 -33.43 -64.36 26.56
C LEU F 2368 -32.69 -63.42 25.61
N ARG F 2369 -33.02 -63.48 24.32
CA ARG F 2369 -32.36 -62.64 23.33
CA ARG F 2369 -32.37 -62.65 23.31
C ARG F 2369 -32.90 -61.23 23.29
N GLY F 2370 -34.06 -60.98 23.90
CA GLY F 2370 -34.65 -59.65 23.84
C GLY F 2370 -35.64 -59.56 22.70
N GLU F 2371 -35.21 -59.01 21.58
CA GLU F 2371 -36.07 -58.95 20.40
C GLU F 2371 -36.29 -60.34 19.85
N GLY F 2372 -37.55 -60.73 19.70
CA GLY F 2372 -37.88 -62.01 19.11
C GLY F 2372 -37.39 -63.21 19.87
N GLY F 2373 -37.35 -63.14 21.20
CA GLY F 2373 -36.90 -64.24 22.03
C GLY F 2373 -37.97 -64.66 23.02
N SER F 2374 -38.30 -65.94 23.01
CA SER F 2374 -39.27 -66.48 23.95
C SER F 2374 -38.67 -66.52 25.35
N GLY F 2375 -39.52 -66.85 26.32
CA GLY F 2375 -39.11 -66.89 27.70
C GLY F 2375 -38.25 -68.11 28.00
N LEU F 2376 -37.62 -68.07 29.17
CA LEU F 2376 -36.80 -69.20 29.61
C LEU F 2376 -37.66 -70.44 29.85
N LEU F 2377 -38.82 -70.27 30.48
CA LEU F 2377 -39.70 -71.41 30.71
C LEU F 2377 -40.23 -71.97 29.41
N ALA F 2378 -40.56 -71.10 28.45
CA ALA F 2378 -40.96 -71.57 27.13
C ALA F 2378 -39.83 -72.33 26.46
N ALA F 2379 -38.58 -71.86 26.65
CA ALA F 2379 -37.44 -72.56 26.07
C ALA F 2379 -37.29 -73.95 26.67
N ILE F 2380 -37.46 -74.07 27.99
CA ILE F 2380 -37.33 -75.37 28.63
C ILE F 2380 -38.44 -76.31 28.17
N GLU F 2381 -39.66 -75.78 28.03
CA GLU F 2381 -40.75 -76.62 27.53
C GLU F 2381 -40.51 -77.07 26.10
N GLU F 2382 -39.98 -76.17 25.26
CA GLU F 2382 -39.63 -76.57 23.89
C GLU F 2382 -38.54 -77.64 23.91
N ALA F 2383 -37.60 -77.53 24.84
CA ALA F 2383 -36.57 -78.56 24.97
C ALA F 2383 -37.18 -79.90 25.34
N ILE F 2384 -38.14 -79.89 26.25
CA ILE F 2384 -38.82 -81.13 26.61
C ILE F 2384 -39.54 -81.72 25.39
N ARG F 2385 -40.20 -80.86 24.62
CA ARG F 2385 -40.88 -81.34 23.42
C ARG F 2385 -39.90 -81.99 22.45
N ILE F 2386 -38.78 -81.31 22.15
CA ILE F 2386 -37.86 -81.87 21.16
C ILE F 2386 -37.23 -83.15 21.70
N SER F 2387 -37.07 -83.24 23.02
CA SER F 2387 -36.60 -84.48 23.62
C SER F 2387 -37.59 -85.61 23.38
N GLU F 2388 -38.89 -85.31 23.53
CA GLU F 2388 -39.89 -86.34 23.32
C GLU F 2388 -40.05 -86.71 21.86
N ASP F 2389 -39.73 -85.81 20.93
CA ASP F 2389 -39.91 -86.09 19.51
C ASP F 2389 -38.59 -86.41 18.85
N PRO F 2390 -38.35 -87.66 18.43
CA PRO F 2390 -37.16 -87.96 17.62
C PRO F 2390 -37.26 -87.31 16.25
N ALA F 2391 -36.20 -87.46 15.45
CA ALA F 2391 -35.98 -86.74 14.19
C ALA F 2391 -35.80 -85.25 14.44
N ARG F 2392 -35.97 -84.79 15.67
CA ARG F 2392 -35.65 -83.44 16.07
C ARG F 2392 -34.75 -83.42 17.31
N ASP F 2393 -34.58 -84.56 17.97
CA ASP F 2393 -33.62 -84.70 19.06
C ASP F 2393 -32.35 -85.44 18.65
N GLY F 2394 -32.44 -86.38 17.71
CA GLY F 2394 -31.29 -87.15 17.31
C GLY F 2394 -31.11 -87.16 15.80
N PRO F 2395 -30.04 -87.83 15.34
CA PRO F 2395 -29.80 -87.89 13.90
C PRO F 2395 -30.91 -88.57 13.13
N GLY F 2396 -31.62 -89.51 13.75
CA GLY F 2396 -32.71 -90.20 13.09
C GLY F 2396 -32.27 -91.01 11.89
N VAL F 2397 -31.19 -91.76 12.04
CA VAL F 2397 -30.67 -92.58 10.96
C VAL F 2397 -31.67 -93.67 10.57
N PRO F 2410 -25.88 -95.81 25.58
CA PRO F 2410 -26.26 -95.04 24.39
C PRO F 2410 -25.85 -95.74 23.10
N PRO F 2411 -26.59 -95.48 22.01
CA PRO F 2411 -26.23 -96.11 20.73
C PRO F 2411 -24.82 -95.80 20.28
N GLU F 2412 -24.35 -94.59 20.55
CA GLU F 2412 -22.97 -94.20 20.27
C GLU F 2412 -22.09 -94.26 21.52
N GLU F 2413 -22.66 -94.72 22.64
CA GLU F 2413 -22.02 -94.82 23.95
C GLU F 2413 -21.81 -93.43 24.57
N ASN F 2414 -21.97 -92.38 23.77
CA ASN F 2414 -22.02 -91.01 24.26
C ASN F 2414 -23.03 -90.21 23.46
N ARG F 2415 -24.17 -90.83 23.13
CA ARG F 2415 -25.14 -90.20 22.26
C ARG F 2415 -25.64 -88.90 22.86
N VAL F 2416 -25.67 -87.85 22.05
CA VAL F 2416 -26.05 -86.52 22.49
C VAL F 2416 -27.52 -86.29 22.18
N HIS F 2417 -28.27 -85.85 23.18
CA HIS F 2417 -29.69 -85.56 23.04
C HIS F 2417 -29.89 -84.06 23.12
N LEU F 2418 -30.57 -83.50 22.11
CA LEU F 2418 -30.66 -82.05 21.99
C LEU F 2418 -31.46 -81.44 23.12
N GLY F 2419 -32.54 -82.09 23.53
CA GLY F 2419 -33.33 -81.54 24.63
C GLY F 2419 -32.53 -81.44 25.91
N HIS F 2420 -31.85 -82.52 26.27
CA HIS F 2420 -31.04 -82.48 27.49
C HIS F 2420 -29.91 -81.48 27.35
N ALA F 2421 -29.34 -81.36 26.15
CA ALA F 2421 -28.28 -80.39 25.94
C ALA F 2421 -28.79 -78.97 26.15
N ILE F 2422 -29.99 -78.67 25.66
CA ILE F 2422 -30.55 -77.34 25.81
C ILE F 2422 -30.85 -77.04 27.28
N MET F 2423 -31.51 -77.97 27.96
CA MET F 2423 -31.80 -77.74 29.37
C MET F 2423 -30.51 -77.60 30.18
N SER F 2424 -29.51 -78.41 29.88
CA SER F 2424 -28.25 -78.32 30.59
C SER F 2424 -27.57 -76.98 30.35
N PHE F 2425 -27.63 -76.49 29.11
CA PHE F 2425 -27.04 -75.20 28.80
C PHE F 2425 -27.72 -74.09 29.60
N TYR F 2426 -29.04 -74.07 29.60
CA TYR F 2426 -29.73 -73.01 30.33
C TYR F 2426 -29.53 -73.13 31.83
N ALA F 2427 -29.47 -74.36 32.35
CA ALA F 2427 -29.19 -74.53 33.76
C ALA F 2427 -27.80 -74.01 34.10
N ALA F 2428 -26.81 -74.28 33.25
CA ALA F 2428 -25.46 -73.79 33.50
C ALA F 2428 -25.41 -72.27 33.44
N LEU F 2429 -26.13 -71.67 32.49
CA LEU F 2429 -26.15 -70.21 32.39
C LEU F 2429 -26.77 -69.59 33.63
N ILE F 2430 -27.89 -70.14 34.09
CA ILE F 2430 -28.56 -69.62 35.29
C ILE F 2430 -27.67 -69.81 36.51
N ASP F 2431 -26.99 -70.95 36.60
CA ASP F 2431 -26.09 -71.19 37.72
C ASP F 2431 -24.94 -70.20 37.73
N LEU F 2432 -24.36 -69.91 36.56
CA LEU F 2432 -23.28 -68.95 36.49
C LEU F 2432 -23.76 -67.56 36.91
N LEU F 2433 -24.93 -67.16 36.41
CA LEU F 2433 -25.44 -65.84 36.79
C LEU F 2433 -25.74 -65.77 38.27
N GLY F 2434 -26.26 -66.86 38.85
CA GLY F 2434 -26.52 -66.86 40.27
C GLY F 2434 -25.24 -66.77 41.09
N ARG F 2435 -24.20 -67.48 40.67
CA ARG F 2435 -22.93 -67.38 41.37
C ARG F 2435 -22.30 -66.01 41.20
N CYS F 2436 -22.58 -65.32 40.11
CA CYS F 2436 -22.09 -63.95 39.93
C CYS F 2436 -22.81 -62.94 40.82
N ALA F 2437 -23.89 -63.33 41.48
CA ALA F 2437 -24.66 -62.39 42.27
C ALA F 2437 -23.84 -61.91 43.46
N PRO F 2438 -24.03 -60.66 43.89
CA PRO F 2438 -23.23 -60.15 44.99
C PRO F 2438 -23.58 -60.82 46.30
N GLU F 2439 -22.68 -60.68 47.27
CA GLU F 2439 -22.91 -61.26 48.58
C GLU F 2439 -23.89 -60.40 49.39
N MET F 2440 -24.53 -61.04 50.37
CA MET F 2440 -25.55 -60.37 51.14
C MET F 2440 -24.95 -59.23 51.97
N HIS F 2441 -23.73 -59.41 52.46
CA HIS F 2441 -23.10 -58.33 53.22
C HIS F 2441 -22.83 -57.13 52.33
N LEU F 2442 -22.41 -57.35 51.08
CA LEU F 2442 -22.25 -56.25 50.16
C LEU F 2442 -23.57 -55.56 49.87
N ILE F 2443 -24.64 -56.33 49.70
CA ILE F 2443 -25.95 -55.73 49.45
C ILE F 2443 -26.39 -54.89 50.64
N GLN F 2444 -26.20 -55.41 51.86
CA GLN F 2444 -26.57 -54.65 53.05
C GLN F 2444 -25.71 -53.41 53.23
N ALA F 2445 -24.46 -53.47 52.77
CA ALA F 2445 -23.61 -52.28 52.82
C ALA F 2445 -24.04 -51.20 51.86
N GLY F 2446 -24.98 -51.46 50.97
CA GLY F 2446 -25.45 -50.47 50.04
C GLY F 2446 -24.48 -50.15 48.93
N LYS F 2447 -23.65 -51.12 48.54
CA LYS F 2447 -22.65 -50.87 47.52
C LYS F 2447 -23.30 -50.72 46.15
N GLY F 2448 -22.94 -49.64 45.45
CA GLY F 2448 -23.62 -49.31 44.22
C GLY F 2448 -23.43 -50.33 43.12
N GLU F 2449 -22.19 -50.81 42.94
CA GLU F 2449 -21.94 -51.80 41.90
C GLU F 2449 -22.65 -53.12 42.22
N ALA F 2450 -22.65 -53.52 43.49
CA ALA F 2450 -23.37 -54.73 43.86
C ALA F 2450 -24.86 -54.61 43.58
N LEU F 2451 -25.45 -53.48 43.96
CA LEU F 2451 -26.86 -53.27 43.69
C LEU F 2451 -27.15 -53.26 42.20
N ARG F 2452 -26.26 -52.63 41.41
CA ARG F 2452 -26.47 -52.57 39.97
C ARG F 2452 -26.40 -53.96 39.35
N ILE F 2453 -25.42 -54.77 39.77
CA ILE F 2453 -25.29 -56.12 39.23
C ILE F 2453 -26.51 -56.95 39.59
N ARG F 2454 -26.98 -56.85 40.84
CA ARG F 2454 -28.16 -57.60 41.23
C ARG F 2454 -29.38 -57.16 40.42
N ALA F 2455 -29.52 -55.86 40.18
CA ALA F 2455 -30.64 -55.37 39.37
C ALA F 2455 -30.56 -55.90 37.95
N ILE F 2456 -29.36 -55.94 37.38
CA ILE F 2456 -29.20 -56.47 36.02
C ILE F 2456 -29.60 -57.94 35.98
N LEU F 2457 -29.16 -58.72 36.98
CA LEU F 2457 -29.51 -60.12 37.02
C LEU F 2457 -31.02 -60.31 37.14
N ARG F 2458 -31.66 -59.53 38.00
CA ARG F 2458 -33.10 -59.63 38.17
C ARG F 2458 -33.82 -59.27 36.87
N SER F 2459 -33.32 -58.27 36.15
CA SER F 2459 -33.90 -57.94 34.87
C SER F 2459 -33.77 -59.09 33.87
N LEU F 2460 -32.61 -59.75 33.87
CA LEU F 2460 -32.42 -60.85 32.92
C LEU F 2460 -33.33 -62.03 33.22
N VAL F 2461 -33.36 -62.49 34.46
CA VAL F 2461 -34.10 -63.72 34.78
C VAL F 2461 -35.31 -63.40 35.63
N PRO F 2462 -36.52 -63.64 35.12
CA PRO F 2462 -37.72 -63.32 35.91
C PRO F 2462 -38.09 -64.40 36.91
N LEU F 2463 -38.60 -63.93 38.05
CA LEU F 2463 -38.92 -64.81 39.17
C LEU F 2463 -40.03 -65.78 38.82
N ASP F 2464 -41.01 -65.34 38.04
CA ASP F 2464 -42.09 -66.23 37.63
C ASP F 2464 -41.55 -67.37 36.77
N ASP F 2465 -40.59 -67.07 35.89
CA ASP F 2465 -39.97 -68.12 35.09
C ASP F 2465 -39.20 -69.09 35.97
N LEU F 2466 -38.47 -68.58 36.96
CA LEU F 2466 -37.75 -69.48 37.87
C LEU F 2466 -38.72 -70.41 38.59
N VAL F 2467 -39.82 -69.86 39.11
CA VAL F 2467 -40.78 -70.68 39.85
C VAL F 2467 -41.46 -71.67 38.91
N GLY F 2468 -41.74 -71.26 37.68
CA GLY F 2468 -42.34 -72.18 36.73
C GLY F 2468 -41.43 -73.34 36.40
N ILE F 2469 -40.13 -73.08 36.25
CA ILE F 2469 -39.20 -74.16 35.99
C ILE F 2469 -39.09 -75.08 37.21
N ILE F 2470 -39.07 -74.50 38.40
CA ILE F 2470 -39.02 -75.32 39.61
C ILE F 2470 -40.27 -76.18 39.73
N SER F 2471 -41.42 -75.69 39.27
CA SER F 2471 -42.67 -76.40 39.40
C SER F 2471 -42.89 -77.45 38.32
N LEU F 2472 -42.01 -77.55 37.33
CA LEU F 2472 -42.21 -78.51 36.25
C LEU F 2472 -42.15 -79.93 36.80
N PRO F 2473 -43.00 -80.83 36.28
CA PRO F 2473 -42.99 -82.20 36.77
C PRO F 2473 -41.72 -82.94 36.37
N LEU F 2474 -41.31 -83.88 37.21
CA LEU F 2474 -40.19 -84.75 36.94
C LEU F 2474 -40.69 -86.17 36.77
N GLN F 2475 -40.16 -86.88 35.77
CA GLN F 2475 -40.55 -88.26 35.57
C GLN F 2475 -40.03 -89.12 36.72
N ILE F 2476 -40.88 -90.01 37.23
CA ILE F 2476 -40.60 -90.82 38.40
C ILE F 2476 -40.56 -92.27 37.97
N PRO F 2477 -39.58 -93.07 38.41
CA PRO F 2477 -39.55 -94.48 38.01
C PRO F 2477 -40.76 -95.23 38.56
N THR F 2478 -41.63 -95.64 37.66
CA THR F 2478 -42.83 -96.36 38.03
C THR F 2478 -42.58 -97.86 37.90
N LEU F 2479 -43.63 -98.63 38.12
CA LEU F 2479 -43.58 -100.08 38.06
C LEU F 2479 -44.75 -100.57 37.22
N GLY F 2480 -44.50 -101.60 36.43
CA GLY F 2480 -45.55 -102.18 35.62
C GLY F 2480 -44.99 -103.13 34.59
N LYS F 2481 -45.91 -103.76 33.86
CA LYS F 2481 -45.58 -104.68 32.77
C LYS F 2481 -44.69 -105.82 33.25
N ASP F 2482 -45.26 -106.63 34.14
CA ASP F 2482 -44.71 -107.81 34.83
C ASP F 2482 -43.79 -107.42 35.98
N GLY F 2483 -43.58 -106.14 36.24
CA GLY F 2483 -42.69 -105.71 37.30
C GLY F 2483 -41.36 -105.14 36.84
N ALA F 2484 -41.20 -104.86 35.55
CA ALA F 2484 -39.97 -104.25 35.07
C ALA F 2484 -39.91 -102.79 35.52
N LEU F 2485 -38.69 -102.31 35.76
CA LEU F 2485 -38.49 -100.93 36.16
C LEU F 2485 -38.60 -100.02 34.94
N VAL F 2486 -39.55 -99.09 35.00
CA VAL F 2486 -39.74 -98.12 33.92
C VAL F 2486 -39.04 -96.84 34.36
N GLN F 2487 -37.76 -96.73 34.01
CA GLN F 2487 -36.99 -95.59 34.48
C GLN F 2487 -36.71 -94.61 33.35
N PRO F 2488 -36.62 -93.32 33.66
CA PRO F 2488 -36.22 -92.35 32.64
C PRO F 2488 -34.75 -92.48 32.32
N LYS F 2489 -34.37 -92.01 31.14
CA LYS F 2489 -32.97 -91.94 30.74
C LYS F 2489 -32.43 -90.60 31.19
N MET F 2490 -31.59 -90.61 32.23
CA MET F 2490 -31.15 -89.36 32.85
C MET F 2490 -30.36 -88.50 31.90
N SER F 2491 -29.78 -89.09 30.86
CA SER F 2491 -29.01 -88.35 29.88
C SER F 2491 -29.86 -87.78 28.75
N ALA F 2492 -31.18 -88.02 28.78
CA ALA F 2492 -32.06 -87.52 27.73
C ALA F 2492 -33.38 -87.03 28.29
N SER F 2493 -33.38 -86.45 29.49
CA SER F 2493 -34.61 -86.03 30.13
C SER F 2493 -34.34 -84.89 31.09
N PHE F 2494 -35.41 -84.25 31.51
CA PHE F 2494 -35.35 -83.22 32.55
C PHE F 2494 -34.88 -83.85 33.86
N VAL F 2495 -33.89 -83.24 34.49
CA VAL F 2495 -33.27 -83.83 35.67
C VAL F 2495 -33.25 -82.78 36.78
N PRO F 2496 -33.19 -83.21 38.04
CA PRO F 2496 -33.24 -82.25 39.15
C PRO F 2496 -32.07 -81.28 39.21
N ASP F 2497 -30.95 -81.56 38.56
CA ASP F 2497 -29.86 -80.59 38.55
C ASP F 2497 -30.30 -79.29 37.88
N HIS F 2498 -31.13 -79.40 36.85
CA HIS F 2498 -31.68 -78.23 36.19
C HIS F 2498 -32.47 -77.38 37.18
N LYS F 2499 -33.27 -78.03 38.03
CA LYS F 2499 -34.00 -77.30 39.05
C LYS F 2499 -33.07 -76.73 40.11
N ALA F 2500 -32.01 -77.45 40.44
CA ALA F 2500 -31.08 -76.98 41.46
C ALA F 2500 -30.41 -75.68 41.04
N SER F 2501 -30.09 -75.55 39.76
CA SER F 2501 -29.53 -74.30 39.28
C SER F 2501 -30.50 -73.13 39.48
N MET F 2502 -31.78 -73.33 39.16
CA MET F 2502 -32.76 -72.29 39.37
C MET F 2502 -32.92 -71.97 40.85
N VAL F 2503 -32.86 -72.98 41.70
CA VAL F 2503 -32.97 -72.73 43.14
C VAL F 2503 -31.81 -71.88 43.63
N LEU F 2504 -30.60 -72.18 43.14
CA LEU F 2504 -29.44 -71.37 43.53
C LEU F 2504 -29.61 -69.93 43.08
N PHE F 2505 -30.06 -69.73 41.84
CA PHE F 2505 -30.27 -68.37 41.36
C PHE F 2505 -31.32 -67.65 42.18
N LEU F 2506 -32.43 -68.34 42.49
CA LEU F 2506 -33.49 -67.73 43.26
C LEU F 2506 -33.02 -67.34 44.65
N ASP F 2507 -32.22 -68.19 45.28
CA ASP F 2507 -31.70 -67.88 46.60
C ASP F 2507 -30.75 -66.69 46.57
N ARG F 2508 -29.77 -66.72 45.67
CA ARG F 2508 -28.72 -65.71 45.71
C ARG F 2508 -29.20 -64.36 45.18
N VAL F 2509 -29.97 -64.37 44.11
CA VAL F 2509 -30.39 -63.12 43.47
C VAL F 2509 -31.66 -62.57 44.10
N TYR F 2510 -32.75 -63.34 44.05
CA TYR F 2510 -34.03 -62.86 44.55
C TYR F 2510 -34.16 -63.07 46.06
N GLY F 2511 -33.92 -64.28 46.54
CA GLY F 2511 -34.05 -64.58 47.94
C GLY F 2511 -35.50 -64.64 48.38
N ILE F 2512 -35.73 -65.37 49.46
CA ILE F 2512 -37.06 -65.55 50.04
C ILE F 2512 -37.15 -64.60 51.21
N GLU F 2513 -38.13 -63.68 51.16
CA GLU F 2513 -38.26 -62.67 52.20
C GLU F 2513 -39.65 -62.55 52.78
N ASN F 2514 -40.66 -63.15 52.16
CA ASN F 2514 -42.03 -63.05 52.66
C ASN F 2514 -42.65 -64.44 52.77
N GLN F 2515 -43.43 -64.61 53.85
CA GLN F 2515 -43.98 -65.92 54.18
C GLN F 2515 -44.93 -66.43 53.11
N ASP F 2516 -45.76 -65.54 52.57
CA ASP F 2516 -46.72 -65.96 51.55
C ASP F 2516 -46.00 -66.50 50.31
N PHE F 2517 -44.94 -65.83 49.89
CA PHE F 2517 -44.19 -66.32 48.74
C PHE F 2517 -43.46 -67.61 49.07
N LEU F 2518 -42.96 -67.73 50.30
CA LEU F 2518 -42.31 -68.98 50.69
C LEU F 2518 -43.29 -70.15 50.59
N LEU F 2519 -44.51 -69.96 51.08
CA LEU F 2519 -45.51 -71.02 50.97
C LEU F 2519 -45.91 -71.27 49.52
N HIS F 2520 -45.96 -70.22 48.71
CA HIS F 2520 -46.30 -70.41 47.30
C HIS F 2520 -45.23 -71.22 46.58
N VAL F 2521 -43.97 -70.99 46.90
CA VAL F 2521 -42.91 -71.81 46.31
C VAL F 2521 -43.01 -73.25 46.83
N LEU F 2522 -43.26 -73.41 48.13
CA LEU F 2522 -43.30 -74.74 48.71
C LEU F 2522 -44.39 -75.59 48.08
N ASP F 2523 -45.61 -75.07 47.99
CA ASP F 2523 -46.72 -75.93 47.64
C ASP F 2523 -46.81 -76.23 46.14
N VAL F 2524 -46.03 -75.57 45.30
CA VAL F 2524 -46.05 -75.82 43.86
C VAL F 2524 -44.75 -76.43 43.36
N GLY F 2525 -43.61 -76.04 43.94
CA GLY F 2525 -42.35 -76.50 43.41
C GLY F 2525 -41.58 -77.49 44.26
N PHE F 2526 -41.57 -77.27 45.58
CA PHE F 2526 -40.73 -78.06 46.47
C PHE F 2526 -41.47 -79.26 47.06
N LEU F 2527 -42.69 -79.06 47.54
CA LEU F 2527 -43.40 -80.15 48.19
C LEU F 2527 -43.66 -81.33 47.28
N PRO F 2528 -44.08 -81.17 46.02
CA PRO F 2528 -44.20 -82.36 45.16
C PRO F 2528 -42.90 -83.13 45.00
N ASP F 2529 -41.77 -82.43 44.89
CA ASP F 2529 -40.49 -83.12 44.76
C ASP F 2529 -40.13 -83.85 46.05
N MET F 2530 -40.39 -83.22 47.19
CA MET F 2530 -40.14 -83.87 48.47
C MET F 2530 -40.99 -85.14 48.59
N ARG F 2531 -42.26 -85.06 48.21
CA ARG F 2531 -43.13 -86.22 48.27
C ARG F 2531 -42.66 -87.31 47.32
N ALA F 2532 -42.22 -86.93 46.12
CA ALA F 2532 -41.73 -87.92 45.17
C ALA F 2532 -40.50 -88.63 45.71
N ALA F 2533 -39.57 -87.87 46.27
CA ALA F 2533 -38.37 -88.49 46.84
C ALA F 2533 -38.72 -89.41 48.00
N ALA F 2534 -39.68 -89.00 48.84
CA ALA F 2534 -40.11 -89.87 49.92
C ALA F 2534 -40.73 -91.16 49.37
N SER F 2535 -41.54 -91.04 48.32
CA SER F 2535 -42.17 -92.22 47.74
C SER F 2535 -41.15 -93.17 47.14
N LEU F 2536 -40.09 -92.64 46.53
CA LEU F 2536 -39.08 -93.50 45.92
C LEU F 2536 -38.25 -94.26 46.93
N ASP F 2537 -38.35 -93.95 48.23
CA ASP F 2537 -37.56 -94.63 49.26
C ASP F 2537 -38.26 -95.92 49.68
N THR F 2538 -38.27 -96.87 48.74
CA THR F 2538 -38.87 -98.17 48.96
C THR F 2538 -37.81 -99.25 48.73
N ALA F 2539 -38.25 -100.51 48.73
CA ALA F 2539 -37.32 -101.61 48.52
C ALA F 2539 -36.71 -101.56 47.12
N THR F 2540 -37.52 -101.20 46.13
CA THR F 2540 -37.09 -101.26 44.74
C THR F 2540 -36.49 -99.94 44.25
N PHE F 2541 -37.17 -98.83 44.50
CA PHE F 2541 -36.83 -97.55 43.88
C PHE F 2541 -35.73 -96.79 44.61
N SER F 2542 -35.31 -97.25 45.78
CA SER F 2542 -34.45 -96.43 46.63
C SER F 2542 -33.11 -96.13 45.97
N THR F 2543 -32.55 -97.10 45.25
CA THR F 2543 -31.23 -96.96 44.65
C THR F 2543 -31.29 -96.51 43.19
N THR F 2544 -32.46 -96.16 42.69
CA THR F 2544 -32.56 -95.75 41.29
C THR F 2544 -31.90 -94.40 41.07
N GLU F 2545 -31.49 -94.17 39.82
CA GLU F 2545 -30.79 -92.94 39.48
C GLU F 2545 -31.67 -91.72 39.72
N MET F 2546 -32.95 -91.81 39.38
CA MET F 2546 -33.86 -90.70 39.61
C MET F 2546 -34.00 -90.40 41.10
N ALA F 2547 -34.09 -91.44 41.93
CA ALA F 2547 -34.20 -91.23 43.37
C ALA F 2547 -32.94 -90.59 43.93
N LEU F 2548 -31.78 -91.04 43.48
CA LEU F 2548 -30.54 -90.43 43.96
C LEU F 2548 -30.43 -88.98 43.51
N ALA F 2549 -30.87 -88.68 42.29
CA ALA F 2549 -30.87 -87.30 41.82
C ALA F 2549 -31.80 -86.44 42.66
N LEU F 2550 -32.97 -86.96 43.00
CA LEU F 2550 -33.89 -86.23 43.86
C LEU F 2550 -33.27 -85.99 45.23
N ASN F 2551 -32.58 -86.99 45.77
CA ASN F 2551 -31.95 -86.82 47.07
C ASN F 2551 -30.89 -85.74 47.03
N ARG F 2552 -30.05 -85.74 45.99
CA ARG F 2552 -29.03 -84.69 45.87
C ARG F 2552 -29.68 -83.32 45.71
N TYR F 2553 -30.73 -83.24 44.91
CA TYR F 2553 -31.41 -81.96 44.68
C TYR F 2553 -32.03 -81.44 45.97
N LEU F 2554 -32.62 -82.32 46.77
CA LEU F 2554 -33.21 -81.88 48.02
C LEU F 2554 -32.16 -81.50 49.04
N CYS F 2555 -31.11 -82.30 49.17
CA CYS F 2555 -30.12 -82.08 50.22
C CYS F 2555 -29.10 -81.03 49.86
N LEU F 2556 -29.06 -80.56 48.62
CA LEU F 2556 -28.14 -79.51 48.24
C LEU F 2556 -28.82 -78.22 47.82
N ALA F 2557 -30.10 -78.25 47.44
CA ALA F 2557 -30.79 -77.06 46.98
C ALA F 2557 -31.98 -76.69 47.85
N VAL F 2558 -32.91 -77.62 48.09
CA VAL F 2558 -34.21 -77.27 48.65
C VAL F 2558 -34.13 -77.16 50.16
N LEU F 2559 -33.64 -78.21 50.81
CA LEU F 2559 -33.65 -78.26 52.27
C LEU F 2559 -32.78 -77.19 52.93
N PRO F 2560 -31.56 -76.91 52.48
CA PRO F 2560 -30.83 -75.78 53.09
C PRO F 2560 -31.55 -74.46 52.96
N LEU F 2561 -32.22 -74.24 51.83
CA LEU F 2561 -32.99 -73.00 51.66
C LEU F 2561 -34.16 -72.96 52.63
N ILE F 2562 -34.85 -74.08 52.81
CA ILE F 2562 -35.95 -74.12 53.77
C ILE F 2562 -35.44 -73.86 55.19
N THR F 2563 -34.29 -74.45 55.52
CA THR F 2563 -33.69 -74.21 56.83
C THR F 2563 -33.38 -72.74 57.03
N LYS F 2564 -32.84 -72.09 55.99
CA LYS F 2564 -32.59 -70.66 56.07
C LYS F 2564 -33.88 -69.89 56.28
N CYS F 2565 -34.95 -70.27 55.58
CA CYS F 2565 -36.24 -69.61 55.66
C CYS F 2565 -37.13 -70.17 56.75
N ALA F 2566 -36.56 -70.88 57.71
CA ALA F 2566 -37.37 -71.43 58.81
C ALA F 2566 -38.12 -70.38 59.61
N PRO F 2567 -37.54 -69.23 59.98
CA PRO F 2567 -38.29 -68.29 60.82
C PRO F 2567 -39.56 -67.77 60.19
N LEU F 2568 -39.71 -67.87 58.88
CA LEU F 2568 -40.91 -67.38 58.21
C LEU F 2568 -42.15 -68.23 58.49
N PHE F 2569 -42.00 -69.37 59.15
CA PHE F 2569 -43.11 -70.25 59.45
C PHE F 2569 -43.82 -69.89 60.75
N ALA F 2570 -43.45 -68.77 61.38
CA ALA F 2570 -43.97 -68.44 62.70
C ALA F 2570 -45.48 -68.26 62.68
N GLY F 2571 -46.01 -67.59 61.66
CA GLY F 2571 -47.42 -67.27 61.64
C GLY F 2571 -48.22 -68.00 60.58
N THR F 2572 -47.97 -69.29 60.42
CA THR F 2572 -48.59 -70.08 59.36
C THR F 2572 -49.82 -70.83 59.83
N GLU F 2573 -50.60 -70.24 60.73
CA GLU F 2573 -51.83 -70.88 61.19
C GLU F 2573 -52.78 -71.16 60.04
N HIS F 2574 -52.83 -70.27 59.05
CA HIS F 2574 -53.80 -70.39 57.97
C HIS F 2574 -53.47 -71.51 57.00
N ARG F 2575 -52.22 -71.96 56.93
CA ARG F 2575 -51.82 -73.04 56.03
C ARG F 2575 -51.32 -74.24 56.83
N ALA F 2576 -52.05 -74.56 57.90
CA ALA F 2576 -51.62 -75.62 58.80
C ALA F 2576 -51.57 -76.97 58.12
N ILE F 2577 -52.51 -77.24 57.20
CA ILE F 2577 -52.52 -78.52 56.50
C ILE F 2577 -51.24 -78.67 55.68
N MET F 2578 -50.87 -77.65 54.92
CA MET F 2578 -49.66 -77.72 54.12
C MET F 2578 -48.42 -77.83 55.00
N VAL F 2579 -48.38 -77.08 56.09
CA VAL F 2579 -47.22 -77.15 56.98
C VAL F 2579 -47.09 -78.55 57.57
N ASP F 2580 -48.20 -79.15 57.97
CA ASP F 2580 -48.15 -80.49 58.54
C ASP F 2580 -47.71 -81.52 57.49
N SER F 2581 -48.21 -81.39 56.27
CA SER F 2581 -47.79 -82.30 55.21
C SER F 2581 -46.30 -82.17 54.94
N MET F 2582 -45.79 -80.94 54.93
CA MET F 2582 -44.36 -80.71 54.77
C MET F 2582 -43.55 -81.31 55.89
N LEU F 2583 -44.01 -81.15 57.14
CA LEU F 2583 -43.31 -81.76 58.26
C LEU F 2583 -43.29 -83.28 58.13
N HIS F 2584 -44.40 -83.88 57.74
CA HIS F 2584 -44.45 -85.32 57.58
CA HIS F 2584 -44.45 -85.32 57.57
C HIS F 2584 -43.51 -85.78 56.47
N THR F 2585 -43.46 -85.05 55.36
CA THR F 2585 -42.58 -85.46 54.26
C THR F 2585 -41.12 -85.35 54.67
N VAL F 2586 -40.74 -84.29 55.36
CA VAL F 2586 -39.34 -84.16 55.73
C VAL F 2586 -38.96 -85.21 56.79
N TYR F 2587 -39.88 -85.52 57.70
CA TYR F 2587 -39.60 -86.57 58.68
C TYR F 2587 -39.46 -87.93 58.00
N ARG F 2588 -40.36 -88.23 57.05
CA ARG F 2588 -40.24 -89.46 56.29
C ARG F 2588 -38.90 -89.52 55.58
N LEU F 2589 -38.49 -88.43 54.94
CA LEU F 2589 -37.19 -88.40 54.28
C LEU F 2589 -36.07 -88.69 55.26
N SER F 2590 -36.15 -88.11 56.46
CA SER F 2590 -35.14 -88.39 57.47
C SER F 2590 -35.07 -89.87 57.78
N ARG F 2591 -36.23 -90.52 57.91
CA ARG F 2591 -36.22 -91.97 58.08
C ARG F 2591 -36.09 -92.68 56.73
N GLY F 2592 -35.03 -92.40 55.99
CA GLY F 2592 -34.88 -92.98 54.68
C GLY F 2592 -33.64 -93.83 54.52
N ARG F 2593 -33.77 -94.94 53.80
CA ARG F 2593 -32.61 -95.75 53.47
C ARG F 2593 -31.89 -95.15 52.25
N SER F 2594 -30.72 -95.71 51.96
CA SER F 2594 -29.92 -95.30 50.81
C SER F 2594 -29.64 -93.80 50.82
N LEU F 2595 -29.39 -93.24 52.01
CA LEU F 2595 -29.01 -91.84 52.15
C LEU F 2595 -27.65 -91.77 52.85
N THR F 2596 -26.78 -90.92 52.34
CA THR F 2596 -25.50 -90.72 52.99
C THR F 2596 -25.69 -89.99 54.31
N LYS F 2597 -24.68 -90.08 55.17
CA LYS F 2597 -24.73 -89.40 56.45
C LYS F 2597 -24.83 -87.89 56.26
N ALA F 2598 -24.12 -87.35 55.26
CA ALA F 2598 -24.19 -85.93 54.99
C ALA F 2598 -25.60 -85.50 54.63
N GLN F 2599 -26.27 -86.26 53.77
CA GLN F 2599 -27.64 -85.96 53.41
C GLN F 2599 -28.56 -86.07 54.62
N ARG F 2600 -28.37 -87.12 55.43
CA ARG F 2600 -29.25 -87.36 56.57
C ARG F 2600 -29.14 -86.24 57.59
N ASP F 2601 -27.93 -85.76 57.87
CA ASP F 2601 -27.81 -84.69 58.84
C ASP F 2601 -28.40 -83.39 58.32
N VAL F 2602 -28.34 -83.16 57.02
CA VAL F 2602 -29.00 -82.00 56.43
C VAL F 2602 -30.50 -82.08 56.66
N ILE F 2603 -31.08 -83.25 56.40
CA ILE F 2603 -32.53 -83.41 56.60
C ILE F 2603 -32.89 -83.20 58.06
N GLU F 2604 -32.09 -83.77 58.98
CA GLU F 2604 -32.37 -83.63 60.40
C GLU F 2604 -32.28 -82.17 60.83
N ASP F 2605 -31.27 -81.45 60.35
CA ASP F 2605 -31.14 -80.04 60.69
C ASP F 2605 -32.31 -79.24 60.18
N CYS F 2606 -32.77 -79.55 58.96
CA CYS F 2606 -33.96 -78.88 58.44
C CYS F 2606 -35.17 -79.12 59.34
N LEU F 2607 -35.37 -80.37 59.75
CA LEU F 2607 -36.53 -80.68 60.59
C LEU F 2607 -36.45 -79.95 61.93
N MET F 2608 -35.27 -79.93 62.55
CA MET F 2608 -35.13 -79.23 63.83
C MET F 2608 -35.37 -77.75 63.67
N ALA F 2609 -34.83 -77.14 62.62
CA ALA F 2609 -35.03 -75.71 62.40
C ALA F 2609 -36.50 -75.39 62.18
N LEU F 2610 -37.20 -76.26 61.43
CA LEU F 2610 -38.63 -76.06 61.23
C LEU F 2610 -39.39 -76.10 62.55
N CYS F 2611 -39.17 -77.16 63.33
CA CYS F 2611 -39.90 -77.31 64.58
C CYS F 2611 -39.55 -76.23 65.58
N ARG F 2612 -38.39 -75.59 65.45
CA ARG F 2612 -38.04 -74.52 66.37
CA ARG F 2612 -38.04 -74.52 66.37
C ARG F 2612 -38.95 -73.30 66.22
N TYR F 2613 -39.36 -72.99 65.00
CA TYR F 2613 -40.17 -71.81 64.76
C TYR F 2613 -41.64 -72.10 64.54
N ILE F 2614 -42.03 -73.33 64.20
CA ILE F 2614 -43.43 -73.64 64.05
C ILE F 2614 -44.12 -73.59 65.41
N ARG F 2615 -45.35 -73.10 65.43
CA ARG F 2615 -46.11 -73.01 66.66
C ARG F 2615 -46.38 -74.40 67.22
N PRO F 2616 -46.47 -74.53 68.55
CA PRO F 2616 -46.71 -75.86 69.15
C PRO F 2616 -48.02 -76.49 68.72
N SER F 2617 -49.01 -75.69 68.33
CA SER F 2617 -50.30 -76.26 67.96
C SER F 2617 -50.21 -77.07 66.67
N MET F 2618 -49.30 -76.70 65.77
CA MET F 2618 -49.18 -77.39 64.48
C MET F 2618 -48.38 -78.68 64.57
N LEU F 2619 -47.66 -78.93 65.65
CA LEU F 2619 -46.79 -80.09 65.76
C LEU F 2619 -47.50 -81.30 66.33
N GLN F 2620 -48.83 -81.27 66.44
CA GLN F 2620 -49.55 -82.35 67.09
C GLN F 2620 -49.46 -83.65 66.30
N HIS F 2621 -49.62 -83.58 64.97
CA HIS F 2621 -49.56 -84.80 64.17
C HIS F 2621 -48.14 -85.37 64.14
N LEU F 2622 -47.13 -84.50 64.07
CA LEU F 2622 -45.76 -84.99 64.14
C LEU F 2622 -45.48 -85.65 65.47
N LEU F 2623 -46.02 -85.08 66.56
CA LEU F 2623 -45.89 -85.73 67.87
C LEU F 2623 -46.59 -87.07 67.88
N ARG F 2624 -47.74 -87.16 67.20
CA ARG F 2624 -48.46 -88.42 67.15
C ARG F 2624 -47.65 -89.49 66.44
N ARG F 2625 -46.96 -89.11 65.36
CA ARG F 2625 -46.09 -90.07 64.67
C ARG F 2625 -44.90 -90.45 65.55
N LEU F 2626 -44.32 -89.47 66.24
CA LEU F 2626 -43.17 -89.76 67.09
C LEU F 2626 -43.54 -90.64 68.27
N VAL F 2627 -44.78 -90.56 68.75
CA VAL F 2627 -45.21 -91.44 69.82
C VAL F 2627 -45.17 -92.90 69.35
N PHE F 2628 -45.47 -93.13 68.08
CA PHE F 2628 -45.37 -94.49 67.54
C PHE F 2628 -43.93 -94.89 67.25
N ASP F 2629 -43.10 -93.95 66.79
CA ASP F 2629 -41.80 -94.29 66.24
C ASP F 2629 -40.65 -94.21 67.23
N VAL F 2630 -40.82 -93.51 68.36
CA VAL F 2630 -39.69 -93.33 69.28
C VAL F 2630 -39.51 -94.51 70.23
N PRO F 2631 -40.53 -95.05 70.89
CA PRO F 2631 -40.28 -96.00 71.98
C PRO F 2631 -39.51 -97.25 71.58
N ILE F 2632 -39.49 -97.65 70.31
CA ILE F 2632 -38.73 -98.85 69.95
C ILE F 2632 -37.23 -98.60 70.14
N LEU F 2633 -36.81 -97.33 70.14
CA LEU F 2633 -35.46 -96.93 70.50
C LEU F 2633 -34.39 -97.65 69.69
N ASN F 2634 -34.62 -97.73 68.38
CA ASN F 2634 -33.62 -98.29 67.47
C ASN F 2634 -32.60 -97.22 67.13
N GLU F 2635 -31.77 -97.47 66.12
CA GLU F 2635 -30.74 -96.52 65.72
C GLU F 2635 -31.33 -95.25 65.12
N PHE F 2636 -32.62 -95.26 64.77
CA PHE F 2636 -33.24 -94.11 64.13
C PHE F 2636 -33.85 -93.13 65.12
N ALA F 2637 -33.83 -93.41 66.41
CA ALA F 2637 -34.57 -92.64 67.39
C ALA F 2637 -33.78 -91.46 67.95
N LYS F 2638 -32.51 -91.32 67.59
CA LYS F 2638 -31.68 -90.29 68.22
C LYS F 2638 -32.15 -88.89 67.83
N MET F 2639 -32.32 -88.64 66.53
CA MET F 2639 -32.84 -87.34 66.11
C MET F 2639 -34.24 -87.06 66.63
N PRO F 2640 -35.20 -88.00 66.56
CA PRO F 2640 -36.50 -87.72 67.18
C PRO F 2640 -36.42 -87.40 68.65
N LEU F 2641 -35.57 -88.10 69.40
CA LEU F 2641 -35.46 -87.80 70.83
C LEU F 2641 -34.88 -86.41 71.06
N LYS F 2642 -33.87 -86.03 70.28
CA LYS F 2642 -33.33 -84.68 70.40
C LYS F 2642 -34.38 -83.64 70.04
N LEU F 2643 -35.17 -83.91 69.00
CA LEU F 2643 -36.22 -82.99 68.60
C LEU F 2643 -37.25 -82.83 69.71
N LEU F 2644 -37.65 -83.94 70.32
CA LEU F 2644 -38.61 -83.87 71.42
C LEU F 2644 -38.04 -83.09 72.60
N THR F 2645 -36.76 -83.32 72.91
CA THR F 2645 -36.12 -82.59 73.98
C THR F 2645 -36.20 -81.09 73.74
N ASN F 2646 -35.77 -80.64 72.56
CA ASN F 2646 -35.82 -79.21 72.27
C ASN F 2646 -37.25 -78.69 72.28
N HIS F 2647 -38.18 -79.44 71.70
CA HIS F 2647 -39.55 -78.96 71.59
C HIS F 2647 -40.17 -78.77 72.97
N TYR F 2648 -39.98 -79.74 73.86
CA TYR F 2648 -40.59 -79.62 75.18
C TYR F 2648 -39.85 -78.65 76.07
N GLU F 2649 -38.54 -78.49 75.89
CA GLU F 2649 -37.82 -77.48 76.66
C GLU F 2649 -38.25 -76.08 76.26
N ARG F 2650 -38.46 -75.85 74.97
CA ARG F 2650 -38.85 -74.52 74.50
C ARG F 2650 -40.32 -74.23 74.82
N CYS F 2651 -41.19 -75.20 74.60
CA CYS F 2651 -42.64 -75.00 74.69
C CYS F 2651 -43.24 -75.62 75.94
N TRP F 2652 -42.53 -75.55 77.06
CA TRP F 2652 -43.01 -76.23 78.27
C TRP F 2652 -44.20 -75.51 78.89
N LYS F 2653 -44.26 -74.17 78.79
CA LYS F 2653 -45.38 -73.45 79.37
C LYS F 2653 -46.69 -73.83 78.71
N TYR F 2654 -46.69 -73.97 77.38
CA TYR F 2654 -47.90 -74.31 76.64
C TYR F 2654 -48.54 -75.59 77.14
N TYR F 2655 -47.74 -76.52 77.65
CA TYR F 2655 -48.28 -77.76 78.19
C TYR F 2655 -48.49 -77.73 79.69
N CYS F 2656 -47.71 -76.94 80.43
CA CYS F 2656 -47.78 -76.99 81.88
C CYS F 2656 -48.76 -75.96 82.45
N LEU F 2657 -48.57 -74.69 82.13
CA LEU F 2657 -49.32 -73.64 82.81
C LEU F 2657 -50.80 -73.72 82.45
N PRO F 2658 -51.70 -73.57 83.43
CA PRO F 2658 -53.14 -73.61 83.12
C PRO F 2658 -53.56 -72.53 82.16
N THR F 2659 -52.95 -71.34 82.23
CA THR F 2659 -53.27 -70.27 81.31
C THR F 2659 -52.60 -70.44 79.96
N GLY F 2660 -51.63 -71.34 79.85
CA GLY F 2660 -50.96 -71.58 78.59
C GLY F 2660 -49.89 -70.54 78.31
N TRP F 2661 -49.17 -70.78 77.22
CA TRP F 2661 -48.12 -69.86 76.81
C TRP F 2661 -48.73 -68.57 76.30
N ALA F 2662 -47.96 -67.48 76.40
CA ALA F 2662 -48.43 -66.20 75.92
C ALA F 2662 -48.67 -66.25 74.42
N ASN F 2663 -49.86 -65.80 74.00
CA ASN F 2663 -50.27 -65.69 72.60
C ASN F 2663 -50.02 -66.97 71.81
N PHE F 2664 -49.96 -68.11 72.47
CA PHE F 2664 -49.84 -69.39 71.80
C PHE F 2664 -50.98 -70.36 72.12
N GLY F 2665 -51.81 -70.06 73.10
CA GLY F 2665 -52.88 -70.95 73.47
C GLY F 2665 -52.45 -71.92 74.55
N VAL F 2666 -53.33 -72.90 74.80
CA VAL F 2666 -53.10 -73.93 75.79
C VAL F 2666 -53.29 -75.28 75.11
N THR F 2667 -52.73 -76.33 75.73
CA THR F 2667 -52.84 -77.66 75.19
C THR F 2667 -54.29 -78.10 75.08
N SER F 2668 -54.52 -79.13 74.27
CA SER F 2668 -55.87 -79.51 73.88
C SER F 2668 -56.33 -80.83 74.49
N GLU F 2669 -55.72 -81.25 75.58
CA GLU F 2669 -56.15 -82.43 76.34
C GLU F 2669 -55.92 -83.72 75.53
N GLU F 2670 -55.52 -83.57 74.28
CA GLU F 2670 -55.04 -84.69 73.47
C GLU F 2670 -53.53 -84.67 73.32
N GLU F 2671 -52.95 -83.48 73.19
CA GLU F 2671 -51.50 -83.36 73.20
C GLU F 2671 -50.93 -83.83 74.54
N LEU F 2672 -51.64 -83.55 75.63
CA LEU F 2672 -51.18 -84.04 76.93
C LEU F 2672 -51.21 -85.56 76.99
N HIS F 2673 -52.24 -86.17 76.42
CA HIS F 2673 -52.29 -87.63 76.37
C HIS F 2673 -51.15 -88.19 75.54
N LEU F 2674 -50.87 -87.57 74.39
CA LEU F 2674 -49.76 -88.02 73.57
C LEU F 2674 -48.44 -87.89 74.32
N THR F 2675 -48.28 -86.78 75.04
CA THR F 2675 -47.05 -86.56 75.81
C THR F 2675 -46.89 -87.60 76.90
N ARG F 2676 -47.97 -87.92 77.61
CA ARG F 2676 -47.91 -88.95 78.64
C ARG F 2676 -47.56 -90.31 78.06
N LYS F 2677 -48.19 -90.67 76.93
CA LYS F 2677 -47.86 -91.94 76.30
C LYS F 2677 -46.41 -91.97 75.84
N LEU F 2678 -45.92 -90.86 75.30
CA LEU F 2678 -44.53 -90.80 74.88
C LEU F 2678 -43.59 -91.00 76.07
N PHE F 2679 -43.87 -90.30 77.17
CA PHE F 2679 -43.03 -90.42 78.37
C PHE F 2679 -42.99 -91.86 78.86
N TRP F 2680 -44.16 -92.47 79.01
CA TRP F 2680 -44.18 -93.82 79.59
C TRP F 2680 -43.61 -94.85 78.62
N GLY F 2681 -43.82 -94.67 77.31
CA GLY F 2681 -43.22 -95.58 76.36
C GLY F 2681 -41.70 -95.52 76.40
N ILE F 2682 -41.14 -94.30 76.40
CA ILE F 2682 -39.70 -94.17 76.49
C ILE F 2682 -39.18 -94.75 77.80
N PHE F 2683 -39.88 -94.48 78.90
CA PHE F 2683 -39.45 -94.97 80.20
C PHE F 2683 -39.43 -96.49 80.24
N ASP F 2684 -40.52 -97.12 79.81
CA ASP F 2684 -40.59 -98.57 79.85
C ASP F 2684 -39.57 -99.21 78.92
N SER F 2685 -39.40 -98.66 77.72
CA SER F 2685 -38.42 -99.22 76.80
C SER F 2685 -37.01 -99.09 77.35
N LEU F 2686 -36.69 -97.95 77.94
CA LEU F 2686 -35.35 -97.75 78.48
C LEU F 2686 -35.10 -98.61 79.70
N ALA F 2687 -36.15 -98.92 80.47
CA ALA F 2687 -35.99 -99.79 81.63
C ALA F 2687 -35.56 -101.20 81.23
N HIS F 2688 -35.90 -101.64 80.02
CA HIS F 2688 -35.55 -102.98 79.57
C HIS F 2688 -34.38 -103.02 78.60
N LYS F 2689 -34.06 -101.91 77.95
CA LYS F 2689 -32.94 -101.90 77.02
C LYS F 2689 -31.63 -102.15 77.75
N LYS F 2690 -30.79 -102.99 77.16
CA LYS F 2690 -29.44 -103.19 77.68
C LYS F 2690 -28.68 -101.87 77.67
N TYR F 2691 -27.92 -101.63 78.74
CA TYR F 2691 -27.28 -100.34 78.93
C TYR F 2691 -26.41 -99.96 77.75
N ASP F 2692 -26.77 -98.86 77.09
CA ASP F 2692 -25.95 -98.23 76.07
C ASP F 2692 -25.76 -96.78 76.48
N GLN F 2693 -24.50 -96.37 76.67
CA GLN F 2693 -24.23 -95.01 77.11
C GLN F 2693 -24.71 -93.99 76.09
N GLU F 2694 -24.53 -94.28 74.81
CA GLU F 2694 -24.98 -93.36 73.78
C GLU F 2694 -26.49 -93.14 73.86
N LEU F 2695 -27.24 -94.23 74.05
CA LEU F 2695 -28.69 -94.10 74.16
C LEU F 2695 -29.08 -93.34 75.43
N TYR F 2696 -28.43 -93.66 76.55
CA TYR F 2696 -28.81 -93.05 77.81
C TYR F 2696 -28.54 -91.55 77.82
N ARG F 2697 -27.38 -91.11 77.31
CA ARG F 2697 -26.98 -89.71 77.48
C ARG F 2697 -27.99 -88.78 76.84
N MET F 2698 -28.55 -89.17 75.70
CA MET F 2698 -29.53 -88.37 74.99
C MET F 2698 -30.96 -88.91 75.10
N ALA F 2699 -31.22 -89.91 75.94
CA ALA F 2699 -32.60 -90.25 76.26
C ALA F 2699 -33.01 -89.65 77.59
N MET F 2700 -32.08 -89.49 78.52
CA MET F 2700 -32.40 -88.88 79.81
C MET F 2700 -32.95 -87.46 79.67
N PRO F 2701 -32.34 -86.54 78.90
CA PRO F 2701 -32.90 -85.19 78.81
C PRO F 2701 -34.29 -85.16 78.21
N CYS F 2702 -34.61 -86.07 77.29
CA CYS F 2702 -35.96 -86.09 76.74
C CYS F 2702 -36.98 -86.43 77.82
N LEU F 2703 -36.67 -87.41 78.67
CA LEU F 2703 -37.58 -87.74 79.76
C LEU F 2703 -37.72 -86.57 80.73
N CYS F 2704 -36.60 -85.91 81.04
CA CYS F 2704 -36.68 -84.76 81.95
C CYS F 2704 -37.55 -83.66 81.37
N ALA F 2705 -37.36 -83.35 80.08
CA ALA F 2705 -38.15 -82.29 79.45
C ALA F 2705 -39.62 -82.66 79.41
N ILE F 2706 -39.94 -83.90 79.07
CA ILE F 2706 -41.34 -84.31 79.01
C ILE F 2706 -41.98 -84.23 80.39
N ALA F 2707 -41.28 -84.71 81.42
CA ALA F 2707 -41.83 -84.66 82.77
C ALA F 2707 -42.02 -83.23 83.23
N GLY F 2708 -41.09 -82.34 82.90
CA GLY F 2708 -41.29 -80.93 83.20
C GLY F 2708 -42.44 -80.30 82.45
N ALA F 2709 -42.72 -80.76 81.24
CA ALA F 2709 -43.84 -80.23 80.46
C ALA F 2709 -45.19 -80.71 80.96
N LEU F 2710 -45.31 -81.97 81.33
CA LEU F 2710 -46.61 -82.48 81.76
C LEU F 2710 -47.00 -81.90 83.11
N PRO F 2711 -48.22 -81.41 83.27
CA PRO F 2711 -48.68 -80.96 84.58
C PRO F 2711 -48.68 -82.10 85.58
N PRO F 2712 -48.30 -81.85 86.82
CA PRO F 2712 -48.24 -82.94 87.80
C PRO F 2712 -49.58 -83.58 88.07
N ASP F 2713 -50.67 -82.82 88.01
CA ASP F 2713 -51.99 -83.33 88.34
C ASP F 2713 -52.80 -83.70 87.12
N TYR F 2714 -52.17 -83.83 85.96
CA TYR F 2714 -52.89 -84.16 84.75
C TYR F 2714 -53.54 -85.52 84.86
N VAL F 2715 -54.81 -85.61 84.49
CA VAL F 2715 -55.57 -86.86 84.49
C VAL F 2715 -56.04 -87.11 83.07
N ASP F 2716 -55.63 -88.22 82.48
CA ASP F 2716 -56.03 -88.56 81.12
C ASP F 2716 -57.45 -89.09 81.13
N ALA F 2717 -58.26 -88.58 80.20
CA ALA F 2717 -59.66 -89.01 80.13
C ALA F 2717 -59.77 -90.50 79.82
N SER F 2718 -58.96 -90.98 78.88
CA SER F 2718 -58.97 -92.39 78.49
C SER F 2718 -57.84 -93.10 79.22
N TYR F 2719 -58.13 -93.50 80.46
CA TYR F 2719 -57.15 -94.20 81.30
C TYR F 2719 -57.21 -95.69 81.00
N SER F 2720 -56.82 -96.03 79.77
CA SER F 2720 -56.77 -97.41 79.32
C SER F 2720 -55.82 -97.50 78.14
N SER F 2721 -55.30 -98.70 77.92
CA SER F 2721 -54.37 -98.94 76.82
C SER F 2721 -54.48 -100.39 76.36
N LYS F 2722 -54.08 -100.62 75.11
CA LYS F 2722 -54.08 -101.97 74.57
C LYS F 2722 -52.91 -102.79 75.13
N ALA F 2723 -51.82 -102.12 75.51
CA ALA F 2723 -50.61 -102.77 76.02
C ALA F 2723 -50.07 -103.78 74.99
N GLU F 2724 -50.12 -103.42 73.72
CA GLU F 2724 -49.59 -104.24 72.64
C GLU F 2724 -48.17 -103.81 72.29
N LYS F 2725 -47.48 -104.71 71.59
CA LYS F 2725 -46.10 -104.47 71.15
C LYS F 2725 -45.17 -104.16 72.33
N ASN F 2734 -44.82 -98.85 55.85
CA ASN F 2734 -45.86 -97.83 56.01
C ASN F 2734 -46.95 -98.31 56.98
N PHE F 2735 -48.20 -98.00 56.67
CA PHE F 2735 -49.34 -98.37 57.50
C PHE F 2735 -50.22 -99.34 56.71
N ASP F 2736 -50.52 -100.49 57.33
CA ASP F 2736 -51.34 -101.52 56.71
C ASP F 2736 -52.52 -101.83 57.60
N PRO F 2737 -53.68 -101.19 57.39
CA PRO F 2737 -54.85 -101.47 58.24
C PRO F 2737 -55.47 -102.83 57.94
N ARG F 2738 -55.40 -103.74 58.91
CA ARG F 2738 -55.90 -105.09 58.71
C ARG F 2738 -57.42 -105.09 58.78
N PRO F 2739 -58.12 -105.65 57.80
CA PRO F 2739 -59.57 -105.81 57.92
C PRO F 2739 -59.94 -106.96 58.85
N VAL F 2740 -61.23 -107.22 59.01
CA VAL F 2740 -61.71 -108.34 59.81
C VAL F 2740 -62.32 -109.37 58.88
N GLU F 2741 -61.83 -110.60 58.96
CA GLU F 2741 -62.26 -111.67 58.07
C GLU F 2741 -63.64 -112.15 58.48
N THR F 2742 -64.63 -111.97 57.60
CA THR F 2742 -66.01 -112.35 57.88
C THR F 2742 -66.60 -113.34 56.88
N LEU F 2743 -66.07 -113.41 55.66
CA LEU F 2743 -66.63 -114.33 54.67
C LEU F 2743 -66.36 -115.79 55.05
N ASN F 2744 -65.24 -116.05 55.73
CA ASN F 2744 -64.92 -117.42 56.11
C ASN F 2744 -65.94 -117.99 57.09
N VAL F 2745 -66.37 -117.18 58.06
CA VAL F 2745 -67.33 -117.65 59.06
C VAL F 2745 -68.74 -117.48 58.52
N ILE F 2746 -69.61 -118.42 58.90
CA ILE F 2746 -70.98 -118.40 58.43
C ILE F 2746 -71.78 -117.34 59.18
N ILE F 2747 -72.55 -116.55 58.44
CA ILE F 2747 -73.41 -115.52 59.02
C ILE F 2747 -74.59 -116.21 59.70
N PRO F 2748 -75.05 -115.72 60.86
CA PRO F 2748 -76.33 -116.19 61.39
C PRO F 2748 -77.49 -115.46 60.74
N GLU F 2749 -78.47 -116.22 60.27
CA GLU F 2749 -79.63 -115.65 59.58
C GLU F 2749 -80.89 -115.72 60.41
N LYS F 2750 -80.76 -115.85 61.73
CA LYS F 2750 -81.94 -115.84 62.60
C LYS F 2750 -82.54 -114.46 62.74
N LEU F 2751 -81.85 -113.42 62.27
CA LEU F 2751 -82.32 -112.04 62.33
C LEU F 2751 -82.50 -111.43 60.94
N ASP F 2752 -82.82 -112.26 59.94
CA ASP F 2752 -83.02 -111.78 58.58
C ASP F 2752 -84.13 -110.73 58.49
N SER F 2753 -85.12 -110.82 59.37
CA SER F 2753 -86.17 -109.80 59.42
C SER F 2753 -85.60 -108.41 59.68
N PHE F 2754 -84.51 -108.33 60.44
CA PHE F 2754 -83.78 -107.08 60.57
C PHE F 2754 -82.81 -106.86 59.41
N ILE F 2755 -82.10 -107.91 58.98
CA ILE F 2755 -81.07 -107.74 57.96
C ILE F 2755 -81.66 -107.12 56.70
N ASN F 2756 -82.62 -107.81 56.08
CA ASN F 2756 -83.16 -107.33 54.80
C ASN F 2756 -83.89 -106.00 54.97
N LYS F 2757 -84.66 -105.87 56.05
CA LYS F 2757 -85.44 -104.66 56.28
C LYS F 2757 -84.53 -103.44 56.38
N PHE F 2758 -83.47 -103.52 57.20
CA PHE F 2758 -82.52 -102.41 57.33
C PHE F 2758 -81.71 -102.21 56.06
N ALA F 2759 -81.39 -103.29 55.34
CA ALA F 2759 -80.62 -103.16 54.11
C ALA F 2759 -81.37 -102.34 53.07
N GLU F 2760 -82.67 -102.60 52.91
CA GLU F 2760 -83.48 -101.75 52.06
C GLU F 2760 -83.83 -100.43 52.72
N TYR F 2761 -83.79 -100.35 54.05
CA TYR F 2761 -84.15 -99.14 54.76
C TYR F 2761 -83.09 -98.06 54.61
N THR F 2762 -81.83 -98.46 54.41
CA THR F 2762 -80.80 -97.46 54.13
C THR F 2762 -81.10 -96.71 52.84
N HIS F 2763 -81.47 -97.43 51.77
CA HIS F 2763 -81.84 -96.77 50.53
C HIS F 2763 -83.16 -96.04 50.65
N GLU F 2764 -84.08 -96.55 51.48
CA GLU F 2764 -85.31 -95.82 51.75
C GLU F 2764 -85.00 -94.49 52.44
N LYS F 2765 -84.02 -94.47 53.34
CA LYS F 2765 -83.59 -93.22 53.96
C LYS F 2765 -82.90 -92.30 52.97
N TRP F 2766 -82.16 -92.86 52.02
CA TRP F 2766 -81.65 -92.04 50.91
C TRP F 2766 -82.79 -91.41 50.13
N ALA F 2767 -83.92 -92.10 50.01
CA ALA F 2767 -85.07 -91.52 49.34
C ALA F 2767 -85.57 -90.27 50.08
N PHE F 2768 -85.59 -90.31 51.41
CA PHE F 2768 -85.95 -89.13 52.19
C PHE F 2768 -84.89 -88.05 52.09
N ASP F 2769 -83.61 -88.44 52.01
CA ASP F 2769 -82.56 -87.47 51.76
C ASP F 2769 -82.77 -86.76 50.43
N LYS F 2770 -83.36 -87.46 49.46
CA LYS F 2770 -83.70 -86.82 48.19
C LYS F 2770 -84.71 -85.70 48.36
N ILE F 2771 -85.76 -85.92 49.16
CA ILE F 2771 -86.73 -84.85 49.39
C ILE F 2771 -86.12 -83.75 50.24
N GLN F 2772 -85.12 -84.09 51.08
CA GLN F 2772 -84.39 -83.07 51.79
C GLN F 2772 -83.46 -82.28 50.86
N ASN F 2773 -83.13 -82.83 49.70
CA ASN F 2773 -82.31 -82.14 48.72
C ASN F 2773 -83.11 -81.13 47.89
N ASN F 2774 -84.42 -81.06 48.09
CA ASN F 2774 -85.37 -80.20 47.38
C ASN F 2774 -85.59 -80.62 45.93
N TRP F 2775 -84.89 -81.65 45.45
CA TRP F 2775 -85.12 -82.21 44.13
C TRP F 2775 -85.67 -83.62 44.28
N SER F 2776 -86.82 -83.88 43.67
CA SER F 2776 -87.53 -85.14 43.87
C SER F 2776 -86.82 -86.27 43.11
N TYR F 2777 -87.32 -87.49 43.30
CA TYR F 2777 -86.80 -88.66 42.62
C TYR F 2777 -87.35 -88.75 41.20
N GLY F 2778 -86.55 -89.37 40.32
CA GLY F 2778 -86.94 -89.54 38.95
C GLY F 2778 -86.69 -90.96 38.49
N GLU F 2779 -87.42 -91.34 37.44
CA GLU F 2779 -87.33 -92.70 36.89
C GLU F 2779 -86.25 -92.80 35.81
N ASN F 2780 -86.25 -91.89 34.85
CA ASN F 2780 -85.28 -91.93 33.77
C ASN F 2780 -83.88 -91.63 34.28
N VAL F 2781 -82.89 -92.25 33.65
CA VAL F 2781 -81.49 -92.02 33.99
C VAL F 2781 -81.06 -90.69 33.39
N ASP F 2782 -80.58 -89.78 34.23
CA ASP F 2782 -80.16 -88.46 33.77
C ASP F 2782 -79.11 -87.91 34.72
N GLU F 2783 -78.18 -87.14 34.16
CA GLU F 2783 -77.11 -86.49 34.92
C GLU F 2783 -77.41 -85.05 35.25
N GLU F 2784 -78.57 -84.52 34.81
CA GLU F 2784 -78.94 -83.15 35.10
C GLU F 2784 -79.61 -82.98 36.45
N LEU F 2785 -80.20 -84.04 37.01
CA LEU F 2785 -80.91 -83.97 38.26
C LEU F 2785 -80.00 -84.02 39.48
N LYS F 2786 -78.69 -84.24 39.28
CA LYS F 2786 -77.67 -84.33 40.31
C LYS F 2786 -78.13 -85.13 41.53
N THR F 2787 -78.97 -86.14 41.29
CA THR F 2787 -79.46 -87.02 42.35
C THR F 2787 -79.43 -88.47 41.86
N HIS F 2788 -80.08 -89.36 42.58
CA HIS F 2788 -80.16 -90.75 42.13
C HIS F 2788 -81.10 -90.81 40.94
N PRO F 2789 -80.63 -91.29 39.77
CA PRO F 2789 -81.49 -91.27 38.59
C PRO F 2789 -82.45 -92.44 38.50
N MET F 2790 -82.22 -93.51 39.25
CA MET F 2790 -83.05 -94.70 39.19
C MET F 2790 -83.95 -94.86 40.41
N LEU F 2791 -84.16 -93.80 41.18
CA LEU F 2791 -85.00 -93.88 42.37
C LEU F 2791 -86.46 -93.84 41.95
N ARG F 2792 -87.19 -94.92 42.20
CA ARG F 2792 -88.55 -95.09 41.73
C ARG F 2792 -89.45 -95.50 42.88
N PRO F 2793 -90.75 -95.19 42.79
CA PRO F 2793 -91.67 -95.60 43.85
C PRO F 2793 -91.79 -97.11 43.93
N TYR F 2794 -92.08 -97.60 45.13
CA TYR F 2794 -92.10 -99.05 45.38
C TYR F 2794 -93.08 -99.78 44.47
N LYS F 2795 -94.11 -99.09 43.98
CA LYS F 2795 -95.00 -99.70 43.00
C LYS F 2795 -94.27 -100.04 41.71
N THR F 2796 -93.39 -99.14 41.26
CA THR F 2796 -92.63 -99.33 40.02
C THR F 2796 -91.14 -99.37 40.27
N PHE F 2797 -90.70 -99.71 41.49
CA PHE F 2797 -89.28 -99.81 41.81
C PHE F 2797 -88.81 -101.22 41.52
N SER F 2798 -87.87 -101.34 40.58
CA SER F 2798 -87.32 -102.66 40.26
C SER F 2798 -86.48 -103.18 41.41
N GLU F 2799 -86.55 -104.49 41.64
CA GLU F 2799 -85.81 -105.12 42.72
C GLU F 2799 -84.37 -105.43 42.35
N LYS F 2800 -83.95 -105.17 41.11
CA LYS F 2800 -82.56 -105.40 40.73
C LYS F 2800 -81.62 -104.49 41.52
N ASP F 2801 -82.01 -103.23 41.73
CA ASP F 2801 -81.22 -102.34 42.56
C ASP F 2801 -81.39 -102.64 44.04
N LYS F 2802 -82.58 -103.11 44.45
CA LYS F 2802 -82.79 -103.46 45.85
C LYS F 2802 -81.95 -104.66 46.27
N GLU F 2803 -81.68 -105.57 45.36
CA GLU F 2803 -80.92 -106.78 45.66
C GLU F 2803 -79.41 -106.58 45.47
N ILE F 2804 -78.97 -105.37 45.17
CA ILE F 2804 -77.54 -105.07 45.13
C ILE F 2804 -77.14 -104.00 46.14
N TYR F 2805 -78.09 -103.28 46.75
CA TYR F 2805 -77.77 -102.32 47.79
C TYR F 2805 -77.65 -102.95 49.17
N ARG F 2806 -78.05 -104.21 49.31
CA ARG F 2806 -78.04 -104.88 50.61
C ARG F 2806 -76.67 -105.41 51.01
N TRP F 2807 -75.74 -105.50 50.06
CA TRP F 2807 -74.42 -106.06 50.36
C TRP F 2807 -73.64 -105.26 51.39
N PRO F 2808 -73.58 -103.92 51.35
CA PRO F 2808 -72.89 -103.20 52.42
C PRO F 2808 -73.49 -103.46 53.79
N ILE F 2809 -74.81 -103.59 53.89
CA ILE F 2809 -75.44 -103.88 55.18
C ILE F 2809 -75.12 -105.31 55.63
N LYS F 2810 -75.11 -106.25 54.68
CA LYS F 2810 -74.69 -107.61 54.99
C LYS F 2810 -73.30 -107.63 55.60
N GLU F 2811 -72.35 -106.94 54.94
CA GLU F 2811 -70.98 -106.92 55.45
C GLU F 2811 -70.88 -106.14 56.75
N SER F 2812 -71.72 -105.11 56.94
CA SER F 2812 -71.74 -104.38 58.20
C SER F 2812 -72.16 -105.28 59.35
N LEU F 2813 -73.21 -106.06 59.15
CA LEU F 2813 -73.65 -106.98 60.19
C LEU F 2813 -72.61 -108.08 60.43
N LYS F 2814 -71.97 -108.57 59.36
CA LYS F 2814 -70.88 -109.52 59.54
C LYS F 2814 -69.76 -108.94 60.39
N ALA F 2815 -69.38 -107.68 60.11
CA ALA F 2815 -68.32 -107.04 60.88
C ALA F 2815 -68.72 -106.85 62.33
N MET F 2816 -69.97 -106.43 62.58
CA MET F 2816 -70.42 -106.21 63.94
C MET F 2816 -70.57 -107.50 64.72
N ILE F 2817 -70.82 -108.62 64.05
CA ILE F 2817 -70.97 -109.89 64.77
C ILE F 2817 -69.68 -110.69 64.84
N ALA F 2818 -68.68 -110.34 64.05
CA ALA F 2818 -67.39 -111.04 64.14
C ALA F 2818 -66.65 -110.69 65.42
N TRP F 2819 -66.78 -109.44 65.89
CA TRP F 2819 -66.04 -109.00 67.07
C TRP F 2819 -66.69 -109.49 68.36
N GLU F 2820 -66.85 -110.82 68.49
CA GLU F 2820 -67.40 -111.49 69.66
C GLU F 2820 -68.57 -110.76 70.30
N TRP F 2821 -69.48 -110.26 69.46
CA TRP F 2821 -70.66 -109.53 69.93
C TRP F 2821 -71.91 -110.29 69.46
N THR F 2822 -72.38 -111.21 70.29
CA THR F 2822 -73.61 -111.93 69.98
C THR F 2822 -74.79 -110.98 70.07
N ILE F 2823 -75.76 -111.17 69.19
CA ILE F 2823 -76.94 -110.31 69.11
C ILE F 2823 -78.16 -111.12 69.53
N GLU F 2824 -78.95 -110.57 70.46
CA GLU F 2824 -80.15 -111.20 70.95
C GLU F 2824 -81.35 -110.28 70.73
N LYS F 2825 -82.45 -110.86 70.27
CA LYS F 2825 -83.68 -110.09 70.04
C LYS F 2825 -84.46 -110.05 71.34
N ALA F 2826 -84.30 -108.94 72.07
CA ALA F 2826 -85.05 -108.77 73.32
C ALA F 2826 -86.55 -108.67 73.05
N ARG F 2827 -86.93 -107.97 71.99
CA ARG F 2827 -88.33 -107.83 71.63
C ARG F 2827 -88.76 -108.96 70.70
N GLU F 2828 -90.07 -109.05 70.48
CA GLU F 2828 -90.64 -110.00 69.51
C GLU F 2828 -91.90 -109.36 68.93
N GLY F 2829 -91.77 -108.79 67.75
CA GLY F 2829 -92.87 -108.14 67.10
C GLY F 2829 -92.71 -108.10 65.59
N GLU F 2830 -93.52 -107.26 64.96
CA GLU F 2830 -93.52 -107.11 63.50
C GLU F 2830 -93.76 -108.44 62.79
N TYR F 2855 -94.31 -95.17 48.81
CA TYR F 2855 -92.86 -95.25 48.86
C TYR F 2855 -92.27 -94.12 49.69
N ASN F 2856 -92.19 -94.33 51.00
CA ASN F 2856 -91.72 -93.31 51.92
C ASN F 2856 -91.31 -93.93 53.25
N PRO F 2857 -90.12 -93.63 53.75
CA PRO F 2857 -89.74 -94.13 55.08
C PRO F 2857 -90.44 -93.36 56.19
N GLN F 2858 -91.66 -93.77 56.53
CA GLN F 2858 -92.43 -93.06 57.55
C GLN F 2858 -91.75 -93.07 58.91
N PRO F 2859 -91.26 -94.20 59.43
CA PRO F 2859 -90.44 -94.14 60.64
C PRO F 2859 -89.06 -93.58 60.34
N PRO F 2860 -88.66 -92.49 61.02
CA PRO F 2860 -87.39 -91.85 60.70
C PRO F 2860 -86.21 -92.43 61.46
N ASP F 2861 -85.15 -92.78 60.73
CA ASP F 2861 -83.91 -93.22 61.34
C ASP F 2861 -82.99 -92.02 61.47
N LEU F 2862 -82.67 -91.65 62.71
CA LEU F 2862 -81.82 -90.51 63.00
C LEU F 2862 -80.58 -90.97 63.76
N SER F 2863 -79.68 -90.02 64.03
CA SER F 2863 -78.47 -90.30 64.79
C SER F 2863 -78.15 -89.23 65.80
N GLY F 2864 -79.04 -88.25 66.01
CA GLY F 2864 -78.77 -87.17 66.96
C GLY F 2864 -79.08 -87.50 68.41
N VAL F 2865 -79.65 -88.66 68.68
CA VAL F 2865 -80.00 -89.04 70.04
C VAL F 2865 -78.81 -89.73 70.69
N THR F 2866 -78.72 -89.65 72.01
CA THR F 2866 -77.62 -90.21 72.77
C THR F 2866 -77.81 -91.72 72.95
N LEU F 2867 -76.81 -92.35 73.54
CA LEU F 2867 -76.83 -93.79 73.73
C LEU F 2867 -75.87 -94.14 74.88
N SER F 2868 -76.04 -95.36 75.39
CA SER F 2868 -75.22 -95.82 76.52
C SER F 2868 -73.76 -95.96 76.11
N ARG F 2869 -72.88 -95.76 77.10
CA ARG F 2869 -71.44 -95.76 76.83
C ARG F 2869 -70.94 -97.16 76.44
N GLU F 2870 -71.41 -98.20 77.13
CA GLU F 2870 -70.95 -99.55 76.83
CA GLU F 2870 -70.94 -99.55 76.83
C GLU F 2870 -71.28 -99.94 75.40
N LEU F 2871 -72.50 -99.63 74.95
CA LEU F 2871 -72.92 -99.98 73.60
C LEU F 2871 -72.29 -99.06 72.56
N GLN F 2872 -72.10 -97.78 72.90
CA GLN F 2872 -71.44 -96.87 71.97
C GLN F 2872 -69.98 -97.22 71.79
N ALA F 2873 -69.36 -97.87 72.78
CA ALA F 2873 -68.00 -98.39 72.60
C ALA F 2873 -67.98 -99.46 71.52
N MET F 2874 -68.95 -100.38 71.53
CA MET F 2874 -69.05 -101.38 70.48
C MET F 2874 -69.32 -100.71 69.13
N ALA F 2875 -70.16 -99.67 69.12
CA ALA F 2875 -70.42 -98.95 67.88
C ALA F 2875 -69.15 -98.28 67.34
N GLU F 2876 -68.35 -97.67 68.22
CA GLU F 2876 -67.14 -97.02 67.76
C GLU F 2876 -66.10 -98.04 67.30
N GLN F 2877 -66.09 -99.22 67.92
CA GLN F 2877 -65.18 -100.27 67.43
C GLN F 2877 -65.64 -100.81 66.09
N LEU F 2878 -66.96 -100.87 65.87
CA LEU F 2878 -67.47 -101.23 64.56
C LEU F 2878 -67.07 -100.19 63.52
N ALA F 2879 -67.11 -98.91 63.88
CA ALA F 2879 -66.62 -97.87 62.97
C ALA F 2879 -65.12 -98.00 62.74
N GLU F 2880 -64.37 -98.41 63.76
CA GLU F 2880 -62.95 -98.70 63.58
C GLU F 2880 -62.76 -99.80 62.55
N ASN F 2881 -63.57 -100.86 62.62
CA ASN F 2881 -63.49 -101.93 61.63
C ASN F 2881 -63.87 -101.42 60.24
N TYR F 2882 -64.90 -100.58 60.15
CA TYR F 2882 -65.23 -99.93 58.89
C TYR F 2882 -64.01 -99.23 58.31
N HIS F 2883 -63.35 -98.41 59.13
CA HIS F 2883 -62.22 -97.63 58.66
C HIS F 2883 -61.05 -98.51 58.26
N ASN F 2884 -60.78 -99.58 59.01
CA ASN F 2884 -59.63 -100.41 58.66
C ASN F 2884 -59.90 -101.23 57.41
N THR F 2885 -61.14 -101.67 57.21
CA THR F 2885 -61.49 -102.34 55.95
C THR F 2885 -61.36 -101.39 54.77
N TRP F 2886 -61.83 -100.14 54.94
CA TRP F 2886 -61.70 -99.15 53.87
C TRP F 2886 -60.22 -98.87 53.58
N GLY F 2887 -59.42 -98.74 54.63
CA GLY F 2887 -57.99 -98.54 54.43
C GLY F 2887 -57.31 -99.73 53.77
N ARG F 2888 -57.75 -100.94 54.09
CA ARG F 2888 -57.20 -102.12 53.43
C ARG F 2888 -57.50 -102.09 51.93
N LYS F 2889 -58.76 -101.82 51.58
CA LYS F 2889 -59.09 -101.86 50.16
C LYS F 2889 -58.47 -100.69 49.41
N LYS F 2890 -58.20 -99.57 50.09
CA LYS F 2890 -57.48 -98.48 49.45
C LYS F 2890 -55.99 -98.80 49.31
N LYS F 2891 -55.38 -99.36 50.35
CA LYS F 2891 -53.96 -99.65 50.34
C LYS F 2891 -53.61 -100.79 49.41
N GLN F 2892 -54.56 -101.68 49.09
CA GLN F 2892 -54.28 -102.70 48.09
C GLN F 2892 -54.01 -102.07 46.73
N GLU F 2893 -54.74 -101.02 46.38
CA GLU F 2893 -54.45 -100.30 45.15
C GLU F 2893 -53.23 -99.40 45.30
N LEU F 2894 -53.08 -98.78 46.47
CA LEU F 2894 -51.99 -97.82 46.67
C LEU F 2894 -50.61 -98.49 46.71
N GLU F 2895 -50.54 -99.73 47.19
CA GLU F 2895 -49.26 -100.39 47.42
C GLU F 2895 -48.59 -100.86 46.13
N ALA F 2896 -49.27 -100.77 44.99
CA ALA F 2896 -48.65 -101.16 43.73
C ALA F 2896 -47.43 -100.31 43.39
N LYS F 2897 -47.38 -99.07 43.87
CA LYS F 2897 -46.22 -98.21 43.67
C LYS F 2897 -45.16 -98.42 44.75
N GLY F 2898 -45.56 -98.69 45.97
CA GLY F 2898 -44.63 -98.82 47.07
C GLY F 2898 -44.14 -97.51 47.66
N GLY F 2899 -44.71 -96.38 47.22
CA GLY F 2899 -44.31 -95.09 47.75
C GLY F 2899 -45.47 -94.20 48.09
N GLY F 2900 -45.34 -93.41 49.16
CA GLY F 2900 -46.40 -92.54 49.61
C GLY F 2900 -47.46 -93.30 50.38
N THR F 2901 -48.41 -92.54 50.92
CA THR F 2901 -49.52 -93.13 51.66
C THR F 2901 -50.70 -92.16 51.63
N HIS F 2902 -51.89 -92.74 51.72
CA HIS F 2902 -53.10 -91.92 51.79
C HIS F 2902 -53.12 -91.15 53.11
N PRO F 2903 -53.54 -89.89 53.09
CA PRO F 2903 -53.55 -89.10 54.34
C PRO F 2903 -54.45 -89.69 55.41
N LEU F 2904 -55.51 -90.40 55.04
CA LEU F 2904 -56.43 -91.00 55.99
C LEU F 2904 -56.00 -92.40 56.42
N LEU F 2905 -54.86 -92.89 55.92
CA LEU F 2905 -54.32 -94.16 56.36
C LEU F 2905 -53.71 -94.02 57.76
N VAL F 2906 -54.60 -93.90 58.74
CA VAL F 2906 -54.21 -93.67 60.13
C VAL F 2906 -55.06 -94.56 61.02
N PRO F 2907 -54.54 -94.92 62.20
CA PRO F 2907 -55.36 -95.70 63.14
C PRO F 2907 -56.62 -94.95 63.54
N TYR F 2908 -57.68 -95.72 63.83
CA TYR F 2908 -58.99 -95.11 64.06
C TYR F 2908 -59.00 -94.21 65.28
N ASP F 2909 -58.14 -94.46 66.26
CA ASP F 2909 -58.04 -93.55 67.39
C ASP F 2909 -57.29 -92.28 67.03
N THR F 2910 -56.42 -92.34 66.03
CA THR F 2910 -55.54 -91.20 65.74
C THR F 2910 -56.27 -90.04 65.10
N LEU F 2911 -57.10 -90.30 64.08
CA LEU F 2911 -57.70 -89.20 63.33
C LEU F 2911 -58.79 -88.52 64.14
N THR F 2912 -59.02 -87.25 63.83
CA THR F 2912 -59.96 -86.42 64.59
C THR F 2912 -61.40 -86.79 64.25
N ALA F 2913 -62.34 -86.08 64.88
CA ALA F 2913 -63.75 -86.42 64.77
C ALA F 2913 -64.33 -86.03 63.41
N LYS F 2914 -63.78 -84.99 62.78
CA LYS F 2914 -64.35 -84.53 61.51
C LYS F 2914 -64.20 -85.59 60.41
N GLU F 2915 -63.06 -86.27 60.37
CA GLU F 2915 -62.85 -87.36 59.41
C GLU F 2915 -63.30 -88.71 59.95
N LYS F 2916 -63.69 -88.78 61.22
CA LYS F 2916 -64.32 -89.98 61.78
C LYS F 2916 -65.83 -89.98 61.56
N ALA F 2917 -66.37 -88.89 61.03
CA ALA F 2917 -67.81 -88.68 60.98
C ALA F 2917 -68.54 -89.73 60.15
N ARG F 2918 -68.00 -90.12 58.99
CA ARG F 2918 -68.71 -91.05 58.11
C ARG F 2918 -68.94 -92.40 58.79
N ASP F 2919 -67.86 -93.05 59.20
CA ASP F 2919 -67.97 -94.34 59.89
C ASP F 2919 -68.72 -94.23 61.21
N ARG F 2920 -68.48 -93.14 61.95
CA ARG F 2920 -69.18 -92.93 63.21
C ARG F 2920 -70.69 -92.88 62.99
N GLU F 2921 -71.13 -92.10 62.00
CA GLU F 2921 -72.56 -91.96 61.74
C GLU F 2921 -73.15 -93.26 61.20
N LYS F 2922 -72.41 -93.97 60.37
CA LYS F 2922 -72.91 -95.25 59.86
C LYS F 2922 -73.14 -96.24 61.01
N ALA F 2923 -72.14 -96.41 61.88
CA ALA F 2923 -72.29 -97.32 63.00
C ALA F 2923 -73.38 -96.86 63.95
N GLN F 2924 -73.46 -95.55 64.20
CA GLN F 2924 -74.47 -95.03 65.11
C GLN F 2924 -75.87 -95.22 64.55
N GLU F 2925 -76.05 -95.03 63.24
CA GLU F 2925 -77.37 -95.19 62.64
C GLU F 2925 -77.80 -96.66 62.66
N LEU F 2926 -76.87 -97.57 62.37
CA LEU F 2926 -77.18 -98.99 62.51
C LEU F 2926 -77.57 -99.33 63.96
N LEU F 2927 -76.83 -98.78 64.92
CA LEU F 2927 -77.14 -99.06 66.32
C LEU F 2927 -78.46 -98.43 66.74
N LYS F 2928 -78.82 -97.28 66.16
CA LYS F 2928 -80.11 -96.68 66.44
C LYS F 2928 -81.26 -97.52 65.89
N PHE F 2929 -81.07 -98.08 64.68
CA PHE F 2929 -82.09 -98.98 64.13
C PHE F 2929 -82.23 -100.22 65.01
N LEU F 2930 -81.10 -100.72 65.54
CA LEU F 2930 -81.17 -101.79 66.52
C LEU F 2930 -81.88 -101.37 67.81
N GLN F 2931 -81.60 -100.16 68.30
CA GLN F 2931 -82.11 -99.68 69.58
C GLN F 2931 -83.62 -99.48 69.54
N MET F 2932 -84.12 -98.82 68.50
CA MET F 2932 -85.55 -98.52 68.42
C MET F 2932 -86.40 -99.78 68.38
N ASN F 2933 -85.82 -100.92 67.97
CA ASN F 2933 -86.52 -102.19 68.03
C ASN F 2933 -86.24 -102.95 69.31
N GLY F 2934 -85.04 -102.83 69.87
CA GLY F 2934 -84.68 -103.55 71.07
C GLY F 2934 -83.80 -104.76 70.82
N TYR F 2935 -82.76 -104.59 70.02
CA TYR F 2935 -81.76 -105.63 69.78
C TYR F 2935 -80.65 -105.50 70.79
N ALA F 2936 -80.48 -106.52 71.64
CA ALA F 2936 -79.49 -106.51 72.71
C ALA F 2936 -78.22 -107.18 72.22
N VAL F 2937 -77.13 -106.42 72.16
CA VAL F 2937 -75.81 -106.93 71.82
C VAL F 2937 -74.88 -106.65 73.01
N THR F 2938 -74.18 -107.69 73.47
CA THR F 2938 -73.31 -107.59 74.63
C THR F 2938 -72.12 -108.51 74.45
N ARG F 2939 -71.00 -108.13 75.06
CA ARG F 2939 -69.78 -108.93 75.00
C ARG F 2939 -69.91 -110.20 75.85
N LEU F 2946 -58.86 -100.03 87.12
CA LEU F 2946 -60.28 -100.26 87.32
C LEU F 2946 -60.73 -99.67 88.65
N ASP F 2947 -61.82 -98.88 88.61
CA ASP F 2947 -62.33 -98.18 89.79
C ASP F 2947 -61.25 -97.32 90.43
N THR F 2948 -60.46 -96.66 89.59
CA THR F 2948 -59.37 -95.82 90.06
C THR F 2948 -59.86 -94.38 90.25
N SER F 2949 -59.56 -93.80 91.41
CA SER F 2949 -59.99 -92.44 91.70
C SER F 2949 -59.21 -91.45 90.84
N SER F 2950 -59.65 -90.19 90.89
CA SER F 2950 -58.97 -89.15 90.12
C SER F 2950 -57.55 -88.93 90.63
N ILE F 2951 -57.35 -88.99 91.94
CA ILE F 2951 -56.02 -88.72 92.50
C ILE F 2951 -55.03 -89.78 92.05
N GLU F 2952 -55.43 -91.05 92.05
CA GLU F 2952 -54.50 -92.11 91.70
C GLU F 2952 -54.16 -92.12 90.22
N LYS F 2953 -54.91 -91.41 89.40
CA LYS F 2953 -54.62 -91.32 87.97
C LYS F 2953 -53.66 -90.19 87.63
N ARG F 2954 -53.25 -89.39 88.62
CA ARG F 2954 -52.38 -88.26 88.33
C ARG F 2954 -51.00 -88.73 87.89
N PHE F 2955 -50.42 -87.96 86.97
CA PHE F 2955 -49.10 -88.29 86.45
C PHE F 2955 -48.05 -88.30 87.54
N ALA F 2956 -48.11 -87.33 88.45
CA ALA F 2956 -47.18 -87.31 89.56
C ALA F 2956 -47.36 -88.53 90.45
N PHE F 2957 -48.62 -88.94 90.67
CA PHE F 2957 -48.89 -90.14 91.45
C PHE F 2957 -48.21 -91.36 90.82
N GLY F 2958 -48.44 -91.56 89.53
CA GLY F 2958 -47.85 -92.72 88.86
C GLY F 2958 -46.33 -92.67 88.84
N PHE F 2959 -45.78 -91.47 88.62
CA PHE F 2959 -44.33 -91.31 88.59
C PHE F 2959 -43.72 -91.64 89.95
N LEU F 2960 -44.34 -91.16 91.03
CA LEU F 2960 -43.85 -91.46 92.36
C LEU F 2960 -43.97 -92.95 92.67
N GLN F 2961 -45.06 -93.58 92.23
CA GLN F 2961 -45.23 -95.01 92.46
C GLN F 2961 -44.14 -95.81 91.75
N GLN F 2962 -43.82 -95.43 90.51
CA GLN F 2962 -42.74 -96.10 89.80
C GLN F 2962 -41.40 -95.86 90.49
N LEU F 2963 -41.18 -94.66 91.00
CA LEU F 2963 -39.94 -94.38 91.71
C LEU F 2963 -39.80 -95.26 92.94
N LEU F 2964 -40.88 -95.45 93.69
CA LEU F 2964 -40.83 -96.33 94.85
C LEU F 2964 -40.61 -97.79 94.44
N ARG F 2965 -41.27 -98.21 93.36
CA ARG F 2965 -41.06 -99.57 92.86
C ARG F 2965 -39.62 -99.80 92.48
N TRP F 2966 -38.95 -98.78 91.96
CA TRP F 2966 -37.52 -98.89 91.69
C TRP F 2966 -36.68 -98.75 92.95
N MET F 2967 -37.17 -98.04 93.96
CA MET F 2967 -36.44 -97.93 95.21
C MET F 2967 -36.28 -99.28 95.88
N ASP F 2968 -37.34 -100.10 95.87
CA ASP F 2968 -37.20 -101.42 96.47
C ASP F 2968 -36.21 -102.29 95.68
N ILE F 2969 -36.22 -102.19 94.36
CA ILE F 2969 -35.22 -102.89 93.55
C ILE F 2969 -33.82 -102.42 93.92
N SER F 2970 -33.67 -101.12 94.20
CA SER F 2970 -32.38 -100.60 94.63
C SER F 2970 -31.96 -101.22 95.95
N GLN F 2971 -32.88 -101.32 96.91
CA GLN F 2971 -32.55 -102.03 98.14
C GLN F 2971 -32.12 -103.45 97.86
N GLU F 2972 -32.70 -104.08 96.84
CA GLU F 2972 -32.28 -105.44 96.48
C GLU F 2972 -30.84 -105.47 95.98
N PHE F 2973 -30.55 -104.76 94.90
CA PHE F 2973 -29.22 -104.96 94.33
C PHE F 2973 -28.12 -104.27 95.12
N ILE F 2974 -28.42 -103.26 95.91
CA ILE F 2974 -27.40 -102.70 96.79
C ILE F 2974 -27.03 -103.69 97.89
N ALA F 2975 -28.03 -104.42 98.39
CA ALA F 2975 -27.75 -105.51 99.32
C ALA F 2975 -26.90 -106.59 98.66
N HIS F 2976 -27.20 -106.91 97.40
CA HIS F 2976 -26.37 -107.86 96.68
C HIS F 2976 -24.94 -107.36 96.54
N LEU F 2977 -24.76 -106.07 96.26
CA LEU F 2977 -23.43 -105.51 96.15
C LEU F 2977 -22.69 -105.59 97.48
N GLU F 2978 -23.38 -105.30 98.59
CA GLU F 2978 -22.76 -105.47 99.89
C GLU F 2978 -22.33 -106.91 100.12
N ALA F 2979 -23.19 -107.86 99.77
CA ALA F 2979 -22.86 -109.26 99.97
C ALA F 2979 -21.62 -109.66 99.18
N VAL F 2980 -21.55 -109.25 97.91
CA VAL F 2980 -20.42 -109.64 97.08
C VAL F 2980 -19.14 -108.93 97.53
N VAL F 2981 -19.24 -107.68 97.99
CA VAL F 2981 -18.08 -106.96 98.46
C VAL F 2981 -17.60 -107.45 99.82
N SER F 2982 -18.48 -108.09 100.59
CA SER F 2982 -18.10 -108.67 101.87
C SER F 2982 -17.50 -110.07 101.72
N SER F 2983 -18.12 -110.92 100.90
CA SER F 2983 -17.61 -112.27 100.70
C SER F 2983 -18.04 -112.75 99.32
N GLY F 2984 -17.31 -113.75 98.81
CA GLY F 2984 -17.62 -114.34 97.52
C GLY F 2984 -17.54 -113.34 96.39
N ARG F 2985 -16.33 -112.85 96.11
CA ARG F 2985 -16.15 -111.85 95.06
C ARG F 2985 -16.56 -112.43 93.70
N VAL F 2986 -17.35 -111.65 92.96
CA VAL F 2986 -17.77 -112.03 91.62
C VAL F 2986 -18.11 -110.76 90.85
N GLU F 2987 -17.62 -110.67 89.61
CA GLU F 2987 -17.81 -109.49 88.77
C GLU F 2987 -18.91 -109.68 87.74
N LYS F 2988 -19.75 -110.70 87.91
CA LYS F 2988 -20.85 -110.92 86.98
C LYS F 2988 -21.81 -109.74 86.98
N SER F 2989 -22.14 -109.23 88.17
CA SER F 2989 -23.07 -108.11 88.34
C SER F 2989 -24.38 -108.40 87.63
N PRO F 2990 -25.21 -109.30 88.16
CA PRO F 2990 -26.46 -109.65 87.48
C PRO F 2990 -27.42 -108.48 87.36
N HIS F 2991 -27.29 -107.45 88.19
CA HIS F 2991 -28.15 -106.28 88.14
C HIS F 2991 -27.44 -105.07 87.55
N GLU F 2992 -26.57 -105.29 86.57
CA GLU F 2992 -25.83 -104.18 85.97
C GLU F 2992 -26.78 -103.21 85.28
N GLN F 2993 -27.78 -103.73 84.55
CA GLN F 2993 -28.75 -102.86 83.91
C GLN F 2993 -29.51 -102.05 84.93
N GLU F 2994 -29.92 -102.68 86.03
CA GLU F 2994 -30.63 -101.95 87.08
C GLU F 2994 -29.77 -100.87 87.69
N ILE F 2995 -28.50 -101.18 87.96
CA ILE F 2995 -27.59 -100.18 88.52
C ILE F 2995 -27.46 -98.99 87.59
N LYS F 2996 -27.24 -99.27 86.30
CA LYS F 2996 -27.02 -98.18 85.35
C LYS F 2996 -28.26 -97.35 85.16
N PHE F 2997 -29.43 -97.99 85.09
CA PHE F 2997 -30.67 -97.22 84.94
C PHE F 2997 -30.95 -96.37 86.16
N PHE F 2998 -30.71 -96.92 87.36
CA PHE F 2998 -30.96 -96.17 88.58
C PHE F 2998 -30.01 -94.98 88.70
N ALA F 2999 -28.73 -95.19 88.43
CA ALA F 2999 -27.75 -94.12 88.65
C ALA F 2999 -27.78 -93.08 87.53
N LYS F 3000 -28.01 -93.50 86.29
CA LYS F 3000 -27.83 -92.61 85.16
C LYS F 3000 -29.12 -92.01 84.63
N ILE F 3001 -30.28 -92.50 85.08
CA ILE F 3001 -31.57 -92.00 84.63
C ILE F 3001 -32.41 -91.50 85.80
N LEU F 3002 -32.66 -92.36 86.79
CA LEU F 3002 -33.58 -92.02 87.87
C LEU F 3002 -33.06 -90.85 88.69
N LEU F 3003 -31.77 -90.85 89.02
CA LEU F 3003 -31.24 -89.77 89.83
C LEU F 3003 -31.35 -88.41 89.15
N PRO F 3004 -30.89 -88.22 87.91
CA PRO F 3004 -31.13 -86.93 87.25
C PRO F 3004 -32.60 -86.63 87.06
N LEU F 3005 -33.42 -87.64 86.79
CA LEU F 3005 -34.85 -87.40 86.59
C LEU F 3005 -35.48 -86.83 87.86
N ILE F 3006 -35.18 -87.42 89.01
CA ILE F 3006 -35.67 -86.90 90.28
C ILE F 3006 -35.11 -85.50 90.52
N ASN F 3007 -33.80 -85.35 90.32
CA ASN F 3007 -33.13 -84.08 90.61
C ASN F 3007 -33.77 -82.93 89.86
N GLN F 3008 -34.18 -83.17 88.61
CA GLN F 3008 -34.81 -82.10 87.85
C GLN F 3008 -36.30 -81.98 88.13
N TYR F 3009 -37.02 -83.09 88.22
CA TYR F 3009 -38.46 -83.04 88.36
C TYR F 3009 -38.86 -82.37 89.67
N PHE F 3010 -38.23 -82.77 90.78
CA PHE F 3010 -38.65 -82.21 92.05
C PHE F 3010 -38.04 -80.83 92.31
N THR F 3011 -37.08 -80.42 91.49
CA THR F 3011 -36.68 -79.01 91.49
C THR F 3011 -37.72 -78.16 90.79
N ASN F 3012 -38.26 -78.66 89.67
CA ASN F 3012 -39.25 -77.88 88.93
C ASN F 3012 -40.56 -77.76 89.71
N HIS F 3013 -41.04 -78.86 90.29
CA HIS F 3013 -42.37 -78.90 90.89
C HIS F 3013 -42.32 -78.89 92.41
N CYS F 3014 -41.42 -78.11 92.99
CA CYS F 3014 -41.34 -78.03 94.45
C CYS F 3014 -42.60 -77.42 95.03
N LEU F 3015 -43.12 -76.37 94.40
CA LEU F 3015 -44.29 -75.67 94.95
C LEU F 3015 -45.54 -76.53 94.89
N TYR F 3016 -45.68 -77.37 93.87
CA TYR F 3016 -46.86 -78.21 93.78
C TYR F 3016 -46.92 -79.19 94.95
N PHE F 3017 -45.77 -79.66 95.42
CA PHE F 3017 -45.77 -80.58 96.54
C PHE F 3017 -45.79 -79.85 97.88
N LEU F 3018 -45.28 -78.64 97.94
CA LEU F 3018 -45.37 -77.89 99.18
C LEU F 3018 -46.71 -77.21 99.38
N SER F 3019 -47.54 -77.12 98.35
CA SER F 3019 -48.81 -76.40 98.46
C SER F 3019 -49.83 -77.23 99.22
N THR F 3020 -50.85 -76.53 99.71
CA THR F 3020 -51.96 -77.11 100.45
C THR F 3020 -53.21 -76.31 100.09
N PRO F 3021 -54.39 -76.90 100.21
CA PRO F 3021 -55.62 -76.12 99.94
C PRO F 3021 -55.73 -74.87 100.78
N ALA F 3022 -55.20 -74.88 102.01
CA ALA F 3022 -55.24 -73.68 102.85
C ALA F 3022 -54.43 -72.55 102.22
N LYS F 3023 -53.22 -72.83 101.77
CA LYS F 3023 -52.37 -71.82 101.14
C LYS F 3023 -51.70 -72.44 99.92
N VAL F 3024 -51.91 -71.84 98.77
CA VAL F 3024 -51.38 -72.36 97.51
C VAL F 3024 -50.16 -71.53 97.11
N LEU F 3025 -49.04 -72.22 96.88
CA LEU F 3025 -47.79 -71.55 96.54
C LEU F 3025 -47.53 -71.48 95.05
N GLY F 3026 -47.78 -72.56 94.32
CA GLY F 3026 -47.48 -72.63 92.90
C GLY F 3026 -48.51 -71.90 92.05
N SER F 3027 -48.36 -72.07 90.74
CA SER F 3027 -49.29 -71.44 89.80
C SER F 3027 -50.70 -71.97 90.01
N GLY F 3028 -50.84 -73.28 90.18
CA GLY F 3028 -52.14 -73.86 90.41
C GLY F 3028 -52.01 -75.32 90.81
N GLY F 3029 -53.04 -75.81 91.47
CA GLY F 3029 -53.04 -77.19 91.92
C GLY F 3029 -52.14 -77.42 93.12
N HIS F 3030 -52.46 -78.41 93.92
CA HIS F 3030 -51.66 -78.76 95.09
C HIS F 3030 -51.60 -80.27 95.20
N ALA F 3031 -50.47 -80.79 95.65
CA ALA F 3031 -50.28 -82.22 95.75
C ALA F 3031 -51.25 -82.82 96.75
N SER F 3032 -51.71 -84.03 96.45
CA SER F 3032 -52.61 -84.71 97.38
C SER F 3032 -51.82 -85.27 98.55
N ASN F 3033 -52.56 -85.67 99.58
CA ASN F 3033 -51.92 -86.23 100.77
C ASN F 3033 -51.17 -87.52 100.43
N LYS F 3034 -51.74 -88.33 99.54
CA LYS F 3034 -51.05 -89.55 99.13
C LYS F 3034 -49.75 -89.23 98.40
N GLU F 3035 -49.75 -88.19 97.57
CA GLU F 3035 -48.52 -87.79 96.89
C GLU F 3035 -47.47 -87.30 97.88
N LYS F 3036 -47.90 -86.53 98.89
CA LYS F 3036 -46.96 -86.08 99.91
C LYS F 3036 -46.39 -87.25 100.69
N GLU F 3037 -47.24 -88.22 101.03
CA GLU F 3037 -46.77 -89.41 101.72
C GLU F 3037 -45.78 -90.18 100.86
N MET F 3038 -46.06 -90.29 99.57
CA MET F 3038 -45.15 -91.01 98.67
C MET F 3038 -43.81 -90.31 98.57
N ILE F 3039 -43.81 -88.98 98.49
CA ILE F 3039 -42.53 -88.29 98.37
C ILE F 3039 -41.73 -88.40 99.67
N THR F 3040 -42.41 -88.36 100.82
CA THR F 3040 -41.71 -88.56 102.09
C THR F 3040 -41.14 -89.97 102.17
N SER F 3041 -41.90 -90.98 101.75
CA SER F 3041 -41.39 -92.35 101.76
C SER F 3041 -40.21 -92.50 100.81
N LEU F 3042 -40.26 -91.83 99.66
CA LEU F 3042 -39.13 -91.84 98.74
C LEU F 3042 -37.88 -91.26 99.38
N PHE F 3043 -38.03 -90.12 100.06
CA PHE F 3043 -36.88 -89.53 100.74
C PHE F 3043 -36.32 -90.47 101.78
N CYS F 3044 -37.18 -91.05 102.61
CA CYS F 3044 -36.71 -91.92 103.68
C CYS F 3044 -36.01 -93.16 103.10
N LYS F 3045 -36.59 -93.76 102.06
CA LYS F 3045 -35.99 -94.95 101.47
C LYS F 3045 -34.66 -94.64 100.83
N LEU F 3046 -34.54 -93.49 100.15
CA LEU F 3046 -33.26 -93.13 99.54
C LEU F 3046 -32.22 -92.87 100.62
N ALA F 3047 -32.60 -92.23 101.72
CA ALA F 3047 -31.66 -92.02 102.81
C ALA F 3047 -31.20 -93.35 103.39
N ALA F 3048 -32.13 -94.29 103.58
CA ALA F 3048 -31.75 -95.60 104.08
C ALA F 3048 -30.84 -96.32 103.10
N LEU F 3049 -31.08 -96.18 101.80
CA LEU F 3049 -30.20 -96.79 100.81
C LEU F 3049 -28.79 -96.23 100.89
N VAL F 3050 -28.67 -94.90 101.00
CA VAL F 3050 -27.35 -94.28 101.00
C VAL F 3050 -26.68 -94.34 102.36
N ARG F 3051 -27.38 -94.78 103.40
CA ARG F 3051 -26.78 -94.86 104.73
C ARG F 3051 -25.67 -95.90 104.73
N HIS F 3052 -24.47 -95.47 105.13
CA HIS F 3052 -23.30 -96.33 105.28
C HIS F 3052 -22.91 -97.03 104.00
N ARG F 3053 -23.28 -96.49 102.84
CA ARG F 3053 -22.92 -97.07 101.56
C ARG F 3053 -22.46 -96.00 100.59
N VAL F 3054 -21.88 -94.91 101.12
CA VAL F 3054 -21.46 -93.81 100.25
C VAL F 3054 -20.35 -94.26 99.31
N SER F 3055 -19.43 -95.10 99.80
CA SER F 3055 -18.36 -95.59 98.94
C SER F 3055 -18.88 -96.53 97.86
N LEU F 3056 -19.90 -97.32 98.18
CA LEU F 3056 -20.45 -98.26 97.21
C LEU F 3056 -21.05 -97.55 96.00
N PHE F 3057 -21.46 -96.30 96.14
CA PHE F 3057 -22.02 -95.57 95.02
C PHE F 3057 -20.96 -94.94 94.14
N GLY F 3058 -19.71 -94.94 94.56
CA GLY F 3058 -18.64 -94.43 93.70
C GLY F 3058 -18.86 -92.96 93.39
N THR F 3059 -18.91 -92.66 92.09
CA THR F 3059 -19.09 -91.28 91.63
C THR F 3059 -20.54 -90.83 91.63
N ASP F 3060 -21.49 -91.72 91.94
CA ASP F 3060 -22.89 -91.33 91.96
C ASP F 3060 -23.34 -90.76 93.30
N ALA F 3061 -22.48 -90.82 94.32
CA ALA F 3061 -22.84 -90.27 95.63
C ALA F 3061 -23.21 -88.79 95.56
N PRO F 3062 -22.50 -87.92 94.83
CA PRO F 3062 -22.99 -86.54 94.69
C PRO F 3062 -24.39 -86.45 94.10
N ALA F 3063 -24.70 -87.28 93.10
CA ALA F 3063 -26.06 -87.28 92.56
C ALA F 3063 -27.08 -87.70 93.61
N VAL F 3064 -26.75 -88.72 94.39
CA VAL F 3064 -27.67 -89.19 95.43
C VAL F 3064 -27.91 -88.09 96.46
N VAL F 3065 -26.84 -87.43 96.90
CA VAL F 3065 -27.02 -86.42 97.93
C VAL F 3065 -27.73 -85.19 97.37
N ASN F 3066 -27.53 -84.87 96.10
CA ASN F 3066 -28.31 -83.79 95.50
C ASN F 3066 -29.79 -84.13 95.46
N CYS F 3067 -30.12 -85.37 95.10
CA CYS F 3067 -31.51 -85.80 95.12
C CYS F 3067 -32.07 -85.70 96.53
N LEU F 3068 -31.27 -86.08 97.53
CA LEU F 3068 -31.72 -85.97 98.91
C LEU F 3068 -31.97 -84.52 99.30
N HIS F 3069 -31.08 -83.62 98.91
CA HIS F 3069 -31.29 -82.19 99.18
C HIS F 3069 -32.60 -81.71 98.59
N ILE F 3070 -32.85 -82.04 97.33
CA ILE F 3070 -34.05 -81.55 96.66
C ILE F 3070 -35.30 -82.13 97.29
N LEU F 3071 -35.29 -83.44 97.56
CA LEU F 3071 -36.44 -84.06 98.19
C LEU F 3071 -36.71 -83.46 99.57
N ALA F 3072 -35.65 -83.17 100.32
CA ALA F 3072 -35.83 -82.51 101.61
C ALA F 3072 -36.45 -81.13 101.43
N ARG F 3073 -36.03 -80.39 100.41
CA ARG F 3073 -36.63 -79.10 100.15
C ARG F 3073 -38.07 -79.21 99.65
N SER F 3074 -38.50 -80.39 99.21
CA SER F 3074 -39.86 -80.56 98.69
C SER F 3074 -40.69 -81.51 99.54
N LEU F 3075 -40.64 -81.38 100.86
CA LEU F 3075 -41.40 -82.24 101.77
C LEU F 3075 -42.44 -81.41 102.51
N ASP F 3076 -43.69 -81.89 102.52
CA ASP F 3076 -44.75 -81.30 103.33
C ASP F 3076 -44.89 -82.09 104.63
N ALA F 3077 -43.82 -82.02 105.42
CA ALA F 3077 -43.73 -82.81 106.64
C ALA F 3077 -44.84 -82.50 107.62
N ARG F 3078 -45.35 -81.27 107.63
CA ARG F 3078 -46.45 -80.94 108.53
C ARG F 3078 -47.66 -81.82 108.26
N THR F 3079 -48.14 -81.82 107.02
CA THR F 3079 -49.30 -82.63 106.68
C THR F 3079 -48.99 -84.12 106.81
N VAL F 3080 -47.80 -84.53 106.39
CA VAL F 3080 -47.45 -85.94 106.45
C VAL F 3080 -47.49 -86.45 107.88
N MET F 3081 -46.94 -85.68 108.82
CA MET F 3081 -46.93 -86.13 110.21
C MET F 3081 -48.29 -85.96 110.87
N LYS F 3082 -49.04 -84.93 110.52
CA LYS F 3082 -50.34 -84.72 111.15
C LYS F 3082 -51.34 -85.78 110.69
N SER F 3083 -51.60 -85.86 109.40
CA SER F 3083 -52.56 -86.80 108.82
C SER F 3083 -51.81 -87.66 107.82
N GLY F 3084 -51.30 -88.80 108.28
CA GLY F 3084 -50.54 -89.68 107.43
C GLY F 3084 -50.43 -91.09 107.99
N PRO F 3085 -50.06 -92.03 107.12
CA PRO F 3085 -49.95 -93.42 107.55
C PRO F 3085 -48.85 -93.63 108.57
N GLU F 3086 -49.09 -94.60 109.45
CA GLU F 3086 -48.11 -94.94 110.47
C GLU F 3086 -46.80 -95.38 109.84
N ILE F 3087 -46.85 -96.04 108.68
CA ILE F 3087 -45.63 -96.50 108.04
C ILE F 3087 -44.77 -95.33 107.62
N VAL F 3088 -45.37 -94.32 106.99
CA VAL F 3088 -44.61 -93.16 106.55
C VAL F 3088 -44.08 -92.37 107.75
N LYS F 3089 -44.92 -92.18 108.76
CA LYS F 3089 -44.48 -91.45 109.94
C LYS F 3089 -43.33 -92.17 110.65
N ALA F 3090 -43.42 -93.50 110.74
CA ALA F 3090 -42.35 -94.27 111.34
C ALA F 3090 -41.09 -94.22 110.51
N GLY F 3091 -41.22 -94.17 109.18
CA GLY F 3091 -40.04 -94.02 108.35
C GLY F 3091 -39.33 -92.70 108.62
N LEU F 3092 -40.08 -91.62 108.73
CA LEU F 3092 -39.45 -90.32 109.02
C LEU F 3092 -38.80 -90.32 110.41
N ARG F 3093 -39.50 -90.86 111.41
CA ARG F 3093 -38.93 -90.93 112.74
C ARG F 3093 -37.66 -91.79 112.76
N SER F 3094 -37.67 -92.90 112.02
CA SER F 3094 -36.49 -93.75 111.95
C SER F 3094 -35.34 -93.04 111.27
N PHE F 3095 -35.62 -92.22 110.25
CA PHE F 3095 -34.56 -91.44 109.64
C PHE F 3095 -33.92 -90.50 110.66
N PHE F 3096 -34.75 -89.79 111.42
CA PHE F 3096 -34.19 -88.89 112.43
C PHE F 3096 -33.39 -89.65 113.48
N GLU F 3097 -33.90 -90.80 113.93
CA GLU F 3097 -33.19 -91.57 114.95
C GLU F 3097 -31.87 -92.09 114.43
N SER F 3098 -31.84 -92.58 113.18
CA SER F 3098 -30.59 -93.05 112.60
C SER F 3098 -29.60 -91.92 112.44
N ALA F 3099 -30.08 -90.73 112.06
CA ALA F 3099 -29.20 -89.57 111.99
C ALA F 3099 -28.59 -89.26 113.34
N SER F 3100 -29.42 -89.30 114.40
CA SER F 3100 -28.91 -89.05 115.74
C SER F 3100 -27.85 -90.06 116.13
N GLU F 3101 -28.11 -91.35 115.86
CA GLU F 3101 -27.14 -92.38 116.23
C GLU F 3101 -25.84 -92.23 115.46
N ASP F 3102 -25.92 -91.94 114.17
CA ASP F 3102 -24.70 -91.74 113.38
C ASP F 3102 -23.91 -90.55 113.87
N ILE F 3103 -24.59 -89.45 114.22
CA ILE F 3103 -23.88 -88.29 114.73
C ILE F 3103 -23.24 -88.60 116.08
N GLU F 3104 -23.93 -89.37 116.92
CA GLU F 3104 -23.35 -89.75 118.21
C GLU F 3104 -22.08 -90.57 118.01
N LYS F 3105 -22.12 -91.54 117.09
CA LYS F 3105 -20.93 -92.32 116.81
C LYS F 3105 -19.80 -91.45 116.27
N MET F 3106 -20.13 -90.51 115.37
CA MET F 3106 -19.12 -89.62 114.82
C MET F 3106 -18.46 -88.78 115.91
N VAL F 3107 -19.25 -88.23 116.83
CA VAL F 3107 -18.68 -87.36 117.85
C VAL F 3107 -17.87 -88.17 118.84
N GLU F 3108 -18.34 -89.38 119.20
CA GLU F 3108 -17.57 -90.20 120.12
C GLU F 3108 -16.26 -90.67 119.49
N ASN F 3109 -16.25 -90.86 118.16
CA ASN F 3109 -14.99 -91.17 117.50
C ASN F 3109 -14.06 -89.97 117.46
N LEU F 3110 -14.60 -88.79 117.17
CA LEU F 3110 -13.78 -87.57 117.20
C LEU F 3110 -13.29 -87.25 118.59
N ARG F 3111 -13.90 -87.82 119.62
CA ARG F 3111 -13.35 -87.76 120.97
C ARG F 3111 -12.09 -88.59 121.12
N LEU F 3112 -11.56 -89.06 119.99
CA LEU F 3112 -10.35 -89.87 119.93
C LEU F 3112 -10.50 -91.19 120.69
N GLY F 3113 -11.73 -91.71 120.75
CA GLY F 3113 -11.91 -93.08 121.15
C GLY F 3113 -11.27 -94.04 120.17
N LYS F 3114 -11.27 -93.69 118.89
CA LYS F 3114 -10.58 -94.43 117.85
C LYS F 3114 -9.68 -93.46 117.09
N VAL F 3115 -8.57 -93.99 116.55
CA VAL F 3115 -7.60 -93.13 115.89
C VAL F 3115 -8.21 -92.44 114.68
N SER F 3116 -8.99 -93.18 113.88
CA SER F 3116 -9.67 -92.65 112.71
C SER F 3116 -8.69 -92.04 111.71
N LYS F 3123 -12.10 -100.02 109.24
CA LYS F 3123 -13.33 -100.59 109.80
C LYS F 3123 -14.52 -99.66 109.53
N GLY F 3124 -15.55 -99.80 110.36
CA GLY F 3124 -16.74 -98.97 110.20
C GLY F 3124 -16.58 -97.54 110.68
N VAL F 3125 -15.49 -97.23 111.38
CA VAL F 3125 -15.29 -95.87 111.87
C VAL F 3125 -15.09 -94.90 110.70
N GLY F 3126 -14.22 -95.26 109.76
CA GLY F 3126 -14.02 -94.40 108.59
C GLY F 3126 -15.26 -94.29 107.73
N GLN F 3127 -15.98 -95.40 107.57
CA GLN F 3127 -17.22 -95.39 106.81
C GLN F 3127 -18.23 -94.43 107.45
N ASN F 3128 -18.41 -94.54 108.76
CA ASN F 3128 -19.35 -93.66 109.44
C ASN F 3128 -18.90 -92.20 109.35
N LEU F 3129 -17.61 -91.94 109.51
CA LEU F 3129 -17.12 -90.57 109.46
C LEU F 3129 -17.37 -89.95 108.08
N THR F 3130 -17.05 -90.68 107.02
CA THR F 3130 -17.23 -90.12 105.69
C THR F 3130 -18.70 -90.00 105.33
N TYR F 3131 -19.54 -90.95 105.77
CA TYR F 3131 -20.97 -90.83 105.51
C TYR F 3131 -21.56 -89.62 106.21
N THR F 3132 -21.16 -89.38 107.46
CA THR F 3132 -21.68 -88.22 108.17
C THR F 3132 -21.17 -86.92 107.55
N THR F 3133 -19.89 -86.88 107.17
CA THR F 3133 -19.34 -85.61 106.69
C THR F 3133 -19.66 -85.32 105.25
N VAL F 3134 -20.12 -86.30 104.48
CA VAL F 3134 -20.41 -86.10 103.07
C VAL F 3134 -21.92 -86.02 102.79
N ALA F 3135 -22.71 -86.87 103.43
CA ALA F 3135 -24.14 -86.94 103.14
C ALA F 3135 -25.02 -86.49 104.29
N LEU F 3136 -24.85 -87.11 105.47
CA LEU F 3136 -25.82 -86.93 106.54
C LEU F 3136 -25.86 -85.49 107.01
N LEU F 3137 -24.70 -84.87 107.25
CA LEU F 3137 -24.70 -83.50 107.75
C LEU F 3137 -25.32 -82.52 106.77
N PRO F 3138 -24.94 -82.49 105.49
CA PRO F 3138 -25.63 -81.57 104.56
C PRO F 3138 -27.11 -81.86 104.40
N VAL F 3139 -27.50 -83.14 104.35
CA VAL F 3139 -28.92 -83.46 104.18
C VAL F 3139 -29.71 -83.01 105.39
N LEU F 3140 -29.19 -83.27 106.59
CA LEU F 3140 -29.88 -82.87 107.81
C LEU F 3140 -29.95 -81.35 107.92
N THR F 3141 -28.89 -80.66 107.53
CA THR F 3141 -28.92 -79.20 107.53
C THR F 3141 -29.97 -78.67 106.58
N THR F 3142 -30.05 -79.23 105.38
CA THR F 3142 -31.06 -78.80 104.42
C THR F 3142 -32.46 -79.06 104.94
N LEU F 3143 -32.68 -80.23 105.54
CA LEU F 3143 -34.00 -80.56 106.05
C LEU F 3143 -34.40 -79.62 107.18
N PHE F 3144 -33.47 -79.33 108.10
CA PHE F 3144 -33.77 -78.42 109.19
C PHE F 3144 -34.04 -77.02 108.70
N GLN F 3145 -33.26 -76.55 107.72
CA GLN F 3145 -33.50 -75.22 107.17
C GLN F 3145 -34.86 -75.16 106.49
N HIS F 3146 -35.24 -76.22 105.77
CA HIS F 3146 -36.55 -76.28 105.14
C HIS F 3146 -37.66 -76.21 106.18
N ILE F 3147 -37.54 -76.99 107.25
CA ILE F 3147 -38.53 -76.98 108.30
C ILE F 3147 -38.65 -75.60 108.93
N ALA F 3148 -37.50 -74.97 109.21
CA ALA F 3148 -37.52 -73.65 109.83
C ALA F 3148 -38.13 -72.61 108.91
N GLN F 3149 -37.78 -72.65 107.62
CA GLN F 3149 -38.31 -71.67 106.69
C GLN F 3149 -39.82 -71.79 106.54
N HIS F 3150 -40.33 -73.02 106.49
CA HIS F 3150 -41.76 -73.21 106.34
C HIS F 3150 -42.48 -73.35 107.67
N GLN F 3151 -41.80 -73.06 108.79
CA GLN F 3151 -42.41 -73.05 110.12
C GLN F 3151 -43.09 -74.38 110.43
N PHE F 3152 -42.46 -75.47 110.03
CA PHE F 3152 -43.00 -76.81 110.27
C PHE F 3152 -42.57 -77.40 111.60
N GLY F 3153 -41.68 -76.73 112.33
CA GLY F 3153 -41.10 -77.35 113.52
C GLY F 3153 -42.13 -77.73 114.56
N ASP F 3154 -43.04 -76.80 114.86
CA ASP F 3154 -44.07 -77.02 115.88
C ASP F 3154 -45.00 -78.16 115.54
N ASP F 3155 -45.03 -78.61 114.29
CA ASP F 3155 -45.89 -79.72 113.90
C ASP F 3155 -45.12 -81.01 113.62
N VAL F 3156 -43.83 -80.91 113.33
CA VAL F 3156 -43.03 -82.08 112.98
C VAL F 3156 -42.24 -82.59 114.18
N ILE F 3157 -41.48 -81.72 114.83
CA ILE F 3157 -40.57 -82.14 115.91
C ILE F 3157 -41.41 -82.11 117.18
N LEU F 3158 -42.15 -83.19 117.41
CA LEU F 3158 -43.12 -83.20 118.51
C LEU F 3158 -42.82 -84.23 119.59
N ASP F 3159 -42.75 -85.52 119.26
CA ASP F 3159 -42.78 -86.55 120.28
C ASP F 3159 -41.48 -87.34 120.37
N ASP F 3160 -41.03 -87.98 119.29
CA ASP F 3160 -39.75 -88.67 119.29
C ASP F 3160 -38.73 -88.00 118.39
N VAL F 3161 -39.18 -87.27 117.38
CA VAL F 3161 -38.26 -86.42 116.64
C VAL F 3161 -37.64 -85.39 117.58
N GLN F 3162 -38.38 -84.97 118.61
CA GLN F 3162 -37.80 -84.10 119.62
C GLN F 3162 -36.66 -84.80 120.35
N VAL F 3163 -36.84 -86.08 120.70
CA VAL F 3163 -35.77 -86.79 121.39
C VAL F 3163 -34.56 -86.93 120.48
N SER F 3164 -34.80 -87.25 119.21
CA SER F 3164 -33.68 -87.39 118.27
C SER F 3164 -32.94 -86.07 118.10
N CYS F 3165 -33.68 -84.97 117.97
CA CYS F 3165 -33.05 -83.66 117.82
C CYS F 3165 -32.34 -83.24 119.09
N TYR F 3166 -32.88 -83.58 120.26
CA TYR F 3166 -32.19 -83.31 121.51
C TYR F 3166 -30.86 -84.04 121.58
N ARG F 3167 -30.86 -85.32 121.20
CA ARG F 3167 -29.60 -86.07 121.20
C ARG F 3167 -28.60 -85.45 120.23
N THR F 3168 -29.07 -85.06 119.05
CA THR F 3168 -28.18 -84.41 118.10
C THR F 3168 -27.61 -83.12 118.67
N LEU F 3169 -28.46 -82.31 119.31
CA LEU F 3169 -28.03 -81.05 119.89
C LEU F 3169 -26.99 -81.27 120.98
N CYS F 3170 -27.24 -82.23 121.87
CA CYS F 3170 -26.28 -82.53 122.92
C CYS F 3170 -24.95 -83.01 122.34
N SER F 3171 -25.02 -83.92 121.35
CA SER F 3171 -23.81 -84.50 120.80
C SER F 3171 -22.96 -83.49 120.05
N ILE F 3172 -23.58 -82.66 119.21
CA ILE F 3172 -22.80 -81.68 118.45
C ILE F 3172 -22.16 -80.66 119.39
N TYR F 3173 -22.92 -80.17 120.37
CA TYR F 3173 -22.37 -79.19 121.29
C TYR F 3173 -21.33 -79.81 122.22
N SER F 3174 -21.35 -81.13 122.40
CA SER F 3174 -20.37 -81.77 123.26
C SER F 3174 -18.96 -81.76 122.66
N LEU F 3175 -18.75 -81.10 121.53
CA LEU F 3175 -17.42 -80.98 120.94
C LEU F 3175 -16.59 -79.87 121.53
N GLY F 3176 -17.15 -79.07 122.46
CA GLY F 3176 -16.40 -77.96 123.00
C GLY F 3176 -15.16 -78.40 123.75
N THR F 3177 -15.22 -79.56 124.41
CA THR F 3177 -14.11 -80.08 125.20
C THR F 3177 -13.18 -80.97 124.41
N THR F 3178 -13.11 -80.80 123.09
CA THR F 3178 -12.28 -81.63 122.24
C THR F 3178 -11.36 -80.76 121.41
N LYS F 3179 -10.10 -81.16 121.30
CA LYS F 3179 -9.09 -80.41 120.55
C LYS F 3179 -8.34 -81.38 119.64
N ASN F 3180 -8.67 -81.37 118.35
CA ASN F 3180 -8.05 -82.26 117.38
C ASN F 3180 -7.95 -81.52 116.06
N THR F 3181 -7.63 -82.29 115.00
CA THR F 3181 -7.61 -81.72 113.67
C THR F 3181 -8.90 -82.01 112.91
N TYR F 3182 -9.46 -83.21 113.09
CA TYR F 3182 -10.73 -83.52 112.48
C TYR F 3182 -11.83 -82.61 113.01
N VAL F 3183 -11.84 -82.37 114.32
CA VAL F 3183 -12.82 -81.44 114.89
C VAL F 3183 -12.60 -80.04 114.32
N GLU F 3184 -11.34 -79.62 114.21
CA GLU F 3184 -11.06 -78.29 113.71
C GLU F 3184 -11.55 -78.12 112.28
N LYS F 3185 -11.42 -79.16 111.45
CA LYS F 3185 -11.87 -79.05 110.07
C LYS F 3185 -13.36 -79.34 109.91
N LEU F 3186 -14.02 -79.90 110.92
CA LEU F 3186 -15.46 -80.17 110.83
C LEU F 3186 -16.32 -79.17 111.59
N ARG F 3187 -15.71 -78.24 112.34
CA ARG F 3187 -16.50 -77.27 113.09
C ARG F 3187 -17.47 -76.47 112.23
N PRO F 3188 -17.12 -75.99 111.03
CA PRO F 3188 -18.10 -75.20 110.27
C PRO F 3188 -19.39 -75.95 109.95
N ALA F 3189 -19.28 -77.18 109.45
CA ALA F 3189 -20.48 -77.94 109.11
C ALA F 3189 -21.32 -78.22 110.34
N LEU F 3190 -20.67 -78.60 111.44
CA LEU F 3190 -21.40 -78.86 112.68
C LEU F 3190 -22.11 -77.60 113.17
N GLY F 3191 -21.43 -76.45 113.08
CA GLY F 3191 -22.06 -75.21 113.51
C GLY F 3191 -23.25 -74.83 112.67
N GLU F 3192 -23.14 -74.98 111.35
CA GLU F 3192 -24.28 -74.67 110.49
C GLU F 3192 -25.44 -75.60 110.76
N CYS F 3193 -25.17 -76.89 110.94
CA CYS F 3193 -26.23 -77.85 111.25
C CYS F 3193 -26.89 -77.51 112.57
N LEU F 3194 -26.11 -77.14 113.57
CA LEU F 3194 -26.68 -76.78 114.87
C LEU F 3194 -27.50 -75.51 114.77
N ALA F 3195 -27.05 -74.55 113.97
CA ALA F 3195 -27.82 -73.33 113.78
C ALA F 3195 -29.18 -73.62 113.16
N ARG F 3196 -29.19 -74.46 112.12
CA ARG F 3196 -30.47 -74.80 111.49
C ARG F 3196 -31.36 -75.59 112.45
N LEU F 3197 -30.76 -76.47 113.26
CA LEU F 3197 -31.53 -77.21 114.25
C LEU F 3197 -32.16 -76.27 115.27
N ALA F 3198 -31.40 -75.26 115.72
CA ALA F 3198 -31.95 -74.30 116.66
C ALA F 3198 -33.06 -73.49 116.01
N ALA F 3199 -32.92 -73.16 114.74
CA ALA F 3199 -33.99 -72.43 114.04
C ALA F 3199 -35.26 -73.25 113.96
N ALA F 3200 -35.15 -74.54 113.65
CA ALA F 3200 -36.33 -75.37 113.45
C ALA F 3200 -36.79 -76.09 114.72
N MET F 3201 -36.12 -75.89 115.84
CA MET F 3201 -36.39 -76.68 117.03
C MET F 3201 -37.48 -76.00 117.86
N PRO F 3202 -38.51 -76.72 118.29
CA PRO F 3202 -39.69 -76.06 118.85
C PRO F 3202 -39.65 -75.80 120.34
N VAL F 3203 -38.65 -76.28 121.06
CA VAL F 3203 -38.58 -76.05 122.50
C VAL F 3203 -37.38 -75.17 122.80
N ALA F 3204 -37.52 -74.34 123.85
CA ALA F 3204 -36.46 -73.42 124.25
C ALA F 3204 -35.49 -74.19 125.14
N PHE F 3205 -34.58 -74.92 124.49
CA PHE F 3205 -33.66 -75.78 125.23
C PHE F 3205 -32.66 -74.99 126.07
N LEU F 3206 -32.47 -73.71 125.79
CA LEU F 3206 -31.59 -72.89 126.60
C LEU F 3206 -32.28 -72.29 127.80
N GLU F 3207 -33.60 -72.42 127.90
CA GLU F 3207 -34.38 -71.85 129.01
C GLU F 3207 -35.29 -72.92 129.58
N PRO F 3208 -34.73 -73.89 130.30
CA PRO F 3208 -35.55 -74.98 130.84
C PRO F 3208 -36.52 -74.55 131.92
N GLN F 3209 -36.23 -73.48 132.67
CA GLN F 3209 -37.12 -73.11 133.78
C GLN F 3209 -38.48 -72.66 133.31
N LEU F 3210 -38.62 -72.31 132.03
CA LEU F 3210 -39.90 -71.91 131.46
C LEU F 3210 -40.46 -72.95 130.51
N ASN F 3211 -40.00 -74.20 130.60
CA ASN F 3211 -40.48 -75.24 129.70
C ASN F 3211 -41.94 -75.59 129.95
N GLU F 3212 -42.44 -75.38 131.17
CA GLU F 3212 -43.80 -75.76 131.50
C GLU F 3212 -44.84 -74.93 130.75
N TYR F 3213 -44.44 -73.82 130.14
CA TYR F 3213 -45.35 -72.98 129.39
C TYR F 3213 -45.29 -73.22 127.88
N ASN F 3214 -44.61 -74.27 127.44
CA ASN F 3214 -44.46 -74.58 126.03
C ASN F 3214 -45.33 -75.78 125.68
N ALA F 3215 -46.28 -75.59 124.77
CA ALA F 3215 -47.21 -76.65 124.42
C ALA F 3215 -46.54 -77.71 123.54
N CYS F 3216 -45.59 -77.33 122.71
CA CYS F 3216 -44.93 -78.26 121.80
C CYS F 3216 -43.71 -78.90 122.44
N SER F 3217 -43.89 -79.44 123.64
CA SER F 3217 -42.81 -80.09 124.38
C SER F 3217 -43.26 -81.47 124.82
N VAL F 3218 -42.29 -82.38 124.93
CA VAL F 3218 -42.62 -83.74 125.32
C VAL F 3218 -43.17 -83.79 126.73
N TYR F 3219 -42.61 -83.00 127.63
CA TYR F 3219 -43.05 -83.01 129.03
C TYR F 3219 -44.46 -82.47 129.22
N THR F 3220 -45.03 -81.82 128.21
CA THR F 3220 -46.43 -81.40 128.27
C THR F 3220 -47.34 -82.25 127.40
N THR F 3221 -46.83 -82.78 126.29
CA THR F 3221 -47.65 -83.60 125.42
C THR F 3221 -47.83 -85.01 125.97
N LYS F 3222 -46.81 -85.54 126.63
CA LYS F 3222 -46.84 -86.92 127.11
C LYS F 3222 -47.11 -86.97 128.60
N SER F 3223 -47.92 -87.95 129.01
CA SER F 3223 -48.30 -88.09 130.40
C SER F 3223 -47.10 -88.52 131.24
N PRO F 3224 -47.12 -88.23 132.54
CA PRO F 3224 -46.05 -88.75 133.42
C PRO F 3224 -45.95 -90.25 133.42
N ARG F 3225 -47.04 -90.96 133.16
CA ARG F 3225 -46.98 -92.42 133.04
C ARG F 3225 -46.05 -92.82 131.91
N GLU F 3226 -46.17 -92.16 130.76
CA GLU F 3226 -45.23 -92.38 129.67
C GLU F 3226 -43.99 -91.52 129.91
N ARG F 3227 -43.13 -91.42 128.89
CA ARG F 3227 -41.78 -90.87 128.98
C ARG F 3227 -40.94 -91.69 129.96
N ALA F 3228 -41.53 -92.72 130.54
CA ALA F 3228 -40.82 -93.72 131.31
C ALA F 3228 -40.62 -95.03 130.55
N ILE F 3229 -41.60 -95.41 129.72
CA ILE F 3229 -41.41 -96.56 128.85
C ILE F 3229 -40.28 -96.30 127.87
N LEU F 3230 -40.16 -95.06 127.39
CA LEU F 3230 -39.01 -94.62 126.61
C LEU F 3230 -38.10 -93.81 127.51
N GLY F 3231 -36.80 -94.10 127.44
CA GLY F 3231 -35.84 -93.49 128.34
C GLY F 3231 -35.78 -91.98 128.28
N LEU F 3232 -36.30 -91.33 129.31
CA LEU F 3232 -36.26 -89.88 129.47
C LEU F 3232 -35.76 -89.56 130.88
N PRO F 3233 -35.02 -88.47 131.04
CA PRO F 3233 -34.44 -88.15 132.35
C PRO F 3233 -35.41 -87.57 133.36
N ASN F 3234 -36.72 -87.62 133.10
CA ASN F 3234 -37.83 -87.20 133.96
C ASN F 3234 -37.82 -85.71 134.27
N SER F 3235 -36.90 -84.94 133.70
CA SER F 3235 -36.88 -83.50 133.89
C SER F 3235 -36.31 -82.85 132.65
N VAL F 3236 -36.90 -81.72 132.24
CA VAL F 3236 -36.44 -81.04 131.04
C VAL F 3236 -35.02 -80.53 131.24
N GLU F 3237 -34.65 -80.17 132.48
CA GLU F 3237 -33.32 -79.65 132.74
C GLU F 3237 -32.23 -80.69 132.50
N GLU F 3238 -32.56 -81.98 132.60
CA GLU F 3238 -31.57 -83.04 132.52
C GLU F 3238 -31.39 -83.61 131.12
N MET F 3239 -32.25 -83.24 130.16
CA MET F 3239 -32.22 -83.92 128.87
C MET F 3239 -31.00 -83.48 128.06
N CYS F 3240 -30.63 -82.22 128.17
CA CYS F 3240 -29.34 -81.72 127.67
C CYS F 3240 -28.69 -80.91 128.79
N PRO F 3241 -28.06 -81.58 129.75
CA PRO F 3241 -27.51 -80.87 130.92
C PRO F 3241 -26.23 -80.11 130.63
N ASP F 3242 -25.47 -80.50 129.61
CA ASP F 3242 -24.18 -79.89 129.34
C ASP F 3242 -24.29 -78.61 128.52
N ILE F 3243 -25.50 -78.22 128.13
CA ILE F 3243 -25.72 -76.97 127.41
C ILE F 3243 -26.01 -75.89 128.45
N PRO F 3244 -25.17 -74.86 128.58
CA PRO F 3244 -25.45 -73.81 129.55
C PRO F 3244 -26.72 -73.05 129.20
N VAL F 3245 -27.38 -72.51 130.22
CA VAL F 3245 -28.60 -71.74 130.02
C VAL F 3245 -28.28 -70.46 129.29
N LEU F 3246 -29.32 -69.76 128.81
CA LEU F 3246 -29.10 -68.59 127.97
C LEU F 3246 -28.35 -67.51 128.71
N ASP F 3247 -28.69 -67.27 129.98
CA ASP F 3247 -28.02 -66.22 130.73
C ASP F 3247 -26.54 -66.52 130.91
N ARG F 3248 -26.21 -67.76 131.28
CA ARG F 3248 -24.81 -68.13 131.42
C ARG F 3248 -24.07 -68.01 130.09
N LEU F 3249 -24.72 -68.41 129.00
CA LEU F 3249 -24.06 -68.35 127.71
C LEU F 3249 -23.76 -66.92 127.30
N MET F 3250 -24.73 -66.02 127.48
CA MET F 3250 -24.49 -64.61 127.18
C MET F 3250 -23.41 -64.04 128.08
N ALA F 3251 -23.41 -64.40 129.36
CA ALA F 3251 -22.37 -63.91 130.25
C ALA F 3251 -20.99 -64.35 129.79
N ASP F 3252 -20.84 -65.62 129.41
CA ASP F 3252 -19.55 -66.12 128.96
C ASP F 3252 -19.11 -65.43 127.67
N ILE F 3253 -20.04 -65.25 126.72
CA ILE F 3253 -19.67 -64.62 125.46
C ILE F 3253 -19.26 -63.17 125.69
N GLY F 3254 -20.01 -62.46 126.52
CA GLY F 3254 -19.64 -61.08 126.84
C GLY F 3254 -18.29 -61.01 127.56
N GLY F 3255 -18.02 -61.97 128.44
CA GLY F 3255 -16.73 -61.99 129.11
C GLY F 3255 -15.59 -62.19 128.13
N LEU F 3256 -15.76 -63.10 127.17
CA LEU F 3256 -14.73 -63.29 126.15
C LEU F 3256 -14.54 -62.01 125.33
N ALA F 3257 -15.65 -61.39 124.91
CA ALA F 3257 -15.55 -60.19 124.09
C ALA F 3257 -14.85 -59.07 124.83
N GLU F 3258 -15.19 -58.86 126.11
CA GLU F 3258 -14.55 -57.78 126.86
C GLU F 3258 -13.10 -58.10 127.20
N SER F 3259 -12.77 -59.38 127.41
CA SER F 3259 -11.37 -59.74 127.62
C SER F 3259 -10.56 -59.62 126.36
N GLY F 3260 -11.18 -59.62 125.18
CA GLY F 3260 -10.44 -59.44 123.97
C GLY F 3260 -9.65 -60.65 123.54
N ALA F 3261 -10.15 -61.85 123.83
CA ALA F 3261 -9.47 -63.07 123.42
C ALA F 3261 -9.45 -63.18 121.89
N ARG F 3262 -8.44 -63.85 121.38
CA ARG F 3262 -8.35 -64.09 119.95
C ARG F 3262 -9.19 -65.29 119.56
N TYR F 3263 -9.20 -65.60 118.26
CA TYR F 3263 -9.97 -66.73 117.77
C TYR F 3263 -9.40 -68.05 118.28
N THR F 3264 -8.08 -68.12 118.47
CA THR F 3264 -7.44 -69.39 118.81
C THR F 3264 -7.90 -69.91 120.17
N GLU F 3265 -8.25 -69.03 121.09
CA GLU F 3265 -8.65 -69.45 122.43
C GLU F 3265 -10.15 -69.57 122.60
N MET F 3266 -10.93 -69.41 121.53
CA MET F 3266 -12.36 -69.65 121.62
C MET F 3266 -12.95 -70.10 120.29
N PRO F 3267 -12.43 -71.18 119.69
CA PRO F 3267 -12.96 -71.59 118.39
C PRO F 3267 -14.34 -72.20 118.49
N HIS F 3268 -14.64 -72.92 119.57
CA HIS F 3268 -15.94 -73.56 119.71
C HIS F 3268 -17.05 -72.53 119.79
N VAL F 3269 -16.83 -71.44 120.53
CA VAL F 3269 -17.85 -70.40 120.66
C VAL F 3269 -18.08 -69.72 119.32
N ILE F 3270 -17.00 -69.37 118.61
CA ILE F 3270 -17.13 -68.64 117.37
C ILE F 3270 -17.79 -69.50 116.29
N GLU F 3271 -17.42 -70.77 116.22
CA GLU F 3271 -17.89 -71.60 115.12
C GLU F 3271 -19.25 -72.23 115.38
N ILE F 3272 -19.59 -72.48 116.64
CA ILE F 3272 -20.79 -73.26 116.95
C ILE F 3272 -21.77 -72.45 117.81
N THR F 3273 -21.31 -72.00 118.98
CA THR F 3273 -22.21 -71.35 119.92
C THR F 3273 -22.77 -70.06 119.37
N LEU F 3274 -21.92 -69.25 118.73
CA LEU F 3274 -22.42 -68.00 118.16
C LEU F 3274 -23.45 -68.23 117.07
N PRO F 3275 -23.23 -69.11 116.09
CA PRO F 3275 -24.31 -69.40 115.13
C PRO F 3275 -25.55 -69.97 115.79
N MET F 3276 -25.40 -70.82 116.80
CA MET F 3276 -26.57 -71.40 117.44
C MET F 3276 -27.40 -70.33 118.12
N LEU F 3277 -26.73 -69.37 118.77
CA LEU F 3277 -27.47 -68.25 119.37
C LEU F 3277 -28.05 -67.32 118.32
N CYS F 3278 -27.31 -67.04 117.26
CA CYS F 3278 -27.83 -66.17 116.20
C CYS F 3278 -29.02 -66.80 115.51
N SER F 3279 -29.19 -68.11 115.62
CA SER F 3279 -30.36 -68.79 115.11
C SER F 3279 -31.44 -68.98 116.16
N TYR F 3280 -31.08 -69.00 117.44
CA TYR F 3280 -32.04 -69.28 118.51
C TYR F 3280 -32.77 -68.02 118.93
N LEU F 3281 -32.04 -66.92 119.10
CA LEU F 3281 -32.67 -65.68 119.59
C LEU F 3281 -33.73 -65.14 118.65
N PRO F 3282 -33.52 -65.02 117.34
CA PRO F 3282 -34.60 -64.51 116.47
C PRO F 3282 -35.84 -65.37 116.50
N ARG F 3283 -35.71 -66.68 116.61
CA ARG F 3283 -36.89 -67.54 116.63
C ARG F 3283 -37.74 -67.27 117.87
N TRP F 3284 -37.10 -67.17 119.03
CA TRP F 3284 -37.85 -67.04 120.28
C TRP F 3284 -38.18 -65.60 120.64
N TRP F 3285 -37.61 -64.62 119.94
CA TRP F 3285 -38.05 -63.26 120.17
C TRP F 3285 -39.50 -63.06 119.74
N GLU F 3286 -39.89 -63.69 118.64
CA GLU F 3286 -41.25 -63.55 118.13
C GLU F 3286 -42.28 -64.27 118.99
N ARG F 3287 -41.85 -65.15 119.89
CA ARG F 3287 -42.77 -65.94 120.70
C ARG F 3287 -42.69 -65.62 122.18
N GLY F 3288 -41.95 -64.58 122.55
CA GLY F 3288 -41.84 -64.19 123.95
C GLY F 3288 -42.39 -62.81 124.19
N PRO F 3289 -42.00 -62.19 125.30
CA PRO F 3289 -42.37 -60.80 125.54
C PRO F 3289 -41.68 -59.90 124.52
N GLU F 3290 -42.17 -58.68 124.42
CA GLU F 3290 -41.77 -57.67 123.45
C GLU F 3290 -42.22 -58.04 122.04
N ALA F 3291 -42.89 -59.18 121.86
CA ALA F 3291 -43.41 -59.54 120.55
C ALA F 3291 -44.59 -58.63 120.22
N PRO F 3292 -44.90 -58.50 118.93
CA PRO F 3292 -46.14 -57.83 118.52
C PRO F 3292 -47.31 -58.78 118.60
N PRO F 3293 -47.94 -58.93 119.77
CA PRO F 3293 -48.77 -60.10 120.01
C PRO F 3293 -50.19 -59.89 119.51
N PRO F 3294 -50.63 -60.70 118.55
CA PRO F 3294 -52.07 -60.79 118.29
C PRO F 3294 -52.70 -61.81 119.22
N ALA F 3295 -52.36 -61.71 120.50
CA ALA F 3295 -52.70 -62.73 121.50
C ALA F 3295 -53.82 -62.27 122.43
N LEU F 3296 -54.77 -61.52 121.90
CA LEU F 3296 -55.93 -61.14 122.72
C LEU F 3296 -56.70 -62.36 123.21
N PRO F 3297 -57.04 -63.36 122.37
CA PRO F 3297 -57.70 -64.56 122.91
C PRO F 3297 -56.71 -65.56 123.50
N ALA F 3298 -55.48 -65.58 122.97
CA ALA F 3298 -54.51 -66.62 123.30
C ALA F 3298 -53.37 -66.10 124.18
N GLY F 3299 -53.57 -64.97 124.87
CA GLY F 3299 -52.53 -64.45 125.74
C GLY F 3299 -52.48 -65.06 127.11
N ALA F 3300 -53.43 -65.93 127.45
CA ALA F 3300 -53.43 -66.54 128.78
C ALA F 3300 -52.17 -67.35 129.07
N PRO F 3301 -51.68 -68.21 128.19
CA PRO F 3301 -50.43 -68.93 128.49
C PRO F 3301 -49.26 -67.98 128.48
N PRO F 3302 -48.47 -67.96 129.56
CA PRO F 3302 -47.29 -67.10 129.58
C PRO F 3302 -46.29 -67.55 128.54
N PRO F 3303 -45.50 -66.63 128.00
CA PRO F 3303 -44.48 -67.03 127.02
C PRO F 3303 -43.49 -68.00 127.64
N CYS F 3304 -43.04 -68.94 126.82
CA CYS F 3304 -42.10 -69.97 127.26
C CYS F 3304 -40.65 -69.54 127.17
N THR F 3305 -40.39 -68.29 126.77
CA THR F 3305 -39.04 -67.77 126.66
C THR F 3305 -39.00 -66.35 127.21
N ALA F 3306 -37.80 -65.90 127.53
CA ALA F 3306 -37.57 -64.56 128.07
C ALA F 3306 -36.67 -63.73 127.16
N VAL F 3307 -36.69 -64.03 125.86
CA VAL F 3307 -35.83 -63.33 124.91
C VAL F 3307 -36.47 -61.99 124.57
N THR F 3308 -35.72 -60.91 124.77
CA THR F 3308 -36.12 -59.56 124.38
C THR F 3308 -35.12 -59.02 123.37
N SER F 3309 -35.32 -57.77 122.97
CA SER F 3309 -34.36 -57.13 122.08
C SER F 3309 -33.04 -56.84 122.78
N ASP F 3310 -33.03 -56.82 124.11
CA ASP F 3310 -31.77 -56.62 124.83
C ASP F 3310 -30.79 -57.73 124.52
N HIS F 3311 -31.27 -58.98 124.48
CA HIS F 3311 -30.39 -60.10 124.17
C HIS F 3311 -29.79 -59.95 122.79
N LEU F 3312 -30.61 -59.58 121.81
CA LEU F 3312 -30.11 -59.42 120.45
C LEU F 3312 -29.09 -58.31 120.37
N ASN F 3313 -29.36 -57.17 121.01
CA ASN F 3313 -28.42 -56.06 120.98
C ASN F 3313 -27.11 -56.43 121.65
N SER F 3314 -27.17 -57.10 122.80
CA SER F 3314 -25.94 -57.51 123.48
C SER F 3314 -25.15 -58.49 122.62
N LEU F 3315 -25.84 -59.44 121.99
CA LEU F 3315 -25.15 -60.41 121.16
C LEU F 3315 -24.48 -59.74 119.97
N LEU F 3316 -25.15 -58.79 119.33
CA LEU F 3316 -24.55 -58.10 118.20
C LEU F 3316 -23.35 -57.28 118.64
N GLY F 3317 -23.45 -56.60 119.78
CA GLY F 3317 -22.30 -55.88 120.29
C GLY F 3317 -21.12 -56.79 120.57
N ASN F 3318 -21.39 -57.94 121.18
CA ASN F 3318 -20.31 -58.89 121.46
C ASN F 3318 -19.70 -59.44 120.19
N ILE F 3319 -20.51 -59.67 119.17
CA ILE F 3319 -19.98 -60.16 117.89
C ILE F 3319 -19.07 -59.11 117.27
N LEU F 3320 -19.49 -57.85 117.28
CA LEU F 3320 -18.62 -56.79 116.74
C LEU F 3320 -17.34 -56.69 117.54
N ARG F 3321 -17.43 -56.79 118.87
CA ARG F 3321 -16.21 -56.74 119.68
C ARG F 3321 -15.28 -57.90 119.37
N ILE F 3322 -15.82 -59.09 119.14
CA ILE F 3322 -15.00 -60.24 118.80
C ILE F 3322 -14.29 -60.00 117.47
N ILE F 3323 -15.02 -59.52 116.48
CA ILE F 3323 -14.43 -59.31 115.16
C ILE F 3323 -13.32 -58.27 115.24
N VAL F 3324 -13.51 -57.21 116.03
CA VAL F 3324 -12.45 -56.21 116.13
C VAL F 3324 -11.32 -56.67 117.04
N ASN F 3325 -11.57 -57.63 117.94
CA ASN F 3325 -10.46 -58.26 118.64
C ASN F 3325 -9.58 -59.03 117.69
N ASN F 3326 -10.17 -59.75 116.75
CA ASN F 3326 -9.41 -60.49 115.74
C ASN F 3326 -9.20 -59.65 114.48
N LEU F 3327 -9.10 -58.34 114.63
CA LEU F 3327 -9.21 -57.46 113.47
C LEU F 3327 -8.01 -57.60 112.53
N GLY F 3328 -6.79 -57.61 113.08
CA GLY F 3328 -5.60 -57.56 112.26
C GLY F 3328 -4.85 -58.87 112.08
N ILE F 3329 -5.42 -60.00 112.48
CA ILE F 3329 -4.67 -61.26 112.38
C ILE F 3329 -4.51 -61.65 110.92
N ASP F 3330 -3.53 -62.53 110.69
CA ASP F 3330 -3.13 -62.87 109.32
C ASP F 3330 -4.19 -63.68 108.60
N GLU F 3331 -4.69 -64.73 109.25
CA GLU F 3331 -5.63 -65.65 108.62
C GLU F 3331 -6.85 -65.86 109.51
N ALA F 3332 -8.03 -65.61 108.96
CA ALA F 3332 -9.28 -65.86 109.67
C ALA F 3332 -10.37 -66.03 108.62
N THR F 3333 -10.71 -67.28 108.32
CA THR F 3333 -11.77 -67.56 107.37
C THR F 3333 -13.13 -67.68 108.02
N TRP F 3334 -13.21 -67.56 109.35
CA TRP F 3334 -14.48 -67.64 110.04
C TRP F 3334 -15.27 -66.35 110.00
N MET F 3335 -14.66 -65.24 109.59
CA MET F 3335 -15.33 -63.95 109.64
C MET F 3335 -16.54 -63.92 108.71
N LYS F 3336 -16.39 -64.43 107.49
CA LYS F 3336 -17.51 -64.41 106.56
C LYS F 3336 -18.67 -65.25 107.07
N ARG F 3337 -18.38 -66.45 107.60
CA ARG F 3337 -19.43 -67.28 108.14
C ARG F 3337 -20.11 -66.61 109.32
N LEU F 3338 -19.34 -65.99 110.21
CA LEU F 3338 -19.92 -65.31 111.36
C LEU F 3338 -20.78 -64.13 110.93
N ALA F 3339 -20.36 -63.39 109.90
CA ALA F 3339 -21.19 -62.29 109.41
C ALA F 3339 -22.49 -62.80 108.82
N VAL F 3340 -22.43 -63.86 108.02
CA VAL F 3340 -23.64 -64.42 107.44
C VAL F 3340 -24.57 -64.92 108.53
N PHE F 3341 -24.04 -65.52 109.59
CA PHE F 3341 -24.88 -65.99 110.67
C PHE F 3341 -25.43 -64.84 111.51
N ALA F 3342 -24.70 -63.74 111.62
CA ALA F 3342 -25.13 -62.65 112.48
C ALA F 3342 -26.00 -61.62 111.76
N GLN F 3343 -26.15 -61.73 110.45
CA GLN F 3343 -27.05 -60.80 109.76
C GLN F 3343 -28.49 -60.83 110.26
N PRO F 3344 -29.13 -61.97 110.50
CA PRO F 3344 -30.54 -61.94 110.92
C PRO F 3344 -30.78 -61.17 112.21
N ILE F 3345 -29.87 -61.23 113.18
CA ILE F 3345 -30.14 -60.60 114.47
C ILE F 3345 -29.95 -59.10 114.47
N VAL F 3346 -29.47 -58.53 113.37
CA VAL F 3346 -29.23 -57.09 113.34
C VAL F 3346 -30.54 -56.31 113.21
N SER F 3347 -31.63 -56.98 112.88
CA SER F 3347 -32.89 -56.29 112.61
C SER F 3347 -33.46 -55.60 113.84
N ARG F 3348 -32.99 -55.96 115.04
CA ARG F 3348 -33.42 -55.31 116.26
C ARG F 3348 -32.30 -54.55 116.96
N ALA F 3349 -31.29 -54.10 116.22
CA ALA F 3349 -30.23 -53.32 116.80
C ALA F 3349 -30.77 -51.96 117.25
N ARG F 3350 -30.40 -51.57 118.47
CA ARG F 3350 -30.78 -50.27 119.00
C ARG F 3350 -29.91 -49.17 118.41
N PRO F 3351 -30.40 -47.92 118.42
CA PRO F 3351 -29.60 -46.82 117.85
C PRO F 3351 -28.28 -46.59 118.56
N GLU F 3352 -28.13 -47.02 119.81
CA GLU F 3352 -26.90 -46.78 120.55
C GLU F 3352 -25.71 -47.48 119.92
N LEU F 3353 -25.93 -48.57 119.19
CA LEU F 3353 -24.83 -49.29 118.56
C LEU F 3353 -24.13 -48.45 117.50
N LEU F 3354 -24.79 -47.42 116.98
CA LEU F 3354 -24.13 -46.54 116.02
C LEU F 3354 -22.94 -45.85 116.65
N HIS F 3355 -23.09 -45.38 117.88
CA HIS F 3355 -22.00 -44.68 118.56
C HIS F 3355 -21.10 -45.63 119.35
N SER F 3356 -21.67 -46.68 119.94
CA SER F 3356 -20.88 -47.53 120.82
C SER F 3356 -19.90 -48.39 120.04
N HIS F 3357 -20.35 -49.00 118.93
CA HIS F 3357 -19.52 -49.97 118.23
C HIS F 3357 -19.19 -49.55 116.79
N PHE F 3358 -20.20 -49.21 115.98
CA PHE F 3358 -19.98 -49.08 114.55
C PHE F 3358 -19.00 -47.95 114.23
N ILE F 3359 -19.14 -46.81 114.90
CA ILE F 3359 -18.23 -45.69 114.66
C ILE F 3359 -16.79 -46.05 115.00
N PRO F 3360 -16.46 -46.60 116.18
CA PRO F 3360 -15.08 -47.01 116.42
C PRO F 3360 -14.57 -48.06 115.45
N THR F 3361 -15.40 -49.05 115.09
CA THR F 3361 -14.94 -50.09 114.19
C THR F 3361 -14.58 -49.51 112.82
N ILE F 3362 -15.48 -48.73 112.25
CA ILE F 3362 -15.22 -48.16 110.94
C ILE F 3362 -14.08 -47.16 111.02
N GLY F 3363 -13.88 -46.52 112.16
CA GLY F 3363 -12.73 -45.64 112.31
C GLY F 3363 -11.41 -46.39 112.27
N ARG F 3364 -11.35 -47.54 112.94
CA ARG F 3364 -10.16 -48.36 112.88
C ARG F 3364 -9.91 -48.83 111.45
N LEU F 3365 -10.96 -49.26 110.77
CA LEU F 3365 -10.81 -49.66 109.37
C LEU F 3365 -10.30 -48.51 108.51
N ARG F 3366 -10.84 -47.31 108.73
CA ARG F 3366 -10.44 -46.16 107.95
C ARG F 3366 -8.97 -45.83 108.15
N LYS F 3367 -8.51 -45.84 109.40
CA LYS F 3367 -7.11 -45.48 109.63
C LYS F 3367 -6.16 -46.55 109.09
N ARG F 3368 -6.54 -47.82 109.19
CA ARG F 3368 -5.71 -48.86 108.57
C ARG F 3368 -5.65 -48.68 107.05
N ALA F 3369 -6.79 -48.37 106.42
CA ALA F 3369 -6.79 -48.15 104.99
C ALA F 3369 -5.92 -46.96 104.61
N GLY F 3370 -5.99 -45.89 105.40
CA GLY F 3370 -5.16 -44.74 105.14
C GLY F 3370 -3.68 -45.07 105.24
N LYS F 3371 -3.30 -45.84 106.25
CA LYS F 3371 -1.90 -46.25 106.37
C LYS F 3371 -1.46 -47.09 105.19
N VAL F 3372 -2.32 -48.01 104.74
CA VAL F 3372 -1.94 -48.88 103.63
C VAL F 3372 -1.80 -48.08 102.34
N VAL F 3373 -2.72 -47.15 102.08
CA VAL F 3373 -2.61 -46.37 100.85
C VAL F 3373 -1.41 -45.44 100.94
N ALA F 3374 -1.07 -44.97 102.13
CA ALA F 3374 0.15 -44.18 102.30
C ALA F 3374 1.38 -45.01 101.94
N GLU F 3375 1.43 -46.26 102.42
CA GLU F 3375 2.55 -47.12 102.07
C GLU F 3375 2.59 -47.38 100.56
N GLU F 3376 1.43 -47.57 99.94
CA GLU F 3376 1.40 -47.84 98.51
C GLU F 3376 1.94 -46.66 97.71
N GLU F 3377 1.51 -45.44 98.05
CA GLU F 3377 2.04 -44.29 97.33
C GLU F 3377 3.51 -44.06 97.65
N GLN F 3378 3.93 -44.38 98.87
CA GLN F 3378 5.35 -44.29 99.22
C GLN F 3378 6.17 -45.24 98.35
N LEU F 3379 5.65 -46.44 98.09
CA LEU F 3379 6.31 -47.37 97.20
C LEU F 3379 6.31 -46.86 95.76
N ARG F 3380 5.19 -46.28 95.31
CA ARG F 3380 5.08 -45.91 93.90
C ARG F 3380 5.84 -44.63 93.57
N LEU F 3381 6.15 -43.80 94.57
CA LEU F 3381 6.78 -42.51 94.25
C LEU F 3381 8.19 -42.69 93.69
N GLU F 3382 8.92 -43.71 94.12
CA GLU F 3382 10.24 -44.01 93.59
C GLU F 3382 10.16 -45.34 92.82
N ALA F 3383 10.51 -45.29 91.54
CA ALA F 3383 10.51 -46.49 90.72
C ALA F 3383 11.81 -47.26 90.93
N LYS F 3384 11.70 -48.56 91.19
CA LYS F 3384 12.86 -49.37 91.51
C LYS F 3384 12.53 -50.83 91.23
N ALA F 3385 13.60 -51.60 90.97
CA ALA F 3385 13.44 -53.05 90.86
C ALA F 3385 13.08 -53.68 92.19
N GLU F 3386 13.33 -52.97 93.31
CA GLU F 3386 12.93 -53.43 94.63
C GLU F 3386 11.47 -53.10 94.96
N ALA F 3387 10.85 -52.19 94.20
CA ALA F 3387 9.45 -51.84 94.47
C ALA F 3387 8.55 -53.06 94.37
N GLU F 3388 8.90 -54.01 93.51
CA GLU F 3388 8.17 -55.28 93.49
C GLU F 3388 8.25 -55.96 94.84
N GLU F 3389 9.45 -56.03 95.43
CA GLU F 3389 9.61 -56.56 96.78
C GLU F 3389 9.06 -55.52 97.74
N GLY F 3390 7.77 -55.64 98.02
CA GLY F 3390 7.03 -54.64 98.76
C GLY F 3390 5.67 -54.44 98.14
N GLU F 3391 5.60 -54.57 96.82
CA GLU F 3391 4.30 -54.68 96.17
C GLU F 3391 3.52 -55.85 96.77
N LEU F 3392 4.20 -56.98 96.99
CA LEU F 3392 3.49 -58.12 97.57
C LEU F 3392 2.96 -57.83 98.97
N LEU F 3393 3.74 -57.15 99.82
CA LEU F 3393 3.25 -56.97 101.18
C LEU F 3393 2.15 -55.94 101.24
N VAL F 3394 2.19 -54.94 100.36
CA VAL F 3394 1.05 -54.03 100.31
C VAL F 3394 -0.19 -54.73 99.76
N ARG F 3395 -0.02 -55.66 98.80
CA ARG F 3395 -1.17 -56.45 98.36
C ARG F 3395 -1.72 -57.31 99.49
N ASP F 3396 -0.83 -57.89 100.31
CA ASP F 3396 -1.29 -58.70 101.44
C ASP F 3396 -2.04 -57.85 102.46
N GLU F 3397 -1.55 -56.65 102.74
CA GLU F 3397 -2.27 -55.76 103.65
C GLU F 3397 -3.62 -55.37 103.07
N PHE F 3398 -3.70 -55.10 101.77
CA PHE F 3398 -4.99 -54.82 101.16
C PHE F 3398 -5.92 -56.02 101.25
N SER F 3399 -5.38 -57.23 101.10
CA SER F 3399 -6.23 -58.42 101.18
C SER F 3399 -6.80 -58.61 102.57
N VAL F 3400 -5.97 -58.47 103.61
CA VAL F 3400 -6.49 -58.62 104.96
C VAL F 3400 -7.47 -57.50 105.28
N LEU F 3401 -7.21 -56.28 104.76
CA LEU F 3401 -8.14 -55.18 104.96
C LEU F 3401 -9.49 -55.46 104.30
N CYS F 3402 -9.46 -56.01 103.07
CA CYS F 3402 -10.71 -56.36 102.40
C CYS F 3402 -11.44 -57.45 103.15
N ARG F 3403 -10.70 -58.39 103.75
CA ARG F 3403 -11.34 -59.40 104.59
C ARG F 3403 -12.07 -58.75 105.76
N ASP F 3404 -11.43 -57.82 106.44
CA ASP F 3404 -12.09 -57.13 107.55
C ASP F 3404 -13.30 -56.34 107.07
N LEU F 3405 -13.17 -55.67 105.92
CA LEU F 3405 -14.27 -54.88 105.39
C LEU F 3405 -15.46 -55.75 105.06
N TYR F 3406 -15.23 -56.91 104.46
CA TYR F 3406 -16.34 -57.80 104.15
C TYR F 3406 -16.85 -58.54 105.36
N ALA F 3407 -16.07 -58.60 106.44
CA ALA F 3407 -16.57 -59.11 107.70
C ALA F 3407 -17.48 -58.12 108.42
N LEU F 3408 -17.22 -56.83 108.29
CA LEU F 3408 -18.01 -55.83 109.03
C LEU F 3408 -19.10 -55.17 108.20
N TYR F 3409 -18.89 -54.96 106.92
CA TYR F 3409 -19.78 -54.11 106.14
C TYR F 3409 -21.21 -54.62 106.00
N PRO F 3410 -21.49 -55.90 105.73
CA PRO F 3410 -22.89 -56.30 105.57
C PRO F 3410 -23.76 -56.00 106.79
N LEU F 3411 -23.19 -56.17 107.98
CA LEU F 3411 -23.92 -55.77 109.18
C LEU F 3411 -24.22 -54.29 109.18
N LEU F 3412 -23.25 -53.47 108.78
CA LEU F 3412 -23.45 -52.04 108.71
C LEU F 3412 -24.50 -51.68 107.66
N ILE F 3413 -24.53 -52.41 106.55
CA ILE F 3413 -25.50 -52.15 105.49
C ILE F 3413 -26.90 -52.42 106.01
N ARG F 3414 -27.08 -53.54 106.72
CA ARG F 3414 -28.39 -53.84 107.28
C ARG F 3414 -28.80 -52.79 108.30
N TYR F 3415 -27.86 -52.39 109.16
CA TYR F 3415 -28.16 -51.38 110.17
C TYR F 3415 -28.55 -50.06 109.53
N VAL F 3416 -27.84 -49.67 108.46
CA VAL F 3416 -28.17 -48.46 107.73
C VAL F 3416 -29.54 -48.56 107.11
N ASP F 3417 -29.86 -49.71 106.51
CA ASP F 3417 -31.20 -49.88 105.92
C ASP F 3417 -32.28 -49.74 106.99
N ASN F 3418 -31.99 -50.18 108.21
CA ASN F 3418 -33.01 -50.09 109.26
C ASN F 3418 -33.05 -48.73 109.97
N ASN F 3419 -32.01 -47.90 109.86
CA ASN F 3419 -32.03 -46.62 110.57
C ASN F 3419 -31.88 -45.39 109.70
N ARG F 3420 -31.80 -45.53 108.37
CA ARG F 3420 -31.60 -44.37 107.52
C ARG F 3420 -32.82 -43.46 107.49
N ALA F 3421 -34.01 -44.04 107.57
CA ALA F 3421 -35.21 -43.21 107.64
C ALA F 3421 -35.16 -42.28 108.84
N HIS F 3422 -34.81 -42.82 110.01
CA HIS F 3422 -34.71 -41.98 111.19
CA HIS F 3422 -34.70 -41.98 111.20
C HIS F 3422 -33.59 -40.96 111.06
N TRP F 3423 -32.45 -41.37 110.50
CA TRP F 3423 -31.33 -40.43 110.37
C TRP F 3423 -31.69 -39.27 109.45
N LEU F 3424 -32.43 -39.54 108.39
CA LEU F 3424 -32.84 -38.46 107.49
C LEU F 3424 -33.94 -37.61 108.10
N THR F 3425 -34.88 -38.23 108.81
CA THR F 3425 -35.95 -37.47 109.44
C THR F 3425 -35.41 -36.52 110.49
N GLU F 3426 -34.48 -36.98 111.31
CA GLU F 3426 -33.86 -36.16 112.34
C GLU F 3426 -32.35 -36.25 112.14
N PRO F 3427 -31.68 -35.14 111.79
CA PRO F 3427 -30.25 -35.23 111.47
C PRO F 3427 -29.44 -35.74 112.65
N ASN F 3428 -28.42 -36.53 112.35
CA ASN F 3428 -27.62 -37.19 113.37
C ASN F 3428 -26.14 -36.94 113.10
N ALA F 3429 -25.46 -36.36 114.10
CA ALA F 3429 -24.04 -36.09 113.95
C ALA F 3429 -23.25 -37.38 113.78
N ASN F 3430 -23.63 -38.43 114.51
CA ASN F 3430 -22.97 -39.72 114.36
C ASN F 3430 -23.18 -40.28 112.96
N ALA F 3431 -24.38 -40.12 112.41
CA ALA F 3431 -24.63 -40.58 111.04
C ALA F 3431 -23.76 -39.84 110.05
N GLU F 3432 -23.62 -38.53 110.22
CA GLU F 3432 -22.75 -37.77 109.33
C GLU F 3432 -21.29 -38.20 109.49
N GLU F 3433 -20.85 -38.44 110.72
CA GLU F 3433 -19.48 -38.90 110.94
C GLU F 3433 -19.24 -40.25 110.26
N LEU F 3434 -20.19 -41.17 110.39
CA LEU F 3434 -20.02 -42.48 109.78
C LEU F 3434 -20.05 -42.36 108.26
N PHE F 3435 -20.81 -41.39 107.74
CA PHE F 3435 -20.75 -41.11 106.31
C PHE F 3435 -19.37 -40.66 105.90
N ARG F 3436 -18.75 -39.77 106.70
CA ARG F 3436 -17.39 -39.35 106.38
C ARG F 3436 -16.44 -40.54 106.36
N MET F 3437 -16.59 -41.44 107.34
CA MET F 3437 -15.72 -42.60 107.43
C MET F 3437 -15.87 -43.48 106.18
N VAL F 3438 -17.11 -43.83 105.84
CA VAL F 3438 -17.32 -44.71 104.69
C VAL F 3438 -16.90 -44.01 103.40
N GLY F 3439 -17.11 -42.69 103.31
CA GLY F 3439 -16.68 -41.97 102.12
C GLY F 3439 -15.18 -41.96 101.94
N GLU F 3440 -14.45 -41.76 103.04
CA GLU F 3440 -12.99 -41.78 102.94
C GLU F 3440 -12.50 -43.17 102.56
N ILE F 3441 -13.10 -44.23 103.12
CA ILE F 3441 -12.71 -45.57 102.74
C ILE F 3441 -12.96 -45.81 101.26
N PHE F 3442 -14.10 -45.35 100.76
CA PHE F 3442 -14.41 -45.57 99.35
C PHE F 3442 -13.51 -44.73 98.45
N ILE F 3443 -13.12 -43.54 98.91
CA ILE F 3443 -12.15 -42.74 98.18
C ILE F 3443 -10.83 -43.48 98.05
N TYR F 3444 -10.35 -44.04 99.17
CA TYR F 3444 -9.13 -44.84 99.13
C TYR F 3444 -9.27 -45.98 98.14
N TRP F 3445 -10.42 -46.66 98.14
CA TRP F 3445 -10.65 -47.73 97.20
C TRP F 3445 -10.59 -47.25 95.76
N SER F 3446 -11.19 -46.09 95.49
CA SER F 3446 -11.24 -45.59 94.12
C SER F 3446 -9.86 -45.19 93.63
N LYS F 3447 -9.05 -44.54 94.48
CA LYS F 3447 -7.74 -44.09 94.04
C LYS F 3447 -6.78 -45.26 93.81
N SER F 3448 -6.73 -46.20 94.74
CA SER F 3448 -5.75 -47.28 94.65
C SER F 3448 -6.28 -48.43 93.81
N HIS F 3449 -5.45 -48.88 92.86
CA HIS F 3449 -5.79 -50.04 92.04
C HIS F 3449 -5.61 -51.33 92.80
N ASN F 3450 -4.60 -51.39 93.68
CA ASN F 3450 -4.38 -52.58 94.49
C ASN F 3450 -5.58 -52.88 95.36
N PHE F 3451 -6.23 -51.84 95.90
CA PHE F 3451 -7.42 -52.06 96.71
C PHE F 3451 -8.50 -52.77 95.90
N LYS F 3452 -8.75 -52.29 94.69
CA LYS F 3452 -9.77 -52.91 93.84
C LYS F 3452 -9.40 -54.35 93.50
N ARG F 3453 -8.14 -54.57 93.11
CA ARG F 3453 -7.72 -55.93 92.74
C ARG F 3453 -7.84 -56.88 93.92
N GLU F 3454 -7.41 -56.45 95.10
CA GLU F 3454 -7.46 -57.31 96.27
C GLU F 3454 -8.90 -57.58 96.69
N GLU F 3455 -9.78 -56.58 96.58
CA GLU F 3455 -11.19 -56.83 96.87
C GLU F 3455 -11.76 -57.88 95.94
N GLN F 3456 -11.50 -57.74 94.63
CA GLN F 3456 -12.05 -58.71 93.68
C GLN F 3456 -11.48 -60.10 93.93
N ASN F 3457 -10.18 -60.18 94.23
CA ASN F 3457 -9.57 -61.46 94.53
C ASN F 3457 -10.19 -62.10 95.77
N PHE F 3458 -10.39 -61.31 96.82
CA PHE F 3458 -11.05 -61.83 98.01
C PHE F 3458 -12.41 -62.39 97.67
N VAL F 3459 -13.19 -61.64 96.90
CA VAL F 3459 -14.53 -62.09 96.55
C VAL F 3459 -14.48 -63.41 95.79
N VAL F 3460 -13.57 -63.50 94.81
CA VAL F 3460 -13.59 -64.69 93.95
C VAL F 3460 -13.10 -65.93 94.70
N GLN F 3461 -12.03 -65.82 95.50
CA GLN F 3461 -11.58 -67.03 96.18
C GLN F 3461 -12.38 -67.33 97.45
N ASN F 3462 -13.16 -66.39 97.96
CA ASN F 3462 -14.02 -66.70 99.09
C ASN F 3462 -15.45 -67.00 98.69
N GLU F 3463 -15.78 -66.88 97.40
CA GLU F 3463 -17.12 -67.19 96.90
C GLU F 3463 -18.18 -66.36 97.63
N ILE F 3464 -17.82 -65.13 97.97
CA ILE F 3464 -18.78 -64.23 98.63
C ILE F 3464 -19.94 -63.99 97.70
N ASN F 3465 -21.16 -64.27 98.17
CA ASN F 3465 -22.32 -64.20 97.31
C ASN F 3465 -22.52 -62.79 96.77
N ASN F 3466 -22.29 -61.78 97.62
CA ASN F 3466 -22.34 -60.38 97.25
C ASN F 3466 -23.76 -59.98 96.87
N MET F 3467 -24.68 -60.95 96.93
CA MET F 3467 -26.08 -60.78 96.57
C MET F 3467 -27.01 -60.96 97.75
N SER F 3468 -26.81 -62.01 98.55
CA SER F 3468 -27.60 -62.17 99.77
C SER F 3468 -27.37 -61.02 100.72
N PHE F 3469 -26.15 -60.47 100.75
CA PHE F 3469 -25.84 -59.37 101.65
C PHE F 3469 -26.67 -58.13 101.34
N LEU F 3470 -27.27 -58.06 100.14
CA LEU F 3470 -28.15 -56.97 99.78
C LEU F 3470 -29.63 -57.36 99.70
N THR F 3471 -29.93 -58.64 99.50
CA THR F 3471 -31.31 -59.09 99.40
C THR F 3471 -31.83 -59.77 100.67
N ALA F 3472 -31.04 -59.79 101.75
CA ALA F 3472 -31.50 -60.42 102.98
C ALA F 3472 -32.71 -59.70 103.56
N ASP F 3473 -32.71 -58.36 103.51
CA ASP F 3473 -33.86 -57.61 104.00
C ASP F 3473 -35.11 -57.94 103.21
N SER F 3474 -34.98 -58.00 101.88
CA SER F 3474 -36.12 -58.35 101.04
C SER F 3474 -36.64 -59.75 101.34
N LYS F 3475 -35.73 -60.71 101.51
CA LYS F 3475 -36.15 -62.07 101.86
C LYS F 3475 -36.81 -62.12 103.23
N SER F 3476 -36.36 -61.29 104.17
CA SER F 3476 -36.98 -61.26 105.49
C SER F 3476 -38.35 -60.60 105.44
N LYS F 3477 -38.54 -59.67 104.50
CA LYS F 3477 -39.84 -59.05 104.28
C LYS F 3477 -40.78 -59.92 103.45
N MET F 3478 -40.53 -61.23 103.44
CA MET F 3478 -41.32 -62.23 102.72
C MET F 3478 -41.76 -61.72 101.34
N ALA F 3479 -40.77 -61.33 100.57
CA ALA F 3479 -41.01 -60.78 99.24
C ALA F 3479 -41.61 -61.85 98.32
N ARG F 3498 -27.81 -63.25 87.13
CA ARG F 3498 -27.70 -63.66 85.74
C ARG F 3498 -26.52 -62.95 85.06
N ARG F 3499 -26.61 -61.61 84.98
CA ARG F 3499 -25.54 -60.84 84.37
C ARG F 3499 -24.30 -60.85 85.24
N GLY F 3500 -24.42 -60.36 86.47
CA GLY F 3500 -23.29 -60.31 87.39
C GLY F 3500 -23.51 -61.15 88.62
N ASP F 3501 -24.06 -62.36 88.44
CA ASP F 3501 -24.39 -63.21 89.57
C ASP F 3501 -23.15 -63.57 90.39
N ARG F 3502 -22.04 -63.90 89.71
CA ARG F 3502 -20.82 -64.24 90.43
C ARG F 3502 -20.21 -63.02 91.11
N TYR F 3503 -20.08 -61.91 90.36
CA TYR F 3503 -19.56 -60.67 90.92
C TYR F 3503 -19.84 -59.53 89.95
N SER F 3504 -20.15 -58.36 90.51
CA SER F 3504 -20.36 -57.15 89.72
C SER F 3504 -20.04 -55.95 90.59
N VAL F 3505 -19.47 -54.91 89.95
CA VAL F 3505 -19.11 -53.71 90.69
C VAL F 3505 -20.35 -53.02 91.25
N GLN F 3506 -21.45 -53.05 90.50
CA GLN F 3506 -22.69 -52.42 90.98
C GLN F 3506 -23.17 -53.08 92.27
N THR F 3507 -22.88 -54.36 92.45
CA THR F 3507 -23.28 -55.09 93.65
C THR F 3507 -22.15 -55.24 94.65
N SER F 3508 -21.02 -54.55 94.43
CA SER F 3508 -19.94 -54.55 95.41
C SER F 3508 -20.38 -53.86 96.69
N LEU F 3509 -19.95 -54.39 97.84
CA LEU F 3509 -20.39 -53.82 99.10
C LEU F 3509 -19.70 -52.50 99.42
N ILE F 3510 -18.44 -52.33 99.02
CA ILE F 3510 -17.74 -51.09 99.38
C ILE F 3510 -18.41 -49.89 98.69
N VAL F 3511 -18.85 -50.08 97.46
CA VAL F 3511 -19.59 -49.02 96.77
C VAL F 3511 -21.06 -48.98 97.21
N ALA F 3512 -21.67 -50.14 97.45
CA ALA F 3512 -23.08 -50.17 97.84
C ALA F 3512 -23.30 -49.48 99.18
N THR F 3513 -22.36 -49.65 100.12
CA THR F 3513 -22.49 -48.99 101.41
C THR F 3513 -22.47 -47.49 101.26
N LEU F 3514 -21.57 -46.97 100.42
CA LEU F 3514 -21.52 -45.53 100.21
C LEU F 3514 -22.78 -45.05 99.51
N LYS F 3515 -23.29 -45.82 98.55
CA LYS F 3515 -24.52 -45.40 97.89
C LYS F 3515 -25.69 -45.37 98.86
N LYS F 3516 -25.78 -46.35 99.75
CA LYS F 3516 -26.85 -46.35 100.75
C LYS F 3516 -26.68 -45.24 101.77
N MET F 3517 -25.45 -44.82 102.04
CA MET F 3517 -25.21 -43.78 103.02
C MET F 3517 -25.18 -42.39 102.41
N LEU F 3518 -25.19 -42.30 101.09
CA LEU F 3518 -25.10 -41.00 100.42
C LEU F 3518 -26.19 -40.01 100.82
N PRO F 3519 -27.47 -40.40 100.96
CA PRO F 3519 -28.47 -39.41 101.37
C PRO F 3519 -28.14 -38.71 102.67
N ILE F 3520 -27.54 -39.42 103.63
CA ILE F 3520 -27.17 -38.78 104.88
C ILE F 3520 -26.14 -37.68 104.63
N GLY F 3521 -25.17 -37.95 103.77
CA GLY F 3521 -24.18 -36.94 103.44
C GLY F 3521 -24.76 -35.76 102.70
N LEU F 3522 -25.63 -36.03 101.73
CA LEU F 3522 -26.25 -34.94 100.98
C LEU F 3522 -27.16 -34.11 101.87
N ASN F 3523 -27.71 -34.71 102.93
CA ASN F 3523 -28.62 -33.99 103.80
C ASN F 3523 -27.90 -32.91 104.59
N MET F 3524 -26.59 -33.05 104.80
CA MET F 3524 -25.84 -32.01 105.49
C MET F 3524 -25.78 -30.73 104.66
N CYS F 3525 -25.51 -30.87 103.36
CA CYS F 3525 -25.34 -29.69 102.52
C CYS F 3525 -26.67 -29.01 102.24
N ALA F 3526 -26.69 -27.69 102.41
CA ALA F 3526 -27.85 -26.89 102.12
C ALA F 3526 -28.10 -26.85 100.62
N PRO F 3527 -29.33 -26.59 100.20
CA PRO F 3527 -29.62 -26.50 98.75
C PRO F 3527 -28.81 -25.42 98.05
N THR F 3528 -28.44 -24.34 98.74
CA THR F 3528 -27.68 -23.27 98.14
C THR F 3528 -26.30 -23.71 97.68
N ASP F 3529 -25.82 -24.86 98.13
CA ASP F 3529 -24.44 -25.26 97.90
C ASP F 3529 -24.25 -26.09 96.64
N GLN F 3530 -25.28 -26.26 95.82
CA GLN F 3530 -25.16 -27.15 94.66
C GLN F 3530 -24.12 -26.63 93.68
N ASP F 3531 -24.06 -25.32 93.48
CA ASP F 3531 -23.03 -24.76 92.61
C ASP F 3531 -21.64 -25.04 93.16
N LEU F 3532 -21.46 -24.89 94.47
CA LEU F 3532 -20.17 -25.18 95.08
C LEU F 3532 -19.80 -26.65 94.90
N ILE F 3533 -20.80 -27.54 95.01
CA ILE F 3533 -20.57 -28.95 94.73
C ILE F 3533 -20.07 -29.13 93.31
N MET F 3534 -20.71 -28.43 92.36
CA MET F 3534 -20.29 -28.54 90.96
C MET F 3534 -18.85 -28.06 90.76
N LEU F 3535 -18.50 -26.93 91.37
CA LEU F 3535 -17.14 -26.41 91.21
C LEU F 3535 -16.12 -27.39 91.80
N ALA F 3536 -16.39 -27.92 92.99
CA ALA F 3536 -15.45 -28.87 93.58
C ALA F 3536 -15.38 -30.15 92.76
N LYS F 3537 -16.49 -30.55 92.14
CA LYS F 3537 -16.45 -31.70 91.24
C LYS F 3537 -15.54 -31.43 90.06
N THR F 3538 -15.59 -30.22 89.50
CA THR F 3538 -14.67 -29.88 88.41
C THR F 3538 -13.23 -29.92 88.87
N ARG F 3539 -12.94 -29.36 90.04
CA ARG F 3539 -11.57 -29.39 90.56
C ARG F 3539 -11.08 -30.83 90.73
N TYR F 3540 -11.94 -31.71 91.26
CA TYR F 3540 -11.59 -33.11 91.38
C TYR F 3540 -11.42 -33.77 90.02
N ALA F 3541 -12.17 -33.31 89.02
CA ALA F 3541 -11.94 -33.77 87.65
C ALA F 3541 -10.58 -33.33 87.14
N LEU F 3542 -10.04 -32.24 87.65
CA LEU F 3542 -8.69 -31.81 87.30
C LEU F 3542 -7.62 -32.35 88.25
N LYS F 3543 -7.90 -33.48 88.92
CA LYS F 3543 -6.91 -34.20 89.72
C LYS F 3543 -6.22 -33.29 90.74
N ASP F 3544 -7.02 -32.79 91.69
CA ASP F 3544 -6.54 -31.88 92.71
C ASP F 3544 -6.81 -32.47 94.09
N THR F 3545 -6.05 -32.01 95.09
CA THR F 3545 -6.13 -32.62 96.40
C THR F 3545 -7.07 -31.84 97.32
N ASP F 3546 -7.30 -32.41 98.50
CA ASP F 3546 -8.27 -31.86 99.44
C ASP F 3546 -7.89 -30.46 99.90
N GLU F 3547 -6.60 -30.23 100.15
CA GLU F 3547 -6.17 -28.89 100.56
C GLU F 3547 -6.40 -27.88 99.43
N GLU F 3548 -6.07 -28.26 98.19
CA GLU F 3548 -6.28 -27.39 97.05
C GLU F 3548 -7.75 -27.01 96.92
N VAL F 3549 -8.64 -27.99 97.03
CA VAL F 3549 -10.05 -27.67 96.81
C VAL F 3549 -10.63 -26.94 98.00
N ARG F 3550 -10.11 -27.20 99.20
CA ARG F 3550 -10.58 -26.45 100.36
C ARG F 3550 -10.21 -24.97 100.24
N GLU F 3551 -8.98 -24.68 99.80
CA GLU F 3551 -8.63 -23.28 99.62
C GLU F 3551 -9.39 -22.66 98.45
N PHE F 3552 -9.64 -23.43 97.39
CA PHE F 3552 -10.44 -22.91 96.28
C PHE F 3552 -11.85 -22.56 96.74
N LEU F 3553 -12.48 -23.44 97.52
CA LEU F 3553 -13.81 -23.16 98.04
C LEU F 3553 -13.80 -21.99 99.01
N GLN F 3554 -12.70 -21.82 99.76
CA GLN F 3554 -12.57 -20.64 100.60
C GLN F 3554 -12.56 -19.37 99.76
N ASN F 3555 -11.82 -19.40 98.65
CA ASN F 3555 -11.69 -18.22 97.79
C ASN F 3555 -12.90 -17.98 96.89
N ASN F 3556 -13.76 -18.97 96.70
CA ASN F 3556 -14.89 -18.87 95.78
C ASN F 3556 -16.21 -19.00 96.51
N LEU F 3557 -16.28 -18.50 97.75
CA LEU F 3557 -17.48 -18.72 98.57
C LEU F 3557 -18.68 -17.95 98.05
N HIS F 3558 -18.46 -16.92 97.22
CA HIS F 3558 -19.53 -16.07 96.75
C HIS F 3558 -20.32 -16.67 95.60
N LEU F 3559 -19.89 -17.82 95.07
CA LEU F 3559 -20.54 -18.43 93.93
C LEU F 3559 -21.72 -19.32 94.31
N GLN F 3560 -22.06 -19.39 95.59
CA GLN F 3560 -23.19 -20.22 96.01
C GLN F 3560 -24.50 -19.64 95.48
N GLY F 3561 -25.50 -20.50 95.34
CA GLY F 3561 -26.76 -20.09 94.77
C GLY F 3561 -27.49 -19.06 95.62
N LYS F 3562 -28.27 -18.23 94.93
CA LYS F 3562 -29.11 -17.24 95.57
C LYS F 3562 -30.57 -17.68 95.45
N VAL F 3563 -31.30 -17.59 96.56
CA VAL F 3563 -32.66 -18.10 96.61
C VAL F 3563 -33.57 -17.32 95.66
N GLU F 3564 -33.34 -16.01 95.54
CA GLU F 3564 -34.18 -15.20 94.66
C GLU F 3564 -34.02 -15.59 93.20
N GLY F 3565 -32.81 -15.93 92.77
CA GLY F 3565 -32.57 -16.19 91.36
C GLY F 3565 -33.00 -17.56 90.86
N SER F 3566 -33.36 -18.47 91.76
CA SER F 3566 -33.75 -19.82 91.36
C SER F 3566 -35.10 -20.15 91.98
N PRO F 3567 -36.05 -20.66 91.20
CA PRO F 3567 -37.38 -20.97 91.75
C PRO F 3567 -37.40 -22.24 92.58
N SER F 3568 -36.73 -23.30 92.10
CA SER F 3568 -36.74 -24.56 92.81
C SER F 3568 -36.03 -24.45 94.15
N LEU F 3569 -34.93 -23.70 94.17
CA LEU F 3569 -34.17 -23.52 95.40
C LEU F 3569 -35.01 -22.89 96.49
N ARG F 3570 -36.08 -22.16 96.13
CA ARG F 3570 -36.94 -21.58 97.15
C ARG F 3570 -37.60 -22.65 98.01
N TRP F 3571 -38.34 -23.56 97.39
CA TRP F 3571 -38.98 -24.61 98.17
C TRP F 3571 -37.97 -25.59 98.75
N GLN F 3572 -36.89 -25.89 98.03
CA GLN F 3572 -35.86 -26.75 98.61
C GLN F 3572 -35.30 -26.13 99.89
N MET F 3573 -35.01 -24.82 99.84
CA MET F 3573 -34.39 -24.12 100.95
C MET F 3573 -35.33 -24.07 102.14
N ALA F 3574 -36.61 -23.80 101.87
CA ALA F 3574 -37.61 -23.79 102.94
C ALA F 3574 -37.73 -25.16 103.58
N LEU F 3575 -37.77 -26.22 102.77
CA LEU F 3575 -37.83 -27.56 103.32
C LEU F 3575 -36.60 -27.86 104.17
N TYR F 3576 -35.43 -27.36 103.75
CA TYR F 3576 -34.21 -27.62 104.49
C TYR F 3576 -34.22 -26.94 105.85
N ARG F 3577 -34.71 -25.70 105.92
CA ARG F 3577 -35.05 -25.09 107.22
C ARG F 3577 -36.22 -25.78 107.92
N GLY F 3578 -36.95 -26.65 107.24
CA GLY F 3578 -37.97 -27.39 107.96
C GLY F 3578 -37.42 -28.39 108.96
N LEU F 3579 -36.13 -28.73 108.89
CA LEU F 3579 -35.57 -29.75 109.76
C LEU F 3579 -35.39 -29.23 111.18
N PRO F 3580 -35.43 -30.12 112.18
CA PRO F 3580 -35.34 -29.65 113.57
C PRO F 3580 -33.96 -29.14 113.97
N GLY F 3581 -32.91 -29.89 113.64
CA GLY F 3581 -31.59 -29.61 114.17
C GLY F 3581 -30.75 -28.69 113.31
N ARG F 3582 -31.39 -27.88 112.48
CA ARG F 3582 -30.69 -26.97 111.58
C ARG F 3582 -30.50 -25.63 112.28
N GLU F 3583 -29.25 -25.25 112.50
CA GLU F 3583 -28.90 -23.98 113.13
C GLU F 3583 -28.14 -23.12 112.13
N GLU F 3584 -28.40 -21.81 112.16
CA GLU F 3584 -27.73 -20.88 111.26
C GLU F 3584 -26.25 -20.72 111.61
N ASP F 3585 -25.87 -20.99 112.86
CA ASP F 3585 -24.46 -20.93 113.24
C ASP F 3585 -23.62 -21.99 112.55
N ALA F 3586 -24.25 -23.07 112.08
CA ALA F 3586 -23.52 -24.11 111.36
C ALA F 3586 -23.07 -23.68 109.98
N ASP F 3587 -23.56 -22.54 109.48
CA ASP F 3587 -23.12 -22.02 108.19
C ASP F 3587 -21.90 -21.12 108.31
N ASP F 3588 -20.88 -21.61 109.01
CA ASP F 3588 -19.59 -20.95 109.00
C ASP F 3588 -18.86 -21.28 107.70
N PRO F 3589 -17.97 -20.40 107.24
CA PRO F 3589 -17.24 -20.70 106.00
C PRO F 3589 -16.46 -22.00 106.08
N GLU F 3590 -15.84 -22.29 107.22
CA GLU F 3590 -15.10 -23.54 107.35
C GLU F 3590 -16.01 -24.74 107.27
N LYS F 3591 -17.15 -24.70 107.97
CA LYS F 3591 -18.09 -25.81 107.91
C LYS F 3591 -18.62 -26.01 106.50
N ILE F 3592 -18.97 -24.92 105.83
CA ILE F 3592 -19.47 -25.01 104.46
C ILE F 3592 -18.43 -25.64 103.56
N VAL F 3593 -17.18 -25.18 103.65
CA VAL F 3593 -16.19 -25.70 102.73
C VAL F 3593 -15.88 -27.16 103.02
N ARG F 3594 -15.82 -27.57 104.29
CA ARG F 3594 -15.51 -28.97 104.55
C ARG F 3594 -16.64 -29.87 104.06
N ARG F 3595 -17.89 -29.51 104.34
CA ARG F 3595 -18.97 -30.37 103.89
C ARG F 3595 -19.03 -30.40 102.36
N VAL F 3596 -18.77 -29.26 101.72
CA VAL F 3596 -18.78 -29.23 100.26
C VAL F 3596 -17.69 -30.14 99.69
N GLN F 3597 -16.46 -30.06 100.21
CA GLN F 3597 -15.41 -30.88 99.63
C GLN F 3597 -15.68 -32.36 99.89
N GLU F 3598 -16.12 -32.70 101.09
CA GLU F 3598 -16.41 -34.10 101.39
C GLU F 3598 -17.46 -34.66 100.45
N VAL F 3599 -18.60 -33.97 100.36
CA VAL F 3599 -19.68 -34.46 99.53
C VAL F 3599 -19.25 -34.52 98.07
N SER F 3600 -18.53 -33.48 97.60
CA SER F 3600 -18.09 -33.44 96.22
C SER F 3600 -17.15 -34.59 95.89
N ALA F 3601 -16.24 -34.91 96.81
CA ALA F 3601 -15.39 -36.09 96.63
C ALA F 3601 -16.23 -37.33 96.46
N VAL F 3602 -17.24 -37.47 97.31
CA VAL F 3602 -18.09 -38.66 97.23
C VAL F 3602 -18.75 -38.75 95.86
N LEU F 3603 -19.37 -37.65 95.38
CA LEU F 3603 -20.07 -37.78 94.10
C LEU F 3603 -19.11 -37.94 92.93
N TYR F 3604 -17.97 -37.25 92.96
CA TYR F 3604 -17.02 -37.42 91.87
C TYR F 3604 -16.60 -38.87 91.73
N HIS F 3605 -16.16 -39.48 92.82
CA HIS F 3605 -15.71 -40.86 92.69
C HIS F 3605 -16.87 -41.81 92.46
N LEU F 3606 -18.07 -41.48 92.94
CA LEU F 3606 -19.24 -42.30 92.65
C LEU F 3606 -19.57 -42.31 91.16
N GLU F 3607 -19.50 -41.16 90.50
CA GLU F 3607 -19.76 -41.15 89.07
C GLU F 3607 -18.63 -41.81 88.29
N GLN F 3608 -17.39 -41.65 88.74
CA GLN F 3608 -16.31 -42.43 88.12
C GLN F 3608 -16.57 -43.93 88.20
N THR F 3609 -17.05 -44.43 89.35
CA THR F 3609 -17.36 -45.84 89.48
C THR F 3609 -18.55 -46.25 88.62
N GLU F 3610 -19.69 -45.55 88.76
CA GLU F 3610 -20.92 -45.98 88.10
C GLU F 3610 -20.80 -45.89 86.59
N HIS F 3611 -20.21 -44.80 86.08
CA HIS F 3611 -19.97 -44.66 84.65
C HIS F 3611 -18.47 -44.81 84.42
N PRO F 3612 -17.99 -46.02 84.12
CA PRO F 3612 -16.53 -46.22 84.00
C PRO F 3612 -15.90 -45.42 82.89
N TYR F 3613 -16.68 -44.97 81.91
CA TYR F 3613 -16.21 -44.19 80.75
C TYR F 3613 -14.97 -44.81 80.11
N LYS F 3614 -14.78 -46.12 80.27
CA LYS F 3614 -13.68 -46.83 79.64
C LYS F 3614 -14.00 -47.25 78.20
N SER F 3615 -15.22 -46.99 77.74
CA SER F 3615 -15.56 -47.26 76.35
C SER F 3615 -14.86 -46.25 75.44
N LYS F 3616 -14.89 -46.56 74.13
CA LYS F 3616 -14.25 -45.76 73.10
C LYS F 3616 -12.73 -45.75 73.25
N LYS F 3617 -12.21 -46.51 74.21
CA LYS F 3617 -10.78 -46.68 74.38
C LYS F 3617 -10.32 -48.00 73.74
N ALA F 3618 -10.92 -49.11 74.18
CA ALA F 3618 -10.73 -50.41 73.54
C ALA F 3618 -12.12 -50.99 73.28
N VAL F 3619 -12.69 -50.61 72.14
CA VAL F 3619 -13.98 -51.14 71.70
C VAL F 3619 -13.72 -52.45 70.98
N TRP F 3620 -14.79 -53.18 70.62
CA TRP F 3620 -14.65 -54.36 69.79
C TRP F 3620 -13.97 -53.96 68.49
N HIS F 3621 -12.73 -54.40 68.30
CA HIS F 3621 -11.88 -53.87 67.23
C HIS F 3621 -11.57 -54.86 66.12
N LYS F 3622 -11.58 -56.16 66.39
CA LYS F 3622 -11.20 -57.21 65.45
C LYS F 3622 -10.00 -56.80 64.60
N LEU F 3623 -8.89 -56.52 65.30
CA LEU F 3623 -7.68 -56.03 64.65
C LEU F 3623 -7.29 -56.88 63.45
N LEU F 3624 -6.96 -58.16 63.70
CA LEU F 3624 -6.80 -59.11 62.60
C LEU F 3624 -7.45 -60.45 62.94
N SER F 3625 -8.18 -60.55 64.04
CA SER F 3625 -8.58 -61.85 64.57
C SER F 3625 -9.47 -62.62 63.61
N LYS F 3626 -10.50 -61.95 63.05
CA LYS F 3626 -11.52 -62.65 62.29
C LYS F 3626 -10.96 -63.39 61.08
N GLN F 3627 -9.78 -63.00 60.59
CA GLN F 3627 -9.17 -63.67 59.45
C GLN F 3627 -7.80 -64.26 59.75
N ARG F 3628 -7.23 -64.01 60.93
CA ARG F 3628 -5.92 -64.53 61.30
C ARG F 3628 -5.97 -65.44 62.52
N ARG F 3629 -7.16 -65.79 63.00
CA ARG F 3629 -7.26 -66.72 64.12
C ARG F 3629 -6.71 -68.09 63.75
N ARG F 3630 -6.97 -68.56 62.54
CA ARG F 3630 -6.39 -69.82 62.09
C ARG F 3630 -4.87 -69.76 62.08
N ALA F 3631 -4.29 -68.66 61.61
CA ALA F 3631 -2.84 -68.54 61.59
C ALA F 3631 -2.26 -68.54 63.00
N VAL F 3632 -2.86 -67.75 63.91
CA VAL F 3632 -2.30 -67.65 65.25
C VAL F 3632 -2.48 -68.96 66.01
N VAL F 3633 -3.56 -69.70 65.75
CA VAL F 3633 -3.73 -71.01 66.38
C VAL F 3633 -2.73 -72.02 65.81
N ALA F 3634 -2.55 -72.04 64.49
CA ALA F 3634 -1.63 -72.98 63.88
C ALA F 3634 -0.17 -72.67 64.25
N CYS F 3635 0.11 -71.43 64.65
CA CYS F 3635 1.46 -71.10 65.09
C CYS F 3635 1.87 -71.94 66.30
N PHE F 3636 1.00 -72.03 67.30
CA PHE F 3636 1.36 -72.69 68.56
C PHE F 3636 1.50 -74.21 68.42
N ARG F 3637 1.05 -74.79 67.32
CA ARG F 3637 1.10 -76.23 67.11
C ARG F 3637 2.05 -76.63 65.99
N MET F 3638 2.86 -75.70 65.51
CA MET F 3638 3.68 -75.95 64.33
C MET F 3638 4.81 -76.91 64.66
N THR F 3639 5.15 -77.77 63.71
CA THR F 3639 6.14 -78.81 63.98
C THR F 3639 7.53 -78.22 64.04
N PRO F 3640 8.43 -78.77 64.87
CA PRO F 3640 9.80 -78.29 64.88
C PRO F 3640 10.60 -78.84 63.71
N LEU F 3641 11.73 -78.16 63.43
CA LEU F 3641 12.58 -78.58 62.33
C LEU F 3641 13.26 -79.92 62.61
N TYR F 3642 13.57 -80.19 63.88
CA TYR F 3642 14.25 -81.44 64.21
C TYR F 3642 13.39 -82.66 64.01
N ASN F 3643 12.09 -82.49 63.80
CA ASN F 3643 11.17 -83.60 63.64
C ASN F 3643 10.90 -83.96 62.19
N LEU F 3644 11.48 -83.23 61.24
CA LEU F 3644 11.22 -83.43 59.82
C LEU F 3644 12.09 -84.55 59.26
N PRO F 3645 11.71 -85.11 58.11
CA PRO F 3645 12.59 -86.07 57.44
C PRO F 3645 13.85 -85.41 56.91
N THR F 3646 14.90 -86.23 56.77
CA THR F 3646 16.21 -85.70 56.45
C THR F 3646 16.23 -85.03 55.08
N HIS F 3647 15.58 -85.63 54.09
CA HIS F 3647 15.64 -85.06 52.74
C HIS F 3647 14.85 -83.75 52.65
N ARG F 3648 13.72 -83.67 53.34
CA ARG F 3648 13.01 -82.40 53.41
C ARG F 3648 13.86 -81.34 54.06
N ALA F 3649 14.51 -81.68 55.17
CA ALA F 3649 15.37 -80.71 55.84
C ALA F 3649 16.52 -80.29 54.94
N CYS F 3650 17.08 -81.23 54.18
CA CYS F 3650 18.19 -80.90 53.28
C CYS F 3650 17.75 -79.97 52.16
N ASN F 3651 16.56 -80.21 51.59
CA ASN F 3651 16.07 -79.32 50.55
C ASN F 3651 15.83 -77.92 51.09
N MET F 3652 15.22 -77.82 52.28
CA MET F 3652 15.05 -76.51 52.88
C MET F 3652 16.38 -75.85 53.18
N PHE F 3653 17.37 -76.63 53.60
CA PHE F 3653 18.71 -76.08 53.81
C PHE F 3653 19.27 -75.53 52.51
N LEU F 3654 19.10 -76.25 51.41
CA LEU F 3654 19.62 -75.77 50.13
C LEU F 3654 18.97 -74.46 49.73
N GLU F 3655 17.64 -74.37 49.89
CA GLU F 3655 16.97 -73.11 49.58
C GLU F 3655 17.48 -71.98 50.44
N SER F 3656 17.55 -72.20 51.76
CA SER F 3656 18.00 -71.14 52.66
C SER F 3656 19.44 -70.74 52.37
N TYR F 3657 20.29 -71.71 52.06
CA TYR F 3657 21.70 -71.43 51.83
C TYR F 3657 21.89 -70.64 50.54
N LYS F 3658 21.21 -71.03 49.46
CA LYS F 3658 21.35 -70.24 48.25
C LYS F 3658 20.76 -68.86 48.40
N ALA F 3659 19.72 -68.72 49.24
CA ALA F 3659 19.12 -67.40 49.40
C ALA F 3659 19.95 -66.48 50.29
N ALA F 3660 20.63 -67.03 51.30
CA ALA F 3660 21.26 -66.20 52.32
C ALA F 3660 22.77 -66.18 52.26
N TRP F 3661 23.39 -67.09 51.52
CA TRP F 3661 24.86 -67.18 51.51
C TRP F 3661 25.46 -67.11 50.12
N ILE F 3662 24.82 -67.72 49.13
CA ILE F 3662 25.34 -67.68 47.77
C ILE F 3662 24.90 -66.42 47.04
N LEU F 3663 23.62 -66.08 47.13
CA LEU F 3663 23.13 -64.86 46.48
C LEU F 3663 23.79 -63.62 47.07
N THR F 3664 23.94 -63.58 48.39
CA THR F 3664 24.49 -62.38 49.02
C THR F 3664 25.96 -62.19 48.68
N GLU F 3665 26.63 -63.19 48.13
CA GLU F 3665 28.04 -63.07 47.82
C GLU F 3665 28.26 -62.10 46.68
N ASP F 3666 29.32 -61.30 46.80
CA ASP F 3666 29.69 -60.32 45.80
C ASP F 3666 30.92 -60.82 45.05
N HIS F 3667 30.81 -60.89 43.73
CA HIS F 3667 31.94 -61.26 42.88
C HIS F 3667 31.97 -60.33 41.68
N SER F 3668 32.95 -59.43 41.66
CA SER F 3668 33.11 -58.48 40.56
C SER F 3668 34.16 -59.04 39.62
N PHE F 3669 33.71 -59.58 38.49
CA PHE F 3669 34.61 -60.11 37.47
C PHE F 3669 34.44 -59.42 36.13
N GLU F 3670 33.49 -58.50 36.00
CA GLU F 3670 33.22 -57.89 34.71
C GLU F 3670 34.40 -57.08 34.22
N ASP F 3671 34.99 -56.26 35.10
CA ASP F 3671 36.11 -55.43 34.70
C ASP F 3671 37.31 -56.29 34.30
N ARG F 3672 37.60 -57.33 35.10
CA ARG F 3672 38.70 -58.22 34.78
C ARG F 3672 38.48 -58.91 33.44
N MET F 3673 37.25 -59.37 33.20
CA MET F 3673 36.97 -60.12 31.98
C MET F 3673 37.06 -59.22 30.76
N ILE F 3674 36.55 -58.00 30.85
CA ILE F 3674 36.64 -57.06 29.75
C ILE F 3674 38.09 -56.68 29.48
N ASP F 3675 38.86 -56.45 30.54
CA ASP F 3675 40.28 -56.15 30.35
C ASP F 3675 41.00 -57.30 29.67
N ASP F 3676 40.71 -58.54 30.09
CA ASP F 3676 41.36 -59.69 29.49
C ASP F 3676 40.98 -59.84 28.02
N LEU F 3677 39.72 -59.58 27.69
CA LEU F 3677 39.28 -59.71 26.31
C LEU F 3677 39.73 -58.54 25.44
N SER F 3678 40.13 -57.43 26.03
CA SER F 3678 40.51 -56.25 25.25
C SER F 3678 41.97 -56.22 24.88
N LYS F 3679 42.65 -57.36 24.81
CA LYS F 3679 44.07 -57.41 24.51
C LYS F 3679 44.32 -58.20 23.24
N ALA F 3680 45.34 -57.79 22.48
CA ALA F 3680 45.82 -58.55 21.34
C ALA F 3680 47.03 -59.36 21.76
N GLY F 3681 47.09 -60.61 21.33
CA GLY F 3681 48.09 -61.52 21.86
C GLY F 3681 49.33 -61.75 21.02
N GLU F 3682 50.41 -61.06 21.38
CA GLU F 3682 51.77 -61.28 20.86
C GLU F 3682 51.79 -61.69 19.39
N GLN F 3683 51.03 -60.94 18.59
CA GLN F 3683 51.03 -61.13 17.15
C GLN F 3683 51.74 -60.01 16.40
N GLU F 3684 52.48 -59.16 17.12
CA GLU F 3684 53.12 -57.99 16.54
C GLU F 3684 54.59 -58.25 16.20
N GLU F 3685 54.94 -59.49 15.86
CA GLU F 3685 56.30 -59.85 15.50
C GLU F 3685 56.54 -59.81 13.99
N GLU F 3686 55.52 -59.48 13.20
CA GLU F 3686 55.65 -59.42 11.75
C GLU F 3686 55.43 -58.04 11.18
N GLU F 3687 54.50 -57.27 11.76
CA GLU F 3687 54.17 -55.90 11.34
C GLU F 3687 54.16 -55.76 9.82
N GLU F 3688 53.50 -56.69 9.15
CA GLU F 3688 53.37 -56.71 7.70
C GLU F 3688 52.10 -55.95 7.31
N GLU F 3689 51.66 -56.11 6.06
CA GLU F 3689 50.46 -55.43 5.57
C GLU F 3689 49.19 -56.07 6.13
N VAL F 3690 49.33 -56.85 7.20
CA VAL F 3690 48.21 -57.46 7.91
C VAL F 3690 47.45 -56.39 8.70
N GLU F 3691 47.85 -55.12 8.51
CA GLU F 3691 47.34 -53.99 9.26
C GLU F 3691 45.81 -53.89 9.24
N GLU F 3692 45.15 -54.73 8.43
CA GLU F 3692 43.73 -54.97 8.61
C GLU F 3692 43.38 -55.22 10.07
N LYS F 3693 44.32 -55.79 10.83
CA LYS F 3693 44.23 -55.88 12.28
C LYS F 3693 42.99 -56.65 12.73
N LYS F 3694 43.03 -57.95 12.46
CA LYS F 3694 42.00 -58.91 12.86
C LYS F 3694 41.49 -58.56 14.26
N PRO F 3695 40.18 -58.59 14.48
CA PRO F 3695 39.62 -58.09 15.73
C PRO F 3695 40.13 -58.84 16.94
N ASP F 3696 40.30 -58.11 18.04
CA ASP F 3696 40.62 -58.68 19.32
C ASP F 3696 39.42 -59.47 19.84
N PRO F 3697 39.61 -60.33 20.85
CA PRO F 3697 38.51 -61.20 21.27
C PRO F 3697 37.21 -60.49 21.60
N LEU F 3698 37.27 -59.34 22.28
CA LEU F 3698 36.06 -58.60 22.58
C LEU F 3698 35.39 -58.10 21.31
N HIS F 3699 36.19 -57.62 20.35
CA HIS F 3699 35.66 -57.17 19.08
C HIS F 3699 34.98 -58.32 18.34
N GLN F 3700 35.60 -59.51 18.37
CA GLN F 3700 34.98 -60.66 17.72
C GLN F 3700 33.68 -61.05 18.40
N LEU F 3701 33.63 -60.96 19.72
CA LEU F 3701 32.39 -61.25 20.43
C LEU F 3701 31.28 -60.29 20.02
N VAL F 3702 31.60 -58.99 19.96
CA VAL F 3702 30.61 -58.01 19.55
C VAL F 3702 30.16 -58.27 18.11
N LEU F 3703 31.11 -58.61 17.24
CA LEU F 3703 30.75 -58.92 15.86
C LEU F 3703 29.86 -60.15 15.77
N HIS F 3704 30.11 -61.15 16.62
CA HIS F 3704 29.26 -62.33 16.62
C HIS F 3704 27.83 -62.00 17.03
N PHE F 3705 27.69 -61.18 18.07
CA PHE F 3705 26.35 -60.79 18.49
C PHE F 3705 25.68 -59.92 17.44
N SER F 3706 26.43 -59.04 16.78
CA SER F 3706 25.86 -58.26 15.69
C SER F 3706 25.40 -59.15 14.54
N ARG F 3707 26.19 -60.18 14.21
CA ARG F 3707 25.81 -61.11 13.16
C ARG F 3707 24.53 -61.85 13.51
N THR F 3708 24.43 -62.33 14.76
CA THR F 3708 23.20 -63.04 15.12
C THR F 3708 22.02 -62.08 15.26
N ALA F 3709 22.28 -60.79 15.44
CA ALA F 3709 21.19 -59.82 15.41
C ALA F 3709 20.72 -59.52 14.00
N LEU F 3710 21.63 -59.53 13.02
CA LEU F 3710 21.29 -59.14 11.67
C LEU F 3710 20.65 -60.25 10.86
N THR F 3711 20.54 -61.46 11.41
CA THR F 3711 19.91 -62.56 10.71
C THR F 3711 18.41 -62.31 10.58
N GLU F 3712 17.85 -62.65 9.42
CA GLU F 3712 16.42 -62.43 9.16
C GLU F 3712 15.61 -63.51 9.85
N LYS F 3713 14.83 -63.10 10.85
CA LYS F 3713 13.99 -64.02 11.62
C LYS F 3713 12.67 -63.33 11.94
N SER F 3714 11.66 -64.15 12.21
CA SER F 3714 10.36 -63.60 12.58
C SER F 3714 10.42 -62.93 13.94
N LYS F 3715 11.08 -63.56 14.91
CA LYS F 3715 11.18 -63.03 16.25
C LYS F 3715 12.60 -63.20 16.77
N LEU F 3716 13.08 -62.20 17.51
CA LEU F 3716 14.39 -62.26 18.13
C LEU F 3716 14.31 -63.23 19.30
N ASP F 3717 14.82 -64.44 19.09
CA ASP F 3717 14.71 -65.48 20.11
C ASP F 3717 15.59 -65.17 21.31
N GLU F 3718 15.15 -65.65 22.47
CA GLU F 3718 15.82 -65.39 23.73
C GLU F 3718 17.20 -66.07 23.74
N ASP F 3719 18.19 -65.41 24.32
CA ASP F 3719 19.58 -65.87 24.29
C ASP F 3719 20.29 -65.53 25.59
N TYR F 3720 20.49 -66.55 26.45
CA TYR F 3720 21.15 -66.33 27.72
C TYR F 3720 22.58 -65.86 27.55
N LEU F 3721 23.28 -66.35 26.53
CA LEU F 3721 24.65 -65.91 26.31
C LEU F 3721 24.71 -64.42 26.04
N TYR F 3722 23.82 -63.94 25.18
CA TYR F 3722 23.81 -62.51 24.88
C TYR F 3722 23.42 -61.70 26.11
N MET F 3723 22.45 -62.19 26.90
CA MET F 3723 22.13 -61.45 28.12
C MET F 3723 23.33 -61.36 29.05
N ALA F 3724 24.03 -62.48 29.23
CA ALA F 3724 25.14 -62.50 30.16
C ALA F 3724 26.23 -61.54 29.72
N TYR F 3725 26.55 -61.54 28.43
CA TYR F 3725 27.64 -60.70 27.97
C TYR F 3725 27.23 -59.23 27.91
N ALA F 3726 25.98 -58.94 27.59
CA ALA F 3726 25.50 -57.57 27.67
C ALA F 3726 25.55 -57.04 29.09
N ASP F 3727 25.19 -57.87 30.07
CA ASP F 3727 25.27 -57.45 31.46
C ASP F 3727 26.71 -57.21 31.89
N ILE F 3728 27.62 -58.10 31.46
CA ILE F 3728 29.03 -57.90 31.78
C ILE F 3728 29.53 -56.59 31.19
N MET F 3729 29.20 -56.33 29.93
CA MET F 3729 29.63 -55.10 29.28
C MET F 3729 29.07 -53.88 29.97
N ALA F 3730 27.78 -53.93 30.35
CA ALA F 3730 27.16 -52.80 31.01
C ALA F 3730 27.78 -52.52 32.37
N LYS F 3731 28.03 -53.57 33.16
CA LYS F 3731 28.66 -53.37 34.45
C LYS F 3731 30.11 -52.95 34.33
N SER F 3732 30.75 -53.21 33.20
CA SER F 3732 32.12 -52.77 33.00
C SER F 3732 32.25 -51.28 32.74
N CYS F 3733 31.16 -50.57 32.52
CA CYS F 3733 31.24 -49.20 32.02
C CYS F 3733 31.04 -48.14 33.09
N HIS F 3734 30.26 -48.40 34.14
CA HIS F 3734 30.00 -47.34 35.10
C HIS F 3734 31.03 -47.33 36.23
N LEU F 3735 31.08 -48.40 37.02
CA LEU F 3735 32.05 -48.54 38.10
C LEU F 3735 32.02 -47.34 39.05
N GLU F 3736 30.81 -46.83 39.31
CA GLU F 3736 30.64 -45.71 40.21
C GLU F 3736 29.23 -45.70 40.80
N VAL F 3749 31.88 -35.63 50.87
CA VAL F 3749 30.78 -35.57 49.91
C VAL F 3749 30.98 -34.39 48.98
N GLU F 3750 32.15 -33.75 49.06
CA GLU F 3750 32.49 -32.61 48.22
C GLU F 3750 33.55 -33.07 47.23
N VAL F 3751 33.09 -33.57 46.08
CA VAL F 3751 33.99 -34.00 45.03
C VAL F 3751 34.59 -32.77 44.35
N SER F 3752 35.92 -32.69 44.35
CA SER F 3752 36.58 -31.54 43.75
C SER F 3752 36.63 -31.69 42.24
N PHE F 3753 37.05 -30.60 41.58
CA PHE F 3753 37.05 -30.55 40.13
C PHE F 3753 37.95 -31.62 39.54
N GLU F 3754 39.13 -31.83 40.14
CA GLU F 3754 40.08 -32.77 39.55
C GLU F 3754 39.53 -34.17 39.51
N GLU F 3755 39.03 -34.67 40.64
CA GLU F 3755 38.50 -36.03 40.64
C GLU F 3755 37.14 -36.14 39.95
N LYS F 3756 36.37 -35.05 39.89
CA LYS F 3756 35.18 -35.07 39.06
C LYS F 3756 35.51 -35.30 37.59
N GLU F 3757 36.44 -34.50 37.05
CA GLU F 3757 36.88 -34.73 35.68
C GLU F 3757 37.58 -36.08 35.53
N MET F 3758 38.26 -36.55 36.58
CA MET F 3758 38.87 -37.88 36.50
C MET F 3758 37.80 -38.94 36.34
N GLU F 3759 36.70 -38.82 37.09
CA GLU F 3759 35.58 -39.74 36.90
C GLU F 3759 35.03 -39.66 35.49
N LYS F 3760 34.89 -38.44 34.96
CA LYS F 3760 34.38 -38.29 33.60
C LYS F 3760 35.29 -38.99 32.59
N GLN F 3761 36.61 -38.76 32.68
CA GLN F 3761 37.52 -39.37 31.71
C GLN F 3761 37.58 -40.89 31.88
N ARG F 3762 37.49 -41.37 33.11
CA ARG F 3762 37.51 -42.81 33.31
C ARG F 3762 36.26 -43.46 32.74
N LEU F 3763 35.09 -42.84 32.95
CA LEU F 3763 33.87 -43.32 32.32
C LEU F 3763 33.98 -43.29 30.81
N LEU F 3764 34.58 -42.22 30.27
CA LEU F 3764 34.75 -42.12 28.83
C LEU F 3764 35.63 -43.23 28.29
N TYR F 3765 36.72 -43.56 28.99
CA TYR F 3765 37.58 -44.64 28.52
C TYR F 3765 36.86 -45.97 28.59
N GLN F 3766 36.14 -46.23 29.68
CA GLN F 3766 35.45 -47.50 29.80
C GLN F 3766 34.37 -47.63 28.74
N GLN F 3767 33.74 -46.52 28.36
CA GLN F 3767 32.78 -46.57 27.26
C GLN F 3767 33.48 -46.70 25.91
N SER F 3768 34.70 -46.18 25.80
CA SER F 3768 35.46 -46.31 24.56
C SER F 3768 35.85 -47.77 24.31
N ARG F 3769 36.18 -48.50 25.37
CA ARG F 3769 36.53 -49.91 25.20
C ARG F 3769 35.42 -50.68 24.51
N LEU F 3770 34.17 -50.24 24.62
CA LEU F 3770 33.04 -50.90 23.98
C LEU F 3770 32.68 -50.25 22.65
N HIS F 3771 32.59 -48.92 22.61
CA HIS F 3771 32.10 -48.28 21.39
C HIS F 3771 33.16 -48.18 20.32
N THR F 3772 34.41 -48.52 20.63
CA THR F 3772 35.42 -48.65 19.58
C THR F 3772 35.41 -50.03 18.97
N ARG F 3773 34.48 -50.90 19.36
CA ARG F 3773 34.42 -52.27 18.88
C ARG F 3773 33.02 -52.64 18.39
N GLY F 3774 32.17 -51.64 18.16
CA GLY F 3774 30.89 -51.90 17.54
C GLY F 3774 29.72 -52.07 18.48
N ALA F 3775 29.88 -51.79 19.77
CA ALA F 3775 28.79 -51.97 20.71
C ALA F 3775 27.62 -51.06 20.39
N ALA F 3776 27.90 -49.83 19.93
CA ALA F 3776 26.83 -48.91 19.59
C ALA F 3776 25.97 -49.45 18.46
N GLU F 3777 26.59 -50.03 17.44
CA GLU F 3777 25.81 -50.62 16.37
C GLU F 3777 25.09 -51.88 16.82
N MET F 3778 25.73 -52.66 17.70
CA MET F 3778 25.07 -53.86 18.22
C MET F 3778 23.78 -53.50 18.94
N VAL F 3779 23.80 -52.44 19.74
CA VAL F 3779 22.62 -52.05 20.51
C VAL F 3779 21.47 -51.71 19.56
N LEU F 3780 21.74 -50.91 18.54
CA LEU F 3780 20.69 -50.54 17.60
C LEU F 3780 20.18 -51.75 16.84
N GLN F 3781 21.08 -52.64 16.43
CA GLN F 3781 20.64 -53.83 15.70
C GLN F 3781 19.75 -54.71 16.57
N MET F 3782 20.11 -54.89 17.84
CA MET F 3782 19.28 -55.69 18.73
C MET F 3782 17.92 -55.04 18.97
N ILE F 3783 17.89 -53.71 19.14
CA ILE F 3783 16.62 -53.03 19.34
C ILE F 3783 15.73 -53.21 18.12
N SER F 3784 16.31 -53.05 16.93
CA SER F 3784 15.52 -53.24 15.71
C SER F 3784 15.07 -54.68 15.57
N ALA F 3785 15.90 -55.64 15.97
CA ALA F 3785 15.55 -57.05 15.80
C ALA F 3785 14.45 -57.48 16.76
N CYS F 3786 14.39 -56.90 17.95
CA CYS F 3786 13.35 -57.29 18.90
C CYS F 3786 11.96 -56.99 18.36
N LYS F 3787 11.83 -56.06 17.42
CA LYS F 3787 10.58 -55.75 16.73
C LYS F 3787 9.47 -55.37 17.69
N GLY F 3788 9.82 -54.63 18.75
CA GLY F 3788 8.82 -54.15 19.67
C GLY F 3788 8.25 -55.19 20.61
N GLU F 3789 8.97 -56.27 20.87
CA GLU F 3789 8.55 -57.28 21.83
C GLU F 3789 9.34 -57.10 23.12
N THR F 3790 8.63 -56.83 24.21
CA THR F 3790 9.27 -56.69 25.51
C THR F 3790 9.84 -58.02 25.97
N GLY F 3791 10.97 -57.94 26.67
CA GLY F 3791 11.60 -59.14 27.16
C GLY F 3791 13.00 -58.85 27.67
N ALA F 3792 13.65 -59.92 28.12
CA ALA F 3792 14.99 -59.79 28.67
C ALA F 3792 15.98 -59.35 27.59
N MET F 3793 15.79 -59.81 26.35
CA MET F 3793 16.60 -59.32 25.23
C MET F 3793 16.62 -57.80 25.18
N VAL F 3794 15.46 -57.18 25.02
CA VAL F 3794 15.41 -55.73 24.84
C VAL F 3794 15.80 -55.01 26.13
N SER F 3795 15.48 -55.57 27.28
CA SER F 3795 15.87 -54.93 28.53
C SER F 3795 17.39 -54.89 28.68
N SER F 3796 18.07 -56.01 28.38
CA SER F 3796 19.52 -56.05 28.44
C SER F 3796 20.14 -55.11 27.42
N THR F 3797 19.57 -55.06 26.21
CA THR F 3797 20.09 -54.17 25.18
C THR F 3797 19.95 -52.71 25.61
N LEU F 3798 18.80 -52.33 26.17
CA LEU F 3798 18.62 -50.96 26.62
C LEU F 3798 19.56 -50.63 27.75
N LYS F 3799 19.77 -51.57 28.67
CA LYS F 3799 20.71 -51.32 29.76
C LYS F 3799 22.12 -51.11 29.22
N LEU F 3800 22.54 -51.90 28.24
CA LEU F 3800 23.85 -51.72 27.64
C LEU F 3800 23.97 -50.36 26.95
N GLY F 3801 22.94 -49.98 26.20
CA GLY F 3801 22.95 -48.68 25.55
C GLY F 3801 23.04 -47.53 26.53
N ILE F 3802 22.27 -47.61 27.61
CA ILE F 3802 22.37 -46.61 28.67
C ILE F 3802 23.78 -46.59 29.24
N SER F 3803 24.36 -47.76 29.46
CA SER F 3803 25.68 -47.85 30.06
C SER F 3803 26.72 -47.15 29.20
N ILE F 3804 26.66 -47.34 27.88
CA ILE F 3804 27.64 -46.70 27.01
C ILE F 3804 27.27 -45.26 26.64
N LEU F 3805 26.04 -44.83 26.90
CA LEU F 3805 25.63 -43.46 26.62
C LEU F 3805 25.61 -42.56 27.83
N ASN F 3806 25.89 -43.08 29.03
CA ASN F 3806 25.82 -42.25 30.23
C ASN F 3806 26.74 -41.03 30.13
N GLY F 3807 26.24 -39.91 30.63
CA GLY F 3807 26.96 -38.66 30.58
C GLY F 3807 26.83 -37.90 29.28
N GLY F 3808 26.09 -38.41 28.32
CA GLY F 3808 25.98 -37.75 27.03
C GLY F 3808 27.22 -37.97 26.20
N ASN F 3809 27.50 -39.23 25.87
CA ASN F 3809 28.72 -39.57 25.14
C ASN F 3809 28.56 -39.18 23.68
N ALA F 3810 29.26 -38.12 23.27
CA ALA F 3810 29.06 -37.57 21.94
C ALA F 3810 29.55 -38.51 20.85
N GLU F 3811 30.65 -39.22 21.08
CA GLU F 3811 31.14 -40.16 20.09
C GLU F 3811 30.14 -41.28 19.86
N VAL F 3812 29.56 -41.81 20.93
CA VAL F 3812 28.56 -42.87 20.80
C VAL F 3812 27.32 -42.35 20.11
N GLN F 3813 26.89 -41.14 20.45
CA GLN F 3813 25.75 -40.55 19.77
C GLN F 3813 26.01 -40.40 18.27
N GLN F 3814 27.20 -39.92 17.91
CA GLN F 3814 27.54 -39.76 16.51
C GLN F 3814 27.57 -41.09 15.78
N LYS F 3815 28.14 -42.11 16.41
CA LYS F 3815 28.19 -43.42 15.78
C LYS F 3815 26.79 -43.97 15.55
N MET F 3816 25.93 -43.85 16.57
CA MET F 3816 24.57 -44.35 16.43
C MET F 3816 23.82 -43.61 15.32
N LEU F 3817 23.94 -42.28 15.29
CA LEU F 3817 23.23 -41.51 14.29
C LEU F 3817 23.74 -41.83 12.88
N ASP F 3818 25.06 -41.97 12.73
CA ASP F 3818 25.62 -42.32 11.44
C ASP F 3818 25.13 -43.69 10.98
N TYR F 3819 25.12 -44.66 11.89
CA TYR F 3819 24.63 -45.99 11.51
C TYR F 3819 23.18 -45.95 11.08
N LEU F 3820 22.34 -45.26 11.84
CA LEU F 3820 20.92 -45.17 11.51
C LEU F 3820 20.74 -44.50 10.15
N LYS F 3821 21.48 -43.41 9.90
CA LYS F 3821 21.27 -42.68 8.67
C LYS F 3821 21.82 -43.41 7.45
N ASP F 3822 22.89 -44.20 7.61
CA ASP F 3822 23.37 -44.96 6.46
C ASP F 3822 22.50 -46.17 6.18
N LYS F 3823 21.93 -46.78 7.23
CA LYS F 3823 21.08 -47.94 6.99
C LYS F 3823 19.71 -47.55 6.47
N LYS F 3824 19.16 -46.43 6.94
CA LYS F 3824 17.84 -45.95 6.53
C LYS F 3824 16.76 -47.01 6.79
N GLU F 3825 16.90 -47.74 7.88
CA GLU F 3825 15.92 -48.74 8.25
C GLU F 3825 14.87 -48.14 9.17
N VAL F 3826 13.62 -48.55 8.98
CA VAL F 3826 12.53 -48.06 9.80
C VAL F 3826 12.24 -48.97 10.99
N GLY F 3827 12.86 -50.15 11.04
CA GLY F 3827 12.58 -51.09 12.10
C GLY F 3827 12.95 -50.58 13.48
N PHE F 3828 14.01 -49.76 13.57
CA PHE F 3828 14.45 -49.26 14.86
C PHE F 3828 13.36 -48.41 15.51
N PHE F 3829 12.86 -47.42 14.79
CA PHE F 3829 11.84 -46.56 15.36
C PHE F 3829 10.49 -47.25 15.44
N GLN F 3830 10.21 -48.19 14.55
CA GLN F 3830 8.99 -48.99 14.71
C GLN F 3830 9.03 -49.79 16.01
N SER F 3831 10.17 -50.40 16.30
CA SER F 3831 10.32 -51.15 17.55
C SER F 3831 10.22 -50.23 18.75
N ILE F 3832 10.83 -49.06 18.68
CA ILE F 3832 10.76 -48.11 19.78
C ILE F 3832 9.33 -47.70 20.05
N GLN F 3833 8.57 -47.40 18.99
CA GLN F 3833 7.18 -46.99 19.14
C GLN F 3833 6.34 -48.12 19.73
N ALA F 3834 6.55 -49.35 19.26
CA ALA F 3834 5.81 -50.48 19.82
C ALA F 3834 6.12 -50.66 21.30
N LEU F 3835 7.40 -50.55 21.67
CA LEU F 3835 7.78 -50.68 23.06
C LEU F 3835 7.13 -49.60 23.91
N MET F 3836 7.11 -48.36 23.41
CA MET F 3836 6.41 -47.31 24.14
C MET F 3836 4.94 -47.62 24.30
N GLN F 3837 4.29 -48.13 23.25
CA GLN F 3837 2.87 -48.43 23.34
C GLN F 3837 2.58 -49.62 24.25
N THR F 3838 3.57 -50.46 24.53
CA THR F 3838 3.37 -51.57 25.45
C THR F 3838 3.70 -51.21 26.90
N CYS F 3839 4.20 -50.01 27.17
CA CYS F 3839 4.50 -49.63 28.54
C CYS F 3839 3.20 -49.44 29.32
N SER F 3840 3.22 -49.87 30.57
CA SER F 3840 2.01 -49.89 31.39
C SER F 3840 1.94 -48.66 32.28
N VAL F 3841 0.76 -48.43 32.83
CA VAL F 3841 0.51 -47.32 33.75
C VAL F 3841 -0.15 -47.89 35.00
N LEU F 3842 -0.56 -47.01 35.90
CA LEU F 3842 -1.30 -47.44 37.09
C LEU F 3842 -2.62 -48.06 36.69
N ASP F 3843 -2.96 -49.19 37.31
CA ASP F 3843 -4.21 -49.89 37.03
C ASP F 3843 -4.95 -50.10 38.34
N LEU F 3844 -6.07 -49.38 38.49
CA LEU F 3844 -6.85 -49.46 39.72
C LEU F 3844 -7.45 -50.85 39.92
N ASN F 3845 -7.88 -51.50 38.85
CA ASN F 3845 -8.43 -52.84 38.98
C ASN F 3845 -7.39 -53.82 39.51
N ALA F 3846 -6.18 -53.78 38.94
CA ALA F 3846 -5.11 -54.64 39.43
C ALA F 3846 -4.74 -54.27 40.87
N PHE F 3847 -4.80 -52.99 41.21
CA PHE F 3847 -4.50 -52.58 42.57
C PHE F 3847 -5.52 -53.16 43.56
N GLU F 3848 -6.80 -53.11 43.20
CA GLU F 3848 -7.83 -53.68 44.07
C GLU F 3848 -7.66 -55.19 44.19
N ARG F 3849 -7.36 -55.86 43.08
CA ARG F 3849 -7.15 -57.31 43.12
C ARG F 3849 -5.97 -57.66 44.02
N GLN F 3850 -4.88 -56.89 43.93
CA GLN F 3850 -3.72 -57.15 44.77
C GLN F 3850 -4.04 -56.86 46.23
N ASN F 3851 -4.86 -55.85 46.50
CA ASN F 3851 -5.32 -55.61 47.86
C ASN F 3851 -6.06 -56.81 48.41
N LYS F 3852 -7.01 -57.35 47.65
CA LYS F 3852 -7.74 -58.51 48.12
C LYS F 3852 -6.83 -59.72 48.29
N ALA F 3853 -5.90 -59.90 47.36
CA ALA F 3853 -4.98 -61.03 47.45
C ALA F 3853 -4.12 -60.96 48.70
N GLU F 3854 -3.57 -59.77 49.01
CA GLU F 3854 -2.78 -59.64 50.22
C GLU F 3854 -3.63 -59.73 51.47
N GLY F 3855 -4.90 -59.31 51.41
CA GLY F 3855 -5.78 -59.53 52.53
C GLY F 3855 -6.16 -60.98 52.77
N LEU F 3856 -6.11 -61.80 51.72
CA LEU F 3856 -6.38 -63.23 51.90
C LEU F 3856 -5.34 -63.89 52.80
N GLY F 3857 -4.05 -63.64 52.56
CA GLY F 3857 -3.01 -64.20 53.41
C GLY F 3857 -2.91 -65.71 53.34
N MET F 3858 -2.43 -66.22 52.21
CA MET F 3858 -2.49 -67.63 51.88
C MET F 3858 -1.11 -68.29 51.96
N VAL F 3859 -1.10 -69.59 52.25
CA VAL F 3859 0.10 -70.35 52.54
C VAL F 3859 0.21 -71.52 51.55
N ASN F 3860 1.32 -72.25 51.65
CA ASN F 3860 1.59 -73.39 50.77
C ASN F 3860 1.50 -74.70 51.56
N GLU F 3861 1.74 -75.81 50.85
CA GLU F 3861 1.65 -77.14 51.46
C GLU F 3861 2.91 -77.48 52.26
N ASP F 3862 4.05 -77.59 51.57
CA ASP F 3862 5.29 -78.02 52.21
C ASP F 3862 5.80 -76.93 53.14
N GLY F 3863 5.34 -76.95 54.39
CA GLY F 3863 5.67 -75.89 55.32
C GLY F 3863 4.60 -74.83 55.34
N THR F 3864 5.00 -73.57 55.37
CA THR F 3864 4.04 -72.45 55.36
C THR F 3864 4.79 -71.20 54.93
N VAL F 3865 4.33 -70.59 53.84
CA VAL F 3865 4.91 -69.34 53.35
C VAL F 3865 4.14 -68.17 53.97
N ILE F 3866 4.88 -67.18 54.47
CA ILE F 3866 4.29 -66.06 55.19
C ILE F 3866 4.05 -64.95 54.17
N ASN F 3867 2.84 -64.96 53.58
CA ASN F 3867 2.39 -63.90 52.68
C ASN F 3867 3.34 -63.75 51.49
N ARG F 3868 3.35 -64.80 50.67
CA ARG F 3868 4.25 -64.86 49.51
C ARG F 3868 4.24 -63.57 48.72
N GLN F 3869 5.43 -63.15 48.28
CA GLN F 3869 5.66 -61.85 47.65
C GLN F 3869 5.79 -61.97 46.14
N ASN F 3870 4.95 -62.80 45.51
CA ASN F 3870 4.95 -62.97 44.06
C ASN F 3870 4.85 -61.64 43.33
N GLY F 3871 5.27 -61.62 42.06
CA GLY F 3871 5.42 -60.42 41.28
C GLY F 3871 4.29 -59.41 41.35
N GLU F 3872 4.65 -58.14 41.54
CA GLU F 3872 3.66 -57.07 41.55
C GLU F 3872 3.02 -56.94 40.19
N LYS F 3873 1.70 -56.75 40.18
CA LYS F 3873 0.96 -56.64 38.93
C LYS F 3873 0.48 -55.22 38.64
N VAL F 3874 0.90 -54.24 39.44
CA VAL F 3874 0.60 -52.84 39.19
C VAL F 3874 1.90 -52.17 38.80
N MET F 3875 2.02 -51.76 37.54
CA MET F 3875 3.24 -51.20 36.98
C MET F 3875 4.42 -52.15 37.22
N ALA F 3876 4.33 -53.34 36.61
CA ALA F 3876 5.38 -54.33 36.77
C ALA F 3876 6.63 -53.96 35.97
N ASP F 3877 6.44 -53.31 34.82
CA ASP F 3877 7.53 -52.97 33.93
C ASP F 3877 7.99 -51.52 34.10
N ASP F 3878 7.92 -51.00 35.32
CA ASP F 3878 8.33 -49.62 35.56
C ASP F 3878 9.82 -49.44 35.29
N GLU F 3879 10.64 -50.42 35.68
CA GLU F 3879 12.06 -50.32 35.40
C GLU F 3879 12.34 -50.31 33.90
N PHE F 3880 11.59 -51.12 33.14
CA PHE F 3880 11.77 -51.11 31.70
C PHE F 3880 11.32 -49.79 31.09
N THR F 3881 10.22 -49.23 31.56
CA THR F 3881 9.79 -47.93 31.05
C THR F 3881 10.84 -46.87 31.34
N GLN F 3882 11.38 -46.88 32.56
CA GLN F 3882 12.40 -45.92 32.93
C GLN F 3882 13.64 -46.07 32.06
N ASP F 3883 14.07 -47.30 31.81
CA ASP F 3883 15.30 -47.44 31.02
C ASP F 3883 15.07 -47.12 29.55
N LEU F 3884 13.88 -47.40 29.02
CA LEU F 3884 13.57 -47.00 27.66
C LEU F 3884 13.62 -45.49 27.50
N PHE F 3885 12.95 -44.77 28.40
CA PHE F 3885 12.96 -43.32 28.29
C PHE F 3885 14.32 -42.73 28.66
N ARG F 3886 15.07 -43.38 29.52
CA ARG F 3886 16.44 -42.96 29.80
C ARG F 3886 17.31 -43.09 28.57
N PHE F 3887 17.16 -44.18 27.83
CA PHE F 3887 17.90 -44.36 26.60
C PHE F 3887 17.54 -43.28 25.59
N LEU F 3888 16.25 -42.98 25.45
CA LEU F 3888 15.86 -41.93 24.52
C LEU F 3888 16.40 -40.58 24.95
N GLN F 3889 16.41 -40.30 26.26
CA GLN F 3889 16.99 -39.05 26.74
C GLN F 3889 18.48 -38.98 26.45
N LEU F 3890 19.20 -40.07 26.71
CA LEU F 3890 20.64 -40.07 26.49
C LEU F 3890 21.00 -39.96 25.03
N LEU F 3891 20.11 -40.35 24.13
CA LEU F 3891 20.36 -40.06 22.72
C LEU F 3891 20.50 -38.56 22.47
N CYS F 3892 19.73 -37.74 23.18
CA CYS F 3892 19.74 -36.30 22.97
C CYS F 3892 20.53 -35.54 24.01
N GLU F 3893 21.12 -36.22 24.99
CA GLU F 3893 21.85 -35.54 26.05
C GLU F 3893 22.98 -34.70 25.49
N GLY F 3894 23.19 -33.53 26.07
CA GLY F 3894 24.18 -32.60 25.59
C GLY F 3894 23.69 -31.68 24.50
N HIS F 3895 22.37 -31.61 24.28
CA HIS F 3895 21.78 -30.78 23.23
C HIS F 3895 22.30 -31.17 21.85
N ASN F 3896 22.28 -32.48 21.58
CA ASN F 3896 22.61 -32.97 20.26
C ASN F 3896 21.49 -32.63 19.29
N ASN F 3897 21.65 -31.53 18.56
CA ASN F 3897 20.58 -31.02 17.71
C ASN F 3897 20.24 -32.02 16.61
N ASP F 3898 21.25 -32.68 16.05
CA ASP F 3898 21.00 -33.64 14.98
C ASP F 3898 20.11 -34.77 15.44
N PHE F 3899 20.41 -35.35 16.61
CA PHE F 3899 19.60 -36.45 17.09
C PHE F 3899 18.25 -35.96 17.60
N GLN F 3900 18.19 -34.74 18.12
CA GLN F 3900 16.92 -34.16 18.52
C GLN F 3900 15.98 -34.03 17.33
N ASN F 3901 16.50 -33.59 16.19
CA ASN F 3901 15.68 -33.52 14.98
C ASN F 3901 15.37 -34.90 14.44
N TYR F 3902 16.33 -35.82 14.52
CA TYR F 3902 16.11 -37.15 13.96
C TYR F 3902 15.04 -37.91 14.71
N LEU F 3903 14.90 -37.68 16.01
CA LEU F 3903 13.82 -38.31 16.75
C LEU F 3903 12.47 -37.81 16.28
N ARG F 3904 12.38 -36.52 15.93
CA ARG F 3904 11.11 -35.98 15.46
C ARG F 3904 10.80 -36.47 14.05
N THR F 3905 11.79 -36.47 13.16
CA THR F 3905 11.54 -36.84 11.77
C THR F 3905 12.80 -37.48 11.18
N GLN F 3906 12.59 -38.53 10.40
CA GLN F 3906 13.67 -39.25 9.72
C GLN F 3906 13.53 -38.97 8.22
N THR F 3907 14.44 -38.15 7.68
CA THR F 3907 14.28 -37.67 6.31
C THR F 3907 14.52 -38.77 5.29
N GLY F 3908 15.60 -39.53 5.46
CA GLY F 3908 15.95 -40.53 4.46
C GLY F 3908 15.05 -41.75 4.47
N ASN F 3909 14.39 -42.04 5.57
CA ASN F 3909 13.54 -43.21 5.66
C ASN F 3909 12.26 -43.01 4.85
N THR F 3910 11.70 -44.13 4.38
CA THR F 3910 10.46 -44.06 3.63
C THR F 3910 9.28 -43.66 4.52
N THR F 3911 9.36 -43.98 5.81
CA THR F 3911 8.33 -43.61 6.76
C THR F 3911 8.97 -42.97 7.99
N THR F 3912 8.19 -42.14 8.67
CA THR F 3912 8.68 -41.35 9.79
C THR F 3912 7.80 -41.60 11.02
N ILE F 3913 8.43 -41.73 12.18
CA ILE F 3913 7.74 -41.88 13.45
C ILE F 3913 8.20 -40.76 14.37
N ASN F 3914 7.24 -40.07 14.98
CA ASN F 3914 7.53 -38.92 15.84
C ASN F 3914 7.65 -39.40 17.28
N ILE F 3915 8.90 -39.62 17.71
CA ILE F 3915 9.14 -40.11 19.06
C ILE F 3915 8.74 -39.08 20.10
N ILE F 3916 8.83 -37.79 19.77
CA ILE F 3916 8.38 -36.75 20.68
C ILE F 3916 6.90 -36.91 20.98
N ILE F 3917 6.09 -37.11 19.94
CA ILE F 3917 4.65 -37.25 20.13
C ILE F 3917 4.32 -38.58 20.79
N CYS F 3918 5.10 -39.62 20.51
CA CYS F 3918 4.90 -40.87 21.23
C CYS F 3918 5.13 -40.69 22.73
N THR F 3919 6.16 -39.94 23.09
CA THR F 3919 6.41 -39.64 24.50
C THR F 3919 5.25 -38.85 25.10
N VAL F 3920 4.73 -37.88 24.35
CA VAL F 3920 3.60 -37.11 24.85
C VAL F 3920 2.39 -38.00 25.07
N ASP F 3921 2.13 -38.94 24.16
CA ASP F 3921 1.00 -39.83 24.31
C ASP F 3921 1.16 -40.72 25.55
N TYR F 3922 2.36 -41.25 25.78
CA TYR F 3922 2.56 -42.03 26.99
C TYR F 3922 2.37 -41.17 28.22
N LEU F 3923 2.83 -39.93 28.18
CA LEU F 3923 2.67 -39.03 29.31
C LEU F 3923 1.19 -38.77 29.59
N LEU F 3924 0.39 -38.64 28.53
CA LEU F 3924 -1.05 -38.49 28.72
C LEU F 3924 -1.66 -39.69 29.41
N ARG F 3925 -1.30 -40.90 28.95
CA ARG F 3925 -1.85 -42.09 29.59
C ARG F 3925 -1.45 -42.17 31.06
N LEU F 3926 -0.18 -41.84 31.34
CA LEU F 3926 0.30 -41.87 32.72
C LEU F 3926 -0.44 -40.84 33.58
N GLN F 3927 -0.66 -39.64 33.04
CA GLN F 3927 -1.36 -38.61 33.79
C GLN F 3927 -2.79 -39.02 34.09
N GLU F 3928 -3.47 -39.61 33.12
CA GLU F 3928 -4.84 -40.08 33.36
C GLU F 3928 -4.86 -41.15 34.44
N SER F 3929 -3.89 -42.07 34.41
CA SER F 3929 -3.83 -43.09 35.45
C SER F 3929 -3.60 -42.47 36.82
N ILE F 3930 -2.70 -41.49 36.90
CA ILE F 3930 -2.41 -40.85 38.18
C ILE F 3930 -3.65 -40.12 38.70
N SER F 3931 -4.39 -39.46 37.80
CA SER F 3931 -5.61 -38.80 38.21
C SER F 3931 -6.63 -39.80 38.73
N ASP F 3932 -6.76 -40.95 38.06
CA ASP F 3932 -7.67 -41.98 38.54
C ASP F 3932 -7.29 -42.46 39.93
N PHE F 3933 -5.99 -42.67 40.15
CA PHE F 3933 -5.53 -43.12 41.46
C PHE F 3933 -5.83 -42.06 42.52
N TYR F 3934 -5.61 -40.79 42.20
CA TYR F 3934 -5.93 -39.73 43.13
C TYR F 3934 -7.41 -39.70 43.46
N TRP F 3935 -8.26 -39.86 42.46
CA TRP F 3935 -9.69 -39.90 42.73
C TRP F 3935 -10.03 -41.07 43.63
N TYR F 3936 -9.43 -42.23 43.36
CA TYR F 3936 -9.67 -43.40 44.21
C TYR F 3936 -9.33 -43.10 45.65
N TYR F 3937 -8.25 -42.38 45.90
CA TYR F 3937 -7.83 -42.11 47.27
C TYR F 3937 -8.35 -40.80 47.83
N SER F 3938 -9.10 -40.01 47.06
CA SER F 3938 -9.55 -38.71 47.54
C SER F 3938 -10.48 -38.85 48.74
N GLY F 3939 -11.39 -39.82 48.71
CA GLY F 3939 -12.30 -40.00 49.81
C GLY F 3939 -11.58 -40.42 51.08
N LYS F 3940 -10.60 -41.31 50.97
CA LYS F 3940 -9.90 -41.80 52.14
C LYS F 3940 -9.06 -40.70 52.76
N ASP F 3941 -8.98 -40.71 54.09
CA ASP F 3941 -8.28 -39.65 54.81
C ASP F 3941 -6.78 -39.79 54.70
N VAL F 3942 -6.26 -41.01 54.81
CA VAL F 3942 -4.82 -41.26 54.77
C VAL F 3942 -4.55 -42.35 53.73
N ILE F 3943 -3.50 -42.14 52.95
CA ILE F 3943 -3.11 -43.11 51.92
C ILE F 3943 -2.25 -44.19 52.55
N GLU F 3944 -2.61 -45.44 52.30
CA GLU F 3944 -1.92 -46.56 52.92
C GLU F 3944 -0.60 -46.84 52.21
N GLU F 3945 0.13 -47.83 52.71
CA GLU F 3945 1.50 -48.06 52.26
C GLU F 3945 1.55 -48.51 50.80
N GLN F 3946 0.67 -49.42 50.41
CA GLN F 3946 0.68 -49.89 49.03
C GLN F 3946 0.35 -48.76 48.06
N GLY F 3947 -0.62 -47.93 48.41
CA GLY F 3947 -0.94 -46.78 47.59
C GLY F 3947 0.23 -45.82 47.49
N LYS F 3948 0.92 -45.59 48.60
CA LYS F 3948 2.08 -44.70 48.57
C LYS F 3948 3.17 -45.27 47.68
N ARG F 3949 3.40 -46.58 47.75
CA ARG F 3949 4.44 -47.20 46.92
C ARG F 3949 4.10 -47.08 45.44
N ASN F 3950 2.84 -47.33 45.08
CA ASN F 3950 2.44 -47.22 43.68
C ASN F 3950 2.51 -45.77 43.20
N PHE F 3951 2.10 -44.82 44.03
CA PHE F 3951 2.29 -43.42 43.70
C PHE F 3951 3.75 -43.11 43.44
N SER F 3952 4.64 -43.63 44.29
CA SER F 3952 6.06 -43.32 44.14
C SER F 3952 6.61 -43.87 42.83
N LYS F 3953 6.23 -45.09 42.47
CA LYS F 3953 6.77 -45.63 41.22
C LYS F 3953 6.21 -44.91 39.99
N ALA F 3954 4.91 -44.59 40.00
CA ALA F 3954 4.36 -43.82 38.89
C ALA F 3954 5.03 -42.46 38.79
N MET F 3955 5.33 -41.85 39.94
CA MET F 3955 5.94 -40.53 39.95
C MET F 3955 7.39 -40.59 39.47
N SER F 3956 8.09 -41.68 39.77
CA SER F 3956 9.43 -41.86 39.22
C SER F 3956 9.40 -41.99 37.71
N VAL F 3957 8.46 -42.77 37.19
CA VAL F 3957 8.32 -42.87 35.73
C VAL F 3957 8.01 -41.50 35.12
N ALA F 3958 7.13 -40.74 35.77
CA ALA F 3958 6.79 -39.41 35.26
C ALA F 3958 7.98 -38.48 35.28
N LYS F 3959 8.81 -38.57 36.32
CA LYS F 3959 10.06 -37.80 36.34
C LYS F 3959 10.91 -38.15 35.14
N GLN F 3960 11.04 -39.43 34.83
CA GLN F 3960 11.86 -39.81 33.69
C GLN F 3960 11.28 -39.27 32.39
N VAL F 3961 9.96 -39.33 32.24
CA VAL F 3961 9.34 -38.83 31.01
C VAL F 3961 9.56 -37.33 30.87
N PHE F 3962 9.41 -36.59 31.97
CA PHE F 3962 9.65 -35.15 31.92
C PHE F 3962 11.10 -34.84 31.57
N ASN F 3963 12.04 -35.60 32.12
CA ASN F 3963 13.44 -35.38 31.78
C ASN F 3963 13.70 -35.67 30.30
N SER F 3964 13.06 -36.71 29.76
CA SER F 3964 13.22 -37.01 28.34
C SER F 3964 12.68 -35.88 27.48
N LEU F 3965 11.51 -35.35 27.82
CA LEU F 3965 10.94 -34.24 27.06
C LEU F 3965 11.83 -33.00 27.13
N THR F 3966 12.35 -32.71 28.32
CA THR F 3966 13.26 -31.58 28.48
C THR F 3966 14.50 -31.76 27.62
N GLU F 3967 15.03 -32.99 27.58
CA GLU F 3967 16.20 -33.24 26.75
C GLU F 3967 15.86 -33.14 25.27
N TYR F 3968 14.64 -33.48 24.89
CA TYR F 3968 14.23 -33.28 23.51
C TYR F 3968 14.25 -31.82 23.12
N ILE F 3969 13.73 -30.95 23.98
CA ILE F 3969 13.51 -29.56 23.57
C ILE F 3969 14.65 -28.60 23.92
N GLN F 3970 15.53 -28.96 24.85
CA GLN F 3970 16.57 -28.03 25.25
C GLN F 3970 17.60 -27.83 24.15
N GLY F 3971 18.24 -26.66 24.17
CA GLY F 3971 19.28 -26.34 23.22
C GLY F 3971 19.21 -24.94 22.61
N PRO F 3972 18.02 -24.48 22.18
CA PRO F 3972 16.75 -25.17 21.98
C PRO F 3972 16.67 -25.86 20.64
N CYS F 3973 15.81 -26.86 20.51
CA CYS F 3973 15.47 -27.45 19.22
C CYS F 3973 14.11 -26.90 18.85
N THR F 3974 14.10 -25.91 17.97
CA THR F 3974 12.87 -25.18 17.68
C THR F 3974 11.81 -26.08 17.07
N GLY F 3975 12.23 -27.04 16.24
CA GLY F 3975 11.26 -27.98 15.68
C GLY F 3975 10.57 -28.79 16.75
N ASN F 3976 11.32 -29.33 17.70
CA ASN F 3976 10.72 -30.09 18.78
C ASN F 3976 9.87 -29.21 19.68
N GLN F 3977 10.28 -27.96 19.88
CA GLN F 3977 9.46 -27.04 20.66
C GLN F 3977 8.11 -26.80 19.99
N GLN F 3978 8.11 -26.58 18.68
CA GLN F 3978 6.85 -26.38 17.97
C GLN F 3978 5.99 -27.65 18.00
N SER F 3979 6.63 -28.81 17.82
CA SER F 3979 5.90 -30.06 17.85
C SER F 3979 5.23 -30.27 19.20
N LEU F 3980 5.93 -29.96 20.28
CA LEU F 3980 5.33 -30.06 21.61
C LEU F 3980 4.21 -29.03 21.79
N ALA F 3981 4.43 -27.81 21.31
CA ALA F 3981 3.44 -26.76 21.51
C ALA F 3981 2.13 -27.10 20.80
N HIS F 3982 2.20 -27.88 19.72
CA HIS F 3982 0.98 -28.26 19.02
C HIS F 3982 0.46 -29.63 19.42
N SER F 3983 0.95 -30.20 20.52
CA SER F 3983 0.54 -31.52 20.96
C SER F 3983 -0.42 -31.41 22.14
N ARG F 3984 -0.72 -32.54 22.78
CA ARG F 3984 -1.56 -32.59 23.96
C ARG F 3984 -0.77 -32.46 25.26
N LEU F 3985 0.48 -31.99 25.15
CA LEU F 3985 1.28 -31.74 26.33
C LEU F 3985 0.59 -30.75 27.26
N TRP F 3986 -0.14 -29.79 26.70
CA TRP F 3986 -0.85 -28.83 27.53
C TRP F 3986 -1.94 -29.49 28.34
N ASP F 3987 -2.68 -30.42 27.74
CA ASP F 3987 -3.69 -31.15 28.50
C ASP F 3987 -3.06 -31.98 29.59
N ALA F 3988 -1.94 -32.64 29.29
CA ALA F 3988 -1.25 -33.40 30.32
C ALA F 3988 -0.80 -32.50 31.46
N VAL F 3989 -0.29 -31.31 31.14
CA VAL F 3989 0.17 -30.38 32.17
C VAL F 3989 -1.00 -29.91 33.02
N VAL F 3990 -2.16 -29.65 32.40
CA VAL F 3990 -3.32 -29.22 33.16
C VAL F 3990 -3.75 -30.29 34.15
N GLY F 3991 -3.84 -31.53 33.69
CA GLY F 3991 -4.19 -32.61 34.59
C GLY F 3991 -3.18 -32.78 35.71
N PHE F 3992 -1.90 -32.68 35.38
CA PHE F 3992 -0.86 -32.79 36.40
C PHE F 3992 -0.97 -31.68 37.43
N LEU F 3993 -1.30 -30.46 36.99
CA LEU F 3993 -1.45 -29.36 37.93
C LEU F 3993 -2.62 -29.61 38.88
N HIS F 3994 -3.74 -30.11 38.34
CA HIS F 3994 -4.86 -30.47 39.22
C HIS F 3994 -4.45 -31.48 40.27
N VAL F 3995 -3.81 -32.57 39.81
CA VAL F 3995 -3.37 -33.61 40.74
C VAL F 3995 -2.39 -33.05 41.75
N PHE F 3996 -1.45 -32.23 41.31
CA PHE F 3996 -0.43 -31.69 42.21
C PHE F 3996 -1.07 -30.85 43.30
N ALA F 3997 -1.94 -29.91 42.93
CA ALA F 3997 -2.56 -29.05 43.93
C ALA F 3997 -3.33 -29.88 44.96
N HIS F 3998 -4.21 -30.75 44.49
CA HIS F 3998 -5.03 -31.48 45.45
C HIS F 3998 -4.19 -32.45 46.28
N MET F 3999 -3.17 -33.07 45.68
CA MET F 3999 -2.37 -34.04 46.40
C MET F 3999 -1.49 -33.38 47.44
N MET F 4000 -0.97 -32.17 47.15
CA MET F 4000 -0.25 -31.44 48.19
C MET F 4000 -1.16 -31.08 49.35
N MET F 4001 -2.34 -30.51 49.05
CA MET F 4001 -3.25 -30.17 50.13
C MET F 4001 -3.64 -31.41 50.95
N LYS F 4002 -3.67 -32.58 50.32
CA LYS F 4002 -4.06 -33.78 51.06
C LYS F 4002 -2.90 -34.35 51.86
N LEU F 4003 -1.71 -34.42 51.27
CA LEU F 4003 -0.57 -35.03 51.95
C LEU F 4003 -0.05 -34.15 53.07
N ALA F 4004 -0.26 -32.84 52.98
CA ALA F 4004 0.27 -31.95 54.00
C ALA F 4004 -0.37 -32.15 55.36
N GLN F 4005 -1.48 -32.85 55.44
CA GLN F 4005 -2.27 -32.95 56.65
C GLN F 4005 -1.85 -34.09 57.57
N ASP F 4006 -0.88 -34.91 57.17
CA ASP F 4006 -0.38 -35.97 58.03
C ASP F 4006 1.11 -36.17 57.77
N SER F 4007 1.89 -36.25 58.85
CA SER F 4007 3.34 -36.32 58.75
C SER F 4007 3.85 -37.66 58.23
N SER F 4008 3.00 -38.69 58.20
CA SER F 4008 3.45 -39.99 57.72
C SER F 4008 3.64 -40.02 56.21
N GLN F 4009 3.23 -38.96 55.51
CA GLN F 4009 3.31 -38.88 54.06
C GLN F 4009 4.28 -37.79 53.60
N ILE F 4010 5.21 -37.41 54.48
CA ILE F 4010 6.11 -36.31 54.18
C ILE F 4010 7.06 -36.67 53.04
N GLU F 4011 7.51 -37.93 53.00
CA GLU F 4011 8.40 -38.36 51.92
C GLU F 4011 7.69 -38.35 50.58
N LEU F 4012 6.45 -38.84 50.55
CA LEU F 4012 5.66 -38.79 49.33
C LEU F 4012 5.43 -37.36 48.89
N LEU F 4013 5.19 -36.46 49.84
CA LEU F 4013 5.03 -35.06 49.50
C LEU F 4013 6.31 -34.47 48.90
N LYS F 4014 7.46 -34.82 49.46
CA LYS F 4014 8.72 -34.35 48.90
C LYS F 4014 8.89 -34.84 47.47
N GLU F 4015 8.60 -36.11 47.23
CA GLU F 4015 8.74 -36.66 45.88
C GLU F 4015 7.80 -35.96 44.92
N LEU F 4016 6.57 -35.68 45.37
CA LEU F 4016 5.62 -34.96 44.53
C LEU F 4016 6.14 -33.57 44.20
N LEU F 4017 6.73 -32.89 45.18
CA LEU F 4017 7.23 -31.53 44.96
C LEU F 4017 8.37 -31.52 43.95
N ASP F 4018 9.28 -32.50 44.04
CA ASP F 4018 10.36 -32.51 43.05
C ASP F 4018 9.84 -32.92 41.67
N LEU F 4019 8.79 -33.74 41.61
CA LEU F 4019 8.17 -34.01 40.32
C LEU F 4019 7.58 -32.73 39.72
N GLN F 4020 6.95 -31.90 40.56
CA GLN F 4020 6.48 -30.61 40.08
C GLN F 4020 7.62 -29.76 39.57
N LYS F 4021 8.76 -29.79 40.28
CA LYS F 4021 9.92 -29.05 39.82
C LYS F 4021 10.35 -29.51 38.44
N ASP F 4022 10.33 -30.82 38.20
CA ASP F 4022 10.70 -31.34 36.89
C ASP F 4022 9.73 -30.88 35.80
N MET F 4023 8.43 -30.87 36.11
CA MET F 4023 7.46 -30.36 35.14
C MET F 4023 7.72 -28.89 34.82
N VAL F 4024 8.01 -28.09 35.85
CA VAL F 4024 8.26 -26.67 35.63
C VAL F 4024 9.54 -26.46 34.85
N VAL F 4025 10.53 -27.33 35.05
CA VAL F 4025 11.76 -27.25 34.27
C VAL F 4025 11.47 -27.54 32.80
N MET F 4026 10.58 -28.49 32.53
CA MET F 4026 10.20 -28.74 31.14
C MET F 4026 9.50 -27.52 30.54
N LEU F 4027 8.63 -26.87 31.32
CA LEU F 4027 7.99 -25.64 30.83
C LEU F 4027 9.01 -24.56 30.52
N LEU F 4028 9.94 -24.33 31.45
CA LEU F 4028 10.98 -23.34 31.22
C LEU F 4028 11.80 -23.67 29.98
N SER F 4029 12.05 -24.96 29.74
CA SER F 4029 12.73 -25.35 28.51
C SER F 4029 11.89 -25.00 27.29
N LEU F 4030 10.58 -25.16 27.38
CA LEU F 4030 9.72 -24.70 26.30
C LEU F 4030 9.85 -23.20 26.07
N LEU F 4031 10.16 -22.43 27.09
CA LEU F 4031 10.33 -20.99 26.91
C LEU F 4031 11.72 -20.58 26.46
N GLU F 4032 12.58 -21.51 26.05
CA GLU F 4032 13.92 -21.13 25.62
C GLU F 4032 13.88 -20.44 24.27
N GLY F 4033 14.65 -19.36 24.14
CA GLY F 4033 14.71 -18.62 22.89
C GLY F 4033 13.38 -18.04 22.47
N ASN F 4034 12.58 -17.60 23.43
CA ASN F 4034 11.23 -17.13 23.19
C ASN F 4034 11.21 -15.61 23.20
N VAL F 4035 10.72 -15.02 22.11
CA VAL F 4035 10.66 -13.57 21.95
C VAL F 4035 9.50 -13.02 22.74
N VAL F 4036 9.45 -11.69 22.89
CA VAL F 4036 8.32 -11.06 23.55
C VAL F 4036 7.06 -11.31 22.74
N ASN F 4037 5.96 -11.63 23.45
CA ASN F 4037 4.68 -11.96 22.84
C ASN F 4037 4.80 -13.15 21.90
N GLY F 4038 5.58 -14.15 22.31
CA GLY F 4038 5.75 -15.33 21.51
C GLY F 4038 4.59 -16.29 21.62
N MET F 4039 4.46 -17.12 20.59
CA MET F 4039 3.36 -18.07 20.53
C MET F 4039 3.40 -19.03 21.71
N ILE F 4040 4.56 -19.58 22.01
CA ILE F 4040 4.66 -20.56 23.10
C ILE F 4040 4.39 -19.90 24.44
N ALA F 4041 4.89 -18.69 24.64
CA ALA F 4041 4.64 -17.99 25.89
C ALA F 4041 3.15 -17.72 26.08
N ARG F 4042 2.47 -17.28 25.03
CA ARG F 4042 1.05 -17.00 25.15
C ARG F 4042 0.25 -18.28 25.32
N GLN F 4043 0.69 -19.37 24.70
CA GLN F 4043 0.04 -20.66 24.92
C GLN F 4043 0.20 -21.12 26.36
N MET F 4044 1.38 -20.92 26.94
CA MET F 4044 1.57 -21.25 28.34
C MET F 4044 0.70 -20.40 29.25
N VAL F 4045 0.56 -19.11 28.92
CA VAL F 4045 -0.33 -18.27 29.71
C VAL F 4045 -1.77 -18.77 29.63
N ASP F 4046 -2.21 -19.15 28.44
CA ASP F 4046 -3.56 -19.69 28.28
C ASP F 4046 -3.72 -20.99 29.06
N MET F 4047 -2.70 -21.84 29.04
CA MET F 4047 -2.77 -23.09 29.79
C MET F 4047 -2.89 -22.82 31.29
N LEU F 4048 -2.12 -21.86 31.79
CA LEU F 4048 -2.22 -21.52 33.21
C LEU F 4048 -3.60 -20.98 33.55
N VAL F 4049 -4.17 -20.16 32.65
CA VAL F 4049 -5.53 -19.66 32.87
C VAL F 4049 -6.52 -20.82 32.90
N GLU F 4050 -6.33 -21.80 32.04
CA GLU F 4050 -7.23 -22.95 32.00
C GLU F 4050 -7.21 -23.73 33.30
N SER F 4051 -6.12 -23.67 34.03
CA SER F 4051 -5.99 -24.34 35.33
C SER F 4051 -5.81 -23.31 36.44
N SER F 4052 -6.59 -22.22 36.36
CA SER F 4052 -6.41 -21.12 37.29
C SER F 4052 -6.67 -21.55 38.73
N SER F 4053 -7.70 -22.36 38.94
CA SER F 4053 -8.01 -22.79 40.31
C SER F 4053 -6.87 -23.59 40.91
N ASN F 4054 -6.31 -24.52 40.14
CA ASN F 4054 -5.22 -25.34 40.65
C ASN F 4054 -3.95 -24.51 40.87
N VAL F 4055 -3.67 -23.59 39.96
CA VAL F 4055 -2.50 -22.73 40.13
C VAL F 4055 -2.66 -21.87 41.38
N GLU F 4056 -3.87 -21.35 41.61
CA GLU F 4056 -4.13 -20.59 42.82
C GLU F 4056 -3.97 -21.46 44.06
N MET F 4057 -4.43 -22.70 44.00
CA MET F 4057 -4.25 -23.61 45.13
C MET F 4057 -2.78 -23.83 45.42
N ILE F 4058 -1.96 -24.00 44.38
CA ILE F 4058 -0.53 -24.21 44.57
C ILE F 4058 0.12 -22.97 45.18
N LEU F 4059 -0.18 -21.81 44.61
CA LEU F 4059 0.41 -20.57 45.11
C LEU F 4059 -0.01 -20.31 46.54
N LYS F 4060 -1.26 -20.63 46.88
CA LYS F 4060 -1.71 -20.53 48.26
C LYS F 4060 -0.96 -21.51 49.15
N PHE F 4061 -0.77 -22.75 48.72
CA PHE F 4061 0.00 -23.67 49.54
C PHE F 4061 1.36 -23.09 49.86
N PHE F 4062 2.01 -22.46 48.88
CA PHE F 4062 3.32 -21.88 49.15
C PHE F 4062 3.23 -20.69 50.10
N ASP F 4063 2.27 -19.79 49.88
CA ASP F 4063 2.33 -18.53 50.62
C ASP F 4063 1.91 -18.69 52.08
N MET F 4064 0.99 -19.60 52.39
CA MET F 4064 0.63 -19.81 53.79
C MET F 4064 1.82 -20.30 54.59
N PHE F 4065 2.60 -21.22 54.05
CA PHE F 4065 3.73 -21.71 54.81
C PHE F 4065 4.88 -20.70 54.84
N LEU F 4066 5.07 -19.94 53.76
CA LEU F 4066 6.04 -18.86 53.81
C LEU F 4066 5.67 -17.84 54.87
N LYS F 4067 4.38 -17.51 54.99
CA LYS F 4067 3.95 -16.53 55.98
C LYS F 4067 4.00 -17.10 57.38
N LEU F 4068 3.69 -18.40 57.53
CA LEU F 4068 3.79 -19.04 58.84
C LEU F 4068 5.21 -19.05 59.35
N LYS F 4069 6.18 -19.28 58.47
CA LYS F 4069 7.57 -19.31 58.90
C LYS F 4069 7.98 -18.00 59.56
N ASP F 4070 7.50 -16.86 59.04
CA ASP F 4070 7.83 -15.59 59.66
C ASP F 4070 6.89 -15.22 60.79
N ILE F 4071 5.65 -15.71 60.77
CA ILE F 4071 4.72 -15.41 61.86
C ILE F 4071 5.19 -16.06 63.16
N VAL F 4072 5.64 -17.31 63.09
CA VAL F 4072 6.06 -17.99 64.30
C VAL F 4072 7.26 -17.30 64.94
N GLY F 4073 8.01 -16.53 64.14
CA GLY F 4073 9.11 -15.76 64.68
C GLY F 4073 8.75 -14.37 65.16
N SER F 4074 7.47 -14.04 65.20
CA SER F 4074 7.05 -12.70 65.58
C SER F 4074 6.80 -12.60 67.09
N GLU F 4075 7.02 -11.41 67.61
CA GLU F 4075 6.79 -11.17 69.04
C GLU F 4075 5.32 -11.29 69.38
N ALA F 4076 4.43 -10.96 68.45
CA ALA F 4076 3.01 -11.13 68.70
C ALA F 4076 2.67 -12.60 68.91
N PHE F 4077 3.29 -13.48 68.13
CA PHE F 4077 3.10 -14.91 68.33
C PHE F 4077 3.72 -15.36 69.65
N GLN F 4078 4.93 -14.87 69.94
CA GLN F 4078 5.60 -15.26 71.18
C GLN F 4078 4.84 -14.82 72.42
N ASP F 4079 4.05 -13.74 72.32
CA ASP F 4079 3.19 -13.35 73.43
C ASP F 4079 2.20 -14.45 73.75
N TYR F 4080 1.59 -15.05 72.73
CA TYR F 4080 0.67 -16.15 72.95
C TYR F 4080 1.39 -17.41 73.39
N VAL F 4081 2.62 -17.62 72.93
CA VAL F 4081 3.39 -18.79 73.37
C VAL F 4081 3.60 -18.68 74.88
N THR F 4082 3.06 -19.62 75.63
CA THR F 4082 3.10 -19.58 77.08
C THR F 4082 3.65 -20.85 77.72
N ASP F 4083 3.51 -22.00 77.09
CA ASP F 4083 3.99 -23.25 77.67
C ASP F 4083 5.50 -23.21 77.81
N PRO F 4084 6.04 -23.53 79.00
CA PRO F 4084 7.51 -23.52 79.16
C PRO F 4084 8.23 -24.48 78.23
N ARG F 4085 7.61 -25.60 77.86
CA ARG F 4085 8.24 -26.54 76.96
C ARG F 4085 8.42 -25.98 75.55
N GLY F 4086 7.79 -24.87 75.22
CA GLY F 4086 7.88 -24.31 73.89
C GLY F 4086 6.80 -24.74 72.93
N LEU F 4087 5.62 -25.08 73.44
CA LEU F 4087 4.50 -25.54 72.63
C LEU F 4087 3.36 -24.52 72.69
N ILE F 4088 2.28 -24.83 71.99
CA ILE F 4088 1.11 -23.96 71.95
C ILE F 4088 -0.11 -24.81 71.63
N SER F 4089 -1.22 -24.53 72.29
CA SER F 4089 -2.42 -25.30 72.07
C SER F 4089 -3.09 -24.90 70.76
N LYS F 4090 -3.96 -25.79 70.26
CA LYS F 4090 -4.66 -25.52 69.02
C LYS F 4090 -5.57 -24.31 69.16
N LYS F 4091 -6.22 -24.16 70.32
CA LYS F 4091 -7.07 -23.00 70.53
C LYS F 4091 -6.24 -21.73 70.69
N ASP F 4092 -5.12 -21.82 71.40
CA ASP F 4092 -4.22 -20.69 71.49
C ASP F 4092 -3.65 -20.33 70.13
N PHE F 4093 -3.30 -21.34 69.33
CA PHE F 4093 -2.85 -21.11 67.97
C PHE F 4093 -3.93 -20.40 67.17
N GLN F 4094 -5.18 -20.84 67.32
CA GLN F 4094 -6.29 -20.25 66.59
C GLN F 4094 -6.45 -18.77 66.94
N LYS F 4095 -6.44 -18.44 68.23
CA LYS F 4095 -6.62 -17.04 68.61
C LYS F 4095 -5.39 -16.20 68.34
N ALA F 4096 -4.21 -16.81 68.27
CA ALA F 4096 -3.01 -16.05 67.95
C ALA F 4096 -2.92 -15.74 66.46
N MET F 4097 -3.32 -16.70 65.62
CA MET F 4097 -3.04 -16.58 64.20
C MET F 4097 -4.04 -15.65 63.52
N ASP F 4098 -5.28 -15.62 64.01
CA ASP F 4098 -6.25 -14.68 63.46
C ASP F 4098 -6.05 -13.27 64.00
N SER F 4099 -5.22 -13.11 65.02
CA SER F 4099 -4.84 -11.78 65.47
C SER F 4099 -3.93 -11.07 64.46
N GLN F 4100 -3.20 -11.83 63.66
CA GLN F 4100 -2.33 -11.24 62.64
C GLN F 4100 -3.11 -10.70 61.46
N LYS F 4101 -4.38 -11.06 61.31
CA LYS F 4101 -5.22 -10.62 60.20
C LYS F 4101 -4.58 -10.93 58.85
N GLN F 4102 -3.96 -12.11 58.75
CA GLN F 4102 -3.28 -12.50 57.52
C GLN F 4102 -3.86 -13.75 56.87
N PHE F 4103 -4.48 -14.64 57.63
CA PHE F 4103 -5.17 -15.81 57.09
C PHE F 4103 -6.66 -15.74 57.39
N THR F 4104 -7.42 -16.51 56.62
CA THR F 4104 -8.85 -16.62 56.79
C THR F 4104 -9.18 -17.83 57.65
N GLY F 4105 -10.45 -18.04 57.92
CA GLY F 4105 -10.91 -19.16 58.71
C GLY F 4105 -10.52 -20.51 58.15
N PRO F 4106 -10.85 -20.76 56.87
CA PRO F 4106 -10.43 -22.02 56.25
C PRO F 4106 -8.93 -22.22 56.26
N GLU F 4107 -8.15 -21.16 56.05
CA GLU F 4107 -6.70 -21.29 56.05
C GLU F 4107 -6.18 -21.63 57.43
N ILE F 4108 -6.73 -21.01 58.46
CA ILE F 4108 -6.32 -21.32 59.83
C ILE F 4108 -6.69 -22.76 60.18
N GLN F 4109 -7.88 -23.20 59.76
CA GLN F 4109 -8.27 -24.59 60.00
C GLN F 4109 -7.34 -25.56 59.28
N PHE F 4110 -6.95 -25.22 58.05
CA PHE F 4110 -6.04 -26.09 57.32
C PHE F 4110 -4.67 -26.15 58.01
N LEU F 4111 -4.19 -25.01 58.50
CA LEU F 4111 -2.93 -25.02 59.23
C LEU F 4111 -3.04 -25.86 60.50
N LEU F 4112 -4.17 -25.77 61.19
CA LEU F 4112 -4.37 -26.58 62.39
C LEU F 4112 -4.36 -28.07 62.05
N SER F 4113 -5.01 -28.44 60.94
CA SER F 4113 -5.01 -29.83 60.53
C SER F 4113 -3.60 -30.30 60.17
N CYS F 4114 -2.84 -29.47 59.48
CA CYS F 4114 -1.48 -29.86 59.10
C CYS F 4114 -0.55 -29.91 60.28
N SER F 4115 -0.83 -29.13 61.32
CA SER F 4115 -0.02 -29.18 62.53
C SER F 4115 -0.20 -30.52 63.23
N GLU F 4116 0.91 -31.15 63.58
CA GLU F 4116 0.87 -32.48 64.19
C GLU F 4116 0.67 -32.32 65.70
N ALA F 4117 -0.53 -31.87 66.05
CA ALA F 4117 -0.90 -31.72 67.44
C ALA F 4117 -1.05 -33.09 68.10
N ASP F 4118 -0.60 -33.18 69.35
CA ASP F 4118 -0.60 -34.44 70.07
C ASP F 4118 -1.99 -34.69 70.66
N GLU F 4119 -2.11 -35.71 71.52
CA GLU F 4119 -3.36 -36.00 72.18
C GLU F 4119 -3.76 -34.90 73.17
N ASN F 4120 -2.80 -34.10 73.64
CA ASN F 4120 -3.08 -32.96 74.49
C ASN F 4120 -3.28 -31.67 73.70
N GLU F 4121 -3.36 -31.77 72.37
CA GLU F 4121 -3.51 -30.62 71.48
C GLU F 4121 -2.35 -29.64 71.61
N MET F 4122 -1.14 -30.17 71.83
CA MET F 4122 0.07 -29.37 71.88
C MET F 4122 0.72 -29.36 70.52
N ILE F 4123 1.16 -28.18 70.08
CA ILE F 4123 1.77 -27.99 68.77
C ILE F 4123 3.21 -27.54 68.94
N ASN F 4124 4.12 -28.22 68.26
CA ASN F 4124 5.53 -27.83 68.21
C ASN F 4124 5.71 -26.93 66.99
N PHE F 4125 5.41 -25.65 67.18
CA PHE F 4125 5.44 -24.72 66.06
C PHE F 4125 6.83 -24.53 65.47
N GLU F 4126 7.88 -24.75 66.26
CA GLU F 4126 9.24 -24.62 65.74
C GLU F 4126 9.47 -25.58 64.59
N GLU F 4127 9.14 -26.86 64.78
CA GLU F 4127 9.28 -27.82 63.69
C GLU F 4127 8.15 -27.68 62.68
N PHE F 4128 6.97 -27.24 63.11
CA PHE F 4128 5.87 -27.05 62.18
C PHE F 4128 6.21 -26.05 61.09
N ALA F 4129 6.82 -24.92 61.48
CA ALA F 4129 7.19 -23.91 60.50
C ALA F 4129 8.25 -24.41 59.53
N ASN F 4130 9.24 -25.16 60.04
CA ASN F 4130 10.36 -25.60 59.23
C ASN F 4130 10.12 -26.93 58.53
N ARG F 4131 8.94 -27.52 58.68
CA ARG F 4131 8.69 -28.82 58.06
C ARG F 4131 8.71 -28.72 56.54
N PHE F 4132 8.06 -27.71 55.97
CA PHE F 4132 7.93 -27.59 54.53
C PHE F 4132 8.79 -26.53 53.90
N GLN F 4133 9.67 -25.87 54.66
CA GLN F 4133 10.50 -24.82 54.08
C GLN F 4133 11.50 -25.41 53.09
N GLU F 4134 12.21 -26.45 53.48
CA GLU F 4134 13.22 -27.04 52.62
C GLU F 4134 12.61 -27.86 51.49
N PRO F 4135 11.62 -28.73 51.74
CA PRO F 4135 11.06 -29.51 50.63
C PRO F 4135 10.45 -28.67 49.53
N ALA F 4136 9.83 -27.53 49.86
CA ALA F 4136 9.13 -26.72 48.89
C ALA F 4136 9.99 -25.62 48.28
N ARG F 4137 11.25 -25.50 48.70
CA ARG F 4137 12.06 -24.38 48.26
C ARG F 4137 12.35 -24.43 46.76
N ASP F 4138 12.69 -25.62 46.25
CA ASP F 4138 13.06 -25.72 44.84
C ASP F 4138 11.87 -25.45 43.92
N ILE F 4139 10.73 -26.06 44.22
CA ILE F 4139 9.55 -25.83 43.40
C ILE F 4139 9.07 -24.39 43.53
N GLY F 4140 9.17 -23.82 44.72
CA GLY F 4140 8.83 -22.42 44.87
C GLY F 4140 9.71 -21.52 44.03
N PHE F 4141 11.01 -21.76 44.04
CA PHE F 4141 11.91 -20.95 43.23
C PHE F 4141 11.61 -21.10 41.75
N ASN F 4142 11.34 -22.33 41.31
CA ASN F 4142 11.07 -22.52 39.88
C ASN F 4142 9.75 -21.90 39.47
N VAL F 4143 8.74 -21.92 40.35
CA VAL F 4143 7.49 -21.23 40.07
C VAL F 4143 7.74 -19.72 39.97
N ALA F 4144 8.56 -19.18 40.86
CA ALA F 4144 8.90 -17.77 40.78
C ALA F 4144 9.60 -17.44 39.48
N VAL F 4145 10.54 -18.28 39.06
CA VAL F 4145 11.24 -18.06 37.80
C VAL F 4145 10.27 -18.11 36.63
N LEU F 4146 9.39 -19.10 36.62
CA LEU F 4146 8.43 -19.24 35.52
C LEU F 4146 7.52 -18.02 35.42
N LEU F 4147 6.99 -17.57 36.55
CA LEU F 4147 6.09 -16.42 36.53
C LEU F 4147 6.83 -15.15 36.13
N THR F 4148 8.07 -14.99 36.61
CA THR F 4148 8.87 -13.84 36.19
C THR F 4148 9.12 -13.84 34.70
N ASN F 4149 9.48 -15.01 34.15
CA ASN F 4149 9.74 -15.12 32.72
C ASN F 4149 8.51 -14.78 31.91
N LEU F 4150 7.35 -15.34 32.29
CA LEU F 4150 6.13 -15.06 31.57
C LEU F 4150 5.73 -13.60 31.68
N SER F 4151 5.90 -13.00 32.86
CA SER F 4151 5.54 -11.60 33.04
C SER F 4151 6.42 -10.69 32.20
N GLU F 4152 7.70 -11.03 32.08
CA GLU F 4152 8.60 -10.19 31.29
C GLU F 4152 8.56 -10.47 29.80
N HIS F 4153 7.96 -11.57 29.36
CA HIS F 4153 7.85 -11.82 27.93
C HIS F 4153 6.44 -11.70 27.38
N VAL F 4154 5.43 -11.60 28.22
CA VAL F 4154 4.06 -11.30 27.80
C VAL F 4154 3.57 -10.16 28.68
N PRO F 4155 4.07 -8.93 28.49
CA PRO F 4155 3.81 -7.87 29.46
C PRO F 4155 2.43 -7.26 29.38
N HIS F 4156 1.63 -7.61 28.36
CA HIS F 4156 0.33 -6.99 28.15
C HIS F 4156 -0.79 -8.02 28.16
N ASP F 4157 -0.73 -8.97 29.08
CA ASP F 4157 -1.81 -9.94 29.26
C ASP F 4157 -2.44 -9.71 30.63
N PRO F 4158 -3.65 -9.14 30.70
CA PRO F 4158 -4.25 -8.84 32.01
C PRO F 4158 -4.51 -10.06 32.87
N ARG F 4159 -4.62 -11.25 32.28
CA ARG F 4159 -4.90 -12.45 33.06
C ARG F 4159 -3.71 -12.88 33.90
N LEU F 4160 -2.51 -12.44 33.56
CA LEU F 4160 -1.30 -12.89 34.24
C LEU F 4160 -1.00 -12.11 35.51
N ARG F 4161 -1.38 -10.83 35.59
CA ARG F 4161 -1.13 -10.07 36.79
C ARG F 4161 -1.88 -10.63 37.99
N ASN F 4162 -3.00 -11.32 37.76
CA ASN F 4162 -3.69 -11.97 38.87
C ASN F 4162 -2.78 -13.03 39.50
N PHE F 4163 -2.14 -13.86 38.68
CA PHE F 4163 -1.20 -14.84 39.19
C PHE F 4163 -0.01 -14.17 39.85
N LEU F 4164 0.50 -13.09 39.24
CA LEU F 4164 1.63 -12.38 39.83
C LEU F 4164 1.29 -11.83 41.21
N GLU F 4165 0.08 -11.29 41.37
CA GLU F 4165 -0.33 -10.76 42.66
C GLU F 4165 -0.55 -11.88 43.68
N LEU F 4166 -1.11 -12.99 43.24
CA LEU F 4166 -1.28 -14.12 44.14
C LEU F 4166 0.06 -14.73 44.54
N ALA F 4167 1.11 -14.51 43.73
CA ALA F 4167 2.44 -15.04 44.00
C ALA F 4167 3.37 -13.98 44.56
N GLU F 4168 2.79 -12.91 45.10
CA GLU F 4168 3.60 -11.78 45.56
C GLU F 4168 4.55 -12.19 46.68
N SER F 4169 4.06 -12.97 47.63
CA SER F 4169 4.91 -13.40 48.74
C SER F 4169 6.04 -14.30 48.26
N ILE F 4170 5.73 -15.22 47.35
CA ILE F 4170 6.77 -16.11 46.81
C ILE F 4170 7.83 -15.31 46.08
N LEU F 4171 7.40 -14.37 45.24
CA LEU F 4171 8.34 -13.54 44.50
C LEU F 4171 9.19 -12.70 45.43
N GLU F 4172 8.57 -12.13 46.46
CA GLU F 4172 9.32 -11.33 47.42
C GLU F 4172 10.33 -12.16 48.18
N TYR F 4173 9.96 -13.39 48.55
CA TYR F 4173 10.88 -14.25 49.27
C TYR F 4173 12.07 -14.64 48.39
N PHE F 4174 11.82 -14.91 47.11
CA PHE F 4174 12.88 -15.38 46.23
C PHE F 4174 13.56 -14.27 45.46
N ARG F 4175 13.21 -13.01 45.71
CA ARG F 4175 13.86 -11.91 45.00
C ARG F 4175 15.37 -11.87 45.21
N PRO F 4176 15.91 -12.00 46.43
CA PRO F 4176 17.37 -11.96 46.57
C PRO F 4176 18.10 -13.11 45.90
N TYR F 4177 17.42 -14.21 45.57
CA TYR F 4177 18.07 -15.36 44.97
C TYR F 4177 17.79 -15.51 43.49
N LEU F 4178 16.95 -14.66 42.92
CA LEU F 4178 16.56 -14.80 41.51
C LEU F 4178 17.46 -13.88 40.69
N GLY F 4179 18.60 -14.41 40.28
CA GLY F 4179 19.53 -13.64 39.46
C GLY F 4179 19.12 -13.69 38.00
N ARG F 4180 19.29 -12.55 37.33
CA ARG F 4180 18.98 -12.45 35.92
C ARG F 4180 20.10 -11.69 35.20
N ILE F 4181 20.52 -12.21 34.06
CA ILE F 4181 21.48 -11.56 33.18
C ILE F 4181 20.96 -11.62 31.77
N GLU F 4182 21.59 -10.85 30.89
CA GLU F 4182 21.27 -10.84 29.47
C GLU F 4182 22.50 -11.24 28.68
N ILE F 4183 22.31 -12.04 27.63
CA ILE F 4183 23.39 -12.48 26.77
C ILE F 4183 22.97 -12.33 25.32
N MET F 4184 23.96 -12.29 24.44
CA MET F 4184 23.75 -12.40 23.00
C MET F 4184 23.57 -13.88 22.70
N GLY F 4185 22.34 -14.29 22.41
CA GLY F 4185 21.97 -15.68 22.45
C GLY F 4185 22.41 -16.48 21.24
N ALA F 4186 21.99 -17.75 21.26
CA ALA F 4186 22.26 -18.66 20.15
C ALA F 4186 21.61 -18.20 18.85
N SER F 4187 20.64 -17.30 18.90
CA SER F 4187 19.92 -16.87 17.70
C SER F 4187 20.24 -15.44 17.27
N ARG F 4188 21.45 -14.93 17.52
CA ARG F 4188 21.79 -13.55 17.18
C ARG F 4188 20.84 -12.54 17.82
N ARG F 4189 20.32 -12.86 19.00
CA ARG F 4189 19.41 -11.96 19.70
C ARG F 4189 19.75 -11.92 21.18
N ILE F 4190 19.37 -10.83 21.82
CA ILE F 4190 19.53 -10.69 23.26
C ILE F 4190 18.50 -11.56 23.96
N GLU F 4191 18.96 -12.45 24.82
CA GLU F 4191 18.10 -13.32 25.61
C GLU F 4191 18.33 -13.04 27.08
N ARG F 4192 17.27 -13.14 27.86
CA ARG F 4192 17.34 -12.93 29.30
C ARG F 4192 17.39 -14.29 29.99
N ILE F 4193 18.35 -14.46 30.90
CA ILE F 4193 18.61 -15.72 31.58
C ILE F 4193 18.25 -15.57 33.04
N TYR F 4194 17.53 -16.55 33.57
CA TYR F 4194 17.16 -16.58 34.98
C TYR F 4194 17.84 -17.78 35.63
N PHE F 4195 18.48 -17.56 36.78
CA PHE F 4195 19.19 -18.61 37.48
C PHE F 4195 19.08 -18.34 38.98
N GLU F 4196 19.70 -19.21 39.78
CA GLU F 4196 19.58 -19.16 41.22
C GLU F 4196 20.90 -18.71 41.83
N ILE F 4197 20.83 -17.70 42.70
CA ILE F 4197 21.97 -17.23 43.47
C ILE F 4197 21.85 -17.80 44.88
N SER F 4198 22.91 -18.42 45.36
CA SER F 4198 22.85 -19.02 46.68
C SER F 4198 23.18 -17.99 47.76
N GLU F 4199 22.68 -18.27 48.97
CA GLU F 4199 22.90 -17.38 50.09
C GLU F 4199 24.39 -17.24 50.39
N THR F 4200 25.12 -18.36 50.34
CA THR F 4200 26.55 -18.31 50.63
C THR F 4200 27.29 -17.48 49.60
N ASN F 4201 26.94 -17.64 48.32
CA ASN F 4201 27.60 -16.84 47.28
C ASN F 4201 27.34 -15.36 47.48
N ARG F 4202 26.08 -14.99 47.75
CA ARG F 4202 25.78 -13.59 47.95
C ARG F 4202 26.51 -13.03 49.17
N ALA F 4203 26.51 -13.78 50.28
CA ALA F 4203 27.17 -13.31 51.49
C ALA F 4203 28.67 -13.15 51.27
N GLN F 4204 29.30 -14.11 50.60
CA GLN F 4204 30.72 -14.00 50.32
C GLN F 4204 31.01 -12.82 49.41
N TRP F 4205 30.13 -12.55 48.45
CA TRP F 4205 30.31 -11.37 47.60
C TRP F 4205 30.19 -10.08 48.38
N GLU F 4206 29.33 -10.05 49.40
CA GLU F 4206 29.12 -8.82 50.16
C GLU F 4206 30.18 -8.57 51.21
N MET F 4207 31.22 -9.39 51.28
CA MET F 4207 32.27 -9.17 52.27
C MET F 4207 33.07 -7.92 51.94
N PRO F 4208 33.51 -7.17 52.94
CA PRO F 4208 34.19 -5.89 52.67
C PRO F 4208 35.48 -6.03 51.87
N GLN F 4209 36.26 -7.08 52.09
CA GLN F 4209 37.50 -7.25 51.33
C GLN F 4209 37.20 -7.50 49.86
N VAL F 4210 36.18 -8.31 49.56
CA VAL F 4210 35.79 -8.55 48.18
C VAL F 4210 35.24 -7.27 47.55
N LYS F 4211 34.47 -6.49 48.32
CA LYS F 4211 33.98 -5.22 47.79
C LYS F 4211 35.14 -4.29 47.47
N GLU F 4212 36.16 -4.27 48.31
CA GLU F 4212 37.33 -3.44 48.02
C GLU F 4212 38.06 -3.92 46.77
N SER F 4213 38.19 -5.23 46.62
CA SER F 4213 38.80 -5.76 45.39
C SER F 4213 38.00 -5.37 44.16
N LYS F 4214 36.67 -5.41 44.27
CA LYS F 4214 35.83 -4.98 43.16
C LYS F 4214 36.05 -3.52 42.83
N ARG F 4215 36.10 -2.66 43.85
CA ARG F 4215 36.34 -1.24 43.61
C ARG F 4215 37.67 -1.02 42.93
N GLN F 4216 38.71 -1.72 43.39
CA GLN F 4216 40.03 -1.56 42.80
C GLN F 4216 40.05 -2.02 41.35
N PHE F 4217 39.42 -3.15 41.06
CA PHE F 4217 39.37 -3.65 39.69
C PHE F 4217 38.60 -2.70 38.79
N ILE F 4218 37.47 -2.20 39.26
CA ILE F 4218 36.69 -1.24 38.48
C ILE F 4218 37.53 -0.02 38.17
N PHE F 4219 38.22 0.51 39.19
CA PHE F 4219 39.05 1.68 38.96
C PHE F 4219 40.13 1.39 37.93
N ASP F 4220 40.81 0.25 38.06
CA ASP F 4220 41.88 -0.08 37.12
C ASP F 4220 41.36 -0.14 35.69
N VAL F 4221 40.28 -0.90 35.45
CA VAL F 4221 39.82 -1.05 34.09
C VAL F 4221 39.30 0.26 33.52
N VAL F 4222 38.44 0.97 34.27
CA VAL F 4222 37.85 2.19 33.73
C VAL F 4222 38.91 3.25 33.51
N ASN F 4223 39.95 3.27 34.35
CA ASN F 4223 40.97 4.30 34.21
C ASN F 4223 41.93 3.96 33.09
N GLU F 4224 42.66 2.85 33.22
CA GLU F 4224 43.74 2.50 32.31
C GLU F 4224 43.45 1.23 31.54
N GLY F 4225 42.23 1.10 31.02
CA GLY F 4225 41.88 -0.03 30.20
C GLY F 4225 41.15 0.40 28.95
N GLY F 4226 41.14 -0.50 27.96
CA GLY F 4226 40.44 -0.30 26.71
C GLY F 4226 39.17 -1.14 26.65
N GLU F 4227 38.38 -0.87 25.61
CA GLU F 4227 37.15 -1.62 25.40
C GLU F 4227 37.42 -3.06 24.97
N ALA F 4228 38.58 -3.32 24.35
CA ALA F 4228 38.80 -4.63 23.75
C ALA F 4228 39.05 -5.72 24.79
N GLU F 4229 39.87 -5.43 25.79
CA GLU F 4229 40.22 -6.42 26.80
C GLU F 4229 39.35 -6.34 28.04
N LYS F 4230 38.32 -5.48 28.03
CA LYS F 4230 37.53 -5.24 29.23
C LYS F 4230 36.87 -6.53 29.72
N MET F 4231 36.27 -7.28 28.81
CA MET F 4231 35.51 -8.45 29.23
C MET F 4231 36.44 -9.58 29.67
N GLU F 4232 37.58 -9.72 28.98
CA GLU F 4232 38.61 -10.64 29.44
C GLU F 4232 39.06 -10.32 30.86
N LEU F 4233 39.34 -9.04 31.12
CA LEU F 4233 39.77 -8.64 32.46
C LEU F 4233 38.68 -8.91 33.48
N PHE F 4234 37.42 -8.67 33.11
CA PHE F 4234 36.33 -8.91 34.04
C PHE F 4234 36.21 -10.39 34.38
N VAL F 4235 36.34 -11.26 33.39
CA VAL F 4235 36.26 -12.69 33.66
C VAL F 4235 37.43 -13.15 34.52
N SER F 4236 38.62 -12.63 34.24
CA SER F 4236 39.78 -12.98 35.07
C SER F 4236 39.57 -12.53 36.51
N PHE F 4237 39.01 -11.34 36.70
CA PHE F 4237 38.68 -10.87 38.04
C PHE F 4237 37.66 -11.78 38.71
N CYS F 4238 36.67 -12.25 37.95
CA CYS F 4238 35.68 -13.14 38.51
C CYS F 4238 36.32 -14.44 39.00
N GLU F 4239 37.24 -15.00 38.20
CA GLU F 4239 37.92 -16.22 38.61
C GLU F 4239 38.78 -15.99 39.86
N ASP F 4240 39.52 -14.88 39.88
CA ASP F 4240 40.34 -14.57 41.04
C ASP F 4240 39.49 -14.41 42.28
N THR F 4241 38.32 -13.77 42.14
CA THR F 4241 37.44 -13.58 43.28
C THR F 4241 36.83 -14.89 43.75
N ILE F 4242 36.55 -15.80 42.82
CA ILE F 4242 36.06 -17.12 43.22
C ILE F 4242 37.12 -17.82 44.07
N PHE F 4243 38.38 -17.76 43.64
CA PHE F 4243 39.45 -18.35 44.44
C PHE F 4243 39.56 -17.68 45.81
N GLU F 4244 39.41 -16.35 45.85
CA GLU F 4244 39.44 -15.64 47.12
C GLU F 4244 38.31 -16.07 48.04
N MET F 4245 37.11 -16.26 47.50
CA MET F 4245 36.01 -16.75 48.32
C MET F 4245 36.31 -18.14 48.86
N GLN F 4246 36.93 -18.99 48.05
CA GLN F 4246 37.32 -20.31 48.56
C GLN F 4246 38.31 -20.17 49.71
N ILE F 4247 39.30 -19.29 49.57
CA ILE F 4247 40.26 -19.07 50.65
C ILE F 4247 39.56 -18.60 51.91
N ALA F 4248 38.63 -17.66 51.77
CA ALA F 4248 37.88 -17.18 52.92
C ALA F 4248 37.09 -18.32 53.55
N ALA F 4249 36.52 -19.19 52.72
CA ALA F 4249 35.76 -20.32 53.24
C ALA F 4249 36.63 -21.25 54.07
N GLN F 4250 37.81 -21.61 53.56
CA GLN F 4250 38.67 -22.50 54.34
C GLN F 4250 39.15 -21.83 55.62
N ILE F 4251 39.58 -20.56 55.55
CA ILE F 4251 40.10 -19.94 56.76
C ILE F 4251 39.01 -19.56 57.75
N SER F 4252 37.75 -19.60 57.33
CA SER F 4252 36.66 -19.30 58.24
C SER F 4252 36.54 -20.39 59.32
N GLU F 4253 36.17 -19.96 60.52
CA GLU F 4253 35.96 -20.87 61.63
C GLU F 4253 34.49 -20.92 62.01
N PRO F 4254 33.98 -22.09 62.41
CA PRO F 4254 32.57 -22.24 62.77
C PRO F 4254 32.24 -21.62 64.13
N PHE F 4540 49.65 -38.31 68.36
CA PHE F 4540 49.60 -36.90 68.73
C PHE F 4540 49.68 -36.01 67.50
N TRP F 4541 50.02 -36.62 66.36
CA TRP F 4541 50.14 -35.85 65.12
C TRP F 4541 48.82 -35.21 64.72
N GLY F 4542 47.71 -35.91 64.96
CA GLY F 4542 46.41 -35.34 64.63
C GLY F 4542 46.11 -34.10 65.45
N GLU F 4543 46.39 -34.15 66.76
CA GLU F 4543 46.14 -32.99 67.61
C GLU F 4543 47.01 -31.81 67.20
N LEU F 4544 48.30 -32.05 66.94
CA LEU F 4544 49.16 -30.95 66.53
C LEU F 4544 48.73 -30.39 65.18
N GLU F 4545 48.28 -31.25 64.27
CA GLU F 4545 47.83 -30.77 62.96
C GLU F 4545 46.57 -29.92 63.08
N VAL F 4546 45.60 -30.38 63.86
CA VAL F 4546 44.36 -29.61 63.97
C VAL F 4546 44.63 -28.28 64.68
N GLN F 4547 45.46 -28.29 65.72
CA GLN F 4547 45.82 -27.02 66.35
C GLN F 4547 46.61 -26.12 65.41
N ARG F 4548 47.47 -26.70 64.59
CA ARG F 4548 48.25 -25.89 63.65
C ARG F 4548 47.37 -25.21 62.63
N VAL F 4549 46.41 -25.95 62.06
CA VAL F 4549 45.54 -25.33 61.07
C VAL F 4549 44.62 -24.32 61.73
N LYS F 4550 44.17 -24.59 62.96
CA LYS F 4550 43.36 -23.60 63.66
C LYS F 4550 44.16 -22.32 63.89
N PHE F 4551 45.42 -22.46 64.30
CA PHE F 4551 46.27 -21.30 64.56
C PHE F 4551 46.54 -20.51 63.28
N LEU F 4552 46.81 -21.22 62.18
CA LEU F 4552 47.06 -20.55 60.91
C LEU F 4552 45.82 -19.83 60.41
N ASN F 4553 44.64 -20.45 60.56
CA ASN F 4553 43.41 -19.79 60.17
C ASN F 4553 43.12 -18.58 61.06
N TYR F 4554 43.47 -18.68 62.34
CA TYR F 4554 43.33 -17.52 63.22
C TYR F 4554 44.22 -16.38 62.76
N LEU F 4555 45.46 -16.68 62.39
CA LEU F 4555 46.34 -15.64 61.89
C LEU F 4555 45.82 -15.04 60.59
N SER F 4556 45.28 -15.88 59.70
CA SER F 4556 44.77 -15.40 58.43
C SER F 4556 43.55 -14.50 58.62
N ARG F 4557 42.62 -14.90 59.49
CA ARG F 4557 41.42 -14.10 59.70
C ARG F 4557 41.75 -12.74 60.27
N ASN F 4558 42.75 -12.66 61.14
CA ASN F 4558 43.08 -11.45 61.88
C ASN F 4558 44.35 -10.78 61.37
N PHE F 4559 44.65 -10.91 60.08
CA PHE F 4559 45.88 -10.36 59.54
C PHE F 4559 45.91 -8.84 59.66
N TYR F 4560 44.81 -8.17 59.34
CA TYR F 4560 44.81 -6.71 59.41
C TYR F 4560 44.81 -6.21 60.84
N THR F 4561 44.16 -6.93 61.76
CA THR F 4561 44.26 -6.55 63.16
C THR F 4561 45.68 -6.72 63.67
N LEU F 4562 46.38 -7.76 63.22
CA LEU F 4562 47.79 -7.90 63.60
C LEU F 4562 48.62 -6.76 63.04
N ARG F 4563 48.34 -6.34 61.81
CA ARG F 4563 49.06 -5.21 61.23
C ARG F 4563 48.82 -3.94 62.04
N PHE F 4564 47.57 -3.69 62.41
CA PHE F 4564 47.26 -2.52 63.23
C PHE F 4564 47.93 -2.60 64.59
N LEU F 4565 47.97 -3.80 65.18
CA LEU F 4565 48.65 -3.99 66.46
C LEU F 4565 50.13 -3.69 66.34
N ALA F 4566 50.76 -4.13 65.26
CA ALA F 4566 52.17 -3.82 65.06
C ALA F 4566 52.38 -2.32 64.95
N LEU F 4567 51.49 -1.63 64.24
CA LEU F 4567 51.60 -0.18 64.14
C LEU F 4567 51.49 0.47 65.52
N PHE F 4568 50.52 0.04 66.33
CA PHE F 4568 50.34 0.63 67.64
C PHE F 4568 51.55 0.35 68.53
N LEU F 4569 52.11 -0.85 68.44
CA LEU F 4569 53.30 -1.19 69.21
C LEU F 4569 54.48 -0.33 68.80
N ALA F 4570 54.65 -0.08 67.50
CA ALA F 4570 55.74 0.79 67.06
C ALA F 4570 55.55 2.20 67.60
N PHE F 4571 54.31 2.70 67.59
CA PHE F 4571 54.05 4.02 68.15
C PHE F 4571 54.41 4.07 69.63
N ALA F 4572 54.03 3.04 70.39
CA ALA F 4572 54.35 3.02 71.81
C ALA F 4572 55.86 2.97 72.04
N ILE F 4573 56.56 2.15 71.25
CA ILE F 4573 58.00 2.03 71.41
C ILE F 4573 58.67 3.37 71.13
N ASN F 4574 58.25 4.06 70.08
CA ASN F 4574 58.86 5.35 69.77
C ASN F 4574 58.52 6.41 70.81
N PHE F 4575 57.30 6.37 71.34
CA PHE F 4575 56.95 7.30 72.42
C PHE F 4575 57.85 7.09 73.63
N ILE F 4576 58.14 5.84 73.96
CA ILE F 4576 59.10 5.58 75.04
C ILE F 4576 60.48 6.09 74.64
N LEU F 4577 60.87 5.89 73.38
CA LEU F 4577 62.18 6.31 72.92
C LEU F 4577 62.36 7.81 72.96
N LEU F 4578 61.28 8.57 72.97
CA LEU F 4578 61.39 10.03 73.09
C LEU F 4578 62.07 10.46 74.38
N PHE F 4579 62.14 9.58 75.38
CA PHE F 4579 62.67 9.92 76.68
C PHE F 4579 64.16 9.59 76.81
N TYR F 4580 64.80 9.15 75.74
CA TYR F 4580 66.21 8.81 75.83
C TYR F 4580 67.05 10.05 76.07
N LYS F 4581 68.17 9.86 76.78
CA LYS F 4581 69.06 10.93 77.15
C LYS F 4581 70.48 10.39 77.18
N VAL F 4582 71.44 11.21 76.80
CA VAL F 4582 72.84 10.80 76.73
C VAL F 4582 73.62 11.61 77.76
N SER F 4583 74.42 10.92 78.56
CA SER F 4583 75.21 11.57 79.59
C SER F 4583 76.58 10.91 79.69
N ASP F 4584 77.58 11.71 80.04
CA ASP F 4584 78.93 11.18 80.16
C ASP F 4584 79.10 10.35 81.43
N SER F 4585 78.22 10.54 82.40
CA SER F 4585 78.28 9.73 83.61
C SER F 4585 77.47 8.45 83.43
N PRO F 4586 77.91 7.34 84.01
CA PRO F 4586 77.13 6.11 83.89
C PRO F 4586 75.79 6.27 84.59
N PRO F 4587 74.75 5.60 84.10
CA PRO F 4587 73.40 5.69 84.66
C PRO F 4587 73.28 4.99 86.00
N ASN F 4626 86.69 7.45 77.10
CA ASN F 4626 85.98 8.72 76.98
C ASN F 4626 84.70 8.56 76.16
N MET F 4627 84.12 7.37 76.21
CA MET F 4627 82.89 7.07 75.50
C MET F 4627 81.68 7.30 76.40
N VAL F 4628 80.51 7.41 75.77
CA VAL F 4628 79.33 7.93 76.43
C VAL F 4628 78.26 6.85 76.50
N TYR F 4629 77.31 7.03 77.41
CA TYR F 4629 76.24 6.06 77.66
C TYR F 4629 74.89 6.65 77.28
N TYR F 4630 74.05 5.83 76.67
CA TYR F 4630 72.69 6.18 76.30
C TYR F 4630 71.75 5.49 77.28
N PHE F 4631 70.79 6.23 77.83
CA PHE F 4631 69.88 5.65 78.79
C PHE F 4631 68.57 6.43 78.82
N LEU F 4632 67.50 5.73 79.19
CA LEU F 4632 66.22 6.40 79.41
C LEU F 4632 66.29 7.25 80.67
N GLU F 4633 65.60 8.39 80.63
CA GLU F 4633 65.58 9.32 81.76
C GLU F 4633 64.12 9.53 82.16
N GLU F 4634 63.65 8.69 83.08
CA GLU F 4634 62.28 8.79 83.57
C GLU F 4634 62.28 8.43 85.04
N SER F 4635 61.28 8.94 85.76
CA SER F 4635 61.16 8.72 87.19
C SER F 4635 60.31 7.52 87.56
N THR F 4636 59.44 7.06 86.66
CA THR F 4636 58.56 5.93 86.97
C THR F 4636 59.35 4.66 87.19
N GLY F 4637 60.36 4.42 86.34
CA GLY F 4637 61.17 3.23 86.45
C GLY F 4637 60.63 2.00 85.74
N TYR F 4638 59.42 2.07 85.20
CA TYR F 4638 58.84 0.95 84.47
C TYR F 4638 59.06 1.05 82.96
N MET F 4639 59.52 2.20 82.47
CA MET F 4639 59.70 2.37 81.04
C MET F 4639 60.78 1.44 80.50
N GLU F 4640 61.85 1.22 81.27
CA GLU F 4640 62.90 0.32 80.80
C GLU F 4640 62.41 -1.10 80.60
N PRO F 4641 61.69 -1.73 81.54
CA PRO F 4641 61.12 -3.06 81.23
C PRO F 4641 60.01 -3.02 80.20
N ALA F 4642 59.21 -1.94 80.19
CA ALA F 4642 58.13 -1.85 79.21
C ALA F 4642 58.67 -1.81 77.80
N LEU F 4643 59.78 -1.11 77.58
CA LEU F 4643 60.38 -1.07 76.24
C LEU F 4643 60.83 -2.45 75.80
N TRP F 4644 61.45 -3.22 76.71
CA TRP F 4644 61.89 -4.56 76.36
C TRP F 4644 60.71 -5.46 76.02
N CYS F 4645 59.65 -5.40 76.84
CA CYS F 4645 58.46 -6.19 76.56
C CYS F 4645 57.84 -5.81 75.23
N LEU F 4646 57.74 -4.51 74.96
CA LEU F 4646 57.14 -4.04 73.71
C LEU F 4646 57.99 -4.43 72.51
N SER F 4647 59.31 -4.40 72.65
CA SER F 4647 60.16 -4.82 71.55
C SER F 4647 59.96 -6.30 71.23
N LEU F 4648 59.94 -7.15 72.27
CA LEU F 4648 59.71 -8.57 72.03
C LEU F 4648 58.35 -8.80 71.40
N LEU F 4649 57.32 -8.11 71.91
CA LEU F 4649 55.98 -8.29 71.38
C LEU F 4649 55.89 -7.82 69.94
N HIS F 4650 56.57 -6.72 69.60
CA HIS F 4650 56.55 -6.21 68.24
C HIS F 4650 57.22 -7.19 67.28
N THR F 4651 58.35 -7.78 67.68
CA THR F 4651 58.97 -8.80 66.86
C THR F 4651 58.03 -9.98 66.64
N LEU F 4652 57.38 -10.43 67.70
CA LEU F 4652 56.45 -11.55 67.58
C LEU F 4652 55.30 -11.20 66.62
N VAL F 4653 54.75 -10.00 66.74
CA VAL F 4653 53.62 -9.61 65.90
C VAL F 4653 54.05 -9.51 64.44
N ALA F 4654 55.26 -9.01 64.19
CA ALA F 4654 55.75 -8.96 62.81
C ALA F 4654 55.89 -10.36 62.23
N PHE F 4655 56.42 -11.29 63.01
CA PHE F 4655 56.53 -12.66 62.52
C PHE F 4655 55.15 -13.25 62.22
N LEU F 4656 54.19 -13.02 63.12
CA LEU F 4656 52.84 -13.52 62.89
C LEU F 4656 52.22 -12.87 61.66
N CYS F 4657 52.53 -11.61 61.39
CA CYS F 4657 52.02 -10.96 60.18
C CYS F 4657 52.58 -11.61 58.94
N ILE F 4658 53.87 -11.95 58.96
CA ILE F 4658 54.45 -12.65 57.81
C ILE F 4658 53.73 -13.97 57.58
N ILE F 4659 53.47 -14.71 58.66
CA ILE F 4659 52.80 -16.00 58.52
C ILE F 4659 51.39 -15.83 58.00
N GLY F 4660 50.64 -14.87 58.55
CA GLY F 4660 49.29 -14.64 58.09
C GLY F 4660 49.23 -14.22 56.64
N TYR F 4661 50.20 -13.42 56.21
CA TYR F 4661 50.24 -13.03 54.81
C TYR F 4661 50.51 -14.23 53.91
N ASN F 4662 51.47 -15.06 54.27
CA ASN F 4662 51.74 -16.19 53.39
C ASN F 4662 50.65 -17.24 53.46
N CYS F 4663 49.77 -17.19 54.46
CA CYS F 4663 48.60 -18.04 54.48
C CYS F 4663 47.37 -17.41 53.85
N LEU F 4664 47.39 -16.11 53.56
CA LEU F 4664 46.18 -15.43 53.09
C LEU F 4664 46.28 -14.91 51.67
N LYS F 4665 47.40 -14.27 51.30
CA LYS F 4665 47.52 -13.65 49.98
C LYS F 4665 48.42 -14.43 49.02
N VAL F 4666 49.45 -15.10 49.55
CA VAL F 4666 50.34 -15.89 48.70
C VAL F 4666 49.57 -16.90 47.86
N PRO F 4667 48.57 -17.61 48.37
CA PRO F 4667 47.81 -18.52 47.49
C PRO F 4667 47.21 -17.81 46.30
N LEU F 4668 46.69 -16.59 46.49
CA LEU F 4668 46.12 -15.86 45.36
C LEU F 4668 47.18 -15.46 44.36
N VAL F 4669 48.34 -15.02 44.84
CA VAL F 4669 49.43 -14.67 43.92
C VAL F 4669 49.83 -15.88 43.08
N ILE F 4670 50.01 -17.02 43.73
CA ILE F 4670 50.41 -18.23 43.01
C ILE F 4670 49.31 -18.66 42.03
N PHE F 4671 48.05 -18.57 42.45
CA PHE F 4671 46.94 -18.91 41.57
C PHE F 4671 46.96 -18.06 40.31
N LYS F 4672 47.12 -16.75 40.47
CA LYS F 4672 47.09 -15.87 39.32
C LYS F 4672 48.25 -16.17 38.37
N ARG F 4673 49.45 -16.37 38.92
CA ARG F 4673 50.60 -16.65 38.06
C ARG F 4673 50.44 -17.98 37.34
N GLU F 4674 49.98 -19.01 38.04
CA GLU F 4674 49.78 -20.30 37.40
C GLU F 4674 48.73 -20.22 36.31
N LYS F 4675 47.65 -19.47 36.55
CA LYS F 4675 46.59 -19.36 35.57
C LYS F 4675 47.09 -18.68 34.30
N GLU F 4676 47.79 -17.55 34.46
CA GLU F 4676 48.29 -16.89 33.26
C GLU F 4676 49.31 -17.75 32.53
N LEU F 4677 50.17 -18.47 33.26
CA LEU F 4677 51.12 -19.36 32.60
C LEU F 4677 50.41 -20.47 31.83
N ALA F 4678 49.37 -21.06 32.42
CA ALA F 4678 48.66 -22.14 31.74
C ALA F 4678 47.98 -21.63 30.49
N ARG F 4679 47.37 -20.45 30.54
CA ARG F 4679 46.71 -19.93 29.35
C ARG F 4679 47.72 -19.55 28.28
N LYS F 4680 48.89 -19.05 28.67
CA LYS F 4680 49.93 -18.79 27.68
C LYS F 4680 50.45 -20.08 27.07
N LEU F 4681 50.58 -21.15 27.85
CA LEU F 4681 50.98 -22.43 27.28
C LEU F 4681 49.96 -22.92 26.27
N GLU F 4682 48.68 -22.88 26.63
CA GLU F 4682 47.66 -23.51 25.80
C GLU F 4682 47.32 -22.66 24.58
N PHE F 4683 46.86 -21.43 24.79
CA PHE F 4683 46.38 -20.61 23.69
C PHE F 4683 47.48 -19.85 22.97
N ASP F 4684 48.73 -19.95 23.41
CA ASP F 4684 49.82 -19.24 22.76
C ASP F 4684 51.06 -20.09 22.49
N GLY F 4685 51.25 -21.20 23.19
CA GLY F 4685 52.44 -22.00 22.99
C GLY F 4685 53.71 -21.24 23.33
N LEU F 4686 53.72 -20.60 24.50
CA LEU F 4686 54.79 -19.68 24.84
C LEU F 4686 56.15 -20.35 24.81
N TYR F 4687 56.24 -21.56 25.37
CA TYR F 4687 57.47 -22.32 25.37
C TYR F 4687 57.49 -23.39 24.30
N ILE F 4688 56.48 -23.43 23.44
CA ILE F 4688 56.43 -24.35 22.31
C ILE F 4688 56.76 -23.65 21.01
N THR F 4689 56.30 -22.41 20.84
CA THR F 4689 56.45 -21.68 19.59
C THR F 4689 57.35 -20.46 19.72
N GLU F 4690 57.11 -19.57 20.68
CA GLU F 4690 57.83 -18.30 20.68
C GLU F 4690 59.12 -18.34 21.49
N GLN F 4691 59.09 -18.94 22.70
CA GLN F 4691 60.29 -19.05 23.51
C GLN F 4691 60.89 -17.69 23.83
N PRO F 4692 60.32 -16.93 24.79
CA PRO F 4692 60.79 -15.56 25.09
C PRO F 4692 62.30 -15.36 25.07
N GLY F 4693 62.74 -14.19 24.60
CA GLY F 4693 64.14 -13.94 24.32
C GLY F 4693 65.00 -13.44 25.46
N ASP F 4694 64.91 -14.08 26.62
CA ASP F 4694 65.81 -13.92 27.76
C ASP F 4694 65.73 -12.53 28.39
N ASP F 4695 64.92 -11.62 27.87
CA ASP F 4695 64.75 -10.31 28.49
C ASP F 4695 63.52 -10.25 29.38
N ASP F 4696 62.69 -11.29 29.38
CA ASP F 4696 61.50 -11.37 30.20
C ASP F 4696 61.82 -12.26 31.39
N VAL F 4697 62.15 -11.65 32.53
CA VAL F 4697 62.57 -12.42 33.68
C VAL F 4697 61.44 -13.29 34.20
N LYS F 4698 60.20 -12.79 34.13
CA LYS F 4698 59.05 -13.60 34.55
C LYS F 4698 58.93 -14.86 33.72
N GLY F 4699 58.94 -14.72 32.39
CA GLY F 4699 58.84 -15.88 31.53
C GLY F 4699 60.02 -16.83 31.68
N GLN F 4700 61.21 -16.28 31.85
CA GLN F 4700 62.38 -17.13 32.05
C GLN F 4700 62.33 -17.87 33.37
N TRP F 4701 61.74 -17.26 34.39
CA TRP F 4701 61.62 -17.95 35.68
C TRP F 4701 60.54 -19.01 35.64
N ASP F 4702 59.48 -18.81 34.86
CA ASP F 4702 58.42 -19.81 34.81
C ASP F 4702 58.85 -21.12 34.17
N ARG F 4703 60.02 -21.17 33.53
CA ARG F 4703 60.47 -22.43 32.95
C ARG F 4703 60.72 -23.50 33.99
N LEU F 4704 61.05 -23.12 35.22
CA LEU F 4704 61.37 -24.11 36.24
C LEU F 4704 60.16 -24.94 36.66
N VAL F 4705 58.95 -24.46 36.41
CA VAL F 4705 57.75 -25.12 36.92
C VAL F 4705 57.06 -25.99 35.87
N LEU F 4706 57.51 -25.95 34.62
CA LEU F 4706 56.78 -26.63 33.56
C LEU F 4706 56.75 -28.14 33.76
N ASN F 4707 57.90 -28.74 34.05
CA ASN F 4707 58.01 -30.18 34.14
C ASN F 4707 57.78 -30.72 35.54
N THR F 4708 57.48 -29.87 36.50
CA THR F 4708 57.29 -30.32 37.87
C THR F 4708 55.98 -31.10 37.99
N PRO F 4709 55.93 -32.13 38.82
CA PRO F 4709 54.70 -32.93 38.96
C PRO F 4709 53.52 -32.14 39.48
N SER F 4710 53.75 -31.04 40.19
CA SER F 4710 52.67 -30.33 40.84
C SER F 4710 52.54 -28.91 40.33
N PHE F 4711 52.64 -28.73 39.02
CA PHE F 4711 52.62 -27.37 38.47
C PHE F 4711 51.30 -26.67 38.72
N PRO F 4712 50.14 -27.21 38.37
CA PRO F 4712 48.91 -26.47 38.70
C PRO F 4712 48.41 -26.84 40.10
N SER F 4713 49.14 -26.38 41.12
CA SER F 4713 48.77 -26.67 42.50
C SER F 4713 47.57 -25.85 42.93
N ASN F 4714 47.55 -24.56 42.60
CA ASN F 4714 46.45 -23.68 42.97
C ASN F 4714 45.45 -23.47 41.84
N TYR F 4715 45.92 -23.31 40.61
CA TYR F 4715 45.03 -23.19 39.47
C TYR F 4715 44.18 -24.45 39.34
N TRP F 4716 42.88 -24.30 39.10
CA TRP F 4716 41.95 -25.46 39.13
C TRP F 4716 42.17 -26.47 38.03
N ASP F 4717 42.81 -26.08 36.94
CA ASP F 4717 42.88 -26.97 35.78
C ASP F 4717 44.08 -27.88 35.93
N LYS F 4718 43.81 -29.14 36.24
CA LYS F 4718 44.87 -30.13 36.38
C LYS F 4718 45.18 -30.83 35.07
N PHE F 4719 44.42 -30.56 34.02
CA PHE F 4719 44.56 -31.23 32.73
C PHE F 4719 45.20 -30.33 31.69
N VAL F 4720 45.87 -29.27 32.15
CA VAL F 4720 46.47 -28.30 31.23
C VAL F 4720 47.57 -28.95 30.41
N LYS F 4721 48.39 -29.80 31.05
CA LYS F 4721 49.43 -30.50 30.31
C LYS F 4721 48.84 -31.43 29.27
N ARG F 4722 47.75 -32.13 29.62
CA ARG F 4722 47.06 -32.96 28.65
C ARG F 4722 46.59 -32.14 27.46
N LYS F 4723 45.97 -30.99 27.73
CA LYS F 4723 45.44 -30.16 26.65
C LYS F 4723 46.56 -29.63 25.76
N VAL F 4724 47.66 -29.17 26.37
CA VAL F 4724 48.79 -28.68 25.60
C VAL F 4724 49.38 -29.78 24.73
N LEU F 4725 49.49 -30.98 25.29
CA LEU F 4725 49.99 -32.10 24.50
C LEU F 4725 49.06 -32.37 23.33
N ASP F 4726 47.76 -32.52 23.59
CA ASP F 4726 46.83 -32.80 22.51
C ASP F 4726 46.83 -31.70 21.45
N LYS F 4727 47.19 -30.48 21.83
CA LYS F 4727 47.15 -29.38 20.89
C LYS F 4727 48.42 -29.23 20.06
N HIS F 4728 49.59 -29.49 20.65
CA HIS F 4728 50.85 -29.20 19.97
C HIS F 4728 51.73 -30.42 19.70
N GLY F 4729 51.36 -31.60 20.19
CA GLY F 4729 52.25 -32.75 20.05
C GLY F 4729 52.39 -33.22 18.62
N ASP F 4730 51.31 -33.15 17.85
CA ASP F 4730 51.36 -33.61 16.47
C ASP F 4730 52.36 -32.81 15.64
N ILE F 4731 52.41 -31.49 15.84
CA ILE F 4731 53.28 -30.66 15.02
C ILE F 4731 54.68 -30.53 15.62
N PHE F 4732 54.80 -30.50 16.95
CA PHE F 4732 56.11 -30.31 17.57
C PHE F 4732 56.69 -31.56 18.21
N GLY F 4733 55.97 -32.68 18.21
CA GLY F 4733 56.52 -33.90 18.76
C GLY F 4733 55.95 -34.26 20.11
N ARG F 4734 55.23 -35.38 20.17
CA ARG F 4734 54.62 -35.77 21.44
C ARG F 4734 55.66 -36.04 22.50
N GLU F 4735 56.75 -36.72 22.14
CA GLU F 4735 57.81 -37.00 23.11
C GLU F 4735 58.51 -35.73 23.56
N ARG F 4736 58.74 -34.78 22.65
CA ARG F 4736 59.37 -33.53 23.05
C ARG F 4736 58.47 -32.73 23.98
N ILE F 4737 57.17 -32.66 23.68
CA ILE F 4737 56.25 -31.95 24.55
C ILE F 4737 56.15 -32.64 25.90
N ALA F 4738 56.15 -33.97 25.90
CA ALA F 4738 56.09 -34.71 27.15
C ALA F 4738 57.33 -34.48 27.99
N GLU F 4739 58.49 -34.40 27.37
CA GLU F 4739 59.71 -34.09 28.10
C GLU F 4739 59.66 -32.67 28.65
N LEU F 4740 59.17 -31.72 27.85
CA LEU F 4740 59.10 -30.34 28.31
C LEU F 4740 58.18 -30.20 29.51
N LEU F 4741 57.02 -30.85 29.47
CA LEU F 4741 56.05 -30.74 30.55
C LEU F 4741 56.20 -31.81 31.62
N GLY F 4742 57.21 -32.67 31.50
CA GLY F 4742 57.42 -33.70 32.52
C GLY F 4742 56.30 -34.69 32.66
N MET F 4743 55.80 -35.21 31.54
CA MET F 4743 54.68 -36.16 31.55
C MET F 4743 55.16 -37.56 31.21
N ASP F 4744 54.45 -38.56 31.73
CA ASP F 4744 54.66 -39.95 31.37
C ASP F 4744 53.58 -40.34 30.37
N LEU F 4745 54.00 -40.62 29.13
CA LEU F 4745 53.03 -40.94 28.08
C LEU F 4745 52.37 -42.29 28.35
N ALA F 4746 53.09 -43.20 29.01
CA ALA F 4746 52.53 -44.51 29.31
C ALA F 4746 51.45 -44.45 30.37
N SER F 4747 51.56 -43.53 31.34
CA SER F 4747 50.61 -43.46 32.45
C SER F 4747 49.26 -42.90 32.06
N LEU F 4748 49.18 -42.18 30.94
CA LEU F 4748 47.91 -41.59 30.53
C LEU F 4748 46.85 -42.66 30.30
N GLU F 4749 47.23 -43.73 29.60
CA GLU F 4749 46.30 -44.81 29.32
C GLU F 4749 45.79 -45.44 30.60
N ILE F 4750 46.67 -45.79 31.53
CA ILE F 4750 46.23 -46.48 32.74
C ILE F 4750 45.39 -45.57 33.63
N THR F 4751 45.72 -44.27 33.66
CA THR F 4751 44.88 -43.33 34.39
C THR F 4751 43.48 -43.26 33.80
N ALA F 4752 43.37 -43.27 32.47
CA ALA F 4752 42.06 -43.42 31.87
C ALA F 4752 41.46 -44.80 32.15
N HIS F 4753 42.30 -45.82 32.36
CA HIS F 4753 41.82 -47.18 32.55
C HIS F 4753 41.07 -47.31 33.86
N ASN F 4754 41.75 -47.09 34.97
CA ASN F 4754 41.13 -47.31 36.28
C ASN F 4754 41.85 -46.45 37.31
N GLU F 4755 41.39 -46.55 38.56
CA GLU F 4755 41.93 -45.77 39.65
C GLU F 4755 42.61 -46.69 40.65
N ARG F 4756 43.81 -46.30 41.09
CA ARG F 4756 44.56 -47.03 42.09
C ARG F 4756 44.38 -46.36 43.45
N LYS F 4757 44.21 -47.19 44.49
CA LYS F 4757 44.02 -46.72 45.86
C LYS F 4757 45.20 -47.19 46.69
N PRO F 4758 46.31 -46.47 46.68
CA PRO F 4758 47.48 -46.89 47.45
C PRO F 4758 47.31 -46.56 48.93
N ASP F 4759 48.35 -46.84 49.71
CA ASP F 4759 48.35 -46.54 51.13
C ASP F 4759 49.03 -45.20 51.36
N PRO F 4760 48.31 -44.19 51.84
CA PRO F 4760 48.94 -42.90 52.20
C PRO F 4760 49.36 -42.88 53.66
N PRO F 4761 50.52 -43.42 54.01
CA PRO F 4761 50.90 -43.51 55.42
C PRO F 4761 51.12 -42.12 56.02
N PRO F 4762 50.53 -41.84 57.18
CA PRO F 4762 50.68 -40.53 57.83
C PRO F 4762 51.99 -40.39 58.61
N GLY F 4763 53.10 -40.56 57.93
CA GLY F 4763 54.43 -40.47 58.54
C GLY F 4763 55.20 -39.29 58.00
N LEU F 4764 55.91 -38.61 58.89
CA LEU F 4764 56.73 -37.46 58.48
C LEU F 4764 57.89 -37.90 57.59
N LEU F 4765 58.45 -39.09 57.85
CA LEU F 4765 59.50 -39.60 56.97
C LEU F 4765 58.99 -39.77 55.55
N THR F 4766 57.80 -40.36 55.39
CA THR F 4766 57.21 -40.47 54.05
C THR F 4766 56.88 -39.10 53.48
N TRP F 4767 56.43 -38.17 54.33
CA TRP F 4767 56.15 -36.81 53.90
C TRP F 4767 57.38 -36.10 53.40
N LEU F 4768 58.57 -36.51 53.84
CA LEU F 4768 59.79 -35.80 53.47
C LEU F 4768 59.97 -35.75 51.95
N MET F 4769 60.18 -36.90 51.31
CA MET F 4769 60.43 -36.89 49.87
C MET F 4769 59.19 -36.61 49.04
N SER F 4770 58.03 -36.49 49.67
CA SER F 4770 56.82 -36.09 48.94
C SER F 4770 56.81 -34.61 48.59
N ILE F 4771 57.93 -33.91 48.75
CA ILE F 4771 58.00 -32.49 48.48
C ILE F 4771 58.66 -32.27 47.12
N ASP F 4772 58.05 -31.43 46.30
CA ASP F 4772 58.55 -31.14 44.96
C ASP F 4772 59.51 -29.96 45.07
N VAL F 4773 60.81 -30.26 45.12
CA VAL F 4773 61.81 -29.25 45.45
C VAL F 4773 61.85 -28.16 44.38
N LYS F 4774 61.81 -28.55 43.11
CA LYS F 4774 61.90 -27.57 42.03
C LYS F 4774 60.69 -26.64 42.04
N TYR F 4775 59.50 -27.19 42.25
CA TYR F 4775 58.30 -26.37 42.35
C TYR F 4775 58.40 -25.42 43.55
N GLN F 4776 58.93 -25.91 44.67
CA GLN F 4776 59.06 -25.05 45.84
C GLN F 4776 60.04 -23.92 45.59
N ILE F 4777 61.13 -24.20 44.88
CA ILE F 4777 62.08 -23.14 44.53
C ILE F 4777 61.40 -22.09 43.66
N TRP F 4778 60.64 -22.53 42.67
CA TRP F 4778 59.92 -21.59 41.82
C TRP F 4778 58.94 -20.76 42.63
N LYS F 4779 58.19 -21.40 43.53
CA LYS F 4779 57.21 -20.68 44.33
C LYS F 4779 57.88 -19.66 45.24
N PHE F 4780 59.01 -20.04 45.84
CA PHE F 4780 59.71 -19.10 46.70
C PHE F 4780 60.26 -17.93 45.92
N GLY F 4781 60.71 -18.16 44.69
CA GLY F 4781 61.10 -17.04 43.85
C GLY F 4781 59.94 -16.11 43.57
N VAL F 4782 58.78 -16.67 43.23
CA VAL F 4782 57.59 -15.86 42.98
C VAL F 4782 57.23 -15.04 44.20
N ILE F 4783 57.28 -15.66 45.39
CA ILE F 4783 56.95 -14.95 46.62
C ILE F 4783 57.97 -13.85 46.90
N PHE F 4784 59.26 -14.17 46.81
CA PHE F 4784 60.28 -13.21 47.15
C PHE F 4784 60.38 -12.07 46.14
N THR F 4785 59.75 -12.21 44.98
CA THR F 4785 59.64 -11.09 44.04
C THR F 4785 58.38 -10.28 44.26
N ASP F 4786 57.58 -10.58 45.28
CA ASP F 4786 56.33 -9.89 45.53
C ASP F 4786 56.55 -8.69 46.45
N ASN F 4787 55.94 -7.57 46.10
CA ASN F 4787 56.21 -6.32 46.81
C ASN F 4787 55.71 -6.37 48.24
N SER F 4788 54.50 -6.86 48.46
CA SER F 4788 53.94 -6.88 49.81
C SER F 4788 54.74 -7.80 50.71
N PHE F 4789 55.09 -8.99 50.21
CA PHE F 4789 55.91 -9.89 51.01
C PHE F 4789 57.27 -9.28 51.30
N LEU F 4790 57.87 -8.60 50.32
CA LEU F 4790 59.16 -7.97 50.54
C LEU F 4790 59.05 -6.89 51.61
N TYR F 4791 57.97 -6.11 51.59
CA TYR F 4791 57.77 -5.09 52.61
C TYR F 4791 57.63 -5.71 53.99
N LEU F 4792 56.85 -6.79 54.09
CA LEU F 4792 56.67 -7.44 55.38
C LEU F 4792 57.99 -8.02 55.88
N GLY F 4793 58.78 -8.60 54.97
CA GLY F 4793 60.07 -9.11 55.36
C GLY F 4793 61.02 -8.03 55.84
N TRP F 4794 61.01 -6.88 55.18
CA TRP F 4794 61.83 -5.76 55.63
C TRP F 4794 61.37 -5.26 56.99
N TYR F 4795 60.05 -5.23 57.20
CA TYR F 4795 59.51 -4.90 58.51
C TYR F 4795 60.03 -5.84 59.58
N MET F 4796 59.99 -7.15 59.31
CA MET F 4796 60.46 -8.13 60.27
C MET F 4796 61.95 -7.96 60.54
N VAL F 4797 62.72 -7.73 59.48
CA VAL F 4797 64.17 -7.55 59.64
C VAL F 4797 64.48 -6.33 60.49
N MET F 4798 63.77 -5.22 60.23
CA MET F 4798 64.00 -4.03 61.03
C MET F 4798 63.59 -4.26 62.48
N SER F 4799 62.52 -5.04 62.71
CA SER F 4799 62.15 -5.38 64.07
C SER F 4799 63.26 -6.16 64.76
N LEU F 4800 63.86 -7.12 64.04
CA LEU F 4800 64.98 -7.87 64.62
C LEU F 4800 66.15 -6.95 64.94
N LEU F 4801 66.47 -6.03 64.03
CA LEU F 4801 67.57 -5.10 64.28
C LEU F 4801 67.26 -4.17 65.45
N GLY F 4802 65.97 -3.95 65.73
CA GLY F 4802 65.60 -3.12 66.86
C GLY F 4802 66.10 -3.65 68.19
N HIS F 4803 66.38 -4.96 68.26
CA HIS F 4803 66.94 -5.52 69.47
C HIS F 4803 68.43 -5.26 69.55
N TYR F 4804 69.12 -5.24 68.42
CA TYR F 4804 70.50 -4.78 68.40
C TYR F 4804 70.59 -3.33 68.84
N ASN F 4805 69.67 -2.49 68.36
CA ASN F 4805 69.61 -1.09 68.74
C ASN F 4805 68.16 -0.63 68.67
N ASN F 4806 67.65 -0.16 69.81
CA ASN F 4806 66.23 0.17 69.90
C ASN F 4806 65.82 1.28 68.95
N PHE F 4807 66.75 2.14 68.52
CA PHE F 4807 66.38 3.23 67.64
C PHE F 4807 66.02 2.74 66.24
N PHE F 4808 66.31 1.48 65.92
CA PHE F 4808 65.86 0.94 64.64
C PHE F 4808 64.36 0.75 64.61
N PHE F 4809 63.69 0.84 65.75
CA PHE F 4809 62.24 0.77 65.76
C PHE F 4809 61.61 2.03 65.19
N ALA F 4810 62.40 3.09 64.98
CA ALA F 4810 61.87 4.30 64.36
C ALA F 4810 61.47 4.04 62.92
N ALA F 4811 62.15 3.11 62.26
CA ALA F 4811 61.85 2.83 60.85
C ALA F 4811 60.44 2.30 60.68
N HIS F 4812 59.90 1.60 61.69
CA HIS F 4812 58.57 1.05 61.58
C HIS F 4812 57.50 2.13 61.64
N LEU F 4813 57.86 3.35 62.03
CA LEU F 4813 56.92 4.46 61.95
C LEU F 4813 56.56 4.79 60.51
N LEU F 4814 57.42 4.45 59.56
CA LEU F 4814 57.13 4.71 58.15
C LEU F 4814 55.97 3.85 57.67
N ASP F 4815 55.58 2.85 58.44
CA ASP F 4815 54.47 1.96 58.09
C ASP F 4815 53.17 2.74 58.03
N ILE F 4816 53.15 3.94 58.62
CA ILE F 4816 51.98 4.81 58.54
C ILE F 4816 51.65 5.18 57.10
N ALA F 4817 52.61 5.06 56.19
CA ALA F 4817 52.36 5.41 54.80
C ALA F 4817 51.37 4.45 54.15
N MET F 4818 51.55 3.14 54.35
CA MET F 4818 50.65 2.15 53.79
C MET F 4818 49.53 1.74 54.74
N GLY F 4819 49.70 1.94 56.04
CA GLY F 4819 48.62 1.66 56.97
C GLY F 4819 47.45 2.61 56.79
N VAL F 4820 47.73 3.85 56.42
CA VAL F 4820 46.70 4.87 56.25
C VAL F 4820 46.52 5.14 54.77
N LYS F 4821 45.30 4.93 54.28
CA LYS F 4821 44.99 5.15 52.88
C LYS F 4821 45.19 6.60 52.48
N THR F 4822 44.83 7.54 53.35
CA THR F 4822 45.00 8.95 53.01
C THR F 4822 46.48 9.30 52.81
N LEU F 4823 47.34 8.82 53.70
CA LEU F 4823 48.77 9.08 53.54
C LEU F 4823 49.32 8.36 52.32
N ARG F 4824 48.79 7.17 52.02
CA ARG F 4824 49.24 6.47 50.81
C ARG F 4824 48.89 7.28 49.57
N THR F 4825 47.69 7.86 49.53
CA THR F 4825 47.32 8.72 48.41
C THR F 4825 48.20 9.96 48.34
N ILE F 4826 48.48 10.58 49.49
CA ILE F 4826 49.32 11.78 49.49
C ILE F 4826 50.71 11.46 48.97
N LEU F 4827 51.24 10.29 49.32
CA LEU F 4827 52.55 9.90 48.82
C LEU F 4827 52.51 9.50 47.35
N SER F 4828 51.39 8.94 46.90
CA SER F 4828 51.22 8.72 45.47
C SER F 4828 51.22 10.02 44.70
N SER F 4829 50.73 11.08 45.34
CA SER F 4829 50.79 12.43 44.76
C SER F 4829 52.22 12.93 44.59
N VAL F 4830 53.19 12.29 45.23
CA VAL F 4830 54.59 12.59 45.00
C VAL F 4830 55.23 11.61 44.04
N THR F 4831 54.93 10.32 44.19
CA THR F 4831 55.52 9.28 43.37
C THR F 4831 54.95 9.22 41.97
N HIS F 4832 53.88 9.96 41.67
CA HIS F 4832 53.32 9.95 40.33
C HIS F 4832 54.32 10.47 39.31
N ASN F 4833 55.01 11.55 39.64
CA ASN F 4833 55.97 12.19 38.75
C ASN F 4833 57.40 12.00 39.25
N GLY F 4834 57.70 10.81 39.76
CA GLY F 4834 59.01 10.56 40.34
C GLY F 4834 60.13 10.68 39.33
N LYS F 4835 59.92 10.16 38.13
CA LYS F 4835 60.96 10.27 37.10
C LYS F 4835 61.20 11.72 36.72
N GLN F 4836 60.12 12.50 36.62
CA GLN F 4836 60.28 13.93 36.33
C GLN F 4836 61.05 14.63 37.44
N LEU F 4837 60.75 14.29 38.70
CA LEU F 4837 61.47 14.90 39.81
C LEU F 4837 62.95 14.54 39.79
N VAL F 4838 63.26 13.27 39.51
CA VAL F 4838 64.66 12.87 39.42
C VAL F 4838 65.37 13.60 38.29
N MET F 4839 64.71 13.70 37.14
CA MET F 4839 65.32 14.38 36.00
C MET F 4839 65.54 15.86 36.28
N THR F 4840 64.58 16.53 36.93
CA THR F 4840 64.77 17.94 37.23
C THR F 4840 65.84 18.14 38.29
N VAL F 4841 65.99 17.20 39.23
CA VAL F 4841 67.09 17.30 40.18
C VAL F 4841 68.43 17.14 39.46
N GLY F 4842 68.52 16.21 38.52
CA GLY F 4842 69.75 16.08 37.74
C GLY F 4842 70.05 17.32 36.93
N LEU F 4843 69.02 17.93 36.36
CA LEU F 4843 69.20 19.18 35.64
C LEU F 4843 69.70 20.28 36.56
N LEU F 4844 69.16 20.34 37.78
CA LEU F 4844 69.64 21.30 38.76
C LEU F 4844 71.11 21.07 39.07
N ALA F 4845 71.51 19.81 39.20
CA ALA F 4845 72.92 19.50 39.44
C ALA F 4845 73.78 19.99 38.28
N VAL F 4846 73.32 19.79 37.04
CA VAL F 4846 74.10 20.21 35.88
C VAL F 4846 74.25 21.73 35.83
N VAL F 4847 73.16 22.46 36.08
CA VAL F 4847 73.24 23.93 35.99
C VAL F 4847 74.10 24.47 37.12
N VAL F 4848 74.01 23.87 38.30
CA VAL F 4848 74.88 24.30 39.40
C VAL F 4848 76.33 23.99 39.07
N TYR F 4849 76.58 22.90 38.36
CA TYR F 4849 77.94 22.60 37.92
C TYR F 4849 78.46 23.64 36.95
N LEU F 4850 77.61 24.10 36.04
CA LEU F 4850 78.04 25.16 35.12
C LEU F 4850 78.38 26.43 35.88
N TYR F 4851 77.54 26.80 36.85
CA TYR F 4851 77.85 27.97 37.66
C TYR F 4851 79.13 27.78 38.45
N THR F 4852 79.37 26.56 38.92
CA THR F 4852 80.62 26.25 39.61
C THR F 4852 81.82 26.44 38.69
N VAL F 4853 81.70 26.02 37.43
CA VAL F 4853 82.79 26.19 36.48
C VAL F 4853 83.09 27.67 36.29
N VAL F 4854 82.04 28.47 36.09
CA VAL F 4854 82.23 29.90 35.90
C VAL F 4854 82.88 30.53 37.12
N ALA F 4855 82.39 30.17 38.31
CA ALA F 4855 82.94 30.74 39.54
C ALA F 4855 84.40 30.35 39.72
N PHE F 4856 84.73 29.09 39.45
CA PHE F 4856 86.11 28.64 39.57
C PHE F 4856 87.02 29.40 38.63
N ASN F 4857 86.56 29.66 37.41
CA ASN F 4857 87.44 30.32 36.45
C ASN F 4857 87.57 31.80 36.72
N PHE F 4858 86.53 32.46 37.23
CA PHE F 4858 86.58 33.92 37.31
C PHE F 4858 86.37 34.52 38.70
N PHE F 4859 85.46 33.99 39.51
CA PHE F 4859 85.02 34.66 40.73
C PHE F 4859 85.61 34.02 41.98
N ARG F 4860 86.86 33.56 41.90
CA ARG F 4860 87.44 32.79 43.00
C ARG F 4860 87.69 33.65 44.24
N LYS F 4861 88.01 34.93 44.05
CA LYS F 4861 88.38 35.76 45.19
C LYS F 4861 87.20 36.05 46.10
N PHE F 4862 86.00 35.74 45.65
CA PHE F 4862 84.79 36.04 46.41
C PHE F 4862 84.33 34.89 47.29
N TYR F 4863 85.07 33.78 47.32
CA TYR F 4863 84.65 32.59 48.06
C TYR F 4863 85.50 32.35 49.29
N ASN F 4864 85.91 33.42 49.97
CA ASN F 4864 86.61 33.33 51.24
C ASN F 4864 85.58 33.34 52.35
N LYS F 4865 85.36 32.18 52.98
CA LYS F 4865 84.38 32.03 54.06
C LYS F 4865 85.06 31.98 55.41
N SER F 4866 86.14 32.74 55.60
CA SER F 4866 86.86 32.79 56.86
C SER F 4866 86.93 34.23 57.32
N GLU F 4867 86.42 34.50 58.52
CA GLU F 4867 86.54 35.83 59.10
C GLU F 4867 87.97 36.15 59.50
N ASP F 4868 88.80 35.14 59.69
CA ASP F 4868 90.20 35.35 60.05
C ASP F 4868 90.93 36.04 58.91
N GLU F 4869 92.00 36.77 59.26
CA GLU F 4869 92.78 37.51 58.30
C GLU F 4869 93.97 36.76 57.74
N ASP F 4870 94.62 35.90 58.53
CA ASP F 4870 95.87 35.29 58.09
C ASP F 4870 95.70 33.86 57.57
N GLU F 4871 94.68 33.14 57.99
CA GLU F 4871 94.39 31.82 57.43
C GLU F 4871 93.03 31.87 56.74
N PRO F 4872 92.99 32.03 55.42
CA PRO F 4872 91.70 32.10 54.73
C PRO F 4872 91.16 30.73 54.41
N ASP F 4873 89.83 30.62 54.42
CA ASP F 4873 89.13 29.40 54.03
C ASP F 4873 88.49 29.63 52.66
N MET F 4874 89.27 29.40 51.62
CA MET F 4874 88.77 29.59 50.27
C MET F 4874 87.99 28.37 49.83
N LYS F 4875 86.73 28.59 49.44
CA LYS F 4875 85.83 27.50 49.12
C LYS F 4875 85.85 27.12 47.65
N CYS F 4876 86.54 27.87 46.80
CA CYS F 4876 86.52 27.59 45.37
C CYS F 4876 87.93 27.46 44.80
N ASP F 4877 88.89 27.05 45.63
CA ASP F 4877 90.22 26.74 45.11
C ASP F 4877 90.33 25.33 44.56
N ASP F 4878 89.29 24.51 44.68
CA ASP F 4878 89.23 23.20 44.07
C ASP F 4878 87.86 23.05 43.44
N MET F 4879 87.82 22.34 42.31
CA MET F 4879 86.55 22.18 41.62
C MET F 4879 85.56 21.38 42.47
N MET F 4880 86.02 20.32 43.12
CA MET F 4880 85.13 19.52 43.96
C MET F 4880 84.61 20.32 45.13
N THR F 4881 85.49 21.06 45.80
CA THR F 4881 85.07 21.86 46.93
C THR F 4881 84.08 22.95 46.50
N CYS F 4882 84.34 23.60 45.38
CA CYS F 4882 83.43 24.64 44.90
C CYS F 4882 82.08 24.06 44.52
N TYR F 4883 82.07 22.90 43.87
CA TYR F 4883 80.81 22.28 43.48
C TYR F 4883 80.00 21.87 44.71
N LEU F 4884 80.68 21.30 45.71
CA LEU F 4884 80.00 20.97 46.95
C LEU F 4884 79.46 22.22 47.63
N PHE F 4885 80.26 23.28 47.66
CA PHE F 4885 79.81 24.52 48.29
C PHE F 4885 78.56 25.06 47.60
N HIS F 4886 78.57 25.10 46.27
CA HIS F 4886 77.38 25.54 45.56
C HIS F 4886 76.18 24.66 45.89
N MET F 4887 76.28 23.36 45.60
CA MET F 4887 75.14 22.47 45.78
C MET F 4887 74.66 22.45 47.22
N TYR F 4888 75.50 22.82 48.18
CA TYR F 4888 75.12 22.73 49.59
C TYR F 4888 74.54 24.04 50.13
N VAL F 4889 75.15 25.18 49.79
CA VAL F 4889 74.72 26.43 50.41
C VAL F 4889 73.93 27.29 49.43
N GLY F 4890 74.30 27.29 48.16
CA GLY F 4890 73.62 28.17 47.22
C GLY F 4890 72.19 27.75 46.96
N VAL F 4891 71.96 26.44 46.84
CA VAL F 4891 70.61 25.95 46.58
C VAL F 4891 69.72 26.20 47.79
N ARG F 4892 70.25 25.99 49.00
CA ARG F 4892 69.45 26.19 50.19
C ARG F 4892 69.31 27.65 50.58
N ALA F 4893 70.15 28.54 50.04
CA ALA F 4893 70.03 29.95 50.35
C ALA F 4893 68.81 30.54 49.66
N GLY F 4894 68.15 31.47 50.34
CA GLY F 4894 66.95 32.08 49.78
C GLY F 4894 67.23 32.91 48.56
N GLY F 4895 68.35 33.61 48.54
CA GLY F 4895 68.68 34.47 47.42
C GLY F 4895 69.74 33.91 46.50
N GLY F 4896 70.06 32.64 46.64
CA GLY F 4896 71.06 32.04 45.80
C GLY F 4896 72.45 32.17 46.41
N ILE F 4897 73.46 31.96 45.55
CA ILE F 4897 74.84 31.94 46.02
C ILE F 4897 75.31 33.33 46.43
N GLY F 4898 74.69 34.37 45.87
CA GLY F 4898 75.12 35.73 46.19
C GLY F 4898 74.88 36.10 47.64
N ASP F 4899 73.98 35.37 48.29
CA ASP F 4899 73.78 35.57 49.72
C ASP F 4899 75.00 35.15 50.52
N GLU F 4900 75.67 34.08 50.07
CA GLU F 4900 76.79 33.54 50.83
C GLU F 4900 78.10 34.18 50.45
N ILE F 4901 78.38 34.30 49.15
CA ILE F 4901 79.69 34.79 48.75
C ILE F 4901 79.81 36.29 49.02
N GLU F 4902 81.03 36.80 48.87
CA GLU F 4902 81.37 38.16 49.30
C GLU F 4902 80.68 39.21 48.45
N ASP F 4903 80.68 40.44 48.97
CA ASP F 4903 80.01 41.55 48.29
C ASP F 4903 80.85 42.02 47.11
N PRO F 4904 80.27 42.13 45.91
CA PRO F 4904 81.05 42.54 44.74
C PRO F 4904 81.09 44.04 44.50
N ALA F 4905 80.62 44.83 45.46
CA ALA F 4905 80.58 46.28 45.26
C ALA F 4905 81.99 46.84 45.12
N GLY F 4906 82.15 47.76 44.17
CA GLY F 4906 83.46 48.36 43.95
C GLY F 4906 84.50 47.39 43.44
N ASP F 4907 84.14 46.57 42.47
CA ASP F 4907 85.06 45.60 41.88
C ASP F 4907 85.01 45.73 40.36
N GLU F 4908 86.11 45.32 39.72
CA GLU F 4908 86.17 45.40 38.26
C GLU F 4908 85.21 44.40 37.62
N TYR F 4909 84.78 43.39 38.37
CA TYR F 4909 83.86 42.38 37.89
C TYR F 4909 82.48 42.50 38.52
N GLU F 4910 82.09 43.71 38.95
CA GLU F 4910 80.85 43.88 39.68
C GLU F 4910 79.65 43.46 38.84
N LEU F 4911 79.55 43.98 37.61
CA LEU F 4911 78.38 43.69 36.79
C LEU F 4911 78.33 42.22 36.40
N TYR F 4912 79.48 41.64 36.06
CA TYR F 4912 79.51 40.22 35.74
C TYR F 4912 79.02 39.39 36.92
N ARG F 4913 79.45 39.77 38.13
CA ARG F 4913 79.06 39.00 39.30
C ARG F 4913 77.59 39.20 39.67
N VAL F 4914 77.05 40.41 39.47
CA VAL F 4914 75.63 40.60 39.75
C VAL F 4914 74.78 39.83 38.76
N VAL F 4915 75.21 39.75 37.50
CA VAL F 4915 74.51 38.91 36.52
C VAL F 4915 74.60 37.45 36.94
N PHE F 4916 75.78 37.03 37.38
CA PHE F 4916 75.96 35.67 37.90
C PHE F 4916 74.96 35.36 39.00
N ASP F 4917 74.89 36.22 40.01
CA ASP F 4917 74.02 35.98 41.15
C ASP F 4917 72.54 36.01 40.76
N ILE F 4918 72.14 37.00 39.97
CA ILE F 4918 70.73 37.13 39.61
C ILE F 4918 70.27 35.96 38.76
N THR F 4919 71.07 35.55 37.78
CA THR F 4919 70.69 34.41 36.96
C THR F 4919 70.69 33.13 37.78
N PHE F 4920 71.62 32.96 38.71
CA PHE F 4920 71.57 31.80 39.59
C PHE F 4920 70.28 31.78 40.39
N PHE F 4921 69.89 32.92 40.95
CA PHE F 4921 68.65 33.01 41.72
C PHE F 4921 67.44 32.69 40.86
N PHE F 4922 67.38 33.21 39.65
CA PHE F 4922 66.20 33.01 38.81
C PHE F 4922 66.11 31.57 38.31
N PHE F 4923 67.21 31.02 37.79
CA PHE F 4923 67.15 29.69 37.21
C PHE F 4923 67.06 28.61 38.28
N VAL F 4924 67.84 28.72 39.35
CA VAL F 4924 67.94 27.65 40.33
C VAL F 4924 66.85 27.79 41.39
N ILE F 4925 66.87 28.92 42.10
CA ILE F 4925 65.99 29.08 43.25
C ILE F 4925 64.54 29.20 42.81
N VAL F 4926 64.28 29.97 41.76
CA VAL F 4926 62.91 30.25 41.36
C VAL F 4926 62.39 29.15 40.44
N ILE F 4927 63.02 29.01 39.27
CA ILE F 4927 62.43 28.22 38.20
C ILE F 4927 62.45 26.73 38.54
N LEU F 4928 63.59 26.20 38.94
CA LEU F 4928 63.69 24.75 39.09
C LEU F 4928 62.93 24.25 40.32
N LEU F 4929 63.05 24.95 41.44
CA LEU F 4929 62.25 24.58 42.59
C LEU F 4929 60.75 24.72 42.30
N ALA F 4930 60.37 25.77 41.57
CA ALA F 4930 58.98 25.90 41.16
C ALA F 4930 58.54 24.74 40.29
N ILE F 4931 59.43 24.25 39.43
CA ILE F 4931 59.12 23.07 38.61
C ILE F 4931 58.84 21.87 39.50
N ILE F 4932 59.65 21.69 40.55
CA ILE F 4932 59.44 20.57 41.46
C ILE F 4932 58.07 20.66 42.12
N GLN F 4933 57.75 21.84 42.67
CA GLN F 4933 56.43 22.02 43.27
C GLN F 4933 55.31 21.77 42.27
N GLY F 4934 55.49 22.23 41.04
CA GLY F 4934 54.46 22.05 40.03
C GLY F 4934 54.27 20.60 39.64
N LEU F 4935 55.37 19.82 39.60
CA LEU F 4935 55.23 18.40 39.36
C LEU F 4935 54.39 17.76 40.44
N ILE F 4936 54.66 18.10 41.71
CA ILE F 4936 53.84 17.56 42.79
C ILE F 4936 52.37 17.97 42.62
N ILE F 4937 52.13 19.23 42.30
CA ILE F 4937 50.77 19.75 42.31
C ILE F 4937 49.98 19.18 41.14
N ASP F 4938 50.63 19.06 39.98
CA ASP F 4938 49.99 18.42 38.84
C ASP F 4938 49.71 16.96 39.11
N ALA F 4939 50.56 16.28 39.89
CA ALA F 4939 50.24 14.91 40.29
C ALA F 4939 48.97 14.87 41.14
N PHE F 4940 48.84 15.80 42.09
CA PHE F 4940 47.59 15.91 42.84
C PHE F 4940 46.39 16.05 41.91
N GLY F 4941 46.46 17.03 41.00
CA GLY F 4941 45.34 17.26 40.11
C GLY F 4941 45.02 16.07 39.24
N GLU F 4942 46.07 15.39 38.75
CA GLU F 4942 45.87 14.24 37.89
C GLU F 4942 45.16 13.12 38.64
N LEU F 4943 45.59 12.83 39.86
CA LEU F 4943 44.92 11.78 40.63
C LEU F 4943 43.46 12.14 40.89
N ARG F 4944 43.19 13.40 41.24
CA ARG F 4944 41.82 13.80 41.50
C ARG F 4944 40.95 13.64 40.26
N ASP F 4945 41.45 14.08 39.10
CA ASP F 4945 40.63 13.97 37.90
C ASP F 4945 40.49 12.52 37.45
N GLN F 4946 41.46 11.67 37.77
CA GLN F 4946 41.28 10.24 37.50
C GLN F 4946 40.12 9.68 38.30
N GLN F 4947 40.08 9.99 39.60
CA GLN F 4947 38.96 9.52 40.41
C GLN F 4947 37.63 10.05 39.88
N GLU F 4948 37.58 11.34 39.54
CA GLU F 4948 36.35 11.91 39.02
C GLU F 4948 35.94 11.25 37.71
N GLN F 4949 36.89 10.98 36.83
CA GLN F 4949 36.57 10.37 35.54
C GLN F 4949 36.03 8.96 35.73
N VAL F 4950 36.61 8.20 36.65
CA VAL F 4950 36.12 6.86 36.90
C VAL F 4950 34.70 6.90 37.44
N LYS F 4951 34.44 7.79 38.41
CA LYS F 4951 33.09 7.91 38.95
C LYS F 4951 32.10 8.33 37.87
N GLU F 4952 32.48 9.29 37.04
CA GLU F 4952 31.59 9.75 35.98
C GLU F 4952 31.27 8.66 34.99
N ASP F 4953 32.27 7.88 34.58
CA ASP F 4953 32.02 6.79 33.65
C ASP F 4953 31.10 5.75 34.26
N MET F 4954 31.33 5.39 35.53
CA MET F 4954 30.49 4.38 36.15
C MET F 4954 29.06 4.86 36.32
N GLU F 4955 28.85 6.15 36.58
CA GLU F 4955 27.51 6.67 36.75
C GLU F 4955 26.85 7.08 35.44
N THR F 4956 27.57 7.10 34.33
CA THR F 4956 26.99 7.51 33.06
C THR F 4956 26.90 6.41 32.02
N LYS F 4957 27.62 5.31 32.17
CA LYS F 4957 27.56 4.22 31.21
C LYS F 4957 27.35 2.90 31.94
N CYS F 4958 26.73 1.96 31.25
CA CYS F 4958 26.67 0.60 31.77
C CYS F 4958 28.00 -0.09 31.57
N PHE F 4959 28.51 -0.69 32.65
CA PHE F 4959 29.79 -1.37 32.60
C PHE F 4959 29.81 -2.52 31.61
N ILE F 4960 28.65 -3.08 31.28
CA ILE F 4960 28.60 -4.29 30.47
C ILE F 4960 28.35 -3.94 29.01
N CYS F 4961 27.22 -3.28 28.72
CA CYS F 4961 26.87 -3.01 27.34
C CYS F 4961 27.41 -1.69 26.81
N GLY F 4962 27.79 -0.78 27.70
CA GLY F 4962 28.36 0.49 27.29
C GLY F 4962 27.36 1.54 26.88
N ILE F 4963 26.06 1.22 26.87
CA ILE F 4963 25.04 2.21 26.52
C ILE F 4963 24.93 3.24 27.64
N GLY F 4964 24.84 4.50 27.25
CA GLY F 4964 24.83 5.57 28.23
C GLY F 4964 23.55 5.63 29.03
N SER F 4965 23.63 6.33 30.17
CA SER F 4965 22.47 6.48 31.03
C SER F 4965 21.35 7.27 30.37
N ASP F 4966 21.68 8.12 29.39
CA ASP F 4966 20.65 8.94 28.76
C ASP F 4966 19.60 8.08 28.07
N TYR F 4967 20.02 7.01 27.40
CA TYR F 4967 19.06 6.13 26.75
C TYR F 4967 18.15 5.48 27.76
N PHE F 4968 18.70 5.03 28.89
CA PHE F 4968 17.89 4.34 29.88
C PHE F 4968 17.01 5.30 30.66
N ASP F 4969 17.35 6.58 30.66
CA ASP F 4969 16.58 7.55 31.44
C ASP F 4969 15.26 7.92 30.80
N THR F 4970 15.00 7.49 29.55
CA THR F 4970 13.69 7.73 28.96
C THR F 4970 12.60 7.14 29.83
N THR F 4971 12.78 5.92 30.28
CA THR F 4971 11.97 5.36 31.34
C THR F 4971 12.53 5.80 32.69
N PRO F 4972 11.69 6.27 33.61
CA PRO F 4972 12.21 6.74 34.91
C PRO F 4972 12.96 5.64 35.65
N HIS F 4973 14.06 6.03 36.30
CA HIS F 4973 14.95 5.11 37.01
C HIS F 4973 15.49 4.02 36.10
N GLY F 4974 15.50 4.29 34.79
CA GLY F 4974 15.86 3.26 33.84
C GLY F 4974 17.29 2.77 34.00
N PHE F 4975 18.23 3.70 34.20
CA PHE F 4975 19.62 3.30 34.34
C PHE F 4975 19.83 2.53 35.64
N GLU F 4976 19.20 2.97 36.72
CA GLU F 4976 19.34 2.26 37.99
C GLU F 4976 18.79 0.84 37.89
N THR F 4977 17.61 0.68 37.29
CA THR F 4977 17.06 -0.66 37.13
C THR F 4977 17.90 -1.49 36.17
N HIS F 4978 18.46 -0.87 35.13
CA HIS F 4978 19.29 -1.59 34.19
C HIS F 4978 20.55 -2.12 34.86
N THR F 4979 21.15 -1.31 35.73
CA THR F 4979 22.38 -1.74 36.38
C THR F 4979 22.15 -2.59 37.62
N LEU F 4980 20.92 -2.64 38.14
CA LEU F 4980 20.64 -3.51 39.27
C LEU F 4980 19.98 -4.83 38.89
N GLU F 4981 19.25 -4.88 37.78
CA GLU F 4981 18.50 -6.07 37.39
C GLU F 4981 18.93 -6.61 36.04
N GLU F 4982 19.12 -5.74 35.04
CA GLU F 4982 19.32 -6.21 33.69
C GLU F 4982 20.77 -6.59 33.41
N HIS F 4983 21.71 -5.71 33.74
CA HIS F 4983 23.13 -5.91 33.44
C HIS F 4983 23.99 -5.75 34.67
N ASN F 4984 23.57 -6.32 35.79
CA ASN F 4984 24.37 -6.25 37.00
C ASN F 4984 25.59 -7.16 36.87
N LEU F 4985 26.78 -6.61 37.09
CA LEU F 4985 28.00 -7.38 36.91
C LEU F 4985 28.17 -8.42 37.99
N ALA F 4986 27.66 -8.14 39.19
CA ALA F 4986 27.64 -9.15 40.24
C ALA F 4986 26.83 -10.35 39.79
N ASN F 4987 25.79 -10.13 38.99
CA ASN F 4987 24.99 -11.25 38.50
C ASN F 4987 25.75 -12.08 37.48
N TYR F 4988 26.60 -11.45 36.66
CA TYR F 4988 27.45 -12.23 35.77
C TYR F 4988 28.45 -13.07 36.54
N MET F 4989 29.01 -12.50 37.61
CA MET F 4989 29.90 -13.27 38.48
C MET F 4989 29.17 -14.45 39.11
N PHE F 4990 27.97 -14.20 39.63
CA PHE F 4990 27.18 -15.26 40.22
C PHE F 4990 26.80 -16.32 39.19
N PHE F 4991 26.51 -15.90 37.96
CA PHE F 4991 26.19 -16.86 36.91
C PHE F 4991 27.38 -17.73 36.59
N LEU F 4992 28.57 -17.15 36.58
CA LEU F 4992 29.77 -17.96 36.37
C LEU F 4992 29.93 -19.00 37.48
N MET F 4993 29.75 -18.58 38.73
CA MET F 4993 29.83 -19.54 39.83
C MET F 4993 28.76 -20.61 39.73
N TYR F 4994 27.55 -20.21 39.32
CA TYR F 4994 26.44 -21.13 39.14
C TYR F 4994 26.75 -22.18 38.08
N LEU F 4995 27.32 -21.75 36.95
CA LEU F 4995 27.72 -22.70 35.92
C LEU F 4995 28.77 -23.66 36.45
N ILE F 4996 29.75 -23.16 37.20
CA ILE F 4996 30.80 -24.02 37.71
C ILE F 4996 30.23 -25.07 38.64
N ASN F 4997 29.32 -24.67 39.52
CA ASN F 4997 28.75 -25.62 40.48
C ASN F 4997 27.80 -26.60 39.81
N LYS F 4998 27.05 -26.16 38.82
CA LYS F 4998 26.01 -26.98 38.23
C LYS F 4998 26.61 -28.10 37.39
N ASP F 4999 25.87 -29.20 37.26
CA ASP F 4999 26.32 -30.33 36.47
C ASP F 4999 26.09 -30.07 34.98
N GLU F 5000 27.05 -30.50 34.16
CA GLU F 5000 26.98 -30.24 32.73
C GLU F 5000 25.78 -30.93 32.10
N THR F 5001 25.46 -32.13 32.58
CA THR F 5001 24.28 -32.82 32.07
C THR F 5001 23.00 -32.13 32.48
N GLU F 5002 23.06 -31.24 33.47
CA GLU F 5002 21.90 -30.48 33.88
C GLU F 5002 21.88 -29.07 33.30
N HIS F 5003 22.96 -28.65 32.67
CA HIS F 5003 22.98 -27.35 32.00
C HIS F 5003 21.85 -27.26 30.99
N THR F 5004 21.18 -26.10 30.96
CA THR F 5004 20.18 -25.85 29.94
C THR F 5004 20.87 -25.46 28.64
N GLY F 5005 20.08 -25.14 27.62
CA GLY F 5005 20.67 -24.77 26.35
C GLY F 5005 21.47 -23.48 26.42
N GLN F 5006 20.91 -22.46 27.05
CA GLN F 5006 21.60 -21.19 27.19
C GLN F 5006 22.83 -21.32 28.09
N GLU F 5007 22.70 -22.09 29.18
CA GLU F 5007 23.82 -22.32 30.06
C GLU F 5007 24.94 -23.07 29.34
N SER F 5008 24.60 -24.06 28.54
CA SER F 5008 25.61 -24.78 27.77
C SER F 5008 26.28 -23.87 26.76
N TYR F 5009 25.50 -23.01 26.11
CA TYR F 5009 26.08 -22.05 25.18
C TYR F 5009 27.12 -21.17 25.86
N VAL F 5010 26.75 -20.56 26.98
CA VAL F 5010 27.68 -19.69 27.69
C VAL F 5010 28.87 -20.47 28.23
N TRP F 5011 28.65 -21.69 28.70
CA TRP F 5011 29.73 -22.48 29.26
C TRP F 5011 30.75 -22.85 28.18
N LYS F 5012 30.28 -23.27 27.01
CA LYS F 5012 31.19 -23.57 25.92
C LYS F 5012 31.94 -22.34 25.47
N MET F 5013 31.26 -21.19 25.37
CA MET F 5013 31.95 -19.97 24.99
C MET F 5013 32.99 -19.56 26.03
N TYR F 5014 32.67 -19.75 27.31
CA TYR F 5014 33.62 -19.45 28.37
C TYR F 5014 34.85 -20.35 28.28
N GLN F 5015 34.65 -21.65 28.08
CA GLN F 5015 35.80 -22.54 28.00
C GLN F 5015 36.62 -22.28 26.76
N GLU F 5016 36.01 -21.77 25.70
CA GLU F 5016 36.77 -21.36 24.53
C GLU F 5016 37.29 -19.94 24.64
N ARG F 5017 37.04 -19.28 25.77
CA ARG F 5017 37.53 -17.92 26.03
C ARG F 5017 37.03 -16.95 24.95
N CYS F 5018 35.78 -17.13 24.54
CA CYS F 5018 35.13 -16.24 23.60
C CYS F 5018 34.06 -15.45 24.34
N TRP F 5019 34.20 -14.13 24.37
CA TRP F 5019 33.32 -13.28 25.15
C TRP F 5019 32.26 -12.58 24.30
N ASP F 5020 31.78 -13.25 23.25
CA ASP F 5020 30.74 -12.66 22.42
C ASP F 5020 29.36 -12.76 23.03
N PHE F 5021 29.19 -13.57 24.08
CA PHE F 5021 27.88 -13.65 24.71
C PHE F 5021 27.57 -12.43 25.56
N PHE F 5022 28.58 -11.68 25.98
CA PHE F 5022 28.33 -10.44 26.68
C PHE F 5022 27.63 -9.46 25.77
N PRO F 5023 26.53 -8.84 26.19
CA PRO F 5023 25.87 -7.85 25.35
C PRO F 5023 26.73 -6.61 25.19
N ALA F 5024 27.04 -6.27 23.95
CA ALA F 5024 27.87 -5.11 23.63
C ALA F 5024 27.05 -4.18 22.76
N GLY F 5025 26.69 -3.02 23.31
CA GLY F 5025 25.97 -2.03 22.54
C GLY F 5025 24.51 -2.36 22.32
N ASP F 5026 23.98 -3.39 22.94
CA ASP F 5026 22.58 -3.78 22.78
C ASP F 5026 22.07 -4.33 24.09
N CYS F 5027 20.76 -4.20 24.29
CA CYS F 5027 20.13 -4.69 25.50
C CYS F 5027 18.74 -5.21 25.17
N PHE F 5028 18.13 -5.86 26.16
CA PHE F 5028 16.79 -6.42 25.98
C PHE F 5028 15.78 -5.32 25.68
N ARG F 5029 15.86 -4.21 26.41
CA ARG F 5029 14.92 -3.11 26.19
C ARG F 5029 15.08 -2.53 24.80
N LYS F 5030 16.33 -2.38 24.33
CA LYS F 5030 16.57 -1.89 22.98
C LYS F 5030 16.04 -2.85 21.93
N GLN F 5031 16.26 -4.15 22.12
CA GLN F 5031 15.88 -5.12 21.10
C GLN F 5031 14.37 -5.19 20.92
N TYR F 5032 13.61 -5.03 21.99
CA TYR F 5032 12.16 -5.10 21.94
C TYR F 5032 11.53 -3.75 22.25
N GLU F 5033 12.10 -2.68 21.68
CA GLU F 5033 11.57 -1.34 21.91
C GLU F 5033 10.12 -1.24 21.45
N ASP F 5034 9.85 -1.66 20.22
CA ASP F 5034 8.49 -1.56 19.68
C ASP F 5034 7.51 -2.42 20.47
N GLN F 5035 7.89 -3.66 20.79
CA GLN F 5035 6.98 -4.55 21.49
C GLN F 5035 6.71 -4.09 22.91
N LEU F 5036 7.75 -3.72 23.65
CA LEU F 5036 7.56 -3.27 25.02
C LEU F 5036 6.82 -1.94 25.07
N SER F 5037 7.14 -1.03 24.16
CA SER F 5037 6.50 0.29 24.15
C SER F 5037 5.36 0.34 23.14
N GLU G 10 -25.40 13.59 10.70
CA GLU G 10 -26.34 12.50 10.48
C GLU G 10 -27.64 13.03 9.85
N VAL G 11 -28.77 12.87 10.53
CA VAL G 11 -30.04 13.38 10.04
C VAL G 11 -29.96 14.89 9.92
N GLN G 12 -30.35 15.42 8.76
CA GLN G 12 -30.27 16.85 8.51
C GLN G 12 -31.28 17.59 9.38
N PHE G 13 -30.91 18.80 9.78
CA PHE G 13 -31.80 19.70 10.51
C PHE G 13 -32.05 20.96 9.70
N LEU G 14 -33.28 21.44 9.75
CA LEU G 14 -33.63 22.68 9.07
C LEU G 14 -33.05 23.86 9.85
N ARG G 15 -32.40 24.76 9.13
CA ARG G 15 -31.77 25.93 9.71
C ARG G 15 -32.22 27.18 8.96
N THR G 16 -31.92 28.33 9.54
CA THR G 16 -32.32 29.59 8.92
C THR G 16 -31.54 29.80 7.62
N ASP G 17 -32.08 30.68 6.78
CA ASP G 17 -31.55 31.02 5.47
C ASP G 17 -31.57 29.85 4.50
N ASP G 18 -32.37 28.83 4.76
CA ASP G 18 -32.50 27.67 3.88
C ASP G 18 -33.85 27.71 3.18
N GLU G 19 -33.84 27.39 1.88
CA GLU G 19 -35.05 27.43 1.07
C GLU G 19 -35.80 26.12 1.23
N VAL G 20 -37.11 26.22 1.53
CA VAL G 20 -37.95 25.06 1.75
C VAL G 20 -39.24 25.22 0.98
N VAL G 21 -39.92 24.10 0.77
CA VAL G 21 -41.24 24.06 0.14
C VAL G 21 -42.20 23.38 1.10
N LEU G 22 -43.34 24.03 1.37
CA LEU G 22 -44.35 23.48 2.26
C LEU G 22 -45.21 22.49 1.47
N GLN G 23 -45.15 21.22 1.85
CA GLN G 23 -45.78 20.15 1.09
C GLN G 23 -46.75 19.38 1.97
N CYS G 24 -47.95 19.16 1.47
CA CYS G 24 -48.97 18.35 2.12
C CYS G 24 -49.40 17.25 1.17
N SER G 25 -50.34 16.43 1.64
CA SER G 25 -50.86 15.32 0.86
C SER G 25 -52.38 15.31 0.93
N ALA G 26 -53.00 14.96 -0.20
CA ALA G 26 -54.45 14.82 -0.27
C ALA G 26 -54.79 13.57 -1.05
N THR G 27 -55.95 13.00 -0.74
CA THR G 27 -56.42 11.79 -1.39
C THR G 27 -57.42 12.16 -2.47
N VAL G 28 -57.07 11.88 -3.72
CA VAL G 28 -57.92 12.19 -4.86
C VAL G 28 -58.12 10.90 -5.64
N LEU G 29 -59.31 10.31 -5.52
CA LEU G 29 -59.66 9.06 -6.19
C LEU G 29 -58.66 7.96 -5.85
N LYS G 30 -58.54 7.67 -4.55
CA LYS G 30 -57.67 6.63 -4.02
C LYS G 30 -56.20 6.85 -4.38
N GLU G 31 -55.83 8.05 -4.80
CA GLU G 31 -54.46 8.36 -5.19
C GLU G 31 -53.91 9.44 -4.28
N GLN G 32 -52.70 9.22 -3.77
CA GLN G 32 -52.05 10.20 -2.91
C GLN G 32 -51.42 11.28 -3.78
N LEU G 33 -52.01 12.48 -3.75
CA LEU G 33 -51.55 13.61 -4.52
C LEU G 33 -50.79 14.55 -3.60
N LYS G 34 -49.54 14.83 -3.92
CA LYS G 34 -48.69 15.71 -3.13
C LYS G 34 -48.77 17.12 -3.70
N LEU G 35 -49.00 18.09 -2.83
CA LEU G 35 -49.19 19.49 -3.22
C LEU G 35 -48.20 20.36 -2.47
N CYS G 36 -47.74 21.42 -3.13
CA CYS G 36 -46.85 22.40 -2.53
C CYS G 36 -47.57 23.75 -2.45
N LEU G 37 -47.42 24.42 -1.31
CA LEU G 37 -47.99 25.76 -1.18
C LEU G 37 -47.27 26.71 -2.12
N ALA G 38 -48.03 27.50 -2.86
CA ALA G 38 -47.48 28.39 -3.87
C ALA G 38 -48.21 29.71 -3.85
N ALA G 39 -47.53 30.75 -4.33
CA ALA G 39 -48.12 32.07 -4.44
C ALA G 39 -47.34 32.85 -5.47
N GLU G 40 -48.03 33.69 -6.24
CA GLU G 40 -47.38 34.48 -7.28
C GLU G 40 -46.78 35.76 -6.72
N GLY G 41 -47.48 36.39 -5.78
CA GLY G 41 -46.99 37.62 -5.17
C GLY G 41 -47.46 38.87 -5.87
N PHE G 42 -46.93 39.15 -7.06
CA PHE G 42 -47.32 40.32 -7.81
C PHE G 42 -48.61 40.04 -8.57
N GLY G 43 -49.64 40.84 -8.32
CA GLY G 43 -50.91 40.69 -8.98
C GLY G 43 -51.87 39.73 -8.32
N ASN G 44 -51.39 38.90 -7.40
CA ASN G 44 -52.27 37.97 -6.69
C ASN G 44 -51.58 37.58 -5.39
N ARG G 45 -52.06 38.13 -4.27
CA ARG G 45 -51.44 37.84 -2.98
C ARG G 45 -51.82 36.46 -2.46
N LEU G 46 -52.97 35.95 -2.86
CA LEU G 46 -53.47 34.69 -2.31
C LEU G 46 -52.56 33.53 -2.68
N CYS G 47 -52.55 32.52 -1.83
CA CYS G 47 -51.76 31.32 -2.02
C CYS G 47 -52.61 30.20 -2.57
N PHE G 48 -52.01 29.34 -3.39
CA PHE G 48 -52.70 28.18 -3.91
C PHE G 48 -51.81 26.95 -3.79
N LEU G 49 -52.23 25.83 -4.38
CA LEU G 49 -51.52 24.57 -4.26
C LEU G 49 -51.06 24.10 -5.63
N GLU G 50 -49.77 23.79 -5.73
CA GLU G 50 -49.19 23.33 -6.98
C GLU G 50 -48.95 21.83 -6.89
N PRO G 51 -49.70 21.01 -7.61
CA PRO G 51 -49.48 19.56 -7.54
C PRO G 51 -48.10 19.18 -8.04
N THR G 52 -47.52 18.16 -7.42
CA THR G 52 -46.20 17.68 -7.76
C THR G 52 -46.15 16.18 -8.02
N SER G 53 -47.26 15.46 -7.84
CA SER G 53 -47.23 14.01 -8.01
C SER G 53 -47.06 13.61 -9.47
N ASN G 54 -47.40 14.49 -10.41
CA ASN G 54 -47.26 14.21 -11.83
C ASN G 54 -46.05 14.89 -12.45
N ALA G 55 -44.97 15.04 -11.69
CA ALA G 55 -43.79 15.69 -12.22
C ALA G 55 -43.16 14.92 -13.37
N GLN G 56 -43.43 13.61 -13.46
CA GLN G 56 -42.88 12.82 -14.55
C GLN G 56 -43.43 13.28 -15.90
N ASN G 57 -44.72 13.61 -15.95
CA ASN G 57 -45.37 13.99 -17.19
C ASN G 57 -45.54 15.50 -17.34
N VAL G 58 -45.84 16.21 -16.27
CA VAL G 58 -46.02 17.66 -16.31
C VAL G 58 -45.17 18.30 -15.22
N PRO G 59 -44.13 19.05 -15.58
CA PRO G 59 -43.29 19.68 -14.56
C PRO G 59 -44.08 20.69 -13.74
N PRO G 60 -43.83 20.78 -12.44
CA PRO G 60 -44.50 21.79 -11.62
C PRO G 60 -43.81 23.14 -11.74
N ASP G 61 -44.55 24.17 -11.34
CA ASP G 61 -44.02 25.53 -11.32
C ASP G 61 -43.40 25.77 -9.94
N LEU G 62 -42.19 25.26 -9.77
CA LEU G 62 -41.53 25.27 -8.48
C LEU G 62 -40.89 26.62 -8.14
N ALA G 63 -40.72 27.50 -9.11
CA ALA G 63 -40.04 28.76 -8.84
C ALA G 63 -40.81 29.63 -7.87
N ILE G 64 -42.11 29.42 -7.72
CA ILE G 64 -42.95 30.21 -6.84
C ILE G 64 -43.42 29.42 -5.63
N CYS G 65 -42.90 28.21 -5.44
CA CYS G 65 -43.19 27.41 -4.26
C CYS G 65 -42.10 27.51 -3.20
N CYS G 66 -41.04 28.26 -3.46
CA CYS G 66 -39.88 28.30 -2.57
C CYS G 66 -40.04 29.42 -1.54
N PHE G 67 -39.71 29.10 -0.30
CA PHE G 67 -39.69 30.06 0.79
C PHE G 67 -38.36 29.98 1.51
N THR G 68 -37.87 31.12 1.99
CA THR G 68 -36.63 31.18 2.75
C THR G 68 -36.95 31.39 4.21
N LEU G 69 -36.36 30.56 5.07
CA LEU G 69 -36.52 30.69 6.52
C LEU G 69 -35.64 31.84 7.00
N GLU G 70 -36.23 33.01 7.17
CA GLU G 70 -35.47 34.19 7.54
C GLU G 70 -35.09 34.17 9.02
N GLN G 71 -36.07 33.99 9.90
CA GLN G 71 -35.83 34.03 11.33
C GLN G 71 -36.55 32.89 12.02
N SER G 72 -36.04 32.51 13.18
CA SER G 72 -36.71 31.55 14.05
C SER G 72 -36.50 32.00 15.48
N LEU G 73 -37.58 32.35 16.17
CA LEU G 73 -37.51 32.89 17.51
C LEU G 73 -38.49 32.18 18.41
N SER G 74 -38.18 32.16 19.70
CA SER G 74 -39.15 31.72 20.69
C SER G 74 -40.30 32.71 20.77
N VAL G 75 -41.39 32.28 21.40
CA VAL G 75 -42.57 33.13 21.48
C VAL G 75 -42.28 34.39 22.27
N ARG G 76 -41.55 34.26 23.38
CA ARG G 76 -41.22 35.43 24.19
C ARG G 76 -40.34 36.41 23.42
N ALA G 77 -39.34 35.90 22.70
CA ALA G 77 -38.52 36.78 21.87
C ALA G 77 -39.35 37.44 20.79
N LEU G 78 -40.31 36.71 20.24
CA LEU G 78 -41.22 37.28 19.25
C LEU G 78 -42.00 38.45 19.82
N GLN G 79 -42.58 38.27 21.02
CA GLN G 79 -43.31 39.36 21.64
C GLN G 79 -42.41 40.55 21.92
N GLU G 80 -41.20 40.29 22.41
CA GLU G 80 -40.29 41.38 22.74
C GLU G 80 -39.90 42.17 21.50
N MET G 81 -39.60 41.48 20.40
CA MET G 81 -39.19 42.19 19.19
C MET G 81 -40.37 42.91 18.56
N LEU G 82 -41.58 42.34 18.67
CA LEU G 82 -42.76 43.04 18.19
C LEU G 82 -43.02 44.31 18.99
N ALA G 83 -42.84 44.24 20.31
CA ALA G 83 -42.98 45.45 21.13
C ALA G 83 -41.92 46.47 20.79
N ASN G 84 -40.68 46.03 20.55
CA ASN G 84 -39.62 46.93 20.14
C ASN G 84 -39.74 47.29 18.67
N HIS G 98 -26.26 30.18 11.29
CA HIS G 98 -27.66 30.02 10.92
C HIS G 98 -28.40 29.23 11.99
N ARG G 99 -29.35 29.88 12.65
CA ARG G 99 -30.04 29.25 13.77
C ARG G 99 -30.76 27.98 13.33
N THR G 100 -30.75 26.97 14.18
CA THR G 100 -31.46 25.73 13.91
C THR G 100 -32.89 25.82 14.43
N LEU G 101 -33.82 25.27 13.65
CA LEU G 101 -35.23 25.33 14.01
C LEU G 101 -35.52 24.38 15.16
N LEU G 102 -36.28 24.86 16.15
CA LEU G 102 -36.72 24.07 17.29
C LEU G 102 -38.24 24.11 17.36
N TYR G 103 -38.83 22.97 17.70
CA TYR G 103 -40.28 22.90 17.81
C TYR G 103 -40.79 23.89 18.84
N GLY G 104 -41.84 24.62 18.48
CA GLY G 104 -42.38 25.65 19.33
C GLY G 104 -41.92 27.04 19.02
N HIS G 105 -40.89 27.20 18.20
CA HIS G 105 -40.43 28.52 17.82
C HIS G 105 -41.31 29.07 16.71
N ALA G 106 -41.19 30.37 16.48
CA ALA G 106 -41.94 31.06 15.44
C ALA G 106 -41.00 31.38 14.29
N ILE G 107 -41.42 31.02 13.07
CA ILE G 107 -40.61 31.23 11.87
C ILE G 107 -41.23 32.31 11.01
N LEU G 108 -40.37 32.98 10.25
CA LEU G 108 -40.78 33.99 9.28
C LEU G 108 -40.39 33.50 7.90
N LEU G 109 -41.38 33.20 7.07
CA LEU G 109 -41.17 32.62 5.75
C LEU G 109 -41.26 33.72 4.70
N ARG G 110 -40.17 33.94 3.98
CA ARG G 110 -40.12 34.94 2.93
C ARG G 110 -40.21 34.26 1.58
N HIS G 111 -41.09 34.75 0.71
CA HIS G 111 -41.25 34.18 -0.61
C HIS G 111 -40.03 34.47 -1.45
N ALA G 112 -39.51 33.44 -2.12
CA ALA G 112 -38.26 33.58 -2.84
C ALA G 112 -38.38 34.55 -4.01
N HIS G 113 -39.47 34.46 -4.76
CA HIS G 113 -39.61 35.28 -5.96
C HIS G 113 -40.07 36.70 -5.61
N SER G 114 -41.22 36.82 -4.96
CA SER G 114 -41.82 38.13 -4.73
C SER G 114 -41.19 38.86 -3.56
N ARG G 115 -40.32 38.21 -2.78
CA ARG G 115 -39.71 38.80 -1.60
C ARG G 115 -40.75 39.21 -0.55
N MET G 116 -41.96 38.70 -0.66
CA MET G 116 -42.99 38.93 0.33
C MET G 116 -42.98 37.82 1.36
N TYR G 117 -43.75 38.00 2.44
CA TYR G 117 -43.72 37.08 3.57
C TYR G 117 -45.06 36.38 3.68
N LEU G 118 -45.03 35.09 3.97
CA LEU G 118 -46.25 34.32 4.16
C LEU G 118 -47.00 34.86 5.36
N SER G 119 -48.31 35.05 5.21
CA SER G 119 -49.09 35.70 6.25
C SER G 119 -50.49 35.12 6.28
N CYS G 120 -51.16 35.29 7.41
CA CYS G 120 -52.55 34.92 7.58
C CYS G 120 -53.39 36.18 7.37
N LEU G 121 -54.02 36.27 6.20
CA LEU G 121 -54.76 37.48 5.86
C LEU G 121 -56.04 37.58 6.69
N THR G 122 -56.51 38.81 6.88
CA THR G 122 -57.69 39.06 7.67
C THR G 122 -58.98 38.82 6.90
N THR G 123 -58.91 38.53 5.61
CA THR G 123 -60.09 38.31 4.79
C THR G 123 -60.43 36.83 4.73
N SER G 124 -61.50 36.52 4.00
CA SER G 124 -61.94 35.14 3.83
C SER G 124 -62.76 35.05 2.55
N ARG G 125 -62.21 34.37 1.55
CA ARG G 125 -62.94 34.14 0.32
C ARG G 125 -63.59 32.76 0.27
N SER G 126 -63.48 31.98 1.33
CA SER G 126 -64.10 30.67 1.39
C SER G 126 -65.53 30.77 1.87
N MET G 127 -66.42 30.03 1.21
CA MET G 127 -67.82 29.99 1.60
C MET G 127 -68.15 28.78 2.47
N THR G 128 -67.38 27.71 2.37
CA THR G 128 -67.68 26.49 3.12
C THR G 128 -67.38 26.67 4.60
N ASP G 129 -66.23 27.25 4.93
CA ASP G 129 -65.80 27.45 6.31
C ASP G 129 -66.05 28.90 6.70
N LYS G 130 -66.91 29.11 7.70
CA LYS G 130 -67.20 30.45 8.16
C LYS G 130 -66.12 31.01 9.06
N LEU G 131 -65.24 30.17 9.59
CA LEU G 131 -64.21 30.59 10.53
C LEU G 131 -62.82 30.58 9.90
N ALA G 132 -62.72 30.35 8.60
CA ALA G 132 -61.42 30.25 7.95
C ALA G 132 -60.94 31.62 7.48
N PHE G 133 -59.62 31.77 7.40
CA PHE G 133 -59.00 32.98 6.91
C PHE G 133 -58.07 32.64 5.76
N ASP G 134 -57.95 33.59 4.83
CA ASP G 134 -57.14 33.39 3.65
C ASP G 134 -55.66 33.46 3.99
N VAL G 135 -54.86 32.62 3.33
CA VAL G 135 -53.42 32.59 3.51
C VAL G 135 -52.79 33.24 2.28
N GLY G 136 -52.03 34.31 2.49
CA GLY G 136 -51.44 35.03 1.38
C GLY G 136 -50.08 35.63 1.69
N LEU G 137 -49.64 36.54 0.84
CA LEU G 137 -48.33 37.18 0.99
C LEU G 137 -48.51 38.61 1.46
N GLN G 138 -47.64 39.03 2.36
CA GLN G 138 -47.67 40.37 2.92
C GLN G 138 -46.41 41.11 2.53
N GLU G 139 -46.56 42.40 2.18
CA GLU G 139 -45.44 43.17 1.65
C GLU G 139 -44.34 43.32 2.69
N ASP G 140 -44.71 43.54 3.94
CA ASP G 140 -43.75 43.81 5.01
C ASP G 140 -43.76 42.69 6.02
N ALA G 141 -42.71 42.65 6.84
CA ALA G 141 -42.58 41.69 7.93
C ALA G 141 -43.10 42.23 9.25
N THR G 142 -43.70 43.42 9.24
CA THR G 142 -44.23 44.00 10.47
C THR G 142 -45.47 43.26 10.92
N GLY G 143 -45.74 43.34 12.23
CA GLY G 143 -46.91 42.71 12.80
C GLY G 143 -46.68 41.24 13.07
N GLU G 144 -47.68 40.63 13.71
CA GLU G 144 -47.64 39.22 14.05
C GLU G 144 -48.38 38.35 13.04
N ALA G 145 -48.92 38.94 11.98
CA ALA G 145 -49.66 38.19 10.98
C ALA G 145 -48.78 37.35 10.08
N CYS G 146 -47.46 37.55 10.12
CA CYS G 146 -46.53 36.85 9.24
C CYS G 146 -45.69 35.81 9.96
N TRP G 147 -46.06 35.44 11.18
CA TRP G 147 -45.29 34.51 11.99
C TRP G 147 -46.09 33.24 12.26
N TRP G 148 -45.42 32.11 12.18
CA TRP G 148 -46.04 30.80 12.38
C TRP G 148 -45.18 29.99 13.34
N THR G 149 -45.83 29.23 14.22
CA THR G 149 -45.14 28.39 15.19
C THR G 149 -45.22 26.93 14.77
N MET G 150 -44.11 26.24 14.85
CA MET G 150 -44.06 24.83 14.47
C MET G 150 -44.44 23.98 15.67
N HIS G 151 -45.26 22.96 15.44
CA HIS G 151 -45.64 22.04 16.49
C HIS G 151 -45.43 20.62 16.01
N PRO G 152 -45.07 19.71 16.93
CA PRO G 152 -44.79 18.33 16.52
C PRO G 152 -46.02 17.64 15.98
N ALA G 153 -45.80 16.76 14.99
CA ALA G 153 -46.90 16.04 14.38
C ALA G 153 -47.46 14.96 15.30
N SER G 154 -46.60 14.17 15.93
CA SER G 154 -47.01 13.06 16.76
C SER G 154 -46.15 13.02 18.02
N LYS G 155 -46.24 11.91 18.75
CA LYS G 155 -45.43 11.74 19.94
C LYS G 155 -43.95 11.59 19.65
N GLN G 156 -43.59 11.30 18.40
CA GLN G 156 -42.18 11.05 18.07
C GLN G 156 -41.33 12.30 18.29
N ARG G 157 -41.95 13.47 18.24
CA ARG G 157 -41.26 14.73 18.47
C ARG G 157 -41.93 15.49 19.62
N SER G 158 -41.15 16.27 20.33
CA SER G 158 -41.63 17.06 21.45
C SER G 158 -41.09 18.47 21.35
N GLU G 159 -41.68 19.37 22.13
CA GLU G 159 -41.29 20.76 22.11
C GLU G 159 -39.85 20.92 22.58
N GLY G 160 -39.11 21.80 21.91
CA GLY G 160 -37.71 22.01 22.18
C GLY G 160 -36.78 21.17 21.34
N GLU G 161 -37.28 20.09 20.74
CA GLU G 161 -36.46 19.27 19.87
C GLU G 161 -36.20 19.97 18.55
N LYS G 162 -35.12 19.58 17.90
CA LYS G 162 -34.80 20.11 16.60
C LYS G 162 -35.77 19.57 15.55
N VAL G 163 -36.23 20.47 14.67
CA VAL G 163 -37.04 20.05 13.52
C VAL G 163 -36.09 19.55 12.44
N ARG G 164 -36.29 18.31 12.01
CA ARG G 164 -35.39 17.67 11.07
C ARG G 164 -36.06 17.53 9.70
N VAL G 165 -35.22 17.36 8.68
CA VAL G 165 -35.73 17.20 7.32
C VAL G 165 -36.58 15.94 7.25
N GLY G 166 -37.80 16.09 6.72
CA GLY G 166 -38.71 14.97 6.60
C GLY G 166 -39.76 14.87 7.67
N ASP G 167 -39.63 15.64 8.75
CA ASP G 167 -40.65 15.61 9.79
C ASP G 167 -41.93 16.24 9.29
N ASP G 168 -43.06 15.68 9.73
CA ASP G 168 -44.36 16.28 9.51
C ASP G 168 -44.56 17.39 10.53
N LEU G 169 -45.14 18.50 10.09
CA LEU G 169 -45.20 19.71 10.89
C LEU G 169 -46.63 20.22 10.99
N ILE G 170 -46.88 20.99 12.04
CA ILE G 170 -48.14 21.70 12.22
C ILE G 170 -47.81 23.18 12.37
N LEU G 171 -48.38 23.99 11.49
CA LEU G 171 -48.14 25.43 11.49
C LEU G 171 -49.37 26.13 12.03
N VAL G 172 -49.16 27.07 12.96
CA VAL G 172 -50.24 27.80 13.60
C VAL G 172 -49.96 29.29 13.47
N SER G 173 -50.95 30.05 13.04
CA SER G 173 -50.79 31.48 12.89
C SER G 173 -50.75 32.15 14.27
N VAL G 174 -49.75 33.00 14.47
CA VAL G 174 -49.66 33.72 15.73
C VAL G 174 -50.82 34.69 15.89
N SER G 175 -51.17 35.39 14.81
CA SER G 175 -52.15 36.46 14.91
C SER G 175 -53.57 35.92 15.03
N SER G 176 -53.85 34.77 14.41
CA SER G 176 -55.21 34.27 14.33
C SER G 176 -55.44 32.96 15.09
N GLU G 177 -54.38 32.33 15.58
CA GLU G 177 -54.50 31.05 16.29
C GLU G 177 -55.26 30.02 15.45
N ARG G 178 -54.84 29.85 14.20
CA ARG G 178 -55.43 28.89 13.31
C ARG G 178 -54.34 28.09 12.61
N TYR G 179 -54.68 26.87 12.22
CA TYR G 179 -53.73 26.00 11.54
C TYR G 179 -53.60 26.37 10.08
N LEU G 180 -52.49 25.97 9.47
CA LEU G 180 -52.34 26.03 8.02
C LEU G 180 -53.11 24.86 7.44
N HIS G 181 -54.41 25.06 7.18
CA HIS G 181 -55.33 23.99 6.86
C HIS G 181 -55.47 23.82 5.36
N LEU G 182 -55.45 22.58 4.91
CA LEU G 182 -55.74 22.23 3.53
C LEU G 182 -57.22 21.87 3.42
N SER G 183 -57.96 22.64 2.64
CA SER G 183 -59.39 22.49 2.56
C SER G 183 -59.77 21.78 1.27
N THR G 184 -60.50 20.67 1.42
CA THR G 184 -61.01 19.91 0.29
C THR G 184 -62.53 19.96 0.23
N ALA G 185 -63.14 20.91 0.94
CA ALA G 185 -64.59 20.94 1.05
C ALA G 185 -65.26 21.14 -0.30
N SER G 186 -64.74 22.05 -1.11
CA SER G 186 -65.26 22.27 -2.45
C SER G 186 -64.65 21.26 -3.41
N GLY G 187 -64.92 21.45 -4.70
CA GLY G 187 -64.45 20.52 -5.70
C GLY G 187 -62.94 20.55 -5.92
N GLU G 188 -62.30 21.65 -5.54
CA GLU G 188 -60.86 21.80 -5.71
C GLU G 188 -60.16 21.82 -4.36
N LEU G 189 -58.83 21.85 -4.42
CA LEU G 189 -57.99 21.84 -3.24
C LEU G 189 -57.55 23.26 -2.94
N GLN G 190 -57.79 23.73 -1.71
CA GLN G 190 -57.47 25.09 -1.32
C GLN G 190 -56.82 25.09 0.06
N VAL G 191 -56.02 26.13 0.30
CA VAL G 191 -55.29 26.31 1.55
C VAL G 191 -55.86 27.52 2.26
N ASP G 192 -56.17 27.37 3.55
CA ASP G 192 -56.71 28.45 4.34
C ASP G 192 -56.28 28.25 5.79
N ALA G 193 -56.46 29.28 6.60
CA ALA G 193 -56.20 29.22 8.03
C ALA G 193 -57.51 28.91 8.73
N SER G 194 -57.63 27.69 9.24
CA SER G 194 -58.83 27.25 9.93
C SER G 194 -58.45 26.54 11.22
N PHE G 195 -59.45 25.96 11.86
CA PHE G 195 -59.25 25.25 13.12
C PHE G 195 -59.00 23.77 12.95
N MET G 196 -59.10 23.25 11.73
CA MET G 196 -58.70 21.88 11.44
C MET G 196 -57.22 21.87 11.10
N GLN G 197 -56.47 20.97 11.73
CA GLN G 197 -55.04 20.91 11.47
C GLN G 197 -54.78 20.13 10.18
N THR G 198 -53.60 20.37 9.61
CA THR G 198 -53.17 19.70 8.40
C THR G 198 -51.68 19.48 8.49
N LEU G 199 -51.23 18.31 8.04
CA LEU G 199 -49.84 17.93 8.18
C LEU G 199 -49.03 18.51 7.02
N TRP G 200 -47.85 19.03 7.33
CA TRP G 200 -47.00 19.66 6.34
C TRP G 200 -45.58 19.13 6.44
N ASN G 201 -44.86 19.19 5.33
CA ASN G 201 -43.45 18.85 5.28
C ASN G 201 -42.68 20.01 4.68
N MET G 202 -41.60 20.40 5.33
CA MET G 202 -40.72 21.45 4.83
C MET G 202 -39.53 20.78 4.14
N ASN G 203 -39.76 20.34 2.91
CA ASN G 203 -38.70 19.71 2.14
C ASN G 203 -37.67 20.75 1.74
N PRO G 204 -36.40 20.55 2.07
CA PRO G 204 -35.39 21.58 1.76
C PRO G 204 -35.12 21.66 0.26
N ILE G 205 -34.67 22.82 -0.17
CA ILE G 205 -34.26 23.06 -1.54
C ILE G 205 -32.75 23.30 -1.63
N CYS G 206 -32.25 24.25 -0.86
CA CYS G 206 -30.83 24.56 -0.86
C CYS G 206 -30.46 25.17 0.49
N SER G 207 -29.30 24.76 1.02
CA SER G 207 -28.82 25.28 2.30
C SER G 207 -27.70 26.30 2.13
N CYS G 208 -26.57 25.88 1.58
CA CYS G 208 -25.40 26.74 1.48
C CYS G 208 -24.65 26.41 0.19
N CYS G 209 -24.41 27.43 -0.62
CA CYS G 209 -23.79 27.27 -1.93
C CYS G 209 -22.47 28.03 -1.95
N GLU G 210 -21.45 27.41 -2.56
CA GLU G 210 -20.15 28.05 -2.65
C GLU G 210 -20.18 29.22 -3.63
N GLU G 211 -19.12 30.03 -3.58
CA GLU G 211 -19.01 31.14 -4.51
C GLU G 211 -19.00 30.63 -5.95
N GLY G 212 -19.77 31.30 -6.81
CA GLY G 212 -20.00 30.75 -8.12
C GLY G 212 -20.67 29.40 -7.99
N TYR G 213 -20.15 28.43 -8.73
CA TYR G 213 -20.49 27.01 -8.55
C TYR G 213 -21.99 26.78 -8.69
N VAL G 214 -22.43 26.88 -9.95
CA VAL G 214 -23.83 26.78 -10.37
C VAL G 214 -24.58 25.68 -9.63
N THR G 215 -25.77 26.00 -9.14
CA THR G 215 -26.64 25.04 -8.49
C THR G 215 -28.01 25.07 -9.17
N GLY G 216 -28.78 24.02 -8.95
CA GLY G 216 -30.07 23.92 -9.59
C GLY G 216 -31.03 25.00 -9.12
N GLY G 217 -32.01 25.30 -9.98
CA GLY G 217 -33.02 26.28 -9.68
C GLY G 217 -32.66 27.71 -10.01
N HIS G 218 -31.47 27.97 -10.51
CA HIS G 218 -31.08 29.33 -10.87
C HIS G 218 -31.55 29.71 -12.25
N VAL G 219 -31.56 31.02 -12.49
CA VAL G 219 -31.81 31.61 -13.80
C VAL G 219 -30.48 32.09 -14.35
N LEU G 220 -30.15 31.67 -15.57
CA LEU G 220 -28.83 31.96 -16.12
C LEU G 220 -28.91 32.05 -17.64
N ARG G 221 -27.84 32.60 -18.22
CA ARG G 221 -27.67 32.67 -19.66
C ARG G 221 -26.60 31.67 -20.09
N LEU G 222 -26.81 31.07 -21.25
CA LEU G 222 -25.91 30.06 -21.78
C LEU G 222 -25.18 30.67 -22.99
N PHE G 223 -23.98 31.20 -22.74
CA PHE G 223 -23.21 31.86 -23.78
C PHE G 223 -22.41 30.85 -24.59
N HIS G 224 -22.10 31.22 -25.83
CA HIS G 224 -21.43 30.31 -26.75
C HIS G 224 -19.92 30.49 -26.73
N GLY G 225 -19.44 31.69 -27.07
CA GLY G 225 -18.02 31.93 -27.18
C GLY G 225 -17.49 32.92 -26.16
N HIS G 226 -16.87 34.00 -26.64
CA HIS G 226 -16.20 34.96 -25.77
C HIS G 226 -17.14 36.12 -25.46
N MET G 227 -18.17 35.82 -24.68
CA MET G 227 -19.17 36.81 -24.25
C MET G 227 -19.82 37.51 -25.45
N ASP G 228 -20.03 36.75 -26.52
CA ASP G 228 -20.58 37.30 -27.75
C ASP G 228 -21.96 36.76 -28.08
N GLU G 229 -22.12 35.44 -28.16
CA GLU G 229 -23.39 34.82 -28.54
C GLU G 229 -23.96 34.03 -27.38
N CYS G 230 -25.28 34.04 -27.26
CA CYS G 230 -25.98 33.35 -26.18
C CYS G 230 -27.20 32.64 -26.73
N LEU G 231 -27.58 31.57 -26.04
CA LEU G 231 -28.78 30.82 -26.43
C LEU G 231 -30.03 31.63 -26.08
N THR G 232 -30.96 31.70 -27.03
CA THR G 232 -32.17 32.48 -26.84
C THR G 232 -33.23 31.97 -27.80
N ILE G 233 -34.40 32.60 -27.74
CA ILE G 233 -35.46 32.35 -28.72
C ILE G 233 -35.75 33.65 -29.44
N SER G 234 -36.68 33.60 -30.39
CA SER G 234 -37.00 34.79 -31.17
C SER G 234 -37.68 35.84 -30.30
N ALA G 235 -37.61 37.08 -30.76
CA ALA G 235 -38.22 38.18 -30.03
C ALA G 235 -39.74 38.08 -30.07
N ALA G 236 -40.40 39.06 -29.47
CA ALA G 236 -41.85 39.04 -29.38
C ALA G 236 -42.48 39.25 -30.75
N ASP G 237 -43.74 38.82 -30.86
CA ASP G 237 -44.54 38.89 -32.09
C ASP G 237 -43.72 38.52 -33.32
N SER G 238 -43.04 37.38 -33.22
CA SER G 238 -42.23 36.86 -34.32
C SER G 238 -42.99 35.76 -35.06
N ASP G 239 -42.60 35.54 -36.31
CA ASP G 239 -43.35 34.64 -37.18
C ASP G 239 -43.23 33.18 -36.74
N ASP G 240 -42.18 32.83 -36.01
CA ASP G 240 -41.94 31.44 -35.62
C ASP G 240 -42.72 31.04 -34.37
N GLN G 241 -43.63 31.89 -33.90
CA GLN G 241 -44.41 31.64 -32.68
C GLN G 241 -43.53 31.46 -31.45
N ARG G 242 -42.30 31.98 -31.50
CA ARG G 242 -41.34 31.87 -30.40
C ARG G 242 -41.17 30.43 -29.95
N ARG G 243 -40.95 29.53 -30.91
CA ARG G 243 -40.74 28.12 -30.61
C ARG G 243 -39.49 27.56 -31.25
N LEU G 244 -38.53 28.42 -31.60
CA LEU G 244 -37.26 27.99 -32.17
C LEU G 244 -36.12 28.66 -31.41
N VAL G 245 -35.01 27.95 -31.30
CA VAL G 245 -33.88 28.36 -30.48
C VAL G 245 -32.73 28.78 -31.39
N TYR G 246 -32.07 29.87 -31.05
CA TYR G 246 -31.01 30.44 -31.88
C TYR G 246 -29.82 30.86 -31.03
N TYR G 247 -28.67 30.94 -31.68
CA TYR G 247 -27.48 31.55 -31.09
C TYR G 247 -27.36 32.97 -31.64
N GLU G 248 -27.70 33.94 -30.82
CA GLU G 248 -27.73 35.34 -31.23
C GLU G 248 -26.81 36.14 -30.35
N GLY G 249 -26.22 37.21 -30.90
CA GLY G 249 -25.37 38.11 -30.17
C GLY G 249 -25.92 39.52 -30.18
N GLY G 250 -25.20 40.40 -29.49
CA GLY G 250 -25.57 41.81 -29.47
C GLY G 250 -26.38 42.18 -28.24
N ALA G 251 -27.44 42.97 -28.46
CA ALA G 251 -28.29 43.40 -27.35
C ALA G 251 -29.07 42.25 -26.73
N VAL G 252 -29.16 41.10 -27.42
CA VAL G 252 -29.88 39.96 -26.86
C VAL G 252 -29.19 39.42 -25.63
N CYS G 253 -27.90 39.69 -25.47
CA CYS G 253 -27.16 39.17 -24.32
C CYS G 253 -27.60 39.83 -23.01
N THR G 254 -28.36 40.92 -23.07
CA THR G 254 -28.85 41.59 -21.88
C THR G 254 -30.37 41.61 -21.80
N HIS G 255 -31.06 40.93 -22.72
CA HIS G 255 -32.51 40.93 -22.73
C HIS G 255 -33.05 39.73 -21.98
N ALA G 256 -34.36 39.75 -21.71
CA ALA G 256 -34.99 38.74 -20.88
C ALA G 256 -35.28 37.44 -21.62
N ARG G 257 -35.24 37.44 -22.96
CA ARG G 257 -35.55 36.22 -23.69
C ARG G 257 -34.38 35.25 -23.76
N SER G 258 -33.20 35.67 -23.32
CA SER G 258 -32.04 34.79 -23.24
C SER G 258 -31.85 34.21 -21.85
N LEU G 259 -32.86 34.27 -21.00
CA LEU G 259 -32.79 33.79 -19.63
C LEU G 259 -33.44 32.42 -19.53
N TRP G 260 -32.73 31.48 -18.91
CA TRP G 260 -33.21 30.12 -18.75
C TRP G 260 -33.12 29.71 -17.30
N ARG G 261 -34.03 28.84 -16.88
CA ARG G 261 -34.05 28.30 -15.53
C ARG G 261 -33.83 26.79 -15.59
N LEU G 262 -32.82 26.32 -14.86
CA LEU G 262 -32.46 24.90 -14.86
C LEU G 262 -33.21 24.21 -13.73
N GLU G 263 -34.07 23.26 -14.09
CA GLU G 263 -34.93 22.58 -13.13
C GLU G 263 -34.57 21.11 -13.06
N PRO G 264 -33.88 20.67 -12.02
CA PRO G 264 -33.59 19.24 -11.86
C PRO G 264 -34.85 18.43 -11.69
N LEU G 265 -34.77 17.16 -12.11
CA LEU G 265 -35.94 16.29 -12.12
C LEU G 265 -36.23 15.74 -10.74
N ARG G 266 -36.31 16.61 -9.74
CA ARG G 266 -36.61 16.24 -8.37
C ARG G 266 -37.05 17.50 -7.64
N ILE G 267 -37.76 17.30 -6.52
CA ILE G 267 -38.27 18.40 -5.72
C ILE G 267 -37.37 18.67 -4.53
N SER G 268 -37.11 17.66 -3.71
CA SER G 268 -36.21 17.83 -2.57
C SER G 268 -34.78 18.02 -3.08
N TRP G 269 -34.09 18.99 -2.48
CA TRP G 269 -32.70 19.30 -2.83
C TRP G 269 -32.54 19.63 -4.30
N SER G 270 -33.59 20.17 -4.92
CA SER G 270 -33.50 20.60 -6.30
C SER G 270 -32.59 21.80 -6.48
N GLY G 271 -32.29 22.51 -5.39
CA GLY G 271 -31.36 23.62 -5.42
C GLY G 271 -29.94 23.23 -5.14
N SER G 272 -29.64 21.94 -5.10
CA SER G 272 -28.30 21.47 -4.79
C SER G 272 -27.34 21.79 -5.93
N HIS G 273 -26.07 21.50 -5.69
CA HIS G 273 -25.03 21.81 -6.67
C HIS G 273 -25.25 21.01 -7.95
N LEU G 274 -25.10 21.68 -9.08
CA LEU G 274 -25.21 21.01 -10.36
C LEU G 274 -24.03 20.08 -10.57
N ARG G 275 -24.31 18.90 -11.11
CA ARG G 275 -23.30 17.87 -11.31
C ARG G 275 -23.31 17.43 -12.76
N TRP G 276 -22.12 17.08 -13.26
CA TRP G 276 -22.02 16.57 -14.62
C TRP G 276 -22.86 15.31 -14.78
N GLY G 277 -23.62 15.26 -15.87
CA GLY G 277 -24.46 14.10 -16.13
C GLY G 277 -25.75 14.06 -15.36
N GLN G 278 -26.06 15.09 -14.57
CA GLN G 278 -27.31 15.12 -13.83
C GLN G 278 -28.44 15.56 -14.76
N PRO G 279 -29.50 14.77 -14.90
CA PRO G 279 -30.60 15.18 -15.77
C PRO G 279 -31.32 16.40 -15.21
N LEU G 280 -31.76 17.26 -16.12
CA LEU G 280 -32.47 18.47 -15.72
C LEU G 280 -33.28 18.99 -16.89
N ARG G 281 -34.32 19.75 -16.58
CA ARG G 281 -35.07 20.49 -17.59
C ARG G 281 -34.51 21.90 -17.71
N ILE G 282 -34.68 22.48 -18.89
CA ILE G 282 -34.29 23.86 -19.15
C ILE G 282 -35.55 24.61 -19.55
N ARG G 283 -35.91 25.61 -18.76
CA ARG G 283 -37.17 26.34 -18.91
C ARG G 283 -36.88 27.77 -19.32
N HIS G 284 -37.61 28.25 -20.32
CA HIS G 284 -37.53 29.65 -20.70
C HIS G 284 -38.39 30.46 -19.75
N VAL G 285 -37.78 31.43 -19.06
CA VAL G 285 -38.47 32.09 -17.95
C VAL G 285 -39.64 32.93 -18.46
N THR G 286 -39.40 33.75 -19.48
CA THR G 286 -40.43 34.68 -19.92
C THR G 286 -41.61 33.96 -20.57
N THR G 287 -41.33 32.95 -21.40
CA THR G 287 -42.39 32.25 -22.09
C THR G 287 -42.96 31.10 -21.28
N GLY G 288 -42.22 30.57 -20.32
CA GLY G 288 -42.68 29.44 -19.55
C GLY G 288 -42.62 28.13 -20.27
N ARG G 289 -41.94 28.07 -21.40
CA ARG G 289 -41.85 26.84 -22.19
C ARG G 289 -40.54 26.12 -21.92
N TYR G 290 -40.55 24.82 -22.13
CA TYR G 290 -39.43 23.95 -21.81
C TYR G 290 -38.73 23.48 -23.07
N LEU G 291 -37.40 23.51 -23.04
CA LEU G 291 -36.61 23.00 -24.14
C LEU G 291 -36.88 21.51 -24.33
N ALA G 292 -37.15 21.12 -25.57
CA ALA G 292 -37.59 19.76 -25.85
C ALA G 292 -37.05 19.30 -27.19
N LEU G 293 -37.02 17.99 -27.37
CA LEU G 293 -36.66 17.35 -28.63
C LEU G 293 -37.89 16.66 -29.17
N THR G 294 -38.50 17.24 -30.21
CA THR G 294 -39.68 16.70 -30.84
C THR G 294 -39.30 15.95 -32.11
N GLU G 295 -40.06 14.89 -32.40
CA GLU G 295 -39.78 14.10 -33.59
C GLU G 295 -40.04 14.88 -34.88
N ASP G 296 -40.84 15.93 -34.83
CA ASP G 296 -41.22 16.65 -36.05
C ASP G 296 -40.28 17.82 -36.32
N GLN G 297 -40.23 18.79 -35.42
CA GLN G 297 -39.43 19.99 -35.61
C GLN G 297 -38.06 19.90 -34.97
N GLY G 298 -37.75 18.80 -34.29
CA GLY G 298 -36.45 18.65 -33.67
C GLY G 298 -36.35 19.37 -32.34
N LEU G 299 -35.43 20.33 -32.26
CA LEU G 299 -35.19 21.09 -31.03
C LEU G 299 -36.10 22.31 -31.01
N VAL G 300 -37.11 22.29 -30.15
CA VAL G 300 -38.03 23.41 -29.96
C VAL G 300 -38.31 23.55 -28.47
N VAL G 301 -39.08 24.58 -28.12
CA VAL G 301 -39.53 24.81 -26.76
C VAL G 301 -41.03 24.55 -26.71
N VAL G 302 -41.43 23.57 -25.90
CA VAL G 302 -42.82 23.15 -25.85
C VAL G 302 -43.44 23.60 -24.55
N ASP G 303 -44.77 23.53 -24.50
CA ASP G 303 -45.51 23.96 -23.32
C ASP G 303 -45.31 22.97 -22.17
N ALA G 304 -45.77 23.38 -20.99
CA ALA G 304 -45.59 22.57 -19.79
C ALA G 304 -46.37 21.26 -19.86
N CYS G 305 -47.37 21.17 -20.74
CA CYS G 305 -48.16 19.95 -20.85
C CYS G 305 -47.53 18.92 -21.77
N LYS G 306 -46.38 19.22 -22.38
CA LYS G 306 -45.70 18.28 -23.25
C LYS G 306 -44.27 18.00 -22.80
N ALA G 307 -43.91 18.39 -21.58
CA ALA G 307 -42.58 18.14 -21.03
C ALA G 307 -42.66 16.87 -20.20
N HIS G 308 -42.45 15.73 -20.87
CA HIS G 308 -42.71 14.43 -20.29
C HIS G 308 -41.44 13.66 -19.99
N THR G 309 -40.40 14.35 -19.51
CA THR G 309 -39.14 13.79 -19.01
C THR G 309 -38.32 13.13 -20.11
N LYS G 310 -38.87 12.99 -21.32
CA LYS G 310 -38.17 12.36 -22.43
C LYS G 310 -37.61 13.40 -23.39
N ALA G 311 -38.46 14.28 -23.91
CA ALA G 311 -37.99 15.33 -24.79
C ALA G 311 -37.25 16.43 -24.03
N THR G 312 -37.53 16.61 -22.75
CA THR G 312 -37.10 17.80 -22.01
C THR G 312 -36.01 17.51 -21.00
N SER G 313 -35.34 16.36 -21.09
CA SER G 313 -34.31 15.98 -20.14
C SER G 313 -32.95 16.22 -20.76
N PHE G 314 -32.10 16.99 -20.07
CA PHE G 314 -30.80 17.38 -20.56
C PHE G 314 -29.77 17.25 -19.46
N CYS G 315 -28.51 17.15 -19.86
CA CYS G 315 -27.41 17.03 -18.93
C CYS G 315 -26.21 17.80 -19.46
N PHE G 316 -25.35 18.24 -18.54
CA PHE G 316 -24.12 18.92 -18.90
C PHE G 316 -22.96 17.95 -18.75
N ARG G 317 -22.12 17.89 -19.78
CA ARG G 317 -20.97 17.00 -19.78
C ARG G 317 -19.71 17.79 -20.06
N VAL G 318 -18.63 17.45 -19.34
CA VAL G 318 -17.37 18.18 -19.49
C VAL G 318 -16.74 17.93 -20.85
N SER G 319 -16.94 16.75 -21.43
CA SER G 319 -16.38 16.45 -22.73
C SER G 319 -17.34 15.54 -23.49
N LYS G 320 -17.25 15.59 -24.81
CA LYS G 320 -18.14 14.84 -25.68
C LYS G 320 -17.84 13.35 -25.68
N GLU G 321 -16.78 12.92 -25.01
CA GLU G 321 -16.41 11.51 -25.02
C GLU G 321 -17.54 10.66 -24.46
N LYS G 322 -17.73 9.49 -25.06
CA LYS G 322 -18.81 8.59 -24.68
C LYS G 322 -18.41 7.86 -23.41
N LEU G 323 -18.45 8.60 -22.29
CA LEU G 323 -18.08 8.02 -21.00
C LEU G 323 -19.01 6.87 -20.65
N ASP G 324 -20.30 7.18 -20.44
CA ASP G 324 -21.33 6.16 -20.21
C ASP G 324 -20.93 5.22 -19.07
N THR G 325 -20.37 5.79 -18.01
CA THR G 325 -19.79 4.97 -16.95
C THR G 325 -20.88 4.31 -16.12
N ALA G 326 -21.71 5.11 -15.45
CA ALA G 326 -22.75 4.59 -14.58
C ALA G 326 -23.74 5.70 -14.23
N PRO G 327 -25.02 5.39 -14.06
CA PRO G 327 -25.99 6.42 -13.66
C PRO G 327 -25.72 6.91 -12.25
N LYS G 328 -25.35 8.18 -12.12
CA LYS G 328 -25.03 8.75 -10.83
C LYS G 328 -26.26 8.76 -9.92
N ARG G 329 -26.04 8.48 -8.63
CA ARG G 329 -27.11 8.51 -7.64
C ARG G 329 -27.09 9.85 -6.91
N ASP G 330 -28.27 10.45 -6.77
CA ASP G 330 -28.37 11.74 -6.10
C ASP G 330 -28.20 11.59 -4.59
N VAL G 331 -27.58 12.60 -3.99
CA VAL G 331 -27.35 12.62 -2.56
C VAL G 331 -28.37 13.53 -1.90
N GLU G 332 -28.59 13.31 -0.61
CA GLU G 332 -29.51 14.13 0.18
C GLU G 332 -28.73 15.28 0.80
N GLY G 333 -28.41 16.26 -0.04
CA GLY G 333 -27.65 17.40 0.40
C GLY G 333 -27.29 18.27 -0.78
N MET G 334 -26.48 19.29 -0.51
CA MET G 334 -26.04 20.17 -1.61
C MET G 334 -25.06 19.46 -2.52
N GLY G 335 -24.31 18.49 -2.03
CA GLY G 335 -23.42 17.70 -2.84
C GLY G 335 -22.13 18.40 -3.18
N PRO G 336 -21.28 17.75 -3.96
CA PRO G 336 -19.98 18.31 -4.29
C PRO G 336 -20.08 19.42 -5.32
N PRO G 337 -19.49 20.58 -5.06
CA PRO G 337 -19.52 21.68 -6.03
C PRO G 337 -18.62 21.38 -7.22
N GLU G 338 -19.23 21.33 -8.41
CA GLU G 338 -18.52 20.95 -9.62
C GLU G 338 -18.49 22.02 -10.70
N ILE G 339 -19.65 22.51 -11.13
CA ILE G 339 -19.76 23.37 -12.29
C ILE G 339 -19.74 24.82 -11.83
N LYS G 340 -18.79 25.59 -12.34
CA LYS G 340 -18.59 26.97 -11.94
C LYS G 340 -19.19 27.94 -12.96
N TYR G 341 -19.40 29.18 -12.52
CA TYR G 341 -20.00 30.20 -13.36
C TYR G 341 -18.92 30.93 -14.14
N GLY G 342 -18.85 30.70 -15.45
CA GLY G 342 -17.98 31.46 -16.31
C GLY G 342 -16.60 30.86 -16.56
N GLU G 343 -16.31 29.69 -16.00
CA GLU G 343 -15.05 29.00 -16.28
C GLU G 343 -15.26 27.58 -16.76
N SER G 344 -16.31 26.91 -16.30
CA SER G 344 -16.58 25.55 -16.74
C SER G 344 -17.09 25.56 -18.18
N LEU G 345 -16.54 24.68 -19.00
CA LEU G 345 -17.01 24.52 -20.38
C LEU G 345 -17.90 23.29 -20.44
N CYS G 346 -19.18 23.51 -20.72
CA CYS G 346 -20.20 22.47 -20.60
C CYS G 346 -20.77 22.13 -21.96
N PHE G 347 -20.89 20.84 -22.25
CA PHE G 347 -21.53 20.35 -23.46
C PHE G 347 -22.92 19.84 -23.10
N VAL G 348 -23.94 20.46 -23.67
CA VAL G 348 -25.33 20.10 -23.40
C VAL G 348 -25.68 18.85 -24.21
N GLN G 349 -26.22 17.84 -23.55
CA GLN G 349 -26.59 16.60 -24.18
C GLN G 349 -28.00 16.22 -23.81
N HIS G 350 -28.79 15.84 -24.81
CA HIS G 350 -30.11 15.28 -24.55
C HIS G 350 -29.95 13.88 -23.98
N VAL G 351 -30.62 13.62 -22.86
CA VAL G 351 -30.32 12.42 -22.09
C VAL G 351 -30.68 11.16 -22.87
N ALA G 352 -31.89 11.12 -23.41
CA ALA G 352 -32.35 9.89 -24.04
C ALA G 352 -31.69 9.67 -25.40
N SER G 353 -31.59 10.71 -26.22
CA SER G 353 -31.07 10.57 -27.56
C SER G 353 -29.55 10.65 -27.63
N GLY G 354 -28.91 11.35 -26.71
CA GLY G 354 -27.48 11.52 -26.78
C GLY G 354 -27.01 12.56 -27.78
N LEU G 355 -27.92 13.33 -28.36
CA LEU G 355 -27.54 14.32 -29.35
C LEU G 355 -26.83 15.50 -28.69
N TRP G 356 -26.22 16.33 -29.53
CA TRP G 356 -25.41 17.45 -29.07
C TRP G 356 -26.06 18.77 -29.46
N LEU G 357 -26.05 19.73 -28.54
CA LEU G 357 -26.49 21.08 -28.84
C LEU G 357 -25.43 21.78 -29.67
N THR G 358 -25.77 22.14 -30.90
CA THR G 358 -24.84 22.82 -31.78
C THR G 358 -25.62 23.67 -32.76
N TYR G 359 -24.91 24.50 -33.51
CA TYR G 359 -25.54 25.37 -34.49
C TYR G 359 -25.75 24.62 -35.81
N ALA G 360 -26.53 25.23 -36.69
CA ALA G 360 -26.98 24.59 -37.90
C ALA G 360 -26.20 25.01 -39.14
N ALA G 361 -25.10 25.76 -38.98
CA ALA G 361 -24.26 26.18 -40.09
C ALA G 361 -25.08 26.99 -41.09
N PRO G 362 -25.39 28.24 -40.80
CA PRO G 362 -26.32 29.00 -41.66
C PRO G 362 -25.86 29.03 -43.10
N ASP G 363 -26.82 28.85 -44.00
CA ASP G 363 -26.54 28.83 -45.43
C ASP G 363 -26.12 30.23 -45.89
N PRO G 364 -25.20 30.32 -46.87
CA PRO G 364 -24.82 31.64 -47.39
C PRO G 364 -25.97 32.34 -48.10
N LYS G 365 -25.70 33.55 -48.60
CA LYS G 365 -26.68 34.42 -49.26
C LYS G 365 -27.67 34.96 -48.23
N ALA G 366 -27.57 34.50 -46.99
CA ALA G 366 -28.38 35.01 -45.90
C ALA G 366 -27.65 36.04 -45.05
N LEU G 367 -26.32 36.14 -45.18
CA LEU G 367 -25.58 37.14 -44.44
C LEU G 367 -25.89 38.55 -44.92
N ARG G 368 -26.23 38.71 -46.20
CA ARG G 368 -26.63 40.01 -46.72
C ARG G 368 -27.89 40.52 -46.03
N LEU G 369 -28.75 39.61 -45.59
CA LEU G 369 -29.95 39.99 -44.84
C LEU G 369 -29.62 40.50 -43.44
N GLY G 370 -28.37 40.38 -43.00
CA GLY G 370 -28.00 40.81 -41.67
C GLY G 370 -28.31 39.82 -40.57
N VAL G 371 -28.65 38.58 -40.93
CA VAL G 371 -29.04 37.57 -39.94
C VAL G 371 -27.79 36.98 -39.31
N LEU G 372 -27.41 37.51 -38.14
CA LEU G 372 -26.33 36.93 -37.37
C LEU G 372 -26.78 35.75 -36.50
N LYS G 373 -28.08 35.51 -36.40
CA LYS G 373 -28.58 34.39 -35.62
C LYS G 373 -28.23 33.07 -36.31
N LYS G 374 -27.84 32.09 -35.50
CA LYS G 374 -27.59 30.73 -35.97
C LYS G 374 -28.56 29.79 -35.28
N LYS G 375 -29.28 29.00 -36.07
CA LYS G 375 -30.30 28.14 -35.50
C LYS G 375 -29.65 27.04 -34.65
N ALA G 376 -30.23 26.78 -33.49
CA ALA G 376 -29.74 25.73 -32.61
C ALA G 376 -30.43 24.41 -32.94
N ILE G 377 -29.63 23.36 -33.13
CA ILE G 377 -30.12 22.06 -33.51
C ILE G 377 -29.47 20.99 -32.65
N LEU G 378 -30.12 19.85 -32.57
CA LEU G 378 -29.56 18.66 -31.91
C LEU G 378 -28.95 17.76 -32.98
N HIS G 379 -27.66 17.49 -32.85
CA HIS G 379 -26.92 16.71 -33.84
C HIS G 379 -26.13 15.62 -33.16
N GLN G 380 -25.92 14.53 -33.90
CA GLN G 380 -25.21 13.38 -33.34
C GLN G 380 -23.74 13.68 -33.08
N GLU G 381 -23.11 14.49 -33.91
CA GLU G 381 -21.69 14.79 -33.77
C GLU G 381 -21.43 16.15 -33.14
N GLY G 382 -22.01 17.20 -33.68
CA GLY G 382 -21.71 18.53 -33.18
C GLY G 382 -20.34 18.99 -33.65
N HIS G 383 -19.90 20.10 -33.07
CA HIS G 383 -18.64 20.73 -33.45
C HIS G 383 -17.73 20.84 -32.23
N MET G 384 -16.55 21.41 -32.46
CA MET G 384 -15.57 21.55 -31.39
C MET G 384 -15.93 22.68 -30.43
N ASP G 385 -16.57 23.73 -30.92
CA ASP G 385 -16.91 24.90 -30.12
C ASP G 385 -18.32 24.85 -29.55
N ASP G 386 -18.81 23.64 -29.25
CA ASP G 386 -20.15 23.48 -28.72
C ASP G 386 -20.24 23.69 -27.22
N ALA G 387 -19.12 23.87 -26.54
CA ALA G 387 -19.15 24.07 -25.09
C ALA G 387 -19.78 25.42 -24.77
N LEU G 388 -20.56 25.46 -23.69
CA LEU G 388 -21.31 26.65 -23.32
C LEU G 388 -20.88 27.17 -21.96
N PHE G 389 -20.68 28.48 -21.90
CA PHE G 389 -20.45 29.21 -20.66
C PHE G 389 -21.79 29.42 -19.96
N LEU G 390 -21.80 29.23 -18.65
CA LEU G 390 -22.97 29.53 -17.84
C LEU G 390 -22.66 30.77 -17.01
N THR G 391 -23.44 31.83 -17.21
CA THR G 391 -23.21 33.11 -16.56
C THR G 391 -24.36 33.44 -15.62
N ARG G 392 -24.02 34.03 -14.48
CA ARG G 392 -25.02 34.41 -13.49
C ARG G 392 -25.91 35.53 -14.01
N CYS G 393 -27.19 35.45 -13.64
CA CYS G 393 -28.17 36.47 -13.96
C CYS G 393 -28.58 37.19 -12.68
N GLN G 394 -28.64 38.52 -12.75
CA GLN G 394 -28.95 39.31 -11.58
C GLN G 394 -30.34 38.97 -11.06
N GLN G 395 -30.50 39.06 -9.73
CA GLN G 395 -31.80 38.80 -9.13
C GLN G 395 -32.85 39.75 -9.68
N GLU G 396 -32.48 41.00 -9.93
CA GLU G 396 -33.40 41.97 -10.52
C GLU G 396 -33.90 41.49 -11.88
N GLU G 397 -32.98 41.02 -12.74
CA GLU G 397 -33.37 40.57 -14.06
C GLU G 397 -34.22 39.31 -13.98
N SER G 398 -33.88 38.38 -13.10
CA SER G 398 -34.68 37.17 -12.97
C SER G 398 -36.09 37.47 -12.52
N GLN G 399 -36.22 38.34 -11.51
CA GLN G 399 -37.53 38.73 -11.03
C GLN G 399 -38.31 39.46 -12.11
N ALA G 400 -37.64 40.32 -12.88
CA ALA G 400 -38.32 41.02 -13.96
C ALA G 400 -38.83 40.06 -15.01
N ALA G 401 -38.03 39.03 -15.34
CA ALA G 401 -38.48 38.05 -16.33
C ALA G 401 -39.70 37.28 -15.85
N ARG G 402 -39.69 36.86 -14.58
CA ARG G 402 -40.85 36.14 -14.06
C ARG G 402 -42.08 37.03 -14.01
N MET G 403 -41.92 38.28 -13.61
CA MET G 403 -43.03 39.22 -13.61
C MET G 403 -43.56 39.45 -15.02
N ILE G 404 -42.66 39.51 -16.00
CA ILE G 404 -43.08 39.64 -17.39
C ILE G 404 -43.93 38.44 -17.80
N HIS G 405 -43.50 37.24 -17.44
CA HIS G 405 -44.27 36.05 -17.77
C HIS G 405 -45.68 36.13 -17.19
N SER G 406 -45.77 36.37 -15.88
CA SER G 406 -47.09 36.38 -15.23
C SER G 406 -47.97 37.51 -15.75
N THR G 407 -47.39 38.70 -15.92
CA THR G 407 -48.15 39.85 -16.39
C THR G 407 -48.66 39.63 -17.81
N ALA G 408 -47.82 39.08 -18.68
CA ALA G 408 -48.24 38.80 -20.05
C ALA G 408 -49.39 37.81 -20.06
N GLY G 409 -49.28 36.75 -19.27
CA GLY G 409 -50.38 35.80 -19.20
C GLY G 409 -51.67 36.44 -18.74
N LEU G 410 -51.60 37.22 -17.66
CA LEU G 410 -52.82 37.84 -17.12
C LEU G 410 -53.44 38.81 -18.12
N TYR G 411 -52.62 39.63 -18.77
CA TYR G 411 -53.18 40.63 -19.68
C TYR G 411 -53.68 40.01 -20.96
N ASN G 412 -53.06 38.92 -21.43
CA ASN G 412 -53.59 38.21 -22.57
C ASN G 412 -54.94 37.59 -22.25
N GLN G 413 -55.08 37.03 -21.05
CA GLN G 413 -56.37 36.52 -20.63
C GLN G 413 -57.41 37.64 -20.60
N PHE G 414 -57.04 38.80 -20.06
CA PHE G 414 -57.95 39.94 -20.01
C PHE G 414 -58.34 40.40 -21.40
N ILE G 415 -57.39 40.43 -22.34
CA ILE G 415 -57.67 40.87 -23.69
C ILE G 415 -58.63 39.92 -24.38
N LYS G 416 -58.40 38.62 -24.25
CA LYS G 416 -59.32 37.69 -24.89
C LYS G 416 -60.69 37.70 -24.23
N GLY G 417 -60.74 37.97 -22.92
CA GLY G 417 -62.03 38.16 -22.28
C GLY G 417 -62.77 39.36 -22.84
N LEU G 418 -62.05 40.46 -23.09
CA LEU G 418 -62.68 41.62 -23.72
C LEU G 418 -63.17 41.27 -25.11
N ASP G 419 -62.36 40.55 -25.89
CA ASP G 419 -62.75 40.16 -27.23
C ASP G 419 -63.91 39.18 -27.25
N SER G 420 -64.16 38.49 -26.15
CA SER G 420 -65.26 37.53 -26.11
C SER G 420 -66.59 38.19 -26.42
N PHE G 421 -66.83 39.39 -25.88
CA PHE G 421 -68.05 40.13 -26.14
C PHE G 421 -67.81 41.36 -27.00
N SER G 422 -66.95 41.22 -28.01
CA SER G 422 -66.56 42.38 -28.82
C SER G 422 -67.77 43.00 -29.51
N GLY G 423 -68.65 42.18 -30.06
CA GLY G 423 -69.83 42.68 -30.73
C GLY G 423 -71.08 41.91 -30.35
N LYS G 424 -71.13 41.46 -29.10
CA LYS G 424 -72.22 40.61 -28.61
C LYS G 424 -72.86 41.29 -27.41
N PRO G 425 -73.79 42.22 -27.62
CA PRO G 425 -74.46 42.87 -26.49
C PRO G 425 -75.20 41.84 -25.64
N ARG G 426 -75.12 42.01 -24.33
CA ARG G 426 -75.71 41.05 -23.42
C ARG G 426 -77.22 41.18 -23.31
N GLY G 427 -77.78 42.33 -23.69
CA GLY G 427 -79.20 42.53 -23.49
C GLY G 427 -79.54 42.51 -22.02
N SER G 428 -80.67 41.89 -21.69
CA SER G 428 -81.10 41.72 -20.31
C SER G 428 -80.68 40.39 -19.74
N GLY G 429 -79.37 40.09 -19.81
CA GLY G 429 -78.86 38.84 -19.33
C GLY G 429 -77.37 38.88 -19.09
N PRO G 430 -76.80 37.75 -18.67
CA PRO G 430 -75.35 37.68 -18.40
C PRO G 430 -74.55 37.87 -19.68
N PRO G 431 -73.30 38.32 -19.57
CA PRO G 431 -72.47 38.51 -20.77
C PRO G 431 -72.14 37.22 -21.51
N ALA G 432 -72.52 36.06 -20.97
CA ALA G 432 -72.33 34.77 -21.63
C ALA G 432 -70.85 34.51 -21.93
N GLY G 433 -70.07 34.39 -20.86
CA GLY G 433 -68.66 34.10 -20.97
C GLY G 433 -67.99 34.04 -19.61
N PRO G 434 -66.72 33.67 -19.58
CA PRO G 434 -65.97 33.69 -18.32
C PRO G 434 -65.82 35.11 -17.80
N ALA G 435 -65.79 35.23 -16.48
CA ALA G 435 -65.68 36.53 -15.86
C ALA G 435 -64.30 37.12 -16.10
N LEU G 436 -64.25 38.44 -16.26
CA LEU G 436 -62.97 39.11 -16.46
C LEU G 436 -62.17 39.11 -15.16
N PRO G 437 -60.85 38.98 -15.24
CA PRO G 437 -60.04 39.05 -14.03
C PRO G 437 -59.83 40.48 -13.57
N ILE G 438 -60.91 41.15 -13.16
CA ILE G 438 -60.85 42.58 -12.88
C ILE G 438 -59.95 42.86 -11.68
N GLU G 439 -60.16 42.12 -10.58
CA GLU G 439 -59.39 42.36 -9.38
C GLU G 439 -57.91 42.06 -9.60
N ALA G 440 -57.61 40.97 -10.30
CA ALA G 440 -56.22 40.64 -10.58
C ALA G 440 -55.57 41.69 -11.46
N VAL G 441 -56.29 42.18 -12.46
CA VAL G 441 -55.74 43.20 -13.34
C VAL G 441 -55.47 44.49 -12.57
N ILE G 442 -56.40 44.89 -11.71
CA ILE G 442 -56.22 46.12 -10.94
C ILE G 442 -55.01 45.99 -10.02
N LEU G 443 -54.91 44.86 -9.31
CA LEU G 443 -53.78 44.67 -8.41
C LEU G 443 -52.47 44.62 -9.17
N SER G 444 -52.43 43.95 -10.31
CA SER G 444 -51.21 43.88 -11.09
C SER G 444 -50.80 45.25 -11.60
N LEU G 445 -51.76 46.04 -12.05
CA LEU G 445 -51.44 47.39 -12.51
C LEU G 445 -50.88 48.23 -11.38
N GLN G 446 -51.49 48.15 -10.20
CA GLN G 446 -50.97 48.92 -9.08
C GLN G 446 -49.57 48.49 -8.69
N ASP G 447 -49.34 47.17 -8.66
CA ASP G 447 -48.02 46.66 -8.31
C ASP G 447 -46.97 47.10 -9.31
N LEU G 448 -47.29 47.05 -10.61
CA LEU G 448 -46.33 47.47 -11.62
C LEU G 448 -46.07 48.97 -11.54
N ILE G 449 -47.10 49.77 -11.29
CA ILE G 449 -46.92 51.21 -11.16
C ILE G 449 -45.98 51.51 -10.01
N GLY G 450 -46.17 50.84 -8.87
CA GLY G 450 -45.24 51.00 -7.77
C GLY G 450 -43.88 50.41 -8.05
N TYR G 451 -43.80 49.45 -8.96
CA TYR G 451 -42.52 48.85 -9.35
C TYR G 451 -41.69 49.81 -10.18
N PHE G 452 -42.33 50.63 -11.01
CA PHE G 452 -41.64 51.53 -11.90
C PHE G 452 -41.58 52.96 -11.37
N GLU G 453 -41.93 53.17 -10.12
CA GLU G 453 -41.98 54.52 -9.58
C GLU G 453 -40.58 55.12 -9.57
N PRO G 454 -40.40 56.36 -10.04
CA PRO G 454 -39.08 56.96 -10.04
C PRO G 454 -38.61 57.22 -8.62
N PRO G 455 -37.30 57.18 -8.38
CA PRO G 455 -36.80 57.49 -7.04
C PRO G 455 -37.12 58.93 -6.67
N SER G 456 -37.38 59.15 -5.39
CA SER G 456 -37.77 60.47 -4.93
C SER G 456 -36.60 61.45 -5.07
N GLU G 457 -36.93 62.74 -5.09
CA GLU G 457 -35.88 63.75 -5.26
C GLU G 457 -35.03 63.91 -4.01
N GLU G 458 -35.41 63.29 -2.90
CA GLU G 458 -34.75 63.55 -1.62
C GLU G 458 -33.60 62.60 -1.32
N LEU G 459 -33.42 61.51 -2.07
CA LEU G 459 -32.27 60.66 -1.79
C LEU G 459 -30.99 61.30 -2.32
N GLN G 460 -29.86 60.76 -1.86
CA GLN G 460 -28.56 61.28 -2.19
C GLN G 460 -28.14 60.83 -3.60
N HIS G 461 -27.24 61.61 -4.20
CA HIS G 461 -26.98 61.56 -5.63
C HIS G 461 -26.61 60.16 -6.10
N GLU G 462 -25.72 59.49 -5.38
CA GLU G 462 -25.22 58.19 -5.83
C GLU G 462 -26.34 57.15 -5.88
N GLU G 463 -27.07 57.00 -4.78
CA GLU G 463 -28.14 56.00 -4.78
C GLU G 463 -29.25 56.39 -5.73
N LYS G 464 -29.49 57.69 -5.92
CA LYS G 464 -30.49 58.11 -6.89
C LYS G 464 -30.09 57.70 -8.30
N GLN G 465 -28.81 57.86 -8.64
CA GLN G 465 -28.33 57.44 -9.96
C GLN G 465 -28.41 55.93 -10.12
N SER G 466 -28.06 55.18 -9.09
CA SER G 466 -28.16 53.72 -9.18
C SER G 466 -29.59 53.27 -9.38
N LYS G 467 -30.52 53.88 -8.65
CA LYS G 467 -31.94 53.54 -8.82
C LYS G 467 -32.43 53.93 -10.20
N LEU G 468 -31.98 55.07 -10.72
CA LEU G 468 -32.36 55.46 -12.07
C LEU G 468 -31.86 54.47 -13.09
N ARG G 469 -30.63 53.98 -12.93
CA ARG G 469 -30.09 53.00 -13.85
C ARG G 469 -30.90 51.70 -13.81
N SER G 470 -31.24 51.24 -12.60
CA SER G 470 -32.05 50.03 -12.49
C SER G 470 -33.42 50.23 -13.13
N LEU G 471 -34.02 51.40 -12.93
CA LEU G 471 -35.32 51.69 -13.52
C LEU G 471 -35.26 51.69 -15.04
N ARG G 472 -34.22 52.30 -15.61
CA ARG G 472 -34.06 52.29 -17.06
C ARG G 472 -33.92 50.86 -17.57
N ASN G 473 -33.13 50.04 -16.88
CA ASN G 473 -32.94 48.66 -17.31
C ASN G 473 -34.26 47.89 -17.28
N ARG G 474 -35.05 48.06 -16.21
CA ARG G 474 -36.31 47.34 -16.11
C ARG G 474 -37.30 47.80 -17.16
N GLN G 475 -37.35 49.12 -17.40
CA GLN G 475 -38.22 49.63 -18.46
C GLN G 475 -37.83 49.04 -19.81
N SER G 476 -36.52 48.99 -20.10
CA SER G 476 -36.07 48.44 -21.36
C SER G 476 -36.43 46.97 -21.48
N LEU G 477 -36.29 46.20 -20.40
CA LEU G 477 -36.65 44.79 -20.45
C LEU G 477 -38.13 44.60 -20.74
N PHE G 478 -38.98 45.31 -20.02
CA PHE G 478 -40.42 45.20 -20.23
C PHE G 478 -40.79 45.62 -21.65
N GLN G 479 -40.18 46.69 -22.16
CA GLN G 479 -40.44 47.11 -23.52
C GLN G 479 -40.02 46.05 -24.52
N GLU G 480 -38.84 45.45 -24.32
CA GLU G 480 -38.34 44.46 -25.27
C GLU G 480 -39.17 43.19 -25.27
N GLU G 481 -39.88 42.89 -24.18
CA GLU G 481 -40.75 41.72 -24.18
C GLU G 481 -42.16 42.02 -24.64
N GLY G 482 -42.43 43.23 -25.14
CA GLY G 482 -43.74 43.53 -25.68
C GLY G 482 -44.77 43.98 -24.67
N MET G 483 -44.38 44.26 -23.44
CA MET G 483 -45.34 44.69 -22.43
C MET G 483 -45.96 46.04 -22.81
N LEU G 484 -45.19 46.91 -23.45
CA LEU G 484 -45.74 48.18 -23.90
C LEU G 484 -46.85 47.98 -24.92
N SER G 485 -46.60 47.10 -25.91
CA SER G 485 -47.63 46.81 -26.90
C SER G 485 -48.84 46.14 -26.26
N LEU G 486 -48.62 45.29 -25.26
CA LEU G 486 -49.72 44.64 -24.57
C LEU G 486 -50.60 45.67 -23.84
N VAL G 487 -49.96 46.63 -23.17
CA VAL G 487 -50.70 47.69 -22.48
C VAL G 487 -51.47 48.53 -23.50
N LEU G 488 -50.86 48.82 -24.65
CA LEU G 488 -51.56 49.56 -25.69
C LEU G 488 -52.79 48.80 -26.18
N ASN G 489 -52.67 47.49 -26.36
CA ASN G 489 -53.81 46.69 -26.81
C ASN G 489 -54.93 46.71 -25.78
N CYS G 490 -54.58 46.58 -24.50
CA CYS G 490 -55.60 46.67 -23.46
C CYS G 490 -56.29 48.02 -23.49
N ILE G 491 -55.51 49.10 -23.64
CA ILE G 491 -56.08 50.43 -23.69
C ILE G 491 -57.02 50.58 -24.88
N ASP G 492 -56.63 50.07 -26.05
CA ASP G 492 -57.49 50.17 -27.22
C ASP G 492 -58.80 49.44 -27.00
N ARG G 493 -58.73 48.20 -26.52
CA ARG G 493 -59.95 47.42 -26.39
C ARG G 493 -60.87 47.97 -25.32
N LEU G 494 -60.33 48.57 -24.26
CA LEU G 494 -61.18 49.28 -23.32
C LEU G 494 -61.64 50.62 -23.86
N ASN G 495 -60.93 51.17 -24.83
CA ASN G 495 -61.22 52.49 -25.38
C ASN G 495 -62.29 52.46 -26.45
N VAL G 496 -62.58 51.30 -27.03
CA VAL G 496 -63.69 51.24 -27.97
C VAL G 496 -65.03 51.58 -27.34
N TYR G 497 -65.12 51.59 -26.01
CA TYR G 497 -66.33 51.94 -25.29
C TYR G 497 -66.21 53.38 -24.81
N THR G 498 -67.32 54.13 -24.90
CA THR G 498 -67.26 55.56 -24.61
C THR G 498 -67.44 55.86 -23.13
N THR G 499 -68.19 55.03 -22.41
CA THR G 499 -68.46 55.32 -21.01
C THR G 499 -68.69 54.01 -20.28
N ALA G 500 -68.79 54.11 -18.95
CA ALA G 500 -68.97 52.92 -18.12
C ALA G 500 -70.29 52.22 -18.43
N ALA G 501 -71.35 53.00 -18.68
CA ALA G 501 -72.62 52.39 -19.04
C ALA G 501 -72.52 51.67 -20.38
N HIS G 502 -71.82 52.27 -21.35
CA HIS G 502 -71.61 51.61 -22.63
C HIS G 502 -70.86 50.31 -22.46
N PHE G 503 -69.86 50.30 -21.57
CA PHE G 503 -69.15 49.07 -21.27
C PHE G 503 -70.07 48.06 -20.60
N ALA G 504 -70.93 48.51 -19.69
CA ALA G 504 -71.85 47.63 -19.00
C ALA G 504 -72.83 46.97 -19.95
N GLU G 505 -73.17 47.64 -21.04
CA GLU G 505 -74.06 47.02 -22.02
C GLU G 505 -73.48 45.75 -22.62
N TYR G 506 -72.17 45.54 -22.50
CA TYR G 506 -71.52 44.36 -23.05
C TYR G 506 -70.86 43.48 -22.00
N ALA G 507 -70.52 44.02 -20.83
CA ALA G 507 -69.79 43.27 -19.82
C ALA G 507 -70.51 43.17 -18.49
N GLY G 508 -71.59 43.92 -18.28
CA GLY G 508 -72.30 43.90 -17.02
C GLY G 508 -71.82 44.98 -16.07
N GLU G 509 -72.71 45.34 -15.14
CA GLU G 509 -72.44 46.43 -14.21
C GLU G 509 -71.29 46.09 -13.28
N GLU G 510 -71.22 44.84 -12.83
CA GLU G 510 -70.18 44.43 -11.88
C GLU G 510 -68.80 44.59 -12.47
N ALA G 511 -68.65 44.45 -13.79
CA ALA G 511 -67.37 44.70 -14.44
C ALA G 511 -67.21 46.14 -14.86
N ALA G 512 -68.33 46.83 -15.12
CA ALA G 512 -68.23 48.21 -15.58
C ALA G 512 -67.94 49.17 -14.44
N GLU G 513 -68.16 48.74 -13.20
CA GLU G 513 -67.87 49.63 -12.08
C GLU G 513 -66.38 49.78 -11.82
N SER G 514 -65.53 49.09 -12.59
CA SER G 514 -64.09 49.22 -12.48
C SER G 514 -63.45 49.71 -13.78
N TRP G 515 -64.26 50.02 -14.79
CA TRP G 515 -63.73 50.37 -16.11
C TRP G 515 -62.88 51.64 -16.05
N LYS G 516 -63.39 52.67 -15.39
CA LYS G 516 -62.64 53.93 -15.29
C LYS G 516 -61.34 53.73 -14.52
N GLU G 517 -61.39 52.99 -13.42
CA GLU G 517 -60.19 52.76 -12.63
C GLU G 517 -59.15 52.00 -13.44
N ILE G 518 -59.59 50.98 -14.19
CA ILE G 518 -58.64 50.19 -14.97
C ILE G 518 -58.01 51.02 -16.07
N VAL G 519 -58.80 51.85 -16.77
CA VAL G 519 -58.21 52.64 -17.84
C VAL G 519 -57.23 53.67 -17.28
N ASN G 520 -57.57 54.28 -16.14
CA ASN G 520 -56.64 55.22 -15.53
C ASN G 520 -55.35 54.54 -15.12
N LEU G 521 -55.45 53.35 -14.53
CA LEU G 521 -54.25 52.62 -14.16
C LEU G 521 -53.42 52.23 -15.37
N LEU G 522 -54.08 51.88 -16.48
CA LEU G 522 -53.34 51.54 -17.69
C LEU G 522 -52.56 52.73 -18.23
N TYR G 523 -53.19 53.90 -18.25
CA TYR G 523 -52.46 55.09 -18.69
C TYR G 523 -51.31 55.42 -17.75
N GLU G 524 -51.53 55.29 -16.44
CA GLU G 524 -50.47 55.56 -15.48
C GLU G 524 -49.32 54.59 -15.66
N LEU G 525 -49.61 53.32 -15.92
CA LEU G 525 -48.55 52.33 -16.15
C LEU G 525 -47.78 52.64 -17.42
N LEU G 526 -48.47 53.05 -18.48
CA LEU G 526 -47.77 53.41 -19.71
C LEU G 526 -46.83 54.59 -19.47
N ALA G 527 -47.30 55.59 -18.74
CA ALA G 527 -46.45 56.72 -18.40
C ALA G 527 -45.25 56.27 -17.57
N SER G 528 -45.47 55.35 -16.64
CA SER G 528 -44.36 54.84 -15.83
C SER G 528 -43.35 54.09 -16.69
N LEU G 529 -43.82 53.31 -17.66
CA LEU G 529 -42.93 52.59 -18.55
C LEU G 529 -42.08 53.51 -19.41
N ILE G 530 -42.65 54.58 -19.94
CA ILE G 530 -41.93 55.43 -20.88
C ILE G 530 -41.28 56.64 -20.23
N ARG G 531 -41.54 56.93 -18.95
CA ARG G 531 -41.05 58.15 -18.36
C ARG G 531 -39.53 58.15 -18.25
N GLY G 532 -38.89 59.14 -18.87
CA GLY G 532 -37.46 59.29 -18.78
C GLY G 532 -36.65 58.32 -19.60
N ASN G 533 -37.30 57.52 -20.43
CA ASN G 533 -36.62 56.51 -21.24
C ASN G 533 -36.77 56.90 -22.70
N ARG G 534 -35.68 57.38 -23.31
CA ARG G 534 -35.76 57.89 -24.67
C ARG G 534 -36.05 56.76 -25.66
N ALA G 535 -35.49 55.58 -25.43
CA ALA G 535 -35.74 54.46 -26.34
C ALA G 535 -37.22 54.11 -26.36
N ASN G 536 -37.87 54.07 -25.20
CA ASN G 536 -39.29 53.77 -25.15
C ASN G 536 -40.13 54.93 -25.70
N CYS G 537 -39.71 56.16 -25.42
CA CYS G 537 -40.46 57.30 -25.93
C CYS G 537 -40.41 57.41 -27.44
N ALA G 538 -39.31 56.95 -28.05
CA ALA G 538 -39.19 57.04 -29.50
C ALA G 538 -40.17 56.13 -30.23
N LEU G 539 -40.74 55.13 -29.54
CA LEU G 539 -41.67 54.22 -30.18
C LEU G 539 -42.94 54.90 -30.62
N PHE G 540 -43.25 56.07 -30.09
CA PHE G 540 -44.48 56.77 -30.46
C PHE G 540 -44.30 57.69 -31.67
N SER G 541 -43.10 57.72 -32.25
CA SER G 541 -42.88 58.53 -33.45
C SER G 541 -43.63 58.00 -34.66
N THR G 542 -44.17 56.77 -34.59
CA THR G 542 -44.99 56.25 -35.67
C THR G 542 -46.47 56.31 -35.35
N ASN G 543 -46.86 56.21 -34.09
CA ASN G 543 -48.25 56.33 -33.67
C ASN G 543 -48.34 57.48 -32.67
N LEU G 544 -48.46 58.69 -33.18
CA LEU G 544 -48.69 59.86 -32.33
C LEU G 544 -50.15 60.28 -32.30
N ASP G 545 -50.88 60.04 -33.40
CA ASP G 545 -52.32 60.22 -33.38
C ASP G 545 -52.97 59.28 -32.38
N TRP G 546 -52.33 58.16 -32.06
CA TRP G 546 -52.85 57.29 -31.02
C TRP G 546 -52.94 58.02 -29.69
N VAL G 547 -51.95 58.87 -29.39
CA VAL G 547 -51.97 59.62 -28.15
C VAL G 547 -52.82 60.87 -28.26
N VAL G 548 -52.67 61.61 -29.36
CA VAL G 548 -53.35 62.89 -29.47
C VAL G 548 -54.85 62.70 -29.60
N SER G 549 -55.29 61.71 -30.38
CA SER G 549 -56.72 61.50 -30.60
C SER G 549 -57.45 61.13 -29.32
N LYS G 550 -56.74 60.71 -28.29
CA LYS G 550 -57.35 60.35 -27.02
C LYS G 550 -57.32 61.47 -25.99
N LEU G 551 -56.85 62.66 -26.37
CA LEU G 551 -56.76 63.76 -25.41
C LEU G 551 -58.12 64.20 -24.91
N ASP G 552 -59.12 64.21 -25.79
CA ASP G 552 -60.44 64.71 -25.45
C ASP G 552 -61.27 63.71 -24.65
N ARG G 553 -60.79 62.50 -24.44
CA ARG G 553 -61.51 61.53 -23.61
C ARG G 553 -61.65 62.06 -22.20
N LEU G 554 -62.84 61.93 -21.63
CA LEU G 554 -63.13 62.51 -20.33
C LEU G 554 -62.68 61.64 -19.16
N GLU G 555 -62.53 60.33 -19.37
CA GLU G 555 -62.31 59.44 -18.23
C GLU G 555 -60.87 59.50 -17.72
N ALA G 556 -59.89 59.70 -18.61
CA ALA G 556 -58.48 59.64 -18.21
C ALA G 556 -57.70 60.79 -18.85
N SER G 557 -58.28 61.99 -18.79
CA SER G 557 -57.65 63.14 -19.42
C SER G 557 -56.28 63.43 -18.82
N SER G 558 -56.18 63.43 -17.50
CA SER G 558 -54.90 63.71 -16.85
C SER G 558 -53.85 62.67 -17.23
N GLY G 559 -54.24 61.39 -17.24
CA GLY G 559 -53.29 60.34 -17.58
C GLY G 559 -52.79 60.43 -19.01
N ILE G 560 -53.70 60.66 -19.96
CA ILE G 560 -53.27 60.73 -21.34
C ILE G 560 -52.42 61.96 -21.58
N LEU G 561 -52.76 63.08 -20.93
CA LEU G 561 -51.93 64.27 -21.05
C LEU G 561 -50.54 64.03 -20.48
N GLU G 562 -50.46 63.32 -19.36
CA GLU G 562 -49.15 63.01 -18.78
C GLU G 562 -48.34 62.12 -19.69
N VAL G 563 -48.99 61.15 -20.34
CA VAL G 563 -48.30 60.31 -21.30
C VAL G 563 -47.73 61.14 -22.44
N LEU G 564 -48.54 62.07 -22.97
CA LEU G 564 -48.07 62.94 -24.03
C LEU G 564 -46.89 63.80 -23.58
N TYR G 565 -46.97 64.33 -22.35
CA TYR G 565 -45.89 65.15 -21.83
C TYR G 565 -44.60 64.35 -21.72
N CYS G 566 -44.69 63.12 -21.20
CA CYS G 566 -43.50 62.28 -21.11
C CYS G 566 -42.92 61.98 -22.48
N VAL G 567 -43.78 61.71 -23.45
CA VAL G 567 -43.29 61.44 -24.80
C VAL G 567 -42.57 62.66 -25.38
N LEU G 568 -43.18 63.84 -25.26
CA LEU G 568 -42.61 65.03 -25.89
C LEU G 568 -41.33 65.47 -25.20
N ILE G 569 -41.25 65.33 -23.89
CA ILE G 569 -40.07 65.76 -23.14
C ILE G 569 -38.81 65.00 -23.53
N GLU G 570 -38.92 63.74 -23.92
CA GLU G 570 -37.76 62.88 -24.09
C GLU G 570 -37.33 62.66 -25.53
N SER G 571 -38.28 62.52 -26.46
CA SER G 571 -37.93 62.07 -27.81
C SER G 571 -38.04 63.21 -28.81
N PRO G 572 -36.92 63.75 -29.30
CA PRO G 572 -36.99 64.75 -30.37
C PRO G 572 -37.56 64.21 -31.67
N GLU G 573 -37.51 62.89 -31.86
CA GLU G 573 -38.15 62.30 -33.04
C GLU G 573 -39.63 62.64 -33.09
N VAL G 574 -40.28 62.69 -31.93
CA VAL G 574 -41.70 63.04 -31.89
C VAL G 574 -41.90 64.50 -32.22
N LEU G 575 -41.03 65.38 -31.73
CA LEU G 575 -41.14 66.79 -32.09
C LEU G 575 -40.91 67.01 -33.57
N ASN G 576 -40.15 66.13 -34.21
CA ASN G 576 -39.88 66.28 -35.63
C ASN G 576 -41.06 65.87 -36.50
N ILE G 577 -42.08 65.24 -35.93
CA ILE G 577 -43.25 64.81 -36.69
C ILE G 577 -44.51 65.54 -36.28
N ILE G 578 -44.43 66.51 -35.37
CA ILE G 578 -45.60 67.25 -34.93
C ILE G 578 -46.16 68.05 -36.08
N GLN G 579 -47.49 68.08 -36.19
CA GLN G 579 -48.16 68.79 -37.27
C GLN G 579 -49.18 69.79 -36.72
N GLU G 580 -49.72 70.59 -37.64
CA GLU G 580 -50.67 71.63 -37.26
C GLU G 580 -51.92 71.03 -36.63
N ASN G 581 -52.37 69.88 -37.13
CA ASN G 581 -53.55 69.26 -36.54
C ASN G 581 -53.28 68.85 -35.10
N HIS G 582 -52.10 68.31 -34.81
CA HIS G 582 -51.74 67.98 -33.43
C HIS G 582 -51.73 69.22 -32.55
N ILE G 583 -51.14 70.30 -33.05
CA ILE G 583 -51.06 71.51 -32.23
C ILE G 583 -52.45 72.08 -31.98
N LYS G 584 -53.31 72.05 -32.99
CA LYS G 584 -54.67 72.52 -32.83
C LYS G 584 -55.44 71.65 -31.86
N SER G 585 -55.18 70.35 -31.85
CA SER G 585 -55.79 69.47 -30.86
C SER G 585 -55.35 69.84 -29.45
N ILE G 586 -54.06 70.11 -29.27
CA ILE G 586 -53.57 70.48 -27.95
C ILE G 586 -54.17 71.81 -27.50
N ILE G 587 -54.36 72.74 -28.42
CA ILE G 587 -54.97 74.02 -28.05
C ILE G 587 -56.46 73.85 -27.76
N SER G 588 -57.14 73.00 -28.53
CA SER G 588 -58.53 72.66 -28.22
C SER G 588 -58.64 72.02 -26.85
N LEU G 589 -57.58 71.36 -26.39
CA LEU G 589 -57.57 70.86 -25.02
C LEU G 589 -57.74 72.00 -24.02
N LEU G 590 -56.99 73.10 -24.20
CA LEU G 590 -57.22 74.27 -23.36
C LEU G 590 -58.64 74.78 -23.50
N ASP G 591 -59.10 74.89 -24.74
CA ASP G 591 -60.43 75.45 -25.00
C ASP G 591 -61.52 74.66 -24.29
N LYS G 592 -61.40 73.34 -24.24
CA LYS G 592 -62.47 72.50 -23.73
C LYS G 592 -62.28 72.03 -22.31
N HIS G 593 -61.07 72.14 -21.74
CA HIS G 593 -60.84 71.69 -20.38
C HIS G 593 -60.43 72.81 -19.44
N GLY G 594 -60.32 74.04 -19.93
CA GLY G 594 -60.00 75.15 -19.06
C GLY G 594 -58.52 75.44 -18.99
N ARG G 595 -58.19 76.42 -18.16
CA ARG G 595 -56.83 76.93 -18.08
C ARG G 595 -56.02 76.02 -17.17
N ASN G 596 -55.32 75.08 -17.78
CA ASN G 596 -54.43 74.15 -17.09
C ASN G 596 -53.01 74.43 -17.55
N HIS G 597 -52.11 74.64 -16.57
CA HIS G 597 -50.74 75.00 -16.92
C HIS G 597 -49.95 73.85 -17.52
N LYS G 598 -50.42 72.61 -17.36
CA LYS G 598 -49.70 71.49 -17.97
C LYS G 598 -49.81 71.50 -19.48
N VAL G 599 -50.95 71.95 -20.01
CA VAL G 599 -51.07 72.12 -21.46
C VAL G 599 -50.08 73.16 -21.95
N LEU G 600 -49.92 74.23 -21.18
CA LEU G 600 -48.92 75.24 -21.50
C LEU G 600 -47.52 74.65 -21.49
N ASP G 601 -47.23 73.79 -20.51
CA ASP G 601 -45.92 73.15 -20.45
C ASP G 601 -45.67 72.25 -21.66
N VAL G 602 -46.71 71.52 -22.08
CA VAL G 602 -46.59 70.70 -23.28
C VAL G 602 -46.29 71.57 -24.50
N LEU G 603 -47.01 72.68 -24.62
CA LEU G 603 -46.75 73.59 -25.74
C LEU G 603 -45.35 74.16 -25.68
N CYS G 604 -44.86 74.47 -24.47
CA CYS G 604 -43.49 74.95 -24.32
C CYS G 604 -42.50 73.90 -24.80
N SER G 605 -42.71 72.64 -24.41
CA SER G 605 -41.82 71.57 -24.83
C SER G 605 -41.85 71.35 -26.33
N LEU G 606 -42.97 71.65 -26.99
CA LEU G 606 -43.00 71.52 -28.44
C LEU G 606 -42.05 72.48 -29.15
N CYS G 607 -41.64 73.57 -28.50
CA CYS G 607 -40.88 74.61 -29.17
C CYS G 607 -39.39 74.35 -29.19
N VAL G 608 -38.83 73.95 -28.05
CA VAL G 608 -37.39 73.69 -27.92
C VAL G 608 -37.20 72.34 -27.26
N CYS G 609 -36.33 71.52 -27.85
CA CYS G 609 -35.92 70.26 -27.23
C CYS G 609 -34.40 70.21 -27.23
N ASN G 610 -33.83 69.76 -26.11
CA ASN G 610 -32.39 69.52 -25.92
C ASN G 610 -31.53 70.61 -26.56
N GLY G 611 -31.98 71.86 -26.46
CA GLY G 611 -31.17 72.99 -26.87
C GLY G 611 -31.28 73.39 -28.32
N VAL G 612 -32.22 72.83 -29.07
CA VAL G 612 -32.45 73.21 -30.46
C VAL G 612 -33.90 73.63 -30.59
N ALA G 613 -34.16 74.57 -31.50
CA ALA G 613 -35.48 75.16 -31.66
C ALA G 613 -36.14 74.67 -32.93
N VAL G 614 -37.44 74.48 -32.87
CA VAL G 614 -38.24 74.01 -33.99
C VAL G 614 -39.11 75.18 -34.46
N ARG G 615 -38.69 75.82 -35.55
CA ARG G 615 -39.37 77.01 -36.04
C ARG G 615 -40.80 76.70 -36.43
N SER G 616 -41.03 75.54 -37.05
CA SER G 616 -42.38 75.19 -37.47
C SER G 616 -43.32 75.12 -36.28
N ASN G 617 -42.91 74.44 -35.22
CA ASN G 617 -43.74 74.34 -34.03
C ASN G 617 -43.96 75.71 -33.40
N GLN G 618 -42.90 76.51 -33.31
CA GLN G 618 -43.06 77.84 -32.71
C GLN G 618 -44.06 78.68 -33.49
N ASP G 619 -43.94 78.70 -34.82
CA ASP G 619 -44.84 79.50 -35.64
C ASP G 619 -46.27 78.98 -35.57
N LEU G 620 -46.44 77.66 -35.60
CA LEU G 620 -47.79 77.11 -35.53
C LEU G 620 -48.45 77.44 -34.20
N ILE G 621 -47.72 77.31 -33.09
CA ILE G 621 -48.27 77.65 -31.79
C ILE G 621 -48.65 79.13 -31.75
N THR G 622 -47.76 80.00 -32.22
CA THR G 622 -48.08 81.43 -32.23
C THR G 622 -49.33 81.72 -33.04
N GLU G 623 -49.37 81.22 -34.28
CA GLU G 623 -50.47 81.54 -35.19
C GLU G 623 -51.80 81.00 -34.69
N ASN G 624 -51.80 79.79 -34.11
CA ASN G 624 -53.05 79.18 -33.69
C ASN G 624 -53.44 79.52 -32.25
N LEU G 625 -52.59 80.20 -31.50
CA LEU G 625 -52.99 80.49 -30.13
C LEU G 625 -53.06 81.96 -29.81
N LEU G 626 -52.17 82.79 -30.35
CA LEU G 626 -52.09 84.17 -29.91
C LEU G 626 -53.18 85.08 -30.48
N PRO G 627 -53.40 85.14 -31.80
CA PRO G 627 -54.28 86.18 -32.34
C PRO G 627 -55.71 86.12 -31.85
N GLY G 628 -56.16 84.97 -31.35
CA GLY G 628 -57.52 84.90 -30.82
C GLY G 628 -57.73 85.78 -29.61
N ARG G 629 -56.76 85.78 -28.69
CA ARG G 629 -56.83 86.55 -27.46
C ARG G 629 -58.06 86.16 -26.63
N GLU G 630 -58.37 84.87 -26.62
CA GLU G 630 -59.50 84.36 -25.86
C GLU G 630 -59.11 83.35 -24.79
N LEU G 631 -58.06 82.56 -25.01
CA LEU G 631 -57.65 81.56 -24.03
C LEU G 631 -56.68 82.14 -23.01
N LEU G 632 -55.57 82.68 -23.49
CA LEU G 632 -54.59 83.28 -22.59
C LEU G 632 -55.14 84.58 -21.99
N LEU G 633 -54.77 84.84 -20.74
CA LEU G 633 -55.17 86.07 -20.09
C LEU G 633 -54.45 87.25 -20.72
N GLN G 634 -55.15 88.38 -20.83
CA GLN G 634 -54.63 89.56 -21.48
C GLN G 634 -54.25 90.63 -20.47
N THR G 635 -53.18 91.34 -20.75
CA THR G 635 -52.67 92.39 -19.87
C THR G 635 -52.53 93.67 -20.65
N ASN G 636 -52.68 94.79 -19.95
CA ASN G 636 -52.59 96.11 -20.56
C ASN G 636 -52.58 97.14 -19.44
N LEU G 637 -52.04 98.31 -19.74
CA LEU G 637 -52.01 99.40 -18.78
C LEU G 637 -53.20 100.32 -19.01
N ILE G 638 -53.94 100.61 -17.95
CA ILE G 638 -55.14 101.42 -18.02
C ILE G 638 -55.06 102.52 -16.99
N ASN G 639 -55.84 103.58 -17.21
CA ASN G 639 -55.89 104.70 -16.29
C ASN G 639 -56.96 104.49 -15.24
N TYR G 640 -56.70 105.01 -14.05
CA TYR G 640 -57.72 105.05 -13.02
C TYR G 640 -58.74 106.12 -13.36
N VAL G 641 -60.01 105.84 -13.07
CA VAL G 641 -61.11 106.75 -13.34
C VAL G 641 -61.91 106.92 -12.05
N THR G 642 -62.33 108.15 -11.78
CA THR G 642 -63.09 108.47 -10.59
C THR G 642 -64.32 109.28 -10.96
N SER G 643 -65.38 109.13 -10.17
CA SER G 643 -66.62 109.87 -10.36
C SER G 643 -66.82 110.86 -9.22
N ILE G 644 -67.42 112.00 -9.55
CA ILE G 644 -67.72 113.03 -8.56
C ILE G 644 -69.15 113.49 -8.79
N ARG G 645 -69.90 113.65 -7.72
CA ARG G 645 -71.30 114.04 -7.78
C ARG G 645 -71.60 115.15 -6.78
N PRO G 646 -72.61 115.95 -7.05
CA PRO G 646 -73.22 116.76 -5.98
C PRO G 646 -74.10 115.88 -5.11
N ASN G 647 -74.43 116.41 -3.94
CA ASN G 647 -75.37 115.70 -3.08
C ASN G 647 -76.79 116.12 -3.45
N ILE G 648 -77.13 115.98 -4.73
CA ILE G 648 -78.46 116.30 -5.24
C ILE G 648 -79.09 115.00 -5.73
N PHE G 649 -80.18 114.60 -5.08
CA PHE G 649 -80.83 113.33 -5.37
C PHE G 649 -82.30 113.59 -5.69
N VAL G 650 -82.75 113.10 -6.84
CA VAL G 650 -84.14 113.24 -7.24
C VAL G 650 -84.65 111.89 -7.73
N GLY G 651 -85.96 111.71 -7.66
CA GLY G 651 -86.54 110.44 -8.03
C GLY G 651 -88.04 110.57 -8.19
N ARG G 652 -88.67 109.47 -8.60
CA ARG G 652 -90.10 109.45 -8.83
C ARG G 652 -90.73 108.28 -8.07
N ALA G 653 -91.83 108.57 -7.37
CA ALA G 653 -92.60 107.56 -6.69
C ALA G 653 -94.04 108.04 -6.59
N GLU G 654 -94.94 107.10 -6.39
CA GLU G 654 -96.36 107.44 -6.31
C GLU G 654 -96.61 108.22 -5.02
N GLY G 655 -97.00 109.48 -5.16
CA GLY G 655 -97.19 110.33 -4.01
C GLY G 655 -95.94 111.00 -3.50
N SER G 656 -94.82 110.89 -4.20
CA SER G 656 -93.59 111.53 -3.78
C SER G 656 -93.73 113.04 -3.84
N THR G 657 -93.00 113.73 -2.98
CA THR G 657 -93.01 115.18 -2.92
C THR G 657 -92.03 115.82 -3.90
N GLN G 658 -91.25 115.03 -4.62
CA GLN G 658 -90.19 115.56 -5.46
C GLN G 658 -90.70 115.96 -6.84
N TYR G 659 -90.10 117.01 -7.39
CA TYR G 659 -90.40 117.47 -8.73
C TYR G 659 -89.87 116.48 -9.75
N GLY G 660 -90.38 116.59 -10.98
CA GLY G 660 -90.10 115.59 -11.99
C GLY G 660 -89.02 115.89 -13.01
N LYS G 661 -88.78 117.18 -13.29
CA LYS G 661 -87.87 117.58 -14.35
C LYS G 661 -86.74 118.42 -13.77
N TRP G 662 -85.51 118.08 -14.15
CA TRP G 662 -84.33 118.71 -13.57
C TRP G 662 -83.33 119.03 -14.67
N TYR G 663 -82.47 120.00 -14.38
CA TYR G 663 -81.51 120.52 -15.35
C TYR G 663 -80.24 120.95 -14.65
N PHE G 664 -79.10 120.68 -15.28
CA PHE G 664 -77.82 121.18 -14.81
C PHE G 664 -76.85 121.20 -15.98
N GLU G 665 -75.72 121.88 -15.78
CA GLU G 665 -74.71 122.02 -16.81
C GLU G 665 -73.33 121.73 -16.24
N VAL G 666 -72.42 121.33 -17.12
CA VAL G 666 -71.01 121.16 -16.78
C VAL G 666 -70.18 121.89 -17.82
N MET G 667 -69.35 122.81 -17.37
CA MET G 667 -68.43 123.54 -18.23
C MET G 667 -67.05 122.90 -18.14
N VAL G 668 -66.44 122.66 -19.30
CA VAL G 668 -65.12 122.04 -19.36
C VAL G 668 -64.09 123.15 -19.50
N ASP G 669 -63.12 123.16 -18.59
CA ASP G 669 -62.10 124.21 -18.57
C ASP G 669 -60.77 123.76 -19.16
N GLU G 670 -60.28 122.59 -18.79
CA GLU G 670 -58.96 122.15 -19.22
C GLU G 670 -58.97 120.64 -19.33
N VAL G 671 -58.70 120.12 -20.53
CA VAL G 671 -58.63 118.68 -20.77
C VAL G 671 -57.34 118.40 -21.53
N VAL G 672 -56.46 117.59 -20.95
CA VAL G 672 -55.26 117.11 -21.62
C VAL G 672 -55.64 115.86 -22.38
N PRO G 673 -55.63 115.87 -23.72
CA PRO G 673 -56.13 114.71 -24.46
C PRO G 673 -55.41 113.41 -24.15
N PHE G 674 -54.08 113.46 -24.00
CA PHE G 674 -53.30 112.26 -23.70
C PHE G 674 -52.28 112.62 -22.61
N LEU G 675 -52.70 112.50 -21.36
CA LEU G 675 -51.74 112.59 -20.27
C LEU G 675 -50.92 111.32 -20.15
N THR G 676 -51.51 110.19 -20.51
CA THR G 676 -50.80 108.91 -20.56
C THR G 676 -50.95 108.31 -21.95
N ALA G 677 -50.53 107.06 -22.11
CA ALA G 677 -50.70 106.40 -23.40
C ALA G 677 -52.15 106.14 -23.74
N GLN G 678 -53.04 106.18 -22.75
CA GLN G 678 -54.47 105.97 -22.98
C GLN G 678 -55.20 107.31 -22.94
N ALA G 679 -56.22 107.43 -23.78
CA ALA G 679 -56.92 108.69 -23.94
C ALA G 679 -57.60 109.09 -22.63
N THR G 680 -57.65 110.40 -22.39
CA THR G 680 -58.23 110.92 -21.17
C THR G 680 -59.74 110.65 -21.13
N HIS G 681 -60.22 110.20 -19.99
CA HIS G 681 -61.61 109.86 -19.78
C HIS G 681 -62.36 111.08 -19.27
N LEU G 682 -63.52 111.37 -19.86
CA LEU G 682 -64.36 112.46 -19.38
C LEU G 682 -65.77 112.24 -19.89
N ARG G 683 -66.71 112.04 -18.98
CA ARG G 683 -68.11 111.84 -19.33
C ARG G 683 -68.98 112.59 -18.34
N VAL G 684 -70.18 112.95 -18.80
CA VAL G 684 -71.16 113.69 -18.01
C VAL G 684 -72.51 113.00 -18.18
N GLY G 685 -73.27 112.91 -17.09
CA GLY G 685 -74.58 112.32 -17.19
C GLY G 685 -75.20 112.11 -15.82
N TRP G 686 -76.16 111.19 -15.77
CA TRP G 686 -76.89 110.86 -14.56
C TRP G 686 -76.57 109.44 -14.12
N ALA G 687 -76.84 109.16 -12.86
CA ALA G 687 -76.60 107.83 -12.30
C ALA G 687 -77.65 107.56 -11.23
N LEU G 688 -77.84 106.27 -10.94
CA LEU G 688 -78.82 105.82 -9.97
C LEU G 688 -78.13 105.39 -8.69
N THR G 689 -78.69 105.79 -7.55
CA THR G 689 -78.03 105.54 -6.27
C THR G 689 -77.90 104.06 -5.99
N GLU G 690 -78.93 103.28 -6.26
CA GLU G 690 -78.93 101.86 -5.93
C GLU G 690 -78.34 101.09 -7.11
N GLY G 691 -77.02 101.05 -7.17
CA GLY G 691 -76.36 100.24 -8.18
C GLY G 691 -75.12 100.82 -8.81
N TYR G 692 -75.05 102.14 -8.94
CA TYR G 692 -73.88 102.78 -9.53
C TYR G 692 -72.80 102.85 -8.47
N SER G 693 -71.92 101.84 -8.44
CA SER G 693 -70.85 101.76 -7.46
C SER G 693 -69.56 101.41 -8.20
N PRO G 694 -68.92 102.40 -8.82
CA PRO G 694 -67.67 102.13 -9.55
C PRO G 694 -66.49 102.11 -8.59
N TYR G 695 -65.93 100.96 -8.40
CA TYR G 695 -64.77 100.97 -7.53
C TYR G 695 -63.50 101.25 -8.33
N PRO G 696 -62.49 101.87 -7.71
CA PRO G 696 -61.25 102.13 -8.44
C PRO G 696 -60.58 100.85 -8.89
N GLY G 697 -60.00 100.89 -10.08
CA GLY G 697 -59.24 99.77 -10.60
C GLY G 697 -60.08 98.90 -11.52
N GLY G 698 -60.17 97.62 -11.21
CA GLY G 698 -60.79 96.66 -12.09
C GLY G 698 -62.29 96.83 -12.18
N GLY G 699 -62.87 96.13 -13.14
CA GLY G 699 -64.30 96.23 -13.34
C GLY G 699 -64.69 95.57 -14.65
N GLU G 700 -65.72 96.13 -15.27
CA GLU G 700 -66.23 95.58 -16.52
C GLU G 700 -65.31 95.93 -17.68
N GLY G 701 -65.21 95.02 -18.62
CA GLY G 701 -64.38 95.28 -19.79
C GLY G 701 -62.92 95.40 -19.41
N TRP G 702 -62.32 96.53 -19.72
CA TRP G 702 -60.92 96.79 -19.44
C TRP G 702 -60.74 97.81 -18.31
N GLY G 703 -61.62 97.80 -17.33
CA GLY G 703 -61.47 98.68 -16.19
C GLY G 703 -61.73 100.12 -16.54
N GLY G 704 -61.40 100.99 -15.59
CA GLY G 704 -61.63 102.41 -15.78
C GLY G 704 -63.09 102.74 -15.98
N ASN G 705 -63.96 102.15 -15.18
CA ASN G 705 -65.40 102.32 -15.38
C ASN G 705 -65.84 103.68 -14.89
N GLY G 706 -66.70 104.34 -15.66
CA GLY G 706 -67.24 105.63 -15.33
C GLY G 706 -68.74 105.66 -15.56
N VAL G 707 -69.21 106.81 -16.04
CA VAL G 707 -70.62 106.94 -16.35
C VAL G 707 -70.93 106.20 -17.64
N GLY G 708 -71.97 105.39 -17.62
CA GLY G 708 -72.34 104.62 -18.79
C GLY G 708 -71.66 103.28 -18.92
N ASP G 709 -70.87 102.87 -17.93
CA ASP G 709 -70.21 101.58 -17.95
C ASP G 709 -71.03 100.50 -17.27
N ASP G 710 -72.26 100.82 -16.87
CA ASP G 710 -73.21 99.83 -16.41
C ASP G 710 -74.60 100.34 -16.75
N LEU G 711 -75.62 99.59 -16.35
CA LEU G 711 -77.00 99.95 -16.66
C LEU G 711 -77.62 100.82 -15.58
N TYR G 712 -76.82 101.37 -14.68
CA TYR G 712 -77.28 102.33 -13.68
C TYR G 712 -76.84 103.75 -13.99
N SER G 713 -76.10 103.97 -15.07
CA SER G 713 -75.60 105.28 -15.42
C SER G 713 -75.80 105.54 -16.90
N TYR G 714 -75.87 106.82 -17.25
CA TYR G 714 -76.16 107.25 -18.62
C TYR G 714 -75.32 108.47 -18.91
N GLY G 715 -74.27 108.32 -19.73
CA GLY G 715 -73.28 109.34 -19.92
C GLY G 715 -73.19 109.86 -21.35
N PHE G 716 -72.30 110.83 -21.52
CA PHE G 716 -72.12 111.51 -22.80
C PHE G 716 -70.72 112.10 -22.83
N ASP G 717 -69.91 111.72 -23.81
CA ASP G 717 -68.53 112.15 -23.89
C ASP G 717 -68.27 113.14 -25.02
N GLY G 718 -69.32 113.61 -25.70
CA GLY G 718 -69.19 114.52 -26.82
C GLY G 718 -69.37 113.86 -28.17
N LEU G 719 -69.15 112.56 -28.25
CA LEU G 719 -69.32 111.80 -29.47
C LEU G 719 -70.27 110.63 -29.34
N HIS G 720 -70.40 110.04 -28.16
CA HIS G 720 -71.18 108.83 -27.96
C HIS G 720 -72.10 108.99 -26.76
N LEU G 721 -73.14 108.16 -26.74
CA LEU G 721 -73.99 107.99 -25.57
C LEU G 721 -73.62 106.67 -24.91
N TRP G 722 -73.18 106.73 -23.67
CA TRP G 722 -72.67 105.56 -22.97
C TRP G 722 -73.71 105.02 -22.02
N THR G 723 -74.02 103.73 -22.16
CA THR G 723 -74.83 103.02 -21.19
C THR G 723 -74.56 101.53 -21.36
N GLY G 724 -74.49 100.81 -20.24
CA GLY G 724 -74.21 99.39 -20.30
C GLY G 724 -72.87 99.07 -20.90
N HIS G 725 -71.88 99.93 -20.71
CA HIS G 725 -70.52 99.72 -21.20
C HIS G 725 -70.47 99.61 -22.72
N VAL G 726 -71.40 100.25 -23.40
CA VAL G 726 -71.46 100.26 -24.86
C VAL G 726 -71.52 101.70 -25.32
N ALA G 727 -70.70 102.04 -26.31
CA ALA G 727 -70.65 103.39 -26.86
C ALA G 727 -71.43 103.44 -28.16
N ARG G 728 -72.45 104.27 -28.21
CA ARG G 728 -73.28 104.41 -29.41
C ARG G 728 -73.10 105.81 -29.96
N PRO G 729 -72.57 105.96 -31.17
CA PRO G 729 -72.32 107.30 -31.70
C PRO G 729 -73.60 108.11 -31.81
N VAL G 730 -73.49 109.40 -31.50
CA VAL G 730 -74.62 110.32 -31.53
C VAL G 730 -74.20 111.53 -32.34
N THR G 731 -75.17 112.17 -32.96
CA THR G 731 -74.91 113.27 -33.89
C THR G 731 -75.23 114.60 -33.24
N SER G 732 -74.31 115.54 -33.35
CA SER G 732 -74.49 116.91 -32.93
C SER G 732 -73.82 117.82 -33.94
N PRO G 733 -74.27 119.07 -34.06
CA PRO G 733 -73.58 120.02 -34.95
C PRO G 733 -72.14 120.23 -34.51
N GLY G 734 -71.20 119.81 -35.36
CA GLY G 734 -69.79 119.93 -35.04
C GLY G 734 -69.35 118.95 -33.97
N GLN G 735 -69.50 117.66 -34.25
CA GLN G 735 -69.14 116.63 -33.29
C GLN G 735 -67.66 116.71 -32.95
N HIS G 736 -67.35 116.64 -31.66
CA HIS G 736 -65.97 116.52 -31.22
C HIS G 736 -65.96 116.06 -29.78
N LEU G 737 -64.88 115.37 -29.41
CA LEU G 737 -64.70 114.95 -28.03
C LEU G 737 -64.65 116.18 -27.14
N LEU G 738 -65.13 116.02 -25.90
CA LEU G 738 -65.24 117.14 -24.98
C LEU G 738 -63.91 117.86 -24.84
N ALA G 739 -63.95 119.16 -25.12
CA ALA G 739 -62.77 120.02 -25.21
C ALA G 739 -62.97 121.23 -24.32
N PRO G 740 -61.90 121.97 -24.02
CA PRO G 740 -62.06 123.17 -23.20
C PRO G 740 -63.04 124.14 -23.81
N GLU G 741 -63.74 124.86 -22.93
CA GLU G 741 -64.77 125.84 -23.25
C GLU G 741 -66.06 125.21 -23.76
N ASP G 742 -66.27 123.91 -23.51
CA ASP G 742 -67.51 123.26 -23.89
C ASP G 742 -68.48 123.26 -22.71
N VAL G 743 -69.77 123.39 -23.02
CA VAL G 743 -70.83 123.36 -22.02
C VAL G 743 -71.77 122.23 -22.36
N VAL G 744 -71.99 121.34 -21.40
CA VAL G 744 -72.85 120.17 -21.57
C VAL G 744 -74.10 120.39 -20.73
N SER G 745 -75.26 120.37 -21.38
CA SER G 745 -76.54 120.53 -20.71
C SER G 745 -77.23 119.17 -20.63
N CYS G 746 -77.50 118.70 -19.42
CA CYS G 746 -78.15 117.42 -19.19
C CYS G 746 -79.52 117.66 -18.58
N CYS G 747 -80.55 117.12 -19.23
CA CYS G 747 -81.93 117.27 -18.79
C CYS G 747 -82.48 115.90 -18.40
N LEU G 748 -83.12 115.83 -17.24
CA LEU G 748 -83.75 114.60 -16.78
C LEU G 748 -85.24 114.85 -16.62
N ASP G 749 -86.04 114.10 -17.37
CA ASP G 749 -87.49 114.18 -17.33
C ASP G 749 -88.01 112.85 -16.80
N LEU G 750 -88.24 112.79 -15.49
CA LEU G 750 -88.67 111.54 -14.86
C LEU G 750 -90.07 111.12 -15.29
N SER G 751 -90.83 111.99 -15.92
CA SER G 751 -92.19 111.64 -16.30
C SER G 751 -92.22 110.66 -17.47
N VAL G 752 -91.23 110.70 -18.36
CA VAL G 752 -91.26 109.88 -19.56
C VAL G 752 -90.90 108.43 -19.24
N PRO G 753 -89.75 108.13 -18.61
CA PRO G 753 -88.60 108.95 -18.22
C PRO G 753 -87.61 109.12 -19.37
N SER G 754 -86.88 110.23 -19.44
CA SER G 754 -85.96 110.44 -20.54
C SER G 754 -84.81 111.33 -20.09
N ILE G 755 -83.65 111.10 -20.68
CA ILE G 755 -82.46 111.90 -20.44
C ILE G 755 -81.98 112.44 -21.79
N SER G 756 -81.82 113.76 -21.87
CA SER G 756 -81.42 114.41 -23.10
C SER G 756 -80.23 115.32 -22.83
N PHE G 757 -79.47 115.63 -23.87
CA PHE G 757 -78.26 116.42 -23.75
C PHE G 757 -78.26 117.55 -24.77
N ARG G 758 -77.58 118.64 -24.41
CA ARG G 758 -77.25 119.71 -25.34
C ARG G 758 -75.80 120.10 -25.09
N ILE G 759 -75.05 120.31 -26.17
CA ILE G 759 -73.66 120.73 -26.08
C ILE G 759 -73.54 122.10 -26.73
N ASN G 760 -73.00 123.06 -25.97
CA ASN G 760 -72.79 124.42 -26.46
C ASN G 760 -74.08 125.03 -27.00
N GLY G 761 -75.21 124.60 -26.46
CA GLY G 761 -76.51 125.06 -26.92
C GLY G 761 -77.10 124.28 -28.05
N CYS G 762 -76.31 123.48 -28.76
CA CYS G 762 -77.01 122.77 -29.81
C CYS G 762 -77.46 121.40 -29.32
N PRO G 763 -78.67 120.99 -29.67
CA PRO G 763 -79.19 119.71 -29.16
C PRO G 763 -78.38 118.52 -29.65
N VAL G 764 -78.29 117.51 -28.81
CA VAL G 764 -77.67 116.24 -29.14
C VAL G 764 -78.77 115.28 -29.56
N GLN G 765 -78.63 114.70 -30.75
CA GLN G 765 -79.71 113.92 -31.36
C GLN G 765 -79.67 112.48 -30.84
N GLY G 766 -79.96 112.35 -29.56
CA GLY G 766 -80.03 111.05 -28.91
C GLY G 766 -80.49 111.17 -27.48
N VAL G 767 -81.38 110.27 -27.05
CA VAL G 767 -81.95 110.30 -25.71
C VAL G 767 -82.00 108.90 -25.14
N PHE G 768 -81.71 108.80 -23.84
CA PHE G 768 -82.05 107.60 -23.09
C PHE G 768 -83.51 107.69 -22.66
N GLU G 769 -84.20 106.56 -22.64
CA GLU G 769 -85.59 106.56 -22.21
C GLU G 769 -86.00 105.16 -21.80
N ALA G 770 -87.13 105.09 -21.11
CA ALA G 770 -87.71 103.82 -20.66
C ALA G 770 -86.71 103.03 -19.82
N PHE G 771 -86.06 103.70 -18.88
CA PHE G 771 -85.14 103.04 -17.98
C PHE G 771 -85.79 102.82 -16.62
N ASN G 772 -85.04 102.21 -15.71
CA ASN G 772 -85.57 101.89 -14.40
C ASN G 772 -85.69 103.16 -13.55
N LEU G 773 -86.57 103.09 -12.55
CA LEU G 773 -86.85 104.23 -11.68
C LEU G 773 -86.80 103.84 -10.21
N ASP G 774 -86.17 102.72 -9.88
CA ASP G 774 -86.12 102.23 -8.50
C ASP G 774 -84.90 102.78 -7.77
N GLY G 775 -84.90 104.09 -7.58
CA GLY G 775 -83.82 104.74 -6.88
C GLY G 775 -83.86 106.24 -7.12
N LEU G 776 -82.78 106.89 -6.72
CA LEU G 776 -82.62 108.33 -6.86
C LEU G 776 -81.56 108.63 -7.90
N PHE G 777 -81.76 109.69 -8.66
CA PHE G 777 -80.84 110.09 -9.71
C PHE G 777 -80.03 111.30 -9.27
N PHE G 778 -78.72 111.25 -9.52
CA PHE G 778 -77.87 112.37 -9.21
C PHE G 778 -76.98 112.71 -10.39
N PRO G 779 -76.63 113.98 -10.55
CA PRO G 779 -75.62 114.35 -11.55
C PRO G 779 -74.28 113.74 -11.21
N VAL G 780 -73.50 113.44 -12.24
CA VAL G 780 -72.22 112.78 -12.03
C VAL G 780 -71.32 113.08 -13.23
N VAL G 781 -70.03 113.22 -12.96
CA VAL G 781 -69.01 113.30 -13.99
C VAL G 781 -67.94 112.27 -13.68
N SER G 782 -67.59 111.46 -14.67
CA SER G 782 -66.50 110.50 -14.55
C SER G 782 -65.31 111.04 -15.33
N PHE G 783 -64.12 110.90 -14.76
CA PHE G 783 -62.95 111.48 -15.40
C PHE G 783 -61.73 110.67 -15.04
N SER G 784 -60.73 110.76 -15.92
CA SER G 784 -59.38 110.32 -15.61
C SER G 784 -58.57 111.53 -15.20
N ALA G 785 -57.31 111.31 -14.87
CA ALA G 785 -56.44 112.42 -14.52
C ALA G 785 -56.21 113.30 -15.73
N GLY G 786 -56.11 114.60 -15.50
CA GLY G 786 -55.87 115.56 -16.54
C GLY G 786 -57.08 116.34 -17.01
N VAL G 787 -58.06 116.57 -16.14
CA VAL G 787 -59.26 117.31 -16.50
C VAL G 787 -59.48 118.43 -15.51
N LYS G 788 -60.38 119.34 -15.88
CA LYS G 788 -60.77 120.45 -15.01
C LYS G 788 -62.14 120.91 -15.48
N VAL G 789 -63.17 120.60 -14.71
CA VAL G 789 -64.54 120.92 -15.07
C VAL G 789 -65.21 121.63 -13.91
N ARG G 790 -66.31 122.31 -14.21
CA ARG G 790 -67.08 123.02 -13.20
C ARG G 790 -68.55 122.64 -13.33
N PHE G 791 -69.15 122.24 -12.21
CA PHE G 791 -70.58 122.00 -12.16
C PHE G 791 -71.31 123.34 -12.11
N LEU G 792 -72.31 123.50 -12.96
CA LEU G 792 -73.17 124.67 -12.94
C LEU G 792 -74.58 124.21 -12.57
N LEU G 793 -74.99 124.48 -11.34
CA LEU G 793 -76.25 123.99 -10.81
C LEU G 793 -77.30 125.06 -10.67
N GLY G 794 -77.04 126.29 -11.11
CA GLY G 794 -78.01 127.36 -11.05
C GLY G 794 -77.99 128.08 -9.71
N GLY G 795 -78.76 129.17 -9.67
CA GLY G 795 -78.83 129.95 -8.45
C GLY G 795 -77.47 130.53 -8.11
N ARG G 796 -77.06 130.33 -6.86
CA ARG G 796 -75.76 130.77 -6.39
C ARG G 796 -74.69 129.70 -6.57
N HIS G 797 -75.01 128.60 -7.23
CA HIS G 797 -74.09 127.49 -7.41
C HIS G 797 -73.75 127.27 -8.89
N GLY G 798 -73.55 128.35 -9.61
CA GLY G 798 -73.18 128.26 -11.02
C GLY G 798 -74.24 128.79 -11.97
N GLU G 799 -74.04 130.01 -12.45
CA GLU G 799 -74.98 130.60 -13.39
C GLU G 799 -74.99 129.80 -14.70
N PHE G 800 -76.18 129.49 -15.19
CA PHE G 800 -76.31 128.71 -16.40
C PHE G 800 -75.86 129.54 -17.60
N LYS G 801 -75.01 128.95 -18.45
CA LYS G 801 -74.69 129.62 -19.70
C LYS G 801 -75.87 129.64 -20.65
N PHE G 802 -76.66 128.57 -20.66
CA PHE G 802 -77.82 128.46 -21.52
C PHE G 802 -79.08 128.28 -20.69
N LEU G 803 -80.15 128.89 -21.16
CA LEU G 803 -81.40 128.87 -20.42
C LEU G 803 -81.96 127.45 -20.41
N PRO G 804 -82.38 126.92 -19.25
CA PRO G 804 -82.94 125.57 -19.22
C PRO G 804 -84.23 125.53 -20.00
N PRO G 805 -84.56 124.36 -20.58
CA PRO G 805 -85.81 124.26 -21.33
C PRO G 805 -87.00 124.47 -20.40
N PRO G 806 -88.13 124.92 -20.93
CA PRO G 806 -89.28 125.24 -20.07
C PRO G 806 -89.73 124.03 -19.27
N GLY G 807 -90.09 124.29 -18.02
CA GLY G 807 -90.57 123.26 -17.13
C GLY G 807 -89.50 122.56 -16.33
N TYR G 808 -88.24 122.68 -16.72
CA TYR G 808 -87.15 122.01 -16.04
C TYR G 808 -86.64 122.88 -14.90
N ALA G 809 -86.39 122.25 -13.76
CA ALA G 809 -85.96 122.97 -12.57
C ALA G 809 -84.46 122.86 -12.39
N PRO G 810 -83.80 123.95 -12.01
CA PRO G 810 -82.37 123.87 -11.71
C PRO G 810 -82.08 122.91 -10.57
N CYS G 811 -80.96 122.21 -10.67
CA CYS G 811 -80.65 121.16 -9.70
C CYS G 811 -80.37 121.71 -8.32
N HIS G 812 -79.99 122.98 -8.19
CA HIS G 812 -79.70 123.53 -6.87
C HIS G 812 -80.94 123.61 -6.00
N GLU G 813 -82.14 123.50 -6.59
CA GLU G 813 -83.37 123.51 -5.82
C GLU G 813 -83.66 122.17 -5.17
N ALA G 814 -82.88 121.13 -5.46
CA ALA G 814 -83.14 119.81 -4.94
C ALA G 814 -82.31 119.48 -3.71
N VAL G 815 -81.59 120.45 -3.16
CA VAL G 815 -80.81 120.19 -1.95
C VAL G 815 -81.76 120.08 -0.76
N LEU G 816 -81.57 119.05 0.04
CA LEU G 816 -82.46 118.80 1.16
C LEU G 816 -82.26 119.85 2.25
N PRO G 817 -83.29 120.11 3.06
CA PRO G 817 -83.17 121.15 4.09
C PRO G 817 -82.07 120.89 5.10
N ARG G 818 -81.80 119.64 5.43
CA ARG G 818 -80.82 119.32 6.46
C ARG G 818 -79.38 119.28 5.95
N GLU G 819 -79.18 119.53 4.65
CA GLU G 819 -77.85 119.41 4.07
C GLU G 819 -77.48 120.70 3.34
N ARG G 820 -76.19 120.86 3.11
CA ARG G 820 -75.64 121.94 2.29
C ARG G 820 -75.04 121.34 1.03
N LEU G 821 -75.07 122.11 -0.05
CA LEU G 821 -74.59 121.60 -1.32
C LEU G 821 -73.07 121.40 -1.28
N ARG G 822 -72.61 120.28 -1.83
CA ARG G 822 -71.20 119.98 -1.85
C ARG G 822 -70.92 118.96 -2.94
N LEU G 823 -69.63 118.68 -3.14
CA LEU G 823 -69.17 117.70 -4.11
C LEU G 823 -68.49 116.57 -3.36
N GLU G 824 -68.85 115.34 -3.68
CA GLU G 824 -68.40 114.18 -2.91
C GLU G 824 -68.17 113.00 -3.84
N PRO G 825 -67.31 112.05 -3.43
CA PRO G 825 -67.19 110.81 -4.19
C PRO G 825 -68.42 109.94 -4.05
N ILE G 826 -68.40 108.74 -4.62
CA ILE G 826 -69.55 107.84 -4.61
C ILE G 826 -69.09 106.52 -4.03
N LYS G 827 -69.63 106.17 -2.85
CA LYS G 827 -69.36 104.90 -2.18
C LYS G 827 -67.86 104.66 -2.02
N GLU G 828 -67.19 105.64 -1.44
CA GLU G 828 -65.77 105.49 -1.13
C GLU G 828 -65.59 104.55 0.07
N TYR G 829 -64.50 103.79 0.05
CA TYR G 829 -64.11 102.96 1.18
C TYR G 829 -62.82 103.43 1.81
N ARG G 830 -62.41 104.65 1.53
CA ARG G 830 -61.11 105.15 1.95
C ARG G 830 -61.08 106.65 1.70
N ARG G 831 -60.50 107.40 2.64
CA ARG G 831 -60.33 108.83 2.44
C ARG G 831 -59.10 109.30 3.20
N GLU G 832 -58.57 110.43 2.78
CA GLU G 832 -57.40 110.99 3.43
C GLU G 832 -57.79 111.63 4.75
N GLY G 833 -56.95 111.43 5.76
CA GLY G 833 -57.17 111.99 7.06
C GLY G 833 -55.97 112.76 7.57
N PRO G 834 -56.08 113.30 8.79
CA PRO G 834 -54.95 114.09 9.31
C PRO G 834 -53.69 113.28 9.51
N ARG G 835 -53.78 112.16 10.23
CA ARG G 835 -52.61 111.33 10.50
C ARG G 835 -52.43 110.21 9.50
N GLY G 836 -53.34 110.06 8.54
CA GLY G 836 -53.25 109.00 7.57
C GLY G 836 -54.59 108.68 6.96
N PRO G 837 -54.64 107.67 6.10
CA PRO G 837 -55.90 107.31 5.44
C PRO G 837 -56.92 106.80 6.45
N HIS G 838 -58.19 107.07 6.16
CA HIS G 838 -59.31 106.63 6.97
C HIS G 838 -60.07 105.54 6.22
N LEU G 839 -60.36 104.44 6.89
CA LEU G 839 -61.23 103.43 6.34
C LEU G 839 -62.68 103.81 6.60
N VAL G 840 -63.51 103.68 5.58
CA VAL G 840 -64.90 104.12 5.62
C VAL G 840 -65.80 102.93 5.34
N GLY G 841 -66.81 102.74 6.17
CA GLY G 841 -67.81 101.73 5.94
C GLY G 841 -68.84 102.19 4.95
N PRO G 842 -69.84 101.35 4.68
CA PRO G 842 -70.88 101.73 3.73
C PRO G 842 -71.62 102.98 4.18
N SER G 843 -72.08 103.75 3.21
CA SER G 843 -72.76 105.01 3.47
C SER G 843 -74.26 104.79 3.42
N ARG G 844 -74.96 105.32 4.42
CA ARG G 844 -76.42 105.26 4.43
C ARG G 844 -76.97 106.12 3.30
N CYS G 845 -77.86 105.55 2.50
CA CYS G 845 -78.41 106.23 1.33
C CYS G 845 -79.92 106.25 1.41
N LEU G 846 -80.51 107.35 0.95
CA LEU G 846 -81.95 107.46 0.91
C LEU G 846 -82.52 106.61 -0.21
N SER G 847 -83.84 106.46 -0.20
CA SER G 847 -84.56 105.78 -1.27
C SER G 847 -85.64 106.70 -1.79
N HIS G 848 -86.06 106.47 -3.04
CA HIS G 848 -87.08 107.32 -3.64
C HIS G 848 -88.39 107.26 -2.87
N THR G 849 -88.61 106.19 -2.10
CA THR G 849 -89.81 106.10 -1.27
C THR G 849 -89.71 106.94 -0.02
N ASP G 850 -88.52 107.36 0.39
CA ASP G 850 -88.36 108.19 1.57
C ASP G 850 -88.98 109.56 1.41
N PHE G 851 -89.32 109.95 0.18
CA PHE G 851 -89.95 111.24 -0.08
C PHE G 851 -91.45 111.14 -0.21
N VAL G 852 -92.02 109.97 0.09
CA VAL G 852 -93.47 109.77 0.06
C VAL G 852 -93.98 109.86 1.50
N PRO G 853 -94.74 110.88 1.86
CA PRO G 853 -95.29 110.93 3.21
C PRO G 853 -96.31 109.82 3.43
N CYS G 854 -96.20 109.14 4.56
CA CYS G 854 -97.04 108.01 4.89
C CYS G 854 -97.67 108.24 6.26
N PRO G 855 -98.68 109.10 6.34
CA PRO G 855 -99.33 109.34 7.62
C PRO G 855 -100.13 108.15 8.07
N VAL G 856 -100.43 108.10 9.38
CA VAL G 856 -101.18 106.99 9.93
C VAL G 856 -102.60 106.99 9.34
N ASP G 857 -103.18 105.80 9.29
CA ASP G 857 -104.49 105.65 8.67
C ASP G 857 -105.56 106.30 9.53
N THR G 858 -106.40 107.13 8.91
CA THR G 858 -107.51 107.79 9.60
C THR G 858 -108.84 107.44 8.95
N VAL G 859 -108.89 106.29 8.27
CA VAL G 859 -110.14 105.84 7.64
C VAL G 859 -111.18 105.53 8.71
N GLN G 860 -110.74 104.97 9.84
CA GLN G 860 -111.65 104.69 10.95
C GLN G 860 -112.05 106.03 11.54
N ILE G 861 -113.07 106.63 10.92
CA ILE G 861 -113.56 107.94 11.37
C ILE G 861 -114.68 107.65 12.37
N VAL G 862 -114.27 107.35 13.59
CA VAL G 862 -115.18 107.25 14.73
C VAL G 862 -114.51 108.00 15.88
N LEU G 863 -115.23 108.84 16.49
CA LEU G 863 -114.75 109.52 17.68
C LEU G 863 -115.84 109.55 18.73
N PRO G 864 -115.49 109.31 19.99
CA PRO G 864 -116.48 109.43 21.05
C PRO G 864 -117.05 110.82 21.10
N PRO G 865 -118.33 110.98 21.46
CA PRO G 865 -118.99 112.29 21.31
C PRO G 865 -118.33 113.42 22.10
N HIS G 866 -117.81 113.15 23.29
CA HIS G 866 -117.03 114.15 24.00
C HIS G 866 -115.76 114.58 23.25
N LEU G 867 -115.03 113.64 22.65
CA LEU G 867 -113.93 114.06 21.79
C LEU G 867 -114.44 114.89 20.62
N GLU G 868 -115.60 114.51 20.06
CA GLU G 868 -116.14 115.24 18.92
C GLU G 868 -116.44 116.69 19.29
N ARG G 869 -117.04 116.90 20.47
CA ARG G 869 -117.40 118.26 20.86
C ARG G 869 -116.18 119.06 21.30
N ILE G 870 -115.18 118.40 21.90
CA ILE G 870 -113.96 119.13 22.28
C ILE G 870 -113.03 119.38 21.09
N ARG G 871 -113.25 118.72 19.96
CA ARG G 871 -112.41 118.93 18.79
C ARG G 871 -112.50 120.37 18.30
N GLU G 872 -113.71 120.91 18.21
CA GLU G 872 -113.88 122.29 17.75
C GLU G 872 -113.24 123.28 18.71
N LYS G 873 -113.38 123.04 20.02
CA LYS G 873 -112.78 123.93 21.00
C LYS G 873 -111.25 123.85 20.96
N LEU G 874 -110.71 122.66 20.73
CA LEU G 874 -109.27 122.53 20.50
C LEU G 874 -108.83 123.31 19.28
N ALA G 875 -109.62 123.24 18.20
CA ALA G 875 -109.32 124.05 17.02
C ALA G 875 -109.27 125.53 17.37
N GLU G 876 -110.26 126.02 18.11
CA GLU G 876 -110.28 127.43 18.51
C GLU G 876 -109.05 127.78 19.33
N ASN G 877 -108.70 126.94 20.30
CA ASN G 877 -107.58 127.27 21.18
C ASN G 877 -106.26 127.29 20.43
N ILE G 878 -106.01 126.31 19.55
CA ILE G 878 -104.74 126.33 18.85
C ILE G 878 -104.73 127.42 17.78
N HIS G 879 -105.91 127.80 17.27
CA HIS G 879 -105.98 129.02 16.46
C HIS G 879 -105.49 130.22 17.26
N GLU G 880 -105.98 130.36 18.49
CA GLU G 880 -105.51 131.46 19.34
C GLU G 880 -104.02 131.34 19.64
N LEU G 881 -103.52 130.13 19.77
CA LEU G 881 -102.10 129.94 20.07
C LEU G 881 -101.22 130.39 18.91
N TRP G 882 -101.53 129.97 17.69
CA TRP G 882 -100.70 130.41 16.58
C TRP G 882 -100.97 131.87 16.24
N ALA G 883 -102.14 132.38 16.65
CA ALA G 883 -102.36 133.82 16.61
C ALA G 883 -101.42 134.56 17.57
N LEU G 884 -101.22 134.01 18.76
CA LEU G 884 -100.28 134.58 19.71
C LEU G 884 -98.86 134.55 19.15
N THR G 885 -98.49 133.44 18.49
CA THR G 885 -97.18 133.38 17.86
C THR G 885 -97.04 134.43 16.77
N ARG G 886 -98.11 134.65 15.98
CA ARG G 886 -98.07 135.72 14.98
C ARG G 886 -97.94 137.10 15.63
N ILE G 887 -98.59 137.31 16.77
CA ILE G 887 -98.40 138.55 17.52
C ILE G 887 -96.93 138.71 17.92
N GLU G 888 -96.32 137.64 18.43
CA GLU G 888 -94.91 137.71 18.80
C GLU G 888 -94.04 137.99 17.58
N GLN G 889 -94.44 137.48 16.41
CA GLN G 889 -93.74 137.80 15.17
C GLN G 889 -94.01 139.21 14.68
N GLY G 890 -95.07 139.85 15.16
CA GLY G 890 -95.37 141.22 14.78
C GLY G 890 -96.65 141.44 14.01
N TRP G 891 -97.50 140.42 13.89
CA TRP G 891 -98.74 140.57 13.13
C TRP G 891 -99.74 141.46 13.87
N THR G 892 -100.64 142.07 13.10
CA THR G 892 -101.73 142.88 13.63
C THR G 892 -103.01 142.48 12.91
N TYR G 893 -104.13 143.09 13.32
CA TYR G 893 -105.41 142.77 12.70
C TYR G 893 -105.59 143.53 11.39
N GLY G 894 -106.23 142.87 10.43
CA GLY G 894 -106.50 143.46 9.13
C GLY G 894 -107.42 142.59 8.29
N PRO G 895 -108.17 143.22 7.38
CA PRO G 895 -109.10 142.44 6.54
C PRO G 895 -108.42 141.41 5.66
N VAL G 896 -107.19 141.68 5.23
CA VAL G 896 -106.46 140.77 4.35
C VAL G 896 -105.60 139.85 5.20
N ARG G 897 -105.43 138.61 4.74
CA ARG G 897 -104.64 137.60 5.43
C ARG G 897 -103.35 137.40 4.63
N ASP G 898 -102.23 137.87 5.21
CA ASP G 898 -100.93 137.75 4.56
C ASP G 898 -99.84 137.82 5.63
N ASP G 899 -98.61 137.49 5.21
CA ASP G 899 -97.50 137.44 6.16
C ASP G 899 -96.68 138.74 6.13
N ASN G 900 -96.49 139.31 4.93
CA ASN G 900 -95.60 140.45 4.80
C ASN G 900 -96.15 141.69 5.50
N LYS G 901 -97.41 142.05 5.23
CA LYS G 901 -97.98 143.24 5.84
C LYS G 901 -98.37 143.02 7.30
N ARG G 902 -98.31 141.77 7.77
CA ARG G 902 -98.61 141.43 9.16
C ARG G 902 -100.03 141.86 9.54
N LEU G 903 -101.00 141.54 8.68
CA LEU G 903 -102.41 141.79 8.94
C LEU G 903 -103.14 140.46 8.97
N HIS G 904 -104.07 140.31 9.91
CA HIS G 904 -104.74 139.02 10.08
C HIS G 904 -106.12 139.20 10.69
N PRO G 905 -107.19 138.85 9.97
CA PRO G 905 -108.53 138.95 10.56
C PRO G 905 -108.74 138.04 11.75
N CYS G 906 -107.99 136.94 11.82
CA CYS G 906 -108.08 135.98 12.91
C CYS G 906 -107.41 136.47 14.18
N LEU G 907 -106.70 137.60 14.11
CA LEU G 907 -105.93 138.10 15.24
C LEU G 907 -106.78 138.95 16.18
N VAL G 908 -107.94 138.45 16.60
CA VAL G 908 -108.80 139.21 17.51
C VAL G 908 -109.16 138.39 18.74
N ASN G 909 -109.90 137.31 18.54
CA ASN G 909 -110.37 136.45 19.61
C ASN G 909 -111.02 135.22 19.00
N PHE G 910 -110.93 134.10 19.72
CA PHE G 910 -111.42 132.82 19.20
C PHE G 910 -112.90 132.89 18.83
N HIS G 911 -113.68 133.68 19.56
CA HIS G 911 -115.07 133.89 19.17
C HIS G 911 -115.19 134.96 18.10
N SER G 912 -114.29 135.96 18.15
CA SER G 912 -114.24 136.96 17.08
C SER G 912 -113.78 136.37 15.76
N LEU G 913 -113.22 135.16 15.78
CA LEU G 913 -112.86 134.48 14.54
C LEU G 913 -114.09 134.32 13.66
N PRO G 914 -113.98 134.58 12.35
CA PRO G 914 -115.02 134.11 11.43
C PRO G 914 -115.12 132.60 11.50
N GLU G 915 -116.34 132.10 11.60
CA GLU G 915 -116.54 130.65 11.67
C GLU G 915 -116.04 129.93 10.43
N PRO G 916 -116.30 130.40 9.20
CA PRO G 916 -115.68 129.73 8.04
C PRO G 916 -114.16 129.69 8.08
N GLU G 917 -113.51 130.77 8.54
CA GLU G 917 -112.06 130.77 8.66
C GLU G 917 -111.60 129.78 9.72
N ARG G 918 -112.36 129.67 10.82
CA ARG G 918 -112.05 128.68 11.85
C ARG G 918 -112.17 127.27 11.29
N ASN G 919 -113.20 127.02 10.47
CA ASN G 919 -113.46 125.69 9.93
C ASN G 919 -112.45 125.27 8.87
N TYR G 920 -111.58 126.19 8.42
CA TYR G 920 -110.51 125.81 7.52
C TYR G 920 -109.62 124.74 8.15
N ASN G 921 -109.47 124.78 9.47
CA ASN G 921 -108.62 123.86 10.19
C ASN G 921 -109.38 122.87 11.07
N LEU G 922 -110.72 122.91 11.05
CA LEU G 922 -111.49 121.95 11.82
C LEU G 922 -111.18 120.52 11.38
N GLN G 923 -110.88 120.34 10.09
CA GLN G 923 -110.52 119.01 9.59
C GLN G 923 -109.29 118.47 10.30
N MET G 924 -108.22 119.28 10.33
CA MET G 924 -106.99 118.80 10.97
C MET G 924 -107.15 118.73 12.49
N SER G 925 -108.01 119.57 13.05
CA SER G 925 -108.31 119.47 14.48
C SER G 925 -108.96 118.14 14.81
N GLY G 926 -109.91 117.71 13.98
CA GLY G 926 -110.47 116.38 14.15
C GLY G 926 -109.43 115.29 13.94
N GLU G 927 -108.56 115.48 12.94
CA GLU G 927 -107.49 114.52 12.71
C GLU G 927 -106.55 114.41 13.91
N THR G 928 -106.41 115.48 14.71
CA THR G 928 -105.52 115.43 15.86
C THR G 928 -106.00 114.36 16.86
N LEU G 929 -107.29 114.35 17.16
CA LEU G 929 -107.82 113.33 18.07
C LEU G 929 -107.93 111.98 17.38
N LYS G 930 -108.27 111.98 16.09
CA LYS G 930 -108.34 110.72 15.36
C LYS G 930 -107.00 110.02 15.34
N THR G 931 -105.91 110.78 15.27
CA THR G 931 -104.59 110.18 15.29
C THR G 931 -104.21 109.70 16.67
N LEU G 932 -104.65 110.40 17.72
CA LEU G 932 -104.48 109.88 19.06
C LEU G 932 -105.16 108.52 19.19
N LEU G 933 -106.35 108.39 18.61
CA LEU G 933 -107.05 107.11 18.63
C LEU G 933 -106.31 106.05 17.82
N ALA G 934 -105.85 106.41 16.62
CA ALA G 934 -105.26 105.43 15.71
C ALA G 934 -103.86 105.00 16.19
N LEU G 935 -103.18 105.86 16.93
CA LEU G 935 -101.85 105.53 17.43
C LEU G 935 -101.85 104.48 18.53
N GLY G 936 -103.01 104.14 19.07
CA GLY G 936 -103.08 103.28 20.22
C GLY G 936 -103.23 104.00 21.54
N CYS G 937 -103.21 105.34 21.53
CA CYS G 937 -103.41 106.10 22.76
C CYS G 937 -104.84 105.97 23.23
N HIS G 938 -105.01 105.79 24.54
CA HIS G 938 -106.33 105.70 25.14
C HIS G 938 -106.68 107.03 25.78
N VAL G 939 -107.74 107.66 25.30
CA VAL G 939 -108.13 108.99 25.73
C VAL G 939 -109.60 108.95 26.17
N GLY G 940 -109.87 109.56 27.33
CA GLY G 940 -111.23 109.63 27.83
C GLY G 940 -111.35 110.75 28.86
N MET G 941 -112.60 110.94 29.31
CA MET G 941 -112.95 111.92 30.36
C MET G 941 -112.64 111.34 31.73
N ALA G 942 -111.42 111.61 32.19
CA ALA G 942 -111.17 111.49 33.63
C ALA G 942 -111.75 112.68 34.37
N ASP G 943 -111.78 113.84 33.73
CA ASP G 943 -112.23 115.08 34.36
C ASP G 943 -113.09 115.89 33.40
N GLU G 944 -114.25 116.35 33.88
CA GLU G 944 -115.07 117.35 33.20
C GLU G 944 -115.03 118.70 33.90
N LYS G 945 -114.94 118.72 35.23
CA LYS G 945 -114.84 119.97 35.96
C LYS G 945 -113.58 120.74 35.60
N ALA G 946 -112.51 120.03 35.19
CA ALA G 946 -111.32 120.71 34.71
C ALA G 946 -111.63 121.52 33.46
N GLU G 947 -112.43 120.96 32.55
CA GLU G 947 -112.88 121.72 31.39
C GLU G 947 -113.80 122.86 31.81
N ASP G 948 -114.67 122.62 32.81
CA ASP G 948 -115.62 123.64 33.23
C ASP G 948 -114.90 124.87 33.80
N ASN G 949 -113.92 124.65 34.67
CA ASN G 949 -113.21 125.74 35.35
C ASN G 949 -111.73 125.64 35.01
N LEU G 950 -111.20 126.69 34.37
CA LEU G 950 -109.80 126.71 33.97
C LEU G 950 -109.45 128.12 33.53
N LYS G 951 -108.28 128.59 33.96
CA LYS G 951 -107.88 129.98 33.73
C LYS G 951 -107.61 130.24 32.25
N LYS G 952 -107.67 131.53 31.88
CA LYS G 952 -107.48 131.97 30.51
C LYS G 952 -106.28 132.88 30.44
N THR G 953 -105.27 132.50 29.67
CA THR G 953 -104.15 133.40 29.38
C THR G 953 -104.55 134.40 28.31
N LYS G 954 -104.32 135.68 28.59
CA LYS G 954 -104.64 136.74 27.64
C LYS G 954 -103.39 137.48 27.22
N LEU G 955 -103.40 137.98 25.99
CA LEU G 955 -102.27 138.72 25.46
C LEU G 955 -102.07 140.00 26.26
N PRO G 956 -100.82 140.41 26.52
CA PRO G 956 -100.59 141.66 27.24
C PRO G 956 -101.13 142.86 26.47
N LYS G 957 -101.56 143.87 27.23
CA LYS G 957 -102.06 145.09 26.60
C LYS G 957 -100.96 145.83 25.87
N THR G 958 -99.71 145.71 26.33
CA THR G 958 -98.61 146.38 25.65
C THR G 958 -98.32 145.74 24.28
N TYR G 959 -98.21 144.41 24.24
CA TYR G 959 -98.03 143.70 22.98
C TYR G 959 -99.38 143.59 22.28
N MET G 960 -99.71 144.63 21.53
CA MET G 960 -101.09 144.88 21.17
C MET G 960 -101.31 144.86 19.66
N MET G 961 -102.47 144.33 19.29
CA MET G 961 -102.95 144.24 17.93
C MET G 961 -103.66 145.57 17.58
N SER G 962 -104.34 145.65 16.44
CA SER G 962 -104.89 146.93 15.99
C SER G 962 -106.35 147.11 16.37
N ASN G 963 -107.13 146.02 16.34
CA ASN G 963 -108.58 146.11 16.51
C ASN G 963 -108.96 146.62 17.90
N GLY G 964 -108.34 146.08 18.96
CA GLY G 964 -108.61 146.57 20.30
C GLY G 964 -108.97 145.51 21.32
N TYR G 965 -108.87 144.22 20.99
CA TYR G 965 -109.29 143.20 21.94
C TYR G 965 -108.07 142.41 22.44
N LYS G 966 -108.33 141.52 23.40
CA LYS G 966 -107.31 140.63 23.95
C LYS G 966 -107.71 139.17 23.70
N PRO G 967 -107.01 138.43 22.85
CA PRO G 967 -107.31 137.00 22.68
C PRO G 967 -107.09 136.26 23.98
N ALA G 968 -107.90 135.22 24.21
CA ALA G 968 -107.89 134.48 25.47
C ALA G 968 -107.78 132.97 25.21
N PRO G 969 -106.60 132.48 24.86
CA PRO G 969 -106.36 131.04 24.91
C PRO G 969 -106.22 130.56 26.35
N LEU G 970 -106.44 129.26 26.54
CA LEU G 970 -106.42 128.69 27.88
C LEU G 970 -105.04 128.83 28.52
N ASP G 971 -105.03 129.20 29.80
CA ASP G 971 -103.81 129.20 30.60
C ASP G 971 -103.44 127.75 30.92
N LEU G 972 -102.17 127.40 30.71
CA LEU G 972 -101.77 126.00 30.75
C LEU G 972 -100.41 125.83 31.44
N SER G 973 -100.09 126.70 32.40
CA SER G 973 -98.81 126.59 33.08
C SER G 973 -98.78 125.40 34.03
N HIS G 974 -99.92 125.07 34.63
CA HIS G 974 -99.98 124.00 35.62
C HIS G 974 -99.82 122.62 35.01
N VAL G 975 -99.89 122.50 33.68
CA VAL G 975 -99.89 121.19 33.03
C VAL G 975 -98.45 120.74 32.80
N ARG G 976 -98.15 119.50 33.20
CA ARG G 976 -96.85 118.89 32.94
C ARG G 976 -97.04 117.64 32.08
N LEU G 977 -95.98 117.29 31.35
CA LEU G 977 -96.00 116.16 30.43
C LEU G 977 -94.88 115.20 30.75
N THR G 978 -95.18 113.90 30.66
CA THR G 978 -94.18 112.87 30.85
C THR G 978 -93.28 112.77 29.61
N PRO G 979 -92.11 112.14 29.75
CA PRO G 979 -91.30 111.87 28.55
C PRO G 979 -92.01 111.03 27.50
N ALA G 980 -92.84 110.07 27.93
CA ALA G 980 -93.64 109.31 26.98
C ALA G 980 -94.62 110.23 26.25
N GLN G 981 -95.22 111.16 26.98
CA GLN G 981 -96.11 112.13 26.34
C GLN G 981 -95.33 113.04 25.39
N THR G 982 -94.07 113.36 25.70
CA THR G 982 -93.26 114.15 24.77
C THR G 982 -92.99 113.35 23.50
N THR G 983 -92.71 112.06 23.63
CA THR G 983 -92.55 111.22 22.45
C THR G 983 -93.84 111.18 21.64
N LEU G 984 -94.98 111.12 22.32
CA LEU G 984 -96.26 111.20 21.64
C LEU G 984 -96.40 112.52 20.90
N VAL G 985 -95.95 113.62 21.51
CA VAL G 985 -96.00 114.92 20.86
C VAL G 985 -95.15 114.92 19.59
N ASP G 986 -93.94 114.35 19.67
CA ASP G 986 -93.09 114.29 18.49
C ASP G 986 -93.76 113.49 17.39
N ARG G 987 -94.34 112.34 17.74
CA ARG G 987 -94.95 111.48 16.74
C ARG G 987 -96.17 112.15 16.13
N LEU G 988 -96.94 112.86 16.95
CA LEU G 988 -98.11 113.59 16.45
C LEU G 988 -97.71 114.71 15.51
N ALA G 989 -96.65 115.45 15.84
CA ALA G 989 -96.19 116.49 14.92
C ALA G 989 -95.73 115.88 13.60
N GLU G 990 -95.06 114.73 13.68
CA GLU G 990 -94.73 113.96 12.50
C GLU G 990 -95.96 113.69 11.64
N ASN G 991 -97.02 113.17 12.26
CA ASN G 991 -98.22 112.84 11.49
C ASN G 991 -98.88 114.08 10.92
N GLY G 992 -98.93 115.16 11.70
CA GLY G 992 -99.54 116.38 11.17
C GLY G 992 -98.82 116.89 9.94
N HIS G 993 -97.48 116.92 10.02
CA HIS G 993 -96.70 117.34 8.85
C HIS G 993 -96.89 116.39 7.68
N ASN G 994 -96.95 115.08 7.94
CA ASN G 994 -97.13 114.13 6.85
C ASN G 994 -98.48 114.28 6.18
N VAL G 995 -99.54 114.49 6.98
CA VAL G 995 -100.87 114.70 6.41
C VAL G 995 -100.88 115.95 5.55
N TRP G 996 -100.33 117.05 6.07
CA TRP G 996 -100.29 118.28 5.31
C TRP G 996 -99.50 118.09 4.02
N ALA G 997 -98.37 117.40 4.10
CA ALA G 997 -97.53 117.19 2.93
C ALA G 997 -98.26 116.37 1.87
N ARG G 998 -98.95 115.31 2.28
CA ARG G 998 -99.61 114.47 1.29
C ARG G 998 -100.81 115.17 0.69
N ASP G 999 -101.52 115.99 1.47
CA ASP G 999 -102.59 116.80 0.89
C ASP G 999 -102.04 117.77 -0.14
N ARG G 1000 -100.92 118.43 0.18
CA ARG G 1000 -100.33 119.36 -0.77
C ARG G 1000 -99.84 118.65 -2.03
N VAL G 1001 -99.29 117.45 -1.86
CA VAL G 1001 -98.88 116.67 -3.03
C VAL G 1001 -100.08 116.33 -3.89
N ALA G 1002 -101.18 115.92 -3.27
CA ALA G 1002 -102.40 115.68 -4.01
C ALA G 1002 -102.86 116.94 -4.73
N GLN G 1003 -102.58 118.11 -4.17
CA GLN G 1003 -102.88 119.36 -4.86
C GLN G 1003 -101.84 119.75 -5.90
N GLY G 1004 -100.74 119.01 -6.00
CA GLY G 1004 -99.74 119.27 -7.03
C GLY G 1004 -98.50 120.01 -6.60
N TRP G 1005 -98.30 120.23 -5.30
CA TRP G 1005 -97.11 120.92 -4.83
C TRP G 1005 -95.89 120.01 -4.89
N SER G 1006 -94.71 120.62 -4.88
CA SER G 1006 -93.45 119.89 -4.91
C SER G 1006 -92.42 120.62 -4.06
N TYR G 1007 -91.43 119.89 -3.59
CA TYR G 1007 -90.39 120.48 -2.76
C TYR G 1007 -89.41 121.29 -3.60
N SER G 1008 -88.91 122.38 -3.03
CA SER G 1008 -87.90 123.20 -3.68
C SER G 1008 -87.21 124.04 -2.62
N ALA G 1009 -85.88 124.13 -2.70
CA ALA G 1009 -85.13 124.92 -1.73
C ALA G 1009 -85.50 126.39 -1.83
N VAL G 1010 -85.89 126.85 -3.01
CA VAL G 1010 -86.34 128.21 -3.22
C VAL G 1010 -87.86 128.19 -3.38
N GLN G 1011 -88.55 128.92 -2.51
CA GLN G 1011 -90.01 128.92 -2.52
C GLN G 1011 -90.54 129.63 -3.76
N ASP G 1012 -91.57 129.07 -4.37
CA ASP G 1012 -92.20 129.64 -5.57
C ASP G 1012 -93.70 129.34 -5.48
N ILE G 1013 -94.46 130.31 -4.98
CA ILE G 1013 -95.90 130.10 -4.80
C ILE G 1013 -96.62 129.86 -6.13
N PRO G 1014 -96.43 130.68 -7.17
CA PRO G 1014 -97.10 130.39 -8.45
C PRO G 1014 -96.72 129.04 -9.03
N ALA G 1015 -95.50 128.59 -8.81
CA ALA G 1015 -95.06 127.29 -9.30
C ALA G 1015 -95.38 126.16 -8.33
N ARG G 1016 -96.03 126.46 -7.20
CA ARG G 1016 -96.43 125.47 -6.22
C ARG G 1016 -95.23 124.69 -5.69
N ARG G 1017 -94.18 125.43 -5.35
CA ARG G 1017 -92.96 124.86 -4.79
C ARG G 1017 -92.79 125.36 -3.37
N ASN G 1018 -92.65 124.44 -2.42
CA ASN G 1018 -92.59 124.82 -1.02
C ASN G 1018 -91.37 124.19 -0.36
N PRO G 1019 -90.55 124.98 0.33
CA PRO G 1019 -89.36 124.41 1.00
C PRO G 1019 -89.68 123.42 2.10
N ARG G 1020 -90.89 123.46 2.66
CA ARG G 1020 -91.28 122.53 3.70
C ARG G 1020 -92.05 121.35 3.16
N LEU G 1021 -92.21 121.24 1.85
CA LEU G 1021 -92.96 120.15 1.23
C LEU G 1021 -92.13 118.88 1.23
N VAL G 1022 -91.77 118.44 2.43
CA VAL G 1022 -90.88 117.29 2.60
C VAL G 1022 -91.37 116.47 3.78
N PRO G 1023 -91.12 115.17 3.75
CA PRO G 1023 -91.46 114.33 4.90
C PRO G 1023 -90.78 114.79 6.18
N TYR G 1024 -91.41 114.45 7.31
CA TYR G 1024 -90.99 115.00 8.59
C TYR G 1024 -89.58 114.56 8.96
N ARG G 1025 -89.22 113.30 8.68
CA ARG G 1025 -87.85 112.89 8.99
C ARG G 1025 -86.84 113.74 8.25
N LEU G 1026 -87.15 114.16 7.02
CA LEU G 1026 -86.24 114.97 6.24
C LEU G 1026 -86.36 116.46 6.56
N LEU G 1027 -87.40 116.87 7.27
CA LEU G 1027 -87.57 118.28 7.60
C LEU G 1027 -86.46 118.75 8.54
N ASP G 1028 -86.15 120.05 8.47
CA ASP G 1028 -85.05 120.60 9.26
C ASP G 1028 -85.47 120.75 10.72
N GLU G 1029 -84.46 120.97 11.57
CA GLU G 1029 -84.70 120.97 13.02
C GLU G 1029 -85.50 122.16 13.48
N ALA G 1030 -85.34 123.33 12.86
CA ALA G 1030 -86.10 124.50 13.29
C ALA G 1030 -87.60 124.29 13.11
N THR G 1031 -88.01 123.92 11.90
CA THR G 1031 -89.41 123.67 11.64
C THR G 1031 -89.91 122.45 12.40
N LYS G 1032 -89.06 121.45 12.56
CA LYS G 1032 -89.41 120.28 13.36
C LYS G 1032 -89.76 120.70 14.79
N ARG G 1033 -88.92 121.55 15.39
CA ARG G 1033 -89.18 122.02 16.75
C ARG G 1033 -90.42 122.90 16.80
N SER G 1034 -90.65 123.70 15.77
CA SER G 1034 -91.86 124.53 15.76
C SER G 1034 -93.13 123.68 15.75
N ASN G 1035 -93.17 122.68 14.87
CA ASN G 1035 -94.32 121.77 14.85
C ASN G 1035 -94.44 121.01 16.16
N ARG G 1036 -93.31 120.61 16.74
CA ARG G 1036 -93.33 119.93 18.02
C ARG G 1036 -93.93 120.81 19.10
N ASP G 1037 -93.55 122.10 19.10
CA ASP G 1037 -94.10 123.03 20.07
C ASP G 1037 -95.61 123.16 19.89
N SER G 1038 -96.07 123.28 18.65
CA SER G 1038 -97.51 123.41 18.41
C SER G 1038 -98.25 122.17 18.91
N LEU G 1039 -97.75 120.98 18.60
CA LEU G 1039 -98.42 119.77 19.06
C LEU G 1039 -98.33 119.61 20.58
N CYS G 1040 -97.23 120.06 21.19
CA CYS G 1040 -97.13 120.01 22.64
C CYS G 1040 -98.13 120.95 23.29
N GLN G 1041 -98.38 122.11 22.68
CA GLN G 1041 -99.42 122.99 23.18
C GLN G 1041 -100.81 122.36 23.02
N ALA G 1042 -101.03 121.65 21.91
CA ALA G 1042 -102.30 120.95 21.75
C ALA G 1042 -102.49 119.88 22.84
N VAL G 1043 -101.43 119.13 23.13
CA VAL G 1043 -101.49 118.13 24.19
C VAL G 1043 -101.68 118.81 25.54
N ARG G 1044 -101.08 119.98 25.71
CA ARG G 1044 -101.28 120.75 26.94
C ARG G 1044 -102.75 121.15 27.09
N THR G 1045 -103.38 121.57 26.00
CA THR G 1045 -104.81 121.85 26.01
C THR G 1045 -105.61 120.62 26.43
N LEU G 1046 -105.32 119.47 25.82
CA LEU G 1046 -106.06 118.26 26.13
C LEU G 1046 -105.89 117.86 27.60
N LEU G 1047 -104.67 118.00 28.12
CA LEU G 1047 -104.43 117.68 29.53
C LEU G 1047 -105.10 118.71 30.45
N GLY G 1048 -105.11 119.98 30.05
CA GLY G 1048 -105.77 121.00 30.86
C GLY G 1048 -107.26 120.77 30.97
N TYR G 1049 -107.87 120.24 29.91
CA TYR G 1049 -109.26 119.80 30.05
C TYR G 1049 -109.39 118.55 30.90
N GLY G 1050 -108.29 118.04 31.46
CA GLY G 1050 -108.34 116.93 32.39
C GLY G 1050 -108.42 115.56 31.77
N TYR G 1051 -108.45 115.46 30.44
CA TYR G 1051 -108.63 114.17 29.79
C TYR G 1051 -107.39 113.30 30.00
N ASN G 1052 -107.61 112.03 30.32
CA ASN G 1052 -106.50 111.11 30.46
C ASN G 1052 -105.94 110.75 29.09
N ILE G 1053 -104.62 110.81 28.96
CA ILE G 1053 -103.93 110.49 27.71
C ILE G 1053 -102.97 109.34 28.00
N GLU G 1054 -103.24 108.19 27.40
CA GLU G 1054 -102.45 106.99 27.65
C GLU G 1054 -101.37 106.84 26.60
N PRO G 1055 -100.09 106.88 26.96
CA PRO G 1055 -99.03 106.64 25.99
C PRO G 1055 -99.02 105.18 25.56
N PRO G 1056 -99.14 104.92 24.26
CA PRO G 1056 -99.15 103.53 23.79
C PRO G 1056 -97.80 102.86 24.00
N ASP G 1057 -97.84 101.54 24.15
CA ASP G 1057 -96.63 100.72 24.21
C ASP G 1057 -95.95 100.77 22.86
N GLN G 1058 -94.78 101.40 22.81
CA GLN G 1058 -94.08 101.58 21.53
C GLN G 1058 -93.64 100.24 20.96
N GLU G 1059 -93.78 100.09 19.65
CA GLU G 1059 -93.41 98.85 18.97
C GLU G 1059 -92.17 99.10 18.12
N PRO G 1060 -91.02 98.53 18.48
CA PRO G 1060 -89.82 98.74 17.67
C PRO G 1060 -89.91 98.06 16.31
N SER G 1061 -89.22 98.63 15.34
CA SER G 1061 -89.18 98.08 13.99
C SER G 1061 -87.81 98.34 13.38
N GLN G 1062 -87.45 97.51 12.41
CA GLN G 1062 -86.17 97.60 11.71
C GLN G 1062 -86.44 97.87 10.24
N VAL G 1063 -86.01 99.03 9.76
CA VAL G 1063 -86.35 99.45 8.40
C VAL G 1063 -85.60 98.62 7.36
N GLU G 1064 -84.31 98.36 7.58
CA GLU G 1064 -83.44 97.72 6.59
C GLU G 1064 -83.48 98.48 5.26
N ASN G 1065 -82.97 99.72 5.31
CA ASN G 1065 -83.05 100.61 4.14
C ASN G 1065 -82.28 100.03 2.96
N GLN G 1066 -81.09 99.49 3.19
CA GLN G 1066 -80.28 98.90 2.15
C GLN G 1066 -80.40 97.38 2.18
N SER G 1067 -79.56 96.72 1.39
CA SER G 1067 -79.57 95.26 1.30
C SER G 1067 -78.99 94.65 2.58
N ARG G 1068 -78.91 93.33 2.60
CA ARG G 1068 -78.34 92.62 3.76
C ARG G 1068 -76.82 92.71 3.77
N TRP G 1069 -76.18 92.72 2.60
CA TRP G 1069 -74.73 92.62 2.52
C TRP G 1069 -74.02 93.96 2.61
N ASP G 1070 -74.69 95.05 2.21
CA ASP G 1070 -74.06 96.36 2.33
C ASP G 1070 -74.29 96.94 3.72
N ARG G 1071 -73.96 96.15 4.74
CA ARG G 1071 -73.81 96.64 6.10
C ARG G 1071 -72.36 96.78 6.51
N VAL G 1072 -71.58 95.70 6.38
CA VAL G 1072 -70.26 95.60 6.97
C VAL G 1072 -69.24 95.46 5.85
N ARG G 1073 -68.22 96.30 5.89
CA ARG G 1073 -67.10 96.24 4.96
C ARG G 1073 -65.88 95.80 5.75
N ILE G 1074 -65.28 94.68 5.35
CA ILE G 1074 -64.19 94.07 6.09
C ILE G 1074 -62.87 94.40 5.42
N PHE G 1075 -61.91 94.90 6.19
CA PHE G 1075 -60.57 95.20 5.71
C PHE G 1075 -59.58 94.28 6.40
N ARG G 1076 -58.70 93.66 5.63
CA ARG G 1076 -57.68 92.80 6.19
C ARG G 1076 -56.40 92.97 5.41
N ALA G 1077 -55.29 92.63 6.05
CA ALA G 1077 -54.01 92.65 5.37
C ALA G 1077 -53.92 91.50 4.37
N GLU G 1078 -52.97 91.61 3.45
CA GLU G 1078 -52.78 90.57 2.46
C GLU G 1078 -52.29 89.30 3.13
N LYS G 1079 -52.65 88.15 2.55
CA LYS G 1079 -52.30 86.86 3.14
C LYS G 1079 -50.80 86.66 3.26
N SER G 1080 -50.01 87.32 2.42
CA SER G 1080 -48.57 87.17 2.47
C SER G 1080 -47.97 87.73 3.76
N TYR G 1081 -48.72 88.53 4.50
CA TYR G 1081 -48.27 89.10 5.76
C TYR G 1081 -48.66 88.24 6.96
N THR G 1082 -49.05 87.00 6.73
CA THR G 1082 -49.45 86.11 7.81
C THR G 1082 -48.30 85.91 8.79
N VAL G 1083 -48.60 86.03 10.08
CA VAL G 1083 -47.62 85.84 11.14
C VAL G 1083 -47.93 84.55 11.87
N GLN G 1084 -46.91 83.73 12.08
CA GLN G 1084 -47.06 82.47 12.79
C GLN G 1084 -46.17 82.36 14.01
N SER G 1085 -45.50 83.44 14.40
CA SER G 1085 -44.68 83.44 15.60
C SER G 1085 -44.44 84.88 16.03
N GLY G 1086 -43.82 85.05 17.17
CA GLY G 1086 -43.49 86.37 17.67
C GLY G 1086 -44.68 87.04 18.33
N ARG G 1087 -44.45 88.28 18.75
CA ARG G 1087 -45.47 89.09 19.40
C ARG G 1087 -45.65 90.38 18.61
N TRP G 1088 -46.90 90.69 18.29
CA TRP G 1088 -47.20 91.78 17.37
C TRP G 1088 -48.22 92.73 17.99
N TYR G 1089 -48.25 93.94 17.45
CA TYR G 1089 -49.06 95.02 17.99
C TYR G 1089 -49.51 95.92 16.85
N PHE G 1090 -50.75 96.39 16.92
CA PHE G 1090 -51.21 97.46 16.05
C PHE G 1090 -52.36 98.18 16.72
N GLU G 1091 -52.66 99.38 16.21
CA GLU G 1091 -53.65 100.25 16.81
C GLU G 1091 -54.81 100.46 15.86
N PHE G 1092 -55.96 100.81 16.43
CA PHE G 1092 -57.16 101.10 15.66
C PHE G 1092 -57.90 102.24 16.34
N GLU G 1093 -57.95 103.39 15.68
CA GLU G 1093 -58.59 104.58 16.22
C GLU G 1093 -60.04 104.64 15.76
N ALA G 1094 -60.95 104.80 16.70
CA ALA G 1094 -62.38 104.84 16.41
C ALA G 1094 -62.78 106.29 16.19
N VAL G 1095 -62.76 106.71 14.92
CA VAL G 1095 -63.18 108.07 14.59
C VAL G 1095 -64.65 108.25 14.92
N THR G 1096 -65.48 107.27 14.59
CA THR G 1096 -66.86 107.23 15.01
C THR G 1096 -67.00 106.22 16.15
N THR G 1097 -68.21 106.13 16.71
CA THR G 1097 -68.45 105.28 17.86
C THR G 1097 -69.43 104.16 17.59
N GLY G 1098 -69.68 103.83 16.33
CA GLY G 1098 -70.70 102.86 15.97
C GLY G 1098 -70.20 101.43 15.99
N GLU G 1099 -70.75 100.63 15.09
CA GLU G 1099 -70.50 99.20 15.06
C GLU G 1099 -69.25 98.93 14.24
N MET G 1100 -68.10 98.81 14.90
CA MET G 1100 -66.86 98.44 14.26
C MET G 1100 -66.17 97.39 15.11
N ARG G 1101 -65.56 96.41 14.44
CA ARG G 1101 -64.86 95.33 15.10
C ARG G 1101 -63.43 95.28 14.61
N VAL G 1102 -62.50 94.93 15.49
CA VAL G 1102 -61.08 94.94 15.16
C VAL G 1102 -60.41 93.81 15.92
N GLY G 1103 -59.43 93.17 15.29
CA GLY G 1103 -58.74 92.07 15.93
C GLY G 1103 -57.82 91.31 14.99
N TRP G 1104 -57.80 89.99 15.12
CA TRP G 1104 -56.94 89.14 14.32
C TRP G 1104 -57.76 88.07 13.64
N ALA G 1105 -57.43 87.78 12.38
CA ALA G 1105 -58.20 86.87 11.56
C ALA G 1105 -57.26 85.89 10.87
N ARG G 1106 -57.81 84.74 10.52
CA ARG G 1106 -57.05 83.75 9.79
C ARG G 1106 -57.07 84.06 8.30
N PRO G 1107 -56.08 83.58 7.55
CA PRO G 1107 -55.98 83.94 6.13
C PRO G 1107 -57.20 83.56 5.32
N GLU G 1108 -57.84 82.44 5.63
CA GLU G 1108 -59.00 81.97 4.89
C GLU G 1108 -60.29 82.60 5.38
N LEU G 1109 -60.21 83.79 5.97
CA LEU G 1109 -61.39 84.49 6.44
C LEU G 1109 -62.38 84.68 5.30
N ARG G 1110 -63.64 84.47 5.59
CA ARG G 1110 -64.70 84.54 4.60
C ARG G 1110 -65.24 85.97 4.50
N PRO G 1111 -65.48 86.49 3.30
CA PRO G 1111 -65.84 87.90 3.18
C PRO G 1111 -67.28 88.22 3.56
N ASP G 1112 -68.18 87.25 3.52
CA ASP G 1112 -69.59 87.50 3.70
C ASP G 1112 -70.11 87.13 5.07
N VAL G 1113 -69.21 86.92 6.04
CA VAL G 1113 -69.58 86.53 7.39
C VAL G 1113 -69.10 87.62 8.35
N GLU G 1114 -69.95 87.97 9.32
CA GLU G 1114 -69.57 88.94 10.33
C GLU G 1114 -68.35 88.47 11.09
N LEU G 1115 -67.46 89.41 11.40
CA LEU G 1115 -66.23 89.06 12.12
C LEU G 1115 -66.57 88.47 13.47
N GLY G 1116 -65.98 87.31 13.77
CA GLY G 1116 -66.15 86.67 15.05
C GLY G 1116 -67.38 85.80 15.17
N ALA G 1117 -68.27 85.81 14.17
CA ALA G 1117 -69.41 84.90 14.20
C ALA G 1117 -69.00 83.47 13.91
N ASP G 1118 -67.80 83.26 13.39
CA ASP G 1118 -67.27 81.94 13.12
C ASP G 1118 -65.92 81.76 13.80
N GLU G 1119 -65.18 80.73 13.44
CA GLU G 1119 -63.92 80.41 14.09
C GLU G 1119 -62.72 81.02 13.40
N LEU G 1120 -62.93 81.91 12.43
CA LEU G 1120 -61.83 82.47 11.64
C LEU G 1120 -61.40 83.85 12.09
N ALA G 1121 -61.90 84.36 13.21
CA ALA G 1121 -61.52 85.68 13.65
C ALA G 1121 -61.67 85.81 15.16
N TYR G 1122 -60.76 86.58 15.76
CA TYR G 1122 -60.81 86.93 17.17
C TYR G 1122 -60.81 88.45 17.23
N VAL G 1123 -61.99 89.05 17.38
CA VAL G 1123 -62.13 90.49 17.25
C VAL G 1123 -62.81 91.05 18.49
N PHE G 1124 -62.72 92.37 18.63
CA PHE G 1124 -63.31 93.10 19.75
C PHE G 1124 -64.26 94.15 19.21
N ASN G 1125 -65.53 94.06 19.62
CA ASN G 1125 -66.56 95.00 19.22
C ASN G 1125 -66.67 96.07 20.28
N GLY G 1126 -66.10 97.23 20.01
CA GLY G 1126 -66.09 98.30 20.99
C GLY G 1126 -67.35 99.12 21.09
N HIS G 1127 -68.36 98.83 20.26
CA HIS G 1127 -69.60 99.58 20.34
C HIS G 1127 -70.29 99.37 21.67
N ARG G 1128 -70.32 98.13 22.16
CA ARG G 1128 -71.00 97.80 23.40
C ARG G 1128 -70.14 96.93 24.31
N GLY G 1129 -68.87 96.76 23.96
CA GLY G 1129 -67.98 95.99 24.79
C GLY G 1129 -68.17 94.49 24.69
N GLN G 1130 -67.89 93.93 23.53
CA GLN G 1130 -68.00 92.49 23.33
C GLN G 1130 -66.74 91.98 22.64
N ARG G 1131 -66.41 90.72 22.90
CA ARG G 1131 -65.37 90.01 22.17
C ARG G 1131 -66.02 88.89 21.39
N TRP G 1132 -65.63 88.75 20.13
CA TRP G 1132 -66.32 87.86 19.20
C TRP G 1132 -65.39 86.74 18.76
N HIS G 1133 -65.79 85.51 19.02
CA HIS G 1133 -65.17 84.33 18.41
C HIS G 1133 -66.16 83.19 18.58
N LEU G 1134 -66.73 82.73 17.46
CA LEU G 1134 -67.79 81.73 17.49
C LEU G 1134 -68.95 82.19 18.38
N GLY G 1135 -69.21 83.50 18.38
CA GLY G 1135 -70.23 84.10 19.21
C GLY G 1135 -69.71 85.30 19.94
N SER G 1136 -70.59 85.88 20.75
CA SER G 1136 -70.32 87.11 21.48
C SER G 1136 -70.41 86.87 22.98
N GLU G 1137 -69.54 87.56 23.72
CA GLU G 1137 -69.59 87.58 25.17
C GLU G 1137 -69.05 88.91 25.66
N PRO G 1138 -69.57 89.43 26.77
CA PRO G 1138 -69.17 90.77 27.23
C PRO G 1138 -67.69 90.84 27.52
N PHE G 1139 -67.09 91.99 27.21
CA PHE G 1139 -65.66 92.19 27.41
C PHE G 1139 -65.34 93.67 27.30
N GLY G 1140 -64.61 94.18 28.27
CA GLY G 1140 -64.18 95.56 28.18
C GLY G 1140 -65.34 96.53 28.32
N ARG G 1141 -65.10 97.75 27.86
CA ARG G 1141 -66.08 98.83 27.94
C ARG G 1141 -66.19 99.51 26.58
N PRO G 1142 -67.32 100.16 26.31
CA PRO G 1142 -67.49 100.83 25.02
C PRO G 1142 -66.50 101.98 24.84
N TRP G 1143 -66.17 102.25 23.58
CA TRP G 1143 -65.24 103.31 23.25
C TRP G 1143 -65.98 104.61 22.97
N GLN G 1144 -65.21 105.68 22.79
CA GLN G 1144 -65.73 106.98 22.43
C GLN G 1144 -64.99 107.47 21.20
N SER G 1145 -65.38 108.64 20.72
CA SER G 1145 -64.76 109.20 19.52
C SER G 1145 -63.30 109.53 19.80
N GLY G 1146 -62.41 109.06 18.94
CA GLY G 1146 -61.00 109.29 19.10
C GLY G 1146 -60.26 108.27 19.93
N ASP G 1147 -60.96 107.30 20.52
CA ASP G 1147 -60.29 106.27 21.29
C ASP G 1147 -59.47 105.38 20.38
N VAL G 1148 -58.32 104.94 20.89
CA VAL G 1148 -57.39 104.10 20.14
C VAL G 1148 -57.37 102.73 20.78
N VAL G 1149 -57.60 101.70 19.98
CA VAL G 1149 -57.61 100.32 20.45
C VAL G 1149 -56.30 99.66 20.03
N GLY G 1150 -55.54 99.16 21.01
CA GLY G 1150 -54.31 98.47 20.71
C GLY G 1150 -54.48 96.98 20.74
N CYS G 1151 -54.31 96.33 19.59
CA CYS G 1151 -54.52 94.89 19.48
C CYS G 1151 -53.17 94.18 19.48
N MET G 1152 -52.97 93.28 20.43
CA MET G 1152 -51.73 92.53 20.56
C MET G 1152 -52.02 91.04 20.45
N ILE G 1153 -51.14 90.33 19.75
CA ILE G 1153 -51.19 88.88 19.68
C ILE G 1153 -49.84 88.34 20.14
N ASP G 1154 -49.87 87.35 21.01
CA ASP G 1154 -48.66 86.73 21.56
C ASP G 1154 -48.69 85.27 21.14
N LEU G 1155 -47.96 84.95 20.09
CA LEU G 1155 -47.93 83.59 19.59
C LEU G 1155 -46.96 82.69 20.34
N THR G 1156 -46.22 83.24 21.30
CA THR G 1156 -45.47 82.42 22.24
C THR G 1156 -46.34 81.90 23.37
N GLU G 1157 -47.31 82.69 23.82
CA GLU G 1157 -48.22 82.28 24.89
C GLU G 1157 -49.61 81.94 24.36
N ASN G 1158 -49.86 82.13 23.07
CA ASN G 1158 -51.16 81.83 22.46
C ASN G 1158 -52.28 82.63 23.12
N THR G 1159 -52.09 83.94 23.19
CA THR G 1159 -53.06 84.83 23.83
C THR G 1159 -53.27 86.07 22.97
N ILE G 1160 -54.40 86.73 23.18
CA ILE G 1160 -54.75 87.97 22.50
C ILE G 1160 -55.17 88.99 23.55
N ILE G 1161 -54.58 90.18 23.49
CA ILE G 1161 -54.81 91.24 24.47
C ILE G 1161 -55.31 92.47 23.73
N PHE G 1162 -56.32 93.12 24.28
CA PHE G 1162 -56.85 94.37 23.75
C PHE G 1162 -56.70 95.46 24.79
N THR G 1163 -56.29 96.64 24.37
CA THR G 1163 -56.19 97.79 25.25
C THR G 1163 -56.92 98.99 24.65
N LEU G 1164 -57.56 99.76 25.51
CA LEU G 1164 -58.27 100.97 25.12
C LEU G 1164 -57.54 102.16 25.74
N ASN G 1165 -56.96 103.00 24.89
CA ASN G 1165 -56.20 104.17 25.34
C ASN G 1165 -55.09 103.77 26.31
N GLY G 1166 -54.42 102.68 26.02
CA GLY G 1166 -53.30 102.22 26.80
C GLY G 1166 -53.66 101.43 28.05
N GLU G 1167 -54.94 101.26 28.33
CA GLU G 1167 -55.40 100.50 29.49
C GLU G 1167 -55.90 99.15 29.03
N VAL G 1168 -55.38 98.09 29.64
CA VAL G 1168 -55.74 96.74 29.22
C VAL G 1168 -57.21 96.49 29.53
N LEU G 1169 -57.95 96.02 28.53
CA LEU G 1169 -59.33 95.65 28.75
C LEU G 1169 -59.41 94.29 29.41
N MET G 1170 -60.37 94.16 30.33
CA MET G 1170 -60.55 92.94 31.11
C MET G 1170 -61.96 92.43 30.96
N SER G 1171 -62.12 91.12 31.14
CA SER G 1171 -63.43 90.50 31.07
C SER G 1171 -64.20 90.74 32.36
N ASP G 1172 -65.33 90.06 32.52
CA ASP G 1172 -66.08 90.16 33.77
C ASP G 1172 -65.45 89.26 34.82
N SER G 1173 -64.14 89.34 34.94
CA SER G 1173 -63.33 88.56 35.87
C SER G 1173 -61.94 89.20 35.85
N GLY G 1174 -61.00 88.56 36.52
CA GLY G 1174 -59.65 89.08 36.53
C GLY G 1174 -58.85 88.80 35.29
N SER G 1175 -59.45 88.18 34.28
CA SER G 1175 -58.73 87.77 33.08
C SER G 1175 -58.23 88.99 32.33
N GLU G 1176 -56.93 89.06 32.12
CA GLU G 1176 -56.31 90.19 31.43
C GLU G 1176 -56.12 89.94 29.94
N THR G 1177 -56.50 88.75 29.45
CA THR G 1177 -56.37 88.41 28.05
C THR G 1177 -57.75 88.12 27.46
N ALA G 1178 -58.03 88.70 26.30
CA ALA G 1178 -59.32 88.49 25.66
C ALA G 1178 -59.51 87.05 25.25
N PHE G 1179 -58.48 86.44 24.68
CA PHE G 1179 -58.55 85.06 24.22
C PHE G 1179 -57.29 84.33 24.65
N ARG G 1180 -57.40 83.03 24.84
CA ARG G 1180 -56.28 82.23 25.31
C ARG G 1180 -56.27 80.90 24.59
N GLU G 1181 -55.18 80.16 24.78
CA GLU G 1181 -54.95 78.84 24.18
C GLU G 1181 -55.42 78.80 22.73
N ILE G 1182 -55.03 79.80 21.95
CA ILE G 1182 -55.39 79.85 20.54
C ILE G 1182 -54.36 79.05 19.74
N GLU G 1183 -54.85 78.16 18.88
CA GLU G 1183 -53.97 77.39 18.02
C GLU G 1183 -53.45 78.27 16.89
N ILE G 1184 -52.14 78.21 16.65
CA ILE G 1184 -51.54 79.02 15.60
C ILE G 1184 -52.03 78.56 14.23
N GLY G 1185 -51.74 77.31 13.89
CA GLY G 1185 -52.22 76.77 12.62
C GLY G 1185 -51.66 77.55 11.44
N ASP G 1186 -52.57 78.05 10.62
CA ASP G 1186 -52.17 78.74 9.40
C ASP G 1186 -51.60 80.13 9.66
N GLY G 1187 -51.99 80.76 10.75
CA GLY G 1187 -51.45 82.05 11.12
C GLY G 1187 -52.56 83.07 11.29
N PHE G 1188 -52.16 84.32 11.49
CA PHE G 1188 -53.11 85.38 11.79
C PHE G 1188 -52.77 86.63 11.01
N LEU G 1189 -53.80 87.45 10.77
CA LEU G 1189 -53.70 88.71 10.06
C LEU G 1189 -54.50 89.77 10.81
N PRO G 1190 -54.06 91.02 10.79
CA PRO G 1190 -54.90 92.10 11.31
C PRO G 1190 -56.14 92.27 10.46
N VAL G 1191 -57.23 92.66 11.10
CA VAL G 1191 -58.52 92.77 10.42
C VAL G 1191 -59.37 93.80 11.14
N CYS G 1192 -60.24 94.45 10.39
CA CYS G 1192 -61.22 95.37 10.95
C CYS G 1192 -62.43 95.42 10.03
N SER G 1193 -63.60 95.59 10.63
CA SER G 1193 -64.83 95.73 9.88
C SER G 1193 -65.52 97.00 10.32
N LEU G 1194 -66.13 97.71 9.36
CA LEU G 1194 -66.85 98.94 9.65
C LEU G 1194 -68.29 98.77 9.21
N GLY G 1195 -69.20 99.17 10.08
CA GLY G 1195 -70.61 99.16 9.77
C GLY G 1195 -70.99 100.38 8.96
N PRO G 1196 -72.28 100.53 8.67
CA PRO G 1196 -72.72 101.66 7.83
C PRO G 1196 -72.46 103.00 8.51
N GLY G 1197 -71.87 103.91 7.77
CA GLY G 1197 -71.62 105.24 8.28
C GLY G 1197 -70.50 105.35 9.28
N GLN G 1198 -69.60 104.36 9.34
CA GLN G 1198 -68.54 104.32 10.32
C GLN G 1198 -67.20 104.66 9.67
N VAL G 1199 -66.34 105.32 10.43
CA VAL G 1199 -65.01 105.71 9.98
C VAL G 1199 -64.00 105.25 11.01
N GLY G 1200 -62.92 104.65 10.55
CA GLY G 1200 -61.87 104.19 11.44
C GLY G 1200 -60.52 104.32 10.80
N HIS G 1201 -59.51 104.53 11.63
CA HIS G 1201 -58.13 104.68 11.18
C HIS G 1201 -57.33 103.49 11.69
N LEU G 1202 -56.69 102.78 10.77
CA LEU G 1202 -55.90 101.59 11.08
C LEU G 1202 -54.42 101.94 10.97
N ASN G 1203 -53.69 101.70 12.05
CA ASN G 1203 -52.26 102.00 12.10
C ASN G 1203 -51.52 100.70 12.37
N LEU G 1204 -50.87 100.16 11.34
CA LEU G 1204 -50.13 98.92 11.47
C LEU G 1204 -48.69 99.15 11.91
N GLY G 1205 -48.34 100.37 12.29
CA GLY G 1205 -47.06 100.62 12.92
C GLY G 1205 -45.87 100.64 12.00
N GLN G 1206 -46.04 101.04 10.75
CA GLN G 1206 -44.88 101.22 9.88
C GLN G 1206 -43.99 102.34 10.40
N ASP G 1207 -44.59 103.40 10.91
CA ASP G 1207 -43.87 104.48 11.57
C ASP G 1207 -44.11 104.36 13.06
N VAL G 1208 -43.10 103.86 13.78
CA VAL G 1208 -43.27 103.55 15.20
C VAL G 1208 -43.57 104.82 15.99
N SER G 1209 -43.12 105.98 15.52
CA SER G 1209 -43.40 107.21 16.22
C SER G 1209 -44.85 107.64 16.05
N SER G 1210 -45.55 107.13 15.04
CA SER G 1210 -46.95 107.49 14.84
C SER G 1210 -47.87 106.84 15.85
N LEU G 1211 -47.47 105.69 16.40
CA LEU G 1211 -48.29 105.00 17.38
C LEU G 1211 -48.46 105.87 18.62
N ARG G 1212 -49.67 105.84 19.20
CA ARG G 1212 -50.01 106.76 20.27
C ARG G 1212 -49.96 106.14 21.66
N PHE G 1213 -50.17 104.83 21.77
CA PHE G 1213 -50.12 104.16 23.08
C PHE G 1213 -49.22 102.94 23.07
N PHE G 1214 -48.33 102.83 22.10
CA PHE G 1214 -47.42 101.69 22.06
C PHE G 1214 -46.40 101.76 23.20
N ALA G 1215 -45.88 102.95 23.48
CA ALA G 1215 -44.92 103.10 24.56
C ALA G 1215 -45.58 102.92 25.91
N ILE G 1216 -46.83 103.37 26.06
CA ILE G 1216 -47.52 103.27 27.33
C ILE G 1216 -47.79 101.82 27.68
N CYS G 1217 -48.27 101.03 26.73
CA CYS G 1217 -48.56 99.62 26.98
C CYS G 1217 -48.28 98.86 25.69
N GLY G 1218 -47.35 97.91 25.75
CA GLY G 1218 -47.04 97.09 24.60
C GLY G 1218 -45.56 97.05 24.29
N LEU G 1219 -44.88 98.18 24.43
CA LEU G 1219 -43.46 98.24 24.09
C LEU G 1219 -42.63 97.43 25.08
N GLN G 1220 -42.82 97.68 26.37
CA GLN G 1220 -42.00 97.02 27.38
C GLN G 1220 -42.30 95.55 27.52
N GLU G 1221 -43.45 95.09 27.05
CA GLU G 1221 -43.80 93.68 27.14
C GLU G 1221 -43.19 92.85 26.03
N GLY G 1222 -42.47 93.46 25.09
CA GLY G 1222 -41.82 92.74 24.03
C GLY G 1222 -42.60 92.64 22.74
N PHE G 1223 -43.67 93.42 22.60
CA PHE G 1223 -44.46 93.40 21.37
C PHE G 1223 -43.87 94.36 20.34
N GLU G 1224 -43.91 93.94 19.09
CA GLU G 1224 -43.41 94.75 18.00
C GLU G 1224 -44.58 95.25 17.14
N PRO G 1225 -44.48 96.44 16.56
CA PRO G 1225 -45.49 96.87 15.61
C PRO G 1225 -45.54 95.93 14.43
N PHE G 1226 -46.75 95.72 13.91
CA PHE G 1226 -46.95 94.68 12.90
C PHE G 1226 -46.12 94.92 11.66
N ALA G 1227 -45.85 96.17 11.32
CA ALA G 1227 -45.12 96.52 10.11
C ALA G 1227 -43.89 97.35 10.44
N ILE G 1228 -43.14 96.90 11.46
CA ILE G 1228 -42.08 97.75 11.99
C ILE G 1228 -40.97 97.96 10.97
N ASN G 1229 -40.50 96.89 10.33
CA ASN G 1229 -39.44 96.98 9.34
C ASN G 1229 -40.06 96.61 7.99
N MET G 1230 -40.66 97.59 7.35
CA MET G 1230 -41.29 97.40 6.05
C MET G 1230 -41.21 98.71 5.29
N GLN G 1231 -40.80 98.64 4.04
CA GLN G 1231 -40.66 99.84 3.23
CA GLN G 1231 -40.66 99.84 3.23
C GLN G 1231 -42.03 100.34 2.75
N ARG G 1232 -42.72 99.53 1.99
CA ARG G 1232 -44.02 99.94 1.49
C ARG G 1232 -45.10 99.66 2.53
N PRO G 1233 -46.14 100.48 2.56
CA PRO G 1233 -47.26 100.20 3.47
C PRO G 1233 -47.89 98.86 3.16
N VAL G 1234 -48.43 98.23 4.21
CA VAL G 1234 -48.98 96.89 4.07
C VAL G 1234 -50.18 96.93 3.13
N THR G 1235 -50.17 96.04 2.14
CA THR G 1235 -51.28 95.92 1.22
C THR G 1235 -52.49 95.37 1.95
N THR G 1236 -53.65 96.00 1.76
CA THR G 1236 -54.88 95.61 2.40
C THR G 1236 -55.90 95.18 1.35
N TRP G 1237 -56.66 94.15 1.66
CA TRP G 1237 -57.77 93.70 0.85
C TRP G 1237 -59.07 94.01 1.58
N PHE G 1238 -60.12 94.33 0.83
CA PHE G 1238 -61.40 94.63 1.41
C PHE G 1238 -62.49 93.79 0.76
N SER G 1239 -63.60 93.64 1.47
CA SER G 1239 -64.72 92.85 0.97
C SER G 1239 -65.58 93.74 0.07
N LYS G 1240 -65.59 93.43 -1.22
CA LYS G 1240 -66.34 94.20 -2.20
C LYS G 1240 -67.72 93.60 -2.35
N SER G 1241 -68.75 94.36 -2.03
CA SER G 1241 -70.12 93.88 -2.12
C SER G 1241 -70.68 94.05 -3.52
N LEU G 1242 -69.95 93.54 -4.50
CA LEU G 1242 -70.41 93.46 -5.88
C LEU G 1242 -70.64 92.00 -6.23
N PRO G 1243 -71.88 91.58 -6.46
CA PRO G 1243 -72.13 90.16 -6.74
C PRO G 1243 -71.39 89.69 -7.98
N GLN G 1244 -70.82 88.50 -7.90
CA GLN G 1244 -70.07 87.90 -8.98
C GLN G 1244 -70.45 86.43 -9.07
N PHE G 1245 -70.25 85.86 -10.25
CA PHE G 1245 -70.55 84.46 -10.48
C PHE G 1245 -69.31 83.61 -10.24
N GLU G 1246 -69.45 82.62 -9.37
CA GLU G 1246 -68.37 81.70 -9.04
C GLU G 1246 -68.87 80.27 -9.13
N PRO G 1247 -67.98 79.31 -9.40
CA PRO G 1247 -68.41 77.92 -9.47
C PRO G 1247 -69.00 77.47 -8.14
N VAL G 1248 -70.01 76.60 -8.23
CA VAL G 1248 -70.63 76.05 -7.03
C VAL G 1248 -69.58 75.21 -6.31
N PRO G 1249 -69.27 75.48 -5.05
CA PRO G 1249 -68.26 74.71 -4.36
C PRO G 1249 -68.66 73.24 -4.29
N PRO G 1250 -67.69 72.33 -4.44
CA PRO G 1250 -68.03 70.90 -4.36
C PRO G 1250 -68.54 70.47 -3.00
N GLU G 1251 -68.25 71.23 -1.95
CA GLU G 1251 -68.68 70.88 -0.60
C GLU G 1251 -69.72 71.86 -0.06
N HIS G 1252 -70.50 72.45 -0.96
CA HIS G 1252 -71.52 73.40 -0.51
C HIS G 1252 -72.55 72.67 0.34
N PRO G 1253 -72.87 73.19 1.53
CA PRO G 1253 -73.78 72.46 2.43
C PRO G 1253 -75.18 72.27 1.88
N HIS G 1254 -75.64 73.12 0.96
CA HIS G 1254 -77.03 73.10 0.54
C HIS G 1254 -77.23 72.78 -0.92
N TYR G 1255 -76.30 73.12 -1.79
CA TYR G 1255 -76.48 72.99 -3.23
C TYR G 1255 -75.50 71.95 -3.77
N GLU G 1256 -76.02 71.04 -4.59
CA GLU G 1256 -75.22 69.99 -5.19
C GLU G 1256 -75.53 69.94 -6.68
N VAL G 1257 -74.48 69.87 -7.49
CA VAL G 1257 -74.60 69.83 -8.94
C VAL G 1257 -74.05 68.50 -9.43
N ALA G 1258 -74.85 67.77 -10.18
CA ALA G 1258 -74.48 66.47 -10.71
C ALA G 1258 -74.37 66.55 -12.23
N ARG G 1259 -73.23 66.15 -12.76
CA ARG G 1259 -73.00 66.13 -14.20
C ARG G 1259 -73.49 64.80 -14.75
N MET G 1260 -74.65 64.83 -15.39
CA MET G 1260 -75.27 63.63 -15.94
C MET G 1260 -74.80 63.43 -17.37
N ASP G 1261 -74.29 62.23 -17.66
CA ASP G 1261 -73.81 61.94 -18.99
C ASP G 1261 -74.97 61.79 -19.96
N GLY G 1262 -74.67 61.89 -21.25
CA GLY G 1262 -75.69 61.77 -22.27
C GLY G 1262 -76.00 60.33 -22.61
N THR G 1263 -77.24 59.91 -22.40
CA THR G 1263 -77.67 58.56 -22.70
C THR G 1263 -78.15 58.50 -24.14
N VAL G 1264 -78.79 57.39 -24.52
CA VAL G 1264 -79.29 57.24 -25.87
C VAL G 1264 -80.46 58.19 -26.12
N ASP G 1265 -81.34 58.34 -25.13
CA ASP G 1265 -82.53 59.16 -25.28
C ASP G 1265 -82.42 60.53 -24.62
N THR G 1266 -81.32 60.81 -23.92
CA THR G 1266 -81.16 62.08 -23.26
C THR G 1266 -79.83 62.71 -23.63
N PRO G 1267 -79.74 64.04 -23.62
CA PRO G 1267 -78.48 64.71 -23.86
C PRO G 1267 -77.70 64.85 -22.55
N PRO G 1268 -76.46 65.31 -22.62
CA PRO G 1268 -75.74 65.61 -21.37
C PRO G 1268 -76.46 66.69 -20.58
N CYS G 1269 -76.40 66.58 -19.25
CA CYS G 1269 -77.16 67.46 -18.40
C CYS G 1269 -76.33 67.87 -17.20
N LEU G 1270 -76.76 68.96 -16.56
CA LEU G 1270 -76.17 69.47 -15.32
C LEU G 1270 -77.32 69.68 -14.35
N ARG G 1271 -77.48 68.76 -13.41
CA ARG G 1271 -78.64 68.75 -12.54
C ARG G 1271 -78.33 69.36 -11.18
N LEU G 1272 -79.22 70.23 -10.72
CA LEU G 1272 -79.09 70.87 -9.42
C LEU G 1272 -80.01 70.19 -8.43
N ALA G 1273 -79.49 69.90 -7.24
CA ALA G 1273 -80.26 69.27 -6.18
C ALA G 1273 -80.03 70.02 -4.88
N HIS G 1274 -81.08 70.11 -4.06
CA HIS G 1274 -81.01 70.75 -2.77
C HIS G 1274 -80.63 69.69 -1.74
N ARG G 1275 -79.45 69.83 -1.13
CA ARG G 1275 -78.95 68.81 -0.23
C ARG G 1275 -79.82 68.64 1.00
N THR G 1276 -80.23 69.75 1.61
CA THR G 1276 -80.87 69.72 2.92
C THR G 1276 -82.36 70.04 2.86
N TRP G 1277 -83.00 69.81 1.72
CA TRP G 1277 -84.39 70.21 1.58
C TRP G 1277 -85.29 69.48 2.57
N GLY G 1278 -86.17 70.22 3.22
CA GLY G 1278 -87.11 69.69 4.17
C GLY G 1278 -86.64 69.65 5.60
N SER G 1279 -85.35 69.38 5.82
CA SER G 1279 -84.84 69.25 7.17
C SER G 1279 -84.72 70.62 7.83
N GLN G 1280 -84.48 70.58 9.14
CA GLN G 1280 -84.21 71.81 9.89
C GLN G 1280 -82.92 72.45 9.37
N ASN G 1281 -82.84 73.77 9.50
CA ASN G 1281 -81.70 74.60 9.12
C ASN G 1281 -81.47 74.67 7.62
N SER G 1282 -82.37 74.11 6.81
CA SER G 1282 -82.25 74.22 5.37
C SER G 1282 -82.32 75.68 4.95
N LEU G 1283 -81.54 76.01 3.92
CA LEU G 1283 -81.48 77.37 3.39
C LEU G 1283 -82.29 77.43 2.10
N VAL G 1284 -83.35 78.24 2.11
CA VAL G 1284 -84.23 78.38 0.96
C VAL G 1284 -84.28 79.85 0.61
N GLU G 1285 -83.65 80.22 -0.50
CA GLU G 1285 -83.60 81.61 -0.94
C GLU G 1285 -83.34 81.61 -2.43
N MET G 1286 -83.58 82.76 -3.07
CA MET G 1286 -83.44 82.86 -4.52
C MET G 1286 -82.02 82.52 -4.92
N LEU G 1287 -81.90 81.67 -5.94
CA LEU G 1287 -80.61 81.17 -6.41
C LEU G 1287 -80.40 81.62 -7.84
N PHE G 1288 -79.23 82.19 -8.10
CA PHE G 1288 -78.89 82.71 -9.43
C PHE G 1288 -77.79 81.85 -10.02
N LEU G 1289 -78.11 81.16 -11.12
CA LEU G 1289 -77.18 80.24 -11.74
C LEU G 1289 -76.92 80.66 -13.18
N ARG G 1290 -75.72 80.36 -13.66
CA ARG G 1290 -75.37 80.56 -15.06
C ARG G 1290 -74.30 79.55 -15.43
N LEU G 1291 -74.16 79.31 -16.73
CA LEU G 1291 -73.12 78.43 -17.21
C LEU G 1291 -71.83 79.20 -17.43
N SER G 1292 -70.71 78.49 -17.31
CA SER G 1292 -69.42 79.15 -17.22
C SER G 1292 -68.95 79.75 -18.53
N LEU G 1293 -69.59 79.42 -19.65
CA LEU G 1293 -69.09 79.93 -20.91
C LEU G 1293 -70.20 80.61 -21.71
N PRO G 1294 -69.90 81.65 -22.45
CA PRO G 1294 -70.92 82.39 -23.19
C PRO G 1294 -71.05 81.90 -24.63
N VAL G 1295 -72.10 82.39 -25.28
CA VAL G 1295 -72.27 82.29 -26.72
C VAL G 1295 -72.17 83.69 -27.28
N GLN G 1296 -71.34 83.86 -28.30
CA GLN G 1296 -71.03 85.19 -28.83
C GLN G 1296 -71.72 85.38 -30.17
N PHE G 1297 -72.51 86.43 -30.28
CA PHE G 1297 -73.16 86.74 -31.54
C PHE G 1297 -72.14 87.23 -32.56
N HIS G 1298 -72.47 87.00 -33.83
CA HIS G 1298 -71.52 87.25 -34.90
C HIS G 1298 -71.21 88.74 -35.02
N GLN G 1299 -70.08 89.03 -35.67
CA GLN G 1299 -69.65 90.41 -35.82
C GLN G 1299 -70.61 91.19 -36.70
N HIS G 1300 -71.08 90.58 -37.78
CA HIS G 1300 -72.00 91.22 -38.70
C HIS G 1300 -73.23 90.33 -38.88
N PHE G 1301 -74.39 90.96 -38.97
CA PHE G 1301 -75.64 90.23 -39.10
C PHE G 1301 -76.01 90.03 -40.57
N ARG G 1302 -76.69 88.92 -40.85
CA ARG G 1302 -77.18 88.67 -42.19
C ARG G 1302 -78.19 89.72 -42.60
N CYS G 1303 -78.07 90.16 -43.85
CA CYS G 1303 -78.97 91.20 -44.36
C CYS G 1303 -80.40 90.68 -44.42
N THR G 1304 -81.34 91.54 -44.03
CA THR G 1304 -82.77 91.21 -44.03
C THR G 1304 -83.06 89.96 -43.21
N ASP G 1419 -87.10 59.06 -39.20
CA ASP G 1419 -87.62 60.41 -39.18
C ASP G 1419 -86.93 61.23 -38.10
N ASN G 1420 -87.20 62.53 -38.08
CA ASN G 1420 -86.58 63.46 -37.12
C ASN G 1420 -85.05 63.38 -37.20
N ARG G 1421 -84.55 63.29 -38.42
CA ARG G 1421 -83.11 63.25 -38.68
C ARG G 1421 -82.70 64.55 -39.36
N ASP G 1422 -81.58 65.11 -38.90
CA ASP G 1422 -81.13 66.41 -39.40
C ASP G 1422 -80.70 66.29 -40.86
N ASP G 1423 -81.05 67.29 -41.64
CA ASP G 1423 -80.58 67.37 -43.01
C ASP G 1423 -79.14 67.87 -42.96
N PRO G 1424 -78.18 67.17 -43.57
CA PRO G 1424 -76.77 67.57 -43.41
C PRO G 1424 -76.45 68.98 -43.91
N GLU G 1425 -76.89 69.35 -45.11
CA GLU G 1425 -76.51 70.64 -45.63
C GLU G 1425 -77.11 71.77 -44.80
N ILE G 1426 -78.28 71.56 -44.23
CA ILE G 1426 -78.87 72.55 -43.34
C ILE G 1426 -78.10 72.62 -42.03
N ILE G 1427 -77.78 71.46 -41.44
CA ILE G 1427 -77.19 71.45 -40.11
C ILE G 1427 -75.77 72.00 -40.15
N LEU G 1428 -75.05 71.81 -41.25
CA LEU G 1428 -73.70 72.38 -41.35
C LEU G 1428 -73.71 73.84 -41.78
N ASN G 1429 -74.87 74.42 -42.07
CA ASN G 1429 -74.95 75.81 -42.47
C ASN G 1429 -75.81 76.66 -41.55
N THR G 1430 -76.45 76.07 -40.54
CA THR G 1430 -77.31 76.83 -39.66
C THR G 1430 -76.50 77.66 -38.67
N THR G 1431 -77.12 78.72 -38.17
CA THR G 1431 -76.54 79.55 -37.13
C THR G 1431 -77.44 79.60 -35.89
N THR G 1432 -78.38 78.68 -35.77
CA THR G 1432 -79.28 78.61 -34.63
C THR G 1432 -78.78 77.57 -33.64
N TYR G 1433 -78.75 77.93 -32.37
CA TYR G 1433 -78.26 77.06 -31.32
C TYR G 1433 -79.31 76.95 -30.24
N TYR G 1434 -79.32 75.80 -29.56
CA TYR G 1434 -80.41 75.45 -28.68
C TYR G 1434 -79.87 74.94 -27.35
N TYR G 1435 -80.60 75.25 -26.29
CA TYR G 1435 -80.41 74.58 -25.01
C TYR G 1435 -81.71 74.70 -24.23
N SER G 1436 -81.98 73.71 -23.40
CA SER G 1436 -83.26 73.63 -22.71
C SER G 1436 -83.02 73.41 -21.22
N VAL G 1437 -83.99 73.82 -20.43
CA VAL G 1437 -83.97 73.68 -18.99
C VAL G 1437 -85.19 72.89 -18.56
N ARG G 1438 -84.98 71.81 -17.81
CA ARG G 1438 -86.07 70.96 -17.34
C ARG G 1438 -86.36 71.30 -15.88
N VAL G 1439 -87.57 71.77 -15.63
CA VAL G 1439 -88.03 72.06 -14.28
C VAL G 1439 -88.75 70.81 -13.77
N PHE G 1440 -88.14 70.13 -12.80
CA PHE G 1440 -88.69 68.86 -12.33
C PHE G 1440 -90.03 69.05 -11.66
N ALA G 1441 -90.83 67.98 -11.70
CA ALA G 1441 -92.11 67.99 -11.00
C ALA G 1441 -91.88 68.16 -9.50
N GLY G 1442 -92.66 69.04 -8.88
CA GLY G 1442 -92.48 69.42 -7.50
C GLY G 1442 -91.85 70.79 -7.34
N GLN G 1443 -90.99 71.18 -8.28
CA GLN G 1443 -90.47 72.54 -8.31
C GLN G 1443 -91.49 73.44 -8.99
N GLU G 1444 -91.89 74.49 -8.29
CA GLU G 1444 -92.94 75.35 -8.81
C GLU G 1444 -92.43 76.15 -10.01
N PRO G 1445 -93.09 76.07 -11.17
CA PRO G 1445 -92.66 76.92 -12.29
C PRO G 1445 -92.76 78.39 -12.01
N SER G 1446 -93.61 78.79 -11.06
CA SER G 1446 -93.73 80.20 -10.69
C SER G 1446 -92.47 80.73 -10.05
N CYS G 1447 -91.54 79.86 -9.65
CA CYS G 1447 -90.30 80.27 -9.02
C CYS G 1447 -89.07 79.98 -9.89
N VAL G 1448 -89.25 79.90 -11.21
CA VAL G 1448 -88.15 79.60 -12.12
C VAL G 1448 -88.15 80.64 -13.24
N TRP G 1449 -86.98 81.19 -13.53
CA TRP G 1449 -86.75 82.05 -14.69
C TRP G 1449 -85.64 81.45 -15.51
N VAL G 1450 -85.86 81.35 -16.82
CA VAL G 1450 -84.93 80.69 -17.74
C VAL G 1450 -84.58 81.66 -18.85
N GLY G 1451 -83.31 81.69 -19.23
CA GLY G 1451 -82.89 82.55 -20.33
C GLY G 1451 -81.40 82.78 -20.40
N TRP G 1452 -81.01 84.03 -20.60
CA TRP G 1452 -79.60 84.39 -20.77
C TRP G 1452 -79.29 85.65 -19.98
N VAL G 1453 -78.02 85.82 -19.62
CA VAL G 1453 -77.53 87.04 -18.98
C VAL G 1453 -76.25 87.47 -19.67
N THR G 1454 -76.11 88.77 -19.86
CA THR G 1454 -74.87 89.34 -20.35
C THR G 1454 -73.83 89.38 -19.24
N PRO G 1455 -72.54 89.46 -19.56
CA PRO G 1455 -71.50 89.35 -18.53
C PRO G 1455 -71.49 90.46 -17.50
N ASP G 1456 -72.38 91.44 -17.62
CA ASP G 1456 -72.45 92.55 -16.68
C ASP G 1456 -73.69 92.48 -15.79
N TYR G 1457 -74.07 91.27 -15.38
CA TYR G 1457 -75.18 91.07 -14.47
C TYR G 1457 -74.64 90.87 -13.06
N HIS G 1458 -74.97 91.79 -12.16
CA HIS G 1458 -74.54 91.73 -10.78
C HIS G 1458 -75.70 92.05 -9.84
N GLN G 1459 -76.86 91.51 -10.12
CA GLN G 1459 -78.08 91.85 -9.39
C GLN G 1459 -78.50 90.67 -8.53
N HIS G 1460 -78.13 90.71 -7.26
CA HIS G 1460 -78.43 89.65 -6.30
C HIS G 1460 -79.70 89.99 -5.54
N ASP G 1461 -80.81 90.03 -6.26
CA ASP G 1461 -82.08 90.49 -5.73
C ASP G 1461 -82.83 89.31 -5.13
N MET G 1462 -83.17 89.42 -3.85
CA MET G 1462 -83.85 88.31 -3.16
C MET G 1462 -85.35 88.32 -3.38
N ASN G 1463 -85.88 89.33 -4.06
CA ASN G 1463 -87.28 89.36 -4.46
C ASN G 1463 -87.36 89.54 -5.97
N PHE G 1464 -86.60 88.74 -6.69
CA PHE G 1464 -86.43 88.95 -8.12
C PHE G 1464 -87.71 88.63 -8.90
N ASP G 1465 -88.03 89.51 -9.84
CA ASP G 1465 -88.99 89.21 -10.88
C ASP G 1465 -88.58 90.00 -12.13
N LEU G 1466 -89.29 89.77 -13.23
CA LEU G 1466 -88.86 90.36 -14.49
C LEU G 1466 -88.97 91.87 -14.51
N SER G 1467 -89.67 92.46 -13.54
CA SER G 1467 -89.75 93.91 -13.46
C SER G 1467 -88.50 94.54 -12.87
N LYS G 1468 -87.67 93.76 -12.16
CA LYS G 1468 -86.44 94.28 -11.59
C LYS G 1468 -85.30 94.31 -12.59
N VAL G 1469 -85.48 93.72 -13.77
CA VAL G 1469 -84.40 93.61 -14.74
C VAL G 1469 -84.04 95.00 -15.26
N ARG G 1470 -82.74 95.30 -15.28
CA ARG G 1470 -82.28 96.56 -15.84
C ARG G 1470 -82.62 96.63 -17.33
N ALA G 1471 -83.08 97.79 -17.76
CA ALA G 1471 -83.42 98.00 -19.16
C ALA G 1471 -83.33 99.48 -19.47
N VAL G 1472 -83.03 99.78 -20.72
CA VAL G 1472 -82.95 101.16 -21.19
C VAL G 1472 -83.03 101.16 -22.71
N THR G 1473 -83.66 102.18 -23.26
CA THR G 1473 -83.81 102.33 -24.70
C THR G 1473 -83.03 103.56 -25.15
N VAL G 1474 -82.10 103.35 -26.08
CA VAL G 1474 -81.31 104.44 -26.65
C VAL G 1474 -81.86 104.75 -28.03
N THR G 1475 -82.35 105.97 -28.20
CA THR G 1475 -83.00 106.39 -29.44
C THR G 1475 -82.18 107.49 -30.09
N MET G 1476 -81.93 107.35 -31.39
CA MET G 1476 -81.22 108.34 -32.17
C MET G 1476 -82.14 108.92 -33.23
N GLY G 1477 -81.95 110.20 -33.53
CA GLY G 1477 -82.80 110.89 -34.48
C GLY G 1477 -81.99 111.83 -35.34
N ASP G 1478 -82.67 112.48 -36.28
CA ASP G 1478 -82.06 113.47 -37.14
C ASP G 1478 -82.21 114.85 -36.51
N GLU G 1479 -81.98 115.89 -37.31
CA GLU G 1479 -82.03 117.27 -36.78
C GLU G 1479 -83.40 117.61 -36.22
N GLN G 1480 -84.47 116.99 -36.73
CA GLN G 1480 -85.83 117.28 -36.26
C GLN G 1480 -86.55 115.95 -35.98
N GLY G 1481 -86.41 115.46 -34.77
CA GLY G 1481 -87.11 114.23 -34.38
C GLY G 1481 -86.72 113.09 -35.28
N ASN G 1482 -87.72 112.45 -35.89
CA ASN G 1482 -87.52 111.45 -36.93
C ASN G 1482 -86.59 110.34 -36.46
N VAL G 1483 -87.07 109.61 -35.46
CA VAL G 1483 -86.35 108.48 -34.90
C VAL G 1483 -85.92 107.53 -36.02
N HIS G 1484 -84.62 107.33 -36.18
CA HIS G 1484 -84.11 106.40 -37.17
C HIS G 1484 -83.39 105.21 -36.55
N SER G 1485 -83.35 105.14 -35.22
CA SER G 1485 -82.74 104.00 -34.53
C SER G 1485 -83.18 104.03 -33.09
N SER G 1486 -83.74 102.92 -32.61
CA SER G 1486 -84.22 102.82 -31.22
C SER G 1486 -83.82 101.45 -30.69
N LEU G 1487 -82.64 101.38 -30.09
CA LEU G 1487 -82.11 100.12 -29.59
C LEU G 1487 -82.50 99.93 -28.13
N LYS G 1488 -82.66 98.66 -27.74
CA LYS G 1488 -83.04 98.29 -26.40
C LYS G 1488 -81.92 97.49 -25.75
N CYS G 1489 -81.53 97.88 -24.54
CA CYS G 1489 -80.39 97.28 -23.86
C CYS G 1489 -80.84 96.70 -22.53
N SER G 1490 -80.24 95.57 -22.17
CA SER G 1490 -80.51 94.92 -20.89
C SER G 1490 -79.37 93.97 -20.60
N ASN G 1491 -79.36 93.43 -19.38
CA ASN G 1491 -78.39 92.43 -19.00
C ASN G 1491 -79.02 91.09 -18.68
N CYS G 1492 -80.34 90.96 -18.79
CA CYS G 1492 -81.02 89.72 -18.44
C CYS G 1492 -82.16 89.52 -19.42
N TYR G 1493 -82.03 88.52 -20.28
CA TYR G 1493 -83.06 88.16 -21.25
C TYR G 1493 -83.64 86.82 -20.83
N MET G 1494 -84.78 86.84 -20.14
CA MET G 1494 -85.37 85.63 -19.58
C MET G 1494 -86.87 85.63 -19.79
N VAL G 1495 -87.45 84.46 -19.54
CA VAL G 1495 -88.89 84.27 -19.51
C VAL G 1495 -89.25 83.64 -18.17
N TRP G 1496 -90.49 83.88 -17.75
CA TRP G 1496 -90.96 83.40 -16.47
C TRP G 1496 -91.60 82.02 -16.63
N GLY G 1497 -91.25 81.11 -15.73
CA GLY G 1497 -91.84 79.78 -15.78
C GLY G 1497 -93.32 79.76 -15.48
N GLY G 1498 -93.85 80.83 -14.89
CA GLY G 1498 -95.27 80.93 -14.62
C GLY G 1498 -96.10 81.34 -15.81
N ASP G 1499 -95.47 81.71 -16.91
CA ASP G 1499 -96.20 82.02 -18.14
C ASP G 1499 -96.56 80.78 -18.93
N PHE G 1500 -96.08 79.61 -18.51
CA PHE G 1500 -96.23 78.38 -19.27
C PHE G 1500 -97.03 77.35 -18.51
N VAL G 1501 -97.81 77.78 -17.52
CA VAL G 1501 -98.69 76.91 -16.76
C VAL G 1501 -100.12 77.33 -17.02
N SER G 1502 -100.97 76.37 -17.40
CA SER G 1502 -102.37 76.67 -17.61
C SER G 1502 -103.03 76.99 -16.27
N PRO G 1503 -103.97 77.93 -16.25
CA PRO G 1503 -104.65 78.26 -14.98
C PRO G 1503 -105.62 77.17 -14.56
N GLY G 1504 -105.10 76.00 -14.21
CA GLY G 1504 -105.96 74.92 -13.77
C GLY G 1504 -106.48 75.15 -12.36
N GLN G 1505 -107.48 74.36 -12.00
CA GLN G 1505 -108.08 74.46 -10.66
C GLN G 1505 -107.05 74.17 -9.58
N GLN G 1506 -106.35 73.06 -9.71
CA GLN G 1506 -105.27 72.67 -8.80
C GLN G 1506 -104.43 71.65 -9.54
N GLY G 1507 -103.41 71.11 -8.88
CA GLY G 1507 -102.45 70.27 -9.57
C GLY G 1507 -101.33 71.07 -10.19
N ARG G 1508 -101.04 72.26 -9.64
CA ARG G 1508 -99.95 73.07 -10.15
C ARG G 1508 -98.62 72.32 -10.06
N ILE G 1509 -98.51 71.38 -9.14
CA ILE G 1509 -97.40 70.43 -9.13
C ILE G 1509 -97.76 69.34 -10.13
N SER G 1510 -97.38 69.54 -11.39
CA SER G 1510 -97.82 68.67 -12.46
C SER G 1510 -97.11 67.31 -12.37
N HIS G 1511 -97.72 66.32 -13.00
CA HIS G 1511 -97.02 65.06 -13.21
C HIS G 1511 -95.87 65.22 -14.18
N THR G 1512 -95.97 66.20 -15.08
CA THR G 1512 -95.01 66.38 -16.15
C THR G 1512 -94.06 67.52 -15.80
N ASP G 1513 -92.77 67.30 -16.02
CA ASP G 1513 -91.78 68.35 -15.86
C ASP G 1513 -91.95 69.39 -16.95
N LEU G 1514 -91.68 70.65 -16.61
CA LEU G 1514 -91.69 71.73 -17.58
C LEU G 1514 -90.30 71.84 -18.21
N VAL G 1515 -90.25 71.83 -19.54
CA VAL G 1515 -88.99 71.83 -20.27
C VAL G 1515 -88.99 73.07 -21.15
N ILE G 1516 -88.44 74.17 -20.65
CA ILE G 1516 -88.34 75.41 -21.39
C ILE G 1516 -87.13 75.32 -22.31
N GLY G 1517 -87.35 75.59 -23.60
CA GLY G 1517 -86.28 75.60 -24.57
C GLY G 1517 -85.90 77.01 -24.97
N CYS G 1518 -84.61 77.22 -25.21
CA CYS G 1518 -84.08 78.52 -25.58
C CYS G 1518 -83.31 78.41 -26.88
N LEU G 1519 -83.61 79.31 -27.81
CA LEU G 1519 -82.99 79.33 -29.13
C LEU G 1519 -82.34 80.68 -29.35
N VAL G 1520 -81.15 80.69 -29.94
CA VAL G 1520 -80.47 81.91 -30.33
C VAL G 1520 -79.94 81.75 -31.75
N ASP G 1521 -80.17 82.76 -32.58
CA ASP G 1521 -79.61 82.83 -33.92
C ASP G 1521 -78.46 83.80 -33.89
N LEU G 1522 -77.23 83.28 -33.87
CA LEU G 1522 -76.06 84.13 -33.73
C LEU G 1522 -75.83 85.00 -34.95
N ALA G 1523 -76.50 84.72 -36.06
CA ALA G 1523 -76.31 85.50 -37.28
C ALA G 1523 -77.30 86.64 -37.43
N THR G 1524 -78.39 86.64 -36.66
CA THR G 1524 -79.38 87.71 -36.75
C THR G 1524 -79.68 88.37 -35.41
N GLY G 1525 -79.24 87.81 -34.30
CA GLY G 1525 -79.50 88.42 -33.01
C GLY G 1525 -80.89 88.20 -32.47
N LEU G 1526 -81.64 87.26 -33.04
CA LEU G 1526 -83.01 86.98 -32.62
C LEU G 1526 -83.00 85.89 -31.57
N MET G 1527 -83.87 86.03 -30.58
CA MET G 1527 -83.94 85.15 -29.42
C MET G 1527 -85.38 84.69 -29.24
N THR G 1528 -85.60 83.39 -29.12
CA THR G 1528 -86.94 82.83 -28.96
C THR G 1528 -86.93 81.71 -27.94
N PHE G 1529 -88.11 81.37 -27.43
CA PHE G 1529 -88.27 80.40 -26.37
C PHE G 1529 -89.42 79.46 -26.71
N THR G 1530 -89.34 78.23 -26.19
CA THR G 1530 -90.40 77.24 -26.35
C THR G 1530 -90.78 76.70 -24.98
N ALA G 1531 -92.08 76.59 -24.73
CA ALA G 1531 -92.55 76.18 -23.40
C ALA G 1531 -92.50 74.67 -23.23
N ASN G 1532 -93.23 73.94 -24.08
CA ASN G 1532 -93.19 72.48 -24.08
C ASN G 1532 -93.24 71.98 -25.51
N GLY G 1533 -92.43 72.56 -26.38
CA GLY G 1533 -92.50 72.31 -27.80
C GLY G 1533 -93.31 73.32 -28.56
N LYS G 1534 -94.08 74.16 -27.89
CA LYS G 1534 -94.86 75.21 -28.54
C LYS G 1534 -94.12 76.54 -28.39
N GLU G 1535 -94.00 77.27 -29.48
CA GLU G 1535 -93.28 78.53 -29.47
C GLU G 1535 -93.96 79.53 -28.55
N SER G 1536 -93.15 80.28 -27.80
CA SER G 1536 -93.65 81.32 -26.92
C SER G 1536 -93.71 82.66 -27.64
N ASN G 1537 -94.49 83.58 -27.08
CA ASN G 1537 -94.65 84.89 -27.69
C ASN G 1537 -93.46 85.80 -27.47
N THR G 1538 -92.82 85.71 -26.30
CA THR G 1538 -91.73 86.62 -25.98
C THR G 1538 -90.52 86.34 -26.85
N PHE G 1539 -89.86 87.43 -27.29
CA PHE G 1539 -88.65 87.32 -28.07
C PHE G 1539 -87.77 88.53 -27.79
N PHE G 1540 -86.49 88.40 -28.11
CA PHE G 1540 -85.53 89.45 -27.85
C PHE G 1540 -84.64 89.64 -29.05
N GLN G 1541 -84.10 90.86 -29.19
CA GLN G 1541 -83.19 91.21 -30.26
C GLN G 1541 -81.96 91.88 -29.65
N VAL G 1542 -80.77 91.42 -30.04
CA VAL G 1542 -79.53 91.92 -29.47
C VAL G 1542 -78.59 92.36 -30.59
N GLU G 1543 -77.63 93.20 -30.22
CA GLU G 1543 -76.66 93.72 -31.16
C GLU G 1543 -75.56 92.71 -31.42
N PRO G 1544 -74.81 92.88 -32.51
CA PRO G 1544 -73.68 91.98 -32.77
C PRO G 1544 -72.60 92.09 -31.70
N ASN G 1545 -71.82 91.02 -31.59
CA ASN G 1545 -70.74 90.83 -30.61
C ASN G 1545 -71.25 90.68 -29.18
N THR G 1546 -72.55 90.49 -28.99
CA THR G 1546 -73.10 90.32 -27.66
C THR G 1546 -72.73 88.95 -27.10
N LYS G 1547 -72.32 88.92 -25.85
CA LYS G 1547 -72.04 87.68 -25.14
C LYS G 1547 -73.22 87.36 -24.23
N LEU G 1548 -73.69 86.12 -24.29
CA LEU G 1548 -74.82 85.68 -23.49
C LEU G 1548 -74.46 84.39 -22.78
N PHE G 1549 -74.71 84.33 -21.50
CA PHE G 1549 -74.50 83.13 -20.72
C PHE G 1549 -75.82 82.45 -20.46
N PRO G 1550 -75.94 81.13 -20.64
CA PRO G 1550 -77.17 80.44 -20.25
C PRO G 1550 -77.34 80.51 -18.74
N ALA G 1551 -78.46 81.10 -18.32
CA ALA G 1551 -78.68 81.35 -16.90
C ALA G 1551 -80.08 80.94 -16.50
N VAL G 1552 -80.20 80.43 -15.28
CA VAL G 1552 -81.48 80.06 -14.68
C VAL G 1552 -81.54 80.63 -13.27
N PHE G 1553 -82.60 81.36 -12.98
CA PHE G 1553 -82.84 81.89 -11.65
C PHE G 1553 -84.01 81.12 -11.05
N VAL G 1554 -83.81 80.59 -9.84
CA VAL G 1554 -84.80 79.68 -9.26
C VAL G 1554 -84.86 79.91 -7.76
N LEU G 1555 -86.06 79.79 -7.20
CA LEU G 1555 -86.25 79.68 -5.76
C LEU G 1555 -86.63 78.25 -5.45
N PRO G 1556 -85.74 77.46 -4.84
CA PRO G 1556 -86.00 76.03 -4.72
C PRO G 1556 -87.25 75.73 -3.91
N THR G 1557 -88.01 74.74 -4.38
CA THR G 1557 -89.16 74.22 -3.65
C THR G 1557 -89.20 72.70 -3.64
N HIS G 1558 -88.07 72.04 -3.87
CA HIS G 1558 -88.05 70.59 -4.01
C HIS G 1558 -86.60 70.14 -3.96
N GLN G 1559 -86.40 68.85 -3.66
CA GLN G 1559 -85.04 68.31 -3.64
C GLN G 1559 -84.41 68.40 -5.01
N ASN G 1560 -85.15 68.06 -6.06
CA ASN G 1560 -84.71 68.26 -7.43
C ASN G 1560 -85.27 69.58 -7.93
N VAL G 1561 -84.38 70.45 -8.42
CA VAL G 1561 -84.77 71.82 -8.73
C VAL G 1561 -84.86 72.04 -10.23
N ILE G 1562 -83.73 72.00 -10.91
CA ILE G 1562 -83.67 72.27 -12.34
C ILE G 1562 -82.66 71.35 -12.99
N GLN G 1563 -82.48 71.49 -14.29
CA GLN G 1563 -81.52 70.66 -15.02
C GLN G 1563 -81.19 71.38 -16.33
N PHE G 1564 -79.93 71.77 -16.50
CA PHE G 1564 -79.48 72.27 -17.79
C PHE G 1564 -79.38 71.11 -18.76
N GLU G 1565 -80.09 71.18 -19.87
CA GLU G 1565 -80.07 70.13 -20.88
C GLU G 1565 -79.38 70.67 -22.12
N LEU G 1566 -78.14 70.23 -22.34
CA LEU G 1566 -77.32 70.76 -23.43
C LEU G 1566 -77.51 69.92 -24.70
N GLY G 1567 -78.76 69.83 -25.12
CA GLY G 1567 -79.15 69.03 -26.26
C GLY G 1567 -79.26 69.83 -27.54
N LYS G 1568 -80.12 69.34 -28.44
CA LYS G 1568 -80.33 69.98 -29.73
C LYS G 1568 -81.72 69.65 -30.23
N GLN G 1569 -82.11 70.30 -31.31
CA GLN G 1569 -83.36 70.04 -31.98
C GLN G 1569 -83.09 69.61 -33.41
N LYS G 1570 -84.17 69.47 -34.19
CA LYS G 1570 -84.01 69.15 -35.59
C LYS G 1570 -83.46 70.36 -36.34
N ASN G 1571 -82.32 70.16 -37.01
CA ASN G 1571 -81.66 71.21 -37.78
C ASN G 1571 -81.23 72.40 -36.92
N ILE G 1572 -80.92 72.15 -35.65
CA ILE G 1572 -80.41 73.17 -34.74
C ILE G 1572 -79.23 72.57 -33.99
N MET G 1573 -78.16 73.33 -33.88
CA MET G 1573 -76.96 72.79 -33.25
C MET G 1573 -77.02 72.98 -31.74
N PRO G 1574 -76.28 72.18 -30.98
CA PRO G 1574 -76.22 72.33 -29.53
C PRO G 1574 -75.34 73.51 -29.14
N LEU G 1575 -75.27 73.77 -27.84
CA LEU G 1575 -74.48 74.89 -27.34
C LEU G 1575 -72.98 74.65 -27.53
N SER G 1576 -72.54 73.40 -27.45
CA SER G 1576 -71.13 73.10 -27.60
C SER G 1576 -70.60 73.47 -28.97
N ALA G 1577 -71.48 73.51 -29.98
CA ALA G 1577 -71.04 73.93 -31.30
C ALA G 1577 -70.77 75.43 -31.34
N ALA G 1578 -71.37 76.19 -30.45
CA ALA G 1578 -71.17 77.64 -30.41
C ALA G 1578 -70.12 78.06 -29.42
N MET G 1579 -69.95 77.33 -28.33
CA MET G 1579 -68.99 77.72 -27.31
C MET G 1579 -67.55 77.39 -27.68
N PHE G 1580 -67.32 76.32 -28.44
CA PHE G 1580 -65.97 75.83 -28.68
C PHE G 1580 -65.67 75.85 -30.16
N LEU G 1581 -64.49 76.38 -30.51
CA LEU G 1581 -64.11 76.54 -31.91
C LEU G 1581 -63.96 75.20 -32.60
N SER G 1582 -63.37 74.22 -31.93
CA SER G 1582 -63.13 72.92 -32.54
C SER G 1582 -64.41 72.15 -32.81
N GLU G 1583 -65.54 72.59 -32.29
CA GLU G 1583 -66.81 71.89 -32.48
C GLU G 1583 -67.80 72.69 -33.31
N ARG G 1584 -67.32 73.65 -34.10
CA ARG G 1584 -68.23 74.52 -34.86
C ARG G 1584 -69.06 73.72 -35.85
N LYS G 1585 -68.58 72.55 -36.26
CA LYS G 1585 -69.28 71.72 -37.22
C LYS G 1585 -69.64 70.36 -36.63
N ASN G 1586 -69.73 70.26 -35.32
CA ASN G 1586 -70.02 68.99 -34.66
C ASN G 1586 -71.43 69.05 -34.11
N PRO G 1587 -72.41 68.39 -34.73
CA PRO G 1587 -73.78 68.42 -34.21
C PRO G 1587 -74.01 67.54 -32.99
N ALA G 1588 -73.03 66.74 -32.60
CA ALA G 1588 -73.20 65.88 -31.43
C ALA G 1588 -73.07 66.71 -30.16
N PRO G 1589 -74.08 66.71 -29.29
CA PRO G 1589 -73.99 67.49 -28.05
C PRO G 1589 -72.84 67.02 -27.17
N GLN G 1590 -72.20 67.99 -26.52
CA GLN G 1590 -71.10 67.72 -25.61
C GLN G 1590 -71.20 68.62 -24.39
N CYS G 1591 -70.62 68.18 -23.29
CA CYS G 1591 -70.50 68.98 -22.07
C CYS G 1591 -69.06 68.88 -21.58
N PRO G 1592 -68.15 69.61 -22.18
CA PRO G 1592 -66.74 69.51 -21.81
C PRO G 1592 -66.51 69.99 -20.39
N PRO G 1593 -65.43 69.55 -19.75
CA PRO G 1593 -65.23 69.87 -18.33
C PRO G 1593 -65.16 71.35 -18.03
N ARG G 1594 -64.80 72.17 -19.02
CA ARG G 1594 -64.74 73.61 -18.78
C ARG G 1594 -66.12 74.19 -18.52
N LEU G 1595 -67.15 73.60 -19.10
CA LEU G 1595 -68.51 74.07 -18.92
C LEU G 1595 -69.05 73.55 -17.59
N GLU G 1596 -69.50 74.47 -16.73
CA GLU G 1596 -69.98 74.09 -15.42
C GLU G 1596 -70.94 75.14 -14.90
N VAL G 1597 -71.61 74.81 -13.80
CA VAL G 1597 -72.63 75.68 -13.23
C VAL G 1597 -71.98 76.64 -12.26
N GLN G 1598 -72.34 77.92 -12.35
CA GLN G 1598 -71.82 78.96 -11.48
C GLN G 1598 -72.96 79.66 -10.77
N MET G 1599 -72.70 80.11 -9.55
CA MET G 1599 -73.68 80.77 -8.71
C MET G 1599 -73.21 82.16 -8.32
N LEU G 1600 -74.15 83.04 -8.04
CA LEU G 1600 -73.85 84.44 -7.77
C LEU G 1600 -73.53 84.63 -6.30
N MET G 1601 -72.35 85.16 -6.01
CA MET G 1601 -71.89 85.36 -4.64
C MET G 1601 -71.96 86.83 -4.28
N PRO G 1602 -72.67 87.20 -3.22
CA PRO G 1602 -72.87 88.63 -2.93
C PRO G 1602 -71.60 89.41 -2.62
N VAL G 1603 -70.59 88.80 -2.01
CA VAL G 1603 -69.41 89.50 -1.55
C VAL G 1603 -68.17 88.75 -2.00
N SER G 1604 -67.10 89.49 -2.31
CA SER G 1604 -65.82 88.91 -2.68
C SER G 1604 -64.70 89.80 -2.16
N TRP G 1605 -63.51 89.22 -2.07
CA TRP G 1605 -62.34 89.99 -1.65
C TRP G 1605 -61.76 90.76 -2.84
N SER G 1606 -61.38 92.01 -2.59
CA SER G 1606 -60.76 92.83 -3.61
C SER G 1606 -59.57 93.55 -3.00
N ARG G 1607 -58.60 93.89 -3.85
CA ARG G 1607 -57.35 94.48 -3.41
C ARG G 1607 -57.42 96.00 -3.51
N MET G 1608 -57.16 96.67 -2.40
CA MET G 1608 -57.19 98.12 -2.39
C MET G 1608 -55.97 98.66 -3.13
N PRO G 1609 -56.14 99.61 -4.05
CA PRO G 1609 -54.98 100.18 -4.74
C PRO G 1609 -54.05 100.86 -3.76
N ASN G 1610 -52.76 100.86 -4.09
CA ASN G 1610 -51.78 101.48 -3.22
C ASN G 1610 -51.88 102.99 -3.25
N HIS G 1611 -52.33 103.57 -4.36
CA HIS G 1611 -52.48 105.00 -4.50
C HIS G 1611 -53.82 105.31 -5.15
N PHE G 1612 -54.35 106.49 -4.84
CA PHE G 1612 -55.66 106.89 -5.32
C PHE G 1612 -55.55 108.25 -5.98
N LEU G 1613 -56.46 108.52 -6.91
CA LEU G 1613 -56.45 109.78 -7.62
C LEU G 1613 -56.68 110.94 -6.67
N GLN G 1614 -55.90 112.00 -6.82
CA GLN G 1614 -56.02 113.19 -6.00
C GLN G 1614 -56.97 114.15 -6.68
N VAL G 1615 -58.17 114.30 -6.14
CA VAL G 1615 -59.22 115.12 -6.72
C VAL G 1615 -59.47 116.31 -5.81
N GLU G 1616 -59.37 117.52 -6.37
CA GLU G 1616 -59.59 118.75 -5.63
C GLU G 1616 -60.93 119.32 -6.02
N THR G 1617 -61.83 119.45 -5.04
CA THR G 1617 -63.16 120.00 -5.25
C THR G 1617 -63.33 121.24 -4.40
N ARG G 1618 -63.85 122.31 -4.99
CA ARG G 1618 -64.04 123.56 -4.26
C ARG G 1618 -65.11 124.38 -4.96
N ARG G 1619 -65.66 125.33 -4.22
CA ARG G 1619 -66.65 126.26 -4.77
C ARG G 1619 -65.91 127.43 -5.39
N ALA G 1620 -65.92 127.51 -6.72
CA ALA G 1620 -65.19 128.56 -7.40
C ALA G 1620 -65.84 129.93 -7.25
N GLY G 1621 -67.11 129.98 -6.89
CA GLY G 1621 -67.78 131.25 -6.70
C GLY G 1621 -69.26 131.13 -6.95
N GLU G 1622 -69.93 132.28 -6.84
CA GLU G 1622 -71.37 132.32 -7.05
C GLU G 1622 -71.71 132.05 -8.51
N ARG G 1623 -70.88 132.50 -9.44
CA ARG G 1623 -71.15 132.34 -10.85
C ARG G 1623 -70.40 131.18 -11.48
N LEU G 1624 -69.22 130.86 -10.97
CA LEU G 1624 -68.40 129.82 -11.59
C LEU G 1624 -68.79 128.42 -11.14
N GLY G 1625 -69.65 128.29 -10.13
CA GLY G 1625 -70.10 126.97 -9.73
C GLY G 1625 -69.08 126.22 -8.90
N TRP G 1626 -69.12 124.91 -9.00
CA TRP G 1626 -68.27 124.02 -8.23
C TRP G 1626 -67.28 123.33 -9.15
N ALA G 1627 -65.99 123.43 -8.82
CA ALA G 1627 -64.93 122.97 -9.69
C ALA G 1627 -64.41 121.61 -9.25
N VAL G 1628 -64.11 120.77 -10.23
CA VAL G 1628 -63.46 119.48 -10.02
C VAL G 1628 -62.17 119.46 -10.81
N GLN G 1629 -61.12 118.88 -10.23
CA GLN G 1629 -59.80 118.94 -10.83
C GLN G 1629 -59.01 117.70 -10.47
N CYS G 1630 -58.29 117.15 -11.44
CA CYS G 1630 -57.42 116.01 -11.21
C CYS G 1630 -56.26 116.10 -12.20
N GLN G 1631 -55.04 116.11 -11.70
CA GLN G 1631 -53.88 116.38 -12.54
C GLN G 1631 -52.85 115.25 -12.55
N ASP G 1632 -52.66 114.54 -11.46
CA ASP G 1632 -51.62 113.53 -11.39
C ASP G 1632 -52.09 112.22 -11.98
N PRO G 1633 -51.45 111.71 -13.03
CA PRO G 1633 -51.89 110.45 -13.63
C PRO G 1633 -51.65 109.25 -12.72
N LEU G 1634 -52.51 108.25 -12.86
CA LEU G 1634 -52.34 106.98 -12.18
C LEU G 1634 -52.69 105.85 -13.14
N THR G 1635 -51.88 104.81 -13.12
CA THR G 1635 -52.01 103.70 -14.06
C THR G 1635 -51.96 102.40 -13.28
N MET G 1636 -52.69 101.39 -13.75
CA MET G 1636 -52.55 100.05 -13.21
C MET G 1636 -52.41 99.07 -14.36
N MET G 1637 -51.81 97.92 -14.08
CA MET G 1637 -51.69 96.84 -15.05
C MET G 1637 -52.86 95.90 -14.84
N ALA G 1638 -53.75 95.83 -15.83
CA ALA G 1638 -54.99 95.10 -15.70
C ALA G 1638 -54.88 93.72 -16.34
N LEU G 1639 -55.37 92.71 -15.64
CA LEU G 1639 -55.46 91.36 -16.16
C LEU G 1639 -56.90 91.13 -16.60
N HIS G 1640 -57.10 90.84 -17.88
CA HIS G 1640 -58.42 90.74 -18.48
C HIS G 1640 -58.75 89.27 -18.72
N ILE G 1641 -59.88 88.83 -18.18
CA ILE G 1641 -60.40 87.49 -18.44
C ILE G 1641 -61.31 87.59 -19.67
N PRO G 1642 -60.93 87.00 -20.80
CA PRO G 1642 -61.64 87.30 -22.04
C PRO G 1642 -63.08 86.82 -22.07
N GLU G 1643 -63.36 85.60 -21.61
CA GLU G 1643 -64.71 85.08 -21.75
C GLU G 1643 -65.69 85.78 -20.81
N GLU G 1644 -65.22 86.25 -19.67
CA GLU G 1644 -66.08 86.96 -18.73
C GLU G 1644 -66.14 88.45 -18.98
N ASN G 1645 -65.28 88.99 -19.84
CA ASN G 1645 -65.27 90.41 -20.19
C ASN G 1645 -65.16 91.28 -18.95
N ARG G 1646 -64.29 90.87 -18.02
CA ARG G 1646 -63.98 91.66 -16.84
C ARG G 1646 -62.49 91.63 -16.62
N CYS G 1647 -61.98 92.67 -15.95
CA CYS G 1647 -60.56 92.77 -15.67
C CYS G 1647 -60.35 92.97 -14.18
N MET G 1648 -59.19 92.54 -13.71
CA MET G 1648 -58.77 92.77 -12.34
C MET G 1648 -57.34 93.29 -12.36
N ASP G 1649 -56.94 93.88 -11.25
CA ASP G 1649 -55.55 94.28 -11.11
C ASP G 1649 -54.65 93.06 -11.11
N ILE G 1650 -53.56 93.13 -11.87
CA ILE G 1650 -52.66 91.98 -11.94
C ILE G 1650 -52.01 91.73 -10.59
N LEU G 1651 -52.00 92.72 -9.71
CA LEU G 1651 -51.45 92.54 -8.38
C LEU G 1651 -52.35 91.70 -7.50
N GLU G 1652 -53.59 91.46 -7.90
CA GLU G 1652 -54.45 90.52 -7.18
C GLU G 1652 -53.97 89.09 -7.33
N LEU G 1653 -53.05 88.83 -8.25
CA LEU G 1653 -52.54 87.47 -8.44
C LEU G 1653 -51.66 87.02 -7.29
N SER G 1654 -51.34 87.91 -6.35
CA SER G 1654 -50.62 87.49 -5.16
C SER G 1654 -51.47 86.58 -4.29
N GLU G 1655 -52.80 86.64 -4.43
CA GLU G 1655 -53.69 85.76 -3.70
C GLU G 1655 -54.47 84.80 -4.58
N ARG G 1656 -54.50 85.03 -5.89
CA ARG G 1656 -55.15 84.10 -6.82
C ARG G 1656 -54.07 83.23 -7.43
N LEU G 1657 -53.69 82.19 -6.70
CA LEU G 1657 -52.50 81.42 -7.04
C LEU G 1657 -52.68 80.59 -8.31
N ASP G 1658 -53.90 80.12 -8.58
CA ASP G 1658 -54.12 79.37 -9.81
C ASP G 1658 -53.93 80.26 -11.03
N LEU G 1659 -54.50 81.46 -11.01
CA LEU G 1659 -54.27 82.41 -12.09
C LEU G 1659 -52.81 82.80 -12.17
N GLN G 1660 -52.13 82.95 -11.02
CA GLN G 1660 -50.73 83.31 -11.05
C GLN G 1660 -49.90 82.23 -11.73
N ARG G 1661 -50.15 80.96 -11.40
CA ARG G 1661 -49.42 79.88 -12.05
C ARG G 1661 -49.71 79.84 -13.54
N PHE G 1662 -50.98 79.97 -13.93
CA PHE G 1662 -51.30 79.92 -15.34
C PHE G 1662 -50.63 81.07 -16.10
N HIS G 1663 -50.61 82.26 -15.51
CA HIS G 1663 -50.02 83.40 -16.21
C HIS G 1663 -48.50 83.30 -16.26
N SER G 1664 -47.88 82.77 -15.20
CA SER G 1664 -46.43 82.58 -15.24
C SER G 1664 -46.05 81.57 -16.32
N HIS G 1665 -46.82 80.49 -16.44
CA HIS G 1665 -46.56 79.54 -17.51
C HIS G 1665 -46.90 80.12 -18.87
N THR G 1666 -47.85 81.06 -18.92
CA THR G 1666 -48.11 81.79 -20.15
C THR G 1666 -46.89 82.59 -20.58
N LEU G 1667 -46.25 83.27 -19.63
CA LEU G 1667 -45.02 84.00 -19.93
C LEU G 1667 -43.92 83.05 -20.36
N ARG G 1668 -43.85 81.87 -19.73
CA ARG G 1668 -42.87 80.88 -20.13
C ARG G 1668 -43.09 80.45 -21.59
N LEU G 1669 -44.35 80.27 -21.98
CA LEU G 1669 -44.65 79.92 -23.37
C LEU G 1669 -44.31 81.07 -24.30
N TYR G 1670 -44.55 82.30 -23.88
CA TYR G 1670 -44.14 83.46 -24.66
C TYR G 1670 -42.65 83.42 -24.93
N ARG G 1671 -41.86 83.12 -23.90
CA ARG G 1671 -40.42 83.01 -24.10
C ARG G 1671 -40.06 81.85 -25.01
N ALA G 1672 -40.77 80.73 -24.88
CA ALA G 1672 -40.44 79.55 -25.67
C ALA G 1672 -40.70 79.76 -27.15
N VAL G 1673 -41.81 80.43 -27.50
CA VAL G 1673 -42.15 80.55 -28.91
C VAL G 1673 -41.14 81.43 -29.65
N CYS G 1674 -40.55 82.41 -28.96
CA CYS G 1674 -39.59 83.31 -29.57
C CYS G 1674 -38.15 82.94 -29.22
N ALA G 1675 -37.93 81.78 -28.63
CA ALA G 1675 -36.59 81.42 -28.18
C ALA G 1675 -35.69 81.10 -29.37
N LEU G 1676 -34.38 81.32 -29.15
CA LEU G 1676 -33.34 80.96 -30.11
C LEU G 1676 -33.56 81.65 -31.45
N GLY G 1677 -33.67 82.98 -31.40
CA GLY G 1677 -33.67 83.80 -32.59
C GLY G 1677 -34.90 83.73 -33.46
N ASN G 1678 -36.09 83.62 -32.87
CA ASN G 1678 -37.33 83.69 -33.64
C ASN G 1678 -37.83 85.13 -33.60
N ASN G 1679 -37.14 85.98 -34.35
CA ASN G 1679 -37.40 87.41 -34.30
C ASN G 1679 -38.78 87.76 -34.84
N ARG G 1680 -39.28 87.00 -35.81
CA ARG G 1680 -40.63 87.25 -36.30
C ARG G 1680 -41.66 87.06 -35.20
N VAL G 1681 -41.54 85.96 -34.45
CA VAL G 1681 -42.44 85.73 -33.32
C VAL G 1681 -42.22 86.76 -32.23
N ALA G 1682 -41.00 87.24 -32.05
CA ALA G 1682 -40.76 88.30 -31.07
C ALA G 1682 -41.50 89.58 -31.46
N HIS G 1683 -41.44 89.94 -32.74
CA HIS G 1683 -42.21 91.08 -33.22
C HIS G 1683 -43.71 90.86 -32.99
N ALA G 1684 -44.18 89.64 -33.25
CA ALA G 1684 -45.58 89.34 -32.98
C ALA G 1684 -45.92 89.52 -31.50
N LEU G 1685 -45.02 89.09 -30.62
CA LEU G 1685 -45.25 89.21 -29.18
C LEU G 1685 -45.29 90.65 -28.74
N CYS G 1686 -44.56 91.52 -29.43
CA CYS G 1686 -44.60 92.93 -29.04
C CYS G 1686 -46.00 93.52 -29.09
N SER G 1687 -46.92 92.90 -29.84
CA SER G 1687 -48.30 93.36 -29.84
C SER G 1687 -49.08 92.88 -28.62
N HIS G 1688 -48.59 91.86 -27.93
CA HIS G 1688 -49.30 91.29 -26.79
C HIS G 1688 -48.77 91.81 -25.45
N VAL G 1689 -47.47 91.82 -25.26
CA VAL G 1689 -46.85 92.45 -24.11
C VAL G 1689 -46.00 93.58 -24.65
N ASP G 1690 -46.48 94.81 -24.52
CA ASP G 1690 -45.84 95.94 -25.16
C ASP G 1690 -44.72 96.51 -24.29
N GLN G 1691 -44.02 97.49 -24.87
CA GLN G 1691 -42.88 98.09 -24.20
C GLN G 1691 -43.29 98.80 -22.92
N ALA G 1692 -44.43 99.50 -22.94
CA ALA G 1692 -44.88 100.17 -21.73
C ALA G 1692 -45.18 99.18 -20.62
N GLN G 1693 -45.83 98.07 -20.97
CA GLN G 1693 -46.10 97.04 -19.96
C GLN G 1693 -44.82 96.47 -19.39
N LEU G 1694 -43.84 96.17 -20.26
CA LEU G 1694 -42.60 95.58 -19.79
C LEU G 1694 -41.86 96.54 -18.85
N LEU G 1695 -41.77 97.81 -19.24
CA LEU G 1695 -41.06 98.78 -18.42
C LEU G 1695 -41.80 99.03 -17.11
N HIS G 1696 -43.12 99.01 -17.13
CA HIS G 1696 -43.88 99.13 -15.89
C HIS G 1696 -43.61 97.95 -14.98
N ALA G 1697 -43.59 96.74 -15.54
CA ALA G 1697 -43.40 95.55 -14.72
C ALA G 1697 -41.99 95.47 -14.15
N LEU G 1698 -41.00 96.06 -14.84
CA LEU G 1698 -39.66 96.09 -14.26
C LEU G 1698 -39.64 96.87 -12.96
N GLU G 1699 -40.33 97.99 -12.90
CA GLU G 1699 -40.29 98.86 -11.73
C GLU G 1699 -41.40 98.56 -10.71
N ASP G 1700 -42.37 97.72 -11.05
CA ASP G 1700 -43.46 97.44 -10.12
C ASP G 1700 -42.93 96.66 -8.93
N ALA G 1701 -43.09 97.21 -7.74
CA ALA G 1701 -42.55 96.60 -6.52
C ALA G 1701 -43.50 95.61 -5.87
N HIS G 1702 -44.76 95.55 -6.30
CA HIS G 1702 -45.74 94.68 -5.68
C HIS G 1702 -46.06 93.45 -6.51
N LEU G 1703 -45.38 93.24 -7.63
CA LEU G 1703 -45.63 92.06 -8.42
C LEU G 1703 -45.21 90.81 -7.65
N PRO G 1704 -45.97 89.72 -7.77
CA PRO G 1704 -45.49 88.45 -7.22
C PRO G 1704 -44.20 88.04 -7.89
N GLY G 1705 -43.37 87.32 -7.15
CA GLY G 1705 -42.04 86.97 -7.60
C GLY G 1705 -41.98 86.22 -8.92
N PRO G 1706 -42.81 85.19 -9.09
CA PRO G 1706 -42.83 84.51 -10.39
C PRO G 1706 -43.18 85.43 -11.53
N LEU G 1707 -44.14 86.34 -11.35
CA LEU G 1707 -44.49 87.25 -12.43
C LEU G 1707 -43.36 88.23 -12.71
N ARG G 1708 -42.71 88.73 -11.67
CA ARG G 1708 -41.59 89.65 -11.85
C ARG G 1708 -40.47 89.00 -12.63
N ALA G 1709 -40.08 87.79 -12.23
CA ALA G 1709 -39.04 87.07 -12.95
C ALA G 1709 -39.45 86.78 -14.39
N GLY G 1710 -40.71 86.38 -14.59
CA GLY G 1710 -41.17 86.08 -15.93
C GLY G 1710 -41.16 87.29 -16.83
N TYR G 1711 -41.53 88.45 -16.31
CA TYR G 1711 -41.53 89.65 -17.14
C TYR G 1711 -40.12 90.12 -17.45
N TYR G 1712 -39.20 90.02 -16.48
CA TYR G 1712 -37.81 90.35 -16.79
C TYR G 1712 -37.27 89.43 -17.88
N ASP G 1713 -37.49 88.13 -17.74
CA ASP G 1713 -37.00 87.18 -18.74
C ASP G 1713 -37.70 87.36 -20.07
N LEU G 1714 -38.96 87.77 -20.07
CA LEU G 1714 -39.67 88.02 -21.31
C LEU G 1714 -39.09 89.21 -22.03
N LEU G 1715 -38.78 90.28 -21.31
CA LEU G 1715 -38.12 91.42 -21.93
C LEU G 1715 -36.79 91.01 -22.54
N ILE G 1716 -36.00 90.25 -21.79
CA ILE G 1716 -34.71 89.80 -22.31
C ILE G 1716 -34.91 88.95 -23.57
N SER G 1717 -35.86 88.03 -23.54
CA SER G 1717 -36.06 87.13 -24.67
C SER G 1717 -36.52 87.89 -25.90
N ILE G 1718 -37.45 88.83 -25.73
CA ILE G 1718 -38.00 89.54 -26.88
C ILE G 1718 -36.97 90.48 -27.47
N HIS G 1719 -36.24 91.21 -26.64
CA HIS G 1719 -35.47 92.33 -27.14
C HIS G 1719 -33.97 92.15 -27.08
N LEU G 1720 -33.44 91.28 -26.21
CA LEU G 1720 -32.01 91.24 -25.97
C LEU G 1720 -31.34 89.90 -26.20
N GLU G 1721 -32.10 88.80 -26.19
CA GLU G 1721 -31.49 87.48 -26.19
C GLU G 1721 -30.66 87.24 -27.46
N SER G 1722 -31.23 87.55 -28.62
CA SER G 1722 -30.54 87.26 -29.88
C SER G 1722 -29.25 88.08 -30.01
N ALA G 1723 -29.34 89.39 -29.74
CA ALA G 1723 -28.16 90.23 -29.85
C ALA G 1723 -27.10 89.83 -28.84
N CYS G 1724 -27.51 89.52 -27.61
CA CYS G 1724 -26.55 89.10 -26.60
C CYS G 1724 -25.85 87.81 -26.99
N ARG G 1725 -26.59 86.84 -27.53
CA ARG G 1725 -25.97 85.59 -27.95
C ARG G 1725 -25.00 85.83 -29.11
N SER G 1726 -25.40 86.66 -30.08
CA SER G 1726 -24.52 86.94 -31.20
C SER G 1726 -23.24 87.62 -30.74
N ARG G 1727 -23.34 88.56 -29.80
CA ARG G 1727 -22.16 89.24 -29.29
C ARG G 1727 -21.28 88.29 -28.50
N ARG G 1728 -21.89 87.47 -27.64
CA ARG G 1728 -21.11 86.54 -26.84
C ARG G 1728 -20.39 85.52 -27.70
N SER G 1729 -20.96 85.19 -28.86
CA SER G 1729 -20.24 84.32 -29.79
C SER G 1729 -18.96 84.97 -30.29
N MET G 1730 -18.98 86.30 -30.45
CA MET G 1730 -17.82 87.02 -30.95
C MET G 1730 -16.84 87.42 -29.87
N LEU G 1731 -17.23 87.38 -28.59
CA LEU G 1731 -16.34 87.87 -27.54
C LEU G 1731 -15.12 87.00 -27.33
N SER G 1732 -15.06 85.82 -27.93
CA SER G 1732 -13.94 84.92 -27.71
C SER G 1732 -12.79 85.14 -28.68
N GLU G 1733 -12.94 86.01 -29.67
CA GLU G 1733 -11.89 86.30 -30.64
C GLU G 1733 -11.48 87.75 -30.56
N TYR G 1734 -10.21 88.01 -30.85
CA TYR G 1734 -9.62 89.34 -30.69
C TYR G 1734 -8.96 89.75 -32.00
N ILE G 1735 -9.71 90.40 -32.87
CA ILE G 1735 -9.19 90.93 -34.12
C ILE G 1735 -8.90 92.41 -33.88
N VAL G 1736 -7.63 92.75 -33.76
CA VAL G 1736 -7.22 94.08 -33.31
C VAL G 1736 -6.68 94.86 -34.50
N PRO G 1737 -7.37 95.90 -34.95
CA PRO G 1737 -6.81 96.74 -36.02
C PRO G 1737 -5.63 97.53 -35.54
N LEU G 1738 -4.74 97.87 -36.48
CA LEU G 1738 -3.52 98.61 -36.14
C LEU G 1738 -3.76 100.11 -36.33
N THR G 1739 -4.69 100.62 -35.56
CA THR G 1739 -5.10 102.01 -35.58
C THR G 1739 -4.40 102.80 -34.49
N PRO G 1740 -4.36 104.13 -34.59
CA PRO G 1740 -3.77 104.93 -33.52
C PRO G 1740 -4.41 104.70 -32.16
N GLU G 1741 -5.73 104.46 -32.13
CA GLU G 1741 -6.39 104.13 -30.86
C GLU G 1741 -5.81 102.86 -30.28
N THR G 1742 -5.55 101.86 -31.11
CA THR G 1742 -4.87 100.66 -30.64
C THR G 1742 -3.48 101.00 -30.13
N ARG G 1743 -2.75 101.87 -30.85
CA ARG G 1743 -1.40 102.22 -30.45
CA ARG G 1743 -1.40 102.22 -30.44
C ARG G 1743 -1.38 102.85 -29.05
N ALA G 1744 -2.37 103.67 -28.74
CA ALA G 1744 -2.40 104.35 -27.45
C ALA G 1744 -2.59 103.42 -26.27
N ILE G 1745 -2.98 102.16 -26.50
CA ILE G 1745 -3.32 101.26 -25.40
C ILE G 1745 -2.07 100.84 -24.65
N THR G 1746 -2.11 100.92 -23.32
CA THR G 1746 -1.06 100.43 -22.45
C THR G 1746 -1.67 99.60 -21.35
N LEU G 1747 -0.87 98.70 -20.79
CA LEU G 1747 -1.37 97.78 -19.77
C LEU G 1747 -1.88 98.54 -18.55
N PHE G 1748 -1.10 99.48 -18.05
CA PHE G 1748 -1.47 100.23 -16.87
C PHE G 1748 -1.80 101.67 -17.23
N PRO G 1749 -2.71 102.31 -16.50
CA PRO G 1749 -2.98 103.72 -16.77
C PRO G 1749 -1.75 104.54 -16.47
N PRO G 1750 -1.58 105.66 -17.17
CA PRO G 1750 -0.40 106.51 -16.92
C PRO G 1750 -0.38 107.03 -15.49
N GLY G 1751 0.59 106.57 -14.71
CA GLY G 1751 0.69 106.92 -13.32
C GLY G 1751 2.13 106.91 -12.87
N ARG G 1752 2.33 106.97 -11.56
CA ARG G 1752 3.66 107.03 -10.96
C ARG G 1752 3.82 106.12 -9.76
N LYS G 1753 3.03 105.05 -9.68
CA LYS G 1753 3.17 104.11 -8.56
C LYS G 1753 4.51 103.39 -8.63
N GLY G 1754 4.84 102.85 -9.78
CA GLY G 1754 6.09 102.13 -9.95
C GLY G 1754 6.34 101.80 -11.41
N GLY G 1755 7.63 101.75 -11.77
CA GLY G 1755 7.98 101.42 -13.15
C GLY G 1755 7.60 100.00 -13.54
N ASN G 1756 7.80 99.05 -12.62
CA ASN G 1756 7.43 97.67 -12.91
C ASN G 1756 5.92 97.51 -13.03
N ALA G 1757 5.16 98.27 -12.25
CA ALA G 1757 3.70 98.19 -12.30
C ALA G 1757 3.12 99.40 -11.57
N ARG G 1758 2.22 100.11 -12.25
CA ARG G 1758 1.41 101.14 -11.60
C ARG G 1758 0.22 100.45 -10.92
N ARG G 1759 -0.81 101.21 -10.59
CA ARG G 1759 -2.01 100.59 -10.07
C ARG G 1759 -2.83 100.01 -11.22
N HIS G 1760 -3.59 98.96 -10.94
CA HIS G 1760 -4.51 98.45 -11.93
C HIS G 1760 -5.58 99.48 -12.24
N GLY G 1761 -5.97 99.55 -13.50
CA GLY G 1761 -7.15 100.28 -13.87
C GLY G 1761 -8.41 99.51 -13.55
N LEU G 1762 -9.53 100.20 -13.57
CA LEU G 1762 -10.80 99.54 -13.32
C LEU G 1762 -11.13 98.60 -14.48
N PRO G 1763 -11.45 97.34 -14.22
CA PRO G 1763 -11.81 96.42 -15.31
C PRO G 1763 -13.04 96.91 -16.05
N GLY G 1764 -13.01 96.74 -17.37
CA GLY G 1764 -14.11 97.15 -18.21
C GLY G 1764 -14.16 98.63 -18.51
N VAL G 1765 -13.18 99.40 -18.05
CA VAL G 1765 -13.13 100.84 -18.28
C VAL G 1765 -11.88 101.14 -19.09
N GLY G 1766 -12.05 101.81 -20.21
CA GLY G 1766 -10.93 102.17 -21.06
C GLY G 1766 -11.30 102.02 -22.51
N VAL G 1767 -10.26 101.86 -23.33
CA VAL G 1767 -10.42 101.79 -24.78
C VAL G 1767 -10.18 100.35 -25.22
N THR G 1768 -11.15 99.79 -25.92
CA THR G 1768 -11.02 98.48 -26.54
C THR G 1768 -11.22 98.63 -28.04
N THR G 1769 -10.32 98.02 -28.82
CA THR G 1769 -10.35 98.16 -30.26
C THR G 1769 -10.67 96.86 -30.99
N SER G 1770 -10.83 95.75 -30.28
CA SER G 1770 -11.16 94.50 -30.92
C SER G 1770 -12.49 94.62 -31.65
N LEU G 1771 -12.54 94.06 -32.86
CA LEU G 1771 -13.70 94.25 -33.72
C LEU G 1771 -14.87 93.42 -33.23
N ARG G 1772 -16.02 94.07 -33.07
CA ARG G 1772 -17.27 93.39 -32.77
C ARG G 1772 -18.38 94.00 -33.61
N PRO G 1773 -19.06 93.22 -34.42
CA PRO G 1773 -20.11 93.76 -35.29
C PRO G 1773 -21.23 94.38 -34.46
N PRO G 1774 -21.84 95.45 -34.93
CA PRO G 1774 -22.86 96.14 -34.14
C PRO G 1774 -24.15 95.36 -34.07
N HIS G 1775 -24.98 95.76 -33.11
CA HIS G 1775 -26.32 95.20 -32.99
C HIS G 1775 -27.25 95.80 -34.03
N HIS G 1776 -28.22 95.00 -34.47
CA HIS G 1776 -29.22 95.43 -35.44
C HIS G 1776 -30.61 95.17 -34.88
N PHE G 1777 -31.44 96.19 -34.87
CA PHE G 1777 -32.80 96.09 -34.38
C PHE G 1777 -33.75 96.76 -35.37
N SER G 1778 -35.00 96.35 -35.33
CA SER G 1778 -36.03 96.97 -36.14
C SER G 1778 -37.17 97.46 -35.27
N PRO G 1779 -37.79 98.58 -35.61
CA PRO G 1779 -38.89 99.09 -34.80
C PRO G 1779 -40.12 98.23 -34.95
N PRO G 1780 -40.76 97.85 -33.85
CA PRO G 1780 -41.99 97.06 -33.95
C PRO G 1780 -43.16 97.89 -34.42
N CYS G 1781 -43.64 97.61 -35.63
CA CYS G 1781 -44.75 98.34 -36.22
C CYS G 1781 -45.70 97.35 -36.87
N PHE G 1782 -47.00 97.57 -36.68
CA PHE G 1782 -48.02 96.64 -37.18
C PHE G 1782 -49.00 97.32 -38.13
N VAL G 1783 -48.63 98.48 -38.67
CA VAL G 1783 -49.37 99.11 -39.75
C VAL G 1783 -48.58 99.13 -41.05
N ALA G 1784 -47.35 98.62 -41.04
CA ALA G 1784 -46.55 98.59 -42.25
C ALA G 1784 -47.14 97.64 -43.27
N ALA G 1785 -47.01 97.99 -44.55
CA ALA G 1785 -47.53 97.14 -45.61
C ALA G 1785 -46.83 95.79 -45.60
N LEU G 1786 -47.60 94.73 -45.73
CA LEU G 1786 -47.02 93.40 -45.69
C LEU G 1786 -46.12 93.20 -46.91
N PRO G 1787 -44.93 92.62 -46.74
CA PRO G 1787 -44.00 92.51 -47.87
C PRO G 1787 -44.61 91.69 -49.00
N ALA G 1788 -44.37 92.14 -50.23
CA ALA G 1788 -44.75 91.36 -51.39
C ALA G 1788 -43.84 90.16 -51.60
N ALA G 1789 -42.68 90.13 -50.95
CA ALA G 1789 -41.79 88.98 -51.04
C ALA G 1789 -42.41 87.78 -50.36
N GLY G 1790 -42.22 86.61 -50.95
CA GLY G 1790 -42.77 85.39 -50.41
C GLY G 1790 -42.02 84.90 -49.19
N VAL G 1791 -42.61 83.88 -48.54
CA VAL G 1791 -41.96 83.28 -47.38
C VAL G 1791 -40.69 82.56 -47.83
N ALA G 1792 -39.72 82.47 -46.91
CA ALA G 1792 -38.41 81.87 -47.10
C ALA G 1792 -37.55 82.64 -48.10
N GLU G 1793 -38.01 83.77 -48.61
CA GLU G 1793 -37.24 84.61 -49.52
C GLU G 1793 -37.00 86.01 -49.00
N ALA G 1794 -37.89 86.52 -48.15
CA ALA G 1794 -37.67 87.82 -47.54
C ALA G 1794 -36.49 87.76 -46.56
N PRO G 1795 -35.76 88.87 -46.41
CA PRO G 1795 -34.63 88.85 -45.47
C PRO G 1795 -35.08 88.59 -44.04
N ALA G 1796 -34.21 87.96 -43.27
CA ALA G 1796 -34.54 87.57 -41.91
C ALA G 1796 -34.86 88.79 -41.06
N ARG G 1797 -35.85 88.64 -40.19
CA ARG G 1797 -36.27 89.74 -39.32
C ARG G 1797 -35.23 89.99 -38.24
N LEU G 1798 -35.16 91.25 -37.81
CA LEU G 1798 -34.28 91.64 -36.73
C LEU G 1798 -35.06 91.69 -35.41
N SER G 1799 -34.32 91.71 -34.31
CA SER G 1799 -34.97 91.78 -33.01
C SER G 1799 -35.69 93.11 -32.83
N PRO G 1800 -36.83 93.12 -32.17
CA PRO G 1800 -37.55 94.38 -31.95
C PRO G 1800 -36.72 95.35 -31.12
N ALA G 1801 -36.82 96.62 -31.47
CA ALA G 1801 -36.02 97.66 -30.83
C ALA G 1801 -36.69 98.10 -29.53
N ILE G 1802 -35.86 98.43 -28.55
CA ILE G 1802 -36.32 99.05 -27.30
C ILE G 1802 -35.24 100.03 -26.89
N PRO G 1803 -35.59 101.22 -26.39
CA PRO G 1803 -34.56 102.22 -26.09
C PRO G 1803 -33.53 101.76 -25.07
N LEU G 1804 -32.29 101.58 -25.55
CA LEU G 1804 -31.27 100.96 -24.73
C LEU G 1804 -30.72 101.92 -23.68
N GLU G 1805 -30.65 103.21 -23.98
CA GLU G 1805 -30.16 104.17 -23.00
C GLU G 1805 -31.12 104.29 -21.83
N ALA G 1806 -32.41 104.43 -22.10
CA ALA G 1806 -33.40 104.46 -21.03
C ALA G 1806 -33.42 103.14 -20.28
N LEU G 1807 -33.30 102.02 -21.01
CA LEU G 1807 -33.30 100.72 -20.36
C LEU G 1807 -32.12 100.57 -19.41
N ARG G 1808 -30.93 100.99 -19.83
CA ARG G 1808 -29.75 100.86 -18.97
C ARG G 1808 -29.82 101.80 -17.79
N ASP G 1809 -30.35 103.01 -17.96
CA ASP G 1809 -30.50 103.90 -16.82
C ASP G 1809 -31.48 103.32 -15.82
N LYS G 1810 -32.60 102.76 -16.30
CA LYS G 1810 -33.55 102.14 -15.39
C LYS G 1810 -32.93 100.96 -14.68
N ALA G 1811 -32.15 100.14 -15.39
CA ALA G 1811 -31.51 98.98 -14.77
C ALA G 1811 -30.53 99.41 -13.69
N LEU G 1812 -29.71 100.43 -13.96
CA LEU G 1812 -28.77 100.92 -12.96
C LEU G 1812 -29.50 101.44 -11.74
N ARG G 1813 -30.53 102.25 -11.95
CA ARG G 1813 -31.27 102.82 -10.82
C ARG G 1813 -31.93 101.73 -10.00
N MET G 1814 -32.53 100.73 -10.66
CA MET G 1814 -33.17 99.64 -9.94
C MET G 1814 -32.15 98.81 -9.17
N LEU G 1815 -30.98 98.57 -9.75
CA LEU G 1815 -29.96 97.83 -9.03
C LEU G 1815 -29.50 98.58 -7.79
N GLY G 1816 -29.31 99.90 -7.91
CA GLY G 1816 -28.93 100.69 -6.75
C GLY G 1816 -29.99 100.66 -5.66
N GLU G 1817 -31.26 100.80 -6.06
CA GLU G 1817 -32.33 100.73 -5.08
C GLU G 1817 -32.41 99.36 -4.43
N ALA G 1818 -32.20 98.30 -5.20
CA ALA G 1818 -32.21 96.96 -4.63
C ALA G 1818 -31.08 96.77 -3.63
N VAL G 1819 -29.90 97.28 -3.94
CA VAL G 1819 -28.78 97.16 -3.02
C VAL G 1819 -29.07 97.92 -1.74
N ARG G 1820 -29.63 99.14 -1.86
CA ARG G 1820 -29.97 99.91 -0.67
C ARG G 1820 -31.02 99.19 0.17
N ASP G 1821 -32.04 98.64 -0.48
CA ASP G 1821 -33.09 97.91 0.23
C ASP G 1821 -32.52 96.69 0.95
N GLY G 1822 -31.65 95.95 0.28
CA GLY G 1822 -31.01 94.81 0.92
C GLY G 1822 -30.16 95.21 2.11
N GLY G 1823 -29.48 96.36 2.01
CA GLY G 1823 -28.78 96.88 3.17
C GLY G 1823 -29.70 97.23 4.31
N GLN G 1824 -30.89 97.75 4.01
CA GLN G 1824 -31.84 98.10 5.07
C GLN G 1824 -32.40 96.87 5.79
N HIS G 1825 -32.33 95.68 5.20
CA HIS G 1825 -32.88 94.46 5.79
C HIS G 1825 -34.39 94.57 6.04
N ALA G 1826 -35.13 94.93 4.99
CA ALA G 1826 -36.57 95.05 5.10
C ALA G 1826 -37.21 93.67 5.19
N ARG G 1827 -38.39 93.61 5.81
CA ARG G 1827 -39.10 92.35 5.95
C ARG G 1827 -40.00 92.05 4.76
N ASP G 1828 -40.10 92.96 3.79
CA ASP G 1828 -40.92 92.76 2.59
C ASP G 1828 -40.07 93.05 1.36
N PRO G 1829 -39.16 92.16 1.01
CA PRO G 1829 -38.35 92.37 -0.18
C PRO G 1829 -39.20 92.30 -1.44
N VAL G 1830 -38.77 93.04 -2.46
CA VAL G 1830 -39.50 93.06 -3.72
C VAL G 1830 -39.53 91.67 -4.31
N GLY G 1831 -40.72 91.23 -4.71
CA GLY G 1831 -40.90 89.88 -5.19
C GLY G 1831 -41.11 88.84 -4.11
N GLY G 1832 -41.07 89.24 -2.84
CA GLY G 1832 -41.28 88.33 -1.75
C GLY G 1832 -40.05 87.65 -1.21
N SER G 1833 -38.90 87.83 -1.85
CA SER G 1833 -37.67 87.21 -1.37
C SER G 1833 -36.48 87.98 -1.93
N VAL G 1834 -35.34 87.79 -1.30
CA VAL G 1834 -34.10 88.41 -1.77
C VAL G 1834 -33.74 87.89 -3.14
N GLU G 1835 -33.97 86.60 -3.38
CA GLU G 1835 -33.72 86.02 -4.69
C GLU G 1835 -34.56 86.71 -5.76
N PHE G 1836 -35.87 86.83 -5.53
CA PHE G 1836 -36.73 87.49 -6.49
C PHE G 1836 -36.46 88.97 -6.61
N GLN G 1837 -35.88 89.59 -5.59
CA GLN G 1837 -35.52 91.00 -5.69
C GLN G 1837 -34.26 91.21 -6.53
N PHE G 1838 -33.27 90.33 -6.40
CA PHE G 1838 -31.96 90.59 -7.00
C PHE G 1838 -31.73 89.86 -8.32
N VAL G 1839 -32.16 88.60 -8.44
CA VAL G 1839 -31.80 87.82 -9.63
C VAL G 1839 -32.27 88.46 -10.93
N PRO G 1840 -33.52 88.92 -11.06
CA PRO G 1840 -33.91 89.54 -12.34
C PRO G 1840 -33.08 90.76 -12.71
N VAL G 1841 -32.82 91.64 -11.75
CA VAL G 1841 -32.05 92.85 -12.03
C VAL G 1841 -30.64 92.49 -12.44
N LEU G 1842 -30.03 91.53 -11.75
CA LEU G 1842 -28.68 91.10 -12.10
C LEU G 1842 -28.63 90.46 -13.48
N LYS G 1843 -29.65 89.68 -13.84
CA LYS G 1843 -29.70 89.12 -15.18
C LYS G 1843 -29.76 90.22 -16.23
N LEU G 1844 -30.60 91.24 -15.99
CA LEU G 1844 -30.69 92.34 -16.94
C LEU G 1844 -29.37 93.09 -17.06
N VAL G 1845 -28.71 93.35 -15.93
CA VAL G 1845 -27.45 94.07 -15.95
C VAL G 1845 -26.38 93.25 -16.67
N SER G 1846 -26.33 91.95 -16.43
CA SER G 1846 -25.36 91.11 -17.10
C SER G 1846 -25.58 91.10 -18.60
N THR G 1847 -26.85 91.00 -19.02
CA THR G 1847 -27.13 91.01 -20.45
C THR G 1847 -26.69 92.32 -21.09
N LEU G 1848 -27.01 93.45 -20.47
CA LEU G 1848 -26.60 94.73 -21.04
C LEU G 1848 -25.09 94.90 -21.04
N LEU G 1849 -24.41 94.44 -19.99
CA LEU G 1849 -22.96 94.51 -19.95
C LEU G 1849 -22.34 93.72 -21.08
N VAL G 1850 -22.82 92.50 -21.30
CA VAL G 1850 -22.28 91.67 -22.38
C VAL G 1850 -22.55 92.31 -23.73
N MET G 1851 -23.77 92.83 -23.94
CA MET G 1851 -24.06 93.54 -25.17
C MET G 1851 -23.24 94.82 -25.32
N GLY G 1852 -22.64 95.31 -24.25
CA GLY G 1852 -21.82 96.50 -24.35
C GLY G 1852 -22.57 97.79 -24.32
N ILE G 1853 -23.76 97.81 -23.72
CA ILE G 1853 -24.55 99.03 -23.67
C ILE G 1853 -23.94 100.03 -22.70
N PHE G 1854 -23.45 99.56 -21.57
CA PHE G 1854 -22.98 100.47 -20.52
C PHE G 1854 -21.72 101.19 -20.93
N GLY G 1855 -21.64 102.47 -20.57
CA GLY G 1855 -20.43 103.26 -20.76
C GLY G 1855 -19.51 103.15 -19.57
N ASP G 1856 -18.45 103.97 -19.61
CA ASP G 1856 -17.44 103.91 -18.56
C ASP G 1856 -18.00 104.32 -17.21
N GLU G 1857 -18.81 105.39 -17.17
CA GLU G 1857 -19.38 105.82 -15.91
C GLU G 1857 -20.34 104.78 -15.35
N ASP G 1858 -21.13 104.16 -16.22
CA ASP G 1858 -22.04 103.10 -15.78
C ASP G 1858 -21.27 101.92 -15.23
N VAL G 1859 -20.16 101.55 -15.88
CA VAL G 1859 -19.33 100.46 -15.39
C VAL G 1859 -18.76 100.82 -14.02
N LYS G 1860 -18.32 102.07 -13.85
CA LYS G 1860 -17.80 102.50 -12.56
C LYS G 1860 -18.86 102.39 -11.48
N GLN G 1861 -20.09 102.79 -11.80
CA GLN G 1861 -21.18 102.67 -10.83
C GLN G 1861 -21.45 101.22 -10.47
N ILE G 1862 -21.48 100.34 -11.47
CA ILE G 1862 -21.70 98.92 -11.19
C ILE G 1862 -20.61 98.37 -10.30
N LEU G 1863 -19.37 98.79 -10.55
CA LEU G 1863 -18.26 98.33 -9.72
C LEU G 1863 -18.41 98.85 -8.29
N LYS G 1864 -18.87 100.09 -8.12
CA LYS G 1864 -19.14 100.61 -6.78
C LYS G 1864 -20.21 99.79 -6.08
N MET G 1865 -21.27 99.42 -6.79
CA MET G 1865 -22.30 98.58 -6.18
C MET G 1865 -21.74 97.23 -5.78
N ILE G 1866 -20.90 96.63 -6.62
CA ILE G 1866 -20.34 95.33 -6.30
C ILE G 1866 -19.45 95.41 -5.07
N GLU G 1867 -18.52 96.37 -5.06
CA GLU G 1867 -17.61 96.54 -3.93
C GLU G 1867 -17.17 97.98 -3.84
N PRO G 1868 -17.78 98.78 -2.97
CA PRO G 1868 -17.48 100.22 -2.94
C PRO G 1868 -16.09 100.57 -2.46
N GLU G 1869 -15.38 99.63 -1.82
CA GLU G 1869 -14.05 99.95 -1.30
C GLU G 1869 -12.93 99.58 -2.26
N VAL G 1870 -13.05 98.44 -2.93
CA VAL G 1870 -12.00 98.01 -3.84
C VAL G 1870 -11.95 98.90 -5.07
N PHE G 1871 -13.11 99.29 -5.58
CA PHE G 1871 -13.24 99.87 -6.92
C PHE G 1871 -13.41 101.37 -6.90
N THR G 1872 -12.71 102.08 -6.03
CA THR G 1872 -12.66 103.54 -6.06
C THR G 1872 -11.43 103.97 -6.85
N GLU G 1873 -11.62 104.86 -7.80
CA GLU G 1873 -10.53 105.37 -8.62
C GLU G 1873 -9.95 106.65 -8.02
N GLU G 1874 -8.69 106.90 -8.32
CA GLU G 1874 -8.01 108.08 -7.80
C GLU G 1874 -6.83 108.46 -8.70
N LEU G 1922 -25.62 103.26 4.98
CA LEU G 1922 -25.07 101.93 4.76
C LEU G 1922 -24.87 101.66 3.27
N GLU G 1923 -23.66 101.96 2.80
CA GLU G 1923 -23.31 101.81 1.39
C GLU G 1923 -22.68 100.43 1.11
N GLU G 1924 -23.02 99.48 1.95
CA GLU G 1924 -22.48 98.12 1.87
C GLU G 1924 -22.70 97.53 0.49
N GLY G 1925 -21.65 96.93 -0.06
CA GLY G 1925 -21.72 96.39 -1.40
C GLY G 1925 -22.35 95.01 -1.46
N LEU G 1926 -22.51 94.54 -2.71
CA LEU G 1926 -23.18 93.27 -2.94
C LEU G 1926 -22.38 92.08 -2.38
N LEU G 1927 -21.06 92.09 -2.54
CA LEU G 1927 -20.28 90.90 -2.21
C LEU G 1927 -20.29 90.57 -0.72
N GLN G 1928 -20.73 91.49 0.12
CA GLN G 1928 -20.79 91.26 1.56
C GLN G 1928 -22.20 91.36 2.11
N MET G 1929 -23.20 90.96 1.33
CA MET G 1929 -24.60 91.12 1.70
C MET G 1929 -25.26 89.83 2.14
N LYS G 1930 -24.54 88.70 2.17
CA LYS G 1930 -25.09 87.41 2.58
C LYS G 1930 -26.28 87.07 1.67
N LEU G 1931 -25.95 86.76 0.43
CA LEU G 1931 -26.99 86.51 -0.56
C LEU G 1931 -27.17 85.02 -0.77
N PRO G 1932 -28.34 84.60 -1.27
CA PRO G 1932 -28.54 83.19 -1.60
C PRO G 1932 -27.76 82.75 -2.83
N GLU G 1933 -27.85 81.46 -3.14
CA GLU G 1933 -26.96 80.86 -4.14
C GLU G 1933 -27.28 81.32 -5.56
N SER G 1934 -28.55 81.56 -5.89
CA SER G 1934 -28.87 82.07 -7.21
C SER G 1934 -28.27 83.45 -7.43
N VAL G 1935 -28.37 84.31 -6.41
CA VAL G 1935 -27.74 85.63 -6.51
C VAL G 1935 -26.23 85.49 -6.60
N LYS G 1936 -25.66 84.51 -5.88
CA LYS G 1936 -24.23 84.27 -6.00
C LYS G 1936 -23.84 83.87 -7.42
N LEU G 1937 -24.67 83.06 -8.06
CA LEU G 1937 -24.40 82.66 -9.44
C LEU G 1937 -24.43 83.86 -10.38
N GLN G 1938 -25.40 84.75 -10.18
CA GLN G 1938 -25.45 85.96 -10.99
C GLN G 1938 -24.22 86.83 -10.76
N MET G 1939 -23.77 86.96 -9.51
CA MET G 1939 -22.57 87.74 -9.25
C MET G 1939 -21.36 87.09 -9.90
N CYS G 1940 -21.33 85.75 -9.95
CA CYS G 1940 -20.27 85.06 -10.68
C CYS G 1940 -20.30 85.42 -12.15
N ASN G 1941 -21.50 85.53 -12.73
CA ASN G 1941 -21.58 85.95 -14.12
C ASN G 1941 -21.00 87.34 -14.32
N LEU G 1942 -21.33 88.28 -13.44
CA LEU G 1942 -20.77 89.63 -13.55
C LEU G 1942 -19.25 89.60 -13.45
N LEU G 1943 -18.72 88.89 -12.47
CA LEU G 1943 -17.29 88.86 -12.27
C LEU G 1943 -16.59 88.15 -13.43
N GLU G 1944 -17.24 87.15 -14.03
CA GLU G 1944 -16.72 86.54 -15.23
C GLU G 1944 -16.62 87.55 -16.36
N TYR G 1945 -17.65 88.39 -16.51
CA TYR G 1945 -17.57 89.44 -17.52
C TYR G 1945 -16.38 90.34 -17.30
N PHE G 1946 -16.17 90.77 -16.05
CA PHE G 1946 -15.06 91.70 -15.81
C PHE G 1946 -13.70 91.03 -15.98
N CYS G 1947 -13.60 89.75 -15.63
CA CYS G 1947 -12.36 89.01 -15.88
C CYS G 1947 -12.09 88.89 -17.38
N ASP G 1948 -13.14 88.64 -18.17
CA ASP G 1948 -12.98 88.61 -19.61
C ASP G 1948 -12.51 89.95 -20.14
N GLN G 1949 -13.02 91.04 -19.57
CA GLN G 1949 -12.57 92.36 -19.98
C GLN G 1949 -11.09 92.56 -19.66
N GLU G 1950 -10.65 92.09 -18.50
CA GLU G 1950 -9.23 92.16 -18.15
C GLU G 1950 -8.38 91.38 -19.16
N LEU G 1951 -8.82 90.18 -19.52
CA LEU G 1951 -8.08 89.38 -20.48
C LEU G 1951 -8.01 90.06 -21.84
N GLN G 1952 -9.13 90.64 -22.28
CA GLN G 1952 -9.13 91.34 -23.56
C GLN G 1952 -8.21 92.55 -23.51
N HIS G 1953 -8.18 93.25 -22.38
CA HIS G 1953 -7.27 94.38 -22.26
C HIS G 1953 -5.82 93.92 -22.36
N ARG G 1954 -5.48 92.78 -21.76
CA ARG G 1954 -4.13 92.26 -21.89
C ARG G 1954 -3.80 91.93 -23.34
N VAL G 1955 -4.72 91.29 -24.05
CA VAL G 1955 -4.48 90.93 -25.44
C VAL G 1955 -4.26 92.18 -26.28
N GLU G 1956 -5.11 93.19 -26.09
CA GLU G 1956 -4.99 94.42 -26.87
C GLU G 1956 -3.70 95.16 -26.53
N SER G 1957 -3.31 95.18 -25.27
CA SER G 1957 -2.06 95.82 -24.88
C SER G 1957 -0.87 95.13 -25.53
N LEU G 1958 -0.89 93.79 -25.55
CA LEU G 1958 0.16 93.05 -26.20
C LEU G 1958 0.21 93.36 -27.68
N ALA G 1959 -0.95 93.47 -28.32
CA ALA G 1959 -0.99 93.83 -29.74
C ALA G 1959 -0.42 95.22 -29.99
N ALA G 1960 -0.76 96.18 -29.14
CA ALA G 1960 -0.25 97.54 -29.31
C ALA G 1960 1.27 97.57 -29.13
N PHE G 1961 1.79 96.89 -28.12
CA PHE G 1961 3.23 96.83 -27.96
C PHE G 1961 3.88 96.15 -29.14
N ALA G 1962 3.22 95.13 -29.70
CA ALA G 1962 3.74 94.49 -30.90
C ALA G 1962 3.84 95.50 -32.03
N GLU G 1963 2.81 96.34 -32.18
CA GLU G 1963 2.82 97.33 -33.25
C GLU G 1963 3.99 98.29 -33.10
N ARG G 1964 4.25 98.76 -31.87
CA ARG G 1964 5.37 99.70 -31.69
C ARG G 1964 6.72 99.02 -31.84
N TYR G 1965 6.88 97.85 -31.21
CA TYR G 1965 8.15 97.14 -31.24
C TYR G 1965 8.50 96.66 -32.64
N VAL G 1966 7.51 96.32 -33.45
CA VAL G 1966 7.79 95.89 -34.82
C VAL G 1966 8.36 97.04 -35.63
N ASP G 1967 7.81 98.24 -35.45
CA ASP G 1967 8.37 99.41 -36.13
C ASP G 1967 9.82 99.62 -35.71
N LYS G 1968 10.09 99.56 -34.40
CA LYS G 1968 11.47 99.75 -33.95
C LYS G 1968 12.39 98.67 -34.53
N LEU G 1969 11.94 97.41 -34.52
CA LEU G 1969 12.77 96.32 -35.02
C LEU G 1969 13.03 96.46 -36.51
N GLN G 1970 12.01 96.84 -37.28
CA GLN G 1970 12.19 96.98 -38.72
C GLN G 1970 13.17 98.11 -39.03
N ALA G 1971 13.04 99.25 -38.34
CA ALA G 1971 13.99 100.33 -38.57
C ALA G 1971 15.41 99.90 -38.23
N ASN G 1972 15.58 99.21 -37.09
CA ASN G 1972 16.91 98.77 -36.70
C ASN G 1972 17.49 97.77 -37.70
N GLN G 1973 16.66 96.84 -38.18
CA GLN G 1973 17.14 95.85 -39.12
C GLN G 1973 17.52 96.48 -40.44
N ARG G 1974 16.74 97.47 -40.89
CA ARG G 1974 17.11 98.17 -42.12
C ARG G 1974 18.43 98.91 -41.96
N SER G 1975 18.63 99.59 -40.82
CA SER G 1975 19.89 100.28 -40.60
C SER G 1975 21.05 99.29 -40.54
N ARG G 1976 20.85 98.16 -39.86
CA ARG G 1976 21.92 97.16 -39.75
C ARG G 1976 22.27 96.58 -41.11
N TYR G 1977 21.27 96.31 -41.95
CA TYR G 1977 21.55 95.84 -43.30
C TYR G 1977 22.31 96.89 -44.11
N ALA G 1978 21.90 98.16 -43.99
CA ALA G 1978 22.60 99.23 -44.70
C ALA G 1978 24.06 99.30 -44.29
N LEU G 1979 24.34 99.16 -43.00
CA LEU G 1979 25.73 99.14 -42.54
C LEU G 1979 26.44 97.88 -43.00
N LEU G 1980 25.75 96.74 -43.02
CA LEU G 1980 26.38 95.48 -43.37
C LEU G 1980 26.78 95.42 -44.84
N MET G 1981 26.08 96.17 -45.70
CA MET G 1981 26.49 96.20 -47.11
C MET G 1981 27.88 96.80 -47.32
N ARG G 1982 28.51 97.36 -46.28
CA ARG G 1982 29.89 97.81 -46.35
C ARG G 1982 30.84 96.94 -45.54
N ALA G 1983 30.42 95.73 -45.18
CA ALA G 1983 31.21 94.90 -44.27
C ALA G 1983 32.44 94.29 -44.93
N PHE G 1984 32.44 94.11 -46.25
CA PHE G 1984 33.55 93.42 -46.90
C PHE G 1984 34.87 94.17 -46.72
N THR G 1985 34.81 95.47 -46.41
CA THR G 1985 36.04 96.25 -46.25
C THR G 1985 36.60 96.17 -44.83
N MET G 1986 35.87 95.60 -43.86
CA MET G 1986 36.49 95.23 -42.59
C MET G 1986 36.06 93.85 -42.11
N SER G 1987 35.83 92.88 -43.00
CA SER G 1987 35.43 91.55 -42.60
C SER G 1987 35.81 90.57 -43.69
N ALA G 1988 35.28 89.35 -43.60
CA ALA G 1988 35.74 88.22 -44.39
C ALA G 1988 34.56 87.31 -44.65
N ALA G 1989 34.84 86.05 -45.02
CA ALA G 1989 33.78 85.11 -45.40
C ALA G 1989 32.81 84.84 -44.25
N GLU G 1990 33.19 85.19 -43.03
CA GLU G 1990 32.32 85.09 -41.86
C GLU G 1990 31.05 85.96 -42.01
N THR G 1991 31.08 86.93 -42.92
CA THR G 1991 29.91 87.77 -43.20
C THR G 1991 28.66 86.94 -43.43
N ALA G 1992 28.81 85.68 -43.86
CA ALA G 1992 27.66 84.80 -44.01
C ALA G 1992 26.91 84.64 -42.70
N ARG G 1993 27.65 84.60 -41.59
CA ARG G 1993 27.00 84.50 -40.27
C ARG G 1993 26.19 85.75 -39.96
N ARG G 1994 26.74 86.93 -40.24
CA ARG G 1994 26.00 88.16 -39.98
C ARG G 1994 24.78 88.28 -40.88
N THR G 1995 24.92 87.92 -42.15
CA THR G 1995 23.81 87.97 -43.08
C THR G 1995 23.00 86.68 -43.10
N ARG G 1996 23.34 85.73 -42.23
CA ARG G 1996 22.47 84.56 -42.03
C ARG G 1996 21.06 84.98 -41.66
N GLU G 1997 20.91 86.07 -40.91
CA GLU G 1997 19.59 86.57 -40.56
C GLU G 1997 18.78 86.86 -41.82
N PHE G 1998 19.34 87.61 -42.76
CA PHE G 1998 18.66 87.93 -44.01
C PHE G 1998 18.54 86.73 -44.93
N ARG G 1999 19.26 85.65 -44.65
CA ARG G 1999 19.14 84.41 -45.41
C ARG G 1999 18.22 83.42 -44.71
N SER G 2000 17.22 83.93 -44.00
CA SER G 2000 16.28 83.10 -43.26
C SER G 2000 14.87 83.64 -43.42
N PRO G 2001 13.87 82.79 -43.29
CA PRO G 2001 12.49 83.26 -43.42
C PRO G 2001 12.17 84.27 -42.33
N PRO G 2002 11.24 85.19 -42.59
CA PRO G 2002 10.98 86.27 -41.62
C PRO G 2002 10.59 85.77 -40.24
N GLN G 2003 9.86 84.65 -40.17
CA GLN G 2003 9.52 84.09 -38.87
C GLN G 2003 10.79 83.71 -38.11
N GLU G 2004 11.75 83.06 -38.78
CA GLU G 2004 13.01 82.73 -38.13
C GLU G 2004 13.79 83.98 -37.77
N GLN G 2005 13.74 85.01 -38.62
CA GLN G 2005 14.43 86.25 -38.30
C GLN G 2005 13.90 86.84 -37.01
N ILE G 2006 12.58 86.94 -36.88
CA ILE G 2006 12.01 87.51 -35.66
C ILE G 2006 12.23 86.59 -34.45
N ASN G 2007 12.21 85.28 -34.66
CA ASN G 2007 12.51 84.35 -33.57
C ASN G 2007 13.92 84.58 -33.03
N MET G 2008 14.89 84.73 -33.94
CA MET G 2008 16.27 84.91 -33.50
C MET G 2008 16.49 86.31 -32.96
N LEU G 2009 15.68 87.29 -33.40
CA LEU G 2009 15.76 88.61 -32.82
C LEU G 2009 15.23 88.65 -31.40
N LEU G 2010 14.18 87.90 -31.10
CA LEU G 2010 13.63 87.88 -29.75
C LEU G 2010 14.31 86.88 -28.83
N HIS G 2011 15.45 86.31 -29.23
CA HIS G 2011 16.10 85.26 -28.47
C HIS G 2011 17.20 85.86 -27.59
N PHE G 2012 16.76 86.67 -26.62
CA PHE G 2012 17.69 87.27 -25.67
C PHE G 2012 17.11 87.30 -24.26
N LYS G 2013 16.30 86.31 -23.90
CA LYS G 2013 15.64 86.34 -22.60
C LYS G 2013 16.51 85.77 -21.48
N ASP G 2014 17.21 84.66 -21.73
CA ASP G 2014 17.87 83.91 -20.67
C ASP G 2014 19.25 84.43 -20.32
N GLU G 2015 19.73 85.48 -20.98
CA GLU G 2015 21.02 86.12 -20.75
C GLU G 2015 22.19 85.23 -21.19
N ALA G 2016 21.94 84.00 -21.60
CA ALA G 2016 22.96 83.16 -22.21
C ALA G 2016 22.92 83.22 -23.73
N ASP G 2017 22.00 83.98 -24.30
CA ASP G 2017 21.82 84.07 -25.74
C ASP G 2017 21.88 85.53 -26.20
N GLU G 2018 22.77 86.30 -25.58
CA GLU G 2018 22.95 87.70 -25.94
C GLU G 2018 23.96 87.90 -27.06
N GLU G 2019 24.55 86.82 -27.57
CA GLU G 2019 25.57 86.90 -28.61
C GLU G 2019 24.99 86.75 -30.01
N ASP G 2020 24.03 85.86 -30.20
CA ASP G 2020 23.42 85.69 -31.52
C ASP G 2020 22.48 86.83 -31.87
N CYS G 2021 21.83 87.42 -30.89
CA CYS G 2021 20.89 88.49 -31.15
C CYS G 2021 21.63 89.80 -31.38
N PRO G 2022 21.49 90.43 -32.55
CA PRO G 2022 22.19 91.69 -32.81
C PRO G 2022 21.44 92.95 -32.39
N LEU G 2023 20.32 92.82 -31.68
CA LEU G 2023 19.55 93.98 -31.29
C LEU G 2023 20.33 94.81 -30.27
N PRO G 2024 20.23 96.13 -30.35
CA PRO G 2024 20.87 96.97 -29.33
C PRO G 2024 20.18 96.83 -27.99
N GLU G 2025 20.95 97.14 -26.94
CA GLU G 2025 20.44 96.97 -25.59
C GLU G 2025 19.26 97.89 -25.31
N ASP G 2026 19.23 99.06 -25.96
CA ASP G 2026 18.09 99.95 -25.80
C ASP G 2026 16.80 99.29 -26.29
N ILE G 2027 16.86 98.61 -27.43
CA ILE G 2027 15.69 97.91 -27.94
C ILE G 2027 15.35 96.72 -27.06
N ARG G 2028 16.37 96.00 -26.58
CA ARG G 2028 16.11 94.87 -25.71
C ARG G 2028 15.41 95.30 -24.43
N GLN G 2029 15.77 96.47 -23.90
CA GLN G 2029 15.23 96.92 -22.63
C GLN G 2029 13.73 97.17 -22.73
N ASP G 2030 13.25 97.65 -23.87
CA ASP G 2030 11.82 97.88 -24.02
C ASP G 2030 11.03 96.59 -23.92
N LEU G 2031 11.49 95.53 -24.59
CA LEU G 2031 10.81 94.25 -24.48
C LEU G 2031 10.89 93.69 -23.07
N GLN G 2032 12.04 93.85 -22.42
CA GLN G 2032 12.15 93.37 -21.04
C GLN G 2032 11.20 94.11 -20.12
N ASP G 2033 11.08 95.42 -20.29
CA ASP G 2033 10.16 96.21 -19.48
C ASP G 2033 8.72 95.79 -19.71
N PHE G 2034 8.35 95.55 -20.98
CA PHE G 2034 6.98 95.11 -21.23
C PHE G 2034 6.73 93.73 -20.66
N HIS G 2035 7.71 92.83 -20.73
CA HIS G 2035 7.51 91.52 -20.12
C HIS G 2035 7.31 91.66 -18.62
N GLN G 2036 8.08 92.55 -17.98
CA GLN G 2036 7.95 92.74 -16.55
C GLN G 2036 6.57 93.26 -16.18
N ASP G 2037 6.12 94.32 -16.85
CA ASP G 2037 4.83 94.84 -16.42
C ASP G 2037 3.65 94.00 -16.90
N LEU G 2038 3.84 93.17 -17.94
CA LEU G 2038 2.82 92.18 -18.26
C LEU G 2038 2.71 91.13 -17.17
N LEU G 2039 3.85 90.63 -16.68
CA LEU G 2039 3.80 89.68 -15.57
C LEU G 2039 3.17 90.32 -14.34
N ALA G 2040 3.51 91.57 -14.07
CA ALA G 2040 2.91 92.26 -12.92
C ALA G 2040 1.42 92.42 -13.09
N HIS G 2041 0.95 92.77 -14.30
CA HIS G 2041 -0.47 92.88 -14.55
C HIS G 2041 -1.18 91.54 -14.39
N CYS G 2042 -0.56 90.45 -14.81
CA CYS G 2042 -1.09 89.12 -14.56
C CYS G 2042 -0.98 88.73 -13.09
N GLY G 2043 -0.45 89.59 -12.24
CA GLY G 2043 -0.33 89.30 -10.82
C GLY G 2043 0.66 88.20 -10.51
N ILE G 2044 1.81 88.20 -11.18
CA ILE G 2044 2.83 87.18 -10.91
C ILE G 2044 3.67 87.56 -9.70
N GLN G 2045 4.39 88.68 -9.80
CA GLN G 2045 5.27 89.10 -8.71
C GLN G 2045 5.60 90.58 -8.92
N LEU G 2046 6.11 91.19 -7.86
CA LEU G 2046 6.51 92.59 -7.90
C LEU G 2046 7.78 92.81 -7.09
N GLU G 2088 -3.43 93.80 5.04
CA GLU G 2088 -3.69 93.62 3.62
C GLU G 2088 -5.03 92.94 3.39
N LYS G 2089 -5.94 93.08 4.37
CA LYS G 2089 -7.25 92.46 4.26
C LYS G 2089 -8.05 93.01 3.08
N LYS G 2090 -7.81 94.25 2.68
CA LYS G 2090 -8.44 94.77 1.48
C LYS G 2090 -7.85 94.08 0.26
N PRO G 2091 -8.67 93.43 -0.57
CA PRO G 2091 -8.11 92.74 -1.74
C PRO G 2091 -7.33 93.65 -2.69
N GLN G 2092 -7.78 94.89 -2.85
CA GLN G 2092 -7.10 95.93 -3.62
C GLN G 2092 -7.04 95.61 -5.12
N SER G 2093 -7.56 94.48 -5.57
CA SER G 2093 -7.52 94.15 -6.98
C SER G 2093 -8.62 93.14 -7.27
N LEU G 2094 -8.98 93.06 -8.56
CA LEU G 2094 -10.05 92.16 -8.96
C LEU G 2094 -9.68 90.71 -8.67
N GLN G 2095 -8.42 90.34 -8.92
CA GLN G 2095 -8.01 88.96 -8.70
C GLN G 2095 -8.13 88.56 -7.24
N GLU G 2096 -7.56 89.35 -6.34
CA GLU G 2096 -7.65 89.05 -4.93
C GLU G 2096 -9.09 89.09 -4.44
N LEU G 2097 -9.88 90.04 -4.92
CA LEU G 2097 -11.29 90.11 -4.54
C LEU G 2097 -12.02 88.83 -4.91
N VAL G 2098 -11.87 88.39 -6.16
CA VAL G 2098 -12.60 87.22 -6.61
C VAL G 2098 -12.13 85.97 -5.88
N SER G 2099 -10.82 85.80 -5.72
CA SER G 2099 -10.30 84.62 -5.05
C SER G 2099 -10.79 84.55 -3.60
N HIS G 2100 -10.67 85.65 -2.88
CA HIS G 2100 -11.12 85.68 -1.49
CA HIS G 2100 -11.12 85.68 -1.49
C HIS G 2100 -12.62 85.45 -1.40
N MET G 2101 -13.40 86.05 -2.30
CA MET G 2101 -14.83 85.86 -2.31
C MET G 2101 -15.19 84.38 -2.49
N VAL G 2102 -14.56 83.73 -3.46
CA VAL G 2102 -14.88 82.33 -3.73
C VAL G 2102 -14.49 81.45 -2.55
N VAL G 2103 -13.29 81.68 -1.98
CA VAL G 2103 -12.87 80.85 -0.85
C VAL G 2103 -13.81 81.04 0.33
N ARG G 2104 -14.19 82.29 0.61
CA ARG G 2104 -15.08 82.56 1.73
C ARG G 2104 -16.45 81.94 1.51
N TRP G 2105 -16.98 82.03 0.29
CA TRP G 2105 -18.25 81.39 -0.01
C TRP G 2105 -18.15 79.88 0.21
N ALA G 2106 -17.07 79.27 -0.24
CA ALA G 2106 -16.94 77.82 -0.13
C ALA G 2106 -16.77 77.37 1.30
N GLN G 2107 -16.09 78.16 2.13
CA GLN G 2107 -15.86 77.75 3.51
C GLN G 2107 -16.91 78.28 4.47
N GLU G 2108 -17.89 79.03 3.98
CA GLU G 2108 -19.01 79.42 4.83
C GLU G 2108 -20.16 78.42 4.80
N ASP G 2109 -20.30 77.66 3.72
CA ASP G 2109 -21.40 76.70 3.64
C ASP G 2109 -21.06 75.64 2.60
N TYR G 2110 -21.78 74.53 2.68
CA TYR G 2110 -21.70 73.47 1.67
C TYR G 2110 -22.61 73.86 0.51
N VAL G 2111 -22.02 74.37 -0.57
CA VAL G 2111 -22.80 74.85 -1.70
C VAL G 2111 -23.54 73.68 -2.34
N GLN G 2112 -24.84 73.84 -2.52
CA GLN G 2112 -25.68 72.78 -3.06
C GLN G 2112 -25.92 72.89 -4.55
N SER G 2113 -25.47 73.95 -5.20
CA SER G 2113 -25.71 74.14 -6.62
C SER G 2113 -24.47 73.73 -7.41
N PRO G 2114 -24.52 72.64 -8.17
CA PRO G 2114 -23.35 72.28 -8.98
C PRO G 2114 -22.96 73.36 -9.98
N GLU G 2115 -23.94 74.05 -10.56
CA GLU G 2115 -23.63 75.14 -11.48
C GLU G 2115 -22.88 76.25 -10.77
N LEU G 2116 -23.32 76.61 -9.57
CA LEU G 2116 -22.62 77.63 -8.81
C LEU G 2116 -21.21 77.18 -8.45
N VAL G 2117 -21.05 75.91 -8.06
CA VAL G 2117 -19.73 75.41 -7.69
C VAL G 2117 -18.78 75.47 -8.88
N ARG G 2118 -19.26 75.02 -10.04
CA ARG G 2118 -18.44 75.05 -11.24
C ARG G 2118 -18.07 76.49 -11.60
N ALA G 2119 -19.03 77.40 -11.48
CA ALA G 2119 -18.74 78.80 -11.80
C ALA G 2119 -17.69 79.38 -10.87
N MET G 2120 -17.82 79.16 -9.56
CA MET G 2120 -16.87 79.79 -8.64
C MET G 2120 -15.48 79.21 -8.84
N PHE G 2121 -15.38 77.91 -9.09
CA PHE G 2121 -14.06 77.34 -9.23
C PHE G 2121 -13.41 77.69 -10.57
N SER G 2122 -14.20 77.81 -11.64
CA SER G 2122 -13.66 78.35 -12.88
C SER G 2122 -13.14 79.76 -12.67
N LEU G 2123 -13.92 80.58 -11.98
CA LEU G 2123 -13.49 81.95 -11.72
C LEU G 2123 -12.21 81.99 -10.90
N LEU G 2124 -12.12 81.15 -9.88
CA LEU G 2124 -10.92 81.10 -9.04
C LEU G 2124 -9.70 80.67 -9.85
N HIS G 2125 -9.86 79.65 -10.69
CA HIS G 2125 -8.74 79.19 -11.50
C HIS G 2125 -8.26 80.29 -12.43
N ARG G 2126 -9.19 81.05 -13.00
CA ARG G 2126 -8.77 82.16 -13.87
C ARG G 2126 -7.93 83.17 -13.12
N GLN G 2127 -8.32 83.48 -11.88
CA GLN G 2127 -7.53 84.43 -11.09
C GLN G 2127 -6.15 83.89 -10.78
N TYR G 2128 -6.04 82.58 -10.54
CA TYR G 2128 -4.73 82.05 -10.17
C TYR G 2128 -3.79 81.92 -11.36
N ASP G 2129 -4.33 81.62 -12.55
CA ASP G 2129 -3.48 81.45 -13.73
C ASP G 2129 -3.88 82.46 -14.80
N GLY G 2130 -3.43 83.70 -14.63
CA GLY G 2130 -3.74 84.75 -15.57
C GLY G 2130 -2.86 84.64 -16.79
N LEU G 2131 -1.58 84.34 -16.55
CA LEU G 2131 -0.67 84.14 -17.66
C LEU G 2131 -1.08 82.94 -18.50
N GLY G 2132 -1.53 81.87 -17.85
CA GLY G 2132 -2.03 80.72 -18.59
C GLY G 2132 -3.28 81.04 -19.39
N GLU G 2133 -4.20 81.80 -18.79
CA GLU G 2133 -5.38 82.22 -19.53
C GLU G 2133 -5.00 83.04 -20.76
N LEU G 2134 -4.06 83.98 -20.60
CA LEU G 2134 -3.61 84.79 -21.72
C LEU G 2134 -2.95 83.92 -22.79
N LEU G 2135 -2.13 82.95 -22.38
CA LEU G 2135 -1.45 82.09 -23.32
C LEU G 2135 -2.44 81.27 -24.13
N ARG G 2136 -3.49 80.76 -23.47
CA ARG G 2136 -4.50 80.03 -24.20
C ARG G 2136 -5.38 80.94 -25.06
N ALA G 2137 -5.48 82.23 -24.73
CA ALA G 2137 -6.27 83.16 -25.52
C ALA G 2137 -5.54 83.74 -26.72
N LEU G 2138 -4.20 83.75 -26.70
CA LEU G 2138 -3.45 84.32 -27.82
C LEU G 2138 -3.73 83.67 -29.17
N PRO G 2139 -3.91 82.35 -29.30
CA PRO G 2139 -4.16 81.79 -30.64
C PRO G 2139 -5.33 82.41 -31.36
N ARG G 2140 -6.30 82.98 -30.64
CA ARG G 2140 -7.44 83.63 -31.27
C ARG G 2140 -7.26 85.12 -31.43
N ALA G 2141 -6.04 85.63 -31.30
CA ALA G 2141 -5.75 87.03 -31.52
C ALA G 2141 -5.15 87.22 -32.90
N TYR G 2142 -5.47 88.34 -33.54
CA TYR G 2142 -5.01 88.59 -34.89
C TYR G 2142 -5.02 90.08 -35.16
N THR G 2143 -3.91 90.58 -35.70
CA THR G 2143 -3.78 91.99 -36.05
C THR G 2143 -3.99 92.18 -37.54
N ILE G 2144 -4.81 93.16 -37.90
CA ILE G 2144 -5.11 93.45 -39.29
C ILE G 2144 -4.85 94.93 -39.56
N SER G 2145 -4.64 95.24 -40.83
CA SER G 2145 -4.47 96.62 -41.23
C SER G 2145 -5.80 97.36 -41.08
N PRO G 2146 -5.75 98.65 -40.75
CA PRO G 2146 -7.01 99.41 -40.63
C PRO G 2146 -7.79 99.51 -41.93
N SER G 2147 -7.15 99.23 -43.06
CA SER G 2147 -7.84 99.30 -44.35
C SER G 2147 -8.74 98.11 -44.62
N SER G 2148 -8.68 97.06 -43.79
CA SER G 2148 -9.51 95.88 -43.98
C SER G 2148 -10.60 95.77 -42.91
N VAL G 2149 -10.85 96.84 -42.17
CA VAL G 2149 -11.79 96.77 -41.06
C VAL G 2149 -13.20 96.51 -41.55
N GLU G 2150 -13.63 97.21 -42.62
CA GLU G 2150 -15.00 97.06 -43.08
C GLU G 2150 -15.26 95.68 -43.66
N ASP G 2151 -14.30 95.16 -44.44
CA ASP G 2151 -14.44 93.80 -44.96
C ASP G 2151 -14.45 92.78 -43.85
N THR G 2152 -13.59 92.97 -42.85
CA THR G 2152 -13.58 92.06 -41.71
C THR G 2152 -14.90 92.10 -40.95
N MET G 2153 -15.49 93.29 -40.81
CA MET G 2153 -16.77 93.40 -40.13
C MET G 2153 -17.88 92.70 -40.92
N SER G 2154 -17.86 92.83 -42.24
CA SER G 2154 -18.84 92.12 -43.06
C SER G 2154 -18.65 90.61 -42.91
N LEU G 2155 -17.42 90.14 -42.92
CA LEU G 2155 -17.16 88.72 -42.75
C LEU G 2155 -17.63 88.24 -41.40
N LEU G 2156 -17.41 89.04 -40.35
CA LEU G 2156 -17.87 88.66 -39.02
C LEU G 2156 -19.39 88.63 -38.95
N GLU G 2157 -20.05 89.55 -39.64
CA GLU G 2157 -21.51 89.52 -39.70
C GLU G 2157 -22.00 88.23 -40.34
N CYS G 2158 -21.40 87.85 -41.46
CA CYS G 2158 -21.80 86.61 -42.11
C CYS G 2158 -21.52 85.40 -41.23
N LEU G 2159 -20.37 85.40 -40.56
CA LEU G 2159 -20.02 84.29 -39.69
C LEU G 2159 -21.00 84.18 -38.53
N GLY G 2160 -21.42 85.32 -37.99
CA GLY G 2160 -22.41 85.30 -36.92
C GLY G 2160 -23.76 84.80 -37.40
N GLN G 2161 -24.15 85.18 -38.61
CA GLN G 2161 -25.36 84.61 -39.19
C GLN G 2161 -25.26 83.10 -39.30
N ILE G 2162 -24.11 82.59 -39.72
CA ILE G 2162 -23.92 81.15 -39.80
C ILE G 2162 -24.00 80.50 -38.43
N ARG G 2163 -23.33 81.10 -37.44
CA ARG G 2163 -23.30 80.50 -36.10
C ARG G 2163 -24.67 80.52 -35.45
N SER G 2164 -25.50 81.52 -35.75
CA SER G 2164 -26.82 81.60 -35.15
C SER G 2164 -27.71 80.44 -35.56
N LEU G 2165 -27.41 79.79 -36.68
CA LEU G 2165 -28.24 78.69 -37.18
C LEU G 2165 -27.76 77.33 -36.69
N LEU G 2166 -26.73 77.29 -35.84
CA LEU G 2166 -26.33 76.04 -35.20
C LEU G 2166 -27.33 75.57 -34.15
N ILE G 2167 -28.29 76.42 -33.78
CA ILE G 2167 -29.22 76.13 -32.70
C ILE G 2167 -30.66 76.08 -33.17
N VAL G 2168 -30.88 75.89 -34.46
CA VAL G 2168 -32.23 75.82 -35.01
C VAL G 2168 -32.25 74.73 -36.08
N GLN G 2169 -33.31 73.93 -36.08
CA GLN G 2169 -33.48 72.95 -37.15
C GLN G 2169 -33.64 73.65 -38.48
N MET G 2170 -33.16 73.00 -39.53
CA MET G 2170 -32.94 73.68 -40.79
C MET G 2170 -34.13 73.52 -41.74
N GLY G 2171 -34.50 74.62 -42.38
CA GLY G 2171 -35.54 74.64 -43.38
C GLY G 2171 -35.10 75.38 -44.62
N PRO G 2172 -36.01 75.58 -45.57
CA PRO G 2172 -35.62 76.30 -46.80
C PRO G 2172 -35.08 77.70 -46.55
N GLN G 2173 -35.67 78.43 -45.59
CA GLN G 2173 -35.17 79.76 -45.30
C GLN G 2173 -33.75 79.71 -44.74
N GLU G 2174 -33.51 78.82 -43.77
CA GLU G 2174 -32.16 78.67 -43.23
C GLU G 2174 -31.18 78.26 -44.30
N GLU G 2175 -31.61 77.40 -45.23
CA GLU G 2175 -30.75 77.05 -46.35
C GLU G 2175 -30.39 78.28 -47.17
N ASN G 2176 -31.37 79.15 -47.43
CA ASN G 2176 -31.09 80.36 -48.19
C ASN G 2176 -30.11 81.27 -47.46
N LEU G 2177 -30.31 81.47 -46.15
CA LEU G 2177 -29.36 82.31 -45.41
C LEU G 2177 -27.96 81.72 -45.41
N MET G 2178 -27.83 80.40 -45.21
CA MET G 2178 -26.51 79.80 -45.24
C MET G 2178 -25.86 79.92 -46.60
N ILE G 2179 -26.62 79.71 -47.67
CA ILE G 2179 -26.06 79.80 -49.01
C ILE G 2179 -25.55 81.22 -49.28
N GLN G 2180 -26.36 82.22 -48.97
CA GLN G 2180 -25.93 83.58 -49.26
C GLN G 2180 -24.80 84.01 -48.32
N SER G 2181 -24.78 83.50 -47.09
CA SER G 2181 -23.68 83.81 -46.18
C SER G 2181 -22.37 83.24 -46.67
N ILE G 2182 -22.39 81.99 -47.13
CA ILE G 2182 -21.17 81.38 -47.66
C ILE G 2182 -20.73 82.08 -48.94
N GLY G 2183 -21.69 82.51 -49.76
CA GLY G 2183 -21.33 83.27 -50.94
C GLY G 2183 -20.67 84.59 -50.58
N ASN G 2184 -21.22 85.31 -49.61
CA ASN G 2184 -20.63 86.57 -49.19
C ASN G 2184 -19.24 86.37 -48.61
N ILE G 2185 -19.05 85.29 -47.85
CA ILE G 2185 -17.74 84.99 -47.30
C ILE G 2185 -16.75 84.71 -48.42
N MET G 2186 -17.16 83.91 -49.40
CA MET G 2186 -16.27 83.58 -50.51
C MET G 2186 -16.06 84.74 -51.47
N ASN G 2187 -16.86 85.79 -51.38
CA ASN G 2187 -16.63 86.98 -52.18
C ASN G 2187 -15.84 88.05 -51.44
N ASN G 2188 -15.37 87.76 -50.23
CA ASN G 2188 -14.64 88.72 -49.40
C ASN G 2188 -13.15 88.54 -49.61
N LYS G 2189 -12.46 89.63 -49.92
CA LYS G 2189 -11.02 89.56 -50.15
C LYS G 2189 -10.27 89.13 -48.89
N VAL G 2190 -10.83 89.43 -47.72
CA VAL G 2190 -10.20 88.99 -46.48
C VAL G 2190 -10.12 87.47 -46.44
N PHE G 2191 -11.17 86.79 -46.92
CA PHE G 2191 -11.20 85.33 -46.87
C PHE G 2191 -10.02 84.71 -47.61
N TYR G 2192 -9.44 85.45 -48.55
CA TYR G 2192 -8.24 84.99 -49.24
C TYR G 2192 -6.97 85.54 -48.64
N GLN G 2193 -7.02 86.78 -48.14
CA GLN G 2193 -5.81 87.45 -47.70
C GLN G 2193 -5.36 87.01 -46.30
N HIS G 2194 -6.27 86.49 -45.48
CA HIS G 2194 -5.95 86.14 -44.11
C HIS G 2194 -6.42 84.72 -43.77
N PRO G 2195 -5.92 83.72 -44.50
CA PRO G 2195 -6.35 82.35 -44.21
C PRO G 2195 -6.03 81.91 -42.80
N ASN G 2196 -4.95 82.42 -42.21
CA ASN G 2196 -4.68 82.14 -40.81
C ASN G 2196 -5.79 82.66 -39.92
N LEU G 2197 -6.28 83.87 -40.20
CA LEU G 2197 -7.38 84.42 -39.42
C LEU G 2197 -8.62 83.56 -39.55
N MET G 2198 -8.97 83.18 -40.78
CA MET G 2198 -10.20 82.43 -40.95
C MET G 2198 -10.06 80.99 -40.49
N ARG G 2199 -8.84 80.51 -40.32
CA ARG G 2199 -8.63 79.25 -39.62
C ARG G 2199 -8.83 79.43 -38.12
N ALA G 2200 -8.33 80.54 -37.57
CA ALA G 2200 -8.49 80.80 -36.15
C ALA G 2200 -9.95 80.94 -35.77
N LEU G 2201 -10.75 81.59 -36.62
CA LEU G 2201 -12.18 81.73 -36.36
C LEU G 2201 -12.92 80.41 -36.38
N GLY G 2202 -12.38 79.39 -37.03
CA GLY G 2202 -13.02 78.09 -37.07
C GLY G 2202 -14.20 77.98 -38.00
N MET G 2203 -14.22 78.73 -39.10
CA MET G 2203 -15.37 78.62 -39.99
C MET G 2203 -15.43 77.24 -40.63
N HIS G 2204 -14.29 76.61 -40.87
CA HIS G 2204 -14.34 75.27 -41.44
C HIS G 2204 -15.03 74.32 -40.49
N GLU G 2205 -14.76 74.43 -39.19
CA GLU G 2205 -15.46 73.62 -38.21
C GLU G 2205 -16.95 73.94 -38.20
N THR G 2206 -17.30 75.23 -38.26
CA THR G 2206 -18.72 75.59 -38.21
C THR G 2206 -19.48 75.06 -39.42
N VAL G 2207 -18.93 75.27 -40.61
CA VAL G 2207 -19.55 74.80 -41.85
C VAL G 2207 -19.64 73.27 -41.84
N MET G 2208 -18.58 72.61 -41.39
CA MET G 2208 -18.60 71.16 -41.35
C MET G 2208 -19.66 70.67 -40.37
N GLU G 2209 -19.82 71.36 -39.24
CA GLU G 2209 -20.84 70.96 -38.29
C GLU G 2209 -22.22 71.11 -38.91
N VAL G 2210 -22.45 72.20 -39.64
CA VAL G 2210 -23.71 72.38 -40.34
C VAL G 2210 -23.95 71.22 -41.31
N MET G 2211 -22.95 70.92 -42.14
CA MET G 2211 -23.15 69.95 -43.21
C MET G 2211 -23.32 68.54 -42.64
N VAL G 2212 -22.64 68.23 -41.53
CA VAL G 2212 -22.82 66.92 -40.93
C VAL G 2212 -24.19 66.82 -40.27
N ASN G 2213 -24.71 67.93 -39.72
CA ASN G 2213 -26.09 67.88 -39.25
C ASN G 2213 -27.05 67.57 -40.40
N VAL G 2214 -26.86 68.23 -41.54
CA VAL G 2214 -27.74 67.97 -42.67
C VAL G 2214 -27.62 66.52 -43.13
N LEU G 2215 -26.39 66.01 -43.23
CA LEU G 2215 -26.21 64.64 -43.69
C LEU G 2215 -26.76 63.63 -42.71
N GLY G 2216 -26.60 63.87 -41.41
CA GLY G 2216 -27.23 63.00 -40.43
C GLY G 2216 -28.74 63.01 -40.56
N GLY G 2217 -29.30 64.16 -40.91
CA GLY G 2217 -30.72 64.23 -41.23
C GLY G 2217 -31.01 63.44 -42.50
N GLY G 2218 -31.66 62.30 -42.35
CA GLY G 2218 -31.97 61.46 -43.49
C GLY G 2218 -30.76 60.89 -44.19
N GLU G 2219 -29.85 60.27 -43.44
CA GLU G 2219 -28.60 59.76 -44.00
C GLU G 2219 -28.80 58.68 -45.06
N THR G 2220 -29.91 57.95 -45.02
CA THR G 2220 -30.00 56.79 -45.91
C THR G 2220 -31.11 56.89 -46.93
N LYS G 2221 -32.27 57.44 -46.57
CA LYS G 2221 -33.41 57.42 -47.47
C LYS G 2221 -33.39 58.57 -48.47
N GLU G 2222 -33.01 59.77 -48.04
CA GLU G 2222 -33.03 60.94 -48.91
C GLU G 2222 -32.27 62.07 -48.23
N ILE G 2223 -31.43 62.75 -49.00
CA ILE G 2223 -30.69 63.90 -48.52
C ILE G 2223 -31.41 65.16 -49.00
N ARG G 2224 -31.70 66.05 -48.07
CA ARG G 2224 -32.44 67.27 -48.36
C ARG G 2224 -31.55 68.49 -48.19
N PHE G 2225 -32.01 69.60 -48.73
CA PHE G 2225 -31.19 70.79 -48.95
C PHE G 2225 -29.87 70.45 -49.65
N PRO G 2226 -29.93 69.77 -50.80
CA PRO G 2226 -28.68 69.50 -51.54
C PRO G 2226 -27.98 70.75 -51.97
N LYS G 2227 -28.71 71.84 -52.21
CA LYS G 2227 -28.04 73.09 -52.57
C LYS G 2227 -27.13 73.57 -51.45
N MET G 2228 -27.60 73.53 -50.21
CA MET G 2228 -26.74 74.00 -49.13
C MET G 2228 -25.64 73.01 -48.83
N VAL G 2229 -25.92 71.71 -48.98
CA VAL G 2229 -24.86 70.73 -48.76
C VAL G 2229 -23.74 70.91 -49.78
N THR G 2230 -24.09 71.11 -51.05
CA THR G 2230 -23.05 71.34 -52.05
C THR G 2230 -22.41 72.71 -51.90
N SER G 2231 -23.15 73.70 -51.36
CA SER G 2231 -22.51 74.98 -51.03
C SER G 2231 -21.44 74.80 -49.97
N CYS G 2232 -21.76 74.04 -48.92
CA CYS G 2232 -20.77 73.76 -47.88
C CYS G 2232 -19.58 72.99 -48.45
N CYS G 2233 -19.84 72.01 -49.31
CA CYS G 2233 -18.74 71.23 -49.88
C CYS G 2233 -17.86 72.11 -50.76
N ARG G 2234 -18.45 72.98 -51.58
CA ARG G 2234 -17.67 73.88 -52.40
C ARG G 2234 -16.86 74.85 -51.54
N PHE G 2235 -17.47 75.36 -50.47
CA PHE G 2235 -16.75 76.25 -49.57
C PHE G 2235 -15.54 75.56 -48.95
N LEU G 2236 -15.73 74.33 -48.47
CA LEU G 2236 -14.62 73.61 -47.85
C LEU G 2236 -13.54 73.26 -48.87
N CYS G 2237 -13.93 72.93 -50.10
CA CYS G 2237 -12.92 72.67 -51.13
C CYS G 2237 -12.08 73.90 -51.41
N TYR G 2238 -12.71 75.07 -51.54
CA TYR G 2238 -11.93 76.26 -51.84
C TYR G 2238 -11.09 76.62 -50.62
N PHE G 2239 -11.64 76.43 -49.42
CA PHE G 2239 -10.88 76.64 -48.20
C PHE G 2239 -9.61 75.81 -48.18
N CYS G 2240 -9.72 74.54 -48.57
CA CYS G 2240 -8.52 73.72 -48.70
C CYS G 2240 -7.57 74.26 -49.76
N ARG G 2241 -8.11 74.72 -50.89
CA ARG G 2241 -7.26 75.25 -51.95
C ARG G 2241 -6.53 76.52 -51.55
N ILE G 2242 -7.03 77.27 -50.56
CA ILE G 2242 -6.43 78.55 -50.22
C ILE G 2242 -4.99 78.36 -49.73
N SER G 2243 -4.78 77.48 -48.77
CA SER G 2243 -3.47 77.35 -48.17
C SER G 2243 -3.26 75.92 -47.67
N ARG G 2244 -2.00 75.53 -47.58
CA ARG G 2244 -1.67 74.16 -47.21
C ARG G 2244 -1.96 73.91 -45.73
N GLN G 2245 -1.86 74.95 -44.90
CA GLN G 2245 -2.27 74.80 -43.50
C GLN G 2245 -3.77 74.53 -43.39
N ASN G 2246 -4.57 75.22 -44.21
CA ASN G 2246 -6.00 74.93 -44.25
C ASN G 2246 -6.26 73.52 -44.75
N GLN G 2247 -5.49 73.09 -45.76
CA GLN G 2247 -5.64 71.73 -46.26
C GLN G 2247 -5.36 70.70 -45.18
N ARG G 2248 -4.29 70.92 -44.40
CA ARG G 2248 -3.99 70.01 -43.30
C ARG G 2248 -5.08 70.04 -42.23
N SER G 2249 -5.59 71.23 -41.92
CA SER G 2249 -6.62 71.34 -40.91
C SER G 2249 -7.85 70.56 -41.32
N MET G 2250 -8.22 70.62 -42.59
CA MET G 2250 -9.32 69.79 -43.05
C MET G 2250 -8.95 68.32 -43.12
N PHE G 2251 -7.67 68.01 -43.36
CA PHE G 2251 -7.21 66.63 -43.30
C PHE G 2251 -7.41 66.03 -41.92
N ASP G 2252 -7.37 66.86 -40.88
CA ASP G 2252 -7.65 66.34 -39.54
C ASP G 2252 -9.04 65.74 -39.45
N HIS G 2253 -9.96 66.13 -40.33
CA HIS G 2253 -11.31 65.59 -40.36
C HIS G 2253 -11.55 64.64 -41.52
N LEU G 2254 -10.49 63.99 -42.03
CA LEU G 2254 -10.62 63.17 -43.21
C LEU G 2254 -11.55 61.98 -42.97
N SER G 2255 -11.33 61.27 -41.86
CA SER G 2255 -12.20 60.13 -41.54
C SER G 2255 -13.62 60.60 -41.23
N TYR G 2256 -13.76 61.78 -40.64
CA TYR G 2256 -15.08 62.30 -40.32
C TYR G 2256 -15.85 62.58 -41.61
N LEU G 2257 -15.16 63.13 -42.61
CA LEU G 2257 -15.76 63.30 -43.93
C LEU G 2257 -16.09 61.96 -44.56
N LEU G 2258 -15.18 60.99 -44.43
CA LEU G 2258 -15.35 59.71 -45.09
C LEU G 2258 -16.56 58.95 -44.55
N GLU G 2259 -16.75 58.97 -43.23
CA GLU G 2259 -17.85 58.22 -42.65
C GLU G 2259 -19.22 58.77 -43.05
N ASN G 2260 -19.30 60.07 -43.33
CA ASN G 2260 -20.52 60.68 -43.84
C ASN G 2260 -20.59 60.63 -45.37
N SER G 2261 -19.58 60.05 -46.01
CA SER G 2261 -19.45 60.12 -47.47
C SER G 2261 -20.08 58.94 -48.19
N GLY G 2262 -20.66 57.98 -47.47
CA GLY G 2262 -21.25 56.83 -48.13
C GLY G 2262 -22.43 57.20 -49.02
N ILE G 2263 -23.25 58.15 -48.57
CA ILE G 2263 -24.45 58.55 -49.28
C ILE G 2263 -24.22 59.74 -50.21
N GLY G 2264 -23.00 60.29 -50.22
CA GLY G 2264 -22.73 61.43 -51.09
C GLY G 2264 -22.82 61.11 -52.57
N LEU G 2265 -22.87 59.82 -52.94
CA LEU G 2265 -22.97 59.46 -54.33
C LEU G 2265 -24.27 59.95 -54.96
N GLY G 2266 -25.38 59.91 -54.22
CA GLY G 2266 -26.65 60.35 -54.77
C GLY G 2266 -26.63 61.79 -55.23
N MET G 2267 -25.94 62.64 -54.46
CA MET G 2267 -25.80 64.04 -54.85
C MET G 2267 -24.76 64.20 -55.95
N GLN G 2268 -25.00 65.18 -56.82
CA GLN G 2268 -24.07 65.54 -57.87
CA GLN G 2268 -24.07 65.54 -57.87
C GLN G 2268 -23.57 66.96 -57.64
N GLY G 2269 -22.33 67.22 -58.05
CA GLY G 2269 -21.73 68.53 -57.86
C GLY G 2269 -20.52 68.49 -56.95
N SER G 2270 -20.58 69.17 -55.82
CA SER G 2270 -19.53 69.11 -54.81
C SER G 2270 -20.01 68.24 -53.66
N THR G 2271 -19.21 67.25 -53.28
CA THR G 2271 -19.59 66.22 -52.34
C THR G 2271 -18.50 66.05 -51.28
N PRO G 2272 -18.82 65.41 -50.15
CA PRO G 2272 -17.77 65.11 -49.17
C PRO G 2272 -16.62 64.31 -49.74
N LEU G 2273 -16.88 63.44 -50.72
CA LEU G 2273 -15.79 62.84 -51.48
C LEU G 2273 -14.88 63.92 -52.07
N ASP G 2274 -15.48 64.94 -52.68
CA ASP G 2274 -14.69 65.99 -53.29
C ASP G 2274 -13.92 66.78 -52.25
N VAL G 2275 -14.53 67.03 -51.09
CA VAL G 2275 -13.85 67.74 -50.02
C VAL G 2275 -12.65 66.94 -49.54
N ALA G 2276 -12.84 65.65 -49.31
CA ALA G 2276 -11.73 64.79 -48.88
C ALA G 2276 -10.64 64.75 -49.92
N ALA G 2277 -11.00 64.67 -51.20
CA ALA G 2277 -10.00 64.65 -52.26
C ALA G 2277 -9.22 65.96 -52.30
N ALA G 2278 -9.90 67.09 -52.13
CA ALA G 2278 -9.22 68.38 -52.07
C ALA G 2278 -8.36 68.49 -50.83
N SER G 2279 -8.64 67.70 -49.81
CA SER G 2279 -7.85 67.71 -48.58
C SER G 2279 -6.55 66.92 -48.70
N VAL G 2280 -6.32 66.21 -49.80
CA VAL G 2280 -5.14 65.38 -49.97
C VAL G 2280 -4.40 65.65 -51.26
N ILE G 2281 -5.03 66.32 -52.23
CA ILE G 2281 -4.47 66.50 -53.56
C ILE G 2281 -3.12 67.20 -53.44
N ASP G 2282 -2.19 66.82 -54.34
CA ASP G 2282 -0.87 67.45 -54.53
C ASP G 2282 -0.23 67.91 -53.22
N ASN G 2283 -0.26 67.04 -52.22
CA ASN G 2283 0.34 67.34 -50.92
C ASN G 2283 1.04 66.06 -50.45
N ASN G 2284 2.36 66.03 -50.59
CA ASN G 2284 3.11 64.80 -50.33
C ASN G 2284 3.06 64.41 -48.86
N GLU G 2285 3.19 65.38 -47.96
CA GLU G 2285 3.17 65.06 -46.53
C GLU G 2285 1.84 64.47 -46.12
N LEU G 2286 0.73 65.06 -46.57
CA LEU G 2286 -0.58 64.50 -46.26
C LEU G 2286 -0.78 63.16 -46.94
N ALA G 2287 -0.26 62.99 -48.16
CA ALA G 2287 -0.39 61.71 -48.84
C ALA G 2287 0.31 60.60 -48.07
N LEU G 2288 1.52 60.88 -47.58
CA LEU G 2288 2.23 59.92 -46.75
C LEU G 2288 1.55 59.70 -45.41
N ALA G 2289 0.98 60.74 -44.82
CA ALA G 2289 0.34 60.64 -43.52
C ALA G 2289 -1.05 60.03 -43.59
N LEU G 2290 -1.57 59.76 -44.79
CA LEU G 2290 -2.88 59.14 -44.93
C LEU G 2290 -2.86 57.80 -44.25
N GLN G 2291 -3.89 57.52 -43.45
CA GLN G 2291 -3.87 56.32 -42.61
C GLN G 2291 -4.54 55.16 -43.32
N GLU G 2292 -4.21 53.95 -42.87
CA GLU G 2292 -4.66 52.73 -43.54
C GLU G 2292 -6.17 52.55 -43.44
N GLN G 2293 -6.77 52.79 -42.27
CA GLN G 2293 -8.18 52.49 -42.09
C GLN G 2293 -9.05 53.31 -43.04
N ASP G 2294 -8.59 54.52 -43.38
CA ASP G 2294 -9.34 55.35 -44.31
C ASP G 2294 -9.41 54.70 -45.69
N LEU G 2295 -8.27 54.22 -46.20
CA LEU G 2295 -8.26 53.54 -47.49
C LEU G 2295 -9.06 52.26 -47.43
N GLU G 2296 -8.99 51.55 -46.29
CA GLU G 2296 -9.80 50.34 -46.13
C GLU G 2296 -11.28 50.68 -46.22
N LYS G 2297 -11.71 51.76 -45.57
CA LYS G 2297 -13.10 52.19 -45.65
C LYS G 2297 -13.49 52.52 -47.08
N VAL G 2298 -12.63 53.23 -47.80
CA VAL G 2298 -12.95 53.63 -49.16
C VAL G 2298 -13.11 52.39 -50.04
N VAL G 2299 -12.19 51.43 -49.91
CA VAL G 2299 -12.29 50.21 -50.69
C VAL G 2299 -13.53 49.42 -50.28
N SER G 2300 -13.93 49.52 -49.01
CA SER G 2300 -15.14 48.83 -48.57
C SER G 2300 -16.37 49.39 -49.27
N TYR G 2301 -16.49 50.72 -49.31
CA TYR G 2301 -17.60 51.30 -50.07
C TYR G 2301 -17.51 50.96 -51.55
N LEU G 2302 -16.30 50.92 -52.11
CA LEU G 2302 -16.18 50.58 -53.52
C LEU G 2302 -16.64 49.16 -53.78
N ALA G 2303 -16.27 48.23 -52.91
CA ALA G 2303 -16.74 46.86 -53.03
C ALA G 2303 -18.26 46.80 -52.90
N GLY G 2304 -18.83 47.57 -51.99
CA GLY G 2304 -20.27 47.62 -51.89
C GLY G 2304 -20.92 48.13 -53.17
N CYS G 2305 -20.33 49.13 -53.80
CA CYS G 2305 -20.85 49.65 -55.05
C CYS G 2305 -20.71 48.64 -56.18
N GLY G 2306 -19.74 47.75 -56.08
CA GLY G 2306 -19.58 46.74 -57.11
C GLY G 2306 -20.53 45.58 -57.06
N LEU G 2307 -21.40 45.51 -56.05
CA LEU G 2307 -22.33 44.39 -55.90
C LEU G 2307 -23.80 44.78 -55.96
N GLN G 2308 -24.17 45.98 -55.55
CA GLN G 2308 -25.57 46.37 -55.42
C GLN G 2308 -25.80 47.62 -56.25
N SER G 2309 -26.87 47.60 -57.04
CA SER G 2309 -27.22 48.72 -57.90
C SER G 2309 -27.57 49.95 -57.06
N CYS G 2310 -27.56 51.10 -57.71
CA CYS G 2310 -27.91 52.34 -57.03
C CYS G 2310 -29.41 52.34 -56.72
N PRO G 2311 -29.81 52.42 -55.45
CA PRO G 2311 -31.24 52.45 -55.14
C PRO G 2311 -31.96 53.63 -55.76
N MET G 2312 -31.32 54.80 -55.84
CA MET G 2312 -31.97 55.95 -56.44
C MET G 2312 -32.16 55.75 -57.94
N LEU G 2313 -31.17 55.14 -58.60
CA LEU G 2313 -31.35 54.77 -60.00
C LEU G 2313 -32.48 53.78 -60.17
N LEU G 2314 -32.56 52.78 -59.28
CA LEU G 2314 -33.62 51.78 -59.38
C LEU G 2314 -34.99 52.42 -59.23
N ALA G 2315 -35.12 53.38 -58.30
CA ALA G 2315 -36.39 54.06 -58.11
C ALA G 2315 -36.79 54.90 -59.30
N LYS G 2316 -35.88 55.14 -60.24
CA LYS G 2316 -36.15 55.93 -61.44
C LYS G 2316 -36.33 55.05 -62.67
N GLY G 2317 -36.64 53.77 -62.49
CA GLY G 2317 -36.93 52.90 -63.60
C GLY G 2317 -35.74 52.40 -64.37
N TYR G 2318 -34.53 52.63 -63.87
CA TYR G 2318 -33.34 52.19 -64.57
C TYR G 2318 -33.25 50.66 -64.55
N PRO G 2319 -32.72 50.06 -65.62
CA PRO G 2319 -32.53 48.60 -65.62
C PRO G 2319 -31.56 48.17 -64.53
N ASP G 2320 -31.84 47.02 -63.93
CA ASP G 2320 -31.15 46.57 -62.71
C ASP G 2320 -29.98 45.68 -63.10
N ILE G 2321 -28.83 46.29 -63.31
CA ILE G 2321 -27.57 45.57 -63.41
C ILE G 2321 -26.98 45.46 -62.01
N GLY G 2322 -26.18 44.43 -61.78
CA GLY G 2322 -25.79 44.11 -60.43
C GLY G 2322 -24.64 44.90 -59.84
N TRP G 2323 -24.53 46.18 -60.21
CA TRP G 2323 -23.44 47.01 -59.69
C TRP G 2323 -23.72 48.46 -60.01
N ASN G 2324 -22.90 49.35 -59.43
CA ASN G 2324 -23.11 50.79 -59.46
C ASN G 2324 -21.86 51.46 -59.98
N PRO G 2325 -21.67 51.49 -61.30
CA PRO G 2325 -20.47 52.13 -61.86
C PRO G 2325 -20.36 53.60 -61.51
N CYS G 2326 -21.49 54.28 -61.35
CA CYS G 2326 -21.47 55.71 -61.07
C CYS G 2326 -20.75 56.01 -59.76
N GLY G 2327 -21.07 55.27 -58.70
CA GLY G 2327 -20.39 55.47 -57.44
C GLY G 2327 -19.03 54.81 -57.40
N GLY G 2328 -18.86 53.72 -58.15
CA GLY G 2328 -17.56 53.11 -58.25
C GLY G 2328 -16.53 54.08 -58.78
N GLU G 2329 -16.89 54.85 -59.81
CA GLU G 2329 -15.98 55.85 -60.35
C GLU G 2329 -15.67 56.93 -59.32
N ARG G 2330 -16.67 57.31 -58.53
CA ARG G 2330 -16.45 58.36 -57.54
C ARG G 2330 -15.42 57.93 -56.50
N TYR G 2331 -15.48 56.67 -56.07
CA TYR G 2331 -14.47 56.21 -55.12
C TYR G 2331 -13.12 55.99 -55.79
N LEU G 2332 -13.13 55.53 -57.04
CA LEU G 2332 -11.89 55.28 -57.75
C LEU G 2332 -11.09 56.57 -57.94
N ASP G 2333 -11.77 57.68 -58.23
CA ASP G 2333 -11.02 58.93 -58.43
C ASP G 2333 -10.39 59.42 -57.13
N PHE G 2334 -11.09 59.24 -56.00
CA PHE G 2334 -10.48 59.62 -54.73
C PHE G 2334 -9.23 58.79 -54.45
N LEU G 2335 -9.32 57.47 -54.67
CA LEU G 2335 -8.12 56.66 -54.50
C LEU G 2335 -7.01 57.10 -55.45
N ARG G 2336 -7.37 57.49 -56.68
CA ARG G 2336 -6.38 57.98 -57.63
C ARG G 2336 -5.67 59.21 -57.07
N PHE G 2337 -6.42 60.13 -56.48
CA PHE G 2337 -5.80 61.29 -55.86
C PHE G 2337 -4.93 60.89 -54.67
N ALA G 2338 -5.33 59.83 -53.95
CA ALA G 2338 -4.59 59.43 -52.76
C ALA G 2338 -3.27 58.73 -53.06
N VAL G 2339 -3.16 58.07 -54.22
CA VAL G 2339 -1.97 57.30 -54.54
C VAL G 2339 -1.03 57.98 -55.52
N PHE G 2340 -1.43 59.10 -56.10
CA PHE G 2340 -0.62 59.79 -57.11
C PHE G 2340 -0.53 61.26 -56.72
N VAL G 2341 0.69 61.75 -56.51
CA VAL G 2341 0.92 63.12 -56.08
C VAL G 2341 2.02 63.74 -56.91
N ASN G 2342 1.74 64.92 -57.48
CA ASN G 2342 2.74 65.73 -58.18
C ASN G 2342 3.40 64.97 -59.32
N GLY G 2343 2.65 64.09 -59.97
CA GLY G 2343 3.16 63.36 -61.11
C GLY G 2343 3.96 62.13 -60.77
N GLU G 2344 4.14 61.80 -59.50
CA GLU G 2344 4.86 60.61 -59.08
C GLU G 2344 4.01 59.79 -58.14
N SER G 2345 4.22 58.48 -58.17
CA SER G 2345 3.43 57.55 -57.38
C SER G 2345 3.91 57.55 -55.94
N VAL G 2346 2.96 57.56 -55.00
CA VAL G 2346 3.27 57.37 -53.59
C VAL G 2346 3.20 55.87 -53.31
N GLU G 2347 4.37 55.23 -53.24
CA GLU G 2347 4.40 53.77 -53.22
C GLU G 2347 3.77 53.19 -51.95
N GLU G 2348 3.91 53.88 -50.82
CA GLU G 2348 3.36 53.36 -49.58
C GLU G 2348 1.85 53.23 -49.67
N ASN G 2349 1.19 54.24 -50.24
CA ASN G 2349 -0.25 54.17 -50.43
C ASN G 2349 -0.62 53.23 -51.58
N ALA G 2350 0.20 53.21 -52.63
CA ALA G 2350 -0.14 52.42 -53.80
C ALA G 2350 -0.14 50.93 -53.48
N ASN G 2351 0.88 50.46 -52.77
CA ASN G 2351 0.94 49.04 -52.42
C ASN G 2351 -0.26 48.65 -51.56
N VAL G 2352 -0.61 49.49 -50.59
CA VAL G 2352 -1.74 49.21 -49.71
C VAL G 2352 -3.03 49.14 -50.51
N VAL G 2353 -3.21 50.09 -51.44
CA VAL G 2353 -4.43 50.11 -52.24
C VAL G 2353 -4.52 48.87 -53.11
N VAL G 2354 -3.41 48.47 -53.74
CA VAL G 2354 -3.41 47.28 -54.58
C VAL G 2354 -3.74 46.05 -53.75
N ARG G 2355 -3.14 45.93 -52.57
CA ARG G 2355 -3.38 44.78 -51.72
C ARG G 2355 -4.84 44.72 -51.29
N LEU G 2356 -5.41 45.86 -50.88
CA LEU G 2356 -6.82 45.87 -50.49
C LEU G 2356 -7.71 45.48 -51.65
N LEU G 2357 -7.43 46.03 -52.84
CA LEU G 2357 -8.26 45.75 -54.00
C LEU G 2357 -8.22 44.28 -54.36
N ILE G 2358 -7.06 43.65 -54.28
CA ILE G 2358 -6.99 42.24 -54.61
C ILE G 2358 -7.61 41.40 -53.50
N ARG G 2359 -7.58 41.89 -52.25
CA ARG G 2359 -8.26 41.18 -51.18
C ARG G 2359 -9.76 41.16 -51.36
N LYS G 2360 -10.36 42.25 -51.83
CA LYS G 2360 -11.78 42.28 -52.20
C LYS G 2360 -11.87 42.37 -53.71
N PRO G 2361 -11.79 41.24 -54.41
CA PRO G 2361 -11.70 41.29 -55.87
C PRO G 2361 -12.91 41.88 -56.54
N GLU G 2362 -14.04 41.94 -55.85
CA GLU G 2362 -15.29 42.40 -56.45
C GLU G 2362 -15.26 43.87 -56.85
N CYS G 2363 -14.30 44.65 -56.35
CA CYS G 2363 -14.24 46.06 -56.72
C CYS G 2363 -13.82 46.26 -58.17
N PHE G 2364 -13.37 45.23 -58.85
CA PHE G 2364 -12.97 45.34 -60.23
C PHE G 2364 -14.14 45.36 -61.20
N GLY G 2365 -15.35 45.11 -60.73
CA GLY G 2365 -16.50 45.08 -61.60
C GLY G 2365 -16.82 43.67 -62.04
N PRO G 2366 -17.95 43.51 -62.74
CA PRO G 2366 -18.32 42.17 -63.21
C PRO G 2366 -17.29 41.55 -64.13
N ALA G 2367 -16.65 42.33 -64.99
CA ALA G 2367 -15.50 41.82 -65.71
C ALA G 2367 -14.29 41.79 -64.79
N LEU G 2368 -13.25 41.06 -65.21
CA LEU G 2368 -12.04 40.87 -64.40
C LEU G 2368 -12.35 40.17 -63.09
N ARG G 2369 -13.49 39.47 -63.03
CA ARG G 2369 -13.87 38.78 -61.81
CA ARG G 2369 -13.88 38.77 -61.82
C ARG G 2369 -13.17 37.43 -61.63
N GLY G 2370 -12.54 36.92 -62.68
CA GLY G 2370 -11.91 35.62 -62.58
C GLY G 2370 -12.85 34.53 -63.05
N GLU G 2371 -13.50 33.86 -62.12
CA GLU G 2371 -14.48 32.85 -62.47
C GLU G 2371 -15.70 33.50 -63.12
N GLY G 2372 -16.05 33.05 -64.31
CA GLY G 2372 -17.23 33.55 -64.98
C GLY G 2372 -17.21 35.02 -65.31
N GLY G 2373 -16.05 35.57 -65.64
CA GLY G 2373 -15.92 36.97 -65.98
C GLY G 2373 -15.30 37.14 -67.36
N SER G 2374 -16.00 37.90 -68.21
CA SER G 2374 -15.50 38.19 -69.54
C SER G 2374 -14.33 39.16 -69.46
N GLY G 2375 -13.69 39.37 -70.61
CA GLY G 2375 -12.54 40.23 -70.68
C GLY G 2375 -12.91 41.70 -70.58
N LEU G 2376 -11.87 42.52 -70.36
CA LEU G 2376 -12.08 43.96 -70.30
C LEU G 2376 -12.56 44.51 -71.64
N LEU G 2377 -11.95 44.05 -72.73
CA LEU G 2377 -12.37 44.52 -74.05
C LEU G 2377 -13.79 44.08 -74.36
N ALA G 2378 -14.15 42.85 -73.98
CA ALA G 2378 -15.52 42.40 -74.14
C ALA G 2378 -16.47 43.26 -73.31
N ALA G 2379 -16.05 43.66 -72.11
CA ALA G 2379 -16.88 44.52 -71.28
C ALA G 2379 -17.09 45.87 -71.94
N ILE G 2380 -16.05 46.44 -72.51
CA ILE G 2380 -16.18 47.74 -73.17
C ILE G 2380 -17.09 47.64 -74.39
N GLU G 2381 -16.95 46.55 -75.15
CA GLU G 2381 -17.84 46.36 -76.29
C GLU G 2381 -19.29 46.19 -75.87
N GLU G 2382 -19.52 45.45 -74.78
CA GLU G 2382 -20.87 45.33 -74.26
C GLU G 2382 -21.42 46.68 -73.81
N ALA G 2383 -20.54 47.50 -73.23
CA ALA G 2383 -20.96 48.85 -72.84
C ALA G 2383 -21.36 49.67 -74.06
N ILE G 2384 -20.60 49.56 -75.14
CA ILE G 2384 -20.96 50.25 -76.37
C ILE G 2384 -22.32 49.78 -76.87
N ARG G 2385 -22.54 48.46 -76.84
CA ARG G 2385 -23.82 47.92 -77.27
C ARG G 2385 -24.97 48.49 -76.44
N ILE G 2386 -24.85 48.46 -75.11
CA ILE G 2386 -25.97 48.91 -74.28
C ILE G 2386 -26.17 50.41 -74.46
N SER G 2387 -25.09 51.14 -74.75
CA SER G 2387 -25.23 52.56 -75.07
C SER G 2387 -26.04 52.75 -76.34
N GLU G 2388 -25.78 51.91 -77.36
CA GLU G 2388 -26.53 52.04 -78.60
C GLU G 2388 -27.97 51.59 -78.47
N ASP G 2389 -28.27 50.70 -77.53
CA ASP G 2389 -29.63 50.17 -77.39
C ASP G 2389 -30.34 50.82 -76.21
N PRO G 2390 -31.35 51.66 -76.44
CA PRO G 2390 -32.16 52.15 -75.32
C PRO G 2390 -32.99 51.04 -74.71
N ALA G 2391 -33.73 51.35 -73.65
CA ALA G 2391 -34.41 50.39 -72.77
C ALA G 2391 -33.42 49.51 -72.04
N ARG G 2392 -32.13 49.63 -72.34
CA ARG G 2392 -31.07 48.99 -71.59
C ARG G 2392 -29.99 49.99 -71.20
N ASP G 2393 -30.03 51.21 -71.74
CA ASP G 2393 -29.16 52.29 -71.30
C ASP G 2393 -29.87 53.31 -70.43
N GLY G 2394 -31.16 53.54 -70.64
CA GLY G 2394 -31.89 54.53 -69.89
C GLY G 2394 -33.16 53.98 -69.29
N PRO G 2395 -33.89 54.82 -68.55
CA PRO G 2395 -35.14 54.35 -67.95
C PRO G 2395 -36.18 53.91 -68.97
N GLY G 2396 -36.16 54.50 -70.16
CA GLY G 2396 -37.10 54.14 -71.20
C GLY G 2396 -38.54 54.43 -70.82
N VAL G 2397 -38.79 55.62 -70.28
CA VAL G 2397 -40.13 56.02 -69.88
C VAL G 2397 -41.05 56.11 -71.09
N PRO G 2410 -29.30 67.31 -71.52
CA PRO G 2410 -29.92 66.03 -71.15
C PRO G 2410 -31.38 66.18 -70.73
N PRO G 2411 -32.19 65.14 -70.92
CA PRO G 2411 -33.60 65.22 -70.53
C PRO G 2411 -33.79 65.53 -69.06
N GLU G 2412 -32.91 65.03 -68.20
CA GLU G 2412 -32.92 65.35 -66.78
C GLU G 2412 -31.86 66.39 -66.42
N GLU G 2413 -31.17 66.93 -67.44
CA GLU G 2413 -30.09 67.90 -67.32
C GLU G 2413 -28.84 67.29 -66.72
N ASN G 2414 -28.96 66.09 -66.16
CA ASN G 2414 -27.82 65.28 -65.74
C ASN G 2414 -28.10 63.81 -66.01
N ARG G 2415 -28.73 63.52 -67.16
CA ARG G 2415 -29.16 62.16 -67.45
C ARG G 2415 -27.98 61.21 -67.48
N VAL G 2416 -28.11 60.08 -66.80
CA VAL G 2416 -27.04 59.11 -66.67
C VAL G 2416 -27.21 58.04 -67.73
N HIS G 2417 -26.15 57.75 -68.47
CA HIS G 2417 -26.15 56.73 -69.50
C HIS G 2417 -25.29 55.55 -69.04
N LEU G 2418 -25.87 54.36 -69.08
CA LEU G 2418 -25.21 53.20 -68.48
C LEU G 2418 -23.94 52.83 -69.24
N GLY G 2419 -23.96 52.92 -70.55
CA GLY G 2419 -22.76 52.58 -71.30
C GLY G 2419 -21.59 53.49 -70.96
N HIS G 2420 -21.84 54.80 -70.95
CA HIS G 2420 -20.77 55.73 -70.61
C HIS G 2420 -20.34 55.54 -69.16
N ALA G 2421 -21.28 55.23 -68.28
CA ALA G 2421 -20.92 54.97 -66.89
C ALA G 2421 -20.00 53.77 -66.77
N ILE G 2422 -20.29 52.71 -67.51
CA ILE G 2422 -19.47 51.50 -67.45
C ILE G 2422 -18.07 51.77 -68.00
N MET G 2423 -18.00 52.41 -69.17
CA MET G 2423 -16.69 52.71 -69.72
C MET G 2423 -15.90 53.64 -68.81
N SER G 2424 -16.56 54.63 -68.22
CA SER G 2424 -15.88 55.54 -67.32
C SER G 2424 -15.37 54.81 -66.08
N PHE G 2425 -16.17 53.87 -65.56
CA PHE G 2425 -15.72 53.12 -64.39
C PHE G 2425 -14.48 52.31 -64.72
N TYR G 2426 -14.50 51.59 -65.84
CA TYR G 2426 -13.34 50.77 -66.17
C TYR G 2426 -12.12 51.62 -66.49
N ALA G 2427 -12.33 52.78 -67.14
CA ALA G 2427 -11.21 53.68 -67.38
C ALA G 2427 -10.62 54.18 -66.07
N ALA G 2428 -11.47 54.53 -65.10
CA ALA G 2428 -10.97 54.98 -63.81
C ALA G 2428 -10.21 53.88 -63.09
N LEU G 2429 -10.72 52.65 -63.15
CA LEU G 2429 -10.04 51.54 -62.51
C LEU G 2429 -8.66 51.30 -63.12
N ILE G 2430 -8.59 51.31 -64.45
CA ILE G 2430 -7.31 51.10 -65.14
C ILE G 2430 -6.36 52.25 -64.82
N ASP G 2431 -6.87 53.48 -64.77
CA ASP G 2431 -6.03 54.61 -64.44
C ASP G 2431 -5.47 54.50 -63.03
N LEU G 2432 -6.30 54.09 -62.07
CA LEU G 2432 -5.83 53.92 -60.71
C LEU G 2432 -4.76 52.85 -60.63
N LEU G 2433 -4.98 51.72 -61.30
CA LEU G 2433 -3.98 50.65 -61.27
C LEU G 2433 -2.70 51.10 -61.93
N GLY G 2434 -2.79 51.87 -63.01
CA GLY G 2434 -1.58 52.36 -63.66
C GLY G 2434 -0.81 53.33 -62.77
N ARG G 2435 -1.53 54.21 -62.08
CA ARG G 2435 -0.85 55.12 -61.15
C ARG G 2435 -0.25 54.37 -59.97
N CYS G 2436 -0.83 53.24 -59.59
CA CYS G 2436 -0.25 52.42 -58.52
C CYS G 2436 1.02 51.70 -58.94
N ALA G 2437 1.35 51.70 -60.23
CA ALA G 2437 2.51 50.96 -60.70
C ALA G 2437 3.79 51.57 -60.15
N PRO G 2438 4.80 50.74 -59.88
CA PRO G 2438 6.04 51.28 -59.29
C PRO G 2438 6.78 52.16 -60.28
N GLU G 2439 7.70 52.96 -59.74
CA GLU G 2439 8.50 53.83 -60.57
C GLU G 2439 9.62 53.04 -61.26
N MET G 2440 10.10 53.60 -62.36
CA MET G 2440 11.11 52.91 -63.16
C MET G 2440 12.41 52.77 -62.40
N HIS G 2441 12.77 53.76 -61.58
CA HIS G 2441 13.99 53.64 -60.80
C HIS G 2441 13.87 52.52 -59.78
N LEU G 2442 12.70 52.35 -59.16
CA LEU G 2442 12.49 51.22 -58.26
C LEU G 2442 12.59 49.90 -59.00
N ILE G 2443 12.01 49.82 -60.20
CA ILE G 2443 12.09 48.58 -60.97
C ILE G 2443 13.54 48.26 -61.33
N GLN G 2444 14.30 49.27 -61.75
CA GLN G 2444 15.70 49.05 -62.09
C GLN G 2444 16.53 48.70 -60.86
N ALA G 2445 16.14 49.17 -59.69
CA ALA G 2445 16.82 48.79 -58.46
C ALA G 2445 16.57 47.35 -58.06
N GLY G 2446 15.65 46.66 -58.73
CA GLY G 2446 15.38 45.28 -58.41
C GLY G 2446 14.63 45.07 -57.12
N LYS G 2447 13.81 46.05 -56.73
CA LYS G 2447 13.08 45.94 -55.47
C LYS G 2447 11.99 44.88 -55.56
N GLY G 2448 11.97 43.99 -54.58
CA GLY G 2448 11.08 42.84 -54.65
C GLY G 2448 9.62 43.21 -54.61
N GLU G 2449 9.24 44.13 -53.72
CA GLU G 2449 7.84 44.53 -53.63
C GLU G 2449 7.39 45.25 -54.91
N ALA G 2450 8.26 46.10 -55.46
CA ALA G 2450 7.93 46.77 -56.71
C ALA G 2450 7.71 45.77 -57.83
N LEU G 2451 8.63 44.80 -57.95
CA LEU G 2451 8.48 43.79 -58.99
C LEU G 2451 7.21 42.98 -58.79
N ARG G 2452 6.90 42.64 -57.53
CA ARG G 2452 5.70 41.85 -57.26
C ARG G 2452 4.44 42.63 -57.62
N ILE G 2453 4.39 43.92 -57.27
CA ILE G 2453 3.22 44.73 -57.60
C ILE G 2453 3.07 44.86 -59.10
N ARG G 2454 4.17 45.07 -59.82
CA ARG G 2454 4.08 45.17 -61.27
C ARG G 2454 3.59 43.85 -61.87
N ALA G 2455 4.08 42.73 -61.35
CA ALA G 2455 3.62 41.43 -61.85
C ALA G 2455 2.14 41.23 -61.60
N ILE G 2456 1.66 41.64 -60.43
CA ILE G 2456 0.24 41.52 -60.12
C ILE G 2456 -0.59 42.36 -61.10
N LEU G 2457 -0.14 43.59 -61.36
CA LEU G 2457 -0.86 44.45 -62.29
C LEU G 2457 -0.88 43.85 -63.69
N ARG G 2458 0.26 43.32 -64.14
CA ARG G 2458 0.30 42.70 -65.46
C ARG G 2458 -0.62 41.49 -65.53
N SER G 2459 -0.70 40.72 -64.46
CA SER G 2459 -1.62 39.60 -64.43
C SER G 2459 -3.07 40.07 -64.53
N LEU G 2460 -3.40 41.16 -63.84
CA LEU G 2460 -4.78 41.65 -63.88
C LEU G 2460 -5.17 42.15 -65.26
N VAL G 2461 -4.35 43.03 -65.84
CA VAL G 2461 -4.75 43.67 -67.11
C VAL G 2461 -3.89 43.17 -68.25
N PRO G 2462 -4.47 42.48 -69.23
CA PRO G 2462 -3.65 41.96 -70.34
C PRO G 2462 -3.38 42.99 -71.42
N LEU G 2463 -2.17 42.88 -71.98
CA LEU G 2463 -1.70 43.84 -72.97
C LEU G 2463 -2.53 43.81 -74.23
N ASP G 2464 -2.97 42.63 -74.64
CA ASP G 2464 -3.81 42.53 -75.83
C ASP G 2464 -5.13 43.26 -75.62
N ASP G 2465 -5.71 43.17 -74.42
CA ASP G 2465 -6.92 43.91 -74.11
C ASP G 2465 -6.68 45.41 -74.14
N LEU G 2466 -5.54 45.86 -73.59
CA LEU G 2466 -5.23 47.28 -73.64
C LEU G 2466 -5.13 47.77 -75.09
N VAL G 2467 -4.42 47.02 -75.93
CA VAL G 2467 -4.25 47.44 -77.32
C VAL G 2467 -5.58 47.38 -78.06
N GLY G 2468 -6.42 46.40 -77.76
CA GLY G 2468 -7.72 46.33 -78.39
C GLY G 2468 -8.60 47.51 -78.03
N ILE G 2469 -8.56 47.95 -76.77
CA ILE G 2469 -9.33 49.11 -76.38
C ILE G 2469 -8.78 50.36 -77.05
N ILE G 2470 -7.46 50.48 -77.12
CA ILE G 2470 -6.87 51.63 -77.80
C ILE G 2470 -7.24 51.65 -79.27
N SER G 2471 -7.39 50.49 -79.88
CA SER G 2471 -7.69 50.40 -81.31
C SER G 2471 -9.16 50.58 -81.63
N LEU G 2472 -10.03 50.68 -80.64
CA LEU G 2472 -11.46 50.80 -80.92
C LEU G 2472 -11.75 52.10 -81.65
N PRO G 2473 -12.68 52.08 -82.61
CA PRO G 2473 -12.98 53.31 -83.36
C PRO G 2473 -13.69 54.33 -82.48
N LEU G 2474 -13.46 55.60 -82.79
CA LEU G 2474 -14.13 56.71 -82.14
C LEU G 2474 -15.04 57.40 -83.14
N GLN G 2475 -16.24 57.76 -82.71
CA GLN G 2475 -17.15 58.47 -83.59
C GLN G 2475 -16.61 59.88 -83.86
N ILE G 2476 -16.66 60.29 -85.12
CA ILE G 2476 -16.09 61.55 -85.58
C ILE G 2476 -17.22 62.44 -86.07
N PRO G 2477 -17.25 63.72 -85.71
CA PRO G 2477 -18.33 64.60 -86.19
C PRO G 2477 -18.28 64.74 -87.69
N THR G 2478 -19.29 64.19 -88.35
CA THR G 2478 -19.38 64.25 -89.80
C THR G 2478 -20.26 65.41 -90.21
N LEU G 2479 -20.51 65.51 -91.51
CA LEU G 2479 -21.32 66.56 -92.08
C LEU G 2479 -22.33 65.94 -93.04
N GLY G 2480 -23.54 66.48 -93.05
CA GLY G 2480 -24.55 65.98 -93.96
C GLY G 2480 -25.91 66.51 -93.60
N LYS G 2481 -26.88 66.18 -94.44
CA LYS G 2481 -28.29 66.53 -94.25
C LYS G 2481 -28.46 68.05 -94.13
N ASP G 2482 -28.14 68.73 -95.23
CA ASP G 2482 -28.16 70.17 -95.48
C ASP G 2482 -26.96 70.89 -94.87
N GLY G 2483 -26.06 70.17 -94.20
CA GLY G 2483 -24.92 70.79 -93.57
C GLY G 2483 -24.99 70.88 -92.05
N ALA G 2484 -25.93 70.20 -91.42
CA ALA G 2484 -25.99 70.18 -89.97
C ALA G 2484 -24.84 69.36 -89.40
N LEU G 2485 -24.35 69.76 -88.23
CA LEU G 2485 -23.28 69.04 -87.56
C LEU G 2485 -23.84 67.78 -86.91
N VAL G 2486 -23.33 66.62 -87.32
CA VAL G 2486 -23.73 65.34 -86.74
C VAL G 2486 -22.67 64.98 -85.71
N GLN G 2487 -22.88 65.41 -84.48
CA GLN G 2487 -21.87 65.20 -83.46
C GLN G 2487 -22.30 64.14 -82.46
N PRO G 2488 -21.36 63.38 -81.90
CA PRO G 2488 -21.71 62.44 -80.85
C PRO G 2488 -22.01 63.18 -79.56
N LYS G 2489 -22.76 62.51 -78.68
CA LYS G 2489 -23.03 63.03 -77.35
C LYS G 2489 -21.93 62.53 -76.43
N MET G 2490 -21.03 63.43 -76.03
CA MET G 2490 -19.84 63.03 -75.30
C MET G 2490 -20.18 62.39 -73.96
N SER G 2491 -21.36 62.67 -73.42
CA SER G 2491 -21.79 62.12 -72.15
C SER G 2491 -22.47 60.76 -72.30
N ALA G 2492 -22.60 60.26 -73.53
CA ALA G 2492 -23.24 58.97 -73.75
C ALA G 2492 -22.53 58.16 -74.83
N SER G 2493 -21.21 58.26 -74.92
CA SER G 2493 -20.48 57.59 -75.97
C SER G 2493 -19.05 57.32 -75.52
N PHE G 2494 -18.37 56.47 -76.28
CA PHE G 2494 -16.95 56.22 -76.07
C PHE G 2494 -16.16 57.49 -76.34
N VAL G 2495 -15.28 57.85 -75.41
CA VAL G 2495 -14.58 59.13 -75.49
C VAL G 2495 -13.08 58.86 -75.33
N PRO G 2496 -12.24 59.76 -75.84
CA PRO G 2496 -10.79 59.52 -75.79
C PRO G 2496 -10.19 59.46 -74.39
N ASP G 2497 -10.88 59.97 -73.36
CA ASP G 2497 -10.36 59.83 -72.01
C ASP G 2497 -10.24 58.36 -71.62
N HIS G 2498 -11.20 57.55 -72.07
CA HIS G 2498 -11.15 56.11 -71.84
C HIS G 2498 -9.88 55.52 -72.42
N LYS G 2499 -9.52 55.94 -73.63
CA LYS G 2499 -8.28 55.47 -74.24
C LYS G 2499 -7.05 56.00 -73.50
N ALA G 2500 -7.14 57.24 -73.01
CA ALA G 2500 -6.00 57.84 -72.32
C ALA G 2500 -5.65 57.05 -71.06
N SER G 2501 -6.68 56.57 -70.36
CA SER G 2501 -6.41 55.74 -69.19
C SER G 2501 -5.64 54.48 -69.56
N MET G 2502 -6.05 53.81 -70.64
CA MET G 2502 -5.34 52.61 -71.08
C MET G 2502 -3.92 52.94 -71.51
N VAL G 2503 -3.72 54.09 -72.15
CA VAL G 2503 -2.37 54.49 -72.55
C VAL G 2503 -1.48 54.70 -71.33
N LEU G 2504 -2.03 55.34 -70.29
CA LEU G 2504 -1.25 55.53 -69.07
C LEU G 2504 -0.87 54.19 -68.45
N PHE G 2505 -1.83 53.27 -68.38
CA PHE G 2505 -1.53 51.96 -67.82
C PHE G 2505 -0.47 51.24 -68.65
N LEU G 2506 -0.60 51.29 -69.97
CA LEU G 2506 0.35 50.62 -70.84
C LEU G 2506 1.75 51.20 -70.67
N ASP G 2507 1.86 52.51 -70.54
CA ASP G 2507 3.15 53.15 -70.36
C ASP G 2507 3.77 52.76 -69.02
N ARG G 2508 3.01 52.91 -67.94
CA ARG G 2508 3.59 52.75 -66.62
C ARG G 2508 3.85 51.28 -66.28
N VAL G 2509 2.92 50.40 -66.62
CA VAL G 2509 3.02 49.00 -66.24
C VAL G 2509 3.82 48.21 -67.27
N TYR G 2510 3.35 48.16 -68.51
CA TYR G 2510 4.00 47.36 -69.54
C TYR G 2510 5.18 48.10 -70.18
N GLY G 2511 4.95 49.32 -70.64
CA GLY G 2511 5.98 50.08 -71.30
C GLY G 2511 6.30 49.56 -72.68
N ILE G 2512 6.82 50.45 -73.52
CA ILE G 2512 7.19 50.14 -74.90
C ILE G 2512 8.68 49.91 -74.90
N GLU G 2513 9.10 48.70 -75.31
CA GLU G 2513 10.51 48.36 -75.28
C GLU G 2513 11.04 47.78 -76.59
N ASN G 2514 10.18 47.42 -77.53
CA ASN G 2514 10.63 46.85 -78.79
C ASN G 2514 9.99 47.58 -79.95
N GLN G 2515 10.78 47.76 -81.01
CA GLN G 2515 10.38 48.57 -82.15
C GLN G 2515 9.18 47.96 -82.87
N ASP G 2516 9.16 46.65 -83.03
CA ASP G 2516 8.06 46.01 -83.72
C ASP G 2516 6.75 46.23 -82.99
N PHE G 2517 6.75 46.11 -81.66
CA PHE G 2517 5.53 46.36 -80.91
C PHE G 2517 5.16 47.84 -80.95
N LEU G 2518 6.14 48.73 -80.94
CA LEU G 2518 5.82 50.15 -81.05
C LEU G 2518 5.10 50.44 -82.36
N LEU G 2519 5.59 49.87 -83.46
CA LEU G 2519 4.92 50.07 -84.75
C LEU G 2519 3.55 49.41 -84.76
N HIS G 2520 3.42 48.25 -84.12
CA HIS G 2520 2.12 47.60 -84.07
C HIS G 2520 1.10 48.44 -83.32
N VAL G 2521 1.52 49.08 -82.23
CA VAL G 2521 0.60 49.96 -81.52
C VAL G 2521 0.28 51.18 -82.39
N LEU G 2522 1.30 51.75 -83.05
CA LEU G 2522 1.08 52.95 -83.84
C LEU G 2522 0.07 52.72 -84.95
N ASP G 2523 0.25 51.65 -85.73
CA ASP G 2523 -0.53 51.54 -86.95
C ASP G 2523 -1.95 51.06 -86.72
N VAL G 2524 -2.30 50.62 -85.52
CA VAL G 2524 -3.66 50.16 -85.24
C VAL G 2524 -4.38 51.06 -84.25
N GLY G 2525 -3.66 51.63 -83.28
CA GLY G 2525 -4.32 52.41 -82.25
C GLY G 2525 -4.10 53.90 -82.28
N PHE G 2526 -2.87 54.32 -82.57
CA PHE G 2526 -2.51 55.73 -82.46
C PHE G 2526 -2.66 56.48 -83.78
N LEU G 2527 -2.17 55.90 -84.87
CA LEU G 2527 -2.20 56.60 -86.15
C LEU G 2527 -3.61 56.93 -86.62
N PRO G 2528 -4.60 56.04 -86.54
CA PRO G 2528 -5.97 56.46 -86.91
C PRO G 2528 -6.48 57.62 -86.09
N ASP G 2529 -6.19 57.67 -84.80
CA ASP G 2529 -6.64 58.79 -83.98
C ASP G 2529 -5.91 60.08 -84.36
N MET G 2530 -4.61 59.98 -84.64
CA MET G 2530 -3.87 61.15 -85.10
C MET G 2530 -4.44 61.68 -86.40
N ARG G 2531 -4.75 60.78 -87.34
CA ARG G 2531 -5.34 61.20 -88.61
C ARG G 2531 -6.71 61.82 -88.40
N ALA G 2532 -7.52 61.25 -87.52
CA ALA G 2532 -8.84 61.81 -87.25
C ALA G 2532 -8.73 63.21 -86.68
N ALA G 2533 -7.83 63.40 -85.71
CA ALA G 2533 -7.65 64.73 -85.14
C ALA G 2533 -7.15 65.72 -86.18
N ALA G 2534 -6.25 65.28 -87.06
CA ALA G 2534 -5.80 66.16 -88.13
C ALA G 2534 -6.96 66.54 -89.05
N SER G 2535 -7.81 65.57 -89.38
CA SER G 2535 -8.93 65.83 -90.27
C SER G 2535 -9.92 66.80 -89.64
N LEU G 2536 -10.14 66.71 -88.33
CA LEU G 2536 -11.08 67.60 -87.68
C LEU G 2536 -10.61 69.04 -87.59
N ASP G 2537 -9.35 69.31 -87.92
CA ASP G 2537 -8.81 70.68 -87.85
C ASP G 2537 -9.16 71.44 -89.13
N THR G 2538 -10.45 71.72 -89.28
CA THR G 2538 -10.96 72.45 -90.43
C THR G 2538 -11.71 73.68 -89.94
N ALA G 2539 -12.38 74.37 -90.87
CA ALA G 2539 -13.12 75.57 -90.50
C ALA G 2539 -14.27 75.23 -89.55
N THR G 2540 -14.94 74.12 -89.78
CA THR G 2540 -16.15 73.77 -89.03
C THR G 2540 -15.85 72.92 -87.81
N PHE G 2541 -15.06 71.86 -87.97
CA PHE G 2541 -14.91 70.84 -86.94
C PHE G 2541 -13.87 71.18 -85.88
N SER G 2542 -13.11 72.26 -86.07
CA SER G 2542 -11.94 72.48 -85.23
C SER G 2542 -12.31 72.69 -83.77
N THR G 2543 -13.42 73.37 -83.51
CA THR G 2543 -13.83 73.70 -82.15
C THR G 2543 -14.83 72.70 -81.57
N THR G 2544 -15.10 71.61 -82.26
CA THR G 2544 -16.07 70.64 -81.76
C THR G 2544 -15.53 69.91 -80.54
N GLU G 2545 -16.47 69.41 -79.73
CA GLU G 2545 -16.10 68.74 -78.50
C GLU G 2545 -15.26 67.50 -78.78
N MET G 2546 -15.63 66.74 -79.81
CA MET G 2546 -14.87 65.55 -80.16
C MET G 2546 -13.45 65.91 -80.58
N ALA G 2547 -13.29 66.98 -81.35
CA ALA G 2547 -11.96 67.40 -81.78
C ALA G 2547 -11.12 67.84 -80.60
N LEU G 2548 -11.71 68.59 -79.67
CA LEU G 2548 -10.96 69.01 -78.49
C LEU G 2548 -10.57 67.81 -77.63
N ALA G 2549 -11.47 66.83 -77.51
CA ALA G 2549 -11.14 65.62 -76.77
C ALA G 2549 -9.99 64.87 -77.43
N LEU G 2550 -10.00 64.78 -78.76
CA LEU G 2550 -8.90 64.14 -79.46
C LEU G 2550 -7.60 64.89 -79.24
N ASN G 2551 -7.65 66.23 -79.25
CA ASN G 2551 -6.44 67.00 -79.02
C ASN G 2551 -5.89 66.75 -77.63
N ARG G 2552 -6.75 66.74 -76.61
CA ARG G 2552 -6.28 66.46 -75.26
C ARG G 2552 -5.71 65.05 -75.16
N TYR G 2553 -6.37 64.09 -75.78
CA TYR G 2553 -5.90 62.70 -75.73
C TYR G 2553 -4.54 62.56 -76.40
N LEU G 2554 -4.34 63.24 -77.52
CA LEU G 2554 -3.06 63.16 -78.20
C LEU G 2554 -1.96 63.88 -77.43
N CYS G 2555 -2.25 65.08 -76.93
CA CYS G 2555 -1.23 65.89 -76.31
C CYS G 2555 -0.96 65.51 -74.87
N LEU G 2556 -1.77 64.65 -74.27
CA LEU G 2556 -1.52 64.20 -72.92
C LEU G 2556 -1.21 62.72 -72.81
N ALA G 2557 -1.58 61.90 -73.79
CA ALA G 2557 -1.35 60.47 -73.73
C ALA G 2557 -0.45 59.96 -74.83
N VAL G 2558 -0.75 60.25 -76.09
CA VAL G 2558 -0.10 59.56 -77.20
C VAL G 2558 1.24 60.19 -77.54
N LEU G 2559 1.24 61.50 -77.77
CA LEU G 2559 2.45 62.16 -78.22
C LEU G 2559 3.59 62.13 -77.22
N PRO G 2560 3.39 62.37 -75.93
CA PRO G 2560 4.51 62.20 -74.99
C PRO G 2560 5.08 60.80 -74.99
N LEU G 2561 4.23 59.78 -75.12
CA LEU G 2561 4.72 58.41 -75.18
C LEU G 2561 5.54 58.19 -76.44
N ILE G 2562 5.09 58.72 -77.57
CA ILE G 2562 5.87 58.58 -78.80
C ILE G 2562 7.21 59.30 -78.67
N THR G 2563 7.21 60.48 -78.05
CA THR G 2563 8.46 61.19 -77.83
C THR G 2563 9.42 60.38 -76.97
N LYS G 2564 8.88 59.73 -75.93
CA LYS G 2564 9.72 58.85 -75.11
C LYS G 2564 10.27 57.70 -75.93
N CYS G 2565 9.45 57.12 -76.80
CA CYS G 2565 9.84 55.99 -77.62
C CYS G 2565 10.45 56.40 -78.95
N ALA G 2566 10.91 57.64 -79.06
CA ALA G 2566 11.53 58.10 -80.31
C ALA G 2566 12.75 57.29 -80.72
N PRO G 2567 13.68 56.92 -79.83
CA PRO G 2567 14.88 56.21 -80.30
C PRO G 2567 14.59 54.89 -80.97
N LEU G 2568 13.42 54.30 -80.76
CA LEU G 2568 13.09 53.02 -81.36
C LEU G 2568 12.84 53.11 -82.87
N PHE G 2569 12.81 54.31 -83.44
CA PHE G 2569 12.58 54.49 -84.86
C PHE G 2569 13.86 54.43 -85.68
N ALA G 2570 14.99 54.09 -85.06
CA ALA G 2570 16.27 54.15 -85.75
C ALA G 2570 16.33 53.21 -86.94
N GLY G 2571 15.80 52.00 -86.80
CA GLY G 2571 15.92 51.01 -87.85
C GLY G 2571 14.62 50.65 -88.54
N THR G 2572 13.81 51.66 -88.85
CA THR G 2572 12.48 51.44 -89.41
C THR G 2572 12.46 51.55 -90.92
N GLU G 2573 13.53 51.10 -91.59
CA GLU G 2573 13.55 51.11 -93.04
C GLU G 2573 12.40 50.31 -93.64
N HIS G 2574 12.03 49.21 -92.99
CA HIS G 2574 11.02 48.31 -93.56
C HIS G 2574 9.61 48.87 -93.49
N ARG G 2575 9.35 49.83 -92.61
CA ARG G 2575 8.03 50.43 -92.47
C ARG G 2575 8.09 51.91 -92.81
N ALA G 2576 8.81 52.24 -93.89
CA ALA G 2576 9.02 53.63 -94.25
C ALA G 2576 7.73 54.33 -94.60
N ILE G 2577 6.79 53.63 -95.25
CA ILE G 2577 5.52 54.26 -95.61
C ILE G 2577 4.78 54.69 -94.35
N MET G 2578 4.67 53.79 -93.37
CA MET G 2578 3.98 54.13 -92.12
C MET G 2578 4.69 55.26 -91.39
N VAL G 2579 6.02 55.21 -91.34
CA VAL G 2579 6.76 56.27 -90.65
C VAL G 2579 6.54 57.61 -91.32
N ASP G 2580 6.53 57.64 -92.65
CA ASP G 2580 6.30 58.89 -93.36
C ASP G 2580 4.88 59.40 -93.13
N SER G 2581 3.90 58.51 -93.15
CA SER G 2581 2.53 58.93 -92.87
C SER G 2581 2.41 59.51 -91.47
N MET G 2582 3.06 58.87 -90.50
CA MET G 2582 3.06 59.38 -89.13
C MET G 2582 3.72 60.74 -89.04
N LEU G 2583 4.85 60.94 -89.73
CA LEU G 2583 5.50 62.24 -89.73
C LEU G 2583 4.59 63.30 -90.34
N HIS G 2584 3.92 62.97 -91.43
CA HIS G 2584 3.02 63.93 -92.06
CA HIS G 2584 3.02 63.93 -92.05
C HIS G 2584 1.86 64.28 -91.13
N THR G 2585 1.29 63.28 -90.46
CA THR G 2585 0.17 63.55 -89.56
C THR G 2585 0.59 64.43 -88.39
N VAL G 2586 1.75 64.16 -87.80
CA VAL G 2586 2.18 64.98 -86.67
C VAL G 2586 2.52 66.39 -87.11
N TYR G 2587 3.11 66.54 -88.30
CA TYR G 2587 3.38 67.88 -88.80
C TYR G 2587 2.10 68.64 -89.09
N ARG G 2588 1.12 67.98 -89.70
CA ARG G 2588 -0.18 68.60 -89.92
C ARG G 2588 -0.79 69.04 -88.60
N LEU G 2589 -0.74 68.18 -87.59
CA LEU G 2589 -1.26 68.55 -86.28
C LEU G 2589 -0.56 69.78 -85.74
N SER G 2590 0.77 69.85 -85.91
CA SER G 2590 1.51 71.03 -85.46
C SER G 2590 0.98 72.28 -86.15
N ARG G 2591 0.73 72.20 -87.45
CA ARG G 2591 0.10 73.33 -88.13
C ARG G 2591 -1.41 73.32 -87.94
N GLY G 2592 -1.86 73.36 -86.69
CA GLY G 2592 -3.29 73.28 -86.44
C GLY G 2592 -3.85 74.48 -85.71
N ARG G 2593 -5.04 74.90 -86.10
CA ARG G 2593 -5.73 75.96 -85.38
C ARG G 2593 -6.43 75.37 -84.16
N SER G 2594 -6.95 76.26 -83.31
CA SER G 2594 -7.69 75.88 -82.11
C SER G 2594 -6.88 74.95 -81.21
N LEU G 2595 -5.58 75.19 -81.11
CA LEU G 2595 -4.72 74.44 -80.22
C LEU G 2595 -4.05 75.39 -79.23
N THR G 2596 -4.02 75.02 -77.97
CA THR G 2596 -3.34 75.84 -76.99
C THR G 2596 -1.83 75.78 -77.21
N LYS G 2597 -1.14 76.76 -76.65
CA LYS G 2597 0.32 76.80 -76.77
C LYS G 2597 0.94 75.57 -76.13
N ALA G 2598 0.39 75.11 -75.00
CA ALA G 2598 0.91 73.92 -74.35
C ALA G 2598 0.80 72.71 -75.26
N GLN G 2599 -0.34 72.53 -75.92
CA GLN G 2599 -0.50 71.42 -76.85
C GLN G 2599 0.44 71.56 -78.04
N ARG G 2600 0.58 72.78 -78.55
CA ARG G 2600 1.40 72.99 -79.74
C ARG G 2600 2.86 72.67 -79.46
N ASP G 2601 3.38 73.09 -78.30
CA ASP G 2601 4.77 72.81 -78.01
C ASP G 2601 5.00 71.31 -77.79
N VAL G 2602 4.01 70.61 -77.26
CA VAL G 2602 4.11 69.16 -77.14
C VAL G 2602 4.23 68.52 -78.52
N ILE G 2603 3.38 68.95 -79.45
CA ILE G 2603 3.44 68.40 -80.81
C ILE G 2603 4.79 68.70 -81.45
N GLU G 2604 5.28 69.93 -81.29
CA GLU G 2604 6.55 70.31 -81.88
C GLU G 2604 7.70 69.48 -81.29
N ASP G 2605 7.68 69.28 -79.97
CA ASP G 2605 8.72 68.47 -79.34
C ASP G 2605 8.68 67.04 -79.84
N CYS G 2606 7.48 66.49 -80.01
CA CYS G 2606 7.36 65.15 -80.57
C CYS G 2606 7.98 65.09 -81.96
N LEU G 2607 7.66 66.07 -82.81
CA LEU G 2607 8.19 66.06 -84.17
C LEU G 2607 9.71 66.15 -84.18
N MET G 2608 10.27 67.03 -83.35
CA MET G 2608 11.73 67.16 -83.30
C MET G 2608 12.37 65.88 -82.81
N ALA G 2609 11.80 65.26 -81.77
CA ALA G 2609 12.37 64.02 -81.25
C ALA G 2609 12.32 62.91 -82.30
N LEU G 2610 11.23 62.85 -83.05
CA LEU G 2610 11.12 61.86 -84.12
C LEU G 2610 12.20 62.07 -85.17
N CYS G 2611 12.31 63.30 -85.68
CA CYS G 2611 13.28 63.57 -86.73
C CYS G 2611 14.71 63.41 -86.25
N ARG G 2612 14.96 63.50 -84.95
CA ARG G 2612 16.32 63.31 -84.44
CA ARG G 2612 16.32 63.31 -84.44
C ARG G 2612 16.81 61.88 -84.64
N TYR G 2613 15.92 60.89 -84.50
CA TYR G 2613 16.33 59.50 -84.59
C TYR G 2613 15.96 58.84 -85.91
N ILE G 2614 15.02 59.39 -86.67
CA ILE G 2614 14.69 58.81 -87.97
C ILE G 2614 15.86 59.00 -88.92
N ARG G 2615 16.11 58.01 -89.76
CA ARG G 2615 17.20 58.09 -90.72
C ARG G 2615 16.93 59.20 -91.73
N PRO G 2616 17.99 59.83 -92.26
CA PRO G 2616 17.79 60.93 -93.22
C PRO G 2616 17.06 60.51 -94.48
N SER G 2617 17.13 59.23 -94.86
CA SER G 2617 16.49 58.81 -96.09
C SER G 2617 14.98 58.88 -95.99
N MET G 2618 14.41 58.70 -94.80
CA MET G 2618 12.97 58.70 -94.61
C MET G 2618 12.37 60.09 -94.53
N LEU G 2619 13.18 61.13 -94.34
CA LEU G 2619 12.68 62.48 -94.15
C LEU G 2619 12.50 63.24 -95.45
N GLN G 2620 12.60 62.56 -96.59
CA GLN G 2620 12.56 63.26 -97.87
C GLN G 2620 11.20 63.90 -98.13
N HIS G 2621 10.11 63.18 -97.85
CA HIS G 2621 8.79 63.75 -98.10
C HIS G 2621 8.49 64.90 -97.13
N LEU G 2622 8.91 64.77 -95.87
CA LEU G 2622 8.74 65.88 -94.94
C LEU G 2622 9.53 67.09 -95.40
N LEU G 2623 10.75 66.88 -95.91
CA LEU G 2623 11.53 67.98 -96.46
C LEU G 2623 10.80 68.59 -97.66
N ARG G 2624 10.16 67.76 -98.47
CA ARG G 2624 9.44 68.27 -99.63
C ARG G 2624 8.27 69.17 -99.20
N ARG G 2625 7.58 68.78 -98.13
CA ARG G 2625 6.51 69.63 -97.61
C ARG G 2625 7.07 70.92 -97.02
N LEU G 2626 8.19 70.82 -96.31
CA LEU G 2626 8.78 72.01 -95.70
C LEU G 2626 9.31 72.98 -96.75
N VAL G 2627 9.73 72.47 -97.91
CA VAL G 2627 10.17 73.36 -98.98
C VAL G 2627 9.02 74.24 -99.43
N PHE G 2628 7.80 73.69 -99.43
CA PHE G 2628 6.63 74.49 -99.78
C PHE G 2628 6.20 75.41 -98.65
N ASP G 2629 6.32 74.96 -97.40
CA ASP G 2629 5.70 75.66 -96.28
C ASP G 2629 6.61 76.64 -95.56
N VAL G 2630 7.93 76.54 -95.72
CA VAL G 2630 8.83 77.40 -94.96
C VAL G 2630 9.03 78.78 -95.59
N PRO G 2631 9.28 78.92 -96.90
CA PRO G 2631 9.71 80.22 -97.41
C PRO G 2631 8.73 81.37 -97.20
N ILE G 2632 7.44 81.10 -96.98
CA ILE G 2632 6.52 82.22 -96.75
C ILE G 2632 6.83 82.91 -95.43
N LEU G 2633 7.51 82.21 -94.52
CA LEU G 2633 8.07 82.80 -93.30
C LEU G 2633 7.01 83.52 -92.47
N ASN G 2634 5.86 82.89 -92.31
CA ASN G 2634 4.81 83.42 -91.45
C ASN G 2634 5.11 83.03 -90.00
N GLU G 2635 4.13 83.21 -89.12
CA GLU G 2635 4.31 82.88 -87.71
C GLU G 2635 4.46 81.38 -87.48
N PHE G 2636 4.13 80.56 -88.48
CA PHE G 2636 4.18 79.12 -88.31
C PHE G 2636 5.52 78.51 -88.69
N ALA G 2637 6.47 79.30 -89.17
CA ALA G 2637 7.70 78.77 -89.75
C ALA G 2637 8.81 78.57 -88.73
N LYS G 2638 8.61 78.98 -87.48
CA LYS G 2638 9.70 78.95 -86.51
C LYS G 2638 10.11 77.51 -86.18
N MET G 2639 9.13 76.67 -85.83
CA MET G 2639 9.44 75.27 -85.57
C MET G 2639 10.00 74.55 -86.80
N PRO G 2640 9.43 74.70 -88.00
CA PRO G 2640 10.07 74.08 -89.17
C PRO G 2640 11.49 74.54 -89.39
N LEU G 2641 11.79 75.83 -89.19
CA LEU G 2641 13.15 76.28 -89.39
C LEU G 2641 14.09 75.69 -88.36
N LYS G 2642 13.64 75.59 -87.10
CA LYS G 2642 14.47 74.95 -86.09
C LYS G 2642 14.70 73.49 -86.41
N LEU G 2643 13.66 72.82 -86.89
CA LEU G 2643 13.78 71.41 -87.28
C LEU G 2643 14.78 71.24 -88.41
N LEU G 2644 14.71 72.10 -89.41
CA LEU G 2644 15.66 72.03 -90.52
C LEU G 2644 17.08 72.29 -90.04
N THR G 2645 17.25 73.25 -89.14
CA THR G 2645 18.57 73.54 -88.58
C THR G 2645 19.15 72.30 -87.93
N ASN G 2646 18.39 71.67 -87.02
CA ASN G 2646 18.90 70.49 -86.34
C ASN G 2646 19.16 69.35 -87.33
N HIS G 2647 18.25 69.15 -88.28
CA HIS G 2647 18.38 68.04 -89.21
C HIS G 2647 19.63 68.17 -90.06
N TYR G 2648 19.88 69.37 -90.58
CA TYR G 2648 21.05 69.54 -91.44
C TYR G 2648 22.34 69.62 -90.64
N GLU G 2649 22.30 70.11 -89.40
CA GLU G 2649 23.50 70.09 -88.58
C GLU G 2649 23.88 68.67 -88.21
N ARG G 2650 22.90 67.83 -87.91
CA ARG G 2650 23.20 66.45 -87.52
C ARG G 2650 23.59 65.61 -88.74
N CYS G 2651 22.88 65.75 -89.84
CA CYS G 2651 23.03 64.88 -91.00
C CYS G 2651 23.75 65.57 -92.15
N TRP G 2652 24.77 66.38 -91.84
CA TRP G 2652 25.41 67.15 -92.91
C TRP G 2652 26.31 66.28 -93.78
N LYS G 2653 26.91 65.24 -93.21
CA LYS G 2653 27.77 64.37 -94.01
C LYS G 2653 26.98 63.67 -95.10
N TYR G 2654 25.78 63.19 -94.78
CA TYR G 2654 24.95 62.47 -95.73
C TYR G 2654 24.68 63.28 -96.99
N TYR G 2655 24.65 64.60 -96.87
CA TYR G 2655 24.43 65.46 -98.03
C TYR G 2655 25.72 65.99 -98.63
N CYS G 2656 26.78 66.15 -97.84
CA CYS G 2656 27.99 66.78 -98.35
C CYS G 2656 28.99 65.76 -98.90
N LEU G 2657 29.40 64.80 -98.08
CA LEU G 2657 30.51 63.93 -98.46
C LEU G 2657 30.13 63.06 -99.65
N PRO G 2658 31.03 62.90 -100.63
CA PRO G 2658 30.72 62.04 -101.78
C PRO G 2658 30.45 60.60 -101.39
N THR G 2659 31.15 60.10 -100.37
CA THR G 2659 30.93 58.75 -99.90
C THR G 2659 29.71 58.63 -99.01
N GLY G 2660 29.16 59.75 -98.55
CA GLY G 2660 27.98 59.72 -97.71
C GLY G 2660 28.31 59.41 -96.26
N TRP G 2661 27.28 59.48 -95.43
CA TRP G 2661 27.43 59.19 -94.02
C TRP G 2661 27.67 57.70 -93.82
N ALA G 2662 28.33 57.36 -92.73
CA ALA G 2662 28.60 55.97 -92.42
C ALA G 2662 27.29 55.21 -92.21
N ASN G 2663 27.16 54.08 -92.90
CA ASN G 2663 26.01 53.17 -92.79
C ASN G 2663 24.67 53.88 -92.91
N PHE G 2664 24.63 55.04 -93.55
CA PHE G 2664 23.39 55.75 -93.81
C PHE G 2664 23.12 55.98 -95.28
N GLY G 2665 24.09 55.75 -96.16
CA GLY G 2665 23.92 56.01 -97.57
C GLY G 2665 24.33 57.42 -97.95
N VAL G 2666 24.01 57.77 -99.19
CA VAL G 2666 24.31 59.07 -99.74
C VAL G 2666 23.02 59.66 -100.30
N THR G 2667 23.01 60.99 -100.46
CA THR G 2667 21.85 61.67 -100.98
C THR G 2667 21.49 61.17 -102.38
N SER G 2668 20.25 61.44 -102.79
CA SER G 2668 19.69 60.83 -103.99
C SER G 2668 19.50 61.82 -105.13
N GLU G 2669 20.23 62.93 -105.12
CA GLU G 2669 20.23 63.90 -106.23
C GLU G 2669 18.88 64.60 -106.35
N GLU G 2670 17.89 64.15 -105.59
CA GLU G 2670 16.63 64.87 -105.43
C GLU G 2670 16.55 65.57 -104.10
N GLU G 2671 17.08 64.96 -103.04
CA GLU G 2671 17.18 65.65 -101.76
C GLU G 2671 18.08 66.87 -101.87
N LEU G 2672 19.15 66.78 -102.67
CA LEU G 2672 20.00 67.94 -102.88
C LEU G 2672 19.25 69.06 -103.59
N HIS G 2673 18.41 68.71 -104.57
CA HIS G 2673 17.60 69.73 -105.23
C HIS G 2673 16.62 70.37 -104.27
N LEU G 2674 15.97 69.56 -103.43
CA LEU G 2674 15.07 70.11 -102.44
C LEU G 2674 15.80 71.04 -101.48
N THR G 2675 17.01 70.64 -101.05
CA THR G 2675 17.79 71.46 -100.15
C THR G 2675 18.18 72.79 -100.79
N ARG G 2676 18.58 72.76 -102.06
CA ARG G 2676 18.93 73.99 -102.75
C ARG G 2676 17.72 74.91 -102.88
N LYS G 2677 16.57 74.35 -103.25
CA LYS G 2677 15.36 75.17 -103.34
C LYS G 2677 14.99 75.75 -101.99
N LEU G 2678 15.11 74.97 -100.93
CA LEU G 2678 14.83 75.47 -99.60
C LEU G 2678 15.75 76.63 -99.24
N PHE G 2679 17.05 76.46 -99.49
CA PHE G 2679 18.02 77.52 -99.18
C PHE G 2679 17.68 78.79 -99.92
N TRP G 2680 17.46 78.69 -101.23
CA TRP G 2680 17.23 79.91 -102.00
C TRP G 2680 15.89 80.54 -101.69
N GLY G 2681 14.86 79.73 -101.41
CA GLY G 2681 13.60 80.30 -101.01
C GLY G 2681 13.68 81.06 -99.71
N ILE G 2682 14.34 80.47 -98.70
CA ILE G 2682 14.51 81.17 -97.44
C ILE G 2682 15.33 82.44 -97.64
N PHE G 2683 16.39 82.36 -98.44
CA PHE G 2683 17.25 83.52 -98.67
C PHE G 2683 16.48 84.65 -99.33
N ASP G 2684 15.76 84.35 -100.41
CA ASP G 2684 15.03 85.38 -101.12
C ASP G 2684 13.93 85.98 -100.26
N SER G 2685 13.20 85.14 -99.52
CA SER G 2685 12.15 85.66 -98.66
C SER G 2685 12.70 86.56 -97.57
N LEU G 2686 13.83 86.15 -96.97
CA LEU G 2686 14.40 86.95 -95.90
C LEU G 2686 15.00 88.24 -96.43
N ALA G 2687 15.46 88.25 -97.68
CA ALA G 2687 15.99 89.47 -98.26
C ALA G 2687 14.93 90.55 -98.40
N HIS G 2688 13.66 90.16 -98.53
CA HIS G 2688 12.58 91.12 -98.68
C HIS G 2688 11.76 91.35 -97.42
N LYS G 2689 11.79 90.42 -96.48
CA LYS G 2689 11.03 90.60 -95.25
C LYS G 2689 11.54 91.79 -94.46
N LYS G 2690 10.62 92.58 -93.93
CA LYS G 2690 10.98 93.67 -93.03
C LYS G 2690 11.69 93.10 -91.81
N TYR G 2691 12.73 93.80 -91.37
CA TYR G 2691 13.59 93.28 -90.31
C TYR G 2691 12.80 92.94 -89.06
N ASP G 2692 12.82 91.67 -88.70
CA ASP G 2692 12.31 91.20 -87.42
C ASP G 2692 13.41 90.41 -86.74
N GLN G 2693 13.81 90.86 -85.55
CA GLN G 2693 14.93 90.22 -84.85
C GLN G 2693 14.58 88.77 -84.52
N GLU G 2694 13.34 88.52 -84.11
CA GLU G 2694 12.94 87.15 -83.79
C GLU G 2694 13.08 86.24 -85.00
N LEU G 2695 12.67 86.71 -86.17
CA LEU G 2695 12.80 85.91 -87.38
C LEU G 2695 14.26 85.70 -87.74
N TYR G 2696 15.06 86.76 -87.67
CA TYR G 2696 16.46 86.68 -88.08
C TYR G 2696 17.27 85.74 -87.20
N ARG G 2697 17.08 85.81 -85.88
CA ARG G 2697 17.97 85.08 -84.98
C ARG G 2697 17.90 83.58 -85.23
N MET G 2698 16.71 83.07 -85.55
CA MET G 2698 16.51 81.66 -85.83
C MET G 2698 16.29 81.34 -87.30
N ALA G 2699 16.46 82.31 -88.21
CA ALA G 2699 16.54 81.97 -89.62
C ALA G 2699 17.97 81.89 -90.11
N MET G 2700 18.86 82.68 -89.51
CA MET G 2700 20.27 82.63 -89.89
C MET G 2700 20.90 81.25 -89.70
N PRO G 2701 20.74 80.57 -88.55
CA PRO G 2701 21.35 79.25 -88.41
C PRO G 2701 20.84 78.24 -89.40
N CYS G 2702 19.57 78.32 -89.81
CA CYS G 2702 19.07 77.38 -90.80
C CYS G 2702 19.79 77.56 -92.12
N LEU G 2703 19.99 78.81 -92.55
CA LEU G 2703 20.74 79.05 -93.78
C LEU G 2703 22.16 78.55 -93.67
N CYS G 2704 22.80 78.80 -92.52
CA CYS G 2704 24.17 78.32 -92.35
C CYS G 2704 24.24 76.80 -92.43
N ALA G 2705 23.32 76.11 -91.76
CA ALA G 2705 23.33 74.65 -91.78
C ALA G 2705 23.07 74.12 -93.18
N ILE G 2706 22.12 74.71 -93.90
CA ILE G 2706 21.82 74.24 -95.25
C ILE G 2706 23.02 74.45 -96.16
N ALA G 2707 23.66 75.62 -96.08
CA ALA G 2707 24.82 75.89 -96.92
C ALA G 2707 25.96 74.95 -96.59
N GLY G 2708 26.16 74.64 -95.31
CA GLY G 2708 27.16 73.65 -94.95
C GLY G 2708 26.84 72.25 -95.43
N ALA G 2709 25.56 71.91 -95.52
CA ALA G 2709 25.16 70.60 -96.00
C ALA G 2709 25.30 70.45 -97.51
N LEU G 2710 24.94 71.46 -98.27
CA LEU G 2710 25.01 71.35 -99.73
C LEU G 2710 26.45 71.30 -100.19
N PRO G 2711 26.82 70.37 -101.07
CA PRO G 2711 28.17 70.38 -101.64
C PRO G 2711 28.41 71.64 -102.43
N PRO G 2712 29.61 72.21 -102.37
CA PRO G 2712 29.87 73.46 -103.08
C PRO G 2712 29.73 73.35 -104.58
N ASP G 2713 30.06 72.20 -105.15
CA ASP G 2713 30.05 72.01 -106.59
C ASP G 2713 28.80 71.32 -107.09
N TYR G 2714 27.75 71.23 -106.27
CA TYR G 2714 26.54 70.56 -106.68
C TYR G 2714 25.90 71.26 -107.86
N VAL G 2715 25.51 70.49 -108.87
CA VAL G 2715 24.84 71.00 -110.06
C VAL G 2715 23.49 70.29 -110.16
N ASP G 2716 22.42 71.08 -110.11
CA ASP G 2716 21.08 70.52 -110.20
C ASP G 2716 20.77 70.15 -111.65
N ALA G 2717 20.23 68.95 -111.85
CA ALA G 2717 19.92 68.50 -113.20
C ALA G 2717 18.87 69.39 -113.85
N SER G 2718 17.83 69.75 -113.10
CA SER G 2718 16.75 70.60 -113.62
C SER G 2718 17.03 72.03 -113.19
N TYR G 2719 17.86 72.71 -113.98
CA TYR G 2719 18.23 74.10 -113.69
C TYR G 2719 17.18 75.03 -114.31
N SER G 2720 15.97 74.94 -113.76
CA SER G 2720 14.87 75.78 -114.20
C SER G 2720 13.82 75.82 -113.09
N SER G 2721 13.02 76.88 -113.10
CA SER G 2721 11.98 77.06 -112.10
C SER G 2721 10.83 77.85 -112.69
N LYS G 2722 9.65 77.68 -112.08
CA LYS G 2722 8.48 78.43 -112.52
C LYS G 2722 8.55 79.88 -112.05
N ALA G 2723 9.24 80.14 -110.94
CA ALA G 2723 9.35 81.48 -110.35
C ALA G 2723 7.97 82.05 -110.02
N GLU G 2724 7.08 81.20 -109.54
CA GLU G 2724 5.73 81.59 -109.14
C GLU G 2724 5.69 81.88 -107.65
N LYS G 2725 4.64 82.59 -107.24
CA LYS G 2725 4.42 82.96 -105.84
C LYS G 2725 5.60 83.73 -105.26
N ASN G 2734 -5.59 72.82 -97.80
CA ASN G 2734 -4.94 71.60 -98.29
C ASN G 2734 -4.39 71.81 -99.70
N PHE G 2735 -4.52 70.78 -100.54
CA PHE G 2735 -4.03 70.81 -101.91
C PHE G 2735 -5.22 70.72 -102.85
N ASP G 2736 -5.31 71.67 -103.79
CA ASP G 2736 -6.40 71.71 -104.76
C ASP G 2736 -5.83 71.70 -106.18
N PRO G 2737 -5.70 70.53 -106.80
CA PRO G 2737 -5.15 70.49 -108.17
C PRO G 2737 -6.13 71.02 -109.20
N ARG G 2738 -5.78 72.15 -109.82
CA ARG G 2738 -6.68 72.78 -110.79
C ARG G 2738 -6.65 72.01 -112.11
N PRO G 2739 -7.80 71.62 -112.66
CA PRO G 2739 -7.81 71.02 -113.99
C PRO G 2739 -7.62 72.07 -115.08
N VAL G 2740 -7.65 71.64 -116.33
CA VAL G 2740 -7.58 72.56 -117.47
C VAL G 2740 -8.93 72.58 -118.17
N GLU G 2741 -9.49 73.77 -118.32
CA GLU G 2741 -10.83 73.93 -118.89
C GLU G 2741 -10.75 73.74 -120.39
N THR G 2742 -11.43 72.70 -120.89
CA THR G 2742 -11.42 72.37 -122.32
C THR G 2742 -12.80 72.34 -122.95
N LEU G 2743 -13.87 72.13 -122.19
CA LEU G 2743 -15.21 72.07 -122.78
C LEU G 2743 -15.65 73.44 -123.30
N ASN G 2744 -15.18 74.53 -122.66
CA ASN G 2744 -15.57 75.85 -123.10
C ASN G 2744 -15.06 76.15 -124.51
N VAL G 2745 -13.82 75.78 -124.81
CA VAL G 2745 -13.23 76.05 -126.10
C VAL G 2745 -13.64 74.95 -127.08
N ILE G 2746 -13.83 75.33 -128.34
CA ILE G 2746 -14.24 74.39 -129.37
C ILE G 2746 -13.06 73.53 -129.79
N ILE G 2747 -13.29 72.22 -129.89
CA ILE G 2747 -12.28 71.27 -130.33
C ILE G 2747 -12.08 71.46 -131.84
N PRO G 2748 -10.85 71.35 -132.35
CA PRO G 2748 -10.68 71.26 -133.80
C PRO G 2748 -10.86 69.83 -134.27
N GLU G 2749 -11.69 69.66 -135.31
CA GLU G 2749 -12.00 68.34 -135.83
C GLU G 2749 -11.35 68.09 -137.20
N LYS G 2750 -10.30 68.83 -137.53
CA LYS G 2750 -9.58 68.59 -138.77
C LYS G 2750 -8.74 67.31 -138.71
N LEU G 2751 -8.58 66.72 -137.53
CA LEU G 2751 -7.81 65.50 -137.35
C LEU G 2751 -8.68 64.35 -136.82
N ASP G 2752 -9.96 64.35 -137.18
CA ASP G 2752 -10.86 63.29 -136.72
C ASP G 2752 -10.41 61.91 -137.18
N SER G 2753 -9.73 61.84 -138.33
CA SER G 2753 -9.19 60.56 -138.78
C SER G 2753 -8.22 59.96 -137.76
N PHE G 2754 -7.51 60.82 -137.03
CA PHE G 2754 -6.73 60.35 -135.89
C PHE G 2754 -7.56 60.19 -134.64
N ILE G 2755 -8.47 61.13 -134.37
CA ILE G 2755 -9.23 61.11 -133.12
C ILE G 2755 -9.99 59.80 -132.97
N ASN G 2756 -10.90 59.52 -133.90
CA ASN G 2756 -11.73 58.33 -133.79
C ASN G 2756 -10.91 57.04 -133.88
N LYS G 2757 -9.93 57.02 -134.79
CA LYS G 2757 -9.13 55.82 -134.98
C LYS G 2757 -8.37 55.47 -133.70
N PHE G 2758 -7.70 56.44 -133.08
CA PHE G 2758 -7.00 56.18 -131.83
C PHE G 2758 -7.94 55.91 -130.67
N ALA G 2759 -9.12 56.55 -130.66
CA ALA G 2759 -10.08 56.33 -129.59
C ALA G 2759 -10.55 54.88 -129.58
N GLU G 2760 -10.84 54.31 -130.74
CA GLU G 2760 -11.14 52.89 -130.81
C GLU G 2760 -9.87 52.02 -130.72
N TYR G 2761 -8.71 52.59 -131.04
CA TYR G 2761 -7.48 51.82 -131.03
C TYR G 2761 -7.01 51.53 -129.61
N THR G 2762 -7.37 52.39 -128.65
CA THR G 2762 -7.07 52.09 -127.25
C THR G 2762 -7.78 50.82 -126.80
N HIS G 2763 -9.06 50.68 -127.12
CA HIS G 2763 -9.77 49.46 -126.77
C HIS G 2763 -9.32 48.28 -127.61
N GLU G 2764 -8.90 48.54 -128.86
CA GLU G 2764 -8.30 47.48 -129.66
C GLU G 2764 -7.02 46.97 -129.02
N LYS G 2765 -6.22 47.87 -128.44
CA LYS G 2765 -5.02 47.46 -127.71
C LYS G 2765 -5.37 46.71 -126.44
N TRP G 2766 -6.46 47.10 -125.77
CA TRP G 2766 -6.95 46.29 -124.66
C TRP G 2766 -7.30 44.88 -125.11
N ALA G 2767 -7.80 44.74 -126.34
CA ALA G 2767 -8.08 43.41 -126.88
C ALA G 2767 -6.81 42.57 -126.96
N PHE G 2768 -5.70 43.17 -127.40
CA PHE G 2768 -4.42 42.46 -127.41
C PHE G 2768 -3.91 42.19 -126.00
N ASP G 2769 -4.15 43.12 -125.07
CA ASP G 2769 -3.84 42.86 -123.66
C ASP G 2769 -4.60 41.64 -123.16
N LYS G 2770 -5.81 41.41 -123.68
CA LYS G 2770 -6.56 40.22 -123.30
C LYS G 2770 -5.83 38.94 -123.73
N ILE G 2771 -5.30 38.90 -124.95
CA ILE G 2771 -4.56 37.70 -125.37
C ILE G 2771 -3.23 37.61 -124.62
N GLN G 2772 -2.70 38.74 -124.17
CA GLN G 2772 -1.52 38.70 -123.30
C GLN G 2772 -1.88 38.21 -121.90
N ASN G 2773 -3.16 38.27 -121.52
CA ASN G 2773 -3.61 37.77 -120.23
C ASN G 2773 -3.78 36.25 -120.22
N ASN G 2774 -3.62 35.60 -121.38
CA ASN G 2774 -3.79 34.16 -121.59
C ASN G 2774 -5.24 33.71 -121.52
N TRP G 2775 -6.18 34.62 -121.26
CA TRP G 2775 -7.60 34.33 -121.31
C TRP G 2775 -8.23 35.13 -122.43
N SER G 2776 -8.90 34.45 -123.35
CA SER G 2776 -9.41 35.08 -124.55
C SER G 2776 -10.65 35.94 -124.23
N TYR G 2777 -11.14 36.64 -125.24
CA TYR G 2777 -12.31 37.47 -125.11
C TYR G 2777 -13.58 36.63 -125.20
N GLY G 2778 -14.63 37.10 -124.53
CA GLY G 2778 -15.91 36.43 -124.54
C GLY G 2778 -17.04 37.39 -124.83
N GLU G 2779 -18.15 36.82 -125.30
CA GLU G 2779 -19.33 37.62 -125.66
C GLU G 2779 -20.27 37.79 -124.48
N ASN G 2780 -20.60 36.71 -123.79
CA ASN G 2780 -21.53 36.77 -122.67
C ASN G 2780 -20.91 37.51 -121.50
N VAL G 2781 -21.76 38.21 -120.74
CA VAL G 2781 -21.31 38.92 -119.56
C VAL G 2781 -21.12 37.92 -118.43
N ASP G 2782 -19.91 37.89 -117.86
CA ASP G 2782 -19.59 36.95 -116.80
C ASP G 2782 -18.47 37.51 -115.94
N GLU G 2783 -18.53 37.20 -114.65
CA GLU G 2783 -17.52 37.63 -113.69
C GLU G 2783 -16.49 36.55 -113.40
N GLU G 2784 -16.60 35.38 -114.02
CA GLU G 2784 -15.64 34.31 -113.82
C GLU G 2784 -14.42 34.42 -114.72
N LEU G 2785 -14.52 35.13 -115.84
CA LEU G 2785 -13.43 35.25 -116.79
C LEU G 2785 -12.40 36.31 -116.39
N LYS G 2786 -12.67 37.06 -115.32
CA LYS G 2786 -11.81 38.12 -114.79
C LYS G 2786 -11.21 39.00 -115.88
N THR G 2787 -11.95 39.18 -116.97
CA THR G 2787 -11.54 40.02 -118.09
C THR G 2787 -12.71 40.87 -118.54
N HIS G 2788 -12.58 41.52 -119.70
CA HIS G 2788 -13.69 42.28 -120.25
C HIS G 2788 -14.77 41.31 -120.73
N PRO G 2789 -15.99 41.39 -120.19
CA PRO G 2789 -17.01 40.39 -120.57
C PRO G 2789 -17.73 40.70 -121.87
N MET G 2790 -17.64 41.94 -122.37
CA MET G 2790 -18.35 42.34 -123.58
C MET G 2790 -17.41 42.52 -124.77
N LEU G 2791 -16.19 41.98 -124.71
CA LEU G 2791 -15.25 42.11 -125.81
C LEU G 2791 -15.61 41.11 -126.91
N ARG G 2792 -15.99 41.64 -128.07
CA ARG G 2792 -16.50 40.84 -129.16
C ARG G 2792 -15.76 41.17 -130.45
N PRO G 2793 -15.69 40.21 -131.38
CA PRO G 2793 -15.03 40.49 -132.67
C PRO G 2793 -15.77 41.56 -133.45
N TYR G 2794 -15.02 42.30 -134.26
CA TYR G 2794 -15.57 43.44 -134.98
C TYR G 2794 -16.74 43.06 -135.87
N LYS G 2795 -16.82 41.80 -136.31
CA LYS G 2795 -17.98 41.35 -137.05
C LYS G 2795 -19.24 41.42 -136.19
N THR G 2796 -19.13 41.02 -134.92
CA THR G 2796 -20.27 41.01 -134.00
C THR G 2796 -20.05 41.95 -132.81
N PHE G 2797 -19.19 42.95 -132.95
CA PHE G 2797 -18.93 43.91 -131.88
C PHE G 2797 -19.92 45.07 -132.01
N SER G 2798 -20.76 45.24 -131.00
CA SER G 2798 -21.71 46.34 -131.01
C SER G 2798 -20.99 47.67 -130.86
N GLU G 2799 -21.49 48.70 -131.56
CA GLU G 2799 -20.89 50.02 -131.52
C GLU G 2799 -21.33 50.84 -130.32
N LYS G 2800 -22.26 50.32 -129.50
CA LYS G 2800 -22.66 51.05 -128.30
C LYS G 2800 -21.49 51.24 -127.34
N ASP G 2801 -20.67 50.20 -127.18
CA ASP G 2801 -19.47 50.34 -126.36
C ASP G 2801 -18.38 51.12 -127.07
N LYS G 2802 -18.30 51.02 -128.40
CA LYS G 2802 -17.29 51.77 -129.15
C LYS G 2802 -17.55 53.26 -129.09
N GLU G 2803 -18.81 53.67 -128.99
CA GLU G 2803 -19.17 55.09 -128.96
C GLU G 2803 -19.19 55.66 -127.55
N ILE G 2804 -18.80 54.88 -126.54
CA ILE G 2804 -18.64 55.40 -125.19
C ILE G 2804 -17.21 55.28 -124.67
N TYR G 2805 -16.35 54.52 -125.34
CA TYR G 2805 -14.95 54.43 -124.96
C TYR G 2805 -14.11 55.56 -125.54
N ARG G 2806 -14.65 56.34 -126.48
CA ARG G 2806 -13.90 57.40 -127.13
C ARG G 2806 -13.81 58.68 -126.31
N TRP G 2807 -14.66 58.82 -125.29
CA TRP G 2807 -14.67 60.06 -124.50
C TRP G 2807 -13.35 60.34 -123.79
N PRO G 2808 -12.68 59.37 -123.14
CA PRO G 2808 -11.37 59.68 -122.55
C PRO G 2808 -10.36 60.16 -123.58
N ILE G 2809 -10.37 59.60 -124.80
CA ILE G 2809 -9.44 60.05 -125.82
C ILE G 2809 -9.81 61.44 -126.31
N LYS G 2810 -11.11 61.72 -126.43
CA LYS G 2810 -11.56 63.08 -126.77
C LYS G 2810 -11.01 64.09 -125.77
N GLU G 2811 -11.19 63.80 -124.48
CA GLU G 2811 -10.72 64.73 -123.45
C GLU G 2811 -9.20 64.79 -123.41
N SER G 2812 -8.52 63.68 -123.72
CA SER G 2812 -7.07 63.69 -123.79
C SER G 2812 -6.57 64.62 -124.88
N LEU G 2813 -7.17 64.55 -126.07
CA LEU G 2813 -6.77 65.45 -127.14
C LEU G 2813 -7.14 66.90 -126.81
N LYS G 2814 -8.28 67.13 -126.16
CA LYS G 2814 -8.62 68.47 -125.71
C LYS G 2814 -7.57 69.01 -124.75
N ALA G 2815 -7.13 68.17 -123.80
CA ALA G 2815 -6.12 68.60 -122.83
C ALA G 2815 -4.80 68.88 -123.51
N MET G 2816 -4.39 68.03 -124.46
CA MET G 2816 -3.12 68.24 -125.14
C MET G 2816 -3.15 69.44 -126.08
N ILE G 2817 -4.31 69.83 -126.57
CA ILE G 2817 -4.37 70.98 -127.49
C ILE G 2817 -4.71 72.28 -126.75
N ALA G 2818 -5.18 72.21 -125.51
CA ALA G 2818 -5.44 73.42 -124.75
C ALA G 2818 -4.14 74.13 -124.34
N TRP G 2819 -3.10 73.36 -124.04
CA TRP G 2819 -1.85 73.94 -123.57
C TRP G 2819 -1.02 74.52 -124.71
N GLU G 2820 -1.62 75.46 -125.47
CA GLU G 2820 -0.99 76.18 -126.57
C GLU G 2820 -0.09 75.31 -127.44
N TRP G 2821 -0.55 74.10 -127.75
CA TRP G 2821 0.20 73.15 -128.57
C TRP G 2821 -0.62 72.84 -129.81
N THR G 2822 -0.41 73.62 -130.86
CA THR G 2822 -1.07 73.36 -132.13
C THR G 2822 -0.52 72.08 -132.76
N ILE G 2823 -1.39 71.33 -133.41
CA ILE G 2823 -1.03 70.05 -134.01
C ILE G 2823 -1.13 70.18 -135.52
N GLU G 2824 -0.06 69.77 -136.21
CA GLU G 2824 0.00 69.81 -137.67
C GLU G 2824 0.28 68.41 -138.20
N LYS G 2825 -0.44 68.05 -139.26
CA LYS G 2825 -0.27 66.74 -139.91
C LYS G 2825 0.85 66.87 -140.93
N ALA G 2826 2.06 66.47 -140.52
CA ALA G 2826 3.20 66.50 -141.44
C ALA G 2826 2.98 65.52 -142.60
N ARG G 2827 2.45 64.35 -142.30
CA ARG G 2827 2.19 63.35 -143.33
C ARG G 2827 0.79 63.54 -143.91
N GLU G 2828 0.52 62.81 -145.01
CA GLU G 2828 -0.80 62.78 -145.62
C GLU G 2828 -0.99 61.40 -146.24
N GLY G 2829 -1.69 60.53 -145.53
CA GLY G 2829 -1.92 59.18 -145.99
C GLY G 2829 -3.17 58.59 -145.40
N GLU G 2830 -3.29 57.27 -145.53
CA GLU G 2830 -4.45 56.51 -145.03
C GLU G 2830 -5.76 57.05 -145.61
N TYR G 2855 -10.64 40.97 -136.17
CA TYR G 2855 -10.62 41.81 -134.98
C TYR G 2855 -9.30 41.65 -134.24
N ASN G 2856 -8.30 42.43 -134.64
CA ASN G 2856 -6.97 42.33 -134.06
C ASN G 2856 -6.16 43.59 -134.38
N PRO G 2857 -5.55 44.23 -133.38
CA PRO G 2857 -4.67 45.38 -133.66
C PRO G 2857 -3.33 44.93 -134.25
N GLN G 2858 -3.30 44.73 -135.57
CA GLN G 2858 -2.07 44.26 -136.20
C GLN G 2858 -0.91 45.22 -136.02
N PRO G 2859 -1.05 46.53 -136.26
CA PRO G 2859 0.03 47.45 -135.89
C PRO G 2859 0.10 47.62 -134.38
N PRO G 2860 1.25 47.35 -133.78
CA PRO G 2860 1.34 47.41 -132.32
C PRO G 2860 1.71 48.79 -131.79
N ASP G 2861 0.92 49.29 -130.83
CA ASP G 2861 1.24 50.53 -130.14
C ASP G 2861 2.01 50.20 -128.88
N LEU G 2862 3.25 50.64 -128.81
CA LEU G 2862 4.13 50.38 -127.67
C LEU G 2862 4.55 51.71 -127.04
N SER G 2863 5.30 51.60 -125.94
CA SER G 2863 5.81 52.78 -125.26
C SER G 2863 7.26 52.62 -124.81
N GLY G 2864 7.93 51.53 -125.19
CA GLY G 2864 9.30 51.30 -124.78
C GLY G 2864 10.35 52.01 -125.61
N VAL G 2865 9.96 52.68 -126.68
CA VAL G 2865 10.92 53.37 -127.53
C VAL G 2865 11.12 54.78 -127.02
N THR G 2866 12.29 55.34 -127.30
CA THR G 2866 12.66 56.66 -126.83
C THR G 2866 12.02 57.74 -127.70
N LEU G 2867 12.21 59.00 -127.30
CA LEU G 2867 11.62 60.12 -128.00
C LEU G 2867 12.41 61.37 -127.69
N SER G 2868 12.21 62.40 -128.51
CA SER G 2868 12.93 63.66 -128.36
C SER G 2868 12.55 64.36 -127.05
N ARG G 2869 13.51 65.11 -126.50
CA ARG G 2869 13.30 65.76 -125.21
C ARG G 2869 12.26 66.86 -125.27
N GLU G 2870 12.29 67.67 -126.33
CA GLU G 2870 11.33 68.77 -126.45
CA GLU G 2870 11.33 68.77 -126.45
C GLU G 2870 9.90 68.25 -126.50
N LEU G 2871 9.66 67.18 -127.25
CA LEU G 2871 8.32 66.63 -127.36
C LEU G 2871 7.93 65.83 -126.12
N GLN G 2872 8.89 65.15 -125.50
CA GLN G 2872 8.61 64.42 -124.27
C GLN G 2872 8.30 65.37 -123.13
N ALA G 2873 8.80 66.60 -123.18
CA ALA G 2873 8.40 67.61 -122.20
C ALA G 2873 6.92 67.93 -122.33
N MET G 2874 6.43 68.10 -123.56
CA MET G 2874 5.00 68.31 -123.78
C MET G 2874 4.20 67.09 -123.32
N ALA G 2875 4.73 65.89 -123.58
CA ALA G 2875 4.05 64.68 -123.11
C ALA G 2875 3.96 64.62 -121.59
N GLU G 2876 5.05 64.99 -120.90
CA GLU G 2876 5.04 64.96 -119.44
C GLU G 2876 4.13 66.04 -118.87
N GLN G 2877 4.03 67.18 -119.56
CA GLN G 2877 3.09 68.20 -119.11
C GLN G 2877 1.65 67.76 -119.34
N LEU G 2878 1.41 67.02 -120.43
CA LEU G 2878 0.08 66.43 -120.64
C LEU G 2878 -0.25 65.43 -119.54
N ALA G 2879 0.74 64.64 -119.12
CA ALA G 2879 0.52 63.74 -117.98
C ALA G 2879 0.29 64.52 -116.69
N GLU G 2880 0.96 65.66 -116.54
CA GLU G 2880 0.68 66.55 -115.41
C GLU G 2880 -0.77 67.00 -115.43
N ASN G 2881 -1.28 67.36 -116.60
CA ASN G 2881 -2.69 67.76 -116.71
C ASN G 2881 -3.61 66.58 -116.40
N TYR G 2882 -3.25 65.38 -116.87
CA TYR G 2882 -3.99 64.18 -116.50
C TYR G 2882 -4.10 64.07 -114.99
N HIS G 2883 -2.95 64.18 -114.32
CA HIS G 2883 -2.92 63.99 -112.87
C HIS G 2883 -3.70 65.08 -112.15
N ASN G 2884 -3.62 66.33 -112.61
CA ASN G 2884 -4.32 67.39 -111.89
C ASN G 2884 -5.84 67.30 -112.12
N THR G 2885 -6.26 66.87 -113.30
CA THR G 2885 -7.68 66.63 -113.52
C THR G 2885 -8.18 65.48 -112.64
N TRP G 2886 -7.40 64.40 -112.55
CA TRP G 2886 -7.78 63.28 -111.69
C TRP G 2886 -7.85 63.71 -110.23
N GLY G 2887 -6.87 64.51 -109.79
CA GLY G 2887 -6.90 65.04 -108.44
C GLY G 2887 -8.07 65.97 -108.19
N ARG G 2888 -8.45 66.76 -109.19
CA ARG G 2888 -9.62 67.62 -109.05
C ARG G 2888 -10.88 66.78 -108.85
N LYS G 2889 -11.08 65.76 -109.70
CA LYS G 2889 -12.31 64.98 -109.58
C LYS G 2889 -12.32 64.13 -108.32
N LYS G 2890 -11.14 63.77 -107.80
CA LYS G 2890 -11.10 63.07 -106.52
C LYS G 2890 -11.35 64.03 -105.35
N LYS G 2891 -10.74 65.21 -105.39
CA LYS G 2891 -10.88 66.17 -104.31
C LYS G 2891 -12.27 66.78 -104.23
N GLN G 2892 -13.02 66.77 -105.33
CA GLN G 2892 -14.41 67.23 -105.26
C GLN G 2892 -15.22 66.33 -104.35
N GLU G 2893 -14.99 65.02 -104.41
CA GLU G 2893 -15.65 64.10 -103.49
C GLU G 2893 -15.02 64.16 -102.10
N LEU G 2894 -13.69 64.30 -102.03
CA LEU G 2894 -12.99 64.26 -100.75
C LEU G 2894 -13.29 65.50 -99.89
N GLU G 2895 -13.53 66.65 -100.52
CA GLU G 2895 -13.66 67.90 -99.78
C GLU G 2895 -14.98 68.03 -99.04
N ALA G 2896 -15.92 67.11 -99.24
CA ALA G 2896 -17.19 67.17 -98.52
C ALA G 2896 -17.00 67.04 -97.01
N LYS G 2897 -15.93 66.38 -96.56
CA LYS G 2897 -15.63 66.27 -95.14
C LYS G 2897 -14.81 67.45 -94.64
N GLY G 2898 -13.91 67.98 -95.48
CA GLY G 2898 -13.02 69.05 -95.05
C GLY G 2898 -11.83 68.60 -94.24
N GLY G 2899 -11.62 67.30 -94.09
CA GLY G 2899 -10.48 66.80 -93.34
C GLY G 2899 -9.75 65.69 -94.04
N GLY G 2900 -8.42 65.66 -93.89
CA GLY G 2900 -7.60 64.67 -94.54
C GLY G 2900 -7.37 64.99 -96.01
N THR G 2901 -6.53 64.17 -96.64
CA THR G 2901 -6.23 64.34 -98.05
C THR G 2901 -5.77 63.01 -98.63
N HIS G 2902 -6.02 62.84 -99.92
CA HIS G 2902 -5.55 61.64 -100.60
C HIS G 2902 -4.03 61.65 -100.67
N PRO G 2903 -3.39 60.50 -100.46
CA PRO G 2903 -1.92 60.46 -100.50
C PRO G 2903 -1.34 60.89 -101.84
N LEU G 2904 -2.04 60.67 -102.94
CA LEU G 2904 -1.56 61.05 -104.27
C LEU G 2904 -1.92 62.49 -104.63
N LEU G 2905 -2.60 63.22 -103.74
CA LEU G 2905 -2.88 64.63 -103.97
C LEU G 2905 -1.60 65.46 -103.80
N VAL G 2906 -0.73 65.33 -104.79
CA VAL G 2906 0.58 65.98 -104.76
C VAL G 2906 0.85 66.57 -106.13
N PRO G 2907 1.67 67.63 -106.20
CA PRO G 2907 2.05 68.17 -107.51
C PRO G 2907 2.76 67.14 -108.37
N TYR G 2908 2.57 67.27 -109.69
CA TYR G 2908 3.05 66.24 -110.61
C TYR G 2908 4.57 66.10 -110.57
N ASP G 2909 5.29 67.18 -110.24
CA ASP G 2909 6.74 67.06 -110.09
C ASP G 2909 7.12 66.37 -108.79
N THR G 2910 6.25 66.43 -107.78
CA THR G 2910 6.62 65.95 -106.45
C THR G 2910 6.67 64.43 -106.37
N LEU G 2911 5.66 63.74 -106.90
CA LEU G 2911 5.58 62.30 -106.70
C LEU G 2911 6.62 61.58 -107.57
N THR G 2912 7.02 60.40 -107.11
CA THR G 2912 8.07 59.63 -107.77
C THR G 2912 7.57 58.99 -109.06
N ALA G 2913 8.46 58.26 -109.72
CA ALA G 2913 8.15 57.71 -111.04
C ALA G 2913 7.20 56.53 -110.97
N LYS G 2914 7.21 55.78 -109.86
CA LYS G 2914 6.36 54.59 -109.76
C LYS G 2914 4.88 54.96 -109.79
N GLU G 2915 4.51 56.04 -109.11
CA GLU G 2915 3.13 56.52 -109.12
C GLU G 2915 2.85 57.50 -110.25
N LYS G 2916 3.89 57.90 -110.99
CA LYS G 2916 3.72 58.69 -112.21
C LYS G 2916 3.50 57.80 -113.43
N ALA G 2917 3.61 56.48 -113.26
CA ALA G 2917 3.65 55.55 -114.37
C ALA G 2917 2.38 55.57 -115.21
N ARG G 2918 1.21 55.63 -114.58
CA ARG G 2918 -0.05 55.54 -115.34
C ARG G 2918 -0.19 56.69 -116.33
N ASP G 2919 -0.15 57.93 -115.81
CA ASP G 2919 -0.26 59.10 -116.68
C ASP G 2919 0.91 59.21 -117.64
N ARG G 2920 2.12 58.88 -117.18
CA ARG G 2920 3.28 58.90 -118.06
C ARG G 2920 3.09 57.98 -119.25
N GLU G 2921 2.66 56.74 -119.00
CA GLU G 2921 2.48 55.77 -120.06
C GLU G 2921 1.33 56.17 -120.98
N LYS G 2922 0.25 56.71 -120.42
CA LYS G 2922 -0.87 57.16 -121.26
C LYS G 2922 -0.42 58.24 -122.23
N ALA G 2923 0.25 59.29 -121.70
CA ALA G 2923 0.72 60.37 -122.56
C ALA G 2923 1.75 59.87 -123.56
N GLN G 2924 2.66 58.99 -123.12
CA GLN G 2924 3.68 58.48 -124.03
C GLN G 2924 3.08 57.63 -125.13
N GLU G 2925 2.06 56.83 -124.82
CA GLU G 2925 1.43 55.98 -125.84
C GLU G 2925 0.67 56.83 -126.84
N LEU G 2926 -0.03 57.87 -126.37
CA LEU G 2926 -0.68 58.79 -127.31
C LEU G 2926 0.37 59.46 -128.21
N LEU G 2927 1.49 59.87 -127.62
CA LEU G 2927 2.53 60.54 -128.41
C LEU G 2927 3.19 59.57 -129.38
N LYS G 2928 3.29 58.28 -129.02
CA LYS G 2928 3.83 57.29 -129.94
C LYS G 2928 2.89 57.05 -131.11
N PHE G 2929 1.57 57.03 -130.84
CA PHE G 2929 0.62 56.91 -131.94
C PHE G 2929 0.70 58.12 -132.86
N LEU G 2930 0.91 59.30 -132.28
CA LEU G 2930 1.17 60.49 -133.10
C LEU G 2930 2.48 60.37 -133.88
N GLN G 2931 3.54 59.85 -133.27
CA GLN G 2931 4.86 59.79 -133.86
C GLN G 2931 4.92 58.84 -135.05
N MET G 2932 4.36 57.63 -134.88
CA MET G 2932 4.42 56.63 -135.94
C MET G 2932 3.71 57.08 -137.20
N ASN G 2933 2.77 58.03 -137.09
CA ASN G 2933 2.13 58.61 -138.26
C ASN G 2933 2.83 59.88 -138.73
N GLY G 2934 3.40 60.66 -137.81
CA GLY G 2934 4.04 61.91 -138.18
C GLY G 2934 3.21 63.14 -137.90
N TYR G 2935 2.64 63.22 -136.69
CA TYR G 2935 1.90 64.39 -136.24
C TYR G 2935 2.86 65.33 -135.53
N ALA G 2936 3.04 66.53 -136.08
CA ALA G 2936 3.98 67.52 -135.55
C ALA G 2936 3.24 68.46 -134.62
N VAL G 2937 3.61 68.46 -133.35
CA VAL G 2937 3.07 69.38 -132.35
C VAL G 2937 4.25 70.18 -131.79
N THR G 2938 4.11 71.50 -131.78
CA THR G 2938 5.17 72.40 -131.35
C THR G 2938 4.56 73.62 -130.68
N ARG G 2939 5.30 74.20 -129.74
CA ARG G 2939 4.85 75.40 -129.04
C ARG G 2939 4.89 76.62 -129.96
N LEU G 2946 20.06 80.00 -119.40
CA LEU G 2946 20.08 79.50 -120.78
C LEU G 2946 21.51 79.42 -121.28
N ASP G 2947 21.87 78.26 -121.85
CA ASP G 2947 23.23 77.99 -122.33
C ASP G 2947 24.26 78.22 -121.21
N THR G 2948 23.91 77.79 -120.01
CA THR G 2948 24.77 77.96 -118.85
C THR G 2948 25.67 76.73 -118.69
N SER G 2949 26.97 76.98 -118.52
CA SER G 2949 27.92 75.89 -118.37
C SER G 2949 27.74 75.21 -117.03
N SER G 2950 28.43 74.08 -116.86
CA SER G 2950 28.35 73.34 -115.60
C SER G 2950 28.92 74.15 -114.45
N ILE G 2951 30.01 74.89 -114.69
CA ILE G 2951 30.65 75.63 -113.61
C ILE G 2951 29.74 76.72 -113.09
N GLU G 2952 29.06 77.44 -113.99
CA GLU G 2952 28.21 78.55 -113.57
C GLU G 2952 26.97 78.09 -112.85
N LYS G 2953 26.62 76.81 -112.93
CA LYS G 2953 25.47 76.27 -112.22
C LYS G 2953 25.79 75.80 -110.82
N ARG G 2954 27.06 75.88 -110.41
CA ARG G 2954 27.43 75.39 -109.09
C ARG G 2954 26.84 76.26 -107.99
N PHE G 2955 26.47 75.60 -106.89
CA PHE G 2955 25.88 76.31 -105.77
C PHE G 2955 26.83 77.35 -105.21
N ALA G 2956 28.11 77.01 -105.09
CA ALA G 2956 29.09 77.98 -104.61
C ALA G 2956 29.19 79.16 -105.57
N PHE G 2957 29.13 78.88 -106.87
CA PHE G 2957 29.16 79.96 -107.86
C PHE G 2957 28.00 80.93 -107.64
N GLY G 2958 26.78 80.40 -107.55
CA GLY G 2958 25.63 81.26 -107.35
C GLY G 2958 25.67 82.01 -106.03
N PHE G 2959 26.12 81.33 -104.98
CA PHE G 2959 26.21 81.97 -103.67
C PHE G 2959 27.21 83.12 -103.69
N LEU G 2960 28.35 82.92 -104.32
CA LEU G 2960 29.34 83.99 -104.44
C LEU G 2960 28.81 85.14 -105.28
N GLN G 2961 28.09 84.83 -106.35
CA GLN G 2961 27.53 85.88 -107.19
C GLN G 2961 26.52 86.72 -106.41
N GLN G 2962 25.67 86.07 -105.61
CA GLN G 2962 24.74 86.82 -104.77
C GLN G 2962 25.48 87.65 -103.74
N LEU G 2963 26.56 87.11 -103.17
CA LEU G 2963 27.32 87.88 -102.20
C LEU G 2963 27.91 89.13 -102.82
N LEU G 2964 28.43 89.02 -104.05
CA LEU G 2964 28.95 90.21 -104.72
C LEU G 2964 27.84 91.20 -105.06
N ARG G 2965 26.68 90.69 -105.48
CA ARG G 2965 25.55 91.57 -105.77
C ARG G 2965 25.12 92.34 -104.53
N TRP G 2966 25.24 91.71 -103.36
CA TRP G 2966 24.98 92.43 -102.12
C TRP G 2966 26.15 93.33 -101.71
N MET G 2967 27.37 92.99 -102.11
CA MET G 2967 28.51 93.84 -101.81
C MET G 2967 28.36 95.20 -102.47
N ASP G 2968 27.90 95.23 -103.72
CA ASP G 2968 27.71 96.54 -104.36
C ASP G 2968 26.61 97.34 -103.66
N ILE G 2969 25.53 96.68 -103.23
CA ILE G 2969 24.51 97.37 -102.46
C ILE G 2969 25.09 97.92 -101.18
N SER G 2970 26.02 97.18 -100.57
CA SER G 2970 26.68 97.67 -99.36
C SER G 2970 27.49 98.93 -99.65
N GLN G 2971 28.23 98.93 -100.76
CA GLN G 2971 28.92 100.16 -101.17
C GLN G 2971 27.93 101.31 -101.34
N GLU G 2972 26.73 101.01 -101.81
CA GLU G 2972 25.71 102.06 -101.94
C GLU G 2972 25.30 102.63 -100.59
N PHE G 2973 24.76 101.80 -99.71
CA PHE G 2973 24.19 102.38 -98.50
C PHE G 2973 25.24 102.80 -97.49
N ILE G 2974 26.46 102.26 -97.54
CA ILE G 2974 27.51 102.78 -96.67
C ILE G 2974 27.94 104.17 -97.13
N ALA G 2975 27.96 104.40 -98.44
CA ALA G 2975 28.18 105.74 -98.96
C ALA G 2975 27.07 106.69 -98.51
N HIS G 2976 25.82 106.20 -98.55
CA HIS G 2976 24.72 107.02 -98.05
C HIS G 2976 24.91 107.36 -96.56
N LEU G 2977 25.34 106.38 -95.77
CA LEU G 2977 25.58 106.63 -94.35
C LEU G 2977 26.68 107.66 -94.15
N GLU G 2978 27.75 107.58 -94.94
CA GLU G 2978 28.79 108.60 -94.85
C GLU G 2978 28.24 109.97 -95.20
N ALA G 2979 27.42 110.06 -96.24
CA ALA G 2979 26.85 111.33 -96.64
C ALA G 2979 26.00 111.93 -95.52
N VAL G 2980 25.14 111.11 -94.90
CA VAL G 2980 24.25 111.64 -93.87
C VAL G 2980 25.03 111.99 -92.62
N VAL G 2981 26.08 111.22 -92.29
CA VAL G 2981 26.88 111.53 -91.12
C VAL G 2981 27.79 112.72 -91.33
N SER G 2982 28.08 113.07 -92.59
CA SER G 2982 28.87 114.26 -92.90
C SER G 2982 28.02 115.51 -92.96
N SER G 2983 26.87 115.45 -93.61
CA SER G 2983 25.99 116.61 -93.72
C SER G 2983 24.55 116.14 -93.89
N GLY G 2984 23.62 117.02 -93.55
CA GLY G 2984 22.21 116.72 -93.70
C GLY G 2984 21.77 115.53 -92.85
N ARG G 2985 21.81 115.70 -91.53
CA ARG G 2985 21.45 114.61 -90.64
C ARG G 2985 19.98 114.21 -90.83
N VAL G 2986 19.75 112.91 -90.95
CA VAL G 2986 18.41 112.37 -91.09
C VAL G 2986 18.41 110.93 -90.59
N GLU G 2987 17.41 110.59 -89.76
CA GLU G 2987 17.33 109.26 -89.16
C GLU G 2987 16.32 108.36 -89.89
N LYS G 2988 15.92 108.73 -91.10
CA LYS G 2988 14.99 107.91 -91.85
C LYS G 2988 15.59 106.54 -92.16
N SER G 2989 16.87 106.51 -92.55
CA SER G 2989 17.58 105.29 -92.90
C SER G 2989 16.80 104.49 -93.94
N PRO G 2990 16.75 104.95 -95.19
CA PRO G 2990 15.96 104.24 -96.21
C PRO G 2990 16.45 102.83 -96.47
N HIS G 2991 17.71 102.52 -96.15
CA HIS G 2991 18.27 101.19 -96.36
C HIS G 2991 18.42 100.42 -95.05
N GLU G 2992 17.49 100.62 -94.11
CA GLU G 2992 17.58 99.93 -92.83
C GLU G 2992 17.48 98.42 -93.01
N GLN G 2993 16.57 97.96 -93.87
CA GLN G 2993 16.46 96.53 -94.13
C GLN G 2993 17.74 95.98 -94.72
N GLU G 2994 18.33 96.71 -95.66
CA GLU G 2994 19.59 96.26 -96.26
C GLU G 2994 20.70 96.20 -95.23
N ILE G 2995 20.79 97.21 -94.35
CA ILE G 2995 21.82 97.21 -93.32
C ILE G 2995 21.65 96.00 -92.41
N LYS G 2996 20.42 95.76 -91.98
CA LYS G 2996 20.19 94.67 -91.03
C LYS G 2996 20.44 93.32 -91.67
N PHE G 2997 20.02 93.14 -92.92
CA PHE G 2997 20.27 91.86 -93.58
C PHE G 2997 21.76 91.64 -93.80
N PHE G 2998 22.48 92.68 -94.20
CA PHE G 2998 23.92 92.54 -94.43
C PHE G 2998 24.66 92.22 -93.15
N ALA G 2999 24.35 92.93 -92.07
CA ALA G 2999 25.11 92.77 -90.84
C ALA G 2999 24.71 91.51 -90.08
N LYS G 3000 23.44 91.15 -90.09
CA LYS G 3000 22.94 90.10 -89.21
C LYS G 3000 22.78 88.75 -89.90
N ILE G 3001 22.88 88.69 -91.23
CA ILE G 3001 22.74 87.45 -91.97
C ILE G 3001 23.99 87.16 -92.80
N LEU G 3002 24.37 88.09 -93.68
CA LEU G 3002 25.44 87.83 -94.63
C LEU G 3002 26.77 87.63 -93.92
N LEU G 3003 27.07 88.44 -92.92
CA LEU G 3003 28.35 88.29 -92.23
C LEU G 3003 28.48 86.94 -91.53
N PRO G 3004 27.53 86.50 -90.70
CA PRO G 3004 27.64 85.14 -90.14
C PRO G 3004 27.63 84.07 -91.20
N LEU G 3005 26.84 84.25 -92.27
CA LEU G 3005 26.77 83.24 -93.31
C LEU G 3005 28.13 83.04 -93.97
N ILE G 3006 28.80 84.15 -94.31
CA ILE G 3006 30.15 84.06 -94.86
C ILE G 3006 31.10 83.44 -93.85
N ASN G 3007 31.04 83.93 -92.61
CA ASN G 3007 31.96 83.49 -91.58
C ASN G 3007 31.92 81.99 -91.38
N GLN G 3008 30.73 81.39 -91.48
CA GLN G 3008 30.64 79.95 -91.32
C GLN G 3008 30.91 79.21 -92.61
N TYR G 3009 30.37 79.68 -93.73
CA TYR G 3009 30.49 78.94 -94.99
C TYR G 3009 31.95 78.82 -95.42
N PHE G 3010 32.69 79.92 -95.38
CA PHE G 3010 34.06 79.85 -95.86
C PHE G 3010 35.02 79.28 -94.82
N THR G 3011 34.56 79.13 -93.57
CA THR G 3011 35.31 78.33 -92.62
C THR G 3011 35.14 76.84 -92.93
N ASN G 3012 33.92 76.43 -93.27
CA ASN G 3012 33.68 75.02 -93.56
C ASN G 3012 34.38 74.58 -94.84
N HIS G 3013 34.28 75.38 -95.90
CA HIS G 3013 34.73 74.98 -97.22
C HIS G 3013 36.04 75.66 -97.63
N CYS G 3014 36.96 75.84 -96.68
CA CYS G 3014 38.24 76.44 -97.02
C CYS G 3014 39.04 75.60 -97.99
N LEU G 3015 39.04 74.28 -97.79
CA LEU G 3015 39.86 73.40 -98.63
C LEU G 3015 39.33 73.35 -100.05
N TYR G 3016 38.01 73.42 -100.24
CA TYR G 3016 37.46 73.38 -101.60
C TYR G 3016 37.94 74.56 -102.42
N PHE G 3017 38.12 75.72 -101.78
CA PHE G 3017 38.59 76.89 -102.51
C PHE G 3017 40.11 76.93 -102.60
N LEU G 3018 40.82 76.34 -101.64
CA LEU G 3018 42.26 76.30 -101.76
C LEU G 3018 42.76 75.18 -102.67
N SER G 3019 41.91 74.22 -103.03
CA SER G 3019 42.35 73.09 -103.81
C SER G 3019 42.55 73.48 -105.27
N THR G 3020 43.31 72.65 -105.98
CA THR G 3020 43.60 72.80 -107.39
C THR G 3020 43.71 71.42 -108.00
N PRO G 3021 43.47 71.27 -109.30
CA PRO G 3021 43.62 69.94 -109.91
C PRO G 3021 45.00 69.34 -109.71
N ALA G 3022 46.04 70.17 -109.62
CA ALA G 3022 47.38 69.65 -109.38
C ALA G 3022 47.47 68.96 -108.01
N LYS G 3023 46.96 69.61 -106.97
CA LYS G 3023 46.98 69.05 -105.62
C LYS G 3023 45.64 69.32 -104.96
N VAL G 3024 44.95 68.26 -104.54
CA VAL G 3024 43.63 68.37 -103.95
C VAL G 3024 43.75 68.24 -102.44
N LEU G 3025 43.21 69.22 -101.71
CA LEU G 3025 43.31 69.25 -100.27
C LEU G 3025 42.08 68.68 -99.58
N GLY G 3026 40.88 69.02 -100.05
CA GLY G 3026 39.66 68.60 -99.40
C GLY G 3026 39.29 67.16 -99.72
N SER G 3027 38.10 66.78 -99.27
CA SER G 3027 37.61 65.42 -99.51
C SER G 3027 37.47 65.15 -101.01
N GLY G 3028 36.94 66.11 -101.75
CA GLY G 3028 36.78 65.95 -103.18
C GLY G 3028 36.37 67.25 -103.82
N GLY G 3029 36.65 67.36 -105.10
CA GLY G 3029 36.31 68.56 -105.84
C GLY G 3029 37.22 69.73 -105.53
N HIS G 3030 37.37 70.63 -106.48
CA HIS G 3030 38.19 71.82 -106.29
C HIS G 3030 37.49 73.00 -106.94
N ALA G 3031 37.63 74.17 -106.33
CA ALA G 3031 36.96 75.36 -106.83
C ALA G 3031 37.47 75.71 -108.22
N SER G 3032 36.57 76.22 -109.05
CA SER G 3032 36.98 76.65 -110.38
C SER G 3032 37.69 78.00 -110.29
N ASN G 3033 38.35 78.35 -111.40
CA ASN G 3033 39.08 79.61 -111.45
C ASN G 3033 38.13 80.79 -111.28
N LYS G 3034 36.92 80.69 -111.86
CA LYS G 3034 35.94 81.76 -111.68
C LYS G 3034 35.53 81.90 -110.23
N GLU G 3035 35.37 80.77 -109.53
CA GLU G 3035 35.03 80.84 -108.11
C GLU G 3035 36.15 81.47 -107.30
N LYS G 3036 37.40 81.12 -107.62
CA LYS G 3036 38.52 81.73 -106.91
C LYS G 3036 38.59 83.23 -107.18
N GLU G 3037 38.35 83.64 -108.42
CA GLU G 3037 38.32 85.06 -108.75
C GLU G 3037 37.20 85.77 -108.00
N MET G 3038 36.04 85.13 -107.89
CA MET G 3038 34.91 85.73 -107.19
C MET G 3038 35.22 85.89 -105.71
N ILE G 3039 35.86 84.89 -105.10
CA ILE G 3039 36.14 85.01 -103.68
C ILE G 3039 37.20 86.07 -103.42
N THR G 3040 38.19 86.19 -104.32
CA THR G 3040 39.16 87.27 -104.19
C THR G 3040 38.51 88.64 -104.34
N SER G 3041 37.61 88.78 -105.31
CA SER G 3041 36.91 90.04 -105.48
C SER G 3041 36.05 90.36 -104.27
N LEU G 3042 35.42 89.35 -103.67
CA LEU G 3042 34.65 89.55 -102.46
C LEU G 3042 35.53 90.06 -101.34
N PHE G 3043 36.70 89.46 -101.15
CA PHE G 3043 37.62 89.92 -100.12
C PHE G 3043 38.03 91.37 -100.35
N CYS G 3044 38.41 91.70 -101.59
CA CYS G 3044 38.85 93.04 -101.87
C CYS G 3044 37.73 94.06 -101.67
N LYS G 3045 36.52 93.74 -102.11
CA LYS G 3045 35.40 94.66 -101.96
C LYS G 3045 35.04 94.85 -100.49
N LEU G 3046 35.07 93.78 -99.70
CA LEU G 3046 34.78 93.93 -98.27
C LEU G 3046 35.85 94.76 -97.57
N ALA G 3047 37.12 94.57 -97.95
CA ALA G 3047 38.18 95.40 -97.38
C ALA G 3047 37.98 96.87 -97.74
N ALA G 3048 37.62 97.14 -98.99
CA ALA G 3048 37.35 98.52 -99.40
C ALA G 3048 36.18 99.10 -98.65
N LEU G 3049 35.14 98.29 -98.42
CA LEU G 3049 33.99 98.76 -97.65
C LEU G 3049 34.39 99.14 -96.23
N VAL G 3050 35.18 98.28 -95.57
CA VAL G 3050 35.54 98.52 -94.18
C VAL G 3050 36.66 99.52 -94.03
N ARG G 3051 37.31 99.92 -95.13
CA ARG G 3051 38.40 100.88 -95.03
C ARG G 3051 37.89 102.23 -94.55
N HIS G 3052 38.47 102.71 -93.46
CA HIS G 3052 38.18 104.03 -92.88
C HIS G 3052 36.71 104.19 -92.49
N ARG G 3053 36.02 103.08 -92.24
CA ARG G 3053 34.62 103.13 -91.80
C ARG G 3053 34.39 102.17 -90.65
N VAL G 3054 35.41 101.92 -89.85
CA VAL G 3054 35.27 100.95 -88.76
C VAL G 3054 34.26 101.46 -87.73
N SER G 3055 34.25 102.76 -87.46
CA SER G 3055 33.29 103.31 -86.51
C SER G 3055 31.86 103.24 -87.06
N LEU G 3056 31.68 103.43 -88.36
CA LEU G 3056 30.35 103.39 -88.96
C LEU G 3056 29.68 102.03 -88.79
N PHE G 3057 30.46 100.96 -88.64
CA PHE G 3057 29.89 99.64 -88.47
C PHE G 3057 29.48 99.35 -87.03
N GLY G 3058 29.86 100.21 -86.09
CA GLY G 3058 29.43 100.02 -84.71
C GLY G 3058 29.93 98.70 -84.15
N THR G 3059 28.99 97.88 -83.70
CA THR G 3059 29.33 96.59 -83.10
C THR G 3059 29.53 95.49 -84.13
N ASP G 3060 29.31 95.77 -85.41
CA ASP G 3060 29.50 94.76 -86.45
C ASP G 3060 30.93 94.70 -86.98
N ALA G 3061 31.78 95.64 -86.57
CA ALA G 3061 33.17 95.62 -87.01
C ALA G 3061 33.89 94.32 -86.66
N PRO G 3062 33.74 93.74 -85.47
CA PRO G 3062 34.34 92.42 -85.24
C PRO G 3062 33.85 91.36 -86.21
N ALA G 3063 32.57 91.36 -86.55
CA ALA G 3063 32.08 90.40 -87.54
C ALA G 3063 32.73 90.63 -88.90
N VAL G 3064 32.86 91.89 -89.29
CA VAL G 3064 33.47 92.20 -90.58
C VAL G 3064 34.93 91.73 -90.61
N VAL G 3065 35.67 92.00 -89.54
CA VAL G 3065 37.08 91.63 -89.55
C VAL G 3065 37.24 90.12 -89.45
N ASN G 3066 36.32 89.42 -88.77
CA ASN G 3066 36.37 87.96 -88.78
C ASN G 3066 36.13 87.41 -90.18
N CYS G 3067 35.15 87.99 -90.89
CA CYS G 3067 34.93 87.58 -92.27
C CYS G 3067 36.16 87.83 -93.12
N LEU G 3068 36.83 88.97 -92.90
CA LEU G 3068 38.06 89.26 -93.63
C LEU G 3068 39.14 88.24 -93.33
N HIS G 3069 39.30 87.87 -92.06
CA HIS G 3069 40.28 86.85 -91.69
C HIS G 3069 40.00 85.55 -92.42
N ILE G 3070 38.75 85.11 -92.40
CA ILE G 3070 38.42 83.82 -93.01
C ILE G 3070 38.61 83.87 -94.52
N LEU G 3071 38.17 84.94 -95.16
CA LEU G 3071 38.34 85.06 -96.60
C LEU G 3071 39.83 85.08 -96.96
N ALA G 3072 40.64 85.76 -96.16
CA ALA G 3072 42.08 85.75 -96.40
C ALA G 3072 42.64 84.34 -96.27
N ARG G 3073 42.17 83.59 -95.29
CA ARG G 3073 42.62 82.21 -95.16
C ARG G 3073 42.11 81.31 -96.27
N SER G 3074 41.10 81.75 -97.04
CA SER G 3074 40.56 80.93 -98.11
C SER G 3074 40.75 81.55 -99.49
N LEU G 3075 41.95 82.07 -99.76
CA LEU G 3075 42.25 82.69 -101.05
C LEU G 3075 43.29 81.86 -101.79
N ASP G 3076 43.02 81.57 -103.06
CA ASP G 3076 44.00 80.92 -103.94
C ASP G 3076 44.68 82.00 -104.78
N ALA G 3077 45.40 82.87 -104.09
CA ALA G 3077 46.03 84.01 -104.71
C ALA G 3077 47.00 83.63 -105.81
N ARG G 3078 47.65 82.47 -105.71
CA ARG G 3078 48.57 82.05 -106.75
C ARG G 3078 47.86 81.93 -108.09
N THR G 3079 46.79 81.13 -108.14
CA THR G 3079 46.04 80.97 -109.38
C THR G 3079 45.39 82.27 -109.80
N VAL G 3080 44.83 83.01 -108.84
CA VAL G 3080 44.14 84.24 -109.20
C VAL G 3080 45.09 85.23 -109.87
N MET G 3081 46.30 85.37 -109.35
CA MET G 3081 47.26 86.31 -109.93
C MET G 3081 47.87 85.77 -111.21
N LYS G 3082 48.10 84.46 -111.29
CA LYS G 3082 48.71 83.91 -112.50
C LYS G 3082 47.75 83.95 -113.67
N SER G 3083 46.60 83.29 -113.54
CA SER G 3083 45.60 83.22 -114.60
C SER G 3083 44.31 83.80 -114.05
N GLY G 3084 44.11 85.10 -114.25
CA GLY G 3084 42.94 85.77 -113.75
C GLY G 3084 42.67 87.10 -114.43
N PRO G 3085 41.45 87.60 -114.27
CA PRO G 3085 41.09 88.86 -114.92
C PRO G 3085 41.87 90.04 -114.37
N GLU G 3086 42.10 91.00 -115.26
CA GLU G 3086 42.80 92.21 -114.88
C GLU G 3086 42.07 92.95 -113.78
N ILE G 3087 40.73 92.88 -113.77
CA ILE G 3087 39.96 93.59 -112.75
C ILE G 3087 40.25 93.01 -111.37
N VAL G 3088 40.23 91.68 -111.26
CA VAL G 3088 40.49 91.04 -109.96
C VAL G 3088 41.93 91.29 -109.53
N LYS G 3089 42.88 91.14 -110.46
CA LYS G 3089 44.27 91.36 -110.10
C LYS G 3089 44.50 92.79 -109.65
N ALA G 3090 43.89 93.76 -110.34
CA ALA G 3090 44.01 95.15 -109.95
C ALA G 3090 43.36 95.41 -108.61
N GLY G 3091 42.26 94.73 -108.31
CA GLY G 3091 41.65 94.86 -107.00
C GLY G 3091 42.60 94.41 -105.89
N LEU G 3092 43.25 93.27 -106.09
CA LEU G 3092 44.17 92.79 -105.07
C LEU G 3092 45.37 93.73 -104.93
N ARG G 3093 45.93 94.20 -106.05
CA ARG G 3093 47.03 95.14 -105.98
C ARG G 3093 46.62 96.43 -105.29
N SER G 3094 45.41 96.91 -105.57
CA SER G 3094 44.92 98.12 -104.92
C SER G 3094 44.74 97.91 -103.43
N PHE G 3095 44.31 96.72 -103.02
CA PHE G 3095 44.23 96.45 -101.58
C PHE G 3095 45.59 96.54 -100.93
N PHE G 3096 46.60 95.93 -101.55
CA PHE G 3096 47.95 96.01 -100.97
C PHE G 3096 48.45 97.44 -100.93
N GLU G 3097 48.21 98.21 -102.00
CA GLU G 3097 48.69 99.59 -102.05
C GLU G 3097 48.00 100.44 -100.98
N SER G 3098 46.69 100.27 -100.81
CA SER G 3098 45.97 101.02 -99.79
C SER G 3098 46.45 100.64 -98.40
N ALA G 3099 46.74 99.35 -98.18
CA ALA G 3099 47.30 98.94 -96.90
C ALA G 3099 48.64 99.63 -96.65
N SER G 3100 49.49 99.69 -97.67
CA SER G 3100 50.78 100.36 -97.52
C SER G 3100 50.60 101.83 -97.19
N GLU G 3101 49.68 102.51 -97.89
CA GLU G 3101 49.47 103.93 -97.63
C GLU G 3101 48.94 104.17 -96.23
N ASP G 3102 47.99 103.35 -95.79
CA ASP G 3102 47.44 103.51 -94.45
C ASP G 3102 48.51 103.27 -93.39
N ILE G 3103 49.36 102.26 -93.59
CA ILE G 3103 50.43 102.02 -92.61
C ILE G 3103 51.42 103.17 -92.61
N GLU G 3104 51.72 103.73 -93.78
CA GLU G 3104 52.62 104.88 -93.83
C GLU G 3104 52.04 106.07 -93.06
N LYS G 3105 50.75 106.34 -93.25
CA LYS G 3105 50.14 107.43 -92.49
C LYS G 3105 50.15 107.14 -91.00
N MET G 3106 49.88 105.89 -90.61
CA MET G 3106 49.89 105.54 -89.19
C MET G 3106 51.27 105.75 -88.58
N VAL G 3107 52.33 105.33 -89.28
CA VAL G 3107 53.66 105.45 -88.71
C VAL G 3107 54.10 106.91 -88.68
N GLU G 3108 53.76 107.69 -89.71
CA GLU G 3108 54.13 109.11 -89.67
C GLU G 3108 53.37 109.85 -88.60
N ASN G 3109 52.15 109.42 -88.27
CA ASN G 3109 51.44 110.02 -87.15
C ASN G 3109 52.06 109.61 -85.82
N LEU G 3110 52.42 108.34 -85.68
CA LEU G 3110 53.09 107.91 -84.45
C LEU G 3110 54.47 108.54 -84.30
N ARG G 3111 55.03 109.09 -85.38
CA ARG G 3111 56.22 109.93 -85.28
C ARG G 3111 55.94 111.25 -84.60
N LEU G 3112 54.74 111.39 -84.04
CA LEU G 3112 54.29 112.59 -83.35
C LEU G 3112 54.23 113.79 -84.27
N GLY G 3113 53.99 113.55 -85.56
CA GLY G 3113 53.60 114.64 -86.43
C GLY G 3113 52.27 115.25 -86.02
N LYS G 3114 51.37 114.42 -85.49
CA LYS G 3114 50.11 114.87 -84.92
C LYS G 3114 50.00 114.30 -83.52
N VAL G 3115 49.28 115.03 -82.65
CA VAL G 3115 49.19 114.64 -81.25
C VAL G 3115 48.52 113.27 -81.12
N SER G 3116 47.43 113.06 -81.86
CA SER G 3116 46.70 111.79 -81.87
C SER G 3116 46.19 111.43 -80.48
N LYS G 3123 39.82 114.35 -86.16
CA LYS G 3123 39.97 114.36 -87.61
C LYS G 3123 40.21 112.95 -88.14
N GLY G 3124 40.82 112.86 -89.32
CA GLY G 3124 41.10 111.57 -89.92
C GLY G 3124 42.25 110.82 -89.30
N VAL G 3125 43.03 111.47 -88.43
CA VAL G 3125 44.17 110.80 -87.81
C VAL G 3125 43.69 109.70 -86.88
N GLY G 3126 42.72 109.99 -86.02
CA GLY G 3126 42.20 108.97 -85.13
C GLY G 3126 41.50 107.86 -85.88
N GLN G 3127 40.76 108.22 -86.94
CA GLN G 3127 40.09 107.22 -87.76
C GLN G 3127 41.11 106.28 -88.38
N ASN G 3128 42.17 106.83 -88.98
CA ASN G 3128 43.20 105.99 -89.58
C ASN G 3128 43.89 105.12 -88.53
N LEU G 3129 44.20 105.69 -87.37
CA LEU G 3129 44.88 104.92 -86.34
C LEU G 3129 44.04 103.74 -85.87
N THR G 3130 42.75 103.97 -85.61
CA THR G 3130 41.92 102.88 -85.13
C THR G 3130 41.64 101.86 -86.23
N TYR G 3131 41.50 102.31 -87.49
CA TYR G 3131 41.31 101.36 -88.57
C TYR G 3131 42.53 100.47 -88.74
N THR G 3132 43.73 101.06 -88.67
CA THR G 3132 44.94 100.25 -88.80
C THR G 3132 45.10 99.30 -87.63
N THR G 3133 44.84 99.77 -86.40
CA THR G 3133 45.11 98.94 -85.24
C THR G 3133 44.02 97.92 -84.96
N VAL G 3134 42.84 98.05 -85.56
CA VAL G 3134 41.74 97.13 -85.30
C VAL G 3134 41.52 96.16 -86.45
N ALA G 3135 41.60 96.64 -87.70
CA ALA G 3135 41.28 95.81 -88.85
C ALA G 3135 42.48 95.54 -89.74
N LEU G 3136 43.16 96.58 -90.22
CA LEU G 3136 44.15 96.41 -91.28
C LEU G 3136 45.31 95.55 -90.81
N LEU G 3137 45.85 95.81 -89.64
CA LEU G 3137 47.00 95.04 -89.18
C LEU G 3137 46.67 93.56 -88.99
N PRO G 3138 45.60 93.18 -88.28
CA PRO G 3138 45.30 91.74 -88.18
C PRO G 3138 44.97 91.11 -89.53
N VAL G 3139 44.24 91.81 -90.40
CA VAL G 3139 43.91 91.22 -91.68
C VAL G 3139 45.16 91.01 -92.52
N LEU G 3140 46.05 91.99 -92.55
CA LEU G 3140 47.28 91.87 -93.32
C LEU G 3140 48.17 90.78 -92.75
N THR G 3141 48.23 90.66 -91.42
CA THR G 3141 49.00 89.59 -90.80
C THR G 3141 48.45 88.22 -91.19
N THR G 3142 47.13 88.06 -91.14
CA THR G 3142 46.53 86.80 -91.54
C THR G 3142 46.80 86.48 -93.00
N LEU G 3143 46.68 87.48 -93.87
CA LEU G 3143 46.93 87.25 -95.29
C LEU G 3143 48.37 86.85 -95.55
N PHE G 3144 49.32 87.53 -94.90
CA PHE G 3144 50.72 87.19 -95.08
C PHE G 3144 51.03 85.81 -94.54
N GLN G 3145 50.47 85.45 -93.40
CA GLN G 3145 50.69 84.11 -92.85
C GLN G 3145 50.12 83.06 -93.78
N HIS G 3146 48.95 83.32 -94.35
CA HIS G 3146 48.35 82.39 -95.31
C HIS G 3146 49.25 82.21 -96.52
N ILE G 3147 49.75 83.31 -97.08
CA ILE G 3147 50.63 83.24 -98.23
C ILE G 3147 51.88 82.45 -97.89
N ALA G 3148 52.48 82.71 -96.74
CA ALA G 3148 53.71 82.02 -96.36
C ALA G 3148 53.45 80.54 -96.16
N GLN G 3149 52.35 80.19 -95.49
CA GLN G 3149 52.05 78.78 -95.23
C GLN G 3149 51.84 78.02 -96.52
N HIS G 3150 51.14 78.62 -97.48
CA HIS G 3150 50.88 77.94 -98.75
C HIS G 3150 51.92 78.24 -99.80
N GLN G 3151 53.03 78.87 -99.42
CA GLN G 3151 54.16 79.13 -100.33
C GLN G 3151 53.72 79.88 -101.58
N PHE G 3152 52.81 80.83 -101.41
CA PHE G 3152 52.30 81.62 -102.52
C PHE G 3152 53.12 82.87 -102.80
N GLY G 3153 54.11 83.17 -101.98
CA GLY G 3153 54.81 84.45 -102.09
C GLY G 3153 55.48 84.64 -103.44
N ASP G 3154 56.19 83.61 -103.91
CA ASP G 3154 56.93 83.69 -105.16
C ASP G 3154 56.02 83.87 -106.37
N ASP G 3155 54.72 83.63 -106.22
CA ASP G 3155 53.78 83.81 -107.31
C ASP G 3155 52.89 85.03 -107.14
N VAL G 3156 52.72 85.52 -105.93
CA VAL G 3156 51.82 86.64 -105.65
C VAL G 3156 52.59 87.95 -105.56
N ILE G 3157 53.61 88.00 -104.72
CA ILE G 3157 54.32 89.25 -104.46
C ILE G 3157 55.41 89.35 -105.52
N LEU G 3158 55.02 89.85 -106.69
CA LEU G 3158 55.92 89.83 -107.84
C LEU G 3158 56.30 91.21 -108.35
N ASP G 3159 55.34 92.04 -108.76
CA ASP G 3159 55.67 93.22 -109.54
C ASP G 3159 55.36 94.53 -108.81
N ASP G 3160 54.12 94.75 -108.40
CA ASP G 3160 53.77 95.92 -107.61
C ASP G 3160 53.38 95.58 -106.19
N VAL G 3161 52.90 94.37 -105.95
CA VAL G 3161 52.74 93.91 -104.57
C VAL G 3161 54.09 93.91 -103.87
N GLN G 3162 55.17 93.66 -104.63
CA GLN G 3162 56.50 93.79 -104.04
C GLN G 3162 56.79 95.21 -103.59
N VAL G 3163 56.41 96.20 -104.41
CA VAL G 3163 56.62 97.59 -104.02
C VAL G 3163 55.80 97.92 -102.78
N SER G 3164 54.54 97.48 -102.75
CA SER G 3164 53.70 97.75 -101.59
C SER G 3164 54.28 97.10 -100.33
N CYS G 3165 54.72 95.86 -100.44
CA CYS G 3165 55.30 95.17 -99.29
C CYS G 3165 56.62 95.79 -98.87
N TYR G 3166 57.41 96.28 -99.82
CA TYR G 3166 58.64 96.99 -99.48
C TYR G 3166 58.34 98.25 -98.71
N ARG G 3167 57.34 99.01 -99.14
CA ARG G 3167 56.98 100.22 -98.41
C ARG G 3167 56.49 99.88 -97.01
N THR G 3168 55.70 98.82 -96.88
CA THR G 3168 55.24 98.40 -95.56
C THR G 3168 56.41 98.01 -94.67
N LEU G 3169 57.38 97.26 -95.23
CA LEU G 3169 58.54 96.83 -94.48
C LEU G 3169 59.37 98.01 -94.01
N CYS G 3170 59.62 98.97 -94.91
CA CYS G 3170 60.38 100.16 -94.53
C CYS G 3170 59.64 100.94 -93.44
N SER G 3171 58.34 101.14 -93.61
CA SER G 3171 57.57 101.96 -92.69
C SER G 3171 57.50 101.34 -91.30
N ILE G 3172 57.21 100.04 -91.21
CA ILE G 3172 57.10 99.40 -89.90
C ILE G 3172 58.44 99.41 -89.18
N TYR G 3173 59.51 99.09 -89.90
CA TYR G 3173 60.83 99.08 -89.28
C TYR G 3173 61.32 100.48 -88.93
N SER G 3174 60.76 101.51 -89.58
CA SER G 3174 61.17 102.88 -89.27
C SER G 3174 60.72 103.34 -87.90
N LEU G 3175 60.10 102.47 -87.09
CA LEU G 3175 59.68 102.84 -85.75
C LEU G 3175 60.80 102.72 -84.73
N GLY G 3176 61.98 102.25 -85.12
CA GLY G 3176 63.06 102.08 -84.16
C GLY G 3176 63.47 103.38 -83.51
N THR G 3177 63.42 104.48 -84.27
CA THR G 3177 63.86 105.78 -83.79
C THR G 3177 62.72 106.58 -83.16
N THR G 3178 61.70 105.91 -82.64
CA THR G 3178 60.54 106.58 -82.05
C THR G 3178 60.33 106.06 -80.64
N LYS G 3179 60.04 106.97 -79.71
CA LYS G 3179 59.83 106.63 -78.30
C LYS G 3179 58.56 107.34 -77.84
N ASN G 3180 57.47 106.58 -77.73
CA ASN G 3180 56.19 107.14 -77.30
C ASN G 3180 55.44 106.07 -76.51
N THR G 3181 54.16 106.33 -76.27
CA THR G 3181 53.31 105.35 -75.61
C THR G 3181 52.51 104.55 -76.62
N TYR G 3182 52.01 105.22 -77.66
CA TYR G 3182 51.30 104.49 -78.71
C TYR G 3182 52.21 103.48 -79.40
N VAL G 3183 53.45 103.87 -79.68
CA VAL G 3183 54.40 102.93 -80.27
C VAL G 3183 54.66 101.78 -79.31
N GLU G 3184 54.81 102.09 -78.02
CA GLU G 3184 55.09 101.05 -77.04
C GLU G 3184 53.95 100.04 -76.97
N LYS G 3185 52.71 100.51 -77.06
CA LYS G 3185 51.59 99.58 -77.01
C LYS G 3185 51.26 98.93 -78.35
N LEU G 3186 51.81 99.44 -79.46
CA LEU G 3186 51.57 98.84 -80.76
C LEU G 3186 52.73 97.99 -81.28
N ARG G 3187 53.85 97.97 -80.58
CA ARG G 3187 55.00 97.17 -81.03
C ARG G 3187 54.67 95.70 -81.26
N PRO G 3188 53.91 95.00 -80.40
CA PRO G 3188 53.66 93.58 -80.66
C PRO G 3188 52.95 93.31 -81.99
N ALA G 3189 51.89 94.04 -82.30
CA ALA G 3189 51.18 93.82 -83.55
C ALA G 3189 52.07 94.11 -84.75
N LEU G 3190 52.81 95.22 -84.69
CA LEU G 3190 53.71 95.56 -85.78
C LEU G 3190 54.77 94.49 -85.97
N GLY G 3191 55.31 93.97 -84.87
CA GLY G 3191 56.32 92.93 -84.97
C GLY G 3191 55.78 91.65 -85.58
N GLU G 3192 54.58 91.24 -85.16
CA GLU G 3192 54.00 90.03 -85.74
C GLU G 3192 53.71 90.21 -87.23
N CYS G 3193 53.19 91.39 -87.61
CA CYS G 3193 52.93 91.65 -89.02
C CYS G 3193 54.21 91.63 -89.83
N LEU G 3194 55.28 92.23 -89.29
CA LEU G 3194 56.56 92.23 -90.00
C LEU G 3194 57.13 90.83 -90.11
N ALA G 3195 56.96 90.01 -89.07
CA ALA G 3195 57.43 88.63 -89.13
C ALA G 3195 56.71 87.86 -90.23
N ARG G 3196 55.39 88.00 -90.31
CA ARG G 3196 54.66 87.31 -91.36
C ARG G 3196 55.04 87.83 -92.73
N LEU G 3197 55.27 89.14 -92.85
CA LEU G 3197 55.70 89.71 -94.12
C LEU G 3197 57.05 89.15 -94.54
N ALA G 3198 57.98 89.01 -93.59
CA ALA G 3198 59.27 88.43 -93.90
C ALA G 3198 59.13 86.97 -94.31
N ALA G 3199 58.23 86.24 -93.66
CA ALA G 3199 57.99 84.86 -94.04
C ALA G 3199 57.47 84.74 -95.46
N ALA G 3200 56.53 85.60 -95.85
CA ALA G 3200 55.89 85.50 -97.16
C ALA G 3200 56.59 86.33 -98.23
N MET G 3201 57.65 87.03 -97.90
CA MET G 3201 58.25 87.99 -98.83
C MET G 3201 59.28 87.29 -99.69
N PRO G 3202 59.25 87.45 -101.02
CA PRO G 3202 60.04 86.59 -101.90
C PRO G 3202 61.45 87.07 -102.19
N VAL G 3203 61.83 88.28 -101.76
CA VAL G 3203 63.18 88.77 -102.02
C VAL G 3203 63.92 88.90 -100.70
N ALA G 3204 65.23 88.67 -100.76
CA ALA G 3204 66.09 88.75 -99.58
C ALA G 3204 66.47 90.21 -99.34
N PHE G 3205 65.55 90.93 -98.70
CA PHE G 3205 65.73 92.36 -98.52
C PHE G 3205 66.88 92.68 -97.58
N LEU G 3206 67.33 91.73 -96.77
CA LEU G 3206 68.46 91.96 -95.89
C LEU G 3206 69.79 91.69 -96.57
N GLU G 3207 69.78 91.13 -97.78
CA GLU G 3207 71.00 90.78 -98.51
C GLU G 3207 70.91 91.34 -99.93
N PRO G 3208 71.02 92.66 -100.08
CA PRO G 3208 70.89 93.25 -101.42
C PRO G 3208 72.02 92.90 -102.37
N GLN G 3209 73.22 92.60 -101.88
CA GLN G 3209 74.33 92.36 -102.78
C GLN G 3209 74.14 91.09 -103.61
N LEU G 3210 73.24 90.20 -103.20
CA LEU G 3210 72.95 88.99 -103.95
C LEU G 3210 71.57 89.04 -104.59
N ASN G 3211 71.00 90.23 -104.78
CA ASN G 3211 69.68 90.33 -105.39
C ASN G 3211 69.68 89.94 -106.86
N GLU G 3212 70.82 90.06 -107.54
CA GLU G 3212 70.88 89.75 -108.96
C GLU G 3212 70.64 88.28 -109.26
N TYR G 3213 70.71 87.41 -108.26
CA TYR G 3213 70.50 85.99 -108.43
C TYR G 3213 69.10 85.53 -108.05
N ASN G 3214 68.19 86.48 -107.81
CA ASN G 3214 66.82 86.14 -107.40
C ASN G 3214 65.89 86.41 -108.56
N ALA G 3215 65.19 85.37 -109.02
CA ALA G 3215 64.31 85.50 -110.17
C ALA G 3215 63.02 86.23 -109.82
N CYS G 3216 62.54 86.10 -108.59
CA CYS G 3216 61.29 86.72 -108.18
C CYS G 3216 61.52 88.12 -107.60
N SER G 3217 62.25 88.95 -108.34
CA SER G 3217 62.55 90.30 -107.93
C SER G 3217 62.20 91.27 -109.05
N VAL G 3218 61.82 92.49 -108.66
CA VAL G 3218 61.42 93.47 -109.65
C VAL G 3218 62.59 93.85 -110.55
N TYR G 3219 63.80 93.95 -110.00
CA TYR G 3219 64.96 94.34 -110.79
C TYR G 3219 65.38 93.30 -111.80
N THR G 3220 64.86 92.07 -111.70
CA THR G 3220 65.10 91.06 -112.72
C THR G 3220 63.89 90.82 -113.61
N THR G 3221 62.68 90.98 -113.08
CA THR G 3221 61.48 90.76 -113.89
C THR G 3221 61.21 91.94 -114.82
N LYS G 3222 61.51 93.16 -114.37
CA LYS G 3222 61.19 94.35 -115.15
C LYS G 3222 62.43 94.90 -115.84
N SER G 3223 62.24 95.36 -117.07
CA SER G 3223 63.34 95.88 -117.87
C SER G 3223 63.85 97.19 -117.28
N PRO G 3224 65.11 97.54 -117.55
CA PRO G 3224 65.60 98.86 -117.12
C PRO G 3224 64.82 100.01 -117.70
N ARG G 3225 64.19 99.84 -118.88
CA ARG G 3225 63.33 100.87 -119.42
C ARG G 3225 62.17 101.17 -118.48
N GLU G 3226 61.54 100.12 -117.95
CA GLU G 3226 60.52 100.29 -116.94
C GLU G 3226 61.20 100.43 -115.57
N ARG G 3227 60.40 100.37 -114.51
CA ARG G 3227 60.79 100.72 -113.14
C ARG G 3227 61.22 102.19 -113.07
N ALA G 3228 61.15 102.88 -114.20
CA ALA G 3228 61.30 104.32 -114.25
C ALA G 3228 59.97 105.04 -114.43
N ILE G 3229 59.05 104.45 -115.19
CA ILE G 3229 57.69 104.99 -115.28
C ILE G 3229 57.03 104.97 -113.91
N LEU G 3230 57.28 103.92 -113.13
CA LEU G 3230 56.86 103.86 -111.74
C LEU G 3230 58.08 104.15 -110.87
N GLY G 3231 57.90 105.01 -109.87
CA GLY G 3231 59.00 105.47 -109.06
C GLY G 3231 59.75 104.37 -108.32
N LEU G 3232 60.95 104.07 -108.79
CA LEU G 3232 61.85 103.12 -108.15
C LEU G 3232 63.22 103.76 -108.01
N PRO G 3233 63.96 103.43 -106.94
CA PRO G 3233 65.25 104.08 -106.69
C PRO G 3233 66.39 103.58 -107.55
N ASN G 3234 66.11 102.83 -108.61
CA ASN G 3234 67.05 102.32 -109.62
C ASN G 3234 68.09 101.37 -109.06
N SER G 3235 68.04 101.03 -107.78
CA SER G 3235 68.97 100.08 -107.18
C SER G 3235 68.25 99.37 -106.04
N VAL G 3236 68.50 98.06 -105.94
CA VAL G 3236 67.85 97.28 -104.89
C VAL G 3236 68.31 97.74 -103.52
N GLU G 3237 69.55 98.22 -103.41
CA GLU G 3237 70.07 98.66 -102.13
C GLU G 3237 69.36 99.89 -101.59
N GLU G 3238 68.75 100.68 -102.46
CA GLU G 3238 68.15 101.95 -102.06
C GLU G 3238 66.66 101.85 -101.76
N MET G 3239 66.03 100.71 -102.04
CA MET G 3239 64.57 100.65 -101.93
C MET G 3239 64.13 100.62 -100.48
N CYS G 3240 64.90 99.93 -99.62
CA CYS G 3240 64.78 100.04 -98.17
C CYS G 3240 66.16 100.28 -97.59
N PRO G 3241 66.64 101.52 -97.64
CA PRO G 3241 68.01 101.81 -97.19
C PRO G 3241 68.19 101.81 -95.69
N ASP G 3242 67.14 102.04 -94.91
CA ASP G 3242 67.26 102.15 -93.48
C ASP G 3242 67.23 100.81 -92.78
N ILE G 3243 67.07 99.71 -93.50
CA ILE G 3243 67.13 98.37 -92.94
C ILE G 3243 68.58 97.90 -93.01
N PRO G 3244 69.24 97.63 -91.89
CA PRO G 3244 70.61 97.15 -91.95
C PRO G 3244 70.69 95.77 -92.60
N VAL G 3245 71.83 95.48 -93.20
CA VAL G 3245 72.04 94.21 -93.85
C VAL G 3245 72.10 93.12 -92.80
N LEU G 3246 72.04 91.86 -93.24
CA LEU G 3246 71.95 90.75 -92.30
C LEU G 3246 73.17 90.67 -91.39
N ASP G 3247 74.36 90.87 -91.95
CA ASP G 3247 75.57 90.80 -91.14
C ASP G 3247 75.59 91.88 -90.07
N ARG G 3248 75.26 93.11 -90.43
CA ARG G 3248 75.20 94.19 -89.45
C ARG G 3248 74.17 93.91 -88.39
N LEU G 3249 73.01 93.38 -88.79
CA LEU G 3249 71.95 93.11 -87.83
C LEU G 3249 72.37 92.04 -86.82
N MET G 3250 72.98 90.97 -87.31
CA MET G 3250 73.48 89.93 -86.39
C MET G 3250 74.57 90.48 -85.49
N ALA G 3251 75.45 91.30 -86.03
CA ALA G 3251 76.50 91.89 -85.19
C ALA G 3251 75.90 92.73 -84.07
N ASP G 3252 74.91 93.56 -84.40
CA ASP G 3252 74.29 94.41 -83.38
C ASP G 3252 73.57 93.58 -82.33
N ILE G 3253 72.83 92.55 -82.76
CA ILE G 3253 72.11 91.72 -81.80
C ILE G 3253 73.08 90.98 -80.89
N GLY G 3254 74.15 90.44 -81.45
CA GLY G 3254 75.15 89.78 -80.63
C GLY G 3254 75.82 90.73 -79.67
N GLY G 3255 76.08 91.97 -80.11
CA GLY G 3255 76.65 92.96 -79.22
C GLY G 3255 75.74 93.27 -78.05
N LEU G 3256 74.45 93.43 -78.32
CA LEU G 3256 73.50 93.66 -77.22
C LEU G 3256 73.48 92.47 -76.27
N ALA G 3257 73.43 91.26 -76.81
CA ALA G 3257 73.36 90.08 -75.96
C ALA G 3257 74.59 89.94 -75.08
N GLU G 3258 75.78 90.18 -75.65
CA GLU G 3258 77.00 90.06 -74.87
C GLU G 3258 77.15 91.20 -73.87
N SER G 3259 76.67 92.41 -74.22
CA SER G 3259 76.68 93.49 -73.25
C SER G 3259 75.68 93.28 -72.13
N GLY G 3260 74.69 92.44 -72.32
CA GLY G 3260 73.76 92.17 -71.25
C GLY G 3260 72.76 93.27 -70.98
N ALA G 3261 72.37 94.00 -72.02
CA ALA G 3261 71.39 95.07 -71.86
C ALA G 3261 70.05 94.50 -71.45
N ARG G 3262 69.27 95.30 -70.74
CA ARG G 3262 67.94 94.88 -70.33
C ARG G 3262 66.95 95.14 -71.46
N TYR G 3263 65.69 94.79 -71.23
CA TYR G 3263 64.66 95.00 -72.24
C TYR G 3263 64.41 96.48 -72.49
N THR G 3264 64.56 97.31 -71.45
CA THR G 3264 64.20 98.71 -71.57
C THR G 3264 65.06 99.45 -72.57
N GLU G 3265 66.30 99.03 -72.76
CA GLU G 3265 67.21 99.71 -73.67
C GLU G 3265 67.26 99.08 -75.05
N MET G 3266 66.42 98.10 -75.33
CA MET G 3266 66.35 97.55 -76.68
C MET G 3266 64.96 96.98 -76.98
N PRO G 3267 63.90 97.79 -76.84
CA PRO G 3267 62.56 97.24 -77.10
C PRO G 3267 62.30 96.99 -78.57
N HIS G 3268 62.83 97.84 -79.45
CA HIS G 3268 62.59 97.67 -80.87
C HIS G 3268 63.17 96.36 -81.39
N VAL G 3269 64.38 96.02 -80.95
CA VAL G 3269 65.02 94.78 -81.38
C VAL G 3269 64.23 93.57 -80.88
N ILE G 3270 63.84 93.58 -79.61
CA ILE G 3270 63.16 92.43 -79.04
C ILE G 3270 61.79 92.24 -79.65
N GLU G 3271 61.06 93.33 -79.89
CA GLU G 3271 59.67 93.20 -80.32
C GLU G 3271 59.55 93.06 -81.83
N ILE G 3272 60.48 93.61 -82.60
CA ILE G 3272 60.30 93.68 -84.05
C ILE G 3272 61.43 92.96 -84.79
N THR G 3273 62.67 93.39 -84.54
CA THR G 3273 63.80 92.86 -85.29
C THR G 3273 64.01 91.37 -85.03
N LEU G 3274 63.91 90.95 -83.78
CA LEU G 3274 64.07 89.52 -83.49
C LEU G 3274 62.99 88.68 -84.14
N PRO G 3275 61.70 89.00 -84.05
CA PRO G 3275 60.72 88.21 -84.82
C PRO G 3275 60.94 88.27 -86.32
N MET G 3276 61.36 89.42 -86.86
CA MET G 3276 61.57 89.50 -88.30
C MET G 3276 62.71 88.58 -88.72
N LEU G 3277 63.78 88.52 -87.93
CA LEU G 3277 64.86 87.59 -88.24
C LEU G 3277 64.45 86.14 -88.03
N CYS G 3278 63.71 85.85 -86.95
CA CYS G 3278 63.26 84.49 -86.70
C CYS G 3278 62.31 84.01 -87.79
N SER G 3279 61.72 84.92 -88.54
CA SER G 3279 60.90 84.57 -89.69
C SER G 3279 61.66 84.61 -91.00
N TYR G 3280 62.75 85.39 -91.07
CA TYR G 3280 63.49 85.53 -92.33
C TYR G 3280 64.49 84.41 -92.51
N LEU G 3281 65.24 84.08 -91.46
CA LEU G 3281 66.29 83.07 -91.59
C LEU G 3281 65.75 81.70 -91.99
N PRO G 3282 64.71 81.14 -91.37
CA PRO G 3282 64.22 79.83 -91.80
C PRO G 3282 63.76 79.80 -93.24
N ARG G 3283 63.17 80.89 -93.75
CA ARG G 3283 62.72 80.89 -95.12
C ARG G 3283 63.89 80.79 -96.10
N TRP G 3284 64.94 81.56 -95.86
CA TRP G 3284 66.06 81.62 -96.78
C TRP G 3284 67.11 80.56 -96.55
N TRP G 3285 67.05 79.84 -95.43
CA TRP G 3285 67.95 78.72 -95.27
C TRP G 3285 67.66 77.63 -96.28
N GLU G 3286 66.39 77.38 -96.58
CA GLU G 3286 66.00 76.35 -97.53
C GLU G 3286 66.33 76.71 -98.96
N ARG G 3287 66.65 77.97 -99.25
CA ARG G 3287 66.89 78.42 -100.60
C ARG G 3287 68.32 78.87 -100.83
N GLY G 3288 69.21 78.67 -99.86
CA GLY G 3288 70.59 79.06 -100.01
C GLY G 3288 71.52 77.87 -99.94
N PRO G 3289 72.79 78.11 -99.67
CA PRO G 3289 73.72 77.00 -99.44
C PRO G 3289 73.34 76.27 -98.15
N GLU G 3290 73.90 75.08 -98.01
CA GLU G 3290 73.61 74.13 -96.95
C GLU G 3290 72.21 73.54 -97.07
N ALA G 3291 71.44 73.94 -98.08
CA ALA G 3291 70.13 73.36 -98.30
C ALA G 3291 70.29 71.93 -98.80
N PRO G 3292 69.26 71.10 -98.64
CA PRO G 3292 69.25 69.78 -99.28
C PRO G 3292 68.79 69.89 -100.72
N PRO G 3293 69.69 70.18 -101.65
CA PRO G 3293 69.27 70.70 -102.95
C PRO G 3293 68.92 69.58 -103.91
N PRO G 3294 67.66 69.51 -104.36
CA PRO G 3294 67.36 68.71 -105.55
C PRO G 3294 67.61 69.53 -106.81
N ALA G 3295 68.76 70.20 -106.85
CA ALA G 3295 69.07 71.20 -107.87
C ALA G 3295 70.07 70.68 -108.89
N LEU G 3296 69.99 69.39 -109.22
CA LEU G 3296 70.86 68.87 -110.28
C LEU G 3296 70.62 69.57 -111.62
N PRO G 3297 69.37 69.74 -112.09
CA PRO G 3297 69.19 70.51 -113.33
C PRO G 3297 69.19 72.02 -113.10
N ALA G 3298 68.74 72.45 -111.93
CA ALA G 3298 68.51 73.87 -111.65
C ALA G 3298 69.54 74.47 -110.71
N GLY G 3299 70.71 73.85 -110.59
CA GLY G 3299 71.75 74.39 -109.73
C GLY G 3299 72.61 75.47 -110.35
N ALA G 3300 72.41 75.75 -111.64
CA ALA G 3300 73.21 76.79 -112.30
C ALA G 3300 73.06 78.16 -111.68
N PRO G 3301 71.86 78.67 -111.38
CA PRO G 3301 71.76 79.96 -110.71
C PRO G 3301 72.29 79.90 -109.29
N PRO G 3302 73.24 80.77 -108.94
CA PRO G 3302 73.73 80.77 -107.57
C PRO G 3302 72.61 81.18 -106.60
N PRO G 3303 72.67 80.68 -105.37
CA PRO G 3303 71.65 81.08 -104.39
C PRO G 3303 71.67 82.58 -104.16
N CYS G 3304 70.50 83.15 -103.94
CA CYS G 3304 70.35 84.58 -103.74
C CYS G 3304 70.54 84.99 -102.29
N THR G 3305 70.86 84.04 -101.40
CA THR G 3305 71.07 84.33 -99.99
C THR G 3305 72.29 83.56 -99.50
N ALA G 3306 72.82 84.00 -98.36
CA ALA G 3306 73.98 83.38 -97.76
C ALA G 3306 73.66 82.86 -96.36
N VAL G 3307 72.41 82.50 -96.11
CA VAL G 3307 71.99 82.02 -94.81
C VAL G 3307 72.38 80.56 -94.66
N THR G 3308 73.15 80.26 -93.61
CA THR G 3308 73.51 78.90 -93.24
C THR G 3308 72.97 78.59 -91.86
N SER G 3309 73.27 77.40 -91.36
CA SER G 3309 72.87 77.04 -90.00
C SER G 3309 73.65 77.84 -88.96
N ASP G 3310 74.80 78.41 -89.33
CA ASP G 3310 75.54 79.24 -88.40
C ASP G 3310 74.72 80.44 -87.95
N HIS G 3311 74.01 81.07 -88.89
CA HIS G 3311 73.18 82.22 -88.55
C HIS G 3311 72.09 81.82 -87.57
N LEU G 3312 71.44 80.69 -87.82
CA LEU G 3312 70.38 80.24 -86.93
C LEU G 3312 70.91 79.92 -85.54
N ASN G 3313 72.05 79.25 -85.47
CA ASN G 3313 72.63 78.91 -84.18
C ASN G 3313 73.03 80.17 -83.40
N SER G 3314 73.66 81.12 -84.09
CA SER G 3314 74.04 82.37 -83.44
C SER G 3314 72.81 83.12 -82.94
N LEU G 3315 71.76 83.17 -83.76
CA LEU G 3315 70.56 83.88 -83.34
C LEU G 3315 69.91 83.24 -82.13
N LEU G 3316 69.87 81.90 -82.11
CA LEU G 3316 69.28 81.22 -80.96
C LEU G 3316 70.10 81.45 -79.70
N GLY G 3317 71.43 81.41 -79.83
CA GLY G 3317 72.27 81.71 -78.69
C GLY G 3317 72.06 83.11 -78.17
N ASN G 3318 71.95 84.08 -79.08
CA ASN G 3318 71.72 85.45 -78.67
C ASN G 3318 70.36 85.62 -78.01
N ILE G 3319 69.35 84.91 -78.50
CA ILE G 3319 68.02 84.99 -77.89
C ILE G 3319 68.05 84.43 -76.47
N LEU G 3320 68.73 83.30 -76.28
CA LEU G 3320 68.85 82.75 -74.93
C LEU G 3320 69.61 83.70 -74.02
N ARG G 3321 70.69 84.31 -74.53
CA ARG G 3321 71.42 85.27 -73.71
C ARG G 3321 70.57 86.47 -73.34
N ILE G 3322 69.73 86.95 -74.27
CA ILE G 3322 68.86 88.07 -73.96
C ILE G 3322 67.87 87.69 -72.86
N ILE G 3323 67.26 86.51 -72.99
CA ILE G 3323 66.27 86.10 -72.01
C ILE G 3323 66.90 85.95 -70.63
N VAL G 3324 68.13 85.43 -70.56
CA VAL G 3324 68.77 85.31 -69.25
C VAL G 3324 69.31 86.64 -68.76
N ASN G 3325 69.57 87.60 -69.64
CA ASN G 3325 69.87 88.95 -69.19
C ASN G 3325 68.66 89.56 -68.49
N ASN G 3326 67.47 89.36 -69.05
CA ASN G 3326 66.24 89.86 -68.43
C ASN G 3326 65.61 88.81 -67.53
N LEU G 3327 66.43 87.97 -66.89
CA LEU G 3327 65.91 86.76 -66.26
C LEU G 3327 65.07 87.09 -65.03
N GLY G 3328 65.55 87.97 -64.17
CA GLY G 3328 64.90 88.22 -62.90
C GLY G 3328 64.07 89.47 -62.77
N ILE G 3329 63.80 90.18 -63.88
CA ILE G 3329 63.08 91.44 -63.76
C ILE G 3329 61.63 91.19 -63.36
N ASP G 3330 60.99 92.23 -62.85
CA ASP G 3330 59.67 92.08 -62.25
C ASP G 3330 58.60 91.81 -63.30
N GLU G 3331 58.59 92.58 -64.39
CA GLU G 3331 57.54 92.48 -65.39
C GLU G 3331 58.17 92.38 -66.77
N ALA G 3332 57.81 91.33 -67.51
CA ALA G 3332 58.26 91.18 -68.90
C ALA G 3332 57.25 90.26 -69.59
N THR G 3333 56.33 90.85 -70.34
CA THR G 3333 55.35 90.08 -71.09
C THR G 3333 55.81 89.73 -72.49
N TRP G 3334 57.00 90.20 -72.89
CA TRP G 3334 57.52 89.89 -74.21
C TRP G 3334 58.16 88.52 -74.30
N MET G 3335 58.39 87.86 -73.17
CA MET G 3335 59.11 86.58 -73.19
C MET G 3335 58.32 85.51 -73.92
N LYS G 3336 57.01 85.43 -73.68
CA LYS G 3336 56.20 84.40 -74.34
C LYS G 3336 56.16 84.64 -75.85
N ARG G 3337 55.99 85.89 -76.27
CA ARG G 3337 55.99 86.19 -77.70
C ARG G 3337 57.34 85.85 -78.33
N LEU G 3338 58.44 86.20 -77.66
CA LEU G 3338 59.76 85.90 -78.19
C LEU G 3338 59.99 84.40 -78.29
N ALA G 3339 59.53 83.63 -77.29
CA ALA G 3339 59.67 82.18 -77.36
C ALA G 3339 58.88 81.61 -78.53
N VAL G 3340 57.63 82.06 -78.70
CA VAL G 3340 56.82 81.58 -79.80
C VAL G 3340 57.47 81.92 -81.14
N PHE G 3341 58.06 83.11 -81.25
CA PHE G 3341 58.71 83.49 -82.50
C PHE G 3341 60.02 82.73 -82.72
N ALA G 3342 60.70 82.35 -81.64
CA ALA G 3342 62.00 81.71 -81.78
C ALA G 3342 61.92 80.20 -81.84
N GLN G 3343 60.74 79.61 -81.65
CA GLN G 3343 60.62 78.16 -81.79
C GLN G 3343 61.02 77.65 -83.18
N PRO G 3344 60.59 78.25 -84.30
CA PRO G 3344 60.95 77.66 -85.60
C PRO G 3344 62.44 77.53 -85.84
N ILE G 3345 63.25 78.49 -85.38
CA ILE G 3345 64.68 78.47 -85.72
C ILE G 3345 65.46 77.46 -84.90
N VAL G 3346 64.84 76.81 -83.91
CA VAL G 3346 65.58 75.88 -83.07
C VAL G 3346 65.86 74.58 -83.80
N SER G 3347 65.20 74.33 -84.93
CA SER G 3347 65.31 73.05 -85.62
C SER G 3347 66.70 72.80 -86.16
N ARG G 3348 67.54 73.82 -86.26
CA ARG G 3348 68.92 73.66 -86.70
C ARG G 3348 69.93 74.01 -85.63
N ALA G 3349 69.55 73.89 -84.35
CA ALA G 3349 70.50 74.13 -83.28
C ALA G 3349 71.58 73.06 -83.27
N ARG G 3350 72.83 73.50 -83.14
CA ARG G 3350 73.95 72.58 -83.06
C ARG G 3350 74.05 71.98 -81.66
N PRO G 3351 74.71 70.84 -81.53
CA PRO G 3351 74.82 70.20 -80.21
C PRO G 3351 75.57 71.04 -79.18
N GLU G 3352 76.42 71.97 -79.62
CA GLU G 3352 77.19 72.77 -78.68
C GLU G 3352 76.32 73.64 -77.78
N LEU G 3353 75.12 73.99 -78.24
CA LEU G 3353 74.23 74.82 -77.44
C LEU G 3353 73.77 74.12 -76.16
N LEU G 3354 73.86 72.78 -76.12
CA LEU G 3354 73.52 72.07 -74.90
C LEU G 3354 74.46 72.47 -73.76
N HIS G 3355 75.74 72.60 -74.04
CA HIS G 3355 76.70 72.97 -73.02
C HIS G 3355 76.90 74.47 -72.91
N SER G 3356 76.83 75.19 -74.02
CA SER G 3356 77.15 76.62 -73.97
C SER G 3356 76.05 77.41 -73.29
N HIS G 3357 74.79 77.14 -73.61
CA HIS G 3357 73.69 77.96 -73.13
C HIS G 3357 72.71 77.20 -72.24
N PHE G 3358 72.17 76.08 -72.72
CA PHE G 3358 71.02 75.46 -72.05
C PHE G 3358 71.38 75.02 -70.63
N ILE G 3359 72.54 74.41 -70.45
CA ILE G 3359 72.94 73.97 -69.12
C ILE G 3359 73.06 75.14 -68.14
N PRO G 3360 73.79 76.22 -68.46
CA PRO G 3360 73.81 77.36 -67.53
C PRO G 3360 72.44 77.97 -67.27
N THR G 3361 71.60 78.09 -68.30
CA THR G 3361 70.28 78.69 -68.10
C THR G 3361 69.44 77.86 -67.15
N ILE G 3362 69.35 76.56 -67.41
CA ILE G 3362 68.53 75.72 -66.54
C ILE G 3362 69.15 75.63 -65.17
N GLY G 3363 70.48 75.77 -65.04
CA GLY G 3363 71.09 75.80 -63.73
C GLY G 3363 70.68 77.02 -62.93
N ARG G 3364 70.66 78.19 -63.58
CA ARG G 3364 70.19 79.39 -62.91
C ARG G 3364 68.74 79.23 -62.48
N LEU G 3365 67.90 78.69 -63.37
CA LEU G 3365 66.50 78.45 -63.01
C LEU G 3365 66.39 77.50 -61.81
N ARG G 3366 67.20 76.44 -61.81
CA ARG G 3366 67.15 75.46 -60.74
C ARG G 3366 67.53 76.09 -59.40
N LYS G 3367 68.59 76.89 -59.38
CA LYS G 3367 69.01 77.46 -58.10
C LYS G 3367 68.00 78.51 -57.61
N ARG G 3368 67.40 79.28 -58.51
CA ARG G 3368 66.35 80.19 -58.09
C ARG G 3368 65.16 79.43 -57.52
N ALA G 3369 64.76 78.34 -58.16
CA ALA G 3369 63.66 77.54 -57.64
C ALA G 3369 63.99 76.96 -56.28
N GLY G 3370 65.23 76.50 -56.09
CA GLY G 3370 65.63 75.99 -54.80
C GLY G 3370 65.56 77.04 -53.72
N LYS G 3371 66.02 78.25 -54.03
CA LYS G 3371 65.94 79.34 -53.07
C LYS G 3371 64.50 79.67 -52.71
N VAL G 3372 63.61 79.70 -53.71
CA VAL G 3372 62.22 80.03 -53.44
C VAL G 3372 61.55 78.96 -52.60
N VAL G 3373 61.80 77.69 -52.90
CA VAL G 3373 61.18 76.64 -52.09
C VAL G 3373 61.76 76.63 -50.68
N ALA G 3374 63.04 76.99 -50.54
CA ALA G 3374 63.61 77.13 -49.21
C ALA G 3374 62.90 78.22 -48.43
N GLU G 3375 62.64 79.37 -49.07
CA GLU G 3375 61.91 80.43 -48.39
C GLU G 3375 60.50 79.99 -48.04
N GLU G 3376 59.85 79.25 -48.93
CA GLU G 3376 58.48 78.80 -48.64
C GLU G 3376 58.45 77.87 -47.43
N GLU G 3377 59.37 76.91 -47.36
CA GLU G 3377 59.38 76.03 -46.20
C GLU G 3377 59.80 76.77 -44.95
N GLN G 3378 60.68 77.77 -45.08
CA GLN G 3378 61.04 78.60 -43.95
C GLN G 3378 59.83 79.35 -43.41
N LEU G 3379 58.96 79.82 -44.31
CA LEU G 3379 57.72 80.46 -43.88
C LEU G 3379 56.77 79.45 -43.24
N ARG G 3380 56.67 78.25 -43.81
CA ARG G 3380 55.67 77.30 -43.33
C ARG G 3380 56.07 76.63 -42.02
N LEU G 3381 57.37 76.62 -41.68
CA LEU G 3381 57.78 75.89 -40.49
C LEU G 3381 57.24 76.51 -39.21
N GLU G 3382 57.09 77.82 -39.17
CA GLU G 3382 56.51 78.51 -38.01
C GLU G 3382 55.16 79.09 -38.44
N ALA G 3383 54.10 78.68 -37.76
CA ALA G 3383 52.78 79.20 -38.03
C ALA G 3383 52.58 80.54 -37.33
N LYS G 3384 52.11 81.53 -38.07
CA LYS G 3384 51.98 82.87 -37.53
C LYS G 3384 50.96 83.64 -38.36
N ALA G 3385 50.35 84.65 -37.73
CA ALA G 3385 49.50 85.57 -38.47
C ALA G 3385 50.30 86.43 -39.44
N GLU G 3386 51.61 86.53 -39.25
CA GLU G 3386 52.48 87.23 -40.17
C GLU G 3386 52.90 86.37 -41.35
N ALA G 3387 52.74 85.04 -41.27
CA ALA G 3387 53.12 84.17 -42.37
C ALA G 3387 52.37 84.54 -43.66
N GLU G 3388 51.14 85.04 -43.53
CA GLU G 3388 50.44 85.57 -44.69
C GLU G 3388 51.23 86.71 -45.31
N GLU G 3389 51.71 87.64 -44.50
CA GLU G 3389 52.59 88.70 -44.99
C GLU G 3389 53.95 88.07 -45.28
N GLY G 3390 54.10 87.61 -46.52
CA GLY G 3390 55.23 86.81 -46.92
C GLY G 3390 54.79 85.68 -47.82
N GLU G 3391 53.59 85.16 -47.53
CA GLU G 3391 52.96 84.27 -48.50
C GLU G 3391 52.83 84.97 -49.85
N LEU G 3392 52.44 86.25 -49.84
CA LEU G 3392 52.31 86.96 -51.11
C LEU G 3392 53.65 87.09 -51.84
N LEU G 3393 54.75 87.37 -51.13
CA LEU G 3393 55.98 87.59 -51.87
C LEU G 3393 56.56 86.28 -52.37
N VAL G 3394 56.33 85.18 -51.63
CA VAL G 3394 56.76 83.90 -52.19
C VAL G 3394 55.88 83.52 -53.39
N ARG G 3395 54.59 83.86 -53.38
CA ARG G 3395 53.77 83.64 -54.57
C ARG G 3395 54.27 84.47 -55.75
N ASP G 3396 54.68 85.72 -55.48
CA ASP G 3396 55.19 86.56 -56.56
C ASP G 3396 56.49 85.99 -57.12
N GLU G 3397 57.37 85.51 -56.25
CA GLU G 3397 58.60 84.87 -56.74
C GLU G 3397 58.29 83.62 -57.56
N PHE G 3398 57.33 82.82 -57.11
CA PHE G 3398 56.94 81.66 -57.92
C PHE G 3398 56.35 82.09 -59.26
N SER G 3399 55.61 83.19 -59.29
CA SER G 3399 55.02 83.65 -60.54
C SER G 3399 56.09 84.10 -61.54
N VAL G 3400 57.06 84.88 -61.07
CA VAL G 3400 58.13 85.31 -61.97
C VAL G 3400 58.97 84.11 -62.40
N LEU G 3401 59.17 83.14 -61.50
CA LEU G 3401 59.90 81.93 -61.87
C LEU G 3401 59.16 81.14 -62.93
N CYS G 3402 57.84 81.01 -62.80
CA CYS G 3402 57.07 80.32 -63.81
C CYS G 3402 57.10 81.05 -65.14
N ARG G 3403 57.14 82.39 -65.10
CA ARG G 3403 57.31 83.16 -66.31
C ARG G 3403 58.61 82.82 -67.00
N ASP G 3404 59.71 82.77 -66.24
CA ASP G 3404 60.99 82.41 -66.84
C ASP G 3404 60.98 80.99 -67.36
N LEU G 3405 60.37 80.06 -66.63
CA LEU G 3405 60.32 78.67 -67.06
C LEU G 3405 59.53 78.53 -68.36
N TYR G 3406 58.42 79.23 -68.50
CA TYR G 3406 57.67 79.16 -69.73
C TYR G 3406 58.29 79.97 -70.86
N ALA G 3407 59.19 80.89 -70.54
CA ALA G 3407 59.99 81.55 -71.55
C ALA G 3407 61.10 80.68 -72.10
N LEU G 3408 61.68 79.81 -71.28
CA LEU G 3408 62.81 78.99 -71.72
C LEU G 3408 62.45 77.57 -72.12
N TYR G 3409 61.46 76.96 -71.47
CA TYR G 3409 61.23 75.53 -71.63
C TYR G 3409 60.82 75.09 -73.03
N PRO G 3410 59.90 75.76 -73.74
CA PRO G 3410 59.53 75.24 -75.07
C PRO G 3410 60.70 75.10 -76.02
N LEU G 3411 61.64 76.04 -75.97
CA LEU G 3411 62.86 75.91 -76.76
C LEU G 3411 63.63 74.65 -76.37
N LEU G 3412 63.74 74.41 -75.06
CA LEU G 3412 64.43 73.22 -74.59
C LEU G 3412 63.71 71.95 -75.02
N ILE G 3413 62.38 71.98 -75.03
CA ILE G 3413 61.60 70.81 -75.44
C ILE G 3413 61.86 70.50 -76.90
N ARG G 3414 61.87 71.52 -77.74
CA ARG G 3414 62.16 71.30 -79.16
C ARG G 3414 63.58 70.78 -79.34
N TYR G 3415 64.55 71.35 -78.62
CA TYR G 3415 65.93 70.90 -78.74
C TYR G 3415 66.07 69.45 -78.28
N VAL G 3416 65.37 69.08 -77.21
CA VAL G 3416 65.39 67.70 -76.73
C VAL G 3416 64.78 66.78 -77.78
N ASP G 3417 63.65 67.18 -78.37
CA ASP G 3417 63.05 66.34 -79.40
C ASP G 3417 64.00 66.14 -80.57
N ASN G 3418 64.81 67.14 -80.88
CA ASN G 3418 65.73 67.00 -82.00
C ASN G 3418 67.04 66.30 -81.66
N ASN G 3419 67.40 66.20 -80.38
CA ASN G 3419 68.69 65.58 -80.05
C ASN G 3419 68.60 64.37 -79.12
N ARG G 3420 67.41 63.93 -78.73
CA ARG G 3420 67.30 62.83 -77.80
C ARG G 3420 67.72 61.51 -78.43
N ALA G 3421 67.46 61.33 -79.73
CA ALA G 3421 67.93 60.12 -80.40
C ALA G 3421 69.44 60.00 -80.30
N HIS G 3422 70.16 61.10 -80.58
CA HIS G 3422 71.61 61.06 -80.47
CA HIS G 3422 71.61 61.07 -80.46
C HIS G 3422 72.05 60.84 -79.03
N TRP G 3423 71.39 61.50 -78.07
CA TRP G 3423 71.80 61.35 -76.69
C TRP G 3423 71.63 59.92 -76.20
N LEU G 3424 70.56 59.25 -76.63
CA LEU G 3424 70.36 57.85 -76.24
C LEU G 3424 71.31 56.93 -76.99
N THR G 3425 71.56 57.19 -78.26
CA THR G 3425 72.47 56.35 -79.04
C THR G 3425 73.89 56.40 -78.46
N GLU G 3426 74.35 57.60 -78.12
CA GLU G 3426 75.67 57.77 -77.53
C GLU G 3426 75.50 58.55 -76.23
N PRO G 3427 75.78 57.95 -75.07
CA PRO G 3427 75.50 58.61 -73.80
C PRO G 3427 76.25 59.93 -73.69
N ASN G 3428 75.60 60.92 -73.07
CA ASN G 3428 76.13 62.27 -72.98
C ASN G 3428 76.06 62.75 -71.54
N ALA G 3429 77.23 63.12 -71.00
CA ALA G 3429 77.28 63.61 -69.62
C ALA G 3429 76.48 64.89 -69.47
N ASN G 3430 76.53 65.77 -70.47
CA ASN G 3430 75.73 66.98 -70.42
C ASN G 3430 74.24 66.67 -70.45
N ALA G 3431 73.84 65.68 -71.24
CA ALA G 3431 72.44 65.28 -71.25
C ALA G 3431 72.00 64.77 -69.90
N GLU G 3432 72.84 63.96 -69.25
CA GLU G 3432 72.50 63.48 -67.91
C GLU G 3432 72.43 64.63 -66.90
N GLU G 3433 73.36 65.59 -67.01
CA GLU G 3433 73.33 66.74 -66.12
C GLU G 3433 72.06 67.54 -66.29
N LEU G 3434 71.67 67.77 -67.54
CA LEU G 3434 70.45 68.54 -67.79
C LEU G 3434 69.23 67.77 -67.32
N PHE G 3435 69.28 66.44 -67.40
CA PHE G 3435 68.21 65.64 -66.80
C PHE G 3435 68.14 65.86 -65.30
N ARG G 3436 69.28 65.90 -64.63
CA ARG G 3436 69.26 66.17 -63.19
C ARG G 3436 68.64 67.52 -62.90
N MET G 3437 69.00 68.52 -63.71
CA MET G 3437 68.46 69.87 -63.50
C MET G 3437 66.95 69.89 -63.65
N VAL G 3438 66.45 69.33 -64.76
CA VAL G 3438 65.00 69.34 -64.99
C VAL G 3438 64.29 68.50 -63.95
N GLY G 3439 64.90 67.40 -63.51
CA GLY G 3439 64.28 66.57 -62.50
C GLY G 3439 64.17 67.28 -61.16
N GLU G 3440 65.22 68.00 -60.76
CA GLU G 3440 65.15 68.75 -59.52
C GLU G 3440 64.10 69.84 -59.59
N ILE G 3441 64.02 70.54 -60.73
CA ILE G 3441 62.99 71.56 -60.88
C ILE G 3441 61.61 70.95 -60.76
N PHE G 3442 61.39 69.79 -61.38
CA PHE G 3442 60.08 69.17 -61.33
C PHE G 3442 59.77 68.64 -59.94
N ILE G 3443 60.81 68.19 -59.21
CA ILE G 3443 60.62 67.79 -57.82
C ILE G 3443 60.15 68.97 -56.99
N TYR G 3444 60.81 70.12 -57.15
CA TYR G 3444 60.38 71.33 -56.46
C TYR G 3444 58.94 71.65 -56.79
N TRP G 3445 58.57 71.54 -58.06
CA TRP G 3445 57.19 71.79 -58.46
C TRP G 3445 56.22 70.83 -57.76
N SER G 3446 56.58 69.55 -57.69
CA SER G 3446 55.69 68.56 -57.11
C SER G 3446 55.51 68.79 -55.61
N LYS G 3447 56.59 69.11 -54.91
CA LYS G 3447 56.48 69.28 -53.46
C LYS G 3447 55.69 70.53 -53.09
N SER G 3448 55.98 71.66 -53.72
CA SER G 3448 55.37 72.93 -53.35
C SER G 3448 54.02 73.10 -54.05
N HIS G 3449 53.01 73.46 -53.27
CA HIS G 3449 51.69 73.76 -53.83
C HIS G 3449 51.65 75.14 -54.47
N ASN G 3450 52.40 76.09 -53.89
CA ASN G 3450 52.46 77.42 -54.46
C ASN G 3450 53.02 77.40 -55.87
N PHE G 3451 54.01 76.53 -56.12
CA PHE G 3451 54.56 76.42 -57.47
C PHE G 3451 53.48 76.01 -58.46
N LYS G 3452 52.69 75.00 -58.11
CA LYS G 3452 51.62 74.54 -59.00
C LYS G 3452 50.58 75.65 -59.21
N ARG G 3453 50.16 76.29 -58.13
CA ARG G 3453 49.14 77.34 -58.26
C ARG G 3453 49.63 78.48 -59.12
N GLU G 3454 50.88 78.92 -58.90
CA GLU G 3454 51.41 80.03 -59.68
C GLU G 3454 51.60 79.65 -61.13
N GLU G 3455 52.01 78.42 -61.41
CA GLU G 3455 52.10 77.98 -62.80
C GLU G 3455 50.74 78.02 -63.49
N GLN G 3456 49.71 77.49 -62.83
CA GLN G 3456 48.38 77.49 -63.43
C GLN G 3456 47.87 78.91 -63.63
N ASN G 3457 48.12 79.78 -62.65
CA ASN G 3457 47.71 81.18 -62.77
C ASN G 3457 48.40 81.85 -63.94
N PHE G 3458 49.71 81.63 -64.09
CA PHE G 3458 50.44 82.19 -65.21
C PHE G 3458 49.83 81.73 -66.52
N VAL G 3459 49.54 80.43 -66.63
CA VAL G 3459 48.98 79.90 -67.87
C VAL G 3459 47.65 80.55 -68.16
N VAL G 3460 46.78 80.68 -67.16
CA VAL G 3460 45.43 81.15 -67.43
C VAL G 3460 45.42 82.63 -67.79
N GLN G 3461 46.17 83.47 -67.06
CA GLN G 3461 46.12 84.89 -67.41
C GLN G 3461 47.03 85.24 -68.59
N ASN G 3462 47.94 84.37 -69.00
CA ASN G 3462 48.73 84.64 -70.20
C ASN G 3462 48.20 83.93 -71.43
N GLU G 3463 47.16 83.10 -71.28
CA GLU G 3463 46.54 82.40 -72.40
C GLU G 3463 47.57 81.55 -73.15
N ILE G 3464 48.53 81.00 -72.41
CA ILE G 3464 49.53 80.15 -73.02
C ILE G 3464 48.85 78.93 -73.62
N ASN G 3465 49.08 78.72 -74.92
CA ASN G 3465 48.36 77.66 -75.63
C ASN G 3465 48.65 76.30 -75.02
N ASN G 3466 49.90 76.07 -74.63
CA ASN G 3466 50.32 74.84 -73.96
C ASN G 3466 50.18 73.64 -74.88
N MET G 3467 49.71 73.89 -76.10
CA MET G 3467 49.45 72.87 -77.11
C MET G 3467 50.35 73.02 -78.32
N SER G 3468 50.47 74.25 -78.85
CA SER G 3468 51.40 74.49 -79.93
C SER G 3468 52.84 74.19 -79.52
N PHE G 3469 53.17 74.45 -78.24
CA PHE G 3469 54.52 74.19 -77.77
C PHE G 3469 54.88 72.72 -77.84
N LEU G 3470 53.90 71.84 -77.97
CA LEU G 3470 54.15 70.41 -78.13
C LEU G 3470 53.85 69.90 -79.53
N THR G 3471 52.99 70.57 -80.29
CA THR G 3471 52.65 70.13 -81.64
C THR G 3471 53.36 70.90 -82.74
N ALA G 3472 54.28 71.80 -82.40
CA ALA G 3472 54.98 72.56 -83.43
C ALA G 3472 55.83 71.65 -84.31
N ASP G 3473 56.49 70.66 -83.71
CA ASP G 3473 57.29 69.73 -84.50
C ASP G 3473 56.41 68.95 -85.47
N SER G 3474 55.24 68.49 -85.01
CA SER G 3474 54.33 67.76 -85.88
C SER G 3474 53.84 68.65 -87.01
N LYS G 3475 53.49 69.90 -86.72
CA LYS G 3475 53.05 70.81 -87.77
C LYS G 3475 54.19 71.12 -88.75
N SER G 3476 55.44 71.16 -88.28
CA SER G 3476 56.56 71.38 -89.19
C SER G 3476 56.83 70.16 -90.05
N LYS G 3477 56.51 68.98 -89.53
CA LYS G 3477 56.64 67.74 -90.29
C LYS G 3477 55.46 67.52 -91.22
N MET G 3478 54.76 68.60 -91.59
CA MET G 3478 53.60 68.59 -92.50
C MET G 3478 52.69 67.39 -92.24
N ALA G 3479 52.25 67.28 -90.99
CA ALA G 3479 51.41 66.17 -90.57
C ALA G 3479 50.07 66.23 -91.28
N ARG G 3498 40.10 69.61 -76.89
CA ARG G 3498 38.71 69.36 -76.56
C ARG G 3498 38.53 69.16 -75.06
N ARG G 3499 39.16 68.11 -74.53
CA ARG G 3499 39.07 67.84 -73.10
C ARG G 3499 39.83 68.88 -72.29
N GLY G 3500 41.13 69.00 -72.54
CA GLY G 3500 41.96 69.97 -71.84
C GLY G 3500 42.56 71.01 -72.76
N ASP G 3501 41.76 71.52 -73.70
CA ASP G 3501 42.27 72.46 -74.68
C ASP G 3501 42.80 73.73 -74.02
N ARG G 3502 42.07 74.26 -73.03
CA ARG G 3502 42.53 75.47 -72.35
C ARG G 3502 43.76 75.19 -71.50
N TYR G 3503 43.71 74.13 -70.69
CA TYR G 3503 44.84 73.74 -69.85
C TYR G 3503 44.62 72.34 -69.31
N SER G 3504 45.70 71.57 -69.23
CA SER G 3504 45.66 70.25 -68.65
C SER G 3504 47.04 69.91 -68.09
N VAL G 3505 47.07 69.18 -66.98
CA VAL G 3505 48.33 68.82 -66.36
C VAL G 3505 49.14 67.91 -67.27
N GLN G 3506 48.47 67.02 -68.00
CA GLN G 3506 49.18 66.13 -68.91
C GLN G 3506 49.92 66.91 -69.99
N THR G 3507 49.40 68.08 -70.37
CA THR G 3507 50.02 68.92 -71.37
C THR G 3507 50.83 70.07 -70.77
N SER G 3508 51.03 70.07 -69.45
CA SER G 3508 51.88 71.06 -68.81
C SER G 3508 53.33 70.89 -69.26
N LEU G 3509 54.03 72.00 -69.47
CA LEU G 3509 55.40 71.92 -69.95
C LEU G 3509 56.37 71.46 -68.89
N ILE G 3510 56.15 71.82 -67.62
CA ILE G 3510 57.12 71.44 -66.59
C ILE G 3510 57.15 69.93 -66.43
N VAL G 3511 56.00 69.28 -66.52
CA VAL G 3511 55.96 67.82 -66.50
C VAL G 3511 56.32 67.21 -67.85
N ALA G 3512 55.91 67.84 -68.95
CA ALA G 3512 56.20 67.29 -70.27
C ALA G 3512 57.69 67.26 -70.55
N THR G 3513 58.41 68.28 -70.10
CA THR G 3513 59.85 68.31 -70.30
C THR G 3513 60.52 67.15 -69.58
N LEU G 3514 60.11 66.90 -68.34
CA LEU G 3514 60.68 65.78 -67.60
C LEU G 3514 60.31 64.45 -68.26
N LYS G 3515 59.08 64.32 -68.75
CA LYS G 3515 58.71 63.08 -69.42
C LYS G 3515 59.54 62.87 -70.68
N LYS G 3516 59.78 63.92 -71.45
CA LYS G 3516 60.60 63.80 -72.65
C LYS G 3516 62.06 63.53 -72.32
N MET G 3517 62.54 63.99 -71.17
CA MET G 3517 63.93 63.79 -70.79
C MET G 3517 64.14 62.52 -69.98
N LEU G 3518 63.06 61.87 -69.55
CA LEU G 3518 63.18 60.68 -68.72
C LEU G 3518 64.02 59.57 -69.33
N PRO G 3519 63.91 59.24 -70.62
CA PRO G 3519 64.76 58.16 -71.16
C PRO G 3519 66.23 58.40 -70.96
N ILE G 3520 66.69 59.65 -71.04
CA ILE G 3520 68.10 59.93 -70.81
C ILE G 3520 68.48 59.56 -69.39
N GLY G 3521 67.62 59.89 -68.42
CA GLY G 3521 67.91 59.54 -67.04
C GLY G 3521 67.87 58.05 -66.79
N LEU G 3522 66.89 57.35 -67.37
CA LEU G 3522 66.83 55.91 -67.20
C LEU G 3522 68.00 55.22 -67.88
N ASN G 3523 68.57 55.83 -68.92
CA ASN G 3523 69.68 55.21 -69.62
C ASN G 3523 70.93 55.15 -68.77
N MET G 3524 71.06 56.03 -67.79
CA MET G 3524 72.21 55.97 -66.89
C MET G 3524 72.17 54.71 -66.03
N CYS G 3525 71.01 54.38 -65.48
CA CYS G 3525 70.91 53.25 -64.57
C CYS G 3525 71.01 51.93 -65.32
N ALA G 3526 71.85 51.04 -64.80
CA ALA G 3526 72.00 49.70 -65.36
C ALA G 3526 70.74 48.89 -65.11
N PRO G 3527 70.49 47.86 -65.92
CA PRO G 3527 69.32 47.02 -65.70
C PRO G 3527 69.30 46.35 -64.34
N THR G 3528 70.46 46.07 -63.76
CA THR G 3528 70.54 45.42 -62.46
C THR G 3528 69.94 46.27 -61.34
N ASP G 3529 69.72 47.56 -61.58
CA ASP G 3529 69.34 48.47 -60.52
C ASP G 3529 67.84 48.61 -60.34
N GLN G 3530 67.03 47.84 -61.07
CA GLN G 3530 65.58 48.04 -61.01
C GLN G 3530 65.04 47.78 -59.61
N ASP G 3531 65.56 46.77 -58.92
CA ASP G 3531 65.13 46.54 -57.55
C ASP G 3531 65.50 47.70 -56.65
N LEU G 3532 66.69 48.27 -56.82
CA LEU G 3532 67.08 49.43 -56.03
C LEU G 3532 66.16 50.60 -56.31
N ILE G 3533 65.77 50.78 -57.57
CA ILE G 3533 64.79 51.81 -57.92
C ILE G 3533 63.50 51.57 -57.16
N MET G 3534 63.04 50.31 -57.11
CA MET G 3534 61.81 50.00 -56.40
C MET G 3534 61.92 50.32 -54.91
N LEU G 3535 63.04 49.95 -54.29
CA LEU G 3535 63.21 50.22 -52.86
C LEU G 3535 63.21 51.72 -52.59
N ALA G 3536 63.93 52.49 -53.40
CA ALA G 3536 63.96 53.94 -53.19
C ALA G 3536 62.59 54.55 -53.45
N LYS G 3537 61.83 53.98 -54.39
CA LYS G 3537 60.46 54.44 -54.60
C LYS G 3537 59.61 54.21 -53.36
N THR G 3538 59.79 53.06 -52.70
CA THR G 3538 59.05 52.82 -51.47
C THR G 3538 59.45 53.82 -50.38
N ARG G 3539 60.76 54.07 -50.24
CA ARG G 3539 61.19 55.04 -49.25
C ARG G 3539 60.59 56.42 -49.51
N TYR G 3540 60.56 56.83 -50.78
CA TYR G 3540 59.93 58.09 -51.14
C TYR G 3540 58.43 58.07 -50.87
N ALA G 3541 57.80 56.90 -51.02
CA ALA G 3541 56.42 56.75 -50.63
C ALA G 3541 56.23 56.93 -49.13
N LEU G 3542 57.27 56.65 -48.34
CA LEU G 3542 57.22 56.89 -46.90
C LEU G 3542 57.76 58.27 -46.52
N LYS G 3543 57.73 59.23 -47.44
CA LYS G 3543 58.05 60.63 -47.14
C LYS G 3543 59.41 60.77 -46.46
N ASP G 3544 60.45 60.40 -47.19
CA ASP G 3544 61.82 60.44 -46.70
C ASP G 3544 62.67 61.34 -47.58
N THR G 3545 63.78 61.84 -47.03
CA THR G 3545 64.57 62.82 -47.75
C THR G 3545 65.75 62.16 -48.47
N ASP G 3546 66.44 62.97 -49.27
CA ASP G 3546 67.51 62.47 -50.12
C ASP G 3546 68.65 61.86 -49.32
N GLU G 3547 69.02 62.48 -48.20
CA GLU G 3547 70.06 61.91 -47.36
C GLU G 3547 69.63 60.56 -46.79
N GLU G 3548 68.39 60.47 -46.31
CA GLU G 3548 67.88 59.22 -45.77
C GLU G 3548 67.93 58.11 -46.81
N VAL G 3549 67.50 58.40 -48.04
CA VAL G 3549 67.44 57.33 -49.03
C VAL G 3549 68.84 57.02 -49.55
N ARG G 3550 69.73 58.01 -49.57
CA ARG G 3550 71.10 57.72 -49.98
C ARG G 3550 71.77 56.80 -48.99
N GLU G 3551 71.59 57.03 -47.69
CA GLU G 3551 72.17 56.12 -46.71
C GLU G 3551 71.49 54.75 -46.76
N PHE G 3552 70.18 54.71 -46.99
CA PHE G 3552 69.50 53.42 -47.12
C PHE G 3552 70.05 52.63 -48.30
N LEU G 3553 70.24 53.29 -49.44
CA LEU G 3553 70.79 52.61 -50.61
C LEU G 3553 72.23 52.19 -50.36
N GLN G 3554 72.98 52.97 -49.58
CA GLN G 3554 74.32 52.55 -49.20
C GLN G 3554 74.27 51.27 -48.37
N ASN G 3555 73.33 51.18 -47.45
CA ASN G 3555 73.23 50.02 -46.56
C ASN G 3555 72.57 48.82 -47.22
N ASN G 3556 71.86 49.00 -48.33
CA ASN G 3556 71.12 47.92 -48.97
C ASN G 3556 71.64 47.65 -50.37
N LEU G 3557 72.95 47.79 -50.58
CA LEU G 3557 73.51 47.67 -51.92
C LEU G 3557 73.45 46.25 -52.45
N HIS G 3558 73.28 45.26 -51.58
CA HIS G 3558 73.31 43.86 -51.98
C HIS G 3558 72.00 43.39 -52.57
N LEU G 3559 70.97 44.22 -52.56
CA LEU G 3559 69.65 43.81 -53.05
C LEU G 3559 69.49 44.00 -54.55
N GLN G 3560 70.52 44.45 -55.25
CA GLN G 3560 70.42 44.63 -56.69
C GLN G 3560 70.25 43.29 -57.38
N GLY G 3561 69.67 43.33 -58.57
CA GLY G 3561 69.37 42.11 -59.29
C GLY G 3561 70.62 41.36 -59.71
N LYS G 3562 70.45 40.05 -59.81
CA LYS G 3562 71.49 39.15 -60.29
C LYS G 3562 71.13 38.64 -61.68
N VAL G 3563 72.12 38.69 -62.59
CA VAL G 3563 71.85 38.36 -63.98
C VAL G 3563 71.44 36.90 -64.13
N GLU G 3564 72.03 36.01 -63.33
CA GLU G 3564 71.71 34.60 -63.42
C GLU G 3564 70.26 34.32 -63.03
N GLY G 3565 69.74 35.01 -62.02
CA GLY G 3565 68.41 34.72 -61.52
C GLY G 3565 67.26 35.27 -62.34
N SER G 3566 67.52 36.13 -63.31
CA SER G 3566 66.47 36.73 -64.12
C SER G 3566 66.79 36.53 -65.60
N PRO G 3567 65.84 36.06 -66.40
CA PRO G 3567 66.12 35.83 -67.82
C PRO G 3567 66.15 37.11 -68.64
N SER G 3568 65.20 38.01 -68.40
CA SER G 3568 65.13 39.24 -69.17
C SER G 3568 66.35 40.12 -68.90
N LEU G 3569 66.79 40.17 -67.65
CA LEU G 3569 67.94 40.97 -67.29
C LEU G 3569 69.18 40.55 -68.05
N ARG G 3570 69.23 39.31 -68.52
CA ARG G 3570 70.40 38.87 -69.29
C ARG G 3570 70.55 39.69 -70.58
N TRP G 3571 69.52 39.68 -71.43
CA TRP G 3571 69.63 40.45 -72.66
C TRP G 3571 69.62 41.95 -72.40
N GLN G 3572 68.87 42.42 -71.41
CA GLN G 3572 68.94 43.85 -71.08
C GLN G 3572 70.36 44.25 -70.70
N MET G 3573 71.01 43.43 -69.88
CA MET G 3573 72.33 43.74 -69.36
C MET G 3573 73.36 43.73 -70.48
N ALA G 3574 73.24 42.73 -71.37
CA ALA G 3574 74.13 42.67 -72.53
C ALA G 3574 73.95 43.88 -73.43
N LEU G 3575 72.71 44.28 -73.68
CA LEU G 3575 72.47 45.47 -74.48
C LEU G 3575 73.06 46.70 -73.82
N TYR G 3576 72.98 46.77 -72.49
CA TYR G 3576 73.50 47.93 -71.78
C TYR G 3576 75.02 48.03 -71.88
N ARG G 3577 75.72 46.90 -71.77
CA ARG G 3577 77.13 46.85 -72.18
C ARG G 3577 77.33 47.03 -73.68
N GLY G 3578 76.28 46.99 -74.48
CA GLY G 3578 76.49 47.31 -75.88
C GLY G 3578 76.81 48.76 -76.16
N LEU G 3579 76.61 49.65 -75.19
CA LEU G 3579 76.82 51.08 -75.42
C LEU G 3579 78.31 51.41 -75.45
N PRO G 3580 78.69 52.48 -76.16
CA PRO G 3580 80.12 52.79 -76.29
C PRO G 3580 80.75 53.33 -75.01
N GLY G 3581 80.10 54.28 -74.35
CA GLY G 3581 80.74 55.01 -73.26
C GLY G 3581 80.50 54.41 -71.90
N ARG G 3582 80.21 53.11 -71.84
CA ARG G 3582 79.94 52.43 -70.58
C ARG G 3582 81.24 51.86 -70.03
N GLU G 3583 81.66 52.35 -68.87
CA GLU G 3583 82.86 51.87 -68.20
C GLU G 3583 82.49 51.21 -66.87
N GLU G 3584 83.20 50.13 -66.54
CA GLU G 3584 82.94 49.42 -65.30
C GLU G 3584 83.34 50.23 -64.08
N ASP G 3585 84.27 51.18 -64.24
CA ASP G 3585 84.66 52.03 -63.11
C ASP G 3585 83.53 52.95 -62.67
N ALA G 3586 82.55 53.20 -63.54
CA ALA G 3586 81.40 54.02 -63.18
C ALA G 3586 80.47 53.34 -62.20
N ASP G 3587 80.64 52.04 -61.96
CA ASP G 3587 79.82 51.32 -60.99
C ASP G 3587 80.42 51.36 -59.59
N ASP G 3588 80.78 52.56 -59.15
CA ASP G 3588 81.14 52.76 -57.76
C ASP G 3588 79.88 52.81 -56.90
N PRO G 3589 79.98 52.44 -55.62
CA PRO G 3589 78.78 52.50 -54.76
C PRO G 3589 78.18 53.89 -54.71
N GLU G 3590 79.00 54.93 -54.63
CA GLU G 3590 78.48 56.29 -54.58
C GLU G 3590 77.76 56.66 -55.87
N LYS G 3591 78.34 56.32 -57.03
CA LYS G 3591 77.69 56.61 -58.30
C LYS G 3591 76.37 55.86 -58.42
N ILE G 3592 76.37 54.58 -58.03
CA ILE G 3592 75.15 53.79 -58.11
C ILE G 3592 74.08 54.40 -57.23
N VAL G 3593 74.42 54.77 -55.99
CA VAL G 3593 73.38 55.26 -55.10
C VAL G 3593 72.87 56.62 -55.58
N ARG G 3594 73.73 57.50 -56.08
CA ARG G 3594 73.22 58.79 -56.51
C ARG G 3594 72.31 58.65 -57.71
N ARG G 3595 72.71 57.84 -58.70
CA ARG G 3595 71.84 57.71 -59.86
C ARG G 3595 70.54 57.02 -59.48
N VAL G 3596 70.59 56.06 -58.57
CA VAL G 3596 69.37 55.38 -58.14
C VAL G 3596 68.44 56.37 -57.45
N GLN G 3597 68.94 57.18 -56.52
CA GLN G 3597 68.04 58.08 -55.82
C GLN G 3597 67.47 59.12 -56.76
N GLU G 3598 68.30 59.67 -57.65
CA GLU G 3598 67.81 60.67 -58.59
C GLU G 3598 66.70 60.11 -59.46
N VAL G 3599 66.96 58.98 -60.10
CA VAL G 3599 65.97 58.38 -60.98
C VAL G 3599 64.72 58.02 -60.21
N SER G 3600 64.88 57.44 -59.02
CA SER G 3600 63.73 57.03 -58.21
C SER G 3600 62.88 58.22 -57.82
N ALA G 3601 63.50 59.34 -57.47
CA ALA G 3601 62.75 60.56 -57.21
C ALA G 3601 61.93 60.94 -58.42
N VAL G 3602 62.55 60.89 -59.59
CA VAL G 3602 61.84 61.27 -60.81
C VAL G 3602 60.61 60.39 -61.00
N LEU G 3603 60.77 59.05 -60.90
CA LEU G 3603 59.61 58.21 -61.18
C LEU G 3603 58.56 58.33 -60.10
N TYR G 3604 58.95 58.45 -58.83
CA TYR G 3604 57.96 58.58 -57.77
C TYR G 3604 57.09 59.81 -58.02
N HIS G 3605 57.71 60.96 -58.23
CA HIS G 3605 56.87 62.13 -58.41
C HIS G 3605 56.15 62.11 -59.75
N LEU G 3606 56.71 61.45 -60.77
CA LEU G 3606 56.01 61.31 -62.03
C LEU G 3606 54.74 60.49 -61.88
N GLU G 3607 54.79 59.40 -61.13
CA GLU G 3607 53.57 58.62 -60.91
C GLU G 3607 52.58 59.36 -60.03
N GLN G 3608 53.07 60.10 -59.02
CA GLN G 3608 52.16 60.96 -58.28
C GLN G 3608 51.43 61.94 -59.18
N THR G 3609 52.12 62.56 -60.13
CA THR G 3609 51.49 63.48 -61.05
C THR G 3609 50.52 62.77 -62.01
N GLU G 3610 50.99 61.73 -62.70
CA GLU G 3610 50.17 61.11 -63.74
C GLU G 3610 48.93 60.44 -63.16
N HIS G 3611 49.09 59.73 -62.03
CA HIS G 3611 47.96 59.13 -61.35
C HIS G 3611 47.71 59.92 -60.08
N PRO G 3612 46.82 60.93 -60.11
CA PRO G 3612 46.65 61.79 -58.93
C PRO G 3612 46.15 61.05 -57.71
N TYR G 3613 45.53 59.88 -57.89
CA TYR G 3613 44.98 59.06 -56.80
C TYR G 3613 44.12 59.89 -55.83
N LYS G 3614 43.57 61.00 -56.30
CA LYS G 3614 42.69 61.82 -55.49
C LYS G 3614 41.24 61.33 -55.52
N SER G 3615 40.96 60.30 -56.31
CA SER G 3615 39.63 59.71 -56.31
C SER G 3615 39.39 58.94 -55.01
N LYS G 3616 38.12 58.58 -54.79
CA LYS G 3616 37.68 57.88 -53.59
C LYS G 3616 37.85 58.73 -52.34
N LYS G 3617 38.28 59.98 -52.51
CA LYS G 3617 38.35 60.94 -51.42
C LYS G 3617 37.14 61.86 -51.42
N ALA G 3618 36.89 62.54 -52.54
CA ALA G 3618 35.68 63.31 -52.77
C ALA G 3618 35.12 62.88 -54.12
N VAL G 3619 34.34 61.80 -54.12
CA VAL G 3619 33.65 61.33 -55.31
C VAL G 3619 32.35 62.09 -55.45
N TRP G 3620 31.66 61.90 -56.58
CA TRP G 3620 30.33 62.47 -56.73
C TRP G 3620 29.45 61.96 -55.60
N HIS G 3621 29.08 62.85 -54.68
CA HIS G 3621 28.47 62.45 -53.42
C HIS G 3621 27.01 62.85 -53.25
N LYS G 3622 26.55 63.91 -53.92
CA LYS G 3622 25.20 64.46 -53.78
C LYS G 3622 24.73 64.42 -52.33
N LEU G 3623 25.50 65.11 -51.48
CA LEU G 3623 25.24 65.11 -50.04
C LEU G 3623 23.76 65.40 -49.73
N LEU G 3624 23.31 66.61 -50.08
CA LEU G 3624 21.88 66.91 -50.05
C LEU G 3624 21.44 67.69 -51.28
N SER G 3625 22.31 67.86 -52.27
CA SER G 3625 22.07 68.83 -53.34
C SER G 3625 20.83 68.50 -54.14
N LYS G 3626 20.70 67.23 -54.56
CA LYS G 3626 19.65 66.86 -55.51
C LYS G 3626 18.24 67.16 -55.01
N GLN G 3627 18.06 67.29 -53.70
CA GLN G 3627 16.75 67.60 -53.14
C GLN G 3627 16.72 68.88 -52.32
N ARG G 3628 17.87 69.52 -52.08
CA ARG G 3628 17.93 70.74 -51.28
C ARG G 3628 18.49 71.92 -52.08
N ARG G 3629 18.69 71.76 -53.40
CA ARG G 3629 19.15 72.87 -54.21
C ARG G 3629 18.13 74.00 -54.24
N ARG G 3630 16.84 73.67 -54.32
CA ARG G 3630 15.81 74.70 -54.25
C ARG G 3630 15.86 75.45 -52.93
N ALA G 3631 16.05 74.75 -51.81
CA ALA G 3631 16.13 75.41 -50.52
C ALA G 3631 17.34 76.34 -50.44
N VAL G 3632 18.51 75.85 -50.86
CA VAL G 3632 19.72 76.66 -50.75
C VAL G 3632 19.66 77.86 -51.69
N VAL G 3633 19.03 77.70 -52.85
CA VAL G 3633 18.87 78.84 -53.76
C VAL G 3633 17.89 79.85 -53.19
N ALA G 3634 16.75 79.39 -52.66
CA ALA G 3634 15.75 80.29 -52.10
C ALA G 3634 16.27 81.00 -50.85
N CYS G 3635 17.27 80.42 -50.18
CA CYS G 3635 17.84 81.08 -49.02
C CYS G 3635 18.43 82.44 -49.39
N PHE G 3636 19.22 82.49 -50.47
CA PHE G 3636 19.95 83.71 -50.82
C PHE G 3636 19.04 84.83 -51.33
N ARG G 3637 17.77 84.53 -51.63
CA ARG G 3637 16.84 85.52 -52.17
C ARG G 3637 15.70 85.81 -51.21
N MET G 3638 15.80 85.35 -49.96
CA MET G 3638 14.68 85.45 -49.04
C MET G 3638 14.48 86.89 -48.59
N THR G 3639 13.23 87.28 -48.41
CA THR G 3639 12.93 88.67 -48.11
C THR G 3639 13.32 89.01 -46.67
N PRO G 3640 13.75 90.24 -46.40
CA PRO G 3640 14.04 90.62 -45.02
C PRO G 3640 12.77 90.92 -44.24
N LEU G 3641 12.91 90.91 -42.91
CA LEU G 3641 11.77 91.19 -42.04
C LEU G 3641 11.33 92.64 -42.14
N TYR G 3642 12.27 93.55 -42.37
CA TYR G 3642 11.91 94.96 -42.43
C TYR G 3642 11.07 95.31 -43.64
N ASN G 3643 10.95 94.41 -44.60
CA ASN G 3643 10.22 94.66 -45.83
C ASN G 3643 8.79 94.15 -45.79
N LEU G 3644 8.38 93.50 -44.70
CA LEU G 3644 7.07 92.89 -44.59
C LEU G 3644 6.02 93.92 -44.18
N PRO G 3645 4.73 93.62 -44.41
CA PRO G 3645 3.67 94.48 -43.89
C PRO G 3645 3.60 94.43 -42.37
N THR G 3646 3.08 95.52 -41.80
CA THR G 3646 3.10 95.69 -40.36
C THR G 3646 2.30 94.61 -39.65
N HIS G 3647 1.13 94.27 -40.18
CA HIS G 3647 0.29 93.30 -39.48
C HIS G 3647 0.88 91.89 -39.55
N ARG G 3648 1.49 91.53 -40.67
CA ARG G 3648 2.20 90.26 -40.75
C ARG G 3648 3.33 90.23 -39.74
N ALA G 3649 4.11 91.31 -39.67
CA ALA G 3649 5.20 91.35 -38.71
C ALA G 3649 4.68 91.25 -37.28
N CYS G 3650 3.55 91.90 -36.99
CA CYS G 3650 2.99 91.86 -35.65
C CYS G 3650 2.51 90.45 -35.29
N ASN G 3651 1.88 89.75 -36.23
CA ASN G 3651 1.45 88.39 -35.94
C ASN G 3651 2.65 87.47 -35.70
N MET G 3652 3.69 87.61 -36.52
CA MET G 3652 4.89 86.82 -36.28
C MET G 3652 5.52 87.18 -34.94
N PHE G 3653 5.49 88.45 -34.56
CA PHE G 3653 5.98 88.84 -33.24
C PHE G 3653 5.18 88.17 -32.14
N LEU G 3654 3.86 88.12 -32.28
CA LEU G 3654 3.04 87.49 -31.26
C LEU G 3654 3.38 86.02 -31.12
N GLU G 3655 3.53 85.32 -32.25
CA GLU G 3655 3.92 83.92 -32.18
C GLU G 3655 5.27 83.74 -31.50
N SER G 3656 6.27 84.51 -31.92
CA SER G 3656 7.60 84.38 -31.34
C SER G 3656 7.59 84.72 -29.86
N TYR G 3657 6.84 85.75 -29.47
CA TYR G 3657 6.82 86.18 -28.09
C TYR G 3657 6.14 85.14 -27.20
N LYS G 3658 5.01 84.58 -27.63
CA LYS G 3658 4.39 83.56 -26.80
C LYS G 3658 5.24 82.30 -26.75
N ALA G 3659 6.01 82.01 -27.81
CA ALA G 3659 6.83 80.81 -27.80
C ALA G 3659 8.08 80.97 -26.94
N ALA G 3660 8.67 82.17 -26.91
CA ALA G 3660 9.98 82.35 -26.31
C ALA G 3660 9.97 83.11 -24.99
N TRP G 3661 8.88 83.77 -24.64
CA TRP G 3661 8.85 84.60 -23.44
C TRP G 3661 7.71 84.26 -22.50
N ILE G 3662 6.54 83.93 -23.01
CA ILE G 3662 5.42 83.58 -22.15
C ILE G 3662 5.46 82.11 -21.76
N LEU G 3663 5.69 81.23 -22.73
CA LEU G 3663 5.76 79.80 -22.42
C LEU G 3663 6.93 79.50 -21.49
N THR G 3664 8.08 80.13 -21.72
CA THR G 3664 9.26 79.83 -20.92
C THR G 3664 9.11 80.30 -19.48
N GLU G 3665 8.12 81.16 -19.20
CA GLU G 3665 7.95 81.68 -17.86
C GLU G 3665 7.50 80.58 -16.91
N ASP G 3666 8.04 80.61 -15.69
CA ASP G 3666 7.72 79.66 -14.65
C ASP G 3666 6.85 80.34 -13.61
N HIS G 3667 5.68 79.75 -13.34
CA HIS G 3667 4.79 80.25 -12.29
C HIS G 3667 4.27 79.05 -11.51
N SER G 3668 4.74 78.91 -10.28
CA SER G 3668 4.31 77.83 -9.41
C SER G 3668 3.23 78.36 -8.48
N PHE G 3669 1.98 78.03 -8.77
CA PHE G 3669 0.85 78.44 -7.94
C PHE G 3669 0.08 77.26 -7.39
N GLU G 3670 0.43 76.03 -7.76
CA GLU G 3670 -0.35 74.88 -7.34
C GLU G 3670 -0.32 74.70 -5.84
N ASP G 3671 0.87 74.80 -5.24
CA ASP G 3671 0.99 74.61 -3.80
C ASP G 3671 0.24 75.70 -3.04
N ARG G 3672 0.37 76.96 -3.49
CA ARG G 3672 -0.36 78.04 -2.85
C ARG G 3672 -1.86 77.84 -2.95
N MET G 3673 -2.33 77.42 -4.12
CA MET G 3673 -3.77 77.28 -4.32
C MET G 3673 -4.34 76.14 -3.50
N ILE G 3674 -3.61 75.02 -3.43
CA ILE G 3674 -4.07 73.90 -2.62
C ILE G 3674 -4.05 74.27 -1.14
N ASP G 3675 -3.02 74.98 -0.69
CA ASP G 3675 -2.99 75.42 0.69
C ASP G 3675 -4.16 76.34 1.00
N ASP G 3676 -4.46 77.28 0.10
CA ASP G 3676 -5.57 78.19 0.31
C ASP G 3676 -6.90 77.46 0.35
N LEU G 3677 -7.07 76.46 -0.51
CA LEU G 3677 -8.32 75.72 -0.53
C LEU G 3677 -8.44 74.71 0.61
N SER G 3678 -7.34 74.38 1.28
CA SER G 3678 -7.38 73.37 2.33
C SER G 3678 -7.64 73.96 3.72
N LYS G 3679 -8.29 75.12 3.81
CA LYS G 3679 -8.54 75.78 5.08
C LYS G 3679 -10.03 75.92 5.32
N ALA G 3680 -10.43 75.83 6.59
CA ALA G 3680 -11.80 76.13 6.98
C ALA G 3680 -11.85 77.54 7.54
N GLY G 3681 -12.87 78.30 7.16
CA GLY G 3681 -12.88 79.72 7.46
C GLY G 3681 -13.69 80.17 8.66
N GLU G 3682 -12.99 80.40 9.78
CA GLU G 3682 -13.52 81.06 10.98
C GLU G 3682 -14.98 80.71 11.25
N GLN G 3683 -15.29 79.41 11.18
CA GLN G 3683 -16.62 78.92 11.51
C GLN G 3683 -16.64 78.15 12.82
N GLU G 3684 -15.57 78.24 13.61
CA GLU G 3684 -15.43 77.48 14.85
C GLU G 3684 -15.83 78.28 16.08
N GLU G 3685 -16.76 79.22 15.93
CA GLU G 3685 -17.22 80.05 17.03
C GLU G 3685 -18.47 79.47 17.70
N GLU G 3686 -18.99 78.36 17.20
CA GLU G 3686 -20.20 77.75 17.76
C GLU G 3686 -19.96 76.37 18.35
N GLU G 3687 -19.08 75.57 17.74
CA GLU G 3687 -18.73 74.22 18.17
C GLU G 3687 -19.94 73.44 18.68
N GLU G 3688 -21.01 73.49 17.89
CA GLU G 3688 -22.26 72.79 18.20
C GLU G 3688 -22.22 71.40 17.57
N GLU G 3689 -23.37 70.73 17.48
CA GLU G 3689 -23.46 69.39 16.92
C GLU G 3689 -23.35 69.42 15.40
N VAL G 3690 -22.85 70.54 14.86
CA VAL G 3690 -22.58 70.70 13.43
C VAL G 3690 -21.36 69.88 13.03
N GLU G 3691 -20.84 69.08 13.98
CA GLU G 3691 -19.61 68.31 13.82
C GLU G 3691 -19.62 67.43 12.58
N GLU G 3692 -20.77 67.34 11.89
CA GLU G 3692 -20.78 66.84 10.51
C GLU G 3692 -19.67 67.48 9.69
N LYS G 3693 -19.30 68.73 10.01
CA LYS G 3693 -18.11 69.39 9.46
C LYS G 3693 -18.17 69.47 7.94
N LYS G 3694 -19.09 70.33 7.47
CA LYS G 3694 -19.26 70.65 6.07
C LYS G 3694 -17.90 70.75 5.39
N PRO G 3695 -17.77 70.18 4.19
CA PRO G 3695 -16.46 70.07 3.57
C PRO G 3695 -15.80 71.42 3.32
N ASP G 3696 -14.48 71.45 3.45
CA ASP G 3696 -13.68 72.61 3.10
C ASP G 3696 -13.69 72.77 1.59
N PRO G 3697 -13.28 73.94 1.08
CA PRO G 3697 -13.40 74.19 -0.37
C PRO G 3697 -12.78 73.12 -1.24
N LEU G 3698 -11.59 72.62 -0.90
CA LEU G 3698 -10.97 71.57 -1.69
C LEU G 3698 -11.80 70.30 -1.66
N HIS G 3699 -12.34 69.96 -0.50
CA HIS G 3699 -13.20 68.79 -0.37
C HIS G 3699 -14.45 68.94 -1.23
N GLN G 3700 -15.04 70.13 -1.25
CA GLN G 3700 -16.21 70.36 -2.09
C GLN G 3700 -15.87 70.27 -3.56
N LEU G 3701 -14.69 70.76 -3.95
CA LEU G 3701 -14.27 70.62 -5.34
C LEU G 3701 -14.13 69.15 -5.73
N VAL G 3702 -13.50 68.35 -4.88
CA VAL G 3702 -13.36 66.93 -5.17
C VAL G 3702 -14.72 66.26 -5.24
N LEU G 3703 -15.61 66.62 -4.34
CA LEU G 3703 -16.96 66.06 -4.36
C LEU G 3703 -17.69 66.44 -5.64
N HIS G 3704 -17.50 67.68 -6.12
CA HIS G 3704 -18.15 68.08 -7.35
C HIS G 3704 -17.65 67.26 -8.53
N PHE G 3705 -16.33 67.06 -8.60
CA PHE G 3705 -15.80 66.25 -9.70
C PHE G 3705 -16.24 64.79 -9.58
N SER G 3706 -16.34 64.27 -8.36
CA SER G 3706 -16.85 62.92 -8.18
C SER G 3706 -18.31 62.82 -8.63
N ARG G 3707 -19.11 63.83 -8.31
CA ARG G 3707 -20.50 63.85 -8.74
C ARG G 3707 -20.62 63.88 -10.26
N THR G 3708 -19.83 64.72 -10.92
CA THR G 3708 -19.91 64.75 -12.38
C THR G 3708 -19.31 63.49 -13.00
N ALA G 3709 -18.48 62.76 -12.27
CA ALA G 3709 -18.01 61.48 -12.76
C ALA G 3709 -19.07 60.39 -12.61
N LEU G 3710 -19.87 60.45 -11.55
CA LEU G 3710 -20.83 59.37 -11.28
C LEU G 3710 -22.12 59.50 -12.08
N THR G 3711 -22.28 60.57 -12.85
CA THR G 3711 -23.47 60.73 -13.67
C THR G 3711 -23.48 59.69 -14.79
N GLU G 3712 -24.66 59.14 -15.08
CA GLU G 3712 -24.80 58.11 -16.11
C GLU G 3712 -24.79 58.78 -17.49
N LYS G 3713 -23.74 58.51 -18.26
CA LYS G 3713 -23.59 59.07 -19.60
C LYS G 3713 -22.99 58.02 -20.51
N SER G 3714 -23.22 58.19 -21.82
CA SER G 3714 -22.63 57.27 -22.79
C SER G 3714 -21.11 57.41 -22.84
N LYS G 3715 -20.62 58.65 -22.83
CA LYS G 3715 -19.19 58.90 -22.92
C LYS G 3715 -18.81 60.00 -21.94
N LEU G 3716 -17.65 59.85 -21.30
CA LEU G 3716 -17.12 60.86 -20.40
C LEU G 3716 -16.65 62.04 -21.24
N ASP G 3717 -17.45 63.09 -21.27
CA ASP G 3717 -17.14 64.24 -22.12
C ASP G 3717 -15.93 65.01 -21.58
N GLU G 3718 -15.22 65.63 -22.52
CA GLU G 3718 -13.99 66.35 -22.19
C GLU G 3718 -14.31 67.58 -21.33
N ASP G 3719 -13.45 67.86 -20.36
CA ASP G 3719 -13.69 68.93 -19.38
C ASP G 3719 -12.39 69.63 -19.01
N TYR G 3720 -12.20 70.85 -19.54
CA TYR G 3720 -10.98 71.59 -19.26
C TYR G 3720 -10.85 71.92 -17.77
N LEU G 3721 -11.96 72.21 -17.10
CA LEU G 3721 -11.89 72.52 -15.68
C LEU G 3721 -11.33 71.34 -14.90
N TYR G 3722 -11.83 70.14 -15.18
CA TYR G 3722 -11.33 68.96 -14.49
C TYR G 3722 -9.87 68.72 -14.82
N MET G 3723 -9.47 68.90 -16.09
CA MET G 3723 -8.05 68.73 -16.39
C MET G 3723 -7.19 69.71 -15.61
N ALA G 3724 -7.61 70.98 -15.56
CA ALA G 3724 -6.81 71.98 -14.89
C ALA G 3724 -6.66 71.66 -13.41
N TYR G 3725 -7.76 71.26 -12.77
CA TYR G 3725 -7.67 71.03 -11.34
C TYR G 3725 -6.95 69.72 -11.03
N ALA G 3726 -7.10 68.70 -11.87
CA ALA G 3726 -6.33 67.48 -11.69
C ALA G 3726 -4.84 67.76 -11.83
N ASP G 3727 -4.45 68.60 -12.80
CA ASP G 3727 -3.03 68.94 -12.95
C ASP G 3727 -2.53 69.71 -11.74
N ILE G 3728 -3.33 70.65 -11.23
CA ILE G 3728 -2.93 71.40 -10.04
C ILE G 3728 -2.73 70.45 -8.87
N MET G 3729 -3.67 69.53 -8.68
CA MET G 3729 -3.57 68.57 -7.58
C MET G 3729 -2.34 67.69 -7.72
N ALA G 3730 -2.08 67.22 -8.95
CA ALA G 3730 -0.93 66.35 -9.17
C ALA G 3730 0.38 67.08 -8.92
N LYS G 3731 0.50 68.33 -9.40
CA LYS G 3731 1.72 69.07 -9.16
C LYS G 3731 1.87 69.48 -7.71
N SER G 3732 0.78 69.51 -6.94
CA SER G 3732 0.86 69.82 -5.53
C SER G 3732 1.44 68.70 -4.68
N CYS G 3733 1.60 67.50 -5.24
CA CYS G 3733 1.91 66.33 -4.42
C CYS G 3733 3.37 65.92 -4.44
N HIS G 3734 4.11 66.16 -5.53
CA HIS G 3734 5.48 65.68 -5.56
C HIS G 3734 6.46 66.71 -5.01
N LEU G 3735 6.57 67.86 -5.67
CA LEU G 3735 7.44 68.95 -5.23
C LEU G 3735 8.87 68.47 -5.00
N GLU G 3736 9.34 67.59 -5.88
CA GLU G 3736 10.70 67.06 -5.80
C GLU G 3736 11.17 66.58 -7.17
N VAL G 3749 25.08 65.07 -3.45
CA VAL G 3749 24.28 64.03 -4.07
C VAL G 3749 24.11 62.86 -3.10
N GLU G 3750 24.55 63.05 -1.86
CA GLU G 3750 24.45 62.02 -0.83
C GLU G 3750 23.38 62.48 0.16
N VAL G 3751 22.13 62.11 -0.11
CA VAL G 3751 21.03 62.43 0.78
C VAL G 3751 21.12 61.56 2.02
N SER G 3752 21.19 62.20 3.19
CA SER G 3752 21.30 61.45 4.43
C SER G 3752 19.93 60.91 4.86
N PHE G 3753 19.96 60.06 5.87
CA PHE G 3753 18.74 59.38 6.33
C PHE G 3753 17.70 60.38 6.79
N GLU G 3754 18.11 61.41 7.53
CA GLU G 3754 17.15 62.34 8.10
C GLU G 3754 16.36 63.05 7.01
N GLU G 3755 17.04 63.65 6.04
CA GLU G 3755 16.32 64.36 5.00
C GLU G 3755 15.65 63.42 4.00
N LYS G 3756 16.15 62.19 3.84
CA LYS G 3756 15.41 61.21 3.05
C LYS G 3756 14.05 60.92 3.67
N GLU G 3757 14.04 60.59 4.97
CA GLU G 3757 12.76 60.38 5.65
C GLU G 3757 11.94 61.67 5.69
N MET G 3758 12.59 62.83 5.76
CA MET G 3758 11.84 64.08 5.71
C MET G 3758 11.12 64.23 4.38
N GLU G 3759 11.79 63.88 3.28
CA GLU G 3759 11.13 63.88 1.98
C GLU G 3759 9.97 62.91 1.96
N LYS G 3760 10.15 61.72 2.55
CA LYS G 3760 9.07 60.75 2.57
C LYS G 3760 7.86 61.28 3.34
N GLN G 3761 8.08 61.86 4.53
CA GLN G 3761 6.95 62.35 5.31
C GLN G 3761 6.30 63.56 4.66
N ARG G 3762 7.09 64.41 4.00
CA ARG G 3762 6.50 65.56 3.33
C ARG G 3762 5.64 65.12 2.14
N LEU G 3763 6.12 64.15 1.38
CA LEU G 3763 5.32 63.58 0.30
C LEU G 3763 4.05 62.94 0.86
N LEU G 3764 4.17 62.25 1.99
CA LEU G 3764 3.00 61.63 2.60
C LEU G 3764 1.97 62.66 3.02
N TYR G 3765 2.42 63.79 3.59
CA TYR G 3765 1.47 64.82 3.99
C TYR G 3765 0.81 65.44 2.77
N GLN G 3766 1.58 65.73 1.73
CA GLN G 3766 1.00 66.33 0.54
C GLN G 3766 0.01 65.40 -0.13
N GLN G 3767 0.25 64.09 -0.05
CA GLN G 3767 -0.72 63.14 -0.56
C GLN G 3767 -1.92 63.02 0.37
N SER G 3768 -1.72 63.23 1.67
CA SER G 3768 -2.83 63.18 2.61
C SER G 3768 -3.79 64.33 2.39
N ARG G 3769 -3.27 65.51 2.03
CA ARG G 3769 -4.16 66.64 1.75
C ARG G 3769 -5.17 66.32 0.68
N LEU G 3770 -4.87 65.39 -0.22
CA LEU G 3770 -5.78 64.99 -1.27
C LEU G 3770 -6.58 63.74 -0.91
N HIS G 3771 -5.92 62.71 -0.39
CA HIS G 3771 -6.62 61.46 -0.18
C HIS G 3771 -7.45 61.47 1.09
N THR G 3772 -7.35 62.51 1.91
CA THR G 3772 -8.28 62.68 3.01
C THR G 3772 -9.54 63.41 2.58
N ARG G 3773 -9.67 63.72 1.29
CA ARG G 3773 -10.81 64.47 0.78
C ARG G 3773 -11.45 63.79 -0.43
N GLY G 3774 -11.14 62.52 -0.65
CA GLY G 3774 -11.83 61.75 -1.67
C GLY G 3774 -11.15 61.68 -3.01
N ALA G 3775 -9.89 62.13 -3.12
CA ALA G 3775 -9.21 62.09 -4.41
C ALA G 3775 -9.02 60.67 -4.91
N ALA G 3776 -8.76 59.73 -4.00
CA ALA G 3776 -8.59 58.33 -4.39
C ALA G 3776 -9.85 57.79 -5.04
N GLU G 3777 -11.01 58.09 -4.47
CA GLU G 3777 -12.26 57.64 -5.06
C GLU G 3777 -12.55 58.37 -6.36
N MET G 3778 -12.20 59.66 -6.44
CA MET G 3778 -12.40 60.42 -7.67
C MET G 3778 -11.62 59.80 -8.81
N VAL G 3779 -10.38 59.39 -8.57
CA VAL G 3779 -9.56 58.81 -9.63
C VAL G 3779 -10.20 57.55 -10.18
N LEU G 3780 -10.64 56.65 -9.30
CA LEU G 3780 -11.27 55.42 -9.75
C LEU G 3780 -12.55 55.69 -10.49
N GLN G 3781 -13.36 56.64 -10.00
CA GLN G 3781 -14.61 56.95 -10.68
C GLN G 3781 -14.36 57.50 -12.07
N MET G 3782 -13.37 58.39 -12.22
CA MET G 3782 -13.05 58.92 -13.54
C MET G 3782 -12.54 57.83 -14.47
N ILE G 3783 -11.69 56.93 -13.97
CA ILE G 3783 -11.19 55.85 -14.81
C ILE G 3783 -12.34 54.97 -15.28
N SER G 3784 -13.26 54.64 -14.38
CA SER G 3784 -14.40 53.83 -14.77
C SER G 3784 -15.30 54.57 -15.75
N ALA G 3785 -15.44 55.89 -15.58
CA ALA G 3785 -16.33 56.65 -16.44
C ALA G 3785 -15.77 56.82 -17.86
N CYS G 3786 -14.44 56.88 -17.99
CA CYS G 3786 -13.87 57.03 -19.33
C CYS G 3786 -14.21 55.84 -20.22
N LYS G 3787 -14.52 54.69 -19.64
CA LYS G 3787 -14.97 53.50 -20.38
C LYS G 3787 -13.96 53.06 -21.43
N GLY G 3788 -12.67 53.17 -21.12
CA GLY G 3788 -11.66 52.70 -22.03
C GLY G 3788 -11.42 53.57 -23.24
N GLU G 3789 -11.75 54.85 -23.18
CA GLU G 3789 -11.47 55.78 -24.26
C GLU G 3789 -10.27 56.63 -23.89
N THR G 3790 -9.22 56.54 -24.69
CA THR G 3790 -8.03 57.34 -24.47
C THR G 3790 -8.32 58.81 -24.70
N GLY G 3791 -7.67 59.66 -23.92
CA GLY G 3791 -7.87 61.08 -24.04
C GLY G 3791 -7.25 61.83 -22.88
N ALA G 3792 -7.41 63.15 -22.93
CA ALA G 3792 -6.86 64.00 -21.89
C ALA G 3792 -7.52 63.73 -20.54
N MET G 3793 -8.82 63.42 -20.53
CA MET G 3793 -9.50 63.00 -19.32
C MET G 3793 -8.74 61.88 -18.60
N VAL G 3794 -8.57 60.75 -19.28
CA VAL G 3794 -7.97 59.59 -18.63
C VAL G 3794 -6.48 59.83 -18.35
N SER G 3795 -5.80 60.59 -19.22
CA SER G 3795 -4.40 60.87 -18.97
C SER G 3795 -4.22 61.71 -17.70
N SER G 3796 -5.05 62.75 -17.53
CA SER G 3796 -4.99 63.56 -16.33
C SER G 3796 -5.35 62.76 -15.09
N THR G 3797 -6.36 61.90 -15.21
CA THR G 3797 -6.75 61.07 -14.08
C THR G 3797 -5.62 60.12 -13.67
N LEU G 3798 -4.97 59.49 -14.65
CA LEU G 3798 -3.87 58.59 -14.33
C LEU G 3798 -2.71 59.33 -13.72
N LYS G 3799 -2.42 60.54 -14.22
CA LYS G 3799 -1.35 61.33 -13.63
C LYS G 3799 -1.66 61.69 -12.18
N LEU G 3800 -2.91 62.05 -11.90
CA LEU G 3800 -3.29 62.35 -10.52
C LEU G 3800 -3.17 61.12 -9.62
N GLY G 3801 -3.62 59.97 -10.11
CA GLY G 3801 -3.49 58.74 -9.33
C GLY G 3801 -2.05 58.39 -9.04
N ILE G 3802 -1.19 58.52 -10.04
CA ILE G 3802 0.24 58.30 -9.84
C ILE G 3802 0.77 59.28 -8.80
N SER G 3803 0.34 60.54 -8.88
CA SER G 3803 0.84 61.56 -7.97
C SER G 3803 0.50 61.22 -6.53
N ILE G 3804 -0.72 60.75 -6.28
CA ILE G 3804 -1.11 60.41 -4.91
C ILE G 3804 -0.67 59.02 -4.49
N LEU G 3805 -0.25 58.16 -5.42
CA LEU G 3805 0.22 56.83 -5.07
C LEU G 3805 1.74 56.70 -5.06
N ASN G 3806 2.48 57.74 -5.40
CA ASN G 3806 3.94 57.64 -5.45
C ASN G 3806 4.51 57.19 -4.12
N GLY G 3807 5.52 56.33 -4.18
CA GLY G 3807 6.15 55.78 -3.02
C GLY G 3807 5.45 54.58 -2.41
N GLY G 3808 4.35 54.15 -2.98
CA GLY G 3808 3.60 53.05 -2.41
C GLY G 3808 2.79 53.49 -1.21
N ASN G 3809 1.86 54.41 -1.42
CA ASN G 3809 1.09 54.98 -0.32
C ASN G 3809 0.05 53.97 0.14
N ALA G 3810 0.27 53.39 1.31
CA ALA G 3810 -0.57 52.30 1.78
C ALA G 3810 -1.98 52.76 2.10
N GLU G 3811 -2.13 53.96 2.66
CA GLU G 3811 -3.47 54.47 2.95
C GLU G 3811 -4.27 54.66 1.67
N VAL G 3812 -3.65 55.21 0.64
CA VAL G 3812 -4.34 55.39 -0.63
C VAL G 3812 -4.69 54.05 -1.25
N GLN G 3813 -3.77 53.10 -1.19
CA GLN G 3813 -4.06 51.76 -1.71
C GLN G 3813 -5.24 51.14 -0.98
N GLN G 3814 -5.27 51.27 0.35
CA GLN G 3814 -6.37 50.70 1.13
C GLN G 3814 -7.68 51.38 0.78
N LYS G 3815 -7.68 52.70 0.63
CA LYS G 3815 -8.91 53.40 0.29
C LYS G 3815 -9.42 52.96 -1.08
N MET G 3816 -8.52 52.86 -2.06
CA MET G 3816 -8.93 52.44 -3.40
C MET G 3816 -9.49 51.03 -3.38
N LEU G 3817 -8.82 50.11 -2.69
CA LEU G 3817 -9.27 48.73 -2.66
C LEU G 3817 -10.62 48.62 -1.96
N ASP G 3818 -10.79 49.35 -0.85
CA ASP G 3818 -12.06 49.33 -0.15
C ASP G 3818 -13.18 49.87 -1.03
N TYR G 3819 -12.93 50.97 -1.74
CA TYR G 3819 -13.96 51.52 -2.62
C TYR G 3819 -14.34 50.53 -3.70
N LEU G 3820 -13.33 49.91 -4.34
CA LEU G 3820 -13.61 48.96 -5.40
C LEU G 3820 -14.40 47.77 -4.88
N LYS G 3821 -14.04 47.27 -3.70
CA LYS G 3821 -14.70 46.08 -3.18
C LYS G 3821 -16.11 46.38 -2.68
N ASP G 3822 -16.37 47.58 -2.18
CA ASP G 3822 -17.73 47.88 -1.76
C ASP G 3822 -18.63 48.18 -2.96
N LYS G 3823 -18.07 48.79 -4.00
CA LYS G 3823 -18.90 49.08 -5.17
C LYS G 3823 -19.17 47.84 -6.01
N LYS G 3824 -18.18 46.94 -6.13
CA LYS G 3824 -18.31 45.72 -6.92
C LYS G 3824 -18.67 46.03 -8.37
N GLU G 3825 -18.12 47.11 -8.90
CA GLU G 3825 -18.36 47.50 -10.28
C GLU G 3825 -17.28 46.91 -11.17
N VAL G 3826 -17.70 46.46 -12.36
CA VAL G 3826 -16.76 45.89 -13.32
C VAL G 3826 -16.23 46.93 -14.30
N GLY G 3827 -16.80 48.13 -14.31
CA GLY G 3827 -16.39 49.13 -15.27
C GLY G 3827 -14.95 49.55 -15.12
N PHE G 3828 -14.42 49.56 -13.90
CA PHE G 3828 -13.05 49.99 -13.68
C PHE G 3828 -12.07 49.09 -14.43
N PHE G 3829 -12.17 47.78 -14.20
CA PHE G 3829 -11.25 46.87 -14.86
C PHE G 3829 -11.58 46.71 -16.34
N GLN G 3830 -12.84 46.85 -16.74
CA GLN G 3830 -13.15 46.86 -18.16
C GLN G 3830 -12.46 48.02 -18.85
N SER G 3831 -12.51 49.21 -18.24
CA SER G 3831 -11.84 50.37 -18.81
C SER G 3831 -10.34 50.18 -18.85
N ILE G 3832 -9.77 49.61 -17.79
CA ILE G 3832 -8.33 49.38 -17.75
C ILE G 3832 -7.92 48.42 -18.87
N GLN G 3833 -8.68 47.36 -19.07
CA GLN G 3833 -8.36 46.39 -20.12
C GLN G 3833 -8.48 47.03 -21.50
N ALA G 3834 -9.52 47.83 -21.73
CA ALA G 3834 -9.65 48.50 -23.02
C ALA G 3834 -8.49 49.45 -23.26
N LEU G 3835 -8.10 50.20 -22.23
CA LEU G 3835 -6.97 51.12 -22.37
C LEU G 3835 -5.69 50.36 -22.70
N MET G 3836 -5.46 49.22 -22.03
CA MET G 3836 -4.30 48.40 -22.38
C MET G 3836 -4.36 47.93 -23.81
N GLN G 3837 -5.53 47.50 -24.28
CA GLN G 3837 -5.64 47.01 -25.64
C GLN G 3837 -5.50 48.12 -26.68
N THR G 3838 -5.69 49.38 -26.29
CA THR G 3838 -5.50 50.48 -27.21
C THR G 3838 -4.07 51.03 -27.20
N CYS G 3839 -3.20 50.54 -26.32
CA CYS G 3839 -1.82 51.01 -26.30
C CYS G 3839 -1.09 50.54 -27.55
N SER G 3840 -0.26 51.42 -28.10
CA SER G 3840 0.40 51.15 -29.36
C SER G 3840 1.80 50.61 -29.15
N VAL G 3841 2.38 50.06 -30.22
CA VAL G 3841 3.73 49.53 -30.21
C VAL G 3841 4.49 50.13 -31.39
N LEU G 3842 5.71 49.68 -31.61
CA LEU G 3842 6.47 50.13 -32.78
C LEU G 3842 5.78 49.70 -34.06
N ASP G 3843 5.71 50.61 -35.02
CA ASP G 3843 5.07 50.35 -36.30
C ASP G 3843 6.06 50.67 -37.41
N LEU G 3844 6.54 49.63 -38.09
CA LEU G 3844 7.52 49.83 -39.15
C LEU G 3844 6.95 50.60 -40.33
N ASN G 3845 5.69 50.38 -40.67
CA ASN G 3845 5.08 51.12 -41.76
C ASN G 3845 5.04 52.62 -41.45
N ALA G 3846 4.60 52.97 -40.25
CA ALA G 3846 4.59 54.38 -39.85
C ALA G 3846 6.00 54.94 -39.81
N PHE G 3847 6.97 54.12 -39.38
CA PHE G 3847 8.35 54.58 -39.36
C PHE G 3847 8.86 54.90 -40.76
N GLU G 3848 8.56 54.03 -41.73
CA GLU G 3848 8.97 54.29 -43.11
C GLU G 3848 8.28 55.53 -43.66
N ARG G 3849 6.99 55.68 -43.37
CA ARG G 3849 6.28 56.87 -43.84
C ARG G 3849 6.87 58.13 -43.25
N GLN G 3850 7.23 58.11 -41.97
CA GLN G 3850 7.83 59.28 -41.35
C GLN G 3850 9.22 59.55 -41.92
N ASN G 3851 9.96 58.49 -42.25
CA ASN G 3851 11.24 58.68 -42.93
C ASN G 3851 11.05 59.41 -44.25
N LYS G 3852 10.10 58.96 -45.07
CA LYS G 3852 9.87 59.63 -46.34
C LYS G 3852 9.39 61.06 -46.15
N ALA G 3853 8.53 61.27 -45.16
CA ALA G 3853 8.03 62.62 -44.90
C ALA G 3853 9.15 63.57 -44.51
N GLU G 3854 10.05 63.13 -43.61
CA GLU G 3854 11.17 63.98 -43.23
C GLU G 3854 12.17 64.15 -44.36
N GLY G 3855 12.30 63.15 -45.24
CA GLY G 3855 13.13 63.34 -46.41
C GLY G 3855 12.55 64.29 -47.43
N LEU G 3856 11.23 64.46 -47.45
CA LEU G 3856 10.62 65.43 -48.35
C LEU G 3856 11.06 66.86 -48.03
N GLY G 3857 11.02 67.25 -46.76
CA GLY G 3857 11.46 68.58 -46.37
C GLY G 3857 10.61 69.71 -46.92
N MET G 3858 9.39 69.83 -46.41
CA MET G 3858 8.37 70.68 -46.98
C MET G 3858 8.11 71.92 -46.11
N VAL G 3859 7.68 73.00 -46.77
CA VAL G 3859 7.54 74.32 -46.17
C VAL G 3859 6.09 74.79 -46.29
N ASN G 3860 5.81 75.95 -45.71
CA ASN G 3860 4.48 76.53 -45.72
C ASN G 3860 4.44 77.78 -46.60
N GLU G 3861 3.27 78.41 -46.68
CA GLU G 3861 3.08 79.60 -47.51
C GLU G 3861 3.60 80.85 -46.82
N ASP G 3862 2.98 81.24 -45.70
CA ASP G 3862 3.33 82.49 -45.03
C ASP G 3862 4.70 82.37 -44.39
N GLY G 3863 5.74 82.69 -45.14
CA GLY G 3863 7.10 82.50 -44.68
C GLY G 3863 7.66 81.16 -45.13
N THR G 3864 8.36 80.48 -44.25
CA THR G 3864 8.91 79.17 -44.57
C THR G 3864 9.22 78.44 -43.26
N VAL G 3865 8.61 77.29 -43.06
CA VAL G 3865 8.87 76.47 -41.88
C VAL G 3865 9.99 75.49 -42.20
N ILE G 3866 10.95 75.37 -41.28
CA ILE G 3866 12.14 74.55 -41.50
C ILE G 3866 11.86 73.18 -40.92
N ASN G 3867 11.33 72.29 -41.78
CA ASN G 3867 11.11 70.89 -41.43
C ASN G 3867 10.20 70.76 -40.21
N ARG G 3868 8.95 71.16 -40.41
CA ARG G 3868 7.96 71.18 -39.34
C ARG G 3868 7.97 69.88 -38.55
N GLN G 3869 7.83 70.02 -37.24
CA GLN G 3869 7.99 68.91 -36.28
C GLN G 3869 6.64 68.40 -35.78
N ASN G 3870 5.65 68.29 -36.67
CA ASN G 3870 4.34 67.78 -36.32
C ASN G 3870 4.41 66.43 -35.61
N GLY G 3871 3.35 66.09 -34.88
CA GLY G 3871 3.33 64.94 -33.99
C GLY G 3871 3.90 63.65 -34.53
N GLU G 3872 4.73 63.00 -33.73
CA GLU G 3872 5.29 61.71 -34.10
C GLU G 3872 4.19 60.67 -34.18
N LYS G 3873 4.25 59.84 -35.22
CA LYS G 3873 3.23 58.82 -35.44
C LYS G 3873 3.72 57.41 -35.13
N VAL G 3874 4.92 57.26 -34.57
CA VAL G 3874 5.44 55.98 -34.15
C VAL G 3874 5.50 56.00 -32.63
N MET G 3875 4.65 55.21 -31.99
CA MET G 3875 4.48 55.21 -30.53
C MET G 3875 4.22 56.62 -30.03
N ALA G 3876 3.08 57.17 -30.44
CA ALA G 3876 2.71 58.53 -30.03
C ALA G 3876 2.25 58.56 -28.58
N ASP G 3877 1.61 57.48 -28.11
CA ASP G 3877 1.05 57.42 -26.77
C ASP G 3877 1.97 56.68 -25.80
N ASP G 3878 3.29 56.80 -25.99
CA ASP G 3878 4.22 56.11 -25.11
C ASP G 3878 4.12 56.65 -23.69
N GLU G 3879 3.95 57.97 -23.53
CA GLU G 3879 3.80 58.52 -22.20
C GLU G 3879 2.53 58.01 -21.52
N PHE G 3880 1.45 57.85 -22.29
CA PHE G 3880 0.23 57.31 -21.71
C PHE G 3880 0.39 55.85 -21.32
N THR G 3881 1.07 55.07 -22.15
CA THR G 3881 1.31 53.68 -21.80
C THR G 3881 2.14 53.58 -20.53
N GLN G 3882 3.18 54.42 -20.44
CA GLN G 3882 4.02 54.41 -19.26
C GLN G 3882 3.23 54.80 -18.01
N ASP G 3883 2.37 55.81 -18.10
CA ASP G 3883 1.66 56.22 -16.90
C ASP G 3883 0.58 55.22 -16.52
N LEU G 3884 -0.05 54.56 -17.50
CA LEU G 3884 -1.01 53.50 -17.18
C LEU G 3884 -0.34 52.36 -16.44
N PHE G 3885 0.80 51.88 -16.95
CA PHE G 3885 1.46 50.77 -16.28
C PHE G 3885 2.12 51.22 -14.98
N ARG G 3886 2.52 52.48 -14.87
CA ARG G 3886 3.01 53.00 -13.60
C ARG G 3886 1.91 53.03 -12.56
N PHE G 3887 0.70 53.42 -12.95
CA PHE G 3887 -0.42 53.40 -12.04
C PHE G 3887 -0.72 51.98 -11.57
N LEU G 3888 -0.71 51.03 -12.50
CA LEU G 3888 -0.95 49.64 -12.10
C LEU G 3888 0.14 49.13 -11.18
N GLN G 3889 1.40 49.51 -11.43
CA GLN G 3889 2.48 49.12 -10.53
C GLN G 3889 2.30 49.73 -9.15
N LEU G 3890 1.96 51.01 -9.09
CA LEU G 3890 1.81 51.68 -7.80
C LEU G 3890 0.63 51.15 -7.01
N LEU G 3891 -0.36 50.56 -7.68
CA LEU G 3891 -1.40 49.86 -6.93
C LEU G 3891 -0.82 48.74 -6.08
N CYS G 3892 0.20 48.05 -6.57
CA CYS G 3892 0.79 46.91 -5.89
C CYS G 3892 2.08 47.24 -5.17
N GLU G 3893 2.57 48.47 -5.27
CA GLU G 3893 3.85 48.82 -4.66
C GLU G 3893 3.83 48.56 -3.17
N GLY G 3894 4.95 48.07 -2.65
CA GLY G 3894 5.05 47.71 -1.26
C GLY G 3894 4.60 46.30 -0.94
N HIS G 3895 4.41 45.46 -1.96
CA HIS G 3895 3.96 44.09 -1.81
C HIS G 3895 2.59 44.04 -1.13
N ASN G 3896 1.67 44.85 -1.64
CA ASN G 3896 0.29 44.81 -1.18
C ASN G 3896 -0.37 43.55 -1.70
N ASN G 3897 -0.41 42.51 -0.87
CA ASN G 3897 -0.88 41.21 -1.32
C ASN G 3897 -2.36 41.27 -1.72
N ASP G 3898 -3.16 42.04 -0.99
CA ASP G 3898 -4.58 42.13 -1.30
C ASP G 3898 -4.80 42.69 -2.69
N PHE G 3899 -4.12 43.78 -3.03
CA PHE G 3899 -4.29 44.37 -4.35
C PHE G 3899 -3.63 43.52 -5.42
N GLN G 3900 -2.54 42.83 -5.09
CA GLN G 3900 -1.93 41.92 -6.04
C GLN G 3900 -2.89 40.80 -6.43
N ASN G 3901 -3.61 40.26 -5.46
CA ASN G 3901 -4.62 39.24 -5.76
C ASN G 3901 -5.82 39.84 -6.47
N TYR G 3902 -6.21 41.06 -6.09
CA TYR G 3902 -7.39 41.66 -6.70
C TYR G 3902 -7.18 41.98 -8.17
N LEU G 3903 -5.96 42.31 -8.55
CA LEU G 3903 -5.69 42.53 -9.97
C LEU G 3903 -5.86 41.24 -10.77
N ARG G 3904 -5.46 40.11 -10.17
CA ARG G 3904 -5.61 38.83 -10.87
C ARG G 3904 -7.06 38.41 -10.94
N THR G 3905 -7.81 38.54 -9.84
CA THR G 3905 -9.18 38.08 -9.80
C THR G 3905 -9.99 38.94 -8.84
N GLN G 3906 -11.22 39.25 -9.25
CA GLN G 3906 -12.15 40.03 -8.44
C GLN G 3906 -13.28 39.10 -8.01
N THR G 3907 -13.30 38.75 -6.73
CA THR G 3907 -14.20 37.72 -6.24
C THR G 3907 -15.65 38.21 -6.22
N GLY G 3908 -15.88 39.40 -5.68
CA GLY G 3908 -17.25 39.87 -5.54
C GLY G 3908 -17.91 40.29 -6.84
N ASN G 3909 -17.13 40.64 -7.85
CA ASN G 3909 -17.69 41.08 -9.11
C ASN G 3909 -18.30 39.91 -9.87
N THR G 3910 -19.30 40.21 -10.69
CA THR G 3910 -19.92 39.17 -11.50
C THR G 3910 -18.99 38.66 -12.58
N THR G 3911 -18.06 39.49 -13.05
CA THR G 3911 -17.08 39.10 -14.04
C THR G 3911 -15.68 39.51 -13.57
N THR G 3912 -14.68 38.80 -14.06
CA THR G 3912 -13.30 38.97 -13.64
C THR G 3912 -12.41 39.24 -14.85
N ILE G 3913 -11.48 40.17 -14.71
CA ILE G 3913 -10.50 40.46 -15.74
C ILE G 3913 -9.12 40.30 -15.11
N ASN G 3914 -8.25 39.56 -15.81
CA ASN G 3914 -6.91 39.26 -15.32
C ASN G 3914 -5.94 40.30 -15.84
N ILE G 3915 -5.66 41.31 -15.00
CA ILE G 3915 -4.77 42.39 -15.41
C ILE G 3915 -3.35 41.88 -15.61
N ILE G 3916 -2.95 40.84 -14.87
CA ILE G 3916 -1.64 40.25 -15.06
C ILE G 3916 -1.50 39.72 -16.47
N ILE G 3917 -2.50 38.98 -16.94
CA ILE G 3917 -2.44 38.41 -18.28
C ILE G 3917 -2.59 39.48 -19.34
N CYS G 3918 -3.35 40.54 -19.05
CA CYS G 3918 -3.41 41.65 -19.98
C CYS G 3918 -2.04 42.30 -20.15
N THR G 3919 -1.31 42.46 -19.05
CA THR G 3919 0.05 42.99 -19.12
C THR G 3919 0.95 42.07 -19.93
N VAL G 3920 0.81 40.75 -19.72
CA VAL G 3920 1.62 39.82 -20.50
C VAL G 3920 1.31 39.92 -21.98
N ASP G 3921 0.04 40.07 -22.33
CA ASP G 3921 -0.33 40.20 -23.74
C ASP G 3921 0.27 41.45 -24.36
N TYR G 3922 0.19 42.58 -23.64
CA TYR G 3922 0.82 43.79 -24.17
C TYR G 3922 2.32 43.61 -24.31
N LEU G 3923 2.95 42.92 -23.36
CA LEU G 3923 4.38 42.68 -23.44
C LEU G 3923 4.72 41.84 -24.67
N LEU G 3924 3.88 40.86 -24.98
CA LEU G 3924 4.09 40.07 -26.19
C LEU G 3924 4.02 40.93 -27.44
N ARG G 3925 3.00 41.78 -27.53
CA ARG G 3925 2.91 42.65 -28.70
C ARG G 3925 4.12 43.56 -28.82
N LEU G 3926 4.56 44.12 -27.69
CA LEU G 3926 5.74 44.99 -27.69
C LEU G 3926 6.99 44.23 -28.12
N GLN G 3927 7.15 43.01 -27.63
CA GLN G 3927 8.32 42.22 -27.99
C GLN G 3927 8.33 41.90 -29.47
N GLU G 3928 7.18 41.54 -30.03
CA GLU G 3928 7.11 41.27 -31.46
C GLU G 3928 7.47 42.51 -32.27
N SER G 3929 6.97 43.68 -31.84
CA SER G 3929 7.32 44.91 -32.54
C SER G 3929 8.81 45.18 -32.47
N ILE G 3930 9.42 44.97 -31.30
CA ILE G 3930 10.85 45.22 -31.15
C ILE G 3930 11.65 44.26 -32.02
N SER G 3931 11.21 43.00 -32.10
CA SER G 3931 11.89 42.05 -32.98
C SER G 3931 11.78 42.47 -34.44
N ASP G 3932 10.60 42.95 -34.85
CA ASP G 3932 10.45 43.43 -36.22
C ASP G 3932 11.37 44.59 -36.51
N PHE G 3933 11.49 45.52 -35.57
CA PHE G 3933 12.37 46.67 -35.75
C PHE G 3933 13.83 46.21 -35.85
N TYR G 3934 14.22 45.25 -35.01
CA TYR G 3934 15.57 44.72 -35.09
C TYR G 3934 15.84 44.07 -36.43
N TRP G 3935 14.88 43.29 -36.94
CA TRP G 3935 15.07 42.69 -38.25
C TRP G 3935 15.20 43.75 -39.31
N TYR G 3936 14.38 44.80 -39.24
CA TYR G 3936 14.47 45.89 -40.19
C TYR G 3936 15.87 46.49 -40.20
N TYR G 3937 16.48 46.64 -39.04
CA TYR G 3937 17.79 47.27 -38.97
C TYR G 3937 18.96 46.29 -38.99
N SER G 3938 18.70 44.98 -39.06
CA SER G 3938 19.78 44.01 -39.02
C SER G 3938 20.71 44.15 -40.22
N GLY G 3939 20.15 44.35 -41.41
CA GLY G 3939 20.98 44.49 -42.58
C GLY G 3939 21.85 45.74 -42.54
N LYS G 3940 21.30 46.85 -42.05
CA LYS G 3940 22.04 48.09 -42.01
C LYS G 3940 23.18 48.01 -40.99
N ASP G 3941 24.30 48.63 -41.33
CA ASP G 3941 25.49 48.55 -40.49
C ASP G 3941 25.35 49.40 -39.23
N VAL G 3942 24.81 50.61 -39.36
CA VAL G 3942 24.67 51.53 -38.24
C VAL G 3942 23.23 52.02 -38.17
N ILE G 3943 22.69 52.07 -36.97
CA ILE G 3943 21.32 52.52 -36.76
C ILE G 3943 21.30 54.04 -36.69
N GLU G 3944 20.42 54.65 -37.48
CA GLU G 3944 20.38 56.11 -37.55
C GLU G 3944 19.65 56.69 -36.35
N GLU G 3945 19.57 58.02 -36.31
CA GLU G 3945 19.09 58.71 -35.11
C GLU G 3945 17.62 58.43 -34.84
N GLN G 3946 16.78 58.45 -35.88
CA GLN G 3946 15.36 58.19 -35.67
C GLN G 3946 15.12 56.77 -35.17
N GLY G 3947 15.84 55.81 -35.73
CA GLY G 3947 15.74 54.44 -35.25
C GLY G 3947 16.19 54.31 -33.81
N LYS G 3948 17.27 55.00 -33.45
CA LYS G 3948 17.73 54.95 -32.07
C LYS G 3948 16.70 55.55 -31.12
N ARG G 3949 16.07 56.65 -31.52
CA ARG G 3949 15.07 57.29 -30.67
C ARG G 3949 13.86 56.37 -30.48
N ASN G 3950 13.40 55.73 -31.56
CA ASN G 3950 12.26 54.83 -31.43
C ASN G 3950 12.62 53.61 -30.60
N PHE G 3951 13.82 53.06 -30.77
CA PHE G 3951 14.29 51.99 -29.90
C PHE G 3951 14.25 52.42 -28.45
N SER G 3952 14.72 53.64 -28.16
CA SER G 3952 14.79 54.10 -26.78
C SER G 3952 13.40 54.22 -26.18
N LYS G 3953 12.43 54.74 -26.92
CA LYS G 3953 11.09 54.87 -26.33
C LYS G 3953 10.43 53.51 -26.14
N ALA G 3954 10.57 52.60 -27.11
CA ALA G 3954 10.03 51.26 -26.91
C ALA G 3954 10.67 50.58 -25.71
N MET G 3955 11.98 50.80 -25.53
CA MET G 3955 12.69 50.17 -24.43
C MET G 3955 12.29 50.77 -23.09
N SER G 3956 11.97 52.06 -23.06
CA SER G 3956 11.44 52.66 -21.84
C SER G 3956 10.08 52.07 -21.47
N VAL G 3957 9.21 51.90 -22.46
CA VAL G 3957 7.93 51.27 -22.20
C VAL G 3957 8.12 49.85 -21.69
N ALA G 3958 9.06 49.11 -22.29
CA ALA G 3958 9.32 47.74 -21.85
C ALA G 3958 9.85 47.70 -20.43
N LYS G 3959 10.71 48.66 -20.07
CA LYS G 3959 11.15 48.77 -18.68
C LYS G 3959 9.97 48.93 -17.75
N GLN G 3960 9.03 49.81 -18.12
CA GLN G 3960 7.87 50.02 -17.25
C GLN G 3960 7.04 48.75 -17.12
N VAL G 3961 6.86 48.03 -18.23
CA VAL G 3961 6.07 46.80 -18.18
C VAL G 3961 6.74 45.76 -17.29
N PHE G 3962 8.06 45.63 -17.42
CA PHE G 3962 8.78 44.69 -16.57
C PHE G 3962 8.67 45.06 -15.10
N ASN G 3963 8.77 46.36 -14.79
CA ASN G 3963 8.61 46.79 -13.42
C ASN G 3963 7.22 46.49 -12.88
N SER G 3964 6.20 46.67 -13.72
CA SER G 3964 4.84 46.35 -13.30
C SER G 3964 4.69 44.86 -13.02
N LEU G 3965 5.24 44.01 -13.88
CA LEU G 3965 5.16 42.57 -13.64
C LEU G 3965 5.89 42.17 -12.37
N THR G 3966 7.07 42.75 -12.15
CA THR G 3966 7.82 42.48 -10.93
C THR G 3966 7.02 42.89 -9.71
N GLU G 3967 6.34 44.03 -9.78
CA GLU G 3967 5.54 44.48 -8.66
C GLU G 3967 4.32 43.58 -8.45
N TYR G 3968 3.80 43.01 -9.54
CA TYR G 3968 2.72 42.05 -9.40
C TYR G 3968 3.17 40.83 -8.62
N ILE G 3969 4.35 40.29 -8.93
CA ILE G 3969 4.72 38.99 -8.39
C ILE G 3969 5.55 39.05 -7.11
N GLN G 3970 6.16 40.18 -6.78
CA GLN G 3970 7.01 40.23 -5.62
C GLN G 3970 6.20 40.13 -4.33
N GLY G 3971 6.85 39.63 -3.27
CA GLY G 3971 6.25 39.52 -1.97
C GLY G 3971 6.45 38.21 -1.24
N PRO G 3972 6.30 37.06 -1.91
CA PRO G 3972 5.75 36.81 -3.25
C PRO G 3972 4.24 36.68 -3.23
N CYS G 3973 3.58 36.89 -4.36
CA CYS G 3973 2.18 36.58 -4.53
C CYS G 3973 2.12 35.30 -5.34
N THR G 3974 1.89 34.18 -4.64
CA THR G 3974 2.01 32.88 -5.29
C THR G 3974 0.99 32.71 -6.41
N GLY G 3975 -0.21 33.26 -6.23
CA GLY G 3975 -1.20 33.19 -7.30
C GLY G 3975 -0.74 33.88 -8.56
N ASN G 3976 -0.18 35.08 -8.43
CA ASN G 3976 0.32 35.80 -9.59
C ASN G 3976 1.52 35.10 -10.20
N GLN G 3977 2.36 34.50 -9.36
CA GLN G 3977 3.49 33.74 -9.88
C GLN G 3977 3.02 32.56 -10.72
N GLN G 3978 2.02 31.82 -10.24
CA GLN G 3978 1.49 30.70 -11.02
C GLN G 3978 0.84 31.20 -12.31
N SER G 3979 0.08 32.29 -12.21
CA SER G 3979 -0.56 32.83 -13.40
C SER G 3979 0.46 33.22 -14.46
N LEU G 3980 1.56 33.84 -14.04
CA LEU G 3980 2.61 34.17 -14.99
C LEU G 3980 3.29 32.92 -15.54
N ALA G 3981 3.53 31.94 -14.68
CA ALA G 3981 4.23 30.74 -15.12
C ALA G 3981 3.43 29.99 -16.17
N HIS G 3982 2.11 30.11 -16.13
CA HIS G 3982 1.28 29.44 -17.13
C HIS G 3982 0.89 30.34 -18.29
N SER G 3983 1.53 31.49 -18.45
CA SER G 3983 1.20 32.43 -19.51
C SER G 3983 2.24 32.36 -20.62
N ARG G 3984 2.18 33.31 -21.56
CA ARG G 3984 3.14 33.42 -22.64
C ARG G 3984 4.32 34.31 -22.28
N LEU G 3985 4.51 34.58 -20.99
CA LEU G 3985 5.67 35.33 -20.54
C LEU G 3985 6.96 34.66 -20.97
N TRP G 3986 6.97 33.33 -21.00
CA TRP G 3986 8.17 32.62 -21.43
C TRP G 3986 8.49 32.89 -22.89
N ASP G 3987 7.47 32.91 -23.75
CA ASP G 3987 7.70 33.23 -25.15
C ASP G 3987 8.22 34.66 -25.29
N ALA G 3988 7.63 35.59 -24.54
CA ALA G 3988 8.12 36.96 -24.58
C ALA G 3988 9.57 37.05 -24.15
N VAL G 3989 9.94 36.31 -23.10
CA VAL G 3989 11.31 36.33 -22.61
C VAL G 3989 12.27 35.73 -23.64
N VAL G 3990 11.85 34.67 -24.32
CA VAL G 3990 12.70 34.06 -25.35
C VAL G 3990 12.97 35.06 -26.47
N GLY G 3991 11.92 35.71 -26.96
CA GLY G 3991 12.11 36.71 -27.99
C GLY G 3991 12.99 37.86 -27.54
N PHE G 3992 12.79 38.32 -26.31
CA PHE G 3992 13.62 39.39 -25.77
C PHE G 3992 15.07 38.98 -25.68
N LEU G 3993 15.33 37.72 -25.30
CA LEU G 3993 16.71 37.25 -25.22
C LEU G 3993 17.36 37.24 -26.60
N HIS G 3994 16.63 36.78 -27.61
CA HIS G 3994 17.16 36.83 -28.97
C HIS G 3994 17.52 38.25 -29.37
N VAL G 3995 16.57 39.17 -29.18
CA VAL G 3995 16.82 40.57 -29.54
C VAL G 3995 18.00 41.13 -28.76
N PHE G 3996 18.06 40.83 -27.46
CA PHE G 3996 19.14 41.36 -26.63
C PHE G 3996 20.50 40.89 -27.13
N ALA G 3997 20.66 39.59 -27.34
CA ALA G 3997 21.95 39.08 -27.79
C ALA G 3997 22.37 39.73 -29.09
N HIS G 3998 21.50 39.70 -30.09
CA HIS G 3998 21.90 40.22 -31.39
C HIS G 3998 22.13 41.72 -31.35
N MET G 3999 21.31 42.45 -30.58
CA MET G 3999 21.42 43.89 -30.53
C MET G 3999 22.68 44.33 -29.80
N MET G 4000 23.07 43.61 -28.75
CA MET G 4000 24.36 43.91 -28.12
C MET G 4000 25.51 43.67 -29.07
N MET G 4001 25.53 42.50 -29.74
CA MET G 4001 26.62 42.25 -30.68
C MET G 4001 26.65 43.30 -31.79
N LYS G 4002 25.49 43.87 -32.15
CA LYS G 4002 25.48 44.85 -33.22
C LYS G 4002 25.89 46.24 -32.72
N LEU G 4003 25.37 46.65 -31.56
CA LEU G 4003 25.65 48.00 -31.07
C LEU G 4003 27.08 48.12 -30.56
N ALA G 4004 27.69 47.02 -30.14
CA ALA G 4004 29.04 47.10 -29.59
C ALA G 4004 30.07 47.50 -30.63
N GLN G 4005 29.75 47.46 -31.91
CA GLN G 4005 30.71 47.65 -32.98
C GLN G 4005 30.90 49.10 -33.38
N ASP G 4006 30.15 50.04 -32.80
CA ASP G 4006 30.33 51.45 -33.09
C ASP G 4006 30.03 52.27 -31.83
N SER G 4007 30.92 53.22 -31.54
CA SER G 4007 30.82 53.98 -30.30
C SER G 4007 29.69 54.99 -30.31
N SER G 4008 29.10 55.29 -31.47
CA SER G 4008 28.02 56.26 -31.51
C SER G 4008 26.72 55.71 -30.92
N GLN G 4009 26.68 54.42 -30.61
CA GLN G 4009 25.49 53.77 -30.07
C GLN G 4009 25.70 53.28 -28.64
N ILE G 4010 26.66 53.89 -27.94
CA ILE G 4010 27.01 53.43 -26.60
C ILE G 4010 25.87 53.70 -25.62
N GLU G 4011 25.18 54.83 -25.78
CA GLU G 4011 24.06 55.14 -24.90
C GLU G 4011 22.91 54.17 -25.11
N LEU G 4012 22.60 53.85 -26.37
CA LEU G 4012 21.57 52.88 -26.66
C LEU G 4012 21.94 51.52 -26.09
N LEU G 4013 23.23 51.15 -26.18
CA LEU G 4013 23.68 49.89 -25.60
C LEU G 4013 23.50 49.88 -24.09
N LYS G 4014 23.81 50.99 -23.42
CA LYS G 4014 23.61 51.07 -21.98
C LYS G 4014 22.14 50.88 -21.61
N GLU G 4015 21.26 51.55 -22.37
CA GLU G 4015 19.83 51.43 -22.09
C GLU G 4015 19.36 50.00 -22.30
N LEU G 4016 19.86 49.35 -23.36
CA LEU G 4016 19.52 47.95 -23.60
C LEU G 4016 19.98 47.07 -22.45
N LEU G 4017 21.18 47.32 -21.95
CA LEU G 4017 21.72 46.50 -20.86
C LEU G 4017 20.89 46.65 -19.59
N ASP G 4018 20.47 47.87 -19.27
CA ASP G 4018 19.64 48.02 -18.07
C ASP G 4018 18.25 47.44 -18.28
N LEU G 4019 17.74 47.46 -19.52
CA LEU G 4019 16.50 46.76 -19.79
C LEU G 4019 16.64 45.26 -19.55
N GLN G 4020 17.77 44.69 -19.96
CA GLN G 4020 18.04 43.29 -19.66
C GLN G 4020 18.08 43.05 -18.17
N LYS G 4021 18.69 43.99 -17.43
CA LYS G 4021 18.72 43.85 -15.98
C LYS G 4021 17.31 43.81 -15.41
N ASP G 4022 16.42 44.65 -15.93
CA ASP G 4022 15.03 44.65 -15.46
C ASP G 4022 14.34 43.32 -15.77
N MET G 4023 14.57 42.77 -16.95
CA MET G 4023 14.00 41.46 -17.27
C MET G 4023 14.51 40.38 -16.31
N VAL G 4024 15.81 40.40 -16.02
CA VAL G 4024 16.38 39.41 -15.12
C VAL G 4024 15.85 39.59 -13.71
N VAL G 4025 15.59 40.84 -13.31
CA VAL G 4025 14.99 41.08 -12.00
C VAL G 4025 13.58 40.49 -11.95
N MET G 4026 12.83 40.60 -13.04
CA MET G 4026 11.51 39.97 -13.06
C MET G 4026 11.63 38.45 -12.94
N LEU G 4027 12.62 37.86 -13.63
CA LEU G 4027 12.83 36.41 -13.49
C LEU G 4027 13.17 36.03 -12.06
N LEU G 4028 14.10 36.76 -11.44
CA LEU G 4028 14.44 36.48 -10.05
C LEU G 4028 13.23 36.62 -9.14
N SER G 4029 12.36 37.58 -9.42
CA SER G 4029 11.12 37.67 -8.65
C SER G 4029 10.25 36.45 -8.86
N LEU G 4030 10.22 35.91 -10.07
CA LEU G 4030 9.52 34.65 -10.28
C LEU G 4030 10.11 33.52 -9.45
N LEU G 4031 11.40 33.58 -9.14
CA LEU G 4031 12.00 32.54 -8.31
C LEU G 4031 11.87 32.78 -6.81
N GLU G 4032 11.04 33.72 -6.38
CA GLU G 4032 10.91 33.97 -4.94
C GLU G 4032 10.13 32.86 -4.28
N GLY G 4033 10.60 32.42 -3.12
CA GLY G 4033 9.93 31.36 -2.38
C GLY G 4033 9.85 30.05 -3.12
N ASN G 4034 10.89 29.73 -3.90
CA ASN G 4034 10.90 28.58 -4.76
C ASN G 4034 11.71 27.46 -4.11
N VAL G 4035 11.08 26.29 -3.96
CA VAL G 4035 11.72 25.14 -3.32
C VAL G 4035 12.65 24.46 -4.31
N VAL G 4036 13.47 23.54 -3.80
CA VAL G 4036 14.35 22.78 -4.68
C VAL G 4036 13.50 21.94 -5.62
N ASN G 4037 13.91 21.91 -6.90
CA ASN G 4037 13.19 21.21 -7.95
C ASN G 4037 11.77 21.72 -8.10
N GLY G 4038 11.61 23.04 -8.00
CA GLY G 4038 10.31 23.64 -8.13
C GLY G 4038 9.87 23.77 -9.57
N MET G 4039 8.55 23.86 -9.74
CA MET G 4039 7.98 23.94 -11.09
C MET G 4039 8.47 25.18 -11.82
N ILE G 4040 8.47 26.33 -11.16
CA ILE G 4040 8.88 27.57 -11.83
C ILE G 4040 10.36 27.53 -12.16
N ALA G 4041 11.18 27.01 -11.25
CA ALA G 4041 12.61 26.91 -11.53
C ALA G 4041 12.88 26.01 -12.73
N ARG G 4042 12.20 24.87 -12.81
CA ARG G 4042 12.43 23.97 -13.93
C ARG G 4042 11.89 24.55 -15.22
N GLN G 4043 10.78 25.31 -15.14
CA GLN G 4043 10.27 26.00 -16.31
C GLN G 4043 11.26 27.05 -16.81
N MET G 4044 11.88 27.78 -15.89
CA MET G 4044 12.91 28.75 -16.28
C MET G 4044 14.11 28.06 -16.92
N VAL G 4045 14.51 26.91 -16.38
CA VAL G 4045 15.61 26.16 -16.99
C VAL G 4045 15.24 25.74 -18.41
N ASP G 4046 14.01 25.26 -18.60
CA ASP G 4046 13.57 24.88 -19.94
C ASP G 4046 13.54 26.07 -20.88
N MET G 4047 13.10 27.22 -20.38
CA MET G 4047 13.08 28.43 -21.21
C MET G 4047 14.49 28.83 -21.62
N LEU G 4048 15.44 28.76 -20.70
CA LEU G 4048 16.82 29.07 -21.05
C LEU G 4048 17.37 28.10 -22.08
N VAL G 4049 17.02 26.81 -21.95
CA VAL G 4049 17.45 25.83 -22.95
C VAL G 4049 16.85 26.16 -24.30
N GLU G 4050 15.59 26.60 -24.32
CA GLU G 4050 14.93 26.94 -25.58
C GLU G 4050 15.63 28.09 -26.28
N SER G 4051 16.31 28.95 -25.54
CA SER G 4051 17.06 30.07 -26.11
C SER G 4051 18.55 29.90 -25.83
N SER G 4052 19.03 28.66 -25.99
CA SER G 4052 20.42 28.36 -25.62
C SER G 4052 21.40 29.17 -26.46
N SER G 4053 21.14 29.31 -27.75
CA SER G 4053 22.07 30.05 -28.61
C SER G 4053 22.18 31.51 -28.17
N ASN G 4054 21.04 32.14 -27.87
CA ASN G 4054 21.07 33.54 -27.45
C ASN G 4054 21.71 33.70 -26.07
N VAL G 4055 21.43 32.77 -25.16
CA VAL G 4055 22.06 32.84 -23.84
C VAL G 4055 23.57 32.69 -23.97
N GLU G 4056 24.01 31.77 -24.84
CA GLU G 4056 25.44 31.61 -25.08
C GLU G 4056 26.04 32.86 -25.69
N MET G 4057 25.32 33.51 -26.61
CA MET G 4057 25.80 34.75 -27.19
C MET G 4057 25.97 35.82 -26.11
N ILE G 4058 25.01 35.92 -25.19
CA ILE G 4058 25.09 36.91 -24.12
C ILE G 4058 26.27 36.62 -23.20
N LEU G 4059 26.40 35.36 -22.78
CA LEU G 4059 27.49 34.99 -21.89
C LEU G 4059 28.83 35.21 -22.55
N LYS G 4060 28.93 34.92 -23.85
CA LYS G 4060 30.14 35.23 -24.58
C LYS G 4060 30.40 36.73 -24.65
N PHE G 4061 29.38 37.54 -24.90
CA PHE G 4061 29.61 38.98 -24.88
C PHE G 4061 30.22 39.42 -23.57
N PHE G 4062 29.73 38.86 -22.46
CA PHE G 4062 30.28 39.26 -21.17
C PHE G 4062 31.71 38.75 -20.99
N ASP G 4063 31.99 37.50 -21.36
CA ASP G 4063 33.28 36.94 -20.97
C ASP G 4063 34.42 37.47 -21.83
N MET G 4064 34.19 37.78 -23.10
CA MET G 4064 35.26 38.36 -23.91
C MET G 4064 35.71 39.70 -23.34
N PHE G 4065 34.78 40.54 -22.93
CA PHE G 4065 35.19 41.83 -22.40
C PHE G 4065 35.77 41.71 -21.00
N LEU G 4066 35.25 40.78 -20.18
CA LEU G 4066 35.89 40.53 -18.89
C LEU G 4066 37.32 40.06 -19.08
N LYS G 4067 37.57 39.19 -20.06
CA LYS G 4067 38.91 38.69 -20.28
C LYS G 4067 39.81 39.75 -20.91
N LEU G 4068 39.25 40.60 -21.77
CA LEU G 4068 40.02 41.68 -22.37
C LEU G 4068 40.48 42.66 -21.31
N LYS G 4069 39.63 42.95 -20.32
CA LYS G 4069 40.01 43.90 -19.29
C LYS G 4069 41.27 43.46 -18.56
N ASP G 4070 41.42 42.15 -18.32
CA ASP G 4070 42.62 41.66 -17.66
C ASP G 4070 43.76 41.39 -18.63
N ILE G 4071 43.47 41.09 -19.89
CA ILE G 4071 44.53 40.86 -20.86
C ILE G 4071 45.29 42.15 -21.13
N VAL G 4072 44.58 43.27 -21.28
CA VAL G 4072 45.27 44.53 -21.57
C VAL G 4072 46.19 44.92 -20.43
N GLY G 4073 45.94 44.42 -19.23
CA GLY G 4073 46.83 44.67 -18.12
C GLY G 4073 47.96 43.68 -17.95
N SER G 4074 48.14 42.78 -18.91
CA SER G 4074 49.16 41.75 -18.78
C SER G 4074 50.48 42.21 -19.40
N GLU G 4075 51.57 41.69 -18.84
CA GLU G 4075 52.90 42.02 -19.34
C GLU G 4075 53.10 41.48 -20.75
N ALA G 4076 52.47 40.36 -21.07
CA ALA G 4076 52.55 39.84 -22.44
C ALA G 4076 51.95 40.82 -23.43
N PHE G 4077 50.83 41.45 -23.06
CA PHE G 4077 50.25 42.48 -23.91
C PHE G 4077 51.15 43.72 -23.97
N GLN G 4078 51.68 44.13 -22.82
CA GLN G 4078 52.54 45.30 -22.78
C GLN G 4078 53.81 45.12 -23.59
N ASP G 4079 54.27 43.88 -23.75
CA ASP G 4079 55.40 43.63 -24.64
C ASP G 4079 55.08 44.05 -26.07
N TYR G 4080 53.88 43.72 -26.54
CA TYR G 4080 53.48 44.14 -27.88
C TYR G 4080 53.19 45.62 -27.96
N VAL G 4081 52.72 46.22 -26.86
CA VAL G 4081 52.49 47.66 -26.84
C VAL G 4081 53.83 48.35 -27.06
N THR G 4082 53.97 49.09 -28.16
CA THR G 4082 55.22 49.72 -28.53
C THR G 4082 55.11 51.22 -28.79
N ASP G 4083 53.96 51.70 -29.25
CA ASP G 4083 53.81 53.11 -29.56
C ASP G 4083 53.99 53.95 -28.29
N PRO G 4084 54.83 54.99 -28.33
CA PRO G 4084 55.00 55.82 -27.12
C PRO G 4084 53.72 56.49 -26.66
N ARG G 4085 52.81 56.82 -27.57
CA ARG G 4085 51.55 57.44 -27.17
C ARG G 4085 50.66 56.52 -26.37
N GLY G 4086 50.95 55.22 -26.33
CA GLY G 4086 50.11 54.29 -25.61
C GLY G 4086 49.05 53.61 -26.44
N LEU G 4087 49.28 53.45 -27.74
CA LEU G 4087 48.33 52.84 -28.65
C LEU G 4087 48.89 51.54 -29.18
N ILE G 4088 48.11 50.87 -30.04
CA ILE G 4088 48.52 49.61 -30.64
C ILE G 4088 47.77 49.45 -31.95
N SER G 4089 48.46 48.94 -32.97
CA SER G 4089 47.83 48.77 -34.27
C SER G 4089 46.92 47.55 -34.28
N LYS G 4090 46.01 47.52 -35.25
CA LYS G 4090 45.08 46.41 -35.36
C LYS G 4090 45.82 45.11 -35.65
N LYS G 4091 46.87 45.17 -36.48
CA LYS G 4091 47.65 43.97 -36.75
C LYS G 4091 48.46 43.55 -35.53
N ASP G 4092 49.05 44.53 -34.83
CA ASP G 4092 49.75 44.22 -33.59
C ASP G 4092 48.79 43.65 -32.56
N PHE G 4093 47.59 44.23 -32.47
CA PHE G 4093 46.56 43.70 -31.58
C PHE G 4093 46.22 42.26 -31.96
N GLN G 4094 46.10 41.99 -33.25
CA GLN G 4094 45.77 40.65 -33.72
C GLN G 4094 46.83 39.64 -33.32
N LYS G 4095 48.10 39.98 -33.54
CA LYS G 4095 49.16 39.03 -33.20
C LYS G 4095 49.41 38.95 -31.70
N ALA G 4096 49.05 39.98 -30.94
CA ALA G 4096 49.20 39.92 -29.49
C ALA G 4096 48.10 39.10 -28.85
N MET G 4097 46.88 39.21 -29.36
CA MET G 4097 45.74 38.65 -28.64
C MET G 4097 45.63 37.15 -28.90
N ASP G 4098 46.04 36.68 -30.07
CA ASP G 4098 46.04 35.25 -30.33
C ASP G 4098 47.24 34.57 -29.70
N SER G 4099 48.21 35.33 -29.22
CA SER G 4099 49.30 34.76 -28.44
C SER G 4099 48.84 34.28 -27.08
N GLN G 4100 47.77 34.86 -26.54
CA GLN G 4100 47.24 34.45 -25.26
C GLN G 4100 46.51 33.13 -25.32
N LYS G 4101 46.16 32.66 -26.53
CA LYS G 4101 45.44 31.41 -26.72
C LYS G 4101 44.15 31.39 -25.91
N GLN G 4102 43.44 32.52 -25.88
CA GLN G 4102 42.20 32.62 -25.12
C GLN G 4102 40.98 32.94 -25.96
N PHE G 4103 41.15 33.59 -27.11
CA PHE G 4103 40.06 33.84 -28.04
C PHE G 4103 40.32 33.14 -29.37
N THR G 4104 39.25 32.96 -30.12
CA THR G 4104 39.30 32.36 -31.44
C THR G 4104 39.39 33.45 -32.50
N GLY G 4105 39.47 33.05 -33.76
CA GLY G 4105 39.55 33.97 -34.86
C GLY G 4105 38.37 34.91 -34.96
N PRO G 4106 37.15 34.35 -34.98
CA PRO G 4106 35.97 35.22 -34.99
C PRO G 4106 35.89 36.16 -33.81
N GLU G 4107 36.30 35.71 -32.62
CA GLU G 4107 36.25 36.57 -31.44
C GLU G 4107 37.26 37.70 -31.56
N ILE G 4108 38.46 37.41 -32.05
CA ILE G 4108 39.45 38.45 -32.24
C ILE G 4108 38.99 39.46 -33.28
N GLN G 4109 38.37 38.96 -34.37
CA GLN G 4109 37.84 39.87 -35.38
C GLN G 4109 36.74 40.76 -34.81
N PHE G 4110 35.87 40.18 -33.97
CA PHE G 4110 34.82 40.96 -33.34
C PHE G 4110 35.40 42.04 -32.43
N LEU G 4111 36.43 41.68 -31.66
CA LEU G 4111 37.08 42.67 -30.81
C LEU G 4111 37.70 43.77 -31.64
N LEU G 4112 38.32 43.42 -32.77
CA LEU G 4112 38.89 44.43 -33.65
C LEU G 4112 37.82 45.36 -34.19
N SER G 4113 36.68 44.80 -34.58
CA SER G 4113 35.59 45.64 -35.07
C SER G 4113 35.07 46.57 -33.98
N CYS G 4114 34.94 46.06 -32.75
CA CYS G 4114 34.43 46.89 -31.66
C CYS G 4114 35.44 47.95 -31.24
N SER G 4115 36.72 47.69 -31.44
CA SER G 4115 37.74 48.67 -31.13
C SER G 4115 37.62 49.86 -32.07
N GLU G 4116 37.60 51.06 -31.50
CA GLU G 4116 37.43 52.27 -32.31
C GLU G 4116 38.79 52.71 -32.85
N ALA G 4117 39.30 51.90 -33.78
CA ALA G 4117 40.56 52.21 -34.44
C ALA G 4117 40.39 53.42 -35.34
N ASP G 4118 41.40 54.27 -35.37
CA ASP G 4118 41.36 55.51 -36.15
C ASP G 4118 41.70 55.21 -37.61
N GLU G 4119 41.88 56.27 -38.39
CA GLU G 4119 42.28 56.11 -39.78
C GLU G 4119 43.68 55.53 -39.93
N ASN G 4120 44.52 55.66 -38.90
CA ASN G 4120 45.84 55.06 -38.88
C ASN G 4120 45.84 53.67 -38.26
N GLU G 4121 44.66 53.12 -37.99
CA GLU G 4121 44.51 51.81 -37.35
C GLU G 4121 45.17 51.77 -35.97
N MET G 4122 45.09 52.88 -35.24
CA MET G 4122 45.59 52.97 -33.87
C MET G 4122 44.45 52.70 -32.91
N ILE G 4123 44.70 51.88 -31.90
CA ILE G 4123 43.70 51.49 -30.92
C ILE G 4123 44.12 52.00 -29.55
N ASN G 4124 43.19 52.67 -28.87
CA ASN G 4124 43.38 53.11 -27.49
C ASN G 4124 42.83 52.01 -26.58
N PHE G 4125 43.65 51.00 -26.32
CA PHE G 4125 43.20 49.85 -25.56
C PHE G 4125 42.83 50.19 -24.14
N GLU G 4126 43.41 51.25 -23.56
CA GLU G 4126 43.06 51.64 -22.21
C GLU G 4126 41.58 51.96 -22.09
N GLU G 4127 41.06 52.80 -22.99
CA GLU G 4127 39.63 53.10 -22.98
C GLU G 4127 38.81 51.95 -23.57
N PHE G 4128 39.39 51.20 -24.51
CA PHE G 4128 38.68 50.08 -25.10
C PHE G 4128 38.30 49.05 -24.04
N ALA G 4129 39.22 48.73 -23.14
CA ALA G 4129 38.93 47.75 -22.10
C ALA G 4129 37.87 48.26 -21.13
N ASN G 4130 37.93 49.54 -20.78
CA ASN G 4130 37.03 50.10 -19.78
C ASN G 4130 35.73 50.62 -20.36
N ARG G 4131 35.53 50.51 -21.67
CA ARG G 4131 34.31 51.04 -22.27
C ARG G 4131 33.06 50.32 -21.75
N PHE G 4132 33.10 48.98 -21.70
CA PHE G 4132 31.94 48.20 -21.34
C PHE G 4132 31.98 47.60 -19.95
N GLN G 4133 33.00 47.92 -19.14
CA GLN G 4133 33.07 47.34 -17.81
C GLN G 4133 31.94 47.86 -16.92
N GLU G 4134 31.74 49.16 -16.89
CA GLU G 4134 30.72 49.74 -16.04
C GLU G 4134 29.31 49.53 -16.59
N PRO G 4135 29.05 49.74 -17.88
CA PRO G 4135 27.68 49.53 -18.38
C PRO G 4135 27.18 48.11 -18.21
N ALA G 4136 28.05 47.11 -18.32
CA ALA G 4136 27.63 45.72 -18.28
C ALA G 4136 27.71 45.11 -16.88
N ARG G 4137 28.15 45.87 -15.89
CA ARG G 4137 28.39 45.29 -14.58
C ARG G 4137 27.10 44.82 -13.92
N ASP G 4138 26.05 45.63 -14.00
CA ASP G 4138 24.80 45.29 -13.32
C ASP G 4138 24.14 44.07 -13.94
N ILE G 4139 24.05 44.03 -15.27
CA ILE G 4139 23.44 42.89 -15.93
C ILE G 4139 24.30 41.65 -15.74
N GLY G 4140 25.62 41.81 -15.75
CA GLY G 4140 26.48 40.67 -15.48
C GLY G 4140 26.26 40.10 -14.09
N PHE G 4141 26.16 40.98 -13.09
CA PHE G 4141 25.93 40.50 -11.73
C PHE G 4141 24.58 39.81 -11.62
N ASN G 4142 23.56 40.35 -12.26
CA ASN G 4142 22.24 39.74 -12.15
C ASN G 4142 22.19 38.41 -12.89
N VAL G 4143 22.91 38.28 -14.00
CA VAL G 4143 23.00 36.99 -14.68
C VAL G 4143 23.71 35.98 -13.78
N ALA G 4144 24.77 36.42 -13.11
CA ALA G 4144 25.46 35.53 -12.18
C ALA G 4144 24.54 35.08 -11.05
N VAL G 4145 23.75 36.01 -10.50
CA VAL G 4145 22.82 35.67 -9.44
C VAL G 4145 21.77 34.68 -9.94
N LEU G 4146 21.23 34.93 -11.12
CA LEU G 4146 20.21 34.05 -11.67
C LEU G 4146 20.74 32.64 -11.88
N LEU G 4147 21.93 32.53 -12.47
CA LEU G 4147 22.50 31.20 -12.72
C LEU G 4147 22.84 30.49 -11.42
N THR G 4148 23.36 31.24 -10.43
CA THR G 4148 23.64 30.64 -9.13
C THR G 4148 22.37 30.12 -8.48
N ASN G 4149 21.30 30.91 -8.53
CA ASN G 4149 20.03 30.51 -7.94
C ASN G 4149 19.49 29.26 -8.60
N LEU G 4150 19.50 29.22 -9.94
CA LEU G 4150 19.00 28.04 -10.65
C LEU G 4150 19.87 26.83 -10.38
N SER G 4151 21.18 27.00 -10.30
CA SER G 4151 22.07 25.87 -10.06
C SER G 4151 21.85 25.31 -8.66
N GLU G 4152 21.58 26.17 -7.69
CA GLU G 4152 21.39 25.69 -6.32
C GLU G 4152 19.97 25.21 -6.05
N HIS G 4153 19.00 25.51 -6.91
CA HIS G 4153 17.65 25.01 -6.69
C HIS G 4153 17.23 23.92 -7.67
N VAL G 4154 17.98 23.69 -8.74
CA VAL G 4154 17.74 22.58 -9.65
C VAL G 4154 19.08 21.86 -9.82
N PRO G 4155 19.57 21.16 -8.79
CA PRO G 4155 20.96 20.68 -8.83
C PRO G 4155 21.17 19.47 -9.72
N HIS G 4156 20.13 18.86 -10.25
CA HIS G 4156 20.23 17.63 -11.03
C HIS G 4156 19.68 17.79 -12.43
N ASP G 4157 19.97 18.91 -13.07
CA ASP G 4157 19.59 19.14 -14.45
C ASP G 4157 20.86 19.23 -15.29
N PRO G 4158 21.18 18.21 -16.09
CA PRO G 4158 22.45 18.25 -16.85
C PRO G 4158 22.53 19.38 -17.86
N ARG G 4159 21.39 19.92 -18.30
CA ARG G 4159 21.42 20.99 -19.30
C ARG G 4159 21.93 22.31 -18.73
N LEU G 4160 21.90 22.47 -17.42
CA LEU G 4160 22.27 23.73 -16.79
C LEU G 4160 23.76 23.88 -16.56
N ARG G 4161 24.49 22.78 -16.34
CA ARG G 4161 25.92 22.88 -16.15
C ARG G 4161 26.63 23.43 -17.39
N ASN G 4162 26.05 23.24 -18.57
CA ASN G 4162 26.63 23.84 -19.76
C ASN G 4162 26.63 25.37 -19.65
N PHE G 4163 25.51 25.94 -19.22
CA PHE G 4163 25.45 27.38 -19.00
C PHE G 4163 26.38 27.80 -17.88
N LEU G 4164 26.45 27.02 -16.81
CA LEU G 4164 27.34 27.36 -15.70
C LEU G 4164 28.80 27.38 -16.16
N GLU G 4165 29.19 26.42 -16.99
CA GLU G 4165 30.56 26.39 -17.49
C GLU G 4165 30.84 27.53 -18.46
N LEU G 4166 29.86 27.85 -19.30
CA LEU G 4166 30.02 28.99 -20.20
C LEU G 4166 30.07 30.31 -19.44
N ALA G 4167 29.52 30.35 -18.23
CA ALA G 4167 29.50 31.55 -17.41
C ALA G 4167 30.55 31.51 -16.32
N GLU G 4168 31.57 30.67 -16.49
CA GLU G 4168 32.57 30.47 -15.45
C GLU G 4168 33.31 31.76 -15.15
N SER G 4169 33.70 32.49 -16.19
CA SER G 4169 34.44 33.74 -15.98
C SER G 4169 33.58 34.78 -15.27
N ILE G 4170 32.31 34.88 -15.66
CA ILE G 4170 31.41 35.85 -15.03
C ILE G 4170 31.23 35.50 -13.56
N LEU G 4171 31.01 34.23 -13.27
CA LEU G 4171 30.83 33.79 -11.88
C LEU G 4171 32.09 34.03 -11.07
N GLU G 4172 33.25 33.75 -11.64
CA GLU G 4172 34.50 33.97 -10.94
C GLU G 4172 34.73 35.45 -10.66
N TYR G 4173 34.39 36.31 -11.63
CA TYR G 4173 34.56 37.73 -11.42
C TYR G 4173 33.64 38.26 -10.34
N PHE G 4174 32.40 37.76 -10.29
CA PHE G 4174 31.43 38.29 -9.35
C PHE G 4174 31.37 37.50 -8.05
N ARG G 4175 32.24 36.50 -7.87
CA ARG G 4175 32.23 35.73 -6.63
C ARG G 4175 32.46 36.59 -5.38
N PRO G 4176 33.44 37.50 -5.34
CA PRO G 4176 33.61 38.31 -4.12
C PRO G 4176 32.45 39.24 -3.82
N TYR G 4177 31.58 39.52 -4.78
CA TYR G 4177 30.47 40.45 -4.55
C TYR G 4177 29.13 39.76 -4.43
N LEU G 4178 29.08 38.45 -4.60
CA LEU G 4178 27.80 37.73 -4.57
C LEU G 4178 27.61 37.17 -3.18
N GLY G 4179 27.00 37.98 -2.31
CA GLY G 4179 26.73 37.55 -0.95
C GLY G 4179 25.46 36.73 -0.89
N ARG G 4180 25.49 35.69 -0.05
CA ARG G 4180 24.33 34.84 0.16
C ARG G 4180 24.16 34.56 1.64
N ILE G 4181 22.92 34.66 2.10
CA ILE G 4181 22.54 34.31 3.46
C ILE G 4181 21.29 33.46 3.41
N GLU G 4182 20.97 32.84 4.54
CA GLU G 4182 19.75 32.05 4.69
C GLU G 4182 18.90 32.64 5.80
N ILE G 4183 17.58 32.66 5.58
CA ILE G 4183 16.64 33.17 6.56
C ILE G 4183 15.48 32.20 6.69
N MET G 4184 14.77 32.31 7.81
CA MET G 4184 13.49 31.65 8.00
C MET G 4184 12.46 32.50 7.28
N GLY G 4185 11.97 32.02 6.15
CA GLY G 4185 11.25 32.85 5.21
C GLY G 4185 9.82 33.14 5.59
N ALA G 4186 9.15 33.85 4.68
CA ALA G 4186 7.74 34.17 4.82
C ALA G 4186 6.87 32.92 4.86
N SER G 4187 7.36 31.78 4.41
CA SER G 4187 6.56 30.56 4.34
C SER G 4187 6.95 29.50 5.37
N ARG G 4188 7.46 29.88 6.55
CA ARG G 4188 7.90 28.90 7.54
C ARG G 4188 8.96 27.94 6.99
N ARG G 4189 9.79 28.41 6.06
CA ARG G 4189 10.83 27.60 5.47
C ARG G 4189 12.11 28.39 5.36
N ILE G 4190 13.23 27.67 5.32
CA ILE G 4190 14.52 28.30 5.09
C ILE G 4190 14.64 28.69 3.63
N GLU G 4191 14.92 29.96 3.38
CA GLU G 4191 15.10 30.48 2.04
C GLU G 4191 16.51 31.05 1.92
N ARG G 4192 17.10 30.90 0.75
CA ARG G 4192 18.43 31.43 0.48
C ARG G 4192 18.31 32.74 -0.28
N ILE G 4193 19.00 33.76 0.20
CA ILE G 4193 18.92 35.12 -0.32
C ILE G 4193 20.24 35.46 -0.99
N TYR G 4194 20.16 36.03 -2.19
CA TYR G 4194 21.33 36.48 -2.94
C TYR G 4194 21.26 37.99 -3.06
N PHE G 4195 22.37 38.67 -2.77
CA PHE G 4195 22.43 40.11 -2.83
C PHE G 4195 23.83 40.52 -3.24
N GLU G 4196 24.06 41.83 -3.34
CA GLU G 4196 25.32 42.37 -3.83
C GLU G 4196 26.11 42.99 -2.70
N ILE G 4197 27.38 42.61 -2.57
CA ILE G 4197 28.30 43.21 -1.63
C ILE G 4197 29.19 44.18 -2.39
N SER G 4198 29.30 45.40 -1.90
CA SER G 4198 30.10 46.38 -2.60
C SER G 4198 31.56 46.28 -2.18
N GLU G 4199 32.43 46.75 -3.08
CA GLU G 4199 33.87 46.71 -2.84
C GLU G 4199 34.22 47.53 -1.60
N THR G 4200 33.61 48.71 -1.46
CA THR G 4200 33.90 49.56 -0.31
C THR G 4200 33.48 48.88 1.00
N ASN G 4201 32.30 48.25 1.00
CA ASN G 4201 31.86 47.57 2.21
C ASN G 4201 32.79 46.43 2.58
N ARG G 4202 33.20 45.64 1.59
CA ARG G 4202 34.11 44.54 1.90
C ARG G 4202 35.44 45.05 2.40
N ALA G 4203 35.99 46.08 1.75
CA ALA G 4203 37.28 46.62 2.17
C ALA G 4203 37.21 47.19 3.58
N GLN G 4204 36.15 47.94 3.88
CA GLN G 4204 36.00 48.48 5.23
C GLN G 4204 35.86 47.36 6.25
N TRP G 4205 35.16 46.28 5.91
CA TRP G 4205 35.07 45.16 6.82
C TRP G 4205 36.41 44.50 7.06
N GLU G 4206 37.27 44.47 6.05
CA GLU G 4206 38.55 43.79 6.18
C GLU G 4206 39.61 44.63 6.89
N MET G 4207 39.26 45.81 7.39
CA MET G 4207 40.22 46.63 8.09
C MET G 4207 40.62 45.99 9.41
N PRO G 4208 41.89 46.13 9.82
CA PRO G 4208 42.34 45.44 11.05
C PRO G 4208 41.62 45.86 12.31
N GLN G 4209 41.26 47.14 12.44
CA GLN G 4209 40.55 47.57 13.64
C GLN G 4209 39.15 46.95 13.72
N VAL G 4210 38.47 46.88 12.58
CA VAL G 4210 37.16 46.24 12.56
C VAL G 4210 37.29 44.75 12.82
N LYS G 4211 38.34 44.11 12.29
CA LYS G 4211 38.54 42.70 12.59
C LYS G 4211 38.79 42.49 14.07
N GLU G 4212 39.53 43.38 14.71
CA GLU G 4212 39.76 43.27 16.14
C GLU G 4212 38.45 43.45 16.92
N SER G 4213 37.62 44.41 16.51
CA SER G 4213 36.33 44.57 17.14
C SER G 4213 35.47 43.33 16.99
N LYS G 4214 35.51 42.71 15.82
CA LYS G 4214 34.77 41.47 15.61
C LYS G 4214 35.28 40.37 16.54
N ARG G 4215 36.60 40.23 16.66
CA ARG G 4215 37.14 39.21 17.56
C ARG G 4215 36.70 39.45 18.99
N GLN G 4216 36.74 40.71 19.43
CA GLN G 4216 36.36 41.03 20.80
C GLN G 4216 34.88 40.75 21.04
N PHE G 4217 34.03 41.11 20.08
CA PHE G 4217 32.60 40.84 20.22
C PHE G 4217 32.32 39.35 20.26
N ILE G 4218 32.96 38.58 19.37
CA ILE G 4218 32.79 37.14 19.37
C ILE G 4218 33.19 36.56 20.71
N PHE G 4219 34.35 36.99 21.22
CA PHE G 4219 34.78 36.47 22.51
C PHE G 4219 33.78 36.80 23.60
N ASP G 4220 33.29 38.04 23.63
CA ASP G 4220 32.35 38.44 24.67
C ASP G 4220 31.09 37.58 24.63
N VAL G 4221 30.48 37.46 23.44
CA VAL G 4221 29.21 36.72 23.39
C VAL G 4221 29.42 35.24 23.69
N VAL G 4222 30.41 34.61 23.05
CA VAL G 4222 30.59 33.18 23.24
C VAL G 4222 30.99 32.87 24.67
N ASN G 4223 31.74 33.76 25.32
CA ASN G 4223 32.17 33.50 26.67
C ASN G 4223 31.06 33.76 27.67
N GLU G 4224 30.61 35.01 27.77
CA GLU G 4224 29.67 35.43 28.81
C GLU G 4224 28.34 35.86 28.22
N GLY G 4225 27.80 35.09 27.27
CA GLY G 4225 26.50 35.37 26.73
C GLY G 4225 25.64 34.11 26.65
N GLY G 4226 24.34 34.33 26.55
CA GLY G 4226 23.37 33.27 26.40
C GLY G 4226 22.84 33.18 24.97
N GLU G 4227 22.09 32.12 24.73
CA GLU G 4227 21.49 31.92 23.42
C GLU G 4227 20.37 32.93 23.14
N ALA G 4228 19.73 33.45 24.19
CA ALA G 4228 18.53 34.25 23.99
C ALA G 4228 18.85 35.63 23.41
N GLU G 4229 19.86 36.30 23.93
CA GLU G 4229 20.21 37.65 23.51
C GLU G 4229 21.28 37.67 22.44
N LYS G 4230 21.71 36.50 21.95
CA LYS G 4230 22.83 36.44 21.03
C LYS G 4230 22.57 37.23 19.76
N MET G 4231 21.38 37.08 19.18
CA MET G 4231 21.10 37.71 17.90
C MET G 4231 20.90 39.21 18.07
N GLU G 4232 20.27 39.62 19.18
CA GLU G 4232 20.19 41.03 19.52
C GLU G 4232 21.58 41.65 19.63
N LEU G 4233 22.48 40.99 20.35
CA LEU G 4233 23.83 41.51 20.50
C LEU G 4233 24.54 41.58 19.15
N PHE G 4234 24.33 40.58 18.30
CA PHE G 4234 24.97 40.58 16.99
C PHE G 4234 24.47 41.75 16.14
N VAL G 4235 23.17 42.01 16.16
CA VAL G 4235 22.65 43.14 15.38
C VAL G 4235 23.17 44.46 15.92
N SER G 4236 23.22 44.59 17.25
CA SER G 4236 23.77 45.81 17.84
C SER G 4236 25.22 46.01 17.44
N PHE G 4237 26.00 44.93 17.43
CA PHE G 4237 27.38 45.00 16.97
C PHE G 4237 27.44 45.42 15.50
N CYS G 4238 26.54 44.91 14.67
CA CYS G 4238 26.52 45.29 13.27
C CYS G 4238 26.27 46.78 13.11
N GLU G 4239 25.32 47.31 13.87
CA GLU G 4239 25.03 48.75 13.79
C GLU G 4239 26.22 49.58 14.26
N ASP G 4240 26.85 49.18 15.37
CA ASP G 4240 28.02 49.89 15.86
C ASP G 4240 29.14 49.87 14.84
N THR G 4241 29.33 48.73 14.17
CA THR G 4241 30.38 48.62 13.18
C THR G 4241 30.07 49.46 11.96
N ILE G 4242 28.80 49.57 11.58
CA ILE G 4242 28.43 50.45 10.48
C ILE G 4242 28.81 51.89 10.81
N PHE G 4243 28.50 52.32 12.04
CA PHE G 4243 28.89 53.66 12.46
C PHE G 4243 30.40 53.84 12.44
N GLU G 4244 31.13 52.81 12.89
CA GLU G 4244 32.59 52.87 12.85
C GLU G 4244 33.12 52.98 11.43
N MET G 4245 32.53 52.25 10.48
CA MET G 4245 32.95 52.38 9.10
C MET G 4245 32.69 53.79 8.58
N GLN G 4246 31.56 54.38 8.98
CA GLN G 4246 31.32 55.77 8.57
C GLN G 4246 32.38 56.70 9.15
N ILE G 4247 32.76 56.51 10.41
CA ILE G 4247 33.80 57.34 11.02
C ILE G 4247 35.10 57.18 10.25
N ALA G 4248 35.46 55.95 9.91
CA ALA G 4248 36.67 55.71 9.15
C ALA G 4248 36.59 56.39 7.79
N ALA G 4249 35.42 56.37 7.17
CA ALA G 4249 35.25 57.02 5.87
C ALA G 4249 35.48 58.51 5.97
N GLN G 4250 34.88 59.17 6.97
CA GLN G 4250 35.09 60.61 7.07
C GLN G 4250 36.55 60.94 7.40
N ILE G 4251 37.16 60.22 8.34
CA ILE G 4251 38.54 60.57 8.70
C ILE G 4251 39.54 60.15 7.65
N SER G 4252 39.15 59.33 6.68
CA SER G 4252 40.06 58.94 5.62
C SER G 4252 40.39 60.14 4.74
N GLU G 4253 41.63 60.16 4.24
CA GLU G 4253 42.09 61.20 3.35
C GLU G 4253 42.36 60.63 1.97
N PRO G 4254 42.07 61.38 0.91
CA PRO G 4254 42.27 60.91 -0.47
C PRO G 4254 43.74 60.88 -0.87
N PHE G 4540 38.90 84.06 5.36
CA PHE G 4540 39.95 83.17 5.83
C PHE G 4540 39.36 82.02 6.64
N TRP G 4541 38.08 82.14 6.99
CA TRP G 4541 37.45 81.11 7.80
C TRP G 4541 37.42 79.77 7.07
N GLY G 4542 37.23 79.80 5.75
CA GLY G 4542 37.23 78.56 4.99
C GLY G 4542 38.57 77.85 5.03
N GLU G 4543 39.66 78.61 4.89
CA GLU G 4543 40.98 78.01 4.93
C GLU G 4543 41.28 77.43 6.31
N LEU G 4544 40.97 78.17 7.37
CA LEU G 4544 41.20 77.65 8.71
C LEU G 4544 40.35 76.42 8.97
N GLU G 4545 39.11 76.41 8.49
CA GLU G 4545 38.25 75.25 8.70
C GLU G 4545 38.76 74.02 7.97
N VAL G 4546 39.17 74.18 6.70
CA VAL G 4546 39.64 73.01 5.97
C VAL G 4546 40.95 72.50 6.57
N GLN G 4547 41.85 73.40 6.96
CA GLN G 4547 43.07 72.95 7.63
C GLN G 4547 42.76 72.29 8.98
N ARG G 4548 41.77 72.80 9.71
CA ARG G 4548 41.41 72.22 11.00
C ARG G 4548 40.89 70.81 10.84
N VAL G 4549 39.99 70.59 9.88
CA VAL G 4549 39.46 69.25 9.69
C VAL G 4549 40.54 68.32 9.16
N LYS G 4550 41.43 68.82 8.29
CA LYS G 4550 42.53 67.98 7.84
C LYS G 4550 43.42 67.58 9.01
N PHE G 4551 43.72 68.52 9.90
CA PHE G 4551 44.56 68.23 11.06
C PHE G 4551 43.89 67.24 12.01
N LEU G 4552 42.60 67.42 12.25
CA LEU G 4552 41.88 66.50 13.13
C LEU G 4552 41.81 65.11 12.53
N ASN G 4553 41.58 65.01 11.21
CA ASN G 4553 41.57 63.70 10.57
C ASN G 4553 42.96 63.06 10.61
N TYR G 4554 44.01 63.88 10.49
CA TYR G 4554 45.36 63.36 10.61
C TYR G 4554 45.60 62.78 12.00
N LEU G 4555 45.14 63.49 13.03
CA LEU G 4555 45.28 62.98 14.39
C LEU G 4555 44.48 61.70 14.58
N SER G 4556 43.28 61.64 14.01
CA SER G 4556 42.44 60.46 14.17
C SER G 4556 43.04 59.25 13.48
N ARG G 4557 43.55 59.43 12.26
CA ARG G 4557 44.13 58.30 11.53
C ARG G 4557 45.35 57.74 12.23
N ASN G 4558 46.14 58.59 12.87
CA ASN G 4558 47.41 58.21 13.46
C ASN G 4558 47.36 58.16 14.98
N PHE G 4559 46.20 57.86 15.55
CA PHE G 4559 46.06 57.86 17.00
C PHE G 4559 46.97 56.83 17.66
N TYR G 4560 47.03 55.62 17.11
CA TYR G 4560 47.85 54.59 17.72
C TYR G 4560 49.33 54.85 17.52
N THR G 4561 49.72 55.44 16.39
CA THR G 4561 51.11 55.83 16.23
C THR G 4561 51.48 56.92 17.22
N LEU G 4562 50.57 57.86 17.48
CA LEU G 4562 50.85 58.86 18.51
C LEU G 4562 50.98 58.23 19.89
N ARG G 4563 50.15 57.24 20.19
CA ARG G 4563 50.28 56.54 21.46
C ARG G 4563 51.63 55.85 21.58
N PHE G 4564 52.06 55.17 20.52
CA PHE G 4564 53.35 54.50 20.53
C PHE G 4564 54.48 55.52 20.66
N LEU G 4565 54.35 56.67 20.01
CA LEU G 4565 55.36 57.72 20.11
C LEU G 4565 55.44 58.24 21.53
N ALA G 4566 54.31 58.41 22.21
CA ALA G 4566 54.33 58.84 23.60
C ALA G 4566 55.02 57.82 24.47
N LEU G 4567 54.77 56.53 24.22
CA LEU G 4567 55.46 55.49 24.97
C LEU G 4567 56.96 55.56 24.77
N PHE G 4568 57.40 55.72 23.52
CA PHE G 4568 58.83 55.78 23.23
C PHE G 4568 59.46 57.00 23.89
N LEU G 4569 58.76 58.14 23.85
CA LEU G 4569 59.26 59.34 24.49
C LEU G 4569 59.39 59.16 26.00
N ALA G 4570 58.42 58.50 26.62
CA ALA G 4570 58.53 58.24 28.07
C ALA G 4570 59.73 57.36 28.36
N PHE G 4571 59.96 56.34 27.53
CA PHE G 4571 61.13 55.49 27.72
C PHE G 4571 62.42 56.29 27.61
N ALA G 4572 62.52 57.17 26.62
CA ALA G 4572 63.72 57.98 26.47
C ALA G 4572 63.91 58.91 27.67
N ILE G 4573 62.83 59.53 28.12
CA ILE G 4573 62.92 60.44 29.26
C ILE G 4573 63.42 59.71 30.49
N ASN G 4574 62.88 58.52 30.75
CA ASN G 4574 63.30 57.77 31.92
C ASN G 4574 64.73 57.28 31.79
N PHE G 4575 65.15 56.89 30.58
CA PHE G 4575 66.54 56.50 30.38
C PHE G 4575 67.47 57.66 30.71
N ILE G 4576 67.10 58.86 30.30
CA ILE G 4576 67.90 60.03 30.69
C ILE G 4576 67.86 60.22 32.20
N LEU G 4577 66.69 60.02 32.80
CA LEU G 4577 66.54 60.21 34.25
C LEU G 4577 67.38 59.22 35.05
N LEU G 4578 67.77 58.10 34.45
CA LEU G 4578 68.63 57.15 35.16
C LEU G 4578 69.97 57.76 35.54
N PHE G 4579 70.36 58.87 34.92
CA PHE G 4579 71.66 59.49 35.15
C PHE G 4579 71.63 60.56 36.22
N TYR G 4580 70.50 60.75 36.89
CA TYR G 4580 70.42 61.78 37.91
C TYR G 4580 71.31 61.43 39.09
N LYS G 4581 71.82 62.47 39.75
CA LYS G 4581 72.72 62.32 40.88
C LYS G 4581 72.49 63.48 41.83
N VAL G 4582 72.62 63.22 43.12
CA VAL G 4582 72.38 64.22 44.15
C VAL G 4582 73.70 64.50 44.87
N SER G 4583 74.03 65.77 45.01
CA SER G 4583 75.26 66.17 45.67
C SER G 4583 75.02 67.42 46.51
N ASP G 4584 75.76 67.52 47.61
CA ASP G 4584 75.61 68.67 48.49
C ASP G 4584 76.25 69.91 47.90
N SER G 4585 77.16 69.74 46.95
CA SER G 4585 77.76 70.89 46.29
C SER G 4585 76.92 71.31 45.09
N PRO G 4586 76.84 72.61 44.81
CA PRO G 4586 76.08 73.04 43.63
C PRO G 4586 76.72 72.53 42.37
N PRO G 4587 75.93 72.25 41.33
CA PRO G 4587 76.43 71.71 40.06
C PRO G 4587 77.20 72.76 39.25
N ASN G 4626 71.21 74.13 54.34
CA ASN G 4626 71.77 72.77 54.33
C ASN G 4626 70.95 71.86 53.42
N MET G 4627 70.35 72.44 52.38
CA MET G 4627 69.56 71.70 51.42
C MET G 4627 70.43 71.28 50.23
N VAL G 4628 69.93 70.32 49.47
CA VAL G 4628 70.74 69.60 48.50
C VAL G 4628 70.21 69.86 47.09
N TYR G 4629 71.06 69.64 46.09
CA TYR G 4629 70.73 69.87 44.69
C TYR G 4629 70.70 68.57 43.91
N TYR G 4630 69.72 68.46 43.01
CA TYR G 4630 69.57 67.32 42.12
C TYR G 4630 70.02 67.76 40.73
N PHE G 4631 70.85 66.95 40.08
CA PHE G 4631 71.35 67.33 38.76
C PHE G 4631 71.75 66.08 38.00
N LEU G 4632 71.69 66.18 36.66
CA LEU G 4632 72.19 65.11 35.81
C LEU G 4632 73.71 65.08 35.88
N GLU G 4633 74.27 63.87 35.80
CA GLU G 4633 75.72 63.68 35.86
C GLU G 4633 76.13 62.93 34.60
N GLU G 4634 76.46 63.70 33.56
CA GLU G 4634 76.90 63.12 32.30
C GLU G 4634 77.97 64.03 31.70
N SER G 4635 78.82 63.44 30.87
CA SER G 4635 79.93 64.17 30.25
C SER G 4635 79.59 64.76 28.90
N THR G 4636 78.57 64.23 28.21
CA THR G 4636 78.22 64.73 26.89
C THR G 4636 77.74 66.18 26.94
N GLY G 4637 76.92 66.51 27.92
CA GLY G 4637 76.40 67.85 28.06
C GLY G 4637 75.13 68.14 27.29
N TYR G 4638 74.69 67.22 26.44
CA TYR G 4638 73.47 67.40 25.68
C TYR G 4638 72.25 66.79 26.33
N MET G 4639 72.45 65.98 27.38
CA MET G 4639 71.31 65.32 28.03
C MET G 4639 70.39 66.33 28.69
N GLU G 4640 70.95 67.39 29.28
CA GLU G 4640 70.10 68.40 29.91
C GLU G 4640 69.17 69.09 28.94
N PRO G 4641 69.63 69.57 27.77
CA PRO G 4641 68.65 70.11 26.80
C PRO G 4641 67.77 69.04 26.18
N ALA G 4642 68.31 67.83 25.98
CA ALA G 4642 67.51 66.77 25.38
C ALA G 4642 66.33 66.41 26.26
N LEU G 4643 66.54 66.38 27.58
CA LEU G 4643 65.45 66.08 28.49
C LEU G 4643 64.36 67.13 28.40
N TRP G 4644 64.73 68.41 28.33
CA TRP G 4644 63.73 69.47 28.22
C TRP G 4644 62.95 69.35 26.92
N CYS G 4645 63.65 69.10 25.80
CA CYS G 4645 62.98 68.93 24.53
C CYS G 4645 62.04 67.74 24.55
N LEU G 4646 62.49 66.62 25.13
CA LEU G 4646 61.66 65.42 25.19
C LEU G 4646 60.46 65.63 26.08
N SER G 4647 60.62 66.36 27.19
CA SER G 4647 59.47 66.64 28.05
C SER G 4647 58.42 67.46 27.32
N LEU G 4648 58.85 68.53 26.63
CA LEU G 4648 57.90 69.34 25.88
C LEU G 4648 57.22 68.51 24.80
N LEU G 4649 57.98 67.70 24.09
CA LEU G 4649 57.40 66.89 23.02
C LEU G 4649 56.44 65.85 23.57
N HIS G 4650 56.75 65.26 24.72
CA HIS G 4650 55.85 64.29 25.34
C HIS G 4650 54.54 64.93 25.75
N THR G 4651 54.60 66.14 26.33
CA THR G 4651 53.36 66.84 26.66
C THR G 4651 52.53 67.11 25.41
N LEU G 4652 53.20 67.56 24.34
CA LEU G 4652 52.48 67.83 23.09
C LEU G 4652 51.83 66.55 22.55
N VAL G 4653 52.55 65.44 22.59
CA VAL G 4653 52.02 64.19 22.04
C VAL G 4653 50.84 63.71 22.88
N ALA G 4654 50.91 63.87 24.20
CA ALA G 4654 49.78 63.48 25.03
C ALA G 4654 48.55 64.32 24.72
N PHE G 4655 48.73 65.62 24.51
CA PHE G 4655 47.60 66.46 24.16
C PHE G 4655 47.01 66.03 22.81
N LEU G 4656 47.87 65.75 21.84
CA LEU G 4656 47.38 65.30 20.55
C LEU G 4656 46.67 63.97 20.65
N CYS G 4657 47.11 63.09 21.56
CA CYS G 4657 46.42 61.82 21.76
C CYS G 4657 45.03 62.04 22.32
N ILE G 4658 44.89 62.98 23.26
CA ILE G 4658 43.56 63.29 23.78
C ILE G 4658 42.65 63.77 22.66
N ILE G 4659 43.18 64.65 21.79
CA ILE G 4659 42.37 65.17 20.70
C ILE G 4659 41.98 64.07 19.73
N GLY G 4660 42.94 63.22 19.36
CA GLY G 4660 42.64 62.14 18.44
C GLY G 4660 41.62 61.16 19.00
N TYR G 4661 41.70 60.90 20.30
CA TYR G 4661 40.72 60.03 20.93
C TYR G 4661 39.33 60.65 20.88
N ASN G 4662 39.22 61.94 21.23
CA ASN G 4662 37.89 62.50 21.22
C ASN G 4662 37.37 62.72 19.81
N CYS G 4663 38.22 62.65 18.80
CA CYS G 4663 37.76 62.67 17.41
C CYS G 4663 37.54 61.28 16.84
N LEU G 4664 37.98 60.22 17.50
CA LEU G 4664 37.92 58.89 16.91
C LEU G 4664 36.98 57.94 17.65
N LYS G 4665 37.03 57.90 18.98
CA LYS G 4665 36.24 56.94 19.76
C LYS G 4665 35.03 57.55 20.45
N VAL G 4666 35.15 58.81 20.87
CA VAL G 4666 34.03 59.48 21.54
C VAL G 4666 32.76 59.45 20.69
N PRO G 4667 32.80 59.66 19.36
CA PRO G 4667 31.56 59.53 18.59
C PRO G 4667 30.91 58.18 18.74
N LEU G 4668 31.70 57.09 18.78
CA LEU G 4668 31.12 55.77 18.93
C LEU G 4668 30.50 55.60 20.31
N VAL G 4669 31.17 56.10 21.35
CA VAL G 4669 30.60 56.02 22.69
C VAL G 4669 29.25 56.74 22.75
N ILE G 4670 29.20 57.95 22.21
CA ILE G 4670 27.96 58.73 22.23
C ILE G 4670 26.89 58.03 21.39
N PHE G 4671 27.26 57.48 20.24
CA PHE G 4671 26.31 56.77 19.41
C PHE G 4671 25.69 55.60 20.16
N LYS G 4672 26.52 54.80 20.83
CA LYS G 4672 26.00 53.63 21.54
C LYS G 4672 25.06 54.05 22.66
N ARG G 4673 25.45 55.07 23.43
CA ARG G 4673 24.59 55.50 24.53
C ARG G 4673 23.28 56.07 24.04
N GLU G 4674 23.33 56.89 22.98
CA GLU G 4674 22.09 57.44 22.43
C GLU G 4674 21.19 56.35 21.90
N LYS G 4675 21.77 55.34 21.24
CA LYS G 4675 20.96 54.27 20.67
C LYS G 4675 20.26 53.48 21.76
N GLU G 4676 21.00 53.10 22.81
CA GLU G 4676 20.35 52.35 23.88
C GLU G 4676 19.28 53.20 24.58
N LEU G 4677 19.55 54.49 24.78
CA LEU G 4677 18.54 55.36 25.38
C LEU G 4677 17.29 55.45 24.52
N ALA G 4678 17.45 55.60 23.21
CA ALA G 4678 16.30 55.69 22.33
C ALA G 4678 15.47 54.42 22.35
N ARG G 4679 16.14 53.27 22.33
CA ARG G 4679 15.39 52.02 22.34
C ARG G 4679 14.69 51.80 23.69
N LYS G 4680 15.32 52.22 24.79
CA LYS G 4680 14.64 52.15 26.07
C LYS G 4680 13.44 53.10 26.13
N LEU G 4681 13.56 54.29 25.54
CA LEU G 4681 12.40 55.18 25.48
C LEU G 4681 11.26 54.55 24.69
N GLU G 4682 11.56 54.01 23.51
CA GLU G 4682 10.51 53.57 22.62
C GLU G 4682 9.91 52.23 23.06
N PHE G 4683 10.73 51.19 23.15
CA PHE G 4683 10.21 49.86 23.43
C PHE G 4683 10.02 49.57 24.91
N ASP G 4684 10.37 50.49 25.80
CA ASP G 4684 10.21 50.27 27.23
C ASP G 4684 9.57 51.42 27.98
N GLY G 4685 9.58 52.64 27.45
CA GLY G 4685 9.01 53.76 28.16
C GLY G 4685 9.72 54.02 29.47
N LEU G 4686 11.05 54.07 29.42
CA LEU G 4686 11.85 54.12 30.65
C LEU G 4686 11.49 55.31 31.50
N TYR G 4687 11.34 56.48 30.90
CA TYR G 4687 10.97 57.68 31.61
C TYR G 4687 9.50 58.01 31.46
N ILE G 4688 8.72 57.12 30.84
CA ILE G 4688 7.29 57.26 30.72
C ILE G 4688 6.55 56.36 31.70
N THR G 4689 7.05 55.14 31.90
CA THR G 4689 6.38 54.14 32.71
C THR G 4689 7.14 53.79 33.98
N GLU G 4690 8.43 53.43 33.87
CA GLU G 4690 9.10 52.89 35.04
C GLU G 4690 9.80 53.96 35.88
N GLN G 4691 10.51 54.89 35.24
CA GLN G 4691 11.17 55.97 35.99
C GLN G 4691 12.17 55.44 37.00
N PRO G 4692 13.37 55.01 36.56
CA PRO G 4692 14.36 54.40 37.47
C PRO G 4692 14.48 55.04 38.85
N GLY G 4693 14.71 54.21 39.86
CA GLY G 4693 14.62 54.64 41.25
C GLY G 4693 15.87 55.23 41.87
N ASP G 4694 16.52 56.16 41.17
CA ASP G 4694 17.59 57.01 41.67
C ASP G 4694 18.87 56.24 42.03
N ASP G 4695 18.88 54.92 41.91
CA ASP G 4695 20.09 54.15 42.14
C ASP G 4695 20.86 53.85 40.86
N ASP G 4696 20.30 54.17 39.71
CA ASP G 4696 20.92 53.96 38.41
C ASP G 4696 21.47 55.30 37.96
N VAL G 4697 22.76 55.52 38.17
CA VAL G 4697 23.35 56.82 37.85
C VAL G 4697 23.30 57.08 36.35
N LYS G 4698 23.48 56.04 35.54
CA LYS G 4698 23.40 56.20 34.09
C LYS G 4698 22.02 56.69 33.67
N GLY G 4699 20.97 56.02 34.13
CA GLY G 4699 19.62 56.43 33.78
C GLY G 4699 19.27 57.80 34.33
N GLN G 4700 19.74 58.11 35.54
CA GLN G 4700 19.48 59.42 36.11
C GLN G 4700 20.21 60.52 35.34
N TRP G 4701 21.39 60.22 34.80
CA TRP G 4701 22.11 61.21 34.03
C TRP G 4701 21.50 61.40 32.65
N ASP G 4702 20.92 60.35 32.07
CA ASP G 4702 20.34 60.50 30.74
C ASP G 4702 19.11 61.40 30.72
N ARG G 4703 18.57 61.77 31.88
CA ARG G 4703 17.40 62.66 31.88
C ARG G 4703 17.73 64.04 31.33
N LEU G 4704 18.99 64.48 31.41
CA LEU G 4704 19.33 65.82 30.94
C LEU G 4704 19.23 65.96 29.43
N VAL G 4705 19.24 64.86 28.68
CA VAL G 4705 19.31 64.93 27.23
C VAL G 4705 17.95 64.75 26.57
N LEU G 4706 16.91 64.41 27.33
CA LEU G 4706 15.63 64.05 26.73
C LEU G 4706 15.01 65.22 25.99
N ASN G 4707 14.96 66.39 26.61
CA ASN G 4707 14.27 67.54 26.04
C ASN G 4707 15.18 68.43 25.21
N THR G 4708 16.44 68.06 25.03
CA THR G 4708 17.36 68.89 24.27
C THR G 4708 17.04 68.81 22.79
N PRO G 4709 17.19 69.92 22.05
CA PRO G 4709 16.86 69.91 20.62
C PRO G 4709 17.70 68.94 19.81
N SER G 4710 18.89 68.57 20.28
CA SER G 4710 19.79 67.77 19.47
C SER G 4710 20.09 66.44 20.15
N PHE G 4711 19.07 65.79 20.69
CA PHE G 4711 19.33 64.55 21.43
C PHE G 4711 19.89 63.46 20.54
N PRO G 4712 19.27 63.08 19.42
CA PRO G 4712 19.93 62.05 18.60
C PRO G 4712 20.91 62.66 17.61
N SER G 4713 22.03 63.16 18.13
CA SER G 4713 23.04 63.78 17.29
C SER G 4713 23.83 62.74 16.50
N ASN G 4714 24.22 61.64 17.15
CA ASN G 4714 24.97 60.58 16.50
C ASN G 4714 24.12 59.40 16.07
N TYR G 4715 23.16 59.00 16.90
CA TYR G 4715 22.24 57.95 16.52
C TYR G 4715 21.44 58.36 15.28
N TRP G 4716 21.29 57.45 14.32
CA TRP G 4716 20.69 57.83 13.01
C TRP G 4716 19.22 58.19 13.08
N ASP G 4717 18.52 57.76 14.11
CA ASP G 4717 17.07 57.93 14.12
C ASP G 4717 16.73 59.30 14.69
N LYS G 4718 16.32 60.22 13.83
CA LYS G 4718 15.94 61.55 14.25
C LYS G 4718 14.46 61.65 14.59
N PHE G 4719 13.70 60.60 14.37
CA PHE G 4719 12.26 60.60 14.57
C PHE G 4719 11.86 59.81 15.82
N VAL G 4720 12.82 59.60 16.71
CA VAL G 4720 12.56 58.80 17.92
C VAL G 4720 11.55 59.51 18.81
N LYS G 4721 11.66 60.83 18.93
CA LYS G 4721 10.69 61.57 19.74
C LYS G 4721 9.30 61.47 19.13
N ARG G 4722 9.21 61.57 17.81
CA ARG G 4722 7.93 61.38 17.13
C ARG G 4722 7.35 60.02 17.44
N LYS G 4723 8.17 58.96 17.34
CA LYS G 4723 7.67 57.61 17.57
C LYS G 4723 7.22 57.42 19.01
N VAL G 4724 8.00 57.93 19.96
CA VAL G 4724 7.63 57.83 21.38
C VAL G 4724 6.33 58.57 21.64
N LEU G 4725 6.18 59.75 21.05
CA LEU G 4725 4.92 60.48 21.21
C LEU G 4725 3.76 59.67 20.65
N ASP G 4726 3.87 59.20 19.41
CA ASP G 4726 2.79 58.44 18.79
C ASP G 4726 2.47 57.18 19.59
N LYS G 4727 3.44 56.65 20.33
CA LYS G 4727 3.23 55.41 21.05
C LYS G 4727 2.63 55.62 22.44
N HIS G 4728 3.00 56.67 23.15
CA HIS G 4728 2.60 56.83 24.54
C HIS G 4728 1.76 58.07 24.83
N GLY G 4729 1.55 58.95 23.86
CA GLY G 4729 0.84 60.19 24.15
C GLY G 4729 -0.62 59.98 24.48
N ASP G 4730 -1.26 59.02 23.82
CA ASP G 4730 -2.67 58.77 24.07
C ASP G 4730 -2.93 58.36 25.51
N ILE G 4731 -2.07 57.51 26.07
CA ILE G 4731 -2.31 57.00 27.41
C ILE G 4731 -1.70 57.91 28.49
N PHE G 4732 -0.55 58.53 28.22
CA PHE G 4732 0.10 59.36 29.22
C PHE G 4732 0.00 60.85 28.98
N GLY G 4733 -0.61 61.29 27.89
CA GLY G 4733 -0.77 62.71 27.66
C GLY G 4733 0.17 63.26 26.62
N ARG G 4734 -0.37 63.73 25.49
CA ARG G 4734 0.47 64.24 24.42
C ARG G 4734 1.26 65.45 24.89
N GLU G 4735 0.62 66.37 25.62
CA GLU G 4735 1.31 67.55 26.10
C GLU G 4735 2.38 67.19 27.12
N ARG G 4736 2.12 66.23 28.01
CA ARG G 4736 3.12 65.82 28.98
C ARG G 4736 4.32 65.18 28.30
N ILE G 4737 4.07 64.31 27.32
CA ILE G 4737 5.18 63.68 26.58
C ILE G 4737 5.96 64.73 25.80
N ALA G 4738 5.25 65.70 25.21
CA ALA G 4738 5.92 66.76 24.47
C ALA G 4738 6.78 67.61 25.38
N GLU G 4739 6.31 67.89 26.59
CA GLU G 4739 7.13 68.63 27.54
C GLU G 4739 8.35 67.81 27.97
N LEU G 4740 8.15 66.51 28.20
CA LEU G 4740 9.27 65.67 28.61
C LEU G 4740 10.35 65.61 27.54
N LEU G 4741 9.95 65.46 26.27
CA LEU G 4741 10.90 65.33 25.18
C LEU G 4741 11.24 66.67 24.54
N GLY G 4742 10.72 67.77 25.04
CA GLY G 4742 11.05 69.07 24.48
C GLY G 4742 10.61 69.26 23.04
N MET G 4743 9.37 68.89 22.71
CA MET G 4743 8.87 69.00 21.35
C MET G 4743 7.85 70.12 21.25
N ASP G 4744 7.75 70.70 20.04
CA ASP G 4744 6.71 71.66 19.72
C ASP G 4744 5.63 70.94 18.93
N LEU G 4745 4.44 70.82 19.53
CA LEU G 4745 3.37 70.08 18.86
C LEU G 4745 2.87 70.83 17.63
N ALA G 4746 2.96 72.16 17.66
CA ALA G 4746 2.51 72.96 16.52
C ALA G 4746 3.43 72.81 15.31
N SER G 4747 4.72 72.62 15.52
CA SER G 4747 5.69 72.56 14.43
C SER G 4747 5.63 71.27 13.64
N LEU G 4748 5.06 70.21 14.21
CA LEU G 4748 5.01 68.92 13.51
C LEU G 4748 4.21 69.05 12.22
N GLU G 4749 3.06 69.72 12.27
CA GLU G 4749 2.24 69.89 11.09
C GLU G 4749 2.98 70.65 10.00
N ILE G 4750 3.60 71.77 10.33
CA ILE G 4750 4.26 72.58 9.30
C ILE G 4750 5.47 71.85 8.73
N THR G 4751 6.19 71.09 9.56
CA THR G 4751 7.30 70.29 9.05
C THR G 4751 6.80 69.25 8.06
N ALA G 4752 5.67 68.61 8.35
CA ALA G 4752 5.05 67.77 7.35
C ALA G 4752 4.55 68.57 6.15
N HIS G 4753 4.21 69.84 6.37
CA HIS G 4753 3.63 70.67 5.30
C HIS G 4753 4.66 70.94 4.21
N ASN G 4754 5.75 71.63 4.57
CA ASN G 4754 6.72 72.04 3.57
C ASN G 4754 8.06 72.25 4.24
N GLU G 4755 9.06 72.62 3.45
CA GLU G 4755 10.42 72.82 3.93
C GLU G 4755 10.80 74.29 3.81
N ARG G 4756 11.40 74.83 4.87
CA ARG G 4756 11.88 76.20 4.89
C ARG G 4756 13.38 76.22 4.64
N LYS G 4757 13.82 77.18 3.82
CA LYS G 4757 15.23 77.34 3.47
C LYS G 4757 15.71 78.67 4.02
N PRO G 4758 16.11 78.73 5.29
CA PRO G 4758 16.56 79.99 5.88
C PRO G 4758 17.99 80.30 5.43
N ASP G 4759 18.53 81.40 5.97
CA ASP G 4759 19.89 81.81 5.68
C ASP G 4759 20.81 81.29 6.78
N PRO G 4760 21.74 80.39 6.48
CA PRO G 4760 22.73 79.95 7.47
C PRO G 4760 24.00 80.78 7.40
N PRO G 4761 24.03 81.95 8.05
CA PRO G 4761 25.19 82.83 7.92
C PRO G 4761 26.43 82.20 8.55
N PRO G 4762 27.55 82.18 7.83
CA PRO G 4762 28.79 81.59 8.34
C PRO G 4762 29.57 82.53 9.28
N GLY G 4763 28.92 82.94 10.35
CA GLY G 4763 29.51 83.84 11.33
C GLY G 4763 29.69 83.15 12.67
N LEU G 4764 30.83 83.43 13.31
CA LEU G 4764 31.09 82.85 14.63
C LEU G 4764 30.13 83.38 15.69
N LEU G 4765 29.73 84.65 15.57
CA LEU G 4765 28.74 85.19 16.49
C LEU G 4765 27.44 84.42 16.40
N THR G 4766 26.96 84.15 15.17
CA THR G 4766 25.76 83.34 15.02
C THR G 4766 25.99 81.92 15.50
N TRP G 4767 27.19 81.38 15.27
CA TRP G 4767 27.54 80.05 15.76
C TRP G 4767 27.51 79.96 17.28
N LEU G 4768 27.70 81.08 17.97
CA LEU G 4768 27.77 81.05 19.43
C LEU G 4768 26.52 80.44 20.05
N MET G 4769 25.37 81.10 19.90
CA MET G 4769 24.16 80.60 20.55
C MET G 4769 23.58 79.38 19.86
N SER G 4770 24.15 78.95 18.74
CA SER G 4770 23.72 77.71 18.11
C SER G 4770 24.20 76.47 18.85
N ILE G 4771 24.73 76.62 20.06
CA ILE G 4771 25.25 75.50 20.83
C ILE G 4771 24.22 75.10 21.88
N ASP G 4772 23.95 73.80 21.96
CA ASP G 4772 22.99 73.27 22.92
C ASP G 4772 23.72 72.96 24.22
N VAL G 4773 23.63 73.88 25.16
CA VAL G 4773 24.46 73.82 26.37
C VAL G 4773 24.13 72.59 27.19
N LYS G 4774 22.84 72.29 27.36
CA LYS G 4774 22.45 71.15 28.18
C LYS G 4774 22.93 69.84 27.56
N TYR G 4775 22.77 69.70 26.24
CA TYR G 4775 23.28 68.52 25.56
C TYR G 4775 24.79 68.41 25.72
N GLN G 4776 25.49 69.53 25.62
CA GLN G 4776 26.95 69.49 25.76
C GLN G 4776 27.34 69.08 27.16
N ILE G 4777 26.62 69.54 28.18
CA ILE G 4777 26.91 69.12 29.54
C ILE G 4777 26.71 67.62 29.68
N TRP G 4778 25.62 67.10 29.13
CA TRP G 4778 25.38 65.66 29.19
C TRP G 4778 26.48 64.89 28.49
N LYS G 4779 26.89 65.36 27.31
CA LYS G 4779 27.93 64.67 26.55
C LYS G 4779 29.25 64.68 27.30
N PHE G 4780 29.59 65.81 27.92
CA PHE G 4780 30.84 65.88 28.67
C PHE G 4780 30.79 64.98 29.89
N GLY G 4781 29.64 64.84 30.53
CA GLY G 4781 29.52 63.86 31.60
C GLY G 4781 29.75 62.44 31.10
N VAL G 4782 29.14 62.10 29.96
CA VAL G 4782 29.33 60.77 29.39
C VAL G 4782 30.80 60.53 29.07
N ILE G 4783 31.48 61.51 28.50
CA ILE G 4783 32.90 61.37 28.17
C ILE G 4783 33.73 61.23 29.43
N PHE G 4784 33.51 62.10 30.42
CA PHE G 4784 34.33 62.09 31.62
C PHE G 4784 34.08 60.88 32.49
N THR G 4785 33.00 60.13 32.24
CA THR G 4785 32.79 58.85 32.90
C THR G 4785 33.37 57.68 32.12
N ASP G 4786 34.07 57.94 31.02
CA ASP G 4786 34.63 56.89 30.18
C ASP G 4786 36.04 56.54 30.63
N ASN G 4787 36.32 55.24 30.72
CA ASN G 4787 37.58 54.78 31.28
C ASN G 4787 38.77 55.18 30.41
N SER G 4788 38.67 55.00 29.10
CA SER G 4788 39.79 55.31 28.23
C SER G 4788 40.09 56.80 28.23
N PHE G 4789 39.05 57.64 28.16
CA PHE G 4789 39.27 59.07 28.23
C PHE G 4789 39.87 59.47 29.57
N LEU G 4790 39.40 58.86 30.65
CA LEU G 4790 39.96 59.18 31.96
C LEU G 4790 41.43 58.80 32.03
N TYR G 4791 41.79 57.66 31.47
CA TYR G 4791 43.20 57.26 31.44
C TYR G 4791 44.04 58.24 30.65
N LEU G 4792 43.54 58.66 29.47
CA LEU G 4792 44.29 59.60 28.67
C LEU G 4792 44.43 60.94 29.39
N GLY G 4793 43.38 61.38 30.06
CA GLY G 4793 43.47 62.61 30.82
C GLY G 4793 44.46 62.53 31.97
N TRP G 4794 44.50 61.40 32.66
CA TRP G 4794 45.49 61.22 33.71
C TRP G 4794 46.90 61.20 33.14
N TYR G 4795 47.08 60.58 31.97
CA TYR G 4795 48.35 60.62 31.27
C TYR G 4795 48.77 62.05 30.99
N MET G 4796 47.85 62.86 30.47
CA MET G 4796 48.16 64.25 30.14
C MET G 4796 48.50 65.03 31.40
N VAL G 4797 47.74 64.80 32.49
CA VAL G 4797 48.00 65.51 33.74
C VAL G 4797 49.37 65.15 34.29
N MET G 4798 49.72 63.87 34.25
CA MET G 4798 51.05 63.46 34.73
C MET G 4798 52.14 64.06 33.85
N SER G 4799 51.90 64.15 32.55
CA SER G 4799 52.87 64.81 31.68
C SER G 4799 53.07 66.26 32.08
N LEU G 4800 51.96 66.96 32.38
CA LEU G 4800 52.08 68.34 32.83
C LEU G 4800 52.87 68.44 34.13
N LEU G 4801 52.58 67.54 35.08
CA LEU G 4801 53.32 67.55 36.34
C LEU G 4801 54.78 67.22 36.15
N GLY G 4802 55.11 66.51 35.07
CA GLY G 4802 56.50 66.20 34.79
C GLY G 4802 57.36 67.44 34.59
N HIS G 4803 56.72 68.56 34.23
CA HIS G 4803 57.48 69.80 34.10
C HIS G 4803 57.73 70.44 35.46
N TYR G 4804 56.78 70.28 36.39
CA TYR G 4804 57.04 70.67 37.76
C TYR G 4804 58.18 69.85 38.36
N ASN G 4805 58.19 68.56 38.07
CA ASN G 4805 59.25 67.67 38.53
C ASN G 4805 59.41 66.54 37.52
N ASN G 4806 60.61 66.42 36.95
CA ASN G 4806 60.82 65.47 35.87
C ASN G 4806 60.60 64.03 36.29
N PHE G 4807 60.71 63.72 37.57
CA PHE G 4807 60.53 62.34 38.00
C PHE G 4807 59.08 61.89 37.90
N PHE G 4808 58.14 62.82 37.69
CA PHE G 4808 56.76 62.42 37.44
C PHE G 4808 56.60 61.74 36.08
N PHE G 4809 57.60 61.83 35.21
CA PHE G 4809 57.55 61.12 33.96
C PHE G 4809 57.72 59.62 34.14
N ALA G 4810 58.11 59.18 35.34
CA ALA G 4810 58.22 57.75 35.60
C ALA G 4810 56.84 57.09 35.57
N ALA G 4811 55.80 57.83 35.94
CA ALA G 4811 54.47 57.26 35.97
C ALA G 4811 54.01 56.83 34.58
N HIS G 4812 54.48 57.49 33.53
CA HIS G 4812 54.08 57.14 32.18
C HIS G 4812 54.67 55.82 31.74
N LEU G 4813 55.65 55.30 32.46
CA LEU G 4813 56.15 53.96 32.18
C LEU G 4813 55.09 52.90 32.44
N LEU G 4814 54.12 53.18 33.30
CA LEU G 4814 53.06 52.23 33.57
C LEU G 4814 52.17 52.01 32.35
N ASP G 4815 52.28 52.88 31.35
CA ASP G 4815 51.50 52.79 30.12
C ASP G 4815 51.83 51.51 29.37
N ILE G 4816 52.96 50.89 29.72
CA ILE G 4816 53.33 49.61 29.13
C ILE G 4816 52.31 48.53 29.43
N ALA G 4817 51.48 48.72 30.47
CA ALA G 4817 50.48 47.73 30.81
C ALA G 4817 49.40 47.62 29.74
N MET G 4818 48.89 48.75 29.26
CA MET G 4818 47.87 48.76 28.22
C MET G 4818 48.44 48.88 26.81
N GLY G 4819 49.66 49.40 26.66
CA GLY G 4819 50.27 49.44 25.35
C GLY G 4819 50.59 48.05 24.82
N VAL G 4820 50.94 47.13 25.71
CA VAL G 4820 51.32 45.77 25.33
C VAL G 4820 50.19 44.83 25.74
N LYS G 4821 49.64 44.13 24.75
CA LYS G 4821 48.56 43.19 25.00
C LYS G 4821 48.99 42.06 25.92
N THR G 4822 50.22 41.57 25.78
CA THR G 4822 50.68 40.48 26.64
C THR G 4822 50.72 40.92 28.11
N LEU G 4823 51.24 42.11 28.37
CA LEU G 4823 51.27 42.61 29.74
C LEU G 4823 49.86 42.89 30.25
N ARG G 4824 48.97 43.35 29.37
CA ARG G 4824 47.59 43.56 29.79
C ARG G 4824 46.95 42.24 30.22
N THR G 4825 47.20 41.17 29.47
CA THR G 4825 46.69 39.85 29.86
C THR G 4825 47.30 39.38 31.17
N ILE G 4826 48.61 39.59 31.35
CA ILE G 4826 49.26 39.16 32.57
C ILE G 4826 48.68 39.90 33.78
N LEU G 4827 48.37 41.18 33.61
CA LEU G 4827 47.77 41.94 34.70
C LEU G 4827 46.31 41.56 34.92
N SER G 4828 45.61 41.18 33.85
CA SER G 4828 44.28 40.63 34.03
C SER G 4828 44.32 39.34 34.82
N SER G 4829 45.40 38.58 34.68
CA SER G 4829 45.62 37.39 35.50
C SER G 4829 45.77 37.70 36.97
N VAL G 4830 46.00 38.96 37.34
CA VAL G 4830 45.99 39.37 38.73
C VAL G 4830 44.66 40.00 39.12
N THR G 4831 44.11 40.84 38.25
CA THR G 4831 42.88 41.56 38.53
C THR G 4831 41.64 40.69 38.45
N HIS G 4832 41.76 39.46 37.95
CA HIS G 4832 40.60 38.58 37.86
C HIS G 4832 40.02 38.27 39.23
N ASN G 4833 40.90 38.00 40.21
CA ASN G 4833 40.49 37.65 41.56
C ASN G 4833 40.85 38.77 42.54
N GLY G 4834 40.66 40.01 42.12
CA GLY G 4834 41.05 41.14 42.95
C GLY G 4834 40.28 41.20 44.25
N LYS G 4835 38.97 40.94 44.20
CA LYS G 4835 38.19 40.96 45.43
C LYS G 4835 38.62 39.86 46.37
N GLN G 4836 38.93 38.68 45.84
CA GLN G 4836 39.45 37.60 46.68
C GLN G 4836 40.78 37.98 47.32
N LEU G 4837 41.66 38.63 46.55
CA LEU G 4837 42.95 39.05 47.10
C LEU G 4837 42.76 40.08 48.21
N VAL G 4838 41.86 41.04 48.01
CA VAL G 4838 41.61 42.03 49.04
C VAL G 4838 41.03 41.38 50.29
N MET G 4839 40.11 40.45 50.11
CA MET G 4839 39.51 39.78 51.26
C MET G 4839 40.53 38.95 52.02
N THR G 4840 41.41 38.24 51.29
CA THR G 4840 42.41 37.44 51.99
C THR G 4840 43.45 38.32 52.68
N VAL G 4841 43.74 39.50 52.13
CA VAL G 4841 44.62 40.43 52.83
C VAL G 4841 43.97 40.93 54.11
N GLY G 4842 42.68 41.24 54.05
CA GLY G 4842 41.98 41.65 55.26
C GLY G 4842 41.94 40.55 56.30
N LEU G 4843 41.76 39.31 55.85
CA LEU G 4843 41.80 38.17 56.77
C LEU G 4843 43.18 38.04 57.41
N LEU G 4844 44.24 38.25 56.62
CA LEU G 4844 45.59 38.24 57.16
C LEU G 4844 45.76 39.31 58.23
N ALA G 4845 45.22 40.50 57.97
CA ALA G 4845 45.28 41.57 58.96
C ALA G 4845 44.57 41.16 60.24
N VAL G 4846 43.41 40.50 60.12
CA VAL G 4846 42.65 40.11 61.30
C VAL G 4846 43.42 39.07 62.12
N VAL G 4847 43.99 38.06 61.45
CA VAL G 4847 44.69 37.00 62.19
C VAL G 4847 45.96 37.56 62.83
N VAL G 4848 46.65 38.47 62.13
CA VAL G 4848 47.82 39.09 62.74
C VAL G 4848 47.40 39.93 63.93
N TYR G 4849 46.23 40.55 63.87
CA TYR G 4849 45.74 41.30 65.02
C TYR G 4849 45.47 40.39 66.21
N LEU G 4850 44.92 39.20 65.95
CA LEU G 4850 44.71 38.26 67.05
C LEU G 4850 46.03 37.85 67.68
N TYR G 4851 47.03 37.56 66.84
CA TYR G 4851 48.34 37.23 67.38
C TYR G 4851 48.94 38.39 68.15
N THR G 4852 48.70 39.61 67.69
CA THR G 4852 49.15 40.79 68.41
C THR G 4852 48.50 40.88 69.79
N VAL G 4853 47.20 40.58 69.86
CA VAL G 4853 46.50 40.61 71.15
C VAL G 4853 47.12 39.60 72.11
N VAL G 4854 47.35 38.38 71.62
CA VAL G 4854 47.95 37.36 72.48
C VAL G 4854 49.33 37.78 72.94
N ALA G 4855 50.15 38.31 72.02
CA ALA G 4855 51.50 38.72 72.38
C ALA G 4855 51.48 39.85 73.40
N PHE G 4856 50.59 40.83 73.20
CA PHE G 4856 50.49 41.93 74.13
C PHE G 4856 50.11 41.44 75.52
N ASN G 4857 49.20 40.48 75.60
CA ASN G 4857 48.74 40.04 76.91
C ASN G 4857 49.76 39.15 77.61
N PHE G 4858 50.53 38.35 76.86
CA PHE G 4858 51.36 37.35 77.52
C PHE G 4858 52.85 37.41 77.19
N PHE G 4859 53.23 37.66 75.95
CA PHE G 4859 54.62 37.48 75.52
C PHE G 4859 55.35 38.81 75.36
N ARG G 4860 55.07 39.76 76.25
CA ARG G 4860 55.61 41.11 76.08
C ARG G 4860 57.12 41.16 76.31
N LYS G 4861 57.65 40.33 77.20
CA LYS G 4861 59.06 40.41 77.55
C LYS G 4861 59.96 39.99 76.40
N PHE G 4862 59.39 39.37 75.36
CA PHE G 4862 60.16 38.85 74.25
C PHE G 4862 60.30 39.83 73.11
N TYR G 4863 59.76 41.04 73.23
CA TYR G 4863 59.74 42.00 72.14
C TYR G 4863 60.69 43.17 72.40
N ASN G 4864 61.83 42.91 73.01
CA ASN G 4864 62.88 43.90 73.20
C ASN G 4864 63.81 43.84 72.00
N LYS G 4865 63.73 44.85 71.12
CA LYS G 4865 64.54 44.91 69.92
C LYS G 4865 65.69 45.90 70.07
N SER G 4866 66.26 46.00 71.27
CA SER G 4866 67.37 46.89 71.53
C SER G 4866 68.53 46.08 72.09
N GLU G 4867 69.68 46.15 71.42
CA GLU G 4867 70.88 45.49 71.94
C GLU G 4867 71.42 46.19 73.18
N ASP G 4868 71.06 47.45 73.38
CA ASP G 4868 71.50 48.18 74.55
C ASP G 4868 70.91 47.57 75.82
N GLU G 4869 71.62 47.76 76.94
CA GLU G 4869 71.21 47.21 78.21
C GLU G 4869 70.36 48.14 79.06
N ASP G 4870 70.59 49.45 79.00
CA ASP G 4870 69.93 50.36 79.91
C ASP G 4870 68.73 51.08 79.31
N GLU G 4871 68.68 51.26 78.00
CA GLU G 4871 67.50 51.82 77.33
C GLU G 4871 66.91 50.76 76.40
N PRO G 4872 65.88 50.04 76.82
CA PRO G 4872 65.31 49.01 75.96
C PRO G 4872 64.29 49.59 74.98
N ASP G 4873 64.22 48.97 73.81
CA ASP G 4873 63.23 49.32 72.81
C ASP G 4873 62.19 48.21 72.76
N MET G 4874 61.18 48.33 73.63
CA MET G 4874 60.13 47.33 73.69
C MET G 4874 59.09 47.61 72.60
N LYS G 4875 58.86 46.62 71.75
CA LYS G 4875 57.99 46.80 70.60
C LYS G 4875 56.54 46.44 70.88
N CYS G 4876 56.23 45.89 72.05
CA CYS G 4876 54.86 45.46 72.33
C CYS G 4876 54.34 46.05 73.63
N ASP G 4877 54.84 47.21 74.02
CA ASP G 4877 54.28 47.92 75.17
C ASP G 4877 53.06 48.76 74.81
N ASP G 4878 52.73 48.86 73.53
CA ASP G 4878 51.50 49.50 73.08
C ASP G 4878 50.86 48.62 72.04
N MET G 4879 49.53 48.62 72.02
CA MET G 4879 48.82 47.77 71.06
C MET G 4879 49.12 48.20 69.63
N MET G 4880 49.11 49.50 69.37
CA MET G 4880 49.37 49.97 68.02
C MET G 4880 50.80 49.64 67.58
N THR G 4881 51.77 49.85 68.46
CA THR G 4881 53.14 49.54 68.13
C THR G 4881 53.33 48.04 67.89
N CYS G 4882 52.73 47.21 68.73
CA CYS G 4882 52.85 45.77 68.55
C CYS G 4882 52.19 45.31 67.26
N TYR G 4883 51.03 45.87 66.93
CA TYR G 4883 50.35 45.48 65.69
C TYR G 4883 51.15 45.89 64.48
N LEU G 4884 51.71 47.10 64.50
CA LEU G 4884 52.59 47.53 63.42
C LEU G 4884 53.80 46.64 63.30
N PHE G 4885 54.42 46.29 64.44
CA PHE G 4885 55.59 45.43 64.43
C PHE G 4885 55.26 44.08 63.81
N HIS G 4886 54.16 43.47 64.21
CA HIS G 4886 53.76 42.21 63.61
C HIS G 4886 53.55 42.36 62.11
N MET G 4887 52.62 43.23 61.71
CA MET G 4887 52.28 43.36 60.29
C MET G 4887 53.49 43.77 59.44
N TYR G 4888 54.51 44.35 60.05
CA TYR G 4888 55.65 44.83 59.28
C TYR G 4888 56.79 43.81 59.20
N VAL G 4889 57.11 43.16 60.31
CA VAL G 4889 58.30 42.29 60.32
C VAL G 4889 57.90 40.82 60.30
N GLY G 4890 56.82 40.45 61.00
CA GLY G 4890 56.47 39.05 61.08
C GLY G 4890 56.00 38.48 59.75
N VAL G 4891 55.21 39.26 59.02
CA VAL G 4891 54.71 38.79 57.73
C VAL G 4891 55.84 38.67 56.73
N ARG G 4892 56.77 39.63 56.74
CA ARG G 4892 57.87 39.59 55.80
C ARG G 4892 58.97 38.63 56.21
N ALA G 4893 58.99 38.18 57.47
CA ALA G 4893 60.00 37.23 57.90
C ALA G 4893 59.71 35.86 57.32
N GLY G 4894 60.76 35.13 56.97
CA GLY G 4894 60.57 33.82 56.38
C GLY G 4894 59.98 32.81 57.35
N GLY G 4895 60.36 32.88 58.61
CA GLY G 4895 59.87 31.95 59.59
C GLY G 4895 58.81 32.50 60.52
N GLY G 4896 58.27 33.66 60.17
CA GLY G 4896 57.26 34.26 61.02
C GLY G 4896 57.88 35.16 62.08
N ILE G 4897 57.06 35.47 63.09
CA ILE G 4897 57.47 36.42 64.12
C ILE G 4897 58.57 35.83 65.00
N GLY G 4898 58.62 34.50 65.11
CA GLY G 4898 59.61 33.88 65.97
C GLY G 4898 61.04 34.12 65.51
N ASP G 4899 61.20 34.47 64.22
CA ASP G 4899 62.51 34.84 63.72
C ASP G 4899 62.99 36.14 64.34
N GLU G 4900 62.06 37.08 64.57
CA GLU G 4900 62.44 38.39 65.05
C GLU G 4900 62.48 38.45 66.58
N ILE G 4901 61.45 37.94 67.25
CA ILE G 4901 61.39 38.10 68.70
C ILE G 4901 62.42 37.20 69.37
N GLU G 4902 62.58 37.39 70.68
CA GLU G 4902 63.68 36.78 71.43
C GLU G 4902 63.49 35.27 71.56
N ASP G 4903 64.58 34.60 71.95
CA ASP G 4903 64.57 33.15 72.06
C ASP G 4903 63.83 32.73 73.34
N PRO G 4904 62.86 31.81 73.24
CA PRO G 4904 62.11 31.41 74.43
C PRO G 4904 62.69 30.25 75.19
N ALA G 4905 63.91 29.84 74.86
CA ALA G 4905 64.51 28.68 75.51
C ALA G 4905 64.71 28.95 77.00
N GLY G 4906 64.38 27.95 77.81
CA GLY G 4906 64.55 28.11 79.25
C GLY G 4906 63.63 29.14 79.86
N ASP G 4907 62.36 29.12 79.49
CA ASP G 4907 61.37 30.05 80.02
C ASP G 4907 60.15 29.26 80.48
N GLU G 4908 59.40 29.85 81.41
CA GLU G 4908 58.20 29.19 81.92
C GLU G 4908 57.11 29.14 80.87
N TYR G 4909 57.22 29.97 79.83
CA TYR G 4909 56.26 30.01 78.75
C TYR G 4909 56.83 29.47 77.43
N GLU G 4910 57.82 28.58 77.52
CA GLU G 4910 58.51 28.12 76.32
C GLU G 4910 57.55 27.42 75.37
N LEU G 4911 56.77 26.45 75.88
CA LEU G 4911 55.90 25.69 74.99
C LEU G 4911 54.80 26.56 74.41
N TYR G 4912 54.22 27.43 75.24
CA TYR G 4912 53.21 28.35 74.73
C TYR G 4912 53.76 29.21 73.61
N ARG G 4913 54.99 29.69 73.77
CA ARG G 4913 55.57 30.57 72.77
C ARG G 4913 55.96 29.80 71.51
N VAL G 4914 56.41 28.54 71.64
CA VAL G 4914 56.73 27.79 70.42
C VAL G 4914 55.46 27.46 69.66
N VAL G 4915 54.36 27.19 70.37
CA VAL G 4915 53.08 27.01 69.68
C VAL G 4915 52.66 28.29 68.99
N PHE G 4916 52.84 29.42 69.68
CA PHE G 4916 52.56 30.73 69.10
C PHE G 4916 53.31 30.91 67.78
N ASP G 4917 54.62 30.69 67.80
CA ASP G 4917 55.45 30.91 66.63
C ASP G 4917 55.10 29.94 65.50
N ILE G 4918 54.95 28.66 65.82
CA ILE G 4918 54.68 27.66 64.79
C ILE G 4918 53.33 27.90 64.13
N THR G 4919 52.30 28.19 64.92
CA THR G 4919 51.00 28.46 64.33
C THR G 4919 51.00 29.74 63.53
N PHE G 4920 51.73 30.77 63.98
CA PHE G 4920 51.87 31.98 63.17
C PHE G 4920 52.51 31.66 61.82
N PHE G 4921 53.58 30.87 61.83
CA PHE G 4921 54.26 30.49 60.60
C PHE G 4921 53.33 29.72 59.67
N PHE G 4922 52.57 28.77 60.21
CA PHE G 4922 51.74 27.92 59.37
C PHE G 4922 50.55 28.70 58.80
N PHE G 4923 49.84 29.46 59.65
CA PHE G 4923 48.65 30.14 59.18
C PHE G 4923 48.98 31.35 58.32
N VAL G 4924 49.96 32.14 58.72
CA VAL G 4924 50.23 33.40 58.04
C VAL G 4924 51.19 33.19 56.88
N ILE G 4925 52.39 32.70 57.17
CA ILE G 4925 53.43 32.62 56.15
C ILE G 4925 53.09 31.57 55.11
N VAL G 4926 52.60 30.41 55.54
CA VAL G 4926 52.37 29.31 54.61
C VAL G 4926 51.00 29.43 53.97
N ILE G 4927 49.95 29.35 54.77
CA ILE G 4927 48.61 29.15 54.24
C ILE G 4927 48.12 30.40 53.50
N LEU G 4928 48.21 31.56 54.12
CA LEU G 4928 47.57 32.73 53.52
C LEU G 4928 48.32 33.23 52.29
N LEU G 4929 49.65 33.28 52.37
CA LEU G 4929 50.42 33.63 51.20
C LEU G 4929 50.21 32.61 50.08
N ALA G 4930 50.14 31.32 50.43
CA ALA G 4930 49.84 30.32 49.41
C ALA G 4930 48.47 30.55 48.78
N ILE G 4931 47.50 31.00 49.59
CA ILE G 4931 46.18 31.34 49.04
C ILE G 4931 46.29 32.46 48.03
N ILE G 4932 47.11 33.46 48.33
CA ILE G 4932 47.29 34.57 47.38
C ILE G 4932 47.87 34.07 46.07
N GLN G 4933 48.95 33.29 46.15
CA GLN G 4933 49.54 32.73 44.94
C GLN G 4933 48.52 31.88 44.17
N GLY G 4934 47.72 31.10 44.88
CA GLY G 4934 46.75 30.25 44.22
C GLY G 4934 45.65 31.03 43.54
N LEU G 4935 45.24 32.14 44.14
CA LEU G 4935 44.26 33.00 43.47
C LEU G 4935 44.83 33.51 42.15
N ILE G 4936 46.09 33.96 42.17
CA ILE G 4936 46.72 34.39 40.92
C ILE G 4936 46.76 33.25 39.90
N ILE G 4937 47.16 32.06 40.34
CA ILE G 4937 47.40 30.97 39.41
C ILE G 4937 46.09 30.46 38.83
N ASP G 4938 45.06 30.38 39.67
CA ASP G 4938 43.74 30.01 39.18
C ASP G 4938 43.19 31.04 38.22
N ALA G 4939 43.50 32.33 38.42
CA ALA G 4939 43.12 33.32 37.43
C ALA G 4939 43.80 33.06 36.09
N PHE G 4940 45.08 32.73 36.11
CA PHE G 4940 45.76 32.32 34.86
C PHE G 4940 45.02 31.18 34.19
N GLY G 4941 44.76 30.10 34.94
CA GLY G 4941 44.11 28.94 34.34
C GLY G 4941 42.73 29.27 33.82
N GLU G 4942 41.99 30.10 34.55
CA GLU G 4942 40.64 30.47 34.12
C GLU G 4942 40.67 31.23 32.81
N LEU G 4943 41.57 32.20 32.69
CA LEU G 4943 41.65 32.95 31.43
C LEU G 4943 42.04 32.04 30.28
N ARG G 4944 42.99 31.13 30.50
CA ARG G 4944 43.40 30.23 29.43
C ARG G 4944 42.24 29.33 28.99
N ASP G 4945 41.49 28.78 29.95
CA ASP G 4945 40.40 27.90 29.55
C ASP G 4945 39.25 28.68 28.93
N GLN G 4946 39.09 29.95 29.29
CA GLN G 4946 38.10 30.77 28.59
C GLN G 4946 38.46 30.93 27.12
N GLN G 4947 39.73 31.25 26.84
CA GLN G 4947 40.16 31.36 25.44
C GLN G 4947 39.95 30.04 24.70
N GLU G 4948 40.34 28.93 25.33
CA GLU G 4948 40.18 27.63 24.68
C GLU G 4948 38.70 27.32 24.42
N GLN G 4949 37.83 27.63 25.39
CA GLN G 4949 36.42 27.34 25.21
C GLN G 4949 35.83 28.16 24.08
N VAL G 4950 36.21 29.43 23.98
CA VAL G 4950 35.70 30.27 22.89
C VAL G 4950 36.16 29.71 21.54
N LYS G 4951 37.45 29.36 21.43
CA LYS G 4951 37.94 28.79 20.18
C LYS G 4951 37.23 27.49 19.83
N GLU G 4952 37.02 26.63 20.84
CA GLU G 4952 36.36 25.35 20.59
C GLU G 4952 34.93 25.55 20.12
N ASP G 4953 34.20 26.46 20.75
CA ASP G 4953 32.82 26.71 20.33
C ASP G 4953 32.78 27.26 18.92
N MET G 4954 33.67 28.20 18.59
CA MET G 4954 33.65 28.76 17.25
C MET G 4954 34.02 27.73 16.19
N GLU G 4955 34.91 26.80 16.51
CA GLU G 4955 35.30 25.78 15.54
C GLU G 4955 34.39 24.56 15.54
N THR G 4956 33.48 24.44 16.50
CA THR G 4956 32.61 23.28 16.55
C THR G 4956 31.14 23.58 16.29
N LYS G 4957 30.70 24.83 16.38
CA LYS G 4957 29.31 25.16 16.13
C LYS G 4957 29.23 26.32 15.17
N CYS G 4958 28.13 26.40 14.42
CA CYS G 4958 27.86 27.58 13.62
C CYS G 4958 27.35 28.69 14.51
N PHE G 4959 27.95 29.87 14.37
CA PHE G 4959 27.59 31.02 15.17
C PHE G 4959 26.14 31.44 14.97
N ILE G 4960 25.53 31.09 13.84
CA ILE G 4960 24.21 31.58 13.49
C ILE G 4960 23.15 30.55 13.88
N CYS G 4961 23.22 29.35 13.29
CA CYS G 4961 22.18 28.36 13.51
C CYS G 4961 22.45 27.46 14.70
N GLY G 4962 23.69 27.38 15.16
CA GLY G 4962 24.02 26.57 16.31
C GLY G 4962 24.20 25.10 16.04
N ILE G 4963 24.01 24.65 14.81
CA ILE G 4963 24.21 23.25 14.48
C ILE G 4963 25.70 22.93 14.50
N GLY G 4964 26.04 21.79 15.10
CA GLY G 4964 27.43 21.44 15.27
C GLY G 4964 28.11 21.07 13.98
N SER G 4965 29.45 21.11 14.02
CA SER G 4965 30.24 20.76 12.85
C SER G 4965 30.08 19.30 12.44
N ASP G 4966 29.69 18.43 13.37
CA ASP G 4966 29.57 17.01 13.05
C ASP G 4966 28.51 16.78 11.98
N TYR G 4967 27.39 17.49 12.07
CA TYR G 4967 26.35 17.34 11.05
C TYR G 4967 26.85 17.78 9.69
N PHE G 4968 27.58 18.89 9.63
CA PHE G 4968 28.04 19.40 8.35
C PHE G 4968 29.19 18.58 7.80
N ASP G 4969 29.87 17.82 8.65
CA ASP G 4969 31.03 17.05 8.19
C ASP G 4969 30.65 15.81 7.42
N THR G 4970 29.37 15.44 7.38
CA THR G 4970 28.96 14.32 6.55
C THR G 4970 29.37 14.55 5.10
N THR G 4971 29.10 15.73 4.60
CA THR G 4971 29.70 16.17 3.34
C THR G 4971 31.09 16.75 3.62
N PRO G 4972 32.10 16.36 2.84
CA PRO G 4972 33.46 16.87 3.11
C PRO G 4972 33.52 18.38 3.05
N HIS G 4973 34.30 18.96 3.97
CA HIS G 4973 34.44 20.42 4.11
C HIS G 4973 33.10 21.09 4.36
N GLY G 4974 32.13 20.32 4.87
CA GLY G 4974 30.79 20.84 5.01
C GLY G 4974 30.71 22.03 5.95
N PHE G 4975 31.37 21.94 7.11
CA PHE G 4975 31.31 23.04 8.06
C PHE G 4975 32.01 24.27 7.53
N GLU G 4976 33.15 24.09 6.86
CA GLU G 4976 33.86 25.23 6.30
C GLU G 4976 33.02 25.93 5.24
N THR G 4977 32.40 25.16 4.34
CA THR G 4977 31.55 25.78 3.34
C THR G 4977 30.31 26.40 3.97
N HIS G 4978 29.77 25.79 5.02
CA HIS G 4978 28.60 26.35 5.68
C HIS G 4978 28.92 27.68 6.32
N THR G 4979 30.09 27.80 6.94
CA THR G 4979 30.45 29.03 7.61
C THR G 4979 31.05 30.08 6.67
N LEU G 4980 31.44 29.70 5.45
CA LEU G 4980 31.92 30.68 4.50
C LEU G 4980 30.91 31.12 3.46
N GLU G 4981 29.92 30.29 3.15
CA GLU G 4981 28.95 30.59 2.11
C GLU G 4981 27.52 30.62 2.63
N GLU G 4982 27.13 29.65 3.46
CA GLU G 4982 25.73 29.49 3.83
C GLU G 4982 25.34 30.42 4.97
N HIS G 4983 26.09 30.42 6.07
CA HIS G 4983 25.76 31.17 7.26
C HIS G 4983 26.92 32.06 7.71
N ASN G 4984 27.56 32.74 6.77
CA ASN G 4984 28.64 33.65 7.13
C ASN G 4984 28.07 34.89 7.80
N LEU G 4985 28.57 35.21 9.00
CA LEU G 4985 28.03 36.33 9.75
C LEU G 4985 28.41 37.66 9.10
N ALA G 4986 29.58 37.71 8.46
CA ALA G 4986 29.93 38.90 7.68
C ALA G 4986 28.90 39.15 6.60
N ASN G 4987 28.31 38.09 6.05
CA ASN G 4987 27.29 38.27 5.02
C ASN G 4987 26.00 38.82 5.60
N TYR G 4988 25.66 38.45 6.84
CA TYR G 4988 24.50 39.07 7.48
C TYR G 4988 24.75 40.55 7.74
N MET G 4989 25.95 40.90 8.16
CA MET G 4989 26.31 42.32 8.32
C MET G 4989 26.21 43.06 7.00
N PHE G 4990 26.75 42.48 5.93
CA PHE G 4990 26.68 43.09 4.61
C PHE G 4990 25.23 43.21 4.14
N PHE G 4991 24.41 42.22 4.43
CA PHE G 4991 23.00 42.28 4.05
C PHE G 4991 22.30 43.41 4.77
N LEU G 4992 22.62 43.61 6.04
CA LEU G 4992 22.04 44.74 6.76
C LEU G 4992 22.44 46.06 6.11
N MET G 4993 23.72 46.21 5.78
CA MET G 4993 24.15 47.44 5.10
C MET G 4993 23.47 47.60 3.75
N TYR G 4994 23.31 46.49 3.03
CA TYR G 4994 22.65 46.50 1.73
C TYR G 4994 21.21 46.97 1.85
N LEU G 4995 20.49 46.46 2.85
CA LEU G 4995 19.12 46.91 3.07
C LEU G 4995 19.08 48.39 3.39
N ILE G 4996 20.00 48.87 4.22
CA ILE G 4996 20.00 50.27 4.60
C ILE G 4996 20.23 51.15 3.37
N ASN G 4997 21.17 50.75 2.51
CA ASN G 4997 21.47 51.58 1.33
C ASN G 4997 20.36 51.49 0.29
N LYS G 4998 19.74 50.33 0.14
CA LYS G 4998 18.78 50.13 -0.95
C LYS G 4998 17.49 50.90 -0.66
N ASP G 4999 16.79 51.25 -1.74
CA ASP G 4999 15.53 51.96 -1.62
C ASP G 4999 14.40 51.00 -1.27
N GLU G 5000 13.49 51.45 -0.40
CA GLU G 5000 12.42 50.59 0.07
C GLU G 5000 11.49 50.20 -1.06
N THR G 5001 11.26 51.11 -2.00
CA THR G 5001 10.44 50.77 -3.16
C THR G 5001 11.13 49.77 -4.07
N GLU G 5002 12.44 49.59 -3.92
CA GLU G 5002 13.17 48.59 -4.69
C GLU G 5002 13.41 47.31 -3.92
N HIS G 5003 13.12 47.30 -2.62
CA HIS G 5003 13.24 46.07 -1.85
C HIS G 5003 12.41 44.95 -2.47
N THR G 5004 12.97 43.76 -2.51
CA THR G 5004 12.23 42.59 -2.95
C THR G 5004 11.33 42.11 -1.82
N GLY G 5005 10.63 41.01 -2.05
CA GLY G 5005 9.75 40.49 -1.01
C GLY G 5005 10.50 40.01 0.21
N GLN G 5006 11.57 39.24 -0.01
CA GLN G 5006 12.37 38.75 1.11
C GLN G 5006 13.09 39.89 1.82
N GLU G 5007 13.60 40.85 1.05
CA GLU G 5007 14.26 42.00 1.64
C GLU G 5007 13.28 42.82 2.48
N SER G 5008 12.06 43.02 1.99
CA SER G 5008 11.05 43.73 2.76
C SER G 5008 10.70 42.97 4.02
N TYR G 5009 10.58 41.65 3.93
CA TYR G 5009 10.31 40.84 5.11
C TYR G 5009 11.36 41.06 6.19
N VAL G 5010 12.63 40.92 5.80
CA VAL G 5010 13.71 41.07 6.76
C VAL G 5010 13.78 42.51 7.28
N TRP G 5011 13.53 43.49 6.42
CA TRP G 5011 13.60 44.88 6.83
C TRP G 5011 12.53 45.22 7.85
N LYS G 5012 11.30 44.76 7.61
CA LYS G 5012 10.24 44.97 8.57
C LYS G 5012 10.52 44.28 9.89
N MET G 5013 11.02 43.04 9.83
CA MET G 5013 11.36 42.35 11.06
C MET G 5013 12.47 43.05 11.81
N TYR G 5014 13.45 43.59 11.10
CA TYR G 5014 14.54 44.35 11.72
C TYR G 5014 14.02 45.60 12.40
N GLN G 5015 13.16 46.35 11.72
CA GLN G 5015 12.64 47.57 12.32
C GLN G 5015 11.74 47.28 13.51
N GLU G 5016 11.09 46.12 13.52
CA GLU G 5016 10.33 45.70 14.68
C GLU G 5016 11.19 45.00 15.72
N ARG G 5017 12.49 44.88 15.47
CA ARG G 5017 13.44 44.26 16.40
C ARG G 5017 13.03 42.81 16.71
N CYS G 5018 12.55 42.11 15.71
CA CYS G 5018 12.20 40.70 15.81
C CYS G 5018 13.24 39.90 15.03
N TRP G 5019 13.96 39.01 15.72
CA TRP G 5019 15.05 38.27 15.12
C TRP G 5019 14.68 36.84 14.77
N ASP G 5020 13.43 36.62 14.38
CA ASP G 5020 13.00 35.27 14.01
C ASP G 5020 13.45 34.88 12.60
N PHE G 5021 13.91 35.84 11.79
CA PHE G 5021 14.36 35.48 10.46
C PHE G 5021 15.73 34.81 10.49
N PHE G 5022 16.50 34.98 11.55
CA PHE G 5022 17.75 34.26 11.68
C PHE G 5022 17.48 32.76 11.79
N PRO G 5023 18.14 31.93 10.99
CA PRO G 5023 17.93 30.48 11.11
C PRO G 5023 18.46 29.97 12.43
N ALA G 5024 17.59 29.34 13.21
CA ALA G 5024 17.95 28.80 14.52
C ALA G 5024 17.69 27.30 14.48
N GLY G 5025 18.76 26.51 14.53
CA GLY G 5025 18.61 25.07 14.57
C GLY G 5025 18.21 24.44 13.26
N ASP G 5026 18.20 25.19 12.17
CA ASP G 5026 17.82 24.66 10.87
C ASP G 5026 18.65 25.36 9.80
N CYS G 5027 18.85 24.67 8.69
CA CYS G 5027 19.60 25.23 7.58
C CYS G 5027 19.02 24.73 6.27
N PHE G 5028 19.50 25.31 5.17
CA PHE G 5028 19.02 24.93 3.85
C PHE G 5028 19.34 23.47 3.55
N ARG G 5029 20.55 23.03 3.90
CA ARG G 5029 20.91 21.64 3.65
C ARG G 5029 20.04 20.69 4.44
N LYS G 5030 19.75 21.03 5.71
CA LYS G 5030 18.87 20.20 6.52
C LYS G 5030 17.45 20.16 5.96
N GLN G 5031 16.94 21.31 5.52
CA GLN G 5031 15.56 21.37 5.07
C GLN G 5031 15.33 20.53 3.82
N TYR G 5032 16.31 20.50 2.92
CA TYR G 5032 16.20 19.76 1.67
C TYR G 5032 17.16 18.57 1.64
N GLU G 5033 17.25 17.86 2.76
CA GLU G 5033 18.14 16.70 2.83
C GLU G 5033 17.78 15.66 1.79
N ASP G 5034 16.50 15.28 1.72
CA ASP G 5034 16.08 14.25 0.77
C ASP G 5034 16.27 14.72 -0.67
N GLN G 5035 15.90 15.96 -0.98
CA GLN G 5035 16.00 16.44 -2.36
C GLN G 5035 17.44 16.58 -2.80
N LEU G 5036 18.30 17.19 -1.97
CA LEU G 5036 19.69 17.36 -2.34
C LEU G 5036 20.42 16.02 -2.40
N SER G 5037 20.13 15.13 -1.46
CA SER G 5037 20.80 13.83 -1.42
C SER G 5037 19.95 12.75 -2.07
N GLU H 10 -8.98 -25.24 15.05
CA GLU H 10 -9.27 -26.09 13.90
C GLU H 10 -10.60 -26.81 14.09
N VAL H 11 -10.59 -28.14 14.13
CA VAL H 11 -11.80 -28.92 14.36
C VAL H 11 -12.36 -28.60 15.73
N GLN H 12 -13.64 -28.28 15.80
CA GLN H 12 -14.28 -27.89 17.04
C GLN H 12 -14.35 -29.08 17.99
N PHE H 13 -14.25 -28.81 19.29
CA PHE H 13 -14.41 -29.81 20.32
C PHE H 13 -15.60 -29.45 21.20
N LEU H 14 -16.35 -30.47 21.60
CA LEU H 14 -17.47 -30.26 22.50
C LEU H 14 -16.96 -29.99 23.90
N ARG H 15 -17.49 -28.94 24.53
CA ARG H 15 -17.09 -28.53 25.87
C ARG H 15 -18.33 -28.38 26.73
N THR H 16 -18.10 -28.26 28.04
CA THR H 16 -19.21 -28.11 28.96
C THR H 16 -19.92 -26.78 28.75
N ASP H 17 -21.15 -26.71 29.24
CA ASP H 17 -22.03 -25.55 29.13
C ASP H 17 -22.42 -25.25 27.69
N ASP H 18 -22.30 -26.21 26.78
CA ASP H 18 -22.67 -26.05 25.39
C ASP H 18 -23.93 -26.85 25.10
N GLU H 19 -24.85 -26.24 24.35
CA GLU H 19 -26.12 -26.87 24.02
C GLU H 19 -25.95 -27.78 22.82
N VAL H 20 -26.41 -29.02 22.94
CA VAL H 20 -26.27 -30.01 21.89
C VAL H 20 -27.60 -30.73 21.69
N VAL H 21 -27.74 -31.36 20.54
CA VAL H 21 -28.90 -32.18 20.21
C VAL H 21 -28.41 -33.58 19.86
N LEU H 22 -28.99 -34.59 20.50
CA LEU H 22 -28.62 -35.98 20.24
C LEU H 22 -29.35 -36.46 18.99
N GLN H 23 -28.61 -36.77 17.94
CA GLN H 23 -29.17 -37.08 16.64
C GLN H 23 -28.71 -38.45 16.18
N CYS H 24 -29.66 -39.26 15.72
CA CYS H 24 -29.39 -40.57 15.15
C CYS H 24 -30.00 -40.62 13.74
N SER H 25 -29.84 -41.77 13.11
CA SER H 25 -30.36 -41.99 11.77
C SER H 25 -31.07 -43.32 11.69
N ALA H 26 -32.16 -43.35 10.94
CA ALA H 26 -32.92 -44.57 10.70
C ALA H 26 -33.29 -44.65 9.24
N THR H 27 -33.45 -45.88 8.75
CA THR H 27 -33.81 -46.13 7.36
C THR H 27 -35.30 -46.39 7.27
N VAL H 28 -36.02 -45.51 6.58
CA VAL H 28 -37.46 -45.62 6.42
C VAL H 28 -37.76 -45.60 4.93
N LEU H 29 -38.07 -46.76 4.36
CA LEU H 29 -38.36 -46.90 2.93
C LEU H 29 -37.22 -46.36 2.08
N LYS H 30 -36.04 -46.94 2.27
CA LYS H 30 -34.82 -46.60 1.55
C LYS H 30 -34.43 -45.13 1.70
N GLU H 31 -34.98 -44.43 2.69
CA GLU H 31 -34.68 -43.02 2.92
C GLU H 31 -34.04 -42.86 4.29
N GLN H 32 -32.95 -42.10 4.33
CA GLN H 32 -32.25 -41.83 5.58
C GLN H 32 -32.98 -40.72 6.32
N LEU H 33 -33.66 -41.08 7.41
CA LEU H 33 -34.41 -40.13 8.23
C LEU H 33 -33.61 -39.82 9.47
N LYS H 34 -33.31 -38.55 9.69
CA LYS H 34 -32.55 -38.10 10.83
C LYS H 34 -33.50 -37.69 11.95
N LEU H 35 -33.24 -38.18 13.15
CA LEU H 35 -34.11 -37.96 14.31
C LEU H 35 -33.31 -37.36 15.44
N CYS H 36 -33.95 -36.50 16.22
CA CYS H 36 -33.34 -35.91 17.40
C CYS H 36 -34.09 -36.38 18.65
N LEU H 37 -33.33 -36.72 19.68
CA LEU H 37 -33.95 -37.09 20.94
C LEU H 37 -34.65 -35.88 21.55
N ALA H 38 -35.89 -36.06 21.98
CA ALA H 38 -36.70 -34.96 22.48
C ALA H 38 -37.50 -35.42 23.68
N ALA H 39 -37.88 -34.45 24.52
CA ALA H 39 -38.70 -34.72 25.69
C ALA H 39 -39.39 -33.43 26.09
N GLU H 40 -40.62 -33.54 26.57
CA GLU H 40 -41.37 -32.36 26.96
C GLU H 40 -41.06 -31.95 28.40
N GLY H 41 -40.87 -32.93 29.28
CA GLY H 41 -40.55 -32.63 30.66
C GLY H 41 -41.75 -32.53 31.57
N PHE H 42 -42.51 -31.45 31.43
CA PHE H 42 -43.70 -31.25 32.24
C PHE H 42 -44.87 -32.02 31.63
N GLY H 43 -45.46 -32.92 32.41
CA GLY H 43 -46.58 -33.70 31.98
C GLY H 43 -46.23 -34.98 31.26
N ASN H 44 -44.98 -35.14 30.83
CA ASN H 44 -44.56 -36.37 30.17
C ASN H 44 -43.05 -36.48 30.30
N ARG H 45 -42.59 -37.37 31.18
CA ARG H 45 -41.16 -37.52 31.40
C ARG H 45 -40.48 -38.29 30.28
N LEU H 46 -41.21 -39.15 29.59
CA LEU H 46 -40.61 -40.02 28.59
C LEU H 46 -40.05 -39.21 27.42
N CYS H 47 -39.04 -39.76 26.78
CA CYS H 47 -38.39 -39.15 25.63
C CYS H 47 -38.90 -39.76 24.34
N PHE H 48 -38.94 -38.96 23.29
CA PHE H 48 -39.33 -39.45 21.98
C PHE H 48 -38.38 -38.91 20.92
N LEU H 49 -38.69 -39.13 19.65
CA LEU H 49 -37.81 -38.76 18.55
C LEU H 49 -38.51 -37.75 17.66
N GLU H 50 -37.83 -36.63 17.41
CA GLU H 50 -38.37 -35.58 16.56
C GLU H 50 -37.69 -35.62 15.21
N PRO H 51 -38.37 -36.02 14.15
CA PRO H 51 -37.73 -36.06 12.83
C PRO H 51 -37.29 -34.67 12.37
N THR H 52 -36.16 -34.64 11.67
CA THR H 52 -35.60 -33.39 11.17
C THR H 52 -35.28 -33.43 9.69
N SER H 53 -35.46 -34.57 9.02
CA SER H 53 -35.11 -34.66 7.60
C SER H 53 -36.05 -33.85 6.72
N ASN H 54 -37.25 -33.53 7.19
CA ASN H 54 -38.22 -32.76 6.44
C ASN H 54 -38.32 -31.33 6.93
N ALA H 55 -37.22 -30.75 7.39
CA ALA H 55 -37.25 -29.38 7.88
C ALA H 55 -37.58 -28.39 6.79
N GLN H 56 -37.36 -28.75 5.52
CA GLN H 56 -37.69 -27.85 4.42
C GLN H 56 -39.19 -27.59 4.35
N ASN H 57 -39.99 -28.63 4.57
CA ASN H 57 -41.44 -28.52 4.45
C ASN H 57 -42.15 -28.38 5.79
N VAL H 58 -41.68 -29.08 6.82
CA VAL H 58 -42.29 -29.00 8.15
C VAL H 58 -41.20 -28.74 9.18
N PRO H 59 -41.20 -27.57 9.81
CA PRO H 59 -40.17 -27.26 10.81
C PRO H 59 -40.26 -28.21 11.99
N PRO H 60 -39.14 -28.62 12.55
CA PRO H 60 -39.15 -29.46 13.74
C PRO H 60 -39.34 -28.63 15.00
N ASP H 61 -39.75 -29.32 16.07
CA ASP H 61 -39.91 -28.69 17.37
C ASP H 61 -38.58 -28.81 18.12
N LEU H 62 -37.65 -27.93 17.77
CA LEU H 62 -36.29 -28.00 18.28
C LEU H 62 -36.15 -27.43 19.69
N ALA H 63 -37.12 -26.68 20.18
CA ALA H 63 -36.98 -26.07 21.49
C ALA H 63 -36.89 -27.09 22.60
N ILE H 64 -37.36 -28.31 22.38
CA ILE H 64 -37.36 -29.35 23.39
C ILE H 64 -36.37 -30.46 23.05
N CYS H 65 -35.55 -30.28 22.02
CA CYS H 65 -34.50 -31.22 21.67
C CYS H 65 -33.14 -30.79 22.20
N CYS H 66 -33.05 -29.65 22.86
CA CYS H 66 -31.77 -29.10 23.28
C CYS H 66 -31.40 -29.59 24.68
N PHE H 67 -30.14 -29.96 24.84
CA PHE H 67 -29.58 -30.36 26.13
C PHE H 67 -28.30 -29.58 26.38
N THR H 68 -28.05 -29.24 27.64
CA THR H 68 -26.84 -28.55 28.03
C THR H 68 -25.91 -29.52 28.73
N LEU H 69 -24.65 -29.55 28.30
CA LEU H 69 -23.62 -30.38 28.91
C LEU H 69 -23.18 -29.71 30.21
N GLU H 70 -23.74 -30.15 31.33
CA GLU H 70 -23.43 -29.51 32.59
C GLU H 70 -22.07 -29.93 33.13
N GLN H 71 -21.81 -31.23 33.21
CA GLN H 71 -20.56 -31.72 33.78
C GLN H 71 -20.01 -32.84 32.92
N SER H 72 -18.70 -33.02 32.99
CA SER H 72 -18.03 -34.16 32.37
C SER H 72 -16.94 -34.62 33.31
N LEU H 73 -17.05 -35.84 33.81
CA LEU H 73 -16.14 -36.37 34.80
C LEU H 73 -15.69 -37.76 34.40
N SER H 74 -14.50 -38.13 34.86
CA SER H 74 -14.05 -39.51 34.73
C SER H 74 -14.92 -40.41 35.62
N VAL H 75 -14.83 -41.71 35.39
CA VAL H 75 -15.65 -42.65 36.15
C VAL H 75 -15.29 -42.62 37.62
N ARG H 76 -13.99 -42.56 37.93
CA ARG H 76 -13.57 -42.52 39.33
C ARG H 76 -14.06 -41.25 40.02
N ALA H 77 -13.95 -40.10 39.35
CA ALA H 77 -14.48 -38.87 39.92
C ALA H 77 -15.98 -38.96 40.10
N LEU H 78 -16.67 -39.62 39.17
CA LEU H 78 -18.10 -39.82 39.30
C LEU H 78 -18.43 -40.61 40.56
N GLN H 79 -17.72 -41.73 40.78
CA GLN H 79 -17.96 -42.52 41.98
C GLN H 79 -17.67 -41.72 43.24
N GLU H 80 -16.58 -40.96 43.23
CA GLU H 80 -16.21 -40.19 44.43
C GLU H 80 -17.26 -39.14 44.75
N MET H 81 -17.75 -38.43 43.73
CA MET H 81 -18.74 -37.39 43.98
C MET H 81 -20.08 -37.99 44.37
N LEU H 82 -20.42 -39.16 43.81
CA LEU H 82 -21.64 -39.84 44.22
C LEU H 82 -21.55 -40.28 45.68
N ALA H 83 -20.39 -40.79 46.09
CA ALA H 83 -20.21 -41.15 47.50
C ALA H 83 -20.28 -39.93 48.40
N ASN H 84 -19.69 -38.81 47.97
CA ASN H 84 -19.77 -37.58 48.73
C ASN H 84 -21.12 -36.90 48.53
N HIS H 98 -14.44 -24.01 30.69
CA HIS H 98 -15.39 -25.05 30.34
C HIS H 98 -14.66 -26.32 29.94
N ARG H 99 -14.83 -27.38 30.73
CA ARG H 99 -14.09 -28.61 30.49
C ARG H 99 -14.39 -29.18 29.11
N THR H 100 -13.37 -29.73 28.48
CA THR H 100 -13.54 -30.37 27.18
C THR H 100 -13.88 -31.85 27.37
N LEU H 101 -14.80 -32.33 26.53
CA LEU H 101 -15.25 -33.72 26.63
C LEU H 101 -14.17 -34.67 26.13
N LEU H 102 -13.93 -35.74 26.89
CA LEU H 102 -12.99 -36.79 26.52
C LEU H 102 -13.72 -38.12 26.51
N TYR H 103 -13.38 -38.96 25.54
CA TYR H 103 -14.00 -40.27 25.42
C TYR H 103 -13.77 -41.07 26.69
N GLY H 104 -14.84 -41.70 27.17
CA GLY H 104 -14.79 -42.45 28.40
C GLY H 104 -15.25 -41.71 29.63
N HIS H 105 -15.43 -40.39 29.54
CA HIS H 105 -15.94 -39.63 30.66
C HIS H 105 -17.44 -39.77 30.74
N ALA H 106 -18.00 -39.37 31.88
CA ALA H 106 -19.44 -39.40 32.11
C ALA H 106 -19.99 -37.99 32.05
N ILE H 107 -21.04 -37.78 31.27
CA ILE H 107 -21.64 -36.47 31.08
C ILE H 107 -23.00 -36.43 31.75
N LEU H 108 -23.39 -35.22 32.15
CA LEU H 108 -24.70 -34.96 32.74
C LEU H 108 -25.44 -34.01 31.81
N LEU H 109 -26.50 -34.49 31.18
CA LEU H 109 -27.25 -33.73 30.19
C LEU H 109 -28.49 -33.14 30.84
N ARG H 110 -28.58 -31.82 30.85
CA ARG H 110 -29.72 -31.12 31.41
C ARG H 110 -30.61 -30.62 30.29
N HIS H 111 -31.91 -30.88 30.40
CA HIS H 111 -32.86 -30.45 29.39
C HIS H 111 -33.00 -28.93 29.43
N ALA H 112 -32.92 -28.30 28.26
CA ALA H 112 -32.90 -26.85 28.20
C ALA H 112 -34.21 -26.24 28.70
N HIS H 113 -35.33 -26.82 28.29
CA HIS H 113 -36.63 -26.23 28.62
C HIS H 113 -37.05 -26.61 30.04
N SER H 114 -37.17 -27.90 30.32
CA SER H 114 -37.72 -28.36 31.59
C SER H 114 -36.71 -28.29 32.73
N ARG H 115 -35.44 -28.02 32.44
CA ARG H 115 -34.38 -28.00 33.44
C ARG H 115 -34.22 -29.35 34.14
N MET H 116 -34.75 -30.41 33.55
CA MET H 116 -34.57 -31.75 34.07
C MET H 116 -33.38 -32.41 33.39
N TYR H 117 -32.97 -33.57 33.90
CA TYR H 117 -31.76 -34.24 33.44
C TYR H 117 -32.12 -35.54 32.75
N LEU H 118 -31.44 -35.83 31.64
CA LEU H 118 -31.66 -37.07 30.93
C LEU H 118 -31.28 -38.24 31.81
N SER H 119 -32.12 -39.26 31.87
CA SER H 119 -31.92 -40.35 32.80
C SER H 119 -32.42 -41.65 32.19
N CYS H 120 -31.92 -42.76 32.71
CA CYS H 120 -32.38 -44.10 32.34
C CYS H 120 -33.38 -44.53 33.40
N LEU H 121 -34.66 -44.48 33.04
CA LEU H 121 -35.72 -44.79 34.00
C LEU H 121 -35.73 -46.28 34.32
N THR H 122 -36.23 -46.61 35.51
CA THR H 122 -36.29 -47.99 35.96
C THR H 122 -37.48 -48.74 35.39
N THR H 123 -38.37 -48.08 34.67
CA THR H 123 -39.55 -48.72 34.11
C THR H 123 -39.28 -49.19 32.68
N SER H 124 -40.30 -49.78 32.08
CA SER H 124 -40.20 -50.26 30.71
C SER H 124 -41.61 -50.34 30.13
N ARG H 125 -41.90 -49.48 29.16
CA ARG H 125 -43.17 -49.52 28.47
C ARG H 125 -43.10 -50.24 27.13
N SER H 126 -41.93 -50.78 26.79
CA SER H 126 -41.77 -51.51 25.54
C SER H 126 -42.15 -52.97 25.73
N MET H 127 -42.88 -53.51 24.76
CA MET H 127 -43.27 -54.91 24.78
C MET H 127 -42.35 -55.78 23.94
N THR H 128 -41.68 -55.22 22.94
CA THR H 128 -40.84 -56.01 22.05
C THR H 128 -39.57 -56.46 22.76
N ASP H 129 -38.92 -55.57 23.49
CA ASP H 129 -37.67 -55.86 24.18
C ASP H 129 -37.96 -56.06 25.66
N LYS H 130 -37.67 -57.26 26.16
CA LYS H 130 -37.90 -57.56 27.56
C LYS H 130 -36.82 -57.00 28.47
N LEU H 131 -35.67 -56.62 27.91
CA LEU H 131 -34.55 -56.14 28.69
C LEU H 131 -34.33 -54.64 28.54
N ALA H 132 -35.23 -53.94 27.87
CA ALA H 132 -35.05 -52.52 27.62
C ALA H 132 -35.63 -51.70 28.77
N PHE H 133 -35.07 -50.51 28.94
CA PHE H 133 -35.54 -49.56 29.94
C PHE H 133 -35.88 -48.24 29.27
N ASP H 134 -36.86 -47.55 29.83
CA ASP H 134 -37.32 -46.29 29.27
C ASP H 134 -36.32 -45.18 29.54
N VAL H 135 -36.16 -44.28 28.57
CA VAL H 135 -35.27 -43.14 28.69
C VAL H 135 -36.15 -41.91 28.89
N GLY H 136 -35.94 -41.21 30.01
CA GLY H 136 -36.76 -40.06 30.32
C GLY H 136 -36.02 -38.96 31.06
N LEU H 137 -36.76 -38.03 31.64
CA LEU H 137 -36.19 -36.91 32.35
C LEU H 137 -36.38 -37.09 33.85
N GLN H 138 -35.37 -36.73 34.61
CA GLN H 138 -35.38 -36.85 36.06
C GLN H 138 -35.29 -35.48 36.69
N GLU H 139 -36.08 -35.26 37.75
CA GLU H 139 -36.17 -33.93 38.35
C GLU H 139 -34.83 -33.48 38.92
N ASP H 140 -34.11 -34.38 39.55
CA ASP H 140 -32.86 -34.05 40.23
C ASP H 140 -31.69 -34.72 39.54
N ALA H 141 -30.49 -34.23 39.85
CA ALA H 141 -29.25 -34.79 39.35
C ALA H 141 -28.64 -35.82 40.29
N THR H 142 -29.34 -36.16 41.37
CA THR H 142 -28.83 -37.14 42.32
C THR H 142 -28.86 -38.54 41.71
N GLY H 143 -28.00 -39.40 42.23
CA GLY H 143 -27.92 -40.77 41.78
C GLY H 143 -27.10 -40.91 40.52
N GLU H 144 -26.91 -42.17 40.12
CA GLU H 144 -26.15 -42.50 38.92
C GLU H 144 -27.04 -42.75 37.71
N ALA H 145 -28.35 -42.61 37.86
CA ALA H 145 -29.28 -42.85 36.76
C ALA H 145 -29.25 -41.76 35.70
N CYS H 146 -28.62 -40.62 35.98
CA CYS H 146 -28.62 -39.49 35.07
C CYS H 146 -27.27 -39.26 34.40
N TRP H 147 -26.37 -40.23 34.47
CA TRP H 147 -25.02 -40.10 33.93
C TRP H 147 -24.80 -41.09 32.79
N TRP H 148 -24.14 -40.63 31.73
CA TRP H 148 -23.86 -41.44 30.56
C TRP H 148 -22.40 -41.29 30.19
N THR H 149 -21.78 -42.38 29.75
CA THR H 149 -20.38 -42.39 29.36
C THR H 149 -20.28 -42.45 27.84
N MET H 150 -19.41 -41.62 27.27
CA MET H 150 -19.23 -41.59 25.84
C MET H 150 -18.18 -42.63 25.44
N HIS H 151 -18.45 -43.35 24.37
CA HIS H 151 -17.52 -44.33 23.85
C HIS H 151 -17.30 -44.10 22.36
N PRO H 152 -16.10 -44.37 21.87
CA PRO H 152 -15.82 -44.11 20.45
C PRO H 152 -16.65 -45.00 19.54
N ALA H 153 -17.03 -44.44 18.39
CA ALA H 153 -17.84 -45.18 17.43
C ALA H 153 -17.05 -46.27 16.72
N SER H 154 -15.84 -45.95 16.25
CA SER H 154 -15.01 -46.86 15.49
C SER H 154 -13.57 -46.75 15.94
N LYS H 155 -12.67 -47.34 15.15
CA LYS H 155 -11.25 -47.26 15.47
C LYS H 155 -10.68 -45.86 15.31
N GLN H 156 -11.39 -44.97 14.62
CA GLN H 156 -10.84 -43.63 14.35
C GLN H 156 -10.65 -42.85 15.63
N ARG H 157 -11.39 -43.19 16.68
CA ARG H 157 -11.28 -42.54 17.98
C ARG H 157 -10.96 -43.58 19.05
N SER H 158 -10.26 -43.15 20.08
CA SER H 158 -9.87 -44.02 21.18
C SER H 158 -10.14 -43.31 22.50
N GLU H 159 -10.12 -44.09 23.58
CA GLU H 159 -10.40 -43.54 24.89
C GLU H 159 -9.34 -42.52 25.29
N GLY H 160 -9.79 -41.44 25.91
CA GLY H 160 -8.93 -40.35 26.27
C GLY H 160 -8.85 -39.25 25.25
N GLU H 161 -9.22 -39.52 24.00
CA GLU H 161 -9.22 -38.50 22.98
C GLU H 161 -10.37 -37.53 23.17
N LYS H 162 -10.20 -36.33 22.64
CA LYS H 162 -11.25 -35.34 22.69
C LYS H 162 -12.40 -35.73 21.77
N VAL H 163 -13.63 -35.56 22.27
CA VAL H 163 -14.81 -35.74 21.42
C VAL H 163 -15.02 -34.46 20.63
N ARG H 164 -15.06 -34.59 19.31
CA ARG H 164 -15.13 -33.44 18.43
C ARG H 164 -16.51 -33.35 17.78
N VAL H 165 -16.84 -32.15 17.30
CA VAL H 165 -18.12 -31.95 16.65
C VAL H 165 -18.20 -32.81 15.39
N GLY H 166 -19.28 -33.57 15.28
CA GLY H 166 -19.48 -34.44 14.14
C GLY H 166 -19.13 -35.89 14.37
N ASP H 167 -18.47 -36.22 15.47
CA ASP H 167 -18.15 -37.61 15.76
C ASP H 167 -19.41 -38.38 16.10
N ASP H 168 -19.44 -39.63 15.67
CA ASP H 168 -20.49 -40.56 16.08
C ASP H 168 -20.15 -41.09 17.46
N LEU H 169 -21.16 -41.20 18.31
CA LEU H 169 -20.96 -41.50 19.72
C LEU H 169 -21.77 -42.70 20.15
N ILE H 170 -21.32 -43.33 21.23
CA ILE H 170 -22.05 -44.41 21.89
C ILE H 170 -22.26 -44.00 23.34
N LEU H 171 -23.52 -43.94 23.76
CA LEU H 171 -23.86 -43.53 25.11
C LEU H 171 -24.31 -44.76 25.89
N VAL H 172 -23.77 -44.91 27.11
CA VAL H 172 -24.06 -46.06 27.96
C VAL H 172 -24.50 -45.54 29.31
N SER H 173 -25.61 -46.09 29.82
CA SER H 173 -26.11 -45.67 31.11
C SER H 173 -25.23 -46.24 32.22
N VAL H 174 -24.84 -45.35 33.15
CA VAL H 174 -24.03 -45.81 34.27
C VAL H 174 -24.82 -46.75 35.17
N SER H 175 -26.08 -46.42 35.42
CA SER H 175 -26.85 -47.17 36.39
C SER H 175 -27.30 -48.52 35.85
N SER H 176 -27.56 -48.60 34.55
CA SER H 176 -28.15 -49.81 33.98
C SER H 176 -27.23 -50.55 33.01
N GLU H 177 -26.09 -49.98 32.65
CA GLU H 177 -25.18 -50.60 31.70
C GLU H 177 -25.88 -50.98 30.40
N ARG H 178 -26.60 -50.03 29.83
CA ARG H 178 -27.29 -50.22 28.58
C ARG H 178 -27.03 -49.05 27.65
N TYR H 179 -27.10 -49.31 26.35
CA TYR H 179 -26.87 -48.28 25.35
C TYR H 179 -28.09 -47.40 25.19
N LEU H 180 -27.87 -46.20 24.66
CA LEU H 180 -28.97 -45.34 24.21
C LEU H 180 -29.43 -45.88 22.87
N HIS H 181 -30.37 -46.83 22.90
CA HIS H 181 -30.74 -47.61 21.73
C HIS H 181 -31.95 -47.01 21.04
N LEU H 182 -31.88 -46.93 19.71
CA LEU H 182 -33.01 -46.55 18.88
C LEU H 182 -33.73 -47.81 18.43
N SER H 183 -34.98 -47.96 18.83
CA SER H 183 -35.74 -49.18 18.58
C SER H 183 -36.71 -48.95 17.44
N THR H 184 -36.59 -49.79 16.41
CA THR H 184 -37.51 -49.79 15.27
C THR H 184 -38.35 -51.06 15.22
N ALA H 185 -38.40 -51.80 16.33
CA ALA H 185 -39.07 -53.10 16.32
C ALA H 185 -40.55 -52.97 15.98
N SER H 186 -41.22 -52.00 16.58
CA SER H 186 -42.63 -51.76 16.28
C SER H 186 -42.75 -50.90 15.03
N GLY H 187 -43.98 -50.47 14.73
CA GLY H 187 -44.22 -49.69 13.54
C GLY H 187 -43.63 -48.29 13.58
N GLU H 188 -43.37 -47.76 14.77
CA GLU H 188 -42.81 -46.43 14.93
C GLU H 188 -41.39 -46.50 15.47
N LEU H 189 -40.77 -45.33 15.55
CA LEU H 189 -39.39 -45.18 16.01
C LEU H 189 -39.41 -44.76 17.46
N GLN H 190 -38.71 -45.51 18.32
CA GLN H 190 -38.68 -45.25 19.75
C GLN H 190 -37.26 -45.36 20.27
N VAL H 191 -37.01 -44.66 21.37
CA VAL H 191 -35.70 -44.63 22.02
C VAL H 191 -35.83 -45.31 23.37
N ASP H 192 -34.91 -46.23 23.67
CA ASP H 192 -34.91 -46.94 24.93
C ASP H 192 -33.48 -47.32 25.28
N ALA H 193 -33.28 -47.73 26.52
CA ALA H 193 -31.98 -48.22 26.98
C ALA H 193 -32.00 -49.73 26.86
N SER H 194 -31.25 -50.26 25.90
CA SER H 194 -31.18 -51.69 25.66
C SER H 194 -29.72 -52.09 25.48
N PHE H 195 -29.52 -53.36 25.11
CA PHE H 195 -28.19 -53.91 24.91
C PHE H 195 -27.71 -53.80 23.47
N MET H 196 -28.55 -53.36 22.54
CA MET H 196 -28.12 -53.05 21.19
C MET H 196 -27.64 -51.62 21.15
N GLN H 197 -26.45 -51.41 20.57
CA GLN H 197 -25.92 -50.06 20.49
C GLN H 197 -26.54 -49.31 19.34
N THR H 198 -26.47 -47.98 19.42
CA THR H 198 -27.00 -47.11 18.39
C THR H 198 -26.08 -45.90 18.30
N LEU H 199 -25.83 -45.45 17.07
CA LEU H 199 -24.88 -44.37 16.85
C LEU H 199 -25.58 -43.03 17.02
N TRP H 200 -24.90 -42.10 17.69
CA TRP H 200 -25.46 -40.79 17.97
C TRP H 200 -24.48 -39.69 17.59
N ASN H 201 -25.02 -38.52 17.29
CA ASN H 201 -24.24 -37.34 17.03
C ASN H 201 -24.70 -36.21 17.94
N MET H 202 -23.75 -35.55 18.60
CA MET H 202 -24.06 -34.41 19.45
C MET H 202 -23.77 -33.14 18.65
N ASN H 203 -24.72 -32.78 17.80
CA ASN H 203 -24.58 -31.58 16.99
C ASN H 203 -24.71 -30.36 17.88
N PRO H 204 -23.74 -29.46 17.88
CA PRO H 204 -23.82 -28.30 18.78
C PRO H 204 -24.89 -27.31 18.35
N ILE H 205 -25.39 -26.56 19.31
CA ILE H 205 -26.35 -25.49 19.07
C ILE H 205 -25.73 -24.13 19.35
N CYS H 206 -25.17 -23.95 20.54
CA CYS H 206 -24.55 -22.69 20.91
C CYS H 206 -23.49 -22.95 21.97
N SER H 207 -22.35 -22.28 21.84
CA SER H 207 -21.26 -22.43 22.80
C SER H 207 -21.17 -21.25 23.75
N CYS H 208 -20.87 -20.06 23.23
CA CYS H 208 -20.65 -18.88 24.07
C CYS H 208 -21.17 -17.65 23.34
N CYS H 209 -22.04 -16.90 24.02
CA CYS H 209 -22.70 -15.74 23.44
C CYS H 209 -22.29 -14.49 24.21
N GLU H 210 -22.06 -13.40 23.49
CA GLU H 210 -21.68 -12.16 24.12
C GLU H 210 -22.86 -11.54 24.87
N GLU H 211 -22.55 -10.54 25.70
CA GLU H 211 -23.59 -9.84 26.41
C GLU H 211 -24.57 -9.19 25.43
N GLY H 212 -25.86 -9.33 25.71
CA GLY H 212 -26.84 -8.95 24.72
C GLY H 212 -26.63 -9.78 23.47
N TYR H 213 -26.63 -9.09 22.32
CA TYR H 213 -26.19 -9.67 21.05
C TYR H 213 -26.99 -10.92 20.69
N VAL H 214 -28.25 -10.66 20.33
CA VAL H 214 -29.26 -11.67 20.00
C VAL H 214 -28.69 -12.82 19.19
N THR H 215 -29.02 -14.05 19.60
CA THR H 215 -28.63 -15.24 18.88
C THR H 215 -29.88 -16.08 18.60
N GLY H 216 -29.74 -17.00 17.65
CA GLY H 216 -30.88 -17.80 17.26
C GLY H 216 -31.36 -18.71 18.38
N GLY H 217 -32.64 -19.08 18.30
CA GLY H 217 -33.24 -19.97 19.26
C GLY H 217 -33.78 -19.30 20.51
N HIS H 218 -33.67 -17.98 20.64
CA HIS H 218 -34.20 -17.29 21.80
C HIS H 218 -35.67 -16.96 21.64
N VAL H 219 -36.30 -16.68 22.78
CA VAL H 219 -37.66 -16.17 22.85
C VAL H 219 -37.58 -14.68 23.18
N LEU H 220 -38.23 -13.85 22.38
CA LEU H 220 -38.09 -12.41 22.52
C LEU H 220 -39.36 -11.71 22.08
N ARG H 221 -39.46 -10.43 22.44
CA ARG H 221 -40.54 -9.55 22.01
C ARG H 221 -40.00 -8.56 20.99
N LEU H 222 -40.84 -8.25 20.00
CA LEU H 222 -40.47 -7.34 18.91
C LEU H 222 -41.25 -6.05 19.09
N PHE H 223 -40.62 -5.07 19.75
CA PHE H 223 -41.27 -3.81 20.04
C PHE H 223 -41.17 -2.86 18.86
N HIS H 224 -42.13 -1.92 18.78
CA HIS H 224 -42.21 -1.02 17.64
C HIS H 224 -41.47 0.30 17.91
N GLY H 225 -41.90 1.04 18.93
CA GLY H 225 -41.34 2.34 19.19
C GLY H 225 -40.59 2.42 20.50
N HIS H 226 -41.02 3.34 21.38
CA HIS H 226 -40.29 3.61 22.62
C HIS H 226 -40.92 2.82 23.77
N MET H 227 -40.72 1.50 23.70
CA MET H 227 -41.22 0.57 24.72
C MET H 227 -42.73 0.70 24.91
N ASP H 228 -43.45 0.95 23.81
CA ASP H 228 -44.88 1.16 23.86
C ASP H 228 -45.67 0.06 23.16
N GLU H 229 -45.38 -0.22 21.90
CA GLU H 229 -46.13 -1.19 21.11
C GLU H 229 -45.23 -2.37 20.75
N CYS H 230 -45.81 -3.57 20.73
CA CYS H 230 -45.08 -4.79 20.43
C CYS H 230 -45.91 -5.66 19.50
N LEU H 231 -45.20 -6.48 18.73
CA LEU H 231 -45.87 -7.42 17.83
C LEU H 231 -46.50 -8.55 18.63
N THR H 232 -47.75 -8.87 18.31
CA THR H 232 -48.48 -9.90 19.03
C THR H 232 -49.61 -10.40 18.16
N ILE H 233 -50.37 -11.35 18.70
CA ILE H 233 -51.60 -11.81 18.06
C ILE H 233 -52.76 -11.52 19.01
N SER H 234 -53.97 -11.86 18.58
CA SER H 234 -55.14 -11.59 19.39
C SER H 234 -55.15 -12.45 20.64
N ALA H 235 -55.90 -12.00 21.64
CA ALA H 235 -55.99 -12.72 22.90
C ALA H 235 -56.75 -14.03 22.71
N ALA H 236 -56.94 -14.77 23.79
CA ALA H 236 -57.60 -16.06 23.72
C ALA H 236 -59.08 -15.89 23.40
N ASP H 237 -59.67 -16.97 22.89
CA ASP H 237 -61.08 -17.04 22.47
C ASP H 237 -61.52 -15.77 21.74
N SER H 238 -60.72 -15.39 20.74
CA SER H 238 -60.99 -14.23 19.92
C SER H 238 -61.61 -14.67 18.60
N ASP H 239 -62.32 -13.74 17.97
CA ASP H 239 -63.10 -14.08 16.78
C ASP H 239 -62.21 -14.39 15.58
N ASP H 240 -60.98 -13.90 15.56
CA ASP H 240 -60.09 -14.08 14.42
C ASP H 240 -59.36 -15.42 14.45
N GLN H 241 -59.73 -16.32 15.35
CA GLN H 241 -59.08 -17.62 15.51
C GLN H 241 -57.60 -17.50 15.82
N ARG H 242 -57.18 -16.35 16.35
CA ARG H 242 -55.78 -16.09 16.70
C ARG H 242 -54.86 -16.36 15.52
N ARG H 243 -55.21 -15.82 14.36
CA ARG H 243 -54.40 -15.98 13.15
C ARG H 243 -54.09 -14.65 12.47
N LEU H 244 -54.16 -13.55 13.21
CA LEU H 244 -53.82 -12.24 12.68
C LEU H 244 -52.86 -11.55 13.63
N VAL H 245 -51.97 -10.74 13.07
CA VAL H 245 -50.88 -10.12 13.82
C VAL H 245 -51.15 -8.63 13.94
N TYR H 246 -50.90 -8.08 15.12
CA TYR H 246 -51.21 -6.69 15.41
C TYR H 246 -50.07 -6.03 16.17
N TYR H 247 -50.02 -4.70 16.08
CA TYR H 247 -49.16 -3.89 16.92
C TYR H 247 -50.00 -3.33 18.06
N GLU H 248 -49.84 -3.90 19.25
CA GLU H 248 -50.64 -3.52 20.40
C GLU H 248 -49.74 -3.06 21.52
N GLY H 249 -50.23 -2.14 22.35
CA GLY H 249 -49.51 -1.65 23.49
C GLY H 249 -50.27 -1.92 24.78
N GLY H 250 -49.65 -1.52 25.89
CA GLY H 250 -50.28 -1.66 27.18
C GLY H 250 -49.85 -2.92 27.92
N ALA H 251 -50.82 -3.61 28.52
CA ALA H 251 -50.52 -4.83 29.27
C ALA H 251 -50.04 -5.96 28.37
N VAL H 252 -50.25 -5.86 27.07
CA VAL H 252 -49.80 -6.91 26.14
C VAL H 252 -48.29 -7.00 26.11
N CYS H 253 -47.59 -5.93 26.49
CA CYS H 253 -46.13 -5.93 26.46
C CYS H 253 -45.54 -6.87 27.51
N THR H 254 -46.34 -7.34 28.46
CA THR H 254 -45.86 -8.26 29.49
C THR H 254 -46.59 -9.61 29.44
N HIS H 255 -47.44 -9.83 28.45
CA HIS H 255 -48.19 -11.07 28.36
C HIS H 255 -47.47 -12.07 27.47
N ALA H 256 -47.94 -13.32 27.52
CA ALA H 256 -47.27 -14.41 26.83
C ALA H 256 -47.56 -14.47 25.34
N ARG H 257 -48.59 -13.77 24.87
CA ARG H 257 -48.94 -13.85 23.46
C ARG H 257 -48.08 -12.94 22.59
N SER H 258 -47.26 -12.09 23.20
CA SER H 258 -46.32 -11.25 22.47
C SER H 258 -44.92 -11.86 22.42
N LEU H 259 -44.79 -13.14 22.74
CA LEU H 259 -43.51 -13.82 22.77
C LEU H 259 -43.31 -14.60 21.49
N TRP H 260 -42.14 -14.44 20.88
CA TRP H 260 -41.81 -15.11 19.64
C TRP H 260 -40.47 -15.81 19.77
N ARG H 261 -40.32 -16.92 19.05
CA ARG H 261 -39.08 -17.68 19.02
C ARG H 261 -38.51 -17.66 17.61
N LEU H 262 -37.27 -17.21 17.48
CA LEU H 262 -36.61 -17.11 16.18
C LEU H 262 -35.87 -18.40 15.89
N GLU H 263 -36.27 -19.09 14.83
CA GLU H 263 -35.73 -20.40 14.48
C GLU H 263 -35.00 -20.33 13.16
N PRO H 264 -33.67 -20.30 13.16
CA PRO H 264 -32.93 -20.33 11.89
C PRO H 264 -33.17 -21.61 11.12
N LEU H 265 -33.05 -21.50 9.79
CA LEU H 265 -33.36 -22.62 8.92
C LEU H 265 -32.23 -23.63 8.87
N ARG H 266 -31.78 -24.07 10.03
CA ARG H 266 -30.71 -25.06 10.15
C ARG H 266 -30.77 -25.63 11.56
N ILE H 267 -30.18 -26.81 11.73
CA ILE H 267 -30.16 -27.49 13.01
C ILE H 267 -28.85 -27.29 13.74
N SER H 268 -27.73 -27.60 13.10
CA SER H 268 -26.43 -27.37 13.71
C SER H 268 -26.17 -25.87 13.79
N TRP H 269 -25.66 -25.43 14.95
CA TRP H 269 -25.33 -24.03 15.19
C TRP H 269 -26.53 -23.12 14.98
N SER H 270 -27.73 -23.64 15.21
CA SER H 270 -28.92 -22.82 15.13
C SER H 270 -28.99 -21.79 16.24
N GLY H 271 -28.22 -21.97 17.30
CA GLY H 271 -28.13 -21.01 18.39
C GLY H 271 -27.05 -19.97 18.19
N SER H 272 -26.44 -19.91 17.02
CA SER H 272 -25.35 -18.99 16.77
C SER H 272 -25.87 -17.55 16.71
N HIS H 273 -24.95 -16.62 16.61
CA HIS H 273 -25.29 -15.21 16.60
C HIS H 273 -26.16 -14.87 15.38
N LEU H 274 -27.20 -14.09 15.63
CA LEU H 274 -28.05 -13.64 14.54
C LEU H 274 -27.30 -12.65 13.66
N ARG H 275 -27.49 -12.78 12.35
CA ARG H 275 -26.79 -11.97 11.39
C ARG H 275 -27.80 -11.31 10.46
N TRP H 276 -27.48 -10.09 10.02
CA TRP H 276 -28.33 -9.39 9.07
C TRP H 276 -28.48 -10.21 7.79
N GLY H 277 -29.71 -10.33 7.31
CA GLY H 277 -29.97 -11.08 6.10
C GLY H 277 -29.99 -12.58 6.25
N GLN H 278 -29.86 -13.09 7.47
CA GLN H 278 -29.92 -14.52 7.70
C GLN H 278 -31.38 -14.98 7.72
N PRO H 279 -31.77 -15.92 6.87
CA PRO H 279 -33.17 -16.39 6.88
C PRO H 279 -33.49 -17.11 8.18
N LEU H 280 -34.73 -16.93 8.64
CA LEU H 280 -35.17 -17.56 9.87
C LEU H 280 -36.68 -17.61 9.90
N ARG H 281 -37.23 -18.54 10.66
CA ARG H 281 -38.64 -18.60 10.95
C ARG H 281 -38.92 -17.86 12.26
N ILE H 282 -40.14 -17.35 12.37
CA ILE H 282 -40.60 -16.69 13.58
C ILE H 282 -41.82 -17.48 14.08
N ARG H 283 -41.70 -18.05 15.27
CA ARG H 283 -42.70 -18.94 15.82
C ARG H 283 -43.36 -18.30 17.04
N HIS H 284 -44.68 -18.37 17.09
CA HIS H 284 -45.41 -17.92 18.27
C HIS H 284 -45.36 -19.02 19.31
N VAL H 285 -44.82 -18.71 20.49
CA VAL H 285 -44.51 -19.75 21.47
C VAL H 285 -45.78 -20.39 22.00
N THR H 286 -46.75 -19.57 22.42
CA THR H 286 -47.93 -20.11 23.08
C THR H 286 -48.81 -20.90 22.11
N THR H 287 -48.98 -20.38 20.90
CA THR H 287 -49.85 -21.05 19.93
C THR H 287 -49.12 -22.09 19.11
N GLY H 288 -47.80 -22.00 19.00
CA GLY H 288 -47.04 -22.93 18.20
C GLY H 288 -47.15 -22.71 16.71
N ARG H 289 -47.69 -21.57 16.29
CA ARG H 289 -47.86 -21.28 14.88
C ARG H 289 -46.74 -20.38 14.38
N TYR H 290 -46.48 -20.46 13.07
CA TYR H 290 -45.37 -19.78 12.45
C TYR H 290 -45.86 -18.61 11.60
N LEU H 291 -45.16 -17.49 11.72
CA LEU H 291 -45.47 -16.32 10.89
C LEU H 291 -45.27 -16.67 9.42
N ALA H 292 -46.25 -16.34 8.60
CA ALA H 292 -46.25 -16.77 7.21
C ALA H 292 -46.88 -15.71 6.34
N LEU H 293 -46.57 -15.77 5.05
CA LEU H 293 -47.18 -14.92 4.02
C LEU H 293 -48.02 -15.81 3.12
N THR H 294 -49.34 -15.73 3.27
CA THR H 294 -50.26 -16.51 2.47
C THR H 294 -50.82 -15.66 1.34
N GLU H 295 -51.10 -16.30 0.20
CA GLU H 295 -51.64 -15.58 -0.94
C GLU H 295 -53.05 -15.07 -0.69
N ASP H 296 -53.77 -15.64 0.28
CA ASP H 296 -55.17 -15.26 0.49
C ASP H 296 -55.29 -14.16 1.54
N GLN H 297 -54.87 -14.44 2.77
CA GLN H 297 -55.02 -13.48 3.87
C GLN H 297 -53.78 -12.64 4.09
N GLY H 298 -52.71 -12.86 3.32
CA GLY H 298 -51.51 -12.08 3.47
C GLY H 298 -50.64 -12.55 4.62
N LEU H 299 -50.43 -11.67 5.61
CA LEU H 299 -49.58 -11.97 6.76
C LEU H 299 -50.43 -12.59 7.85
N VAL H 300 -50.25 -13.89 8.08
CA VAL H 300 -50.95 -14.62 9.13
C VAL H 300 -49.95 -15.58 9.78
N VAL H 301 -50.40 -16.26 10.83
CA VAL H 301 -49.63 -17.30 11.50
C VAL H 301 -50.27 -18.64 11.19
N VAL H 302 -49.52 -19.52 10.54
CA VAL H 302 -50.04 -20.80 10.08
C VAL H 302 -49.47 -21.91 10.93
N ASP H 303 -50.08 -23.08 10.81
CA ASP H 303 -49.67 -24.25 11.58
C ASP H 303 -48.33 -24.78 11.07
N ALA H 304 -47.77 -25.70 11.85
CA ALA H 304 -46.46 -26.24 11.52
C ALA H 304 -46.47 -27.07 10.24
N CYS H 305 -47.65 -27.50 9.78
CA CYS H 305 -47.73 -28.29 8.56
C CYS H 305 -47.80 -27.43 7.31
N LYS H 306 -47.81 -26.11 7.43
CA LYS H 306 -47.83 -25.21 6.28
C LYS H 306 -46.65 -24.25 6.27
N ALA H 307 -45.63 -24.49 7.09
CA ALA H 307 -44.44 -23.66 7.12
C ALA H 307 -43.40 -24.30 6.22
N HIS H 308 -43.44 -23.95 4.94
CA HIS H 308 -42.68 -24.64 3.91
C HIS H 308 -41.54 -23.80 3.36
N THR H 309 -40.86 -23.06 4.24
CA THR H 309 -39.64 -22.30 3.97
C THR H 309 -39.87 -21.14 3.00
N LYS H 310 -41.05 -21.03 2.40
CA LYS H 310 -41.38 -19.96 1.48
C LYS H 310 -42.20 -18.87 2.14
N ALA H 311 -43.33 -19.22 2.73
CA ALA H 311 -44.14 -18.24 3.43
C ALA H 311 -43.54 -17.82 4.76
N THR H 312 -42.72 -18.68 5.36
CA THR H 312 -42.31 -18.52 6.76
C THR H 312 -40.85 -18.13 6.91
N SER H 313 -40.20 -17.66 5.84
CA SER H 313 -38.79 -17.30 5.88
C SER H 313 -38.67 -15.78 5.95
N PHE H 314 -37.95 -15.30 6.97
CA PHE H 314 -37.81 -13.88 7.22
C PHE H 314 -36.35 -13.56 7.56
N CYS H 315 -36.00 -12.29 7.39
CA CYS H 315 -34.65 -11.83 7.67
C CYS H 315 -34.72 -10.44 8.27
N PHE H 316 -33.70 -10.09 9.05
CA PHE H 316 -33.58 -8.77 9.63
C PHE H 316 -32.55 -7.97 8.84
N ARG H 317 -32.91 -6.75 8.47
CA ARG H 317 -32.04 -5.89 7.70
C ARG H 317 -31.87 -4.56 8.41
N VAL H 318 -30.64 -4.04 8.41
CA VAL H 318 -30.36 -2.78 9.11
C VAL H 318 -31.04 -1.60 8.43
N SER H 319 -31.20 -1.64 7.11
CA SER H 319 -31.86 -0.56 6.40
C SER H 319 -32.65 -1.14 5.24
N LYS H 320 -33.66 -0.40 4.82
CA LYS H 320 -34.56 -0.83 3.76
C LYS H 320 -33.92 -0.78 2.38
N GLU H 321 -32.70 -0.25 2.28
CA GLU H 321 -32.05 -0.12 0.98
C GLU H 321 -31.90 -1.49 0.32
N LYS H 322 -32.09 -1.52 -1.00
CA LYS H 322 -32.04 -2.76 -1.77
C LYS H 322 -30.59 -3.14 -1.97
N LEU H 323 -29.97 -3.62 -0.90
CA LEU H 323 -28.56 -4.03 -0.95
C LEU H 323 -28.38 -5.15 -1.96
N ASP H 324 -28.97 -6.32 -1.67
CA ASP H 324 -28.97 -7.46 -2.59
C ASP H 324 -27.56 -7.81 -3.05
N THR H 325 -26.61 -7.77 -2.11
CA THR H 325 -25.20 -7.91 -2.46
C THR H 325 -24.88 -9.35 -2.85
N ALA H 326 -25.04 -10.28 -1.91
CA ALA H 326 -24.71 -11.68 -2.15
C ALA H 326 -25.31 -12.55 -1.04
N PRO H 327 -25.72 -13.77 -1.35
CA PRO H 327 -26.24 -14.66 -0.29
C PRO H 327 -25.15 -15.07 0.68
N LYS H 328 -25.27 -14.64 1.93
CA LYS H 328 -24.27 -14.92 2.94
C LYS H 328 -24.19 -16.42 3.20
N ARG H 329 -22.97 -16.91 3.40
CA ARG H 329 -22.73 -18.32 3.73
C ARG H 329 -22.58 -18.48 5.23
N ASP H 330 -23.27 -19.48 5.78
CA ASP H 330 -23.22 -19.73 7.21
C ASP H 330 -21.89 -20.35 7.61
N VAL H 331 -21.42 -19.98 8.81
CA VAL H 331 -20.17 -20.48 9.35
C VAL H 331 -20.48 -21.56 10.38
N GLU H 332 -19.49 -22.42 10.61
CA GLU H 332 -19.61 -23.49 11.60
C GLU H 332 -19.09 -22.95 12.93
N GLY H 333 -19.92 -22.14 13.57
CA GLY H 333 -19.56 -21.55 14.84
C GLY H 333 -20.60 -20.53 15.25
N MET H 334 -20.31 -19.84 16.35
CA MET H 334 -21.25 -18.81 16.80
C MET H 334 -21.24 -17.60 15.88
N GLY H 335 -20.14 -17.34 15.18
CA GLY H 335 -20.08 -16.28 14.20
C GLY H 335 -19.91 -14.90 14.82
N PRO H 336 -19.88 -13.88 13.97
CA PRO H 336 -19.67 -12.52 14.45
C PRO H 336 -20.91 -11.95 15.12
N PRO H 337 -20.78 -11.41 16.33
CA PRO H 337 -21.93 -10.81 17.02
C PRO H 337 -22.32 -9.49 16.36
N GLU H 338 -23.56 -9.43 15.86
CA GLU H 338 -24.03 -8.27 15.12
C GLU H 338 -25.22 -7.57 15.74
N ILE H 339 -26.32 -8.29 15.98
CA ILE H 339 -27.58 -7.68 16.37
C ILE H 339 -27.69 -7.70 17.88
N LYS H 340 -27.87 -6.52 18.48
CA LYS H 340 -27.91 -6.38 19.93
C LYS H 340 -29.33 -6.25 20.42
N TYR H 341 -29.50 -6.47 21.72
CA TYR H 341 -30.82 -6.43 22.35
C TYR H 341 -31.13 -5.01 22.82
N GLY H 342 -32.06 -4.35 22.14
CA GLY H 342 -32.54 -3.07 22.60
C GLY H 342 -31.84 -1.85 22.03
N GLU H 343 -30.85 -2.03 21.16
CA GLU H 343 -30.21 -0.91 20.48
C GLU H 343 -30.23 -1.04 18.97
N SER H 344 -30.18 -2.26 18.44
CA SER H 344 -30.21 -2.45 17.01
C SER H 344 -31.62 -2.19 16.48
N LEU H 345 -31.70 -1.42 15.40
CA LEU H 345 -32.98 -1.17 14.73
C LEU H 345 -33.08 -2.07 13.51
N CYS H 346 -34.02 -3.00 13.54
CA CYS H 346 -34.11 -4.08 12.56
C CYS H 346 -35.37 -3.93 11.73
N PHE H 347 -35.22 -4.07 10.42
CA PHE H 347 -36.35 -4.09 9.50
C PHE H 347 -36.61 -5.53 9.07
N VAL H 348 -37.79 -6.04 9.39
CA VAL H 348 -38.15 -7.42 9.07
C VAL H 348 -38.56 -7.48 7.61
N GLN H 349 -37.99 -8.42 6.87
CA GLN H 349 -38.27 -8.58 5.46
C GLN H 349 -38.57 -10.03 5.16
N HIS H 350 -39.64 -10.26 4.40
CA HIS H 350 -39.92 -11.60 3.90
C HIS H 350 -38.92 -11.94 2.81
N VAL H 351 -38.29 -13.10 2.92
CA VAL H 351 -37.12 -13.39 2.09
C VAL H 351 -37.51 -13.49 0.62
N ALA H 352 -38.55 -14.26 0.32
CA ALA H 352 -38.87 -14.51 -1.08
C ALA H 352 -39.54 -13.31 -1.73
N SER H 353 -40.49 -12.67 -1.03
CA SER H 353 -41.24 -11.57 -1.61
C SER H 353 -40.55 -10.22 -1.48
N GLY H 354 -39.72 -10.03 -0.46
CA GLY H 354 -39.10 -8.75 -0.25
C GLY H 354 -39.99 -7.72 0.39
N LEU H 355 -41.18 -8.10 0.85
CA LEU H 355 -42.10 -7.15 1.45
C LEU H 355 -41.61 -6.71 2.83
N TRP H 356 -42.23 -5.66 3.34
CA TRP H 356 -41.82 -5.04 4.59
C TRP H 356 -42.91 -5.21 5.65
N LEU H 357 -42.48 -5.54 6.87
CA LEU H 357 -43.40 -5.59 8.00
C LEU H 357 -43.74 -4.17 8.42
N THR H 358 -45.01 -3.80 8.31
CA THR H 358 -45.46 -2.47 8.68
C THR H 358 -46.92 -2.54 9.08
N TYR H 359 -47.42 -1.45 9.63
CA TYR H 359 -48.81 -1.39 10.06
C TYR H 359 -49.71 -1.01 8.89
N ALA H 360 -51.02 -1.17 9.10
CA ALA H 360 -52.00 -1.04 8.05
C ALA H 360 -52.72 0.30 8.05
N ALA H 361 -52.28 1.26 8.87
CA ALA H 361 -52.87 2.59 8.92
C ALA H 361 -54.35 2.50 9.26
N PRO H 362 -54.69 2.26 10.53
CA PRO H 362 -56.09 1.99 10.88
C PRO H 362 -57.03 3.10 10.42
N ASP H 363 -58.17 2.70 9.87
CA ASP H 363 -59.15 3.64 9.37
C ASP H 363 -59.77 4.43 10.54
N PRO H 364 -60.09 5.71 10.33
CA PRO H 364 -60.76 6.47 11.40
C PRO H 364 -62.14 5.93 11.73
N LYS H 365 -62.80 6.57 12.71
CA LYS H 365 -64.11 6.18 13.23
C LYS H 365 -63.99 4.90 14.04
N ALA H 366 -62.79 4.30 14.06
CA ALA H 366 -62.50 3.14 14.87
C ALA H 366 -61.80 3.48 16.17
N LEU H 367 -61.26 4.69 16.30
CA LEU H 367 -60.62 5.11 17.54
C LEU H 367 -61.64 5.27 18.67
N ARG H 368 -62.88 5.64 18.34
CA ARG H 368 -63.92 5.73 19.35
C ARG H 368 -64.19 4.38 20.00
N LEU H 369 -63.97 3.29 19.26
CA LEU H 369 -64.12 1.95 19.81
C LEU H 369 -63.01 1.60 20.80
N GLY H 370 -61.98 2.45 20.91
CA GLY H 370 -60.88 2.16 21.80
C GLY H 370 -59.84 1.21 21.25
N VAL H 371 -59.89 0.92 19.95
CA VAL H 371 -58.97 -0.03 19.34
C VAL H 371 -57.63 0.64 19.08
N LEU H 372 -56.68 0.46 20.00
CA LEU H 372 -55.33 0.93 19.79
C LEU H 372 -54.47 -0.04 18.98
N LYS H 373 -54.98 -1.24 18.72
CA LYS H 373 -54.24 -2.20 17.92
C LYS H 373 -54.18 -1.75 16.46
N LYS H 374 -53.02 -1.95 15.85
CA LYS H 374 -52.80 -1.68 14.43
C LYS H 374 -52.45 -2.99 13.74
N LYS H 375 -53.18 -3.33 12.70
CA LYS H 375 -52.96 -4.60 12.03
C LYS H 375 -51.59 -4.61 11.33
N ALA H 376 -50.88 -5.72 11.47
CA ALA H 376 -49.59 -5.88 10.83
C ALA H 376 -49.76 -6.48 9.45
N ILE H 377 -49.16 -5.83 8.45
CA ILE H 377 -49.28 -6.26 7.06
C ILE H 377 -47.91 -6.27 6.42
N LEU H 378 -47.80 -7.02 5.33
CA LEU H 378 -46.60 -7.03 4.48
C LEU H 378 -46.84 -6.10 3.30
N HIS H 379 -45.99 -5.09 3.17
CA HIS H 379 -46.14 -4.08 2.13
C HIS H 379 -44.83 -3.88 1.40
N GLN H 380 -44.95 -3.48 0.13
CA GLN H 380 -43.77 -3.31 -0.71
C GLN H 380 -42.91 -2.14 -0.25
N GLU H 381 -43.52 -1.07 0.24
CA GLU H 381 -42.78 0.13 0.65
C GLU H 381 -42.59 0.22 2.15
N GLY H 382 -43.66 0.12 2.92
CA GLY H 382 -43.55 0.32 4.35
C GLY H 382 -43.37 1.79 4.70
N HIS H 383 -43.07 2.03 5.97
CA HIS H 383 -42.92 3.39 6.49
C HIS H 383 -41.54 3.58 7.07
N MET H 384 -41.30 4.78 7.59
CA MET H 384 -40.00 5.11 8.15
C MET H 384 -39.79 4.48 9.53
N ASP H 385 -40.86 4.32 10.29
CA ASP H 385 -40.78 3.79 11.65
C ASP H 385 -41.04 2.29 11.72
N ASP H 386 -40.65 1.55 10.67
CA ASP H 386 -40.86 0.12 10.64
C ASP H 386 -39.78 -0.67 11.36
N ALA H 387 -38.73 -0.02 11.83
CA ALA H 387 -37.67 -0.73 12.53
C ALA H 387 -38.18 -1.25 13.87
N LEU H 388 -37.73 -2.45 14.24
CA LEU H 388 -38.21 -3.12 15.44
C LEU H 388 -37.09 -3.35 16.43
N PHE H 389 -37.38 -3.03 17.69
CA PHE H 389 -36.51 -3.35 18.82
C PHE H 389 -36.71 -4.81 19.19
N LEU H 390 -35.62 -5.50 19.47
CA LEU H 390 -35.66 -6.86 19.98
C LEU H 390 -35.26 -6.83 21.45
N THR H 391 -36.16 -7.26 22.33
CA THR H 391 -35.96 -7.21 23.76
C THR H 391 -35.90 -8.62 24.33
N ARG H 392 -35.02 -8.81 25.31
CA ARG H 392 -34.87 -10.10 25.95
C ARG H 392 -36.11 -10.46 26.77
N CYS H 393 -36.44 -11.74 26.76
CA CYS H 393 -37.54 -12.30 27.54
C CYS H 393 -36.97 -13.17 28.64
N GLN H 394 -37.49 -13.01 29.85
CA GLN H 394 -36.98 -13.76 30.99
C GLN H 394 -37.17 -15.26 30.78
N GLN H 395 -36.23 -16.04 31.32
CA GLN H 395 -36.32 -17.49 31.22
C GLN H 395 -37.62 -17.98 31.85
N GLU H 396 -38.04 -17.37 32.96
CA GLU H 396 -39.30 -17.75 33.59
C GLU H 396 -40.47 -17.56 32.64
N GLU H 397 -40.52 -16.41 31.96
CA GLU H 397 -41.62 -16.15 31.04
C GLU H 397 -41.58 -17.09 29.84
N SER H 398 -40.40 -17.36 29.31
CA SER H 398 -40.30 -18.28 28.18
C SER H 398 -40.77 -19.67 28.54
N GLN H 399 -40.31 -20.16 29.70
CA GLN H 399 -40.73 -21.47 30.16
C GLN H 399 -42.24 -21.51 30.41
N ALA H 400 -42.79 -20.44 31.00
CA ALA H 400 -44.22 -20.38 31.23
C ALA H 400 -45.00 -20.44 29.92
N ALA H 401 -44.51 -19.73 28.89
CA ALA H 401 -45.20 -19.76 27.60
C ALA H 401 -45.18 -21.15 26.99
N ARG H 402 -44.03 -21.82 27.04
CA ARG H 402 -43.98 -23.17 26.49
C ARG H 402 -44.86 -24.13 27.27
N MET H 403 -44.86 -24.02 28.60
CA MET H 403 -45.75 -24.85 29.41
C MET H 403 -47.21 -24.57 29.09
N ILE H 404 -47.56 -23.30 28.85
CA ILE H 404 -48.91 -22.96 28.45
C ILE H 404 -49.28 -23.66 27.15
N HIS H 405 -48.37 -23.62 26.18
CA HIS H 405 -48.64 -24.28 24.90
C HIS H 405 -48.92 -25.77 25.10
N SER H 406 -48.01 -26.46 25.79
CA SER H 406 -48.17 -27.91 25.95
C SER H 406 -49.40 -28.26 26.77
N THR H 407 -49.63 -27.52 27.86
CA THR H 407 -50.79 -27.78 28.71
C THR H 407 -52.09 -27.54 27.98
N ALA H 408 -52.17 -26.46 27.20
CA ALA H 408 -53.38 -26.19 26.46
C ALA H 408 -53.66 -27.29 25.45
N GLY H 409 -52.61 -27.74 24.74
CA GLY H 409 -52.80 -28.85 23.81
C GLY H 409 -53.31 -30.10 24.51
N LEU H 410 -52.68 -30.47 25.63
CA LEU H 410 -53.08 -31.70 26.33
C LEU H 410 -54.51 -31.61 26.84
N TYR H 411 -54.88 -30.47 27.43
CA TYR H 411 -56.21 -30.36 28.01
C TYR H 411 -57.28 -30.24 26.94
N ASN H 412 -56.97 -29.62 25.81
CA ASN H 412 -57.93 -29.61 24.70
C ASN H 412 -58.15 -31.01 24.16
N GLN H 413 -57.08 -31.80 24.06
CA GLN H 413 -57.24 -33.19 23.66
C GLN H 413 -58.11 -33.95 24.66
N PHE H 414 -57.88 -33.73 25.95
CA PHE H 414 -58.68 -34.38 26.98
C PHE H 414 -60.14 -33.97 26.89
N ILE H 415 -60.41 -32.69 26.65
CA ILE H 415 -61.77 -32.19 26.57
C ILE H 415 -62.49 -32.81 25.38
N LYS H 416 -61.84 -32.86 24.22
CA LYS H 416 -62.51 -33.45 23.08
C LYS H 416 -62.68 -34.95 23.24
N GLY H 417 -61.77 -35.60 23.96
CA GLY H 417 -61.98 -37.01 24.29
C GLY H 417 -63.20 -37.20 25.17
N LEU H 418 -63.38 -36.31 26.15
CA LEU H 418 -64.59 -36.37 26.97
C LEU H 418 -65.84 -36.16 26.13
N ASP H 419 -65.80 -35.18 25.23
CA ASP H 419 -66.94 -34.90 24.37
C ASP H 419 -67.22 -36.02 23.38
N SER H 420 -66.25 -36.88 23.11
CA SER H 420 -66.46 -37.96 22.16
C SER H 420 -67.60 -38.87 22.60
N PHE H 421 -67.69 -39.18 23.89
CA PHE H 421 -68.77 -40.00 24.44
C PHE H 421 -69.73 -39.19 25.29
N SER H 422 -70.05 -37.97 24.85
CA SER H 422 -70.88 -37.09 25.66
C SER H 422 -72.25 -37.70 25.94
N GLY H 423 -72.86 -38.29 24.92
CA GLY H 423 -74.16 -38.90 25.09
C GLY H 423 -74.25 -40.26 24.43
N LYS H 424 -73.13 -40.99 24.45
CA LYS H 424 -73.01 -42.29 23.77
C LYS H 424 -72.61 -43.33 24.79
N PRO H 425 -73.57 -43.89 25.53
CA PRO H 425 -73.22 -44.95 26.50
C PRO H 425 -72.59 -46.13 25.80
N ARG H 426 -71.56 -46.70 26.43
CA ARG H 426 -70.82 -47.79 25.82
C ARG H 426 -71.55 -49.12 25.89
N GLY H 427 -72.51 -49.25 26.80
CA GLY H 427 -73.15 -50.55 26.99
C GLY H 427 -72.15 -51.57 27.47
N SER H 428 -72.26 -52.78 26.94
CA SER H 428 -71.33 -53.87 27.25
C SER H 428 -70.21 -53.96 26.22
N GLY H 429 -69.52 -52.85 25.99
CA GLY H 429 -68.45 -52.82 25.02
C GLY H 429 -67.51 -51.65 25.24
N PRO H 430 -66.52 -51.51 24.35
CA PRO H 430 -65.54 -50.42 24.47
C PRO H 430 -66.21 -49.08 24.23
N PRO H 431 -65.63 -48.00 24.77
CA PRO H 431 -66.22 -46.67 24.56
C PRO H 431 -66.21 -46.19 23.12
N ALA H 432 -65.60 -46.94 22.21
CA ALA H 432 -65.60 -46.62 20.78
C ALA H 432 -64.99 -45.25 20.51
N GLY H 433 -63.71 -45.13 20.83
CA GLY H 433 -62.98 -43.90 20.59
C GLY H 433 -61.53 -44.01 21.05
N PRO H 434 -60.74 -42.97 20.79
CA PRO H 434 -59.37 -42.96 21.29
C PRO H 434 -59.34 -42.89 22.81
N ALA H 435 -58.32 -43.50 23.39
CA ALA H 435 -58.20 -43.54 24.84
C ALA H 435 -57.89 -42.14 25.37
N LEU H 436 -58.42 -41.85 26.55
CA LEU H 436 -58.15 -40.57 27.18
C LEU H 436 -56.72 -40.52 27.68
N PRO H 437 -56.06 -39.37 27.61
CA PRO H 437 -54.71 -39.26 28.15
C PRO H 437 -54.71 -39.12 29.66
N ILE H 438 -55.15 -40.15 30.37
CA ILE H 438 -55.38 -40.04 31.81
C ILE H 438 -54.06 -39.83 32.54
N GLU H 439 -53.05 -40.65 32.23
CA GLU H 439 -51.77 -40.55 32.92
C GLU H 439 -51.11 -39.21 32.64
N ALA H 440 -51.14 -38.76 31.40
CA ALA H 440 -50.54 -37.48 31.06
C ALA H 440 -51.26 -36.33 31.77
N VAL H 441 -52.59 -36.38 31.83
CA VAL H 441 -53.34 -35.34 32.51
C VAL H 441 -53.01 -35.32 33.98
N ILE H 442 -52.94 -36.49 34.62
CA ILE H 442 -52.65 -36.54 36.05
C ILE H 442 -51.26 -35.98 36.32
N LEU H 443 -50.27 -36.40 35.52
CA LEU H 443 -48.92 -35.91 35.72
C LEU H 443 -48.83 -34.41 35.49
N SER H 444 -49.49 -33.90 34.46
CA SER H 444 -49.47 -32.48 34.18
C SER H 444 -50.12 -31.68 35.31
N LEU H 445 -51.22 -32.18 35.84
CA LEU H 445 -51.87 -31.50 36.95
C LEU H 445 -50.97 -31.46 38.16
N GLN H 446 -50.32 -32.58 38.48
CA GLN H 446 -49.42 -32.59 39.63
C GLN H 446 -48.25 -31.64 39.43
N ASP H 447 -47.67 -31.63 38.22
CA ASP H 447 -46.55 -30.74 37.95
C ASP H 447 -46.96 -29.28 38.06
N LEU H 448 -48.13 -28.92 37.54
CA LEU H 448 -48.59 -27.54 37.63
C LEU H 448 -48.88 -27.15 39.07
N ILE H 449 -49.48 -28.06 39.84
CA ILE H 449 -49.76 -27.76 41.24
C ILE H 449 -48.46 -27.48 41.98
N GLY H 450 -47.44 -28.31 41.75
CA GLY H 450 -46.14 -28.03 42.34
C GLY H 450 -45.47 -26.81 41.77
N TYR H 451 -45.83 -26.42 40.55
CA TYR H 451 -45.29 -25.21 39.93
C TYR H 451 -45.85 -23.95 40.57
N PHE H 452 -47.11 -23.98 41.01
CA PHE H 452 -47.76 -22.82 41.58
C PHE H 452 -47.78 -22.84 43.11
N GLU H 453 -47.03 -23.73 43.72
CA GLU H 453 -47.08 -23.86 45.17
C GLU H 453 -46.56 -22.58 45.82
N PRO H 454 -47.25 -22.02 46.81
CA PRO H 454 -46.77 -20.81 47.45
C PRO H 454 -45.49 -21.07 48.21
N PRO H 455 -44.61 -20.07 48.34
CA PRO H 455 -43.41 -20.27 49.13
C PRO H 455 -43.75 -20.53 50.59
N SER H 456 -42.93 -21.35 51.23
CA SER H 456 -43.21 -21.74 52.61
C SER H 456 -43.05 -20.54 53.54
N GLU H 457 -43.66 -20.62 54.71
CA GLU H 457 -43.59 -19.51 55.65
C GLU H 457 -42.22 -19.37 56.30
N GLU H 458 -41.33 -20.34 56.09
CA GLU H 458 -40.06 -20.36 56.82
C GLU H 458 -38.92 -19.65 56.10
N LEU H 459 -39.06 -19.27 54.84
CA LEU H 459 -37.97 -18.54 54.20
C LEU H 459 -37.95 -17.09 54.68
N GLN H 460 -36.84 -16.43 54.40
CA GLN H 460 -36.60 -15.07 54.85
C GLN H 460 -37.36 -14.09 53.95
N HIS H 461 -37.64 -12.91 54.53
CA HIS H 461 -38.62 -11.98 53.98
C HIS H 461 -38.34 -11.62 52.52
N GLU H 462 -37.09 -11.30 52.20
CA GLU H 462 -36.76 -10.83 50.86
C GLU H 462 -37.02 -11.90 49.80
N GLU H 463 -36.48 -13.11 50.02
CA GLU H 463 -36.70 -14.16 49.03
C GLU H 463 -38.15 -14.58 48.98
N LYS H 464 -38.85 -14.52 50.12
CA LYS H 464 -40.27 -14.84 50.12
C LYS H 464 -41.05 -13.85 49.26
N GLN H 465 -40.71 -12.56 49.36
CA GLN H 465 -41.38 -11.56 48.53
C GLN H 465 -41.06 -11.75 47.05
N SER H 466 -39.81 -12.07 46.74
CA SER H 466 -39.44 -12.30 45.34
C SER H 466 -40.19 -13.49 44.77
N LYS H 467 -40.28 -14.58 45.54
CA LYS H 467 -41.03 -15.75 45.09
C LYS H 467 -42.50 -15.44 44.94
N LEU H 468 -43.06 -14.64 45.84
CA LEU H 468 -44.46 -14.25 45.71
C LEU H 468 -44.69 -13.45 44.45
N ARG H 469 -43.77 -12.53 44.12
CA ARG H 469 -43.90 -11.75 42.90
C ARG H 469 -43.85 -12.64 41.66
N SER H 470 -42.91 -13.59 41.64
CA SER H 470 -42.83 -14.50 40.50
C SER H 470 -44.11 -15.34 40.39
N LEU H 471 -44.64 -15.79 41.52
CA LEU H 471 -45.87 -16.58 41.51
C LEU H 471 -47.05 -15.78 40.97
N ARG H 472 -47.17 -14.52 41.40
CA ARG H 472 -48.23 -13.66 40.89
C ARG H 472 -48.10 -13.49 39.39
N ASN H 473 -46.88 -13.26 38.90
CA ASN H 473 -46.66 -13.07 37.47
C ASN H 473 -47.06 -14.33 36.69
N ARG H 474 -46.66 -15.51 37.18
CA ARG H 474 -46.99 -16.74 36.47
C ARG H 474 -48.48 -17.01 36.48
N GLN H 475 -49.14 -16.75 37.62
CA GLN H 475 -50.59 -16.90 37.67
C GLN H 475 -51.27 -15.98 36.67
N SER H 476 -50.81 -14.72 36.59
CA SER H 476 -51.40 -13.79 35.65
C SER H 476 -51.19 -14.24 34.22
N LEU H 477 -50.01 -14.75 33.89
CA LEU H 477 -49.76 -15.23 32.54
C LEU H 477 -50.70 -16.37 32.17
N PHE H 478 -50.79 -17.37 33.05
CA PHE H 478 -51.66 -18.51 32.79
C PHE H 478 -53.11 -18.07 32.67
N GLN H 479 -53.55 -17.14 33.52
CA GLN H 479 -54.91 -16.64 33.41
C GLN H 479 -55.14 -15.93 32.09
N GLU H 480 -54.18 -15.10 31.66
CA GLU H 480 -54.35 -14.34 30.44
C GLU H 480 -54.35 -15.22 29.21
N GLU H 481 -53.75 -16.41 29.27
CA GLU H 481 -53.81 -17.31 28.13
C GLU H 481 -55.00 -18.25 28.16
N GLY H 482 -55.92 -18.08 29.10
CA GLY H 482 -57.12 -18.90 29.13
C GLY H 482 -57.00 -20.22 29.83
N MET H 483 -55.91 -20.46 30.56
CA MET H 483 -55.75 -21.72 31.26
C MET H 483 -56.80 -21.88 32.35
N LEU H 484 -57.21 -20.79 32.98
CA LEU H 484 -58.27 -20.86 33.98
C LEU H 484 -59.57 -21.33 33.37
N SER H 485 -59.95 -20.75 32.21
CA SER H 485 -61.16 -21.19 31.54
C SER H 485 -61.05 -22.63 31.07
N LEU H 486 -59.86 -23.05 30.64
CA LEU H 486 -59.66 -24.42 30.22
C LEU H 486 -59.86 -25.39 31.39
N VAL H 487 -59.32 -25.06 32.55
CA VAL H 487 -59.51 -25.87 33.74
C VAL H 487 -60.99 -25.93 34.12
N LEU H 488 -61.69 -24.79 34.02
CA LEU H 488 -63.11 -24.78 34.31
C LEU H 488 -63.88 -25.69 33.36
N ASN H 489 -63.52 -25.68 32.08
CA ASN H 489 -64.20 -26.54 31.11
C ASN H 489 -63.96 -28.02 31.43
N CYS H 490 -62.72 -28.37 31.78
CA CYS H 490 -62.45 -29.75 32.17
C CYS H 490 -63.27 -30.14 33.39
N ILE H 491 -63.35 -29.25 34.38
CA ILE H 491 -64.12 -29.53 35.58
C ILE H 491 -65.60 -29.73 35.24
N ASP H 492 -66.15 -28.88 34.38
CA ASP H 492 -67.56 -29.02 34.01
C ASP H 492 -67.81 -30.36 33.33
N ARG H 493 -66.99 -30.71 32.35
CA ARG H 493 -67.24 -31.93 31.60
C ARG H 493 -67.05 -33.17 32.44
N LEU H 494 -66.12 -33.14 33.41
CA LEU H 494 -66.05 -34.25 34.35
C LEU H 494 -67.15 -34.19 35.39
N ASN H 495 -67.75 -33.03 35.60
CA ASN H 495 -68.76 -32.83 36.62
C ASN H 495 -70.15 -33.22 36.15
N VAL H 496 -70.38 -33.34 34.85
CA VAL H 496 -71.67 -33.84 34.39
C VAL H 496 -71.96 -35.25 34.86
N TYR H 497 -70.96 -35.98 35.34
CA TYR H 497 -71.12 -37.33 35.84
C TYR H 497 -71.16 -37.26 37.37
N THR H 498 -72.04 -38.07 37.98
CA THR H 498 -72.25 -37.97 39.42
C THR H 498 -71.27 -38.81 40.21
N THR H 499 -70.81 -39.93 39.65
CA THR H 499 -69.93 -40.82 40.40
C THR H 499 -69.03 -41.56 39.42
N ALA H 500 -68.07 -42.29 39.98
CA ALA H 500 -67.10 -43.01 39.15
C ALA H 500 -67.79 -44.08 38.32
N ALA H 501 -68.78 -44.77 38.90
CA ALA H 501 -69.52 -45.75 38.12
C ALA H 501 -70.29 -45.11 36.99
N HIS H 502 -70.90 -43.95 37.25
CA HIS H 502 -71.60 -43.22 36.19
C HIS H 502 -70.64 -42.84 35.07
N PHE H 503 -69.43 -42.42 35.44
CA PHE H 503 -68.42 -42.13 34.43
C PHE H 503 -68.02 -43.39 33.67
N ALA H 504 -67.89 -44.51 34.37
CA ALA H 504 -67.52 -45.77 33.74
C ALA H 504 -68.55 -46.23 32.73
N GLU H 505 -69.82 -45.89 32.96
CA GLU H 505 -70.84 -46.26 31.98
C GLU H 505 -70.60 -45.64 30.62
N TYR H 506 -69.77 -44.60 30.54
CA TYR H 506 -69.48 -43.93 29.27
C TYR H 506 -68.02 -44.00 28.86
N ALA H 507 -67.10 -44.21 29.80
CA ALA H 507 -65.68 -44.19 29.49
C ALA H 507 -64.96 -45.48 29.83
N GLY H 508 -65.59 -46.41 30.54
CA GLY H 508 -64.94 -47.64 30.93
C GLY H 508 -64.31 -47.55 32.30
N GLU H 509 -64.13 -48.73 32.91
CA GLU H 509 -63.63 -48.80 34.28
C GLU H 509 -62.18 -48.33 34.35
N GLU H 510 -61.37 -48.66 33.35
CA GLU H 510 -59.97 -48.30 33.37
C GLU H 510 -59.77 -46.79 33.38
N ALA H 511 -60.69 -46.04 32.79
CA ALA H 511 -60.65 -44.59 32.86
C ALA H 511 -61.38 -44.04 34.07
N ALA H 512 -62.38 -44.77 34.57
CA ALA H 512 -63.15 -44.28 35.69
C ALA H 512 -62.42 -44.46 37.01
N GLU H 513 -61.40 -45.32 37.04
CA GLU H 513 -60.66 -45.51 38.27
C GLU H 513 -59.74 -44.34 38.59
N SER H 514 -59.68 -43.32 37.73
CA SER H 514 -58.91 -42.12 37.97
C SER H 514 -59.78 -40.86 38.00
N TRP H 515 -61.09 -41.01 37.89
CA TRP H 515 -61.98 -39.86 37.77
C TRP H 515 -61.93 -38.99 39.03
N LYS H 516 -62.01 -39.60 40.20
CA LYS H 516 -61.96 -38.84 41.45
C LYS H 516 -60.62 -38.13 41.61
N GLU H 517 -59.52 -38.82 41.31
CA GLU H 517 -58.21 -38.21 41.43
C GLU H 517 -58.07 -37.02 40.50
N ILE H 518 -58.54 -37.17 39.26
CA ILE H 518 -58.42 -36.08 38.29
C ILE H 518 -59.26 -34.87 38.72
N VAL H 519 -60.48 -35.10 39.20
CA VAL H 519 -61.30 -33.95 39.59
C VAL H 519 -60.70 -33.25 40.80
N ASN H 520 -60.17 -34.02 41.76
CA ASN H 520 -59.52 -33.40 42.90
C ASN H 520 -58.31 -32.58 42.48
N LEU H 521 -57.50 -33.12 41.57
CA LEU H 521 -56.35 -32.38 41.09
C LEU H 521 -56.76 -31.12 40.35
N LEU H 522 -57.86 -31.18 39.59
CA LEU H 522 -58.33 -30.00 38.89
C LEU H 522 -58.75 -28.90 39.86
N TYR H 523 -59.48 -29.26 40.91
CA TYR H 523 -59.85 -28.26 41.90
C TYR H 523 -58.62 -27.70 42.60
N GLU H 524 -57.66 -28.56 42.93
CA GLU H 524 -56.44 -28.09 43.57
C GLU H 524 -55.66 -27.13 42.68
N LEU H 525 -55.61 -27.43 41.38
CA LEU H 525 -54.93 -26.54 40.44
C LEU H 525 -55.64 -25.22 40.32
N LEU H 526 -56.97 -25.22 40.29
CA LEU H 526 -57.71 -23.97 40.23
C LEU H 526 -57.43 -23.12 41.47
N ALA H 527 -57.42 -23.75 42.64
CA ALA H 527 -57.09 -23.03 43.86
C ALA H 527 -55.67 -22.48 43.80
N SER H 528 -54.73 -23.24 43.26
CA SER H 528 -53.36 -22.76 43.12
C SER H 528 -53.27 -21.57 42.18
N LEU H 529 -54.03 -21.60 41.08
CA LEU H 529 -54.04 -20.50 40.14
C LEU H 529 -54.60 -19.22 40.75
N ILE H 530 -55.67 -19.30 41.53
CA ILE H 530 -56.32 -18.10 42.03
C ILE H 530 -55.87 -17.69 43.43
N ARG H 531 -55.09 -18.51 44.13
CA ARG H 531 -54.77 -18.22 45.51
C ARG H 531 -53.91 -16.97 45.64
N GLY H 532 -54.40 -15.98 46.37
CA GLY H 532 -53.66 -14.78 46.63
C GLY H 532 -53.57 -13.81 45.48
N ASN H 533 -54.30 -14.06 44.40
CA ASN H 533 -54.26 -13.21 43.20
C ASN H 533 -55.62 -12.57 43.05
N ARG H 534 -55.71 -11.27 43.33
CA ARG H 534 -57.00 -10.59 43.33
C ARG H 534 -57.56 -10.51 41.91
N ALA H 535 -56.70 -10.30 40.92
CA ALA H 535 -57.18 -10.22 39.54
C ALA H 535 -57.84 -11.52 39.12
N ASN H 536 -57.23 -12.66 39.46
CA ASN H 536 -57.82 -13.95 39.12
C ASN H 536 -59.06 -14.23 39.96
N CYS H 537 -59.04 -13.84 41.23
CA CYS H 537 -60.21 -14.09 42.08
C CYS H 537 -61.41 -13.28 41.64
N ALA H 538 -61.19 -12.10 41.07
CA ALA H 538 -62.31 -11.26 40.64
C ALA H 538 -63.07 -11.86 39.47
N LEU H 539 -62.50 -12.83 38.77
CA LEU H 539 -63.17 -13.43 37.62
C LEU H 539 -64.40 -14.22 38.03
N PHE H 540 -64.53 -14.59 39.31
CA PHE H 540 -65.67 -15.36 39.76
C PHE H 540 -66.85 -14.48 40.19
N SER H 541 -66.71 -13.16 40.08
CA SER H 541 -67.81 -12.27 40.43
C SER H 541 -68.98 -12.39 39.46
N THR H 542 -68.79 -13.05 38.31
CA THR H 542 -69.89 -13.29 37.39
C THR H 542 -70.43 -14.71 37.49
N ASN H 543 -69.58 -15.68 37.81
CA ASN H 543 -69.99 -17.07 38.00
C ASN H 543 -69.63 -17.49 39.42
N LEU H 544 -70.50 -17.17 40.37
CA LEU H 544 -70.33 -17.63 41.74
C LEU H 544 -71.19 -18.84 42.06
N ASP H 545 -72.35 -18.96 41.41
CA ASP H 545 -73.12 -20.17 41.51
C ASP H 545 -72.36 -21.36 40.95
N TRP H 546 -71.41 -21.12 40.05
CA TRP H 546 -70.56 -22.20 39.57
C TRP H 546 -69.79 -22.83 40.72
N VAL H 547 -69.33 -22.02 41.67
CA VAL H 547 -68.60 -22.54 42.81
C VAL H 547 -69.54 -23.05 43.89
N VAL H 548 -70.58 -22.28 44.21
CA VAL H 548 -71.45 -22.62 45.32
C VAL H 548 -72.25 -23.88 45.02
N SER H 549 -72.76 -24.01 43.79
CA SER H 549 -73.59 -25.15 43.44
C SER H 549 -72.83 -26.46 43.50
N LYS H 550 -71.51 -26.42 43.53
CA LYS H 550 -70.70 -27.62 43.59
C LYS H 550 -70.23 -27.95 45.01
N LEU H 551 -70.69 -27.20 46.01
CA LEU H 551 -70.24 -27.44 47.38
C LEU H 551 -70.69 -28.80 47.89
N ASP H 552 -71.90 -29.22 47.53
CA ASP H 552 -72.47 -30.46 48.05
C ASP H 552 -71.93 -31.70 47.35
N ARG H 553 -71.12 -31.56 46.32
CA ARG H 553 -70.51 -32.72 45.67
C ARG H 553 -69.62 -33.47 46.66
N LEU H 554 -69.74 -34.78 46.67
CA LEU H 554 -69.05 -35.60 47.65
C LEU H 554 -67.61 -35.91 47.28
N GLU H 555 -67.26 -35.86 45.99
CA GLU H 555 -65.95 -36.35 45.58
C GLU H 555 -64.84 -35.36 45.89
N ALA H 556 -65.10 -34.06 45.82
CA ALA H 556 -64.05 -33.05 45.99
C ALA H 556 -64.54 -31.91 46.87
N SER H 557 -65.17 -32.27 47.99
CA SER H 557 -65.74 -31.27 48.88
C SER H 557 -64.66 -30.34 49.43
N SER H 558 -63.56 -30.91 49.90
CA SER H 558 -62.48 -30.09 50.46
C SER H 558 -61.91 -29.15 49.41
N GLY H 559 -61.69 -29.66 48.19
CA GLY H 559 -61.13 -28.81 47.15
C GLY H 559 -62.04 -27.67 46.76
N ILE H 560 -63.33 -27.94 46.58
CA ILE H 560 -64.23 -26.88 46.18
C ILE H 560 -64.40 -25.87 47.30
N LEU H 561 -64.42 -26.33 48.54
CA LEU H 561 -64.49 -25.39 49.67
C LEU H 561 -63.24 -24.51 49.73
N GLU H 562 -62.07 -25.09 49.47
CA GLU H 562 -60.84 -24.30 49.45
C GLU H 562 -60.86 -23.28 48.34
N VAL H 563 -61.40 -23.64 47.17
CA VAL H 563 -61.53 -22.69 46.08
C VAL H 563 -62.41 -21.53 46.49
N LEU H 564 -63.56 -21.84 47.13
CA LEU H 564 -64.44 -20.78 47.59
C LEU H 564 -63.77 -19.88 48.61
N TYR H 565 -63.01 -20.48 49.54
CA TYR H 565 -62.31 -19.70 50.55
C TYR H 565 -61.31 -18.76 49.92
N CYS H 566 -60.54 -19.26 48.94
CA CYS H 566 -59.58 -18.40 48.25
C CYS H 566 -60.27 -17.26 47.52
N VAL H 567 -61.39 -17.56 46.88
CA VAL H 567 -62.12 -16.50 46.18
C VAL H 567 -62.62 -15.44 47.16
N LEU H 568 -63.22 -15.86 48.26
CA LEU H 568 -63.83 -14.89 49.18
C LEU H 568 -62.77 -14.08 49.91
N ILE H 569 -61.63 -14.68 50.25
CA ILE H 569 -60.59 -13.98 50.98
C ILE H 569 -60.00 -12.81 50.21
N GLU H 570 -59.96 -12.88 48.88
CA GLU H 570 -59.21 -11.91 48.09
C GLU H 570 -60.07 -10.86 47.40
N SER H 571 -61.23 -11.24 46.88
CA SER H 571 -61.98 -10.33 46.00
C SER H 571 -63.20 -9.78 46.72
N PRO H 572 -63.20 -8.49 47.10
CA PRO H 572 -64.42 -7.90 47.66
C PRO H 572 -65.56 -7.81 46.66
N GLU H 573 -65.26 -7.86 45.36
CA GLU H 573 -66.31 -7.89 44.36
C GLU H 573 -67.23 -9.10 44.57
N VAL H 574 -66.66 -10.22 44.99
CA VAL H 574 -67.46 -11.41 45.25
C VAL H 574 -68.32 -11.22 46.49
N LEU H 575 -67.77 -10.60 47.54
CA LEU H 575 -68.58 -10.32 48.72
C LEU H 575 -69.71 -9.36 48.41
N ASN H 576 -69.54 -8.51 47.41
CA ASN H 576 -70.58 -7.56 47.06
C ASN H 576 -71.73 -8.20 46.30
N ILE H 577 -71.59 -9.44 45.86
CA ILE H 577 -72.65 -10.13 45.12
C ILE H 577 -73.22 -11.31 45.88
N ILE H 578 -72.77 -11.56 47.11
CA ILE H 578 -73.26 -12.68 47.89
C ILE H 578 -74.73 -12.49 48.21
N GLN H 579 -75.50 -13.56 48.14
CA GLN H 579 -76.93 -13.52 48.37
C GLN H 579 -77.34 -14.52 49.44
N GLU H 580 -78.62 -14.43 49.83
CA GLU H 580 -79.14 -15.29 50.88
C GLU H 580 -79.09 -16.75 50.47
N ASN H 581 -79.33 -17.04 49.20
CA ASN H 581 -79.26 -18.44 48.76
C ASN H 581 -77.84 -18.98 48.90
N HIS H 582 -76.83 -18.18 48.56
CA HIS H 582 -75.45 -18.60 48.76
C HIS H 582 -75.15 -18.86 50.23
N ILE H 583 -75.59 -17.95 51.10
CA ILE H 583 -75.31 -18.13 52.53
C ILE H 583 -76.02 -19.36 53.06
N LYS H 584 -77.25 -19.61 52.63
CA LYS H 584 -77.97 -20.79 53.06
C LYS H 584 -77.30 -22.05 52.54
N SER H 585 -76.73 -22.01 51.34
CA SER H 585 -75.97 -23.15 50.85
C SER H 585 -74.74 -23.41 51.71
N ILE H 586 -74.03 -22.36 52.09
CA ILE H 586 -72.86 -22.54 52.94
C ILE H 586 -73.24 -23.10 54.30
N ILE H 587 -74.38 -22.67 54.84
CA ILE H 587 -74.83 -23.21 56.13
C ILE H 587 -75.30 -24.65 55.98
N SER H 588 -75.98 -24.97 54.88
CA SER H 588 -76.32 -26.36 54.60
C SER H 588 -75.08 -27.22 54.48
N LEU H 589 -73.96 -26.63 54.09
CA LEU H 589 -72.70 -27.37 54.10
C LEU H 589 -72.36 -27.85 55.51
N LEU H 590 -72.49 -26.98 56.51
CA LEU H 590 -72.33 -27.43 57.90
C LEU H 590 -73.34 -28.50 58.24
N ASP H 591 -74.60 -28.27 57.88
CA ASP H 591 -75.66 -29.21 58.24
C ASP H 591 -75.39 -30.60 57.69
N LYS H 592 -74.85 -30.71 56.49
CA LYS H 592 -74.72 -31.99 55.81
C LYS H 592 -73.33 -32.59 55.90
N HIS H 593 -72.31 -31.83 56.26
CA HIS H 593 -70.96 -32.36 56.33
C HIS H 593 -70.38 -32.32 57.74
N GLY H 594 -71.12 -31.81 58.72
CA GLY H 594 -70.63 -31.83 60.08
C GLY H 594 -69.91 -30.55 60.46
N ARG H 595 -69.41 -30.54 61.68
CA ARG H 595 -68.82 -29.34 62.26
C ARG H 595 -67.38 -29.23 61.78
N ASN H 596 -67.20 -28.45 60.73
CA ASN H 596 -65.89 -28.15 60.15
C ASN H 596 -65.62 -26.67 60.34
N HIS H 597 -64.45 -26.35 60.91
CA HIS H 597 -64.15 -24.95 61.22
C HIS H 597 -63.85 -24.14 59.97
N LYS H 598 -63.55 -24.78 58.84
CA LYS H 598 -63.30 -24.03 57.63
C LYS H 598 -64.56 -23.37 57.09
N VAL H 599 -65.71 -24.02 57.26
CA VAL H 599 -66.97 -23.38 56.90
C VAL H 599 -67.20 -22.15 57.75
N LEU H 600 -66.86 -22.24 59.04
CA LEU H 600 -66.94 -21.09 59.92
C LEU H 600 -66.02 -19.98 59.45
N ASP H 601 -64.81 -20.33 59.02
CA ASP H 601 -63.89 -19.32 58.51
C ASP H 601 -64.42 -18.63 57.25
N VAL H 602 -65.04 -19.41 56.36
CA VAL H 602 -65.66 -18.83 55.18
C VAL H 602 -66.76 -17.85 55.57
N LEU H 603 -67.59 -18.26 56.53
CA LEU H 603 -68.65 -17.36 57.00
C LEU H 603 -68.07 -16.10 57.64
N CYS H 604 -66.98 -16.24 58.38
CA CYS H 604 -66.31 -15.07 58.95
C CYS H 604 -65.84 -14.13 57.86
N SER H 605 -65.22 -14.68 56.81
CA SER H 605 -64.74 -13.85 55.71
C SER H 605 -65.88 -13.16 54.98
N LEU H 606 -67.07 -13.75 54.96
CA LEU H 606 -68.20 -13.09 54.33
C LEU H 606 -68.58 -11.78 55.02
N CYS H 607 -68.23 -11.61 56.29
CA CYS H 607 -68.72 -10.48 57.07
C CYS H 607 -67.88 -9.23 56.90
N VAL H 608 -66.56 -9.36 56.96
CA VAL H 608 -65.64 -8.23 56.85
C VAL H 608 -64.58 -8.57 55.83
N CYS H 609 -64.33 -7.65 54.90
CA CYS H 609 -63.20 -7.77 53.97
C CYS H 609 -62.42 -6.48 54.01
N ASN H 610 -61.08 -6.61 54.02
CA ASN H 610 -60.12 -5.50 53.94
C ASN H 610 -60.55 -4.30 54.78
N GLY H 611 -61.11 -4.56 55.96
CA GLY H 611 -61.40 -3.51 56.91
C GLY H 611 -62.74 -2.83 56.77
N VAL H 612 -63.62 -3.33 55.93
CA VAL H 612 -64.97 -2.79 55.78
C VAL H 612 -65.96 -3.92 56.04
N ALA H 613 -67.12 -3.56 56.58
CA ALA H 613 -68.11 -4.54 57.01
C ALA H 613 -69.30 -4.54 56.06
N VAL H 614 -69.85 -5.72 55.83
CA VAL H 614 -71.00 -5.91 54.95
C VAL H 614 -72.20 -6.27 55.82
N ARG H 615 -73.06 -5.28 56.06
CA ARG H 615 -74.19 -5.46 56.96
C ARG H 615 -75.13 -6.54 56.45
N SER H 616 -75.36 -6.58 55.14
CA SER H 616 -76.26 -7.58 54.59
C SER H 616 -75.78 -8.99 54.89
N ASN H 617 -74.49 -9.25 54.66
CA ASN H 617 -73.95 -10.57 54.94
C ASN H 617 -74.00 -10.88 56.43
N GLN H 618 -73.66 -9.91 57.27
CA GLN H 618 -73.71 -10.16 58.71
C GLN H 618 -75.12 -10.52 59.16
N ASP H 619 -76.11 -9.75 58.73
CA ASP H 619 -77.49 -10.01 59.13
C ASP H 619 -77.99 -11.34 58.58
N LEU H 620 -77.67 -11.66 57.33
CA LEU H 620 -78.11 -12.92 56.77
C LEU H 620 -77.51 -14.10 57.51
N ILE H 621 -76.21 -14.04 57.82
CA ILE H 621 -75.57 -15.12 58.57
C ILE H 621 -76.23 -15.26 59.94
N THR H 622 -76.43 -14.15 60.64
CA THR H 622 -77.07 -14.22 61.95
C THR H 622 -78.45 -14.85 61.87
N GLU H 623 -79.30 -14.33 60.96
CA GLU H 623 -80.68 -14.79 60.88
C GLU H 623 -80.77 -16.25 60.48
N ASN H 624 -79.92 -16.70 59.57
CA ASN H 624 -80.02 -18.06 59.06
C ASN H 624 -79.20 -19.07 59.86
N LEU H 625 -78.40 -18.62 60.81
CA LEU H 625 -77.60 -19.60 61.54
C LEU H 625 -77.88 -19.62 63.03
N LEU H 626 -78.13 -18.47 63.65
CA LEU H 626 -78.19 -18.44 65.11
C LEU H 626 -79.50 -18.97 65.70
N PRO H 627 -80.68 -18.49 65.27
CA PRO H 627 -81.90 -18.84 66.01
C PRO H 627 -82.22 -20.32 66.04
N GLY H 628 -81.67 -21.12 65.12
CA GLY H 628 -81.93 -22.54 65.16
C GLY H 628 -81.37 -23.20 66.40
N ARG H 629 -80.14 -22.83 66.78
CA ARG H 629 -79.45 -23.39 67.93
C ARG H 629 -79.29 -24.91 67.79
N GLU H 630 -79.02 -25.36 66.58
CA GLU H 630 -78.81 -26.77 66.30
C GLU H 630 -77.44 -27.10 65.76
N LEU H 631 -76.81 -26.20 65.00
CA LEU H 631 -75.50 -26.48 64.44
C LEU H 631 -74.38 -26.06 65.39
N LEU H 632 -74.36 -24.80 65.80
CA LEU H 632 -73.36 -24.33 66.72
C LEU H 632 -73.60 -24.92 68.12
N LEU H 633 -72.50 -25.18 68.82
CA LEU H 633 -72.59 -25.67 70.19
C LEU H 633 -73.12 -24.58 71.10
N GLN H 634 -73.93 -24.98 72.08
CA GLN H 634 -74.58 -24.05 72.98
C GLN H 634 -73.94 -24.08 74.35
N THR H 635 -73.84 -22.93 74.98
CA THR H 635 -73.24 -22.78 76.30
C THR H 635 -74.20 -22.09 77.23
N ASN H 636 -74.10 -22.42 78.51
CA ASN H 636 -74.97 -21.86 79.53
C ASN H 636 -74.42 -22.28 80.89
N LEU H 637 -74.78 -21.50 81.91
CA LEU H 637 -74.35 -21.80 83.27
C LEU H 637 -75.45 -22.58 83.98
N ILE H 638 -75.08 -23.70 84.58
CA ILE H 638 -76.02 -24.58 85.25
C ILE H 638 -75.51 -24.88 86.66
N ASN H 639 -76.44 -25.29 87.52
CA ASN H 639 -76.12 -25.64 88.88
C ASN H 639 -75.75 -27.11 89.00
N TYR H 640 -74.84 -27.41 89.91
CA TYR H 640 -74.56 -28.78 90.26
C TYR H 640 -75.70 -29.35 91.09
N VAL H 641 -76.03 -30.62 90.85
CA VAL H 641 -77.11 -31.31 91.54
C VAL H 641 -76.56 -32.60 92.12
N THR H 642 -76.97 -32.93 93.33
CA THR H 642 -76.51 -34.13 94.01
C THR H 642 -77.70 -34.89 94.57
N SER H 643 -77.56 -36.21 94.65
CA SER H 643 -78.58 -37.08 95.20
C SER H 643 -78.12 -37.68 96.52
N ILE H 644 -79.05 -37.87 97.44
CA ILE H 644 -78.78 -38.48 98.74
C ILE H 644 -79.84 -39.53 99.00
N ARG H 645 -79.41 -40.70 99.49
CA ARG H 645 -80.31 -41.81 99.75
C ARG H 645 -80.04 -42.40 101.12
N PRO H 646 -81.03 -43.04 101.72
CA PRO H 646 -80.76 -43.97 102.81
C PRO H 646 -80.23 -45.28 102.26
N ASN H 647 -79.64 -46.07 103.15
CA ASN H 647 -79.21 -47.40 102.74
C ASN H 647 -80.36 -48.38 102.91
N ILE H 648 -81.51 -48.07 102.31
CA ILE H 648 -82.70 -48.90 102.36
C ILE H 648 -82.98 -49.38 100.94
N PHE H 649 -82.88 -50.68 100.73
CA PHE H 649 -83.03 -51.28 99.41
C PHE H 649 -84.12 -52.34 99.46
N VAL H 650 -85.10 -52.23 98.57
CA VAL H 650 -86.17 -53.20 98.48
C VAL H 650 -86.38 -53.58 97.02
N GLY H 651 -86.92 -54.77 96.80
CA GLY H 651 -87.10 -55.26 95.45
C GLY H 651 -88.03 -56.44 95.44
N ARG H 652 -88.31 -56.93 94.23
CA ARG H 652 -89.22 -58.05 94.04
C ARG H 652 -88.55 -59.12 93.19
N ALA H 653 -88.66 -60.37 93.65
CA ALA H 653 -88.17 -61.51 92.90
C ALA H 653 -88.99 -62.72 93.30
N GLU H 654 -88.98 -63.73 92.44
CA GLU H 654 -89.74 -64.94 92.71
C GLU H 654 -89.11 -65.69 93.88
N GLY H 655 -89.84 -65.78 94.99
CA GLY H 655 -89.30 -66.40 96.18
C GLY H 655 -88.48 -65.48 97.06
N SER H 656 -88.43 -64.19 96.76
CA SER H 656 -87.68 -63.25 97.58
C SER H 656 -88.30 -63.14 98.96
N THR H 657 -87.47 -62.84 99.95
CA THR H 657 -87.92 -62.68 101.33
C THR H 657 -88.41 -61.28 101.63
N GLN H 658 -88.32 -60.36 100.68
CA GLN H 658 -88.61 -58.95 100.94
C GLN H 658 -90.10 -58.66 100.80
N TYR H 659 -90.57 -57.74 101.62
CA TYR H 659 -91.95 -57.27 101.55
C TYR H 659 -92.16 -56.43 100.30
N GLY H 660 -93.42 -56.25 99.93
CA GLY H 660 -93.76 -55.64 98.66
C GLY H 660 -94.11 -54.17 98.65
N LYS H 661 -94.65 -53.65 99.76
CA LYS H 661 -95.16 -52.30 99.81
C LYS H 661 -94.40 -51.50 100.86
N TRP H 662 -93.96 -50.30 100.48
CA TRP H 662 -93.10 -49.49 101.34
C TRP H 662 -93.57 -48.04 101.30
N TYR H 663 -93.21 -47.31 102.36
CA TYR H 663 -93.68 -45.94 102.56
C TYR H 663 -92.62 -45.14 103.28
N PHE H 664 -92.45 -43.88 102.87
CA PHE H 664 -91.58 -42.95 103.57
C PHE H 664 -92.01 -41.53 103.23
N GLU H 665 -91.51 -40.57 103.99
CA GLU H 665 -91.86 -39.18 103.82
C GLU H 665 -90.61 -38.31 103.83
N VAL H 666 -90.71 -37.15 103.19
CA VAL H 666 -89.67 -36.13 103.23
C VAL H 666 -90.31 -34.81 103.59
N MET H 667 -89.83 -34.19 104.66
CA MET H 667 -90.29 -32.87 105.08
C MET H 667 -89.30 -31.82 104.61
N VAL H 668 -89.83 -30.77 104.00
CA VAL H 668 -89.01 -29.68 103.48
C VAL H 668 -88.95 -28.57 104.52
N ASP H 669 -87.73 -28.19 104.91
CA ASP H 669 -87.55 -27.18 105.94
C ASP H 669 -87.19 -25.82 105.39
N GLU H 670 -86.25 -25.74 104.45
CA GLU H 670 -85.78 -24.45 103.96
C GLU H 670 -85.38 -24.61 102.51
N VAL H 671 -86.02 -23.85 101.62
CA VAL H 671 -85.69 -23.87 100.20
C VAL H 671 -85.55 -22.43 99.74
N VAL H 672 -84.36 -22.08 99.24
CA VAL H 672 -84.13 -20.78 98.62
C VAL H 672 -84.52 -20.90 97.16
N PRO H 673 -85.57 -20.22 96.70
CA PRO H 673 -86.03 -20.45 95.32
C PRO H 673 -84.99 -20.15 94.27
N PHE H 674 -84.21 -19.09 94.44
CA PHE H 674 -83.17 -18.72 93.47
C PHE H 674 -81.91 -18.34 94.24
N LEU H 675 -81.09 -19.34 94.54
CA LEU H 675 -79.77 -19.04 95.08
C LEU H 675 -78.83 -18.57 93.98
N THR H 676 -79.04 -19.05 92.75
CA THR H 676 -78.30 -18.59 91.58
C THR H 676 -79.27 -18.10 90.53
N ALA H 677 -78.78 -17.84 89.32
CA ALA H 677 -79.66 -17.43 88.25
C ALA H 677 -80.59 -18.55 87.81
N GLN H 678 -80.28 -19.79 88.14
CA GLN H 678 -81.11 -20.93 87.79
C GLN H 678 -81.90 -21.41 89.00
N ALA H 679 -83.13 -21.84 88.76
CA ALA H 679 -84.02 -22.19 89.85
C ALA H 679 -83.47 -23.38 90.64
N THR H 680 -83.74 -23.36 91.95
CA THR H 680 -83.24 -24.39 92.83
C THR H 680 -83.89 -25.74 92.51
N HIS H 681 -83.07 -26.78 92.46
CA HIS H 681 -83.51 -28.12 92.14
C HIS H 681 -83.89 -28.85 93.43
N LEU H 682 -85.05 -29.51 93.42
CA LEU H 682 -85.45 -30.32 94.56
C LEU H 682 -86.51 -31.31 94.10
N ARG H 683 -86.20 -32.60 94.18
CA ARG H 683 -87.12 -33.65 93.79
C ARG H 683 -87.04 -34.79 94.80
N VAL H 684 -88.13 -35.54 94.90
CA VAL H 684 -88.24 -36.67 95.81
C VAL H 684 -88.84 -37.84 95.04
N GLY H 685 -88.33 -39.04 95.29
CA GLY H 685 -88.89 -40.20 94.63
C GLY H 685 -88.05 -41.44 94.89
N TRP H 686 -88.19 -42.41 94.00
CA TRP H 686 -87.50 -43.68 94.07
C TRP H 686 -86.51 -43.81 92.92
N ALA H 687 -85.56 -44.71 93.09
CA ALA H 687 -84.55 -44.97 92.06
C ALA H 687 -84.15 -46.43 92.12
N LEU H 688 -83.59 -46.91 91.02
CA LEU H 688 -83.17 -48.29 90.88
C LEU H 688 -81.65 -48.39 90.98
N THR H 689 -81.18 -49.39 91.72
CA THR H 689 -79.73 -49.49 91.98
C THR H 689 -78.94 -49.71 90.70
N GLU H 690 -79.44 -50.57 89.81
CA GLU H 690 -78.71 -50.93 88.60
C GLU H 690 -79.08 -49.95 87.50
N GLY H 691 -78.45 -48.78 87.52
CA GLY H 691 -78.65 -47.83 86.44
C GLY H 691 -78.71 -46.37 86.83
N TYR H 692 -79.21 -46.06 88.02
CA TYR H 692 -79.29 -44.69 88.47
C TYR H 692 -77.91 -44.27 88.98
N SER H 693 -77.12 -43.68 88.09
CA SER H 693 -75.76 -43.25 88.42
C SER H 693 -75.58 -41.83 87.90
N PRO H 694 -76.07 -40.84 88.64
CA PRO H 694 -75.92 -39.44 88.21
C PRO H 694 -74.55 -38.91 88.59
N TYR H 695 -73.73 -38.67 87.63
CA TYR H 695 -72.46 -38.10 88.00
C TYR H 695 -72.54 -36.58 88.05
N PRO H 696 -71.73 -35.94 88.89
CA PRO H 696 -71.76 -34.47 88.96
C PRO H 696 -71.36 -33.85 87.64
N GLY H 697 -72.02 -32.76 87.29
CA GLY H 697 -71.68 -32.01 86.10
C GLY H 697 -72.55 -32.39 84.92
N GLY H 698 -71.92 -32.79 83.82
CA GLY H 698 -72.62 -33.02 82.58
C GLY H 698 -73.51 -34.25 82.63
N GLY H 699 -74.33 -34.36 81.61
CA GLY H 699 -75.26 -35.47 81.54
C GLY H 699 -76.27 -35.25 80.44
N GLU H 700 -77.48 -35.75 80.69
CA GLU H 700 -78.54 -35.65 79.71
C GLU H 700 -79.12 -34.23 79.67
N GLY H 701 -79.52 -33.81 78.49
CA GLY H 701 -80.10 -32.48 78.37
C GLY H 701 -79.09 -31.41 78.70
N TRP H 702 -79.42 -30.58 79.69
CA TRP H 702 -78.56 -29.48 80.10
C TRP H 702 -77.91 -29.75 81.46
N GLY H 703 -77.58 -30.99 81.75
CA GLY H 703 -76.89 -31.31 82.98
C GLY H 703 -77.78 -31.15 84.19
N GLY H 704 -77.14 -31.22 85.37
CA GLY H 704 -77.88 -31.14 86.60
C GLY H 704 -78.88 -32.24 86.77
N ASN H 705 -78.51 -33.47 86.44
CA ASN H 705 -79.46 -34.57 86.45
C ASN H 705 -79.74 -35.01 87.87
N GLY H 706 -81.01 -35.28 88.16
CA GLY H 706 -81.45 -35.73 89.46
C GLY H 706 -82.40 -36.90 89.33
N VAL H 707 -83.41 -36.91 90.19
CA VAL H 707 -84.42 -37.95 90.13
C VAL H 707 -85.36 -37.67 88.97
N GLY H 708 -85.60 -38.68 88.16
CA GLY H 708 -86.46 -38.55 87.00
C GLY H 708 -85.77 -38.07 85.74
N ASP H 709 -84.46 -37.93 85.76
CA ASP H 709 -83.70 -37.53 84.58
C ASP H 709 -83.23 -38.72 83.77
N ASP H 710 -83.65 -39.93 84.14
CA ASP H 710 -83.42 -41.12 83.33
C ASP H 710 -84.59 -42.07 83.61
N LEU H 711 -84.54 -43.24 83.00
CA LEU H 711 -85.60 -44.22 83.15
C LEU H 711 -85.35 -45.17 84.30
N TYR H 712 -84.41 -44.86 85.17
CA TYR H 712 -84.17 -45.61 86.40
C TYR H 712 -84.67 -44.89 87.64
N SER H 713 -85.22 -43.69 87.51
CA SER H 713 -85.67 -42.91 88.64
C SER H 713 -87.03 -42.31 88.34
N TYR H 714 -87.77 -42.02 89.41
CA TYR H 714 -89.15 -41.53 89.31
C TYR H 714 -89.35 -40.50 90.40
N GLY H 715 -89.41 -39.22 90.02
CA GLY H 715 -89.40 -38.14 90.97
C GLY H 715 -90.66 -37.28 90.95
N PHE H 716 -90.67 -36.31 91.84
CA PHE H 716 -91.81 -35.42 92.03
C PHE H 716 -91.31 -34.12 92.66
N ASP H 717 -91.56 -33.00 91.99
CA ASP H 717 -91.06 -31.71 92.45
C ASP H 717 -92.16 -30.79 92.98
N GLY H 718 -93.38 -31.29 93.12
CA GLY H 718 -94.50 -30.51 93.59
C GLY H 718 -95.45 -30.08 92.48
N LEU H 719 -94.97 -30.04 91.25
CA LEU H 719 -95.78 -29.68 90.10
C LEU H 719 -95.77 -30.71 89.00
N HIS H 720 -94.70 -31.49 88.87
CA HIS H 720 -94.54 -32.42 87.77
C HIS H 720 -94.12 -33.78 88.28
N LEU H 721 -94.35 -34.80 87.46
CA LEU H 721 -93.80 -36.14 87.67
C LEU H 721 -92.66 -36.32 86.69
N TRP H 722 -91.46 -36.55 87.21
CA TRP H 722 -90.26 -36.62 86.39
C TRP H 722 -89.86 -38.06 86.16
N THR H 723 -89.70 -38.43 84.89
CA THR H 723 -89.11 -39.70 84.52
C THR H 723 -88.61 -39.59 83.09
N GLY H 724 -87.45 -40.18 82.82
CA GLY H 724 -86.89 -40.10 81.48
C GLY H 724 -86.57 -38.70 81.04
N HIS H 725 -86.20 -37.83 81.97
CA HIS H 725 -85.83 -36.44 81.68
C HIS H 725 -86.97 -35.66 81.04
N VAL H 726 -88.20 -36.04 81.35
CA VAL H 726 -89.39 -35.37 80.84
C VAL H 726 -90.27 -34.99 82.02
N ALA H 727 -90.75 -33.76 82.03
CA ALA H 727 -91.60 -33.26 83.10
C ALA H 727 -93.04 -33.27 82.64
N ARG H 728 -93.89 -34.01 83.34
CA ARG H 728 -95.30 -34.12 83.01
C ARG H 728 -96.11 -33.50 84.13
N PRO H 729 -96.86 -32.42 83.87
CA PRO H 729 -97.59 -31.76 84.94
C PRO H 729 -98.59 -32.70 85.59
N VAL H 730 -98.72 -32.58 86.91
CA VAL H 730 -99.63 -33.40 87.69
C VAL H 730 -100.46 -32.48 88.57
N THR H 731 -101.66 -32.92 88.89
CA THR H 731 -102.63 -32.09 89.60
C THR H 731 -102.71 -32.51 91.06
N SER H 732 -102.64 -31.53 91.94
CA SER H 732 -102.85 -31.71 93.37
C SER H 732 -103.61 -30.50 93.90
N PRO H 733 -104.34 -30.66 95.00
CA PRO H 733 -105.02 -29.50 95.60
C PRO H 733 -104.01 -28.45 96.03
N GLY H 734 -104.06 -27.29 95.39
CA GLY H 734 -103.13 -26.22 95.70
C GLY H 734 -101.73 -26.51 95.18
N GLN H 735 -101.60 -26.67 93.87
CA GLN H 735 -100.32 -26.97 93.27
C GLN H 735 -99.32 -25.86 93.55
N HIS H 736 -98.11 -26.24 93.95
CA HIS H 736 -97.02 -25.29 94.08
C HIS H 736 -95.72 -26.06 94.15
N LEU H 737 -94.65 -25.41 93.70
CA LEU H 737 -93.32 -26.00 93.81
C LEU H 737 -92.99 -26.23 95.27
N LEU H 738 -92.21 -27.27 95.54
CA LEU H 738 -91.89 -27.67 96.90
C LEU H 738 -91.36 -26.50 97.70
N ALA H 739 -92.01 -26.21 98.82
CA ALA H 739 -91.78 -25.04 99.65
C ALA H 739 -91.57 -25.49 101.08
N PRO H 740 -91.03 -24.62 101.93
CA PRO H 740 -90.86 -25.00 103.34
C PRO H 740 -92.17 -25.41 103.98
N GLU H 741 -92.07 -26.35 104.92
CA GLU H 741 -93.16 -26.94 105.66
C GLU H 741 -94.02 -27.88 104.82
N ASP H 742 -93.50 -28.36 103.69
CA ASP H 742 -94.21 -29.33 102.88
C ASP H 742 -93.77 -30.74 103.24
N VAL H 743 -94.72 -31.67 103.18
CA VAL H 743 -94.46 -33.08 103.45
C VAL H 743 -94.83 -33.88 102.22
N VAL H 744 -93.89 -34.67 101.72
CA VAL H 744 -94.09 -35.48 100.51
C VAL H 744 -94.12 -36.94 100.94
N SER H 745 -95.22 -37.61 100.63
CA SER H 745 -95.39 -39.03 100.95
C SER H 745 -95.23 -39.84 99.67
N CYS H 746 -94.25 -40.73 99.64
CA CYS H 746 -93.98 -41.58 98.49
C CYS H 746 -94.28 -43.02 98.85
N CYS H 747 -95.14 -43.66 98.06
CA CYS H 747 -95.55 -45.04 98.28
C CYS H 747 -95.05 -45.88 97.11
N LEU H 748 -94.45 -47.03 97.42
CA LEU H 748 -93.99 -47.96 96.40
C LEU H 748 -94.71 -49.29 96.60
N ASP H 749 -95.47 -49.70 95.59
CA ASP H 749 -96.20 -50.96 95.61
C ASP H 749 -95.61 -51.84 94.52
N LEU H 750 -94.66 -52.70 94.91
CA LEU H 750 -93.97 -53.55 93.95
C LEU H 750 -94.88 -54.60 93.32
N SER H 751 -96.07 -54.82 93.87
CA SER H 751 -96.95 -55.84 93.33
C SER H 751 -97.57 -55.42 92.00
N VAL H 752 -97.78 -54.13 91.79
CA VAL H 752 -98.47 -53.67 90.59
C VAL H 752 -97.55 -53.71 89.37
N PRO H 753 -96.37 -53.08 89.37
CA PRO H 753 -95.74 -52.17 90.35
C PRO H 753 -96.21 -50.74 90.15
N SER H 754 -96.26 -49.93 91.20
CA SER H 754 -96.73 -48.56 91.06
C SER H 754 -96.08 -47.68 92.11
N ILE H 755 -95.88 -46.42 91.76
CA ILE H 755 -95.35 -45.40 92.65
C ILE H 755 -96.35 -44.26 92.72
N SER H 756 -96.77 -43.90 93.92
CA SER H 756 -97.75 -42.85 94.12
C SER H 756 -97.23 -41.85 95.13
N PHE H 757 -97.78 -40.64 95.09
CA PHE H 757 -97.33 -39.56 95.94
C PHE H 757 -98.51 -38.89 96.63
N ARG H 758 -98.24 -38.34 97.82
CA ARG H 758 -99.16 -37.45 98.51
C ARG H 758 -98.35 -36.28 99.04
N ILE H 759 -98.90 -35.07 98.90
CA ILE H 759 -98.26 -33.86 99.39
C ILE H 759 -99.15 -33.25 100.46
N ASN H 760 -98.60 -33.03 101.65
CA ASN H 760 -99.33 -32.43 102.76
C ASN H 760 -100.62 -33.18 103.07
N GLY H 761 -100.63 -34.48 102.79
CA GLY H 761 -101.80 -35.30 103.00
C GLY H 761 -102.75 -35.36 101.82
N CYS H 762 -102.64 -34.44 100.87
CA CYS H 762 -103.60 -34.61 99.79
C CYS H 762 -102.99 -35.43 98.66
N PRO H 763 -103.75 -36.36 98.09
CA PRO H 763 -103.19 -37.23 97.05
C PRO H 763 -102.77 -36.45 95.81
N VAL H 764 -101.72 -36.93 95.16
CA VAL H 764 -101.25 -36.40 93.90
C VAL H 764 -101.82 -37.27 92.79
N GLN H 765 -102.50 -36.64 91.84
CA GLN H 765 -103.28 -37.37 90.84
C GLN H 765 -102.37 -37.79 89.67
N GLY H 766 -101.46 -38.69 89.99
CA GLY H 766 -100.54 -39.24 89.01
C GLY H 766 -99.69 -40.34 89.59
N VAL H 767 -99.50 -41.43 88.85
CA VAL H 767 -98.74 -42.58 89.34
C VAL H 767 -97.84 -43.09 88.23
N PHE H 768 -96.64 -43.50 88.60
CA PHE H 768 -95.82 -44.33 87.73
C PHE H 768 -96.24 -45.78 87.89
N GLU H 769 -96.21 -46.54 86.79
CA GLU H 769 -96.59 -47.94 86.87
C GLU H 769 -95.99 -48.69 85.69
N ALA H 770 -96.01 -50.01 85.80
CA ALA H 770 -95.52 -50.90 84.75
C ALA H 770 -94.09 -50.57 84.35
N PHE H 771 -93.23 -50.38 85.35
CA PHE H 771 -91.83 -50.13 85.10
C PHE H 771 -91.01 -51.40 85.34
N ASN H 772 -89.71 -51.28 85.13
CA ASN H 772 -88.82 -52.42 85.28
C ASN H 772 -88.64 -52.78 86.75
N LEU H 773 -88.27 -54.04 86.99
CA LEU H 773 -88.10 -54.55 88.34
C LEU H 773 -86.77 -55.29 88.50
N ASP H 774 -85.82 -55.07 87.61
CA ASP H 774 -84.54 -55.78 87.64
C ASP H 774 -83.52 -55.02 88.48
N GLY H 775 -83.80 -54.94 89.77
CA GLY H 775 -82.91 -54.26 90.69
C GLY H 775 -83.62 -53.98 92.00
N LEU H 776 -82.96 -53.16 92.81
CA LEU H 776 -83.46 -52.77 94.11
C LEU H 776 -83.85 -51.30 94.08
N PHE H 777 -84.91 -50.94 94.80
CA PHE H 777 -85.40 -49.58 94.85
C PHE H 777 -85.04 -48.94 96.18
N PHE H 778 -84.55 -47.71 96.11
CA PHE H 778 -84.25 -46.97 97.32
C PHE H 778 -84.84 -45.57 97.27
N PRO H 779 -85.22 -45.02 98.42
CA PRO H 779 -85.62 -43.61 98.46
C PRO H 779 -84.46 -42.70 98.09
N VAL H 780 -84.78 -41.57 97.49
CA VAL H 780 -83.74 -40.66 97.02
C VAL H 780 -84.33 -39.26 96.93
N VAL H 781 -83.51 -38.27 97.22
CA VAL H 781 -83.83 -36.86 96.99
C VAL H 781 -82.70 -36.24 96.20
N SER H 782 -83.03 -35.57 95.11
CA SER H 782 -82.07 -34.82 94.32
C SER H 782 -82.26 -33.34 94.61
N PHE H 783 -81.15 -32.62 94.76
CA PHE H 783 -81.25 -31.23 95.14
C PHE H 783 -80.08 -30.46 94.57
N SER H 784 -80.29 -29.16 94.40
CA SER H 784 -79.22 -28.21 94.17
C SER H 784 -78.88 -27.55 95.50
N ALA H 785 -77.90 -26.66 95.47
CA ALA H 785 -77.54 -25.93 96.68
C ALA H 785 -78.68 -25.02 97.09
N GLY H 786 -78.86 -24.88 98.40
CA GLY H 786 -79.89 -24.02 98.94
C GLY H 786 -81.14 -24.72 99.43
N VAL H 787 -81.03 -25.96 99.90
CA VAL H 787 -82.17 -26.71 100.39
C VAL H 787 -81.87 -27.24 101.78
N LYS H 788 -82.93 -27.70 102.45
CA LYS H 788 -82.80 -28.32 103.77
C LYS H 788 -84.02 -29.19 103.95
N VAL H 789 -83.84 -30.51 103.88
CA VAL H 789 -84.93 -31.46 103.98
C VAL H 789 -84.58 -32.50 105.02
N ARG H 790 -85.61 -33.22 105.48
CA ARG H 790 -85.44 -34.28 106.45
C ARG H 790 -86.16 -35.53 105.98
N PHE H 791 -85.44 -36.65 105.96
CA PHE H 791 -86.06 -37.94 105.68
C PHE H 791 -86.83 -38.40 106.91
N LEU H 792 -88.07 -38.82 106.70
CA LEU H 792 -88.88 -39.42 107.75
C LEU H 792 -89.15 -40.86 107.37
N LEU H 793 -88.47 -41.78 108.04
CA LEU H 793 -88.54 -43.19 107.70
C LEU H 793 -89.32 -44.03 108.69
N GLY H 794 -89.94 -43.41 109.69
CA GLY H 794 -90.74 -44.13 110.66
C GLY H 794 -89.91 -44.68 111.80
N GLY H 795 -90.63 -45.21 112.79
CA GLY H 795 -89.96 -45.77 113.95
C GLY H 795 -89.18 -44.70 114.69
N ARG H 796 -87.91 -44.99 114.96
CA ARG H 796 -87.02 -44.06 115.61
C ARG H 796 -86.26 -43.18 114.62
N HIS H 797 -86.58 -43.28 113.33
CA HIS H 797 -85.89 -42.55 112.29
C HIS H 797 -86.82 -41.57 111.57
N GLY H 798 -87.66 -40.88 112.34
CA GLY H 798 -88.54 -39.89 111.78
C GLY H 798 -90.01 -40.25 111.88
N GLU H 799 -90.70 -39.68 112.86
CA GLU H 799 -92.12 -39.94 113.01
C GLU H 799 -92.89 -39.40 111.82
N PHE H 800 -93.79 -40.22 111.30
CA PHE H 800 -94.57 -39.84 110.12
C PHE H 800 -95.56 -38.75 110.50
N LYS H 801 -95.61 -37.68 109.70
CA LYS H 801 -96.65 -36.69 109.90
C LYS H 801 -98.02 -37.25 109.52
N PHE H 802 -98.07 -38.06 108.47
CA PHE H 802 -99.32 -38.64 107.99
C PHE H 802 -99.24 -40.15 108.06
N LEU H 803 -100.36 -40.76 108.39
CA LEU H 803 -100.41 -42.20 108.56
C LEU H 803 -100.21 -42.89 107.21
N PRO H 804 -99.33 -43.88 107.11
CA PRO H 804 -99.14 -44.56 105.83
C PRO H 804 -100.42 -45.29 105.43
N PRO H 805 -100.66 -45.44 104.13
CA PRO H 805 -101.86 -46.16 103.70
C PRO H 805 -101.79 -47.61 104.15
N PRO H 806 -102.94 -48.26 104.32
CA PRO H 806 -102.95 -49.62 104.86
C PRO H 806 -102.14 -50.58 103.99
N GLY H 807 -101.42 -51.47 104.65
CA GLY H 807 -100.62 -52.46 103.99
C GLY H 807 -99.20 -52.03 103.67
N TYR H 808 -98.91 -50.74 103.71
CA TYR H 808 -97.59 -50.24 103.39
C TYR H 808 -96.71 -50.25 104.63
N ALA H 809 -95.47 -50.68 104.47
CA ALA H 809 -94.55 -50.80 105.58
C ALA H 809 -93.61 -49.62 105.62
N PRO H 810 -93.33 -49.09 106.81
CA PRO H 810 -92.34 -48.02 106.92
C PRO H 810 -90.97 -48.47 106.45
N CYS H 811 -90.24 -47.55 105.82
CA CYS H 811 -88.97 -47.91 105.20
C CYS H 811 -87.90 -48.29 106.22
N HIS H 812 -88.03 -47.84 107.47
CA HIS H 812 -87.02 -48.18 108.46
C HIS H 812 -86.99 -49.67 108.78
N GLU H 813 -88.03 -50.41 108.40
CA GLU H 813 -88.05 -51.85 108.62
C GLU H 813 -87.24 -52.60 107.57
N ALA H 814 -86.73 -51.93 106.55
CA ALA H 814 -86.01 -52.58 105.48
C ALA H 814 -84.50 -52.52 105.65
N VAL H 815 -84.01 -52.04 106.79
CA VAL H 815 -82.57 -52.01 107.04
C VAL H 815 -82.08 -53.43 107.29
N LEU H 816 -81.00 -53.81 106.62
CA LEU H 816 -80.49 -55.16 106.74
C LEU H 816 -79.87 -55.39 108.11
N PRO H 817 -79.84 -56.63 108.59
CA PRO H 817 -79.31 -56.90 109.93
C PRO H 817 -77.85 -56.50 110.10
N ARG H 818 -77.04 -56.59 109.06
CA ARG H 818 -75.62 -56.31 109.18
C ARG H 818 -75.29 -54.83 109.04
N GLU H 819 -76.28 -53.97 108.83
CA GLU H 819 -76.03 -52.56 108.59
C GLU H 819 -76.85 -51.71 109.56
N ARG H 820 -76.42 -50.46 109.70
CA ARG H 820 -77.15 -49.45 110.45
C ARG H 820 -77.64 -48.39 109.48
N LEU H 821 -78.77 -47.77 109.81
CA LEU H 821 -79.37 -46.79 108.91
C LEU H 821 -78.50 -45.54 108.82
N ARG H 822 -78.33 -45.03 107.61
CA ARG H 822 -77.51 -43.85 107.41
C ARG H 822 -77.90 -43.21 106.08
N LEU H 823 -77.32 -42.04 105.82
CA LEU H 823 -77.52 -41.30 104.58
C LEU H 823 -76.20 -41.25 103.83
N GLU H 824 -76.23 -41.57 102.55
CA GLU H 824 -75.01 -41.71 101.77
C GLU H 824 -75.24 -41.21 100.35
N PRO H 825 -74.17 -40.81 99.66
CA PRO H 825 -74.29 -40.50 98.23
C PRO H 825 -74.53 -41.74 97.41
N ILE H 826 -74.58 -41.60 96.08
CA ILE H 826 -74.85 -42.71 95.18
C ILE H 826 -73.71 -42.80 94.17
N LYS H 827 -72.94 -43.88 94.24
CA LYS H 827 -71.86 -44.15 93.30
C LYS H 827 -70.88 -42.98 93.22
N GLU H 828 -70.40 -42.56 94.38
CA GLU H 828 -69.38 -41.53 94.43
C GLU H 828 -68.03 -42.08 93.98
N TYR H 829 -67.24 -41.24 93.33
CA TYR H 829 -65.87 -41.58 92.97
C TYR H 829 -64.86 -40.73 93.70
N ARG H 830 -65.27 -40.06 94.78
CA ARG H 830 -64.45 -39.09 95.46
C ARG H 830 -65.13 -38.73 96.77
N ARG H 831 -64.33 -38.60 97.84
CA ARG H 831 -64.88 -38.16 99.11
C ARG H 831 -63.80 -37.43 99.89
N GLU H 832 -64.24 -36.60 100.83
CA GLU H 832 -63.32 -35.84 101.64
C GLU H 832 -62.68 -36.75 102.68
N GLY H 833 -61.38 -36.54 102.90
CA GLY H 833 -60.64 -37.32 103.88
C GLY H 833 -59.89 -36.42 104.84
N PRO H 834 -59.15 -37.04 105.77
CA PRO H 834 -58.42 -36.23 106.75
C PRO H 834 -57.35 -35.35 106.13
N ARG H 835 -56.45 -35.94 105.34
CA ARG H 835 -55.37 -35.19 104.73
C ARG H 835 -55.70 -34.69 103.33
N GLY H 836 -56.87 -35.02 102.81
CA GLY H 836 -57.25 -34.60 101.48
C GLY H 836 -58.31 -35.50 100.89
N PRO H 837 -58.69 -35.24 99.64
CA PRO H 837 -59.73 -36.06 99.00
C PRO H 837 -59.28 -37.50 98.82
N HIS H 838 -60.25 -38.41 98.90
CA HIS H 838 -60.03 -39.83 98.71
C HIS H 838 -60.66 -40.25 97.39
N LEU H 839 -59.91 -40.99 96.59
CA LEU H 839 -60.45 -41.60 95.39
C LEU H 839 -61.11 -42.93 95.76
N VAL H 840 -62.30 -43.16 95.23
CA VAL H 840 -63.11 -44.30 95.59
C VAL H 840 -63.41 -45.10 94.33
N GLY H 841 -63.21 -46.41 94.38
CA GLY H 841 -63.56 -47.29 93.30
C GLY H 841 -65.03 -47.61 93.32
N PRO H 842 -65.47 -48.45 92.39
CA PRO H 842 -66.89 -48.82 92.35
C PRO H 842 -67.32 -49.50 93.63
N SER H 843 -68.58 -49.31 93.99
CA SER H 843 -69.14 -49.86 95.21
C SER H 843 -69.87 -51.15 94.91
N ARG H 844 -69.61 -52.17 95.72
CA ARG H 844 -70.33 -53.44 95.58
C ARG H 844 -71.79 -53.23 95.96
N CYS H 845 -72.69 -53.68 95.09
CA CYS H 845 -74.12 -53.48 95.28
C CYS H 845 -74.84 -54.82 95.25
N LEU H 846 -75.87 -54.95 96.08
CA LEU H 846 -76.67 -56.15 96.09
C LEU H 846 -77.57 -56.20 94.86
N SER H 847 -78.19 -57.35 94.65
CA SER H 847 -79.18 -57.53 93.60
C SER H 847 -80.45 -58.07 94.22
N HIS H 848 -81.58 -57.85 93.53
CA HIS H 848 -82.85 -58.31 94.06
C HIS H 848 -82.89 -59.83 94.21
N THR H 849 -82.04 -60.54 93.46
CA THR H 849 -81.96 -61.99 93.61
C THR H 849 -81.20 -62.42 94.84
N ASP H 850 -80.40 -61.53 95.43
CA ASP H 850 -79.66 -61.87 96.64
C ASP H 850 -80.56 -62.13 97.83
N PHE H 851 -81.84 -61.77 97.74
CA PHE H 851 -82.79 -62.00 98.81
C PHE H 851 -83.63 -63.24 98.59
N VAL H 852 -83.30 -64.04 97.57
CA VAL H 852 -83.98 -65.29 97.30
C VAL H 852 -83.13 -66.43 97.86
N PRO H 853 -83.58 -67.13 98.90
CA PRO H 853 -82.80 -68.27 99.40
C PRO H 853 -82.79 -69.39 98.38
N CYS H 854 -81.60 -69.96 98.15
CA CYS H 854 -81.39 -71.00 97.16
C CYS H 854 -80.70 -72.18 97.83
N PRO H 855 -81.44 -72.97 98.60
CA PRO H 855 -80.84 -74.13 99.25
C PRO H 855 -80.49 -75.20 98.23
N VAL H 856 -79.59 -76.10 98.64
CA VAL H 856 -79.17 -77.18 97.76
C VAL H 856 -80.36 -78.10 97.47
N ASP H 857 -80.31 -78.74 96.31
CA ASP H 857 -81.42 -79.57 95.88
C ASP H 857 -81.49 -80.83 96.73
N THR H 858 -82.68 -81.14 97.24
CA THR H 858 -82.93 -82.33 98.04
C THR H 858 -84.01 -83.20 97.41
N VAL H 859 -84.19 -83.06 96.09
CA VAL H 859 -85.18 -83.89 95.38
C VAL H 859 -84.75 -85.35 95.41
N GLN H 860 -83.45 -85.61 95.32
CA GLN H 860 -82.94 -86.97 95.39
C GLN H 860 -83.12 -87.44 96.83
N ILE H 861 -84.33 -87.92 97.12
CA ILE H 861 -84.66 -88.39 98.47
C ILE H 861 -84.35 -89.88 98.49
N VAL H 862 -83.07 -90.17 98.67
CA VAL H 862 -82.59 -91.53 98.93
C VAL H 862 -81.59 -91.43 100.05
N LEU H 863 -81.75 -92.22 101.03
CA LEU H 863 -80.78 -92.31 102.11
C LEU H 863 -80.51 -93.76 102.44
N PRO H 864 -79.26 -94.11 102.69
CA PRO H 864 -78.96 -95.48 103.11
C PRO H 864 -79.68 -95.80 104.40
N PRO H 865 -80.10 -97.06 104.60
CA PRO H 865 -80.98 -97.37 105.74
C PRO H 865 -80.40 -97.04 107.10
N HIS H 866 -79.08 -97.22 107.30
CA HIS H 866 -78.46 -96.77 108.54
C HIS H 866 -78.55 -95.26 108.74
N LEU H 867 -78.34 -94.45 107.70
CA LEU H 867 -78.61 -93.03 107.85
C LEU H 867 -80.07 -92.78 108.18
N GLU H 868 -80.98 -93.53 107.56
CA GLU H 868 -82.41 -93.34 107.81
C GLU H 868 -82.74 -93.59 109.28
N ARG H 869 -82.17 -94.65 109.86
CA ARG H 869 -82.50 -94.97 111.24
C ARG H 869 -81.80 -94.03 112.22
N ILE H 870 -80.59 -93.55 111.87
CA ILE H 870 -79.91 -92.60 112.75
C ILE H 870 -80.46 -91.18 112.62
N ARG H 871 -81.25 -90.90 111.58
CA ARG H 871 -81.82 -89.58 111.42
C ARG H 871 -82.74 -89.21 112.58
N GLU H 872 -83.60 -90.14 112.99
CA GLU H 872 -84.52 -89.86 114.10
C GLU H 872 -83.75 -89.65 115.41
N LYS H 873 -82.70 -90.46 115.64
CA LYS H 873 -81.91 -90.30 116.85
C LYS H 873 -81.14 -88.99 116.84
N LEU H 874 -80.66 -88.56 115.68
CA LEU H 874 -80.05 -87.24 115.55
C LEU H 874 -81.06 -86.15 115.88
N ALA H 875 -82.29 -86.30 115.39
CA ALA H 875 -83.34 -85.35 115.74
C ALA H 875 -83.54 -85.28 117.25
N GLU H 876 -83.62 -86.43 117.91
CA GLU H 876 -83.77 -86.45 119.37
C GLU H 876 -82.61 -85.75 120.06
N ASN H 877 -81.38 -86.04 119.64
CA ASN H 877 -80.22 -85.48 120.32
C ASN H 877 -80.15 -83.97 120.15
N ILE H 878 -80.40 -83.45 118.94
CA ILE H 878 -80.31 -82.01 118.78
C ILE H 878 -81.52 -81.32 119.41
N HIS H 879 -82.65 -82.03 119.53
CA HIS H 879 -83.72 -81.53 120.38
C HIS H 879 -83.24 -81.34 121.80
N GLU H 880 -82.56 -82.34 122.35
CA GLU H 880 -82.01 -82.23 123.69
C GLU H 880 -80.98 -81.10 123.78
N LEU H 881 -80.21 -80.90 122.71
CA LEU H 881 -79.19 -79.86 122.72
C LEU H 881 -79.81 -78.47 122.79
N TRP H 882 -80.80 -78.19 121.94
CA TRP H 882 -81.39 -76.86 122.00
C TRP H 882 -82.29 -76.74 123.23
N ALA H 883 -82.73 -77.87 123.80
CA ALA H 883 -83.35 -77.84 125.11
C ALA H 883 -82.36 -77.41 126.19
N LEU H 884 -81.12 -77.91 126.11
CA LEU H 884 -80.08 -77.49 127.03
C LEU H 884 -79.79 -76.00 126.88
N THR H 885 -79.76 -75.51 125.64
CA THR H 885 -79.57 -74.08 125.43
C THR H 885 -80.71 -73.27 126.03
N ARG H 886 -81.96 -73.77 125.90
CA ARG H 886 -83.08 -73.09 126.54
C ARG H 886 -82.96 -73.12 128.07
N ILE H 887 -82.45 -74.21 128.64
CA ILE H 887 -82.16 -74.25 130.06
C ILE H 887 -81.16 -73.17 130.44
N GLU H 888 -80.09 -73.04 129.66
CA GLU H 888 -79.10 -72.00 129.93
C GLU H 888 -79.72 -70.61 129.81
N GLN H 889 -80.68 -70.44 128.90
CA GLN H 889 -81.41 -69.19 128.79
C GLN H 889 -82.41 -68.99 129.92
N GLY H 890 -82.78 -70.04 130.64
CA GLY H 890 -83.68 -69.93 131.77
C GLY H 890 -85.03 -70.62 131.62
N TRP H 891 -85.21 -71.43 130.58
CA TRP H 891 -86.50 -72.09 130.39
C TRP H 891 -86.72 -73.19 131.42
N THR H 892 -87.99 -73.50 131.67
CA THR H 892 -88.40 -74.59 132.55
C THR H 892 -89.48 -75.40 131.85
N TYR H 893 -89.94 -76.47 132.51
CA TYR H 893 -90.97 -77.31 131.92
C TYR H 893 -92.36 -76.71 132.15
N GLY H 894 -93.24 -76.87 131.15
CA GLY H 894 -94.59 -76.38 131.23
C GLY H 894 -95.44 -76.87 130.07
N PRO H 895 -96.75 -76.98 130.30
CA PRO H 895 -97.64 -77.47 129.23
C PRO H 895 -97.65 -76.59 127.99
N VAL H 896 -97.45 -75.28 128.15
CA VAL H 896 -97.47 -74.34 127.04
C VAL H 896 -96.05 -74.15 126.53
N ARG H 897 -95.92 -73.95 125.22
CA ARG H 897 -94.64 -73.75 124.56
C ARG H 897 -94.54 -72.27 124.16
N ASP H 898 -93.67 -71.53 124.87
CA ASP H 898 -93.48 -70.11 124.60
C ASP H 898 -92.11 -69.69 125.11
N ASP H 899 -91.70 -68.49 124.72
CA ASP H 899 -90.36 -68.00 125.07
C ASP H 899 -90.40 -67.11 126.32
N ASN H 900 -91.44 -66.27 126.43
CA ASN H 900 -91.47 -65.29 127.51
C ASN H 900 -91.60 -65.94 128.88
N LYS H 901 -92.57 -66.85 129.04
CA LYS H 901 -92.78 -67.47 130.34
C LYS H 901 -91.74 -68.55 130.63
N ARG H 902 -90.93 -68.91 129.63
CA ARG H 902 -89.87 -69.90 129.79
C ARG H 902 -90.43 -71.25 130.25
N LEU H 903 -91.51 -71.69 129.60
CA LEU H 903 -92.10 -73.00 129.84
C LEU H 903 -92.01 -73.82 128.56
N HIS H 904 -91.69 -75.11 128.71
CA HIS H 904 -91.47 -75.94 127.53
C HIS H 904 -91.75 -77.41 127.84
N PRO H 905 -92.75 -78.02 127.19
CA PRO H 905 -93.00 -79.44 127.42
C PRO H 905 -91.86 -80.34 126.98
N CYS H 906 -91.06 -79.88 126.01
CA CYS H 906 -89.92 -80.62 125.49
C CYS H 906 -88.73 -80.61 126.45
N LEU H 907 -88.80 -79.82 127.52
CA LEU H 907 -87.67 -79.65 128.41
C LEU H 907 -87.65 -80.73 129.51
N VAL H 908 -87.74 -82.00 129.12
CA VAL H 908 -87.70 -83.08 130.11
C VAL H 908 -86.64 -84.11 129.76
N ASN H 909 -86.82 -84.80 128.64
CA ASN H 909 -85.92 -85.85 128.18
C ASN H 909 -86.34 -86.26 126.78
N PHE H 910 -85.35 -86.70 125.99
CA PHE H 910 -85.59 -87.04 124.59
C PHE H 910 -86.66 -88.11 124.44
N HIS H 911 -86.74 -89.03 125.39
CA HIS H 911 -87.83 -90.01 125.37
C HIS H 911 -89.09 -89.43 125.99
N SER H 912 -88.93 -88.55 126.98
CA SER H 912 -90.08 -87.85 127.55
C SER H 912 -90.70 -86.87 126.56
N LEU H 913 -90.00 -86.57 125.47
CA LEU H 913 -90.57 -85.75 124.41
C LEU H 913 -91.85 -86.38 123.88
N PRO H 914 -92.91 -85.60 123.66
CA PRO H 914 -94.01 -86.10 122.85
C PRO H 914 -93.51 -86.43 121.45
N GLU H 915 -93.89 -87.59 120.95
CA GLU H 915 -93.46 -87.99 119.62
C GLU H 915 -93.95 -87.05 118.53
N PRO H 916 -95.21 -86.59 118.52
CA PRO H 916 -95.60 -85.59 117.52
C PRO H 916 -94.77 -84.30 117.58
N GLU H 917 -94.44 -83.83 118.79
CA GLU H 917 -93.60 -82.65 118.91
C GLU H 917 -92.20 -82.91 118.39
N ARG H 918 -91.68 -84.12 118.63
CA ARG H 918 -90.38 -84.50 118.09
C ARG H 918 -90.41 -84.52 116.56
N ASN H 919 -91.50 -85.03 115.98
CA ASN H 919 -91.63 -85.17 114.54
C ASN H 919 -91.81 -83.83 113.83
N TYR H 920 -92.03 -82.74 114.58
CA TYR H 920 -92.07 -81.42 113.97
C TYR H 920 -90.76 -81.12 113.24
N ASN H 921 -89.66 -81.64 113.75
CA ASN H 921 -88.34 -81.39 113.19
C ASN H 921 -87.71 -82.62 112.54
N LEU H 922 -88.42 -83.74 112.50
CA LEU H 922 -87.88 -84.92 111.82
C LEU H 922 -87.61 -84.64 110.35
N GLN H 923 -88.41 -83.76 109.74
CA GLN H 923 -88.18 -83.39 108.34
C GLN H 923 -86.81 -82.75 108.17
N MET H 924 -86.50 -81.75 108.99
CA MET H 924 -85.22 -81.07 108.84
C MET H 924 -84.07 -81.97 109.29
N SER H 925 -84.35 -82.87 110.24
CA SER H 925 -83.33 -83.84 110.63
C SER H 925 -82.96 -84.75 109.47
N GLY H 926 -83.96 -85.22 108.72
CA GLY H 926 -83.67 -85.96 107.50
C GLY H 926 -82.94 -85.11 106.48
N GLU H 927 -83.36 -83.84 106.34
CA GLU H 927 -82.68 -82.94 105.43
C GLU H 927 -81.21 -82.74 105.80
N THR H 928 -80.86 -82.87 107.08
CA THR H 928 -79.46 -82.69 107.49
C THR H 928 -78.57 -83.74 106.83
N LEU H 929 -78.99 -85.00 106.85
CA LEU H 929 -78.19 -86.04 106.19
C LEU H 929 -78.35 -85.98 104.68
N LYS H 930 -79.55 -85.62 104.20
CA LYS H 930 -79.76 -85.50 102.76
C LYS H 930 -78.84 -84.43 102.17
N THR H 931 -78.59 -83.36 102.92
CA THR H 931 -77.71 -82.31 102.43
C THR H 931 -76.26 -82.75 102.51
N LEU H 932 -75.89 -83.55 103.51
CA LEU H 932 -74.56 -84.14 103.50
C LEU H 932 -74.36 -84.96 102.24
N LEU H 933 -75.38 -85.72 101.85
CA LEU H 933 -75.30 -86.50 100.63
C LEU H 933 -75.22 -85.61 99.39
N ALA H 934 -76.05 -84.57 99.32
CA ALA H 934 -76.15 -83.75 98.12
C ALA H 934 -74.92 -82.84 97.97
N LEU H 935 -74.26 -82.51 99.07
CA LEU H 935 -73.08 -81.66 99.02
C LEU H 935 -71.86 -82.34 98.42
N GLY H 936 -71.91 -83.65 98.23
CA GLY H 936 -70.74 -84.40 97.83
C GLY H 936 -70.01 -85.09 98.96
N CYS H 937 -70.45 -84.89 100.21
CA CYS H 937 -69.83 -85.56 101.34
C CYS H 937 -70.15 -87.05 101.31
N HIS H 938 -69.14 -87.86 101.58
CA HIS H 938 -69.30 -89.30 101.63
C HIS H 938 -69.41 -89.74 103.10
N VAL H 939 -70.54 -90.32 103.45
CA VAL H 939 -70.85 -90.69 104.83
C VAL H 939 -71.23 -92.17 104.87
N GLY H 940 -70.64 -92.90 105.82
CA GLY H 940 -70.97 -94.30 106.00
C GLY H 940 -70.58 -94.76 107.39
N MET H 941 -70.92 -96.03 107.67
CA MET H 941 -70.60 -96.72 108.92
C MET H 941 -69.16 -97.21 108.89
N ALA H 942 -68.25 -96.35 109.37
CA ALA H 942 -66.95 -96.86 109.79
C ALA H 942 -67.05 -97.57 111.12
N ASP H 943 -67.96 -97.12 111.99
CA ASP H 943 -68.10 -97.66 113.34
C ASP H 943 -69.57 -97.80 113.70
N GLU H 944 -69.94 -98.97 114.23
CA GLU H 944 -71.21 -99.20 114.89
C GLU H 944 -71.10 -99.33 116.39
N LYS H 945 -69.99 -99.91 116.89
CA LYS H 945 -69.78 -100.02 118.33
C LYS H 945 -69.67 -98.64 118.98
N ALA H 946 -69.22 -97.64 118.23
CA ALA H 946 -69.22 -96.28 118.77
C ALA H 946 -70.64 -95.81 119.07
N GLU H 947 -71.58 -96.13 118.18
CA GLU H 947 -72.98 -95.83 118.46
C GLU H 947 -73.50 -96.68 119.61
N ASP H 948 -73.07 -97.95 119.69
CA ASP H 948 -73.55 -98.83 120.75
C ASP H 948 -73.15 -98.34 122.13
N ASN H 949 -71.88 -97.95 122.29
CA ASN H 949 -71.34 -97.53 123.58
C ASN H 949 -70.82 -96.10 123.46
N LEU H 950 -71.40 -95.20 124.24
CA LEU H 950 -71.01 -93.80 124.19
C LEU H 950 -71.66 -93.08 125.37
N LYS H 951 -70.87 -92.22 126.03
CA LYS H 951 -71.30 -91.58 127.26
C LYS H 951 -72.43 -90.58 127.01
N LYS H 952 -73.17 -90.28 128.06
CA LYS H 952 -74.32 -89.37 128.00
C LYS H 952 -74.06 -88.17 128.91
N THR H 953 -74.03 -86.98 128.33
CA THR H 953 -73.99 -85.76 129.13
C THR H 953 -75.37 -85.45 129.66
N LYS H 954 -75.46 -85.20 130.97
CA LYS H 954 -76.73 -84.86 131.62
C LYS H 954 -76.66 -83.47 132.22
N LEU H 955 -77.81 -82.81 132.25
CA LEU H 955 -77.89 -81.48 132.81
C LEU H 955 -77.58 -81.53 134.31
N PRO H 956 -76.88 -80.53 134.85
CA PRO H 956 -76.60 -80.52 136.29
C PRO H 956 -77.88 -80.44 137.11
N LYS H 957 -77.84 -81.04 138.29
CA LYS H 957 -79.00 -81.00 139.18
C LYS H 957 -79.26 -79.59 139.68
N THR H 958 -78.22 -78.76 139.79
CA THR H 958 -78.42 -77.39 140.24
C THR H 958 -79.14 -76.56 139.18
N TYR H 959 -78.69 -76.62 137.93
CA TYR H 959 -79.36 -75.93 136.83
C TYR H 959 -80.55 -76.77 136.41
N MET H 960 -81.67 -76.53 137.10
CA MET H 960 -82.74 -77.50 137.12
C MET H 960 -84.03 -76.95 136.55
N MET H 961 -84.76 -77.84 135.87
CA MET H 961 -86.06 -77.58 135.27
C MET H 961 -87.13 -77.83 136.36
N SER H 962 -88.41 -77.85 135.99
CA SER H 962 -89.48 -77.92 136.99
C SER H 962 -89.98 -79.35 137.22
N ASN H 963 -90.04 -80.14 136.14
CA ASN H 963 -90.67 -81.47 136.21
C ASN H 963 -89.93 -82.40 137.16
N GLY H 964 -88.61 -82.47 137.05
CA GLY H 964 -87.83 -83.29 137.96
C GLY H 964 -86.86 -84.26 137.32
N TYR H 965 -86.64 -84.18 136.01
CA TYR H 965 -85.76 -85.14 135.37
C TYR H 965 -84.48 -84.46 134.87
N LYS H 966 -83.55 -85.27 134.37
CA LYS H 966 -82.31 -84.79 133.77
C LYS H 966 -82.22 -85.22 132.32
N PRO H 967 -82.30 -84.29 131.36
CA PRO H 967 -82.11 -84.66 129.95
C PRO H 967 -80.71 -85.22 129.73
N ALA H 968 -80.61 -86.16 128.79
CA ALA H 968 -79.36 -86.89 128.55
C ALA H 968 -79.01 -86.87 127.06
N PRO H 969 -78.52 -85.75 126.54
CA PRO H 969 -77.88 -85.76 125.22
C PRO H 969 -76.51 -86.42 125.29
N LEU H 970 -76.04 -86.87 124.14
CA LEU H 970 -74.78 -87.61 124.08
C LEU H 970 -73.62 -86.72 124.51
N ASP H 971 -72.71 -87.29 125.31
CA ASP H 971 -71.46 -86.64 125.65
C ASP H 971 -70.53 -86.68 124.44
N LEU H 972 -69.95 -85.54 124.11
CA LEU H 972 -69.23 -85.40 122.84
C LEU H 972 -67.94 -84.60 123.00
N SER H 973 -67.30 -84.68 124.17
CA SER H 973 -66.07 -83.94 124.38
C SER H 973 -64.91 -84.53 123.60
N HIS H 974 -64.90 -85.86 123.45
CA HIS H 974 -63.80 -86.55 122.79
C HIS H 974 -63.74 -86.30 121.30
N VAL H 975 -64.80 -85.72 120.71
CA VAL H 975 -64.87 -85.57 119.26
C VAL H 975 -64.18 -84.28 118.84
N ARG H 976 -63.30 -84.39 117.84
CA ARG H 976 -62.64 -83.24 117.25
C ARG H 976 -63.01 -83.13 115.77
N LEU H 977 -62.93 -81.91 115.25
CA LEU H 977 -63.29 -81.64 113.86
C LEU H 977 -62.15 -80.95 113.14
N THR H 978 -61.93 -81.35 111.88
CA THR H 978 -60.94 -80.72 111.04
C THR H 978 -61.43 -79.36 110.56
N PRO H 979 -60.52 -78.50 110.08
CA PRO H 979 -60.97 -77.25 109.45
C PRO H 979 -61.88 -77.46 108.26
N ALA H 980 -61.64 -78.51 107.46
CA ALA H 980 -62.56 -78.82 106.37
C ALA H 980 -63.94 -79.19 106.92
N GLN H 981 -63.98 -79.93 108.02
CA GLN H 981 -65.26 -80.24 108.65
C GLN H 981 -65.92 -78.98 109.20
N THR H 982 -65.13 -78.02 109.69
CA THR H 982 -65.72 -76.75 110.13
C THR H 982 -66.33 -76.00 108.95
N THR H 983 -65.65 -76.00 107.81
CA THR H 983 -66.23 -75.39 106.62
C THR H 983 -67.52 -76.10 106.22
N LEU H 984 -67.54 -77.43 106.34
CA LEU H 984 -68.77 -78.18 106.11
C LEU H 984 -69.86 -77.75 107.07
N VAL H 985 -69.50 -77.52 108.33
CA VAL H 985 -70.48 -77.05 109.32
C VAL H 985 -71.05 -75.70 108.92
N ASP H 986 -70.18 -74.78 108.48
CA ASP H 986 -70.67 -73.48 108.05
C ASP H 986 -71.62 -73.62 106.88
N ARG H 987 -71.25 -74.44 105.90
CA ARG H 987 -72.07 -74.58 104.71
C ARG H 987 -73.40 -75.24 105.04
N LEU H 988 -73.38 -76.21 105.96
CA LEU H 988 -74.61 -76.87 106.40
C LEU H 988 -75.53 -75.91 107.14
N ALA H 989 -74.97 -75.06 108.00
CA ALA H 989 -75.81 -74.06 108.67
C ALA H 989 -76.42 -73.12 107.66
N GLU H 990 -75.63 -72.73 106.65
CA GLU H 990 -76.15 -71.96 105.54
C GLU H 990 -77.36 -72.63 104.91
N ASN H 991 -77.24 -73.92 104.58
CA ASN H 991 -78.36 -74.62 103.94
C ASN H 991 -79.56 -74.72 104.86
N GLY H 992 -79.33 -75.01 106.14
CA GLY H 992 -80.46 -75.10 107.06
C GLY H 992 -81.22 -73.80 107.13
N HIS H 993 -80.50 -72.69 107.27
CA HIS H 993 -81.16 -71.40 107.30
C HIS H 993 -81.88 -71.10 105.99
N ASN H 994 -81.27 -71.46 104.85
CA ASN H 994 -81.91 -71.20 103.57
C ASN H 994 -83.19 -72.01 103.40
N VAL H 995 -83.16 -73.28 103.82
CA VAL H 995 -84.36 -74.11 103.74
C VAL H 995 -85.46 -73.54 104.60
N TRP H 996 -85.12 -73.16 105.85
CA TRP H 996 -86.12 -72.58 106.72
C TRP H 996 -86.68 -71.29 106.14
N ALA H 997 -85.81 -70.46 105.58
CA ALA H 997 -86.24 -69.19 105.01
C ALA H 997 -87.18 -69.40 103.84
N ARG H 998 -86.85 -70.34 102.95
CA ARG H 998 -87.70 -70.53 101.78
C ARG H 998 -89.03 -71.17 102.16
N ASP H 999 -89.04 -72.06 103.16
CA ASP H 999 -90.31 -72.57 103.65
C ASP H 999 -91.17 -71.45 104.22
N ARG H 1000 -90.57 -70.57 105.01
CA ARG H 1000 -91.32 -69.47 105.58
C ARG H 1000 -91.83 -68.52 104.49
N VAL H 1001 -91.03 -68.29 103.46
CA VAL H 1001 -91.49 -67.46 102.34
C VAL H 1001 -92.67 -68.12 101.66
N ALA H 1002 -92.60 -69.43 101.43
CA ALA H 1002 -93.74 -70.15 100.88
C ALA H 1002 -94.96 -70.01 101.77
N GLN H 1003 -94.76 -69.88 103.08
CA GLN H 1003 -95.87 -69.63 103.99
C GLN H 1003 -96.29 -68.17 104.05
N GLY H 1004 -95.56 -67.27 103.39
CA GLY H 1004 -95.96 -65.87 103.32
C GLY H 1004 -95.23 -64.92 104.23
N TRP H 1005 -94.17 -65.36 104.90
CA TRP H 1005 -93.42 -64.48 105.78
C TRP H 1005 -92.53 -63.54 104.98
N SER H 1006 -92.13 -62.44 105.61
CA SER H 1006 -91.27 -61.44 104.99
C SER H 1006 -90.32 -60.88 106.03
N TYR H 1007 -89.19 -60.35 105.56
CA TYR H 1007 -88.20 -59.80 106.47
C TYR H 1007 -88.64 -58.43 106.99
N SER H 1008 -88.29 -58.14 108.23
CA SER H 1008 -88.55 -56.83 108.82
C SER H 1008 -87.65 -56.66 110.03
N ALA H 1009 -87.06 -55.46 110.14
CA ALA H 1009 -86.17 -55.18 111.28
C ALA H 1009 -86.93 -55.26 112.60
N VAL H 1010 -88.21 -54.95 112.59
CA VAL H 1010 -89.06 -55.05 113.76
C VAL H 1010 -89.95 -56.27 113.60
N GLN H 1011 -89.86 -57.20 114.55
CA GLN H 1011 -90.62 -58.44 114.46
C GLN H 1011 -92.09 -58.18 114.67
N ASP H 1012 -92.92 -58.85 113.86
CA ASP H 1012 -94.38 -58.72 113.93
C ASP H 1012 -94.98 -60.08 113.60
N ILE H 1013 -95.29 -60.86 114.63
CA ILE H 1013 -95.82 -62.20 114.42
C ILE H 1013 -97.17 -62.19 113.70
N PRO H 1014 -98.16 -61.41 114.11
CA PRO H 1014 -99.42 -61.39 113.34
C PRO H 1014 -99.24 -60.97 111.90
N ALA H 1015 -98.29 -60.08 111.62
CA ALA H 1015 -98.02 -59.64 110.27
C ALA H 1015 -97.05 -60.56 109.53
N ARG H 1016 -96.59 -61.62 110.18
CA ARG H 1016 -95.68 -62.59 109.57
C ARG H 1016 -94.39 -61.93 109.10
N ARG H 1017 -93.83 -61.10 109.97
CA ARG H 1017 -92.58 -60.40 109.70
C ARG H 1017 -91.53 -60.89 110.69
N ASN H 1018 -90.40 -61.37 110.17
CA ASN H 1018 -89.38 -61.96 111.02
C ASN H 1018 -88.03 -61.32 110.74
N PRO H 1019 -87.31 -60.85 111.76
CA PRO H 1019 -86.00 -60.24 111.53
C PRO H 1019 -84.96 -61.19 110.98
N ARG H 1020 -85.14 -62.50 111.15
CA ARG H 1020 -84.20 -63.48 110.63
C ARG H 1020 -84.63 -64.04 109.29
N LEU H 1021 -85.73 -63.54 108.71
CA LEU H 1021 -86.24 -64.02 107.44
C LEU H 1021 -85.40 -63.48 106.29
N VAL H 1022 -84.11 -63.83 106.33
CA VAL H 1022 -83.15 -63.31 105.37
C VAL H 1022 -82.18 -64.43 104.99
N PRO H 1023 -81.65 -64.37 103.77
CA PRO H 1023 -80.64 -65.35 103.38
C PRO H 1023 -79.42 -65.33 104.30
N TYR H 1024 -78.73 -66.48 104.35
CA TYR H 1024 -77.68 -66.69 105.34
C TYR H 1024 -76.52 -65.71 105.13
N ARG H 1025 -76.15 -65.43 103.88
CA ARG H 1025 -75.07 -64.48 103.68
C ARG H 1025 -75.41 -63.12 104.27
N LEU H 1026 -76.68 -62.73 104.20
CA LEU H 1026 -77.12 -61.44 104.75
C LEU H 1026 -77.42 -61.50 106.24
N LEU H 1027 -77.52 -62.69 106.82
CA LEU H 1027 -77.81 -62.80 108.24
C LEU H 1027 -76.66 -62.26 109.08
N ASP H 1028 -76.98 -61.77 110.27
CA ASP H 1028 -75.97 -61.16 111.14
C ASP H 1028 -75.07 -62.21 111.77
N GLU H 1029 -73.96 -61.74 112.33
CA GLU H 1029 -72.93 -62.66 112.82
C GLU H 1029 -73.37 -63.41 114.06
N ALA H 1030 -74.17 -62.81 114.94
CA ALA H 1030 -74.60 -63.51 116.15
C ALA H 1030 -75.44 -64.73 115.80
N THR H 1031 -76.49 -64.54 115.00
CA THR H 1031 -77.33 -65.65 114.60
C THR H 1031 -76.58 -66.62 113.70
N LYS H 1032 -75.68 -66.10 112.87
CA LYS H 1032 -74.83 -66.97 112.05
C LYS H 1032 -74.02 -67.91 112.92
N ARG H 1033 -73.40 -67.38 113.97
CA ARG H 1033 -72.61 -68.21 114.87
C ARG H 1033 -73.48 -69.18 115.65
N SER H 1034 -74.69 -68.77 116.02
CA SER H 1034 -75.59 -69.68 116.72
C SER H 1034 -75.97 -70.87 115.85
N ASN H 1035 -76.35 -70.62 114.61
CA ASN H 1035 -76.66 -71.71 113.69
C ASN H 1035 -75.43 -72.57 113.43
N ARG H 1036 -74.26 -71.94 113.33
CA ARG H 1036 -73.03 -72.69 113.14
C ARG H 1036 -72.76 -73.61 114.32
N ASP H 1037 -73.00 -73.12 115.53
CA ASP H 1037 -72.82 -73.94 116.72
C ASP H 1037 -73.77 -75.12 116.69
N SER H 1038 -75.03 -74.88 116.34
CA SER H 1038 -76.00 -75.99 116.30
C SER H 1038 -75.57 -77.05 115.28
N LEU H 1039 -75.16 -76.62 114.09
CA LEU H 1039 -74.74 -77.60 113.08
C LEU H 1039 -73.44 -78.29 113.46
N CYS H 1040 -72.55 -77.58 114.17
CA CYS H 1040 -71.32 -78.21 114.64
C CYS H 1040 -71.63 -79.27 115.69
N GLN H 1041 -72.62 -79.03 116.54
CA GLN H 1041 -73.04 -80.06 117.48
C GLN H 1041 -73.68 -81.24 116.76
N ALA H 1042 -74.44 -80.98 115.69
CA ALA H 1042 -74.98 -82.09 114.91
C ALA H 1042 -73.86 -82.93 114.29
N VAL H 1043 -72.84 -82.27 113.75
CA VAL H 1043 -71.69 -82.99 113.19
C VAL H 1043 -70.95 -83.72 114.29
N ARG H 1044 -70.89 -83.14 115.48
CA ARG H 1044 -70.29 -83.81 116.62
C ARG H 1044 -71.04 -85.09 116.96
N THR H 1045 -72.37 -85.04 116.93
CA THR H 1045 -73.18 -86.23 117.12
C THR H 1045 -72.85 -87.29 116.08
N LEU H 1046 -72.80 -86.89 114.81
CA LEU H 1046 -72.53 -87.84 113.74
C LEU H 1046 -71.14 -88.48 113.90
N LEU H 1047 -70.15 -87.68 114.28
CA LEU H 1047 -68.81 -88.21 114.50
C LEU H 1047 -68.76 -89.10 115.74
N GLY H 1048 -69.50 -88.74 116.78
CA GLY H 1048 -69.54 -89.56 117.98
C GLY H 1048 -70.14 -90.93 117.73
N TYR H 1049 -71.11 -91.00 116.83
CA TYR H 1049 -71.56 -92.32 116.38
C TYR H 1049 -70.54 -93.04 115.51
N GLY H 1050 -69.37 -92.43 115.29
CA GLY H 1050 -68.28 -93.08 114.58
C GLY H 1050 -68.37 -93.03 113.09
N TYR H 1051 -69.41 -92.41 112.52
CA TYR H 1051 -69.59 -92.42 111.08
C TYR H 1051 -68.50 -91.58 110.41
N ASN H 1052 -67.95 -92.10 109.31
CA ASN H 1052 -66.95 -91.34 108.57
C ASN H 1052 -67.64 -90.23 107.78
N ILE H 1053 -67.09 -89.02 107.86
CA ILE H 1053 -67.62 -87.86 107.16
C ILE H 1053 -66.52 -87.34 106.24
N GLU H 1054 -66.75 -87.42 104.94
CA GLU H 1054 -65.75 -87.05 103.95
C GLU H 1054 -65.99 -85.61 103.50
N PRO H 1055 -65.06 -84.69 103.75
CA PRO H 1055 -65.21 -83.33 103.23
C PRO H 1055 -65.07 -83.30 101.72
N PRO H 1056 -66.06 -82.80 101.01
CA PRO H 1056 -65.98 -82.76 99.54
C PRO H 1056 -64.91 -81.80 99.07
N ASP H 1057 -64.37 -82.09 97.88
CA ASP H 1057 -63.44 -81.20 97.21
C ASP H 1057 -64.18 -79.93 96.82
N GLN H 1058 -63.84 -78.82 97.45
CA GLN H 1058 -64.54 -77.57 97.21
C GLN H 1058 -64.33 -77.08 95.78
N GLU H 1059 -65.40 -76.58 95.17
CA GLU H 1059 -65.34 -76.09 93.79
C GLU H 1059 -65.46 -74.57 93.80
N PRO H 1060 -64.40 -73.84 93.45
CA PRO H 1060 -64.50 -72.38 93.43
C PRO H 1060 -65.40 -71.88 92.31
N SER H 1061 -66.00 -70.72 92.53
CA SER H 1061 -66.88 -70.10 91.55
C SER H 1061 -66.75 -68.59 91.65
N GLN H 1062 -67.05 -67.91 90.55
CA GLN H 1062 -66.99 -66.46 90.46
C GLN H 1062 -68.39 -65.92 90.18
N VAL H 1063 -68.93 -65.15 91.11
CA VAL H 1063 -70.32 -64.72 91.01
C VAL H 1063 -70.49 -63.67 89.90
N GLU H 1064 -69.57 -62.71 89.81
CA GLU H 1064 -69.70 -61.56 88.92
C GLU H 1064 -71.03 -60.83 89.15
N ASN H 1065 -71.14 -60.26 90.35
CA ASN H 1065 -72.39 -59.61 90.76
C ASN H 1065 -72.75 -58.45 89.85
N GLN H 1066 -71.78 -57.63 89.50
CA GLN H 1066 -72.00 -56.49 88.62
C GLN H 1066 -71.54 -56.82 87.21
N SER H 1067 -71.51 -55.79 86.36
CA SER H 1067 -71.11 -55.97 84.96
C SER H 1067 -69.60 -56.17 84.88
N ARG H 1068 -69.10 -56.30 83.65
CA ARG H 1068 -67.66 -56.47 83.44
C ARG H 1068 -66.90 -55.16 83.60
N TRP H 1069 -67.51 -54.04 83.23
CA TRP H 1069 -66.80 -52.76 83.20
C TRP H 1069 -66.82 -52.02 84.53
N ASP H 1070 -67.83 -52.25 85.36
CA ASP H 1070 -67.85 -51.59 86.66
C ASP H 1070 -67.05 -52.39 87.68
N ARG H 1071 -65.82 -52.72 87.33
CA ARG H 1071 -64.81 -53.20 88.27
C ARG H 1071 -63.80 -52.14 88.62
N VAL H 1072 -63.15 -51.56 87.62
CA VAL H 1072 -61.97 -50.72 87.81
C VAL H 1072 -62.29 -49.32 87.34
N ARG H 1073 -62.02 -48.34 88.19
CA ARG H 1073 -62.16 -46.93 87.87
C ARG H 1073 -60.76 -46.33 87.80
N ILE H 1074 -60.41 -45.79 86.65
CA ILE H 1074 -59.05 -45.29 86.40
C ILE H 1074 -59.04 -43.78 86.55
N PHE H 1075 -58.10 -43.27 87.34
CA PHE H 1075 -57.89 -41.84 87.52
C PHE H 1075 -56.54 -41.46 86.97
N ARG H 1076 -56.49 -40.41 86.16
CA ARG H 1076 -55.24 -39.92 85.61
C ARG H 1076 -55.26 -38.41 85.57
N ALA H 1077 -54.08 -37.83 85.54
CA ALA H 1077 -53.96 -36.39 85.38
C ALA H 1077 -54.34 -35.97 83.98
N GLU H 1078 -54.62 -34.70 83.80
CA GLU H 1078 -54.96 -34.18 82.49
C GLU H 1078 -53.76 -34.26 81.56
N LYS H 1079 -54.02 -34.45 80.27
CA LYS H 1079 -52.95 -34.61 79.30
C LYS H 1079 -52.03 -33.41 79.23
N SER H 1080 -52.51 -32.22 79.59
CA SER H 1080 -51.68 -31.03 79.56
C SER H 1080 -50.54 -31.08 80.57
N TYR H 1081 -50.60 -31.98 81.53
CA TYR H 1081 -49.55 -32.15 82.53
C TYR H 1081 -48.52 -33.18 82.13
N THR H 1082 -48.49 -33.57 80.87
CA THR H 1082 -47.54 -34.58 80.40
C THR H 1082 -46.11 -34.11 80.63
N VAL H 1083 -45.28 -34.98 81.17
CA VAL H 1083 -43.88 -34.69 81.43
C VAL H 1083 -43.03 -35.50 80.46
N GLN H 1084 -42.08 -34.83 79.82
CA GLN H 1084 -41.16 -35.48 78.89
C GLN H 1084 -39.70 -35.34 79.27
N SER H 1085 -39.40 -34.81 80.45
CA SER H 1085 -38.04 -34.70 80.93
C SER H 1085 -38.06 -34.51 82.44
N GLY H 1086 -36.89 -34.52 83.03
CA GLY H 1086 -36.76 -34.30 84.47
C GLY H 1086 -37.06 -35.56 85.25
N ARG H 1087 -37.03 -35.40 86.58
CA ARG H 1087 -37.30 -36.49 87.51
C ARG H 1087 -38.44 -36.09 88.41
N TRP H 1088 -39.45 -36.95 88.52
CA TRP H 1088 -40.68 -36.61 89.20
C TRP H 1088 -41.03 -37.66 90.25
N TYR H 1089 -41.87 -37.25 91.19
CA TYR H 1089 -42.22 -38.07 92.35
C TYR H 1089 -43.65 -37.77 92.75
N PHE H 1090 -44.38 -38.80 93.15
CA PHE H 1090 -45.66 -38.62 93.81
C PHE H 1090 -45.95 -39.84 94.66
N GLU H 1091 -46.90 -39.68 95.58
CA GLU H 1091 -47.22 -40.71 96.55
C GLU H 1091 -48.64 -41.21 96.35
N PHE H 1092 -48.89 -42.43 96.80
CA PHE H 1092 -50.21 -43.03 96.75
C PHE H 1092 -50.43 -43.85 98.01
N GLU H 1093 -51.35 -43.41 98.85
CA GLU H 1093 -51.64 -44.07 100.11
C GLU H 1093 -52.77 -45.07 99.91
N ALA H 1094 -52.53 -46.31 100.35
CA ALA H 1094 -53.51 -47.38 100.21
C ALA H 1094 -54.37 -47.42 101.47
N VAL H 1095 -55.50 -46.71 101.41
CA VAL H 1095 -56.43 -46.73 102.53
C VAL H 1095 -56.98 -48.13 102.74
N THR H 1096 -57.35 -48.80 101.66
CA THR H 1096 -57.70 -50.20 101.69
C THR H 1096 -56.54 -51.03 101.15
N THR H 1097 -56.68 -52.35 101.20
CA THR H 1097 -55.60 -53.25 100.80
C THR H 1097 -55.95 -54.11 99.60
N GLY H 1098 -56.98 -53.74 98.83
CA GLY H 1098 -57.45 -54.57 97.74
C GLY H 1098 -56.70 -54.35 96.45
N GLU H 1099 -57.44 -54.48 95.35
CA GLU H 1099 -56.86 -54.45 94.01
C GLU H 1099 -56.78 -53.00 93.53
N MET H 1100 -55.63 -52.37 93.73
CA MET H 1100 -55.39 -51.03 93.23
C MET H 1100 -54.01 -51.00 92.58
N ARG H 1101 -53.91 -50.28 91.47
CA ARG H 1101 -52.67 -50.16 90.73
C ARG H 1101 -52.32 -48.69 90.59
N VAL H 1102 -51.03 -48.38 90.63
CA VAL H 1102 -50.57 -47.00 90.60
C VAL H 1102 -49.24 -46.94 89.85
N GLY H 1103 -49.04 -45.88 89.08
CA GLY H 1103 -47.82 -45.75 88.32
C GLY H 1103 -47.84 -44.61 87.33
N TRP H 1104 -47.30 -44.84 86.14
CA TRP H 1104 -47.20 -43.81 85.11
C TRP H 1104 -47.81 -44.32 83.83
N ALA H 1105 -48.54 -43.46 83.14
CA ALA H 1105 -49.29 -43.83 81.94
C ALA H 1105 -49.03 -42.82 80.85
N ARG H 1106 -49.20 -43.27 79.61
CA ARG H 1106 -49.07 -42.39 78.47
C ARG H 1106 -50.37 -41.63 78.23
N PRO H 1107 -50.29 -40.48 77.58
CA PRO H 1107 -51.49 -39.65 77.41
C PRO H 1107 -52.63 -40.34 76.71
N GLU H 1108 -52.34 -41.19 75.74
CA GLU H 1108 -53.36 -41.89 74.97
C GLU H 1108 -53.84 -43.16 75.67
N LEU H 1109 -53.73 -43.21 76.99
CA LEU H 1109 -54.19 -44.37 77.74
C LEU H 1109 -55.67 -44.63 77.46
N ARG H 1110 -56.00 -45.88 77.29
CA ARG H 1110 -57.35 -46.29 76.95
C ARG H 1110 -58.17 -46.50 78.21
N PRO H 1111 -59.43 -46.05 78.26
CA PRO H 1111 -60.18 -46.11 79.53
C PRO H 1111 -60.71 -47.48 79.87
N ASP H 1112 -60.89 -48.37 78.90
CA ASP H 1112 -61.55 -49.64 79.12
C ASP H 1112 -60.59 -50.82 79.23
N VAL H 1113 -59.30 -50.55 79.43
CA VAL H 1113 -58.29 -51.59 79.53
C VAL H 1113 -57.64 -51.50 80.90
N GLU H 1114 -57.43 -52.66 81.52
CA GLU H 1114 -56.75 -52.70 82.81
C GLU H 1114 -55.36 -52.09 82.70
N LEU H 1115 -54.97 -51.35 83.74
CA LEU H 1115 -53.67 -50.71 83.74
C LEU H 1115 -52.56 -51.75 83.65
N GLY H 1116 -51.64 -51.54 82.70
CA GLY H 1116 -50.51 -52.41 82.55
C GLY H 1116 -50.75 -53.65 81.71
N ALA H 1117 -52.00 -53.91 81.32
CA ALA H 1117 -52.25 -55.03 80.42
C ALA H 1117 -51.80 -54.73 79.00
N ASP H 1118 -51.54 -53.47 78.69
CA ASP H 1118 -51.04 -53.06 77.39
C ASP H 1118 -49.76 -52.27 77.54
N GLU H 1119 -49.33 -51.59 76.49
CA GLU H 1119 -48.06 -50.88 76.49
C GLU H 1119 -48.20 -49.42 76.89
N LEU H 1120 -49.36 -49.00 77.36
CA LEU H 1120 -49.61 -47.60 77.66
C LEU H 1120 -49.50 -47.25 79.14
N ALA H 1121 -49.03 -48.17 79.97
CA ALA H 1121 -48.93 -47.88 81.39
C ALA H 1121 -47.85 -48.75 82.04
N TYR H 1122 -47.16 -48.17 83.01
CA TYR H 1122 -46.18 -48.85 83.84
C TYR H 1122 -46.64 -48.68 85.29
N VAL H 1123 -47.32 -49.67 85.83
CA VAL H 1123 -47.98 -49.53 87.12
C VAL H 1123 -47.52 -50.66 88.05
N PHE H 1124 -47.80 -50.47 89.34
CA PHE H 1124 -47.45 -51.43 90.37
C PHE H 1124 -48.71 -51.84 91.11
N ASN H 1125 -49.00 -53.13 91.09
CA ASN H 1125 -50.16 -53.69 91.78
C ASN H 1125 -49.72 -54.18 93.15
N GLY H 1126 -50.03 -53.39 94.17
CA GLY H 1126 -49.61 -53.72 95.51
C GLY H 1126 -50.44 -54.73 96.24
N HIS H 1127 -51.51 -55.23 95.61
CA HIS H 1127 -52.34 -56.23 96.29
C HIS H 1127 -51.57 -57.52 96.53
N ARG H 1128 -50.78 -57.95 95.54
CA ARG H 1128 -50.04 -59.20 95.63
C ARG H 1128 -48.59 -59.02 95.17
N GLY H 1129 -48.16 -57.79 94.97
CA GLY H 1129 -46.78 -57.53 94.59
C GLY H 1129 -46.47 -57.85 93.15
N GLN H 1130 -47.06 -57.11 92.23
CA GLN H 1130 -46.80 -57.30 90.81
C GLN H 1130 -46.53 -55.95 90.16
N ARG H 1131 -45.74 -55.97 89.09
CA ARG H 1131 -45.56 -54.82 88.24
C ARG H 1131 -46.15 -55.14 86.87
N TRP H 1132 -46.89 -54.20 86.31
CA TRP H 1132 -47.69 -54.45 85.12
C TRP H 1132 -47.20 -53.59 83.97
N HIS H 1133 -46.78 -54.23 82.88
CA HIS H 1133 -46.56 -53.55 81.61
C HIS H 1133 -46.56 -54.64 80.55
N LEU H 1134 -47.58 -54.65 79.69
CA LEU H 1134 -47.77 -55.71 78.72
C LEU H 1134 -47.81 -57.08 79.39
N GLY H 1135 -48.37 -57.12 80.60
CA GLY H 1135 -48.43 -58.32 81.38
C GLY H 1135 -47.98 -58.08 82.80
N SER H 1136 -47.98 -59.16 83.58
CA SER H 1136 -47.67 -59.11 85.00
C SER H 1136 -46.45 -59.96 85.30
N GLU H 1137 -45.65 -59.50 86.25
CA GLU H 1137 -44.52 -60.25 86.78
C GLU H 1137 -44.31 -59.85 88.23
N PRO H 1138 -43.85 -60.77 89.08
CA PRO H 1138 -43.74 -60.48 90.51
C PRO H 1138 -42.77 -59.34 90.76
N PHE H 1139 -43.09 -58.51 91.77
CA PHE H 1139 -42.27 -57.36 92.09
C PHE H 1139 -42.68 -56.83 93.46
N GLY H 1140 -41.71 -56.61 94.33
CA GLY H 1140 -42.02 -56.01 95.61
C GLY H 1140 -42.82 -56.95 96.50
N ARG H 1141 -43.47 -56.35 97.49
CA ARG H 1141 -44.26 -57.08 98.46
C ARG H 1141 -45.62 -56.42 98.61
N PRO H 1142 -46.63 -57.16 99.07
CA PRO H 1142 -47.96 -56.57 99.22
C PRO H 1142 -47.98 -55.48 100.29
N TRP H 1143 -48.90 -54.53 100.11
CA TRP H 1143 -49.05 -53.42 101.03
C TRP H 1143 -50.07 -53.75 102.11
N GLN H 1144 -50.17 -52.85 103.09
CA GLN H 1144 -51.15 -52.94 104.15
C GLN H 1144 -51.91 -51.63 104.22
N SER H 1145 -52.89 -51.57 105.12
CA SER H 1145 -53.70 -50.37 105.25
C SER H 1145 -52.84 -49.21 105.74
N GLY H 1146 -52.91 -48.09 105.04
CA GLY H 1146 -52.14 -46.92 105.39
C GLY H 1146 -50.77 -46.85 104.77
N ASP H 1147 -50.34 -47.86 104.04
CA ASP H 1147 -49.05 -47.81 103.38
C ASP H 1147 -49.05 -46.77 102.28
N VAL H 1148 -47.92 -46.09 102.11
CA VAL H 1148 -47.76 -45.04 101.11
C VAL H 1148 -46.78 -45.53 100.05
N VAL H 1149 -47.20 -45.46 98.80
CA VAL H 1149 -46.38 -45.90 97.68
C VAL H 1149 -45.83 -44.65 96.99
N GLY H 1150 -44.50 -44.56 96.91
CA GLY H 1150 -43.87 -43.45 96.23
C GLY H 1150 -43.45 -43.81 94.84
N CYS H 1151 -44.06 -43.19 93.83
CA CYS H 1151 -43.77 -43.50 92.44
C CYS H 1151 -42.85 -42.44 91.86
N MET H 1152 -41.69 -42.87 91.37
CA MET H 1152 -40.72 -41.97 90.78
C MET H 1152 -40.46 -42.36 89.33
N ILE H 1153 -40.32 -41.37 88.47
CA ILE H 1153 -39.92 -41.57 87.09
C ILE H 1153 -38.69 -40.71 86.82
N ASP H 1154 -37.69 -41.30 86.20
CA ASP H 1154 -36.43 -40.63 85.89
C ASP H 1154 -36.30 -40.63 84.37
N LEU H 1155 -36.65 -39.53 83.73
CA LEU H 1155 -36.58 -39.45 82.29
C LEU H 1155 -35.20 -39.11 81.78
N THR H 1156 -34.24 -38.87 82.67
CA THR H 1156 -32.84 -38.81 82.28
C THR H 1156 -32.21 -40.19 82.14
N GLU H 1157 -32.60 -41.14 82.99
CA GLU H 1157 -32.10 -42.50 82.93
C GLU H 1157 -33.11 -43.48 82.35
N ASN H 1158 -34.33 -43.02 82.06
CA ASN H 1158 -35.38 -43.87 81.49
C ASN H 1158 -35.68 -45.06 82.40
N THR H 1159 -35.97 -44.75 83.67
CA THR H 1159 -36.25 -45.77 84.67
C THR H 1159 -37.44 -45.37 85.51
N ILE H 1160 -38.07 -46.35 86.13
CA ILE H 1160 -39.20 -46.14 87.04
C ILE H 1160 -38.92 -46.88 88.34
N ILE H 1161 -39.06 -46.18 89.46
CA ILE H 1161 -38.76 -46.72 90.77
C ILE H 1161 -40.00 -46.62 91.64
N PHE H 1162 -40.30 -47.68 92.38
CA PHE H 1162 -41.40 -47.69 93.33
C PHE H 1162 -40.85 -47.94 94.73
N THR H 1163 -41.37 -47.21 95.71
CA THR H 1163 -41.00 -47.40 97.10
C THR H 1163 -42.25 -47.56 97.96
N LEU H 1164 -42.15 -48.44 98.95
CA LEU H 1164 -43.22 -48.69 99.91
C LEU H 1164 -42.75 -48.22 101.27
N ASN H 1165 -43.41 -47.17 101.79
CA ASN H 1165 -43.05 -46.60 103.08
C ASN H 1165 -41.58 -46.17 103.12
N GLY H 1166 -41.11 -45.59 102.02
CA GLY H 1166 -39.76 -45.10 101.95
C GLY H 1166 -38.70 -46.11 101.62
N GLU H 1167 -39.07 -47.39 101.50
CA GLU H 1167 -38.14 -48.45 101.17
C GLU H 1167 -38.31 -48.84 99.72
N VAL H 1168 -37.21 -48.84 98.97
CA VAL H 1168 -37.28 -49.12 97.55
C VAL H 1168 -37.69 -50.57 97.33
N LEU H 1169 -38.71 -50.78 96.51
CA LEU H 1169 -39.13 -52.12 96.16
C LEU H 1169 -38.18 -52.71 95.12
N MET H 1170 -37.91 -54.00 95.27
CA MET H 1170 -36.97 -54.70 94.40
C MET H 1170 -37.65 -55.90 93.79
N SER H 1171 -37.15 -56.32 92.62
CA SER H 1171 -37.68 -57.49 91.94
C SER H 1171 -37.12 -58.75 92.58
N ASP H 1172 -37.34 -59.90 91.94
CA ASP H 1172 -36.77 -61.14 92.44
C ASP H 1172 -35.32 -61.25 91.99
N SER H 1173 -34.58 -60.17 92.19
CA SER H 1173 -33.17 -60.04 91.83
C SER H 1173 -32.69 -58.76 92.49
N GLY H 1174 -31.45 -58.37 92.19
CA GLY H 1174 -30.94 -57.14 92.76
C GLY H 1174 -31.41 -55.88 92.10
N SER H 1175 -32.32 -55.98 91.13
CA SER H 1175 -32.77 -54.83 90.37
C SER H 1175 -33.52 -53.86 91.27
N GLU H 1176 -33.05 -52.62 91.34
CA GLU H 1176 -33.64 -51.60 92.18
C GLU H 1176 -34.65 -50.74 91.42
N THR H 1177 -34.84 -50.97 90.13
CA THR H 1177 -35.77 -50.22 89.32
C THR H 1177 -36.84 -51.15 88.75
N ALA H 1178 -38.10 -50.73 88.87
CA ALA H 1178 -39.20 -51.56 88.38
C ALA H 1178 -39.15 -51.72 86.87
N PHE H 1179 -38.87 -50.63 86.16
CA PHE H 1179 -38.81 -50.66 84.72
C PHE H 1179 -37.58 -49.89 84.26
N ARG H 1180 -37.07 -50.24 83.10
CA ARG H 1180 -35.85 -49.64 82.59
C ARG H 1180 -35.98 -49.45 81.08
N GLU H 1181 -35.03 -48.70 80.52
CA GLU H 1181 -34.96 -48.39 79.09
C GLU H 1181 -36.34 -48.08 78.51
N ILE H 1182 -37.08 -47.22 79.20
CA ILE H 1182 -38.40 -46.82 78.73
C ILE H 1182 -38.24 -45.66 77.76
N GLU H 1183 -38.88 -45.77 76.59
CA GLU H 1183 -38.86 -44.69 75.62
C GLU H 1183 -39.78 -43.57 76.07
N ILE H 1184 -39.28 -42.34 76.00
CA ILE H 1184 -40.08 -41.19 76.41
C ILE H 1184 -41.26 -41.01 75.46
N GLY H 1185 -40.98 -40.75 74.20
CA GLY H 1185 -42.05 -40.60 73.23
C GLY H 1185 -42.95 -39.44 73.56
N ASP H 1186 -44.24 -39.74 73.70
CA ASP H 1186 -45.23 -38.70 73.92
C ASP H 1186 -45.19 -38.15 75.35
N GLY H 1187 -44.74 -38.94 76.31
CA GLY H 1187 -44.60 -38.48 77.67
C GLY H 1187 -45.36 -39.38 78.62
N PHE H 1188 -45.42 -38.97 79.88
CA PHE H 1188 -46.01 -39.79 80.92
C PHE H 1188 -46.88 -38.94 81.83
N LEU H 1189 -47.86 -39.59 82.46
CA LEU H 1189 -48.79 -38.99 83.38
C LEU H 1189 -48.95 -39.90 84.60
N PRO H 1190 -49.16 -39.33 85.78
CA PRO H 1190 -49.53 -40.17 86.93
C PRO H 1190 -50.90 -40.79 86.72
N VAL H 1191 -51.08 -41.99 87.24
CA VAL H 1191 -52.30 -42.75 87.03
C VAL H 1191 -52.51 -43.69 88.21
N CYS H 1192 -53.77 -43.98 88.50
CA CYS H 1192 -54.12 -44.97 89.50
C CYS H 1192 -55.49 -45.54 89.16
N SER H 1193 -55.66 -46.82 89.46
CA SER H 1193 -56.93 -47.50 89.26
C SER H 1193 -57.36 -48.13 90.56
N LEU H 1194 -58.66 -48.08 90.85
CA LEU H 1194 -59.21 -48.67 92.06
C LEU H 1194 -60.24 -49.71 91.67
N GLY H 1195 -60.14 -50.88 92.30
CA GLY H 1195 -61.11 -51.93 92.09
C GLY H 1195 -62.35 -51.69 92.93
N PRO H 1196 -63.28 -52.63 92.90
CA PRO H 1196 -64.54 -52.45 93.63
C PRO H 1196 -64.31 -52.38 95.13
N GLY H 1197 -64.91 -51.37 95.76
CA GLY H 1197 -64.81 -51.22 97.20
C GLY H 1197 -63.48 -50.76 97.71
N GLN H 1198 -62.66 -50.15 96.85
CA GLN H 1198 -61.32 -49.71 97.23
C GLN H 1198 -61.27 -48.20 97.39
N VAL H 1199 -60.44 -47.75 98.32
CA VAL H 1199 -60.25 -46.33 98.61
C VAL H 1199 -58.76 -46.04 98.60
N GLY H 1200 -58.37 -44.96 97.92
CA GLY H 1200 -56.98 -44.57 97.87
C GLY H 1200 -56.85 -43.07 97.84
N HIS H 1201 -55.73 -42.59 98.39
CA HIS H 1201 -55.43 -41.17 98.45
C HIS H 1201 -54.24 -40.89 97.55
N LEU H 1202 -54.41 -39.98 96.61
CA LEU H 1202 -53.36 -39.62 95.65
C LEU H 1202 -52.81 -38.26 96.02
N ASN H 1203 -51.49 -38.18 96.23
CA ASN H 1203 -50.83 -36.94 96.60
C ASN H 1203 -49.81 -36.62 95.52
N LEU H 1204 -50.12 -35.63 94.69
CA LEU H 1204 -49.22 -35.23 93.62
C LEU H 1204 -48.21 -34.18 94.07
N GLY H 1205 -48.14 -33.90 95.36
CA GLY H 1205 -47.07 -33.08 95.89
C GLY H 1205 -47.20 -31.60 95.65
N GLN H 1206 -48.42 -31.07 95.57
CA GLN H 1206 -48.57 -29.62 95.49
C GLN H 1206 -48.07 -28.97 96.77
N ASP H 1207 -48.32 -29.59 97.91
CA ASP H 1207 -47.80 -29.14 99.20
C ASP H 1207 -46.69 -30.11 99.59
N VAL H 1208 -45.43 -29.67 99.43
CA VAL H 1208 -44.30 -30.55 99.65
C VAL H 1208 -44.24 -31.04 101.09
N SER H 1209 -44.76 -30.25 102.02
CA SER H 1209 -44.76 -30.67 103.41
C SER H 1209 -45.78 -31.77 103.68
N SER H 1210 -46.77 -31.95 102.80
CA SER H 1210 -47.76 -32.99 102.99
C SER H 1210 -47.21 -34.38 102.69
N LEU H 1211 -46.20 -34.46 101.84
CA LEU H 1211 -45.61 -35.75 101.49
C LEU H 1211 -44.99 -36.40 102.73
N ARG H 1212 -45.15 -37.71 102.84
CA ARG H 1212 -44.77 -38.42 104.06
C ARG H 1212 -43.44 -39.14 103.97
N PHE H 1213 -43.02 -39.56 102.78
CA PHE H 1213 -41.75 -40.25 102.62
C PHE H 1213 -40.88 -39.65 101.53
N PHE H 1214 -41.16 -38.41 101.12
CA PHE H 1214 -40.36 -37.77 100.10
C PHE H 1214 -38.96 -37.44 100.62
N ALA H 1215 -38.86 -36.97 101.86
CA ALA H 1215 -37.56 -36.67 102.43
C ALA H 1215 -36.76 -37.93 102.71
N ILE H 1216 -37.44 -39.01 103.11
CA ILE H 1216 -36.74 -40.25 103.43
C ILE H 1216 -36.12 -40.86 102.19
N CYS H 1217 -36.86 -40.89 101.09
CA CYS H 1217 -36.35 -41.46 99.84
C CYS H 1217 -36.97 -40.69 98.68
N GLY H 1218 -36.14 -40.06 97.88
CA GLY H 1218 -36.61 -39.33 96.72
C GLY H 1218 -36.09 -37.91 96.66
N LEU H 1219 -36.02 -37.23 97.80
CA LEU H 1219 -35.58 -35.84 97.81
C LEU H 1219 -34.10 -35.73 97.46
N GLN H 1220 -33.26 -36.50 98.13
CA GLN H 1220 -31.82 -36.38 97.93
C GLN H 1220 -31.37 -36.91 96.57
N GLU H 1221 -32.18 -37.72 95.92
CA GLU H 1221 -31.83 -38.26 94.62
C GLU H 1221 -32.12 -37.30 93.48
N GLY H 1222 -32.70 -36.13 93.77
CA GLY H 1222 -32.97 -35.16 92.75
C GLY H 1222 -34.36 -35.21 92.16
N PHE H 1223 -35.28 -35.94 92.78
CA PHE H 1223 -36.65 -36.01 92.28
C PHE H 1223 -37.48 -34.87 92.85
N GLU H 1224 -38.35 -34.33 92.01
CA GLU H 1224 -39.24 -33.26 92.41
C GLU H 1224 -40.67 -33.76 92.49
N PRO H 1225 -41.48 -33.23 93.41
CA PRO H 1225 -42.89 -33.57 93.43
C PRO H 1225 -43.55 -33.16 92.12
N PHE H 1226 -44.50 -33.97 91.68
CA PHE H 1226 -45.05 -33.79 90.34
C PHE H 1226 -45.71 -32.42 90.17
N ALA H 1227 -46.25 -31.86 91.24
CA ALA H 1227 -46.95 -30.59 91.17
C ALA H 1227 -46.33 -29.58 92.12
N ILE H 1228 -45.00 -29.49 92.12
CA ILE H 1228 -44.32 -28.73 93.16
C ILE H 1228 -44.63 -27.24 93.05
N ASN H 1229 -44.53 -26.68 91.85
CA ASN H 1229 -44.82 -25.26 91.65
C ASN H 1229 -46.08 -25.18 90.79
N MET H 1230 -47.23 -25.24 91.45
CA MET H 1230 -48.51 -25.17 90.78
C MET H 1230 -49.50 -24.54 91.74
N GLN H 1231 -50.27 -23.58 91.25
CA GLN H 1231 -51.24 -22.89 92.09
CA GLN H 1231 -51.24 -22.90 92.09
C GLN H 1231 -52.47 -23.77 92.31
N ARG H 1232 -53.17 -24.09 91.25
CA ARG H 1232 -54.36 -24.90 91.38
C ARG H 1232 -53.99 -26.38 91.44
N PRO H 1233 -54.78 -27.19 92.14
CA PRO H 1233 -54.53 -28.63 92.15
C PRO H 1233 -54.65 -29.20 90.75
N VAL H 1234 -53.89 -30.27 90.50
CA VAL H 1234 -53.84 -30.85 89.17
C VAL H 1234 -55.21 -31.41 88.81
N THR H 1235 -55.70 -31.03 87.63
CA THR H 1235 -56.96 -31.56 87.13
C THR H 1235 -56.81 -33.03 86.81
N THR H 1236 -57.75 -33.83 87.27
CA THR H 1236 -57.75 -35.26 87.05
C THR H 1236 -58.96 -35.67 86.23
N TRP H 1237 -58.76 -36.63 85.33
CA TRP H 1237 -59.83 -37.23 84.56
C TRP H 1237 -60.01 -38.67 85.04
N PHE H 1238 -61.25 -39.15 85.01
CA PHE H 1238 -61.54 -40.51 85.43
C PHE H 1238 -62.34 -41.23 84.36
N SER H 1239 -62.29 -42.55 84.40
CA SER H 1239 -63.00 -43.38 83.42
C SER H 1239 -64.44 -43.55 83.88
N LYS H 1240 -65.37 -42.96 83.14
CA LYS H 1240 -66.78 -43.01 83.47
C LYS H 1240 -67.41 -44.21 82.78
N SER H 1241 -67.93 -45.14 83.55
CA SER H 1241 -68.55 -46.34 83.00
C SER H 1241 -70.00 -46.10 82.63
N LEU H 1242 -70.23 -45.06 81.84
CA LEU H 1242 -71.54 -44.79 81.26
C LEU H 1242 -71.45 -45.01 79.76
N PRO H 1243 -72.13 -46.02 79.21
CA PRO H 1243 -72.01 -46.28 77.77
C PRO H 1243 -72.46 -45.10 76.94
N GLN H 1244 -71.70 -44.81 75.88
CA GLN H 1244 -71.98 -43.71 74.98
C GLN H 1244 -71.77 -44.19 73.56
N PHE H 1245 -72.41 -43.52 72.62
CA PHE H 1245 -72.29 -43.85 71.21
C PHE H 1245 -71.17 -43.04 70.58
N GLU H 1246 -70.23 -43.71 69.95
CA GLU H 1246 -69.11 -43.07 69.27
C GLU H 1246 -68.97 -43.66 67.88
N PRO H 1247 -68.41 -42.89 66.94
CA PRO H 1247 -68.23 -43.41 65.59
C PRO H 1247 -67.32 -44.63 65.60
N VAL H 1248 -67.62 -45.58 64.71
CA VAL H 1248 -66.80 -46.77 64.58
C VAL H 1248 -65.42 -46.34 64.10
N PRO H 1249 -64.35 -46.66 64.82
CA PRO H 1249 -63.03 -46.25 64.40
C PRO H 1249 -62.69 -46.82 63.03
N PRO H 1250 -62.02 -46.04 62.19
CA PRO H 1250 -61.65 -46.57 60.86
C PRO H 1250 -60.69 -47.73 60.91
N GLU H 1251 -59.96 -47.90 62.01
CA GLU H 1251 -58.99 -48.99 62.14
C GLU H 1251 -59.42 -50.02 63.18
N HIS H 1252 -60.73 -50.16 63.37
CA HIS H 1252 -61.20 -51.13 64.36
C HIS H 1252 -60.81 -52.53 63.93
N PRO H 1253 -60.21 -53.33 64.81
CA PRO H 1253 -59.71 -54.65 64.40
C PRO H 1253 -60.80 -55.60 63.94
N HIS H 1254 -62.04 -55.44 64.39
CA HIS H 1254 -63.08 -56.42 64.14
C HIS H 1254 -64.24 -55.91 63.31
N TYR H 1255 -64.57 -54.63 63.38
CA TYR H 1255 -65.76 -54.09 62.74
C TYR H 1255 -65.35 -53.13 61.64
N GLU H 1256 -65.96 -53.29 60.46
CA GLU H 1256 -65.68 -52.45 59.32
C GLU H 1256 -67.00 -51.98 58.73
N VAL H 1257 -67.09 -50.69 58.43
CA VAL H 1257 -68.29 -50.08 57.88
C VAL H 1257 -67.96 -49.55 56.49
N ALA H 1258 -68.72 -49.97 55.50
CA ALA H 1258 -68.52 -49.56 54.12
C ALA H 1258 -69.69 -48.70 53.67
N ARG H 1259 -69.40 -47.51 53.16
CA ARG H 1259 -70.42 -46.61 52.65
C ARG H 1259 -70.67 -46.94 51.19
N MET H 1260 -71.78 -47.62 50.92
CA MET H 1260 -72.13 -48.04 49.58
C MET H 1260 -72.96 -46.95 48.91
N ASP H 1261 -72.54 -46.53 47.71
CA ASP H 1261 -73.25 -45.51 46.99
C ASP H 1261 -74.57 -46.04 46.45
N GLY H 1262 -75.46 -45.13 46.11
CA GLY H 1262 -76.75 -45.52 45.58
C GLY H 1262 -76.71 -45.81 44.09
N THR H 1263 -77.03 -47.04 43.71
CA THR H 1263 -77.04 -47.43 42.32
C THR H 1263 -78.42 -47.14 41.72
N VAL H 1264 -78.67 -47.67 40.52
CA VAL H 1264 -79.96 -47.44 39.87
C VAL H 1264 -81.06 -48.19 40.60
N ASP H 1265 -80.77 -49.41 41.05
CA ASP H 1265 -81.77 -50.25 41.69
C ASP H 1265 -81.64 -50.29 43.21
N THR H 1266 -80.63 -49.65 43.78
CA THR H 1266 -80.44 -49.67 45.21
C THR H 1266 -80.26 -48.27 45.74
N PRO H 1267 -80.65 -48.02 47.00
CA PRO H 1267 -80.41 -46.72 47.60
C PRO H 1267 -79.03 -46.69 48.24
N PRO H 1268 -78.59 -45.52 48.72
CA PRO H 1268 -77.33 -45.48 49.48
C PRO H 1268 -77.43 -46.34 50.73
N CYS H 1269 -76.31 -46.96 51.09
CA CYS H 1269 -76.31 -47.93 52.18
C CYS H 1269 -75.08 -47.75 53.03
N LEU H 1270 -75.15 -48.29 54.25
CA LEU H 1270 -74.03 -48.32 55.19
C LEU H 1270 -73.92 -49.76 55.67
N ARG H 1271 -72.95 -50.49 55.14
CA ARG H 1271 -72.85 -51.92 55.37
C ARG H 1271 -71.81 -52.23 56.44
N LEU H 1272 -72.18 -53.11 57.36
CA LEU H 1272 -71.30 -53.56 58.43
C LEU H 1272 -70.76 -54.93 58.09
N ALA H 1273 -69.46 -55.11 58.27
CA ALA H 1273 -68.80 -56.39 58.02
C ALA H 1273 -67.90 -56.73 59.19
N HIS H 1274 -67.81 -58.02 59.49
CA HIS H 1274 -66.95 -58.51 60.57
C HIS H 1274 -65.60 -58.84 59.96
N ARG H 1275 -64.56 -58.11 60.37
CA ARG H 1275 -63.26 -58.27 59.76
C ARG H 1275 -62.67 -59.64 59.99
N THR H 1276 -62.76 -60.15 61.22
CA THR H 1276 -62.03 -61.35 61.61
C THR H 1276 -62.94 -62.56 61.81
N TRP H 1277 -64.10 -62.58 61.16
CA TRP H 1277 -65.06 -63.64 61.41
C TRP H 1277 -64.48 -65.00 61.02
N GLY H 1278 -64.67 -65.98 61.90
CA GLY H 1278 -64.23 -67.33 61.67
C GLY H 1278 -62.82 -67.63 62.17
N SER H 1279 -61.92 -66.67 62.07
CA SER H 1279 -60.53 -66.92 62.46
C SER H 1279 -60.40 -66.97 63.98
N GLN H 1280 -59.23 -67.40 64.42
CA GLN H 1280 -58.90 -67.38 65.85
C GLN H 1280 -58.86 -65.93 66.33
N ASN H 1281 -59.17 -65.75 67.61
CA ASN H 1281 -59.15 -64.47 68.32
C ASN H 1281 -60.25 -63.52 67.86
N SER H 1282 -61.17 -63.97 67.01
CA SER H 1282 -62.28 -63.14 66.61
C SER H 1282 -63.14 -62.79 67.81
N LEU H 1283 -63.67 -61.56 67.81
CA LEU H 1283 -64.50 -61.07 68.89
C LEU H 1283 -65.95 -61.11 68.45
N VAL H 1284 -66.76 -61.92 69.14
CA VAL H 1284 -68.17 -62.09 68.82
C VAL H 1284 -68.97 -61.75 70.07
N GLU H 1285 -69.64 -60.61 70.06
CA GLU H 1285 -70.43 -60.16 71.20
C GLU H 1285 -71.48 -59.20 70.69
N MET H 1286 -72.49 -58.93 71.53
CA MET H 1286 -73.60 -58.09 71.11
C MET H 1286 -73.08 -56.72 70.73
N LEU H 1287 -73.55 -56.22 69.59
CA LEU H 1287 -73.10 -54.95 69.02
C LEU H 1287 -74.27 -54.00 68.95
N PHE H 1288 -74.07 -52.79 69.45
CA PHE H 1288 -75.12 -51.77 69.50
C PHE H 1288 -74.75 -50.66 68.54
N LEU H 1289 -75.55 -50.47 67.49
CA LEU H 1289 -75.27 -49.50 66.46
C LEU H 1289 -76.42 -48.50 66.36
N ARG H 1290 -76.09 -47.27 65.98
CA ARG H 1290 -77.08 -46.26 65.69
C ARG H 1290 -76.50 -45.29 64.67
N LEU H 1291 -77.38 -44.56 64.00
CA LEU H 1291 -76.95 -43.55 63.07
C LEU H 1291 -76.71 -42.23 63.78
N SER H 1292 -75.81 -41.42 63.22
CA SER H 1292 -75.30 -40.27 63.94
C SER H 1292 -76.30 -39.14 64.06
N LEU H 1293 -77.40 -39.18 63.33
CA LEU H 1293 -78.32 -38.05 63.38
C LEU H 1293 -79.74 -38.52 63.67
N PRO H 1294 -80.51 -37.75 64.41
CA PRO H 1294 -81.87 -38.16 64.77
C PRO H 1294 -82.92 -37.63 63.80
N VAL H 1295 -84.14 -38.14 63.97
CA VAL H 1295 -85.33 -37.59 63.35
C VAL H 1295 -86.20 -37.03 64.47
N GLN H 1296 -86.63 -35.79 64.33
CA GLN H 1296 -87.33 -35.08 65.38
C GLN H 1296 -88.82 -34.98 65.05
N PHE H 1297 -89.65 -35.47 65.95
CA PHE H 1297 -91.09 -35.36 65.76
C PHE H 1297 -91.54 -33.91 65.91
N HIS H 1298 -92.63 -33.59 65.24
CA HIS H 1298 -93.08 -32.21 65.14
C HIS H 1298 -93.51 -31.69 66.50
N GLN H 1299 -93.55 -30.36 66.61
CA GLN H 1299 -93.90 -29.73 67.87
C GLN H 1299 -95.35 -30.01 68.23
N HIS H 1300 -96.25 -29.97 67.25
CA HIS H 1300 -97.66 -30.21 67.47
C HIS H 1300 -98.14 -31.29 66.51
N PHE H 1301 -99.01 -32.16 67.00
CA PHE H 1301 -99.51 -33.27 66.20
C PHE H 1301 -100.80 -32.89 65.48
N ARG H 1302 -101.00 -33.48 64.31
CA ARG H 1302 -102.23 -33.27 63.57
C ARG H 1302 -103.42 -33.79 64.35
N CYS H 1303 -104.50 -33.02 64.33
CA CYS H 1303 -105.70 -33.40 65.06
C CYS H 1303 -106.32 -34.66 64.48
N THR H 1304 -106.76 -35.55 65.36
CA THR H 1304 -107.37 -36.81 64.99
C THR H 1304 -106.46 -37.64 64.08
N ASP H 1419 -95.12 -47.30 36.42
CA ASP H 1419 -95.82 -47.56 37.66
C ASP H 1419 -94.87 -47.40 38.86
N ASN H 1420 -95.43 -47.47 40.06
CA ASN H 1420 -94.66 -47.28 41.30
C ASN H 1420 -93.91 -45.94 41.28
N ARG H 1421 -94.60 -44.92 40.79
CA ARG H 1421 -94.06 -43.56 40.75
C ARG H 1421 -94.80 -42.69 41.74
N ASP H 1422 -94.06 -41.89 42.49
CA ASP H 1422 -94.66 -41.07 43.54
C ASP H 1422 -95.56 -40.00 42.95
N ASP H 1423 -96.70 -39.78 43.59
CA ASP H 1423 -97.57 -38.67 43.21
C ASP H 1423 -96.95 -37.41 43.77
N PRO H 1424 -96.72 -36.38 42.95
CA PRO H 1424 -96.01 -35.19 43.46
C PRO H 1424 -96.70 -34.48 44.61
N GLU H 1425 -98.00 -34.21 44.51
CA GLU H 1425 -98.66 -33.44 45.57
C GLU H 1425 -98.67 -34.22 46.88
N ILE H 1426 -98.75 -35.54 46.81
CA ILE H 1426 -98.67 -36.35 48.02
C ILE H 1426 -97.25 -36.33 48.59
N ILE H 1427 -96.25 -36.51 47.73
CA ILE H 1427 -94.89 -36.65 48.22
C ILE H 1427 -94.37 -35.34 48.80
N LEU H 1428 -94.82 -34.20 48.28
CA LEU H 1428 -94.39 -32.93 48.85
C LEU H 1428 -95.23 -32.51 50.06
N ASN H 1429 -96.24 -33.29 50.43
CA ASN H 1429 -97.06 -32.97 51.59
C ASN H 1429 -97.04 -34.05 52.66
N THR H 1430 -96.37 -35.17 52.43
CA THR H 1430 -96.37 -36.25 53.40
C THR H 1430 -95.45 -35.93 54.57
N THR H 1431 -95.72 -36.57 55.70
CA THR H 1431 -94.87 -36.48 56.88
C THR H 1431 -94.35 -37.85 57.31
N THR H 1432 -94.44 -38.84 56.44
CA THR H 1432 -93.97 -40.19 56.73
C THR H 1432 -92.59 -40.39 56.14
N TYR H 1433 -91.68 -40.95 56.92
CA TYR H 1433 -90.31 -41.15 56.51
C TYR H 1433 -89.95 -42.61 56.73
N TYR H 1434 -89.04 -43.11 55.90
CA TYR H 1434 -88.78 -44.54 55.82
C TYR H 1434 -87.28 -44.80 55.84
N TYR H 1435 -86.91 -45.91 56.47
CA TYR H 1435 -85.58 -46.47 56.31
C TYR H 1435 -85.66 -47.95 56.61
N SER H 1436 -84.81 -48.73 55.98
CA SER H 1436 -84.88 -50.18 56.08
C SER H 1436 -83.52 -50.75 56.41
N VAL H 1437 -83.52 -51.92 57.02
CA VAL H 1437 -82.31 -52.63 57.40
C VAL H 1437 -82.34 -54.00 56.74
N ARG H 1438 -81.28 -54.34 56.01
CA ARG H 1438 -81.18 -55.61 55.32
C ARG H 1438 -80.29 -56.53 56.14
N VAL H 1439 -80.86 -57.65 56.60
CA VAL H 1439 -80.12 -58.66 57.32
C VAL H 1439 -79.67 -59.70 56.30
N PHE H 1440 -78.36 -59.76 56.04
CA PHE H 1440 -77.85 -60.62 54.98
C PHE H 1440 -78.06 -62.09 55.33
N ALA H 1441 -78.15 -62.90 54.27
CA ALA H 1441 -78.24 -64.34 54.46
C ALA H 1441 -77.00 -64.87 55.14
N GLY H 1442 -77.19 -65.72 56.15
CA GLY H 1442 -76.13 -66.19 57.00
C GLY H 1442 -76.14 -65.54 58.37
N GLN H 1443 -76.57 -64.29 58.46
CA GLN H 1443 -76.78 -63.64 59.74
C GLN H 1443 -78.13 -64.06 60.29
N GLU H 1444 -78.14 -64.60 61.49
CA GLU H 1444 -79.37 -65.13 62.06
C GLU H 1444 -80.32 -63.99 62.40
N PRO H 1445 -81.56 -64.00 61.89
CA PRO H 1445 -82.51 -62.96 62.30
C PRO H 1445 -82.82 -62.99 63.77
N SER H 1446 -82.64 -64.13 64.43
CA SER H 1446 -82.87 -64.22 65.87
C SER H 1446 -81.89 -63.38 66.67
N CYS H 1447 -80.81 -62.90 66.05
CA CYS H 1447 -79.81 -62.09 66.73
C CYS H 1447 -79.78 -60.65 66.21
N VAL H 1448 -80.90 -60.16 65.66
CA VAL H 1448 -80.97 -58.81 65.12
C VAL H 1448 -82.19 -58.11 65.70
N TRP H 1449 -82.01 -56.88 66.17
CA TRP H 1449 -83.09 -56.00 66.58
C TRP H 1449 -82.98 -54.72 65.78
N VAL H 1450 -84.10 -54.28 65.22
CA VAL H 1450 -84.14 -53.11 64.32
C VAL H 1450 -85.16 -52.13 64.86
N GLY H 1451 -84.83 -50.84 64.83
CA GLY H 1451 -85.76 -49.83 65.26
C GLY H 1451 -85.14 -48.49 65.53
N TRP H 1452 -85.51 -47.88 66.66
CA TRP H 1452 -85.05 -46.54 67.00
C TRP H 1452 -84.68 -46.49 68.48
N VAL H 1453 -83.81 -45.56 68.84
CA VAL H 1453 -83.45 -45.29 70.23
C VAL H 1453 -83.48 -43.78 70.46
N THR H 1454 -83.99 -43.39 71.61
CA THR H 1454 -83.94 -42.01 72.04
C THR H 1454 -82.54 -41.67 72.54
N PRO H 1455 -82.16 -40.38 72.57
CA PRO H 1455 -80.78 -40.02 72.88
C PRO H 1455 -80.32 -40.37 74.29
N ASP H 1456 -81.19 -40.94 75.11
CA ASP H 1456 -80.85 -41.31 76.48
C ASP H 1456 -80.75 -42.83 76.66
N TYR H 1457 -80.22 -43.52 75.65
CA TYR H 1457 -80.00 -44.96 75.72
C TYR H 1457 -78.54 -45.21 76.07
N HIS H 1458 -78.30 -45.82 77.22
CA HIS H 1458 -76.95 -46.14 77.68
C HIS H 1458 -76.90 -47.55 78.25
N GLN H 1459 -77.55 -48.49 77.57
CA GLN H 1459 -77.70 -49.85 78.09
C GLN H 1459 -76.84 -50.80 77.26
N HIS H 1460 -75.66 -51.10 77.78
CA HIS H 1460 -74.70 -51.97 77.10
C HIS H 1460 -74.86 -53.40 77.62
N ASP H 1461 -76.02 -53.98 77.34
CA ASP H 1461 -76.39 -55.28 77.89
C ASP H 1461 -75.91 -56.38 76.95
N MET H 1462 -75.10 -57.29 77.49
CA MET H 1462 -74.53 -58.36 76.66
C MET H 1462 -75.47 -59.55 76.51
N ASN H 1463 -76.62 -59.52 77.18
CA ASN H 1463 -77.66 -60.52 76.99
C ASN H 1463 -78.96 -59.82 76.62
N PHE H 1464 -78.89 -58.92 75.65
CA PHE H 1464 -80.00 -58.04 75.36
C PHE H 1464 -81.16 -58.79 74.71
N ASP H 1465 -82.37 -58.48 75.18
CA ASP H 1465 -83.59 -58.84 74.48
C ASP H 1465 -84.62 -57.76 74.80
N LEU H 1466 -85.78 -57.84 74.16
CA LEU H 1466 -86.75 -56.78 74.28
C LEU H 1466 -87.33 -56.66 75.68
N SER H 1467 -87.11 -57.66 76.54
CA SER H 1467 -87.57 -57.57 77.92
C SER H 1467 -86.67 -56.71 78.78
N LYS H 1468 -85.44 -56.45 78.35
CA LYS H 1468 -84.52 -55.60 79.11
C LYS H 1468 -84.74 -54.13 78.85
N VAL H 1469 -85.58 -53.77 77.87
CA VAL H 1469 -85.76 -52.38 77.49
C VAL H 1469 -86.45 -51.63 78.62
N ARG H 1470 -85.90 -50.46 78.96
CA ARG H 1470 -86.53 -49.62 79.97
C ARG H 1470 -87.91 -49.17 79.49
N ALA H 1471 -88.87 -49.19 80.39
CA ALA H 1471 -90.22 -48.76 80.07
C ALA H 1471 -90.91 -48.32 81.35
N VAL H 1472 -91.86 -47.41 81.21
CA VAL H 1472 -92.63 -46.92 82.34
C VAL H 1472 -93.89 -46.24 81.79
N THR H 1473 -94.98 -46.37 82.51
CA THR H 1473 -96.25 -45.76 82.14
C THR H 1473 -96.62 -44.70 83.17
N VAL H 1474 -96.81 -43.48 82.70
CA VAL H 1474 -97.22 -42.36 83.56
C VAL H 1474 -98.70 -42.11 83.33
N THR H 1475 -99.49 -42.28 84.38
CA THR H 1475 -100.94 -42.17 84.30
C THR H 1475 -101.41 -40.99 85.14
N MET H 1476 -102.26 -40.15 84.56
CA MET H 1476 -102.85 -39.02 85.26
C MET H 1476 -104.35 -39.22 85.37
N GLY H 1477 -104.92 -38.72 86.48
CA GLY H 1477 -106.33 -38.89 86.73
C GLY H 1477 -106.91 -37.64 87.35
N ASP H 1478 -108.22 -37.67 87.58
CA ASP H 1478 -108.92 -36.58 88.24
C ASP H 1478 -108.96 -36.84 89.74
N GLU H 1479 -109.81 -36.10 90.46
CA GLU H 1479 -109.88 -36.22 91.91
C GLU H 1479 -110.24 -37.63 92.36
N GLN H 1480 -110.99 -38.38 91.54
CA GLN H 1480 -111.40 -39.74 91.89
C GLN H 1480 -111.12 -40.68 90.72
N GLY H 1481 -109.91 -41.23 90.69
CA GLY H 1481 -109.55 -42.18 89.65
C GLY H 1481 -109.70 -41.55 88.28
N ASN H 1482 -110.48 -42.20 87.42
CA ASN H 1482 -110.88 -41.65 86.13
C ASN H 1482 -109.65 -41.23 85.30
N VAL H 1483 -108.86 -42.24 84.95
CA VAL H 1483 -107.68 -42.05 84.13
C VAL H 1483 -108.03 -41.27 82.87
N HIS H 1484 -107.43 -40.09 82.70
CA HIS H 1484 -107.65 -39.30 81.51
C HIS H 1484 -106.40 -39.15 80.67
N SER H 1485 -105.30 -39.77 81.06
CA SER H 1485 -104.06 -39.75 80.28
C SER H 1485 -103.15 -40.84 80.79
N SER H 1486 -102.69 -41.71 79.90
CA SER H 1486 -101.80 -42.82 80.27
C SER H 1486 -100.72 -42.92 79.20
N LEU H 1487 -99.62 -42.22 79.41
CA LEU H 1487 -98.53 -42.19 78.44
C LEU H 1487 -97.51 -43.27 78.75
N LYS H 1488 -96.87 -43.77 77.70
CA LYS H 1488 -95.86 -44.81 77.82
C LYS H 1488 -94.52 -44.28 77.35
N CYS H 1489 -93.49 -44.49 78.17
CA CYS H 1489 -92.17 -43.93 77.91
C CYS H 1489 -91.15 -45.05 77.82
N SER H 1490 -90.18 -44.87 76.92
CA SER H 1490 -89.09 -45.82 76.75
C SER H 1490 -87.96 -45.12 76.03
N ASN H 1491 -86.81 -45.79 75.96
CA ASN H 1491 -85.68 -45.28 75.21
C ASN H 1491 -85.30 -46.16 74.02
N CYS H 1492 -86.03 -47.25 73.81
CA CYS H 1492 -85.69 -48.19 72.73
C CYS H 1492 -86.98 -48.70 72.14
N TYR H 1493 -87.27 -48.31 70.90
CA TYR H 1493 -88.44 -48.76 70.17
C TYR H 1493 -87.96 -49.65 69.03
N MET H 1494 -88.00 -50.96 69.23
CA MET H 1494 -87.46 -51.90 68.27
C MET H 1494 -88.39 -53.09 68.11
N VAL H 1495 -88.10 -53.87 67.07
CA VAL H 1495 -88.75 -55.15 66.82
C VAL H 1495 -87.66 -56.21 66.69
N TRP H 1496 -88.03 -57.45 66.98
CA TRP H 1496 -87.10 -58.55 66.97
C TRP H 1496 -87.10 -59.21 65.60
N GLY H 1497 -85.90 -59.47 65.08
CA GLY H 1497 -85.80 -60.14 63.79
C GLY H 1497 -86.32 -61.56 63.79
N GLY H 1498 -86.47 -62.16 64.97
CA GLY H 1498 -87.02 -63.50 65.08
C GLY H 1498 -88.52 -63.57 64.99
N ASP H 1499 -89.20 -62.43 64.99
CA ASP H 1499 -90.64 -62.41 64.80
C ASP H 1499 -91.05 -62.48 63.34
N PHE H 1500 -90.08 -62.45 62.43
CA PHE H 1500 -90.35 -62.36 61.00
C PHE H 1500 -89.81 -63.58 60.26
N VAL H 1501 -89.57 -64.68 60.97
CA VAL H 1501 -89.13 -65.92 60.37
C VAL H 1501 -90.20 -66.97 60.60
N SER H 1502 -90.63 -67.62 59.51
CA SER H 1502 -91.60 -68.69 59.65
C SER H 1502 -90.99 -69.88 60.39
N PRO H 1503 -91.76 -70.57 61.22
CA PRO H 1503 -91.21 -71.73 61.94
C PRO H 1503 -91.01 -72.93 61.02
N GLY H 1504 -90.08 -72.81 60.07
CA GLY H 1504 -89.81 -73.91 59.17
C GLY H 1504 -89.04 -75.03 59.86
N GLN H 1505 -88.99 -76.17 59.19
CA GLN H 1505 -88.27 -77.33 59.73
C GLN H 1505 -86.79 -77.02 59.89
N GLN H 1506 -86.17 -76.51 58.85
CA GLN H 1506 -84.77 -76.09 58.87
C GLN H 1506 -84.59 -75.14 57.70
N GLY H 1507 -83.36 -74.66 57.49
CA GLY H 1507 -83.15 -73.61 56.51
C GLY H 1507 -83.33 -72.23 57.10
N ARG H 1508 -83.14 -72.10 58.42
CA ARG H 1508 -83.25 -70.80 59.06
C ARG H 1508 -82.27 -69.80 58.47
N ILE H 1509 -81.16 -70.29 57.92
CA ILE H 1509 -80.27 -69.47 57.10
C ILE H 1509 -80.89 -69.43 55.70
N SER H 1510 -81.76 -68.46 55.47
CA SER H 1510 -82.54 -68.43 54.25
C SER H 1510 -81.66 -68.05 53.06
N HIS H 1511 -82.15 -68.39 51.87
CA HIS H 1511 -81.54 -67.87 50.65
C HIS H 1511 -81.77 -66.37 50.54
N THR H 1512 -82.87 -65.88 51.12
CA THR H 1512 -83.28 -64.49 50.97
C THR H 1512 -82.91 -63.70 52.21
N ASP H 1513 -82.33 -62.52 52.00
CA ASP H 1513 -82.05 -61.60 53.09
C ASP H 1513 -83.36 -61.06 53.67
N LEU H 1514 -83.36 -60.83 54.98
CA LEU H 1514 -84.50 -60.22 55.64
C LEU H 1514 -84.32 -58.70 55.60
N VAL H 1515 -85.35 -58.00 55.12
CA VAL H 1515 -85.29 -56.55 54.94
C VAL H 1515 -86.40 -55.94 55.78
N ILE H 1516 -86.08 -55.57 57.01
CA ILE H 1516 -87.03 -54.95 57.92
C ILE H 1516 -87.11 -53.47 57.58
N GLY H 1517 -88.33 -52.98 57.37
CA GLY H 1517 -88.56 -51.58 57.08
C GLY H 1517 -89.15 -50.87 58.29
N CYS H 1518 -88.75 -49.61 58.46
CA CYS H 1518 -89.21 -48.80 59.58
C CYS H 1518 -89.81 -47.51 59.06
N LEU H 1519 -91.00 -47.18 59.55
CA LEU H 1519 -91.73 -45.99 59.14
C LEU H 1519 -92.02 -45.14 60.37
N VAL H 1520 -91.89 -43.83 60.23
CA VAL H 1520 -92.25 -42.89 61.27
C VAL H 1520 -93.06 -41.76 60.65
N ASP H 1521 -94.17 -41.40 61.29
CA ASP H 1521 -94.97 -40.25 60.90
C ASP H 1521 -94.68 -39.14 61.89
N LEU H 1522 -93.87 -38.17 61.47
CA LEU H 1522 -93.44 -37.13 62.38
C LEU H 1522 -94.58 -36.20 62.79
N ALA H 1523 -95.71 -36.26 62.08
CA ALA H 1523 -96.84 -35.39 62.39
C ALA H 1523 -97.84 -36.01 63.35
N THR H 1524 -97.79 -37.33 63.56
CA THR H 1524 -98.71 -37.99 64.47
C THR H 1524 -98.03 -38.82 65.54
N GLY H 1525 -96.73 -39.07 65.44
CA GLY H 1525 -96.04 -39.84 66.46
C GLY H 1525 -96.25 -41.34 66.36
N LEU H 1526 -96.78 -41.82 65.24
CA LEU H 1526 -97.05 -43.24 65.05
C LEU H 1526 -95.85 -43.91 64.40
N MET H 1527 -95.55 -45.13 64.84
CA MET H 1527 -94.38 -45.87 64.42
C MET H 1527 -94.82 -47.26 63.97
N THR H 1528 -94.40 -47.69 62.79
CA THR H 1528 -94.78 -48.99 62.25
C THR H 1528 -93.58 -49.64 61.57
N PHE H 1529 -93.69 -50.95 61.37
CA PHE H 1529 -92.60 -51.74 60.81
C PHE H 1529 -93.14 -52.70 59.76
N THR H 1530 -92.28 -53.05 58.80
CA THR H 1530 -92.62 -54.02 57.76
C THR H 1530 -91.55 -55.09 57.72
N ALA H 1531 -91.97 -56.35 57.63
CA ALA H 1531 -91.03 -57.46 57.70
C ALA H 1531 -90.36 -57.71 56.34
N ASN H 1532 -91.16 -58.02 55.32
CA ASN H 1532 -90.67 -58.18 53.96
C ASN H 1532 -91.66 -57.59 52.98
N GLY H 1533 -92.13 -56.38 53.27
CA GLY H 1533 -93.21 -55.78 52.52
C GLY H 1533 -94.57 -55.96 53.15
N LYS H 1534 -94.71 -56.83 54.13
CA LYS H 1534 -95.96 -57.04 54.85
C LYS H 1534 -95.90 -56.29 56.18
N GLU H 1535 -96.96 -55.55 56.49
CA GLU H 1535 -96.99 -54.77 57.70
C GLU H 1535 -96.94 -55.67 58.92
N SER H 1536 -96.18 -55.24 59.93
CA SER H 1536 -96.08 -55.96 61.18
C SER H 1536 -97.13 -55.48 62.18
N ASN H 1537 -97.39 -56.30 63.20
CA ASN H 1537 -98.39 -55.96 64.19
C ASN H 1537 -97.91 -54.92 65.19
N THR H 1538 -96.62 -54.96 65.55
CA THR H 1538 -96.11 -54.07 66.57
C THR H 1538 -96.09 -52.63 66.08
N PHE H 1539 -96.45 -51.70 66.97
CA PHE H 1539 -96.43 -50.29 66.66
C PHE H 1539 -96.16 -49.51 67.94
N PHE H 1540 -95.72 -48.27 67.78
CA PHE H 1540 -95.37 -47.43 68.91
C PHE H 1540 -95.93 -46.04 68.71
N GLN H 1541 -96.17 -45.35 69.82
CA GLN H 1541 -96.67 -43.99 69.83
C GLN H 1541 -95.78 -43.15 70.73
N VAL H 1542 -95.33 -42.00 70.23
CA VAL H 1542 -94.41 -41.15 70.97
C VAL H 1542 -94.96 -39.73 71.04
N GLU H 1543 -94.46 -38.97 72.01
CA GLU H 1543 -94.88 -37.60 72.21
C GLU H 1543 -94.19 -36.66 71.24
N PRO H 1544 -94.72 -35.45 71.06
CA PRO H 1544 -94.06 -34.48 70.19
C PRO H 1544 -92.70 -34.07 70.73
N ASN H 1545 -91.85 -33.60 69.81
CA ASN H 1545 -90.47 -33.19 70.04
C ASN H 1545 -89.54 -34.35 70.38
N THR H 1546 -90.00 -35.59 70.19
CA THR H 1546 -89.15 -36.74 70.48
C THR H 1546 -88.08 -36.89 69.41
N LYS H 1547 -86.85 -37.15 69.85
CA LYS H 1547 -85.74 -37.44 68.96
C LYS H 1547 -85.52 -38.94 68.91
N LEU H 1548 -85.40 -39.49 67.71
CA LEU H 1548 -85.19 -40.91 67.52
C LEU H 1548 -84.02 -41.13 66.58
N PHE H 1549 -83.11 -41.98 66.96
CA PHE H 1549 -81.98 -42.35 66.13
C PHE H 1549 -82.23 -43.71 65.52
N PRO H 1550 -81.99 -43.90 64.22
CA PRO H 1550 -82.08 -45.24 63.64
C PRO H 1550 -81.00 -46.13 64.23
N ALA H 1551 -81.43 -47.22 64.86
CA ALA H 1551 -80.50 -48.08 65.59
C ALA H 1551 -80.76 -49.54 65.27
N VAL H 1552 -79.68 -50.31 65.22
CA VAL H 1552 -79.74 -51.76 65.01
C VAL H 1552 -78.84 -52.42 66.04
N PHE H 1553 -79.39 -53.38 66.77
CA PHE H 1553 -78.63 -54.18 67.72
C PHE H 1553 -78.50 -55.58 67.15
N VAL H 1554 -77.26 -56.08 67.09
CA VAL H 1554 -77.00 -57.34 66.40
C VAL H 1554 -75.91 -58.10 67.12
N LEU H 1555 -76.05 -59.43 67.15
CA LEU H 1555 -74.97 -60.31 67.55
C LEU H 1555 -74.44 -60.99 66.31
N PRO H 1556 -73.25 -60.64 65.83
CA PRO H 1556 -72.80 -61.12 64.52
C PRO H 1556 -72.70 -62.63 64.46
N THR H 1557 -73.14 -63.18 63.33
CA THR H 1557 -72.97 -64.60 63.03
C THR H 1557 -72.48 -64.85 61.62
N HIS H 1558 -71.87 -63.85 60.98
CA HIS H 1558 -71.49 -63.96 59.58
C HIS H 1558 -70.55 -62.81 59.25
N GLN H 1559 -69.79 -62.95 58.17
CA GLN H 1559 -68.91 -61.88 57.75
C GLN H 1559 -69.70 -60.63 57.38
N ASN H 1560 -70.80 -60.81 56.65
CA ASN H 1560 -71.73 -59.73 56.38
C ASN H 1560 -72.84 -59.77 57.41
N VAL H 1561 -73.07 -58.65 58.09
CA VAL H 1561 -73.97 -58.65 59.24
C VAL H 1561 -75.27 -57.95 58.91
N ILE H 1562 -75.22 -56.64 58.69
CA ILE H 1562 -76.42 -55.85 58.45
C ILE H 1562 -76.11 -54.78 57.42
N GLN H 1563 -77.11 -53.97 57.10
CA GLN H 1563 -76.92 -52.89 56.12
C GLN H 1563 -78.03 -51.88 56.35
N PHE H 1564 -77.65 -50.65 56.72
CA PHE H 1564 -78.61 -49.56 56.76
C PHE H 1564 -78.94 -49.15 55.33
N GLU H 1565 -80.21 -49.21 54.96
CA GLU H 1565 -80.66 -48.82 53.63
C GLU H 1565 -81.46 -47.54 53.74
N LEU H 1566 -80.86 -46.42 53.32
CA LEU H 1566 -81.48 -45.12 53.47
C LEU H 1566 -82.31 -44.77 52.22
N GLY H 1567 -83.26 -45.65 51.92
CA GLY H 1567 -84.09 -45.53 50.75
C GLY H 1567 -85.43 -44.88 51.04
N LYS H 1568 -86.41 -45.23 50.22
CA LYS H 1568 -87.76 -44.69 50.34
C LYS H 1568 -88.75 -45.68 49.78
N GLN H 1569 -90.03 -45.39 49.99
CA GLN H 1569 -91.11 -46.17 49.44
C GLN H 1569 -91.97 -45.29 48.54
N LYS H 1570 -93.08 -45.84 48.09
CA LYS H 1570 -94.02 -45.06 47.29
C LYS H 1570 -94.73 -44.05 48.19
N ASN H 1571 -94.61 -42.77 47.83
CA ASN H 1571 -95.24 -41.68 48.58
C ASN H 1571 -94.73 -41.58 50.01
N ILE H 1572 -93.48 -41.97 50.25
CA ILE H 1572 -92.83 -41.85 51.55
C ILE H 1572 -91.43 -41.29 51.32
N MET H 1573 -91.06 -40.31 52.12
CA MET H 1573 -89.77 -39.68 51.92
C MET H 1573 -88.65 -40.44 52.63
N PRO H 1574 -87.41 -40.29 52.18
CA PRO H 1574 -86.29 -40.95 52.85
C PRO H 1574 -85.91 -40.22 54.13
N LEU H 1575 -84.93 -40.77 54.84
CA LEU H 1575 -84.50 -40.18 56.10
C LEU H 1575 -83.81 -38.84 55.89
N SER H 1576 -83.11 -38.67 54.78
CA SER H 1576 -82.40 -37.42 54.53
C SER H 1576 -83.35 -36.24 54.42
N ALA H 1577 -84.61 -36.49 54.05
CA ALA H 1577 -85.57 -35.40 54.00
C ALA H 1577 -85.97 -34.94 55.40
N ALA H 1578 -85.82 -35.80 56.39
CA ALA H 1578 -86.16 -35.45 57.76
C ALA H 1578 -84.97 -34.98 58.58
N MET H 1579 -83.77 -35.47 58.29
CA MET H 1579 -82.61 -35.10 59.06
C MET H 1579 -82.07 -33.72 58.70
N PHE H 1580 -82.19 -33.30 57.45
CA PHE H 1580 -81.54 -32.09 56.98
C PHE H 1580 -82.56 -31.08 56.49
N LEU H 1581 -82.41 -29.83 56.94
CA LEU H 1581 -83.39 -28.80 56.60
C LEU H 1581 -83.42 -28.51 55.11
N SER H 1582 -82.25 -28.47 54.48
CA SER H 1582 -82.18 -28.13 53.06
C SER H 1582 -82.80 -29.20 52.17
N GLU H 1583 -83.12 -30.38 52.70
CA GLU H 1583 -83.68 -31.47 51.91
C GLU H 1583 -85.10 -31.79 52.32
N ARG H 1584 -85.81 -30.85 52.96
CA ARG H 1584 -87.16 -31.15 53.45
C ARG H 1584 -88.11 -31.48 52.30
N LYS H 1585 -87.80 -31.02 51.09
CA LYS H 1585 -88.64 -31.26 49.94
C LYS H 1585 -87.91 -32.05 48.86
N ASN H 1586 -86.88 -32.79 49.22
CA ASN H 1586 -86.09 -33.53 48.26
C ASN H 1586 -86.39 -35.02 48.43
N PRO H 1587 -87.16 -35.63 47.54
CA PRO H 1587 -87.46 -37.06 47.67
C PRO H 1587 -86.31 -37.98 47.28
N ALA H 1588 -85.24 -37.45 46.71
CA ALA H 1588 -84.12 -38.28 46.31
C ALA H 1588 -83.32 -38.70 47.55
N PRO H 1589 -83.14 -39.99 47.80
CA PRO H 1589 -82.37 -40.42 48.97
C PRO H 1589 -80.93 -39.93 48.92
N GLN H 1590 -80.40 -39.58 50.08
CA GLN H 1590 -79.03 -39.12 50.20
C GLN H 1590 -78.42 -39.69 51.48
N CYS H 1591 -77.10 -39.79 51.48
CA CYS H 1591 -76.34 -40.18 52.67
C CYS H 1591 -75.17 -39.21 52.83
N PRO H 1592 -75.43 -38.01 53.35
CA PRO H 1592 -74.39 -37.01 53.46
C PRO H 1592 -73.30 -37.44 54.42
N PRO H 1593 -72.10 -36.89 54.30
CA PRO H 1593 -70.97 -37.39 55.11
C PRO H 1593 -71.18 -37.27 56.61
N ARG H 1594 -72.05 -36.37 57.05
CA ARG H 1594 -72.31 -36.24 58.47
C ARG H 1594 -73.01 -37.47 59.03
N LEU H 1595 -73.80 -38.15 58.22
CA LEU H 1595 -74.50 -39.34 58.65
C LEU H 1595 -73.56 -40.53 58.60
N GLU H 1596 -73.41 -41.22 59.74
CA GLU H 1596 -72.48 -42.33 59.82
C GLU H 1596 -72.91 -43.27 60.93
N VAL H 1597 -72.27 -44.43 60.97
CA VAL H 1597 -72.63 -45.47 61.93
C VAL H 1597 -71.84 -45.27 63.21
N GLN H 1598 -72.52 -45.36 64.35
CA GLN H 1598 -71.91 -45.20 65.66
C GLN H 1598 -72.15 -46.43 66.50
N MET H 1599 -71.20 -46.75 67.37
CA MET H 1599 -71.25 -47.92 68.22
C MET H 1599 -71.16 -47.51 69.68
N LEU H 1600 -71.71 -48.35 70.56
CA LEU H 1600 -71.81 -48.03 71.98
C LEU H 1600 -70.55 -48.46 72.69
N MET H 1601 -69.88 -47.51 73.36
CA MET H 1601 -68.63 -47.78 74.05
C MET H 1601 -68.86 -47.81 75.54
N PRO H 1602 -68.51 -48.89 76.23
CA PRO H 1602 -68.85 -49.01 77.65
C PRO H 1602 -68.22 -47.97 78.56
N VAL H 1603 -67.02 -47.49 78.26
CA VAL H 1603 -66.28 -46.61 79.15
C VAL H 1603 -65.76 -45.43 78.36
N SER H 1604 -65.71 -44.25 79.00
CA SER H 1604 -65.16 -43.05 78.39
C SER H 1604 -64.46 -42.23 79.47
N TRP H 1605 -63.59 -41.33 79.03
CA TRP H 1605 -62.91 -40.42 79.96
C TRP H 1605 -63.81 -39.25 80.29
N SER H 1606 -63.85 -38.87 81.56
CA SER H 1606 -64.60 -37.72 82.01
C SER H 1606 -63.75 -36.89 82.96
N ARG H 1607 -64.04 -35.60 83.03
CA ARG H 1607 -63.26 -34.68 83.81
C ARG H 1607 -63.87 -34.46 85.19
N MET H 1608 -63.08 -34.70 86.22
CA MET H 1608 -63.57 -34.53 87.58
C MET H 1608 -63.71 -33.04 87.89
N PRO H 1609 -64.84 -32.60 88.44
CA PRO H 1609 -64.98 -31.20 88.79
C PRO H 1609 -63.96 -30.79 89.85
N ASN H 1610 -63.56 -29.52 89.78
CA ASN H 1610 -62.58 -29.02 90.72
C ASN H 1610 -63.15 -28.90 92.12
N HIS H 1611 -64.45 -28.66 92.24
CA HIS H 1611 -65.11 -28.51 93.52
C HIS H 1611 -66.42 -29.29 93.50
N PHE H 1612 -66.83 -29.75 94.68
CA PHE H 1612 -68.01 -30.57 94.82
C PHE H 1612 -68.93 -29.97 95.86
N LEU H 1613 -70.22 -30.26 95.73
CA LEU H 1613 -71.20 -29.72 96.66
C LEU H 1613 -70.93 -30.24 98.07
N GLN H 1614 -71.01 -29.34 99.04
CA GLN H 1614 -70.81 -29.70 100.44
C GLN H 1614 -72.17 -30.04 101.05
N VAL H 1615 -72.39 -31.32 101.32
CA VAL H 1615 -73.66 -31.81 101.81
C VAL H 1615 -73.46 -32.32 103.23
N GLU H 1616 -74.25 -31.79 104.17
CA GLU H 1616 -74.18 -32.17 105.57
C GLU H 1616 -75.37 -33.07 105.88
N THR H 1617 -75.10 -34.30 106.30
CA THR H 1617 -76.12 -35.27 106.67
C THR H 1617 -75.93 -35.67 108.12
N ARG H 1618 -77.03 -35.67 108.87
CA ARG H 1618 -76.97 -36.02 110.29
C ARG H 1618 -78.33 -36.48 110.75
N ARG H 1619 -78.35 -37.19 111.87
CA ARG H 1619 -79.59 -37.64 112.48
C ARG H 1619 -80.10 -36.54 113.39
N ALA H 1620 -81.19 -35.89 113.01
CA ALA H 1620 -81.70 -34.77 113.78
C ALA H 1620 -82.36 -35.22 115.08
N GLY H 1621 -82.75 -36.48 115.18
CA GLY H 1621 -83.35 -36.97 116.41
C GLY H 1621 -84.26 -38.15 116.12
N GLU H 1622 -84.90 -38.62 117.19
CA GLU H 1622 -85.82 -39.74 117.07
C GLU H 1622 -87.06 -39.35 116.29
N ARG H 1623 -87.52 -38.11 116.44
CA ARG H 1623 -88.74 -37.67 115.76
C ARG H 1623 -88.46 -36.88 114.50
N LEU H 1624 -87.34 -36.15 114.44
CA LEU H 1624 -87.08 -35.28 113.30
C LEU H 1624 -86.46 -36.03 112.13
N GLY H 1625 -86.06 -37.28 112.32
CA GLY H 1625 -85.53 -38.06 111.21
C GLY H 1625 -84.09 -37.68 110.86
N TRP H 1626 -83.76 -37.85 109.58
CA TRP H 1626 -82.42 -37.63 109.08
C TRP H 1626 -82.42 -36.41 108.17
N ALA H 1627 -81.54 -35.46 108.45
CA ALA H 1627 -81.54 -34.17 107.77
C ALA H 1627 -80.47 -34.13 106.68
N VAL H 1628 -80.82 -33.51 105.57
CA VAL H 1628 -79.89 -33.24 104.47
C VAL H 1628 -79.86 -31.73 104.25
N GLN H 1629 -78.67 -31.20 103.97
CA GLN H 1629 -78.48 -29.76 103.89
C GLN H 1629 -77.38 -29.43 102.90
N CYS H 1630 -77.61 -28.40 102.08
CA CYS H 1630 -76.60 -27.93 101.15
C CYS H 1630 -76.83 -26.44 100.95
N GLN H 1631 -75.81 -25.64 101.21
CA GLN H 1631 -75.96 -24.18 101.23
C GLN H 1631 -75.09 -23.44 100.22
N ASP H 1632 -73.88 -23.93 99.95
CA ASP H 1632 -72.96 -23.20 99.10
C ASP H 1632 -73.24 -23.50 97.63
N PRO H 1633 -73.57 -22.49 96.82
CA PRO H 1633 -73.86 -22.75 95.41
C PRO H 1633 -72.62 -23.15 94.64
N LEU H 1634 -72.84 -23.95 93.60
CA LEU H 1634 -71.79 -24.32 92.66
C LEU H 1634 -72.36 -24.30 91.26
N THR H 1635 -71.59 -23.75 90.33
CA THR H 1635 -72.02 -23.55 88.96
C THR H 1635 -70.95 -24.07 88.02
N MET H 1636 -71.36 -24.59 86.87
CA MET H 1636 -70.43 -24.94 85.82
C MET H 1636 -70.94 -24.38 84.50
N MET H 1637 -70.02 -24.16 83.57
CA MET H 1637 -70.38 -23.72 82.22
C MET H 1637 -70.51 -24.96 81.35
N ALA H 1638 -71.72 -25.24 80.88
CA ALA H 1638 -72.01 -26.47 80.17
C ALA H 1638 -72.01 -26.25 78.67
N LEU H 1639 -71.36 -27.15 77.95
CA LEU H 1639 -71.38 -27.15 76.49
C LEU H 1639 -72.38 -28.20 76.05
N HIS H 1640 -73.40 -27.78 75.31
CA HIS H 1640 -74.51 -28.62 74.93
C HIS H 1640 -74.39 -29.00 73.46
N ILE H 1641 -74.40 -30.29 73.17
CA ILE H 1641 -74.43 -30.79 71.80
C ILE H 1641 -75.89 -30.95 71.41
N PRO H 1642 -76.41 -30.14 70.48
CA PRO H 1642 -77.86 -30.10 70.28
C PRO H 1642 -78.45 -31.39 69.74
N GLU H 1643 -77.83 -32.02 68.75
CA GLU H 1643 -78.45 -33.18 68.13
C GLU H 1643 -78.44 -34.39 69.07
N GLU H 1644 -77.45 -34.49 69.94
CA GLU H 1644 -77.38 -35.60 70.88
C GLU H 1644 -78.11 -35.32 72.19
N ASN H 1645 -78.53 -34.08 72.43
CA ASN H 1645 -79.26 -33.71 73.63
C ASN H 1645 -78.51 -34.11 74.90
N ARG H 1646 -77.19 -33.88 74.89
CA ARG H 1646 -76.37 -34.09 76.06
C ARG H 1646 -75.41 -32.92 76.19
N CYS H 1647 -74.97 -32.67 77.42
CA CYS H 1647 -74.06 -31.58 77.70
C CYS H 1647 -72.84 -32.11 78.43
N MET H 1648 -71.72 -31.41 78.25
CA MET H 1648 -70.50 -31.69 78.98
C MET H 1648 -69.96 -30.38 79.53
N ASP H 1649 -69.06 -30.51 80.50
CA ASP H 1649 -68.37 -29.33 81.01
C ASP H 1649 -67.51 -28.73 79.91
N ILE H 1650 -67.58 -27.40 79.76
CA ILE H 1650 -66.80 -26.75 78.73
C ILE H 1650 -65.31 -26.90 79.00
N LEU H 1651 -64.94 -27.19 80.24
CA LEU H 1651 -63.54 -27.40 80.57
C LEU H 1651 -63.02 -28.72 80.04
N GLU H 1652 -63.90 -29.63 79.61
CA GLU H 1652 -63.44 -30.84 78.95
C GLU H 1652 -62.85 -30.56 77.58
N LEU H 1653 -63.03 -29.34 77.06
CA LEU H 1653 -62.48 -29.00 75.76
C LEU H 1653 -60.96 -28.87 75.79
N SER H 1654 -60.35 -28.94 76.97
CA SER H 1654 -58.90 -28.97 77.04
C SER H 1654 -58.33 -30.25 76.45
N GLU H 1655 -59.14 -31.32 76.39
CA GLU H 1655 -58.72 -32.56 75.77
C GLU H 1655 -59.50 -32.93 74.52
N ARG H 1656 -60.64 -32.27 74.27
CA ARG H 1656 -61.40 -32.50 73.03
C ARG H 1656 -61.05 -31.39 72.07
N LEU H 1657 -59.92 -31.57 71.37
CA LEU H 1657 -59.34 -30.48 70.60
C LEU H 1657 -60.16 -30.12 69.37
N ASP H 1658 -60.84 -31.10 68.76
CA ASP H 1658 -61.68 -30.78 67.62
C ASP H 1658 -62.85 -29.89 68.02
N LEU H 1659 -63.52 -30.23 69.12
CA LEU H 1659 -64.57 -29.36 69.64
C LEU H 1659 -64.03 -28.01 70.06
N GLN H 1660 -62.82 -27.98 70.64
CA GLN H 1660 -62.24 -26.72 71.05
C GLN H 1660 -61.99 -25.81 69.85
N ARG H 1661 -61.44 -26.36 68.76
CA ARG H 1661 -61.23 -25.57 67.57
C ARG H 1661 -62.55 -25.08 66.99
N PHE H 1662 -63.54 -25.97 66.90
CA PHE H 1662 -64.81 -25.54 66.33
C PHE H 1662 -65.45 -24.45 67.17
N HIS H 1663 -65.37 -24.55 68.50
CA HIS H 1663 -65.99 -23.55 69.35
C HIS H 1663 -65.24 -22.23 69.33
N SER H 1664 -63.90 -22.29 69.24
CA SER H 1664 -63.14 -21.05 69.13
C SER H 1664 -63.46 -20.33 67.82
N HIS H 1665 -63.59 -21.08 66.73
CA HIS H 1665 -63.98 -20.45 65.48
C HIS H 1665 -65.44 -19.99 65.52
N THR H 1666 -66.27 -20.66 66.33
CA THR H 1666 -67.62 -20.17 66.56
C THR H 1666 -67.60 -18.80 67.22
N LEU H 1667 -66.75 -18.64 68.22
CA LEU H 1667 -66.61 -17.33 68.87
C LEU H 1667 -66.06 -16.30 67.88
N ARG H 1668 -65.15 -16.71 67.02
CA ARG H 1668 -64.63 -15.81 66.00
C ARG H 1668 -65.75 -15.33 65.08
N LEU H 1669 -66.64 -16.25 64.71
CA LEU H 1669 -67.79 -15.86 63.88
C LEU H 1669 -68.74 -14.95 64.63
N TYR H 1670 -68.93 -15.21 65.92
CA TYR H 1670 -69.73 -14.30 66.74
C TYR H 1670 -69.16 -12.89 66.70
N ARG H 1671 -67.85 -12.77 66.82
CA ARG H 1671 -67.23 -11.45 66.73
C ARG H 1671 -67.39 -10.86 65.34
N ALA H 1672 -67.27 -11.67 64.31
CA ALA H 1672 -67.35 -11.17 62.94
C ALA H 1672 -68.73 -10.63 62.60
N VAL H 1673 -69.79 -11.32 63.04
CA VAL H 1673 -71.12 -10.89 62.64
C VAL H 1673 -71.47 -9.54 63.25
N CYS H 1674 -70.96 -9.24 64.44
CA CYS H 1674 -71.25 -7.99 65.12
C CYS H 1674 -70.12 -6.98 64.98
N ALA H 1675 -69.15 -7.24 64.13
CA ALA H 1675 -67.99 -6.36 64.01
C ALA H 1675 -68.36 -5.05 63.35
N LEU H 1676 -67.61 -4.00 63.70
CA LEU H 1676 -67.72 -2.68 63.09
C LEU H 1676 -69.13 -2.11 63.24
N GLY H 1677 -69.58 -2.05 64.50
CA GLY H 1677 -70.79 -1.35 64.84
C GLY H 1677 -72.08 -1.98 64.41
N ASN H 1678 -72.19 -3.31 64.44
CA ASN H 1678 -73.46 -3.98 64.16
C ASN H 1678 -74.16 -4.24 65.49
N ASN H 1679 -74.68 -3.16 66.06
CA ASN H 1679 -75.25 -3.22 67.40
C ASN H 1679 -76.49 -4.08 67.46
N ARG H 1680 -77.27 -4.15 66.38
CA ARG H 1680 -78.44 -5.02 66.36
C ARG H 1680 -78.03 -6.47 66.51
N VAL H 1681 -77.00 -6.89 65.77
CA VAL H 1681 -76.48 -8.25 65.90
C VAL H 1681 -75.85 -8.47 67.26
N ALA H 1682 -75.24 -7.44 67.84
CA ALA H 1682 -74.70 -7.58 69.19
C ALA H 1682 -75.80 -7.84 70.20
N HIS H 1683 -76.91 -7.11 70.08
CA HIS H 1683 -78.05 -7.38 70.95
C HIS H 1683 -78.56 -8.80 70.74
N ALA H 1684 -78.61 -9.24 69.49
CA ALA H 1684 -79.01 -10.62 69.22
C ALA H 1684 -78.07 -11.62 69.89
N LEU H 1685 -76.77 -11.34 69.85
CA LEU H 1685 -75.79 -12.24 70.45
C LEU H 1685 -75.93 -12.29 71.96
N CYS H 1686 -76.40 -11.22 72.57
CA CYS H 1686 -76.57 -11.24 74.02
C CYS H 1686 -77.52 -12.34 74.47
N SER H 1687 -78.38 -12.85 73.57
CA SER H 1687 -79.25 -13.96 73.93
C SER H 1687 -78.52 -15.30 73.87
N HIS H 1688 -77.38 -15.37 73.18
CA HIS H 1688 -76.64 -16.62 73.01
C HIS H 1688 -75.49 -16.75 74.01
N VAL H 1689 -74.67 -15.73 74.15
CA VAL H 1689 -73.64 -15.69 75.19
C VAL H 1689 -74.02 -14.53 76.09
N ASP H 1690 -74.57 -14.84 77.26
CA ASP H 1690 -75.13 -13.82 78.13
C ASP H 1690 -74.06 -13.21 79.03
N GLN H 1691 -74.48 -12.20 79.78
CA GLN H 1691 -73.57 -11.46 80.64
C GLN H 1691 -72.99 -12.35 81.73
N ALA H 1692 -73.81 -13.22 82.32
CA ALA H 1692 -73.32 -14.12 83.34
C ALA H 1692 -72.26 -15.06 82.79
N GLN H 1693 -72.49 -15.61 81.60
CA GLN H 1693 -71.49 -16.47 80.98
C GLN H 1693 -70.20 -15.73 80.72
N LEU H 1694 -70.29 -14.50 80.19
CA LEU H 1694 -69.08 -13.74 79.88
C LEU H 1694 -68.29 -13.45 81.14
N LEU H 1695 -68.97 -13.00 82.19
CA LEU H 1695 -68.27 -12.67 83.43
C LEU H 1695 -67.68 -13.91 84.09
N HIS H 1696 -68.38 -15.04 83.98
CA HIS H 1696 -67.83 -16.29 84.49
C HIS H 1696 -66.57 -16.68 83.72
N ALA H 1697 -66.60 -16.54 82.40
CA ALA H 1697 -65.46 -16.94 81.58
C ALA H 1697 -64.27 -16.03 81.80
N LEU H 1698 -64.50 -14.77 82.16
CA LEU H 1698 -63.36 -13.90 82.45
C LEU H 1698 -62.57 -14.40 83.65
N GLU H 1699 -63.26 -14.88 84.69
CA GLU H 1699 -62.59 -15.32 85.91
C GLU H 1699 -62.26 -16.80 85.92
N ASP H 1700 -62.74 -17.58 84.97
CA ASP H 1700 -62.47 -19.02 84.98
C ASP H 1700 -60.99 -19.26 84.69
N ALA H 1701 -60.30 -19.91 85.63
CA ALA H 1701 -58.87 -20.13 85.51
C ALA H 1701 -58.52 -21.40 84.77
N HIS H 1702 -59.47 -22.28 84.49
CA HIS H 1702 -59.19 -23.54 83.84
C HIS H 1702 -59.60 -23.58 82.38
N LEU H 1703 -60.08 -22.47 81.84
CA LEU H 1703 -60.45 -22.46 80.43
C LEU H 1703 -59.21 -22.65 79.56
N PRO H 1704 -59.31 -23.39 78.46
CA PRO H 1704 -58.21 -23.41 77.50
C PRO H 1704 -57.96 -22.03 76.94
N GLY H 1705 -56.71 -21.78 76.58
CA GLY H 1705 -56.28 -20.48 76.17
C GLY H 1705 -57.05 -19.87 75.01
N PRO H 1706 -57.26 -20.64 73.93
CA PRO H 1706 -58.08 -20.12 72.85
C PRO H 1706 -59.47 -19.71 73.27
N LEU H 1707 -60.11 -20.50 74.13
CA LEU H 1707 -61.45 -20.15 74.58
C LEU H 1707 -61.43 -18.90 75.46
N ARG H 1708 -60.43 -18.79 76.34
CA ARG H 1708 -60.32 -17.62 77.20
C ARG H 1708 -60.15 -16.35 76.38
N ALA H 1709 -59.23 -16.39 75.41
CA ALA H 1709 -59.03 -15.23 74.54
C ALA H 1709 -60.28 -14.92 73.75
N GLY H 1710 -60.95 -15.96 73.22
CA GLY H 1710 -62.15 -15.73 72.44
C GLY H 1710 -63.26 -15.10 73.25
N TYR H 1711 -63.42 -15.52 74.50
CA TYR H 1711 -64.48 -14.95 75.32
C TYR H 1711 -64.16 -13.52 75.74
N TYR H 1712 -62.89 -13.23 76.04
CA TYR H 1712 -62.53 -11.84 76.31
C TYR H 1712 -62.81 -10.95 75.10
N ASP H 1713 -62.39 -11.39 73.92
CA ASP H 1713 -62.62 -10.61 72.72
C ASP H 1713 -64.08 -10.52 72.37
N LEU H 1714 -64.86 -11.55 72.69
CA LEU H 1714 -66.30 -11.51 72.44
C LEU H 1714 -66.97 -10.49 73.33
N LEU H 1715 -66.59 -10.44 74.60
CA LEU H 1715 -67.12 -9.41 75.49
C LEU H 1715 -66.79 -8.02 74.96
N ILE H 1716 -65.54 -7.82 74.55
CA ILE H 1716 -65.15 -6.51 74.02
C ILE H 1716 -65.97 -6.17 72.78
N SER H 1717 -66.13 -7.13 71.87
CA SER H 1717 -66.83 -6.87 70.62
C SER H 1717 -68.30 -6.55 70.87
N ILE H 1718 -68.95 -7.31 71.75
CA ILE H 1718 -70.37 -7.12 71.98
C ILE H 1718 -70.63 -5.81 72.70
N HIS H 1719 -69.83 -5.50 73.72
CA HIS H 1719 -70.21 -4.43 74.64
C HIS H 1719 -69.33 -3.20 74.57
N LEU H 1720 -68.08 -3.28 74.10
CA LEU H 1720 -67.15 -2.18 74.23
C LEU H 1720 -66.56 -1.68 72.92
N GLU H 1721 -66.57 -2.49 71.86
CA GLU H 1721 -65.82 -2.14 70.65
C GLU H 1721 -66.32 -0.84 70.03
N SER H 1722 -67.64 -0.71 69.88
CA SER H 1722 -68.18 0.47 69.22
C SER H 1722 -67.91 1.74 70.00
N ALA H 1723 -68.17 1.72 71.31
CA ALA H 1723 -67.93 2.90 72.13
C ALA H 1723 -66.45 3.26 72.17
N CYS H 1724 -65.59 2.24 72.28
CA CYS H 1724 -64.16 2.52 72.31
C CYS H 1724 -63.68 3.13 71.01
N ARG H 1725 -64.18 2.63 69.87
CA ARG H 1725 -63.78 3.21 68.60
C ARG H 1725 -64.28 4.64 68.45
N SER H 1726 -65.53 4.90 68.86
CA SER H 1726 -66.06 6.24 68.77
C SER H 1726 -65.27 7.21 69.64
N ARG H 1727 -64.89 6.78 70.85
CA ARG H 1727 -64.10 7.64 71.72
C ARG H 1727 -62.71 7.86 71.17
N ARG H 1728 -62.07 6.81 70.67
CA ARG H 1728 -60.72 6.95 70.14
C ARG H 1728 -60.71 7.86 68.92
N SER H 1729 -61.81 7.90 68.17
CA SER H 1729 -61.89 8.86 67.06
C SER H 1729 -61.85 10.29 67.57
N MET H 1730 -62.42 10.54 68.75
CA MET H 1730 -62.47 11.88 69.31
C MET H 1730 -61.24 12.24 70.13
N LEU H 1731 -60.42 11.26 70.51
CA LEU H 1731 -59.29 11.57 71.39
C LEU H 1731 -58.21 12.40 70.73
N SER H 1732 -58.27 12.59 69.41
CA SER H 1732 -57.21 13.32 68.72
C SER H 1732 -57.48 14.82 68.64
N GLU H 1733 -58.63 15.30 69.09
CA GLU H 1733 -58.96 16.72 69.07
C GLU H 1733 -59.15 17.22 70.50
N TYR H 1734 -58.83 18.49 70.70
CA TYR H 1734 -58.84 19.10 72.03
C TYR H 1734 -59.68 20.37 71.98
N ILE H 1735 -60.98 20.25 72.24
CA ILE H 1735 -61.88 21.39 72.32
C ILE H 1735 -62.03 21.71 73.80
N VAL H 1736 -61.39 22.79 74.25
CA VAL H 1736 -61.26 23.09 75.67
C VAL H 1736 -62.20 24.26 75.99
N PRO H 1737 -63.24 24.04 76.77
CA PRO H 1737 -64.09 25.15 77.21
C PRO H 1737 -63.36 26.05 78.19
N LEU H 1738 -63.76 27.31 78.23
CA LEU H 1738 -63.12 28.30 79.10
C LEU H 1738 -63.89 28.40 80.42
N THR H 1739 -63.93 27.28 81.11
CA THR H 1739 -64.62 27.13 82.38
C THR H 1739 -63.65 27.28 83.55
N PRO H 1740 -64.16 27.56 84.75
CA PRO H 1740 -63.26 27.64 85.91
C PRO H 1740 -62.44 26.39 86.14
N GLU H 1741 -63.00 25.22 85.86
CA GLU H 1741 -62.22 23.98 85.96
C GLU H 1741 -61.04 24.01 85.01
N THR H 1742 -61.25 24.51 83.79
CA THR H 1742 -60.13 24.70 82.88
C THR H 1742 -59.13 25.68 83.46
N ARG H 1743 -59.61 26.77 84.06
CA ARG H 1743 -58.72 27.78 84.60
CA ARG H 1743 -58.72 27.78 84.60
C ARG H 1743 -57.81 27.20 85.68
N ALA H 1744 -58.34 26.30 86.50
CA ALA H 1744 -57.55 25.75 87.60
C ALA H 1744 -56.41 24.86 87.13
N ILE H 1745 -56.37 24.48 85.85
CA ILE H 1745 -55.37 23.51 85.39
C ILE H 1745 -54.00 24.16 85.33
N THR H 1746 -53.00 23.47 85.87
CA THR H 1746 -51.61 23.88 85.78
C THR H 1746 -50.77 22.68 85.35
N LEU H 1747 -49.61 22.98 84.76
CA LEU H 1747 -48.76 21.92 84.23
C LEU H 1747 -48.30 20.98 85.34
N PHE H 1748 -47.81 21.54 86.44
CA PHE H 1748 -47.31 20.73 87.54
C PHE H 1748 -48.25 20.83 88.74
N PRO H 1749 -48.35 19.77 89.54
CA PRO H 1749 -49.16 19.86 90.74
C PRO H 1749 -48.57 20.90 91.69
N PRO H 1750 -49.40 21.53 92.50
CA PRO H 1750 -48.89 22.53 93.45
C PRO H 1750 -47.92 21.92 94.43
N GLY H 1751 -46.65 22.30 94.34
CA GLY H 1751 -45.61 21.74 95.16
C GLY H 1751 -44.52 22.76 95.39
N ARG H 1752 -43.39 22.29 95.92
CA ARG H 1752 -42.27 23.15 96.28
C ARG H 1752 -40.92 22.56 95.85
N LYS H 1753 -40.91 21.69 94.83
CA LYS H 1753 -39.65 21.14 94.36
C LYS H 1753 -38.77 22.21 93.74
N GLY H 1754 -39.34 23.01 92.84
CA GLY H 1754 -38.60 24.06 92.18
C GLY H 1754 -39.52 24.95 91.37
N GLY H 1755 -39.13 26.22 91.26
CA GLY H 1755 -39.94 27.16 90.49
C GLY H 1755 -39.96 26.85 89.01
N ASN H 1756 -38.82 26.42 88.46
CA ASN H 1756 -38.78 26.07 87.05
C ASN H 1756 -39.61 24.81 86.76
N ALA H 1757 -39.62 23.87 87.71
CA ALA H 1757 -40.38 22.64 87.54
C ALA H 1757 -40.50 21.94 88.88
N ARG H 1758 -41.73 21.59 89.26
CA ARG H 1758 -41.96 20.72 90.41
C ARG H 1758 -41.80 19.28 89.93
N ARG H 1759 -42.32 18.32 90.70
CA ARG H 1759 -42.32 16.95 90.25
C ARG H 1759 -43.46 16.75 89.25
N HIS H 1760 -43.27 15.81 88.33
CA HIS H 1760 -44.36 15.44 87.45
C HIS H 1760 -45.50 14.81 88.24
N GLY H 1761 -46.72 15.12 87.84
CA GLY H 1761 -47.85 14.38 88.33
C GLY H 1761 -47.98 13.05 87.64
N LEU H 1762 -48.81 12.18 88.22
CA LEU H 1762 -49.04 10.88 87.62
C LEU H 1762 -49.82 11.05 86.32
N PRO H 1763 -49.35 10.46 85.21
CA PRO H 1763 -50.09 10.58 83.96
C PRO H 1763 -51.48 9.96 84.08
N GLY H 1764 -52.46 10.60 83.46
CA GLY H 1764 -53.81 10.12 83.48
C GLY H 1764 -54.57 10.45 84.75
N VAL H 1765 -53.97 11.16 85.70
CA VAL H 1765 -54.59 11.51 86.96
C VAL H 1765 -54.69 13.03 87.03
N GLY H 1766 -55.90 13.53 87.24
CA GLY H 1766 -56.10 14.95 87.34
C GLY H 1766 -57.40 15.34 86.67
N VAL H 1767 -57.48 16.61 86.28
CA VAL H 1767 -58.68 17.19 85.70
C VAL H 1767 -58.44 17.42 84.21
N THR H 1768 -59.30 16.85 83.38
CA THR H 1768 -59.30 17.09 81.95
C THR H 1768 -60.63 17.69 81.55
N THR H 1769 -60.59 18.75 80.76
CA THR H 1769 -61.80 19.47 80.37
C THR H 1769 -62.11 19.37 78.89
N SER H 1770 -61.25 18.73 78.10
CA SER H 1770 -61.53 18.60 76.68
C SER H 1770 -62.82 17.83 76.46
N LEU H 1771 -63.62 18.31 75.51
CA LEU H 1771 -64.96 17.77 75.32
C LEU H 1771 -64.89 16.41 74.64
N ARG H 1772 -65.57 15.43 75.24
CA ARG H 1772 -65.73 14.11 74.66
C ARG H 1772 -67.17 13.67 74.86
N PRO H 1773 -67.91 13.37 73.80
CA PRO H 1773 -69.31 12.97 73.95
C PRO H 1773 -69.42 11.68 74.75
N PRO H 1774 -70.47 11.55 75.55
CA PRO H 1774 -70.58 10.38 76.43
C PRO H 1774 -70.93 9.13 75.65
N HIS H 1775 -70.73 7.99 76.31
CA HIS H 1775 -71.13 6.71 75.75
C HIS H 1775 -72.63 6.51 75.89
N HIS H 1776 -73.21 5.78 74.94
CA HIS H 1776 -74.63 5.47 74.95
C HIS H 1776 -74.81 3.96 74.81
N PHE H 1777 -75.57 3.37 75.73
CA PHE H 1777 -75.84 1.95 75.73
C PHE H 1777 -77.33 1.73 75.96
N SER H 1778 -77.80 0.57 75.52
CA SER H 1778 -79.17 0.18 75.75
C SER H 1778 -79.22 -1.17 76.45
N PRO H 1779 -80.18 -1.39 77.34
CA PRO H 1779 -80.27 -2.66 78.04
C PRO H 1779 -80.74 -3.76 77.12
N PRO H 1780 -80.05 -4.89 77.12
CA PRO H 1780 -80.50 -6.01 76.28
C PRO H 1780 -81.76 -6.67 76.82
N CYS H 1781 -82.87 -6.52 76.11
CA CYS H 1781 -84.14 -7.08 76.51
C CYS H 1781 -84.82 -7.71 75.31
N PHE H 1782 -85.40 -8.89 75.51
CA PHE H 1782 -86.00 -9.64 74.42
C PHE H 1782 -87.49 -9.92 74.66
N VAL H 1783 -88.11 -9.18 75.57
CA VAL H 1783 -89.56 -9.20 75.72
C VAL H 1783 -90.19 -7.87 75.34
N ALA H 1784 -89.39 -6.89 74.93
CA ALA H 1784 -89.93 -5.61 74.53
C ALA H 1784 -90.73 -5.74 73.23
N ALA H 1785 -91.79 -4.95 73.12
CA ALA H 1785 -92.62 -4.98 71.92
C ALA H 1785 -91.80 -4.56 70.71
N LEU H 1786 -91.94 -5.31 69.63
CA LEU H 1786 -91.18 -5.01 68.43
C LEU H 1786 -91.62 -3.67 67.87
N PRO H 1787 -90.69 -2.81 67.45
CA PRO H 1787 -91.07 -1.47 66.99
C PRO H 1787 -92.01 -1.54 65.80
N ALA H 1788 -93.01 -0.66 65.80
CA ALA H 1788 -93.87 -0.52 64.64
C ALA H 1788 -93.17 0.20 63.49
N ALA H 1789 -92.06 0.87 63.76
CA ALA H 1789 -91.29 1.52 62.71
C ALA H 1789 -90.67 0.48 61.79
N GLY H 1790 -90.65 0.79 60.50
CA GLY H 1790 -90.11 -0.13 59.52
C GLY H 1790 -88.60 -0.15 59.53
N VAL H 1791 -88.04 -1.11 58.78
CA VAL H 1791 -86.60 -1.21 58.66
C VAL H 1791 -86.06 0.00 57.91
N ALA H 1792 -84.80 0.36 58.21
CA ALA H 1792 -84.09 1.50 57.65
C ALA H 1792 -84.70 2.84 58.06
N GLU H 1793 -85.72 2.85 58.91
CA GLU H 1793 -86.32 4.08 59.41
C GLU H 1793 -86.24 4.22 60.92
N ALA H 1794 -86.19 3.10 61.65
CA ALA H 1794 -86.04 3.16 63.10
C ALA H 1794 -84.64 3.69 63.44
N PRO H 1795 -84.50 4.39 64.58
CA PRO H 1795 -83.17 4.90 64.95
C PRO H 1795 -82.19 3.76 65.19
N ALA H 1796 -80.92 4.05 64.92
CA ALA H 1796 -79.87 3.03 65.02
C ALA H 1796 -79.77 2.50 66.44
N ARG H 1797 -79.54 1.19 66.55
CA ARG H 1797 -79.43 0.56 67.86
C ARG H 1797 -78.13 0.95 68.54
N LEU H 1798 -78.16 0.98 69.87
CA LEU H 1798 -76.97 1.25 70.65
C LEU H 1798 -76.36 -0.07 71.13
N SER H 1799 -75.11 0.02 71.58
CA SER H 1799 -74.44 -1.17 72.07
C SER H 1799 -75.09 -1.69 73.34
N PRO H 1800 -75.16 -3.01 73.52
CA PRO H 1800 -75.76 -3.55 74.74
C PRO H 1800 -75.01 -3.12 75.98
N ALA H 1801 -75.75 -2.86 77.04
CA ALA H 1801 -75.18 -2.35 78.27
C ALA H 1801 -74.64 -3.50 79.12
N ILE H 1802 -73.55 -3.24 79.82
CA ILE H 1802 -72.99 -4.16 80.80
C ILE H 1802 -72.43 -3.31 81.93
N PRO H 1803 -72.62 -3.69 83.20
CA PRO H 1803 -72.19 -2.82 84.29
C PRO H 1803 -70.70 -2.50 84.28
N LEU H 1804 -70.39 -1.23 84.01
CA LEU H 1804 -69.00 -0.84 83.78
C LEU H 1804 -68.22 -0.76 85.07
N GLU H 1805 -68.85 -0.37 86.18
CA GLU H 1805 -68.13 -0.31 87.45
C GLU H 1805 -67.72 -1.70 87.92
N ALA H 1806 -68.65 -2.65 87.88
CA ALA H 1806 -68.31 -4.02 88.24
C ALA H 1806 -67.30 -4.60 87.26
N LEU H 1807 -67.44 -4.28 85.97
CA LEU H 1807 -66.50 -4.78 84.99
C LEU H 1807 -65.09 -4.26 85.25
N ARG H 1808 -64.96 -2.97 85.56
CA ARG H 1808 -63.64 -2.40 85.80
C ARG H 1808 -63.03 -2.93 87.10
N ASP H 1809 -63.85 -3.12 88.14
CA ASP H 1809 -63.31 -3.70 89.37
C ASP H 1809 -62.82 -5.12 89.12
N LYS H 1810 -63.58 -5.91 88.37
CA LYS H 1810 -63.15 -7.26 88.05
C LYS H 1810 -61.87 -7.25 87.23
N ALA H 1811 -61.77 -6.33 86.27
CA ALA H 1811 -60.58 -6.25 85.44
C ALA H 1811 -59.35 -5.89 86.28
N LEU H 1812 -59.49 -4.91 87.18
CA LEU H 1812 -58.37 -4.54 88.04
C LEU H 1812 -57.95 -5.69 88.93
N ARG H 1813 -58.91 -6.37 89.55
CA ARG H 1813 -58.58 -7.48 90.43
C ARG H 1813 -57.90 -8.61 89.66
N MET H 1814 -58.40 -8.92 88.47
CA MET H 1814 -57.80 -9.98 87.66
C MET H 1814 -56.40 -9.60 87.22
N LEU H 1815 -56.18 -8.33 86.86
CA LEU H 1815 -54.83 -7.91 86.48
C LEU H 1815 -53.87 -8.04 87.64
N GLY H 1816 -54.31 -7.63 88.84
CA GLY H 1816 -53.45 -7.77 90.02
C GLY H 1816 -53.12 -9.22 90.31
N GLU H 1817 -54.13 -10.09 90.23
CA GLU H 1817 -53.88 -11.51 90.45
C GLU H 1817 -52.94 -12.09 89.40
N ALA H 1818 -53.10 -11.67 88.15
CA ALA H 1818 -52.21 -12.16 87.09
C ALA H 1818 -50.78 -11.71 87.33
N VAL H 1819 -50.60 -10.46 87.77
CA VAL H 1819 -49.25 -9.97 88.05
C VAL H 1819 -48.63 -10.76 89.19
N ARG H 1820 -49.42 -11.01 90.25
CA ARG H 1820 -48.90 -11.78 91.37
C ARG H 1820 -48.53 -13.20 90.94
N ASP H 1821 -49.39 -13.83 90.14
CA ASP H 1821 -49.11 -15.17 89.66
C ASP H 1821 -47.86 -15.21 88.80
N GLY H 1822 -47.69 -14.22 87.92
CA GLY H 1822 -46.48 -14.16 87.12
C GLY H 1822 -45.24 -13.96 87.96
N GLY H 1823 -45.35 -13.18 89.04
CA GLY H 1823 -44.24 -13.08 89.97
C GLY H 1823 -43.92 -14.39 90.65
N GLN H 1824 -44.95 -15.18 90.96
CA GLN H 1824 -44.70 -16.47 91.60
C GLN H 1824 -44.01 -17.48 90.69
N HIS H 1825 -44.05 -17.29 89.37
CA HIS H 1825 -43.45 -18.22 88.41
C HIS H 1825 -44.07 -19.62 88.52
N ALA H 1826 -45.39 -19.69 88.44
CA ALA H 1826 -46.07 -20.97 88.51
C ALA H 1826 -45.87 -21.74 87.21
N ARG H 1827 -45.97 -23.08 87.31
CA ARG H 1827 -45.80 -23.92 86.13
C ARG H 1827 -47.11 -24.15 85.40
N ASP H 1828 -48.22 -23.62 85.89
CA ASP H 1828 -49.53 -23.76 85.24
C ASP H 1828 -50.17 -22.39 85.13
N PRO H 1829 -49.68 -21.56 84.22
CA PRO H 1829 -50.30 -20.24 84.04
C PRO H 1829 -51.71 -20.35 83.49
N VAL H 1830 -52.54 -19.38 83.84
CA VAL H 1830 -53.92 -19.39 83.37
C VAL H 1830 -53.94 -19.31 81.86
N GLY H 1831 -54.71 -20.20 81.23
CA GLY H 1831 -54.75 -20.29 79.80
C GLY H 1831 -53.65 -21.15 79.20
N GLY H 1832 -52.76 -21.68 80.03
CA GLY H 1832 -51.70 -22.54 79.55
C GLY H 1832 -50.42 -21.83 79.17
N SER H 1833 -50.40 -20.50 79.18
CA SER H 1833 -49.19 -19.77 78.84
C SER H 1833 -49.28 -18.37 79.42
N VAL H 1834 -48.12 -17.73 79.54
CA VAL H 1834 -48.07 -16.34 80.02
C VAL H 1834 -48.81 -15.43 79.06
N GLU H 1835 -48.68 -15.69 77.76
CA GLU H 1835 -49.41 -14.90 76.78
C GLU H 1835 -50.91 -15.00 76.99
N PHE H 1836 -51.43 -16.22 77.12
CA PHE H 1836 -52.86 -16.39 77.33
C PHE H 1836 -53.31 -15.90 78.70
N GLN H 1837 -52.41 -15.82 79.67
CA GLN H 1837 -52.77 -15.27 80.97
C GLN H 1837 -52.86 -13.75 80.94
N PHE H 1838 -51.96 -13.08 80.22
CA PHE H 1838 -51.86 -11.62 80.32
C PHE H 1838 -52.55 -10.88 79.19
N VAL H 1839 -52.45 -11.35 77.95
CA VAL H 1839 -52.94 -10.57 76.82
C VAL H 1839 -54.42 -10.24 76.93
N PRO H 1840 -55.33 -11.18 77.24
CA PRO H 1840 -56.74 -10.79 77.34
C PRO H 1840 -57.01 -9.74 78.40
N VAL H 1841 -56.41 -9.88 79.58
CA VAL H 1841 -56.64 -8.91 80.65
C VAL H 1841 -56.12 -7.54 80.25
N LEU H 1842 -54.95 -7.49 79.63
CA LEU H 1842 -54.40 -6.22 79.18
C LEU H 1842 -55.26 -5.58 78.10
N LYS H 1843 -55.80 -6.39 77.18
CA LYS H 1843 -56.71 -5.84 76.19
C LYS H 1843 -57.93 -5.22 76.85
N LEU H 1844 -58.51 -5.91 77.83
CA LEU H 1844 -59.68 -5.38 78.51
C LEU H 1844 -59.35 -4.08 79.23
N VAL H 1845 -58.20 -4.04 79.92
CA VAL H 1845 -57.81 -2.85 80.66
C VAL H 1845 -57.56 -1.69 79.71
N SER H 1846 -56.91 -1.95 78.58
CA SER H 1846 -56.67 -0.89 77.61
C SER H 1846 -57.98 -0.34 77.05
N THR H 1847 -58.93 -1.23 76.74
CA THR H 1847 -60.21 -0.77 76.24
C THR H 1847 -60.91 0.11 77.26
N LEU H 1848 -60.96 -0.33 78.51
CA LEU H 1848 -61.63 0.47 79.52
C LEU H 1848 -60.92 1.81 79.76
N LEU H 1849 -59.59 1.80 79.75
CA LEU H 1849 -58.84 3.04 79.91
C LEU H 1849 -59.15 4.02 78.80
N VAL H 1850 -59.18 3.55 77.56
CA VAL H 1850 -59.48 4.43 76.44
C VAL H 1850 -60.90 4.96 76.55
N MET H 1851 -61.85 4.09 76.89
CA MET H 1851 -63.23 4.55 77.10
C MET H 1851 -63.35 5.50 78.28
N GLY H 1852 -62.35 5.55 79.16
CA GLY H 1852 -62.40 6.48 80.28
C GLY H 1852 -63.19 5.98 81.45
N ILE H 1853 -63.34 4.67 81.61
CA ILE H 1853 -64.10 4.13 82.73
C ILE H 1853 -63.35 4.32 84.04
N PHE H 1854 -62.04 4.11 84.03
CA PHE H 1854 -61.28 4.12 85.27
C PHE H 1854 -61.19 5.51 85.86
N GLY H 1855 -61.29 5.57 87.19
CA GLY H 1855 -61.09 6.80 87.93
C GLY H 1855 -59.63 7.00 88.31
N ASP H 1856 -59.39 8.03 89.12
CA ASP H 1856 -58.03 8.37 89.49
C ASP H 1856 -57.38 7.27 90.31
N GLU H 1857 -58.12 6.71 91.28
CA GLU H 1857 -57.55 5.65 92.10
C GLU H 1857 -57.26 4.41 91.27
N ASP H 1858 -58.14 4.07 90.34
CA ASP H 1858 -57.90 2.94 89.46
C ASP H 1858 -56.68 3.17 88.59
N VAL H 1859 -56.51 4.39 88.08
CA VAL H 1859 -55.33 4.70 87.28
C VAL H 1859 -54.08 4.57 88.14
N LYS H 1860 -54.13 5.04 89.38
CA LYS H 1860 -52.99 4.90 90.27
C LYS H 1860 -52.63 3.44 90.49
N GLN H 1861 -53.65 2.59 90.68
CA GLN H 1861 -53.39 1.17 90.85
C GLN H 1861 -52.76 0.56 89.61
N ILE H 1862 -53.28 0.91 88.43
CA ILE H 1862 -52.71 0.39 87.19
C ILE H 1862 -51.26 0.81 87.06
N LEU H 1863 -50.96 2.05 87.42
CA LEU H 1863 -49.57 2.53 87.36
C LEU H 1863 -48.69 1.77 88.34
N LYS H 1864 -49.22 1.46 89.53
CA LYS H 1864 -48.46 0.64 90.47
C LYS H 1864 -48.17 -0.75 89.89
N MET H 1865 -49.16 -1.35 89.24
CA MET H 1865 -48.92 -2.65 88.61
C MET H 1865 -47.87 -2.56 87.53
N ILE H 1866 -47.91 -1.49 86.72
CA ILE H 1866 -46.94 -1.35 85.64
C ILE H 1866 -45.54 -1.18 86.21
N GLU H 1867 -45.37 -0.27 87.15
CA GLU H 1867 -44.07 -0.02 87.76
C GLU H 1867 -44.24 0.51 89.17
N PRO H 1868 -44.13 -0.34 90.19
CA PRO H 1868 -44.44 0.11 91.55
C PRO H 1868 -43.45 1.09 92.13
N GLU H 1869 -42.28 1.27 91.52
CA GLU H 1869 -41.29 2.19 92.08
C GLU H 1869 -41.36 3.58 91.46
N VAL H 1870 -41.57 3.66 90.14
CA VAL H 1870 -41.61 4.96 89.49
C VAL H 1870 -42.87 5.72 89.88
N PHE H 1871 -43.99 5.04 89.99
CA PHE H 1871 -45.31 5.67 90.06
C PHE H 1871 -45.88 5.71 91.46
N THR H 1872 -45.06 5.99 92.47
CA THR H 1872 -45.54 6.24 93.82
C THR H 1872 -45.67 7.74 94.02
N GLU H 1873 -46.84 8.17 94.50
CA GLU H 1873 -47.09 9.58 94.75
C GLU H 1873 -46.74 9.95 96.17
N GLU H 1874 -46.42 11.22 96.38
CA GLU H 1874 -46.06 11.71 97.71
C GLU H 1874 -46.30 13.22 97.81
N LEU H 1922 -43.31 -10.39 96.75
CA LEU H 1922 -42.76 -10.00 95.46
C LEU H 1922 -43.74 -9.12 94.70
N GLU H 1923 -43.61 -7.80 94.87
CA GLU H 1923 -44.50 -6.82 94.25
C GLU H 1923 -43.94 -6.33 92.90
N GLU H 1924 -43.13 -7.18 92.28
CA GLU H 1924 -42.47 -6.86 91.02
C GLU H 1924 -43.48 -6.44 89.97
N GLY H 1925 -43.19 -5.36 89.27
CA GLY H 1925 -44.10 -4.81 88.28
C GLY H 1925 -44.02 -5.52 86.95
N LEU H 1926 -44.93 -5.11 86.05
CA LEU H 1926 -45.03 -5.73 84.74
C LEU H 1926 -43.80 -5.49 83.88
N LEU H 1927 -43.25 -4.27 83.90
CA LEU H 1927 -42.20 -3.93 82.96
C LEU H 1927 -40.91 -4.72 83.17
N GLN H 1928 -40.77 -5.39 84.31
CA GLN H 1928 -39.58 -6.18 84.59
C GLN H 1928 -39.90 -7.65 84.81
N MET H 1929 -40.90 -8.17 84.10
CA MET H 1929 -41.36 -9.54 84.31
C MET H 1929 -40.92 -10.51 83.22
N LYS H 1930 -40.17 -10.05 82.22
CA LYS H 1930 -39.70 -10.90 81.13
C LYS H 1930 -40.91 -11.52 80.42
N LEU H 1931 -41.62 -10.68 79.71
CA LEU H 1931 -42.85 -11.10 79.07
C LEU H 1931 -42.63 -11.36 77.59
N PRO H 1932 -43.48 -12.17 76.96
CA PRO H 1932 -43.38 -12.36 75.52
C PRO H 1932 -43.81 -11.15 74.71
N GLU H 1933 -43.68 -11.25 73.39
CA GLU H 1933 -43.82 -10.08 72.53
C GLU H 1933 -45.25 -9.58 72.44
N SER H 1934 -46.24 -10.49 72.48
CA SER H 1934 -47.63 -10.03 72.46
C SER H 1934 -47.95 -9.22 73.71
N VAL H 1935 -47.47 -9.68 74.87
CA VAL H 1935 -47.66 -8.93 76.10
C VAL H 1935 -46.92 -7.60 76.03
N LYS H 1936 -45.74 -7.60 75.40
CA LYS H 1936 -45.02 -6.35 75.21
C LYS H 1936 -45.81 -5.37 74.36
N LEU H 1937 -46.48 -5.87 73.31
CA LEU H 1937 -47.31 -5.01 72.48
C LEU H 1937 -48.47 -4.42 73.27
N GLN H 1938 -49.10 -5.23 74.11
CA GLN H 1938 -50.16 -4.69 74.96
C GLN H 1938 -49.65 -3.64 75.92
N MET H 1939 -48.46 -3.85 76.50
CA MET H 1939 -47.91 -2.84 77.39
C MET H 1939 -47.59 -1.57 76.62
N CYS H 1940 -47.17 -1.70 75.36
CA CYS H 1940 -46.97 -0.53 74.52
C CYS H 1940 -48.28 0.23 74.32
N ASN H 1941 -49.38 -0.50 74.16
CA ASN H 1941 -50.68 0.17 74.06
C ASN H 1941 -51.00 0.97 75.31
N LEU H 1942 -50.77 0.36 76.49
CA LEU H 1942 -51.03 1.09 77.74
C LEU H 1942 -50.16 2.35 77.84
N LEU H 1943 -48.87 2.21 77.54
CA LEU H 1943 -47.97 3.35 77.66
C LEU H 1943 -48.31 4.41 76.63
N GLU H 1944 -48.79 4.02 75.45
CA GLU H 1944 -49.27 4.98 74.49
C GLU H 1944 -50.46 5.76 75.03
N TYR H 1945 -51.37 5.07 75.71
CA TYR H 1945 -52.49 5.78 76.33
C TYR H 1945 -51.99 6.81 77.32
N PHE H 1946 -51.04 6.43 78.17
CA PHE H 1946 -50.59 7.38 79.19
C PHE H 1946 -49.81 8.54 78.58
N CYS H 1947 -49.05 8.29 77.51
CA CYS H 1947 -48.38 9.38 76.81
C CYS H 1947 -49.39 10.33 76.17
N ASP H 1948 -50.47 9.79 75.60
CA ASP H 1948 -51.53 10.64 75.07
C ASP H 1948 -52.15 11.49 76.17
N GLN H 1949 -52.31 10.92 77.36
CA GLN H 1949 -52.85 11.68 78.47
C GLN H 1949 -51.91 12.82 78.85
N GLU H 1950 -50.60 12.56 78.86
CA GLU H 1950 -49.63 13.62 79.12
C GLU H 1950 -49.74 14.74 78.08
N LEU H 1951 -49.85 14.37 76.80
CA LEU H 1951 -49.97 15.38 75.76
C LEU H 1951 -51.23 16.20 75.92
N GLN H 1952 -52.35 15.54 76.24
CA GLN H 1952 -53.60 16.25 76.44
C GLN H 1952 -53.49 17.19 77.64
N HIS H 1953 -52.81 16.75 78.70
CA HIS H 1953 -52.61 17.63 79.85
C HIS H 1953 -51.82 18.87 79.46
N ARG H 1954 -50.78 18.69 78.63
CA ARG H 1954 -50.02 19.86 78.17
C ARG H 1954 -50.89 20.81 77.37
N VAL H 1955 -51.71 20.28 76.47
CA VAL H 1955 -52.57 21.14 75.66
C VAL H 1955 -53.55 21.91 76.55
N GLU H 1956 -54.17 21.22 77.51
CA GLU H 1956 -55.13 21.88 78.38
C GLU H 1956 -54.46 22.92 79.26
N SER H 1957 -53.25 22.63 79.75
CA SER H 1957 -52.52 23.59 80.55
C SER H 1957 -52.19 24.84 79.75
N LEU H 1958 -51.78 24.66 78.50
CA LEU H 1958 -51.51 25.79 77.63
C LEU H 1958 -52.77 26.60 77.39
N ALA H 1959 -53.91 25.93 77.21
CA ALA H 1959 -55.17 26.65 77.03
C ALA H 1959 -55.53 27.45 78.28
N ALA H 1960 -55.35 26.87 79.47
CA ALA H 1960 -55.67 27.58 80.70
C ALA H 1960 -54.78 28.80 80.87
N PHE H 1961 -53.48 28.64 80.62
CA PHE H 1961 -52.60 29.79 80.70
C PHE H 1961 -52.98 30.85 79.68
N ALA H 1962 -53.42 30.42 78.50
CA ALA H 1962 -53.90 31.38 77.51
C ALA H 1962 -55.08 32.15 78.05
N GLU H 1963 -56.00 31.46 78.73
CA GLU H 1963 -57.16 32.14 79.28
C GLU H 1963 -56.76 33.19 80.30
N ARG H 1964 -55.82 32.87 81.18
CA ARG H 1964 -55.42 33.86 82.18
C ARG H 1964 -54.62 35.00 81.57
N TYR H 1965 -53.66 34.68 80.71
CA TYR H 1965 -52.80 35.69 80.11
C TYR H 1965 -53.56 36.61 79.19
N VAL H 1966 -54.61 36.12 78.52
CA VAL H 1966 -55.41 36.98 77.65
C VAL H 1966 -56.13 38.02 78.48
N ASP H 1967 -56.67 37.63 79.64
CA ASP H 1967 -57.31 38.61 80.50
C ASP H 1967 -56.31 39.67 80.94
N LYS H 1968 -55.12 39.24 81.36
CA LYS H 1968 -54.12 40.23 81.77
C LYS H 1968 -53.74 41.15 80.61
N LEU H 1969 -53.55 40.61 79.42
CA LEU H 1969 -53.16 41.42 78.27
C LEU H 1969 -54.26 42.39 77.89
N GLN H 1970 -55.52 41.95 77.91
CA GLN H 1970 -56.61 42.84 77.55
C GLN H 1970 -56.74 43.98 78.54
N ALA H 1971 -56.63 43.68 79.84
CA ALA H 1971 -56.68 44.75 80.83
C ALA H 1971 -55.55 45.75 80.62
N ASN H 1972 -54.34 45.24 80.39
CA ASN H 1972 -53.20 46.13 80.19
C ASN H 1972 -53.36 46.98 78.94
N GLN H 1973 -53.86 46.38 77.85
CA GLN H 1973 -54.04 47.13 76.61
C GLN H 1973 -55.10 48.19 76.76
N ARG H 1974 -56.18 47.88 77.48
CA ARG H 1974 -57.21 48.90 77.73
C ARG H 1974 -56.64 50.06 78.54
N SER H 1975 -55.87 49.75 79.59
CA SER H 1975 -55.27 50.83 80.38
C SER H 1975 -54.29 51.65 79.55
N ARG H 1976 -53.48 51.00 78.71
CA ARG H 1976 -52.54 51.72 77.89
C ARG H 1976 -53.24 52.61 76.88
N TYR H 1977 -54.33 52.13 76.28
CA TYR H 1977 -55.11 52.98 75.38
C TYR H 1977 -55.71 54.17 76.12
N ALA H 1978 -56.23 53.94 77.32
CA ALA H 1978 -56.80 55.03 78.10
C ALA H 1978 -55.74 56.10 78.40
N LEU H 1979 -54.53 55.66 78.74
CA LEU H 1979 -53.46 56.64 78.95
C LEU H 1979 -53.03 57.30 77.66
N LEU H 1980 -53.03 56.57 76.55
CA LEU H 1980 -52.57 57.11 75.28
C LEU H 1980 -53.51 58.17 74.74
N MET H 1981 -54.80 58.10 75.08
CA MET H 1981 -55.71 59.15 74.65
C MET H 1981 -55.38 60.53 75.21
N ARG H 1982 -54.41 60.62 76.13
CA ARG H 1982 -53.91 61.91 76.61
C ARG H 1982 -52.50 62.20 76.13
N ALA H 1983 -52.02 61.50 75.10
CA ALA H 1983 -50.62 61.62 74.70
C ALA H 1983 -50.32 62.92 73.96
N PHE H 1984 -51.31 63.55 73.32
CA PHE H 1984 -51.03 64.73 72.52
C PHE H 1984 -50.45 65.87 73.36
N THR H 1985 -50.68 65.85 74.67
CA THR H 1985 -50.18 66.93 75.52
C THR H 1985 -48.74 66.70 75.98
N MET H 1986 -48.16 65.51 75.76
CA MET H 1986 -46.71 65.36 75.89
C MET H 1986 -46.09 64.56 74.75
N SER H 1987 -46.59 64.69 73.52
CA SER H 1987 -46.03 63.95 72.39
C SER H 1987 -46.39 64.69 71.11
N ALA H 1988 -46.17 64.02 69.98
CA ALA H 1988 -46.19 64.66 68.67
C ALA H 1988 -46.71 63.64 67.66
N ALA H 1989 -46.44 63.90 66.37
CA ALA H 1989 -46.97 63.05 65.30
C ALA H 1989 -46.47 61.61 65.39
N GLU H 1990 -45.42 61.38 66.18
CA GLU H 1990 -44.91 60.04 66.44
C GLU H 1990 -45.96 59.15 67.13
N THR H 1991 -46.99 59.76 67.72
CA THR H 1991 -48.08 59.01 68.34
C THR H 1991 -48.62 57.93 67.41
N ALA H 1992 -48.48 58.11 66.10
CA ALA H 1992 -48.90 57.07 65.17
C ALA H 1992 -48.18 55.76 65.43
N ARG H 1993 -46.90 55.83 65.83
CA ARG H 1993 -46.16 54.62 66.17
C ARG H 1993 -46.74 53.93 67.40
N ARG H 1994 -47.07 54.70 68.43
CA ARG H 1994 -47.64 54.10 69.63
C ARG H 1994 -49.03 53.52 69.35
N THR H 1995 -49.84 54.22 68.58
CA THR H 1995 -51.17 53.74 68.23
C THR H 1995 -51.17 52.88 66.97
N ARG H 1996 -49.99 52.60 66.41
CA ARG H 1996 -49.88 51.61 65.35
C ARG H 1996 -50.45 50.26 65.79
N GLU H 1997 -50.29 49.92 67.06
CA GLU H 1997 -50.86 48.68 67.58
C GLU H 1997 -52.36 48.64 67.36
N PHE H 1998 -53.06 49.70 67.76
CA PHE H 1998 -54.51 49.77 67.59
C PHE H 1998 -54.91 49.95 66.13
N ARG H 1999 -53.96 50.28 65.25
CA ARG H 1999 -54.22 50.39 63.82
C ARG H 1999 -53.81 49.13 63.09
N SER H 2000 -53.92 47.99 63.76
CA SER H 2000 -53.53 46.71 63.20
C SER H 2000 -54.56 45.65 63.58
N PRO H 2001 -54.69 44.60 62.77
CA PRO H 2001 -55.64 43.55 63.09
C PRO H 2001 -55.29 42.88 64.39
N PRO H 2002 -56.26 42.33 65.11
CA PRO H 2002 -55.98 41.78 66.45
C PRO H 2002 -54.94 40.69 66.44
N GLN H 2003 -54.87 39.88 65.39
CA GLN H 2003 -53.83 38.87 65.31
C GLN H 2003 -52.45 39.52 65.29
N GLU H 2004 -52.28 40.58 64.49
CA GLU H 2004 -51.01 41.30 64.49
C GLU H 2004 -50.74 41.97 65.83
N GLN H 2005 -51.79 42.48 66.49
CA GLN H 2005 -51.59 43.08 67.79
C GLN H 2005 -51.02 42.07 68.78
N ILE H 2006 -51.63 40.89 68.84
CA ILE H 2006 -51.13 39.88 69.77
C ILE H 2006 -49.78 39.34 69.35
N ASN H 2007 -49.51 39.26 68.05
CA ASN H 2007 -48.18 38.85 67.59
C ASN H 2007 -47.12 39.82 68.06
N MET H 2008 -47.39 41.12 67.95
CA MET H 2008 -46.39 42.10 68.34
C MET H 2008 -46.31 42.22 69.86
N LEU H 2009 -47.40 41.87 70.56
CA LEU H 2009 -47.34 41.85 72.01
C LEU H 2009 -46.50 40.68 72.52
N LEU H 2010 -46.55 39.53 71.86
CA LEU H 2010 -45.75 38.39 72.30
C LEU H 2010 -44.34 38.39 71.72
N HIS H 2011 -43.90 39.48 71.11
CA HIS H 2011 -42.60 39.53 70.44
C HIS H 2011 -41.55 40.11 71.38
N PHE H 2012 -41.26 39.36 72.45
CA PHE H 2012 -40.24 39.76 73.39
C PHE H 2012 -39.42 38.58 73.88
N LYS H 2013 -39.23 37.57 73.04
CA LYS H 2013 -38.54 36.37 73.50
C LYS H 2013 -37.02 36.48 73.41
N ASP H 2014 -36.50 37.06 72.32
CA ASP H 2014 -35.07 36.98 72.03
C ASP H 2014 -34.26 38.07 72.72
N GLU H 2015 -34.88 38.95 73.49
CA GLU H 2015 -34.25 40.04 74.24
C GLU H 2015 -33.72 41.14 73.32
N ALA H 2016 -33.76 40.96 72.01
CA ALA H 2016 -33.44 42.02 71.07
C ALA H 2016 -34.68 42.75 70.59
N ASP H 2017 -35.86 42.35 71.05
CA ASP H 2017 -37.13 42.91 70.61
C ASP H 2017 -37.94 43.40 71.81
N GLU H 2018 -37.25 43.95 72.80
CA GLU H 2018 -37.92 44.47 74.00
C GLU H 2018 -38.35 45.92 73.84
N GLU H 2019 -38.08 46.53 72.68
CA GLU H 2019 -38.42 47.94 72.45
C GLU H 2019 -39.78 48.12 71.78
N ASP H 2020 -40.13 47.26 70.83
CA ASP H 2020 -41.42 47.37 70.17
C ASP H 2020 -42.56 46.90 71.06
N CYS H 2021 -42.32 45.92 71.91
CA CYS H 2021 -43.36 45.39 72.77
C CYS H 2021 -43.60 46.33 73.95
N PRO H 2022 -44.80 46.86 74.12
CA PRO H 2022 -45.07 47.77 75.25
C PRO H 2022 -45.54 47.08 76.52
N LEU H 2023 -45.50 45.77 76.59
CA LEU H 2023 -45.97 45.07 77.78
C LEU H 2023 -45.04 45.34 78.95
N PRO H 2024 -45.58 45.48 80.16
CA PRO H 2024 -44.74 45.63 81.34
C PRO H 2024 -43.97 44.35 81.64
N GLU H 2025 -42.85 44.54 82.34
CA GLU H 2025 -41.97 43.41 82.64
C GLU H 2025 -42.66 42.40 83.53
N ASP H 2026 -43.59 42.84 84.38
CA ASP H 2026 -44.33 41.90 85.21
C ASP H 2026 -45.16 40.96 84.35
N ILE H 2027 -45.81 41.47 83.32
CA ILE H 2027 -46.58 40.63 82.42
C ILE H 2027 -45.66 39.73 81.60
N ARG H 2028 -44.52 40.28 81.15
CA ARG H 2028 -43.59 39.47 80.38
C ARG H 2028 -43.07 38.29 81.20
N GLN H 2029 -42.86 38.50 82.50
CA GLN H 2029 -42.28 37.47 83.33
C GLN H 2029 -43.20 36.26 83.45
N ASP H 2030 -44.52 36.49 83.47
CA ASP H 2030 -45.44 35.37 83.56
C ASP H 2030 -45.33 34.45 82.34
N LEU H 2031 -45.27 35.03 81.14
CA LEU H 2031 -45.12 34.23 79.94
C LEU H 2031 -43.77 33.53 79.93
N GLN H 2032 -42.71 34.21 80.38
CA GLN H 2032 -41.41 33.56 80.41
C GLN H 2032 -41.40 32.38 81.38
N ASP H 2033 -42.04 32.55 82.54
CA ASP H 2033 -42.12 31.47 83.51
C ASP H 2033 -42.91 30.29 82.95
N PHE H 2034 -44.02 30.57 82.26
CA PHE H 2034 -44.77 29.46 81.69
C PHE H 2034 -43.99 28.76 80.58
N HIS H 2035 -43.25 29.51 79.78
CA HIS H 2035 -42.43 28.87 78.76
C HIS H 2035 -41.39 27.98 79.41
N GLN H 2036 -40.78 28.44 80.49
CA GLN H 2036 -39.76 27.64 81.18
C GLN H 2036 -40.35 26.35 81.73
N ASP H 2037 -41.47 26.43 82.45
CA ASP H 2037 -41.97 25.18 83.01
C ASP H 2037 -42.67 24.31 81.99
N LEU H 2038 -43.12 24.87 80.86
CA LEU H 2038 -43.57 24.02 79.76
C LEU H 2038 -42.41 23.24 79.17
N LEU H 2039 -41.28 23.89 78.93
CA LEU H 2039 -40.11 23.18 78.44
C LEU H 2039 -39.67 22.12 79.43
N ALA H 2040 -39.69 22.45 80.73
CA ALA H 2040 -39.31 21.47 81.74
C ALA H 2040 -40.26 20.27 81.74
N HIS H 2041 -41.56 20.53 81.61
CA HIS H 2041 -42.53 19.44 81.55
C HIS H 2041 -42.32 18.57 80.32
N CYS H 2042 -41.98 19.17 79.18
CA CYS H 2042 -41.61 18.40 78.00
C CYS H 2042 -40.26 17.71 78.16
N GLY H 2043 -39.61 17.87 79.30
CA GLY H 2043 -38.31 17.24 79.52
C GLY H 2043 -37.20 17.78 78.67
N ILE H 2044 -37.14 19.11 78.50
CA ILE H 2044 -36.08 19.70 77.69
C ILE H 2044 -34.82 19.87 78.53
N GLN H 2045 -34.89 20.69 79.57
CA GLN H 2045 -33.73 20.97 80.40
C GLN H 2045 -34.21 21.55 81.73
N LEU H 2046 -33.30 21.55 82.71
CA LEU H 2046 -33.60 22.10 84.02
C LEU H 2046 -32.38 22.83 84.59
N GLU H 2088 -28.79 7.34 89.18
CA GLU H 2088 -30.00 7.80 88.49
C GLU H 2088 -30.64 6.66 87.70
N LYS H 2089 -30.38 5.42 88.12
CA LYS H 2089 -30.93 4.26 87.43
C LYS H 2089 -32.45 4.23 87.48
N LYS H 2090 -33.06 4.81 88.51
CA LYS H 2090 -34.51 4.93 88.54
C LYS H 2090 -34.95 5.95 87.49
N PRO H 2091 -35.80 5.57 86.55
CA PRO H 2091 -36.21 6.54 85.52
C PRO H 2091 -36.87 7.78 86.08
N GLN H 2092 -37.64 7.66 87.16
CA GLN H 2092 -38.26 8.77 87.89
C GLN H 2092 -39.30 9.52 87.07
N SER H 2093 -39.55 9.14 85.83
CA SER H 2093 -40.54 9.82 85.01
C SER H 2093 -41.00 8.89 83.91
N LEU H 2094 -42.18 9.20 83.37
CA LEU H 2094 -42.75 8.36 82.32
C LEU H 2094 -41.85 8.34 81.08
N GLN H 2095 -41.28 9.48 80.72
CA GLN H 2095 -40.44 9.55 79.53
C GLN H 2095 -39.21 8.67 79.66
N GLU H 2096 -38.47 8.82 80.76
CA GLU H 2096 -37.29 7.99 80.98
C GLU H 2096 -37.66 6.53 81.10
N LEU H 2097 -38.76 6.22 81.78
CA LEU H 2097 -39.19 4.83 81.90
C LEU H 2097 -39.44 4.22 80.53
N VAL H 2098 -40.21 4.90 79.68
CA VAL H 2098 -40.55 4.34 78.39
C VAL H 2098 -39.32 4.21 77.51
N SER H 2099 -38.46 5.24 77.49
CA SER H 2099 -37.28 5.18 76.64
C SER H 2099 -36.35 4.04 77.06
N HIS H 2100 -36.08 3.93 78.36
CA HIS H 2100 -35.23 2.85 78.85
CA HIS H 2100 -35.23 2.86 78.85
C HIS H 2100 -35.84 1.50 78.58
N MET H 2101 -37.15 1.36 78.79
CA MET H 2101 -37.82 0.10 78.52
C MET H 2101 -37.67 -0.31 77.06
N VAL H 2102 -37.90 0.62 76.14
CA VAL H 2102 -37.80 0.29 74.72
C VAL H 2102 -36.38 -0.08 74.34
N VAL H 2103 -35.39 0.69 74.81
CA VAL H 2103 -34.02 0.39 74.47
C VAL H 2103 -33.61 -0.98 75.02
N ARG H 2104 -34.00 -1.27 76.26
CA ARG H 2104 -33.65 -2.55 76.85
C ARG H 2104 -34.32 -3.71 76.12
N TRP H 2105 -35.58 -3.54 75.75
CA TRP H 2105 -36.26 -4.58 74.97
C TRP H 2105 -35.55 -4.80 73.64
N ALA H 2106 -35.15 -3.73 72.97
CA ALA H 2106 -34.52 -3.88 71.67
C ALA H 2106 -33.14 -4.50 71.76
N GLN H 2107 -32.39 -4.21 72.82
CA GLN H 2107 -31.04 -4.75 72.94
C GLN H 2107 -30.99 -6.06 73.73
N GLU H 2108 -32.13 -6.56 74.20
CA GLU H 2108 -32.15 -7.89 74.80
C GLU H 2108 -32.44 -8.99 73.79
N ASP H 2109 -33.12 -8.69 72.69
CA ASP H 2109 -33.42 -9.72 71.70
C ASP H 2109 -33.72 -9.05 70.37
N TYR H 2110 -33.67 -9.87 69.32
CA TYR H 2110 -34.07 -9.45 67.98
C TYR H 2110 -35.59 -9.60 67.88
N VAL H 2111 -36.31 -8.49 68.01
CA VAL H 2111 -37.77 -8.54 68.01
C VAL H 2111 -38.26 -9.01 66.65
N GLN H 2112 -39.13 -10.01 66.66
CA GLN H 2112 -39.63 -10.61 65.44
C GLN H 2112 -40.97 -10.07 65.00
N SER H 2113 -41.61 -9.22 65.78
CA SER H 2113 -42.92 -8.69 65.44
C SER H 2113 -42.78 -7.29 64.86
N PRO H 2114 -43.04 -7.10 63.56
CA PRO H 2114 -42.98 -5.75 63.01
C PRO H 2114 -43.92 -4.78 63.68
N GLU H 2115 -45.12 -5.23 64.07
CA GLU H 2115 -46.05 -4.36 64.77
C GLU H 2115 -45.47 -3.92 66.11
N LEU H 2116 -44.86 -4.84 66.85
CA LEU H 2116 -44.23 -4.47 68.11
C LEU H 2116 -43.09 -3.50 67.89
N VAL H 2117 -42.27 -3.73 66.86
CA VAL H 2117 -41.13 -2.85 66.60
C VAL H 2117 -41.62 -1.44 66.28
N ARG H 2118 -42.64 -1.34 65.42
CA ARG H 2118 -43.18 -0.04 65.07
C ARG H 2118 -43.75 0.65 66.30
N ALA H 2119 -44.45 -0.10 67.15
CA ALA H 2119 -45.01 0.49 68.36
C ALA H 2119 -43.93 1.02 69.29
N MET H 2120 -42.89 0.22 69.54
CA MET H 2120 -41.89 0.67 70.50
C MET H 2120 -41.14 1.87 69.97
N PHE H 2121 -40.86 1.91 68.66
CA PHE H 2121 -40.10 3.04 68.17
C PHE H 2121 -40.95 4.30 68.05
N SER H 2122 -42.25 4.17 67.74
CA SER H 2122 -43.13 5.33 67.84
C SER H 2122 -43.17 5.86 69.25
N LEU H 2123 -43.29 4.96 70.22
CA LEU H 2123 -43.32 5.37 71.62
C LEU H 2123 -42.03 6.08 72.02
N LEU H 2124 -40.88 5.54 71.60
CA LEU H 2124 -39.60 6.15 71.91
C LEU H 2124 -39.48 7.54 71.30
N HIS H 2125 -39.89 7.67 70.04
CA HIS H 2125 -39.80 8.97 69.38
C HIS H 2125 -40.67 10.00 70.10
N ARG H 2126 -41.84 9.59 70.56
CA ARG H 2126 -42.69 10.53 71.31
C ARG H 2126 -42.00 11.01 72.57
N GLN H 2127 -41.31 10.12 73.27
CA GLN H 2127 -40.60 10.53 74.49
C GLN H 2127 -39.47 11.48 74.17
N TYR H 2128 -38.78 11.28 73.05
CA TYR H 2128 -37.65 12.14 72.75
C TYR H 2128 -38.08 13.52 72.26
N ASP H 2129 -39.18 13.62 71.53
CA ASP H 2129 -39.64 14.90 70.99
C ASP H 2129 -41.02 15.23 71.54
N GLY H 2130 -41.06 15.69 72.79
CA GLY H 2130 -42.32 16.04 73.42
C GLY H 2130 -42.80 17.39 72.94
N LEU H 2131 -41.86 18.32 72.80
CA LEU H 2131 -42.21 19.63 72.28
C LEU H 2131 -42.69 19.52 70.84
N GLY H 2132 -42.05 18.67 70.04
CA GLY H 2132 -42.51 18.45 68.68
C GLY H 2132 -43.89 17.81 68.62
N GLU H 2133 -44.14 16.83 69.50
CA GLU H 2133 -45.47 16.24 69.56
C GLU H 2133 -46.52 17.29 69.92
N LEU H 2134 -46.22 18.14 70.89
CA LEU H 2134 -47.15 19.21 71.27
C LEU H 2134 -47.38 20.18 70.13
N LEU H 2135 -46.31 20.55 69.42
CA LEU H 2135 -46.42 21.49 68.31
C LEU H 2135 -47.30 20.91 67.21
N ARG H 2136 -47.14 19.63 66.92
CA ARG H 2136 -48.01 19.02 65.91
C ARG H 2136 -49.44 18.81 66.41
N ALA H 2137 -49.64 18.73 67.73
CA ALA H 2137 -50.99 18.58 68.27
C ALA H 2137 -51.75 19.88 68.44
N LEU H 2138 -51.06 21.01 68.52
CA LEU H 2138 -51.75 22.29 68.70
C LEU H 2138 -52.75 22.63 67.60
N PRO H 2139 -52.51 22.37 66.31
CA PRO H 2139 -53.52 22.73 65.30
C PRO H 2139 -54.90 22.17 65.55
N ARG H 2140 -55.01 21.07 66.29
CA ARG H 2140 -56.30 20.48 66.61
C ARG H 2140 -56.83 20.91 67.96
N ALA H 2141 -56.28 21.97 68.55
CA ALA H 2141 -56.76 22.52 69.80
C ALA H 2141 -57.62 23.75 69.51
N TYR H 2142 -58.66 23.94 70.32
CA TYR H 2142 -59.58 25.04 70.10
C TYR H 2142 -60.28 25.37 71.40
N THR H 2143 -60.33 26.65 71.73
CA THR H 2143 -60.99 27.12 72.94
C THR H 2143 -62.35 27.70 72.57
N ILE H 2144 -63.38 27.32 73.31
CA ILE H 2144 -64.73 27.79 73.08
C ILE H 2144 -65.29 28.34 74.38
N SER H 2145 -66.29 29.19 74.23
CA SER H 2145 -66.99 29.72 75.38
C SER H 2145 -67.80 28.62 76.05
N PRO H 2146 -67.93 28.66 77.38
CA PRO H 2146 -68.73 27.64 78.06
C PRO H 2146 -70.19 27.63 77.65
N SER H 2147 -70.68 28.69 77.02
CA SER H 2147 -72.07 28.75 76.61
C SER H 2147 -72.35 27.95 75.34
N SER H 2148 -71.32 27.45 74.66
CA SER H 2148 -71.50 26.66 73.44
C SER H 2148 -71.17 25.19 73.65
N VAL H 2149 -71.07 24.75 74.91
CA VAL H 2149 -70.65 23.39 75.18
C VAL H 2149 -71.67 22.38 74.68
N GLU H 2150 -72.96 22.63 74.93
CA GLU H 2150 -73.98 21.66 74.55
C GLU H 2150 -74.12 21.54 73.04
N ASP H 2151 -74.07 22.67 72.34
CA ASP H 2151 -74.11 22.63 70.88
C ASP H 2151 -72.89 21.94 70.33
N THR H 2152 -71.72 22.21 70.90
CA THR H 2152 -70.50 21.52 70.46
C THR H 2152 -70.60 20.03 70.69
N MET H 2153 -71.18 19.61 71.82
CA MET H 2153 -71.33 18.18 72.09
C MET H 2153 -72.28 17.54 71.09
N SER H 2154 -73.38 18.22 70.75
CA SER H 2154 -74.28 17.69 69.74
C SER H 2154 -73.58 17.56 68.39
N LEU H 2155 -72.80 18.57 68.02
CA LEU H 2155 -72.06 18.52 66.76
C LEU H 2155 -71.06 17.38 66.77
N LEU H 2156 -70.39 17.16 67.90
CA LEU H 2156 -69.44 16.05 67.99
C LEU H 2156 -70.16 14.71 67.90
N GLU H 2157 -71.35 14.61 68.49
CA GLU H 2157 -72.13 13.38 68.35
C GLU H 2157 -72.45 13.10 66.89
N CYS H 2158 -72.92 14.12 66.17
CA CYS H 2158 -73.23 13.93 64.76
C CYS H 2158 -71.97 13.57 63.96
N LEU H 2159 -70.86 14.23 64.26
CA LEU H 2159 -69.63 13.94 63.55
C LEU H 2159 -69.16 12.52 63.81
N GLY H 2160 -69.32 12.04 65.04
CA GLY H 2160 -68.99 10.66 65.34
C GLY H 2160 -69.88 9.67 64.62
N GLN H 2161 -71.17 9.99 64.53
CA GLN H 2161 -72.07 9.16 63.73
C GLN H 2161 -71.59 9.09 62.28
N ILE H 2162 -71.16 10.22 61.73
CA ILE H 2162 -70.66 10.23 60.36
C ILE H 2162 -69.40 9.39 60.24
N ARG H 2163 -68.47 9.55 61.18
CA ARG H 2163 -67.19 8.84 61.10
C ARG H 2163 -67.38 7.34 61.27
N SER H 2164 -68.38 6.92 62.05
CA SER H 2164 -68.60 5.49 62.26
C SER H 2164 -69.00 4.77 60.99
N LEU H 2165 -69.52 5.50 60.00
CA LEU H 2165 -69.96 4.89 58.76
C LEU H 2165 -68.89 4.87 57.68
N LEU H 2166 -67.68 5.33 58.00
CA LEU H 2166 -66.56 5.18 57.09
C LEU H 2166 -66.07 3.75 56.96
N ILE H 2167 -66.55 2.84 57.83
CA ILE H 2167 -66.07 1.48 57.89
C ILE H 2167 -67.16 0.47 57.60
N VAL H 2168 -68.25 0.89 56.96
CA VAL H 2168 -69.34 0.00 56.61
C VAL H 2168 -69.84 0.36 55.22
N GLN H 2169 -70.11 -0.66 54.41
CA GLN H 2169 -70.72 -0.41 53.11
C GLN H 2169 -72.10 0.21 53.28
N MET H 2170 -72.47 1.05 52.33
CA MET H 2170 -73.58 1.96 52.53
C MET H 2170 -74.89 1.38 51.98
N GLY H 2171 -75.96 1.54 52.77
CA GLY H 2171 -77.28 1.13 52.37
C GLY H 2171 -78.28 2.23 52.65
N PRO H 2172 -79.57 1.95 52.45
CA PRO H 2172 -80.58 2.99 52.71
C PRO H 2172 -80.57 3.52 54.14
N GLN H 2173 -80.35 2.63 55.12
CA GLN H 2173 -80.31 3.11 56.50
C GLN H 2173 -79.13 4.04 56.73
N GLU H 2174 -77.94 3.64 56.25
CA GLU H 2174 -76.78 4.51 56.38
C GLU H 2174 -76.98 5.83 55.68
N GLU H 2175 -77.65 5.81 54.53
CA GLU H 2175 -78.00 7.05 53.84
C GLU H 2175 -78.87 7.93 54.72
N ASN H 2176 -79.85 7.34 55.38
CA ASN H 2176 -80.72 8.12 56.27
C ASN H 2176 -79.94 8.73 57.43
N LEU H 2177 -79.06 7.93 58.06
CA LEU H 2177 -78.28 8.49 59.16
C LEU H 2177 -77.37 9.61 58.69
N MET H 2178 -76.71 9.44 57.53
CA MET H 2178 -75.85 10.51 57.03
C MET H 2178 -76.64 11.76 56.70
N ILE H 2179 -77.81 11.60 56.08
CA ILE H 2179 -78.61 12.77 55.73
C ILE H 2179 -79.04 13.53 56.99
N GLN H 2180 -79.54 12.80 57.99
CA GLN H 2180 -79.99 13.52 59.18
C GLN H 2180 -78.82 14.07 59.97
N SER H 2181 -77.66 13.42 59.93
CA SER H 2181 -76.49 13.95 60.61
C SER H 2181 -76.02 15.24 59.97
N ILE H 2182 -75.97 15.28 58.64
CA ILE H 2182 -75.58 16.50 57.95
C ILE H 2182 -76.60 17.61 58.19
N GLY H 2183 -77.88 17.25 58.23
CA GLY H 2183 -78.88 18.25 58.56
C GLY H 2183 -78.71 18.82 59.95
N ASN H 2184 -78.45 17.96 60.93
CA ASN H 2184 -78.24 18.43 62.30
C ASN H 2184 -77.00 19.32 62.38
N ILE H 2185 -75.94 18.95 61.66
CA ILE H 2185 -74.73 19.77 61.64
C ILE H 2185 -75.02 21.13 61.05
N MET H 2186 -75.74 21.16 59.93
CA MET H 2186 -76.07 22.42 59.27
C MET H 2186 -77.10 23.24 60.03
N ASN H 2187 -77.78 22.66 60.99
CA ASN H 2187 -78.69 23.41 61.84
C ASN H 2187 -78.05 23.86 63.14
N ASN H 2188 -76.77 23.62 63.33
CA ASN H 2188 -76.05 23.96 64.55
C ASN H 2188 -75.40 25.33 64.40
N LYS H 2189 -75.65 26.22 65.35
CA LYS H 2189 -75.08 27.56 65.27
C LYS H 2189 -73.56 27.53 65.36
N VAL H 2190 -73.01 26.51 66.02
CA VAL H 2190 -71.56 26.37 66.08
C VAL H 2190 -70.98 26.22 64.69
N PHE H 2191 -71.66 25.47 63.82
CA PHE H 2191 -71.17 25.21 62.48
C PHE H 2191 -70.95 26.50 61.71
N TYR H 2192 -71.63 27.57 62.09
CA TYR H 2192 -71.43 28.87 61.48
C TYR H 2192 -70.48 29.74 62.28
N GLN H 2193 -70.53 29.63 63.61
CA GLN H 2193 -69.78 30.53 64.47
C GLN H 2193 -68.30 30.16 64.57
N HIS H 2194 -67.93 28.91 64.33
CA HIS H 2194 -66.55 28.45 64.50
C HIS H 2194 -66.06 27.70 63.27
N PRO H 2195 -66.06 28.35 62.11
CA PRO H 2195 -65.59 27.65 60.90
C PRO H 2195 -64.17 27.17 61.01
N ASN H 2196 -63.32 27.88 61.75
CA ASN H 2196 -61.97 27.37 62.00
C ASN H 2196 -62.01 26.05 62.74
N LEU H 2197 -62.88 25.94 63.75
CA LEU H 2197 -63.00 24.68 64.48
C LEU H 2197 -63.46 23.56 63.55
N MET H 2198 -64.47 23.81 62.75
CA MET H 2198 -65.00 22.75 61.91
C MET H 2198 -64.09 22.44 60.74
N ARG H 2199 -63.16 23.34 60.43
CA ARG H 2199 -62.09 23.00 59.50
C ARG H 2199 -61.06 22.11 60.19
N ALA H 2200 -60.74 22.42 61.45
CA ALA H 2200 -59.78 21.62 62.19
C ALA H 2200 -60.26 20.18 62.37
N LEU H 2201 -61.56 20.02 62.63
CA LEU H 2201 -62.12 18.68 62.78
C LEU H 2201 -62.08 17.88 61.50
N GLY H 2202 -62.00 18.52 60.34
CA GLY H 2202 -61.93 17.81 59.08
C GLY H 2202 -63.23 17.24 58.58
N MET H 2203 -64.36 17.87 58.89
CA MET H 2203 -65.62 17.31 58.41
C MET H 2203 -65.70 17.39 56.89
N HIS H 2204 -65.10 18.40 56.28
CA HIS H 2204 -65.13 18.46 54.83
C HIS H 2204 -64.41 17.27 54.23
N GLU H 2205 -63.27 16.87 54.82
CA GLU H 2205 -62.59 15.66 54.37
C GLU H 2205 -63.45 14.43 54.59
N THR H 2206 -64.10 14.33 55.75
CA THR H 2206 -64.91 13.14 56.02
C THR H 2206 -66.08 13.01 55.06
N VAL H 2207 -66.82 14.11 54.86
CA VAL H 2207 -67.95 14.11 53.95
C VAL H 2207 -67.49 13.84 52.53
N MET H 2208 -66.37 14.43 52.12
CA MET H 2208 -65.87 14.20 50.79
C MET H 2208 -65.47 12.74 50.61
N GLU H 2209 -64.89 12.14 51.64
CA GLU H 2209 -64.52 10.73 51.55
C GLU H 2209 -65.77 9.87 51.40
N VAL H 2210 -66.82 10.19 52.15
CA VAL H 2210 -68.08 9.48 51.99
C VAL H 2210 -68.59 9.59 50.56
N MET H 2211 -68.64 10.82 50.04
CA MET H 2211 -69.27 11.04 48.74
C MET H 2211 -68.44 10.43 47.62
N VAL H 2212 -67.11 10.42 47.76
CA VAL H 2212 -66.30 9.79 46.74
C VAL H 2212 -66.43 8.28 46.80
N ASN H 2213 -66.63 7.70 48.00
CA ASN H 2213 -66.94 6.29 48.04
C ASN H 2213 -68.24 5.99 47.29
N VAL H 2214 -69.27 6.81 47.52
CA VAL H 2214 -70.53 6.57 46.83
C VAL H 2214 -70.36 6.71 45.32
N LEU H 2215 -69.63 7.74 44.88
CA LEU H 2215 -69.46 7.94 43.44
C LEU H 2215 -68.62 6.85 42.82
N GLY H 2216 -67.59 6.36 43.50
CA GLY H 2216 -66.85 5.22 43.00
C GLY H 2216 -67.73 3.99 42.89
N GLY H 2217 -68.66 3.85 43.81
CA GLY H 2217 -69.66 2.80 43.68
C GLY H 2217 -70.56 3.07 42.48
N GLY H 2218 -70.40 2.27 41.43
CA GLY H 2218 -71.18 2.46 40.22
C GLY H 2218 -70.93 3.77 39.51
N GLU H 2219 -69.66 4.10 39.25
CA GLU H 2219 -69.31 5.38 38.65
C GLU H 2219 -69.89 5.58 37.25
N THR H 2220 -70.18 4.51 36.52
CA THR H 2220 -70.55 4.71 35.12
C THR H 2220 -71.97 4.28 34.78
N LYS H 2221 -72.44 3.18 35.37
CA LYS H 2221 -73.74 2.65 34.97
C LYS H 2221 -74.91 3.32 35.69
N GLU H 2222 -74.77 3.59 36.98
CA GLU H 2222 -75.85 4.16 37.77
C GLU H 2222 -75.30 4.63 39.10
N ILE H 2223 -75.71 5.83 39.51
CA ILE H 2223 -75.32 6.39 40.80
C ILE H 2223 -76.49 6.18 41.76
N ARG H 2224 -76.19 5.58 42.91
CA ARG H 2224 -77.21 5.26 43.90
C ARG H 2224 -77.02 6.11 45.15
N PHE H 2225 -78.06 6.13 45.97
CA PHE H 2225 -78.21 7.11 47.05
C PHE H 2225 -77.97 8.54 46.56
N PRO H 2226 -78.69 8.97 45.52
CA PRO H 2226 -78.56 10.36 45.07
C PRO H 2226 -78.95 11.35 46.14
N LYS H 2227 -79.88 10.99 47.02
CA LYS H 2227 -80.24 11.91 48.09
C LYS H 2227 -79.04 12.20 48.99
N MET H 2228 -78.28 11.18 49.37
CA MET H 2228 -77.14 11.45 50.23
C MET H 2228 -76.01 12.11 49.47
N VAL H 2229 -75.84 11.77 48.19
CA VAL H 2229 -74.80 12.43 47.41
C VAL H 2229 -75.10 13.93 47.29
N THR H 2230 -76.35 14.28 47.00
CA THR H 2230 -76.70 15.70 46.92
C THR H 2230 -76.71 16.36 48.29
N SER H 2231 -76.97 15.60 49.37
CA SER H 2231 -76.82 16.15 50.70
C SER H 2231 -75.37 16.52 50.97
N CYS H 2232 -74.44 15.63 50.63
CA CYS H 2232 -73.02 15.93 50.78
C CYS H 2232 -72.60 17.12 49.93
N CYS H 2233 -73.10 17.19 48.69
CA CYS H 2233 -72.74 18.31 47.83
C CYS H 2233 -73.27 19.62 48.39
N ARG H 2234 -74.52 19.63 48.87
CA ARG H 2234 -75.07 20.84 49.48
C ARG H 2234 -74.29 21.24 50.72
N PHE H 2235 -73.91 20.26 51.55
CA PHE H 2235 -73.14 20.55 52.73
C PHE H 2235 -71.80 21.18 52.37
N LEU H 2236 -71.11 20.62 51.38
CA LEU H 2236 -69.82 21.16 50.99
C LEU H 2236 -69.95 22.55 50.37
N CYS H 2237 -71.02 22.79 49.61
CA CYS H 2237 -71.24 24.12 49.05
C CYS H 2237 -71.43 25.15 50.15
N TYR H 2238 -72.25 24.82 51.16
CA TYR H 2238 -72.48 25.81 52.21
C TYR H 2238 -71.20 25.98 53.03
N PHE H 2239 -70.47 24.89 53.23
CA PHE H 2239 -69.18 24.95 53.91
C PHE H 2239 -68.24 25.92 53.21
N CYS H 2240 -68.19 25.85 51.88
CA CYS H 2240 -67.40 26.84 51.14
C CYS H 2240 -67.94 28.25 51.32
N ARG H 2241 -69.26 28.41 51.32
CA ARG H 2241 -69.85 29.73 51.49
C ARG H 2241 -69.58 30.34 52.86
N ILE H 2242 -69.30 29.52 53.87
CA ILE H 2242 -69.14 30.04 55.23
C ILE H 2242 -67.97 31.01 55.31
N SER H 2243 -66.80 30.59 54.83
CA SER H 2243 -65.60 31.40 55.00
C SER H 2243 -64.64 31.14 53.85
N ARG H 2244 -63.79 32.13 53.58
CA ARG H 2244 -62.88 32.03 52.46
C ARG H 2244 -61.77 31.02 52.73
N GLN H 2245 -61.40 30.84 54.00
CA GLN H 2245 -60.45 29.78 54.33
C GLN H 2245 -61.04 28.40 54.03
N ASN H 2246 -62.32 28.21 54.35
CA ASN H 2246 -62.99 26.96 53.98
C ASN H 2246 -63.05 26.79 52.47
N GLN H 2247 -63.32 27.90 51.75
CA GLN H 2247 -63.35 27.83 50.30
C GLN H 2247 -62.00 27.39 49.74
N ARG H 2248 -60.92 27.95 50.28
CA ARG H 2248 -59.58 27.55 49.83
C ARG H 2248 -59.30 26.09 50.18
N SER H 2249 -59.70 25.66 51.38
CA SER H 2249 -59.48 24.28 51.79
C SER H 2249 -60.16 23.31 50.84
N MET H 2250 -61.38 23.65 50.41
CA MET H 2250 -62.04 22.81 49.42
C MET H 2250 -61.41 22.97 48.04
N PHE H 2251 -60.84 24.15 47.74
CA PHE H 2251 -60.10 24.33 46.51
C PHE H 2251 -58.91 23.39 46.42
N ASP H 2252 -58.34 23.02 47.56
CA ASP H 2252 -57.25 22.03 47.53
C ASP H 2252 -57.69 20.72 46.92
N HIS H 2253 -58.99 20.42 46.92
CA HIS H 2253 -59.53 19.20 46.34
C HIS H 2253 -60.25 19.45 45.02
N LEU H 2254 -59.88 20.51 44.30
CA LEU H 2254 -60.63 20.88 43.11
C LEU H 2254 -60.51 19.80 42.03
N SER H 2255 -59.30 19.34 41.77
CA SER H 2255 -59.11 18.28 40.77
C SER H 2255 -59.75 16.97 41.24
N TYR H 2256 -59.73 16.72 42.55
CA TYR H 2256 -60.33 15.50 43.07
C TYR H 2256 -61.83 15.52 42.83
N LEU H 2257 -62.46 16.68 43.03
CA LEU H 2257 -63.87 16.84 42.69
C LEU H 2257 -64.09 16.69 41.20
N LEU H 2258 -63.20 17.28 40.39
CA LEU H 2258 -63.40 17.27 38.94
C LEU H 2258 -63.33 15.87 38.37
N GLU H 2259 -62.38 15.06 38.83
CA GLU H 2259 -62.24 13.72 38.28
C GLU H 2259 -63.44 12.82 38.58
N ASN H 2260 -64.12 13.07 39.69
CA ASN H 2260 -65.36 12.35 40.01
C ASN H 2260 -66.59 13.05 39.43
N SER H 2261 -66.40 14.15 38.71
CA SER H 2261 -67.51 15.00 38.27
C SER H 2261 -68.01 14.64 36.87
N GLY H 2262 -67.41 13.67 36.20
CA GLY H 2262 -67.87 13.33 34.86
C GLY H 2262 -69.29 12.81 34.83
N ILE H 2263 -69.66 12.01 35.82
CA ILE H 2263 -70.98 11.39 35.88
C ILE H 2263 -71.99 12.20 36.67
N GLY H 2264 -71.57 13.33 37.26
CA GLY H 2264 -72.49 14.15 38.02
C GLY H 2264 -73.60 14.77 37.20
N LEU H 2265 -73.50 14.72 35.86
CA LEU H 2265 -74.54 15.28 35.02
C LEU H 2265 -75.87 14.55 35.18
N GLY H 2266 -75.82 13.22 35.35
CA GLY H 2266 -77.06 12.47 35.49
C GLY H 2266 -77.87 12.90 36.68
N MET H 2267 -77.20 13.23 37.78
CA MET H 2267 -77.89 13.73 38.97
C MET H 2267 -78.30 15.19 38.78
N GLN H 2268 -79.44 15.55 39.37
CA GLN H 2268 -79.91 16.92 39.40
CA GLN H 2268 -79.91 16.92 39.40
C GLN H 2268 -79.95 17.42 40.83
N GLY H 2269 -79.72 18.73 40.99
CA GLY H 2269 -79.70 19.32 42.32
C GLY H 2269 -78.35 19.91 42.66
N SER H 2270 -77.70 19.40 43.70
CA SER H 2270 -76.35 19.78 44.06
C SER H 2270 -75.40 18.68 43.63
N THR H 2271 -74.36 19.04 42.88
CA THR H 2271 -73.46 18.11 42.24
C THR H 2271 -72.02 18.50 42.50
N PRO H 2272 -71.07 17.58 42.29
CA PRO H 2272 -69.65 17.96 42.42
C PRO H 2272 -69.26 19.12 41.53
N LEU H 2273 -69.88 19.26 40.36
CA LEU H 2273 -69.73 20.50 39.59
C LEU H 2273 -70.09 21.71 40.43
N ASP H 2274 -71.21 21.64 41.15
CA ASP H 2274 -71.65 22.77 41.95
C ASP H 2274 -70.68 23.02 43.11
N VAL H 2275 -70.16 21.95 43.72
CA VAL H 2275 -69.19 22.10 44.80
C VAL H 2275 -67.93 22.79 44.29
N ALA H 2276 -67.43 22.33 43.14
CA ALA H 2276 -66.24 22.94 42.56
C ALA H 2276 -66.49 24.40 42.21
N ALA H 2277 -67.66 24.71 41.66
CA ALA H 2277 -67.98 26.09 41.32
C ALA H 2277 -68.05 26.96 42.58
N ALA H 2278 -68.65 26.44 43.65
CA ALA H 2278 -68.68 27.17 44.92
C ALA H 2278 -67.29 27.32 45.51
N SER H 2279 -66.35 26.47 45.12
CA SER H 2279 -64.99 26.54 45.60
C SER H 2279 -64.15 27.60 44.90
N VAL H 2280 -64.68 28.24 43.86
CA VAL H 2280 -63.92 29.23 43.09
C VAL H 2280 -64.67 30.54 42.92
N ILE H 2281 -65.98 30.57 43.17
CA ILE H 2281 -66.81 31.74 42.90
C ILE H 2281 -66.26 32.93 43.67
N ASP H 2282 -66.38 34.12 43.06
CA ASP H 2282 -66.06 35.43 43.65
C ASP H 2282 -64.85 35.40 44.58
N ASN H 2283 -63.77 34.76 44.12
CA ASN H 2283 -62.53 34.67 44.89
C ASN H 2283 -61.39 34.86 43.90
N ASN H 2284 -60.81 36.07 43.90
CA ASN H 2284 -59.82 36.41 42.88
C ASN H 2284 -58.54 35.59 43.04
N GLU H 2285 -58.09 35.38 44.27
CA GLU H 2285 -56.85 34.62 44.47
C GLU H 2285 -57.02 33.19 43.99
N LEU H 2286 -58.13 32.54 44.34
CA LEU H 2286 -58.37 31.19 43.84
C LEU H 2286 -58.58 31.15 42.33
N ALA H 2287 -59.21 32.19 41.77
CA ALA H 2287 -59.40 32.24 40.32
C ALA H 2287 -58.05 32.32 39.60
N LEU H 2288 -57.15 33.15 40.10
CA LEU H 2288 -55.81 33.22 39.54
C LEU H 2288 -55.02 31.94 39.77
N ALA H 2289 -55.19 31.30 40.92
CA ALA H 2289 -54.45 30.09 41.24
C ALA H 2289 -55.02 28.85 40.58
N LEU H 2290 -56.15 28.96 39.88
CA LEU H 2290 -56.72 27.82 39.18
C LEU H 2290 -55.71 27.32 38.16
N GLN H 2291 -55.52 26.00 38.12
CA GLN H 2291 -54.45 25.44 37.32
C GLN H 2291 -54.96 25.05 35.93
N GLU H 2292 -54.04 24.96 34.97
CA GLU H 2292 -54.40 24.73 33.58
C GLU H 2292 -55.03 23.37 33.36
N GLN H 2293 -54.49 22.31 33.96
CA GLN H 2293 -54.96 20.97 33.67
C GLN H 2293 -56.42 20.80 34.06
N ASP H 2294 -56.87 21.53 35.09
CA ASP H 2294 -58.27 21.45 35.49
C ASP H 2294 -59.17 21.99 34.39
N LEU H 2295 -58.84 23.16 33.83
CA LEU H 2295 -59.63 23.71 32.74
C LEU H 2295 -59.57 22.82 31.51
N GLU H 2296 -58.40 22.22 31.26
CA GLU H 2296 -58.28 21.28 30.15
C GLU H 2296 -59.22 20.10 30.34
N LYS H 2297 -59.29 19.57 31.56
CA LYS H 2297 -60.20 18.47 31.86
C LYS H 2297 -61.64 18.88 31.64
N VAL H 2298 -62.00 20.08 32.10
CA VAL H 2298 -63.39 20.52 31.96
C VAL H 2298 -63.75 20.66 30.50
N VAL H 2299 -62.86 21.25 29.70
CA VAL H 2299 -63.13 21.38 28.27
C VAL H 2299 -63.18 20.01 27.61
N SER H 2300 -62.40 19.05 28.13
CA SER H 2300 -62.45 17.70 27.57
C SER H 2300 -63.81 17.07 27.78
N TYR H 2301 -64.36 17.16 29.00
CA TYR H 2301 -65.72 16.67 29.21
C TYR H 2301 -66.73 17.43 28.37
N LEU H 2302 -66.54 18.74 28.21
CA LEU H 2302 -67.48 19.50 27.41
C LEU H 2302 -67.46 19.04 25.95
N ALA H 2303 -66.26 18.80 25.42
CA ALA H 2303 -66.15 18.27 24.07
C ALA H 2303 -66.80 16.89 23.97
N GLY H 2304 -66.62 16.06 24.99
CA GLY H 2304 -67.30 14.77 24.99
C GLY H 2304 -68.81 14.92 24.97
N CYS H 2305 -69.33 15.88 25.72
CA CYS H 2305 -70.78 16.11 25.73
C CYS H 2305 -71.27 16.66 24.39
N GLY H 2306 -70.40 17.32 23.65
CA GLY H 2306 -70.80 17.83 22.35
C GLY H 2306 -70.86 16.83 21.23
N LEU H 2307 -70.48 15.58 21.48
CA LEU H 2307 -70.46 14.55 20.44
C LEU H 2307 -71.39 13.37 20.69
N GLN H 2308 -71.65 13.02 21.95
CA GLN H 2308 -72.39 11.81 22.27
C GLN H 2308 -73.58 12.19 23.14
N SER H 2309 -74.75 11.65 22.77
CA SER H 2309 -75.98 11.94 23.50
C SER H 2309 -75.90 11.39 24.92
N CYS H 2310 -76.79 11.87 25.76
CA CYS H 2310 -76.84 11.41 27.15
C CYS H 2310 -77.36 9.97 27.17
N PRO H 2311 -76.58 9.01 27.69
CA PRO H 2311 -77.08 7.63 27.73
C PRO H 2311 -78.33 7.48 28.58
N MET H 2312 -78.45 8.23 29.68
CA MET H 2312 -79.64 8.12 30.50
C MET H 2312 -80.86 8.69 29.78
N LEU H 2313 -80.68 9.77 29.03
CA LEU H 2313 -81.75 10.27 28.18
C LEU H 2313 -82.14 9.23 27.12
N LEU H 2314 -81.15 8.59 26.50
CA LEU H 2314 -81.43 7.59 25.48
C LEU H 2314 -82.23 6.43 26.05
N ALA H 2315 -81.87 5.99 27.26
CA ALA H 2315 -82.59 4.89 27.89
C ALA H 2315 -84.03 5.26 28.24
N LYS H 2316 -84.38 6.55 28.20
CA LYS H 2316 -85.73 7.00 28.48
C LYS H 2316 -86.51 7.35 27.22
N GLY H 2317 -86.10 6.82 26.07
CA GLY H 2317 -86.85 6.99 24.85
C GLY H 2317 -86.67 8.33 24.17
N TYR H 2318 -85.74 9.15 24.63
CA TYR H 2318 -85.54 10.46 24.04
C TYR H 2318 -84.97 10.33 22.63
N PRO H 2319 -85.35 11.22 21.71
CA PRO H 2319 -84.78 11.18 20.36
C PRO H 2319 -83.28 11.42 20.40
N ASP H 2320 -82.56 10.72 19.52
CA ASP H 2320 -81.10 10.66 19.57
C ASP H 2320 -80.51 11.73 18.67
N ILE H 2321 -80.29 12.91 19.23
CA ILE H 2321 -79.48 13.93 18.59
C ILE H 2321 -78.04 13.73 19.02
N GLY H 2322 -77.11 14.17 18.18
CA GLY H 2322 -75.73 13.80 18.38
C GLY H 2322 -74.95 14.60 19.39
N TRP H 2323 -75.59 15.05 20.47
CA TRP H 2323 -74.91 15.83 21.48
C TRP H 2323 -75.79 15.95 22.72
N ASN H 2324 -75.20 16.49 23.78
CA ASN H 2324 -75.81 16.51 25.10
C ASN H 2324 -75.80 17.95 25.62
N PRO H 2325 -76.77 18.76 25.19
CA PRO H 2325 -76.81 20.16 25.66
C PRO H 2325 -76.96 20.27 27.16
N CYS H 2326 -77.64 19.32 27.79
CA CYS H 2326 -77.88 19.40 29.23
C CYS H 2326 -76.57 19.40 30.01
N GLY H 2327 -75.65 18.50 29.67
CA GLY H 2327 -74.36 18.50 30.35
C GLY H 2327 -73.42 19.57 29.82
N GLY H 2328 -73.57 19.91 28.54
CA GLY H 2328 -72.78 21.00 28.01
C GLY H 2328 -73.00 22.28 28.79
N GLU H 2329 -74.25 22.58 29.12
CA GLU H 2329 -74.55 23.77 29.91
C GLU H 2329 -73.92 23.67 31.31
N ARG H 2330 -73.94 22.48 31.89
CA ARG H 2330 -73.39 22.31 33.23
C ARG H 2330 -71.90 22.62 33.25
N TYR H 2331 -71.17 22.18 32.22
CA TYR H 2331 -69.75 22.52 32.19
C TYR H 2331 -69.51 23.98 31.82
N LEU H 2332 -70.36 24.53 30.96
CA LEU H 2332 -70.20 25.92 30.54
C LEU H 2332 -70.37 26.87 31.71
N ASP H 2333 -71.32 26.58 32.61
CA ASP H 2333 -71.51 27.49 33.74
C ASP H 2333 -70.33 27.45 34.70
N PHE H 2334 -69.72 26.28 34.90
CA PHE H 2334 -68.52 26.22 35.73
C PHE H 2334 -67.40 27.04 35.12
N LEU H 2335 -67.19 26.89 33.81
CA LEU H 2335 -66.16 27.73 33.17
C LEU H 2335 -66.49 29.21 33.32
N ARG H 2336 -67.78 29.56 33.22
CA ARG H 2336 -68.20 30.94 33.41
C ARG H 2336 -67.80 31.44 34.78
N PHE H 2337 -68.01 30.63 35.82
CA PHE H 2337 -67.58 31.02 37.16
C PHE H 2337 -66.07 31.12 37.25
N ALA H 2338 -65.35 30.28 36.50
CA ALA H 2338 -63.89 30.27 36.59
C ALA H 2338 -63.24 31.45 35.90
N VAL H 2339 -63.88 32.04 34.87
CA VAL H 2339 -63.26 33.11 34.10
C VAL H 2339 -63.79 34.49 34.45
N PHE H 2340 -64.83 34.60 35.28
CA PHE H 2340 -65.44 35.88 35.61
C PHE H 2340 -65.58 35.97 37.11
N VAL H 2341 -64.95 36.98 37.71
CA VAL H 2341 -64.94 37.14 39.16
C VAL H 2341 -65.25 38.59 39.50
N ASN H 2342 -66.23 38.79 40.38
CA ASN H 2342 -66.54 40.10 40.96
C ASN H 2342 -66.85 41.14 39.88
N GLY H 2343 -67.46 40.69 38.79
CA GLY H 2343 -67.87 41.59 37.73
C GLY H 2343 -66.79 41.94 36.74
N GLU H 2344 -65.58 41.42 36.89
CA GLU H 2344 -64.48 41.68 35.98
C GLU H 2344 -63.90 40.36 35.49
N SER H 2345 -63.38 40.38 34.27
CA SER H 2345 -62.85 39.18 33.65
C SER H 2345 -61.46 38.88 34.17
N VAL H 2346 -61.21 37.61 34.46
CA VAL H 2346 -59.87 37.15 34.80
C VAL H 2346 -59.17 36.74 33.50
N GLU H 2347 -58.32 37.62 32.98
CA GLU H 2347 -57.79 37.45 31.63
C GLU H 2347 -56.93 36.19 31.51
N GLU H 2348 -56.17 35.85 32.56
CA GLU H 2348 -55.30 34.70 32.48
C GLU H 2348 -56.11 33.43 32.24
N ASN H 2349 -57.23 33.27 32.94
CA ASN H 2349 -58.09 32.12 32.73
C ASN H 2349 -58.88 32.25 31.43
N ALA H 2350 -59.30 33.47 31.08
CA ALA H 2350 -60.13 33.66 29.91
C ALA H 2350 -59.39 33.29 28.64
N ASN H 2351 -58.14 33.75 28.50
CA ASN H 2351 -57.37 33.43 27.31
C ASN H 2351 -57.16 31.93 27.18
N VAL H 2352 -56.85 31.26 28.29
CA VAL H 2352 -56.64 29.82 28.27
C VAL H 2352 -57.91 29.10 27.86
N VAL H 2353 -59.06 29.53 28.39
CA VAL H 2353 -60.32 28.88 28.06
C VAL H 2353 -60.64 29.07 26.60
N VAL H 2354 -60.44 30.28 26.06
CA VAL H 2354 -60.72 30.53 24.66
C VAL H 2354 -59.82 29.66 23.78
N ARG H 2355 -58.53 29.59 24.13
CA ARG H 2355 -57.61 28.80 23.33
C ARG H 2355 -57.99 27.33 23.35
N LEU H 2356 -58.33 26.79 24.52
CA LEU H 2356 -58.74 25.39 24.59
C LEU H 2356 -59.99 25.14 23.77
N LEU H 2357 -60.97 26.05 23.88
CA LEU H 2357 -62.23 25.87 23.17
C LEU H 2357 -62.01 25.89 21.66
N ILE H 2358 -61.14 26.77 21.17
CA ILE H 2358 -60.90 26.79 19.74
C ILE H 2358 -60.05 25.59 19.32
N ARG H 2359 -59.22 25.06 20.21
CA ARG H 2359 -58.47 23.86 19.89
C ARG H 2359 -59.38 22.65 19.72
N LYS H 2360 -60.42 22.52 20.54
CA LYS H 2360 -61.44 21.49 20.37
C LYS H 2360 -62.72 22.17 19.91
N PRO H 2361 -62.85 22.43 18.61
CA PRO H 2361 -63.98 23.24 18.14
C PRO H 2361 -65.34 22.61 18.39
N GLU H 2362 -65.38 21.31 18.63
CA GLU H 2362 -66.65 20.60 18.77
C GLU H 2362 -67.44 21.02 20.00
N CYS H 2363 -66.82 21.70 20.96
CA CYS H 2363 -67.54 22.13 22.15
C CYS H 2363 -68.55 23.23 21.86
N PHE H 2364 -68.51 23.82 20.67
CA PHE H 2364 -69.44 24.88 20.31
C PHE H 2364 -70.81 24.34 19.93
N GLY H 2365 -70.97 23.03 19.80
CA GLY H 2365 -72.23 22.47 19.39
C GLY H 2365 -72.29 22.22 17.90
N PRO H 2366 -73.37 21.58 17.44
CA PRO H 2366 -73.49 21.31 16.00
C PRO H 2366 -73.48 22.56 15.15
N ALA H 2367 -74.10 23.65 15.62
CA ALA H 2367 -73.92 24.93 14.95
C ALA H 2367 -72.56 25.50 15.31
N LEU H 2368 -72.13 26.50 14.55
CA LEU H 2368 -70.80 27.11 14.71
C LEU H 2368 -69.69 26.10 14.50
N ARG H 2369 -69.98 25.00 13.82
CA ARG H 2369 -68.98 23.97 13.57
CA ARG H 2369 -68.99 23.96 13.56
C ARG H 2369 -68.04 24.31 12.43
N GLY H 2370 -68.37 25.29 11.61
CA GLY H 2370 -67.55 25.62 10.46
C GLY H 2370 -68.04 24.90 9.23
N GLU H 2371 -67.40 23.77 8.90
CA GLU H 2371 -67.86 22.98 7.77
C GLU H 2371 -69.20 22.34 8.08
N GLY H 2372 -70.18 22.56 7.22
CA GLY H 2372 -71.49 21.95 7.39
C GLY H 2372 -72.23 22.33 8.64
N GLY H 2373 -72.08 23.57 9.11
CA GLY H 2373 -72.73 24.04 10.31
C GLY H 2373 -73.58 25.27 10.01
N SER H 2374 -74.85 25.19 10.39
CA SER H 2374 -75.75 26.32 10.21
C SER H 2374 -75.42 27.43 11.20
N GLY H 2375 -76.07 28.56 11.03
CA GLY H 2375 -75.82 29.70 11.87
C GLY H 2375 -76.42 29.54 13.26
N LEU H 2376 -75.99 30.43 14.16
CA LEU H 2376 -76.52 30.43 15.52
C LEU H 2376 -78.00 30.75 15.54
N LEU H 2377 -78.42 31.74 14.75
CA LEU H 2377 -79.83 32.10 14.70
C LEU H 2377 -80.66 30.98 14.09
N ALA H 2378 -80.13 30.31 13.06
CA ALA H 2378 -80.81 29.15 12.51
C ALA H 2378 -80.92 28.06 13.55
N ALA H 2379 -79.88 27.87 14.37
CA ALA H 2379 -79.93 26.86 15.42
C ALA H 2379 -81.01 27.19 16.44
N ILE H 2380 -81.12 28.45 16.84
CA ILE H 2380 -82.14 28.84 17.81
C ILE H 2380 -83.54 28.64 17.22
N GLU H 2381 -83.72 28.99 15.94
CA GLU H 2381 -85.02 28.78 15.31
C GLU H 2381 -85.35 27.29 15.23
N GLU H 2382 -84.37 26.45 14.90
CA GLU H 2382 -84.60 25.02 14.90
C GLU H 2382 -84.97 24.51 16.29
N ALA H 2383 -84.35 25.09 17.32
CA ALA H 2383 -84.68 24.73 18.69
C ALA H 2383 -86.13 25.10 19.00
N ILE H 2384 -86.57 26.26 18.56
CA ILE H 2384 -87.97 26.66 18.76
C ILE H 2384 -88.89 25.69 18.05
N ARG H 2385 -88.54 25.30 16.82
CA ARG H 2385 -89.36 24.33 16.10
C ARG H 2385 -89.47 23.01 16.86
N ILE H 2386 -88.34 22.45 17.30
CA ILE H 2386 -88.41 21.16 17.96
C ILE H 2386 -89.14 21.27 19.28
N SER H 2387 -89.07 22.44 19.93
CA SER H 2387 -89.86 22.67 21.12
C SER H 2387 -91.35 22.62 20.81
N GLU H 2388 -91.74 23.24 19.69
CA GLU H 2388 -93.15 23.23 19.32
C GLU H 2388 -93.64 21.86 18.86
N ASP H 2389 -92.75 21.02 18.34
CA ASP H 2389 -93.16 19.72 17.84
C ASP H 2389 -92.80 18.61 18.81
N PRO H 2390 -93.78 17.97 19.47
CA PRO H 2390 -93.48 16.79 20.27
C PRO H 2390 -93.03 15.63 19.40
N ALA H 2391 -92.67 14.50 20.02
CA ALA H 2391 -92.01 13.35 19.40
C ALA H 2391 -90.63 13.72 18.89
N ARG H 2392 -90.25 15.00 18.97
CA ARG H 2392 -88.90 15.45 18.70
C ARG H 2392 -88.37 16.32 19.83
N ASP H 2393 -89.22 16.72 20.77
CA ASP H 2393 -88.79 17.40 21.98
C ASP H 2393 -88.80 16.49 23.21
N GLY H 2394 -89.70 15.52 23.28
CA GLY H 2394 -89.80 14.66 24.43
C GLY H 2394 -89.80 13.20 24.05
N PRO H 2395 -89.86 12.32 25.06
CA PRO H 2395 -89.87 10.88 24.76
C PRO H 2395 -91.06 10.45 23.94
N GLY H 2396 -92.19 11.12 24.08
CA GLY H 2396 -93.38 10.77 23.31
C GLY H 2396 -93.90 9.40 23.64
N VAL H 2397 -93.99 9.08 24.92
CA VAL H 2397 -94.49 7.78 25.36
C VAL H 2397 -95.95 7.61 24.98
N PRO H 2410 -94.00 19.42 35.94
CA PRO H 2410 -93.60 18.54 34.83
C PRO H 2410 -94.07 17.10 35.04
N PRO H 2411 -94.28 16.37 33.95
CA PRO H 2411 -94.72 14.96 34.09
C PRO H 2411 -93.76 14.11 34.89
N GLU H 2412 -92.45 14.37 34.77
CA GLU H 2412 -91.43 13.71 35.57
C GLU H 2412 -90.97 14.57 36.73
N GLU H 2413 -91.59 15.75 36.91
CA GLU H 2413 -91.27 16.75 37.92
C GLU H 2413 -89.94 17.44 37.63
N ASN H 2414 -89.17 16.89 36.70
CA ASN H 2414 -87.99 17.56 36.16
C ASN H 2414 -87.87 17.25 34.67
N ARG H 2415 -88.99 17.24 33.96
CA ARG H 2415 -89.00 16.82 32.56
C ARG H 2415 -88.11 17.74 31.73
N VAL H 2416 -87.26 17.13 30.91
CA VAL H 2416 -86.28 17.85 30.11
C VAL H 2416 -86.86 18.08 28.73
N HIS H 2417 -86.80 19.32 28.26
CA HIS H 2417 -87.30 19.69 26.94
C HIS H 2417 -86.11 20.04 26.05
N LEU H 2418 -86.03 19.40 24.89
CA LEU H 2418 -84.84 19.51 24.05
C LEU H 2418 -84.66 20.92 23.51
N GLY H 2419 -85.76 21.58 23.12
CA GLY H 2419 -85.63 22.94 22.62
C GLY H 2419 -85.05 23.88 23.66
N HIS H 2420 -85.61 23.85 24.86
CA HIS H 2420 -85.10 24.71 25.91
C HIS H 2420 -83.67 24.34 26.27
N ALA H 2421 -83.34 23.06 26.24
CA ALA H 2421 -81.98 22.64 26.52
C ALA H 2421 -81.01 23.22 25.49
N ILE H 2422 -81.39 23.18 24.22
CA ILE H 2422 -80.53 23.70 23.16
C ILE H 2422 -80.34 25.19 23.29
N MET H 2423 -81.44 25.94 23.47
CA MET H 2423 -81.31 27.37 23.63
C MET H 2423 -80.49 27.72 24.86
N SER H 2424 -80.69 26.99 25.96
CA SER H 2424 -79.92 27.26 27.17
C SER H 2424 -78.45 26.98 26.95
N PHE H 2425 -78.12 25.91 26.23
CA PHE H 2425 -76.72 25.61 25.95
C PHE H 2425 -76.08 26.73 25.15
N TYR H 2426 -76.74 27.18 24.09
CA TYR H 2426 -76.14 28.22 23.26
C TYR H 2426 -76.06 29.54 24.02
N ALA H 2427 -77.05 29.84 24.86
CA ALA H 2427 -76.97 31.05 25.67
C ALA H 2427 -75.80 30.97 26.64
N ALA H 2428 -75.58 29.81 27.25
CA ALA H 2428 -74.45 29.66 28.16
C ALA H 2428 -73.13 29.81 27.42
N LEU H 2429 -73.03 29.23 26.23
CA LEU H 2429 -71.80 29.35 25.46
C LEU H 2429 -71.51 30.80 25.10
N ILE H 2430 -72.53 31.52 24.64
CA ILE H 2430 -72.36 32.92 24.27
C ILE H 2430 -72.00 33.74 25.50
N ASP H 2431 -72.63 33.45 26.64
CA ASP H 2431 -72.31 34.16 27.87
C ASP H 2431 -70.87 33.93 28.30
N LEU H 2432 -70.40 32.69 28.20
CA LEU H 2432 -69.01 32.39 28.56
C LEU H 2432 -68.05 33.13 27.64
N LEU H 2433 -68.32 33.11 26.34
CA LEU H 2433 -67.43 33.81 25.41
C LEU H 2433 -67.45 35.30 25.66
N GLY H 2434 -68.61 35.87 26.00
CA GLY H 2434 -68.67 37.28 26.30
C GLY H 2434 -67.90 37.64 27.55
N ARG H 2435 -67.99 36.81 28.58
CA ARG H 2435 -67.22 37.05 29.79
C ARG H 2435 -65.73 36.87 29.55
N CYS H 2436 -65.34 36.04 28.59
CA CYS H 2436 -63.93 35.90 28.24
C CYS H 2436 -63.38 37.09 27.49
N ALA H 2437 -64.24 38.02 27.05
CA ALA H 2437 -63.77 39.14 26.25
C ALA H 2437 -62.88 40.05 27.09
N PRO H 2438 -61.88 40.68 26.48
CA PRO H 2438 -60.96 41.52 27.25
C PRO H 2438 -61.65 42.76 27.77
N GLU H 2439 -61.02 43.39 28.75
CA GLU H 2439 -61.56 44.61 29.31
C GLU H 2439 -61.28 45.80 28.40
N MET H 2440 -62.10 46.83 28.56
CA MET H 2440 -61.99 48.00 27.69
C MET H 2440 -60.67 48.72 27.89
N HIS H 2441 -60.17 48.76 29.13
CA HIS H 2441 -58.88 49.40 29.36
C HIS H 2441 -57.76 48.64 28.67
N LEU H 2442 -57.81 47.31 28.66
CA LEU H 2442 -56.82 46.53 27.93
C LEU H 2442 -56.93 46.81 26.43
N ILE H 2443 -58.15 46.90 25.90
CA ILE H 2443 -58.31 47.18 24.48
C ILE H 2443 -57.75 48.55 24.13
N GLN H 2444 -58.03 49.56 24.97
CA GLN H 2444 -57.50 50.89 24.72
C GLN H 2444 -56.00 50.94 24.87
N ALA H 2445 -55.42 50.09 25.72
CA ALA H 2445 -53.98 50.02 25.84
C ALA H 2445 -53.31 49.41 24.60
N GLY H 2446 -54.08 48.86 23.68
CA GLY H 2446 -53.50 48.28 22.48
C GLY H 2446 -52.80 46.96 22.70
N LYS H 2447 -53.23 46.20 23.70
CA LYS H 2447 -52.56 44.95 24.01
C LYS H 2447 -52.85 43.90 22.94
N GLY H 2448 -51.78 43.28 22.44
CA GLY H 2448 -51.91 42.39 21.29
C GLY H 2448 -52.76 41.17 21.57
N GLU H 2449 -52.54 40.53 22.72
CA GLU H 2449 -53.32 39.34 23.05
C GLU H 2449 -54.79 39.69 23.25
N ALA H 2450 -55.07 40.82 23.90
CA ALA H 2450 -56.46 41.24 24.06
C ALA H 2450 -57.12 41.48 22.72
N LEU H 2451 -56.43 42.20 21.82
CA LEU H 2451 -56.99 42.44 20.50
C LEU H 2451 -57.21 41.14 19.74
N ARG H 2452 -56.27 40.20 19.85
CA ARG H 2452 -56.40 38.93 19.15
C ARG H 2452 -57.59 38.14 19.67
N ILE H 2453 -57.76 38.09 21.00
CA ILE H 2453 -58.88 37.37 21.58
C ILE H 2453 -60.20 37.99 21.15
N ARG H 2454 -60.27 39.33 21.17
CA ARG H 2454 -61.51 39.98 20.73
C ARG H 2454 -61.79 39.69 19.27
N ALA H 2455 -60.77 39.69 18.43
CA ALA H 2455 -60.97 39.37 17.01
C ALA H 2455 -61.46 37.94 16.83
N ILE H 2456 -60.91 37.01 17.60
CA ILE H 2456 -61.35 35.62 17.52
C ILE H 2456 -62.82 35.51 17.92
N LEU H 2457 -63.21 36.20 19.00
CA LEU H 2457 -64.60 36.15 19.42
C LEU H 2457 -65.52 36.74 18.37
N ARG H 2458 -65.12 37.87 17.78
CA ARG H 2458 -65.94 38.48 16.74
C ARG H 2458 -66.08 37.57 15.53
N SER H 2459 -65.00 36.85 15.18
CA SER H 2459 -65.09 35.89 14.10
C SER H 2459 -66.06 34.78 14.43
N LEU H 2460 -66.04 34.29 15.67
CA LEU H 2460 -66.93 33.19 16.04
C LEU H 2460 -68.39 33.61 16.00
N VAL H 2461 -68.73 34.72 16.65
CA VAL H 2461 -70.14 35.09 16.78
C VAL H 2461 -70.44 36.33 15.96
N PRO H 2462 -71.29 36.22 14.94
CA PRO H 2462 -71.59 37.39 14.11
C PRO H 2462 -72.65 38.30 14.70
N LEU H 2463 -72.45 39.60 14.47
CA LEU H 2463 -73.30 40.64 15.05
C LEU H 2463 -74.72 40.54 14.52
N ASP H 2464 -74.88 40.20 13.24
CA ASP H 2464 -76.22 40.05 12.68
C ASP H 2464 -76.96 38.92 13.37
N ASP H 2465 -76.27 37.82 13.67
CA ASP H 2465 -76.91 36.74 14.41
C ASP H 2465 -77.29 37.16 15.81
N LEU H 2466 -76.42 37.92 16.49
CA LEU H 2466 -76.79 38.41 17.82
C LEU H 2466 -78.04 39.27 17.76
N VAL H 2467 -78.09 40.20 16.81
CA VAL H 2467 -79.25 41.09 16.72
C VAL H 2467 -80.49 40.30 16.33
N GLY H 2468 -80.36 39.30 15.47
CA GLY H 2468 -81.51 38.49 15.11
C GLY H 2468 -82.05 37.72 16.29
N ILE H 2469 -81.18 37.19 17.14
CA ILE H 2469 -81.65 36.49 18.32
C ILE H 2469 -82.31 37.46 19.29
N ILE H 2470 -81.73 38.65 19.45
CA ILE H 2470 -82.35 39.65 20.32
C ILE H 2470 -83.71 40.06 19.80
N SER H 2471 -83.90 40.07 18.48
CA SER H 2471 -85.15 40.51 17.88
C SER H 2471 -86.22 39.44 17.85
N LEU H 2472 -85.91 38.21 18.25
CA LEU H 2472 -86.89 37.14 18.18
C LEU H 2472 -88.06 37.43 19.12
N PRO H 2473 -89.29 37.12 18.71
CA PRO H 2473 -90.44 37.38 19.58
C PRO H 2473 -90.45 36.48 20.80
N LEU H 2474 -90.99 37.00 21.89
CA LEU H 2474 -91.18 36.26 23.12
C LEU H 2474 -92.67 36.08 23.36
N GLN H 2475 -93.07 34.88 23.79
CA GLN H 2475 -94.46 34.64 24.08
C GLN H 2475 -94.87 35.41 25.33
N ILE H 2476 -96.03 36.04 25.27
CA ILE H 2476 -96.51 36.94 26.31
C ILE H 2476 -97.78 36.33 26.90
N PRO H 2477 -97.94 36.31 28.23
CA PRO H 2477 -99.15 35.73 28.82
C PRO H 2477 -100.37 36.53 28.43
N THR H 2478 -101.22 35.93 27.62
CA THR H 2478 -102.44 36.57 27.15
C THR H 2478 -103.60 36.17 28.05
N LEU H 2479 -104.78 36.62 27.67
CA LEU H 2479 -106.01 36.34 28.40
C LEU H 2479 -107.07 35.88 27.43
N GLY H 2480 -107.88 34.91 27.86
CA GLY H 2480 -108.95 34.43 27.02
C GLY H 2480 -109.54 33.15 27.58
N LYS H 2481 -110.59 32.69 26.90
CA LYS H 2481 -111.27 31.44 27.23
C LYS H 2481 -111.77 31.45 28.67
N ASP H 2482 -112.71 32.36 28.94
CA ASP H 2482 -113.39 32.65 30.20
C ASP H 2482 -112.53 33.47 31.14
N GLY H 2483 -111.30 33.82 30.77
CA GLY H 2483 -110.43 34.57 31.64
C GLY H 2483 -109.30 33.78 32.25
N ALA H 2484 -109.04 32.56 31.77
CA ALA H 2484 -107.91 31.80 32.28
C ALA H 2484 -106.60 32.38 31.76
N LEU H 2485 -105.56 32.27 32.58
CA LEU H 2485 -104.24 32.77 32.20
C LEU H 2485 -103.59 31.79 31.22
N VAL H 2486 -103.27 32.28 30.04
CA VAL H 2486 -102.60 31.47 29.02
C VAL H 2486 -101.12 31.82 29.10
N GLN H 2487 -100.38 31.09 29.94
CA GLN H 2487 -98.99 31.43 30.16
C GLN H 2487 -98.07 30.42 29.49
N PRO H 2488 -96.90 30.84 29.03
CA PRO H 2488 -95.93 29.89 28.50
C PRO H 2488 -95.29 29.10 29.63
N LYS H 2489 -94.77 27.93 29.27
CA LYS H 2489 -94.02 27.10 30.21
C LYS H 2489 -92.56 27.53 30.14
N MET H 2490 -92.09 28.23 31.17
CA MET H 2490 -90.76 28.83 31.12
C MET H 2490 -89.66 27.79 30.99
N SER H 2491 -89.94 26.55 31.37
CA SER H 2491 -88.96 25.47 31.27
C SER H 2491 -88.97 24.78 29.92
N ALA H 2492 -89.84 25.22 29.01
CA ALA H 2492 -89.93 24.59 27.68
C ALA H 2492 -90.14 25.63 26.59
N SER H 2493 -89.58 26.82 26.73
CA SER H 2493 -89.82 27.88 25.77
C SER H 2493 -88.64 28.84 25.76
N PHE H 2494 -88.61 29.68 24.74
CA PHE H 2494 -87.64 30.76 24.65
C PHE H 2494 -87.88 31.75 25.79
N VAL H 2495 -86.81 32.09 26.51
CA VAL H 2495 -86.93 32.91 27.71
C VAL H 2495 -85.96 34.08 27.59
N PRO H 2496 -86.23 35.18 28.30
CA PRO H 2496 -85.36 36.36 28.18
C PRO H 2496 -83.94 36.17 28.65
N ASP H 2497 -83.64 35.14 29.45
CA ASP H 2497 -82.25 34.91 29.83
C ASP H 2497 -81.39 34.61 28.60
N HIS H 2498 -81.98 33.90 27.62
CA HIS H 2498 -81.28 33.64 26.38
C HIS H 2498 -80.91 34.93 25.67
N LYS H 2499 -81.82 35.90 25.66
CA LYS H 2499 -81.51 37.20 25.09
C LYS H 2499 -80.49 37.95 25.91
N ALA H 2500 -80.54 37.81 27.24
CA ALA H 2500 -79.61 38.53 28.10
C ALA H 2500 -78.19 38.09 27.84
N SER H 2501 -77.98 36.80 27.57
CA SER H 2501 -76.64 36.33 27.22
C SER H 2501 -76.12 37.01 25.96
N MET H 2502 -76.97 37.10 24.94
CA MET H 2502 -76.57 37.77 23.70
C MET H 2502 -76.29 39.25 23.94
N VAL H 2503 -77.07 39.89 24.79
CA VAL H 2503 -76.84 41.30 25.09
C VAL H 2503 -75.49 41.48 25.77
N LEU H 2504 -75.15 40.59 26.71
CA LEU H 2504 -73.85 40.68 27.35
C LEU H 2504 -72.73 40.51 26.35
N PHE H 2505 -72.85 39.53 25.46
CA PHE H 2505 -71.82 39.33 24.44
C PHE H 2505 -71.70 40.55 23.54
N LEU H 2506 -72.83 41.10 23.12
CA LEU H 2506 -72.81 42.26 22.24
C LEU H 2506 -72.15 43.46 22.92
N ASP H 2507 -72.44 43.66 24.20
CA ASP H 2507 -71.84 44.77 24.92
C ASP H 2507 -70.33 44.59 25.07
N ARG H 2508 -69.91 43.42 25.55
CA ARG H 2508 -68.50 43.25 25.90
C ARG H 2508 -67.62 43.09 24.66
N VAL H 2509 -68.08 42.34 23.66
CA VAL H 2509 -67.26 42.05 22.49
C VAL H 2509 -67.40 43.15 21.44
N TYR H 2510 -68.62 43.35 20.93
CA TYR H 2510 -68.83 44.31 19.86
C TYR H 2510 -68.99 45.73 20.40
N GLY H 2511 -69.88 45.94 21.36
CA GLY H 2511 -70.12 47.25 21.90
C GLY H 2511 -70.89 48.13 20.93
N ILE H 2512 -71.58 49.12 21.49
CA ILE H 2512 -72.38 50.07 20.73
C ILE H 2512 -71.55 51.32 20.59
N GLU H 2513 -71.25 51.72 19.35
CA GLU H 2513 -70.40 52.88 19.12
C GLU H 2513 -70.97 53.90 18.16
N ASN H 2514 -72.05 53.57 17.43
CA ASN H 2514 -72.63 54.50 16.49
C ASN H 2514 -74.12 54.63 16.71
N GLN H 2515 -74.61 55.86 16.56
CA GLN H 2515 -75.99 56.18 16.88
C GLN H 2515 -76.97 55.43 16.00
N ASP H 2516 -76.67 55.31 14.71
CA ASP H 2516 -77.58 54.62 13.80
C ASP H 2516 -77.74 53.16 14.19
N PHE H 2517 -76.65 52.50 14.56
CA PHE H 2517 -76.75 51.11 14.99
C PHE H 2517 -77.46 51.01 16.33
N LEU H 2518 -77.24 51.97 17.22
CA LEU H 2518 -77.96 51.96 18.49
C LEU H 2518 -79.47 52.02 18.26
N LEU H 2519 -79.91 52.90 17.37
CA LEU H 2519 -81.33 52.99 17.07
C LEU H 2519 -81.83 51.75 16.36
N HIS H 2520 -80.99 51.14 15.51
CA HIS H 2520 -81.41 49.91 14.84
C HIS H 2520 -81.61 48.79 15.83
N VAL H 2521 -80.75 48.69 16.83
CA VAL H 2521 -80.95 47.68 17.87
C VAL H 2521 -82.19 48.00 18.68
N LEU H 2522 -82.39 49.27 19.02
CA LEU H 2522 -83.52 49.64 19.87
C LEU H 2522 -84.84 49.30 19.19
N ASP H 2523 -85.02 49.69 17.93
CA ASP H 2523 -86.35 49.61 17.35
C ASP H 2523 -86.74 48.20 16.90
N VAL H 2524 -85.82 47.25 16.89
CA VAL H 2524 -86.13 45.88 16.49
C VAL H 2524 -86.01 44.90 17.65
N GLY H 2525 -85.07 45.12 18.56
CA GLY H 2525 -84.84 44.14 19.61
C GLY H 2525 -85.25 44.56 21.01
N PHE H 2526 -84.99 45.80 21.38
CA PHE H 2526 -85.19 46.25 22.74
C PHE H 2526 -86.56 46.88 22.97
N LEU H 2527 -86.98 47.77 22.07
CA LEU H 2527 -88.25 48.46 22.27
C LEU H 2527 -89.45 47.53 22.32
N PRO H 2528 -89.59 46.52 21.47
CA PRO H 2528 -90.72 45.59 21.66
C PRO H 2528 -90.72 44.90 23.01
N ASP H 2529 -89.55 44.52 23.52
CA ASP H 2529 -89.50 43.88 24.84
C ASP H 2529 -89.87 44.87 25.94
N MET H 2530 -89.40 46.11 25.82
CA MET H 2530 -89.77 47.13 26.79
C MET H 2530 -91.27 47.35 26.79
N ARG H 2531 -91.88 47.43 25.61
CA ARG H 2531 -93.31 47.62 25.52
C ARG H 2531 -94.06 46.42 26.09
N ALA H 2532 -93.58 45.21 25.83
CA ALA H 2532 -94.23 44.02 26.37
C ALA H 2532 -94.19 44.02 27.89
N ALA H 2533 -93.02 44.34 28.46
CA ALA H 2533 -92.91 44.39 29.91
C ALA H 2533 -93.81 45.47 30.50
N ALA H 2534 -93.91 46.62 29.82
CA ALA H 2534 -94.82 47.65 30.29
C ALA H 2534 -96.26 47.17 30.25
N SER H 2535 -96.63 46.47 29.18
CA SER H 2535 -98.00 45.98 29.07
C SER H 2535 -98.32 44.95 30.13
N LEU H 2536 -97.37 44.11 30.49
CA LEU H 2536 -97.63 43.10 31.50
C LEU H 2536 -97.80 43.66 32.90
N ASP H 2537 -97.51 44.95 33.12
CA ASP H 2537 -97.63 45.55 34.44
C ASP H 2537 -99.07 45.99 34.67
N THR H 2538 -99.94 45.01 34.81
CA THR H 2538 -101.36 45.22 35.06
C THR H 2538 -101.76 44.50 36.35
N ALA H 2539 -103.06 44.48 36.63
CA ALA H 2539 -103.54 43.83 37.83
C ALA H 2539 -103.26 42.32 37.79
N THR H 2540 -103.43 41.71 36.63
CA THR H 2540 -103.33 40.27 36.51
C THR H 2540 -101.92 39.79 36.16
N PHE H 2541 -101.30 40.40 35.15
CA PHE H 2541 -100.07 39.89 34.58
C PHE H 2541 -98.82 40.30 35.32
N SER H 2542 -98.92 41.20 36.31
CA SER H 2542 -97.73 41.82 36.88
C SER H 2542 -96.84 40.80 37.56
N THR H 2543 -97.43 39.82 38.24
CA THR H 2543 -96.66 38.83 38.99
C THR H 2543 -96.38 37.55 38.21
N THR H 2544 -96.71 37.51 36.93
CA THR H 2544 -96.49 36.31 36.15
C THR H 2544 -95.00 36.07 35.94
N GLU H 2545 -94.66 34.79 35.70
CA GLU H 2545 -93.28 34.40 35.53
C GLU H 2545 -92.66 35.10 34.32
N MET H 2546 -93.42 35.18 33.22
CA MET H 2546 -92.92 35.86 32.03
C MET H 2546 -92.65 37.32 32.30
N ALA H 2547 -93.53 37.99 33.03
CA ALA H 2547 -93.33 39.40 33.35
C ALA H 2547 -92.11 39.59 34.23
N LEU H 2548 -91.92 38.73 35.22
CA LEU H 2548 -90.74 38.85 36.07
C LEU H 2548 -89.46 38.59 35.28
N ALA H 2549 -89.50 37.63 34.35
CA ALA H 2549 -88.35 37.38 33.51
C ALA H 2549 -88.03 38.59 32.63
N LEU H 2550 -89.07 39.22 32.08
CA LEU H 2550 -88.85 40.43 31.30
C LEU H 2550 -88.26 41.54 32.15
N ASN H 2551 -88.73 41.68 33.39
CA ASN H 2551 -88.19 42.71 34.26
C ASN H 2551 -86.72 42.47 34.56
N ARG H 2552 -86.34 41.22 34.85
CA ARG H 2552 -84.94 40.92 35.10
C ARG H 2552 -84.10 41.17 33.85
N TYR H 2553 -84.62 40.77 32.69
CA TYR H 2553 -83.88 40.96 31.44
C TYR H 2553 -83.67 42.44 31.15
N LEU H 2554 -84.68 43.26 31.40
CA LEU H 2554 -84.54 44.69 31.15
C LEU H 2554 -83.62 45.34 32.16
N CYS H 2555 -83.76 45.01 33.43
CA CYS H 2555 -83.01 45.69 34.48
C CYS H 2555 -81.60 45.16 34.65
N LEU H 2556 -81.26 44.06 34.01
CA LEU H 2556 -79.90 43.54 34.08
C LEU H 2556 -79.16 43.55 32.76
N ALA H 2557 -79.87 43.61 31.62
CA ALA H 2557 -79.22 43.57 30.32
C ALA H 2557 -79.47 44.82 29.50
N VAL H 2558 -80.73 45.23 29.31
CA VAL H 2558 -81.05 46.24 28.30
C VAL H 2558 -80.84 47.64 28.85
N LEU H 2559 -81.46 47.94 29.99
CA LEU H 2559 -81.42 49.29 30.52
C LEU H 2559 -80.03 49.77 30.91
N PRO H 2560 -79.18 48.99 31.58
CA PRO H 2560 -77.81 49.47 31.82
C PRO H 2560 -77.06 49.77 30.54
N LEU H 2561 -77.26 48.96 29.50
CA LEU H 2561 -76.61 49.21 28.22
C LEU H 2561 -77.10 50.52 27.62
N ILE H 2562 -78.41 50.77 27.69
CA ILE H 2562 -78.95 52.02 27.17
C ILE H 2562 -78.40 53.21 27.95
N THR H 2563 -78.30 53.06 29.27
CA THR H 2563 -77.72 54.12 30.09
C THR H 2563 -76.28 54.40 29.68
N LYS H 2564 -75.50 53.34 29.42
CA LYS H 2564 -74.14 53.53 28.94
C LYS H 2564 -74.13 54.25 27.60
N CYS H 2565 -75.05 53.90 26.71
CA CYS H 2565 -75.12 54.49 25.38
C CYS H 2565 -76.00 55.73 25.33
N ALA H 2566 -76.28 56.34 26.48
CA ALA H 2566 -77.09 57.56 26.50
C ALA H 2566 -76.53 58.70 25.67
N PRO H 2567 -75.23 59.01 25.69
CA PRO H 2567 -74.75 60.17 24.92
C PRO H 2567 -75.00 60.08 23.43
N LEU H 2568 -75.23 58.89 22.90
CA LEU H 2568 -75.45 58.73 21.47
C LEU H 2568 -76.80 59.28 21.01
N PHE H 2569 -77.67 59.69 21.93
CA PHE H 2569 -78.97 60.23 21.58
C PHE H 2569 -78.95 61.72 21.30
N ALA H 2570 -77.77 62.33 21.26
CA ALA H 2570 -77.68 63.78 21.15
C ALA H 2570 -78.29 64.30 19.85
N GLY H 2571 -78.05 63.61 18.75
CA GLY H 2571 -78.49 64.10 17.46
C GLY H 2571 -79.59 63.28 16.82
N THR H 2572 -80.58 62.87 17.60
CA THR H 2572 -81.63 61.97 17.11
C THR H 2572 -82.87 62.72 16.68
N GLU H 2573 -82.71 63.90 16.08
CA GLU H 2573 -83.87 64.65 15.59
C GLU H 2573 -84.66 63.84 14.57
N HIS H 2574 -83.97 63.06 13.73
CA HIS H 2574 -84.63 62.35 12.64
C HIS H 2574 -85.49 61.19 13.12
N ARG H 2575 -85.24 60.65 14.30
CA ARG H 2575 -86.00 59.53 14.84
C ARG H 2575 -86.73 59.95 16.11
N ALA H 2576 -87.32 61.15 16.07
CA ALA H 2576 -87.96 61.70 17.25
C ALA H 2576 -89.14 60.86 17.71
N ILE H 2577 -89.90 60.28 16.78
CA ILE H 2577 -91.03 59.45 17.16
C ILE H 2577 -90.57 58.25 17.97
N MET H 2578 -89.53 57.56 17.48
CA MET H 2578 -89.02 56.40 18.19
C MET H 2578 -88.43 56.79 19.54
N VAL H 2579 -87.71 57.91 19.59
CA VAL H 2579 -87.13 58.34 20.86
C VAL H 2579 -88.23 58.65 21.88
N ASP H 2580 -89.29 59.31 21.42
CA ASP H 2580 -90.38 59.65 22.33
C ASP H 2580 -91.10 58.38 22.82
N SER H 2581 -91.32 57.42 21.93
CA SER H 2581 -91.94 56.18 22.34
C SER H 2581 -91.08 55.44 23.36
N MET H 2582 -89.77 55.44 23.15
CA MET H 2582 -88.85 54.84 24.10
C MET H 2582 -88.88 55.54 25.45
N LEU H 2583 -88.91 56.88 25.44
CA LEU H 2583 -89.03 57.62 26.70
C LEU H 2583 -90.31 57.28 27.42
N HIS H 2584 -91.42 57.20 26.70
CA HIS H 2584 -92.69 56.87 27.32
CA HIS H 2584 -92.69 56.86 27.31
C HIS H 2584 -92.67 55.46 27.90
N THR H 2585 -92.09 54.51 27.18
CA THR H 2585 -92.05 53.13 27.69
C THR H 2585 -91.19 53.04 28.94
N VAL H 2586 -90.04 53.71 28.96
CA VAL H 2586 -89.19 53.62 30.15
C VAL H 2586 -89.84 54.32 31.33
N TYR H 2587 -90.52 55.44 31.08
CA TYR H 2587 -91.23 56.12 32.17
C TYR H 2587 -92.37 55.25 32.71
N ARG H 2588 -93.14 54.62 31.83
CA ARG H 2588 -94.17 53.70 32.24
C ARG H 2588 -93.59 52.58 33.09
N LEU H 2589 -92.47 52.01 32.64
CA LEU H 2589 -91.82 50.96 33.43
C LEU H 2589 -91.43 51.47 34.81
N SER H 2590 -90.92 52.70 34.89
CA SER H 2590 -90.58 53.27 36.18
C SER H 2590 -91.80 53.33 37.09
N ARG H 2591 -92.95 53.74 36.54
CA ARG H 2591 -94.17 53.70 37.32
C ARG H 2591 -94.79 52.31 37.29
N GLY H 2592 -94.05 51.30 37.74
CA GLY H 2592 -94.55 49.95 37.67
C GLY H 2592 -94.65 49.27 39.02
N ARG H 2593 -95.71 48.49 39.22
CA ARG H 2593 -95.83 47.69 40.42
C ARG H 2593 -95.03 46.41 40.27
N SER H 2594 -94.92 45.67 41.37
CA SER H 2594 -94.22 44.38 41.39
C SER H 2594 -92.79 44.50 40.88
N LEU H 2595 -92.12 45.60 41.22
CA LEU H 2595 -90.72 45.80 40.88
C LEU H 2595 -89.92 46.01 42.17
N THR H 2596 -88.78 45.36 42.26
CA THR H 2596 -87.91 45.57 43.40
C THR H 2596 -87.31 46.97 43.36
N LYS H 2597 -86.82 47.42 44.51
CA LYS H 2597 -86.19 48.73 44.59
C LYS H 2597 -84.96 48.79 43.70
N ALA H 2598 -84.20 47.69 43.64
CA ALA H 2598 -83.02 47.65 42.78
C ALA H 2598 -83.39 47.85 41.32
N GLN H 2599 -84.44 47.17 40.87
CA GLN H 2599 -84.91 47.33 39.49
C GLN H 2599 -85.41 48.75 39.25
N ARG H 2600 -86.15 49.29 40.21
CA ARG H 2600 -86.74 50.61 40.03
C ARG H 2600 -85.67 51.68 39.92
N ASP H 2601 -84.63 51.61 40.74
CA ASP H 2601 -83.59 52.62 40.66
C ASP H 2601 -82.81 52.51 39.36
N VAL H 2602 -82.65 51.30 38.84
CA VAL H 2602 -82.02 51.13 37.53
C VAL H 2602 -82.84 51.83 36.46
N ILE H 2603 -84.16 51.62 36.48
CA ILE H 2603 -85.02 52.27 35.49
C ILE H 2603 -84.94 53.78 35.61
N GLU H 2604 -84.97 54.29 36.85
CA GLU H 2604 -84.91 55.73 37.06
C GLU H 2604 -83.60 56.30 36.57
N ASP H 2605 -82.49 55.62 36.84
CA ASP H 2605 -81.19 56.09 36.37
C ASP H 2605 -81.14 56.10 34.85
N CYS H 2606 -81.71 55.08 34.22
CA CYS H 2606 -81.77 55.07 32.76
C CYS H 2606 -82.54 56.28 32.23
N LEU H 2607 -83.69 56.57 32.84
CA LEU H 2607 -84.50 57.69 32.37
C LEU H 2607 -83.76 59.02 32.54
N MET H 2608 -83.11 59.20 33.68
CA MET H 2608 -82.37 60.44 33.92
C MET H 2608 -81.22 60.59 32.93
N ALA H 2609 -80.49 59.50 32.68
CA ALA H 2609 -79.37 59.56 31.74
C ALA H 2609 -79.86 59.88 30.33
N LEU H 2610 -81.00 59.30 29.95
CA LEU H 2610 -81.57 59.61 28.64
C LEU H 2610 -81.93 61.08 28.53
N CYS H 2611 -82.68 61.60 29.51
CA CYS H 2611 -83.12 62.98 29.44
C CYS H 2611 -81.94 63.96 29.53
N ARG H 2612 -80.81 63.54 30.09
CA ARG H 2612 -79.66 64.42 30.17
CA ARG H 2612 -79.66 64.42 30.16
C ARG H 2612 -79.09 64.75 28.79
N TYR H 2613 -79.10 63.79 27.88
CA TYR H 2613 -78.52 63.99 26.56
C TYR H 2613 -79.52 64.24 25.46
N ILE H 2614 -80.79 63.87 25.64
CA ILE H 2614 -81.79 64.16 24.63
C ILE H 2614 -82.02 65.67 24.54
N ARG H 2615 -82.23 66.16 23.32
CA ARG H 2615 -82.46 67.57 23.12
C ARG H 2615 -83.77 68.01 23.78
N PRO H 2616 -83.85 69.25 24.25
CA PRO H 2616 -85.08 69.71 24.92
C PRO H 2616 -86.31 69.65 24.05
N SER H 2617 -86.16 69.72 22.73
CA SER H 2617 -87.33 69.72 21.86
C SER H 2617 -88.05 68.39 21.87
N MET H 2618 -87.32 67.29 22.10
CA MET H 2618 -87.92 65.95 22.08
C MET H 2618 -88.61 65.60 23.38
N LEU H 2619 -88.39 66.33 24.45
CA LEU H 2619 -88.94 65.99 25.76
C LEU H 2619 -90.32 66.59 26.00
N GLN H 2620 -90.96 67.14 24.96
CA GLN H 2620 -92.21 67.84 25.16
C GLN H 2620 -93.33 66.89 25.59
N HIS H 2621 -93.42 65.72 24.96
CA HIS H 2621 -94.48 64.78 25.33
C HIS H 2621 -94.26 64.21 26.73
N LEU H 2622 -93.00 63.93 27.07
CA LEU H 2622 -92.71 63.47 28.43
C LEU H 2622 -93.07 64.55 29.45
N LEU H 2623 -92.78 65.81 29.13
CA LEU H 2623 -93.20 66.89 30.01
C LEU H 2623 -94.71 66.96 30.12
N ARG H 2624 -95.41 66.68 29.02
CA ARG H 2624 -96.87 66.71 29.05
C ARG H 2624 -97.41 65.63 29.97
N ARG H 2625 -96.79 64.45 29.95
CA ARG H 2625 -97.21 63.39 30.87
C ARG H 2625 -96.88 63.76 32.31
N LEU H 2626 -95.71 64.35 32.54
CA LEU H 2626 -95.32 64.72 33.89
C LEU H 2626 -96.20 65.82 34.45
N VAL H 2627 -96.73 66.69 33.60
CA VAL H 2627 -97.66 67.71 34.06
C VAL H 2627 -98.90 67.06 34.66
N PHE H 2628 -99.33 65.94 34.09
CA PHE H 2628 -100.47 65.22 34.64
C PHE H 2628 -100.10 64.43 35.88
N ASP H 2629 -98.90 63.84 35.90
CA ASP H 2629 -98.56 62.86 36.92
C ASP H 2629 -97.85 63.41 38.15
N VAL H 2630 -97.26 64.61 38.07
CA VAL H 2630 -96.48 65.13 39.20
C VAL H 2630 -97.35 65.79 40.26
N PRO H 2631 -98.30 66.67 39.95
CA PRO H 2631 -98.93 67.48 41.01
C PRO H 2631 -99.63 66.68 42.09
N ILE H 2632 -100.03 65.44 41.85
CA ILE H 2632 -100.69 64.69 42.93
C ILE H 2632 -99.71 64.38 44.05
N LEU H 2633 -98.41 64.43 43.77
CA LEU H 2633 -97.35 64.38 44.77
C LEU H 2633 -97.47 63.16 45.69
N ASN H 2634 -97.72 62.00 45.08
CA ASN H 2634 -97.74 60.75 45.83
C ASN H 2634 -96.32 60.24 45.99
N GLU H 2635 -96.18 58.99 46.42
CA GLU H 2635 -94.85 58.41 46.62
C GLU H 2635 -94.10 58.21 45.31
N PHE H 2636 -94.78 58.32 44.17
CA PHE H 2636 -94.15 58.08 42.88
C PHE H 2636 -93.56 59.34 42.26
N ALA H 2637 -93.73 60.49 42.87
CA ALA H 2637 -93.38 61.76 42.25
C ALA H 2637 -91.94 62.18 42.49
N LYS H 2638 -91.18 61.44 43.30
CA LYS H 2638 -89.84 61.89 43.67
C LYS H 2638 -88.91 61.89 42.47
N MET H 2639 -88.85 60.76 41.75
CA MET H 2639 -88.02 60.71 40.55
C MET H 2639 -88.47 61.70 39.48
N PRO H 2640 -89.77 61.82 39.16
CA PRO H 2640 -90.16 62.87 38.21
C PRO H 2640 -89.76 64.26 38.64
N LEU H 2641 -89.88 64.59 39.92
CA LEU H 2641 -89.50 65.93 40.36
C LEU H 2641 -87.99 66.14 40.22
N LYS H 2642 -87.20 65.12 40.56
CA LYS H 2642 -85.76 65.24 40.37
C LYS H 2642 -85.41 65.40 38.88
N LEU H 2643 -86.11 64.65 38.03
CA LEU H 2643 -85.88 64.75 36.59
C LEU H 2643 -86.21 66.15 36.08
N LEU H 2644 -87.33 66.70 36.52
CA LEU H 2644 -87.70 68.06 36.13
C LEU H 2644 -86.68 69.07 36.62
N THR H 2645 -86.20 68.90 37.85
CA THR H 2645 -85.18 69.80 38.38
C THR H 2645 -83.95 69.80 37.48
N ASN H 2646 -83.42 68.62 37.19
CA ASN H 2646 -82.23 68.55 36.34
C ASN H 2646 -82.50 69.11 34.94
N HIS H 2647 -83.66 68.78 34.37
CA HIS H 2647 -83.96 69.19 33.01
C HIS H 2647 -84.03 70.71 32.92
N TYR H 2648 -84.72 71.35 33.86
CA TYR H 2648 -84.85 72.80 33.78
C TYR H 2648 -83.59 73.52 34.20
N GLU H 2649 -82.79 72.94 35.10
CA GLU H 2649 -81.52 73.56 35.44
C GLU H 2649 -80.56 73.52 34.26
N ARG H 2650 -80.54 72.41 33.53
CA ARG H 2650 -79.63 72.29 32.39
C ARG H 2650 -80.11 73.11 31.20
N CYS H 2651 -81.40 73.06 30.92
CA CYS H 2651 -81.96 73.65 29.69
C CYS H 2651 -82.73 74.93 29.98
N TRP H 2652 -82.23 75.76 30.90
CA TRP H 2652 -83.00 76.95 31.27
C TRP H 2652 -82.95 78.02 30.20
N LYS H 2653 -81.85 78.12 29.46
CA LYS H 2653 -81.76 79.14 28.41
C LYS H 2653 -82.80 78.90 27.32
N TYR H 2654 -82.99 77.65 26.92
CA TYR H 2654 -83.94 77.30 25.87
C TYR H 2654 -85.34 77.81 26.17
N TYR H 2655 -85.70 77.90 27.45
CA TYR H 2655 -87.01 78.41 27.83
C TYR H 2655 -87.01 79.88 28.17
N CYS H 2656 -85.89 80.42 28.67
CA CYS H 2656 -85.89 81.79 29.14
C CYS H 2656 -85.47 82.79 28.05
N LEU H 2657 -84.30 82.60 27.47
CA LEU H 2657 -83.75 83.63 26.59
C LEU H 2657 -84.60 83.77 25.34
N PRO H 2658 -84.87 85.00 24.90
CA PRO H 2658 -85.65 85.19 23.66
C PRO H 2658 -85.00 84.57 22.44
N THR H 2659 -83.67 84.60 22.37
CA THR H 2659 -82.96 84.00 21.26
C THR H 2659 -82.84 82.49 21.39
N GLY H 2660 -83.12 81.94 22.57
CA GLY H 2660 -83.05 80.51 22.77
C GLY H 2660 -81.63 80.03 23.01
N TRP H 2661 -81.53 78.75 23.32
CA TRP H 2661 -80.22 78.14 23.55
C TRP H 2661 -79.46 78.05 22.24
N ALA H 2662 -78.13 78.03 22.35
CA ALA H 2662 -77.29 77.91 21.17
C ALA H 2662 -77.54 76.59 20.48
N ASN H 2663 -77.79 76.65 19.17
CA ASN H 2663 -77.97 75.49 18.29
C ASN H 2663 -78.99 74.50 18.84
N PHE H 2664 -79.91 74.95 19.69
CA PHE H 2664 -80.99 74.10 20.19
C PHE H 2664 -82.37 74.64 19.87
N GLY H 2665 -82.48 75.87 19.40
CA GLY H 2665 -83.78 76.46 19.13
C GLY H 2665 -84.33 77.19 20.34
N VAL H 2666 -85.60 77.58 20.21
CA VAL H 2666 -86.32 78.28 21.26
C VAL H 2666 -87.61 77.53 21.53
N THR H 2667 -88.18 77.78 22.71
CA THR H 2667 -89.42 77.13 23.09
C THR H 2667 -90.54 77.45 22.12
N SER H 2668 -91.59 76.63 22.16
CA SER H 2668 -92.63 76.66 21.13
C SER H 2668 -93.96 77.20 21.64
N GLU H 2669 -93.95 77.96 22.72
CA GLU H 2669 -95.14 78.65 23.24
C GLU H 2669 -96.17 77.65 23.77
N GLU H 2670 -95.92 76.36 23.57
CA GLU H 2670 -96.67 75.29 24.22
C GLU H 2670 -95.89 74.66 25.36
N GLU H 2671 -94.58 74.51 25.18
CA GLU H 2671 -93.75 74.05 26.28
C GLU H 2671 -93.78 75.05 27.43
N LEU H 2672 -93.83 76.35 27.12
CA LEU H 2672 -93.95 77.34 28.18
C LEU H 2672 -95.27 77.20 28.93
N HIS H 2673 -96.35 76.92 28.21
CA HIS H 2673 -97.63 76.69 28.88
C HIS H 2673 -97.58 75.46 29.77
N LEU H 2674 -96.97 74.38 29.27
CA LEU H 2674 -96.83 73.19 30.09
C LEU H 2674 -96.00 73.47 31.33
N THR H 2675 -94.92 74.23 31.18
CA THR H 2675 -94.07 74.58 32.31
C THR H 2675 -94.83 75.40 33.35
N ARG H 2676 -95.61 76.38 32.89
CA ARG H 2676 -96.40 77.18 33.81
C ARG H 2676 -97.42 76.34 34.56
N LYS H 2677 -98.11 75.45 33.84
CA LYS H 2677 -99.07 74.57 34.51
C LYS H 2677 -98.38 73.67 35.51
N LEU H 2678 -97.21 73.14 35.17
CA LEU H 2678 -96.47 72.30 36.09
C LEU H 2678 -96.10 73.08 37.35
N PHE H 2679 -95.58 74.29 37.18
CA PHE H 2679 -95.19 75.11 38.32
C PHE H 2679 -96.37 75.36 39.24
N TRP H 2680 -97.49 75.81 38.66
CA TRP H 2680 -98.62 76.16 39.52
C TRP H 2680 -99.27 74.94 40.13
N GLY H 2681 -99.30 73.81 39.42
CA GLY H 2681 -99.82 72.60 40.02
C GLY H 2681 -98.99 72.14 41.20
N ILE H 2682 -97.66 72.12 41.05
CA ILE H 2682 -96.81 71.74 42.16
C ILE H 2682 -96.98 72.71 43.32
N PHE H 2683 -97.03 74.01 43.02
CA PHE H 2683 -97.16 75.02 44.06
C PHE H 2683 -98.45 74.85 44.84
N ASP H 2684 -99.58 74.72 44.14
CA ASP H 2684 -100.86 74.58 44.82
C ASP H 2684 -100.93 73.29 45.61
N SER H 2685 -100.44 72.19 45.05
CA SER H 2685 -100.48 70.93 45.78
C SER H 2685 -99.62 70.99 47.04
N LEU H 2686 -98.44 71.59 46.93
CA LEU H 2686 -97.55 71.68 48.09
C LEU H 2686 -98.09 72.62 49.14
N ALA H 2687 -98.85 73.64 48.73
CA ALA H 2687 -99.45 74.54 49.70
C ALA H 2687 -100.46 73.85 50.59
N HIS H 2688 -101.09 72.77 50.12
CA HIS H 2688 -102.08 72.05 50.90
C HIS H 2688 -101.56 70.75 51.51
N LYS H 2689 -100.49 70.19 50.98
CA LYS H 2689 -99.97 68.95 51.54
C LYS H 2689 -99.47 69.16 52.96
N LYS H 2690 -99.79 68.22 53.83
CA LYS H 2690 -99.25 68.23 55.18
C LYS H 2690 -97.73 68.16 55.12
N TYR H 2691 -97.07 68.93 55.99
CA TYR H 2691 -95.62 69.07 55.93
C TYR H 2691 -94.92 67.73 56.01
N ASP H 2692 -94.20 67.38 54.95
CA ASP H 2692 -93.29 66.25 54.93
C ASP H 2692 -91.93 66.76 54.50
N GLN H 2693 -90.93 66.58 55.37
CA GLN H 2693 -89.60 67.10 55.06
C GLN H 2693 -89.02 66.44 53.82
N GLU H 2694 -89.26 65.14 53.65
CA GLU H 2694 -88.75 64.45 52.47
C GLU H 2694 -89.34 65.05 51.21
N LEU H 2695 -90.63 65.34 51.21
CA LEU H 2695 -91.26 65.94 50.03
C LEU H 2695 -90.73 67.34 49.80
N TYR H 2696 -90.62 68.14 50.86
CA TYR H 2696 -90.21 69.53 50.71
C TYR H 2696 -88.79 69.65 50.18
N ARG H 2697 -87.85 68.86 50.71
CA ARG H 2697 -86.44 69.07 50.40
C ARG H 2697 -86.19 68.93 48.90
N MET H 2698 -86.87 68.00 48.25
CA MET H 2698 -86.73 67.78 46.82
C MET H 2698 -87.91 68.27 45.99
N ALA H 2699 -88.86 69.00 46.58
CA ALA H 2699 -89.83 69.71 45.77
C ALA H 2699 -89.45 71.18 45.61
N MET H 2700 -88.79 71.75 46.61
CA MET H 2700 -88.36 73.15 46.50
C MET H 2700 -87.43 73.39 45.31
N PRO H 2701 -86.38 72.60 45.08
CA PRO H 2701 -85.50 72.88 43.93
C PRO H 2701 -86.23 72.79 42.60
N CYS H 2702 -87.22 71.92 42.47
CA CYS H 2702 -87.96 71.85 41.21
C CYS H 2702 -88.70 73.14 40.95
N LEU H 2703 -89.35 73.70 41.98
CA LEU H 2703 -90.02 74.98 41.82
C LEU H 2703 -89.04 76.08 41.47
N CYS H 2704 -87.88 76.10 42.14
CA CYS H 2704 -86.90 77.12 41.83
C CYS H 2704 -86.41 77.02 40.38
N ALA H 2705 -86.13 75.80 39.93
CA ALA H 2705 -85.66 75.61 38.56
C ALA H 2705 -86.72 76.01 37.55
N ILE H 2706 -87.98 75.64 37.79
CA ILE H 2706 -89.04 75.99 36.86
C ILE H 2706 -89.22 77.50 36.80
N ALA H 2707 -89.23 78.16 37.97
CA ALA H 2707 -89.39 79.61 37.98
C ALA H 2707 -88.23 80.30 37.28
N GLY H 2708 -87.01 79.80 37.46
CA GLY H 2708 -85.89 80.34 36.72
C GLY H 2708 -85.97 80.11 35.22
N ALA H 2709 -86.57 79.01 34.80
CA ALA H 2709 -86.73 78.73 33.38
C ALA H 2709 -87.80 79.57 32.72
N LEU H 2710 -88.94 79.78 33.38
CA LEU H 2710 -90.02 80.54 32.75
C LEU H 2710 -89.63 82.01 32.63
N PRO H 2711 -89.83 82.64 31.47
CA PRO H 2711 -89.60 84.07 31.35
C PRO H 2711 -90.52 84.84 32.26
N PRO H 2712 -90.04 85.92 32.88
CA PRO H 2712 -90.90 86.66 33.82
C PRO H 2712 -92.12 87.27 33.17
N ASP H 2713 -92.02 87.68 31.92
CA ASP H 2713 -93.11 88.36 31.22
C ASP H 2713 -93.92 87.43 30.33
N TYR H 2714 -93.77 86.13 30.48
CA TYR H 2714 -94.49 85.19 29.64
C TYR H 2714 -95.99 85.32 29.85
N VAL H 2715 -96.73 85.38 28.75
CA VAL H 2715 -98.18 85.46 28.77
C VAL H 2715 -98.72 84.26 28.01
N ASP H 2716 -99.50 83.42 28.69
CA ASP H 2716 -100.06 82.24 28.06
C ASP H 2716 -101.24 82.65 27.19
N ALA H 2717 -101.28 82.12 25.96
CA ALA H 2717 -102.36 82.46 25.05
C ALA H 2717 -103.71 82.00 25.59
N SER H 2718 -103.76 80.78 26.13
CA SER H 2718 -105.00 80.24 26.68
C SER H 2718 -105.00 80.45 28.19
N TYR H 2719 -105.42 81.65 28.59
CA TYR H 2719 -105.47 82.01 30.01
C TYR H 2719 -106.80 81.54 30.61
N SER H 2720 -106.96 80.22 30.64
CA SER H 2720 -108.15 79.60 31.21
C SER H 2720 -107.81 78.17 31.59
N SER H 2721 -108.59 77.62 32.53
CA SER H 2721 -108.37 76.27 32.99
C SER H 2721 -109.69 75.67 33.46
N LYS H 2722 -109.75 74.34 33.44
CA LYS H 2722 -110.95 73.66 33.92
C LYS H 2722 -111.02 73.68 35.45
N ALA H 2723 -109.87 73.76 36.12
CA ALA H 2723 -109.79 73.74 37.59
C ALA H 2723 -110.43 72.48 38.16
N GLU H 2724 -110.21 71.36 37.49
CA GLU H 2724 -110.72 70.07 37.93
C GLU H 2724 -109.64 69.32 38.72
N LYS H 2725 -110.09 68.32 39.46
CA LYS H 2725 -109.22 67.48 40.28
C LYS H 2725 -108.40 68.31 41.28
N ASN H 2734 -104.59 53.53 33.10
CA ASN H 2734 -104.24 54.17 31.83
C ASN H 2734 -105.15 55.36 31.55
N PHE H 2735 -105.53 55.53 30.29
CA PHE H 2735 -106.39 56.63 29.86
C PHE H 2735 -107.72 56.06 29.37
N ASP H 2736 -108.82 56.58 29.92
CA ASP H 2736 -110.16 56.12 29.56
C ASP H 2736 -110.98 57.32 29.09
N PRO H 2737 -111.03 57.58 27.78
CA PRO H 2737 -111.82 58.72 27.29
C PRO H 2737 -113.32 58.47 27.36
N ARG H 2738 -114.01 59.22 28.21
CA ARG H 2738 -115.44 59.02 28.41
C ARG H 2738 -116.21 59.59 27.23
N PRO H 2739 -117.12 58.83 26.62
CA PRO H 2739 -117.98 59.40 25.57
C PRO H 2739 -119.09 60.24 26.18
N VAL H 2740 -119.97 60.78 25.34
CA VAL H 2740 -121.13 61.53 25.80
C VAL H 2740 -122.38 60.72 25.49
N GLU H 2741 -123.18 60.46 26.52
CA GLU H 2741 -124.37 59.63 26.39
C GLU H 2741 -125.46 60.40 25.68
N THR H 2742 -125.87 59.93 24.51
CA THR H 2742 -126.88 60.60 23.70
C THR H 2742 -128.08 59.73 23.35
N LEU H 2743 -127.94 58.40 23.38
CA LEU H 2743 -129.07 57.54 23.05
C LEU H 2743 -130.16 57.61 24.11
N ASN H 2744 -129.78 57.84 25.37
CA ASN H 2744 -130.77 57.91 26.45
C ASN H 2744 -131.72 59.07 26.26
N VAL H 2745 -131.20 60.24 25.86
CA VAL H 2745 -132.02 61.42 25.68
C VAL H 2745 -132.64 61.41 24.29
N ILE H 2746 -133.87 61.93 24.19
CA ILE H 2746 -134.58 61.95 22.93
C ILE H 2746 -134.03 63.05 22.03
N ILE H 2747 -133.79 62.72 20.77
CA ILE H 2747 -133.31 63.68 19.78
C ILE H 2747 -134.47 64.62 19.43
N PRO H 2748 -134.21 65.92 19.23
CA PRO H 2748 -135.25 66.78 18.64
C PRO H 2748 -135.24 66.65 17.13
N GLU H 2749 -136.42 66.43 16.56
CA GLU H 2749 -136.57 66.24 15.12
C GLU H 2749 -137.23 67.44 14.44
N LYS H 2750 -137.20 68.62 15.07
CA LYS H 2750 -137.74 69.81 14.45
C LYS H 2750 -136.85 70.34 13.33
N LEU H 2751 -135.62 69.80 13.20
CA LEU H 2751 -134.69 70.21 12.16
C LEU H 2751 -134.33 69.04 11.23
N ASP H 2752 -135.27 68.11 11.04
CA ASP H 2752 -135.03 66.97 10.16
C ASP H 2752 -134.69 67.40 8.73
N SER H 2753 -135.23 68.54 8.29
CA SER H 2753 -134.89 69.06 6.97
C SER H 2753 -133.40 69.30 6.83
N PHE H 2754 -132.73 69.67 7.92
CA PHE H 2754 -131.27 69.71 7.93
C PHE H 2754 -130.65 68.35 8.18
N ILE H 2755 -131.21 67.57 9.11
CA ILE H 2755 -130.61 66.30 9.48
C ILE H 2755 -130.45 65.39 8.27
N ASN H 2756 -131.55 65.03 7.62
CA ASN H 2756 -131.49 64.10 6.51
C ASN H 2756 -130.72 64.68 5.32
N LYS H 2757 -130.94 65.96 5.03
CA LYS H 2757 -130.27 66.58 3.89
C LYS H 2757 -128.75 66.55 4.06
N PHE H 2758 -128.25 66.96 5.22
CA PHE H 2758 -126.81 66.91 5.46
C PHE H 2758 -126.29 65.48 5.57
N ALA H 2759 -127.10 64.56 6.11
CA ALA H 2759 -126.65 63.18 6.22
C ALA H 2759 -126.40 62.56 4.84
N GLU H 2760 -127.29 62.82 3.89
CA GLU H 2760 -127.02 62.41 2.51
C GLU H 2760 -126.03 63.31 1.81
N TYR H 2761 -125.87 64.55 2.30
CA TYR H 2761 -124.97 65.50 1.64
C TYR H 2761 -123.52 65.16 1.91
N THR H 2762 -123.23 64.50 3.02
CA THR H 2762 -121.86 64.02 3.26
C THR H 2762 -121.44 63.02 2.19
N HIS H 2763 -122.30 62.05 1.87
CA HIS H 2763 -121.99 61.09 0.82
C HIS H 2763 -122.03 61.76 -0.56
N GLU H 2764 -122.89 62.76 -0.73
CA GLU H 2764 -122.88 63.52 -1.97
C GLU H 2764 -121.54 64.25 -2.15
N LYS H 2765 -120.97 64.76 -1.07
CA LYS H 2765 -119.65 65.38 -1.11
C LYS H 2765 -118.56 64.34 -1.38
N TRP H 2766 -118.72 63.12 -0.85
CA TRP H 2766 -117.82 62.04 -1.24
C TRP H 2766 -117.90 61.77 -2.74
N ALA H 2767 -119.08 61.95 -3.33
CA ALA H 2767 -119.21 61.78 -4.77
C ALA H 2767 -118.34 62.80 -5.52
N PHE H 2768 -118.32 64.05 -5.05
CA PHE H 2768 -117.44 65.06 -5.65
C PHE H 2768 -115.98 64.76 -5.37
N ASP H 2769 -115.67 64.21 -4.19
CA ASP H 2769 -114.31 63.75 -3.92
C ASP H 2769 -113.88 62.69 -4.92
N LYS H 2770 -114.84 61.87 -5.39
CA LYS H 2770 -114.53 60.88 -6.41
C LYS H 2770 -114.08 61.54 -7.71
N ILE H 2771 -114.76 62.61 -8.15
CA ILE H 2771 -114.32 63.28 -9.37
C ILE H 2771 -113.02 64.03 -9.13
N GLN H 2772 -112.76 64.44 -7.87
CA GLN H 2772 -111.46 64.99 -7.55
C GLN H 2772 -110.36 63.93 -7.52
N ASN H 2773 -110.74 62.66 -7.40
CA ASN H 2773 -109.78 61.56 -7.44
C ASN H 2773 -109.36 61.20 -8.86
N ASN H 2774 -109.97 61.82 -9.88
CA ASN H 2774 -109.76 61.60 -11.30
C ASN H 2774 -110.30 60.25 -11.78
N TRP H 2775 -110.87 59.44 -10.89
CA TRP H 2775 -111.54 58.20 -11.26
C TRP H 2775 -113.02 58.33 -10.94
N SER H 2776 -113.86 58.11 -11.95
CA SER H 2776 -115.29 58.35 -11.81
C SER H 2776 -115.94 57.26 -10.96
N TYR H 2777 -117.23 57.43 -10.69
CA TYR H 2777 -118.00 56.46 -9.94
C TYR H 2777 -118.45 55.31 -10.82
N GLY H 2778 -118.61 54.14 -10.20
CA GLY H 2778 -119.04 52.96 -10.91
C GLY H 2778 -120.16 52.26 -10.17
N GLU H 2779 -120.92 51.46 -10.93
CA GLU H 2779 -122.06 50.74 -10.38
C GLU H 2779 -121.67 49.37 -9.85
N ASN H 2780 -120.93 48.59 -10.64
CA ASN H 2780 -120.54 47.25 -10.24
C ASN H 2780 -119.53 47.31 -9.10
N VAL H 2781 -119.59 46.31 -8.23
CA VAL H 2781 -118.66 46.19 -7.11
C VAL H 2781 -117.33 45.66 -7.64
N ASP H 2782 -116.26 46.41 -7.41
CA ASP H 2782 -114.94 46.03 -7.89
C ASP H 2782 -113.88 46.65 -7.00
N GLU H 2783 -112.78 45.91 -6.84
CA GLU H 2783 -111.65 46.37 -6.04
C GLU H 2783 -110.53 46.97 -6.88
N GLU H 2784 -110.69 47.02 -8.21
CA GLU H 2784 -109.69 47.60 -9.09
C GLU H 2784 -109.81 49.10 -9.22
N LEU H 2785 -110.99 49.66 -8.96
CA LEU H 2785 -111.22 51.09 -9.13
C LEU H 2785 -110.73 51.91 -7.94
N LYS H 2786 -110.26 51.26 -6.87
CA LYS H 2786 -109.76 51.88 -5.64
C LYS H 2786 -110.62 53.06 -5.19
N THR H 2787 -111.92 52.98 -5.44
CA THR H 2787 -112.87 54.01 -5.02
C THR H 2787 -114.12 53.34 -4.45
N HIS H 2788 -115.18 54.12 -4.26
CA HIS H 2788 -116.44 53.53 -3.81
C HIS H 2788 -117.03 52.71 -4.94
N PRO H 2789 -117.27 51.41 -4.75
CA PRO H 2789 -117.76 50.59 -5.86
C PRO H 2789 -119.26 50.67 -6.07
N MET H 2790 -120.02 51.15 -5.09
CA MET H 2790 -121.47 51.20 -5.18
C MET H 2790 -122.00 52.62 -5.38
N LEU H 2791 -121.15 53.55 -5.80
CA LEU H 2791 -121.58 54.93 -6.01
C LEU H 2791 -122.31 55.02 -7.34
N ARG H 2792 -123.60 55.35 -7.29
CA ARG H 2792 -124.46 55.34 -8.45
C ARG H 2792 -125.22 56.66 -8.57
N PRO H 2793 -125.61 57.04 -9.78
CA PRO H 2793 -126.38 58.29 -9.93
C PRO H 2793 -127.73 58.19 -9.25
N TYR H 2794 -128.24 59.34 -8.80
CA TYR H 2794 -129.47 59.38 -8.02
C TYR H 2794 -130.65 58.76 -8.76
N LYS H 2795 -130.62 58.74 -10.10
CA LYS H 2795 -131.66 58.04 -10.84
C LYS H 2795 -131.64 56.54 -10.55
N THR H 2796 -130.44 55.95 -10.46
CA THR H 2796 -130.29 54.52 -10.20
C THR H 2796 -129.54 54.24 -8.91
N PHE H 2797 -129.54 55.20 -7.97
CA PHE H 2797 -128.88 55.01 -6.68
C PHE H 2797 -129.87 54.40 -5.70
N SER H 2798 -129.55 53.19 -5.23
CA SER H 2798 -130.41 52.52 -4.25
C SER H 2798 -130.37 53.26 -2.93
N GLU H 2799 -131.52 53.31 -2.25
CA GLU H 2799 -131.63 53.99 -0.96
C GLU H 2799 -131.16 53.13 0.21
N LYS H 2800 -130.81 51.86 -0.04
CA LYS H 2800 -130.31 51.02 1.05
C LYS H 2800 -129.01 51.57 1.62
N ASP H 2801 -128.11 52.06 0.76
CA ASP H 2801 -126.90 52.70 1.24
C ASP H 2801 -127.16 54.10 1.78
N LYS H 2802 -128.15 54.80 1.22
CA LYS H 2802 -128.48 56.14 1.71
C LYS H 2802 -129.06 56.10 3.12
N GLU H 2803 -129.76 55.03 3.46
CA GLU H 2803 -130.38 54.88 4.78
C GLU H 2803 -129.46 54.25 5.81
N ILE H 2804 -128.21 53.97 5.45
CA ILE H 2804 -127.23 53.52 6.43
C ILE H 2804 -126.04 54.47 6.58
N TYR H 2805 -125.88 55.45 5.68
CA TYR H 2805 -124.83 56.44 5.82
C TYR H 2805 -125.25 57.61 6.72
N ARG H 2806 -126.52 57.70 7.09
CA ARG H 2806 -127.01 58.83 7.87
C ARG H 2806 -126.74 58.67 9.37
N TRP H 2807 -126.40 57.46 9.81
CA TRP H 2807 -126.19 57.22 11.24
C TRP H 2807 -125.05 58.04 11.83
N PRO H 2808 -123.86 58.15 11.19
CA PRO H 2808 -122.84 59.04 11.77
C PRO H 2808 -123.29 60.48 11.91
N ILE H 2809 -124.08 60.99 10.96
CA ILE H 2809 -124.57 62.36 11.05
C ILE H 2809 -125.61 62.48 12.17
N LYS H 2810 -126.46 61.46 12.31
CA LYS H 2810 -127.40 61.42 13.43
C LYS H 2810 -126.67 61.53 14.77
N GLU H 2811 -125.64 60.70 14.94
CA GLU H 2811 -124.89 60.72 16.19
C GLU H 2811 -124.09 62.02 16.36
N SER H 2812 -123.64 62.60 15.24
CA SER H 2812 -122.94 63.88 15.31
C SER H 2812 -123.86 64.98 15.82
N LEU H 2813 -125.09 65.04 15.31
CA LEU H 2813 -126.05 66.03 15.79
C LEU H 2813 -126.44 65.76 17.24
N LYS H 2814 -126.59 64.48 17.61
CA LYS H 2814 -126.84 64.15 19.01
C LYS H 2814 -125.72 64.66 19.90
N ALA H 2815 -124.48 64.45 19.50
CA ALA H 2815 -123.33 64.89 20.28
C ALA H 2815 -123.29 66.40 20.38
N MET H 2816 -123.55 67.10 19.28
CA MET H 2816 -123.52 68.56 19.29
C MET H 2816 -124.66 69.17 20.09
N ILE H 2817 -125.79 68.47 20.21
CA ILE H 2817 -126.91 69.02 20.96
C ILE H 2817 -126.94 68.55 22.41
N ALA H 2818 -126.17 67.52 22.76
CA ALA H 2818 -126.11 67.09 24.15
C ALA H 2818 -125.35 68.09 25.02
N TRP H 2819 -124.33 68.74 24.47
CA TRP H 2819 -123.50 69.66 25.25
C TRP H 2819 -124.18 71.01 25.43
N GLU H 2820 -125.39 71.00 26.01
CA GLU H 2820 -126.20 72.17 26.34
C GLU H 2820 -126.12 73.26 25.26
N TRP H 2821 -126.21 72.86 23.99
CA TRP H 2821 -126.16 73.79 22.86
C TRP H 2821 -127.46 73.65 22.08
N THR H 2822 -128.46 74.46 22.46
CA THR H 2822 -129.72 74.49 21.73
C THR H 2822 -129.50 75.09 20.35
N ILE H 2823 -130.21 74.56 19.36
CA ILE H 2823 -130.08 74.99 17.97
C ILE H 2823 -131.37 75.68 17.55
N GLU H 2824 -131.24 76.88 16.99
CA GLU H 2824 -132.38 77.65 16.51
C GLU H 2824 -132.20 77.96 15.04
N LYS H 2825 -133.29 77.83 14.28
CA LYS H 2825 -133.28 78.11 12.84
C LYS H 2825 -133.56 79.60 12.66
N ALA H 2826 -132.49 80.38 12.51
CA ALA H 2826 -132.65 81.81 12.27
C ALA H 2826 -133.35 82.07 10.94
N ARG H 2827 -133.00 81.30 9.91
CA ARG H 2827 -133.62 81.45 8.60
C ARG H 2827 -134.86 80.58 8.49
N GLU H 2828 -135.62 80.78 7.41
CA GLU H 2828 -136.78 79.95 7.09
C GLU H 2828 -136.90 79.90 5.57
N GLY H 2829 -136.42 78.82 4.97
CA GLY H 2829 -136.45 78.68 3.54
C GLY H 2829 -136.43 77.23 3.12
N GLU H 2830 -136.16 77.01 1.83
CA GLU H 2830 -136.10 75.68 1.24
C GLU H 2830 -137.40 74.91 1.47
N TYR H 2855 -127.09 63.85 -10.49
CA TYR H 2855 -126.41 63.40 -9.27
C TYR H 2855 -125.09 64.14 -9.08
N ASN H 2856 -125.16 65.31 -8.45
CA ASN H 2856 -123.98 66.14 -8.25
C ASN H 2856 -124.24 67.17 -7.15
N PRO H 2857 -123.35 67.28 -6.17
CA PRO H 2857 -123.51 68.34 -5.15
C PRO H 2857 -123.14 69.71 -5.69
N GLN H 2858 -124.09 70.37 -6.35
CA GLN H 2858 -123.81 71.67 -6.94
C GLN H 2858 -123.41 72.72 -5.91
N PRO H 2859 -124.09 72.88 -4.79
CA PRO H 2859 -123.56 73.76 -3.72
C PRO H 2859 -122.39 73.10 -3.03
N PRO H 2860 -121.22 73.74 -3.02
CA PRO H 2860 -120.03 73.11 -2.43
C PRO H 2860 -119.89 73.34 -0.94
N ASP H 2861 -119.69 72.26 -0.18
CA ASP H 2861 -119.41 72.36 1.25
C ASP H 2861 -117.89 72.36 1.42
N LEU H 2862 -117.34 73.45 1.93
CA LEU H 2862 -115.92 73.60 2.14
C LEU H 2862 -115.64 73.84 3.62
N SER H 2863 -114.35 73.92 3.95
CA SER H 2863 -113.93 74.18 5.32
C SER H 2863 -112.78 75.17 5.41
N GLY H 2864 -112.38 75.79 4.30
CA GLY H 2864 -111.28 76.74 4.31
C GLY H 2864 -111.63 78.14 4.73
N VAL H 2865 -112.91 78.43 4.95
CA VAL H 2865 -113.33 79.77 5.36
C VAL H 2865 -113.29 79.87 6.87
N THR H 2866 -113.09 81.10 7.35
CA THR H 2866 -112.97 81.37 8.77
C THR H 2866 -114.34 81.39 9.44
N LEU H 2867 -114.34 81.53 10.76
CA LEU H 2867 -115.58 81.51 11.53
C LEU H 2867 -115.34 82.21 12.86
N SER H 2868 -116.43 82.59 13.52
CA SER H 2868 -116.35 83.31 14.78
C SER H 2868 -115.74 82.43 15.87
N ARG H 2869 -115.07 83.08 16.82
CA ARG H 2869 -114.36 82.35 17.87
C ARG H 2869 -115.31 81.64 18.82
N GLU H 2870 -116.41 82.29 19.21
CA GLU H 2870 -117.35 81.68 20.14
CA GLU H 2870 -117.35 81.68 20.14
C GLU H 2870 -117.94 80.41 19.56
N LEU H 2871 -118.32 80.43 18.27
CA LEU H 2871 -118.91 79.25 17.64
C LEU H 2871 -117.86 78.21 17.31
N GLN H 2872 -116.64 78.63 16.96
CA GLN H 2872 -115.57 77.67 16.70
C GLN H 2872 -115.14 76.97 17.98
N ALA H 2873 -115.33 77.60 19.13
CA ALA H 2873 -115.09 76.91 20.40
C ALA H 2873 -116.06 75.74 20.57
N MET H 2874 -117.33 75.95 20.26
CA MET H 2874 -118.30 74.86 20.30
C MET H 2874 -117.95 73.79 19.28
N ALA H 2875 -117.49 74.20 18.10
CA ALA H 2875 -117.06 73.23 17.09
C ALA H 2875 -115.88 72.39 17.57
N GLU H 2876 -114.90 73.03 18.22
CA GLU H 2876 -113.74 72.29 18.70
C GLU H 2876 -114.11 71.38 19.86
N GLN H 2877 -115.08 71.79 20.69
CA GLN H 2877 -115.55 70.91 21.75
C GLN H 2877 -116.32 69.72 21.17
N LEU H 2878 -117.06 69.94 20.08
CA LEU H 2878 -117.70 68.84 19.38
C LEU H 2878 -116.67 67.87 18.82
N ALA H 2879 -115.57 68.40 18.28
CA ALA H 2879 -114.48 67.53 17.83
C ALA H 2879 -113.83 66.80 19.01
N GLU H 2880 -113.76 67.46 20.17
CA GLU H 2880 -113.29 66.78 21.38
C GLU H 2880 -114.19 65.60 21.72
N ASN H 2881 -115.51 65.79 21.61
CA ASN H 2881 -116.43 64.69 21.86
C ASN H 2881 -116.27 63.59 20.82
N TYR H 2882 -116.08 63.97 19.54
CA TYR H 2882 -115.76 62.98 18.51
C TYR H 2882 -114.57 62.13 18.94
N HIS H 2883 -113.49 62.79 19.35
CA HIS H 2883 -112.26 62.08 19.68
C HIS H 2883 -112.44 61.20 20.91
N ASN H 2884 -113.19 61.67 21.92
CA ASN H 2884 -113.32 60.86 23.12
C ASN H 2884 -114.24 59.65 22.87
N THR H 2885 -115.26 59.82 22.03
CA THR H 2885 -116.08 58.67 21.64
C THR H 2885 -115.26 57.65 20.86
N TRP H 2886 -114.43 58.13 19.92
CA TRP H 2886 -113.57 57.23 19.17
C TRP H 2886 -112.59 56.51 20.09
N GLY H 2887 -112.01 57.24 21.03
CA GLY H 2887 -111.12 56.61 22.00
C GLY H 2887 -111.83 55.61 22.89
N ARG H 2888 -113.08 55.88 23.27
CA ARG H 2888 -113.85 54.93 24.04
C ARG H 2888 -114.06 53.64 23.26
N LYS H 2889 -114.49 53.75 22.01
CA LYS H 2889 -114.77 52.53 21.26
C LYS H 2889 -113.49 51.78 20.90
N LYS H 2890 -112.36 52.48 20.81
CA LYS H 2890 -111.09 51.80 20.61
C LYS H 2890 -110.61 51.13 21.90
N LYS H 2891 -110.72 51.83 23.03
CA LYS H 2891 -110.25 51.30 24.30
C LYS H 2891 -111.11 50.16 24.81
N GLN H 2892 -112.36 50.06 24.38
CA GLN H 2892 -113.16 48.91 24.76
C GLN H 2892 -112.56 47.62 24.20
N GLU H 2893 -112.05 47.68 22.96
CA GLU H 2893 -111.35 46.53 22.40
C GLU H 2893 -109.94 46.39 22.98
N LEU H 2894 -109.26 47.51 23.20
CA LEU H 2894 -107.88 47.47 23.66
C LEU H 2894 -107.75 46.96 25.10
N GLU H 2895 -108.75 47.22 25.95
CA GLU H 2895 -108.65 46.92 27.36
C GLU H 2895 -108.78 45.43 27.68
N ALA H 2896 -109.11 44.60 26.69
CA ALA H 2896 -109.20 43.17 26.93
C ALA H 2896 -107.87 42.56 27.36
N LYS H 2897 -106.75 43.17 26.95
CA LYS H 2897 -105.43 42.71 27.38
C LYS H 2897 -105.01 43.33 28.69
N GLY H 2898 -105.38 44.58 28.95
CA GLY H 2898 -104.96 45.28 30.14
C GLY H 2898 -103.56 45.83 30.08
N GLY H 2899 -102.90 45.78 28.92
CA GLY H 2899 -101.55 46.30 28.80
C GLY H 2899 -101.36 47.13 27.54
N GLY H 2900 -100.56 48.19 27.64
CA GLY H 2900 -100.34 49.08 26.53
C GLY H 2900 -101.48 50.05 26.33
N THR H 2901 -101.29 50.97 25.38
CA THR H 2901 -102.30 51.95 25.07
C THR H 2901 -102.09 52.45 23.65
N HIS H 2902 -103.19 52.85 23.01
CA HIS H 2902 -103.10 53.42 21.68
C HIS H 2902 -102.37 54.77 21.74
N PRO H 2903 -101.50 55.06 20.78
CA PRO H 2903 -100.77 56.34 20.82
C PRO H 2903 -101.67 57.57 20.77
N LEU H 2904 -102.84 57.47 20.15
CA LEU H 2904 -103.77 58.59 20.05
C LEU H 2904 -104.72 58.65 21.24
N LEU H 2905 -104.59 57.73 22.21
CA LEU H 2905 -105.39 57.79 23.44
C LEU H 2905 -104.88 58.92 24.34
N VAL H 2906 -105.17 60.14 23.92
CA VAL H 2906 -104.70 61.34 24.61
C VAL H 2906 -105.85 62.33 24.68
N PRO H 2907 -105.83 63.21 25.69
CA PRO H 2907 -106.86 64.26 25.76
C PRO H 2907 -106.83 65.15 24.53
N TYR H 2908 -108.02 65.67 24.17
CA TYR H 2908 -108.16 66.39 22.92
C TYR H 2908 -107.31 67.66 22.88
N ASP H 2909 -107.04 68.26 24.05
CA ASP H 2909 -106.15 69.41 24.08
C ASP H 2909 -104.69 69.00 23.91
N THR H 2910 -104.35 67.76 24.27
CA THR H 2910 -102.94 67.36 24.31
C THR H 2910 -102.36 67.16 22.92
N LEU H 2911 -103.06 66.45 22.04
CA LEU H 2911 -102.47 66.10 20.76
C LEU H 2911 -102.39 67.31 19.85
N THR H 2912 -101.44 67.27 18.91
CA THR H 2912 -101.16 68.39 18.03
C THR H 2912 -102.23 68.51 16.95
N ALA H 2913 -102.06 69.51 16.08
CA ALA H 2913 -103.08 69.82 15.08
C ALA H 2913 -103.12 68.80 13.95
N LYS H 2914 -101.99 68.16 13.65
CA LYS H 2914 -101.95 67.23 12.52
C LYS H 2914 -102.85 66.02 12.77
N GLU H 2915 -102.86 65.50 14.01
CA GLU H 2915 -103.72 64.40 14.37
C GLU H 2915 -105.09 64.85 14.87
N LYS H 2916 -105.29 66.17 15.05
CA LYS H 2916 -106.60 66.73 15.33
C LYS H 2916 -107.38 67.02 14.06
N ALA H 2917 -106.75 66.85 12.90
CA ALA H 2917 -107.31 67.32 11.64
C ALA H 2917 -108.63 66.64 11.29
N ARG H 2918 -108.76 65.33 11.51
CA ARG H 2918 -109.96 64.63 11.08
C ARG H 2918 -111.20 65.14 11.81
N ASP H 2919 -111.19 65.09 13.14
CA ASP H 2919 -112.31 65.58 13.93
C ASP H 2919 -112.51 67.08 13.75
N ARG H 2920 -111.43 67.85 13.67
CA ARG H 2920 -111.54 69.29 13.45
C ARG H 2920 -112.27 69.58 12.14
N GLU H 2921 -111.88 68.91 11.06
CA GLU H 2921 -112.50 69.16 9.76
C GLU H 2921 -113.95 68.67 9.74
N LYS H 2922 -114.23 67.54 10.40
CA LYS H 2922 -115.62 67.07 10.45
C LYS H 2922 -116.52 68.09 11.16
N ALA H 2923 -116.10 68.53 12.34
CA ALA H 2923 -116.89 69.51 13.08
C ALA H 2923 -117.00 70.82 12.31
N GLN H 2924 -115.90 71.27 11.70
CA GLN H 2924 -115.93 72.52 10.96
C GLN H 2924 -116.83 72.43 9.74
N GLU H 2925 -116.83 71.29 9.04
CA GLU H 2925 -117.69 71.16 7.86
C GLU H 2925 -119.16 71.11 8.25
N LEU H 2926 -119.49 70.41 9.36
CA LEU H 2926 -120.86 70.45 9.84
C LEU H 2926 -121.26 71.87 10.22
N LEU H 2927 -120.37 72.61 10.87
CA LEU H 2927 -120.67 73.98 11.27
C LEU H 2927 -120.78 74.89 10.06
N LYS H 2928 -120.03 74.62 9.00
CA LYS H 2928 -120.15 75.41 7.76
C LYS H 2928 -121.49 75.14 7.08
N PHE H 2929 -121.92 73.88 7.08
CA PHE H 2929 -123.25 73.59 6.53
C PHE H 2929 -124.34 74.28 7.34
N LEU H 2930 -124.17 74.34 8.66
CA LEU H 2930 -125.07 75.14 9.49
C LEU H 2930 -124.99 76.62 9.17
N GLN H 2931 -123.78 77.15 8.96
CA GLN H 2931 -123.57 78.59 8.77
C GLN H 2931 -124.16 79.08 7.47
N MET H 2932 -123.91 78.36 6.37
CA MET H 2932 -124.39 78.80 5.07
C MET H 2932 -125.91 78.87 5.00
N ASN H 2933 -126.61 78.15 5.87
CA ASN H 2933 -128.06 78.25 5.97
C ASN H 2933 -128.50 79.27 7.02
N GLY H 2934 -127.74 79.39 8.11
CA GLY H 2934 -128.11 80.30 9.18
C GLY H 2934 -128.72 79.62 10.39
N TYR H 2935 -128.09 78.54 10.85
CA TYR H 2935 -128.49 77.84 12.06
C TYR H 2935 -127.75 78.45 13.26
N ALA H 2936 -128.48 79.03 14.18
CA ALA H 2936 -127.91 79.71 15.34
C ALA H 2936 -127.87 78.74 16.52
N VAL H 2937 -126.66 78.43 16.98
CA VAL H 2937 -126.45 77.60 18.16
C VAL H 2937 -125.67 78.44 19.18
N THR H 2938 -126.18 78.49 20.41
CA THR H 2938 -125.58 79.31 21.46
C THR H 2938 -125.77 78.62 22.80
N ARG H 2939 -124.85 78.87 23.72
CA ARG H 2939 -124.91 78.30 25.05
C ARG H 2939 -126.02 78.96 25.88
N LEU H 2946 -111.02 87.21 33.60
CA LEU H 2946 -111.93 87.85 32.66
C LEU H 2946 -111.58 89.32 32.48
N ASP H 2947 -111.47 89.74 31.22
CA ASP H 2947 -111.06 91.11 30.88
C ASP H 2947 -109.72 91.47 31.54
N THR H 2948 -108.80 90.52 31.54
CA THR H 2948 -107.50 90.70 32.15
C THR H 2948 -106.52 91.23 31.13
N SER H 2949 -105.80 92.30 31.49
CA SER H 2949 -104.84 92.89 30.57
C SER H 2949 -103.63 91.98 30.39
N SER H 2950 -102.77 92.34 29.44
CA SER H 2950 -101.57 91.54 29.19
C SER H 2950 -100.63 91.57 30.39
N ILE H 2951 -100.50 92.73 31.05
CA ILE H 2951 -99.57 92.84 32.16
C ILE H 2951 -99.99 91.95 33.31
N GLU H 2952 -101.29 91.91 33.62
CA GLU H 2952 -101.75 91.13 34.76
C GLU H 2952 -101.67 89.63 34.52
N LYS H 2953 -101.47 89.20 33.28
CA LYS H 2953 -101.33 87.79 32.96
C LYS H 2953 -99.90 87.31 33.04
N ARG H 2954 -98.95 88.21 33.32
CA ARG H 2954 -97.55 87.81 33.35
C ARG H 2954 -97.27 86.87 34.52
N PHE H 2955 -96.36 85.93 34.28
CA PHE H 2955 -96.01 84.96 35.30
C PHE H 2955 -95.42 85.63 36.52
N ALA H 2956 -94.56 86.63 36.32
CA ALA H 2956 -94.00 87.37 37.45
C ALA H 2956 -95.10 88.09 38.22
N PHE H 2957 -96.08 88.64 37.50
CA PHE H 2957 -97.21 89.30 38.16
C PHE H 2957 -97.94 88.33 39.07
N GLY H 2958 -98.31 87.17 38.54
CA GLY H 2958 -99.03 86.20 39.35
C GLY H 2958 -98.21 85.68 40.51
N PHE H 2959 -96.92 85.46 40.28
CA PHE H 2959 -96.05 84.97 41.34
C PHE H 2959 -95.94 85.99 42.47
N LEU H 2960 -95.78 87.27 42.12
CA LEU H 2960 -95.73 88.31 43.14
C LEU H 2960 -97.04 88.43 43.88
N GLN H 2961 -98.16 88.30 43.17
CA GLN H 2961 -99.46 88.38 43.83
C GLN H 2961 -99.63 87.24 44.83
N GLN H 2962 -99.22 86.03 44.46
CA GLN H 2962 -99.27 84.91 45.40
C GLN H 2962 -98.35 85.15 46.59
N LEU H 2963 -97.17 85.72 46.35
CA LEU H 2963 -96.26 86.00 47.45
C LEU H 2963 -96.87 86.99 48.43
N LEU H 2964 -97.55 88.02 47.92
CA LEU H 2964 -98.21 88.97 48.83
C LEU H 2964 -99.38 88.32 49.57
N ARG H 2965 -100.14 87.46 48.88
CA ARG H 2965 -101.23 86.75 49.54
C ARG H 2965 -100.71 85.88 50.67
N TRP H 2966 -99.52 85.31 50.50
CA TRP H 2966 -98.90 84.58 51.59
C TRP H 2966 -98.29 85.49 52.64
N MET H 2967 -97.86 86.68 52.25
CA MET H 2967 -97.33 87.64 53.21
C MET H 2967 -98.37 88.01 54.25
N ASP H 2968 -99.61 88.25 53.81
CA ASP H 2968 -100.64 88.59 54.79
C ASP H 2968 -100.92 87.41 55.73
N ILE H 2969 -100.91 86.18 55.20
CA ILE H 2969 -101.05 85.01 56.06
C ILE H 2969 -99.91 84.95 57.06
N SER H 2970 -98.71 85.34 56.64
CA SER H 2970 -97.58 85.38 57.56
C SER H 2970 -97.82 86.39 58.67
N GLN H 2971 -98.32 87.58 58.32
CA GLN H 2971 -98.70 88.53 59.37
C GLN H 2971 -99.71 87.93 60.33
N GLU H 2972 -100.61 87.08 59.81
CA GLU H 2972 -101.58 86.43 60.68
C GLU H 2972 -100.90 85.48 61.67
N PHE H 2973 -100.21 84.45 61.17
CA PHE H 2973 -99.72 83.45 62.12
C PHE H 2973 -98.53 83.92 62.93
N ILE H 2974 -97.76 84.92 62.47
CA ILE H 2974 -96.72 85.46 63.32
C ILE H 2974 -97.32 86.24 64.48
N ALA H 2975 -98.43 86.94 64.24
CA ALA H 2975 -99.17 87.57 65.32
C ALA H 2975 -99.70 86.52 66.30
N HIS H 2976 -100.20 85.40 65.77
CA HIS H 2976 -100.63 84.31 66.65
C HIS H 2976 -99.47 83.80 67.49
N LEU H 2977 -98.30 83.64 66.89
CA LEU H 2977 -97.13 83.18 67.64
C LEU H 2977 -96.75 84.16 68.73
N GLU H 2978 -96.81 85.46 68.44
CA GLU H 2978 -96.54 86.45 69.47
C GLU H 2978 -97.55 86.33 70.60
N ALA H 2979 -98.83 86.14 70.26
CA ALA H 2979 -99.86 86.04 71.29
C ALA H 2979 -99.61 84.84 72.19
N VAL H 2980 -99.28 83.69 71.60
CA VAL H 2980 -99.10 82.48 72.40
C VAL H 2980 -97.81 82.57 73.22
N VAL H 2981 -96.76 83.21 72.67
CA VAL H 2981 -95.53 83.35 73.42
C VAL H 2981 -95.62 84.41 74.51
N SER H 2982 -96.59 85.33 74.41
CA SER H 2982 -96.82 86.32 75.45
C SER H 2982 -97.72 85.79 76.56
N SER H 2983 -98.81 85.12 76.20
CA SER H 2983 -99.72 84.57 77.20
C SER H 2983 -100.43 83.36 76.62
N GLY H 2984 -100.94 82.52 77.51
CA GLY H 2984 -101.67 81.33 77.10
C GLY H 2984 -100.83 80.38 76.27
N ARG H 2985 -99.82 79.78 76.88
CA ARG H 2985 -98.93 78.88 76.16
C ARG H 2985 -99.70 77.67 75.64
N VAL H 2986 -99.49 77.34 74.37
CA VAL H 2986 -100.11 76.19 73.75
C VAL H 2986 -99.22 75.74 72.58
N GLU H 2987 -98.97 74.44 72.49
CA GLU H 2987 -98.10 73.88 71.46
C GLU H 2987 -98.88 73.26 70.31
N LYS H 2988 -100.18 73.56 70.20
CA LYS H 2988 -100.98 73.02 69.11
C LYS H 2988 -100.46 73.50 67.77
N SER H 2989 -100.12 74.79 67.67
CA SER H 2989 -99.63 75.41 66.44
C SER H 2989 -100.58 75.15 65.29
N PRO H 2990 -101.75 75.79 65.28
CA PRO H 2990 -102.72 75.52 64.21
C PRO H 2990 -102.22 75.87 62.82
N HIS H 2991 -101.22 76.74 62.71
CA HIS H 2991 -100.66 77.16 61.44
C HIS H 2991 -99.30 76.53 61.20
N GLU H 2992 -99.09 75.29 61.65
CA GLU H 2992 -97.80 74.64 61.46
C GLU H 2992 -97.48 74.44 59.99
N GLN H 2993 -98.48 74.03 59.20
CA GLN H 2993 -98.27 73.86 57.76
C GLN H 2993 -97.90 75.19 57.12
N GLU H 2994 -98.59 76.26 57.50
CA GLU H 2994 -98.27 77.57 56.95
C GLU H 2994 -96.86 78.00 57.31
N ILE H 2995 -96.46 77.79 58.57
CA ILE H 2995 -95.12 78.16 59.00
C ILE H 2995 -94.08 77.39 58.18
N LYS H 2996 -94.28 76.08 58.03
CA LYS H 2996 -93.29 75.27 57.35
C LYS H 2996 -93.22 75.63 55.87
N PHE H 2997 -94.36 75.86 55.23
CA PHE H 2997 -94.34 76.23 53.82
C PHE H 2997 -93.70 77.58 53.61
N PHE H 2998 -93.97 78.54 54.49
CA PHE H 2998 -93.38 79.87 54.35
C PHE H 2998 -91.88 79.83 54.56
N ALA H 2999 -91.42 79.13 55.58
CA ALA H 2999 -89.99 79.14 55.91
C ALA H 2999 -89.17 78.26 54.97
N LYS H 3000 -89.73 77.12 54.56
CA LYS H 3000 -88.92 76.11 53.87
C LYS H 3000 -89.10 76.14 52.36
N ILE H 3001 -90.09 76.87 51.84
CA ILE H 3001 -90.34 76.95 50.41
C ILE H 3001 -90.28 78.39 49.91
N LEU H 3002 -91.09 79.28 50.50
CA LEU H 3002 -91.20 80.63 49.97
C LEU H 3002 -89.90 81.40 50.10
N LEU H 3003 -89.22 81.27 51.24
CA LEU H 3003 -87.96 82.01 51.41
C LEU H 3003 -86.90 81.59 50.41
N PRO H 3004 -86.57 80.31 50.24
CA PRO H 3004 -85.62 79.94 49.17
C PRO H 3004 -86.12 80.30 47.79
N LEU H 3005 -87.42 80.18 47.54
CA LEU H 3005 -87.96 80.49 46.23
C LEU H 3005 -87.72 81.97 45.89
N ILE H 3006 -88.02 82.86 46.83
CA ILE H 3006 -87.74 84.28 46.63
C ILE H 3006 -86.24 84.51 46.47
N ASN H 3007 -85.45 83.90 47.35
CA ASN H 3007 -84.01 84.13 47.37
C ASN H 3007 -83.39 83.79 46.02
N GLN H 3008 -83.87 82.74 45.37
CA GLN H 3008 -83.32 82.38 44.07
C GLN H 3008 -83.96 83.15 42.93
N TYR H 3009 -85.28 83.31 42.95
CA TYR H 3009 -85.96 83.94 41.82
C TYR H 3009 -85.52 85.38 41.64
N PHE H 3010 -85.48 86.15 42.73
CA PHE H 3010 -85.14 87.56 42.57
C PHE H 3010 -83.64 87.77 42.47
N THR H 3011 -82.83 86.75 42.74
CA THR H 3011 -81.43 86.82 42.36
C THR H 3011 -81.26 86.62 40.86
N ASN H 3012 -82.03 85.68 40.28
CA ASN H 3012 -81.91 85.43 38.85
C ASN H 3012 -82.43 86.60 38.03
N HIS H 3013 -83.58 87.15 38.39
CA HIS H 3013 -84.26 88.15 37.57
C HIS H 3013 -84.15 89.55 38.15
N CYS H 3014 -82.99 89.91 38.68
CA CYS H 3014 -82.80 91.25 39.22
C CYS H 3014 -82.88 92.31 38.12
N LEU H 3015 -82.29 92.03 36.96
CA LEU H 3015 -82.25 93.02 35.89
C LEU H 3015 -83.63 93.26 35.30
N TYR H 3016 -84.47 92.24 35.23
CA TYR H 3016 -85.81 92.44 34.69
C TYR H 3016 -86.62 93.41 35.54
N PHE H 3017 -86.41 93.41 36.85
CA PHE H 3017 -87.13 94.33 37.70
C PHE H 3017 -86.44 95.68 37.80
N LEU H 3018 -85.13 95.74 37.62
CA LEU H 3018 -84.46 97.03 37.62
C LEU H 3018 -84.56 97.76 36.28
N SER H 3019 -84.96 97.07 35.22
CA SER H 3019 -84.98 97.68 33.91
C SER H 3019 -86.17 98.64 33.77
N THR H 3020 -86.07 99.52 32.79
CA THR H 3020 -87.08 100.49 32.44
C THR H 3020 -87.06 100.69 30.94
N PRO H 3021 -88.16 101.11 30.32
CA PRO H 3021 -88.13 101.36 28.87
C PRO H 3021 -87.06 102.37 28.46
N ALA H 3022 -86.74 103.33 29.33
CA ALA H 3022 -85.69 104.29 29.00
C ALA H 3022 -84.34 103.59 28.85
N LYS H 3023 -83.98 102.73 29.80
CA LYS H 3023 -82.72 102.00 29.74
C LYS H 3023 -82.98 100.55 30.16
N VAL H 3024 -82.63 99.62 29.28
CA VAL H 3024 -82.88 98.21 29.52
C VAL H 3024 -81.57 97.55 29.94
N LEU H 3025 -81.59 96.86 31.08
CA LEU H 3025 -80.41 96.23 31.63
C LEU H 3025 -80.30 94.75 31.27
N GLY H 3026 -81.40 94.01 31.35
CA GLY H 3026 -81.38 92.58 31.12
C GLY H 3026 -81.32 92.23 29.64
N SER H 3027 -81.46 90.93 29.37
CA SER H 3027 -81.45 90.45 28.00
C SER H 3027 -82.62 91.03 27.21
N GLY H 3028 -83.80 91.07 27.82
CA GLY H 3028 -84.96 91.63 27.15
C GLY H 3028 -86.11 91.76 28.11
N GLY H 3029 -87.03 92.65 27.78
CA GLY H 3029 -88.19 92.88 28.62
C GLY H 3029 -87.85 93.67 29.87
N HIS H 3030 -88.83 94.40 30.40
CA HIS H 3030 -88.66 95.17 31.61
C HIS H 3030 -89.92 95.05 32.45
N ALA H 3031 -89.74 95.02 33.76
CA ALA H 3031 -90.88 94.86 34.65
C ALA H 3031 -91.83 96.03 34.52
N SER H 3032 -93.12 95.75 34.66
CA SER H 3032 -94.11 96.81 34.61
C SER H 3032 -94.13 97.57 35.94
N ASN H 3033 -94.78 98.72 35.91
CA ASN H 3033 -94.88 99.54 37.12
C ASN H 3033 -95.62 98.80 38.21
N LYS H 3034 -96.65 98.04 37.86
CA LYS H 3034 -97.37 97.27 38.86
C LYS H 3034 -96.47 96.21 39.48
N GLU H 3035 -95.63 95.57 38.67
CA GLU H 3035 -94.69 94.59 39.21
C GLU H 3035 -93.68 95.23 40.15
N LYS H 3036 -93.18 96.41 39.78
CA LYS H 3036 -92.25 97.11 40.67
C LYS H 3036 -92.94 97.50 41.98
N GLU H 3037 -94.17 97.97 41.90
CA GLU H 3037 -94.92 98.30 43.11
C GLU H 3037 -95.12 97.07 43.98
N MET H 3038 -95.43 95.92 43.34
CA MET H 3038 -95.64 94.69 44.10
C MET H 3038 -94.36 94.25 44.79
N ILE H 3039 -93.23 94.34 44.11
CA ILE H 3039 -91.99 93.91 44.74
C ILE H 3039 -91.60 94.84 45.88
N THR H 3040 -91.84 96.15 45.73
CA THR H 3040 -91.60 97.07 46.84
C THR H 3040 -92.50 96.76 48.03
N SER H 3041 -93.78 96.50 47.76
CA SER H 3041 -94.70 96.15 48.84
C SER H 3041 -94.27 94.86 49.52
N LEU H 3042 -93.79 93.88 48.74
CA LEU H 3042 -93.29 92.65 49.32
C LEU H 3042 -92.11 92.92 50.25
N PHE H 3043 -91.17 93.75 49.81
CA PHE H 3043 -90.03 94.08 50.66
C PHE H 3043 -90.49 94.75 51.95
N CYS H 3044 -91.38 95.74 51.85
CA CYS H 3044 -91.84 96.44 53.04
C CYS H 3044 -92.58 95.51 53.99
N LYS H 3045 -93.44 94.65 53.46
CA LYS H 3045 -94.20 93.74 54.31
C LYS H 3045 -93.27 92.73 54.99
N LEU H 3046 -92.28 92.22 54.28
CA LEU H 3046 -91.34 91.28 54.90
C LEU H 3046 -90.52 91.97 55.99
N ALA H 3047 -90.11 93.22 55.75
CA ALA H 3047 -89.39 93.96 56.78
C ALA H 3047 -90.26 94.17 58.01
N ALA H 3048 -91.53 94.51 57.80
CA ALA H 3048 -92.45 94.68 58.93
C ALA H 3048 -92.65 93.37 59.68
N LEU H 3049 -92.72 92.25 58.95
CA LEU H 3049 -92.86 90.96 59.59
C LEU H 3049 -91.65 90.64 60.46
N VAL H 3050 -90.44 90.87 59.93
CA VAL H 3050 -89.23 90.53 60.67
C VAL H 3050 -88.87 91.56 61.73
N ARG H 3051 -89.54 92.71 61.75
CA ARG H 3051 -89.23 93.73 62.73
C ARG H 3051 -89.55 93.23 64.13
N HIS H 3052 -88.55 93.26 65.01
CA HIS H 3052 -88.68 92.90 66.42
C HIS H 3052 -89.16 91.48 66.63
N ARG H 3053 -88.96 90.60 65.66
CA ARG H 3053 -89.34 89.20 65.77
C ARG H 3053 -88.23 88.29 65.27
N VAL H 3054 -86.98 88.74 65.37
CA VAL H 3054 -85.87 87.95 64.86
C VAL H 3054 -85.73 86.64 65.63
N SER H 3055 -85.96 86.68 66.94
CA SER H 3055 -85.88 85.46 67.74
C SER H 3055 -87.02 84.49 67.40
N LEU H 3056 -88.20 85.02 67.11
CA LEU H 3056 -89.34 84.16 66.78
C LEU H 3056 -89.10 83.32 65.54
N PHE H 3057 -88.23 83.77 64.63
CA PHE H 3057 -87.95 83.00 63.43
C PHE H 3057 -86.92 81.91 63.64
N GLY H 3058 -86.26 81.88 64.80
CA GLY H 3058 -85.32 80.81 65.08
C GLY H 3058 -84.19 80.78 64.07
N THR H 3059 -84.03 79.63 63.42
CA THR H 3059 -82.98 79.45 62.44
C THR H 3059 -83.32 79.99 61.06
N ASP H 3060 -84.54 80.47 60.85
CA ASP H 3060 -84.93 81.01 59.55
C ASP H 3060 -84.59 82.48 59.40
N ALA H 3061 -84.15 83.15 60.47
CA ALA H 3061 -83.79 84.56 60.37
C ALA H 3061 -82.71 84.83 59.33
N PRO H 3062 -81.65 84.03 59.19
CA PRO H 3062 -80.72 84.25 58.08
C PRO H 3062 -81.39 84.16 56.71
N ALA H 3063 -82.33 83.23 56.53
CA ALA H 3063 -83.04 83.17 55.25
C ALA H 3063 -83.86 84.43 55.02
N VAL H 3064 -84.53 84.91 56.07
CA VAL H 3064 -85.33 86.12 55.93
C VAL H 3064 -84.46 87.32 55.56
N VAL H 3065 -83.32 87.46 56.24
CA VAL H 3065 -82.48 88.62 55.96
C VAL H 3065 -81.83 88.51 54.59
N ASN H 3066 -81.52 87.29 54.13
CA ASN H 3066 -81.03 87.14 52.77
C ASN H 3066 -82.08 87.55 51.76
N CYS H 3067 -83.33 87.14 51.98
CA CYS H 3067 -84.40 87.57 51.10
C CYS H 3067 -84.54 89.09 51.11
N LEU H 3068 -84.39 89.70 52.28
CA LEU H 3068 -84.45 91.16 52.37
C LEU H 3068 -83.32 91.80 51.57
N HIS H 3069 -82.10 91.26 51.69
CA HIS H 3069 -80.98 91.78 50.93
C HIS H 3069 -81.26 91.73 49.44
N ILE H 3070 -81.74 90.58 48.95
CA ILE H 3070 -81.97 90.43 47.52
C ILE H 3070 -83.08 91.34 47.05
N LEU H 3071 -84.17 91.43 47.80
CA LEU H 3071 -85.26 92.31 47.41
C LEU H 3071 -84.80 93.75 47.38
N ALA H 3072 -83.97 94.16 48.35
CA ALA H 3072 -83.43 95.51 48.33
C ALA H 3072 -82.57 95.74 47.10
N ARG H 3073 -81.78 94.74 46.71
CA ARG H 3073 -80.99 94.88 45.50
C ARG H 3073 -81.84 94.86 44.24
N SER H 3074 -83.10 94.44 44.32
CA SER H 3074 -83.96 94.39 43.14
C SER H 3074 -85.16 95.33 43.25
N LEU H 3075 -84.94 96.56 43.70
CA LEU H 3075 -86.02 97.55 43.84
C LEU H 3075 -85.80 98.68 42.86
N ASP H 3076 -86.86 99.04 42.12
CA ASP H 3076 -86.83 100.24 41.26
C ASP H 3076 -87.52 101.38 42.00
N ALA H 3077 -86.88 101.77 43.11
CA ALA H 3077 -87.44 102.77 44.00
C ALA H 3077 -87.68 104.10 43.30
N ARG H 3078 -86.88 104.44 42.29
CA ARG H 3078 -87.10 105.70 41.58
C ARG H 3078 -88.49 105.74 40.95
N THR H 3079 -88.81 104.73 40.13
CA THR H 3079 -90.12 104.68 39.50
C THR H 3079 -91.23 104.50 40.52
N VAL H 3080 -90.99 103.65 41.53
CA VAL H 3080 -92.04 103.41 42.52
C VAL H 3080 -92.41 104.69 43.25
N MET H 3081 -91.42 105.49 43.63
CA MET H 3081 -91.71 106.72 44.36
C MET H 3081 -92.23 107.82 43.44
N LYS H 3082 -91.75 107.87 42.19
CA LYS H 3082 -92.21 108.92 41.29
C LYS H 3082 -93.65 108.68 40.86
N SER H 3083 -93.91 107.54 40.22
CA SER H 3083 -95.24 107.20 39.73
C SER H 3083 -95.66 105.89 40.40
N GLY H 3084 -96.35 106.00 41.54
CA GLY H 3084 -96.76 104.84 42.27
C GLY H 3084 -97.88 105.12 43.25
N PRO H 3085 -98.54 104.07 43.71
CA PRO H 3085 -99.67 104.25 44.64
C PRO H 3085 -99.23 104.80 45.97
N GLU H 3086 -100.13 105.57 46.56
CA GLU H 3086 -99.87 106.15 47.87
C GLU H 3086 -99.61 105.07 48.92
N ILE H 3087 -100.27 103.92 48.78
CA ILE H 3087 -100.08 102.85 49.76
C ILE H 3087 -98.64 102.33 49.71
N VAL H 3088 -98.13 102.08 48.51
CA VAL H 3088 -96.76 101.57 48.39
C VAL H 3088 -95.76 102.62 48.85
N LYS H 3089 -95.97 103.88 48.44
CA LYS H 3089 -95.04 104.93 48.85
C LYS H 3089 -95.04 105.10 50.36
N ALA H 3090 -96.22 105.06 50.98
CA ALA H 3090 -96.31 105.15 52.43
C ALA H 3090 -95.66 103.96 53.11
N GLY H 3091 -95.76 102.78 52.52
CA GLY H 3091 -95.07 101.63 53.07
C GLY H 3091 -93.56 101.82 53.09
N LEU H 3092 -93.01 102.33 51.99
CA LEU H 3092 -91.57 102.56 51.96
C LEU H 3092 -91.15 103.64 52.95
N ARG H 3093 -91.92 104.73 53.03
CA ARG H 3093 -91.61 105.78 53.99
C ARG H 3093 -91.70 105.26 55.41
N SER H 3094 -92.70 104.43 55.70
CA SER H 3094 -92.83 103.85 57.03
C SER H 3094 -91.68 102.93 57.36
N PHE H 3095 -91.17 102.19 56.36
CA PHE H 3095 -89.99 101.37 56.61
C PHE H 3095 -88.80 102.23 57.01
N PHE H 3096 -88.57 103.33 56.27
CA PHE H 3096 -87.46 104.19 56.63
C PHE H 3096 -87.64 104.81 58.00
N GLU H 3097 -88.87 105.24 58.33
CA GLU H 3097 -89.12 105.85 59.63
C GLU H 3097 -88.91 104.85 60.77
N SER H 3098 -89.38 103.63 60.59
CA SER H 3098 -89.18 102.60 61.61
C SER H 3098 -87.71 102.28 61.77
N ALA H 3099 -86.96 102.24 60.66
CA ALA H 3099 -85.52 102.04 60.76
C ALA H 3099 -84.87 103.15 61.57
N SER H 3100 -85.27 104.39 61.31
CA SER H 3100 -84.71 105.52 62.06
C SER H 3100 -85.03 105.39 63.55
N GLU H 3101 -86.28 105.05 63.88
CA GLU H 3101 -86.65 104.94 65.29
C GLU H 3101 -85.89 103.81 65.98
N ASP H 3102 -85.75 102.67 65.31
CA ASP H 3102 -85.02 101.56 65.90
C ASP H 3102 -83.55 101.91 66.12
N ILE H 3103 -82.94 102.61 65.16
CA ILE H 3103 -81.56 103.01 65.33
C ILE H 3103 -81.42 104.02 66.47
N GLU H 3104 -82.39 104.93 66.60
CA GLU H 3104 -82.34 105.89 67.69
C GLU H 3104 -82.42 105.18 69.04
N LYS H 3105 -83.32 104.20 69.16
CA LYS H 3105 -83.38 103.43 70.41
C LYS H 3105 -82.09 102.67 70.66
N MET H 3106 -81.51 102.08 69.62
CA MET H 3106 -80.27 101.34 69.79
C MET H 3106 -79.15 102.25 70.29
N VAL H 3107 -79.03 103.44 69.70
CA VAL H 3107 -77.93 104.32 70.10
C VAL H 3107 -78.17 104.88 71.49
N GLU H 3108 -79.41 105.20 71.84
CA GLU H 3108 -79.66 105.70 73.19
C GLU H 3108 -79.45 104.61 74.23
N ASN H 3109 -79.68 103.35 73.86
CA ASN H 3109 -79.34 102.27 74.78
C ASN H 3109 -77.83 102.08 74.90
N LEU H 3110 -77.11 102.15 73.79
CA LEU H 3110 -75.65 102.06 73.86
C LEU H 3110 -75.04 103.25 74.57
N ARG H 3111 -75.80 104.34 74.74
CA ARG H 3111 -75.39 105.43 75.62
C ARG H 3111 -75.42 105.03 77.09
N LEU H 3112 -75.64 103.74 77.35
CA LEU H 3112 -75.71 103.17 78.69
C LEU H 3112 -76.88 103.75 79.48
N GLY H 3113 -77.95 104.15 78.78
CA GLY H 3113 -79.19 104.39 79.48
C GLY H 3113 -79.75 103.13 80.11
N LYS H 3114 -79.52 101.99 79.47
CA LYS H 3114 -79.86 100.68 80.02
C LYS H 3114 -78.61 99.81 79.98
N VAL H 3115 -78.53 98.87 80.93
CA VAL H 3115 -77.33 98.04 81.06
C VAL H 3115 -77.12 97.21 79.80
N SER H 3116 -78.20 96.62 79.27
CA SER H 3116 -78.15 95.82 78.04
C SER H 3116 -77.19 94.65 78.17
N LYS H 3123 -85.93 92.40 78.54
CA LYS H 3123 -86.99 93.24 78.04
C LYS H 3123 -86.83 93.52 76.55
N GLY H 3124 -87.42 94.60 76.08
CA GLY H 3124 -87.33 94.97 74.68
C GLY H 3124 -86.00 95.55 74.27
N VAL H 3125 -85.13 95.89 75.22
CA VAL H 3125 -83.83 96.46 74.89
C VAL H 3125 -82.97 95.44 74.15
N GLY H 3126 -82.88 94.22 74.68
CA GLY H 3126 -82.11 93.19 74.00
C GLY H 3126 -82.70 92.81 72.66
N GLN H 3127 -84.03 92.74 72.58
CA GLN H 3127 -84.69 92.45 71.32
C GLN H 3127 -84.35 93.50 70.28
N ASN H 3128 -84.46 94.79 70.64
CA ASN H 3128 -84.14 95.85 69.71
C ASN H 3128 -82.67 95.81 69.30
N LEU H 3129 -81.78 95.57 70.26
CA LEU H 3129 -80.36 95.54 69.95
C LEU H 3129 -80.03 94.43 68.96
N THR H 3130 -80.55 93.22 69.21
CA THR H 3130 -80.23 92.12 68.31
C THR H 3130 -80.91 92.29 66.95
N TYR H 3131 -82.12 92.85 66.91
CA TYR H 3131 -82.77 93.10 65.64
C TYR H 3131 -81.99 94.11 64.81
N THR H 3132 -81.50 95.17 65.45
CA THR H 3132 -80.74 96.17 64.72
C THR H 3132 -79.40 95.60 64.26
N THR H 3133 -78.72 94.83 65.11
CA THR H 3133 -77.39 94.38 64.77
C THR H 3133 -77.38 93.17 63.85
N VAL H 3134 -78.50 92.47 63.69
CA VAL H 3134 -78.55 91.27 62.86
C VAL H 3134 -79.27 91.52 61.54
N ALA H 3135 -80.37 92.27 61.55
CA ALA H 3135 -81.17 92.46 60.35
C ALA H 3135 -81.17 93.89 59.85
N LEU H 3136 -81.55 94.84 60.69
CA LEU H 3136 -81.83 96.19 60.21
C LEU H 3136 -80.59 96.85 59.63
N LEU H 3137 -79.47 96.77 60.33
CA LEU H 3137 -78.25 97.42 59.83
C LEU H 3137 -77.79 96.84 58.51
N PRO H 3138 -77.64 95.52 58.34
CA PRO H 3138 -77.25 95.02 57.01
C PRO H 3138 -78.27 95.32 55.93
N VAL H 3139 -79.56 95.22 56.23
CA VAL H 3139 -80.56 95.49 55.21
C VAL H 3139 -80.52 96.95 54.78
N LEU H 3140 -80.41 97.86 55.74
CA LEU H 3140 -80.35 99.28 55.43
C LEU H 3140 -79.08 99.61 54.66
N THR H 3141 -77.97 98.98 55.02
CA THR H 3141 -76.72 99.20 54.28
C THR H 3141 -76.86 98.73 52.84
N THR H 3142 -77.45 97.55 52.63
CA THR H 3142 -77.65 97.06 51.27
C THR H 3142 -78.56 97.98 50.48
N LEU H 3143 -79.64 98.44 51.10
CA LEU H 3143 -80.57 99.32 50.40
C LEU H 3143 -79.90 100.64 50.01
N PHE H 3144 -79.13 101.22 50.93
CA PHE H 3144 -78.45 102.46 50.63
C PHE H 3144 -77.40 102.28 49.54
N GLN H 3145 -76.66 101.17 49.58
CA GLN H 3145 -75.68 100.92 48.55
C GLN H 3145 -76.35 100.74 47.19
N HIS H 3146 -77.50 100.05 47.17
CA HIS H 3146 -78.25 99.89 45.93
C HIS H 3146 -78.70 101.24 45.38
N ILE H 3147 -79.24 102.08 46.25
CA ILE H 3147 -79.69 103.41 45.81
C ILE H 3147 -78.52 104.21 45.27
N ALA H 3148 -77.39 104.19 45.97
CA ALA H 3148 -76.24 104.95 45.52
C ALA H 3148 -75.70 104.43 44.19
N GLN H 3149 -75.63 103.11 44.03
CA GLN H 3149 -75.10 102.54 42.79
C GLN H 3149 -75.99 102.89 41.61
N HIS H 3150 -77.31 102.85 41.79
CA HIS H 3150 -78.21 103.16 40.70
C HIS H 3150 -78.62 104.62 40.66
N GLN H 3151 -77.96 105.47 41.45
CA GLN H 3151 -78.19 106.91 41.43
C GLN H 3151 -79.66 107.26 41.67
N PHE H 3152 -80.30 106.53 42.57
CA PHE H 3152 -81.71 106.74 42.88
C PHE H 3152 -81.93 107.76 43.99
N GLY H 3153 -80.86 108.25 44.62
CA GLY H 3153 -81.02 109.07 45.81
C GLY H 3153 -81.80 110.34 45.55
N ASP H 3154 -81.47 111.05 44.47
CA ASP H 3154 -82.12 112.30 44.14
C ASP H 3154 -83.60 112.15 43.83
N ASP H 3155 -84.07 110.93 43.59
CA ASP H 3155 -85.47 110.68 43.32
C ASP H 3155 -86.20 110.01 44.47
N VAL H 3156 -85.49 109.30 45.34
CA VAL H 3156 -86.09 108.57 46.43
C VAL H 3156 -86.06 109.35 47.73
N ILE H 3157 -84.89 109.82 48.13
CA ILE H 3157 -84.73 110.48 49.44
C ILE H 3157 -85.05 111.95 49.21
N LEU H 3158 -86.35 112.27 49.25
CA LEU H 3158 -86.80 113.61 48.87
C LEU H 3158 -87.46 114.37 50.00
N ASP H 3159 -88.55 113.86 50.57
CA ASP H 3159 -89.40 114.69 51.42
C ASP H 3159 -89.40 114.24 52.88
N ASP H 3160 -89.78 113.00 53.17
CA ASP H 3160 -89.73 112.48 54.52
C ASP H 3160 -88.69 111.39 54.69
N VAL H 3161 -88.34 110.68 53.61
CA VAL H 3161 -87.18 109.81 53.65
C VAL H 3161 -85.93 110.62 53.98
N GLN H 3162 -85.90 111.89 53.54
CA GLN H 3162 -84.79 112.76 53.94
C GLN H 3162 -84.76 112.98 55.44
N VAL H 3163 -85.93 113.19 56.05
CA VAL H 3163 -85.97 113.37 57.50
C VAL H 3163 -85.52 112.10 58.21
N SER H 3164 -85.99 110.94 57.73
CA SER H 3164 -85.59 109.68 58.36
C SER H 3164 -84.08 109.46 58.23
N CYS H 3165 -83.53 109.73 57.05
CA CYS H 3165 -82.09 109.57 56.84
C CYS H 3165 -81.29 110.58 57.65
N TYR H 3166 -81.80 111.79 57.81
CA TYR H 3166 -81.14 112.77 58.65
C TYR H 3166 -81.10 112.30 60.10
N ARG H 3167 -82.20 111.77 60.60
CA ARG H 3167 -82.21 111.26 61.97
C ARG H 3167 -81.23 110.10 62.12
N THR H 3168 -81.19 109.20 61.13
CA THR H 3168 -80.23 108.11 61.18
C THR H 3168 -78.80 108.62 61.19
N LEU H 3169 -78.51 109.62 60.35
CA LEU H 3169 -77.17 110.19 60.28
C LEU H 3169 -76.77 110.84 61.60
N CYS H 3170 -77.66 111.63 62.18
CA CYS H 3170 -77.37 112.25 63.47
C CYS H 3170 -77.15 111.19 64.54
N SER H 3171 -78.01 110.16 64.59
CA SER H 3171 -77.93 109.17 65.64
C SER H 3171 -76.67 108.34 65.55
N ILE H 3172 -76.32 107.87 64.36
CA ILE H 3172 -75.13 107.04 64.22
C ILE H 3172 -73.88 107.83 64.56
N TYR H 3173 -73.78 109.06 64.05
CA TYR H 3173 -72.61 109.88 64.34
C TYR H 3173 -72.56 110.32 65.79
N SER H 3174 -73.69 110.31 66.50
CA SER H 3174 -73.69 110.70 67.91
C SER H 3174 -72.99 109.69 68.80
N LEU H 3175 -72.37 108.65 68.24
CA LEU H 3175 -71.64 107.66 69.03
C LEU H 3175 -70.22 108.10 69.35
N GLY H 3176 -69.78 109.25 68.84
CA GLY H 3176 -68.41 109.67 69.07
C GLY H 3176 -68.12 109.89 70.54
N THR H 3177 -69.10 110.37 71.30
CA THR H 3177 -68.93 110.68 72.71
C THR H 3177 -69.27 109.51 73.62
N THR H 3178 -69.16 108.27 73.12
CA THR H 3178 -69.51 107.09 73.89
C THR H 3178 -68.33 106.13 73.89
N LYS H 3179 -68.04 105.55 75.05
CA LYS H 3179 -66.91 104.63 75.22
C LYS H 3179 -67.42 103.40 75.97
N ASN H 3180 -67.65 102.30 75.24
CA ASN H 3180 -68.15 101.08 75.84
C ASN H 3180 -67.55 99.90 75.09
N THR H 3181 -68.10 98.71 75.34
CA THR H 3181 -67.68 97.53 74.61
C THR H 3181 -68.62 97.21 73.47
N TYR H 3182 -69.93 97.40 73.68
CA TYR H 3182 -70.89 97.22 72.60
C TYR H 3182 -70.62 98.19 71.46
N VAL H 3183 -70.35 99.45 71.80
CA VAL H 3183 -70.03 100.42 70.77
C VAL H 3183 -68.75 100.03 70.04
N GLU H 3184 -67.75 99.55 70.80
CA GLU H 3184 -66.49 99.18 70.19
C GLU H 3184 -66.67 98.02 69.21
N LYS H 3185 -67.54 97.07 69.53
CA LYS H 3185 -67.76 95.95 68.64
C LYS H 3185 -68.78 96.25 67.54
N LEU H 3186 -69.54 97.33 67.64
CA LEU H 3186 -70.51 97.69 66.60
C LEU H 3186 -70.04 98.82 65.70
N ARG H 3187 -68.90 99.45 65.99
CA ARG H 3187 -68.42 100.54 65.15
C ARG H 3187 -68.27 100.17 63.67
N PRO H 3188 -67.76 99.00 63.30
CA PRO H 3188 -67.62 98.72 61.85
C PRO H 3188 -68.94 98.74 61.09
N ALA H 3189 -69.98 98.07 61.61
CA ALA H 3189 -71.25 98.05 60.91
C ALA H 3189 -71.85 99.45 60.83
N LEU H 3190 -71.79 100.20 61.91
CA LEU H 3190 -72.31 101.56 61.89
C LEU H 3190 -71.57 102.43 60.89
N GLY H 3191 -70.25 102.28 60.82
CA GLY H 3191 -69.47 103.05 59.87
C GLY H 3191 -69.80 102.72 58.43
N GLU H 3192 -69.94 101.42 58.13
CA GLU H 3192 -70.31 101.04 56.77
C GLU H 3192 -71.69 101.55 56.40
N CYS H 3193 -72.65 101.45 57.33
CA CYS H 3193 -73.99 101.96 57.05
C CYS H 3193 -73.96 103.47 56.83
N LEU H 3194 -73.19 104.20 57.63
CA LEU H 3194 -73.10 105.64 57.45
C LEU H 3194 -72.43 106.00 56.14
N ALA H 3195 -71.42 105.22 55.73
CA ALA H 3195 -70.78 105.47 54.45
C ALA H 3195 -71.76 105.30 53.30
N ARG H 3196 -72.55 104.22 53.33
CA ARG H 3196 -73.53 104.02 52.28
C ARG H 3196 -74.59 105.10 52.30
N LEU H 3197 -74.99 105.53 53.49
CA LEU H 3197 -75.97 106.61 53.59
C LEU H 3197 -75.42 107.89 53.00
N ALA H 3198 -74.16 108.19 53.26
CA ALA H 3198 -73.55 109.39 52.68
C ALA H 3198 -73.47 109.28 51.16
N ALA H 3199 -73.18 108.07 50.66
CA ALA H 3199 -73.14 107.87 49.22
C ALA H 3199 -74.49 108.11 48.58
N ALA H 3200 -75.57 107.62 49.18
CA ALA H 3200 -76.89 107.71 48.60
C ALA H 3200 -77.67 108.94 49.02
N MET H 3201 -77.10 109.79 49.86
CA MET H 3201 -77.84 110.88 50.46
C MET H 3201 -77.77 112.11 49.56
N PRO H 3202 -78.89 112.76 49.24
CA PRO H 3202 -78.90 113.76 48.17
C PRO H 3202 -78.57 115.18 48.60
N VAL H 3203 -78.43 115.46 49.90
CA VAL H 3203 -78.12 116.81 50.35
C VAL H 3203 -76.73 116.81 50.97
N ALA H 3204 -76.04 117.94 50.81
CA ALA H 3204 -74.69 118.10 51.34
C ALA H 3204 -74.80 118.50 52.81
N PHE H 3205 -74.99 117.49 53.67
CA PHE H 3205 -75.23 117.75 55.08
C PHE H 3205 -74.00 118.32 55.78
N LEU H 3206 -72.82 118.17 55.20
CA LEU H 3206 -71.61 118.74 55.78
C LEU H 3206 -71.38 120.19 55.36
N GLU H 3207 -72.16 120.70 54.41
CA GLU H 3207 -72.01 122.05 53.89
C GLU H 3207 -73.36 122.74 53.91
N PRO H 3208 -73.86 123.10 55.10
CA PRO H 3208 -75.19 123.73 55.17
C PRO H 3208 -75.26 125.13 54.58
N GLN H 3209 -74.15 125.88 54.53
CA GLN H 3209 -74.22 127.25 54.05
C GLN H 3209 -74.56 127.32 52.56
N LEU H 3210 -74.40 126.22 51.82
CA LEU H 3210 -74.74 126.17 50.42
C LEU H 3210 -75.97 125.32 50.15
N ASN H 3211 -76.80 125.09 51.16
CA ASN H 3211 -77.99 124.27 50.97
C ASN H 3211 -79.03 124.94 50.09
N GLU H 3212 -79.02 126.27 50.02
CA GLU H 3212 -80.03 126.99 49.23
C GLU H 3212 -79.90 126.73 47.74
N TYR H 3213 -78.78 126.17 47.30
CA TYR H 3213 -78.56 125.89 45.88
C TYR H 3213 -78.82 124.43 45.53
N ASN H 3214 -79.41 123.66 46.43
CA ASN H 3214 -79.66 122.24 46.19
C ASN H 3214 -81.15 122.05 45.98
N ALA H 3215 -81.52 121.54 44.80
CA ALA H 3215 -82.93 121.36 44.47
C ALA H 3215 -83.55 120.18 45.21
N CYS H 3216 -82.77 119.14 45.49
CA CYS H 3216 -83.29 117.94 46.15
C CYS H 3216 -83.18 118.05 47.67
N SER H 3217 -83.67 119.16 48.22
CA SER H 3217 -83.64 119.41 49.64
C SER H 3217 -85.02 119.79 50.13
N VAL H 3218 -85.31 119.44 51.39
CA VAL H 3218 -86.63 119.72 51.94
C VAL H 3218 -86.87 121.22 52.03
N TYR H 3219 -85.84 121.98 52.40
CA TYR H 3219 -86.02 123.43 52.55
C TYR H 3219 -86.25 124.15 51.24
N THR H 3220 -86.04 123.49 50.10
CA THR H 3220 -86.39 124.06 48.80
C THR H 3220 -87.64 123.44 48.20
N THR H 3221 -87.89 122.16 48.48
CA THR H 3221 -89.07 121.50 47.91
C THR H 3221 -90.33 121.88 48.67
N LYS H 3222 -90.23 122.09 49.98
CA LYS H 3222 -91.40 122.36 50.79
C LYS H 3222 -91.50 123.84 51.14
N SER H 3223 -92.72 124.35 51.12
CA SER H 3223 -92.97 125.76 51.38
C SER H 3223 -92.68 126.09 52.85
N PRO H 3224 -92.37 127.34 53.16
CA PRO H 3224 -92.21 127.74 54.56
C PRO H 3224 -93.46 127.51 55.39
N ARG H 3225 -94.65 127.53 54.77
CA ARG H 3225 -95.87 127.20 55.50
C ARG H 3225 -95.80 125.77 56.05
N GLU H 3226 -95.36 124.83 55.22
CA GLU H 3226 -95.13 123.47 55.68
C GLU H 3226 -93.74 123.41 56.33
N ARG H 3227 -93.29 122.18 56.60
CA ARG H 3227 -92.11 121.88 57.44
C ARG H 3227 -92.33 122.42 58.86
N ALA H 3228 -93.49 123.01 59.10
CA ALA H 3228 -93.94 123.37 60.44
C ALA H 3228 -94.99 122.41 60.96
N ILE H 3229 -95.87 121.91 60.09
CA ILE H 3229 -96.81 120.87 60.49
C ILE H 3229 -96.06 119.62 60.92
N LEU H 3230 -94.97 119.31 60.23
CA LEU H 3230 -94.05 118.26 60.64
C LEU H 3230 -92.83 118.91 61.29
N GLY H 3231 -92.42 118.37 62.43
CA GLY H 3231 -91.37 118.98 63.22
C GLY H 3231 -90.03 119.11 62.49
N LEU H 3232 -89.69 120.33 62.11
CA LEU H 3232 -88.41 120.66 61.50
C LEU H 3232 -87.81 121.85 62.22
N PRO H 3233 -86.48 121.91 62.34
CA PRO H 3233 -85.84 122.98 63.10
C PRO H 3233 -85.77 124.32 62.39
N ASN H 3234 -86.51 124.50 61.30
CA ASN H 3234 -86.66 125.74 60.52
C ASN H 3234 -85.37 126.23 59.89
N SER H 3235 -84.27 125.49 60.03
CA SER H 3235 -83.01 125.87 59.41
C SER H 3235 -82.23 124.60 59.10
N VAL H 3236 -81.59 124.58 57.93
CA VAL H 3236 -80.83 123.40 57.54
C VAL H 3236 -79.66 123.17 58.47
N GLU H 3237 -79.10 124.25 59.03
CA GLU H 3237 -77.96 124.13 59.92
C GLU H 3237 -78.30 123.41 61.22
N GLU H 3238 -79.57 123.43 61.62
CA GLU H 3238 -79.98 122.89 62.92
C GLU H 3238 -80.45 121.44 62.84
N MET H 3239 -80.63 120.89 61.64
CA MET H 3239 -81.26 119.57 61.54
C MET H 3239 -80.32 118.47 62.01
N CYS H 3240 -79.03 118.62 61.71
CA CYS H 3240 -77.98 117.81 62.31
C CYS H 3240 -76.89 118.74 62.82
N PRO H 3241 -77.09 119.33 64.00
CA PRO H 3241 -76.14 120.34 64.49
C PRO H 3241 -74.85 119.75 65.03
N ASP H 3242 -74.85 118.50 65.47
CA ASP H 3242 -73.69 117.90 66.09
C ASP H 3242 -72.69 117.34 65.07
N ILE H 3243 -72.99 117.42 63.79
CA ILE H 3243 -72.07 117.00 62.74
C ILE H 3243 -71.24 118.23 62.36
N PRO H 3244 -69.92 118.19 62.54
CA PRO H 3244 -69.10 119.34 62.14
C PRO H 3244 -69.13 119.53 60.64
N VAL H 3245 -68.92 120.78 60.21
CA VAL H 3245 -68.92 121.11 58.79
C VAL H 3245 -67.68 120.49 58.16
N LEU H 3246 -67.65 120.49 56.82
CA LEU H 3246 -66.58 119.79 56.11
C LEU H 3246 -65.21 120.38 56.44
N ASP H 3247 -65.11 121.71 56.49
CA ASP H 3247 -63.83 122.34 56.78
C ASP H 3247 -63.32 121.96 58.16
N ARG H 3248 -64.19 122.03 59.17
CA ARG H 3248 -63.80 121.65 60.52
C ARG H 3248 -63.39 120.18 60.58
N LEU H 3249 -64.13 119.33 59.87
CA LEU H 3249 -63.82 117.90 59.90
C LEU H 3249 -62.45 117.62 59.28
N MET H 3250 -62.17 118.24 58.13
CA MET H 3250 -60.85 118.07 57.53
C MET H 3250 -59.75 118.62 58.41
N ALA H 3251 -60.00 119.77 59.04
CA ALA H 3251 -58.99 120.34 59.94
C ALA H 3251 -58.69 119.38 61.09
N ASP H 3252 -59.73 118.80 61.69
CA ASP H 3252 -59.52 117.89 62.81
C ASP H 3252 -58.78 116.63 62.37
N ILE H 3253 -59.15 116.07 61.22
CA ILE H 3253 -58.49 114.86 60.74
C ILE H 3253 -57.03 115.14 60.44
N GLY H 3254 -56.75 116.27 59.78
CA GLY H 3254 -55.36 116.62 59.52
C GLY H 3254 -54.57 116.85 60.78
N GLY H 3255 -55.21 117.46 61.79
CA GLY H 3255 -54.53 117.65 63.06
C GLY H 3255 -54.17 116.33 63.72
N LEU H 3256 -55.10 115.37 63.71
CA LEU H 3256 -54.78 114.05 64.25
C LEU H 3256 -53.65 113.40 63.47
N ALA H 3257 -53.70 113.47 62.15
CA ALA H 3257 -52.68 112.82 61.34
C ALA H 3257 -51.30 113.43 61.59
N GLU H 3258 -51.23 114.76 61.67
CA GLU H 3258 -49.94 115.41 61.92
C GLU H 3258 -49.45 115.20 63.34
N SER H 3259 -50.36 115.11 64.32
CA SER H 3259 -49.96 114.80 65.67
C SER H 3259 -49.50 113.36 65.82
N GLY H 3260 -49.89 112.48 64.90
CA GLY H 3260 -49.41 111.12 64.99
C GLY H 3260 -50.08 110.28 66.05
N ALA H 3261 -51.35 110.56 66.34
CA ALA H 3261 -52.07 109.79 67.34
C ALA H 3261 -52.25 108.35 66.88
N ARG H 3262 -52.34 107.43 67.84
CA ARG H 3262 -52.56 106.04 67.53
C ARG H 3262 -54.05 105.79 67.30
N TYR H 3263 -54.39 104.54 66.99
CA TYR H 3263 -55.79 104.19 66.77
C TYR H 3263 -56.60 104.29 68.05
N THR H 3264 -55.98 104.02 69.20
CA THR H 3264 -56.71 103.95 70.45
C THR H 3264 -57.33 105.30 70.84
N GLU H 3265 -56.70 106.40 70.44
CA GLU H 3265 -57.18 107.72 70.81
C GLU H 3265 -58.05 108.36 69.74
N MET H 3266 -58.37 107.65 68.66
CA MET H 3266 -59.29 108.18 67.67
C MET H 3266 -60.05 107.07 66.96
N PRO H 3267 -60.76 106.19 67.69
CA PRO H 3267 -61.45 105.10 67.02
C PRO H 3267 -62.68 105.55 66.26
N HIS H 3268 -63.38 106.56 66.76
CA HIS H 3268 -64.58 107.05 66.09
C HIS H 3268 -64.26 107.62 64.72
N VAL H 3269 -63.17 108.39 64.63
CA VAL H 3269 -62.79 108.98 63.35
C VAL H 3269 -62.39 107.91 62.36
N ILE H 3270 -61.60 106.94 62.80
CA ILE H 3270 -61.10 105.92 61.88
C ILE H 3270 -62.22 105.02 61.41
N GLU H 3271 -63.14 104.65 62.31
CA GLU H 3271 -64.15 103.67 61.95
C GLU H 3271 -65.38 104.28 61.28
N ILE H 3272 -65.70 105.54 61.58
CA ILE H 3272 -66.95 106.11 61.12
C ILE H 3272 -66.72 107.35 60.25
N THR H 3273 -66.03 108.34 60.80
CA THR H 3273 -65.88 109.62 60.11
C THR H 3273 -65.07 109.47 58.82
N LEU H 3274 -63.99 108.70 58.87
CA LEU H 3274 -63.21 108.49 57.65
C LEU H 3274 -63.99 107.78 56.56
N PRO H 3275 -64.69 106.67 56.82
CA PRO H 3275 -65.54 106.11 55.76
C PRO H 3275 -66.63 107.04 55.30
N MET H 3276 -67.22 107.82 56.20
CA MET H 3276 -68.29 108.74 55.79
C MET H 3276 -67.74 109.79 54.84
N LEU H 3277 -66.55 110.31 55.12
CA LEU H 3277 -65.93 111.27 54.20
C LEU H 3277 -65.49 110.61 52.90
N CYS H 3278 -64.92 109.40 52.97
CA CYS H 3278 -64.51 108.71 51.77
C CYS H 3278 -65.69 108.37 50.87
N SER H 3279 -66.89 108.35 51.44
CA SER H 3279 -68.11 108.18 50.65
C SER H 3279 -68.77 109.49 50.26
N TYR H 3280 -68.54 110.55 51.02
CA TYR H 3280 -69.20 111.83 50.77
C TYR H 3280 -68.46 112.63 49.71
N LEU H 3281 -67.13 112.71 49.81
CA LEU H 3281 -66.37 113.53 48.88
C LEU H 3281 -66.50 113.09 47.43
N PRO H 3282 -66.36 111.81 47.08
CA PRO H 3282 -66.52 111.43 45.67
C PRO H 3282 -67.89 111.74 45.10
N ARG H 3283 -68.94 111.62 45.91
CA ARG H 3283 -70.28 111.93 45.40
C ARG H 3283 -70.41 113.39 45.03
N TRP H 3284 -69.94 114.29 45.89
CA TRP H 3284 -70.13 115.71 45.69
C TRP H 3284 -69.05 116.36 44.83
N TRP H 3285 -67.96 115.66 44.56
CA TRP H 3285 -67.00 116.19 43.61
C TRP H 3285 -67.59 116.30 42.21
N GLU H 3286 -68.39 115.31 41.81
CA GLU H 3286 -69.00 115.31 40.49
C GLU H 3286 -70.09 116.36 40.34
N ARG H 3287 -70.58 116.94 41.44
CA ARG H 3287 -71.68 117.88 41.37
C ARG H 3287 -71.27 119.28 41.81
N GLY H 3288 -69.99 119.54 42.01
CA GLY H 3288 -69.53 120.84 42.40
C GLY H 3288 -68.60 121.44 41.37
N PRO H 3289 -67.82 122.44 41.76
CA PRO H 3289 -66.79 122.96 40.86
C PRO H 3289 -65.73 121.91 40.61
N GLU H 3290 -64.93 122.16 39.57
CA GLU H 3290 -63.92 121.24 39.04
C GLU H 3290 -64.54 120.04 38.38
N ALA H 3291 -65.87 119.93 38.35
CA ALA H 3291 -66.52 118.84 37.65
C ALA H 3291 -66.36 119.02 36.14
N PRO H 3292 -66.48 117.95 35.37
CA PRO H 3292 -66.56 118.08 33.92
C PRO H 3292 -67.98 118.41 33.49
N PRO H 3293 -68.36 119.68 33.49
CA PRO H 3293 -69.77 120.03 33.47
C PRO H 3293 -70.34 120.06 32.07
N PRO H 3294 -71.32 119.19 31.78
CA PRO H 3294 -72.15 119.41 30.59
C PRO H 3294 -73.29 120.35 30.92
N ALA H 3295 -72.97 121.46 31.60
CA ALA H 3295 -73.94 122.35 32.20
C ALA H 3295 -74.07 123.66 31.41
N LEU H 3296 -73.95 123.58 30.08
CA LEU H 3296 -74.17 124.78 29.27
C LEU H 3296 -75.58 125.32 29.43
N PRO H 3297 -76.66 124.52 29.36
CA PRO H 3297 -77.99 125.08 29.64
C PRO H 3297 -78.30 125.16 31.12
N ALA H 3298 -77.73 124.26 31.91
CA ALA H 3298 -78.11 124.12 33.32
C ALA H 3298 -77.04 124.63 34.27
N GLY H 3299 -76.13 125.47 33.80
CA GLY H 3299 -75.11 126.02 34.67
C GLY H 3299 -75.52 127.21 35.50
N ALA H 3300 -76.74 127.71 35.31
CA ALA H 3300 -77.19 128.88 36.07
C ALA H 3300 -77.23 128.62 37.58
N PRO H 3301 -77.77 127.52 38.08
CA PRO H 3301 -77.73 127.28 39.52
C PRO H 3301 -76.30 127.02 39.99
N PRO H 3302 -75.83 127.76 40.98
CA PRO H 3302 -74.50 127.52 41.50
C PRO H 3302 -74.43 126.14 42.16
N PRO H 3303 -73.26 125.51 42.13
CA PRO H 3303 -73.13 124.20 42.79
C PRO H 3303 -73.43 124.31 44.28
N CYS H 3304 -74.05 123.28 44.82
CA CYS H 3304 -74.43 123.24 46.22
C CYS H 3304 -73.32 122.74 47.13
N THR H 3305 -72.15 122.45 46.57
CA THR H 3305 -71.01 121.97 47.35
C THR H 3305 -69.75 122.67 46.88
N ALA H 3306 -68.72 122.62 47.72
CA ALA H 3306 -67.43 123.23 47.42
C ALA H 3306 -66.32 122.20 47.41
N VAL H 3307 -66.64 120.95 47.09
CA VAL H 3307 -65.66 119.88 47.08
C VAL H 3307 -64.86 119.94 45.79
N THR H 3308 -63.54 120.03 45.92
CA THR H 3308 -62.62 119.99 44.80
C THR H 3308 -61.69 118.80 44.98
N SER H 3309 -60.74 118.64 44.05
CA SER H 3309 -59.76 117.58 44.19
C SER H 3309 -58.79 117.84 45.33
N ASP H 3310 -58.69 119.08 45.80
CA ASP H 3310 -57.84 119.37 46.95
C ASP H 3310 -58.31 118.61 48.19
N HIS H 3311 -59.62 118.56 48.40
CA HIS H 3311 -60.16 117.83 49.54
C HIS H 3311 -59.80 116.35 49.46
N LEU H 3312 -59.96 115.76 48.27
CA LEU H 3312 -59.65 114.34 48.12
C LEU H 3312 -58.17 114.08 48.34
N ASN H 3313 -57.30 114.94 47.79
CA ASN H 3313 -55.86 114.74 47.97
C ASN H 3313 -55.47 114.87 49.43
N SER H 3314 -56.01 115.88 50.12
CA SER H 3314 -55.70 116.05 51.54
C SER H 3314 -56.19 114.87 52.35
N LEU H 3315 -57.39 114.36 52.05
CA LEU H 3315 -57.92 113.23 52.80
C LEU H 3315 -57.07 111.99 52.57
N LEU H 3316 -56.63 111.75 51.33
CA LEU H 3316 -55.80 110.59 51.07
C LEU H 3316 -54.45 110.71 51.78
N GLY H 3317 -53.87 111.90 51.77
CA GLY H 3317 -52.61 112.09 52.50
C GLY H 3317 -52.79 111.85 53.98
N ASN H 3318 -53.88 112.34 54.56
CA ASN H 3318 -54.13 112.13 55.98
C ASN H 3318 -54.35 110.65 56.29
N ILE H 3319 -55.03 109.94 55.39
CA ILE H 3319 -55.24 108.51 55.61
C ILE H 3319 -53.92 107.76 55.59
N LEU H 3320 -53.05 108.08 54.64
CA LEU H 3320 -51.73 107.45 54.61
C LEU H 3320 -50.94 107.77 55.87
N ARG H 3321 -50.99 109.03 56.32
CA ARG H 3321 -50.29 109.39 57.54
C ARG H 3321 -50.83 108.63 58.74
N ILE H 3322 -52.14 108.45 58.82
CA ILE H 3322 -52.72 107.69 59.93
C ILE H 3322 -52.22 106.26 59.90
N ILE H 3323 -52.24 105.63 58.72
CA ILE H 3323 -51.83 104.23 58.63
C ILE H 3323 -50.37 104.08 59.02
N VAL H 3324 -49.52 105.04 58.62
CA VAL H 3324 -48.12 104.91 59.00
C VAL H 3324 -47.88 105.31 60.45
N ASN H 3325 -48.77 106.11 61.05
CA ASN H 3325 -48.71 106.32 62.49
C ASN H 3325 -48.97 105.03 63.24
N ASN H 3326 -49.95 104.24 62.79
CA ASN H 3326 -50.26 102.96 63.40
C ASN H 3326 -49.51 101.82 62.71
N LEU H 3327 -48.31 102.10 62.19
CA LEU H 3327 -47.68 101.18 61.27
C LEU H 3327 -47.25 99.89 61.95
N GLY H 3328 -46.60 99.99 63.11
CA GLY H 3328 -46.00 98.83 63.75
C GLY H 3328 -46.74 98.24 64.93
N ILE H 3329 -47.99 98.64 65.18
CA ILE H 3329 -48.68 98.14 66.35
C ILE H 3329 -49.02 96.66 66.17
N ASP H 3330 -49.29 96.01 67.30
CA ASP H 3330 -49.44 94.56 67.30
C ASP H 3330 -50.73 94.13 66.60
N GLU H 3331 -51.85 94.75 66.95
CA GLU H 3331 -53.15 94.35 66.44
C GLU H 3331 -53.90 95.56 65.90
N ALA H 3332 -54.32 95.47 64.63
CA ALA H 3332 -55.13 96.51 64.02
C ALA H 3332 -55.90 95.87 62.87
N THR H 3333 -57.15 95.53 63.11
CA THR H 3333 -58.00 94.96 62.07
C THR H 3333 -58.76 96.00 61.27
N TRP H 3334 -58.62 97.28 61.63
CA TRP H 3334 -59.31 98.34 60.91
C TRP H 3334 -58.59 98.74 59.62
N MET H 3335 -57.36 98.30 59.43
CA MET H 3335 -56.59 98.74 58.26
C MET H 3335 -57.23 98.28 56.96
N LYS H 3336 -57.67 97.03 56.90
CA LYS H 3336 -58.26 96.53 55.66
C LYS H 3336 -59.56 97.27 55.35
N ARG H 3337 -60.40 97.51 56.35
CA ARG H 3337 -61.63 98.25 56.13
C ARG H 3337 -61.34 99.67 55.67
N LEU H 3338 -60.35 100.32 56.29
CA LEU H 3338 -60.00 101.68 55.89
C LEU H 3338 -59.45 101.72 54.47
N ALA H 3339 -58.66 100.74 54.08
CA ALA H 3339 -58.17 100.69 52.71
C ALA H 3339 -59.31 100.51 51.72
N VAL H 3340 -60.23 99.59 52.01
CA VAL H 3340 -61.36 99.37 51.13
C VAL H 3340 -62.20 100.64 51.01
N PHE H 3341 -62.38 101.36 52.11
CA PHE H 3341 -63.16 102.59 52.06
C PHE H 3341 -62.41 103.72 51.35
N ALA H 3342 -61.08 103.72 51.42
CA ALA H 3342 -60.31 104.81 50.84
C ALA H 3342 -59.92 104.57 49.39
N GLN H 3343 -60.16 103.39 48.85
CA GLN H 3343 -59.86 103.16 47.44
C GLN H 3343 -60.59 104.10 46.50
N PRO H 3344 -61.89 104.38 46.64
CA PRO H 3344 -62.55 105.26 45.65
C PRO H 3344 -61.94 106.64 45.53
N ILE H 3345 -61.47 107.24 46.63
CA ILE H 3345 -61.00 108.62 46.57
C ILE H 3345 -59.62 108.76 45.95
N VAL H 3346 -58.94 107.64 45.67
CA VAL H 3346 -57.59 107.74 45.14
C VAL H 3346 -57.60 108.16 43.67
N SER H 3347 -58.75 108.12 43.01
CA SER H 3347 -58.81 108.37 41.58
C SER H 3347 -58.45 109.81 41.23
N ARG H 3348 -58.44 110.72 42.19
CA ARG H 3348 -58.03 112.10 41.97
C ARG H 3348 -56.78 112.47 42.73
N ALA H 3349 -55.92 111.51 43.05
CA ALA H 3349 -54.67 111.82 43.70
C ALA H 3349 -53.76 112.60 42.77
N ARG H 3350 -53.16 113.67 43.30
CA ARG H 3350 -52.22 114.45 42.54
C ARG H 3350 -50.86 113.77 42.47
N PRO H 3351 -50.03 114.12 41.48
CA PRO H 3351 -48.72 113.47 41.37
C PRO H 3351 -47.81 113.73 42.55
N GLU H 3352 -48.03 114.79 43.31
CA GLU H 3352 -47.15 115.10 44.43
C GLU H 3352 -47.18 114.02 45.51
N LEU H 3353 -48.27 113.26 45.61
CA LEU H 3353 -48.35 112.21 46.63
C LEU H 3353 -47.35 111.10 46.38
N LEU H 3354 -46.82 110.98 45.17
CA LEU H 3354 -45.79 109.99 44.92
C LEU H 3354 -44.54 110.27 45.73
N HIS H 3355 -44.15 111.54 45.83
CA HIS H 3355 -42.96 111.90 46.59
C HIS H 3355 -43.27 112.22 48.04
N SER H 3356 -44.43 112.81 48.33
CA SER H 3356 -44.71 113.26 49.68
C SER H 3356 -45.00 112.09 50.62
N HIS H 3357 -45.80 111.12 50.17
CA HIS H 3357 -46.25 110.05 51.05
C HIS H 3357 -45.79 108.67 50.60
N PHE H 3358 -46.08 108.29 49.35
CA PHE H 3358 -45.92 106.89 48.95
C PHE H 3358 -44.47 106.43 49.06
N ILE H 3359 -43.53 107.26 48.62
CA ILE H 3359 -42.12 106.87 48.70
C ILE H 3359 -41.67 106.66 50.14
N PRO H 3360 -41.91 107.59 51.08
CA PRO H 3360 -41.54 107.29 52.48
C PRO H 3360 -42.24 106.08 53.05
N THR H 3361 -43.53 105.89 52.75
CA THR H 3361 -44.24 104.75 53.32
C THR H 3361 -43.64 103.44 52.84
N ILE H 3362 -43.46 103.31 51.52
CA ILE H 3362 -42.91 102.07 51.00
C ILE H 3362 -41.46 101.90 51.43
N GLY H 3363 -40.75 103.00 51.67
CA GLY H 3363 -39.40 102.86 52.21
C GLY H 3363 -39.38 102.29 53.61
N ARG H 3364 -40.29 102.75 54.46
CA ARG H 3364 -40.40 102.18 55.80
C ARG H 3364 -40.74 100.69 55.72
N LEU H 3365 -41.69 100.34 54.86
CA LEU H 3365 -42.03 98.94 54.68
C LEU H 3365 -40.84 98.13 54.21
N ARG H 3366 -40.06 98.67 53.27
CA ARG H 3366 -38.92 97.96 52.73
C ARG H 3366 -37.88 97.72 53.80
N LYS H 3367 -37.58 98.73 54.62
CA LYS H 3367 -36.54 98.53 55.63
C LYS H 3367 -37.01 97.57 56.73
N ARG H 3368 -38.29 97.61 57.10
CA ARG H 3368 -38.79 96.62 58.05
C ARG H 3368 -38.69 95.20 57.47
N ALA H 3369 -39.04 95.04 56.19
CA ALA H 3369 -38.93 93.72 55.57
C ALA H 3369 -37.49 93.26 55.53
N GLY H 3370 -36.57 94.16 55.23
CA GLY H 3370 -35.16 93.79 55.23
C GLY H 3370 -34.69 93.34 56.61
N LYS H 3371 -35.10 94.06 57.65
CA LYS H 3371 -34.73 93.66 59.00
C LYS H 3371 -35.29 92.29 59.35
N VAL H 3372 -36.55 92.03 58.97
CA VAL H 3372 -37.16 90.75 59.30
C VAL H 3372 -36.47 89.61 58.56
N VAL H 3373 -36.17 89.80 57.29
CA VAL H 3373 -35.50 88.72 56.55
C VAL H 3373 -34.08 88.53 57.07
N ALA H 3374 -33.44 89.60 57.53
CA ALA H 3374 -32.13 89.45 58.16
C ALA H 3374 -32.23 88.61 59.42
N GLU H 3375 -33.26 88.86 60.25
CA GLU H 3375 -33.44 88.04 61.44
C GLU H 3375 -33.73 86.59 61.08
N GLU H 3376 -34.52 86.36 60.03
CA GLU H 3376 -34.85 85.00 59.64
C GLU H 3376 -33.61 84.24 59.20
N GLU H 3377 -32.76 84.87 58.38
CA GLU H 3377 -31.54 84.18 57.96
C GLU H 3377 -30.57 84.02 59.12
N GLN H 3378 -30.56 84.97 60.06
CA GLN H 3378 -29.74 84.84 61.26
C GLN H 3378 -30.19 83.63 62.08
N LEU H 3379 -31.50 83.41 62.16
CA LEU H 3379 -32.01 82.22 62.83
C LEU H 3379 -31.65 80.95 62.06
N ARG H 3380 -31.75 80.97 60.74
CA ARG H 3380 -31.57 79.75 59.96
C ARG H 3380 -30.11 79.36 59.82
N LEU H 3381 -29.17 80.30 60.00
CA LEU H 3381 -27.77 79.97 59.76
C LEU H 3381 -27.23 78.95 60.77
N GLU H 3382 -27.72 78.97 62.00
CA GLU H 3382 -27.32 78.00 63.01
C GLU H 3382 -28.55 77.13 63.33
N ALA H 3383 -28.40 75.83 63.13
CA ALA H 3383 -29.47 74.89 63.44
C ALA H 3383 -29.46 74.56 64.93
N LYS H 3384 -30.62 74.67 65.56
CA LYS H 3384 -30.70 74.46 67.00
C LYS H 3384 -32.13 74.11 67.37
N ALA H 3385 -32.28 73.42 68.50
CA ALA H 3385 -33.60 73.17 69.06
C ALA H 3385 -34.25 74.46 69.55
N GLU H 3386 -33.46 75.49 69.79
CA GLU H 3386 -33.98 76.80 70.16
C GLU H 3386 -34.41 77.64 68.97
N ALA H 3387 -33.99 77.26 67.75
CA ALA H 3387 -34.39 78.02 66.57
C ALA H 3387 -35.91 78.07 66.42
N GLU H 3388 -36.60 77.01 66.87
CA GLU H 3388 -38.05 77.06 66.91
C GLU H 3388 -38.53 78.21 67.79
N GLU H 3389 -37.94 78.35 68.98
CA GLU H 3389 -38.24 79.48 69.85
C GLU H 3389 -37.58 80.70 69.24
N GLY H 3390 -38.32 81.38 68.37
CA GLY H 3390 -37.79 82.45 67.55
C GLY H 3390 -38.36 82.34 66.15
N GLU H 3391 -38.57 81.12 65.70
CA GLU H 3391 -39.36 80.93 64.49
C GLU H 3391 -40.73 81.58 64.66
N LEU H 3392 -41.35 81.42 65.84
CA LEU H 3392 -42.65 82.04 66.05
C LEU H 3392 -42.59 83.55 65.98
N LEU H 3393 -41.57 84.19 66.55
CA LEU H 3393 -41.60 85.65 66.57
C LEU H 3393 -41.26 86.21 65.20
N VAL H 3394 -40.44 85.50 64.42
CA VAL H 3394 -40.24 85.97 63.05
C VAL H 3394 -41.51 85.77 62.22
N ARG H 3395 -42.27 84.69 62.47
CA ARG H 3395 -43.56 84.55 61.80
C ARG H 3395 -44.51 85.66 62.20
N ASP H 3396 -44.50 86.06 63.47
CA ASP H 3396 -45.38 87.15 63.91
C ASP H 3396 -44.98 88.47 63.25
N GLU H 3397 -43.68 88.73 63.15
CA GLU H 3397 -43.22 89.93 62.45
C GLU H 3397 -43.62 89.90 60.98
N PHE H 3398 -43.50 88.74 60.33
CA PHE H 3398 -43.95 88.64 58.95
C PHE H 3398 -45.44 88.87 58.84
N SER H 3399 -46.22 88.40 59.81
CA SER H 3399 -47.67 88.58 59.76
C SER H 3399 -48.06 90.05 59.90
N VAL H 3400 -47.45 90.76 60.84
CA VAL H 3400 -47.76 92.18 60.98
C VAL H 3400 -47.27 92.95 59.76
N LEU H 3401 -46.14 92.55 59.19
CA LEU H 3401 -45.66 93.19 57.97
C LEU H 3401 -46.62 92.97 56.81
N CYS H 3402 -47.14 91.76 56.66
CA CYS H 3402 -48.12 91.49 55.61
C CYS H 3402 -49.39 92.29 55.84
N ARG H 3403 -49.78 92.47 57.10
CA ARG H 3403 -50.92 93.33 57.39
C ARG H 3403 -50.69 94.75 56.91
N ASP H 3404 -49.51 95.30 57.19
CA ASP H 3404 -49.20 96.64 56.72
C ASP H 3404 -49.16 96.70 55.20
N LEU H 3405 -48.57 95.69 54.56
CA LEU H 3405 -48.49 95.66 53.12
C LEU H 3405 -49.87 95.63 52.48
N TYR H 3406 -50.78 94.83 53.02
CA TYR H 3406 -52.13 94.78 52.47
C TYR H 3406 -52.97 95.99 52.87
N ALA H 3407 -52.56 96.73 53.89
CA ALA H 3407 -53.18 98.01 54.20
C ALA H 3407 -52.76 99.11 53.25
N LEU H 3408 -51.53 99.08 52.76
CA LEU H 3408 -51.03 100.16 51.91
C LEU H 3408 -51.06 99.86 50.42
N TYR H 3409 -50.84 98.60 50.03
CA TYR H 3409 -50.61 98.29 48.62
C TYR H 3409 -51.79 98.57 47.69
N PRO H 3410 -53.04 98.23 48.01
CA PRO H 3410 -54.11 98.49 47.03
C PRO H 3410 -54.22 99.95 46.63
N LEU H 3411 -54.01 100.86 47.58
CA LEU H 3411 -53.99 102.28 47.24
C LEU H 3411 -52.86 102.58 46.25
N LEU H 3412 -51.68 101.99 46.50
CA LEU H 3412 -50.56 102.19 45.59
C LEU H 3412 -50.85 101.61 44.21
N ILE H 3413 -51.55 100.47 44.16
CA ILE H 3413 -51.88 99.85 42.88
C ILE H 3413 -52.80 100.76 42.09
N ARG H 3414 -53.82 101.32 42.75
CA ARG H 3414 -54.72 102.24 42.07
C ARG H 3414 -53.96 103.47 41.57
N TYR H 3415 -53.08 104.02 42.42
CA TYR H 3415 -52.32 105.21 42.04
C TYR H 3415 -51.41 104.91 40.86
N VAL H 3416 -50.79 103.73 40.85
CA VAL H 3416 -49.95 103.32 39.73
C VAL H 3416 -50.77 103.18 38.46
N ASP H 3417 -51.96 102.57 38.57
CA ASP H 3417 -52.81 102.45 37.40
C ASP H 3417 -53.19 103.82 36.85
N ASN H 3418 -53.35 104.80 37.71
CA ASN H 3418 -53.72 106.13 37.24
C ASN H 3418 -52.55 106.98 36.78
N ASN H 3419 -51.32 106.65 37.15
CA ASN H 3419 -50.19 107.49 36.77
C ASN H 3419 -49.10 106.80 35.95
N ARG H 3420 -49.25 105.53 35.62
CA ARG H 3420 -48.20 104.82 34.91
C ARG H 3420 -48.05 105.32 33.48
N ALA H 3421 -49.15 105.71 32.84
CA ALA H 3421 -49.05 106.28 31.51
C ALA H 3421 -48.16 107.52 31.51
N HIS H 3422 -48.38 108.42 32.47
CA HIS H 3422 -47.54 109.61 32.56
CA HIS H 3422 -47.54 109.61 32.57
C HIS H 3422 -46.10 109.24 32.88
N TRP H 3423 -45.90 108.29 33.80
CA TRP H 3423 -44.54 107.93 34.18
C TRP H 3423 -43.77 107.35 33.00
N LEU H 3424 -44.43 106.55 32.16
CA LEU H 3424 -43.76 106.00 30.99
C LEU H 3424 -43.56 107.06 29.91
N THR H 3425 -44.54 107.94 29.72
CA THR H 3425 -44.40 108.99 28.71
C THR H 3425 -43.25 109.93 29.04
N GLU H 3426 -43.13 110.32 30.30
CA GLU H 3426 -42.04 111.19 30.75
C GLU H 3426 -41.36 110.50 31.92
N PRO H 3427 -40.10 110.09 31.79
CA PRO H 3427 -39.45 109.31 32.85
C PRO H 3427 -39.42 110.07 34.16
N ASN H 3428 -39.58 109.33 35.26
CA ASN H 3428 -39.69 109.94 36.58
C ASN H 3428 -38.74 109.24 37.54
N ALA H 3429 -37.83 110.01 38.14
CA ALA H 3429 -36.88 109.45 39.09
C ALA H 3429 -37.59 108.85 40.29
N ASN H 3430 -38.66 109.52 40.76
CA ASN H 3430 -39.43 108.97 41.87
C ASN H 3430 -40.10 107.67 41.49
N ALA H 3431 -40.60 107.57 40.25
CA ALA H 3431 -41.21 106.32 39.81
C ALA H 3431 -40.17 105.20 39.78
N GLU H 3432 -38.96 105.49 39.30
CA GLU H 3432 -37.91 104.48 39.31
C GLU H 3432 -37.54 104.08 40.73
N GLU H 3433 -37.46 105.05 41.64
CA GLU H 3433 -37.15 104.75 43.03
C GLU H 3433 -38.21 103.85 43.64
N LEU H 3434 -39.48 104.16 43.39
CA LEU H 3434 -40.55 103.34 43.95
C LEU H 3434 -40.54 101.97 43.34
N PHE H 3435 -40.13 101.86 42.07
CA PHE H 3435 -39.94 100.55 41.48
C PHE H 3435 -38.86 99.76 42.21
N ARG H 3436 -37.75 100.41 42.54
CA ARG H 3436 -36.71 99.72 43.30
C ARG H 3436 -37.25 99.24 44.63
N MET H 3437 -38.04 100.08 45.30
CA MET H 3437 -38.59 99.71 46.60
C MET H 3437 -39.49 98.48 46.48
N VAL H 3438 -40.44 98.52 45.54
CA VAL H 3438 -41.36 97.40 45.40
C VAL H 3438 -40.63 96.15 44.93
N GLY H 3439 -39.61 96.31 44.10
CA GLY H 3439 -38.84 95.16 43.65
C GLY H 3439 -38.07 94.50 44.77
N GLU H 3440 -37.47 95.30 45.64
CA GLU H 3440 -36.75 94.74 46.79
C GLU H 3440 -37.70 94.02 47.72
N ILE H 3441 -38.88 94.60 47.96
CA ILE H 3441 -39.87 93.94 48.80
C ILE H 3441 -40.27 92.60 48.20
N PHE H 3442 -40.50 92.58 46.89
CA PHE H 3442 -40.92 91.34 46.25
C PHE H 3442 -39.79 90.32 46.23
N ILE H 3443 -38.54 90.77 46.12
CA ILE H 3443 -37.40 89.87 46.23
C ILE H 3443 -37.37 89.23 47.61
N TYR H 3444 -37.54 90.03 48.66
CA TYR H 3444 -37.61 89.48 50.01
C TYR H 3444 -38.72 88.44 50.11
N TRP H 3445 -39.88 88.74 49.53
CA TRP H 3445 -40.98 87.79 49.55
C TRP H 3445 -40.60 86.49 48.85
N SER H 3446 -39.94 86.59 47.70
CA SER H 3446 -39.61 85.40 46.93
C SER H 3446 -38.59 84.53 47.66
N LYS H 3447 -37.58 85.16 48.28
CA LYS H 3447 -36.55 84.37 48.93
C LYS H 3447 -37.07 83.68 50.19
N SER H 3448 -37.79 84.40 51.03
CA SER H 3448 -38.23 83.85 52.31
C SER H 3448 -39.53 83.07 52.16
N HIS H 3449 -39.55 81.86 52.71
CA HIS H 3449 -40.76 81.05 52.72
C HIS H 3449 -41.74 81.52 53.78
N ASN H 3450 -41.22 82.00 54.91
CA ASN H 3450 -42.08 82.52 55.96
C ASN H 3450 -42.91 83.70 55.47
N PHE H 3451 -42.33 84.55 54.64
CA PHE H 3451 -43.07 85.68 54.08
C PHE H 3451 -44.27 85.18 53.29
N LYS H 3452 -44.07 84.18 52.42
CA LYS H 3452 -45.17 83.65 51.63
C LYS H 3452 -46.23 83.01 52.51
N ARG H 3453 -45.81 82.21 53.48
CA ARG H 3453 -46.76 81.53 54.36
C ARG H 3453 -47.57 82.55 55.14
N GLU H 3454 -46.92 83.56 55.69
CA GLU H 3454 -47.62 84.55 56.49
C GLU H 3454 -48.56 85.39 55.63
N GLU H 3455 -48.17 85.71 54.40
CA GLU H 3455 -49.08 86.42 53.50
C GLU H 3455 -50.32 85.59 53.24
N GLN H 3456 -50.14 84.31 52.92
CA GLN H 3456 -51.31 83.48 52.63
C GLN H 3456 -52.19 83.33 53.85
N ASN H 3457 -51.58 83.18 55.03
CA ASN H 3457 -52.36 83.07 56.26
C ASN H 3457 -53.15 84.34 56.52
N PHE H 3458 -52.51 85.50 56.34
CA PHE H 3458 -53.23 86.76 56.49
C PHE H 3458 -54.42 86.82 55.57
N VAL H 3459 -54.22 86.45 54.30
CA VAL H 3459 -55.31 86.51 53.34
C VAL H 3459 -56.46 85.60 53.77
N VAL H 3460 -56.14 84.38 54.19
CA VAL H 3460 -57.21 83.41 54.47
C VAL H 3460 -57.98 83.80 55.72
N GLN H 3461 -57.30 84.19 56.80
CA GLN H 3461 -58.07 84.52 58.00
C GLN H 3461 -58.66 85.92 57.96
N ASN H 3462 -58.23 86.78 57.06
CA ASN H 3462 -58.86 88.08 56.93
C ASN H 3462 -59.88 88.15 55.80
N GLU H 3463 -60.01 87.07 55.03
CA GLU H 3463 -60.99 87.01 53.93
C GLU H 3463 -60.78 88.14 52.94
N ILE H 3464 -59.52 88.52 52.74
CA ILE H 3464 -59.21 89.56 51.78
C ILE H 3464 -59.64 89.11 50.39
N ASN H 3465 -60.47 89.92 49.75
CA ASN H 3465 -61.06 89.52 48.47
C ASN H 3465 -59.98 89.27 47.43
N ASN H 3466 -58.95 90.13 47.42
CA ASN H 3466 -57.79 89.98 46.54
C ASN H 3466 -58.20 90.16 45.08
N MET H 3467 -59.48 90.39 44.86
CA MET H 3467 -60.09 90.53 43.55
C MET H 3467 -60.65 91.92 43.30
N SER H 3468 -61.40 92.46 44.26
CA SER H 3468 -61.87 93.83 44.16
C SER H 3468 -60.71 94.81 44.11
N PHE H 3469 -59.62 94.50 44.81
CA PHE H 3469 -58.46 95.38 44.82
C PHE H 3469 -57.84 95.53 43.44
N LEU H 3470 -58.16 94.64 42.52
CA LEU H 3470 -57.70 94.73 41.14
C LEU H 3470 -58.78 95.10 40.15
N THR H 3471 -60.05 94.83 40.46
CA THR H 3471 -61.15 95.14 39.55
C THR H 3471 -61.91 96.41 39.92
N ALA H 3472 -61.48 97.15 40.94
CA ALA H 3472 -62.19 98.36 41.33
C ALA H 3472 -62.15 99.40 40.22
N ASP H 3473 -61.00 99.54 39.54
CA ASP H 3473 -60.92 100.49 38.43
C ASP H 3473 -61.89 100.11 37.31
N SER H 3474 -61.96 98.82 36.98
CA SER H 3474 -62.87 98.36 35.94
C SER H 3474 -64.32 98.62 36.33
N LYS H 3475 -64.68 98.35 37.59
CA LYS H 3475 -66.03 98.62 38.04
C LYS H 3475 -66.34 100.12 38.05
N SER H 3476 -65.33 100.96 38.32
CA SER H 3476 -65.56 102.41 38.28
C SER H 3476 -65.69 102.89 36.84
N LYS H 3477 -65.05 102.21 35.90
CA LYS H 3477 -65.19 102.53 34.49
C LYS H 3477 -66.46 101.94 33.89
N MET H 3478 -67.47 101.67 34.71
CA MET H 3478 -68.77 101.13 34.33
C MET H 3478 -68.63 100.05 33.25
N ALA H 3479 -67.83 99.04 33.57
CA ALA H 3479 -67.56 97.97 32.63
C ALA H 3479 -68.83 97.16 32.35
N ARG H 3498 -63.61 81.95 40.05
CA ARG H 3498 -63.99 80.56 39.85
C ARG H 3498 -62.81 79.64 40.19
N ARG H 3499 -61.72 79.78 39.44
CA ARG H 3499 -60.54 78.96 39.68
C ARG H 3499 -59.86 79.35 40.98
N GLY H 3500 -59.44 80.60 41.09
CA GLY H 3500 -58.77 81.10 42.27
C GLY H 3500 -59.54 82.21 42.96
N ASP H 3501 -60.86 82.06 43.05
CA ASP H 3501 -61.70 83.11 43.62
C ASP H 3501 -61.32 83.41 45.06
N ARG H 3502 -61.08 82.37 45.86
CA ARG H 3502 -60.71 82.58 47.26
C ARG H 3502 -59.31 83.19 47.37
N TYR H 3503 -58.34 82.60 46.66
CA TYR H 3503 -56.98 83.10 46.67
C TYR H 3503 -56.19 82.45 45.53
N SER H 3504 -55.32 83.23 44.91
CA SER H 3504 -54.44 82.73 43.87
C SER H 3504 -53.19 83.60 43.83
N VAL H 3505 -52.05 82.97 43.53
CA VAL H 3505 -50.78 83.69 43.49
C VAL H 3505 -50.79 84.71 42.36
N GLN H 3506 -51.43 84.39 41.24
CA GLN H 3506 -51.50 85.32 40.12
C GLN H 3506 -52.23 86.60 40.51
N THR H 3507 -53.17 86.50 41.44
CA THR H 3507 -53.93 87.65 41.91
C THR H 3507 -53.42 88.20 43.24
N SER H 3508 -52.28 87.71 43.71
CA SER H 3508 -51.67 88.27 44.91
C SER H 3508 -51.23 89.70 44.67
N LEU H 3509 -51.40 90.55 45.68
CA LEU H 3509 -51.07 91.96 45.51
C LEU H 3509 -49.56 92.21 45.51
N ILE H 3510 -48.79 91.44 46.28
CA ILE H 3510 -47.36 91.71 46.34
C ILE H 3510 -46.71 91.46 44.99
N VAL H 3511 -47.16 90.42 44.28
CA VAL H 3511 -46.67 90.18 42.94
C VAL H 3511 -47.36 91.07 41.91
N ALA H 3512 -48.66 91.35 42.08
CA ALA H 3512 -49.38 92.16 41.12
C ALA H 3512 -48.82 93.58 41.07
N THR H 3513 -48.44 94.13 42.23
CA THR H 3513 -47.87 95.47 42.26
C THR H 3513 -46.57 95.52 41.48
N LEU H 3514 -45.72 94.52 41.65
CA LEU H 3514 -44.48 94.49 40.90
C LEU H 3514 -44.74 94.32 39.41
N LYS H 3515 -45.71 93.48 39.05
CA LYS H 3515 -46.02 93.34 37.63
C LYS H 3515 -46.53 94.64 37.03
N LYS H 3516 -47.36 95.38 37.76
CA LYS H 3516 -47.86 96.65 37.26
C LYS H 3516 -46.76 97.71 37.21
N MET H 3517 -45.77 97.61 38.08
CA MET H 3517 -44.69 98.59 38.09
C MET H 3517 -43.52 98.19 37.21
N LEU H 3518 -43.51 96.97 36.70
CA LEU H 3518 -42.39 96.50 35.88
C LEU H 3518 -42.09 97.37 34.68
N PRO H 3519 -43.06 97.87 33.90
CA PRO H 3519 -42.69 98.71 32.76
C PRO H 3519 -41.85 99.92 33.13
N ILE H 3520 -42.11 100.52 34.29
CA ILE H 3520 -41.30 101.65 34.72
C ILE H 3520 -39.84 101.22 34.90
N GLY H 3521 -39.62 100.06 35.50
CA GLY H 3521 -38.28 99.57 35.68
C GLY H 3521 -37.59 99.22 34.37
N LEU H 3522 -38.33 98.56 33.47
CA LEU H 3522 -37.75 98.23 32.17
C LEU H 3522 -37.46 99.48 31.35
N ASN H 3523 -38.19 100.56 31.58
CA ASN H 3523 -37.98 101.78 30.81
C ASN H 3523 -36.65 102.42 31.13
N MET H 3524 -36.09 102.16 32.31
CA MET H 3524 -34.77 102.70 32.63
C MET H 3524 -33.69 102.08 31.76
N CYS H 3525 -33.74 100.76 31.58
CA CYS H 3525 -32.69 100.07 30.85
C CYS H 3525 -32.80 100.35 29.35
N ALA H 3526 -31.67 100.69 28.75
CA ALA H 3526 -31.59 100.91 27.32
C ALA H 3526 -31.77 99.59 26.57
N PRO H 3527 -32.20 99.65 25.31
CA PRO H 3527 -32.35 98.41 24.53
C PRO H 3527 -31.05 97.64 24.39
N THR H 3528 -29.90 98.31 24.40
CA THR H 3528 -28.62 97.63 24.25
C THR H 3528 -28.32 96.69 25.41
N ASP H 3529 -29.04 96.79 26.52
CA ASP H 3529 -28.69 96.07 27.73
C ASP H 3529 -29.37 94.71 27.84
N GLN H 3530 -30.10 94.27 26.82
CA GLN H 3530 -30.86 93.03 26.94
C GLN H 3530 -29.94 91.84 27.17
N ASP H 3531 -28.79 91.80 26.50
CA ASP H 3531 -27.85 90.73 26.73
C ASP H 3531 -27.33 90.74 28.16
N LEU H 3532 -27.05 91.93 28.69
CA LEU H 3532 -26.60 92.02 30.08
C LEU H 3532 -27.68 91.54 31.03
N ILE H 3533 -28.95 91.85 30.72
CA ILE H 3533 -30.06 91.33 31.51
C ILE H 3533 -30.04 89.81 31.48
N MET H 3534 -29.82 89.22 30.30
CA MET H 3534 -29.78 87.77 30.19
C MET H 3534 -28.64 87.17 31.02
N LEU H 3535 -27.46 87.77 30.96
CA LEU H 3535 -26.33 87.25 31.73
C LEU H 3535 -26.60 87.32 33.23
N ALA H 3536 -27.13 88.45 33.70
CA ALA H 3536 -27.44 88.57 35.12
C ALA H 3536 -28.55 87.61 35.52
N LYS H 3537 -29.49 87.34 34.62
CA LYS H 3537 -30.51 86.33 34.90
C LYS H 3537 -29.87 84.95 35.07
N THR H 3538 -28.89 84.62 34.24
CA THR H 3538 -28.21 83.35 34.40
C THR H 3538 -27.47 83.29 35.75
N ARG H 3539 -26.78 84.37 36.11
CA ARG H 3539 -26.09 84.39 37.40
C ARG H 3539 -27.06 84.18 38.54
N TYR H 3540 -28.21 84.85 38.49
CA TYR H 3540 -29.24 84.66 39.50
C TYR H 3540 -29.79 83.24 39.48
N ALA H 3541 -29.83 82.61 38.31
CA ALA H 3541 -30.18 81.20 38.23
C ALA H 3541 -29.15 80.33 38.92
N LEU H 3542 -27.90 80.79 38.99
CA LEU H 3542 -26.87 80.07 39.73
C LEU H 3542 -26.73 80.53 41.18
N LYS H 3543 -27.80 81.09 41.75
CA LYS H 3543 -27.87 81.41 43.18
C LYS H 3543 -26.68 82.25 43.62
N ASP H 3544 -26.60 83.47 43.09
CA ASP H 3544 -25.53 84.40 43.37
C ASP H 3544 -26.10 85.69 43.94
N THR H 3545 -25.26 86.44 44.66
CA THR H 3545 -25.75 87.61 45.37
C THR H 3545 -25.50 88.87 44.56
N ASP H 3546 -26.05 89.99 45.08
CA ASP H 3546 -26.01 91.26 44.37
C ASP H 3546 -24.59 91.74 44.15
N GLU H 3547 -23.72 91.59 45.14
CA GLU H 3547 -22.33 92.00 44.97
C GLU H 3547 -21.65 91.17 43.89
N GLU H 3548 -21.88 89.85 43.89
CA GLU H 3548 -21.29 88.98 42.89
C GLU H 3548 -21.73 89.38 41.49
N VAL H 3549 -23.02 89.65 41.30
CA VAL H 3549 -23.48 89.96 39.96
C VAL H 3549 -23.08 91.36 39.55
N ARG H 3550 -22.97 92.27 40.52
CA ARG H 3550 -22.49 93.61 40.19
C ARG H 3550 -21.05 93.57 39.71
N GLU H 3551 -20.19 92.80 40.38
CA GLU H 3551 -18.82 92.71 39.91
C GLU H 3551 -18.75 91.95 38.58
N PHE H 3552 -19.60 90.93 38.38
CA PHE H 3552 -19.62 90.24 37.10
C PHE H 3552 -20.01 91.19 35.97
N LEU H 3553 -21.05 92.01 36.18
CA LEU H 3553 -21.46 92.97 35.18
C LEU H 3553 -20.39 94.03 34.96
N GLN H 3554 -19.65 94.38 36.00
CA GLN H 3554 -18.52 95.28 35.81
C GLN H 3554 -17.47 94.67 34.90
N ASN H 3555 -17.17 93.38 35.10
CA ASN H 3555 -16.15 92.71 34.32
C ASN H 3555 -16.61 92.30 32.93
N ASN H 3556 -17.91 92.26 32.67
CA ASN H 3556 -18.44 91.80 31.39
C ASN H 3556 -19.20 92.90 30.67
N LEU H 3557 -18.73 94.15 30.80
CA LEU H 3557 -19.49 95.27 30.25
C LEU H 3557 -19.46 95.30 28.73
N HIS H 3558 -18.53 94.59 28.11
CA HIS H 3558 -18.36 94.62 26.66
C HIS H 3558 -19.35 93.72 25.94
N LEU H 3559 -20.14 92.94 26.65
CA LEU H 3559 -21.06 92.00 26.04
C LEU H 3559 -22.40 92.62 25.67
N GLN H 3560 -22.57 93.93 25.90
CA GLN H 3560 -23.83 94.57 25.56
C GLN H 3560 -24.03 94.58 24.04
N GLY H 3561 -25.29 94.68 23.63
CA GLY H 3561 -25.61 94.62 22.22
C GLY H 3561 -25.06 95.79 21.43
N LYS H 3562 -24.79 95.52 20.17
CA LYS H 3562 -24.33 96.53 19.22
C LYS H 3562 -25.45 96.84 18.24
N VAL H 3563 -25.69 98.14 18.01
CA VAL H 3563 -26.82 98.56 17.20
C VAL H 3563 -26.66 98.08 15.76
N GLU H 3564 -25.42 98.06 15.25
CA GLU H 3564 -25.21 97.64 13.88
C GLU H 3564 -25.53 96.16 13.67
N GLY H 3565 -25.23 95.31 14.65
CA GLY H 3565 -25.42 93.88 14.48
C GLY H 3565 -26.84 93.38 14.63
N SER H 3566 -27.76 94.21 15.11
CA SER H 3566 -29.13 93.79 15.33
C SER H 3566 -30.07 94.77 14.64
N PRO H 3567 -31.05 94.28 13.86
CA PRO H 3567 -31.96 95.19 13.16
C PRO H 3567 -33.01 95.80 14.07
N SER H 3568 -33.60 94.98 14.94
CA SER H 3568 -34.65 95.48 15.82
C SER H 3568 -34.11 96.51 16.80
N LEU H 3569 -32.91 96.27 17.31
CA LEU H 3569 -32.30 97.19 18.26
C LEU H 3569 -32.13 98.58 17.66
N ARG H 3570 -32.07 98.69 16.34
CA ARG H 3570 -31.95 100.01 15.71
C ARG H 3570 -33.16 100.88 16.03
N TRP H 3571 -34.35 100.43 15.67
CA TRP H 3571 -35.54 101.23 15.96
C TRP H 3571 -35.83 101.30 17.45
N GLN H 3572 -35.58 100.23 18.20
CA GLN H 3572 -35.75 100.32 19.65
C GLN H 3572 -34.87 101.40 20.24
N MET H 3573 -33.60 101.44 19.80
CA MET H 3573 -32.62 102.35 20.34
C MET H 3573 -32.99 103.80 19.99
N ALA H 3574 -33.42 104.01 18.75
CA ALA H 3574 -33.87 105.33 18.33
C ALA H 3574 -35.07 105.79 19.14
N LEU H 3575 -36.03 104.90 19.35
CA LEU H 3575 -37.20 105.25 20.16
C LEU H 3575 -36.77 105.60 21.58
N TYR H 3576 -35.78 104.89 22.11
CA TYR H 3576 -35.33 105.12 23.48
C TYR H 3576 -34.68 106.50 23.61
N ARG H 3577 -33.85 106.89 22.63
CA ARG H 3577 -33.45 108.31 22.52
C ARG H 3577 -34.58 109.24 22.18
N GLY H 3578 -35.75 108.73 21.79
CA GLY H 3578 -36.86 109.64 21.62
C GLY H 3578 -37.39 110.26 22.89
N LEU H 3579 -37.02 109.73 24.04
CA LEU H 3579 -37.56 110.21 25.31
C LEU H 3579 -36.95 111.55 25.70
N PRO H 3580 -37.67 112.38 26.46
CA PRO H 3580 -37.14 113.71 26.79
C PRO H 3580 -35.99 113.70 27.78
N GLY H 3581 -36.10 112.93 28.86
CA GLY H 3581 -35.16 113.04 29.95
C GLY H 3581 -33.99 112.07 29.87
N ARG H 3582 -33.68 111.63 28.66
CA ARG H 3582 -32.58 110.68 28.45
C ARG H 3582 -31.29 111.45 28.19
N GLU H 3583 -30.31 111.29 29.08
CA GLU H 3583 -29.02 111.93 28.94
C GLU H 3583 -27.93 110.87 28.77
N GLU H 3584 -26.96 111.17 27.92
CA GLU H 3584 -25.86 110.22 27.67
C GLU H 3584 -24.95 110.09 28.89
N ASP H 3585 -24.92 111.08 29.78
CA ASP H 3585 -24.12 110.98 30.99
C ASP H 3585 -24.65 109.92 31.94
N ALA H 3586 -25.92 109.54 31.80
CA ALA H 3586 -26.49 108.49 32.64
C ALA H 3586 -25.96 107.11 32.30
N ASP H 3587 -25.26 106.96 31.17
CA ASP H 3587 -24.66 105.68 30.80
C ASP H 3587 -23.26 105.51 31.37
N ASP H 3588 -23.12 105.76 32.67
CA ASP H 3588 -21.90 105.41 33.37
C ASP H 3588 -21.88 103.91 33.65
N PRO H 3589 -20.69 103.32 33.76
CA PRO H 3589 -20.64 101.87 34.05
C PRO H 3589 -21.37 101.51 35.33
N GLU H 3590 -21.23 102.33 36.38
CA GLU H 3590 -21.91 102.03 37.63
C GLU H 3590 -23.42 102.09 37.48
N LYS H 3591 -23.93 103.14 36.79
CA LYS H 3591 -25.37 103.23 36.59
C LYS H 3591 -25.89 102.07 35.76
N ILE H 3592 -25.16 101.70 34.70
CA ILE H 3592 -25.58 100.59 33.87
C ILE H 3592 -25.63 99.30 34.68
N VAL H 3593 -24.60 99.05 35.48
CA VAL H 3593 -24.59 97.78 36.20
C VAL H 3593 -25.66 97.75 37.28
N ARG H 3594 -25.92 98.87 37.97
CA ARG H 3594 -26.95 98.82 39.00
C ARG H 3594 -28.32 98.60 38.38
N ARG H 3595 -28.63 99.33 37.31
CA ARG H 3595 -29.95 99.15 36.72
C ARG H 3595 -30.09 97.75 36.14
N VAL H 3596 -29.03 97.21 35.57
CA VAL H 3596 -29.08 95.85 35.03
C VAL H 3596 -29.33 94.83 36.13
N GLN H 3597 -28.60 94.93 37.25
CA GLN H 3597 -28.80 93.94 38.29
C GLN H 3597 -30.19 94.05 38.90
N GLU H 3598 -30.66 95.28 39.14
CA GLU H 3598 -31.98 95.46 39.71
C GLU H 3598 -33.05 94.86 38.82
N VAL H 3599 -33.05 95.24 37.55
CA VAL H 3599 -34.07 94.75 36.64
C VAL H 3599 -33.96 93.24 36.49
N SER H 3600 -32.75 92.72 36.38
CA SER H 3600 -32.57 91.28 36.22
C SER H 3600 -33.09 90.51 37.42
N ALA H 3601 -32.85 91.03 38.63
CA ALA H 3601 -33.43 90.41 39.82
C ALA H 3601 -34.94 90.36 39.70
N VAL H 3602 -35.53 91.47 39.27
CA VAL H 3602 -36.98 91.52 39.16
C VAL H 3602 -37.47 90.43 38.20
N LEU H 3603 -36.88 90.34 37.00
CA LEU H 3603 -37.41 89.37 36.04
C LEU H 3603 -37.13 87.93 36.48
N TYR H 3604 -35.96 87.68 37.06
CA TYR H 3604 -35.67 86.32 37.51
C TYR H 3604 -36.72 85.86 38.51
N HIS H 3605 -36.95 86.65 39.54
CA HIS H 3605 -37.91 86.18 40.53
C HIS H 3605 -39.34 86.22 39.99
N LEU H 3606 -39.63 87.11 39.05
CA LEU H 3606 -40.95 87.13 38.43
C LEU H 3606 -41.22 85.84 37.66
N GLU H 3607 -40.23 85.36 36.90
CA GLU H 3607 -40.43 84.11 36.19
C GLU H 3607 -40.46 82.91 37.13
N GLN H 3608 -39.67 82.94 38.21
CA GLN H 3608 -39.82 81.91 39.22
C GLN H 3608 -41.24 81.87 39.78
N THR H 3609 -41.84 83.02 40.05
CA THR H 3609 -43.21 83.05 40.55
C THR H 3609 -44.22 82.60 39.50
N GLU H 3610 -44.19 83.20 38.31
CA GLU H 3610 -45.22 82.93 37.31
C GLU H 3610 -45.17 81.49 36.83
N HIS H 3611 -43.97 80.97 36.57
CA HIS H 3611 -43.80 79.57 36.19
C HIS H 3611 -43.17 78.84 37.37
N PRO H 3612 -43.98 78.24 38.25
CA PRO H 3612 -43.42 77.62 39.46
C PRO H 3612 -42.47 76.49 39.18
N TYR H 3613 -42.53 75.87 37.99
CA TYR H 3613 -41.69 74.75 37.58
C TYR H 3613 -41.62 73.65 38.63
N LYS H 3614 -42.64 73.56 39.49
CA LYS H 3614 -42.74 72.51 40.49
C LYS H 3614 -43.33 71.23 39.93
N SER H 3615 -43.75 71.23 38.67
CA SER H 3615 -44.24 70.01 38.05
C SER H 3615 -43.07 69.07 37.78
N LYS H 3616 -43.42 67.81 37.45
CA LYS H 3616 -42.47 66.73 37.19
C LYS H 3616 -41.67 66.39 38.45
N LYS H 3617 -42.00 67.01 39.57
CA LYS H 3617 -41.42 66.67 40.87
C LYS H 3617 -42.34 65.75 41.64
N ALA H 3618 -43.58 66.19 41.88
CA ALA H 3618 -44.64 65.36 42.45
C ALA H 3618 -45.86 65.49 41.54
N VAL H 3619 -45.89 64.68 40.49
CA VAL H 3619 -47.02 64.61 39.58
C VAL H 3619 -48.06 63.67 40.17
N TRP H 3620 -49.24 63.61 39.56
CA TRP H 3620 -50.23 62.62 39.96
C TRP H 3620 -49.61 61.23 39.84
N HIS H 3621 -49.38 60.57 40.98
CA HIS H 3621 -48.55 59.38 41.02
C HIS H 3621 -49.29 58.10 41.35
N LYS H 3622 -50.40 58.19 42.09
CA LYS H 3622 -51.17 57.03 42.58
C LYS H 3622 -50.24 55.90 43.03
N LEU H 3623 -49.40 56.23 44.02
CA LEU H 3623 -48.39 55.29 44.50
C LEU H 3623 -48.99 53.92 44.81
N LEU H 3624 -49.91 53.86 45.79
CA LEU H 3624 -50.70 52.66 46.00
C LEU H 3624 -52.17 53.00 46.27
N SER H 3625 -52.57 54.27 46.13
CA SER H 3625 -53.85 54.72 46.64
C SER H 3625 -55.02 53.99 45.97
N LYS H 3626 -55.00 53.91 44.63
CA LYS H 3626 -56.17 53.45 43.89
C LYS H 3626 -56.59 52.03 44.28
N GLN H 3627 -55.68 51.23 44.85
CA GLN H 3627 -56.01 49.89 45.26
C GLN H 3627 -55.80 49.63 46.75
N ARG H 3628 -55.23 50.58 47.49
CA ARG H 3628 -54.98 50.41 48.92
C ARG H 3628 -55.71 51.44 49.77
N ARG H 3629 -56.60 52.24 49.16
CA ARG H 3629 -57.38 53.19 49.94
C ARG H 3629 -58.30 52.49 50.93
N ARG H 3630 -58.91 51.36 50.52
CA ARG H 3630 -59.72 50.59 51.44
C ARG H 3630 -58.89 50.09 52.62
N ALA H 3631 -57.68 49.60 52.37
CA ALA H 3631 -56.83 49.12 53.45
C ALA H 3631 -56.46 50.25 54.41
N VAL H 3632 -56.03 51.39 53.87
CA VAL H 3632 -55.59 52.48 54.75
C VAL H 3632 -56.76 53.07 55.52
N VAL H 3633 -57.97 53.07 54.93
CA VAL H 3633 -59.14 53.54 55.66
C VAL H 3633 -59.53 52.55 56.76
N ALA H 3634 -59.53 51.26 56.44
CA ALA H 3634 -59.89 50.25 57.43
C ALA H 3634 -58.88 50.16 58.55
N CYS H 3635 -57.64 50.61 58.30
CA CYS H 3635 -56.64 50.62 59.38
C CYS H 3635 -57.08 51.50 60.54
N PHE H 3636 -57.55 52.71 60.25
CA PHE H 3636 -57.87 53.68 61.30
C PHE H 3636 -59.10 53.29 62.12
N ARG H 3637 -59.89 52.32 61.66
CA ARG H 3637 -61.13 51.92 62.34
C ARG H 3637 -61.04 50.50 62.89
N MET H 3638 -59.85 49.92 62.91
CA MET H 3638 -59.71 48.50 63.26
C MET H 3638 -59.94 48.32 64.76
N THR H 3639 -60.57 47.20 65.12
CA THR H 3639 -60.94 46.98 66.50
C THR H 3639 -59.71 46.65 67.35
N PRO H 3640 -59.69 47.06 68.61
CA PRO H 3640 -58.56 46.68 69.48
C PRO H 3640 -58.69 45.24 69.97
N LEU H 3641 -57.56 44.71 70.43
CA LEU H 3641 -57.55 43.33 70.93
C LEU H 3641 -58.33 43.20 72.23
N TYR H 3642 -58.33 44.24 73.05
CA TYR H 3642 -59.03 44.16 74.33
C TYR H 3642 -60.55 44.09 74.18
N ASN H 3643 -61.07 44.33 72.99
CA ASN H 3643 -62.50 44.35 72.75
C ASN H 3643 -63.02 43.02 72.21
N LEU H 3644 -62.15 42.05 71.97
CA LEU H 3644 -62.53 40.78 71.36
C LEU H 3644 -63.08 39.82 72.41
N PRO H 3645 -63.83 38.79 71.97
CA PRO H 3645 -64.24 37.74 72.90
C PRO H 3645 -63.06 36.92 73.39
N THR H 3646 -63.24 36.34 74.58
CA THR H 3646 -62.13 35.67 75.25
C THR H 3646 -61.62 34.49 74.45
N HIS H 3647 -62.52 33.68 73.87
CA HIS H 3647 -62.07 32.49 73.17
C HIS H 3647 -61.35 32.84 71.87
N ARG H 3648 -61.83 33.87 71.16
CA ARG H 3648 -61.10 34.35 69.99
C ARG H 3648 -59.71 34.82 70.38
N ALA H 3649 -59.62 35.59 71.46
CA ALA H 3649 -58.31 36.06 71.90
C ALA H 3649 -57.41 34.89 72.28
N CYS H 3650 -57.98 33.87 72.93
CA CYS H 3650 -57.18 32.72 73.32
C CYS H 3650 -56.66 31.95 72.12
N ASN H 3651 -57.51 31.77 71.10
CA ASN H 3651 -57.05 31.08 69.90
C ASN H 3651 -55.95 31.85 69.20
N MET H 3652 -56.11 33.17 69.09
CA MET H 3652 -55.04 33.98 68.51
C MET H 3652 -53.77 33.91 69.36
N PHE H 3653 -53.91 33.87 70.68
CA PHE H 3653 -52.74 33.69 71.53
C PHE H 3653 -52.05 32.36 71.25
N LEU H 3654 -52.83 31.29 71.08
CA LEU H 3654 -52.22 30.00 70.80
C LEU H 3654 -51.46 30.02 69.50
N GLU H 3655 -52.04 30.61 68.45
CA GLU H 3655 -51.33 30.72 67.19
C GLU H 3655 -50.03 31.52 67.35
N SER H 3656 -50.11 32.70 67.97
CA SER H 3656 -48.93 33.53 68.13
C SER H 3656 -47.87 32.83 68.97
N TYR H 3657 -48.29 32.14 70.01
CA TYR H 3657 -47.34 31.48 70.91
C TYR H 3657 -46.63 30.33 70.22
N LYS H 3658 -47.37 29.49 69.48
CA LYS H 3658 -46.70 28.41 68.78
C LYS H 3658 -45.81 28.95 67.67
N ALA H 3659 -46.16 30.09 67.08
CA ALA H 3659 -45.33 30.63 66.00
C ALA H 3659 -44.07 31.30 66.52
N ALA H 3660 -44.14 31.95 67.69
CA ALA H 3660 -43.05 32.80 68.14
C ALA H 3660 -42.26 32.24 69.32
N TRP H 3661 -42.76 31.23 69.99
CA TRP H 3661 -42.10 30.72 71.19
C TRP H 3661 -41.81 29.24 71.15
N ILE H 3662 -42.71 28.43 70.59
CA ILE H 3662 -42.49 26.99 70.51
C ILE H 3662 -41.67 26.63 69.28
N LEU H 3663 -42.03 27.19 68.12
CA LEU H 3663 -41.28 26.92 66.90
C LEU H 3663 -39.84 27.42 67.02
N THR H 3664 -39.65 28.60 67.58
CA THR H 3664 -38.31 29.17 67.65
C THR H 3664 -37.41 28.39 68.60
N GLU H 3665 -37.96 27.53 69.43
CA GLU H 3665 -37.16 26.79 70.39
C GLU H 3665 -36.26 25.78 69.67
N ASP H 3666 -35.04 25.64 70.16
CA ASP H 3666 -34.06 24.72 69.61
C ASP H 3666 -33.91 23.55 70.58
N HIS H 3667 -34.09 22.34 70.06
CA HIS H 3667 -33.88 21.12 70.84
C HIS H 3667 -33.13 20.12 69.98
N SER H 3668 -31.86 19.90 70.30
CA SER H 3668 -31.04 18.95 69.58
C SER H 3668 -31.03 17.64 70.34
N PHE H 3669 -31.79 16.66 69.86
CA PHE H 3669 -31.84 15.35 70.47
C PHE H 3669 -31.40 14.25 69.53
N GLU H 3670 -31.11 14.57 68.26
CA GLU H 3670 -30.80 13.52 67.30
C GLU H 3670 -29.52 12.79 67.66
N ASP H 3671 -28.47 13.52 68.03
CA ASP H 3671 -27.21 12.89 68.37
C ASP H 3671 -27.36 12.02 69.61
N ARG H 3672 -28.05 12.52 70.63
CA ARG H 3672 -28.28 11.73 71.84
C ARG H 3672 -29.05 10.47 71.52
N MET H 3673 -30.09 10.58 70.70
CA MET H 3673 -30.94 9.43 70.42
C MET H 3673 -30.19 8.38 69.61
N ILE H 3674 -29.40 8.81 68.63
CA ILE H 3674 -28.62 7.87 67.84
C ILE H 3674 -27.56 7.20 68.71
N ASP H 3675 -26.91 7.96 69.59
CA ASP H 3675 -25.94 7.36 70.50
C ASP H 3675 -26.60 6.32 71.40
N ASP H 3676 -27.79 6.65 71.93
CA ASP H 3676 -28.48 5.71 72.81
C ASP H 3676 -28.89 4.46 72.06
N LEU H 3677 -29.32 4.60 70.81
CA LEU H 3677 -29.73 3.44 70.03
C LEU H 3677 -28.56 2.63 69.49
N SER H 3678 -27.35 3.20 69.48
CA SER H 3678 -26.20 2.50 68.92
C SER H 3678 -25.44 1.67 69.94
N LYS H 3679 -26.08 1.24 71.02
CA LYS H 3679 -25.42 0.48 72.07
C LYS H 3679 -26.03 -0.90 72.20
N ALA H 3680 -25.20 -1.89 72.54
CA ALA H 3680 -25.69 -3.21 72.89
C ALA H 3680 -25.73 -3.34 74.41
N GLY H 3681 -26.81 -3.92 74.92
CA GLY H 3681 -27.05 -3.89 76.35
C GLY H 3681 -26.66 -5.12 77.15
N GLU H 3682 -25.48 -5.04 77.80
CA GLU H 3682 -25.02 -5.99 78.80
C GLU H 3682 -25.43 -7.43 78.50
N GLN H 3683 -25.22 -7.84 77.24
CA GLN H 3683 -25.47 -9.21 76.83
C GLN H 3683 -24.19 -9.99 76.57
N GLU H 3684 -23.04 -9.45 76.99
CA GLU H 3684 -21.74 -10.04 76.72
C GLU H 3684 -21.22 -10.88 77.88
N GLU H 3685 -22.14 -11.47 78.66
CA GLU H 3685 -21.76 -12.32 79.80
C GLU H 3685 -21.69 -13.79 79.43
N GLU H 3686 -21.98 -14.15 78.18
CA GLU H 3686 -21.95 -15.53 77.74
C GLU H 3686 -20.90 -15.82 76.68
N GLU H 3687 -20.68 -14.86 75.77
CA GLU H 3687 -19.70 -14.96 74.67
C GLU H 3687 -19.67 -16.36 74.06
N GLU H 3688 -20.85 -16.88 73.76
CA GLU H 3688 -21.01 -18.19 73.16
C GLU H 3688 -21.03 -18.04 71.63
N GLU H 3689 -21.46 -19.07 70.91
CA GLU H 3689 -21.52 -19.06 69.46
C GLU H 3689 -22.68 -18.20 68.96
N VAL H 3690 -23.22 -17.35 69.83
CA VAL H 3690 -24.27 -16.40 69.50
C VAL H 3690 -23.69 -15.27 68.65
N GLU H 3691 -22.42 -15.40 68.28
CA GLU H 3691 -21.66 -14.36 67.57
C GLU H 3691 -22.35 -13.88 66.30
N GLU H 3692 -23.45 -14.53 65.91
CA GLU H 3692 -24.39 -13.93 64.96
C GLU H 3692 -24.69 -12.48 65.33
N LYS H 3693 -24.67 -12.16 66.63
CA LYS H 3693 -24.70 -10.79 67.12
C LYS H 3693 -25.97 -10.06 66.65
N LYS H 3694 -27.09 -10.51 67.24
CA LYS H 3694 -28.40 -9.91 67.04
C LYS H 3694 -28.28 -8.40 66.96
N PRO H 3695 -28.98 -7.77 66.01
CA PRO H 3695 -28.75 -6.34 65.77
C PRO H 3695 -29.07 -5.47 66.97
N ASP H 3696 -28.30 -4.40 67.13
CA ASP H 3696 -28.56 -3.39 68.12
C ASP H 3696 -29.81 -2.62 67.74
N PRO H 3697 -30.40 -1.86 68.68
CA PRO H 3697 -31.69 -1.21 68.38
C PRO H 3697 -31.72 -0.39 67.11
N LEU H 3698 -30.67 0.38 66.84
CA LEU H 3698 -30.63 1.17 65.61
C LEU H 3698 -30.61 0.27 64.39
N HIS H 3699 -29.85 -0.82 64.45
CA HIS H 3699 -29.81 -1.77 63.35
C HIS H 3699 -31.18 -2.40 63.12
N GLN H 3700 -31.89 -2.74 64.20
CA GLN H 3700 -33.23 -3.30 64.05
C GLN H 3700 -34.18 -2.28 63.46
N LEU H 3701 -34.06 -1.02 63.84
CA LEU H 3701 -34.90 0.02 63.25
C LEU H 3701 -34.66 0.13 61.74
N VAL H 3702 -33.39 0.14 61.34
CA VAL H 3702 -33.08 0.22 59.92
C VAL H 3702 -33.61 -1.01 59.19
N LEU H 3703 -33.46 -2.19 59.80
CA LEU H 3703 -33.99 -3.40 59.18
C LEU H 3703 -35.51 -3.34 59.05
N HIS H 3704 -36.19 -2.78 60.05
CA HIS H 3704 -37.64 -2.67 59.95
C HIS H 3704 -38.05 -1.76 58.80
N PHE H 3705 -37.37 -0.62 58.66
CA PHE H 3705 -37.69 0.26 57.54
C PHE H 3705 -37.34 -0.38 56.20
N SER H 3706 -36.24 -1.13 56.14
CA SER H 3706 -35.93 -1.84 54.91
C SER H 3706 -36.99 -2.88 54.58
N ARG H 3707 -37.48 -3.59 55.59
CA ARG H 3707 -38.54 -4.57 55.38
C ARG H 3707 -39.82 -3.92 54.87
N THR H 3708 -40.21 -2.80 55.46
CA THR H 3708 -41.42 -2.14 54.97
C THR H 3708 -41.20 -1.49 53.61
N ALA H 3709 -39.94 -1.24 53.23
CA ALA H 3709 -39.67 -0.78 51.88
C ALA H 3709 -39.73 -1.90 50.86
N LEU H 3710 -39.33 -3.10 51.25
CA LEU H 3710 -39.24 -4.20 50.28
C LEU H 3710 -40.57 -4.90 50.06
N THR H 3711 -41.63 -4.51 50.76
CA THR H 3711 -42.94 -5.11 50.55
C THR H 3711 -43.48 -4.70 49.19
N GLU H 3712 -44.14 -5.64 48.51
CA GLU H 3712 -44.68 -5.39 47.18
C GLU H 3712 -45.99 -4.61 47.31
N LYS H 3713 -45.99 -3.37 46.85
CA LYS H 3713 -47.15 -2.50 46.90
C LYS H 3713 -47.22 -1.67 45.63
N SER H 3714 -48.43 -1.19 45.32
CA SER H 3714 -48.60 -0.34 44.15
C SER H 3714 -47.91 1.00 44.35
N LYS H 3715 -48.07 1.59 45.53
CA LYS H 3715 -47.48 2.90 45.81
C LYS H 3715 -46.87 2.89 47.21
N LEU H 3716 -45.73 3.54 47.36
CA LEU H 3716 -45.08 3.70 48.66
C LEU H 3716 -45.89 4.67 49.48
N ASP H 3717 -46.68 4.15 50.41
CA ASP H 3717 -47.56 5.00 51.20
C ASP H 3717 -46.79 5.86 52.17
N GLU H 3718 -47.36 7.03 52.47
CA GLU H 3718 -46.73 8.02 53.32
C GLU H 3718 -46.61 7.48 54.75
N ASP H 3719 -45.49 7.78 55.41
CA ASP H 3719 -45.19 7.23 56.74
C ASP H 3719 -44.46 8.26 57.60
N TYR H 3720 -45.19 8.85 58.56
CA TYR H 3720 -44.59 9.86 59.43
C TYR H 3720 -43.46 9.28 60.26
N LEU H 3721 -43.59 8.03 60.70
CA LEU H 3721 -42.52 7.43 61.50
C LEU H 3721 -41.23 7.37 60.71
N TYR H 3722 -41.31 6.91 59.46
CA TYR H 3722 -40.11 6.84 58.63
C TYR H 3722 -39.55 8.23 58.36
N MET H 3723 -40.42 9.22 58.11
CA MET H 3723 -39.87 10.56 57.92
C MET H 3723 -39.14 11.05 59.16
N ALA H 3724 -39.73 10.84 60.34
CA ALA H 3724 -39.12 11.33 61.56
C ALA H 3724 -37.77 10.68 61.79
N TYR H 3725 -37.68 9.37 61.59
CA TYR H 3725 -36.43 8.71 61.88
C TYR H 3725 -35.38 8.99 60.80
N ALA H 3726 -35.79 9.14 59.55
CA ALA H 3726 -34.85 9.55 58.52
C ALA H 3726 -34.29 10.93 58.81
N ASP H 3727 -35.14 11.85 59.27
CA ASP H 3727 -34.64 13.18 59.61
C ASP H 3727 -33.69 13.14 60.80
N ILE H 3728 -34.00 12.32 61.80
CA ILE H 3728 -33.10 12.18 62.94
C ILE H 3728 -31.76 11.64 62.48
N MET H 3729 -31.77 10.61 61.65
CA MET H 3729 -30.53 10.02 61.15
C MET H 3729 -29.74 11.03 60.33
N ALA H 3730 -30.42 11.80 59.48
CA ALA H 3730 -29.73 12.78 58.65
C ALA H 3730 -29.09 13.87 59.50
N LYS H 3731 -29.82 14.39 60.49
CA LYS H 3731 -29.26 15.42 61.35
C LYS H 3731 -28.16 14.87 62.25
N SER H 3732 -28.12 13.58 62.49
CA SER H 3732 -27.06 12.99 63.29
C SER H 3732 -25.73 12.91 62.56
N CYS H 3733 -25.68 13.16 61.26
CA CYS H 3733 -24.50 12.86 60.47
C CYS H 3733 -23.63 14.07 60.16
N HIS H 3734 -24.19 15.26 60.04
CA HIS H 3734 -23.36 16.40 59.66
C HIS H 3734 -22.77 17.11 60.87
N LEU H 3735 -23.62 17.68 61.72
CA LEU H 3735 -23.17 18.36 62.94
C LEU H 3735 -22.11 19.41 62.65
N GLU H 3736 -22.28 20.12 61.54
CA GLU H 3736 -21.35 21.19 61.16
C GLU H 3736 -22.03 22.21 60.25
N VAL H 3749 -11.48 32.10 60.93
CA VAL H 3749 -12.03 31.57 59.70
C VAL H 3749 -10.97 30.79 58.93
N GLU H 3750 -9.83 30.58 59.57
CA GLU H 3750 -8.71 29.83 58.98
C GLU H 3750 -8.63 28.49 59.70
N VAL H 3751 -9.36 27.51 59.17
CA VAL H 3751 -9.31 26.16 59.74
C VAL H 3751 -8.00 25.51 59.36
N SER H 3752 -7.25 25.07 60.38
CA SER H 3752 -5.96 24.45 60.12
C SER H 3752 -6.14 23.00 59.70
N PHE H 3753 -5.03 22.40 59.26
CA PHE H 3753 -5.07 21.05 58.72
C PHE H 3753 -5.57 20.04 59.76
N GLU H 3754 -5.12 20.18 61.00
CA GLU H 3754 -5.46 19.20 62.02
C GLU H 3754 -6.96 19.16 62.26
N GLU H 3755 -7.57 20.30 62.52
CA GLU H 3755 -9.01 20.30 62.77
C GLU H 3755 -9.83 20.08 61.50
N LYS H 3756 -9.30 20.43 60.32
CA LYS H 3756 -9.96 20.05 59.08
C LYS H 3756 -10.08 18.53 58.96
N GLU H 3757 -8.95 17.84 59.11
CA GLU H 3757 -9.00 16.38 59.08
C GLU H 3757 -9.80 15.82 60.25
N MET H 3758 -9.80 16.51 61.39
CA MET H 3758 -10.64 16.06 62.51
C MET H 3758 -12.11 16.12 62.13
N GLU H 3759 -12.52 17.19 61.46
CA GLU H 3759 -13.90 17.27 60.96
C GLU H 3759 -14.18 16.14 59.98
N LYS H 3760 -13.23 15.86 59.09
CA LYS H 3760 -13.44 14.78 58.13
C LYS H 3760 -13.63 13.43 58.83
N GLN H 3761 -12.76 13.12 59.80
CA GLN H 3761 -12.87 11.84 60.48
C GLN H 3761 -14.13 11.75 61.34
N ARG H 3762 -14.53 12.87 61.95
CA ARG H 3762 -15.75 12.86 62.74
C ARG H 3762 -16.97 12.65 61.87
N LEU H 3763 -17.02 13.31 60.72
CA LEU H 3763 -18.10 13.07 59.76
C LEU H 3763 -18.09 11.63 59.29
N LEU H 3764 -16.90 11.07 59.05
CA LEU H 3764 -16.81 9.68 58.62
C LEU H 3764 -17.34 8.74 59.68
N TYR H 3765 -17.03 8.99 60.95
CA TYR H 3765 -17.54 8.12 62.01
C TYR H 3765 -19.06 8.23 62.12
N GLN H 3766 -19.58 9.46 62.06
CA GLN H 3766 -21.02 9.63 62.19
C GLN H 3766 -21.74 8.97 61.02
N GLN H 3767 -21.13 8.97 59.83
CA GLN H 3767 -21.71 8.25 58.71
C GLN H 3767 -21.55 6.76 58.86
N SER H 3768 -20.49 6.31 59.52
CA SER H 3768 -20.29 4.89 59.75
C SER H 3768 -21.34 4.33 60.69
N ARG H 3769 -21.74 5.11 61.69
CA ARG H 3769 -22.80 4.64 62.60
C ARG H 3769 -24.06 4.26 61.87
N LEU H 3770 -24.31 4.84 60.70
CA LEU H 3770 -25.48 4.52 59.91
C LEU H 3770 -25.18 3.49 58.82
N HIS H 3771 -24.10 3.66 58.08
CA HIS H 3771 -23.86 2.78 56.94
C HIS H 3771 -23.29 1.44 57.35
N THR H 3772 -22.92 1.27 58.61
CA THR H 3772 -22.59 -0.06 59.12
C THR H 3772 -23.81 -0.82 59.58
N ARG H 3773 -25.01 -0.26 59.41
CA ARG H 3773 -26.25 -0.88 59.87
C ARG H 3773 -27.30 -0.92 58.76
N GLY H 3774 -26.90 -0.73 57.51
CA GLY H 3774 -27.80 -0.91 56.41
C GLY H 3774 -28.50 0.32 55.90
N ALA H 3775 -28.10 1.52 56.35
CA ALA H 3775 -28.76 2.73 55.90
C ALA H 3775 -28.59 2.95 54.40
N ALA H 3776 -27.42 2.59 53.86
CA ALA H 3776 -27.19 2.75 52.44
C ALA H 3776 -28.16 1.91 51.62
N GLU H 3777 -28.40 0.68 52.04
CA GLU H 3777 -29.36 -0.16 51.34
C GLU H 3777 -30.78 0.33 51.55
N MET H 3778 -31.08 0.85 52.75
CA MET H 3778 -32.42 1.39 53.01
C MET H 3778 -32.73 2.53 52.06
N VAL H 3779 -31.76 3.42 51.84
CA VAL H 3779 -31.99 4.57 50.97
C VAL H 3779 -32.34 4.12 49.56
N LEU H 3780 -31.57 3.18 49.01
CA LEU H 3780 -31.84 2.70 47.66
C LEU H 3780 -33.17 2.00 47.58
N GLN H 3781 -33.51 1.20 48.60
CA GLN H 3781 -34.79 0.50 48.58
C GLN H 3781 -35.95 1.49 48.62
N MET H 3782 -35.86 2.53 49.45
CA MET H 3782 -36.91 3.52 49.50
C MET H 3782 -37.03 4.28 48.18
N ILE H 3783 -35.90 4.64 47.56
CA ILE H 3783 -35.96 5.34 46.28
C ILE H 3783 -36.62 4.46 45.24
N SER H 3784 -36.27 3.18 45.19
CA SER H 3784 -36.90 2.29 44.23
C SER H 3784 -38.38 2.10 44.53
N ALA H 3785 -38.75 2.08 45.81
CA ALA H 3785 -40.14 1.84 46.17
C ALA H 3785 -41.03 3.05 45.86
N CYS H 3786 -40.48 4.26 45.93
CA CYS H 3786 -41.30 5.43 45.63
C CYS H 3786 -41.78 5.43 44.19
N LYS H 3787 -41.10 4.71 43.30
CA LYS H 3787 -41.52 4.53 41.91
C LYS H 3787 -41.70 5.85 41.18
N GLY H 3788 -40.83 6.82 41.47
CA GLY H 3788 -40.88 8.08 40.76
C GLY H 3788 -42.01 9.00 41.16
N GLU H 3789 -42.56 8.86 42.35
CA GLU H 3789 -43.58 9.76 42.86
C GLU H 3789 -42.95 10.73 43.85
N THR H 3790 -43.02 12.01 43.55
CA THR H 3790 -42.50 13.03 44.44
C THR H 3790 -43.32 13.09 45.71
N GLY H 3791 -42.65 13.38 46.82
CA GLY H 3791 -43.33 13.47 48.09
C GLY H 3791 -42.33 13.53 49.23
N ALA H 3792 -42.89 13.59 50.44
CA ALA H 3792 -42.06 13.66 51.63
C ALA H 3792 -41.24 12.39 51.82
N MET H 3793 -41.80 11.23 51.46
CA MET H 3793 -41.03 9.99 51.46
C MET H 3793 -39.71 10.14 50.71
N VAL H 3794 -39.79 10.46 49.42
CA VAL H 3794 -38.58 10.50 48.60
C VAL H 3794 -37.69 11.67 49.01
N SER H 3795 -38.28 12.79 49.44
CA SER H 3795 -37.44 13.90 49.88
C SER H 3795 -36.63 13.54 51.12
N SER H 3796 -37.26 12.89 52.09
CA SER H 3796 -36.55 12.46 53.30
C SER H 3796 -35.49 11.43 52.96
N THR H 3797 -35.81 10.50 52.05
CA THR H 3797 -34.84 9.49 51.66
C THR H 3797 -33.63 10.13 50.98
N LEU H 3798 -33.86 11.09 50.08
CA LEU H 3798 -32.75 11.75 49.42
C LEU H 3798 -31.92 12.55 50.39
N LYS H 3799 -32.56 13.20 51.36
CA LYS H 3799 -31.82 13.95 52.36
C LYS H 3799 -30.94 13.01 53.19
N LEU H 3800 -31.47 11.85 53.57
CA LEU H 3800 -30.67 10.87 54.31
C LEU H 3800 -29.49 10.37 53.48
N GLY H 3801 -29.73 10.07 52.21
CA GLY H 3801 -28.64 9.62 51.35
C GLY H 3801 -27.56 10.67 51.20
N ILE H 3802 -27.95 11.92 51.01
CA ILE H 3802 -27.00 13.02 50.97
C ILE H 3802 -26.22 13.09 52.27
N SER H 3803 -26.92 12.94 53.40
CA SER H 3803 -26.28 13.05 54.70
C SER H 3803 -25.20 12.00 54.87
N ILE H 3804 -25.47 10.77 54.44
CA ILE H 3804 -24.47 9.71 54.60
C ILE H 3804 -23.45 9.69 53.47
N LEU H 3805 -23.69 10.39 52.37
CA LEU H 3805 -22.73 10.44 51.27
C LEU H 3805 -21.90 11.71 51.24
N ASN H 3806 -22.13 12.67 52.13
CA ASN H 3806 -21.40 13.92 52.10
C ASN H 3806 -19.90 13.70 52.19
N GLY H 3807 -19.15 14.48 51.42
CA GLY H 3807 -17.72 14.36 51.35
C GLY H 3807 -17.20 13.31 50.41
N GLY H 3808 -18.07 12.57 49.74
CA GLY H 3808 -17.64 11.50 48.87
C GLY H 3808 -17.24 10.28 49.67
N ASN H 3809 -18.19 9.70 50.40
CA ASN H 3809 -17.91 8.58 51.28
C ASN H 3809 -17.73 7.31 50.44
N ALA H 3810 -16.50 6.85 50.32
CA ALA H 3810 -16.19 5.76 49.42
C ALA H 3810 -16.81 4.45 49.89
N GLU H 3811 -16.84 4.20 51.20
CA GLU H 3811 -17.46 2.98 51.71
C GLU H 3811 -18.95 2.95 51.38
N VAL H 3812 -19.64 4.07 51.56
CA VAL H 3812 -21.06 4.13 51.25
C VAL H 3812 -21.28 3.96 49.75
N GLN H 3813 -20.45 4.59 48.94
CA GLN H 3813 -20.57 4.41 47.49
C GLN H 3813 -20.38 2.96 47.11
N GLN H 3814 -19.39 2.29 47.69
CA GLN H 3814 -19.14 0.89 47.38
C GLN H 3814 -20.31 0.02 47.80
N LYS H 3815 -20.86 0.26 48.99
CA LYS H 3815 -22.00 -0.51 49.46
C LYS H 3815 -23.20 -0.33 48.53
N MET H 3816 -23.49 0.91 48.14
CA MET H 3816 -24.61 1.16 47.25
C MET H 3816 -24.42 0.48 45.91
N LEU H 3817 -23.22 0.60 45.34
CA LEU H 3817 -22.98 0.00 44.03
C LEU H 3817 -23.07 -1.52 44.10
N ASP H 3818 -22.53 -2.12 45.17
CA ASP H 3818 -22.61 -3.56 45.32
C ASP H 3818 -24.06 -4.01 45.46
N TYR H 3819 -24.86 -3.29 46.25
CA TYR H 3819 -26.26 -3.67 46.39
C TYR H 3819 -26.98 -3.59 45.06
N LEU H 3820 -26.78 -2.49 44.33
CA LEU H 3820 -27.44 -2.34 43.04
C LEU H 3820 -27.04 -3.44 42.07
N LYS H 3821 -25.75 -3.78 42.04
CA LYS H 3821 -25.29 -4.77 41.08
C LYS H 3821 -25.70 -6.18 41.45
N ASP H 3822 -25.83 -6.48 42.74
CA ASP H 3822 -26.30 -7.82 43.09
C ASP H 3822 -27.80 -7.96 42.89
N LYS H 3823 -28.56 -6.88 43.12
CA LYS H 3823 -30.00 -6.98 42.93
C LYS H 3823 -30.40 -6.96 41.46
N LYS H 3824 -29.69 -6.18 40.65
CA LYS H 3824 -29.98 -6.06 39.21
C LYS H 3824 -31.41 -5.61 38.97
N GLU H 3825 -31.91 -4.73 39.82
CA GLU H 3825 -33.25 -4.20 39.68
C GLU H 3825 -33.22 -2.91 38.88
N VAL H 3826 -34.23 -2.74 38.02
CA VAL H 3826 -34.32 -1.53 37.20
C VAL H 3826 -35.17 -0.46 37.85
N GLY H 3827 -35.86 -0.77 38.94
CA GLY H 3827 -36.75 0.18 39.56
C GLY H 3827 -36.04 1.41 40.08
N PHE H 3828 -34.81 1.26 40.55
CA PHE H 3828 -34.07 2.39 41.11
C PHE H 3828 -33.86 3.46 40.05
N PHE H 3829 -33.31 3.09 38.91
CA PHE H 3829 -33.06 4.09 37.88
C PHE H 3829 -34.34 4.52 37.18
N GLN H 3830 -35.34 3.65 37.11
CA GLN H 3830 -36.64 4.09 36.59
C GLN H 3830 -37.22 5.18 37.47
N SER H 3831 -37.16 5.00 38.79
CA SER H 3831 -37.66 6.01 39.71
C SER H 3831 -36.86 7.29 39.61
N ILE H 3832 -35.53 7.18 39.48
CA ILE H 3832 -34.69 8.36 39.36
C ILE H 3832 -35.05 9.14 38.09
N GLN H 3833 -35.25 8.43 36.98
CA GLN H 3833 -35.60 9.10 35.73
C GLN H 3833 -36.96 9.78 35.82
N ALA H 3834 -37.94 9.10 36.44
CA ALA H 3834 -39.24 9.71 36.60
C ALA H 3834 -39.17 10.96 37.47
N LEU H 3835 -38.40 10.89 38.56
CA LEU H 3835 -38.24 12.06 39.42
C LEU H 3835 -37.59 13.21 38.67
N MET H 3836 -36.57 12.92 37.86
CA MET H 3836 -35.99 13.98 37.04
C MET H 3836 -37.00 14.57 36.09
N GLN H 3837 -37.82 13.74 35.46
CA GLN H 3837 -38.80 14.26 34.51
C GLN H 3837 -39.91 15.03 35.19
N THR H 3838 -40.12 14.85 36.48
CA THR H 3838 -41.12 15.63 37.20
C THR H 3838 -40.56 16.92 37.80
N CYS H 3839 -39.26 17.16 37.70
CA CYS H 3839 -38.70 18.40 38.22
C CYS H 3839 -39.16 19.59 37.38
N SER H 3840 -39.46 20.69 38.05
CA SER H 3840 -40.04 21.85 37.39
C SER H 3840 -38.98 22.87 37.04
N VAL H 3841 -39.35 23.82 36.18
CA VAL H 3841 -38.47 24.90 35.77
C VAL H 3841 -39.22 26.22 35.95
N LEU H 3842 -38.63 27.31 35.52
CA LEU H 3842 -39.30 28.60 35.58
C LEU H 3842 -40.54 28.59 34.68
N ASP H 3843 -41.64 29.13 35.19
CA ASP H 3843 -42.90 29.18 34.46
C ASP H 3843 -43.38 30.62 34.42
N LEU H 3844 -43.33 31.23 33.24
CA LEU H 3844 -43.73 32.62 33.10
C LEU H 3844 -45.21 32.82 33.38
N ASN H 3845 -46.06 31.86 32.97
CA ASN H 3845 -47.48 32.00 33.25
C ASN H 3845 -47.75 32.02 34.75
N ALA H 3846 -47.14 31.08 35.48
CA ALA H 3846 -47.30 31.07 36.94
C ALA H 3846 -46.73 32.34 37.55
N PHE H 3847 -45.62 32.84 36.99
CA PHE H 3847 -45.04 34.08 37.51
C PHE H 3847 -46.01 35.25 37.34
N GLU H 3848 -46.64 35.37 36.17
CA GLU H 3848 -47.61 36.44 35.95
C GLU H 3848 -48.81 36.29 36.87
N ARG H 3849 -49.30 35.04 37.04
CA ARG H 3849 -50.42 34.83 37.94
C ARG H 3849 -50.07 35.22 39.37
N GLN H 3850 -48.86 34.89 39.82
CA GLN H 3850 -48.46 35.26 41.16
C GLN H 3850 -48.29 36.77 41.29
N ASN H 3851 -47.82 37.43 40.23
CA ASN H 3851 -47.76 38.89 40.24
C ASN H 3851 -49.15 39.48 40.44
N LYS H 3852 -50.13 39.01 39.68
CA LYS H 3852 -51.49 39.53 39.83
C LYS H 3852 -52.05 39.22 41.21
N ALA H 3853 -51.78 38.02 41.72
CA ALA H 3853 -52.27 37.65 43.04
C ALA H 3853 -51.70 38.54 44.13
N GLU H 3854 -50.39 38.81 44.08
CA GLU H 3854 -49.80 39.69 45.07
C GLU H 3854 -50.24 41.14 44.89
N GLY H 3855 -50.53 41.55 43.65
CA GLY H 3855 -51.11 42.86 43.46
C GLY H 3855 -52.53 43.00 43.95
N LEU H 3856 -53.27 41.90 44.04
CA LEU H 3856 -54.62 41.96 44.59
C LEU H 3856 -54.62 42.37 46.06
N GLY H 3857 -53.75 41.76 46.88
CA GLY H 3857 -53.66 42.13 48.28
C GLY H 3857 -54.90 41.83 49.09
N MET H 3858 -55.17 40.54 49.31
CA MET H 3858 -56.42 40.07 49.85
C MET H 3858 -56.27 39.58 51.30
N VAL H 3859 -57.38 39.68 52.05
CA VAL H 3859 -57.40 39.45 53.48
C VAL H 3859 -58.40 38.33 53.80
N ASN H 3860 -58.46 37.95 55.08
CA ASN H 3860 -59.34 36.90 55.55
C ASN H 3860 -60.47 37.47 56.39
N GLU H 3861 -61.34 36.59 56.88
CA GLU H 3861 -62.48 37.00 57.70
C GLU H 3861 -62.09 37.27 59.14
N ASP H 3862 -61.65 36.25 59.86
CA ASP H 3862 -61.35 36.38 61.28
C ASP H 3862 -60.09 37.22 61.48
N GLY H 3863 -60.27 38.54 61.57
CA GLY H 3863 -59.15 39.45 61.63
C GLY H 3863 -58.79 39.96 60.26
N THR H 3864 -57.50 40.04 59.96
CA THR H 3864 -57.02 40.50 58.65
C THR H 3864 -55.60 40.01 58.47
N VAL H 3865 -55.36 39.23 57.42
CA VAL H 3865 -54.02 38.76 57.09
C VAL H 3865 -53.38 39.75 56.12
N ILE H 3866 -52.13 40.10 56.39
CA ILE H 3866 -51.42 41.12 55.63
C ILE H 3866 -50.66 40.39 54.52
N ASN H 3867 -51.30 40.25 53.36
CA ASN H 3867 -50.68 39.70 52.15
C ASN H 3867 -50.13 38.30 52.42
N ARG H 3868 -51.06 37.38 52.66
CA ARG H 3868 -50.73 36.00 52.99
C ARG H 3868 -49.67 35.44 52.07
N GLN H 3869 -48.74 34.68 52.64
CA GLN H 3869 -47.54 34.20 51.96
C GLN H 3869 -47.66 32.73 51.58
N ASN H 3870 -48.83 32.31 51.11
CA ASN H 3870 -49.06 30.92 50.68
C ASN H 3870 -48.01 30.45 49.68
N GLY H 3871 -47.86 29.14 49.56
CA GLY H 3871 -46.78 28.52 48.80
C GLY H 3871 -46.49 29.10 47.44
N GLU H 3872 -45.21 29.34 47.16
CA GLU H 3872 -44.79 29.83 45.86
C GLU H 3872 -45.09 28.78 44.79
N LYS H 3873 -45.60 29.23 43.65
CA LYS H 3873 -45.95 28.33 42.56
C LYS H 3873 -44.99 28.41 41.39
N VAL H 3874 -43.89 29.14 41.51
CA VAL H 3874 -42.86 29.20 40.49
C VAL H 3874 -41.63 28.50 41.06
N MET H 3875 -41.30 27.33 40.50
CA MET H 3875 -40.23 26.48 41.00
C MET H 3875 -40.42 26.20 42.49
N ALA H 3876 -41.52 25.49 42.78
CA ALA H 3876 -41.83 25.16 44.18
C ALA H 3876 -40.93 24.05 44.69
N ASP H 3877 -40.52 23.13 43.82
CA ASP H 3877 -39.72 21.97 44.20
C ASP H 3877 -38.24 22.18 43.90
N ASP H 3878 -37.76 23.42 44.02
CA ASP H 3878 -36.36 23.69 43.75
C ASP H 3878 -35.45 22.98 44.75
N GLU H 3879 -35.85 22.93 46.02
CA GLU H 3879 -35.05 22.21 47.00
C GLU H 3879 -34.99 20.72 46.69
N PHE H 3880 -36.10 20.16 46.22
CA PHE H 3880 -36.09 18.75 45.85
C PHE H 3880 -35.21 18.50 44.63
N THR H 3881 -35.28 19.38 43.64
CA THR H 3881 -34.41 19.23 42.48
C THR H 3881 -32.94 19.30 42.89
N GLN H 3882 -32.62 20.26 43.75
CA GLN H 3882 -31.24 20.40 44.22
C GLN H 3882 -30.79 19.15 44.97
N ASP H 3883 -31.64 18.60 45.83
CA ASP H 3883 -31.18 17.44 46.60
C ASP H 3883 -31.11 16.19 45.74
N LEU H 3884 -31.98 16.05 44.74
CA LEU H 3884 -31.86 14.93 43.82
C LEU H 3884 -30.56 14.98 43.06
N PHE H 3885 -30.23 16.14 42.49
CA PHE H 3885 -28.99 16.23 41.74
C PHE H 3885 -27.76 16.21 42.64
N ARG H 3886 -27.90 16.67 43.88
CA ARG H 3886 -26.81 16.53 44.84
C ARG H 3886 -26.55 15.08 45.16
N PHE H 3887 -27.61 14.29 45.33
CA PHE H 3887 -27.45 12.87 45.57
C PHE H 3887 -26.76 12.19 44.40
N LEU H 3888 -27.18 12.52 43.18
CA LEU H 3888 -26.53 11.94 42.01
C LEU H 3888 -25.07 12.34 41.92
N GLN H 3889 -24.75 13.59 42.26
CA GLN H 3889 -23.36 14.02 42.27
C GLN H 3889 -22.56 13.27 43.32
N LEU H 3890 -23.10 13.12 44.52
CA LEU H 3890 -22.38 12.45 45.59
C LEU H 3890 -22.18 10.97 45.30
N LEU H 3891 -23.02 10.37 44.47
CA LEU H 3891 -22.72 9.02 44.02
C LEU H 3891 -21.39 8.95 43.31
N CYS H 3892 -21.03 9.97 42.54
CA CYS H 3892 -19.81 9.98 41.76
C CYS H 3892 -18.68 10.78 42.38
N GLU H 3893 -18.92 11.42 43.53
CA GLU H 3893 -17.90 12.26 44.15
C GLU H 3893 -16.64 11.47 44.43
N GLY H 3894 -15.49 12.11 44.21
CA GLY H 3894 -14.21 11.46 44.37
C GLY H 3894 -13.73 10.72 43.15
N HIS H 3895 -14.36 10.95 41.99
CA HIS H 3895 -14.01 10.30 40.74
C HIS H 3895 -14.16 8.79 40.86
N ASN H 3896 -15.30 8.35 41.39
CA ASN H 3896 -15.63 6.94 41.43
C ASN H 3896 -15.96 6.45 40.03
N ASN H 3897 -14.98 5.87 39.36
CA ASN H 3897 -15.14 5.50 37.96
C ASN H 3897 -16.23 4.45 37.79
N ASP H 3898 -16.32 3.51 38.72
CA ASP H 3898 -17.31 2.45 38.61
C ASP H 3898 -18.72 3.02 38.64
N PHE H 3899 -18.99 3.93 39.58
CA PHE H 3899 -20.33 4.52 39.64
C PHE H 3899 -20.57 5.49 38.51
N GLN H 3900 -19.52 6.17 38.04
CA GLN H 3900 -19.66 7.05 36.89
C GLN H 3900 -20.09 6.26 35.66
N ASN H 3901 -19.50 5.09 35.45
CA ASN H 3901 -19.93 4.23 34.34
C ASN H 3901 -21.30 3.64 34.59
N TYR H 3902 -21.60 3.28 35.83
CA TYR H 3902 -22.88 2.64 36.12
C TYR H 3902 -24.04 3.60 35.91
N LEU H 3903 -23.84 4.88 36.15
CA LEU H 3903 -24.90 5.85 35.86
C LEU H 3903 -25.18 5.93 34.36
N ARG H 3904 -24.14 5.81 33.54
CA ARG H 3904 -24.35 5.86 32.09
C ARG H 3904 -25.00 4.58 31.59
N THR H 3905 -24.55 3.42 32.07
CA THR H 3905 -25.08 2.16 31.57
C THR H 3905 -25.02 1.11 32.67
N GLN H 3906 -26.07 0.30 32.75
CA GLN H 3906 -26.16 -0.80 33.71
C GLN H 3906 -26.08 -2.11 32.93
N THR H 3907 -24.96 -2.80 33.06
CA THR H 3907 -24.69 -3.96 32.21
C THR H 3907 -25.58 -5.14 32.59
N GLY H 3908 -25.67 -5.45 33.89
CA GLY H 3908 -26.40 -6.63 34.31
C GLY H 3908 -27.91 -6.50 34.19
N ASN H 3909 -28.43 -5.28 34.21
CA ASN H 3909 -29.86 -5.08 34.14
C ASN H 3909 -30.39 -5.39 32.74
N THR H 3910 -31.66 -5.79 32.68
CA THR H 3910 -32.27 -6.07 31.39
C THR H 3910 -32.48 -4.80 30.58
N THR H 3911 -32.65 -3.66 31.25
CA THR H 3911 -32.80 -2.38 30.59
C THR H 3911 -31.85 -1.36 31.21
N THR H 3912 -31.50 -0.35 30.43
CA THR H 3912 -30.51 0.65 30.81
C THR H 3912 -31.11 2.04 30.69
N ILE H 3913 -30.84 2.89 31.66
CA ILE H 3913 -31.24 4.29 31.63
C ILE H 3913 -30.00 5.15 31.77
N ASN H 3914 -29.87 6.14 30.88
CA ASN H 3914 -28.68 7.00 30.85
C ASN H 3914 -28.95 8.24 31.69
N ILE H 3915 -28.48 8.20 32.95
CA ILE H 3915 -28.70 9.31 33.85
C ILE H 3915 -27.96 10.56 33.39
N ILE H 3916 -26.83 10.39 32.70
CA ILE H 3916 -26.11 11.53 32.16
C ILE H 3916 -26.99 12.28 31.17
N ILE H 3917 -27.63 11.55 30.26
CA ILE H 3917 -28.47 12.19 29.25
C ILE H 3917 -29.75 12.73 29.88
N CYS H 3918 -30.25 12.08 30.92
CA CYS H 3918 -31.40 12.64 31.63
C CYS H 3918 -31.04 13.99 32.25
N THR H 3919 -29.85 14.09 32.84
CA THR H 3919 -29.38 15.36 33.37
C THR H 3919 -29.26 16.40 32.28
N VAL H 3920 -28.74 16.01 31.12
CA VAL H 3920 -28.63 16.96 30.01
C VAL H 3920 -30.00 17.45 29.57
N ASP H 3921 -30.98 16.55 29.51
CA ASP H 3921 -32.32 16.95 29.11
C ASP H 3921 -32.92 17.94 30.11
N TYR H 3922 -32.76 17.67 31.41
CA TYR H 3922 -33.27 18.63 32.38
C TYR H 3922 -32.56 19.96 32.24
N LEU H 3923 -31.26 19.94 31.98
CA LEU H 3923 -30.51 21.18 31.80
C LEU H 3923 -31.03 21.96 30.60
N LEU H 3924 -31.38 21.26 29.53
CA LEU H 3924 -31.97 21.93 28.37
C LEU H 3924 -33.28 22.61 28.73
N ARG H 3925 -34.15 21.90 29.45
CA ARG H 3925 -35.42 22.51 29.83
C ARG H 3925 -35.19 23.74 30.71
N LEU H 3926 -34.25 23.63 31.65
CA LEU H 3926 -33.95 24.76 32.53
C LEU H 3926 -33.40 25.94 31.74
N GLN H 3927 -32.52 25.67 30.78
CA GLN H 3927 -31.95 26.75 29.98
C GLN H 3927 -33.02 27.45 29.16
N GLU H 3928 -33.93 26.68 28.56
CA GLU H 3928 -35.00 27.30 27.80
C GLU H 3928 -35.88 28.17 28.69
N SER H 3929 -36.18 27.69 29.90
CA SER H 3929 -36.97 28.50 30.83
C SER H 3929 -36.24 29.79 31.19
N ILE H 3930 -34.93 29.70 31.44
CA ILE H 3930 -34.16 30.89 31.80
C ILE H 3930 -34.13 31.88 30.65
N SER H 3931 -34.00 31.37 29.42
CA SER H 3931 -34.04 32.26 28.26
C SER H 3931 -35.39 32.94 28.13
N ASP H 3932 -36.47 32.20 28.37
CA ASP H 3932 -37.80 32.81 28.32
C ASP H 3932 -37.93 33.91 29.36
N PHE H 3933 -37.44 33.67 30.57
CA PHE H 3933 -37.52 34.67 31.62
C PHE H 3933 -36.70 35.91 31.23
N TYR H 3934 -35.51 35.70 30.66
CA TYR H 3934 -34.71 36.83 30.22
C TYR H 3934 -35.43 37.63 29.14
N TRP H 3935 -36.06 36.94 28.19
CA TRP H 3935 -36.81 37.68 27.17
C TRP H 3935 -37.93 38.47 27.79
N TYR H 3936 -38.64 37.87 28.75
CA TYR H 3936 -39.71 38.57 29.44
C TYR H 3936 -39.21 39.86 30.08
N TYR H 3937 -38.01 39.82 30.67
CA TYR H 3937 -37.50 41.00 31.35
C TYR H 3937 -36.60 41.88 30.49
N SER H 3938 -36.36 41.51 29.23
CA SER H 3938 -35.45 42.29 28.39
C SER H 3938 -35.97 43.69 28.15
N GLY H 3939 -37.27 43.82 27.89
CA GLY H 3939 -37.82 45.14 27.65
C GLY H 3939 -37.75 46.04 28.88
N LYS H 3940 -38.02 45.47 30.06
CA LYS H 3940 -38.01 46.26 31.28
C LYS H 3940 -36.61 46.72 31.63
N ASP H 3941 -36.51 47.94 32.14
CA ASP H 3941 -35.20 48.53 32.43
C ASP H 3941 -34.55 47.91 33.67
N VAL H 3942 -35.34 47.66 34.71
CA VAL H 3942 -34.82 47.12 35.96
C VAL H 3942 -35.66 45.91 36.36
N ILE H 3943 -35.00 44.85 36.81
CA ILE H 3943 -35.69 43.63 37.23
C ILE H 3943 -36.15 43.80 38.67
N GLU H 3944 -37.42 43.52 38.92
CA GLU H 3944 -37.99 43.72 40.24
C GLU H 3944 -37.59 42.58 41.18
N GLU H 3945 -38.04 42.67 42.42
CA GLU H 3945 -37.57 41.76 43.46
C GLU H 3945 -38.01 40.32 43.21
N GLN H 3946 -39.27 40.12 42.82
CA GLN H 3946 -39.74 38.76 42.57
C GLN H 3946 -38.99 38.12 41.42
N GLY H 3947 -38.76 38.88 40.35
CA GLY H 3947 -37.97 38.37 39.24
C GLY H 3947 -36.56 38.03 39.65
N LYS H 3948 -35.94 38.88 40.49
CA LYS H 3948 -34.59 38.57 40.95
C LYS H 3948 -34.57 37.30 41.79
N ARG H 3949 -35.58 37.11 42.64
CA ARG H 3949 -35.63 35.92 43.48
C ARG H 3949 -35.79 34.66 42.63
N ASN H 3950 -36.66 34.71 41.63
CA ASN H 3950 -36.84 33.55 40.76
C ASN H 3950 -35.59 33.28 39.93
N PHE H 3951 -34.94 34.32 39.43
CA PHE H 3951 -33.66 34.14 38.77
C PHE H 3951 -32.67 33.45 39.68
N SER H 3952 -32.60 33.88 40.95
CA SER H 3952 -31.63 33.32 41.86
C SER H 3952 -31.88 31.83 42.10
N LYS H 3953 -33.15 31.45 42.28
CA LYS H 3953 -33.40 30.03 42.54
C LYS H 3953 -33.15 29.18 41.30
N ALA H 3954 -33.54 29.65 40.11
CA ALA H 3954 -33.21 28.91 38.90
C ALA H 3954 -31.71 28.78 38.74
N MET H 3955 -30.97 29.83 39.07
CA MET H 3955 -29.52 29.83 38.91
C MET H 3955 -28.86 28.89 39.92
N SER H 3956 -29.43 28.77 41.12
CA SER H 3956 -28.93 27.80 42.08
C SER H 3956 -29.14 26.37 41.58
N VAL H 3957 -30.31 26.09 41.03
CA VAL H 3957 -30.55 24.78 40.46
C VAL H 3957 -29.58 24.50 39.32
N ALA H 3958 -29.33 25.50 38.48
CA ALA H 3958 -28.40 25.32 37.37
C ALA H 3958 -26.98 25.07 37.86
N LYS H 3959 -26.58 25.75 38.93
CA LYS H 3959 -25.29 25.45 39.55
C LYS H 3959 -25.20 24.00 39.96
N GLN H 3960 -26.26 23.50 40.60
CA GLN H 3960 -26.24 22.11 41.03
C GLN H 3960 -26.14 21.16 39.85
N VAL H 3961 -26.87 21.45 38.77
CA VAL H 3961 -26.83 20.58 37.60
C VAL H 3961 -25.44 20.58 36.98
N PHE H 3962 -24.81 21.76 36.88
CA PHE H 3962 -23.46 21.83 36.34
C PHE H 3962 -22.48 21.06 37.22
N ASN H 3963 -22.62 21.16 38.54
CA ASN H 3963 -21.74 20.40 39.42
C ASN H 3963 -21.94 18.91 39.25
N SER H 3964 -23.18 18.46 39.07
CA SER H 3964 -23.44 17.05 38.84
C SER H 3964 -22.79 16.57 37.54
N LEU H 3965 -22.92 17.36 36.47
CA LEU H 3965 -22.29 16.98 35.20
C LEU H 3965 -20.77 16.93 35.33
N THR H 3966 -20.19 17.91 36.01
CA THR H 3966 -18.75 17.91 36.23
C THR H 3966 -18.33 16.67 37.00
N GLU H 3967 -19.10 16.28 38.01
CA GLU H 3967 -18.77 15.09 38.77
C GLU H 3967 -18.93 13.83 37.93
N TYR H 3968 -19.87 13.84 36.99
CA TYR H 3968 -20.00 12.71 36.08
C TYR H 3968 -18.75 12.54 35.24
N ILE H 3969 -18.21 13.64 34.70
CA ILE H 3969 -17.16 13.51 33.69
C ILE H 3969 -15.75 13.60 34.25
N GLN H 3970 -15.54 14.11 35.45
CA GLN H 3970 -14.20 14.28 35.96
C GLN H 3970 -13.55 12.93 36.29
N GLY H 3971 -12.23 12.90 36.22
CA GLY H 3971 -11.47 11.72 36.54
C GLY H 3971 -10.35 11.35 35.59
N PRO H 3972 -10.57 11.41 34.27
CA PRO H 3972 -11.83 11.56 33.53
C PRO H 3972 -12.54 10.23 33.33
N CYS H 3973 -13.85 10.26 33.10
CA CYS H 3973 -14.60 9.09 32.67
C CYS H 3973 -14.85 9.26 31.18
N THR H 3974 -14.04 8.58 30.37
CA THR H 3974 -14.06 8.82 28.93
C THR H 3974 -15.41 8.48 28.33
N GLY H 3975 -16.06 7.44 28.83
CA GLY H 3975 -17.40 7.10 28.34
C GLY H 3975 -18.40 8.22 28.56
N ASN H 3976 -18.40 8.79 29.76
CA ASN H 3976 -19.31 9.90 30.05
C ASN H 3976 -18.94 11.14 29.25
N GLN H 3977 -17.65 11.36 29.03
CA GLN H 3977 -17.23 12.48 28.20
C GLN H 3977 -17.75 12.34 26.77
N GLN H 3978 -17.63 11.14 26.20
CA GLN H 3978 -18.15 10.93 24.85
C GLN H 3978 -19.67 11.06 24.81
N SER H 3979 -20.35 10.52 25.83
CA SER H 3979 -21.80 10.63 25.88
C SER H 3979 -22.25 12.08 25.93
N LEU H 3980 -21.56 12.90 26.71
CA LEU H 3980 -21.88 14.32 26.75
C LEU H 3980 -21.56 15.00 25.42
N ALA H 3981 -20.43 14.65 24.82
CA ALA H 3981 -20.02 15.30 23.59
C ALA H 3981 -21.02 15.03 22.47
N HIS H 3982 -21.71 13.90 22.52
CA HIS H 3982 -22.70 13.59 21.50
C HIS H 3982 -24.12 13.95 21.90
N SER H 3983 -24.30 14.73 22.96
CA SER H 3983 -25.61 15.10 23.44
C SER H 3983 -25.94 16.54 23.04
N ARG H 3984 -27.02 17.08 23.60
CA ARG H 3984 -27.44 18.45 23.37
C ARG H 3984 -26.84 19.41 24.39
N LEU H 3985 -25.81 18.97 25.11
CA LEU H 3985 -25.11 19.85 26.03
C LEU H 3985 -24.57 21.07 25.33
N TRP H 3986 -24.15 20.92 24.08
CA TRP H 3986 -23.64 22.06 23.33
C TRP H 3986 -24.72 23.10 23.09
N ASP H 3987 -25.93 22.65 22.74
CA ASP H 3987 -27.03 23.59 22.57
C ASP H 3987 -27.36 24.29 23.87
N ALA H 3988 -27.37 23.55 24.97
CA ALA H 3988 -27.61 24.17 26.26
C ALA H 3988 -26.55 25.22 26.59
N VAL H 3989 -25.28 24.91 26.29
CA VAL H 3989 -24.20 25.85 26.55
C VAL H 3989 -24.34 27.10 25.68
N VAL H 3990 -24.74 26.93 24.43
CA VAL H 3990 -24.91 28.09 23.55
C VAL H 3990 -26.01 29.01 24.10
N GLY H 3991 -27.14 28.43 24.47
CA GLY H 3991 -28.20 29.25 25.05
C GLY H 3991 -27.77 29.93 26.33
N PHE H 3992 -27.04 29.22 27.19
CA PHE H 3992 -26.55 29.81 28.42
C PHE H 3992 -25.59 30.95 28.15
N LEU H 3993 -24.74 30.81 27.13
CA LEU H 3993 -23.83 31.90 26.79
C LEU H 3993 -24.58 33.13 26.33
N HIS H 3994 -25.61 32.94 25.50
CA HIS H 3994 -26.43 34.08 25.09
C HIS H 3994 -27.04 34.78 26.30
N VAL H 3995 -27.67 34.01 27.18
CA VAL H 3995 -28.30 34.58 28.37
C VAL H 3995 -27.26 35.28 29.23
N PHE H 3996 -26.09 34.66 29.42
CA PHE H 3996 -25.07 35.24 30.26
C PHE H 3996 -24.61 36.59 29.72
N ALA H 3997 -24.26 36.66 28.44
CA ALA H 3997 -23.79 37.92 27.89
C ALA H 3997 -24.82 39.02 28.05
N HIS H 3998 -26.06 38.75 27.62
CA HIS H 3998 -27.05 39.82 27.67
C HIS H 3998 -27.40 40.19 29.11
N MET H 3999 -27.45 39.20 30.00
CA MET H 3999 -27.84 39.47 31.37
C MET H 3999 -26.76 40.25 32.12
N MET H 4000 -25.48 39.97 31.83
CA MET H 4000 -24.43 40.79 32.41
C MET H 4000 -24.51 42.23 31.91
N MET H 4001 -24.65 42.42 30.59
CA MET H 4001 -24.76 43.78 30.08
C MET H 4001 -25.97 44.50 30.68
N LYS H 4002 -27.03 43.77 31.01
CA LYS H 4002 -28.22 44.42 31.55
C LYS H 4002 -28.07 44.71 33.04
N LEU H 4003 -27.56 43.75 33.81
CA LEU H 4003 -27.46 43.93 35.26
C LEU H 4003 -26.37 44.93 35.63
N ALA H 4004 -25.36 45.09 34.79
CA ALA H 4004 -24.26 45.98 35.13
C ALA H 4004 -24.69 47.44 35.20
N GLN H 4005 -25.86 47.79 34.69
CA GLN H 4005 -26.28 49.17 34.54
C GLN H 4005 -26.99 49.73 35.76
N ASP H 4006 -27.22 48.92 36.80
CA ASP H 4006 -27.83 49.41 38.02
C ASP H 4006 -27.25 48.65 39.21
N SER H 4007 -26.88 49.39 40.26
CA SER H 4007 -26.19 48.80 41.40
C SER H 4007 -27.11 47.96 42.28
N SER H 4008 -28.43 48.08 42.11
CA SER H 4008 -29.34 47.30 42.95
C SER H 4008 -29.35 45.83 42.57
N GLN H 4009 -28.70 45.46 41.47
CA GLN H 4009 -28.66 44.08 40.99
C GLN H 4009 -27.26 43.50 41.06
N ILE H 4010 -26.41 44.05 41.92
CA ILE H 4010 -25.02 43.62 41.98
C ILE H 4010 -24.92 42.20 42.52
N GLU H 4011 -25.76 41.83 43.48
CA GLU H 4011 -25.74 40.48 44.02
C GLU H 4011 -26.18 39.46 42.97
N LEU H 4012 -27.22 39.79 42.22
CA LEU H 4012 -27.65 38.90 41.14
C LEU H 4012 -26.57 38.77 40.10
N LEU H 4013 -25.86 39.86 39.79
CA LEU H 4013 -24.76 39.78 38.85
C LEU H 4013 -23.64 38.88 39.36
N LYS H 4014 -23.32 38.98 40.65
CA LYS H 4014 -22.30 38.09 41.22
C LYS H 4014 -22.70 36.63 41.09
N GLU H 4015 -23.97 36.34 41.40
CA GLU H 4015 -24.44 34.96 41.31
C GLU H 4015 -24.38 34.46 39.88
N LEU H 4016 -24.75 35.33 38.92
CA LEU H 4016 -24.65 34.96 37.51
C LEU H 4016 -23.21 34.67 37.12
N LEU H 4017 -22.28 35.49 37.60
CA LEU H 4017 -20.87 35.30 37.24
C LEU H 4017 -20.34 33.98 37.79
N ASP H 4018 -20.70 33.63 39.02
CA ASP H 4018 -20.22 32.35 39.54
C ASP H 4018 -20.91 31.17 38.84
N LEU H 4019 -22.15 31.34 38.40
CA LEU H 4019 -22.77 30.32 37.57
C LEU H 4019 -22.02 30.13 36.27
N GLN H 4020 -21.57 31.22 35.66
CA GLN H 4020 -20.73 31.12 34.47
C GLN H 4020 -19.44 30.38 34.78
N LYS H 4021 -18.86 30.66 35.94
CA LYS H 4021 -17.65 29.95 36.33
C LYS H 4021 -17.90 28.45 36.42
N ASP H 4022 -19.05 28.06 36.97
CA ASP H 4022 -19.38 26.63 37.05
C ASP H 4022 -19.55 26.01 35.67
N MET H 4023 -20.18 26.72 34.75
CA MET H 4023 -20.29 26.21 33.38
C MET H 4023 -18.91 26.03 32.74
N VAL H 4024 -18.02 27.00 32.94
CA VAL H 4024 -16.69 26.91 32.36
C VAL H 4024 -15.90 25.78 33.00
N VAL H 4025 -16.13 25.53 34.29
CA VAL H 4025 -15.48 24.39 34.95
C VAL H 4025 -15.96 23.08 34.34
N MET H 4026 -17.25 22.99 34.00
CA MET H 4026 -17.73 21.79 33.33
C MET H 4026 -17.07 21.63 31.96
N LEU H 4027 -16.91 22.73 31.23
CA LEU H 4027 -16.22 22.65 29.94
C LEU H 4027 -14.78 22.18 30.10
N LEU H 4028 -14.06 22.77 31.05
CA LEU H 4028 -12.69 22.34 31.31
C LEU H 4028 -12.62 20.87 31.68
N SER H 4029 -13.61 20.38 32.44
CA SER H 4029 -13.67 18.96 32.73
C SER H 4029 -13.87 18.14 31.46
N LEU H 4030 -14.67 18.64 30.53
CA LEU H 4030 -14.78 17.98 29.24
C LEU H 4030 -13.44 17.92 28.52
N LEU H 4031 -12.56 18.87 28.75
CA LEU H 4031 -11.25 18.85 28.11
C LEU H 4031 -10.20 18.02 28.85
N GLU H 4032 -10.59 17.23 29.85
CA GLU H 4032 -9.60 16.44 30.57
C GLU H 4032 -9.11 15.28 29.72
N GLY H 4033 -7.80 15.06 29.75
CA GLY H 4033 -7.21 13.97 28.99
C GLY H 4033 -7.40 14.10 27.50
N ASN H 4034 -7.39 15.32 26.99
CA ASN H 4034 -7.68 15.60 25.60
C ASN H 4034 -6.38 15.82 24.83
N VAL H 4035 -6.19 15.06 23.76
CA VAL H 4035 -4.99 15.13 22.95
C VAL H 4035 -5.06 16.33 22.02
N VAL H 4036 -3.94 16.66 21.38
CA VAL H 4036 -3.94 17.73 20.40
C VAL H 4036 -4.84 17.37 19.24
N ASN H 4037 -5.63 18.34 18.78
CA ASN H 4037 -6.60 18.15 17.71
C ASN H 4037 -7.62 17.07 18.06
N GLY H 4038 -8.05 17.06 19.32
CA GLY H 4038 -9.02 16.10 19.76
C GLY H 4038 -10.44 16.45 19.35
N MET H 4039 -11.26 15.41 19.29
CA MET H 4039 -12.65 15.59 18.88
C MET H 4039 -13.39 16.56 19.79
N ILE H 4040 -13.25 16.38 21.10
CA ILE H 4040 -13.99 17.23 22.04
C ILE H 4040 -13.48 18.66 21.98
N ALA H 4041 -12.17 18.85 21.84
CA ALA H 4041 -11.63 20.20 21.74
C ALA H 4041 -12.15 20.90 20.49
N ARG H 4042 -12.17 20.19 19.37
CA ARG H 4042 -12.66 20.82 18.14
C ARG H 4042 -14.15 21.08 18.20
N GLN H 4043 -14.90 20.20 18.87
CA GLN H 4043 -16.32 20.44 19.07
C GLN H 4043 -16.56 21.68 19.93
N MET H 4044 -15.75 21.85 20.98
CA MET H 4044 -15.86 23.05 21.80
C MET H 4044 -15.52 24.30 21.00
N VAL H 4045 -14.51 24.22 20.13
CA VAL H 4045 -14.19 25.37 19.28
C VAL H 4045 -15.36 25.70 18.37
N ASP H 4046 -15.98 24.68 17.78
CA ASP H 4046 -17.14 24.91 16.93
C ASP H 4046 -18.30 25.51 17.71
N MET H 4047 -18.50 25.04 18.94
CA MET H 4047 -19.57 25.60 19.77
C MET H 4047 -19.32 27.07 20.07
N LEU H 4048 -18.07 27.42 20.39
CA LEU H 4048 -17.75 28.82 20.63
C LEU H 4048 -17.97 29.67 19.39
N VAL H 4049 -17.61 29.13 18.22
CA VAL H 4049 -17.86 29.85 16.98
C VAL H 4049 -19.36 30.05 16.77
N GLU H 4050 -20.16 29.04 17.10
CA GLU H 4050 -21.60 29.15 16.94
C GLU H 4050 -22.19 30.25 17.80
N SER H 4051 -21.54 30.59 18.90
CA SER H 4051 -21.98 31.66 19.79
C SER H 4051 -20.94 32.78 19.81
N SER H 4052 -20.40 33.11 18.63
CA SER H 4052 -19.32 34.06 18.56
C SER H 4052 -19.73 35.43 19.06
N SER H 4053 -20.94 35.87 18.73
CA SER H 4053 -21.40 37.19 19.17
C SER H 4053 -21.48 37.27 20.69
N ASN H 4054 -22.02 36.24 21.33
CA ASN H 4054 -22.14 36.24 22.78
C ASN H 4054 -20.78 36.13 23.45
N VAL H 4055 -19.89 35.31 22.89
CA VAL H 4055 -18.55 35.21 23.46
C VAL H 4055 -17.82 36.54 23.35
N GLU H 4056 -17.99 37.23 22.21
CA GLU H 4056 -17.39 38.54 22.06
C GLU H 4056 -17.99 39.54 23.05
N MET H 4057 -19.30 39.47 23.28
CA MET H 4057 -19.91 40.33 24.28
C MET H 4057 -19.33 40.09 25.66
N ILE H 4058 -19.13 38.83 26.02
CA ILE H 4058 -18.57 38.50 27.33
C ILE H 4058 -17.14 39.01 27.45
N LEU H 4059 -16.32 38.75 26.43
CA LEU H 4059 -14.92 39.18 26.46
C LEU H 4059 -14.84 40.71 26.51
N LYS H 4060 -15.73 41.38 25.79
CA LYS H 4060 -15.80 42.83 25.88
C LYS H 4060 -16.21 43.29 27.26
N PHE H 4061 -17.20 42.66 27.89
CA PHE H 4061 -17.55 43.04 29.24
C PHE H 4061 -16.33 42.96 30.15
N PHE H 4062 -15.53 41.92 29.99
CA PHE H 4062 -14.35 41.82 30.85
C PHE H 4062 -13.31 42.89 30.53
N ASP H 4063 -13.04 43.14 29.24
CA ASP H 4063 -11.90 43.97 28.92
C ASP H 4063 -12.16 45.45 29.19
N MET H 4064 -13.40 45.93 29.01
CA MET H 4064 -13.68 47.32 29.32
C MET H 4064 -13.45 47.61 30.80
N PHE H 4065 -13.88 46.72 31.68
CA PHE H 4065 -13.67 46.98 33.10
C PHE H 4065 -12.22 46.77 33.51
N LEU H 4066 -11.53 45.80 32.90
CA LEU H 4066 -10.10 45.67 33.16
C LEU H 4066 -9.36 46.94 32.74
N LYS H 4067 -9.72 47.52 31.59
CA LYS H 4067 -9.05 48.71 31.12
C LYS H 4067 -9.45 49.93 31.93
N LEU H 4068 -10.70 49.99 32.39
CA LEU H 4068 -11.13 51.09 33.24
C LEU H 4068 -10.37 51.10 34.55
N LYS H 4069 -10.13 49.92 35.12
CA LYS H 4069 -9.42 49.86 36.40
C LYS H 4069 -8.06 50.51 36.31
N ASP H 4070 -7.36 50.36 35.18
CA ASP H 4070 -6.06 50.99 35.03
C ASP H 4070 -6.15 52.42 34.50
N ILE H 4071 -7.21 52.74 33.75
CA ILE H 4071 -7.36 54.10 33.26
C ILE H 4071 -7.62 55.07 34.40
N VAL H 4072 -8.46 54.69 35.35
CA VAL H 4072 -8.76 55.59 36.46
C VAL H 4072 -7.52 55.87 37.29
N GLY H 4073 -6.53 55.00 37.22
CA GLY H 4073 -5.27 55.23 37.91
C GLY H 4073 -4.24 55.99 37.10
N SER H 4074 -4.60 56.49 35.93
CA SER H 4074 -3.65 57.17 35.07
C SER H 4074 -3.61 58.67 35.36
N GLU H 4075 -2.44 59.26 35.13
CA GLU H 4075 -2.27 60.69 35.34
C GLU H 4075 -3.11 61.49 34.35
N ALA H 4076 -3.32 60.95 33.15
CA ALA H 4076 -4.18 61.63 32.19
C ALA H 4076 -5.61 61.74 32.72
N PHE H 4077 -6.09 60.68 33.37
CA PHE H 4077 -7.40 60.75 34.01
C PHE H 4077 -7.39 61.71 35.19
N GLN H 4078 -6.35 61.66 36.01
CA GLN H 4078 -6.27 62.54 37.17
C GLN H 4078 -6.21 64.00 36.78
N ASP H 4079 -5.69 64.31 35.60
CA ASP H 4079 -5.73 65.68 35.11
C ASP H 4079 -7.17 66.17 34.98
N TYR H 4080 -8.05 65.33 34.43
CA TYR H 4080 -9.45 65.70 34.33
C TYR H 4080 -10.14 65.70 35.68
N VAL H 4081 -9.72 64.83 36.59
CA VAL H 4081 -10.30 64.83 37.94
C VAL H 4081 -10.01 66.18 38.58
N THR H 4082 -11.07 66.93 38.88
CA THR H 4082 -10.93 68.29 39.41
C THR H 4082 -11.69 68.52 40.71
N ASP H 4083 -12.80 67.83 40.93
CA ASP H 4083 -13.59 68.04 42.13
C ASP H 4083 -12.77 67.68 43.38
N PRO H 4084 -12.70 68.56 44.38
CA PRO H 4084 -11.94 68.23 45.59
C PRO H 4084 -12.44 66.99 46.32
N ARG H 4085 -13.74 66.70 46.24
CA ARG H 4085 -14.28 65.51 46.89
C ARG H 4085 -13.79 64.21 46.26
N GLY H 4086 -13.18 64.27 45.09
CA GLY H 4086 -12.72 63.08 44.42
C GLY H 4086 -13.70 62.48 43.44
N LEU H 4087 -14.56 63.29 42.84
CA LEU H 4087 -15.57 62.85 41.90
C LEU H 4087 -15.27 63.42 40.52
N ILE H 4088 -16.12 63.08 39.56
CA ILE H 4088 -15.99 63.56 38.19
C ILE H 4088 -17.36 63.54 37.54
N SER H 4089 -17.64 64.56 36.74
CA SER H 4089 -18.94 64.65 36.08
C SER H 4089 -19.00 63.70 34.90
N LYS H 4090 -20.24 63.41 34.48
CA LYS H 4090 -20.43 62.51 33.34
C LYS H 4090 -19.85 63.11 32.07
N LYS H 4091 -19.99 64.42 31.89
CA LYS H 4091 -19.41 65.07 30.71
C LYS H 4091 -17.89 65.11 30.80
N ASP H 4092 -17.36 65.39 31.99
CA ASP H 4092 -15.92 65.34 32.18
C ASP H 4092 -15.39 63.93 31.97
N PHE H 4093 -16.13 62.93 32.47
CA PHE H 4093 -15.77 61.54 32.23
C PHE H 4093 -15.77 61.23 30.73
N GLN H 4094 -16.78 61.74 30.01
CA GLN H 4094 -16.88 61.51 28.58
C GLN H 4094 -15.68 62.08 27.84
N LYS H 4095 -15.31 63.33 28.15
CA LYS H 4095 -14.18 63.94 27.44
C LYS H 4095 -12.84 63.39 27.91
N ALA H 4096 -12.76 62.85 29.12
CA ALA H 4096 -11.51 62.26 29.59
C ALA H 4096 -11.29 60.89 28.98
N MET H 4097 -12.36 60.10 28.84
CA MET H 4097 -12.19 58.69 28.50
C MET H 4097 -11.95 58.51 27.01
N ASP H 4098 -12.53 59.39 26.18
CA ASP H 4098 -12.25 59.32 24.75
C ASP H 4098 -10.91 59.95 24.40
N SER H 4099 -10.29 60.65 25.34
CA SER H 4099 -8.93 61.12 25.14
C SER H 4099 -7.92 59.99 25.16
N GLN H 4100 -8.23 58.89 25.84
CA GLN H 4100 -7.34 57.74 25.87
C GLN H 4100 -7.34 56.96 24.56
N LYS H 4101 -8.31 57.20 23.68
CA LYS H 4101 -8.42 56.50 22.40
C LYS H 4101 -8.43 54.99 22.59
N GLN H 4102 -9.14 54.51 23.62
CA GLN H 4102 -9.20 53.09 23.92
C GLN H 4102 -10.61 52.51 23.85
N PHE H 4103 -11.64 53.30 24.07
CA PHE H 4103 -13.02 52.88 23.92
C PHE H 4103 -13.71 53.65 22.80
N THR H 4104 -14.80 53.09 22.31
CA THR H 4104 -15.62 53.70 21.28
C THR H 4104 -16.77 54.44 21.93
N GLY H 4105 -17.59 55.09 21.11
CA GLY H 4105 -18.73 55.83 21.59
C GLY H 4105 -19.73 54.98 22.37
N PRO H 4106 -20.18 53.88 21.77
CA PRO H 4106 -21.09 52.99 22.53
C PRO H 4106 -20.49 52.47 23.81
N GLU H 4107 -19.19 52.15 23.83
CA GLU H 4107 -18.57 51.65 25.04
C GLU H 4107 -18.51 52.73 26.12
N ILE H 4108 -18.20 53.96 25.74
CA ILE H 4108 -18.18 55.05 26.70
C ILE H 4108 -19.59 55.31 27.24
N GLN H 4109 -20.60 55.26 26.36
CA GLN H 4109 -21.98 55.42 26.83
C GLN H 4109 -22.37 54.30 27.79
N PHE H 4110 -21.96 53.07 27.49
CA PHE H 4110 -22.26 51.96 28.39
C PHE H 4110 -21.60 52.16 29.75
N LEU H 4111 -20.35 52.61 29.74
CA LEU H 4111 -19.66 52.88 31.01
C LEU H 4111 -20.36 53.98 31.79
N LEU H 4112 -20.83 55.02 31.09
CA LEU H 4112 -21.56 56.09 31.75
C LEU H 4112 -22.85 55.56 32.38
N SER H 4113 -23.56 54.70 31.65
CA SER H 4113 -24.79 54.11 32.20
C SER H 4113 -24.49 53.26 33.42
N CYS H 4114 -23.42 52.46 33.37
CA CYS H 4114 -23.09 51.60 34.50
C CYS H 4114 -22.59 52.41 35.70
N SER H 4115 -22.00 53.57 35.46
CA SER H 4115 -21.56 54.42 36.55
C SER H 4115 -22.77 54.95 37.31
N GLU H 4116 -22.73 54.82 38.63
CA GLU H 4116 -23.85 55.23 39.46
C GLU H 4116 -23.74 56.73 39.76
N ALA H 4117 -23.94 57.51 38.70
CA ALA H 4117 -23.93 58.96 38.83
C ALA H 4117 -25.13 59.43 39.63
N ASP H 4118 -24.91 60.43 40.47
CA ASP H 4118 -25.97 60.94 41.35
C ASP H 4118 -26.85 61.92 40.57
N GLU H 4119 -27.73 62.61 41.29
CA GLU H 4119 -28.58 63.62 40.68
C GLU H 4119 -27.79 64.81 40.16
N ASN H 4120 -26.59 65.04 40.70
CA ASN H 4120 -25.69 66.08 40.22
C ASN H 4120 -24.74 65.58 39.13
N GLU H 4121 -24.95 64.37 38.65
CA GLU H 4121 -24.09 63.75 37.65
C GLU H 4121 -22.64 63.62 38.13
N MET H 4122 -22.47 63.35 39.43
CA MET H 4122 -21.16 63.11 40.01
C MET H 4122 -20.89 61.61 40.04
N ILE H 4123 -19.68 61.22 39.66
CA ILE H 4123 -19.29 59.82 39.57
C ILE H 4123 -18.16 59.57 40.56
N ASN H 4124 -18.31 58.52 41.37
CA ASN H 4124 -17.26 58.08 42.29
C ASN H 4124 -16.47 57.00 41.55
N PHE H 4125 -15.50 57.44 40.75
CA PHE H 4125 -14.76 56.51 39.91
C PHE H 4125 -13.92 55.54 40.72
N GLU H 4126 -13.52 55.90 41.94
CA GLU H 4126 -12.75 54.98 42.76
C GLU H 4126 -13.52 53.69 43.02
N GLU H 4127 -14.77 53.81 43.46
CA GLU H 4127 -15.59 52.61 43.66
C GLU H 4127 -16.11 52.05 42.33
N PHE H 4128 -16.30 52.91 41.34
CA PHE H 4128 -16.76 52.44 40.04
C PHE H 4128 -15.78 51.45 39.43
N ALA H 4129 -14.47 51.75 39.50
CA ALA H 4129 -13.48 50.85 38.94
C ALA H 4129 -13.42 49.54 39.69
N ASN H 4130 -13.54 49.58 41.02
CA ASN H 4130 -13.38 48.39 41.84
C ASN H 4130 -14.69 47.64 42.06
N ARG H 4131 -15.79 48.09 41.47
CA ARG H 4131 -17.07 47.42 41.69
C ARG H 4131 -17.05 46.00 41.12
N PHE H 4132 -16.54 45.82 39.91
CA PHE H 4132 -16.60 44.54 39.23
C PHE H 4132 -15.27 43.81 39.18
N GLN H 4133 -14.22 44.32 39.82
CA GLN H 4133 -12.93 43.63 39.74
C GLN H 4133 -12.98 42.30 40.48
N GLU H 4134 -13.48 42.29 41.70
CA GLU H 4134 -13.53 41.08 42.48
C GLU H 4134 -14.61 40.10 42.01
N PRO H 4135 -15.84 40.55 41.74
CA PRO H 4135 -16.86 39.59 41.28
C PRO H 4135 -16.50 38.88 40.00
N ALA H 4136 -15.82 39.56 39.07
CA ALA H 4136 -15.54 38.99 37.76
C ALA H 4136 -14.20 38.28 37.68
N ARG H 4137 -13.43 38.27 38.77
CA ARG H 4137 -12.08 37.75 38.71
C ARG H 4137 -12.06 36.26 38.43
N ASP H 4138 -12.92 35.49 39.10
CA ASP H 4138 -12.91 34.05 38.95
C ASP H 4138 -13.34 33.62 37.56
N ILE H 4139 -14.43 34.20 37.05
CA ILE H 4139 -14.88 33.85 35.71
C ILE H 4139 -13.88 34.32 34.67
N GLY H 4140 -13.27 35.48 34.89
CA GLY H 4140 -12.23 35.93 33.97
C GLY H 4140 -11.06 34.97 33.92
N PHE H 4141 -10.61 34.51 35.09
CA PHE H 4141 -9.49 33.58 35.11
C PHE H 4141 -9.86 32.27 34.42
N ASN H 4142 -11.07 31.78 34.65
CA ASN H 4142 -11.46 30.51 34.04
C ASN H 4142 -11.62 30.66 32.53
N VAL H 4143 -12.10 31.81 32.07
CA VAL H 4143 -12.15 32.04 30.63
C VAL H 4143 -10.76 32.08 30.04
N ALA H 4144 -9.82 32.71 30.74
CA ALA H 4144 -8.43 32.71 30.28
C ALA H 4144 -7.87 31.30 30.21
N VAL H 4145 -8.13 30.49 31.23
CA VAL H 4145 -7.66 29.11 31.24
C VAL H 4145 -8.25 28.33 30.08
N LEU H 4146 -9.56 28.49 29.86
CA LEU H 4146 -10.22 27.76 28.78
C LEU H 4146 -9.66 28.13 27.42
N LEU H 4147 -9.48 29.43 27.17
CA LEU H 4147 -8.95 29.85 25.88
C LEU H 4147 -7.51 29.41 25.70
N THR H 4148 -6.70 29.46 26.77
CA THR H 4148 -5.34 28.98 26.69
C THR H 4148 -5.29 27.50 26.36
N ASN H 4149 -6.14 26.71 27.02
CA ASN H 4149 -6.18 25.28 26.79
C ASN H 4149 -6.57 24.97 25.35
N LEU H 4150 -7.62 25.63 24.85
CA LEU H 4150 -8.04 25.40 23.48
C LEU H 4150 -6.99 25.84 22.48
N SER H 4151 -6.30 26.96 22.75
CA SER H 4151 -5.29 27.44 21.83
C SER H 4151 -4.11 26.49 21.78
N GLU H 4152 -3.75 25.89 22.92
CA GLU H 4152 -2.62 24.99 22.94
C GLU H 4152 -2.96 23.57 22.51
N HIS H 4153 -4.24 23.20 22.43
CA HIS H 4153 -4.59 21.87 21.96
C HIS H 4153 -5.22 21.83 20.58
N VAL H 4154 -5.61 22.98 20.03
CA VAL H 4154 -6.07 23.08 18.66
C VAL H 4154 -5.30 24.22 18.00
N PRO H 4155 -4.00 24.03 17.73
CA PRO H 4155 -3.17 25.18 17.34
C PRO H 4155 -3.36 25.64 15.91
N HIS H 4156 -4.12 24.92 15.10
CA HIS H 4156 -4.27 25.22 13.68
C HIS H 4156 -5.72 25.47 13.30
N ASP H 4157 -6.45 26.18 14.14
CA ASP H 4157 -7.82 26.58 13.84
C ASP H 4157 -7.87 28.09 13.70
N PRO H 4158 -8.00 28.63 12.49
CA PRO H 4158 -7.97 30.09 12.33
C PRO H 4158 -9.10 30.81 13.03
N ARG H 4159 -10.21 30.13 13.32
CA ARG H 4159 -11.34 30.80 13.96
C ARG H 4159 -11.06 31.13 15.42
N LEU H 4160 -10.09 30.48 16.04
CA LEU H 4160 -9.82 30.65 17.46
C LEU H 4160 -8.93 31.84 17.76
N ARG H 4161 -8.02 32.20 16.85
CA ARG H 4161 -7.16 33.36 17.10
C ARG H 4161 -7.97 34.65 17.20
N ASN H 4162 -9.15 34.72 16.57
CA ASN H 4162 -9.98 35.89 16.76
C ASN H 4162 -10.40 36.04 18.21
N PHE H 4163 -10.83 34.94 18.84
CA PHE H 4163 -11.16 34.97 20.25
C PHE H 4163 -9.93 35.28 21.11
N LEU H 4164 -8.79 34.70 20.75
CA LEU H 4164 -7.57 34.96 21.51
C LEU H 4164 -7.20 36.44 21.45
N GLU H 4165 -7.34 37.07 20.28
CA GLU H 4165 -7.03 38.48 20.15
C GLU H 4165 -8.03 39.35 20.89
N LEU H 4166 -9.31 38.98 20.84
CA LEU H 4166 -10.31 39.71 21.60
C LEU H 4166 -10.12 39.56 23.10
N ALA H 4167 -9.46 38.50 23.53
CA ALA H 4167 -9.22 38.23 24.94
C ALA H 4167 -7.80 38.59 25.35
N GLU H 4168 -7.14 39.44 24.55
CA GLU H 4168 -5.74 39.75 24.80
C GLU H 4168 -5.54 40.42 26.15
N SER H 4169 -6.41 41.36 26.49
CA SER H 4169 -6.28 42.05 27.76
C SER H 4169 -6.51 41.12 28.94
N ILE H 4170 -7.49 40.23 28.83
CA ILE H 4170 -7.77 39.28 29.89
C ILE H 4170 -6.58 38.36 30.10
N LEU H 4171 -6.04 37.84 28.99
CA LEU H 4171 -4.89 36.95 29.06
C LEU H 4171 -3.68 37.65 29.65
N GLU H 4172 -3.45 38.90 29.25
CA GLU H 4172 -2.32 39.64 29.77
C GLU H 4172 -2.48 39.91 31.26
N TYR H 4173 -3.70 40.21 31.70
CA TYR H 4173 -3.92 40.46 33.12
C TYR H 4173 -3.71 39.19 33.94
N PHE H 4174 -4.14 38.05 33.42
CA PHE H 4174 -4.06 36.82 34.18
C PHE H 4174 -2.80 36.02 33.91
N ARG H 4175 -1.87 36.54 33.10
CA ARG H 4175 -0.65 35.81 32.81
C ARG H 4175 0.17 35.51 34.07
N PRO H 4176 0.41 36.45 34.99
CA PRO H 4176 1.19 36.10 36.18
C PRO H 4176 0.54 35.08 37.09
N TYR H 4177 -0.77 34.85 36.97
CA TYR H 4177 -1.45 33.91 37.85
C TYR H 4177 -1.81 32.60 37.18
N LEU H 4178 -1.55 32.47 35.88
CA LEU H 4178 -1.94 31.26 35.15
C LEU H 4178 -0.74 30.33 35.12
N GLY H 4179 -0.62 29.49 36.15
CA GLY H 4179 0.45 28.53 36.21
C GLY H 4179 0.13 27.29 35.39
N ARG H 4180 1.15 26.76 34.72
CA ARG H 4180 1.00 25.55 33.93
C ARG H 4180 2.18 24.63 34.19
N ILE H 4181 1.89 23.35 34.37
CA ILE H 4181 2.89 22.30 34.51
C ILE H 4181 2.49 21.15 33.62
N GLU H 4182 3.43 20.21 33.43
CA GLU H 4182 3.19 19.00 32.67
C GLU H 4182 3.44 17.80 33.57
N ILE H 4183 2.59 16.78 33.44
CA ILE H 4183 2.71 15.56 34.21
C ILE H 4183 2.55 14.36 33.29
N MET H 4184 3.04 13.22 33.75
CA MET H 4184 2.75 11.93 33.12
C MET H 4184 1.37 11.51 33.61
N GLY H 4185 0.39 11.58 32.73
CA GLY H 4185 -0.99 11.56 33.14
C GLY H 4185 -1.52 10.18 33.46
N ALA H 4186 -2.82 10.15 33.76
CA ALA H 4186 -3.54 8.91 34.03
C ALA H 4186 -3.54 7.96 32.83
N SER H 4187 -3.27 8.46 31.63
CA SER H 4187 -3.33 7.64 30.43
C SER H 4187 -1.96 7.33 29.82
N ARG H 4188 -0.90 7.23 30.62
CA ARG H 4188 0.45 6.98 30.08
C ARG H 4188 0.86 8.04 29.05
N ARG H 4189 0.40 9.27 29.21
CA ARG H 4189 0.73 10.35 28.30
C ARG H 4189 1.03 11.61 29.07
N ILE H 4190 1.80 12.49 28.45
CA ILE H 4190 2.09 13.80 29.03
C ILE H 4190 0.85 14.67 28.88
N GLU H 4191 0.37 15.21 29.99
CA GLU H 4191 -0.77 16.10 30.02
C GLU H 4191 -0.33 17.45 30.58
N ARG H 4192 -0.91 18.52 30.05
CA ARG H 4192 -0.62 19.86 30.53
C ARG H 4192 -1.72 20.30 31.48
N ILE H 4193 -1.32 20.81 32.64
CA ILE H 4193 -2.23 21.18 33.72
C ILE H 4193 -2.20 22.69 33.87
N TYR H 4194 -3.39 23.30 33.98
CA TYR H 4194 -3.52 24.72 34.20
C TYR H 4194 -4.16 24.94 35.56
N PHE H 4195 -3.58 25.83 36.37
CA PHE H 4195 -4.09 26.12 37.70
C PHE H 4195 -3.83 27.58 38.01
N GLU H 4196 -4.22 28.00 39.21
CA GLU H 4196 -4.14 29.40 39.61
C GLU H 4196 -3.04 29.59 40.64
N ILE H 4197 -2.18 30.57 40.40
CA ILE H 4197 -1.15 30.98 41.34
C ILE H 4197 -1.63 32.25 42.02
N SER H 4198 -1.59 32.27 43.35
CA SER H 4198 -2.06 33.43 44.06
C SER H 4198 -0.95 34.47 44.20
N GLU H 4199 -1.38 35.72 44.36
CA GLU H 4199 -0.43 36.83 44.50
C GLU H 4199 0.45 36.63 45.71
N THR H 4200 -0.14 36.20 46.83
CA THR H 4200 0.65 35.99 48.04
C THR H 4200 1.69 34.90 47.85
N ASN H 4201 1.30 33.79 47.20
CA ASN H 4201 2.26 32.73 46.96
C ASN H 4201 3.41 33.20 46.09
N ARG H 4202 3.10 33.91 45.01
CA ARG H 4202 4.17 34.40 44.15
C ARG H 4202 5.09 35.37 44.89
N ALA H 4203 4.51 36.29 45.65
CA ALA H 4203 5.31 37.27 46.37
C ALA H 4203 6.20 36.59 47.40
N GLN H 4204 5.66 35.62 48.14
CA GLN H 4204 6.47 34.91 49.11
C GLN H 4204 7.58 34.13 48.42
N TRP H 4205 7.31 33.55 47.26
CA TRP H 4205 8.36 32.86 46.53
C TRP H 4205 9.44 33.81 46.06
N GLU H 4206 9.10 35.05 45.73
CA GLU H 4206 10.09 36.00 45.21
C GLU H 4206 10.90 36.67 46.31
N MET H 4207 10.74 36.27 47.56
CA MET H 4207 11.51 36.87 48.64
C MET H 4207 12.98 36.47 48.53
N PRO H 4208 13.90 37.36 48.87
CA PRO H 4208 15.33 37.06 48.68
C PRO H 4208 15.82 35.87 49.49
N GLN H 4209 15.33 35.67 50.71
CA GLN H 4209 15.78 34.52 51.50
C GLN H 4209 15.33 33.21 50.87
N VAL H 4210 14.10 33.16 50.36
CA VAL H 4210 13.62 31.97 49.68
C VAL H 4210 14.39 31.74 48.39
N LYS H 4211 14.71 32.82 47.66
CA LYS H 4211 15.52 32.66 46.46
C LYS H 4211 16.90 32.10 46.79
N GLU H 4212 17.48 32.55 47.90
CA GLU H 4212 18.78 32.01 48.31
C GLU H 4212 18.67 30.54 48.69
N SER H 4213 17.60 30.17 49.39
CA SER H 4213 17.39 28.75 49.70
C SER H 4213 17.25 27.93 48.43
N LYS H 4214 16.54 28.46 47.44
CA LYS H 4214 16.42 27.76 46.17
C LYS H 4214 17.77 27.58 45.50
N ARG H 4215 18.58 28.63 45.48
CA ARG H 4215 19.91 28.52 44.88
C ARG H 4215 20.74 27.47 45.59
N GLN H 4216 20.69 27.46 46.92
CA GLN H 4216 21.48 26.50 47.68
C GLN H 4216 21.01 25.08 47.41
N PHE H 4217 19.70 24.86 47.37
CA PHE H 4217 19.16 23.53 47.09
C PHE H 4217 19.54 23.07 45.70
N ILE H 4218 19.42 23.96 44.70
CA ILE H 4218 19.81 23.61 43.35
C ILE H 4218 21.26 23.21 43.30
N PHE H 4219 22.13 24.00 43.94
CA PHE H 4219 23.54 23.68 43.94
C PHE H 4219 23.79 22.32 44.58
N ASP H 4220 23.16 22.05 45.72
CA ASP H 4220 23.37 20.78 46.40
C ASP H 4220 22.97 19.61 45.52
N VAL H 4221 21.76 19.64 44.95
CA VAL H 4221 21.31 18.50 44.17
C VAL H 4221 22.15 18.32 42.92
N VAL H 4222 22.36 19.40 42.15
CA VAL H 4222 23.07 19.26 40.89
C VAL H 4222 24.51 18.85 41.13
N ASN H 4223 25.11 19.30 42.23
CA ASN H 4223 26.50 18.97 42.48
C ASN H 4223 26.64 17.55 43.03
N GLU H 4224 26.06 17.29 44.20
CA GLU H 4224 26.28 16.03 44.90
C GLU H 4224 24.98 15.24 45.03
N GLY H 4225 24.21 15.14 43.94
CA GLY H 4225 23.02 14.32 43.94
C GLY H 4225 22.95 13.46 42.70
N GLY H 4226 22.12 12.42 42.79
CA GLY H 4226 21.87 11.52 41.69
C GLY H 4226 20.49 11.76 41.08
N GLU H 4227 20.27 11.08 39.95
CA GLU H 4227 18.98 11.20 39.27
C GLU H 4227 17.86 10.51 40.05
N ALA H 4228 18.19 9.52 40.88
CA ALA H 4228 17.15 8.69 41.49
C ALA H 4228 16.41 9.44 42.58
N GLU H 4229 17.11 10.15 43.45
CA GLU H 4229 16.51 10.83 44.58
C GLU H 4229 16.19 12.29 44.28
N LYS H 4230 16.41 12.74 43.04
CA LYS H 4230 16.28 14.15 42.72
C LYS H 4230 14.87 14.66 43.00
N MET H 4231 13.86 13.90 42.59
CA MET H 4231 12.49 14.39 42.70
C MET H 4231 12.03 14.33 44.15
N GLU H 4232 12.45 13.31 44.89
CA GLU H 4232 12.21 13.26 46.33
C GLU H 4232 12.80 14.48 47.02
N LEU H 4233 14.05 14.81 46.71
CA LEU H 4233 14.69 15.96 47.33
C LEU H 4233 13.96 17.24 46.96
N PHE H 4234 13.50 17.34 45.71
CA PHE H 4234 12.79 18.54 45.28
C PHE H 4234 11.48 18.69 46.04
N VAL H 4235 10.74 17.61 46.23
CA VAL H 4235 9.48 17.70 46.97
C VAL H 4235 9.74 18.05 48.42
N SER H 4236 10.78 17.47 49.02
CA SER H 4236 11.12 17.80 50.39
C SER H 4236 11.48 19.28 50.52
N PHE H 4237 12.22 19.81 49.55
CA PHE H 4237 12.54 21.23 49.54
C PHE H 4237 11.27 22.06 49.42
N CYS H 4238 10.32 21.63 48.59
CA CYS H 4238 9.07 22.36 48.44
C CYS H 4238 8.32 22.43 49.77
N GLU H 4239 8.26 21.31 50.48
CA GLU H 4239 7.58 21.29 51.78
C GLU H 4239 8.29 22.20 52.79
N ASP H 4240 9.62 22.13 52.83
CA ASP H 4240 10.37 22.99 53.74
C ASP H 4240 10.14 24.45 53.43
N THR H 4241 10.09 24.78 52.14
CA THR H 4241 9.87 26.17 51.75
C THR H 4241 8.46 26.63 52.08
N ILE H 4242 7.48 25.74 51.97
CA ILE H 4242 6.12 26.08 52.38
C ILE H 4242 6.10 26.43 53.87
N PHE H 4243 6.77 25.63 54.69
CA PHE H 4243 6.86 25.93 56.11
C PHE H 4243 7.57 27.27 56.35
N GLU H 4244 8.64 27.53 55.59
CA GLU H 4244 9.33 28.81 55.72
C GLU H 4244 8.43 29.98 55.35
N MET H 4245 7.63 29.85 54.30
CA MET H 4245 6.70 30.91 53.96
C MET H 4245 5.69 31.13 55.07
N GLN H 4246 5.22 30.05 55.70
CA GLN H 4246 4.32 30.22 56.85
C GLN H 4246 5.01 30.99 57.97
N ILE H 4247 6.27 30.65 58.26
CA ILE H 4247 7.01 31.36 59.31
C ILE H 4247 7.12 32.84 58.97
N ALA H 4248 7.45 33.14 57.71
CA ALA H 4248 7.53 34.53 57.28
C ALA H 4248 6.19 35.22 57.44
N ALA H 4249 5.10 34.53 57.13
CA ALA H 4249 3.78 35.11 57.26
C ALA H 4249 3.47 35.46 58.71
N GLN H 4250 3.74 34.55 59.65
CA GLN H 4250 3.46 34.87 61.04
C GLN H 4250 4.34 36.00 61.55
N ILE H 4251 5.65 35.97 61.24
CA ILE H 4251 6.52 37.01 61.78
C ILE H 4251 6.34 38.34 61.06
N SER H 4252 5.64 38.36 59.93
CA SER H 4252 5.38 39.62 59.25
C SER H 4252 4.47 40.51 60.08
N GLU H 4253 4.70 41.81 59.98
CA GLU H 4253 3.88 42.79 60.67
C GLU H 4253 3.12 43.63 59.66
N PRO H 4254 1.86 44.02 59.97
CA PRO H 4254 1.03 44.80 59.06
C PRO H 4254 1.47 46.26 58.97
N PHE H 4540 -3.73 42.18 82.55
CA PHE H 4540 -2.52 42.73 81.94
C PHE H 4540 -1.79 41.67 81.12
N TRP H 4541 -2.20 40.41 81.29
CA TRP H 4541 -1.55 39.33 80.57
C TRP H 4541 -1.70 39.47 79.07
N GLY H 4542 -2.85 39.97 78.61
CA GLY H 4542 -3.05 40.17 77.19
C GLY H 4542 -2.09 41.21 76.62
N GLU H 4543 -1.90 42.33 77.34
CA GLU H 4543 -1.00 43.36 76.87
C GLU H 4543 0.44 42.85 76.82
N LEU H 4544 0.88 42.15 77.87
CA LEU H 4544 2.24 41.63 77.87
C LEU H 4544 2.42 40.59 76.77
N GLU H 4545 1.40 39.77 76.51
CA GLU H 4545 1.51 38.76 75.46
C GLU H 4545 1.60 39.40 74.08
N VAL H 4546 0.75 40.39 73.81
CA VAL H 4546 0.80 41.01 72.49
C VAL H 4546 2.11 41.76 72.30
N GLN H 4547 2.59 42.46 73.33
CA GLN H 4547 3.89 43.11 73.21
C GLN H 4547 5.01 42.10 73.05
N ARG H 4548 4.91 40.95 73.73
CA ARG H 4548 5.95 39.93 73.63
C ARG H 4548 6.03 39.36 72.22
N VAL H 4549 4.88 39.05 71.63
CA VAL H 4549 4.90 38.50 70.28
C VAL H 4549 5.34 39.55 69.28
N LYS H 4550 4.95 40.81 69.49
CA LYS H 4550 5.43 41.88 68.62
C LYS H 4550 6.94 42.00 68.70
N PHE H 4551 7.49 41.95 69.92
CA PHE H 4551 8.94 42.06 70.09
C PHE H 4551 9.67 40.88 69.47
N LEU H 4552 9.14 39.67 69.65
CA LEU H 4552 9.78 38.50 69.06
C LEU H 4552 9.72 38.55 67.55
N ASN H 4553 8.60 38.98 66.97
CA ASN H 4553 8.52 39.12 65.53
C ASN H 4553 9.46 40.21 65.02
N TYR H 4554 9.63 41.27 65.80
CA TYR H 4554 10.60 42.30 65.43
C TYR H 4554 12.01 41.74 65.40
N LEU H 4555 12.36 40.93 66.40
CA LEU H 4555 13.68 40.31 66.41
C LEU H 4555 13.85 39.35 65.24
N SER H 4556 12.80 38.59 64.91
CA SER H 4556 12.89 37.63 63.82
C SER H 4556 13.04 38.34 62.48
N ARG H 4557 12.28 39.40 62.24
CA ARG H 4557 12.36 40.11 60.97
C ARG H 4557 13.73 40.72 60.76
N ASN H 4558 14.36 41.21 61.82
CA ASN H 4558 15.60 41.96 61.75
C ASN H 4558 16.81 41.16 62.24
N PHE H 4559 16.77 39.83 62.08
CA PHE H 4559 17.84 38.99 62.60
C PHE H 4559 19.17 39.30 61.91
N TYR H 4560 19.16 39.46 60.60
CA TYR H 4560 20.41 39.72 59.89
C TYR H 4560 20.93 41.12 60.16
N THR H 4561 20.03 42.10 60.32
CA THR H 4561 20.48 43.43 60.71
C THR H 4561 21.09 43.41 62.10
N LEU H 4562 20.53 42.62 63.02
CA LEU H 4562 21.15 42.49 64.34
C LEU H 4562 22.53 41.84 64.23
N ARG H 4563 22.67 40.84 63.37
CA ARG H 4563 23.97 40.23 63.18
C ARG H 4563 24.99 41.23 62.64
N PHE H 4564 24.59 42.03 61.66
CA PHE H 4564 25.47 43.05 61.12
C PHE H 4564 25.82 44.09 62.17
N LEU H 4565 24.85 44.46 63.01
CA LEU H 4565 25.11 45.40 64.08
C LEU H 4565 26.11 44.85 65.08
N ALA H 4566 26.00 43.57 65.41
CA ALA H 4566 26.97 42.95 66.30
C ALA H 4566 28.36 42.98 65.69
N LEU H 4567 28.45 42.71 64.39
CA LEU H 4567 29.75 42.79 63.73
C LEU H 4567 30.33 44.19 63.80
N PHE H 4568 29.52 45.21 63.53
CA PHE H 4568 30.00 46.58 63.57
C PHE H 4568 30.43 46.97 64.98
N LEU H 4569 29.67 46.54 65.98
CA LEU H 4569 30.03 46.82 67.37
C LEU H 4569 31.35 46.16 67.74
N ALA H 4570 31.58 44.92 67.29
CA ALA H 4570 32.86 44.27 67.56
C ALA H 4570 34.01 45.03 66.91
N PHE H 4571 33.80 45.49 65.67
CA PHE H 4571 34.83 46.29 65.01
C PHE H 4571 35.14 47.56 65.80
N ALA H 4572 34.11 48.25 66.27
CA ALA H 4572 34.33 49.47 67.04
C ALA H 4572 35.07 49.18 68.34
N ILE H 4573 34.68 48.10 69.03
CA ILE H 4573 35.32 47.75 70.28
C ILE H 4573 36.81 47.46 70.06
N ASN H 4574 37.12 46.70 69.01
CA ASN H 4574 38.51 46.38 68.74
C ASN H 4574 39.31 47.62 68.32
N PHE H 4575 38.68 48.51 67.55
CA PHE H 4575 39.36 49.76 67.20
C PHE H 4575 39.72 50.56 68.44
N ILE H 4576 38.80 50.61 69.41
CA ILE H 4576 39.13 51.26 70.67
C ILE H 4576 40.25 50.50 71.38
N LEU H 4577 40.20 49.17 71.34
CA LEU H 4577 41.21 48.36 72.02
C LEU H 4577 42.59 48.54 71.43
N LEU H 4578 42.70 49.01 70.19
CA LEU H 4578 44.01 49.28 69.61
C LEU H 4578 44.79 50.33 70.39
N PHE H 4579 44.14 51.11 71.23
CA PHE H 4579 44.78 52.20 71.95
C PHE H 4579 45.26 51.79 73.34
N TYR H 4580 45.14 50.52 73.69
CA TYR H 4580 45.57 50.09 75.01
C TYR H 4580 47.08 50.20 75.15
N LYS H 4581 47.53 50.46 76.37
CA LYS H 4581 48.93 50.66 76.69
C LYS H 4581 49.18 50.15 78.09
N VAL H 4582 50.36 49.58 78.31
CA VAL H 4582 50.72 49.00 79.60
C VAL H 4582 51.87 49.81 80.19
N SER H 4583 51.73 50.20 81.45
CA SER H 4583 52.75 50.99 82.11
C SER H 4583 52.88 50.55 83.56
N ASP H 4584 54.10 50.64 84.09
CA ASP H 4584 54.34 50.23 85.46
C ASP H 4584 53.79 51.24 86.46
N SER H 4585 53.56 52.47 86.01
CA SER H 4585 52.96 53.48 86.88
C SER H 4585 51.44 53.40 86.81
N PRO H 4586 50.74 53.64 87.91
CA PRO H 4586 49.28 53.63 87.86
C PRO H 4586 48.77 54.75 86.97
N PRO H 4587 47.63 54.54 86.30
CA PRO H 4587 47.07 55.53 85.38
C PRO H 4587 46.47 56.73 86.11
N ASN H 4626 54.93 44.30 92.39
CA ASN H 4626 55.65 44.60 91.15
C ASN H 4626 54.82 44.23 89.93
N MET H 4627 53.50 44.31 90.07
CA MET H 4627 52.58 44.01 88.99
C MET H 4627 52.21 45.28 88.24
N VAL H 4628 51.67 45.11 87.03
CA VAL H 4628 51.55 46.18 86.07
C VAL H 4628 50.08 46.46 85.78
N TYR H 4629 49.80 47.65 85.26
CA TYR H 4629 48.44 48.09 84.97
C TYR H 4629 48.24 48.27 83.47
N TYR H 4630 47.06 47.87 83.00
CA TYR H 4630 46.64 48.03 81.62
C TYR H 4630 45.63 49.16 81.56
N PHE H 4631 45.81 50.08 80.62
CA PHE H 4631 44.90 51.21 80.53
C PHE H 4631 44.90 51.77 79.12
N LEU H 4632 43.78 52.38 78.74
CA LEU H 4632 43.71 53.09 77.48
C LEU H 4632 44.55 54.36 77.55
N GLU H 4633 45.18 54.71 76.44
CA GLU H 4633 46.03 55.90 76.35
C GLU H 4633 45.48 56.78 75.23
N GLU H 4634 44.57 57.68 75.60
CA GLU H 4634 43.99 58.61 74.64
C GLU H 4634 43.76 59.94 75.34
N SER H 4635 43.72 61.00 74.54
CA SER H 4635 43.56 62.35 75.06
C SER H 4635 42.11 62.82 75.11
N THR H 4636 41.22 62.20 74.32
CA THR H 4636 39.83 62.63 74.30
C THR H 4636 39.15 62.40 75.63
N GLY H 4637 39.40 61.24 76.25
CA GLY H 4637 38.80 60.91 77.53
C GLY H 4637 37.45 60.25 77.46
N TYR H 4638 36.85 60.17 76.27
CA TYR H 4638 35.55 59.52 76.10
C TYR H 4638 35.67 58.06 75.70
N MET H 4639 36.86 57.60 75.32
CA MET H 4639 37.02 56.23 74.87
C MET H 4639 36.74 55.23 76.00
N GLU H 4640 37.14 55.57 77.23
CA GLU H 4640 36.88 54.67 78.34
C GLU H 4640 35.39 54.45 78.59
N PRO H 4641 34.54 55.47 78.66
CA PRO H 4641 33.09 55.20 78.76
C PRO H 4641 32.50 54.61 77.49
N ALA H 4642 33.02 55.01 76.31
CA ALA H 4642 32.50 54.47 75.07
C ALA H 4642 32.72 52.97 74.98
N LEU H 4643 33.88 52.49 75.44
CA LEU H 4643 34.15 51.06 75.42
C LEU H 4643 33.17 50.31 76.31
N TRP H 4644 32.88 50.84 77.49
CA TRP H 4644 31.92 50.19 78.38
C TRP H 4644 30.53 50.14 77.77
N CYS H 4645 30.10 51.26 77.19
CA CYS H 4645 28.79 51.29 76.54
C CYS H 4645 28.72 50.30 75.38
N LEU H 4646 29.78 50.26 74.57
CA LEU H 4646 29.80 49.36 73.42
C LEU H 4646 29.83 47.90 73.86
N SER H 4647 30.54 47.60 74.94
CA SER H 4647 30.55 46.23 75.44
C SER H 4647 29.16 45.81 75.90
N LEU H 4648 28.48 46.66 76.67
CA LEU H 4648 27.14 46.33 77.12
C LEU H 4648 26.21 46.15 75.92
N LEU H 4649 26.30 47.05 74.94
CA LEU H 4649 25.43 46.99 73.78
C LEU H 4649 25.71 45.73 72.96
N HIS H 4650 26.98 45.35 72.84
CA HIS H 4650 27.34 44.15 72.09
C HIS H 4650 26.78 42.90 72.76
N THR H 4651 26.87 42.82 74.10
CA THR H 4651 26.28 41.70 74.80
C THR H 4651 24.77 41.64 74.56
N LEU H 4652 24.10 42.80 74.65
CA LEU H 4652 22.66 42.84 74.41
C LEU H 4652 22.32 42.37 73.00
N VAL H 4653 23.08 42.83 72.01
CA VAL H 4653 22.79 42.47 70.62
C VAL H 4653 23.01 40.98 70.40
N ALA H 4654 24.04 40.41 71.02
CA ALA H 4654 24.27 38.97 70.90
C ALA H 4654 23.10 38.20 71.48
N PHE H 4655 22.61 38.62 72.65
CA PHE H 4655 21.46 37.94 73.24
C PHE H 4655 20.24 38.04 72.34
N LEU H 4656 20.00 39.23 71.78
CA LEU H 4656 18.87 39.39 70.87
C LEU H 4656 19.03 38.53 69.62
N CYS H 4657 20.26 38.35 69.15
CA CYS H 4657 20.50 37.48 67.99
C CYS H 4657 20.15 36.05 68.32
N ILE H 4658 20.52 35.59 69.52
CA ILE H 4658 20.15 34.22 69.93
C ILE H 4658 18.64 34.08 69.92
N ILE H 4659 17.93 35.07 70.47
CA ILE H 4659 16.48 34.99 70.52
C ILE H 4659 15.87 34.99 69.13
N GLY H 4660 16.35 35.87 68.26
CA GLY H 4660 15.82 35.92 66.91
C GLY H 4660 16.08 34.65 66.15
N TYR H 4661 17.24 34.03 66.37
CA TYR H 4661 17.51 32.76 65.71
C TYR H 4661 16.56 31.68 66.20
N ASN H 4662 16.36 31.58 67.51
CA ASN H 4662 15.48 30.52 67.96
C ASN H 4662 14.03 30.80 67.64
N CYS H 4663 13.68 32.03 67.27
CA CYS H 4663 12.35 32.32 66.77
C CYS H 4663 12.23 32.23 65.26
N LEU H 4664 13.34 32.14 64.53
CA LEU H 4664 13.28 32.18 63.07
C LEU H 4664 13.71 30.89 62.38
N LYS H 4665 14.80 30.26 62.83
CA LYS H 4665 15.32 29.08 62.15
C LYS H 4665 15.06 27.78 62.91
N VAL H 4666 15.03 27.84 64.24
CA VAL H 4666 14.77 26.65 65.03
C VAL H 4666 13.46 25.97 64.64
N PRO H 4667 12.37 26.69 64.38
CA PRO H 4667 11.16 25.99 63.91
C PRO H 4667 11.39 25.18 62.65
N LEU H 4668 12.18 25.69 61.71
CA LEU H 4668 12.45 24.93 60.50
C LEU H 4668 13.28 23.70 60.79
N VAL H 4669 14.27 23.82 61.66
CA VAL H 4669 15.08 22.66 62.03
C VAL H 4669 14.21 21.57 62.64
N ILE H 4670 13.35 21.95 63.58
CA ILE H 4670 12.47 20.99 64.24
C ILE H 4670 11.49 20.38 63.24
N PHE H 4671 10.95 21.20 62.34
CA PHE H 4671 10.04 20.70 61.32
C PHE H 4671 10.71 19.64 60.47
N LYS H 4672 11.92 19.92 60.00
CA LYS H 4672 12.61 18.96 59.14
C LYS H 4672 12.88 17.65 59.87
N ARG H 4673 13.35 17.75 61.12
CA ARG H 4673 13.66 16.52 61.86
C ARG H 4673 12.39 15.72 62.15
N GLU H 4674 11.31 16.39 62.54
CA GLU H 4674 10.07 15.68 62.79
C GLU H 4674 9.54 15.02 61.52
N LYS H 4675 9.65 15.71 60.39
CA LYS H 4675 9.14 15.15 59.14
C LYS H 4675 9.91 13.90 58.74
N GLU H 4676 11.24 13.95 58.80
CA GLU H 4676 12.01 12.77 58.45
C GLU H 4676 11.74 11.63 59.43
N LEU H 4677 11.61 11.93 60.73
CA LEU H 4677 11.28 10.89 61.69
C LEU H 4677 9.93 10.25 61.40
N ALA H 4678 8.92 11.06 61.08
CA ALA H 4678 7.60 10.53 60.80
C ALA H 4678 7.61 9.63 59.57
N ARG H 4679 8.32 10.06 58.52
CA ARG H 4679 8.37 9.22 57.32
C ARG H 4679 9.14 7.94 57.55
N LYS H 4680 10.20 7.99 58.37
CA LYS H 4680 10.89 6.76 58.72
C LYS H 4680 10.02 5.84 59.56
N LEU H 4681 9.22 6.38 60.47
CA LEU H 4681 8.28 5.55 61.22
C LEU H 4681 7.28 4.88 60.29
N GLU H 4682 6.68 5.63 59.38
CA GLU H 4682 5.58 5.11 58.59
C GLU H 4682 6.06 4.20 57.47
N PHE H 4683 6.91 4.71 56.58
CA PHE H 4683 7.30 3.96 55.40
C PHE H 4683 8.47 3.03 55.64
N ASP H 4684 9.06 3.01 56.83
CA ASP H 4684 10.18 2.13 57.12
C ASP H 4684 10.07 1.36 58.43
N GLY H 4685 9.25 1.79 59.38
CA GLY H 4685 9.15 1.12 60.65
C GLY H 4685 10.47 1.11 61.39
N LEU H 4686 11.10 2.29 61.50
CA LEU H 4686 12.46 2.38 62.01
C LEU H 4686 12.56 1.80 63.41
N TYR H 4687 11.61 2.13 64.28
CA TYR H 4687 11.59 1.62 65.64
C TYR H 4687 10.61 0.48 65.81
N ILE H 4688 10.02 0.00 64.71
CA ILE H 4688 9.15 -1.16 64.73
C ILE H 4688 9.84 -2.40 64.19
N THR H 4689 10.66 -2.23 63.15
CA THR H 4689 11.30 -3.35 62.46
C THR H 4689 12.81 -3.36 62.62
N GLU H 4690 13.50 -2.26 62.32
CA GLU H 4690 14.96 -2.33 62.26
C GLU H 4690 15.61 -2.00 63.60
N GLN H 4691 15.16 -0.94 64.29
CA GLN H 4691 15.73 -0.60 65.60
C GLN H 4691 17.23 -0.32 65.52
N PRO H 4692 17.63 0.87 65.03
CA PRO H 4692 19.06 1.19 64.83
C PRO H 4692 20.00 0.69 65.92
N GLY H 4693 21.20 0.27 65.52
CA GLY H 4693 22.11 -0.43 66.41
C GLY H 4693 23.05 0.43 67.24
N ASP H 4694 22.51 1.45 67.91
CA ASP H 4694 23.18 2.23 68.94
C ASP H 4694 24.37 3.05 68.42
N ASP H 4695 24.71 2.94 67.14
CA ASP H 4695 25.77 3.76 66.57
C ASP H 4695 25.26 5.01 65.88
N ASP H 4696 23.94 5.14 65.74
CA ASP H 4696 23.30 6.29 65.11
C ASP H 4696 22.77 7.17 66.24
N VAL H 4697 23.53 8.21 66.59
CA VAL H 4697 23.15 9.04 67.73
C VAL H 4697 21.85 9.78 67.44
N LYS H 4698 21.64 10.19 66.18
CA LYS H 4698 20.39 10.86 65.82
C LYS H 4698 19.19 9.95 66.05
N GLY H 4699 19.25 8.73 65.53
CA GLY H 4699 18.14 7.81 65.71
C GLY H 4699 17.95 7.42 67.18
N GLN H 4700 19.04 7.26 67.91
CA GLN H 4700 18.92 6.94 69.33
C GLN H 4700 18.33 8.09 70.12
N TRP H 4701 18.60 9.33 69.71
CA TRP H 4701 18.03 10.47 70.40
C TRP H 4701 16.56 10.66 70.07
N ASP H 4702 16.15 10.29 68.85
CA ASP H 4702 14.75 10.47 68.49
C ASP H 4702 13.81 9.55 69.25
N ARG H 4703 14.33 8.56 69.98
CA ARG H 4703 13.44 7.69 70.75
C ARG H 4703 12.71 8.43 71.85
N LEU H 4704 13.27 9.54 72.36
CA LEU H 4704 12.63 10.24 73.46
C LEU H 4704 11.33 10.91 73.06
N VAL H 4705 11.12 11.15 71.78
CA VAL H 4705 9.97 11.93 71.32
C VAL H 4705 8.82 11.06 70.84
N LEU H 4706 9.01 9.75 70.74
CA LEU H 4706 7.98 8.91 70.12
C LEU H 4706 6.69 8.90 70.92
N ASN H 4707 6.78 8.71 72.23
CA ASN H 4707 5.59 8.56 73.06
C ASN H 4707 5.10 9.87 73.64
N THR H 4708 5.73 10.98 73.31
CA THR H 4708 5.32 12.26 73.87
C THR H 4708 4.00 12.71 73.25
N PRO H 4709 3.13 13.36 74.03
CA PRO H 4709 1.83 13.78 73.50
C PRO H 4709 1.93 14.77 72.35
N SER H 4710 3.03 15.50 72.24
CA SER H 4710 3.12 16.57 71.26
C SER H 4710 4.25 16.32 70.28
N PHE H 4711 4.38 15.09 69.80
CA PHE H 4711 5.51 14.77 68.92
C PHE H 4711 5.45 15.54 67.62
N PRO H 4712 4.38 15.52 66.83
CA PRO H 4712 4.39 16.34 65.61
C PRO H 4712 3.90 17.76 65.89
N SER H 4713 4.72 18.53 66.60
CA SER H 4713 4.36 19.90 66.94
C SER H 4713 4.49 20.82 65.73
N ASN H 4714 5.56 20.69 64.96
CA ASN H 4714 5.78 21.52 63.78
C ASN H 4714 5.40 20.83 62.48
N TYR H 4715 5.70 19.55 62.35
CA TYR H 4715 5.27 18.80 61.18
C TYR H 4715 3.75 18.79 61.09
N TRP H 4716 3.21 19.00 59.89
CA TRP H 4716 1.74 19.19 59.74
C TRP H 4716 0.93 17.94 60.03
N ASP H 4717 1.53 16.77 59.94
CA ASP H 4717 0.74 15.54 60.03
C ASP H 4717 0.57 15.16 61.49
N LYS H 4718 -0.63 15.36 62.02
CA LYS H 4718 -0.93 15.01 63.39
C LYS H 4718 -1.46 13.59 63.52
N PHE H 4719 -1.66 12.89 62.42
CA PHE H 4719 -2.24 11.56 62.41
C PHE H 4719 -1.19 10.49 62.10
N VAL H 4720 0.08 10.84 62.27
CA VAL H 4720 1.17 9.92 61.94
C VAL H 4720 1.12 8.71 62.85
N LYS H 4721 0.84 8.91 64.14
CA LYS H 4721 0.74 7.79 65.06
C LYS H 4721 -0.42 6.88 64.67
N ARG H 4722 -1.55 7.47 64.29
CA ARG H 4722 -2.68 6.68 63.80
C ARG H 4722 -2.28 5.84 62.61
N LYS H 4723 -1.59 6.45 61.64
CA LYS H 4723 -1.21 5.73 60.42
C LYS H 4723 -0.23 4.60 60.73
N VAL H 4724 0.74 4.88 61.59
CA VAL H 4724 1.72 3.85 61.96
C VAL H 4724 1.02 2.70 62.68
N LEU H 4725 0.08 3.01 63.56
CA LEU H 4725 -0.68 1.97 64.23
C LEU H 4725 -1.45 1.13 63.22
N ASP H 4726 -2.22 1.78 62.35
CA ASP H 4726 -3.00 1.05 61.35
C ASP H 4726 -2.12 0.21 60.45
N LYS H 4727 -0.86 0.61 60.27
CA LYS H 4727 0.02 -0.11 59.35
C LYS H 4727 0.74 -1.28 60.00
N HIS H 4728 1.14 -1.16 61.26
CA HIS H 4728 1.99 -2.17 61.88
C HIS H 4728 1.39 -2.88 63.09
N GLY H 4729 0.21 -2.46 63.55
CA GLY H 4729 -0.33 -3.03 64.78
C GLY H 4729 -0.74 -4.49 64.61
N ASP H 4730 -1.27 -4.84 63.45
CA ASP H 4730 -1.72 -6.20 63.23
C ASP H 4730 -0.57 -7.19 63.34
N ILE H 4731 0.60 -6.85 62.79
CA ILE H 4731 1.70 -7.79 62.78
C ILE H 4731 2.56 -7.68 64.03
N PHE H 4732 2.74 -6.47 64.59
CA PHE H 4732 3.60 -6.30 65.75
C PHE H 4732 2.85 -6.06 67.06
N GLY H 4733 1.53 -5.98 67.04
CA GLY H 4733 0.79 -5.81 68.28
C GLY H 4733 0.27 -4.41 68.48
N ARG H 4734 -1.05 -4.25 68.48
CA ARG H 4734 -1.65 -2.93 68.64
C ARG H 4734 -1.27 -2.32 69.98
N GLU H 4735 -1.32 -3.12 71.05
CA GLU H 4735 -0.98 -2.59 72.37
C GLU H 4735 0.50 -2.23 72.45
N ARG H 4736 1.38 -3.03 71.85
CA ARG H 4736 2.80 -2.70 71.87
C ARG H 4736 3.09 -1.42 71.09
N ILE H 4737 2.47 -1.26 69.92
CA ILE H 4737 2.66 -0.04 69.14
C ILE H 4737 2.09 1.15 69.89
N ALA H 4738 0.94 0.97 70.54
CA ALA H 4738 0.34 2.06 71.31
C ALA H 4738 1.23 2.46 72.46
N GLU H 4739 1.85 1.50 73.14
CA GLU H 4739 2.78 1.84 74.20
C GLU H 4739 4.01 2.55 73.66
N LEU H 4740 4.52 2.10 72.52
CA LEU H 4740 5.70 2.74 71.94
C LEU H 4740 5.42 4.18 71.56
N LEU H 4741 4.26 4.44 70.95
CA LEU H 4741 3.92 5.79 70.51
C LEU H 4741 3.14 6.59 71.54
N GLY H 4742 2.91 6.03 72.72
CA GLY H 4742 2.20 6.77 73.75
C GLY H 4742 0.77 7.14 73.40
N MET H 4743 0.00 6.18 72.87
CA MET H 4743 -1.37 6.43 72.46
C MET H 4743 -2.34 5.77 73.41
N ASP H 4744 -3.53 6.35 73.52
CA ASP H 4744 -4.65 5.76 74.25
C ASP H 4744 -5.59 5.12 73.24
N LEU H 4745 -5.68 3.79 73.26
CA LEU H 4745 -6.51 3.10 72.29
C LEU H 4745 -7.99 3.38 72.52
N ALA H 4746 -8.37 3.63 73.78
CA ALA H 4746 -9.75 3.92 74.09
C ALA H 4746 -10.20 5.28 73.58
N SER H 4747 -9.30 6.26 73.56
CA SER H 4747 -9.66 7.62 73.16
C SER H 4747 -9.89 7.79 71.67
N LEU H 4748 -9.38 6.86 70.86
CA LEU H 4748 -9.54 6.99 69.40
C LEU H 4748 -11.01 6.97 69.02
N GLU H 4749 -11.78 6.04 69.61
CA GLU H 4749 -13.19 5.94 69.30
C GLU H 4749 -13.93 7.22 69.66
N ILE H 4750 -13.72 7.76 70.86
CA ILE H 4750 -14.48 8.94 71.28
C ILE H 4750 -14.07 10.16 70.48
N THR H 4751 -12.79 10.26 70.10
CA THR H 4751 -12.37 11.36 69.23
C THR H 4751 -13.06 11.28 67.88
N ALA H 4752 -13.19 10.07 67.32
CA ALA H 4752 -14.03 9.92 66.15
C ALA H 4752 -15.50 10.19 66.45
N HIS H 4753 -15.93 9.97 67.70
CA HIS H 4753 -17.33 10.12 68.04
C HIS H 4753 -17.76 11.58 67.99
N ASN H 4754 -17.16 12.43 68.81
CA ASN H 4754 -17.59 13.81 68.89
C ASN H 4754 -16.43 14.66 69.41
N GLU H 4755 -16.68 15.96 69.53
CA GLU H 4755 -15.68 16.92 69.96
C GLU H 4755 -16.06 17.50 71.30
N ARG H 4756 -15.09 17.57 72.22
CA ARG H 4756 -15.28 18.15 73.53
C ARG H 4756 -14.72 19.56 73.54
N LYS H 4757 -15.46 20.48 74.18
CA LYS H 4757 -15.08 21.89 74.28
C LYS H 4757 -14.83 22.21 75.75
N PRO H 4758 -13.65 21.93 76.27
CA PRO H 4758 -13.36 22.20 77.69
C PRO H 4758 -13.09 23.69 77.91
N ASP H 4759 -12.75 24.03 79.14
CA ASP H 4759 -12.42 25.39 79.49
C ASP H 4759 -10.92 25.58 79.45
N PRO H 4760 -10.38 26.39 78.55
CA PRO H 4760 -8.94 26.71 78.54
C PRO H 4760 -8.62 27.92 79.38
N PRO H 4761 -8.47 27.79 80.70
CA PRO H 4761 -8.27 28.97 81.54
C PRO H 4761 -6.94 29.64 81.24
N PRO H 4762 -6.93 30.96 81.03
CA PRO H 4762 -5.69 31.70 80.73
C PRO H 4762 -4.86 32.01 81.98
N GLY H 4763 -4.48 30.98 82.71
CA GLY H 4763 -3.70 31.13 83.93
C GLY H 4763 -2.31 30.53 83.77
N LEU H 4764 -1.32 31.22 84.32
CA LEU H 4764 0.06 30.72 84.25
C LEU H 4764 0.23 29.45 85.07
N LEU H 4765 -0.50 29.34 86.19
CA LEU H 4765 -0.45 28.10 86.97
C LEU H 4765 -0.93 26.93 86.15
N THR H 4766 -2.05 27.08 85.44
CA THR H 4766 -2.53 26.02 84.56
C THR H 4766 -1.55 25.78 83.41
N TRP H 4767 -0.93 26.85 82.90
CA TRP H 4767 0.06 26.73 81.85
C TRP H 4767 1.28 25.95 82.30
N LEU H 4768 1.56 25.91 83.60
CA LEU H 4768 2.77 25.25 84.09
C LEU H 4768 2.82 23.79 83.67
N MET H 4769 1.91 22.96 84.17
CA MET H 4769 1.96 21.54 83.87
C MET H 4769 1.52 21.21 82.45
N SER H 4770 1.07 22.20 81.68
CA SER H 4770 0.75 21.98 80.27
C SER H 4770 2.00 21.85 79.40
N ILE H 4771 3.17 21.72 80.01
CA ILE H 4771 4.42 21.64 79.26
C ILE H 4771 4.86 20.19 79.20
N ASP H 4772 5.23 19.73 78.00
CA ASP H 4772 5.67 18.36 77.78
C ASP H 4772 7.17 18.30 78.00
N VAL H 4773 7.58 17.88 79.20
CA VAL H 4773 8.97 17.99 79.61
C VAL H 4773 9.87 17.13 78.73
N LYS H 4774 9.44 15.90 78.44
CA LYS H 4774 10.27 15.00 77.63
C LYS H 4774 10.45 15.55 76.22
N TYR H 4775 9.37 16.05 75.62
CA TYR H 4775 9.49 16.66 74.30
C TYR H 4775 10.41 17.86 74.34
N GLN H 4776 10.32 18.67 75.40
CA GLN H 4776 11.19 19.84 75.49
C GLN H 4776 12.65 19.43 75.61
N ILE H 4777 12.93 18.37 76.37
CA ILE H 4777 14.30 17.87 76.48
C ILE H 4777 14.81 17.44 75.11
N TRP H 4778 13.98 16.70 74.37
CA TRP H 4778 14.38 16.27 73.04
C TRP H 4778 14.64 17.47 72.13
N LYS H 4779 13.76 18.46 72.17
CA LYS H 4779 13.92 19.63 71.32
C LYS H 4779 15.18 20.39 71.67
N PHE H 4780 15.47 20.54 72.96
CA PHE H 4780 16.68 21.24 73.36
C PHE H 4780 17.92 20.48 72.95
N GLY H 4781 17.89 19.15 72.98
CA GLY H 4781 19.00 18.40 72.44
C GLY H 4781 19.19 18.64 70.95
N VAL H 4782 18.09 18.64 70.20
CA VAL H 4782 18.17 18.90 68.76
C VAL H 4782 18.76 20.28 68.50
N ILE H 4783 18.33 21.29 69.27
CA ILE H 4783 18.83 22.64 69.08
C ILE H 4783 20.31 22.71 69.45
N PHE H 4784 20.68 22.16 70.60
CA PHE H 4784 22.06 22.26 71.06
C PHE H 4784 23.02 21.45 70.22
N THR H 4785 22.52 20.56 69.37
CA THR H 4785 23.36 19.87 68.40
C THR H 4785 23.43 20.59 67.07
N ASP H 4786 22.83 21.78 66.96
CA ASP H 4786 22.80 22.52 65.71
C ASP H 4786 23.99 23.47 65.62
N ASN H 4787 24.62 23.49 64.45
CA ASN H 4787 25.87 24.23 64.30
C ASN H 4787 25.65 25.74 64.43
N SER H 4788 24.62 26.27 63.79
CA SER H 4788 24.40 27.71 63.84
C SER H 4788 24.06 28.16 65.24
N PHE H 4789 23.20 27.42 65.93
CA PHE H 4789 22.89 27.77 67.32
C PHE H 4789 24.12 27.68 68.19
N LEU H 4790 24.95 26.65 67.98
CA LEU H 4790 26.17 26.53 68.77
C LEU H 4790 27.10 27.70 68.53
N TYR H 4791 27.22 28.15 67.28
CA TYR H 4791 28.04 29.31 66.98
C TYR H 4791 27.52 30.55 67.66
N LEU H 4792 26.20 30.76 67.60
CA LEU H 4792 25.63 31.94 68.25
C LEU H 4792 25.83 31.89 69.75
N GLY H 4793 25.69 30.70 70.34
CA GLY H 4793 25.92 30.57 71.77
C GLY H 4793 27.36 30.84 72.16
N TRP H 4794 28.30 30.38 71.35
CA TRP H 4794 29.71 30.69 71.60
C TRP H 4794 29.98 32.18 71.47
N TYR H 4795 29.35 32.82 70.48
CA TYR H 4795 29.43 34.26 70.35
C TYR H 4795 28.94 34.96 71.61
N MET H 4796 27.79 34.54 72.13
CA MET H 4796 27.23 35.15 73.32
C MET H 4796 28.15 34.93 74.52
N VAL H 4797 28.69 33.72 74.65
CA VAL H 4797 29.59 33.42 75.76
C VAL H 4797 30.85 34.27 75.70
N MET H 4798 31.42 34.42 74.50
CA MET H 4798 32.61 35.25 74.37
C MET H 4798 32.28 36.71 74.68
N SER H 4799 31.08 37.16 74.30
CA SER H 4799 30.67 38.52 74.65
C SER H 4799 30.60 38.69 76.16
N LEU H 4800 30.06 37.69 76.85
CA LEU H 4800 30.01 37.75 78.31
C LEU H 4800 31.41 37.79 78.91
N LEU H 4801 32.32 36.96 78.39
CA LEU H 4801 33.69 36.96 78.89
C LEU H 4801 34.40 38.27 78.59
N GLY H 4802 33.94 38.99 77.56
CA GLY H 4802 34.52 40.29 77.26
C GLY H 4802 34.40 41.28 78.39
N HIS H 4803 33.43 41.08 79.27
CA HIS H 4803 33.29 41.95 80.43
C HIS H 4803 34.29 41.57 81.52
N TYR H 4804 34.60 40.28 81.64
CA TYR H 4804 35.69 39.88 82.51
C TYR H 4804 37.01 40.45 82.02
N ASN H 4805 37.22 40.42 80.70
CA ASN H 4805 38.42 40.98 80.10
C ASN H 4805 38.07 41.47 78.70
N ASN H 4806 38.27 42.76 78.46
CA ASN H 4806 37.84 43.36 77.20
C ASN H 4806 38.52 42.76 75.99
N PHE H 4807 39.71 42.18 76.15
CA PHE H 4807 40.42 41.62 75.01
C PHE H 4807 39.74 40.37 74.47
N PHE H 4808 38.79 39.80 75.21
CA PHE H 4808 38.02 38.69 74.67
C PHE H 4808 37.10 39.12 73.56
N PHE H 4809 36.89 40.42 73.39
CA PHE H 4809 36.09 40.91 72.27
C PHE H 4809 36.81 40.75 70.95
N ALA H 4810 38.11 40.44 70.98
CA ALA H 4810 38.85 40.20 69.74
C ALA H 4810 38.34 38.95 69.04
N ALA H 4811 37.85 37.98 69.81
CA ALA H 4811 37.39 36.73 69.21
C ALA H 4811 36.19 36.96 68.29
N HIS H 4812 35.38 37.99 68.57
CA HIS H 4812 34.22 38.25 67.74
C HIS H 4812 34.60 38.81 66.38
N LEU H 4813 35.86 39.22 66.20
CA LEU H 4813 36.33 39.61 64.88
C LEU H 4813 36.35 38.43 63.92
N LEU H 4814 36.44 37.21 64.44
CA LEU H 4814 36.43 36.03 63.58
C LEU H 4814 35.08 35.85 62.90
N ASP H 4815 34.06 36.56 63.37
CA ASP H 4815 32.72 36.47 62.81
C ASP H 4815 32.71 36.95 61.37
N ILE H 4816 33.77 37.67 60.96
CA ILE H 4816 33.91 38.10 59.58
C ILE H 4816 33.99 36.92 58.63
N ALA H 4817 34.32 35.74 59.13
CA ALA H 4817 34.42 34.56 58.26
C ALA H 4817 33.05 34.15 57.72
N MET H 4818 32.03 34.11 58.58
CA MET H 4818 30.69 33.75 58.16
C MET H 4818 29.82 34.95 57.81
N GLY H 4819 30.15 36.14 58.31
CA GLY H 4819 29.41 37.32 57.91
C GLY H 4819 29.61 37.67 56.45
N VAL H 4820 30.80 37.40 55.93
CA VAL H 4820 31.14 37.73 54.55
C VAL H 4820 31.20 36.44 53.75
N LYS H 4821 30.37 36.36 52.71
CA LYS H 4821 30.32 35.18 51.86
C LYS H 4821 31.65 34.94 51.16
N THR H 4822 32.32 36.00 50.72
CA THR H 4822 33.60 35.82 50.04
C THR H 4822 34.63 35.19 50.96
N LEU H 4823 34.72 35.67 52.20
CA LEU H 4823 35.66 35.08 53.15
C LEU H 4823 35.25 33.66 53.51
N ARG H 4824 33.95 33.39 53.58
CA ARG H 4824 33.52 32.02 53.84
C ARG H 4824 33.96 31.09 52.73
N THR H 4825 33.85 31.53 51.48
CA THR H 4825 34.33 30.72 50.36
C THR H 4825 35.84 30.53 50.41
N ILE H 4826 36.58 31.60 50.75
CA ILE H 4826 38.03 31.48 50.80
C ILE H 4826 38.44 30.50 51.89
N LEU H 4827 37.72 30.49 53.02
CA LEU H 4827 38.03 29.53 54.08
C LEU H 4827 37.59 28.13 53.72
N SER H 4828 36.51 28.00 52.94
CA SER H 4828 36.15 26.68 52.42
C SER H 4828 37.24 26.15 51.50
N SER H 4829 37.93 27.05 50.80
CA SER H 4829 39.08 26.68 49.99
C SER H 4829 40.22 26.12 50.82
N VAL H 4830 40.21 26.29 52.13
CA VAL H 4830 41.17 25.66 53.01
C VAL H 4830 40.59 24.41 53.66
N THR H 4831 39.34 24.49 54.11
CA THR H 4831 38.71 23.38 54.81
C THR H 4831 38.29 22.25 53.90
N HIS H 4832 38.36 22.43 52.58
CA HIS H 4832 37.99 21.36 51.66
C HIS H 4832 38.89 20.14 51.83
N ASN H 4833 40.20 20.37 51.97
CA ASN H 4833 41.18 19.31 52.10
C ASN H 4833 41.77 19.27 53.50
N GLY H 4834 40.93 19.49 54.51
CA GLY H 4834 41.42 19.57 55.87
C GLY H 4834 42.04 18.27 56.35
N LYS H 4835 41.42 17.15 56.02
CA LYS H 4835 41.97 15.86 56.42
C LYS H 4835 43.32 15.62 55.76
N GLN H 4836 43.45 15.99 54.48
CA GLN H 4836 44.73 15.87 53.80
C GLN H 4836 45.79 16.74 54.46
N LEU H 4837 45.42 17.97 54.84
CA LEU H 4837 46.37 18.85 55.50
C LEU H 4837 46.82 18.30 56.84
N VAL H 4838 45.88 17.76 57.61
CA VAL H 4838 46.24 17.16 58.89
C VAL H 4838 47.16 15.96 58.68
N MET H 4839 46.85 15.12 57.71
CA MET H 4839 47.68 13.94 57.46
C MET H 4839 49.08 14.34 57.00
N THR H 4840 49.19 15.35 56.14
CA THR H 4840 50.51 15.76 55.69
C THR H 4840 51.30 16.43 56.82
N VAL H 4841 50.62 17.12 57.74
CA VAL H 4841 51.32 17.66 58.90
C VAL H 4841 51.83 16.53 59.79
N GLY H 4842 51.02 15.48 59.99
CA GLY H 4842 51.49 14.34 60.76
C GLY H 4842 52.67 13.65 60.10
N LEU H 4843 52.63 13.54 58.77
CA LEU H 4843 53.75 12.98 58.03
C LEU H 4843 55.01 13.83 58.22
N LEU H 4844 54.85 15.15 58.19
CA LEU H 4844 55.98 16.03 58.44
C LEU H 4844 56.55 15.80 59.83
N ALA H 4845 55.68 15.63 60.82
CA ALA H 4845 56.13 15.33 62.17
C ALA H 4845 56.93 14.03 62.20
N VAL H 4846 56.46 13.01 61.48
CA VAL H 4846 57.15 11.72 61.49
C VAL H 4846 58.54 11.84 60.85
N VAL H 4847 58.62 12.52 59.70
CA VAL H 4847 59.91 12.61 59.02
C VAL H 4847 60.88 13.46 59.83
N VAL H 4848 60.39 14.51 60.47
CA VAL H 4848 61.25 15.31 61.33
C VAL H 4848 61.72 14.48 62.52
N TYR H 4849 60.86 13.58 63.01
CA TYR H 4849 61.28 12.69 64.09
C TYR H 4849 62.39 11.75 63.64
N LEU H 4850 62.30 11.24 62.42
CA LEU H 4850 63.36 10.38 61.91
C LEU H 4850 64.68 11.15 61.81
N TYR H 4851 64.62 12.39 61.31
CA TYR H 4851 65.83 13.20 61.26
C TYR H 4851 66.36 13.49 62.65
N THR H 4852 65.46 13.68 63.62
CA THR H 4852 65.88 13.87 65.01
C THR H 4852 66.61 12.64 65.53
N VAL H 4853 66.10 11.44 65.20
CA VAL H 4853 66.76 10.22 65.66
C VAL H 4853 68.16 10.14 65.08
N VAL H 4854 68.30 10.41 63.79
CA VAL H 4854 69.62 10.35 63.16
C VAL H 4854 70.56 11.38 63.80
N ALA H 4855 70.08 12.60 64.02
CA ALA H 4855 70.91 13.65 64.60
C ALA H 4855 71.33 13.28 66.02
N PHE H 4856 70.40 12.75 66.81
CA PHE H 4856 70.73 12.34 68.17
C PHE H 4856 71.79 11.27 68.18
N ASN H 4857 71.71 10.32 67.26
CA ASN H 4857 72.66 9.21 67.28
C ASN H 4857 74.03 9.63 66.74
N PHE H 4858 74.09 10.54 65.78
CA PHE H 4858 75.37 10.80 65.13
C PHE H 4858 75.86 12.23 65.15
N PHE H 4859 74.98 13.22 64.97
CA PHE H 4859 75.40 14.60 64.73
C PHE H 4859 75.22 15.48 65.96
N ARG H 4860 75.46 14.94 67.15
CA ARG H 4860 75.16 15.66 68.37
C ARG H 4860 76.09 16.85 68.59
N LYS H 4861 77.35 16.75 68.14
CA LYS H 4861 78.31 17.81 68.44
C LYS H 4861 78.00 19.09 67.67
N PHE H 4862 77.09 19.02 66.71
CA PHE H 4862 76.77 20.17 65.87
C PHE H 4862 75.60 20.99 66.38
N TYR H 4863 75.03 20.62 67.53
CA TYR H 4863 73.84 21.28 68.05
C TYR H 4863 74.14 22.12 69.28
N ASN H 4864 75.30 22.76 69.30
CA ASN H 4864 75.66 23.71 70.36
C ASN H 4864 75.20 25.09 69.94
N LYS H 4865 74.13 25.59 70.56
CA LYS H 4865 73.57 26.89 70.24
C LYS H 4865 73.94 27.94 71.28
N SER H 4866 75.16 27.85 71.83
CA SER H 4866 75.63 28.80 72.82
C SER H 4866 76.94 29.40 72.33
N GLU H 4867 76.97 30.73 72.21
CA GLU H 4867 78.21 31.41 71.85
C GLU H 4867 79.24 31.36 72.97
N ASP H 4868 78.80 31.13 74.20
CA ASP H 4868 79.71 31.01 75.32
C ASP H 4868 80.62 29.80 75.17
N GLU H 4869 81.79 29.88 75.78
CA GLU H 4869 82.78 28.81 75.69
C GLU H 4869 82.72 27.80 76.81
N ASP H 4870 82.35 28.21 78.03
CA ASP H 4870 82.44 27.31 79.17
C ASP H 4870 81.11 26.68 79.56
N GLU H 4871 79.99 27.31 79.26
CA GLU H 4871 78.68 26.71 79.47
C GLU H 4871 77.98 26.52 78.13
N PRO H 4872 78.03 25.33 77.54
CA PRO H 4872 77.40 25.11 76.25
C PRO H 4872 75.91 24.81 76.38
N ASP H 4873 75.15 25.24 75.39
CA ASP H 4873 73.72 24.94 75.30
C ASP H 4873 73.52 23.91 74.19
N MET H 4874 73.67 22.65 74.56
CA MET H 4874 73.50 21.57 73.59
C MET H 4874 72.02 21.26 73.41
N LYS H 4875 71.55 21.35 72.17
CA LYS H 4875 70.14 21.19 71.88
C LYS H 4875 69.74 19.75 71.57
N CYS H 4876 70.69 18.84 71.45
CA CYS H 4876 70.36 17.47 71.06
C CYS H 4876 70.93 16.46 72.05
N ASP H 4877 71.11 16.86 73.30
CA ASP H 4877 71.50 15.90 74.33
C ASP H 4877 70.31 15.14 74.92
N ASP H 4878 69.10 15.50 74.54
CA ASP H 4878 67.90 14.77 74.92
C ASP H 4878 67.04 14.60 73.69
N MET H 4879 66.34 13.47 73.60
CA MET H 4879 65.51 13.22 72.43
C MET H 4879 64.38 14.24 72.34
N MET H 4880 63.74 14.55 73.47
CA MET H 4880 62.63 15.51 73.45
C MET H 4880 63.13 16.90 73.06
N THR H 4881 64.25 17.33 73.63
CA THR H 4881 64.80 18.64 73.29
C THR H 4881 65.19 18.71 71.83
N CYS H 4882 65.83 17.66 71.31
CA CYS H 4882 66.23 17.66 69.91
C CYS H 4882 65.01 17.67 68.98
N TYR H 4883 63.98 16.92 69.32
CA TYR H 4883 62.78 16.88 68.49
C TYR H 4883 62.09 18.24 68.49
N LEU H 4884 61.99 18.87 69.66
CA LEU H 4884 61.44 20.21 69.72
C LEU H 4884 62.27 21.19 68.91
N PHE H 4885 63.60 21.10 69.03
CA PHE H 4885 64.47 22.00 68.29
C PHE H 4885 64.25 21.85 66.79
N HIS H 4886 64.21 20.61 66.30
CA HIS H 4886 63.95 20.41 64.88
C HIS H 4886 62.60 20.97 64.49
N MET H 4887 61.51 20.49 65.10
CA MET H 4887 60.18 20.93 64.71
C MET H 4887 59.99 22.43 64.85
N TYR H 4888 60.80 23.10 65.67
CA TYR H 4888 60.60 24.52 65.90
C TYR H 4888 61.47 25.39 64.99
N VAL H 4889 62.73 25.04 64.79
CA VAL H 4889 63.62 25.93 64.05
C VAL H 4889 63.90 25.40 62.65
N GLY H 4890 64.01 24.08 62.49
CA GLY H 4890 64.37 23.54 61.18
C GLY H 4890 63.26 23.72 60.17
N VAL H 4891 62.02 23.51 60.60
CA VAL H 4891 60.90 23.65 59.67
C VAL H 4891 60.72 25.11 59.27
N ARG H 4892 60.88 26.03 60.22
CA ARG H 4892 60.71 27.44 59.91
C ARG H 4892 61.92 28.05 59.22
N ALA H 4893 63.07 27.38 59.25
CA ALA H 4893 64.24 27.90 58.57
C ALA H 4893 64.09 27.74 57.06
N GLY H 4894 64.59 28.73 56.32
CA GLY H 4894 64.47 28.69 54.87
C GLY H 4894 65.26 27.56 54.24
N GLY H 4895 66.43 27.27 54.78
CA GLY H 4895 67.28 26.24 54.22
C GLY H 4895 67.28 24.95 55.02
N GLY H 4896 66.36 24.80 55.93
CA GLY H 4896 66.32 23.60 56.74
C GLY H 4896 67.16 23.73 58.00
N ILE H 4897 67.45 22.57 58.60
CA ILE H 4897 68.16 22.54 59.86
C ILE H 4897 69.61 22.96 59.69
N GLY H 4898 70.17 22.78 58.49
CA GLY H 4898 71.56 23.12 58.27
C GLY H 4898 71.85 24.60 58.41
N ASP H 4899 70.80 25.42 58.29
CA ASP H 4899 70.95 26.85 58.53
C ASP H 4899 71.25 27.13 60.00
N GLU H 4900 70.64 26.34 60.90
CA GLU H 4900 70.79 26.61 62.32
C GLU H 4900 72.01 25.90 62.91
N ILE H 4901 72.18 24.61 62.61
CA ILE H 4901 73.24 23.87 63.27
C ILE H 4901 74.61 24.29 62.72
N GLU H 4902 75.66 23.81 63.38
CA GLU H 4902 77.02 24.29 63.14
C GLU H 4902 77.53 23.86 61.77
N ASP H 4903 78.60 24.52 61.33
CA ASP H 4903 79.17 24.26 60.01
C ASP H 4903 79.94 22.94 60.03
N PRO H 4904 79.68 22.03 59.09
CA PRO H 4904 80.37 20.73 59.10
C PRO H 4904 81.66 20.71 58.30
N ALA H 4905 82.15 21.86 57.88
CA ALA H 4905 83.36 21.89 57.06
C ALA H 4905 84.55 21.37 57.85
N GLY H 4906 85.36 20.55 57.19
CA GLY H 4906 86.54 19.99 57.85
C GLY H 4906 86.21 19.04 58.98
N ASP H 4907 85.27 18.14 58.76
CA ASP H 4907 84.88 17.15 59.75
C ASP H 4907 84.88 15.77 59.12
N GLU H 4908 85.04 14.75 59.96
CA GLU H 4908 85.06 13.38 59.46
C GLU H 4908 83.68 12.96 58.97
N TYR H 4909 82.64 13.67 59.39
CA TYR H 4909 81.27 13.39 58.98
C TYR H 4909 80.71 14.45 58.05
N GLU H 4910 81.57 15.14 57.30
CA GLU H 4910 81.12 16.26 56.49
C GLU H 4910 80.11 15.81 55.45
N LEU H 4911 80.44 14.77 54.68
CA LEU H 4911 79.55 14.36 53.60
C LEU H 4911 78.24 13.81 54.15
N TYR H 4912 78.29 13.03 55.22
CA TYR H 4912 77.08 12.53 55.84
C TYR H 4912 76.19 13.68 56.29
N ARG H 4913 76.79 14.72 56.85
CA ARG H 4913 76.00 15.83 57.35
C ARG H 4913 75.44 16.69 56.21
N VAL H 4914 76.19 16.84 55.11
CA VAL H 4914 75.65 17.61 54.00
C VAL H 4914 74.49 16.85 53.35
N VAL H 4915 74.59 15.52 53.28
CA VAL H 4915 73.46 14.74 52.79
C VAL H 4915 72.27 14.90 53.74
N PHE H 4916 72.53 14.86 55.04
CA PHE H 4916 71.49 15.09 56.04
C PHE H 4916 70.77 16.41 55.79
N ASP H 4917 71.53 17.50 55.66
CA ASP H 4917 70.94 18.82 55.50
C ASP H 4917 70.19 18.94 54.17
N ILE H 4918 70.80 18.47 53.08
CA ILE H 4918 70.17 18.62 51.77
C ILE H 4918 68.88 17.82 51.68
N THR H 4919 68.88 16.59 52.18
CA THR H 4919 67.66 15.79 52.15
C THR H 4919 66.60 16.38 53.07
N PHE H 4920 67.00 16.91 54.23
CA PHE H 4920 66.01 17.60 55.07
C PHE H 4920 65.39 18.77 54.34
N PHE H 4921 66.20 19.59 53.66
CA PHE H 4921 65.68 20.72 52.91
C PHE H 4921 64.74 20.28 51.80
N PHE H 4922 65.09 19.23 51.07
CA PHE H 4922 64.28 18.82 49.94
C PHE H 4922 62.97 18.19 50.39
N PHE H 4923 63.02 17.27 51.36
CA PHE H 4923 61.82 16.56 51.77
C PHE H 4923 60.90 17.43 52.61
N VAL H 4924 61.46 18.19 53.55
CA VAL H 4924 60.64 18.93 54.50
C VAL H 4924 60.27 20.30 53.94
N ILE H 4925 61.30 21.11 53.64
CA ILE H 4925 61.04 22.49 53.28
C ILE H 4925 60.38 22.58 51.91
N VAL H 4926 60.85 21.80 50.96
CA VAL H 4926 60.37 21.91 49.59
C VAL H 4926 59.11 21.07 49.40
N ILE H 4927 59.25 19.75 49.54
CA ILE H 4927 58.21 18.84 49.10
C ILE H 4927 56.95 18.95 49.96
N LEU H 4928 57.11 18.87 51.28
CA LEU H 4928 55.92 18.78 52.13
C LEU H 4928 55.16 20.11 52.20
N LEU H 4929 55.88 21.21 52.35
CA LEU H 4929 55.23 22.51 52.31
C LEU H 4929 54.57 22.75 50.95
N ALA H 4930 55.24 22.34 49.86
CA ALA H 4930 54.61 22.43 48.54
C ALA H 4930 53.34 21.60 48.46
N ILE H 4931 53.32 20.44 49.11
CA ILE H 4931 52.12 19.62 49.16
C ILE H 4931 50.99 20.38 49.86
N ILE H 4932 51.31 21.07 50.95
CA ILE H 4932 50.30 21.83 51.66
C ILE H 4932 49.71 22.93 50.75
N GLN H 4933 50.59 23.70 50.12
CA GLN H 4933 50.11 24.72 49.20
C GLN H 4933 49.26 24.12 48.08
N GLY H 4934 49.68 22.97 47.56
CA GLY H 4934 48.94 22.35 46.47
C GLY H 4934 47.58 21.85 46.91
N LEU H 4935 47.48 21.34 48.13
CA LEU H 4935 46.16 20.97 48.64
C LEU H 4935 45.24 22.18 48.68
N ILE H 4936 45.75 23.31 49.18
CA ILE H 4936 44.93 24.53 49.17
C ILE H 4936 44.52 24.91 47.75
N ILE H 4937 45.47 24.86 46.82
CA ILE H 4937 45.21 25.39 45.49
C ILE H 4937 44.25 24.48 44.73
N ASP H 4938 44.42 23.17 44.89
CA ASP H 4938 43.48 22.22 44.30
C ASP H 4938 42.10 22.37 44.90
N ALA H 4939 41.99 22.72 46.18
CA ALA H 4939 40.68 23.02 46.74
C ALA H 4939 40.05 24.22 46.06
N PHE H 4940 40.83 25.28 45.82
CA PHE H 4940 40.32 26.41 45.05
C PHE H 4940 39.78 25.96 43.70
N GLY H 4941 40.60 25.22 42.94
CA GLY H 4941 40.19 24.79 41.62
C GLY H 4941 38.96 23.92 41.66
N GLU H 4942 38.88 23.03 42.65
CA GLU H 4942 37.74 22.13 42.77
C GLU H 4942 36.45 22.91 43.02
N LEU H 4943 36.49 23.88 43.93
CA LEU H 4943 35.30 24.67 44.18
C LEU H 4943 34.87 25.45 42.94
N ARG H 4944 35.84 26.03 42.24
CA ARG H 4944 35.50 26.79 41.04
C ARG H 4944 34.85 25.89 39.98
N ASP H 4945 35.41 24.71 39.76
CA ASP H 4945 34.83 23.84 38.74
C ASP H 4945 33.49 23.27 39.19
N GLN H 4946 33.27 23.13 40.50
CA GLN H 4946 31.94 22.74 40.96
C GLN H 4946 30.92 23.80 40.59
N GLN H 4947 31.23 25.07 40.87
CA GLN H 4947 30.30 26.13 40.50
C GLN H 4947 30.04 26.15 39.00
N GLU H 4948 31.11 26.02 38.20
CA GLU H 4948 30.94 26.03 36.76
C GLU H 4948 30.09 24.84 36.29
N GLN H 4949 30.30 23.66 36.87
CA GLN H 4949 29.54 22.49 36.46
C GLN H 4949 28.07 22.67 36.79
N VAL H 4950 27.76 23.22 37.96
CA VAL H 4950 26.37 23.43 38.33
C VAL H 4950 25.71 24.42 37.37
N LYS H 4951 26.40 25.52 37.06
CA LYS H 4951 25.84 26.49 36.12
C LYS H 4951 25.64 25.87 34.75
N GLU H 4952 26.61 25.09 34.28
CA GLU H 4952 26.50 24.47 32.97
C GLU H 4952 25.33 23.50 32.91
N ASP H 4953 25.16 22.68 33.94
CA ASP H 4953 24.04 21.75 33.95
C ASP H 4953 22.71 22.48 33.96
N MET H 4954 22.60 23.54 34.77
CA MET H 4954 21.33 24.26 34.82
C MET H 4954 21.03 24.96 33.50
N GLU H 4955 22.04 25.44 32.79
CA GLU H 4955 21.81 26.11 31.53
C GLU H 4955 21.75 25.17 30.34
N THR H 4956 22.08 23.89 30.51
CA THR H 4956 22.06 22.97 29.39
C THR H 4956 21.01 21.87 29.50
N LYS H 4957 20.45 21.62 30.67
CA LYS H 4957 19.43 20.59 30.82
C LYS H 4957 18.23 21.16 31.56
N CYS H 4958 17.06 20.60 31.31
CA CYS H 4958 15.89 20.93 32.10
C CYS H 4958 15.97 20.20 33.43
N PHE H 4959 15.78 20.95 34.52
CA PHE H 4959 15.85 20.39 35.86
C PHE H 4959 14.81 19.30 36.09
N ILE H 4960 13.72 19.30 35.34
CA ILE H 4960 12.61 18.39 35.60
C ILE H 4960 12.70 17.16 34.71
N CYS H 4961 12.67 17.35 33.39
CA CYS H 4961 12.65 16.22 32.48
C CYS H 4961 14.03 15.74 32.08
N GLY H 4962 15.06 16.56 32.23
CA GLY H 4962 16.40 16.16 31.91
C GLY H 4962 16.78 16.25 30.46
N ILE H 4963 15.84 16.63 29.58
CA ILE H 4963 16.15 16.78 28.17
C ILE H 4963 17.04 17.99 27.96
N GLY H 4964 18.05 17.84 27.13
CA GLY H 4964 19.02 18.90 26.94
C GLY H 4964 18.47 20.08 26.17
N SER H 4965 19.16 21.21 26.30
CA SER H 4965 18.75 22.42 25.60
C SER H 4965 18.83 22.28 24.09
N ASP H 4966 19.66 21.37 23.58
CA ASP H 4966 19.81 21.24 22.14
C ASP H 4966 18.50 20.82 21.48
N TYR H 4967 17.75 19.92 22.12
CA TYR H 4967 16.47 19.50 21.56
C TYR H 4967 15.50 20.67 21.51
N PHE H 4968 15.46 21.48 22.57
CA PHE H 4968 14.51 22.57 22.62
C PHE H 4968 14.93 23.73 21.73
N ASP H 4969 16.21 23.79 21.36
CA ASP H 4969 16.69 24.90 20.54
C ASP H 4969 16.30 24.78 19.08
N THR H 4970 15.73 23.64 18.65
CA THR H 4970 15.23 23.55 17.29
C THR H 4970 14.22 24.65 17.02
N THR H 4971 13.28 24.84 17.92
CA THR H 4971 12.45 26.04 17.93
C THR H 4971 13.20 27.17 18.63
N PRO H 4972 13.22 28.37 18.07
CA PRO H 4972 13.95 29.48 18.70
C PRO H 4972 13.43 29.77 20.10
N HIS H 4973 14.37 30.06 21.01
CA HIS H 4973 14.08 30.30 22.43
C HIS H 4973 13.37 29.12 23.07
N GLY H 4974 13.53 27.93 22.48
CA GLY H 4974 12.78 26.78 22.94
C GLY H 4974 13.10 26.40 24.38
N PHE H 4975 14.39 26.40 24.73
CA PHE H 4975 14.75 26.02 26.09
C PHE H 4975 14.27 27.05 27.10
N GLU H 4976 14.39 28.34 26.76
CA GLU H 4976 13.92 29.38 27.66
C GLU H 4976 12.42 29.27 27.90
N THR H 4977 11.65 29.08 26.83
CA THR H 4977 10.21 28.93 27.00
C THR H 4977 9.87 27.64 27.74
N HIS H 4978 10.63 26.58 27.49
CA HIS H 4978 10.38 25.32 28.20
C HIS H 4978 10.60 25.46 29.69
N THR H 4979 11.66 26.18 30.08
CA THR H 4979 11.96 26.32 31.49
C THR H 4979 11.17 27.45 32.16
N LEU H 4980 10.54 28.33 31.40
CA LEU H 4980 9.70 29.35 32.01
C LEU H 4980 8.22 29.04 32.00
N GLU H 4981 7.73 28.25 31.05
CA GLU H 4981 6.32 27.97 30.91
C GLU H 4981 6.00 26.48 31.04
N GLU H 4982 6.78 25.61 30.41
CA GLU H 4982 6.41 24.21 30.32
C GLU H 4982 6.80 23.43 31.57
N HIS H 4983 8.06 23.53 31.99
CA HIS H 4983 8.59 22.77 33.10
C HIS H 4983 9.24 23.65 34.15
N ASN H 4984 8.59 24.75 34.49
CA ASN H 4984 9.13 25.63 35.53
C ASN H 4984 8.96 24.99 36.90
N LEU H 4985 10.07 24.86 37.63
CA LEU H 4985 10.01 24.18 38.93
C LEU H 4985 9.26 25.01 39.96
N ALA H 4986 9.32 26.33 39.84
CA ALA H 4986 8.50 27.17 40.69
C ALA H 4986 7.02 26.86 40.49
N ASN H 4987 6.64 26.49 39.28
CA ASN H 4987 5.24 26.15 39.02
C ASN H 4987 4.86 24.82 39.67
N TYR H 4988 5.78 23.87 39.74
CA TYR H 4988 5.51 22.64 40.49
C TYR H 4988 5.35 22.93 41.97
N MET H 4989 6.18 23.81 42.51
CA MET H 4989 6.02 24.22 43.91
C MET H 4989 4.67 24.89 44.14
N PHE H 4990 4.29 25.81 43.24
CA PHE H 4990 3.00 26.48 43.35
C PHE H 4990 1.86 25.50 43.21
N PHE H 4991 1.99 24.51 42.34
CA PHE H 4991 0.95 23.49 42.18
C PHE H 4991 0.79 22.68 43.45
N LEU H 4992 1.90 22.36 44.11
CA LEU H 4992 1.80 21.66 45.38
C LEU H 4992 1.05 22.50 46.41
N MET H 4993 1.39 23.79 46.51
CA MET H 4993 0.67 24.65 47.44
C MET H 4993 -0.80 24.77 47.08
N TYR H 4994 -1.09 24.84 45.78
CA TYR H 4994 -2.47 24.92 45.29
C TYR H 4994 -3.26 23.69 45.68
N LEU H 4995 -2.67 22.50 45.52
CA LEU H 4995 -3.34 21.28 45.94
C LEU H 4995 -3.59 21.28 47.44
N ILE H 4996 -2.62 21.73 48.23
CA ILE H 4996 -2.79 21.74 49.67
C ILE H 4996 -3.94 22.67 50.07
N ASN H 4997 -4.01 23.85 49.45
CA ASN H 4997 -5.06 24.78 49.82
C ASN H 4997 -6.43 24.34 49.31
N LYS H 4998 -6.48 23.73 48.14
CA LYS H 4998 -7.76 23.41 47.52
C LYS H 4998 -8.45 22.27 48.26
N ASP H 4999 -9.78 22.25 48.17
CA ASP H 4999 -10.56 21.20 48.80
C ASP H 4999 -10.53 19.93 47.96
N GLU H 5000 -10.46 18.79 48.64
CA GLU H 5000 -10.36 17.51 47.95
C GLU H 5000 -11.60 17.22 47.13
N THR H 5001 -12.77 17.62 47.63
CA THR H 5001 -13.99 17.44 46.86
C THR H 5001 -14.03 18.34 45.64
N GLU H 5002 -13.18 19.37 45.60
CA GLU H 5002 -13.09 20.25 44.44
C GLU H 5002 -11.93 19.90 43.53
N HIS H 5003 -11.05 19.00 43.96
CA HIS H 5003 -9.96 18.55 43.10
C HIS H 5003 -10.51 17.99 41.79
N THR H 5004 -9.86 18.34 40.69
CA THR H 5004 -10.21 17.76 39.40
C THR H 5004 -9.61 16.37 39.30
N GLY H 5005 -9.79 15.73 38.14
CA GLY H 5005 -9.23 14.39 37.98
C GLY H 5005 -7.73 14.36 38.01
N GLN H 5006 -7.10 15.29 37.28
CA GLN H 5006 -5.64 15.35 37.25
C GLN H 5006 -5.09 15.77 38.61
N GLU H 5007 -5.75 16.72 39.27
CA GLU H 5007 -5.32 17.14 40.59
C GLU H 5007 -5.44 16.01 41.59
N SER H 5008 -6.51 15.23 41.53
CA SER H 5008 -6.65 14.08 42.42
C SER H 5008 -5.58 13.04 42.14
N TYR H 5009 -5.27 12.80 40.86
CA TYR H 5009 -4.21 11.87 40.51
C TYR H 5009 -2.89 12.28 41.15
N VAL H 5010 -2.50 13.54 40.95
CA VAL H 5010 -1.23 14.02 41.50
C VAL H 5010 -1.27 14.02 43.03
N TRP H 5011 -2.40 14.37 43.62
CA TRP H 5011 -2.49 14.41 45.08
C TRP H 5011 -2.35 13.02 45.68
N LYS H 5012 -3.01 12.03 45.09
CA LYS H 5012 -2.87 10.67 45.58
C LYS H 5012 -1.45 10.17 45.42
N MET H 5013 -0.83 10.46 44.27
CA MET H 5013 0.56 10.03 44.08
C MET H 5013 1.49 10.73 45.07
N TYR H 5014 1.24 11.99 45.37
CA TYR H 5014 2.04 12.72 46.35
C TYR H 5014 1.90 12.10 47.73
N GLN H 5015 0.67 11.80 48.15
CA GLN H 5015 0.48 11.22 49.47
C GLN H 5015 1.06 9.82 49.57
N GLU H 5016 1.12 9.10 48.45
CA GLU H 5016 1.79 7.82 48.43
C GLU H 5016 3.29 7.94 48.19
N ARG H 5017 3.79 9.17 48.06
CA ARG H 5017 5.21 9.43 47.86
C ARG H 5017 5.74 8.74 46.60
N CYS H 5018 4.93 8.73 45.56
CA CYS H 5018 5.31 8.19 44.26
C CYS H 5018 5.47 9.36 43.29
N TRP H 5019 6.68 9.51 42.76
CA TRP H 5019 7.01 10.65 41.91
C TRP H 5019 7.02 10.29 40.43
N ASP H 5020 6.14 9.40 40.00
CA ASP H 5020 6.07 9.03 38.60
C ASP H 5020 5.31 10.06 37.77
N PHE H 5021 4.60 10.98 38.39
CA PHE H 5021 3.89 11.98 37.63
C PHE H 5021 4.82 13.05 37.08
N PHE H 5022 6.00 13.20 37.65
CA PHE H 5022 6.98 14.12 37.09
C PHE H 5022 7.42 13.63 35.72
N PRO H 5023 7.41 14.47 34.70
CA PRO H 5023 7.87 14.04 33.38
C PRO H 5023 9.36 13.78 33.40
N ALA H 5024 9.75 12.56 33.04
CA ALA H 5024 11.14 12.15 33.01
C ALA H 5024 11.48 11.72 31.59
N GLY H 5025 12.33 12.51 30.93
CA GLY H 5025 12.76 12.18 29.59
C GLY H 5025 11.73 12.40 28.51
N ASP H 5026 10.60 13.03 28.83
CA ASP H 5026 9.55 13.27 27.85
C ASP H 5026 8.89 14.61 28.17
N CYS H 5027 8.34 15.24 27.15
CA CYS H 5027 7.67 16.51 27.32
C CYS H 5027 6.50 16.58 26.36
N PHE H 5028 5.67 17.62 26.54
CA PHE H 5028 4.51 17.82 25.69
C PHE H 5028 4.92 18.04 24.24
N ARG H 5029 5.95 18.84 24.01
CA ARG H 5029 6.40 19.09 22.65
C ARG H 5029 6.90 17.81 21.99
N LYS H 5030 7.64 16.99 22.74
CA LYS H 5030 8.11 15.72 22.21
C LYS H 5030 6.96 14.77 21.90
N GLN H 5031 5.96 14.71 22.78
CA GLN H 5031 4.88 13.76 22.60
C GLN H 5031 4.05 14.06 21.36
N TYR H 5032 3.86 15.34 21.06
CA TYR H 5032 3.05 15.77 19.93
C TYR H 5032 3.91 16.45 18.87
N GLU H 5033 5.08 15.87 18.60
CA GLU H 5033 5.97 16.44 17.59
C GLU H 5033 5.30 16.51 16.24
N ASP H 5034 4.72 15.40 15.79
CA ASP H 5034 4.09 15.36 14.47
C ASP H 5034 2.89 16.30 14.40
N GLN H 5035 2.04 16.31 15.43
CA GLN H 5035 0.85 17.14 15.40
C GLN H 5035 1.18 18.62 15.45
N LEU H 5036 2.07 19.01 16.36
CA LEU H 5036 2.44 20.42 16.47
C LEU H 5036 3.21 20.89 15.24
N SER H 5037 4.10 20.06 14.71
CA SER H 5037 4.90 20.44 13.56
C SER H 5037 4.31 19.88 12.27
PG ATP I . 51.73 -2.29 19.21
O1G ATP I . 53.07 -1.67 19.00
O2G ATP I . 51.29 -3.20 18.06
O3G ATP I . 51.61 -3.07 20.52
PB ATP I . 50.34 0.24 19.98
O1B ATP I . 49.43 0.14 21.14
O2B ATP I . 51.70 0.86 20.27
O3B ATP I . 50.60 -1.17 19.30
PA ATP I . 49.30 2.57 18.50
O1A ATP I . 50.26 3.20 17.57
O2A ATP I . 49.13 3.25 19.85
O3A ATP I . 49.69 1.06 18.78
O5' ATP I . 47.88 2.42 17.82
C5' ATP I . 47.34 3.47 16.97
C4' ATP I . 46.00 3.90 17.49
O4' ATP I . 45.34 4.70 16.49
C3' ATP I . 45.03 2.76 17.83
O3' ATP I . 44.89 2.61 19.24
C2' ATP I . 43.70 3.17 17.17
O2' ATP I . 42.63 3.14 18.10
C1' ATP I . 43.96 4.61 16.71
N9 ATP I . 43.29 4.95 15.46
C8 ATP I . 42.14 5.68 15.32
N7 ATP I . 41.76 5.83 14.07
C5 ATP I . 42.74 5.16 13.35
C6 ATP I . 42.92 4.93 11.96
N6 ATP I . 42.09 5.40 11.03
N1 ATP I . 43.99 4.22 11.59
C2 ATP I . 44.82 3.75 12.51
N3 ATP I . 44.75 3.89 13.84
C4 ATP I . 43.68 4.61 14.19
CA CA J . 45.30 -1.89 -18.68
ZN ZN K . 36.95 5.42 9.54
N1 A1BD4 L . 58.45 8.64 -6.22
N3 A1BD4 L . 54.47 10.48 -5.27
C4 A1BD4 L . 55.57 10.08 -4.53
C5 A1BD4 L . 54.40 10.37 -6.62
C1 A1BD4 L . 57.88 9.02 -5.08
N2 A1BD4 L . 57.55 8.94 -7.21
C2 A1BD4 L . 56.43 9.49 -6.71
C3 A1BD4 L . 56.60 9.55 -5.32
O1 A1BD4 L . 55.55 10.22 -3.30
N4 A1BD4 L . 55.34 9.89 -7.38
PG ATP M . 25.48 0.48 49.01
O1G ATP M . 26.68 -0.07 49.70
O2G ATP M . 24.42 -0.56 48.70
O3G ATP M . 24.82 1.64 49.75
PB ATP M . 26.99 2.01 46.92
O1B ATP M . 26.50 3.38 46.66
O2B ATP M . 28.24 1.92 47.80
O3B ATP M . 25.88 1.10 47.58
PA ATP M . 28.37 1.29 44.42
O1A ATP M . 29.36 0.20 44.54
O2A ATP M . 28.96 2.70 44.43
O3A ATP M . 27.30 1.22 45.58
O5' ATP M . 27.50 1.11 43.13
C5' ATP M . 28.07 0.64 41.89
C4' ATP M . 27.79 1.63 40.79
O4' ATP M . 28.09 1.02 39.52
C3' ATP M . 26.34 2.10 40.70
O3' ATP M . 26.22 3.45 41.15
C2' ATP M . 25.98 1.98 39.21
O2' ATP M . 25.46 3.20 38.71
C1' ATP M . 27.31 1.66 38.55
N9 ATP M . 27.20 0.77 37.40
C8 ATP M . 27.23 1.11 36.08
N7 ATP M . 27.11 0.09 35.26
C5 ATP M . 26.98 -1.00 36.11
C6 ATP M . 26.80 -2.37 35.87
N6 ATP M . 26.73 -2.91 34.65
N1 ATP M . 26.71 -3.18 36.94
C2 ATP M . 26.78 -2.65 38.16
N3 ATP M . 26.94 -1.37 38.51
C4 ATP M . 27.03 -0.59 37.43
CA CA N . 20.44 -32.70 30.28
ZN ZN O . 24.04 -2.59 30.03
N1 A1BD4 P . 36.88 -24.00 39.93
N3 A1BD4 P . 36.48 -21.54 36.21
C4 A1BD4 P . 36.74 -21.26 37.54
C5 A1BD4 P . 36.28 -22.79 35.73
C1 A1BD4 P . 36.97 -22.70 39.71
N2 A1BD4 P . 36.62 -24.58 38.73
C2 A1BD4 P . 36.54 -23.67 37.75
C3 A1BD4 P . 36.77 -22.42 38.34
O1 A1BD4 P . 36.92 -20.09 37.90
N4 A1BD4 P . 36.30 -23.87 36.44
PG ATP Q . 42.41 34.60 7.51
O1G ATP Q . 42.72 35.93 8.09
O2G ATP Q . 41.58 34.66 6.24
O3G ATP Q . 43.65 33.74 7.24
PB ATP Q . 41.48 33.37 10.07
O1B ATP Q . 41.96 32.00 10.34
O2B ATP Q . 42.20 34.48 10.83
O3B ATP Q . 41.54 33.74 8.53
PA ATP Q . 38.99 33.53 11.67
O1A ATP Q . 38.55 34.89 11.99
O2A ATP Q . 39.76 32.81 12.78
O3A ATP Q . 39.93 33.51 10.38
O5' ATP Q . 37.79 32.63 11.22
C5' ATP Q . 36.50 32.73 11.86
C4' ATP Q . 36.08 31.37 12.38
O4' ATP Q . 34.69 31.42 12.74
C3' ATP Q . 36.23 30.23 11.38
O3' ATP Q . 37.32 29.38 11.74
C2' ATP Q . 34.89 29.47 11.46
O2' ATP Q . 35.09 28.09 11.69
C1' ATP Q . 34.18 30.12 12.65
N9 ATP Q . 32.74 30.20 12.50
C8 ATP Q . 31.79 29.39 13.07
N7 ATP Q . 30.56 29.71 12.75
C5 ATP Q . 30.70 30.80 11.91
C6 ATP Q . 29.78 31.61 11.23
N6 ATP Q . 28.46 31.42 11.28
N1 ATP Q . 30.25 32.62 10.48
C2 ATP Q . 31.57 32.81 10.41
N3 ATP Q . 32.55 32.11 11.01
C4 ATP Q . 32.05 31.12 11.75
CA CA R . 8.90 47.87 -5.86
ZN ZN S . 24.64 27.75 10.50
N1 A1BD4 T . 22.03 54.44 9.11
N3 A1BD4 T . 20.16 50.80 10.94
C4 A1BD4 T . 21.43 51.32 10.89
C5 A1BD4 T . 19.08 51.39 10.36
C1 A1BD4 T . 22.52 53.45 9.82
N2 A1BD4 T . 20.69 54.19 8.99
C2 A1BD4 T . 20.34 53.06 9.61
C3 A1BD4 T . 21.51 52.54 10.17
O1 A1BD4 T . 22.36 50.72 11.46
N4 A1BD4 T . 19.11 52.51 9.69
PG ATP U . 16.14 37.39 37.32
O1G ATP U . 16.32 37.56 38.79
O2G ATP U . 14.69 37.31 36.88
O3G ATP U . 16.86 38.46 36.49
PB ATP U . 18.11 35.16 37.02
O1B ATP U . 19.03 35.25 35.86
O2B ATP U . 18.71 35.55 38.37
O3B ATP U . 16.79 36.02 36.82
PA ATP U . 18.06 32.26 37.59
O1A ATP U . 17.63 31.90 38.96
O2A ATP U . 19.57 32.27 37.36
O3A ATP U . 17.52 33.68 37.18
O5' ATP U . 17.38 31.31 36.53
C5' ATP U . 17.20 29.91 36.78
C4' ATP U . 17.85 29.11 35.67
O4' ATP U . 17.41 27.75 35.77
C3' ATP U . 17.51 29.57 34.26
O3' ATP U . 18.63 30.22 33.66
C2' ATP U . 17.14 28.28 33.51
O2' ATP U . 17.90 28.15 32.31
C1' ATP U . 17.51 27.17 34.49
N9 ATP U . 16.63 26.02 34.43
C8 ATP U . 16.86 24.82 33.83
N7 ATP U . 15.87 23.97 33.94
C5 ATP U . 14.92 24.65 34.68
C6 ATP U . 13.64 24.29 35.13
N6 ATP U . 13.07 23.11 34.91
N1 ATP U . 12.95 25.22 35.84
C2 ATP U . 13.52 26.40 36.06
N3 ATP U . 14.71 26.85 35.68
C4 ATP U . 15.38 25.92 34.99
CA CA V . -15.95 17.06 43.12
ZN ZN W . 11.71 19.73 30.99
N1 A1BD4 X . 0.44 21.82 55.27
N3 A1BD4 X . 2.15 18.79 52.42
C4 A1BD4 X . 2.60 19.99 52.96
C5 A1BD4 X . 0.95 18.24 52.71
C1 A1BD4 X . 1.60 21.74 54.63
N2 A1BD4 X . -0.24 20.69 54.93
C2 A1BD4 X . 0.44 19.92 54.07
C3 A1BD4 X . 1.66 20.58 53.84
O1 A1BD4 X . 3.71 20.42 52.65
N4 A1BD4 X . 0.07 18.76 53.52
#